data_9R78
#
_entry.id   9R78
#
loop_
_entity.id
_entity.type
_entity.pdbx_description
1 polymer 'Pre-protein VI'
2 polymer 'Hexon protein'
3 polymer 'Penton protein'
4 polymer 'Pre-hexon-linking protein IIIa'
5 polymer 'Pre-hexon-linking protein VIII'
6 polymer 'Hexon-interlacing protein'
#
loop_
_entity_poly.entity_id
_entity_poly.type
_entity_poly.pdbx_seq_one_letter_code
_entity_poly.pdbx_strand_id
1 'polypeptide(L)'
;MEDINFASLAPRHGTRPFMGTWNEIGTSQLNGGAFNWSSVWSGLKNFGSTLRTYGNKAWNSSTGQLLREKLKDQNFQQKV
VDGLASGINGVVDIANQAVQREINSRLDPRPPTVVEMEDATLPPPKGEKRPRPDAEETILQVDEPPSYEEAVKAGMPTTR
IIAPLATGVMKPATLDLPPPPAPAPPKATPVVQAPPVATAVRRVPARRQAQNWQSTLHSIVGLGVKSLKRRRCY
;
1,2,3,4,5,6,7,8
2 'polypeptide(L)'
;MMPQWAYMHIAGQDASEYLSPGLVQFARATDTYFSLGNKFRNPTVAPTHDVTTDRSQRLTLRFVPVDREDTTYSYKARFT
LAVGDNRVLDMASTYFDIRGVLDRGPSFKPYSGTAYNSLAPKSAPNPSQWTANEKQTGGQPKSVTQTFGSAPMGGSNITI
EGLVIGTKEEEGNATEEIFADKTFQPEPQVGEENWQETEAFYGGRALKKDTKMKPCYGSFARPTNEKGGQAKLKLNDQGQ
PTKDYDIDLAFFDTPGGTPPTGSGQQEEYKADIVMYTENVNLETPDTHVVYKPGKEDESSETNLTQQSMPNRPNYIGFRD
NFVGLMYYNSTGNMGVLAGQASQLNAVVDLQDRNTELSYQLLLDSLGDRTRYFSMWNSAVDSYDPDVRIIENHGVEDELP
NYCFPLNGTGTNSTYQGVKVKTGQDGAEETEWDKDETVARQNQIAKGNVYAMEINLQANLWKSFLYSNVALYLPDSYKYT
PANVTLPANTNTYEYMNGRVVAPSLVDAYINIGARWSLDPMDNVNPFNHHRNAGLRYRSMLLGNGRYVPFHIQVPQKFFA
IKNLLLLPGSYTYEWNFRKDVNMILQSSLGNDLRVDGASVRFDSVNLYATFFPMAHNTASTLEAMLRNDTNDQSFNDYLS
AANMLYPIPAKATNVPISIPSRNWAAFRGWSFTRLKTKETPSLGSGFDPYFVYSGSIPYLDGTFYLNHTFKKVSIMFDSS
VSWPGNDRLLTPNEFEIKRSVDGEGYNVAQCNMTKDWFLVQMLSHYNIGYQGFHVPEGYKDRMYSFFRNFQPMSRQVVDE
INYKDYKAVTLPFQHNNSGFTGYLAPTMRQGQPYPANFPYPLIGQTAVPSVTQKKFLCDRVMWRIPFSSNFMSMGALTDL
GQNMLYANSAHALDMTFEVDPMDEPTLLYLLFEVFDVVRVHQPHRGVIEAVYLRTPFSAGN
;
A,B,C,D,E,F,G,H,I,J,K,L
3 'polypeptide(L)'
;MRRAVVSSSPPPSYESVMAQATLEVPFVPPRYMAPTEGRNSIRYSELAPQYDTTRVYLVDNKSADIASLNYQNDHSNFLT
TVVQNNDFTPAEASTQTINFDERSRWGGDLKTILHTNMPNVNEYMFTSKFKARVMVARKHPEGVVETDLSQDKLEYEWFE
FTLPEGNFSETMTIDLMNNAILENYLQVGRQNGVLESDIGVKFDSRNFKLGWDPVTKLVMPGVYTYEAFHPDVVLLPGCG
VDFTESRLSNLLGIRKKQPFQEGFRIMYEDLEGGNIPALLDVPKYLESKKKVEDETKNAAAATADTTTRGDTFATPAQET
AADKKVEVLPIEKDESGRSYNLIQGTHDTLYRSWYLSYTYGDPEKGVQSWTLLTTPDVTCGAEQVYWSLPDLMQDPVTFR
STQQVSNYPVVGAELMPFRAKSFYNDLAVYSQLIRSYTSLTHVFNRFPDNQILCRPPAPTITTVSENVPALTDHGTLPLR
SSIRGVQRVTVTDARRRTCPYVYKALGIVAPRVLSSRTF
;
M
4 'polypeptide(L)'
;MQQAPDPAIRAALQSQPSGIASDDWEAAMQRIMALTTRNPESFRQQPQANRLSAILEAVVPSRTNPTHEKVLAIVNALAE
NKAIRPDEAGLVYNALLERVGRYNSTNVQSNLDRLVTDVREAVAQRERFKNEGLGSLVALNAFLATQPANVPRGQDDYTN
FISALRLMVTEVPQSEVYQSGPDYFFQTSRQGLQTVNLSQAFKNLRGLWGVQAPVGDRSTVSSLLTPNSRLLLLLIAPFT
DSGSVNRNSYLGHLLTLYREAIGQAQVDEQTFQEITSVSRALGQNDTDSLRATLNFLLTNRQQKIPAQYALSAEEERILR
YVQQSVGLFLMQEGATPSAALDMTARNMEPSMYAANRPFINKLMDYLHRAAVMNTDYFTNAILNPHWLPPPGFYTGEYDM
PDPNDGFLWDDVDSVVFSPTFQKRQEAPPSEGAVGRSPFPSLGSLHSLPGSVNSGRVSRPRLLGEDEYLNDSLLQPPRAK
NAMANNGIESLVDKLNRWKTYAQDHRDAPAPRRQRHDRQRGLVWDDEDSADDSSVLDLGGSGGVNPFAHLQPKLGRRMF
;
N
5 'polypeptide(L)'
;MSKEIPTPYMWSYQPQMGLAAGASQDYSTRMNWLSAGPSMISRVNGVRNHRNQILLEQAAVTSTPRAKLNPRNWPSTLVY
QEIPGPTTVLLPRDALAEVRMTNSGVQLAGGASRCPLRPQSGIKTLVIRGRGTQLNDELVSSSIGLRPDGVFQLAGAGRS
SFTPNQAYLTLQSSSSEPRSGGIGTLQFVEEFVPSVYFNPFSGSPGLYPDEFIPNFDAVREAVDGYD
;
O,P
6 'polypeptide(L)'
;MNGTGGAFEGGLFSPYLTTRLPGWAGVRQNVMGSTVDGRPVLPANSSTMTYATVGSSSLDSTAAAAAAAAAMTATRLASS
YMPSSGSSPSVPSSIIAEEKLLALLAELEALSRQLAALTQQVSELREQQQQQNK
;
Q,R,S,T
#
# COMPACT_ATOMS: atom_id res chain seq x y z
N ASP A 3 20.08 -42.26 -10.92
CA ASP A 3 21.44 -42.79 -10.99
C ASP A 3 21.64 -43.96 -10.00
N ILE A 4 20.68 -44.88 -9.86
CA ILE A 4 20.53 -45.56 -8.57
C ILE A 4 20.02 -47.04 -8.56
N ASN A 5 20.46 -47.87 -9.50
CA ASN A 5 20.09 -49.30 -9.64
C ASN A 5 20.62 -50.21 -8.50
N PHE A 6 19.81 -51.08 -7.84
CA PHE A 6 20.22 -52.09 -6.82
C PHE A 6 19.25 -53.28 -6.60
N ALA A 7 19.71 -54.37 -5.96
CA ALA A 7 19.06 -55.70 -5.94
C ALA A 7 19.70 -56.72 -4.95
N SER A 8 18.94 -57.63 -4.31
CA SER A 8 19.51 -58.73 -3.47
C SER A 8 20.45 -59.69 -4.23
N LEU A 9 21.65 -59.94 -3.70
CA LEU A 9 22.64 -60.81 -4.35
C LEU A 9 23.73 -61.27 -3.36
N ALA A 10 23.76 -62.56 -3.05
CA ALA A 10 24.83 -63.25 -2.33
C ALA A 10 24.94 -64.68 -2.91
N PRO A 11 25.60 -64.83 -4.07
CA PRO A 11 25.30 -65.88 -5.04
C PRO A 11 25.65 -67.29 -4.59
N ARG A 12 24.91 -68.27 -5.12
CA ARG A 12 25.29 -69.69 -5.23
C ARG A 12 24.77 -70.29 -6.55
N HIS A 13 25.53 -71.19 -7.16
CA HIS A 13 25.09 -71.96 -8.34
C HIS A 13 24.20 -73.15 -7.94
N GLY A 14 23.80 -73.98 -8.90
CA GLY A 14 23.26 -75.30 -8.62
C GLY A 14 24.21 -76.10 -7.71
N THR A 15 23.65 -76.84 -6.77
CA THR A 15 24.34 -77.71 -5.79
C THR A 15 24.80 -79.02 -6.45
N ARG A 16 25.17 -80.09 -5.73
CA ARG A 16 25.21 -81.45 -6.32
C ARG A 16 23.84 -81.91 -6.87
N PRO A 17 22.68 -81.69 -6.22
CA PRO A 17 21.39 -81.75 -6.87
C PRO A 17 21.21 -80.92 -8.15
N PHE A 18 22.09 -79.96 -8.43
CA PHE A 18 21.83 -78.76 -9.23
C PHE A 18 20.71 -77.87 -8.61
N MET A 19 19.76 -77.34 -9.33
CA MET A 19 18.94 -76.27 -8.76
C MET A 19 17.78 -76.76 -7.85
N GLY A 20 16.98 -75.83 -7.34
CA GLY A 20 15.56 -76.00 -6.97
C GLY A 20 15.17 -76.58 -5.63
N THR A 21 15.93 -77.52 -5.07
CA THR A 21 15.76 -77.99 -3.69
C THR A 21 16.78 -77.32 -2.78
N TRP A 22 16.26 -76.48 -1.89
CA TRP A 22 16.91 -75.30 -1.36
C TRP A 22 17.25 -75.25 0.12
N ASN A 23 17.46 -76.37 0.80
CA ASN A 23 18.36 -76.40 1.97
C ASN A 23 19.44 -77.46 1.76
N GLU A 24 20.64 -77.19 2.25
CA GLU A 24 21.84 -77.91 1.85
C GLU A 24 21.78 -79.42 2.15
N MET B 19 54.26 -56.34 -20.47
CA MET B 19 54.61 -57.25 -19.40
C MET B 19 54.55 -56.57 -18.02
N GLY B 20 53.45 -56.80 -17.29
CA GLY B 20 53.17 -56.21 -15.97
C GLY B 20 51.99 -56.92 -15.28
N THR B 21 51.81 -56.70 -13.97
CA THR B 21 51.18 -57.68 -13.06
C THR B 21 50.22 -57.10 -12.00
N TRP B 22 49.20 -56.36 -12.43
CA TRP B 22 48.15 -55.75 -11.60
C TRP B 22 47.17 -56.80 -10.99
N ASN B 23 47.13 -56.93 -9.65
CA ASN B 23 46.45 -58.03 -8.92
C ASN B 23 46.02 -57.65 -7.47
N GLU B 24 44.99 -56.81 -7.28
CA GLU B 24 44.52 -56.34 -5.95
C GLU B 24 42.98 -56.37 -5.81
N ILE B 25 42.47 -56.29 -4.58
CA ILE B 25 41.04 -56.41 -4.21
C ILE B 25 40.69 -55.53 -2.97
N GLY B 26 39.41 -55.21 -2.76
CA GLY B 26 38.94 -54.32 -1.67
C GLY B 26 37.69 -54.80 -0.91
N THR B 27 37.27 -54.05 0.11
CA THR B 27 36.18 -54.41 1.06
C THR B 27 35.15 -53.27 1.24
N SER B 28 34.27 -53.39 2.25
CA SER B 28 33.23 -52.41 2.61
C SER B 28 33.76 -50.96 2.79
N GLN B 29 32.87 -49.96 2.67
CA GLN B 29 33.08 -48.50 2.56
C GLN B 29 33.79 -47.80 3.74
N LEU B 30 34.77 -48.41 4.42
CA LEU B 30 35.54 -47.78 5.50
C LEU B 30 36.44 -46.67 4.95
N ASN B 31 36.97 -45.83 5.84
CA ASN B 31 37.89 -44.78 5.50
C ASN B 31 39.33 -45.24 5.21
N GLY B 32 39.80 -46.28 5.89
CA GLY B 32 41.22 -46.62 5.95
C GLY B 32 41.46 -47.81 6.90
N GLY B 33 42.65 -47.90 7.48
CA GLY B 33 42.88 -48.86 8.55
C GLY B 33 41.95 -48.63 9.76
N ALA B 34 41.88 -49.63 10.63
CA ALA B 34 41.38 -49.50 12.01
C ALA B 34 42.51 -49.04 12.94
N ASP C 3 32.66 38.22 29.44
CA ASP C 3 32.37 36.83 29.83
C ASP C 3 33.65 36.04 30.17
N ILE C 4 33.88 35.71 31.45
CA ILE C 4 34.90 34.75 31.91
C ILE C 4 34.49 33.31 31.53
N ASN C 5 34.26 33.09 30.23
CA ASN C 5 33.72 31.92 29.54
C ASN C 5 32.89 30.95 30.40
N PHE C 6 31.67 31.38 30.74
CA PHE C 6 30.98 30.99 31.95
C PHE C 6 30.35 29.60 32.07
N ALA C 7 30.92 28.58 31.45
CA ALA C 7 30.58 27.19 31.79
C ALA C 7 30.95 26.85 33.26
N SER C 8 30.29 25.87 33.86
CA SER C 8 30.65 25.07 35.04
C SER C 8 29.56 24.00 35.28
N LEU C 9 29.84 22.73 34.97
CA LEU C 9 28.87 21.65 34.68
C LEU C 9 29.26 20.33 35.40
N ALA C 10 28.36 19.35 35.50
CA ALA C 10 28.47 18.18 36.39
C ALA C 10 29.40 16.95 36.06
N PRO C 11 29.91 16.68 34.85
CA PRO C 11 30.42 15.35 34.51
C PRO C 11 31.85 14.99 34.98
N ARG C 12 32.06 13.70 35.28
CA ARG C 12 33.29 13.01 35.73
C ARG C 12 33.07 11.50 35.69
N HIS C 13 33.18 10.90 34.49
CA HIS C 13 32.44 9.67 34.13
C HIS C 13 33.25 8.57 33.42
N GLY C 14 32.72 7.33 33.35
CA GLY C 14 33.43 6.15 32.80
C GLY C 14 32.61 4.84 32.72
N THR C 15 33.10 3.89 31.92
CA THR C 15 32.41 2.64 31.51
C THR C 15 32.90 1.37 32.24
N ARG C 16 32.24 0.21 32.02
CA ARG C 16 32.50 -1.13 32.62
C ARG C 16 33.54 -1.95 31.80
N PRO C 17 33.62 -3.31 31.77
CA PRO C 17 34.43 -4.08 30.78
C PRO C 17 33.89 -3.99 29.32
N PHE C 18 33.61 -2.75 28.92
CA PHE C 18 32.66 -2.26 27.92
C PHE C 18 31.17 -2.39 28.26
N MET C 19 30.65 -1.19 28.50
CA MET C 19 29.29 -0.66 28.52
C MET C 19 28.38 -0.84 29.74
N GLY C 20 27.62 0.22 30.03
CA GLY C 20 27.15 0.61 31.36
C GLY C 20 25.71 0.26 31.74
N THR C 21 25.60 -0.38 32.90
CA THR C 21 24.43 -0.44 33.79
C THR C 21 24.92 -0.26 35.25
N TRP C 22 24.19 0.55 36.03
CA TRP C 22 24.67 1.22 37.24
C TRP C 22 24.25 0.59 38.57
N ASN C 23 24.92 1.00 39.66
CA ASN C 23 24.78 0.37 40.97
C ASN C 23 24.95 1.37 42.13
N HIS D 13 55.99 7.42 29.05
CA HIS D 13 57.39 7.18 29.43
C HIS D 13 57.59 6.00 30.37
N GLY D 14 56.51 5.26 30.67
CA GLY D 14 56.47 3.84 31.02
C GLY D 14 57.03 3.38 32.37
N THR D 15 58.16 3.93 32.81
CA THR D 15 58.99 3.49 33.97
C THR D 15 59.45 4.70 34.79
N ARG D 16 60.09 4.46 35.94
CA ARG D 16 60.50 5.44 36.98
C ARG D 16 60.93 6.78 36.38
N PRO D 17 60.47 7.92 36.93
CA PRO D 17 60.32 9.18 36.19
C PRO D 17 61.36 9.47 35.09
N PHE D 18 60.82 9.35 33.88
CA PHE D 18 61.46 9.39 32.57
C PHE D 18 62.46 8.27 32.25
N MET D 19 61.85 7.15 31.90
CA MET D 19 62.33 6.08 31.02
C MET D 19 63.41 5.14 31.56
N GLY D 20 63.28 3.91 31.08
CA GLY D 20 63.83 2.64 31.53
C GLY D 20 63.01 1.52 30.87
N THR D 21 63.38 0.26 31.07
CA THR D 21 62.64 -0.87 30.51
C THR D 21 62.60 -2.03 31.48
N TRP D 22 61.48 -2.75 31.55
CA TRP D 22 61.31 -3.91 32.41
C TRP D 22 60.34 -4.94 31.81
N ASN D 23 60.92 -5.94 31.15
CA ASN D 23 60.36 -7.28 31.03
C ASN D 23 61.50 -8.32 31.07
N MET E 1 -10.04 75.01 70.57
CA MET E 1 -11.39 75.20 71.15
C MET E 1 -11.91 73.92 71.80
N GLU E 2 -11.29 73.50 72.89
CA GLU E 2 -11.57 72.18 73.44
C GLU E 2 -11.88 72.14 74.95
N ASP E 3 -12.94 71.41 75.27
CA ASP E 3 -13.37 70.99 76.59
C ASP E 3 -12.54 69.79 77.06
N ILE E 4 -12.49 69.55 78.36
CA ILE E 4 -11.80 68.40 78.95
C ILE E 4 -12.83 67.68 79.81
N ASN E 5 -13.09 66.40 79.50
CA ASN E 5 -14.30 65.79 79.98
C ASN E 5 -14.28 65.59 81.50
N PHE E 6 -15.23 66.26 82.12
CA PHE E 6 -15.77 66.09 83.45
C PHE E 6 -16.28 64.66 83.72
N ALA E 7 -16.93 64.46 84.86
CA ALA E 7 -17.65 63.25 85.28
C ALA E 7 -16.85 62.09 85.87
N SER E 8 -17.58 61.28 86.65
CA SER E 8 -17.11 60.03 87.24
C SER E 8 -17.13 58.86 86.22
N LEU E 9 -16.89 57.63 86.69
CA LEU E 9 -16.71 56.40 85.88
C LEU E 9 -18.02 55.78 85.28
N ALA E 10 -19.09 56.53 85.09
CA ALA E 10 -20.39 56.08 84.52
C ALA E 10 -21.18 55.04 85.40
N PRO E 11 -22.39 54.58 85.03
CA PRO E 11 -23.33 53.93 85.97
C PRO E 11 -22.98 52.47 86.32
N ARG E 12 -23.24 52.05 87.56
CA ARG E 12 -23.29 50.63 87.99
C ARG E 12 -24.48 50.37 88.93
N HIS E 13 -25.15 49.23 88.77
CA HIS E 13 -26.58 49.08 89.11
C HIS E 13 -26.93 48.33 90.40
N GLY E 14 -25.98 47.72 91.10
CA GLY E 14 -26.25 47.13 92.43
C GLY E 14 -27.13 45.89 92.35
N THR E 15 -26.81 44.98 91.43
CA THR E 15 -27.59 43.82 90.97
C THR E 15 -27.87 42.74 92.04
N ARG E 16 -28.89 42.94 92.88
CA ARG E 16 -29.45 41.87 93.74
C ARG E 16 -30.34 40.93 92.91
N PRO E 17 -31.42 41.43 92.27
CA PRO E 17 -31.96 40.86 91.03
C PRO E 17 -31.05 41.33 89.87
N PHE E 18 -31.41 41.13 88.60
CA PHE E 18 -30.80 41.98 87.56
C PHE E 18 -31.24 43.44 87.73
N MET E 19 -30.46 44.36 87.19
CA MET E 19 -30.35 45.76 87.58
C MET E 19 -31.55 46.37 88.33
N GLY E 20 -31.34 46.63 89.62
CA GLY E 20 -32.05 47.70 90.32
C GLY E 20 -31.48 49.06 89.88
N THR E 21 -31.68 50.11 90.68
CA THR E 21 -30.92 51.36 90.53
C THR E 21 -30.67 52.06 91.87
N TRP E 22 -30.41 51.29 92.93
CA TRP E 22 -30.22 51.87 94.27
C TRP E 22 -29.47 51.00 95.29
N ASN E 23 -28.25 51.42 95.65
CA ASN E 23 -27.59 51.05 96.91
C ASN E 23 -26.63 52.17 97.27
N GLU E 24 -26.83 52.82 98.42
CA GLU E 24 -26.04 53.96 98.88
C GLU E 24 -26.05 53.95 100.43
N ILE E 25 -24.95 54.37 101.05
CA ILE E 25 -24.71 54.29 102.50
C ILE E 25 -23.67 55.34 102.93
N ASN F 5 -42.25 47.31 74.64
CA ASN F 5 -41.13 47.95 75.28
C ASN F 5 -40.36 46.99 76.24
N PHE F 6 -39.53 46.06 75.73
CA PHE F 6 -38.77 45.08 76.55
C PHE F 6 -37.47 44.51 75.97
N ALA F 7 -36.60 43.95 76.83
CA ALA F 7 -35.29 43.37 76.47
C ALA F 7 -34.82 42.20 77.38
N SER F 8 -33.86 41.38 76.90
CA SER F 8 -33.49 40.00 77.34
C SER F 8 -32.02 39.85 77.80
N LEU F 9 -31.44 38.62 77.87
CA LEU F 9 -29.98 38.38 77.94
C LEU F 9 -29.27 38.71 76.58
N ALA F 10 -28.13 38.06 76.29
CA ALA F 10 -27.07 38.37 75.30
C ALA F 10 -25.92 39.36 75.64
N PRO F 11 -25.91 40.22 76.69
CA PRO F 11 -24.83 41.19 76.90
C PRO F 11 -23.60 40.60 77.61
N ARG F 12 -23.20 39.34 77.33
CA ARG F 12 -22.14 38.60 78.05
C ARG F 12 -21.15 37.93 77.08
N HIS F 13 -19.90 37.73 77.51
CA HIS F 13 -18.71 37.70 76.62
C HIS F 13 -17.74 36.50 76.76
N GLY F 14 -16.93 36.22 75.73
CA GLY F 14 -15.88 35.17 75.76
C GLY F 14 -15.20 34.90 74.42
N THR F 15 -14.89 35.93 73.61
CA THR F 15 -14.61 35.79 72.15
C THR F 15 -13.16 35.46 71.76
N ARG F 16 -12.21 35.42 72.70
CA ARG F 16 -10.77 35.23 72.42
C ARG F 16 -10.50 33.81 71.89
N PRO F 17 -9.69 33.64 70.80
CA PRO F 17 -9.53 32.38 70.06
C PRO F 17 -8.58 31.37 70.72
N PHE F 18 -7.45 31.86 71.22
CA PHE F 18 -6.69 31.30 72.36
C PHE F 18 -7.39 31.69 73.66
N MET F 19 -7.11 31.00 74.76
CA MET F 19 -7.93 31.05 75.98
C MET F 19 -9.34 30.46 75.81
N GLY F 20 -10.05 30.72 74.71
CA GLY F 20 -11.03 29.75 74.23
C GLY F 20 -12.19 30.30 73.42
N THR F 21 -12.37 29.77 72.21
CA THR F 21 -13.57 29.92 71.36
C THR F 21 -14.43 28.65 71.28
N TRP F 22 -14.05 27.60 72.02
CA TRP F 22 -14.94 26.58 72.58
C TRP F 22 -14.28 25.80 73.73
N ASN F 23 -14.91 25.85 74.90
CA ASN F 23 -14.53 25.14 76.11
C ASN F 23 -15.79 24.59 76.80
N GLU F 24 -15.71 23.41 77.40
CA GLU F 24 -16.89 22.66 77.87
C GLU F 24 -17.74 23.44 78.87
N ILE G 4 -26.35 -4.60 25.85
CA ILE G 4 -25.10 -3.89 25.57
C ILE G 4 -24.57 -3.16 26.83
N ASN G 5 -24.84 -3.69 28.03
CA ASN G 5 -24.31 -3.23 29.32
C ASN G 5 -24.60 -4.24 30.46
N PHE G 6 -24.14 -4.05 31.71
CA PHE G 6 -23.94 -5.17 32.65
C PHE G 6 -24.45 -4.97 34.09
N ALA G 7 -24.92 -6.05 34.72
CA ALA G 7 -25.30 -6.13 36.13
C ALA G 7 -25.14 -7.54 36.71
N SER G 8 -25.05 -7.68 38.03
CA SER G 8 -24.80 -8.95 38.75
C SER G 8 -25.72 -9.11 39.98
N LEU G 9 -26.30 -10.29 40.20
CA LEU G 9 -27.58 -10.43 40.92
C LEU G 9 -27.58 -11.18 42.29
N ALA G 10 -26.51 -11.90 42.63
CA ALA G 10 -26.26 -12.45 43.97
C ALA G 10 -27.17 -13.55 44.59
N PRO G 11 -27.81 -14.47 43.84
CA PRO G 11 -28.58 -15.57 44.43
C PRO G 11 -27.71 -16.72 44.96
N ARG G 12 -28.22 -17.46 45.95
CA ARG G 12 -27.76 -18.79 46.43
C ARG G 12 -28.93 -19.58 47.03
N HIS G 13 -28.77 -20.89 47.21
CA HIS G 13 -29.86 -21.88 47.27
C HIS G 13 -29.64 -23.00 48.31
N GLY G 14 -30.73 -23.69 48.70
CA GLY G 14 -30.71 -24.92 49.52
C GLY G 14 -32.03 -25.25 50.23
N THR G 15 -32.68 -26.38 49.87
CA THR G 15 -33.96 -26.87 50.44
C THR G 15 -34.09 -28.41 50.41
N ARG G 16 -34.87 -29.01 51.35
CA ARG G 16 -35.34 -30.41 51.31
C ARG G 16 -36.56 -30.51 50.39
N PRO G 17 -36.83 -31.63 49.69
CA PRO G 17 -38.07 -31.87 48.92
C PRO G 17 -39.33 -31.82 49.79
N PHE G 18 -39.75 -30.58 50.03
CA PHE G 18 -40.55 -30.06 51.12
C PHE G 18 -40.78 -28.58 50.73
N MET G 19 -40.62 -27.62 51.62
CA MET G 19 -40.25 -26.25 51.26
C MET G 19 -39.65 -25.53 52.46
N GLY G 20 -38.92 -24.43 52.23
CA GLY G 20 -38.15 -23.74 53.26
C GLY G 20 -39.00 -22.91 54.23
N THR G 21 -38.78 -23.13 55.52
CA THR G 21 -39.48 -22.50 56.65
C THR G 21 -38.69 -21.37 57.32
N TRP G 22 -37.44 -21.15 56.89
CA TRP G 22 -36.31 -20.61 57.65
C TRP G 22 -35.71 -21.65 58.61
N ASN G 23 -34.58 -21.30 59.23
CA ASN G 23 -33.63 -22.20 59.85
C ASN G 23 -33.60 -22.04 61.38
N GLU G 24 -32.44 -22.20 62.00
CA GLU G 24 -32.14 -21.98 63.41
C GLU G 24 -32.89 -20.77 63.99
N ILE G 25 -33.60 -20.97 65.10
CA ILE G 25 -34.24 -19.88 65.84
C ILE G 25 -33.34 -19.51 67.03
N GLY G 26 -32.82 -18.28 67.06
CA GLY G 26 -31.97 -17.73 68.13
C GLY G 26 -32.78 -17.18 69.31
N THR G 27 -33.89 -17.84 69.66
CA THR G 27 -34.94 -17.30 70.53
C THR G 27 -34.62 -17.38 72.02
N SER G 28 -34.90 -16.30 72.74
CA SER G 28 -34.86 -16.22 74.21
C SER G 28 -36.21 -16.54 74.85
N GLN G 29 -37.23 -16.84 74.06
CA GLN G 29 -38.59 -17.19 74.51
C GLN G 29 -39.19 -16.12 75.45
N LEU G 30 -40.11 -16.48 76.35
CA LEU G 30 -40.92 -15.60 77.20
C LEU G 30 -40.19 -14.35 77.71
N ASN H 5 -49.95 -26.37 39.16
CA ASN H 5 -49.25 -27.64 39.15
C ASN H 5 -50.23 -28.80 38.87
N PHE H 6 -49.94 -29.66 37.90
CA PHE H 6 -50.52 -31.00 37.77
C PHE H 6 -49.44 -32.04 38.14
N ALA H 7 -49.69 -32.84 39.17
CA ALA H 7 -48.62 -33.39 39.99
C ALA H 7 -47.61 -34.29 39.24
N SER H 8 -46.30 -34.03 39.35
CA SER H 8 -45.27 -34.57 38.43
C SER H 8 -43.84 -34.63 39.02
N LEU H 9 -43.40 -35.77 39.58
CA LEU H 9 -42.06 -35.92 40.20
C LEU H 9 -41.33 -37.24 39.84
N ALA H 10 -39.98 -37.24 39.91
CA ALA H 10 -39.09 -38.36 39.57
C ALA H 10 -37.70 -38.31 40.30
N PRO H 11 -37.03 -39.45 40.57
CA PRO H 11 -35.86 -39.58 41.46
C PRO H 11 -34.49 -39.11 40.95
N ARG H 12 -34.39 -38.51 39.75
CA ARG H 12 -33.12 -38.12 39.10
C ARG H 12 -31.98 -39.14 39.27
N ARG H 16 -22.59 -39.77 32.96
CA ARG H 16 -21.28 -40.28 33.33
C ARG H 16 -20.53 -40.71 32.06
N PRO H 17 -19.58 -39.92 31.54
CA PRO H 17 -19.03 -40.16 30.20
C PRO H 17 -18.11 -41.38 30.18
N PHE H 18 -17.58 -41.74 31.34
CA PHE H 18 -16.44 -42.61 31.51
C PHE H 18 -16.82 -44.05 31.88
N MET H 19 -17.59 -44.73 31.02
CA MET H 19 -18.15 -46.07 31.27
C MET H 19 -19.16 -46.10 32.45
N GLY H 20 -19.89 -47.21 32.70
CA GLY H 20 -20.62 -47.40 33.96
C GLY H 20 -21.78 -48.40 33.96
N THR H 21 -21.84 -49.29 34.96
CA THR H 21 -22.95 -50.25 35.19
C THR H 21 -23.01 -50.86 36.61
N TRP H 22 -22.15 -50.40 37.52
CA TRP H 22 -21.63 -51.20 38.65
C TRP H 22 -22.51 -51.31 39.89
N ASN H 23 -23.64 -52.00 39.76
CA ASN H 23 -24.30 -52.64 40.88
C ASN H 23 -23.51 -53.89 41.35
N GLU H 24 -22.80 -53.79 42.46
CA GLU H 24 -22.15 -54.92 43.17
C GLU H 24 -22.25 -54.77 44.69
N MET I 1 30.99 -101.65 -16.02
CA MET I 1 29.81 -102.06 -16.81
C MET I 1 28.51 -101.66 -16.13
N MET I 2 28.18 -102.23 -14.96
CA MET I 2 26.79 -102.39 -14.51
C MET I 2 25.88 -101.13 -14.33
N PRO I 3 26.31 -99.89 -13.98
CA PRO I 3 25.37 -98.84 -13.53
C PRO I 3 24.41 -98.18 -14.54
N GLN I 4 24.76 -98.13 -15.83
CA GLN I 4 24.17 -97.35 -16.95
C GLN I 4 24.23 -95.82 -16.91
N TRP I 5 23.25 -95.08 -16.39
CA TRP I 5 23.22 -93.60 -16.53
C TRP I 5 24.40 -92.93 -15.88
N ALA I 6 24.80 -93.43 -14.72
CA ALA I 6 25.96 -92.96 -14.00
C ALA I 6 27.26 -93.39 -14.67
N TYR I 7 27.25 -94.45 -15.49
CA TYR I 7 28.44 -94.93 -16.19
C TYR I 7 28.70 -94.13 -17.47
N MET I 8 27.65 -93.86 -18.23
CA MET I 8 27.71 -92.98 -19.39
C MET I 8 27.65 -91.50 -19.02
N HIS I 9 27.68 -91.16 -17.74
CA HIS I 9 27.71 -89.78 -17.22
C HIS I 9 26.61 -88.90 -17.76
N ILE I 10 25.39 -89.41 -17.78
CA ILE I 10 24.18 -88.64 -18.02
C ILE I 10 23.61 -88.08 -16.72
N ALA I 11 23.92 -88.69 -15.59
CA ALA I 11 23.44 -88.31 -14.27
C ALA I 11 24.47 -88.66 -13.19
N GLY I 12 24.31 -88.17 -11.97
CA GLY I 12 25.23 -88.43 -10.88
C GLY I 12 26.46 -87.54 -10.93
N GLN I 13 27.61 -88.09 -10.59
CA GLN I 13 28.84 -87.37 -10.24
C GLN I 13 29.46 -86.48 -11.34
N ASP I 14 30.09 -85.39 -10.92
CA ASP I 14 30.92 -84.50 -11.72
C ASP I 14 32.31 -85.08 -12.01
N ALA I 15 33.06 -84.60 -13.00
CA ALA I 15 34.45 -85.01 -13.15
C ALA I 15 35.28 -84.70 -11.89
N SER I 16 34.87 -83.71 -11.11
CA SER I 16 35.48 -83.40 -9.82
C SER I 16 35.13 -84.43 -8.74
N GLU I 17 34.39 -85.49 -9.06
CA GLU I 17 33.83 -86.44 -8.10
C GLU I 17 34.07 -87.88 -8.51
N TYR I 18 33.96 -88.25 -9.79
CA TYR I 18 34.24 -89.61 -10.20
C TYR I 18 35.71 -89.90 -10.46
N LEU I 19 36.52 -88.93 -10.91
CA LEU I 19 37.93 -89.20 -11.21
C LEU I 19 38.71 -89.53 -9.95
N SER I 20 39.80 -90.29 -10.07
CA SER I 20 40.67 -90.52 -8.92
C SER I 20 41.25 -89.18 -8.46
N PRO I 21 41.37 -88.93 -7.16
CA PRO I 21 41.77 -87.62 -6.66
C PRO I 21 43.17 -87.22 -7.09
N GLY I 22 44.07 -88.17 -7.38
CA GLY I 22 45.35 -87.87 -8.00
C GLY I 22 45.19 -87.15 -9.34
N LEU I 23 44.32 -87.62 -10.22
CA LEU I 23 44.08 -86.97 -11.51
C LEU I 23 43.39 -85.63 -11.34
N VAL I 24 42.50 -85.51 -10.37
CA VAL I 24 41.89 -84.22 -10.08
C VAL I 24 42.93 -83.21 -9.60
N GLN I 25 43.90 -83.61 -8.77
CA GLN I 25 45.00 -82.72 -8.43
C GLN I 25 45.82 -82.37 -9.66
N PHE I 26 46.27 -83.37 -10.41
CA PHE I 26 47.09 -83.20 -11.61
C PHE I 26 46.44 -82.27 -12.62
N ALA I 27 45.13 -82.41 -12.86
CA ALA I 27 44.40 -81.51 -13.73
C ALA I 27 44.52 -80.07 -13.24
N ARG I 28 44.12 -79.78 -12.00
CA ARG I 28 44.20 -78.43 -11.42
C ARG I 28 45.61 -77.85 -11.48
N ALA I 29 46.62 -78.65 -11.16
CA ALA I 29 48.00 -78.20 -11.13
C ALA I 29 48.58 -77.85 -12.52
N THR I 30 48.03 -78.40 -13.60
CA THR I 30 48.53 -78.18 -14.97
C THR I 30 47.60 -77.40 -15.88
N ASP I 31 46.48 -76.89 -15.36
CA ASP I 31 45.36 -76.45 -16.18
C ASP I 31 45.60 -75.22 -17.06
N THR I 32 46.63 -74.45 -16.73
CA THR I 32 47.03 -73.24 -17.46
C THR I 32 48.10 -73.53 -18.49
N TYR I 33 48.65 -74.74 -18.51
CA TYR I 33 49.70 -75.18 -19.42
C TYR I 33 49.17 -76.21 -20.42
N PHE I 34 48.44 -77.22 -19.95
CA PHE I 34 47.92 -78.28 -20.80
C PHE I 34 46.63 -78.79 -20.17
N SER I 35 45.48 -78.45 -20.75
CA SER I 35 44.23 -78.49 -20.00
C SER I 35 43.41 -79.71 -20.37
N LEU I 36 43.23 -80.62 -19.40
CA LEU I 36 42.50 -81.87 -19.57
C LEU I 36 40.98 -81.71 -19.47
N GLY I 37 40.48 -80.55 -19.06
CA GLY I 37 39.10 -80.42 -18.59
C GLY I 37 38.01 -80.75 -19.61
N ASN I 38 38.26 -80.58 -20.91
CA ASN I 38 37.25 -80.82 -21.93
C ASN I 38 37.00 -82.31 -22.24
N LYS I 39 37.67 -83.23 -21.54
CA LYS I 39 37.78 -84.66 -21.89
C LYS I 39 36.95 -85.57 -21.02
N PHE I 40 36.12 -85.00 -20.18
CA PHE I 40 35.32 -85.70 -19.20
C PHE I 40 33.93 -85.11 -19.22
N ARG I 41 32.89 -85.94 -19.20
CA ARG I 41 31.52 -85.46 -19.06
C ARG I 41 31.35 -84.87 -17.68
N ASN I 42 30.68 -83.72 -17.61
CA ASN I 42 30.00 -83.27 -16.42
C ASN I 42 28.50 -83.35 -16.70
N PRO I 43 27.70 -84.17 -15.99
CA PRO I 43 26.26 -84.11 -16.08
C PRO I 43 25.72 -82.87 -15.36
N THR I 44 24.51 -82.41 -15.71
CA THR I 44 23.87 -81.21 -15.14
C THR I 44 22.35 -81.38 -15.06
N VAL I 45 21.90 -82.25 -14.18
CA VAL I 45 20.49 -82.66 -14.05
C VAL I 45 19.54 -81.54 -13.59
N ALA I 46 18.30 -81.47 -14.10
CA ALA I 46 17.32 -80.45 -13.71
C ALA I 46 16.48 -80.82 -12.48
N PRO I 47 15.93 -79.85 -11.71
CA PRO I 47 15.48 -80.00 -10.32
C PRO I 47 14.31 -80.92 -9.94
N THR I 48 13.62 -81.56 -10.87
CA THR I 48 12.48 -82.45 -10.59
C THR I 48 11.33 -81.83 -9.74
N HIS I 49 11.01 -82.35 -8.56
CA HIS I 49 9.65 -82.29 -7.98
C HIS I 49 9.12 -80.92 -7.57
N ASP I 50 9.93 -80.02 -7.04
CA ASP I 50 9.44 -78.81 -6.35
C ASP I 50 9.41 -77.54 -7.19
N VAL I 51 9.81 -77.57 -8.47
CA VAL I 51 9.84 -76.36 -9.31
C VAL I 51 8.54 -76.09 -10.03
N THR I 52 8.04 -77.01 -10.84
CA THR I 52 6.88 -76.76 -11.72
C THR I 52 5.65 -77.51 -11.28
N THR I 53 4.49 -76.86 -11.32
CA THR I 53 3.23 -77.53 -11.03
C THR I 53 2.77 -78.47 -12.13
N ASP I 54 2.27 -79.64 -11.72
CA ASP I 54 1.55 -80.61 -12.54
C ASP I 54 0.02 -80.53 -12.35
N ARG I 55 -0.47 -79.50 -11.66
CA ARG I 55 -1.87 -79.09 -11.72
C ARG I 55 -2.13 -78.24 -12.96
N SER I 56 -3.37 -78.17 -13.42
CA SER I 56 -3.72 -77.45 -14.64
C SER I 56 -3.59 -75.94 -14.44
N GLN I 57 -2.84 -75.21 -15.27
CA GLN I 57 -2.62 -73.77 -15.11
C GLN I 57 -2.06 -73.08 -16.36
N ARG I 58 -2.60 -71.90 -16.67
CA ARG I 58 -2.22 -71.03 -17.80
C ARG I 58 -0.85 -70.39 -17.65
N LEU I 59 -0.08 -70.32 -18.73
CA LEU I 59 1.15 -69.54 -18.76
C LEU I 59 0.87 -68.07 -19.03
N THR I 60 -0.02 -67.77 -19.96
CA THR I 60 -0.46 -66.41 -20.29
C THR I 60 -1.94 -66.26 -19.98
N LEU I 61 -2.34 -65.18 -19.32
CA LEU I 61 -3.73 -64.76 -19.21
C LEU I 61 -3.93 -63.42 -19.89
N ARG I 62 -5.16 -63.22 -20.33
CA ARG I 62 -5.61 -62.07 -21.08
C ARG I 62 -6.87 -61.58 -20.43
N PHE I 63 -6.95 -60.28 -20.20
CA PHE I 63 -8.11 -59.66 -19.57
C PHE I 63 -8.75 -58.66 -20.51
N VAL I 64 -10.04 -58.81 -20.73
CA VAL I 64 -10.90 -57.79 -21.34
C VAL I 64 -11.16 -56.67 -20.33
N PRO I 65 -11.27 -55.39 -20.70
CA PRO I 65 -11.66 -54.34 -19.77
C PRO I 65 -13.03 -54.60 -19.16
N VAL I 66 -13.19 -54.37 -17.85
CA VAL I 66 -14.52 -54.37 -17.22
C VAL I 66 -15.25 -53.05 -17.40
N ASP I 67 -14.55 -51.97 -17.70
CA ASP I 67 -15.11 -50.67 -18.05
C ASP I 67 -14.12 -49.89 -18.92
N ARG I 68 -14.58 -48.99 -19.78
CA ARG I 68 -13.71 -47.95 -20.33
C ARG I 68 -14.45 -46.68 -20.67
N GLU I 69 -13.75 -45.56 -20.56
CA GLU I 69 -14.27 -44.20 -20.71
C GLU I 69 -13.41 -43.41 -21.67
N ASP I 70 -14.03 -42.55 -22.46
CA ASP I 70 -13.40 -41.71 -23.47
C ASP I 70 -13.61 -40.23 -23.14
N THR I 71 -12.65 -39.40 -23.52
CA THR I 71 -12.83 -37.96 -23.66
C THR I 71 -12.25 -37.52 -25.00
N THR I 72 -12.38 -36.24 -25.37
CA THR I 72 -11.98 -35.72 -26.68
C THR I 72 -10.54 -36.05 -27.05
N TYR I 73 -9.68 -36.28 -26.06
CA TYR I 73 -8.24 -36.38 -26.20
C TYR I 73 -7.61 -37.57 -25.44
N SER I 74 -8.38 -38.44 -24.79
CA SER I 74 -7.85 -39.51 -23.93
C SER I 74 -8.84 -40.66 -23.70
N TYR I 75 -8.34 -41.75 -23.16
CA TYR I 75 -9.01 -43.03 -23.00
C TYR I 75 -8.65 -43.62 -21.64
N LYS I 76 -9.52 -44.39 -20.98
CA LYS I 76 -9.31 -44.80 -19.58
C LYS I 76 -10.00 -46.12 -19.35
N ALA I 77 -9.27 -47.20 -19.05
CA ALA I 77 -9.83 -48.56 -18.99
C ALA I 77 -9.53 -49.25 -17.65
N ARG I 78 -10.50 -49.99 -17.12
CA ARG I 78 -10.41 -50.72 -15.85
C ARG I 78 -10.38 -52.21 -16.05
N PHE I 79 -9.48 -52.88 -15.35
CA PHE I 79 -9.31 -54.33 -15.34
C PHE I 79 -9.39 -54.84 -13.92
N THR I 80 -9.87 -56.06 -13.70
CA THR I 80 -9.52 -56.80 -12.48
C THR I 80 -8.40 -57.78 -12.81
N LEU I 81 -7.18 -57.43 -12.48
CA LEU I 81 -6.04 -58.32 -12.66
C LEU I 81 -6.10 -59.37 -11.56
N ALA I 82 -6.41 -60.62 -11.94
CA ALA I 82 -6.56 -61.72 -11.01
C ALA I 82 -5.32 -62.61 -10.98
N VAL I 83 -4.81 -62.89 -9.79
CA VAL I 83 -3.74 -63.85 -9.51
C VAL I 83 -4.35 -64.93 -8.62
N GLY I 84 -4.52 -66.15 -9.13
CA GLY I 84 -5.22 -67.22 -8.40
C GLY I 84 -4.41 -67.77 -7.21
N ASP I 85 -5.01 -68.62 -6.39
CA ASP I 85 -4.53 -68.90 -5.02
C ASP I 85 -3.15 -69.55 -4.88
N ASN I 86 -2.50 -70.00 -5.95
CA ASN I 86 -1.12 -70.49 -5.90
C ASN I 86 -0.21 -69.90 -6.98
N ARG I 87 -0.66 -68.86 -7.69
CA ARG I 87 0.15 -68.10 -8.64
C ARG I 87 1.07 -67.13 -7.89
N VAL I 88 2.06 -66.58 -8.56
CA VAL I 88 2.63 -65.25 -8.26
C VAL I 88 2.92 -64.58 -9.61
N LEU I 89 2.70 -63.29 -9.73
CA LEU I 89 2.85 -62.56 -11.00
C LEU I 89 3.94 -61.50 -10.90
N ASP I 90 4.97 -61.58 -11.72
CA ASP I 90 5.91 -60.48 -11.83
C ASP I 90 5.34 -59.45 -12.80
N MET I 91 5.07 -58.25 -12.32
CA MET I 91 4.44 -57.19 -13.09
C MET I 91 5.21 -56.81 -14.35
N ALA I 92 6.51 -57.09 -14.45
CA ALA I 92 7.27 -56.81 -15.66
C ALA I 92 6.81 -57.67 -16.84
N SER I 93 6.05 -58.73 -16.60
CA SER I 93 5.45 -59.56 -17.63
C SER I 93 4.11 -59.06 -18.14
N THR I 94 3.52 -58.05 -17.49
CA THR I 94 2.23 -57.49 -17.91
C THR I 94 2.37 -56.38 -18.94
N TYR I 95 1.43 -56.26 -19.86
CA TYR I 95 1.42 -55.16 -20.83
C TYR I 95 0.02 -54.88 -21.36
N PHE I 96 -0.24 -53.65 -21.76
CA PHE I 96 -1.49 -53.27 -22.39
C PHE I 96 -1.37 -53.52 -23.88
N ASP I 97 -2.06 -54.54 -24.37
CA ASP I 97 -2.16 -54.88 -25.77
C ASP I 97 -3.28 -54.08 -26.42
N ILE I 98 -2.92 -53.16 -27.30
CA ILE I 98 -3.77 -52.12 -27.84
C ILE I 98 -3.88 -52.30 -29.34
N ARG I 99 -5.07 -52.06 -29.88
CA ARG I 99 -5.37 -52.14 -31.31
C ARG I 99 -6.14 -50.92 -31.76
N GLY I 100 -6.04 -50.57 -33.04
CA GLY I 100 -6.59 -49.33 -33.55
C GLY I 100 -6.29 -49.13 -35.01
N VAL I 101 -6.74 -48.00 -35.52
CA VAL I 101 -6.45 -47.57 -36.89
C VAL I 101 -5.93 -46.15 -36.83
N LEU I 102 -4.93 -45.89 -37.65
CA LEU I 102 -4.08 -44.72 -37.62
C LEU I 102 -4.10 -44.10 -39.00
N ASP I 103 -4.26 -42.79 -39.08
CA ASP I 103 -3.99 -42.06 -40.31
C ASP I 103 -2.86 -41.10 -40.05
N ARG I 104 -1.73 -41.33 -40.69
CA ARG I 104 -0.52 -40.53 -40.53
C ARG I 104 -0.65 -39.17 -41.22
N GLY I 105 -1.67 -38.97 -42.03
CA GLY I 105 -2.02 -37.68 -42.62
C GLY I 105 -1.18 -37.35 -43.83
N PRO I 106 -1.54 -36.32 -44.60
CA PRO I 106 -0.89 -36.03 -45.87
C PRO I 106 0.53 -35.48 -45.71
N SER I 107 0.92 -35.07 -44.50
CA SER I 107 2.30 -34.68 -44.21
C SER I 107 3.25 -35.86 -44.06
N PHE I 108 2.76 -37.10 -44.01
CA PHE I 108 3.60 -38.28 -44.07
C PHE I 108 4.21 -38.42 -45.46
N LYS I 109 5.51 -38.66 -45.56
CA LYS I 109 6.17 -38.93 -46.85
C LYS I 109 7.49 -39.64 -46.59
N PRO I 110 7.46 -40.95 -46.34
CA PRO I 110 8.56 -41.72 -45.73
C PRO I 110 9.68 -42.13 -46.70
N TYR I 111 10.04 -41.30 -47.66
CA TYR I 111 11.18 -41.56 -48.55
C TYR I 111 11.69 -40.28 -49.20
N SER I 112 12.96 -40.23 -49.53
CA SER I 112 13.56 -39.11 -50.27
C SER I 112 13.38 -39.31 -51.77
N GLY I 113 13.34 -38.24 -52.55
CA GLY I 113 13.09 -38.34 -54.00
C GLY I 113 11.62 -38.57 -54.34
N THR I 114 11.33 -39.28 -55.42
CA THR I 114 9.97 -39.52 -55.91
C THR I 114 9.82 -40.94 -56.44
N ALA I 115 8.63 -41.50 -56.37
CA ALA I 115 8.35 -42.76 -57.02
C ALA I 115 8.34 -42.61 -58.55
N TYR I 116 8.09 -41.42 -59.10
CA TYR I 116 7.65 -41.26 -60.48
C TYR I 116 8.64 -40.51 -61.36
N ASN I 117 9.01 -41.09 -62.49
CA ASN I 117 9.87 -40.49 -63.50
C ASN I 117 11.18 -39.90 -62.98
N SER I 118 11.73 -40.41 -61.88
CA SER I 118 12.88 -39.84 -61.19
C SER I 118 14.16 -39.75 -62.02
N LEU I 119 14.29 -40.51 -63.11
CA LEU I 119 15.41 -40.40 -64.06
C LEU I 119 15.26 -39.22 -65.01
N ALA I 120 14.04 -38.75 -65.26
CA ALA I 120 13.80 -37.58 -66.08
C ALA I 120 14.45 -36.32 -65.48
N PRO I 121 14.97 -35.40 -66.30
CA PRO I 121 15.45 -34.11 -65.82
C PRO I 121 14.41 -33.37 -64.96
N LYS I 122 14.85 -32.64 -63.95
CA LYS I 122 13.97 -31.90 -63.04
C LYS I 122 13.31 -30.67 -63.65
N SER I 123 13.54 -30.44 -64.94
CA SER I 123 12.94 -29.37 -65.73
C SER I 123 12.47 -29.83 -67.13
N ALA I 124 12.36 -31.14 -67.37
CA ALA I 124 11.70 -31.66 -68.56
C ALA I 124 10.17 -31.52 -68.47
N PRO I 125 9.44 -31.15 -69.55
CA PRO I 125 7.98 -31.22 -69.61
C PRO I 125 7.48 -32.61 -69.99
N ASN I 126 6.24 -32.95 -69.64
CA ASN I 126 5.52 -34.03 -70.33
C ASN I 126 5.20 -33.58 -71.77
N PRO I 127 5.31 -34.45 -72.79
CA PRO I 127 4.78 -34.22 -74.12
C PRO I 127 3.34 -33.75 -74.08
N SER I 128 3.04 -32.59 -74.67
CA SER I 128 1.78 -31.92 -74.37
C SER I 128 1.42 -30.83 -75.36
N GLN I 129 0.15 -30.42 -75.34
CA GLN I 129 -0.44 -29.43 -76.23
C GLN I 129 -0.91 -28.20 -75.47
N TRP I 130 -0.97 -27.05 -76.12
CA TRP I 130 -1.58 -25.85 -75.56
C TRP I 130 -2.14 -24.96 -76.66
N THR I 131 -3.06 -24.05 -76.31
CA THR I 131 -3.59 -23.09 -77.29
C THR I 131 -2.92 -21.73 -77.13
N ALA I 132 -2.28 -21.25 -78.20
CA ALA I 132 -1.56 -19.99 -78.28
C ALA I 132 -1.72 -19.39 -79.67
N ASN I 133 -1.51 -18.09 -79.85
CA ASN I 133 -1.90 -17.40 -81.08
C ASN I 133 -0.78 -17.30 -82.14
N GLU I 134 -1.00 -17.82 -83.34
CA GLU I 134 -0.19 -17.59 -84.56
C GLU I 134 -0.49 -16.20 -85.15
N LYS I 135 -0.36 -15.17 -84.31
CA LYS I 135 -0.92 -13.84 -84.54
C LYS I 135 -0.14 -13.07 -85.61
N GLN I 136 -0.86 -12.22 -86.33
CA GLN I 136 -0.39 -10.97 -86.92
C GLN I 136 -1.33 -9.86 -86.44
N THR I 137 -0.84 -8.64 -86.19
CA THR I 137 -1.47 -7.61 -85.31
C THR I 137 -3.00 -7.56 -85.32
N GLY I 138 -3.62 -7.35 -86.48
CA GLY I 138 -4.99 -7.74 -86.77
C GLY I 138 -5.10 -8.74 -87.93
N GLY I 139 -4.00 -8.91 -88.71
CA GLY I 139 -3.97 -9.62 -89.99
C GLY I 139 -4.45 -11.08 -89.95
N GLN I 140 -4.19 -11.79 -88.84
CA GLN I 140 -4.88 -13.04 -88.53
C GLN I 140 -4.98 -13.27 -87.01
N PRO I 141 -6.19 -13.30 -86.41
CA PRO I 141 -6.40 -13.54 -84.97
C PRO I 141 -6.44 -15.04 -84.62
N LYS I 142 -5.45 -15.76 -85.13
CA LYS I 142 -5.37 -17.22 -85.10
C LYS I 142 -4.88 -17.74 -83.76
N SER I 143 -5.78 -17.83 -82.78
CA SER I 143 -5.63 -18.80 -81.70
C SER I 143 -5.58 -20.22 -82.28
N VAL I 144 -4.49 -20.96 -82.04
CA VAL I 144 -4.24 -22.30 -82.59
C VAL I 144 -3.71 -23.24 -81.51
N THR I 145 -3.75 -24.54 -81.75
CA THR I 145 -2.99 -25.48 -80.91
C THR I 145 -1.51 -25.52 -81.32
N GLN I 146 -0.62 -25.59 -80.35
CA GLN I 146 0.82 -25.77 -80.48
C GLN I 146 1.25 -26.93 -79.59
N THR I 147 2.26 -27.69 -80.01
CA THR I 147 2.64 -28.95 -79.38
C THR I 147 4.16 -29.07 -79.15
N PHE I 148 4.55 -29.67 -78.03
CA PHE I 148 5.91 -30.12 -77.75
C PHE I 148 5.89 -31.61 -77.43
N GLY I 149 6.83 -32.42 -77.91
CA GLY I 149 6.83 -33.86 -77.59
C GLY I 149 7.90 -34.71 -78.27
N SER I 150 7.68 -36.02 -78.29
CA SER I 150 8.45 -36.97 -79.09
C SER I 150 7.61 -38.17 -79.51
N ALA I 151 7.97 -38.80 -80.62
CA ALA I 151 7.20 -39.86 -81.24
C ALA I 151 8.08 -41.11 -81.42
N PRO I 152 8.11 -42.02 -80.46
CA PRO I 152 9.00 -43.17 -80.49
C PRO I 152 8.44 -44.39 -81.22
N MET I 153 7.13 -44.53 -81.39
CA MET I 153 6.53 -45.73 -81.97
C MET I 153 6.66 -45.69 -83.48
N GLY I 154 7.58 -46.43 -84.07
CA GLY I 154 7.74 -46.47 -85.52
C GLY I 154 6.62 -47.25 -86.20
N GLY I 155 6.31 -46.93 -87.45
CA GLY I 155 5.32 -47.68 -88.25
C GLY I 155 5.55 -47.61 -89.76
N SER I 156 4.92 -48.51 -90.52
CA SER I 156 5.07 -48.55 -91.98
C SER I 156 4.25 -47.50 -92.74
N ASN I 157 3.23 -46.90 -92.13
CA ASN I 157 2.33 -45.94 -92.78
C ASN I 157 1.59 -45.10 -91.73
N ILE I 158 1.07 -43.93 -92.09
CA ILE I 158 0.08 -43.18 -91.31
C ILE I 158 -1.11 -42.83 -92.20
N THR I 159 -2.33 -43.06 -91.72
CA THR I 159 -3.57 -42.70 -92.41
C THR I 159 -4.53 -42.03 -91.42
N ILE I 160 -5.79 -41.79 -91.80
CA ILE I 160 -6.82 -41.33 -90.86
C ILE I 160 -7.02 -42.28 -89.68
N GLU I 161 -6.72 -43.58 -89.83
CA GLU I 161 -6.74 -44.55 -88.75
C GLU I 161 -5.46 -44.49 -87.88
N GLY I 162 -4.59 -43.51 -88.08
CA GLY I 162 -3.38 -43.34 -87.27
C GLY I 162 -2.19 -44.12 -87.81
N LEU I 163 -1.32 -44.55 -86.92
CA LEU I 163 -0.09 -45.27 -87.22
C LEU I 163 -0.33 -46.74 -87.53
N VAL I 164 0.18 -47.21 -88.67
CA VAL I 164 0.26 -48.63 -89.00
C VAL I 164 1.43 -49.28 -88.28
N ILE I 165 1.12 -50.27 -87.44
CA ILE I 165 2.09 -51.00 -86.63
C ILE I 165 2.28 -52.46 -87.08
N GLY I 166 1.66 -52.85 -88.19
CA GLY I 166 1.86 -54.18 -88.79
C GLY I 166 0.96 -54.44 -89.99
N THR I 167 1.38 -55.36 -90.85
CA THR I 167 0.58 -55.87 -91.98
C THR I 167 0.06 -57.26 -91.63
N LYS I 168 -1.22 -57.52 -91.85
CA LYS I 168 -1.81 -58.87 -91.75
C LYS I 168 -1.97 -59.46 -93.14
N GLU I 169 -1.45 -60.68 -93.35
CA GLU I 169 -1.24 -61.30 -94.66
C GLU I 169 -2.22 -62.46 -94.88
N GLU I 170 -3.50 -62.15 -94.75
CA GLU I 170 -4.54 -63.13 -94.43
C GLU I 170 -5.06 -63.96 -95.62
N GLU I 171 -4.79 -63.50 -96.85
CA GLU I 171 -5.13 -64.21 -98.10
C GLU I 171 -3.98 -64.13 -99.12
N GLY I 172 -2.76 -63.87 -98.63
CA GLY I 172 -1.55 -63.65 -99.44
C GLY I 172 -1.53 -62.30 -100.16
N ASN I 173 -2.53 -62.04 -101.00
CA ASN I 173 -2.67 -60.84 -101.83
C ASN I 173 -3.50 -59.71 -101.16
N ALA I 174 -4.58 -60.06 -100.44
CA ALA I 174 -5.45 -59.11 -99.76
C ALA I 174 -4.88 -58.68 -98.38
N THR I 175 -3.61 -58.28 -98.33
CA THR I 175 -2.98 -57.73 -97.13
C THR I 175 -3.75 -56.52 -96.63
N GLU I 176 -3.82 -56.36 -95.32
CA GLU I 176 -4.42 -55.19 -94.68
C GLU I 176 -3.50 -54.65 -93.57
N GLU I 177 -3.68 -53.39 -93.22
CA GLU I 177 -2.88 -52.74 -92.18
C GLU I 177 -3.56 -52.81 -90.81
N ILE I 178 -2.75 -53.00 -89.77
CA ILE I 178 -3.16 -52.96 -88.36
C ILE I 178 -2.70 -51.63 -87.77
N PHE I 179 -3.61 -50.96 -87.06
CA PHE I 179 -3.38 -49.64 -86.47
C PHE I 179 -3.33 -49.68 -84.94
N ALA I 180 -2.42 -48.91 -84.34
CA ALA I 180 -2.27 -48.85 -82.89
C ALA I 180 -3.55 -48.33 -82.22
N ASP I 181 -4.22 -49.17 -81.44
CA ASP I 181 -5.40 -48.80 -80.67
C ASP I 181 -5.09 -47.71 -79.65
N LYS I 182 -5.63 -46.50 -79.87
CA LYS I 182 -5.30 -45.31 -79.10
C LYS I 182 -5.52 -45.45 -77.58
N THR I 183 -6.37 -46.38 -77.14
CA THR I 183 -6.61 -46.63 -75.71
C THR I 183 -5.37 -47.09 -74.95
N PHE I 184 -4.34 -47.58 -75.62
CA PHE I 184 -3.01 -47.76 -75.01
C PHE I 184 -1.87 -47.88 -76.04
N GLN I 185 -2.12 -48.47 -77.20
CA GLN I 185 -1.11 -49.17 -77.99
C GLN I 185 0.09 -48.37 -78.53
N PRO I 186 0.03 -47.06 -78.79
CA PRO I 186 1.23 -46.26 -78.96
C PRO I 186 1.76 -45.97 -77.56
N GLU I 187 2.46 -46.96 -77.01
CA GLU I 187 2.80 -47.08 -75.59
C GLU I 187 4.02 -46.23 -75.24
N PRO I 188 4.05 -45.52 -74.12
CA PRO I 188 5.15 -44.60 -73.85
C PRO I 188 6.46 -45.30 -73.50
N GLN I 189 6.42 -46.51 -72.94
CA GLN I 189 7.60 -47.30 -72.62
C GLN I 189 8.22 -48.00 -73.84
N VAL I 190 7.66 -47.84 -75.03
CA VAL I 190 8.03 -48.59 -76.23
C VAL I 190 8.55 -47.66 -77.31
N GLY I 191 9.61 -48.06 -78.01
CA GLY I 191 10.28 -47.24 -79.01
C GLY I 191 11.16 -48.06 -79.95
N GLU I 192 12.16 -47.42 -80.56
CA GLU I 192 13.13 -48.09 -81.42
C GLU I 192 14.07 -48.94 -80.56
N GLU I 193 14.43 -50.15 -80.98
CA GLU I 193 15.19 -51.07 -80.15
C GLU I 193 16.65 -50.65 -79.91
N ASN I 194 17.24 -49.92 -80.86
CA ASN I 194 18.67 -49.67 -80.92
C ASN I 194 18.99 -48.32 -81.59
N TRP I 195 20.24 -47.86 -81.48
CA TRP I 195 20.63 -46.49 -81.85
C TRP I 195 20.59 -46.18 -83.34
N GLN I 196 20.40 -47.15 -84.23
CA GLN I 196 20.12 -46.88 -85.65
C GLN I 196 18.64 -46.58 -85.85
N GLU I 197 18.15 -45.55 -85.16
CA GLU I 197 16.76 -45.11 -85.27
C GLU I 197 16.49 -44.65 -86.71
N THR I 198 15.61 -45.35 -87.42
CA THR I 198 15.25 -45.12 -88.82
C THR I 198 13.94 -45.81 -89.13
N GLU I 199 12.89 -45.05 -89.35
CA GLU I 199 11.61 -45.56 -89.81
C GLU I 199 10.87 -44.49 -90.62
N ALA I 200 9.98 -44.90 -91.52
CA ALA I 200 9.26 -43.97 -92.39
C ALA I 200 8.33 -43.02 -91.63
N PHE I 201 7.68 -43.49 -90.56
CA PHE I 201 6.65 -42.77 -89.83
C PHE I 201 6.76 -43.03 -88.33
N TYR I 202 6.31 -42.09 -87.51
CA TYR I 202 6.31 -42.23 -86.06
C TYR I 202 5.02 -41.76 -85.39
N GLY I 203 4.58 -42.51 -84.38
CA GLY I 203 3.55 -42.15 -83.43
C GLY I 203 4.10 -41.85 -82.05
N GLY I 204 3.43 -40.96 -81.33
CA GLY I 204 3.68 -40.64 -79.92
C GLY I 204 2.38 -40.40 -79.15
N ARG I 205 2.49 -39.98 -77.90
CA ARG I 205 1.36 -39.50 -77.10
C ARG I 205 1.59 -38.08 -76.66
N ALA I 206 0.54 -37.31 -76.44
CA ALA I 206 0.67 -36.02 -75.75
C ALA I 206 -0.55 -35.70 -74.90
N LEU I 207 -0.34 -34.99 -73.82
CA LEU I 207 -1.42 -34.44 -73.02
C LEU I 207 -2.19 -33.39 -73.82
N LYS I 208 -3.52 -33.44 -73.79
CA LYS I 208 -4.39 -32.39 -74.34
C LYS I 208 -4.23 -31.06 -73.61
N LYS I 209 -4.68 -30.00 -74.27
CA LYS I 209 -4.65 -28.60 -73.83
C LYS I 209 -5.21 -28.39 -72.42
N ASP I 210 -6.32 -29.03 -72.05
CA ASP I 210 -6.97 -28.81 -70.76
C ASP I 210 -6.31 -29.50 -69.56
N THR I 211 -5.56 -30.58 -69.76
CA THR I 211 -4.85 -31.25 -68.66
C THR I 211 -3.58 -30.47 -68.36
N LYS I 212 -3.60 -29.64 -67.32
CA LYS I 212 -2.59 -28.60 -67.10
C LYS I 212 -1.17 -29.16 -67.07
N MET I 213 -0.22 -28.44 -67.66
CA MET I 213 1.19 -28.83 -67.65
C MET I 213 1.73 -29.03 -66.23
N LYS I 214 2.52 -30.09 -66.07
CA LYS I 214 3.41 -30.34 -64.92
C LYS I 214 4.75 -30.89 -65.45
N PRO I 215 5.85 -30.76 -64.70
CA PRO I 215 7.13 -31.34 -65.07
C PRO I 215 7.05 -32.86 -65.24
N CYS I 216 7.96 -33.51 -65.94
CA CYS I 216 7.90 -34.95 -66.13
C CYS I 216 8.23 -35.69 -64.83
N TYR I 217 9.29 -35.26 -64.15
CA TYR I 217 9.72 -35.74 -62.84
C TYR I 217 8.61 -35.57 -61.83
N GLY I 218 8.07 -36.67 -61.34
CA GLY I 218 7.03 -36.68 -60.32
C GLY I 218 5.60 -36.78 -60.82
N SER I 219 5.34 -36.72 -62.12
CA SER I 219 3.97 -36.76 -62.64
C SER I 219 3.41 -38.18 -62.71
N PHE I 220 2.51 -38.52 -61.82
CA PHE I 220 1.67 -39.72 -61.88
C PHE I 220 0.36 -39.43 -62.61
N ALA I 221 -0.30 -40.45 -63.13
CA ALA I 221 -1.72 -40.41 -63.43
C ALA I 221 -2.32 -41.81 -63.49
N ARG I 222 -3.35 -42.10 -62.69
CA ARG I 222 -3.85 -43.47 -62.56
C ARG I 222 -4.34 -44.05 -63.88
N PRO I 223 -4.18 -45.36 -64.13
CA PRO I 223 -4.69 -46.00 -65.33
C PRO I 223 -6.21 -46.10 -65.31
N THR I 224 -6.82 -46.15 -66.48
CA THR I 224 -8.28 -46.23 -66.68
C THR I 224 -8.68 -47.38 -67.61
N ASN I 225 -7.74 -48.25 -67.98
CA ASN I 225 -8.00 -49.53 -68.62
C ASN I 225 -6.98 -50.57 -68.16
N GLU I 226 -7.27 -51.84 -68.40
CA GLU I 226 -6.47 -52.94 -67.89
C GLU I 226 -5.13 -53.14 -68.62
N LYS I 227 -4.93 -52.45 -69.75
CA LYS I 227 -3.64 -52.35 -70.45
C LYS I 227 -2.91 -51.03 -70.18
N GLY I 228 -3.23 -50.37 -69.07
CA GLY I 228 -2.43 -49.29 -68.52
C GLY I 228 -2.64 -47.89 -69.13
N GLY I 229 -3.55 -47.71 -70.07
CA GLY I 229 -3.83 -46.39 -70.64
C GLY I 229 -4.36 -45.40 -69.61
N GLN I 230 -3.95 -44.14 -69.67
CA GLN I 230 -4.24 -43.14 -68.65
C GLN I 230 -5.38 -42.18 -69.04
N ALA I 231 -6.10 -42.40 -70.13
CA ALA I 231 -7.06 -41.41 -70.63
C ALA I 231 -8.33 -41.31 -69.77
N LYS I 232 -8.87 -40.11 -69.59
CA LYS I 232 -10.19 -39.91 -68.98
C LYS I 232 -11.29 -40.48 -69.89
N LEU I 233 -12.42 -40.91 -69.34
CA LEU I 233 -13.67 -41.16 -70.10
C LEU I 233 -14.41 -39.85 -70.37
N LYS I 234 -14.95 -39.63 -71.59
CA LYS I 234 -15.48 -38.29 -71.92
C LYS I 234 -16.90 -38.07 -71.41
N LEU I 235 -17.14 -36.84 -70.97
CA LEU I 235 -18.27 -36.45 -70.11
C LEU I 235 -19.61 -36.20 -70.80
N ASN I 236 -19.77 -36.56 -72.08
CA ASN I 236 -21.06 -36.49 -72.80
C ASN I 236 -21.68 -35.06 -72.71
N ASP I 237 -23.01 -34.99 -72.70
CA ASP I 237 -23.75 -33.91 -72.03
C ASP I 237 -24.38 -34.49 -70.73
N GLN I 238 -24.90 -33.65 -69.84
CA GLN I 238 -25.27 -34.02 -68.46
C GLN I 238 -24.11 -34.63 -67.64
N GLY I 239 -22.86 -34.38 -68.04
CA GLY I 239 -21.67 -34.92 -67.36
C GLY I 239 -21.58 -36.45 -67.36
N GLN I 240 -22.33 -37.15 -68.22
CA GLN I 240 -22.36 -38.61 -68.24
C GLN I 240 -20.99 -39.20 -68.64
N PRO I 241 -20.39 -40.12 -67.87
CA PRO I 241 -19.13 -40.76 -68.25
C PRO I 241 -19.35 -41.79 -69.37
N THR I 242 -19.18 -41.34 -70.62
CA THR I 242 -19.34 -42.17 -71.83
C THR I 242 -18.38 -43.35 -71.79
N LYS I 243 -18.70 -44.48 -72.45
CA LYS I 243 -17.71 -45.56 -72.68
C LYS I 243 -16.61 -45.17 -73.68
N ASP I 244 -16.78 -44.09 -74.44
CA ASP I 244 -15.72 -43.46 -75.21
C ASP I 244 -14.71 -42.71 -74.31
N TYR I 245 -13.41 -42.86 -74.59
CA TYR I 245 -12.34 -42.10 -73.94
C TYR I 245 -12.20 -40.69 -74.51
N ASP I 246 -11.56 -39.79 -73.78
CA ASP I 246 -11.17 -38.45 -74.24
C ASP I 246 -9.82 -38.47 -74.98
N ILE I 247 -9.74 -39.23 -76.08
CA ILE I 247 -8.52 -39.38 -76.89
C ILE I 247 -8.80 -39.00 -78.35
N ASP I 248 -8.05 -38.05 -78.90
CA ASP I 248 -8.12 -37.63 -80.31
C ASP I 248 -6.73 -37.68 -80.96
N LEU I 249 -6.64 -38.15 -82.20
CA LEU I 249 -5.41 -38.04 -82.97
C LEU I 249 -5.19 -36.59 -83.41
N ALA I 250 -3.93 -36.20 -83.56
CA ALA I 250 -3.51 -35.01 -84.33
C ALA I 250 -2.29 -35.35 -85.19
N PHE I 251 -2.16 -34.75 -86.36
CA PHE I 251 -1.14 -35.15 -87.35
C PHE I 251 -0.19 -34.01 -87.71
N PHE I 252 1.06 -34.36 -87.97
CA PHE I 252 2.16 -33.42 -88.18
C PHE I 252 3.02 -33.81 -89.36
N ASP I 253 3.60 -32.79 -89.97
CA ASP I 253 4.24 -32.84 -91.28
C ASP I 253 5.48 -31.95 -91.27
N THR I 254 6.54 -32.36 -91.94
CA THR I 254 7.74 -31.55 -92.08
C THR I 254 7.44 -30.23 -92.78
N PRO I 255 8.08 -29.13 -92.37
CA PRO I 255 7.49 -27.81 -92.48
C PRO I 255 7.53 -27.29 -93.91
N GLY I 256 6.55 -26.45 -94.25
CA GLY I 256 6.49 -25.68 -95.49
C GLY I 256 6.78 -26.53 -96.72
N GLY I 257 7.84 -26.14 -97.44
CA GLY I 257 8.33 -26.78 -98.66
C GLY I 257 9.16 -28.05 -98.45
N THR I 258 9.15 -28.69 -97.28
CA THR I 258 9.86 -29.97 -97.08
C THR I 258 9.22 -31.06 -97.95
N PRO I 259 7.92 -31.36 -97.81
CA PRO I 259 7.14 -31.85 -98.93
C PRO I 259 6.92 -30.66 -99.89
N PRO I 260 6.83 -30.85 -101.22
CA PRO I 260 6.52 -29.72 -102.09
C PRO I 260 5.15 -29.12 -101.73
N THR I 261 5.00 -27.79 -101.83
CA THR I 261 3.99 -26.99 -101.11
C THR I 261 3.20 -26.05 -102.01
N GLY I 262 1.98 -25.66 -101.62
CA GLY I 262 1.11 -24.83 -102.44
C GLY I 262 0.77 -25.54 -103.75
N SER I 263 1.17 -24.97 -104.89
CA SER I 263 1.07 -25.65 -106.19
C SER I 263 1.88 -26.96 -106.25
N GLY I 264 2.93 -27.08 -105.43
CA GLY I 264 3.69 -28.33 -105.27
C GLY I 264 2.97 -29.42 -104.44
N GLN I 265 2.03 -29.01 -103.56
CA GLN I 265 1.29 -29.88 -102.64
C GLN I 265 0.36 -30.85 -103.38
N GLN I 266 0.02 -30.51 -104.64
CA GLN I 266 -0.91 -31.21 -105.52
C GLN I 266 -0.68 -32.73 -105.61
N GLU I 267 0.52 -33.22 -105.29
CA GLU I 267 0.81 -34.65 -105.16
C GLU I 267 1.68 -35.05 -103.95
N GLU I 268 1.81 -34.27 -102.85
CA GLU I 268 2.74 -34.66 -101.76
C GLU I 268 2.60 -34.10 -100.30
N TYR I 269 1.57 -33.37 -99.87
CA TYR I 269 1.36 -33.23 -98.41
C TYR I 269 0.88 -34.55 -97.81
N LYS I 270 1.50 -34.98 -96.70
CA LYS I 270 1.13 -36.18 -95.96
C LYS I 270 1.45 -36.02 -94.48
N ALA I 271 0.81 -36.77 -93.60
CA ALA I 271 1.29 -36.88 -92.23
C ALA I 271 2.64 -37.60 -92.21
N ASP I 272 3.65 -36.99 -91.61
CA ASP I 272 4.90 -37.64 -91.25
C ASP I 272 4.80 -38.28 -89.86
N ILE I 273 4.01 -37.68 -88.98
CA ILE I 273 3.88 -38.02 -87.56
C ILE I 273 2.41 -37.95 -87.12
N VAL I 274 2.03 -38.79 -86.15
CA VAL I 274 0.75 -38.71 -85.45
C VAL I 274 0.97 -38.66 -83.95
N MET I 275 0.23 -37.81 -83.26
CA MET I 275 0.18 -37.76 -81.80
C MET I 275 -1.17 -38.25 -81.34
N TYR I 276 -1.21 -39.23 -80.45
CA TYR I 276 -2.44 -39.63 -79.80
C TYR I 276 -2.65 -38.73 -78.58
N THR I 277 -3.57 -37.76 -78.69
CA THR I 277 -3.69 -36.68 -77.72
C THR I 277 -4.87 -36.91 -76.80
N GLU I 278 -4.65 -36.80 -75.50
CA GLU I 278 -5.60 -37.29 -74.50
C GLU I 278 -5.64 -36.41 -73.27
N ASN I 279 -6.80 -36.29 -72.62
CA ASN I 279 -6.86 -35.78 -71.25
C ASN I 279 -6.61 -36.93 -70.27
N VAL I 280 -5.98 -36.61 -69.14
CA VAL I 280 -5.36 -37.55 -68.20
C VAL I 280 -5.53 -37.02 -66.78
N ASN I 281 -5.59 -37.87 -65.76
CA ASN I 281 -5.74 -37.43 -64.37
C ASN I 281 -4.39 -37.09 -63.75
N LEU I 282 -3.76 -35.99 -64.16
CA LEU I 282 -2.37 -35.70 -63.79
C LEU I 282 -2.17 -35.30 -62.32
N GLU I 283 -1.17 -35.83 -61.65
CA GLU I 283 -0.92 -35.60 -60.22
C GLU I 283 0.58 -35.53 -59.93
N THR I 284 0.96 -34.87 -58.83
CA THR I 284 2.33 -34.90 -58.32
C THR I 284 2.33 -35.29 -56.85
N PRO I 285 2.01 -36.55 -56.50
CA PRO I 285 1.72 -36.95 -55.13
C PRO I 285 2.86 -36.63 -54.18
N ASP I 286 4.10 -36.66 -54.68
CA ASP I 286 5.31 -36.53 -53.88
C ASP I 286 6.35 -35.53 -54.42
N THR I 287 5.96 -34.65 -55.35
CA THR I 287 6.80 -33.53 -55.80
C THR I 287 6.02 -32.22 -55.86
N HIS I 288 6.73 -31.10 -55.88
CA HIS I 288 6.14 -29.76 -55.98
C HIS I 288 6.92 -28.88 -56.94
N VAL I 289 6.25 -27.95 -57.62
CA VAL I 289 6.90 -27.08 -58.59
C VAL I 289 7.67 -25.99 -57.85
N VAL I 290 9.00 -26.01 -57.91
CA VAL I 290 9.88 -25.04 -57.24
C VAL I 290 10.20 -23.82 -58.10
N TYR I 291 10.08 -23.92 -59.43
CA TYR I 291 10.07 -22.76 -60.32
C TYR I 291 8.95 -22.89 -61.35
N LYS I 292 8.18 -21.82 -61.53
CA LYS I 292 7.42 -21.54 -62.74
C LYS I 292 7.58 -20.07 -63.12
N PRO I 293 7.63 -19.74 -64.42
CA PRO I 293 8.02 -18.40 -64.83
C PRO I 293 7.00 -17.31 -64.51
N GLY I 294 5.73 -17.67 -64.35
CA GLY I 294 4.66 -16.73 -64.02
C GLY I 294 3.50 -17.38 -63.27
N LYS I 295 2.56 -16.55 -62.79
CA LYS I 295 1.40 -16.98 -62.01
C LYS I 295 0.35 -17.77 -62.79
N GLU I 296 0.42 -17.77 -64.13
CA GLU I 296 -0.38 -18.64 -64.99
C GLU I 296 -0.18 -20.13 -64.65
N ASP I 297 -1.19 -20.77 -64.10
CA ASP I 297 -1.18 -22.19 -63.73
C ASP I 297 -1.34 -23.12 -64.96
N GLU I 298 -1.69 -22.54 -66.11
CA GLU I 298 -2.32 -23.19 -67.27
C GLU I 298 -1.33 -23.82 -68.25
N SER I 299 -1.78 -24.71 -69.12
CA SER I 299 -0.97 -25.18 -70.26
C SER I 299 -0.59 -24.01 -71.18
N SER I 300 0.70 -23.73 -71.32
CA SER I 300 1.22 -22.67 -72.20
C SER I 300 2.70 -22.91 -72.47
N GLU I 301 3.28 -22.30 -73.50
CA GLU I 301 4.65 -22.62 -73.91
C GLU I 301 5.68 -22.46 -72.78
N THR I 302 5.66 -21.34 -72.07
CA THR I 302 6.62 -21.13 -70.98
C THR I 302 6.41 -22.10 -69.82
N ASN I 303 5.20 -22.65 -69.64
CA ASN I 303 4.95 -23.65 -68.62
C ASN I 303 5.53 -25.04 -68.96
N LEU I 304 6.05 -25.24 -70.17
CA LEU I 304 6.93 -26.38 -70.40
C LEU I 304 8.17 -26.31 -69.52
N THR I 305 8.67 -25.12 -69.21
CA THR I 305 9.93 -24.93 -68.47
C THR I 305 9.81 -25.05 -66.95
N GLN I 306 8.65 -25.42 -66.41
CA GLN I 306 8.48 -25.57 -64.96
C GLN I 306 9.46 -26.59 -64.40
N GLN I 307 9.86 -26.41 -63.14
CA GLN I 307 10.85 -27.28 -62.50
C GLN I 307 10.27 -27.87 -61.22
N SER I 308 10.30 -29.19 -61.08
CA SER I 308 9.82 -29.86 -59.88
C SER I 308 10.96 -30.23 -58.96
N MET I 309 10.64 -30.32 -57.67
CA MET I 309 11.53 -30.76 -56.61
C MET I 309 10.79 -31.85 -55.85
N PRO I 310 11.42 -32.95 -55.43
CA PRO I 310 10.76 -33.92 -54.59
C PRO I 310 10.41 -33.29 -53.23
N ASN I 311 9.32 -33.70 -52.60
CA ASN I 311 8.95 -33.18 -51.30
C ASN I 311 9.92 -33.64 -50.21
N ARG I 312 10.12 -32.83 -49.16
CA ARG I 312 11.00 -33.18 -48.04
C ARG I 312 10.56 -34.47 -47.35
N PRO I 313 11.47 -35.37 -46.99
CA PRO I 313 11.13 -36.66 -46.41
C PRO I 313 10.63 -36.51 -44.98
N ASN I 314 9.58 -37.23 -44.62
CA ASN I 314 8.94 -37.10 -43.31
C ASN I 314 8.47 -38.47 -42.82
N TYR I 315 9.27 -39.10 -41.96
CA TYR I 315 8.96 -40.36 -41.31
C TYR I 315 8.08 -40.13 -40.10
N ILE I 316 6.90 -40.76 -40.07
CA ILE I 316 5.94 -40.69 -38.97
C ILE I 316 5.67 -42.06 -38.36
N GLY I 317 5.83 -42.18 -37.05
CA GLY I 317 5.45 -43.34 -36.28
C GLY I 317 5.45 -43.05 -34.78
N PHE I 318 5.21 -44.07 -33.97
CA PHE I 318 5.16 -43.95 -32.51
C PHE I 318 6.51 -43.56 -31.89
N ARG I 319 6.49 -42.95 -30.71
CA ARG I 319 7.70 -42.53 -29.99
C ARG I 319 8.48 -43.70 -29.37
N ASP I 320 9.77 -43.52 -29.11
CA ASP I 320 10.63 -44.58 -28.53
C ASP I 320 9.98 -45.14 -27.28
N ASN I 321 9.84 -46.45 -27.17
CA ASN I 321 9.12 -47.09 -26.05
C ASN I 321 7.71 -46.56 -25.80
N PHE I 322 7.05 -46.03 -26.82
CA PHE I 322 5.76 -45.40 -26.71
C PHE I 322 5.69 -44.27 -25.68
N VAL I 323 6.74 -43.45 -25.47
CA VAL I 323 6.60 -42.35 -24.49
C VAL I 323 5.38 -41.50 -24.80
N GLY I 324 4.63 -41.11 -23.77
CA GLY I 324 3.41 -40.33 -23.89
C GLY I 324 2.15 -41.14 -24.14
N LEU I 325 2.21 -42.42 -24.54
CA LEU I 325 1.00 -43.20 -24.80
C LEU I 325 0.20 -43.58 -23.53
N MET I 326 0.80 -43.55 -22.34
CA MET I 326 0.13 -43.69 -21.04
C MET I 326 0.37 -42.46 -20.17
N TYR I 327 -0.62 -41.99 -19.42
CA TYR I 327 -0.49 -40.79 -18.59
C TYR I 327 0.29 -41.04 -17.29
N TYR I 328 1.61 -41.09 -17.34
CA TYR I 328 2.41 -40.90 -16.13
C TYR I 328 2.43 -39.44 -15.72
N ASN I 329 2.59 -39.16 -14.43
CA ASN I 329 2.94 -37.86 -13.86
C ASN I 329 2.07 -36.70 -14.35
N SER I 330 0.76 -36.91 -14.49
CA SER I 330 -0.16 -35.87 -14.96
C SER I 330 -1.39 -35.77 -14.09
N THR I 331 -1.72 -34.55 -13.66
CA THR I 331 -2.69 -34.25 -12.59
C THR I 331 -4.05 -34.90 -12.78
N GLY I 332 -4.63 -34.81 -13.97
CA GLY I 332 -5.98 -35.34 -14.20
C GLY I 332 -6.06 -36.85 -14.40
N ASN I 333 -4.95 -37.51 -14.65
CA ASN I 333 -4.95 -38.79 -15.37
C ASN I 333 -4.00 -39.81 -14.74
N MET I 334 -3.93 -39.83 -13.41
CA MET I 334 -3.14 -40.80 -12.65
C MET I 334 -3.79 -42.19 -12.67
N GLY I 335 -2.98 -43.23 -12.73
CA GLY I 335 -3.43 -44.63 -12.74
C GLY I 335 -3.82 -45.16 -11.37
N VAL I 336 -4.34 -46.38 -11.32
CA VAL I 336 -4.82 -47.03 -10.10
C VAL I 336 -4.24 -48.43 -9.97
N LEU I 337 -3.85 -48.85 -8.78
CA LEU I 337 -3.79 -50.27 -8.43
C LEU I 337 -4.31 -50.43 -7.00
N ALA I 338 -5.31 -51.29 -6.80
CA ALA I 338 -5.96 -51.45 -5.50
C ALA I 338 -6.64 -52.81 -5.39
N GLY I 339 -6.94 -53.28 -4.19
CA GLY I 339 -7.77 -54.48 -4.01
C GLY I 339 -9.24 -54.22 -4.34
N GLN I 340 -10.05 -55.28 -4.40
CA GLN I 340 -11.49 -55.11 -4.59
C GLN I 340 -12.14 -54.56 -3.32
N ALA I 341 -11.69 -55.07 -2.17
CA ALA I 341 -12.32 -54.80 -0.89
C ALA I 341 -12.04 -53.40 -0.35
N SER I 342 -10.92 -52.79 -0.73
CA SER I 342 -10.54 -51.44 -0.30
C SER I 342 -10.01 -50.57 -1.43
N GLN I 343 -10.57 -49.38 -1.55
CA GLN I 343 -10.36 -48.46 -2.66
C GLN I 343 -9.06 -47.64 -2.53
N LEU I 344 -8.29 -47.89 -1.49
CA LEU I 344 -7.11 -47.14 -1.11
C LEU I 344 -5.98 -47.41 -2.09
N ASN I 345 -5.70 -46.45 -2.98
CA ASN I 345 -4.86 -46.64 -4.17
C ASN I 345 -3.38 -46.83 -3.82
N ALA I 346 -2.74 -47.88 -4.35
CA ALA I 346 -1.31 -48.12 -4.15
C ALA I 346 -0.39 -47.30 -5.08
N VAL I 347 -0.95 -46.60 -6.07
CA VAL I 347 -0.17 -45.75 -6.98
C VAL I 347 -0.30 -44.31 -6.53
N VAL I 348 0.80 -43.68 -6.12
CA VAL I 348 0.83 -42.30 -5.61
C VAL I 348 1.77 -41.47 -6.45
N ASP I 349 1.26 -40.96 -7.57
CA ASP I 349 2.05 -40.18 -8.50
C ASP I 349 2.08 -38.69 -8.16
N LEU I 350 3.09 -37.97 -8.65
CA LEU I 350 3.36 -36.58 -8.35
C LEU I 350 3.56 -35.78 -9.63
N GLN I 351 3.22 -34.50 -9.61
CA GLN I 351 3.35 -33.64 -10.78
C GLN I 351 4.80 -33.29 -11.13
N ASP I 352 5.76 -33.50 -10.22
CA ASP I 352 7.18 -33.16 -10.39
C ASP I 352 8.08 -34.39 -10.47
N ARG I 353 7.54 -35.57 -10.79
CA ARG I 353 8.33 -36.74 -11.20
C ARG I 353 8.48 -36.75 -12.72
N ASN I 354 9.44 -37.50 -13.29
CA ASN I 354 9.53 -37.70 -14.74
C ASN I 354 9.77 -39.17 -15.10
N THR I 355 8.73 -39.97 -15.03
CA THR I 355 8.81 -41.42 -15.21
C THR I 355 9.20 -41.81 -16.62
N GLU I 356 8.79 -41.06 -17.63
CA GLU I 356 9.15 -41.36 -19.00
C GLU I 356 10.65 -41.23 -19.24
N LEU I 357 11.26 -40.11 -18.86
CA LEU I 357 12.70 -39.94 -18.99
C LEU I 357 13.44 -40.98 -18.18
N SER I 358 13.00 -41.23 -16.95
CA SER I 358 13.64 -42.21 -16.08
C SER I 358 13.70 -43.59 -16.70
N TYR I 359 12.65 -44.03 -17.40
CA TYR I 359 12.71 -45.28 -18.13
C TYR I 359 13.75 -45.27 -19.24
N GLN I 360 13.82 -44.19 -20.04
CA GLN I 360 14.79 -44.14 -21.14
C GLN I 360 16.22 -44.21 -20.65
N LEU I 361 16.51 -43.66 -19.47
CA LEU I 361 17.83 -43.78 -18.88
C LEU I 361 18.05 -45.17 -18.27
N LEU I 362 17.08 -45.74 -17.56
CA LEU I 362 17.30 -47.05 -16.98
C LEU I 362 17.52 -48.12 -18.04
N LEU I 363 16.79 -48.12 -19.15
CA LEU I 363 17.03 -49.08 -20.22
C LEU I 363 18.46 -49.01 -20.76
N ASP I 364 19.03 -47.82 -20.94
CA ASP I 364 20.44 -47.69 -21.30
C ASP I 364 21.39 -48.21 -20.24
N SER I 365 21.08 -48.06 -18.95
CA SER I 365 21.94 -48.59 -17.90
C SER I 365 21.88 -50.12 -17.78
N LEU I 366 20.77 -50.74 -18.17
CA LEU I 366 20.55 -52.19 -18.11
C LEU I 366 21.10 -52.95 -19.31
N GLY I 367 21.03 -52.36 -20.49
CA GLY I 367 21.31 -53.04 -21.76
C GLY I 367 21.96 -52.14 -22.79
N ASP I 368 21.75 -52.43 -24.06
CA ASP I 368 22.31 -51.69 -25.19
C ASP I 368 21.18 -51.06 -26.01
N ARG I 369 21.12 -49.71 -26.09
CA ARG I 369 20.08 -49.03 -26.87
C ARG I 369 20.30 -49.07 -28.38
N THR I 370 21.48 -49.45 -28.86
CA THR I 370 21.75 -49.55 -30.30
C THR I 370 21.12 -50.79 -30.96
N ARG I 371 20.48 -51.67 -30.17
CA ARG I 371 19.76 -52.85 -30.63
C ARG I 371 18.26 -52.61 -30.57
N TYR I 372 17.59 -52.69 -31.70
CA TYR I 372 16.16 -52.36 -31.77
C TYR I 372 15.31 -53.56 -31.40
N PHE I 373 14.13 -53.33 -30.81
CA PHE I 373 13.21 -54.38 -30.39
C PHE I 373 11.77 -53.97 -30.66
N SER I 374 11.14 -54.56 -31.68
CA SER I 374 9.85 -54.08 -32.16
C SER I 374 8.74 -54.22 -31.13
N MET I 375 8.84 -55.16 -30.19
CA MET I 375 7.76 -55.40 -29.24
C MET I 375 7.49 -54.16 -28.43
N TRP I 376 8.46 -53.71 -27.66
CA TRP I 376 8.33 -52.48 -26.87
C TRP I 376 8.59 -51.23 -27.67
N ASN I 377 8.48 -51.27 -29.00
CA ASN I 377 8.72 -50.15 -29.91
C ASN I 377 10.03 -49.44 -29.59
N SER I 378 11.04 -50.21 -29.20
CA SER I 378 12.31 -49.71 -28.69
C SER I 378 13.27 -49.55 -29.85
N ALA I 379 13.59 -48.32 -30.20
CA ALA I 379 14.47 -47.98 -31.31
C ALA I 379 14.88 -46.53 -31.15
N VAL I 380 16.00 -46.31 -30.49
CA VAL I 380 16.36 -45.02 -29.91
C VAL I 380 16.42 -43.89 -30.94
N ASP I 381 15.92 -42.70 -30.58
CA ASP I 381 16.14 -41.49 -31.40
C ASP I 381 17.64 -41.26 -31.61
N SER I 382 18.07 -41.20 -32.87
CA SER I 382 19.47 -41.03 -33.24
C SER I 382 19.63 -40.00 -34.34
N TYR I 383 20.88 -39.66 -34.65
CA TYR I 383 21.23 -38.81 -35.77
C TYR I 383 22.47 -39.35 -36.45
N ASP I 384 22.69 -38.94 -37.70
CA ASP I 384 23.92 -39.27 -38.41
C ASP I 384 25.02 -38.31 -37.95
N PRO I 385 26.08 -38.77 -37.24
CA PRO I 385 27.06 -37.85 -36.71
C PRO I 385 27.80 -37.08 -37.80
N ASP I 386 27.87 -37.61 -39.02
CA ASP I 386 28.49 -36.94 -40.15
C ASP I 386 27.65 -35.76 -40.66
N VAL I 387 26.37 -35.70 -40.29
CA VAL I 387 25.51 -34.52 -40.44
C VAL I 387 25.70 -33.58 -39.28
N ARG I 388 25.85 -34.11 -38.05
CA ARG I 388 25.91 -33.28 -36.84
C ARG I 388 27.18 -32.45 -36.79
N ILE I 389 28.33 -33.07 -37.05
CA ILE I 389 29.66 -32.47 -37.04
C ILE I 389 30.30 -32.76 -38.39
N ILE I 390 30.35 -31.76 -39.26
CA ILE I 390 30.69 -31.99 -40.66
C ILE I 390 32.19 -32.20 -40.78
N GLU I 391 32.64 -33.33 -41.32
CA GLU I 391 34.06 -33.60 -41.60
C GLU I 391 34.36 -33.30 -43.07
N ASN I 392 34.73 -32.06 -43.39
CA ASN I 392 34.81 -31.67 -44.80
C ASN I 392 36.18 -31.98 -45.39
N HIS I 393 36.41 -33.26 -45.67
CA HIS I 393 37.61 -33.75 -46.36
C HIS I 393 37.70 -33.37 -47.84
N GLY I 394 36.80 -32.59 -48.40
CA GLY I 394 36.71 -32.43 -49.85
C GLY I 394 36.34 -33.75 -50.56
N VAL I 395 36.84 -33.98 -51.77
CA VAL I 395 36.49 -35.15 -52.59
C VAL I 395 37.70 -35.75 -53.33
N GLU I 396 37.72 -37.06 -53.53
CA GLU I 396 38.79 -37.76 -54.25
C GLU I 396 38.57 -37.73 -55.76
N ASP I 397 38.64 -36.55 -56.38
CA ASP I 397 38.22 -36.34 -57.77
C ASP I 397 39.35 -36.20 -58.79
N GLU I 398 40.55 -36.73 -58.54
CA GLU I 398 41.71 -36.50 -59.42
C GLU I 398 41.51 -36.93 -60.88
N LEU I 399 40.76 -37.99 -61.16
CA LEU I 399 40.36 -38.37 -62.52
C LEU I 399 39.12 -37.58 -62.99
N PRO I 400 39.01 -37.24 -64.29
CA PRO I 400 37.76 -36.83 -64.90
C PRO I 400 36.79 -38.00 -65.09
N ASN I 401 35.48 -37.75 -65.20
CA ASN I 401 34.51 -38.77 -65.61
C ASN I 401 33.75 -38.31 -66.85
N TYR I 402 33.40 -39.22 -67.76
CA TYR I 402 32.86 -38.88 -69.08
C TYR I 402 31.52 -39.55 -69.41
N CYS I 403 30.66 -38.77 -70.05
CA CYS I 403 29.42 -39.16 -70.69
C CYS I 403 29.72 -39.27 -72.19
N PHE I 404 29.45 -40.40 -72.84
CA PHE I 404 29.84 -40.67 -74.23
C PHE I 404 28.63 -41.05 -75.11
N PRO I 405 28.65 -40.79 -76.43
CA PRO I 405 27.58 -41.15 -77.34
C PRO I 405 27.25 -42.64 -77.29
N LEU I 406 25.99 -43.02 -77.50
CA LEU I 406 25.57 -44.42 -77.43
C LEU I 406 26.32 -45.35 -78.40
N ASN I 407 26.88 -44.83 -79.48
CA ASN I 407 27.69 -45.57 -80.45
C ASN I 407 29.21 -45.36 -80.29
N GLY I 408 29.65 -44.73 -79.20
CA GLY I 408 31.04 -44.42 -78.91
C GLY I 408 31.59 -43.21 -79.67
N THR I 409 31.44 -43.14 -80.99
CA THR I 409 32.12 -42.13 -81.81
C THR I 409 31.33 -40.82 -81.96
N GLY I 410 30.01 -40.86 -82.15
CA GLY I 410 29.11 -39.71 -82.25
C GLY I 410 29.20 -38.88 -83.55
N THR I 411 30.38 -38.35 -83.90
CA THR I 411 30.49 -37.19 -84.81
C THR I 411 30.03 -37.44 -86.26
N ASN I 412 30.10 -38.67 -86.76
CA ASN I 412 29.52 -39.07 -88.05
C ASN I 412 29.96 -38.26 -89.30
N SER I 413 31.22 -37.82 -89.32
CA SER I 413 31.86 -37.36 -90.55
C SER I 413 31.90 -38.54 -91.56
N THR I 414 31.52 -38.29 -92.82
CA THR I 414 31.21 -39.35 -93.81
C THR I 414 32.15 -39.34 -95.02
N TYR I 415 32.60 -40.51 -95.47
CA TYR I 415 33.70 -40.66 -96.43
C TYR I 415 33.46 -41.73 -97.49
N GLN I 416 34.00 -41.52 -98.68
CA GLN I 416 34.13 -42.53 -99.71
C GLN I 416 35.49 -43.21 -99.63
N GLY I 417 35.56 -44.47 -100.03
CA GLY I 417 36.85 -45.16 -100.20
C GLY I 417 37.61 -44.63 -101.41
N VAL I 418 38.94 -44.66 -101.37
CA VAL I 418 39.83 -44.33 -102.50
C VAL I 418 41.00 -45.30 -102.57
N LYS I 419 41.66 -45.36 -103.74
CA LYS I 419 42.90 -46.12 -103.97
C LYS I 419 43.90 -45.28 -104.74
N VAL I 420 45.17 -45.68 -104.73
CA VAL I 420 46.21 -44.98 -105.50
C VAL I 420 45.88 -45.04 -107.00
N LYS I 421 46.10 -43.93 -107.73
CA LYS I 421 45.73 -43.76 -109.13
C LYS I 421 46.40 -44.82 -110.00
N THR I 422 45.65 -45.43 -110.91
CA THR I 422 46.15 -46.51 -111.77
C THR I 422 47.36 -46.12 -112.66
N GLY I 423 47.46 -44.84 -113.04
CA GLY I 423 48.59 -44.30 -113.81
C GLY I 423 49.79 -43.85 -112.97
N GLN I 424 49.67 -43.81 -111.64
CA GLN I 424 50.73 -43.45 -110.68
C GLN I 424 50.72 -44.46 -109.53
N ASP I 425 50.50 -45.75 -109.84
CA ASP I 425 50.03 -46.74 -108.86
C ASP I 425 51.10 -47.23 -107.87
N GLY I 426 52.34 -46.74 -107.99
CA GLY I 426 53.38 -46.83 -106.96
C GLY I 426 53.90 -45.47 -106.45
N ALA I 427 53.32 -44.35 -106.88
CA ALA I 427 53.94 -43.03 -106.79
C ALA I 427 53.89 -42.36 -105.41
N GLU I 428 54.84 -41.43 -105.21
CA GLU I 428 54.92 -40.50 -104.07
C GLU I 428 54.34 -39.09 -104.35
N GLU I 429 54.25 -38.65 -105.61
CA GLU I 429 53.11 -37.83 -106.06
C GLU I 429 51.85 -38.72 -106.12
N THR I 430 51.40 -39.16 -104.94
CA THR I 430 50.37 -40.18 -104.80
C THR I 430 49.02 -39.55 -105.17
N GLU I 431 48.69 -39.54 -106.46
CA GLU I 431 47.34 -39.26 -106.93
C GLU I 431 46.43 -40.45 -106.63
N TRP I 432 45.11 -40.24 -106.54
CA TRP I 432 44.15 -41.26 -106.10
C TRP I 432 42.97 -41.34 -107.07
N ASP I 433 42.19 -42.43 -107.03
CA ASP I 433 40.89 -42.52 -107.70
C ASP I 433 39.89 -43.35 -106.86
N LYS I 434 38.59 -43.27 -107.18
CA LYS I 434 37.54 -43.98 -106.46
C LYS I 434 37.73 -45.49 -106.55
N ASP I 435 38.00 -46.15 -105.44
CA ASP I 435 37.98 -47.62 -105.38
C ASP I 435 36.55 -48.13 -105.34
N GLU I 436 36.07 -48.75 -106.42
CA GLU I 436 34.70 -49.26 -106.46
C GLU I 436 34.52 -50.58 -105.72
N THR I 437 35.56 -51.17 -105.15
CA THR I 437 35.37 -52.24 -104.16
C THR I 437 34.91 -51.71 -102.79
N VAL I 438 34.80 -50.39 -102.60
CA VAL I 438 34.52 -49.75 -101.30
C VAL I 438 33.38 -48.72 -101.40
N ALA I 439 32.52 -48.63 -100.38
CA ALA I 439 31.35 -47.77 -100.35
C ALA I 439 31.65 -46.26 -100.40
N ARG I 440 30.61 -45.46 -100.65
CA ARG I 440 30.68 -43.99 -100.75
C ARG I 440 30.35 -43.25 -99.44
N GLN I 441 29.75 -43.94 -98.46
CA GLN I 441 29.38 -43.36 -97.17
C GLN I 441 29.81 -44.24 -95.99
N ASN I 442 31.11 -44.47 -95.87
CA ASN I 442 31.73 -44.97 -94.65
C ASN I 442 31.70 -43.85 -93.59
N GLN I 443 31.83 -44.17 -92.30
CA GLN I 443 31.61 -43.18 -91.22
C GLN I 443 32.70 -43.22 -90.17
N ILE I 444 33.53 -42.17 -90.12
CA ILE I 444 34.78 -42.15 -89.36
C ILE I 444 34.94 -40.81 -88.66
N ALA I 445 34.84 -40.76 -87.32
CA ALA I 445 35.13 -39.52 -86.60
C ALA I 445 36.62 -39.16 -86.64
N LYS I 446 36.96 -37.90 -86.92
CA LYS I 446 38.32 -37.37 -86.81
C LYS I 446 38.71 -37.15 -85.36
N GLY I 447 39.91 -37.55 -84.96
CA GLY I 447 40.41 -37.30 -83.61
C GLY I 447 39.70 -38.15 -82.56
N ASN I 448 39.74 -37.71 -81.31
CA ASN I 448 39.16 -38.44 -80.18
C ASN I 448 37.63 -38.52 -80.28
N VAL I 449 37.02 -39.42 -79.52
CA VAL I 449 35.57 -39.58 -79.44
C VAL I 449 34.88 -38.29 -79.00
N TYR I 450 33.66 -38.02 -79.45
CA TYR I 450 32.88 -36.97 -78.80
C TYR I 450 32.63 -37.35 -77.34
N ALA I 451 32.80 -36.43 -76.41
CA ALA I 451 32.60 -36.69 -74.98
C ALA I 451 32.11 -35.46 -74.23
N MET I 452 31.51 -35.69 -73.06
CA MET I 452 31.01 -34.64 -72.19
C MET I 452 31.41 -35.00 -70.76
N GLU I 453 31.82 -34.07 -69.92
CA GLU I 453 32.58 -34.35 -68.68
C GLU I 453 31.77 -33.98 -67.43
N ILE I 454 31.89 -34.75 -66.36
CA ILE I 454 31.20 -34.52 -65.09
C ILE I 454 32.13 -34.81 -63.92
N ASN I 455 31.98 -34.11 -62.80
CA ASN I 455 32.63 -34.46 -61.55
C ASN I 455 31.67 -35.28 -60.71
N LEU I 456 31.74 -36.62 -60.75
CA LEU I 456 30.79 -37.43 -59.98
C LEU I 456 30.98 -37.21 -58.50
N GLN I 457 32.21 -37.19 -58.00
CA GLN I 457 32.48 -37.11 -56.58
C GLN I 457 31.99 -35.81 -55.96
N ALA I 458 32.25 -34.67 -56.60
CA ALA I 458 31.74 -33.40 -56.13
C ALA I 458 30.21 -33.38 -56.10
N ASN I 459 29.55 -33.95 -57.11
CA ASN I 459 28.09 -34.02 -57.15
C ASN I 459 27.53 -34.90 -56.04
N LEU I 460 28.14 -36.05 -55.74
CA LEU I 460 27.76 -36.86 -54.60
C LEU I 460 27.90 -36.06 -53.31
N TRP I 461 29.05 -35.46 -53.06
CA TRP I 461 29.31 -34.73 -51.82
C TRP I 461 28.39 -33.51 -51.66
N LYS I 462 28.17 -32.76 -52.73
CA LYS I 462 27.31 -31.58 -52.73
C LYS I 462 25.84 -31.90 -52.60
N SER I 463 25.36 -33.02 -53.14
CA SER I 463 23.96 -33.45 -52.99
C SER I 463 23.69 -34.12 -51.64
N PHE I 464 24.66 -34.81 -51.05
CA PHE I 464 24.61 -35.19 -49.65
C PHE I 464 24.53 -33.97 -48.73
N LEU I 465 25.41 -32.98 -48.88
CA LEU I 465 25.37 -31.77 -48.06
C LEU I 465 24.04 -31.06 -48.15
N TYR I 466 23.50 -30.87 -49.36
CA TYR I 466 22.28 -30.09 -49.48
C TYR I 466 21.11 -30.79 -48.79
N SER I 467 20.86 -32.05 -49.13
CA SER I 467 19.72 -32.78 -48.60
C SER I 467 19.79 -33.07 -47.12
N ASN I 468 20.97 -33.09 -46.50
CA ASN I 468 21.11 -33.43 -45.08
C ASN I 468 21.39 -32.24 -44.18
N VAL I 469 21.95 -31.17 -44.69
CA VAL I 469 22.34 -30.00 -43.92
C VAL I 469 21.58 -28.78 -44.38
N ALA I 470 21.64 -28.42 -45.67
CA ALA I 470 20.99 -27.20 -46.15
C ALA I 470 19.49 -27.23 -45.87
N LEU I 471 18.81 -28.33 -46.18
CA LEU I 471 17.38 -28.45 -45.93
C LEU I 471 17.00 -28.29 -44.46
N TYR I 472 17.89 -28.64 -43.54
CA TYR I 472 17.63 -28.59 -42.10
C TYR I 472 18.14 -27.30 -41.42
N LEU I 473 18.65 -26.31 -42.18
CA LEU I 473 18.92 -24.97 -41.65
C LEU I 473 17.65 -24.30 -41.10
N PRO I 474 17.76 -23.43 -40.10
CA PRO I 474 16.65 -22.62 -39.60
C PRO I 474 15.92 -21.82 -40.66
N ASP I 475 14.65 -21.53 -40.43
CA ASP I 475 13.81 -20.81 -41.39
C ASP I 475 14.31 -19.41 -41.73
N SER I 476 15.02 -18.73 -40.84
CA SER I 476 15.64 -17.43 -41.12
C SER I 476 16.81 -17.49 -42.12
N TYR I 477 17.18 -18.66 -42.66
CA TYR I 477 18.10 -18.79 -43.79
C TYR I 477 17.38 -19.11 -45.10
N LYS I 478 16.10 -19.44 -45.05
CA LYS I 478 15.26 -19.68 -46.22
C LYS I 478 14.65 -18.40 -46.72
N TYR I 479 14.05 -18.47 -47.90
CA TYR I 479 13.19 -17.44 -48.47
C TYR I 479 12.01 -18.08 -49.17
N THR I 480 10.95 -17.31 -49.42
CA THR I 480 9.80 -17.81 -50.19
C THR I 480 9.93 -17.29 -51.62
N PRO I 481 9.99 -18.16 -52.65
CA PRO I 481 10.17 -17.73 -54.04
C PRO I 481 9.07 -16.82 -54.57
N ALA I 482 9.32 -16.22 -55.73
CA ALA I 482 8.55 -15.07 -56.21
C ALA I 482 7.04 -15.31 -56.40
N ASN I 483 6.60 -16.54 -56.69
CA ASN I 483 5.23 -16.82 -57.12
C ASN I 483 4.63 -18.12 -56.55
N VAL I 484 5.14 -18.63 -55.42
CA VAL I 484 4.48 -19.65 -54.61
C VAL I 484 3.90 -19.00 -53.36
N THR I 485 2.64 -19.30 -53.05
CA THR I 485 1.95 -18.77 -51.87
C THR I 485 1.74 -19.89 -50.87
N LEU I 486 2.26 -19.73 -49.66
CA LEU I 486 2.35 -20.76 -48.64
C LEU I 486 1.24 -20.56 -47.60
N PRO I 487 0.96 -21.56 -46.73
CA PRO I 487 0.12 -21.35 -45.56
C PRO I 487 0.62 -20.21 -44.67
N ALA I 488 -0.28 -19.58 -43.94
CA ALA I 488 0.10 -18.57 -42.95
C ALA I 488 0.81 -19.17 -41.73
N ASN I 489 0.56 -20.46 -41.44
CA ASN I 489 1.08 -21.19 -40.30
C ASN I 489 2.44 -21.83 -40.62
N THR I 490 3.53 -21.23 -40.14
CA THR I 490 4.89 -21.70 -40.41
C THR I 490 5.22 -23.09 -39.84
N ASN I 491 4.37 -23.68 -38.99
CA ASN I 491 4.56 -25.04 -38.48
C ASN I 491 4.03 -26.14 -39.42
N THR I 492 3.38 -25.80 -40.52
CA THR I 492 2.71 -26.78 -41.40
C THR I 492 3.65 -27.35 -42.44
N TYR I 493 3.48 -28.63 -42.80
CA TYR I 493 4.36 -29.31 -43.75
C TYR I 493 4.44 -28.59 -45.10
N GLU I 494 3.33 -28.08 -45.62
CA GLU I 494 3.31 -27.31 -46.85
C GLU I 494 4.23 -26.09 -46.77
N TYR I 495 4.28 -25.39 -45.63
CA TYR I 495 5.23 -24.30 -45.44
C TYR I 495 6.65 -24.82 -45.33
N MET I 496 6.92 -25.78 -44.44
CA MET I 496 8.27 -26.29 -44.17
C MET I 496 8.91 -26.89 -45.42
N ASN I 497 8.11 -27.49 -46.27
CA ASN I 497 8.53 -28.01 -47.56
C ASN I 497 8.66 -26.91 -48.62
N GLY I 498 7.70 -25.97 -48.69
CA GLY I 498 7.62 -25.02 -49.79
C GLY I 498 8.77 -24.03 -49.84
N ARG I 499 9.26 -23.58 -48.68
CA ARG I 499 10.35 -22.59 -48.54
C ARG I 499 11.64 -23.07 -49.23
N VAL I 500 12.35 -22.17 -49.90
CA VAL I 500 13.59 -22.50 -50.62
C VAL I 500 14.81 -22.04 -49.86
N VAL I 501 15.89 -22.82 -49.90
CA VAL I 501 17.18 -22.53 -49.25
C VAL I 501 18.30 -22.62 -50.27
N ALA I 502 19.16 -21.60 -50.34
CA ALA I 502 20.19 -21.50 -51.37
C ALA I 502 21.28 -22.55 -51.14
N PRO I 503 21.64 -23.37 -52.15
CA PRO I 503 22.67 -24.40 -51.98
C PRO I 503 24.03 -23.86 -51.52
N SER I 504 24.41 -22.63 -51.87
CA SER I 504 25.71 -22.08 -51.47
C SER I 504 25.86 -21.83 -49.96
N LEU I 505 24.79 -21.91 -49.17
CA LEU I 505 24.88 -21.71 -47.72
C LEU I 505 25.77 -22.75 -47.05
N VAL I 506 25.67 -24.00 -47.52
CA VAL I 506 26.47 -25.15 -47.09
C VAL I 506 26.82 -25.93 -48.35
N ASP I 507 28.08 -25.86 -48.72
CA ASP I 507 28.57 -26.18 -50.06
C ASP I 507 29.86 -27.00 -49.95
N ALA I 508 30.37 -27.56 -51.04
CA ALA I 508 31.55 -28.43 -50.98
C ALA I 508 32.77 -27.76 -50.34
N TYR I 509 32.83 -26.43 -50.32
CA TYR I 509 33.86 -25.62 -49.67
C TYR I 509 33.50 -25.12 -48.27
N ILE I 510 32.32 -25.42 -47.69
CA ILE I 510 32.01 -24.92 -46.35
C ILE I 510 33.03 -25.45 -45.35
N ASN I 511 33.75 -24.56 -44.66
CA ASN I 511 34.80 -24.92 -43.71
C ASN I 511 35.73 -26.02 -44.23
N ILE I 512 36.14 -25.97 -45.50
CA ILE I 512 36.91 -27.06 -46.10
C ILE I 512 38.17 -27.38 -45.29
N GLY I 513 38.42 -28.65 -45.06
CA GLY I 513 39.51 -29.16 -44.24
C GLY I 513 39.23 -29.17 -42.74
N ALA I 514 38.10 -28.64 -42.27
CA ALA I 514 37.75 -28.66 -40.85
C ALA I 514 36.88 -29.84 -40.45
N ARG I 515 36.83 -30.11 -39.16
CA ARG I 515 35.76 -30.86 -38.51
C ARG I 515 34.97 -29.90 -37.65
N TRP I 516 33.72 -29.64 -38.02
CA TRP I 516 32.99 -28.51 -37.43
C TRP I 516 31.48 -28.62 -37.60
N SER I 517 30.71 -28.54 -36.52
CA SER I 517 29.25 -28.37 -36.59
C SER I 517 28.91 -26.94 -36.96
N LEU I 518 27.98 -26.70 -37.88
CA LEU I 518 27.66 -25.33 -38.26
C LEU I 518 26.96 -24.61 -37.12
N ASP I 519 27.29 -23.34 -36.89
CA ASP I 519 26.67 -22.56 -35.82
C ASP I 519 25.14 -22.51 -35.89
N PRO I 520 24.49 -22.27 -37.04
CA PRO I 520 23.03 -22.29 -37.08
C PRO I 520 22.42 -23.66 -36.81
N MET I 521 23.21 -24.73 -36.86
CA MET I 521 22.79 -26.10 -36.62
C MET I 521 23.08 -26.57 -35.20
N ASP I 522 24.00 -25.93 -34.47
CA ASP I 522 24.30 -26.32 -33.09
C ASP I 522 23.02 -26.37 -32.25
N ASN I 523 22.16 -25.37 -32.38
CA ASN I 523 20.93 -25.22 -31.64
C ASN I 523 19.69 -25.81 -32.36
N VAL I 524 19.88 -26.70 -33.33
CA VAL I 524 18.80 -27.36 -34.08
C VAL I 524 18.73 -28.82 -33.71
N ASN I 525 17.55 -29.31 -33.32
CA ASN I 525 17.36 -30.67 -32.80
C ASN I 525 17.79 -31.71 -33.84
N PRO I 526 18.85 -32.49 -33.61
CA PRO I 526 19.38 -33.38 -34.63
C PRO I 526 18.60 -34.68 -34.74
N PHE I 527 17.74 -35.00 -33.78
CA PHE I 527 16.87 -36.16 -33.82
C PHE I 527 15.61 -35.90 -34.65
N ASN I 528 15.26 -34.63 -34.88
CA ASN I 528 14.35 -34.21 -35.93
C ASN I 528 15.10 -34.21 -37.27
N HIS I 529 15.36 -35.40 -37.82
CA HIS I 529 16.01 -35.54 -39.11
C HIS I 529 15.58 -36.82 -39.81
N HIS I 530 15.62 -36.84 -41.14
CA HIS I 530 15.32 -38.02 -41.92
C HIS I 530 16.38 -39.11 -41.84
N ARG I 531 17.52 -38.86 -41.20
CA ARG I 531 18.54 -39.87 -40.88
C ARG I 531 18.46 -40.41 -39.46
N ASN I 532 17.40 -40.09 -38.72
CA ASN I 532 17.14 -40.74 -37.44
C ASN I 532 16.74 -42.20 -37.67
N ALA I 533 17.69 -43.11 -37.55
CA ALA I 533 17.47 -44.53 -37.81
C ALA I 533 16.46 -45.17 -36.84
N GLY I 534 16.33 -44.65 -35.62
CA GLY I 534 15.29 -45.12 -34.72
C GLY I 534 13.90 -44.76 -35.22
N LEU I 535 13.70 -43.50 -35.61
CA LEU I 535 12.42 -43.03 -36.12
C LEU I 535 12.10 -43.65 -37.47
N ARG I 536 13.09 -43.91 -38.32
CA ARG I 536 12.88 -44.73 -39.52
C ARG I 536 12.37 -46.11 -39.14
N TYR I 537 13.01 -46.81 -38.22
CA TYR I 537 12.55 -48.13 -37.83
C TYR I 537 11.10 -48.07 -37.33
N ARG I 538 10.75 -47.14 -36.46
CA ARG I 538 9.36 -46.99 -35.94
C ARG I 538 8.40 -46.54 -37.02
N SER I 539 8.83 -45.75 -37.99
CA SER I 539 8.03 -45.41 -39.16
C SER I 539 7.89 -46.56 -40.16
N MET I 540 8.65 -47.65 -40.02
CA MET I 540 8.63 -48.77 -40.95
C MET I 540 8.20 -50.09 -40.30
N LEU I 541 8.10 -50.16 -38.98
CA LEU I 541 7.31 -51.18 -38.29
C LEU I 541 5.81 -51.04 -38.60
N LEU I 542 5.33 -49.82 -38.81
CA LEU I 542 3.94 -49.58 -39.17
C LEU I 542 3.64 -49.88 -40.65
N GLY I 543 4.67 -50.00 -41.48
CA GLY I 543 4.55 -50.04 -42.93
C GLY I 543 4.55 -48.64 -43.53
N ASN I 544 4.33 -48.54 -44.84
CA ASN I 544 4.63 -47.37 -45.66
C ASN I 544 3.43 -46.55 -46.13
N GLY I 545 2.19 -46.95 -45.85
CA GLY I 545 0.99 -46.18 -46.23
C GLY I 545 0.57 -45.22 -45.14
N ARG I 546 -0.11 -44.11 -45.47
CA ARG I 546 -0.59 -43.20 -44.42
C ARG I 546 -1.66 -43.83 -43.54
N TYR I 547 -2.50 -44.70 -44.09
CA TYR I 547 -3.54 -45.42 -43.37
C TYR I 547 -3.03 -46.76 -42.84
N VAL I 548 -2.92 -46.92 -41.53
CA VAL I 548 -2.39 -48.13 -40.90
C VAL I 548 -3.35 -48.65 -39.82
N PRO I 549 -3.83 -49.90 -39.89
CA PRO I 549 -4.30 -50.63 -38.74
C PRO I 549 -3.10 -51.13 -37.95
N PHE I 550 -3.05 -50.92 -36.64
CA PHE I 550 -1.89 -51.24 -35.78
C PHE I 550 -2.29 -52.03 -34.54
N HIS I 551 -1.30 -52.69 -33.94
CA HIS I 551 -1.49 -53.65 -32.87
C HIS I 551 -0.19 -53.72 -32.07
N ILE I 552 -0.22 -53.25 -30.83
CA ILE I 552 0.98 -52.91 -30.05
C ILE I 552 0.83 -53.37 -28.62
N GLN I 553 1.94 -53.69 -27.95
CA GLN I 553 1.99 -54.02 -26.54
C GLN I 553 2.72 -52.91 -25.80
N VAL I 554 2.08 -52.23 -24.86
CA VAL I 554 2.70 -51.11 -24.15
C VAL I 554 3.21 -51.59 -22.78
N PRO I 555 4.48 -51.35 -22.44
CA PRO I 555 5.02 -51.73 -21.14
C PRO I 555 4.52 -50.82 -20.03
N GLN I 556 4.41 -51.36 -18.82
CA GLN I 556 4.29 -50.58 -17.59
C GLN I 556 5.65 -49.94 -17.26
N LYS I 557 5.69 -48.63 -16.95
CA LYS I 557 6.91 -47.90 -16.60
C LYS I 557 6.89 -47.25 -15.22
N PHE I 558 5.79 -47.24 -14.48
CA PHE I 558 5.75 -46.60 -13.17
C PHE I 558 6.59 -47.37 -12.16
N PHE I 559 7.43 -46.68 -11.39
CA PHE I 559 8.50 -47.35 -10.67
C PHE I 559 8.02 -48.29 -9.57
N ALA I 560 6.89 -47.98 -8.93
CA ALA I 560 6.40 -48.77 -7.81
C ALA I 560 5.74 -50.08 -8.23
N ILE I 561 5.32 -50.22 -9.49
CA ILE I 561 4.47 -51.32 -9.94
C ILE I 561 4.94 -51.95 -11.25
N LYS I 562 6.10 -51.57 -11.78
CA LYS I 562 6.71 -52.22 -12.94
C LYS I 562 7.44 -53.52 -12.59
N ASN I 563 8.24 -53.57 -11.54
CA ASN I 563 8.98 -54.77 -11.14
C ASN I 563 8.26 -55.62 -10.09
N LEU I 564 7.13 -55.17 -9.54
CA LEU I 564 6.52 -55.77 -8.35
C LEU I 564 6.20 -57.25 -8.55
N LEU I 565 6.50 -58.10 -7.57
CA LEU I 565 5.99 -59.46 -7.54
C LEU I 565 4.67 -59.47 -6.77
N LEU I 566 3.59 -59.48 -7.53
CA LEU I 566 2.23 -59.44 -7.02
C LEU I 566 1.79 -60.82 -6.50
N LEU I 567 1.38 -60.88 -5.24
CA LEU I 567 0.91 -62.11 -4.60
C LEU I 567 -0.56 -62.37 -4.88
N PRO I 568 -1.06 -63.61 -4.75
CA PRO I 568 -2.44 -63.99 -5.04
C PRO I 568 -3.49 -63.01 -4.54
N GLY I 569 -4.54 -62.81 -5.33
CA GLY I 569 -5.63 -61.87 -5.09
C GLY I 569 -6.35 -61.45 -6.35
N SER I 570 -7.36 -60.61 -6.22
CA SER I 570 -7.98 -59.86 -7.32
C SER I 570 -7.81 -58.37 -7.09
N TYR I 571 -7.27 -57.65 -8.07
CA TYR I 571 -6.91 -56.24 -7.94
C TYR I 571 -7.55 -55.39 -9.04
N THR I 572 -8.23 -54.29 -8.72
CA THR I 572 -8.64 -53.31 -9.73
C THR I 572 -7.43 -52.51 -10.17
N TYR I 573 -7.28 -52.37 -11.48
CA TYR I 573 -6.14 -51.75 -12.15
C TYR I 573 -6.66 -50.85 -13.27
N GLU I 574 -6.20 -49.60 -13.36
CA GLU I 574 -6.57 -48.65 -14.42
C GLU I 574 -5.36 -47.89 -14.91
N TRP I 575 -5.26 -47.63 -16.20
CA TRP I 575 -4.43 -46.56 -16.74
C TRP I 575 -5.22 -45.69 -17.72
N ASN I 576 -4.87 -44.41 -17.76
CA ASN I 576 -5.31 -43.50 -18.80
C ASN I 576 -4.30 -43.51 -19.95
N PHE I 577 -4.76 -43.35 -21.17
CA PHE I 577 -3.98 -43.37 -22.40
C PHE I 577 -4.28 -42.12 -23.23
N ARG I 578 -3.29 -41.57 -23.93
CA ARG I 578 -3.47 -40.35 -24.74
C ARG I 578 -4.13 -40.64 -26.08
N LYS I 579 -4.83 -39.65 -26.65
CA LYS I 579 -5.24 -39.63 -28.06
C LYS I 579 -4.56 -38.53 -28.88
N ASP I 580 -3.81 -37.62 -28.26
CA ASP I 580 -3.18 -36.51 -28.97
C ASP I 580 -2.07 -37.01 -29.92
N VAL I 581 -2.25 -36.82 -31.23
CA VAL I 581 -1.25 -37.21 -32.22
C VAL I 581 0.11 -36.54 -32.02
N ASN I 582 0.20 -35.32 -31.51
CA ASN I 582 1.49 -34.70 -31.25
C ASN I 582 2.24 -35.44 -30.13
N MET I 583 1.54 -35.93 -29.11
CA MET I 583 2.18 -36.74 -28.07
C MET I 583 2.45 -38.17 -28.54
N ILE I 584 1.49 -38.86 -29.14
CA ILE I 584 1.67 -40.29 -29.40
C ILE I 584 2.45 -40.61 -30.68
N LEU I 585 2.48 -39.71 -31.68
CA LEU I 585 3.28 -39.86 -32.89
C LEU I 585 4.49 -38.94 -32.88
N GLN I 586 5.43 -39.17 -33.79
CA GLN I 586 6.61 -38.35 -33.99
C GLN I 586 6.86 -38.16 -35.48
N SER I 587 7.26 -36.97 -35.93
CA SER I 587 7.59 -36.74 -37.34
C SER I 587 9.02 -36.25 -37.54
N SER I 588 9.72 -36.72 -38.58
CA SER I 588 11.15 -36.41 -38.72
C SER I 588 11.43 -34.96 -39.07
N LEU I 589 10.41 -34.15 -39.33
CA LEU I 589 10.52 -32.68 -39.44
C LEU I 589 10.06 -31.95 -38.18
N GLY I 590 9.11 -32.51 -37.41
CA GLY I 590 8.49 -31.86 -36.26
C GLY I 590 7.25 -31.01 -36.54
N ASN I 591 6.63 -31.15 -37.72
CA ASN I 591 5.44 -30.39 -38.10
C ASN I 591 4.25 -30.66 -37.17
N ASP I 592 3.28 -29.76 -37.14
CA ASP I 592 2.13 -29.85 -36.23
C ASP I 592 1.05 -30.83 -36.72
N LEU I 593 1.08 -32.08 -36.28
CA LEU I 593 0.18 -33.12 -36.77
C LEU I 593 -1.28 -32.92 -36.40
N ARG I 594 -1.60 -32.21 -35.32
CA ARG I 594 -3.00 -31.89 -34.99
C ARG I 594 -3.65 -31.01 -36.05
N VAL I 595 -2.84 -30.23 -36.77
CA VAL I 595 -3.24 -29.43 -37.93
C VAL I 595 -3.07 -30.21 -39.21
N ASP I 596 -1.91 -30.83 -39.46
CA ASP I 596 -1.63 -31.59 -40.68
C ASP I 596 -2.34 -32.96 -40.77
N GLY I 597 -3.50 -33.09 -40.15
CA GLY I 597 -4.53 -34.06 -40.48
C GLY I 597 -4.34 -35.46 -39.93
N ALA I 598 -3.30 -35.73 -39.15
CA ALA I 598 -3.13 -37.05 -38.58
C ALA I 598 -4.24 -37.35 -37.57
N SER I 599 -4.67 -38.61 -37.47
CA SER I 599 -5.64 -39.00 -36.45
C SER I 599 -5.46 -40.45 -36.03
N VAL I 600 -5.87 -40.78 -34.82
CA VAL I 600 -5.86 -42.13 -34.28
C VAL I 600 -7.23 -42.48 -33.77
N ARG I 601 -7.57 -43.75 -33.82
CA ARG I 601 -8.67 -44.32 -33.03
C ARG I 601 -8.19 -45.55 -32.32
N PHE I 602 -8.61 -45.78 -31.09
CA PHE I 602 -8.34 -47.02 -30.40
C PHE I 602 -9.59 -47.88 -30.43
N ASP I 603 -9.45 -49.11 -30.93
CA ASP I 603 -10.54 -50.07 -31.01
C ASP I 603 -10.67 -50.86 -29.71
N SER I 604 -9.55 -51.30 -29.14
CA SER I 604 -9.53 -52.02 -27.86
C SER I 604 -8.20 -51.94 -27.12
N VAL I 605 -8.27 -52.05 -25.79
CA VAL I 605 -7.15 -52.28 -24.88
C VAL I 605 -7.41 -53.63 -24.20
N ASN I 606 -6.44 -54.52 -24.11
CA ASN I 606 -6.48 -55.72 -23.27
C ASN I 606 -5.25 -55.74 -22.38
N LEU I 607 -5.36 -56.33 -21.21
CA LEU I 607 -4.22 -56.53 -20.33
C LEU I 607 -3.76 -57.97 -20.50
N TYR I 608 -2.48 -58.20 -20.76
CA TYR I 608 -1.91 -59.53 -20.71
C TYR I 608 -1.03 -59.67 -19.48
N ALA I 609 -0.96 -60.86 -18.92
CA ALA I 609 -0.12 -61.20 -17.79
C ALA I 609 0.43 -62.59 -17.97
N THR I 610 1.66 -62.89 -17.54
CA THR I 610 2.22 -64.26 -17.64
C THR I 610 2.79 -64.75 -16.33
N PHE I 611 2.56 -65.99 -15.99
CA PHE I 611 2.90 -66.58 -14.70
C PHE I 611 3.98 -67.64 -14.84
N PHE I 612 4.99 -67.64 -13.96
CA PHE I 612 5.82 -68.83 -13.81
C PHE I 612 4.94 -69.94 -13.22
N PRO I 613 4.91 -71.16 -13.78
CA PRO I 613 4.00 -72.23 -13.36
C PRO I 613 4.51 -72.96 -12.12
N MET I 614 4.82 -72.22 -11.06
CA MET I 614 5.59 -72.71 -9.92
C MET I 614 4.80 -73.72 -9.09
N ALA I 615 5.46 -74.75 -8.56
CA ALA I 615 4.81 -75.84 -7.85
C ALA I 615 3.95 -75.33 -6.71
N HIS I 616 2.72 -75.82 -6.58
CA HIS I 616 1.70 -75.11 -5.82
C HIS I 616 2.01 -74.94 -4.35
N ASN I 617 2.70 -75.89 -3.71
CA ASN I 617 3.14 -75.69 -2.32
C ASN I 617 4.41 -74.86 -2.26
N THR I 618 5.30 -74.90 -3.26
CA THR I 618 6.46 -74.01 -3.31
C THR I 618 6.03 -72.58 -3.44
N ALA I 619 5.16 -72.24 -4.39
CA ALA I 619 4.65 -70.90 -4.57
C ALA I 619 3.91 -70.42 -3.35
N SER I 620 3.20 -71.30 -2.65
CA SER I 620 2.56 -71.02 -1.38
C SER I 620 3.56 -70.77 -0.26
N THR I 621 4.70 -71.46 -0.29
CA THR I 621 5.81 -71.22 0.64
C THR I 621 6.50 -69.89 0.37
N LEU I 622 6.70 -69.53 -0.90
CA LEU I 622 7.19 -68.20 -1.27
C LEU I 622 6.18 -67.11 -0.88
N GLU I 623 4.90 -67.31 -1.15
CA GLU I 623 3.85 -66.35 -0.83
C GLU I 623 3.88 -66.07 0.66
N ALA I 624 3.82 -67.10 1.50
CA ALA I 624 3.87 -66.93 2.94
C ALA I 624 5.10 -66.13 3.39
N MET I 625 6.28 -66.33 2.80
CA MET I 625 7.46 -65.53 3.12
C MET I 625 7.29 -64.08 2.70
N LEU I 626 6.72 -63.79 1.54
CA LEU I 626 6.56 -62.43 1.05
C LEU I 626 5.36 -61.66 1.63
N ARG I 627 4.40 -62.31 2.29
CA ARG I 627 3.31 -61.63 3.01
C ARG I 627 3.68 -61.06 4.39
N ASN I 628 4.94 -61.17 4.83
CA ASN I 628 5.36 -60.85 6.18
C ASN I 628 6.10 -59.52 6.23
N ASP I 629 5.83 -58.67 7.21
CA ASP I 629 6.34 -57.29 7.25
C ASP I 629 7.87 -57.17 7.28
N THR I 630 8.65 -58.24 7.51
CA THR I 630 10.11 -58.18 7.38
C THR I 630 10.58 -58.20 5.94
N ASN I 631 9.72 -58.61 5.00
CA ASN I 631 10.07 -59.02 3.65
C ASN I 631 9.37 -58.16 2.58
N ASP I 632 9.07 -56.89 2.88
CA ASP I 632 8.43 -55.99 1.93
C ASP I 632 9.30 -55.71 0.70
N GLN I 633 8.69 -55.64 -0.48
CA GLN I 633 9.40 -55.26 -1.68
C GLN I 633 9.56 -53.74 -1.74
N SER I 634 10.68 -53.24 -2.23
CA SER I 634 10.94 -51.79 -2.27
C SER I 634 11.79 -51.38 -3.46
N PHE I 635 11.59 -50.16 -3.93
CA PHE I 635 12.05 -49.70 -5.24
C PHE I 635 12.27 -48.19 -5.23
N ASN I 636 13.35 -47.69 -5.83
CA ASN I 636 13.50 -46.28 -6.19
C ASN I 636 12.96 -46.03 -7.61
N ASP I 637 12.58 -44.79 -7.92
CA ASP I 637 12.53 -44.33 -9.30
C ASP I 637 13.91 -44.49 -9.93
N TYR I 638 14.02 -45.24 -11.02
CA TYR I 638 15.28 -45.90 -11.33
C TYR I 638 16.38 -44.95 -11.82
N LEU I 639 16.05 -43.71 -12.16
CA LEU I 639 16.98 -42.60 -12.09
C LEU I 639 16.30 -41.34 -11.50
N SER I 640 16.00 -41.48 -10.21
CA SER I 640 15.33 -40.57 -9.26
C SER I 640 15.87 -39.14 -9.14
N ALA I 641 14.95 -38.17 -9.15
CA ALA I 641 15.12 -36.74 -8.88
C ALA I 641 13.75 -36.07 -8.68
N ALA I 642 13.73 -34.83 -8.20
CA ALA I 642 12.57 -33.92 -8.32
C ALA I 642 12.77 -32.97 -9.50
N ASN I 643 11.83 -32.95 -10.44
CA ASN I 643 12.03 -32.35 -11.76
C ASN I 643 11.41 -30.96 -11.83
N MET I 644 12.19 -29.94 -12.16
CA MET I 644 11.76 -28.54 -12.12
C MET I 644 12.13 -27.79 -13.40
N LEU I 645 11.23 -26.97 -13.93
CA LEU I 645 11.43 -26.22 -15.18
C LEU I 645 11.29 -24.73 -14.90
N TYR I 646 12.14 -23.89 -15.48
CA TYR I 646 12.10 -22.44 -15.31
C TYR I 646 12.25 -21.73 -16.66
N PRO I 647 11.52 -20.63 -16.93
CA PRO I 647 11.57 -19.93 -18.19
C PRO I 647 12.85 -19.10 -18.37
N ILE I 648 13.43 -19.19 -19.56
CA ILE I 648 14.51 -18.35 -20.07
C ILE I 648 13.93 -17.50 -21.21
N PRO I 649 13.65 -16.21 -21.00
CA PRO I 649 13.11 -15.36 -22.04
C PRO I 649 13.99 -15.32 -23.28
N ALA I 650 13.41 -14.98 -24.42
CA ALA I 650 14.20 -14.81 -25.63
C ALA I 650 15.32 -13.79 -25.41
N LYS I 651 16.54 -14.15 -25.83
CA LYS I 651 17.79 -13.41 -25.65
C LYS I 651 18.19 -13.08 -24.20
N ALA I 652 17.57 -13.67 -23.18
CA ALA I 652 18.11 -13.61 -21.81
C ALA I 652 19.37 -14.44 -21.69
N THR I 653 20.28 -14.11 -20.77
CA THR I 653 21.57 -14.80 -20.57
C THR I 653 21.97 -15.08 -19.14
N ASN I 654 21.50 -14.35 -18.14
CA ASN I 654 21.55 -14.83 -16.76
C ASN I 654 20.18 -15.36 -16.38
N VAL I 655 20.14 -16.56 -15.80
CA VAL I 655 18.93 -17.27 -15.40
C VAL I 655 19.05 -17.59 -13.92
N PRO I 656 18.65 -16.67 -13.04
CA PRO I 656 18.73 -16.87 -11.61
C PRO I 656 17.58 -17.73 -11.14
N ILE I 657 17.79 -18.51 -10.09
CA ILE I 657 16.72 -19.24 -9.42
C ILE I 657 17.02 -19.41 -7.94
N SER I 658 15.99 -19.50 -7.11
CA SER I 658 16.12 -19.75 -5.68
C SER I 658 15.06 -20.72 -5.17
N ILE I 659 15.42 -21.53 -4.18
CA ILE I 659 14.57 -22.49 -3.51
C ILE I 659 14.25 -21.91 -2.12
N PRO I 660 12.98 -21.86 -1.68
CA PRO I 660 12.65 -21.41 -0.34
C PRO I 660 13.34 -22.28 0.68
N SER I 661 13.51 -21.78 1.90
CA SER I 661 14.22 -22.51 2.95
C SER I 661 13.61 -23.89 3.19
N ARG I 662 14.46 -24.91 3.33
CA ARG I 662 14.07 -26.30 3.58
C ARG I 662 15.21 -27.10 4.20
N ASN I 663 15.08 -28.42 4.28
CA ASN I 663 16.11 -29.33 4.80
C ASN I 663 16.74 -30.15 3.67
N TRP I 664 18.06 -30.33 3.71
CA TRP I 664 18.82 -30.97 2.64
C TRP I 664 19.41 -32.32 3.06
N ALA I 665 18.91 -32.95 4.10
CA ALA I 665 19.39 -34.25 4.55
C ALA I 665 19.11 -35.32 3.49
N ALA I 666 20.06 -36.23 3.29
CA ALA I 666 20.12 -37.16 2.16
C ALA I 666 20.08 -36.52 0.75
N PHE I 667 20.24 -35.21 0.62
CA PHE I 667 20.34 -34.58 -0.70
C PHE I 667 21.50 -35.16 -1.51
N ARG I 668 21.31 -35.28 -2.82
CA ARG I 668 22.26 -35.97 -3.71
C ARG I 668 22.99 -35.08 -4.71
N GLY I 669 22.50 -33.88 -5.01
CA GLY I 669 23.13 -32.97 -5.96
C GLY I 669 22.19 -32.49 -7.04
N TRP I 670 22.73 -32.01 -8.15
CA TRP I 670 21.96 -31.43 -9.22
C TRP I 670 22.32 -32.08 -10.54
N SER I 671 21.33 -32.28 -11.42
CA SER I 671 21.58 -32.36 -12.85
C SER I 671 20.78 -31.30 -13.58
N PHE I 672 21.25 -30.79 -14.71
CA PHE I 672 20.59 -29.71 -15.42
C PHE I 672 20.82 -29.75 -16.92
N THR I 673 19.87 -29.21 -17.68
CA THR I 673 19.95 -29.11 -19.15
C THR I 673 19.01 -28.05 -19.70
N ARG I 674 19.13 -27.68 -20.97
CA ARG I 674 18.35 -26.63 -21.62
C ARG I 674 17.37 -27.20 -22.63
N LEU I 675 16.14 -26.70 -22.62
CA LEU I 675 15.06 -27.15 -23.49
C LEU I 675 14.49 -25.99 -24.29
N LYS I 676 13.91 -26.23 -25.45
CA LYS I 676 13.04 -25.25 -26.11
C LYS I 676 11.64 -25.35 -25.55
N THR I 677 10.91 -24.25 -25.49
CA THR I 677 9.54 -24.32 -25.01
C THR I 677 8.65 -25.03 -26.03
N LYS I 678 8.76 -24.76 -27.34
CA LYS I 678 7.87 -25.42 -28.32
C LYS I 678 8.08 -26.92 -28.45
N GLU I 679 9.27 -27.40 -28.12
CA GLU I 679 9.61 -28.83 -28.05
C GLU I 679 9.28 -29.48 -26.70
N THR I 680 8.62 -28.76 -25.78
CA THR I 680 8.24 -29.24 -24.45
C THR I 680 6.73 -29.06 -24.21
N PRO I 681 5.94 -30.13 -24.06
CA PRO I 681 4.57 -30.01 -23.64
C PRO I 681 4.51 -29.77 -22.14
N SER I 682 3.47 -29.10 -21.66
CA SER I 682 3.14 -29.09 -20.25
C SER I 682 2.32 -30.33 -19.90
N LEU I 683 2.85 -31.18 -19.04
CA LEU I 683 2.15 -32.40 -18.58
C LEU I 683 1.11 -32.12 -17.49
N GLY I 684 0.96 -30.87 -17.05
CA GLY I 684 0.05 -30.46 -15.97
C GLY I 684 -1.44 -30.47 -16.33
N SER I 685 -1.79 -30.97 -17.50
CA SER I 685 -3.14 -30.94 -18.09
C SER I 685 -3.39 -32.19 -18.92
N GLY I 686 -4.66 -32.51 -19.18
CA GLY I 686 -5.02 -33.68 -19.99
C GLY I 686 -4.62 -33.55 -21.45
N PHE I 687 -4.59 -32.31 -21.95
CA PHE I 687 -4.30 -31.91 -23.32
C PHE I 687 -3.55 -30.58 -23.32
N ASP I 688 -2.76 -30.29 -24.35
CA ASP I 688 -1.95 -29.06 -24.37
C ASP I 688 -2.15 -28.31 -25.69
N PRO I 689 -3.11 -27.39 -25.78
CA PRO I 689 -3.45 -26.75 -27.04
C PRO I 689 -2.34 -25.86 -27.58
N TYR I 690 -1.41 -25.41 -26.76
CA TYR I 690 -0.22 -24.66 -27.17
C TYR I 690 0.97 -25.53 -27.60
N PHE I 691 0.90 -26.85 -27.48
CA PHE I 691 1.95 -27.77 -27.94
C PHE I 691 1.83 -28.06 -29.44
N VAL I 692 2.15 -27.07 -30.27
CA VAL I 692 2.01 -27.09 -31.74
C VAL I 692 3.14 -27.82 -32.48
N TYR I 693 3.60 -28.98 -32.00
CA TYR I 693 4.84 -29.61 -32.45
C TYR I 693 4.78 -31.13 -32.32
N SER I 694 5.55 -31.89 -33.12
CA SER I 694 5.58 -33.35 -33.00
C SER I 694 6.95 -34.00 -33.20
N GLY I 695 8.04 -33.24 -33.14
CA GLY I 695 9.37 -33.86 -33.19
C GLY I 695 9.68 -34.61 -31.89
N SER I 696 10.93 -35.01 -31.66
CA SER I 696 11.34 -35.56 -30.35
C SER I 696 10.96 -34.65 -29.19
N ILE I 697 10.73 -35.18 -28.00
CA ILE I 697 10.50 -34.36 -26.80
C ILE I 697 11.62 -34.68 -25.82
N PRO I 698 12.77 -34.01 -25.90
CA PRO I 698 13.93 -34.32 -25.08
C PRO I 698 13.64 -34.41 -23.60
N TYR I 699 12.82 -33.50 -23.07
CA TYR I 699 12.37 -33.50 -21.68
C TYR I 699 11.83 -34.85 -21.25
N LEU I 700 11.13 -35.51 -22.16
CA LEU I 700 10.30 -36.67 -21.91
C LEU I 700 11.01 -37.96 -22.29
N ASP I 701 12.01 -37.92 -23.17
CA ASP I 701 12.60 -39.14 -23.76
C ASP I 701 14.13 -39.19 -23.74
N GLY I 702 14.77 -38.16 -23.20
CA GLY I 702 16.20 -38.13 -22.96
C GLY I 702 17.03 -37.73 -24.17
N THR I 703 16.41 -37.32 -25.27
CA THR I 703 17.16 -36.94 -26.45
C THR I 703 17.66 -35.50 -26.44
N PHE I 704 18.42 -35.15 -25.40
CA PHE I 704 18.92 -33.79 -25.19
C PHE I 704 19.89 -33.34 -26.28
N TYR I 705 20.11 -32.04 -26.32
CA TYR I 705 21.13 -31.33 -27.08
C TYR I 705 21.29 -29.99 -26.37
N LEU I 706 21.81 -28.94 -26.99
CA LEU I 706 21.72 -27.58 -26.43
C LEU I 706 22.51 -27.33 -25.12
N ASN I 707 23.17 -28.34 -24.56
CA ASN I 707 24.04 -28.26 -23.38
C ASN I 707 25.25 -27.36 -23.57
N HIS I 708 25.80 -27.30 -24.76
CA HIS I 708 26.90 -26.40 -25.09
C HIS I 708 26.53 -24.94 -24.88
N THR I 709 25.24 -24.61 -24.72
CA THR I 709 24.80 -23.24 -24.48
C THR I 709 24.95 -22.78 -23.04
N PHE I 710 25.30 -23.63 -22.06
CA PHE I 710 25.66 -23.15 -20.72
C PHE I 710 27.07 -22.55 -20.66
N LYS I 711 27.29 -21.52 -19.84
CA LYS I 711 28.58 -20.83 -19.72
C LYS I 711 29.19 -20.97 -18.34
N LYS I 712 28.40 -20.78 -17.29
CA LYS I 712 28.83 -21.01 -15.90
C LYS I 712 27.63 -21.24 -14.99
N VAL I 713 27.89 -21.79 -13.82
CA VAL I 713 26.92 -21.94 -12.74
C VAL I 713 27.55 -21.44 -11.46
N SER I 714 26.85 -20.65 -10.68
CA SER I 714 27.25 -20.30 -9.32
C SER I 714 26.16 -20.70 -8.36
N ILE I 715 26.55 -21.27 -7.23
CA ILE I 715 25.65 -21.93 -6.27
C ILE I 715 25.92 -21.33 -4.91
N MET I 716 24.91 -20.82 -4.21
CA MET I 716 25.10 -20.17 -2.91
C MET I 716 23.98 -20.49 -1.94
N PHE I 717 24.29 -21.21 -0.87
CA PHE I 717 23.33 -21.47 0.20
C PHE I 717 23.11 -20.24 1.05
N ASP I 718 21.93 -20.13 1.66
CA ASP I 718 21.50 -18.99 2.46
C ASP I 718 21.80 -17.66 1.77
N SER I 719 22.86 -17.00 2.19
CA SER I 719 23.62 -16.05 1.40
C SER I 719 25.05 -16.14 1.92
N SER I 720 26.04 -15.63 1.19
CA SER I 720 27.46 -15.76 1.51
C SER I 720 28.08 -17.15 1.44
N VAL I 721 27.35 -18.23 1.72
CA VAL I 721 27.90 -19.58 1.63
C VAL I 721 27.99 -20.01 0.17
N SER I 722 29.04 -19.63 -0.57
CA SER I 722 29.25 -20.19 -1.90
C SER I 722 29.51 -21.67 -1.77
N TRP I 723 28.64 -22.51 -2.35
CA TRP I 723 28.71 -23.94 -2.07
C TRP I 723 30.02 -24.60 -2.50
N PRO I 724 30.49 -24.45 -3.74
CA PRO I 724 31.30 -25.50 -4.39
C PRO I 724 32.39 -26.06 -3.50
N GLY I 725 33.13 -25.16 -2.84
CA GLY I 725 33.82 -25.44 -1.60
C GLY I 725 34.81 -24.35 -1.24
N ASN I 726 35.79 -24.73 -0.44
CA ASN I 726 36.83 -23.89 0.12
C ASN I 726 38.05 -23.83 -0.81
N ASP I 727 38.17 -22.78 -1.62
CA ASP I 727 39.31 -22.58 -2.51
C ASP I 727 39.56 -23.76 -3.49
N ARG I 728 38.53 -24.55 -3.82
CA ARG I 728 38.65 -25.87 -4.44
C ARG I 728 39.07 -25.78 -5.89
N LEU I 729 38.19 -25.18 -6.69
CA LEU I 729 38.30 -25.08 -8.14
C LEU I 729 39.31 -24.01 -8.53
N LEU I 730 39.77 -23.99 -9.78
CA LEU I 730 40.61 -22.88 -10.26
C LEU I 730 39.87 -21.53 -10.30
N THR I 731 38.54 -21.52 -10.30
CA THR I 731 37.72 -20.33 -10.00
C THR I 731 36.76 -20.66 -8.84
N PRO I 732 37.22 -20.62 -7.58
CA PRO I 732 36.71 -21.43 -6.49
C PRO I 732 35.20 -21.53 -6.30
N ASN I 733 34.45 -20.48 -6.60
CA ASN I 733 33.01 -20.39 -6.30
C ASN I 733 32.13 -20.18 -7.53
N GLU I 734 32.62 -20.53 -8.71
CA GLU I 734 31.76 -20.74 -9.88
C GLU I 734 32.20 -21.98 -10.63
N PHE I 735 31.26 -22.81 -11.05
CA PHE I 735 31.53 -23.79 -12.08
C PHE I 735 31.54 -23.09 -13.42
N GLU I 736 32.66 -22.55 -13.84
CA GLU I 736 32.77 -21.99 -15.17
C GLU I 736 32.91 -23.15 -16.16
N ILE I 737 31.88 -23.37 -16.99
CA ILE I 737 31.80 -24.50 -17.89
C ILE I 737 32.74 -24.29 -19.07
N LYS I 738 32.77 -23.08 -19.62
CA LYS I 738 33.59 -22.71 -20.77
C LYS I 738 34.09 -21.29 -20.68
N ARG I 739 35.21 -20.97 -21.33
CA ARG I 739 35.76 -19.60 -21.37
C ARG I 739 35.87 -19.02 -22.77
N SER I 740 35.34 -17.81 -22.95
CA SER I 740 35.54 -17.01 -24.16
C SER I 740 36.91 -16.33 -24.18
N VAL I 741 37.44 -15.94 -23.02
CA VAL I 741 38.80 -15.42 -22.84
C VAL I 741 39.48 -16.12 -21.66
N ASP I 742 40.73 -16.54 -21.84
CA ASP I 742 41.39 -17.46 -20.92
C ASP I 742 42.90 -17.18 -20.83
N GLY I 743 43.28 -16.05 -20.27
CA GLY I 743 44.70 -15.69 -20.15
C GLY I 743 45.45 -16.66 -19.25
N GLU I 744 44.80 -17.11 -18.18
CA GLU I 744 45.36 -18.04 -17.20
C GLU I 744 45.59 -19.46 -17.74
N GLY I 745 45.02 -19.79 -18.91
CA GLY I 745 45.19 -21.09 -19.56
C GLY I 745 44.41 -22.23 -18.92
N TYR I 746 43.24 -21.97 -18.33
CA TYR I 746 42.41 -22.99 -17.70
C TYR I 746 41.56 -23.83 -18.65
N ASN I 747 41.62 -23.66 -19.96
CA ASN I 747 40.96 -24.56 -20.92
C ASN I 747 41.58 -25.97 -20.93
N VAL I 748 40.96 -26.93 -21.64
CA VAL I 748 41.50 -28.29 -21.83
C VAL I 748 41.23 -28.85 -23.22
N ALA I 749 41.87 -29.96 -23.55
CA ALA I 749 41.38 -30.89 -24.55
C ALA I 749 41.22 -30.29 -25.95
N GLN I 750 42.06 -29.30 -26.26
CA GLN I 750 42.14 -28.62 -27.56
C GLN I 750 40.83 -27.89 -27.92
N CYS I 751 40.24 -27.28 -26.89
CA CYS I 751 38.82 -26.93 -26.77
C CYS I 751 38.60 -25.82 -25.71
N ASN I 752 37.43 -25.17 -25.67
CA ASN I 752 37.14 -24.10 -24.71
C ASN I 752 36.44 -24.54 -23.41
N MET I 753 36.27 -25.83 -23.15
CA MET I 753 35.82 -26.34 -21.85
C MET I 753 36.91 -26.18 -20.79
N THR I 754 36.57 -25.83 -19.56
CA THR I 754 37.57 -25.59 -18.51
C THR I 754 38.10 -26.86 -17.86
N LYS I 755 39.26 -26.75 -17.21
CA LYS I 755 39.87 -27.76 -16.35
C LYS I 755 38.96 -28.15 -15.20
N ASP I 756 38.26 -27.16 -14.62
CA ASP I 756 37.27 -27.43 -13.58
C ASP I 756 36.13 -28.28 -14.11
N TRP I 757 35.51 -27.90 -15.23
CA TRP I 757 34.35 -28.63 -15.69
C TRP I 757 34.70 -30.03 -16.16
N PHE I 758 35.80 -30.17 -16.90
CA PHE I 758 36.22 -31.46 -17.38
C PHE I 758 36.49 -32.42 -16.23
N LEU I 759 37.12 -31.93 -15.15
CA LEU I 759 37.30 -32.71 -13.93
C LEU I 759 35.97 -33.09 -13.31
N VAL I 760 35.04 -32.15 -13.12
CA VAL I 760 33.77 -32.41 -12.44
C VAL I 760 32.86 -33.37 -13.20
N GLN I 761 32.93 -33.43 -14.54
CA GLN I 761 32.19 -34.44 -15.29
C GLN I 761 32.88 -35.80 -15.27
N MET I 762 34.21 -35.85 -15.36
CA MET I 762 34.94 -37.12 -15.28
C MET I 762 34.92 -37.73 -13.88
N LEU I 763 34.88 -36.93 -12.80
CA LEU I 763 34.69 -37.46 -11.45
C LEU I 763 33.28 -37.99 -11.28
N SER I 764 32.28 -37.20 -11.63
CA SER I 764 30.89 -37.51 -11.31
C SER I 764 30.31 -38.64 -12.14
N HIS I 765 30.77 -38.84 -13.38
CA HIS I 765 30.40 -40.02 -14.17
C HIS I 765 31.26 -41.23 -13.82
N TYR I 766 32.57 -41.05 -13.60
CA TYR I 766 33.50 -42.19 -13.70
C TYR I 766 34.46 -42.40 -12.54
N ASN I 767 34.48 -41.52 -11.54
CA ASN I 767 35.51 -41.48 -10.49
C ASN I 767 36.95 -41.30 -11.00
N ILE I 768 37.19 -40.70 -12.16
CA ILE I 768 38.53 -40.72 -12.78
C ILE I 768 39.52 -39.67 -12.26
N GLY I 769 39.12 -38.40 -12.13
CA GLY I 769 40.06 -37.29 -12.28
C GLY I 769 41.22 -37.10 -11.29
N TYR I 770 41.24 -37.68 -10.09
CA TYR I 770 42.34 -37.47 -9.14
C TYR I 770 43.60 -38.28 -9.42
N GLN I 771 43.55 -39.36 -10.19
CA GLN I 771 44.73 -40.16 -10.53
C GLN I 771 45.01 -40.17 -12.03
N GLY I 772 44.63 -39.11 -12.74
CA GLY I 772 44.95 -38.91 -14.15
C GLY I 772 43.85 -39.35 -15.08
N PHE I 773 43.53 -38.55 -16.08
CA PHE I 773 42.50 -38.85 -17.07
C PHE I 773 42.92 -39.97 -18.02
N HIS I 774 41.97 -40.81 -18.38
CA HIS I 774 42.09 -41.88 -19.37
C HIS I 774 40.72 -42.13 -19.96
N VAL I 775 40.63 -42.83 -21.08
CA VAL I 775 39.33 -43.18 -21.65
C VAL I 775 38.58 -44.07 -20.66
N PRO I 776 37.39 -43.71 -20.16
CA PRO I 776 36.65 -44.53 -19.23
C PRO I 776 36.30 -45.88 -19.85
N GLU I 777 36.22 -46.91 -19.02
CA GLU I 777 36.04 -48.28 -19.47
C GLU I 777 34.73 -48.49 -20.24
N GLY I 778 34.75 -49.34 -21.26
CA GLY I 778 33.66 -49.43 -22.24
C GLY I 778 32.30 -49.74 -21.63
N TYR I 779 32.21 -50.57 -20.60
CA TYR I 779 30.94 -50.85 -19.92
C TYR I 779 30.39 -49.65 -19.12
N LYS I 780 31.24 -48.73 -18.66
CA LYS I 780 30.82 -47.54 -17.89
C LYS I 780 30.28 -46.44 -18.79
N ASP I 781 30.88 -46.30 -19.95
CA ASP I 781 30.71 -45.15 -20.82
C ASP I 781 29.52 -45.32 -21.76
N ARG I 782 28.31 -45.42 -21.19
CA ARG I 782 27.09 -45.82 -21.89
C ARG I 782 26.45 -44.63 -22.62
N MET I 783 25.31 -44.84 -23.29
CA MET I 783 24.80 -43.91 -24.30
C MET I 783 24.60 -42.49 -23.78
N TYR I 784 24.07 -42.32 -22.58
CA TYR I 784 23.85 -40.99 -22.00
C TYR I 784 25.03 -40.46 -21.17
N SER I 785 26.15 -41.17 -21.09
CA SER I 785 27.31 -40.77 -20.30
C SER I 785 28.21 -39.79 -21.06
N PHE I 786 29.07 -39.05 -20.35
CA PHE I 786 29.83 -37.93 -20.88
C PHE I 786 30.82 -38.26 -21.98
N PHE I 787 31.85 -39.07 -21.72
CA PHE I 787 32.99 -39.18 -22.61
C PHE I 787 32.62 -39.81 -23.96
N ARG I 788 31.60 -40.67 -24.00
CA ARG I 788 30.95 -41.14 -25.23
C ARG I 788 30.51 -40.02 -26.16
N ASN I 789 30.02 -38.92 -25.59
CA ASN I 789 29.35 -37.83 -26.29
C ASN I 789 30.17 -36.55 -26.44
N PHE I 790 31.22 -36.35 -25.65
CA PHE I 790 32.10 -35.18 -25.72
C PHE I 790 32.85 -35.09 -27.05
N GLN I 791 32.54 -34.06 -27.83
CA GLN I 791 33.06 -33.84 -29.16
C GLN I 791 33.65 -32.42 -29.25
N PRO I 792 34.90 -32.21 -28.84
CA PRO I 792 35.59 -30.94 -29.02
C PRO I 792 35.95 -30.74 -30.49
N MET I 793 35.85 -29.51 -30.96
CA MET I 793 36.12 -29.11 -32.34
C MET I 793 36.89 -27.81 -32.39
N SER I 794 37.49 -27.52 -33.53
CA SER I 794 38.10 -26.23 -33.80
C SER I 794 38.10 -25.92 -35.30
N ARG I 795 38.13 -24.65 -35.69
CA ARG I 795 38.32 -24.20 -37.08
C ARG I 795 39.10 -22.91 -37.13
N GLN I 796 39.69 -22.60 -38.28
CA GLN I 796 40.11 -21.25 -38.58
C GLN I 796 39.08 -20.56 -39.47
N VAL I 797 39.07 -19.23 -39.45
CA VAL I 797 38.38 -18.39 -40.42
C VAL I 797 39.26 -17.21 -40.77
N VAL I 798 38.99 -16.57 -41.91
CA VAL I 798 39.68 -15.34 -42.32
C VAL I 798 39.58 -14.30 -41.22
N ASP I 799 40.71 -13.67 -40.90
CA ASP I 799 40.75 -12.59 -39.93
C ASP I 799 40.19 -11.32 -40.56
N GLU I 800 38.97 -10.95 -40.21
CA GLU I 800 38.30 -9.79 -40.81
C GLU I 800 39.00 -8.47 -40.51
N ILE I 801 39.78 -8.39 -39.43
CA ILE I 801 40.36 -7.14 -38.95
C ILE I 801 41.77 -6.96 -39.47
N ASN I 802 42.68 -7.92 -39.27
CA ASN I 802 44.09 -7.74 -39.63
C ASN I 802 44.42 -8.06 -41.09
N TYR I 803 43.56 -8.73 -41.85
CA TYR I 803 43.82 -8.90 -43.29
C TYR I 803 43.50 -7.61 -44.04
N LYS I 804 44.53 -6.83 -44.39
CA LYS I 804 44.36 -5.46 -44.90
C LYS I 804 43.53 -5.36 -46.18
N ASP I 805 43.46 -6.45 -46.95
CA ASP I 805 42.78 -6.55 -48.23
C ASP I 805 41.42 -7.28 -48.19
N TYR I 806 40.87 -7.51 -47.00
CA TYR I 806 39.59 -8.19 -46.85
C TYR I 806 38.42 -7.41 -47.47
N LYS I 807 37.44 -8.10 -48.06
CA LYS I 807 36.08 -7.57 -48.34
C LYS I 807 35.02 -8.60 -47.93
N ALA I 808 33.99 -8.17 -47.21
CA ALA I 808 32.93 -9.01 -46.68
C ALA I 808 31.76 -9.14 -47.67
N VAL I 809 31.87 -10.06 -48.63
CA VAL I 809 30.88 -10.28 -49.69
C VAL I 809 29.65 -11.01 -49.14
N THR I 810 28.47 -10.37 -49.09
CA THR I 810 27.22 -11.04 -48.69
C THR I 810 26.79 -12.10 -49.69
N LEU I 811 26.06 -13.12 -49.25
CA LEU I 811 25.82 -14.34 -50.02
C LEU I 811 25.27 -14.15 -51.47
N PRO I 812 24.35 -13.23 -51.76
CA PRO I 812 23.89 -13.00 -53.13
C PRO I 812 24.99 -12.66 -54.14
N PHE I 813 26.15 -12.22 -53.65
CA PHE I 813 27.29 -11.74 -54.43
C PHE I 813 28.53 -12.63 -54.32
N GLN I 814 28.48 -13.69 -53.51
CA GLN I 814 29.50 -14.74 -53.51
C GLN I 814 29.30 -15.63 -54.73
N HIS I 815 30.37 -15.92 -55.47
CA HIS I 815 30.31 -16.89 -56.55
C HIS I 815 31.50 -17.83 -56.60
N ASN I 816 31.18 -19.08 -56.84
CA ASN I 816 32.04 -20.23 -56.97
C ASN I 816 31.19 -21.28 -57.69
N ASN I 817 31.72 -22.07 -58.63
CA ASN I 817 30.95 -22.96 -59.50
C ASN I 817 29.85 -22.26 -60.34
N SER I 818 29.98 -20.95 -60.63
CA SER I 818 29.01 -20.23 -61.47
C SER I 818 28.95 -20.81 -62.89
N GLY I 819 27.81 -20.72 -63.57
CA GLY I 819 27.56 -21.38 -64.85
C GLY I 819 27.24 -22.85 -64.70
N PHE I 820 27.96 -23.56 -63.83
CA PHE I 820 27.71 -24.95 -63.51
C PHE I 820 26.62 -25.18 -62.44
N THR I 821 26.08 -24.14 -61.81
CA THR I 821 25.24 -24.23 -60.59
C THR I 821 24.02 -23.31 -60.68
N GLY I 822 22.97 -23.56 -59.89
CA GLY I 822 21.69 -22.85 -59.99
C GLY I 822 21.48 -21.58 -59.15
N TYR I 823 22.50 -20.74 -58.99
CA TYR I 823 22.40 -19.49 -58.22
C TYR I 823 21.84 -19.73 -56.81
N LEU I 824 20.84 -18.97 -56.34
CA LEU I 824 20.29 -19.04 -54.98
C LEU I 824 19.25 -20.15 -54.75
N ALA I 825 19.22 -21.20 -55.56
CA ALA I 825 18.20 -22.23 -55.47
C ALA I 825 18.72 -23.56 -56.03
N PRO I 826 18.14 -24.72 -55.68
CA PRO I 826 18.60 -26.02 -56.14
C PRO I 826 18.24 -26.32 -57.62
N THR I 827 17.82 -25.34 -58.41
CA THR I 827 16.92 -25.56 -59.55
C THR I 827 17.57 -25.93 -60.89
N MET I 828 18.31 -25.03 -61.53
CA MET I 828 18.77 -25.17 -62.92
C MET I 828 20.07 -24.42 -63.11
N ARG I 829 21.03 -24.93 -63.88
CA ARG I 829 22.35 -24.30 -64.11
C ARG I 829 22.22 -22.83 -64.51
N GLN I 830 23.16 -21.98 -64.14
CA GLN I 830 22.97 -20.55 -64.32
C GLN I 830 24.29 -19.79 -64.40
N GLY I 831 24.50 -19.03 -65.47
CA GLY I 831 25.58 -18.05 -65.55
C GLY I 831 26.74 -18.45 -66.44
N GLN I 832 27.95 -18.07 -66.08
CA GLN I 832 29.17 -18.42 -66.80
C GLN I 832 30.25 -18.98 -65.88
N PRO I 833 31.19 -19.79 -66.40
CA PRO I 833 32.42 -20.09 -65.69
C PRO I 833 33.21 -18.81 -65.43
N TYR I 834 33.79 -18.67 -64.24
CA TYR I 834 34.67 -17.56 -63.90
C TYR I 834 35.50 -17.91 -62.66
N PRO I 835 36.64 -17.28 -62.38
CA PRO I 835 37.34 -17.47 -61.11
C PRO I 835 36.41 -17.21 -59.94
N ALA I 836 36.50 -18.05 -58.92
CA ALA I 836 35.67 -17.95 -57.75
C ALA I 836 36.14 -16.82 -56.84
N ASN I 837 35.25 -15.94 -56.43
CA ASN I 837 35.59 -14.87 -55.50
C ASN I 837 35.54 -15.30 -54.04
N PHE I 838 34.86 -16.39 -53.67
CA PHE I 838 34.40 -16.50 -52.29
C PHE I 838 35.37 -17.06 -51.25
N PRO I 839 35.57 -18.38 -51.09
CA PRO I 839 36.14 -18.90 -49.85
C PRO I 839 37.65 -18.63 -49.79
N TYR I 840 38.09 -17.62 -49.04
CA TYR I 840 39.51 -17.28 -48.99
C TYR I 840 40.36 -18.48 -48.57
N PRO I 841 41.52 -18.73 -49.18
CA PRO I 841 42.34 -19.86 -48.86
C PRO I 841 43.02 -19.69 -47.50
N LEU I 842 42.81 -20.62 -46.57
CA LEU I 842 43.49 -20.64 -45.27
C LEU I 842 44.78 -21.47 -45.31
N ILE I 843 45.23 -21.80 -46.53
CA ILE I 843 46.18 -22.86 -46.89
C ILE I 843 46.99 -22.46 -48.12
N GLY I 844 48.19 -23.02 -48.27
CA GLY I 844 49.05 -22.77 -49.41
C GLY I 844 49.93 -21.53 -49.27
N GLN I 845 50.55 -21.11 -50.35
CA GLN I 845 51.51 -20.01 -50.34
C GLN I 845 50.84 -18.63 -50.27
N THR I 846 49.55 -18.54 -50.58
CA THR I 846 48.75 -17.30 -50.49
C THR I 846 47.76 -17.32 -49.33
N ALA I 847 48.00 -18.13 -48.31
CA ALA I 847 47.09 -18.28 -47.19
C ALA I 847 46.76 -16.95 -46.52
N VAL I 848 45.46 -16.68 -46.35
CA VAL I 848 44.95 -15.43 -45.81
C VAL I 848 45.21 -15.34 -44.30
N PRO I 849 45.49 -14.16 -43.72
CA PRO I 849 45.56 -13.97 -42.28
C PRO I 849 44.30 -14.49 -41.59
N SER I 850 44.46 -15.05 -40.40
CA SER I 850 43.53 -16.06 -39.89
C SER I 850 43.39 -16.03 -38.38
N VAL I 851 42.21 -16.43 -37.87
CA VAL I 851 41.86 -16.51 -36.44
C VAL I 851 41.12 -17.80 -36.15
N THR I 852 41.18 -18.25 -34.90
CA THR I 852 40.77 -19.60 -34.51
C THR I 852 39.53 -19.60 -33.64
N GLN I 853 38.61 -20.52 -33.90
CA GLN I 853 37.40 -20.73 -33.12
C GLN I 853 37.40 -22.14 -32.55
N LYS I 854 37.29 -22.29 -31.23
CA LYS I 854 37.24 -23.56 -30.50
C LYS I 854 35.90 -23.71 -29.83
N LYS I 855 35.22 -24.84 -30.01
CA LYS I 855 33.95 -25.15 -29.35
C LYS I 855 33.80 -26.65 -29.14
N PHE I 856 32.68 -27.09 -28.58
CA PHE I 856 32.41 -28.50 -28.32
C PHE I 856 30.92 -28.80 -28.43
N LEU I 857 30.58 -30.09 -28.47
CA LEU I 857 29.24 -30.58 -28.20
C LEU I 857 29.31 -31.75 -27.22
N CYS I 858 28.23 -31.95 -26.48
CA CYS I 858 27.82 -33.25 -25.97
C CYS I 858 26.35 -33.14 -25.61
N ASP I 859 25.54 -34.02 -26.18
CA ASP I 859 24.14 -33.74 -26.40
C ASP I 859 23.21 -34.75 -25.74
N ARG I 860 23.47 -36.05 -25.81
CA ARG I 860 22.65 -37.01 -25.04
C ARG I 860 22.82 -36.88 -23.53
N VAL I 861 23.91 -36.28 -23.07
CA VAL I 861 24.21 -35.90 -21.69
C VAL I 861 23.20 -34.93 -21.11
N MET I 862 23.08 -34.88 -19.78
CA MET I 862 22.68 -33.67 -19.06
C MET I 862 23.70 -33.43 -17.95
N TRP I 863 24.07 -32.17 -17.74
CA TRP I 863 25.16 -31.80 -16.86
C TRP I 863 24.85 -32.20 -15.42
N ARG I 864 25.86 -32.69 -14.69
CA ARG I 864 25.72 -33.19 -13.30
C ARG I 864 26.69 -32.46 -12.39
N ILE I 865 26.27 -32.24 -11.15
CA ILE I 865 27.05 -31.71 -10.03
C ILE I 865 26.69 -32.55 -8.78
N PRO I 866 27.54 -33.48 -8.33
CA PRO I 866 27.31 -34.25 -7.13
C PRO I 866 27.44 -33.39 -5.88
N PHE I 867 26.43 -33.39 -5.01
CA PHE I 867 26.59 -32.83 -3.67
C PHE I 867 27.38 -33.84 -2.83
N SER I 868 28.70 -33.81 -2.96
CA SER I 868 29.65 -34.75 -2.36
C SER I 868 30.97 -34.04 -2.04
N SER I 869 31.61 -34.33 -0.91
CA SER I 869 32.67 -33.46 -0.36
C SER I 869 33.88 -33.34 -1.29
N ASN I 870 34.14 -34.39 -2.05
CA ASN I 870 34.88 -34.43 -3.30
C ASN I 870 33.93 -35.06 -4.33
N PHE I 871 34.03 -34.72 -5.60
CA PHE I 871 32.91 -34.98 -6.53
C PHE I 871 32.72 -36.44 -6.94
N MET I 872 33.39 -37.41 -6.31
CA MET I 872 33.25 -38.83 -6.68
C MET I 872 31.94 -39.42 -6.21
N SER I 873 31.53 -40.51 -6.85
CA SER I 873 30.54 -41.44 -6.32
C SER I 873 31.23 -42.37 -5.33
N MET I 874 31.08 -42.13 -4.02
CA MET I 874 31.54 -43.08 -2.99
C MET I 874 30.40 -43.95 -2.44
N GLY I 875 29.17 -43.60 -2.79
CA GLY I 875 27.94 -44.31 -2.47
C GLY I 875 26.75 -43.54 -3.05
N ALA I 876 25.54 -44.07 -2.95
CA ALA I 876 24.35 -43.33 -3.36
C ALA I 876 23.97 -42.21 -2.38
N LEU I 877 24.14 -42.43 -1.07
CA LEU I 877 23.84 -41.45 -0.01
C LEU I 877 25.15 -40.77 0.36
N THR I 878 25.39 -39.59 -0.19
CA THR I 878 26.70 -38.92 -0.14
C THR I 878 27.05 -38.43 1.25
N ASP I 879 28.31 -38.09 1.49
CA ASP I 879 28.78 -37.64 2.80
C ASP I 879 28.18 -36.31 3.21
N LEU I 880 28.11 -35.33 2.31
CA LEU I 880 27.44 -34.07 2.61
C LEU I 880 25.96 -34.28 2.88
N GLY I 881 25.31 -35.22 2.20
CA GLY I 881 23.91 -35.54 2.44
C GLY I 881 23.67 -36.02 3.87
N GLN I 882 24.66 -36.68 4.46
CA GLN I 882 24.66 -37.03 5.87
C GLN I 882 25.09 -35.89 6.78
N ASN I 883 26.03 -35.01 6.42
CA ASN I 883 26.31 -33.83 7.25
C ASN I 883 25.03 -33.00 7.47
N MET I 884 24.23 -32.79 6.42
CA MET I 884 22.98 -32.04 6.48
C MET I 884 21.87 -32.68 7.34
N LEU I 885 21.96 -33.97 7.66
CA LEU I 885 21.14 -34.62 8.68
C LEU I 885 21.53 -34.13 10.07
N TYR I 886 22.79 -34.30 10.45
CA TYR I 886 23.32 -33.92 11.76
C TYR I 886 23.49 -32.40 11.92
N ALA I 887 23.37 -31.64 10.84
CA ALA I 887 23.23 -30.18 10.87
C ALA I 887 21.88 -29.71 11.45
N ASN I 888 20.82 -30.51 11.41
CA ASN I 888 19.51 -30.23 12.04
C ASN I 888 18.93 -28.81 11.80
N SER I 889 19.22 -28.18 10.66
CA SER I 889 18.90 -26.77 10.40
C SER I 889 18.42 -26.58 8.97
N ALA I 890 17.63 -25.54 8.70
CA ALA I 890 17.12 -25.28 7.37
C ALA I 890 18.09 -24.38 6.65
N HIS I 891 18.22 -24.56 5.34
CA HIS I 891 19.02 -23.66 4.52
C HIS I 891 18.23 -23.27 3.29
N ALA I 892 18.40 -22.05 2.78
CA ALA I 892 17.92 -21.66 1.48
C ALA I 892 18.97 -21.93 0.40
N LEU I 893 18.61 -21.84 -0.88
CA LEU I 893 19.54 -21.99 -1.99
C LEU I 893 19.28 -20.98 -3.08
N ASP I 894 20.33 -20.36 -3.60
CA ASP I 894 20.33 -19.65 -4.87
C ASP I 894 21.22 -20.38 -5.86
N MET I 895 20.83 -20.42 -7.13
CA MET I 895 21.71 -20.77 -8.23
C MET I 895 21.59 -19.73 -9.33
N THR I 896 22.70 -19.28 -9.90
CA THR I 896 22.66 -18.43 -11.09
C THR I 896 23.39 -19.14 -12.21
N PHE I 897 22.66 -19.41 -13.29
CA PHE I 897 23.18 -20.02 -14.50
C PHE I 897 23.41 -18.92 -15.52
N GLU I 898 24.59 -18.84 -16.10
CA GLU I 898 24.81 -17.97 -17.25
C GLU I 898 24.82 -18.80 -18.51
N VAL I 899 24.11 -18.35 -19.55
CA VAL I 899 23.68 -19.18 -20.65
C VAL I 899 23.66 -18.37 -21.95
N ASP I 900 23.93 -18.97 -23.10
CA ASP I 900 23.99 -18.24 -24.36
C ASP I 900 22.61 -17.73 -24.81
N PRO I 901 22.50 -16.53 -25.38
CA PRO I 901 21.21 -15.98 -25.80
C PRO I 901 20.65 -16.75 -26.99
N MET I 902 19.34 -16.99 -26.99
CA MET I 902 18.63 -17.63 -28.11
C MET I 902 17.39 -16.84 -28.50
N ASP I 903 17.08 -16.80 -29.79
CA ASP I 903 16.00 -15.97 -30.32
C ASP I 903 14.59 -16.44 -29.95
N GLU I 904 14.49 -17.62 -29.35
CA GLU I 904 13.24 -18.29 -29.00
C GLU I 904 13.21 -18.62 -27.51
N PRO I 905 12.03 -18.61 -26.88
CA PRO I 905 11.91 -18.89 -25.46
C PRO I 905 12.33 -20.32 -25.16
N THR I 906 13.07 -20.50 -24.07
CA THR I 906 13.69 -21.76 -23.67
C THR I 906 13.49 -21.98 -22.18
N LEU I 907 13.78 -23.18 -21.68
CA LEU I 907 13.67 -23.54 -20.28
C LEU I 907 15.02 -23.99 -19.74
N LEU I 908 15.35 -23.59 -18.52
CA LEU I 908 16.28 -24.31 -17.68
C LEU I 908 15.51 -25.50 -17.11
N TYR I 909 16.04 -26.70 -17.23
CA TYR I 909 15.51 -27.87 -16.58
C TYR I 909 16.48 -28.29 -15.47
N LEU I 910 16.00 -28.34 -14.22
CA LEU I 910 16.75 -28.84 -13.09
C LEU I 910 16.19 -30.16 -12.62
N LEU I 911 17.09 -31.03 -12.22
CA LEU I 911 16.84 -32.15 -11.37
C LEU I 911 17.49 -31.87 -10.05
N PHE I 912 16.72 -31.69 -8.99
CA PHE I 912 17.28 -31.87 -7.66
C PHE I 912 17.33 -33.35 -7.39
N GLU I 913 18.53 -33.92 -7.39
CA GLU I 913 18.72 -35.34 -7.18
C GLU I 913 18.37 -35.71 -5.75
N VAL I 914 17.72 -36.84 -5.58
CA VAL I 914 16.90 -37.14 -4.39
C VAL I 914 16.72 -38.65 -4.26
N PHE I 915 16.30 -39.15 -3.11
CA PHE I 915 15.82 -40.52 -2.94
C PHE I 915 14.31 -40.57 -3.04
N ASP I 916 13.73 -40.85 -4.20
CA ASP I 916 12.30 -41.08 -4.38
C ASP I 916 12.06 -42.59 -4.39
N VAL I 917 11.30 -43.13 -3.44
CA VAL I 917 11.26 -44.56 -3.12
C VAL I 917 9.86 -45.00 -2.69
N VAL I 918 9.60 -46.29 -2.78
CA VAL I 918 8.40 -46.94 -2.25
C VAL I 918 8.78 -48.23 -1.54
N ARG I 919 7.90 -48.67 -0.65
CA ARG I 919 7.92 -49.96 0.03
C ARG I 919 6.51 -50.52 -0.02
N VAL I 920 6.34 -51.80 -0.26
CA VAL I 920 5.07 -52.41 -0.64
C VAL I 920 4.83 -53.67 0.16
N HIS I 921 3.66 -53.76 0.78
CA HIS I 921 3.29 -54.82 1.71
C HIS I 921 2.00 -55.51 1.24
N GLN I 922 1.88 -56.82 1.42
CA GLN I 922 0.81 -57.62 0.83
C GLN I 922 0.24 -58.67 1.79
N PRO I 923 -0.36 -58.29 2.92
CA PRO I 923 -0.56 -59.20 4.04
C PRO I 923 -1.74 -60.17 3.96
N HIS I 924 -2.74 -59.96 3.11
CA HIS I 924 -3.79 -60.95 2.88
C HIS I 924 -4.12 -61.02 1.41
N ARG I 925 -4.82 -62.06 0.98
CA ARG I 925 -5.17 -62.32 -0.43
C ARG I 925 -5.77 -61.11 -1.14
N GLY I 926 -6.55 -60.28 -0.47
CA GLY I 926 -7.28 -59.24 -1.16
C GLY I 926 -6.51 -57.94 -1.40
N VAL I 927 -5.31 -57.76 -0.85
CA VAL I 927 -4.82 -56.41 -0.51
C VAL I 927 -3.35 -56.16 -0.80
N ILE I 928 -3.05 -54.88 -0.95
CA ILE I 928 -1.72 -54.30 -1.11
C ILE I 928 -1.70 -52.95 -0.40
N GLU I 929 -0.61 -52.61 0.26
CA GLU I 929 -0.45 -51.34 0.98
C GLU I 929 0.95 -50.78 0.73
N ALA I 930 1.03 -49.58 0.15
CA ALA I 930 2.28 -48.97 -0.27
C ALA I 930 2.64 -47.76 0.59
N VAL I 931 3.87 -47.68 1.06
CA VAL I 931 4.41 -46.48 1.68
C VAL I 931 5.40 -45.86 0.72
N TYR I 932 5.21 -44.60 0.38
CA TYR I 932 6.16 -43.83 -0.41
C TYR I 932 6.98 -42.92 0.50
N LEU I 933 8.17 -42.55 0.06
CA LEU I 933 8.95 -41.50 0.70
C LEU I 933 9.77 -40.77 -0.35
N ARG I 934 10.04 -39.48 -0.13
CA ARG I 934 10.97 -38.70 -0.95
C ARG I 934 11.73 -37.75 -0.06
N THR I 935 13.03 -37.97 0.12
CA THR I 935 13.68 -37.55 1.36
C THR I 935 13.97 -36.06 1.47
N PRO I 936 14.86 -35.44 0.67
CA PRO I 936 14.68 -34.03 0.35
C PRO I 936 13.42 -33.89 -0.52
N PHE I 937 12.84 -32.70 -0.64
CA PHE I 937 11.68 -32.44 -1.51
C PHE I 937 10.52 -33.41 -1.30
N SER I 938 10.13 -33.62 -0.04
CA SER I 938 9.05 -34.53 0.34
C SER I 938 7.68 -34.09 -0.12
N ALA I 939 6.73 -35.04 -0.12
CA ALA I 939 5.34 -34.81 -0.52
C ALA I 939 4.33 -35.55 0.38
N GLY I 940 4.70 -35.88 1.62
CA GLY I 940 3.89 -36.67 2.54
C GLY I 940 4.16 -38.17 2.42
N ASN I 941 3.13 -39.00 2.65
CA ASN I 941 3.20 -40.46 2.81
C ASN I 941 2.23 -41.22 1.88
N MET J 1 68.33 -53.51 0.93
CA MET J 1 69.74 -53.39 0.47
C MET J 1 70.30 -54.71 -0.04
N MET J 2 70.47 -55.71 0.85
CA MET J 2 71.09 -57.04 0.67
C MET J 2 70.46 -58.11 -0.31
N PRO J 3 69.13 -58.32 -0.51
CA PRO J 3 68.61 -59.44 -1.31
C PRO J 3 68.72 -59.53 -2.87
N GLN J 4 68.75 -58.41 -3.60
CA GLN J 4 68.75 -58.26 -5.10
C GLN J 4 67.50 -58.65 -5.90
N TRP J 5 67.36 -59.88 -6.37
CA TRP J 5 66.20 -60.32 -7.18
C TRP J 5 64.85 -60.16 -6.48
N ALA J 6 64.83 -60.37 -5.17
CA ALA J 6 63.66 -60.18 -4.32
C ALA J 6 63.50 -58.71 -3.92
N TYR J 7 64.56 -57.88 -3.94
CA TYR J 7 64.48 -56.46 -3.60
C TYR J 7 63.83 -55.68 -4.75
N MET J 8 64.16 -56.00 -5.99
CA MET J 8 63.54 -55.39 -7.17
C MET J 8 62.23 -56.06 -7.55
N HIS J 9 61.74 -57.00 -6.73
CA HIS J 9 60.50 -57.75 -6.92
C HIS J 9 60.40 -58.48 -8.24
N ILE J 10 61.46 -59.17 -8.63
CA ILE J 10 61.49 -60.01 -9.82
C ILE J 10 61.07 -61.44 -9.43
N ALA J 11 61.29 -61.84 -8.17
CA ALA J 11 60.94 -63.14 -7.58
C ALA J 11 60.56 -63.02 -6.10
N GLY J 12 59.97 -64.04 -5.48
CA GLY J 12 59.57 -64.04 -4.06
C GLY J 12 58.17 -63.51 -3.70
N GLN J 13 58.05 -62.78 -2.59
CA GLN J 13 56.80 -62.28 -2.01
C GLN J 13 55.97 -61.32 -2.86
N ASP J 14 54.66 -61.41 -2.67
CA ASP J 14 53.62 -60.58 -3.29
C ASP J 14 53.48 -59.23 -2.57
N ALA J 15 52.89 -58.20 -3.16
CA ALA J 15 52.67 -56.94 -2.45
C ALA J 15 51.85 -57.17 -1.19
N SER J 16 50.99 -58.18 -1.20
CA SER J 16 50.17 -58.55 -0.06
C SER J 16 50.98 -59.24 1.05
N GLU J 17 52.30 -59.39 0.88
CA GLU J 17 53.21 -60.07 1.80
C GLU J 17 54.40 -59.21 2.18
N TYR J 18 54.97 -58.40 1.27
CA TYR J 18 56.10 -57.57 1.65
C TYR J 18 55.70 -56.24 2.28
N LEU J 19 54.57 -55.65 1.92
CA LEU J 19 54.14 -54.38 2.52
C LEU J 19 53.75 -54.55 3.97
N SER J 20 53.94 -53.55 4.82
CA SER J 20 53.52 -53.61 6.22
C SER J 20 52.00 -53.74 6.29
N PRO J 21 51.45 -54.49 7.26
CA PRO J 21 50.02 -54.77 7.31
C PRO J 21 49.15 -53.52 7.45
N GLY J 22 49.65 -52.46 8.07
CA GLY J 22 48.89 -51.21 8.18
C GLY J 22 48.55 -50.70 6.79
N LEU J 23 49.51 -50.71 5.87
CA LEU J 23 49.32 -50.24 4.51
C LEU J 23 48.42 -51.15 3.70
N VAL J 24 48.50 -52.47 3.92
CA VAL J 24 47.64 -53.42 3.22
C VAL J 24 46.17 -53.18 3.60
N GLN J 25 45.90 -52.92 4.89
CA GLN J 25 44.54 -52.60 5.35
C GLN J 25 44.07 -51.31 4.73
N PHE J 26 44.89 -50.25 4.82
CA PHE J 26 44.58 -48.96 4.26
C PHE J 26 44.25 -49.03 2.78
N ALA J 27 45.01 -49.80 2.01
CA ALA J 27 44.75 -49.97 0.60
C ALA J 27 43.36 -50.58 0.39
N ARG J 28 43.06 -51.74 0.97
CA ARG J 28 41.76 -52.42 0.82
C ARG J 28 40.60 -51.52 1.19
N ALA J 29 40.73 -50.75 2.26
CA ALA J 29 39.70 -49.84 2.71
C ALA J 29 39.48 -48.61 1.80
N THR J 30 40.50 -48.14 1.07
CA THR J 30 40.38 -46.95 0.19
C THR J 30 40.37 -47.25 -1.29
N ASP J 31 40.48 -48.52 -1.70
CA ASP J 31 40.68 -48.93 -3.08
C ASP J 31 39.64 -48.49 -4.11
N THR J 32 38.46 -48.03 -3.70
CA THR J 32 37.46 -47.52 -4.63
C THR J 32 37.49 -46.00 -4.78
N TYR J 33 38.15 -45.26 -3.87
CA TYR J 33 38.19 -43.80 -3.93
C TYR J 33 39.56 -43.40 -4.50
N PHE J 34 40.63 -44.07 -4.09
CA PHE J 34 42.02 -43.73 -4.40
C PHE J 34 42.82 -45.04 -4.38
N SER J 35 42.97 -45.69 -5.52
CA SER J 35 43.61 -47.01 -5.61
C SER J 35 45.13 -46.98 -5.71
N LEU J 36 45.79 -47.53 -4.69
CA LEU J 36 47.25 -47.68 -4.62
C LEU J 36 47.77 -48.91 -5.39
N GLY J 37 46.92 -49.83 -5.82
CA GLY J 37 47.35 -51.11 -6.35
C GLY J 37 48.33 -51.13 -7.52
N ASN J 38 48.29 -50.19 -8.47
CA ASN J 38 49.22 -50.20 -9.59
C ASN J 38 50.67 -49.82 -9.25
N LYS J 39 50.96 -49.47 -7.99
CA LYS J 39 52.25 -48.94 -7.52
C LYS J 39 53.22 -49.93 -6.90
N PHE J 40 52.87 -51.21 -6.87
CA PHE J 40 53.70 -52.25 -6.27
C PHE J 40 53.83 -53.46 -7.18
N ARG J 41 55.05 -53.96 -7.37
CA ARG J 41 55.35 -55.12 -8.21
C ARG J 41 54.87 -56.41 -7.58
N ASN J 42 54.22 -57.26 -8.36
CA ASN J 42 53.88 -58.61 -7.98
C ASN J 42 54.68 -59.51 -8.91
N PRO J 43 55.61 -60.32 -8.41
CA PRO J 43 56.36 -61.22 -9.25
C PRO J 43 55.50 -62.40 -9.73
N THR J 44 55.87 -63.00 -10.85
CA THR J 44 55.12 -64.11 -11.48
C THR J 44 56.06 -65.12 -12.16
N VAL J 45 56.83 -65.83 -11.35
CA VAL J 45 57.82 -66.83 -11.78
C VAL J 45 57.19 -68.05 -12.47
N ALA J 46 57.80 -68.59 -13.53
CA ALA J 46 57.26 -69.78 -14.22
C ALA J 46 57.66 -71.07 -13.47
N PRO J 47 56.96 -72.22 -13.63
CA PRO J 47 57.16 -73.42 -12.82
C PRO J 47 58.46 -74.22 -12.84
N THR J 48 59.44 -73.95 -13.71
CA THR J 48 60.72 -74.71 -13.76
C THR J 48 60.57 -76.24 -13.90
N HIS J 49 61.02 -77.05 -12.94
CA HIS J 49 61.34 -78.47 -13.14
C HIS J 49 60.29 -79.53 -13.58
N ASP J 50 59.02 -79.52 -13.17
CA ASP J 50 58.13 -80.65 -13.53
C ASP J 50 57.19 -80.49 -14.72
N VAL J 51 57.25 -79.37 -15.46
CA VAL J 51 56.37 -79.16 -16.61
C VAL J 51 56.93 -79.63 -17.95
N THR J 52 58.08 -79.11 -18.38
CA THR J 52 58.67 -79.42 -19.71
C THR J 52 59.87 -80.33 -19.69
N THR J 53 59.91 -81.29 -20.60
CA THR J 53 61.05 -82.21 -20.74
C THR J 53 62.28 -81.53 -21.31
N ASP J 54 63.44 -81.84 -20.75
CA ASP J 54 64.73 -81.35 -21.24
C ASP J 54 65.38 -82.37 -22.19
N ARG J 55 64.66 -83.42 -22.60
CA ARG J 55 65.08 -84.44 -23.56
C ARG J 55 64.74 -84.02 -24.99
N SER J 56 65.41 -84.59 -25.98
CA SER J 56 65.15 -84.34 -27.40
C SER J 56 63.79 -84.89 -27.80
N GLN J 57 62.90 -84.08 -28.37
CA GLN J 57 61.53 -84.47 -28.73
C GLN J 57 60.89 -83.45 -29.65
N ARG J 58 60.28 -83.88 -30.76
CA ARG J 58 59.59 -83.03 -31.73
C ARG J 58 58.32 -82.39 -31.17
N LEU J 59 58.09 -81.11 -31.43
CA LEU J 59 56.85 -80.46 -31.03
C LEU J 59 55.77 -80.84 -32.03
N THR J 60 56.08 -80.79 -33.32
CA THR J 60 55.18 -81.17 -34.42
C THR J 60 55.72 -82.38 -35.18
N LEU J 61 54.86 -83.35 -35.44
CA LEU J 61 55.16 -84.53 -36.26
C LEU J 61 54.31 -84.44 -37.53
N ARG J 62 54.77 -85.12 -38.56
CA ARG J 62 54.13 -85.25 -39.85
C ARG J 62 54.17 -86.73 -40.21
N PHE J 63 53.06 -87.29 -40.65
CA PHE J 63 52.98 -88.70 -41.05
C PHE J 63 52.62 -88.80 -42.53
N VAL J 64 53.42 -89.54 -43.30
CA VAL J 64 53.15 -89.86 -44.69
C VAL J 64 52.17 -91.05 -44.71
N PRO J 65 51.20 -91.16 -45.62
CA PRO J 65 50.28 -92.29 -45.64
C PRO J 65 50.98 -93.63 -45.84
N VAL J 66 50.62 -94.69 -45.11
CA VAL J 66 51.22 -96.01 -45.34
C VAL J 66 50.54 -96.71 -46.49
N ASP J 67 49.28 -96.36 -46.77
CA ASP J 67 48.50 -96.85 -47.91
C ASP J 67 47.50 -95.77 -48.33
N ARG J 68 47.09 -95.73 -49.60
CA ARG J 68 46.00 -94.86 -50.06
C ARG J 68 45.36 -95.46 -51.29
N GLU J 69 44.06 -95.23 -51.43
CA GLU J 69 43.21 -95.76 -52.50
C GLU J 69 42.37 -94.65 -53.11
N ASP J 70 42.13 -94.77 -54.42
CA ASP J 70 41.31 -93.85 -55.19
C ASP J 70 40.12 -94.53 -55.87
N THR J 71 39.01 -93.83 -55.94
CA THR J 71 37.87 -94.21 -56.78
C THR J 71 37.47 -93.03 -57.64
N THR J 72 36.51 -93.23 -58.52
CA THR J 72 36.01 -92.18 -59.41
C THR J 72 35.50 -90.94 -58.69
N TYR J 73 35.09 -91.07 -57.43
CA TYR J 73 34.48 -90.00 -56.62
C TYR J 73 35.02 -89.85 -55.19
N SER J 74 36.06 -90.58 -54.78
CA SER J 74 36.59 -90.51 -53.43
C SER J 74 38.04 -90.94 -53.29
N TYR J 75 38.63 -90.67 -52.13
CA TYR J 75 40.02 -90.95 -51.79
C TYR J 75 40.08 -91.47 -50.36
N LYS J 76 41.02 -92.34 -50.04
CA LYS J 76 41.07 -92.99 -48.74
C LYS J 76 42.51 -93.22 -48.38
N ALA J 77 43.00 -92.70 -47.25
CA ALA J 77 44.39 -92.89 -46.82
C ALA J 77 44.52 -93.42 -45.40
N ARG J 78 45.43 -94.38 -45.15
CA ARG J 78 45.66 -95.07 -43.87
C ARG J 78 46.94 -94.60 -43.24
N PHE J 79 46.91 -94.22 -41.95
CA PHE J 79 48.10 -93.78 -41.27
C PHE J 79 48.33 -94.56 -39.98
N THR J 80 49.59 -94.74 -39.55
CA THR J 80 49.86 -95.28 -38.22
C THR J 80 50.21 -94.08 -37.38
N LEU J 81 49.26 -93.55 -36.62
CA LEU J 81 49.49 -92.44 -35.74
C LEU J 81 50.20 -93.03 -34.53
N ALA J 82 51.47 -92.71 -34.35
CA ALA J 82 52.29 -93.21 -33.26
C ALA J 82 52.47 -92.19 -32.15
N VAL J 83 52.21 -92.60 -30.91
CA VAL J 83 52.42 -91.80 -29.72
C VAL J 83 53.51 -92.53 -28.98
N GLY J 84 54.68 -91.91 -28.88
CA GLY J 84 55.84 -92.52 -28.24
C GLY J 84 55.60 -92.77 -26.74
N ASP J 85 56.51 -93.51 -26.12
CA ASP J 85 56.44 -94.03 -24.76
C ASP J 85 56.26 -93.01 -23.62
N ASN J 86 56.53 -91.71 -23.81
CA ASN J 86 56.32 -90.67 -22.78
C ASN J 86 55.52 -89.47 -23.33
N ARG J 87 54.99 -89.57 -24.55
CA ARG J 87 54.13 -88.54 -25.15
C ARG J 87 52.68 -88.75 -24.71
N VAL J 88 51.86 -87.73 -24.89
CA VAL J 88 50.40 -87.83 -24.82
C VAL J 88 49.94 -86.89 -25.92
N LEU J 89 48.98 -87.29 -26.75
CA LEU J 89 48.53 -86.48 -27.87
C LEU J 89 47.09 -86.06 -27.75
N ASP J 90 46.85 -84.76 -27.72
CA ASP J 90 45.49 -84.25 -27.72
C ASP J 90 45.07 -84.20 -29.18
N MET J 91 44.11 -85.01 -29.58
CA MET J 91 43.66 -85.10 -30.95
C MET J 91 43.24 -83.77 -31.55
N ALA J 92 42.84 -82.77 -30.76
CA ALA J 92 42.43 -81.48 -31.30
C ALA J 92 43.58 -80.80 -32.04
N SER J 93 44.82 -81.20 -31.76
CA SER J 93 46.01 -80.68 -32.41
C SER J 93 46.24 -81.26 -33.80
N THR J 94 45.60 -82.39 -34.12
CA THR J 94 45.77 -83.09 -35.39
C THR J 94 44.91 -82.58 -36.54
N TYR J 95 45.43 -82.62 -37.77
CA TYR J 95 44.70 -82.21 -38.97
C TYR J 95 45.24 -82.91 -40.21
N PHE J 96 44.40 -83.11 -41.23
CA PHE J 96 44.82 -83.68 -42.52
C PHE J 96 45.24 -82.57 -43.44
N ASP J 97 46.54 -82.42 -43.64
CA ASP J 97 47.13 -81.45 -44.53
C ASP J 97 47.10 -82.01 -45.95
N ILE J 98 46.30 -81.42 -46.82
CA ILE J 98 46.04 -81.90 -48.17
C ILE J 98 46.53 -80.92 -49.21
N ARG J 99 47.05 -81.44 -50.33
CA ARG J 99 47.55 -80.67 -51.46
C ARG J 99 47.01 -81.26 -52.73
N GLY J 100 46.82 -80.44 -53.74
CA GLY J 100 46.23 -80.88 -54.99
C GLY J 100 46.10 -79.75 -55.99
N VAL J 101 45.45 -80.03 -57.09
CA VAL J 101 45.18 -79.06 -58.15
C VAL J 101 43.69 -79.09 -58.40
N LEU J 102 43.13 -77.89 -58.55
CA LEU J 102 41.71 -77.63 -58.68
C LEU J 102 41.40 -76.86 -59.95
N ASP J 103 40.36 -77.25 -60.67
CA ASP J 103 39.86 -76.50 -61.81
C ASP J 103 38.43 -76.10 -61.43
N ARG J 104 38.22 -74.82 -61.21
CA ARG J 104 36.92 -74.26 -60.82
C ARG J 104 35.93 -74.24 -61.99
N GLY J 105 36.38 -74.52 -63.21
CA GLY J 105 35.56 -74.57 -64.41
C GLY J 105 35.26 -73.23 -65.07
N PRO J 106 34.71 -73.23 -66.30
CA PRO J 106 34.37 -72.01 -67.03
C PRO J 106 33.22 -71.23 -66.40
N SER J 107 32.44 -71.84 -65.50
CA SER J 107 31.37 -71.12 -64.80
C SER J 107 31.91 -70.23 -63.68
N PHE J 108 33.18 -70.35 -63.32
CA PHE J 108 33.81 -69.50 -62.33
C PHE J 108 33.99 -68.11 -62.93
N LYS J 109 33.56 -67.06 -62.22
CA LYS J 109 33.69 -65.66 -62.66
C LYS J 109 33.59 -64.79 -61.41
N PRO J 110 34.67 -64.66 -60.64
CA PRO J 110 34.68 -64.02 -59.33
C PRO J 110 34.63 -62.49 -59.24
N TYR J 111 33.92 -61.82 -60.14
CA TYR J 111 33.78 -60.36 -60.07
C TYR J 111 32.58 -59.90 -60.88
N SER J 112 31.99 -58.80 -60.48
CA SER J 112 30.88 -58.18 -61.19
C SER J 112 31.45 -57.29 -62.30
N GLY J 113 30.72 -57.07 -63.38
CA GLY J 113 31.21 -56.24 -64.48
C GLY J 113 32.21 -56.95 -65.41
N THR J 114 33.13 -56.22 -66.03
CA THR J 114 34.10 -56.79 -66.98
C THR J 114 35.49 -56.22 -66.83
N ALA J 115 36.50 -57.03 -67.13
CA ALA J 115 37.89 -56.60 -67.14
C ALA J 115 38.24 -55.77 -68.38
N TYR J 116 37.43 -55.84 -69.45
CA TYR J 116 37.73 -55.21 -70.72
C TYR J 116 36.77 -54.11 -71.20
N ASN J 117 37.30 -52.95 -71.54
CA ASN J 117 36.55 -51.81 -72.05
C ASN J 117 35.34 -51.44 -71.20
N SER J 118 35.41 -51.61 -69.88
CA SER J 118 34.30 -51.34 -68.98
C SER J 118 33.70 -49.93 -69.09
N LEU J 119 34.47 -48.92 -69.48
CA LEU J 119 33.98 -47.55 -69.64
C LEU J 119 33.20 -47.37 -70.94
N ALA J 120 33.42 -48.21 -71.94
CA ALA J 120 32.73 -48.06 -73.22
C ALA J 120 31.22 -48.24 -73.08
N PRO J 121 30.38 -47.45 -73.78
CA PRO J 121 28.93 -47.64 -73.74
C PRO J 121 28.58 -49.08 -74.11
N LYS J 122 27.58 -49.67 -73.46
CA LYS J 122 27.20 -51.07 -73.66
C LYS J 122 26.60 -51.40 -75.02
N SER J 123 26.48 -50.42 -75.90
CA SER J 123 26.01 -50.59 -77.28
C SER J 123 26.94 -49.92 -78.31
N ALA J 124 28.16 -49.52 -77.95
CA ALA J 124 29.17 -49.09 -78.92
C ALA J 124 29.83 -50.25 -79.65
N PRO J 125 30.09 -50.18 -80.97
CA PRO J 125 30.78 -51.22 -81.72
C PRO J 125 32.29 -51.04 -81.75
N ASN J 126 33.05 -52.10 -82.02
CA ASN J 126 34.47 -51.95 -82.28
C ASN J 126 34.62 -51.39 -83.70
N PRO J 127 35.49 -50.40 -83.98
CA PRO J 127 35.70 -49.89 -85.32
C PRO J 127 36.02 -51.04 -86.28
N SER J 128 35.21 -51.21 -87.33
CA SER J 128 35.24 -52.42 -88.14
C SER J 128 34.65 -52.26 -89.54
N GLN J 129 34.91 -53.26 -90.38
CA GLN J 129 34.47 -53.30 -91.78
C GLN J 129 33.53 -54.48 -92.05
N TRP J 130 32.67 -54.36 -93.05
CA TRP J 130 31.78 -55.45 -93.47
C TRP J 130 31.43 -55.32 -94.94
N THR J 131 30.98 -56.40 -95.57
CA THR J 131 30.59 -56.39 -96.98
C THR J 131 29.08 -56.30 -97.12
N ALA J 132 28.61 -55.28 -97.83
CA ALA J 132 27.20 -54.94 -98.02
C ALA J 132 27.01 -54.28 -99.38
N ASN J 133 25.78 -54.22 -99.88
CA ASN J 133 25.50 -53.71 -101.22
C ASN J 133 25.16 -52.21 -101.36
N GLU J 134 25.96 -51.51 -102.17
CA GLU J 134 25.70 -50.19 -102.77
C GLU J 134 24.70 -50.40 -103.93
N LYS J 135 23.50 -50.89 -103.61
CA LYS J 135 22.47 -51.30 -104.58
C LYS J 135 21.65 -50.16 -105.21
N GLN J 136 21.26 -50.41 -106.46
CA GLN J 136 20.09 -49.88 -107.18
C GLN J 136 19.36 -51.15 -107.64
N THR J 137 18.02 -51.18 -107.69
CA THR J 137 17.21 -52.40 -107.96
C THR J 137 17.85 -53.43 -108.91
N GLY J 138 18.13 -53.06 -110.16
CA GLY J 138 18.89 -53.86 -111.12
C GLY J 138 20.08 -53.08 -111.70
N GLY J 139 20.06 -51.74 -111.54
CA GLY J 139 21.05 -50.81 -112.07
C GLY J 139 22.50 -51.03 -111.62
N GLN J 140 22.73 -51.46 -110.38
CA GLN J 140 24.04 -51.96 -109.98
C GLN J 140 23.93 -52.93 -108.78
N PRO J 141 24.29 -54.22 -108.95
CA PRO J 141 24.24 -55.22 -107.88
C PRO J 141 25.54 -55.20 -107.03
N LYS J 142 26.03 -54.02 -106.65
CA LYS J 142 27.41 -53.82 -106.18
C LYS J 142 27.61 -54.11 -104.70
N SER J 143 27.98 -55.34 -104.38
CA SER J 143 28.50 -55.71 -103.07
C SER J 143 29.91 -55.14 -102.86
N VAL J 144 30.09 -54.32 -101.83
CA VAL J 144 31.32 -53.56 -101.54
C VAL J 144 31.70 -53.65 -100.06
N THR J 145 32.94 -53.32 -99.70
CA THR J 145 33.29 -53.08 -98.29
C THR J 145 32.76 -51.74 -97.80
N GLN J 146 32.27 -51.69 -96.56
CA GLN J 146 31.73 -50.54 -95.86
C GLN J 146 32.31 -50.51 -94.45
N THR J 147 32.46 -49.35 -93.84
CA THR J 147 33.24 -49.16 -92.59
C THR J 147 32.59 -48.18 -91.61
N PHE J 148 32.67 -48.48 -90.32
CA PHE J 148 32.32 -47.61 -89.21
C PHE J 148 33.54 -47.46 -88.30
N GLY J 149 33.84 -46.29 -87.75
CA GLY J 149 35.03 -46.12 -86.93
C GLY J 149 35.33 -44.71 -86.45
N SER J 150 36.55 -44.51 -86.00
CA SER J 150 37.17 -43.21 -85.79
C SER J 150 38.67 -43.28 -86.04
N ALA J 151 39.31 -42.16 -86.34
CA ALA J 151 40.72 -42.05 -86.64
C ALA J 151 41.40 -41.03 -85.71
N PRO J 152 41.95 -41.44 -84.56
CA PRO J 152 42.49 -40.52 -83.57
C PRO J 152 43.92 -40.04 -83.84
N MET J 153 44.73 -40.75 -84.64
CA MET J 153 46.14 -40.45 -84.81
C MET J 153 46.32 -39.36 -85.86
N GLY J 154 46.54 -38.11 -85.49
CA GLY J 154 46.82 -37.05 -86.48
C GLY J 154 48.23 -37.14 -87.06
N GLY J 155 48.40 -36.74 -88.31
CA GLY J 155 49.68 -36.78 -89.00
C GLY J 155 49.80 -35.69 -90.06
N SER J 156 51.01 -35.41 -90.52
CA SER J 156 51.24 -34.33 -91.48
C SER J 156 50.89 -34.68 -92.93
N ASN J 157 50.80 -35.94 -93.31
CA ASN J 157 50.49 -36.35 -94.68
C ASN J 157 50.03 -37.81 -94.74
N ILE J 158 49.34 -38.20 -95.81
CA ILE J 158 48.96 -39.59 -96.10
C ILE J 158 49.40 -39.90 -97.52
N THR J 159 50.08 -41.00 -97.70
CA THR J 159 50.53 -41.50 -98.99
C THR J 159 50.22 -42.98 -99.07
N ILE J 160 50.64 -43.69 -100.11
CA ILE J 160 50.42 -45.13 -100.20
C ILE J 160 51.08 -45.87 -99.02
N GLU J 161 52.13 -45.29 -98.43
CA GLU J 161 52.85 -45.87 -97.30
C GLU J 161 52.14 -45.62 -95.96
N GLY J 162 50.93 -45.06 -95.99
CA GLY J 162 50.10 -44.74 -94.83
C GLY J 162 50.31 -43.36 -94.25
N LEU J 163 50.10 -43.24 -92.94
CA LEU J 163 50.16 -41.97 -92.22
C LEU J 163 51.56 -41.50 -91.87
N VAL J 164 51.90 -40.29 -92.24
CA VAL J 164 53.17 -39.66 -91.86
C VAL J 164 53.00 -39.15 -90.43
N ILE J 165 53.81 -39.67 -89.52
CA ILE J 165 53.77 -39.30 -88.10
C ILE J 165 54.99 -38.49 -87.65
N GLY J 166 55.89 -38.14 -88.55
CA GLY J 166 57.07 -37.36 -88.21
C GLY J 166 58.03 -37.13 -89.37
N THR J 167 58.82 -36.07 -89.27
CA THR J 167 59.83 -35.67 -90.25
C THR J 167 61.24 -35.92 -89.72
N LYS J 168 62.11 -36.57 -90.49
CA LYS J 168 63.53 -36.76 -90.14
C LYS J 168 64.32 -35.70 -90.85
N GLU J 169 65.14 -35.00 -90.13
CA GLU J 169 65.91 -33.82 -90.55
C GLU J 169 67.41 -34.15 -90.69
N GLU J 170 67.70 -35.11 -91.56
CA GLU J 170 69.02 -35.73 -91.74
C GLU J 170 70.09 -34.94 -92.52
N GLU J 171 69.70 -33.96 -93.35
CA GLU J 171 70.62 -33.12 -94.15
C GLU J 171 70.20 -31.65 -94.08
N GLY J 172 69.42 -31.31 -93.06
CA GLY J 172 68.86 -29.99 -92.79
C GLY J 172 67.72 -29.61 -93.74
N ASN J 173 68.01 -29.57 -95.03
CA ASN J 173 67.05 -29.21 -96.07
C ASN J 173 66.33 -30.40 -96.72
N ALA J 174 67.02 -31.52 -96.95
CA ALA J 174 66.45 -32.70 -97.59
C ALA J 174 65.67 -33.62 -96.68
N THR J 175 64.86 -33.13 -95.88
CA THR J 175 64.07 -33.91 -94.97
C THR J 175 63.15 -34.88 -95.51
N GLU J 176 62.87 -35.99 -94.88
CA GLU J 176 61.99 -37.03 -95.30
C GLU J 176 61.01 -37.45 -94.24
N GLU J 177 59.93 -38.10 -94.65
CA GLU J 177 58.82 -38.51 -93.81
C GLU J 177 58.94 -39.93 -93.22
N ILE J 178 58.50 -40.06 -91.97
CA ILE J 178 58.40 -41.30 -91.19
C ILE J 178 56.91 -41.68 -91.13
N PHE J 179 56.60 -42.93 -91.43
CA PHE J 179 55.27 -43.55 -91.53
C PHE J 179 55.03 -44.48 -90.34
N ALA J 180 53.82 -44.45 -89.77
CA ALA J 180 53.45 -45.29 -88.63
C ALA J 180 53.55 -46.77 -88.99
N ASP J 181 54.41 -47.52 -88.31
CA ASP J 181 54.57 -48.96 -88.52
C ASP J 181 53.25 -49.65 -88.17
N LYS J 182 52.56 -50.17 -89.18
CA LYS J 182 51.24 -50.78 -89.03
C LYS J 182 51.18 -51.90 -88.00
N THR J 183 52.28 -52.55 -87.68
CA THR J 183 52.29 -53.63 -86.68
C THR J 183 51.86 -53.16 -85.29
N PHE J 184 51.94 -51.87 -84.96
CA PHE J 184 51.45 -51.34 -83.69
C PHE J 184 51.22 -49.83 -83.69
N GLN J 185 52.03 -49.06 -84.40
CA GLN J 185 52.19 -47.61 -84.21
C GLN J 185 50.99 -46.65 -84.30
N PRO J 186 49.91 -46.83 -85.08
CA PRO J 186 48.70 -45.98 -84.93
C PRO J 186 47.99 -46.58 -83.71
N GLU J 187 48.58 -46.41 -82.53
CA GLU J 187 48.16 -47.02 -81.27
C GLU J 187 46.75 -46.57 -80.89
N PRO J 188 45.83 -47.46 -80.53
CA PRO J 188 44.46 -47.07 -80.24
C PRO J 188 44.31 -46.23 -78.98
N GLN J 189 45.23 -46.29 -78.03
CA GLN J 189 45.23 -45.48 -76.81
C GLN J 189 45.83 -44.09 -77.01
N VAL J 190 46.36 -43.77 -78.20
CA VAL J 190 46.99 -42.48 -78.49
C VAL J 190 46.10 -41.69 -79.42
N GLY J 191 45.85 -40.43 -79.10
CA GLY J 191 45.01 -39.52 -79.89
C GLY J 191 45.49 -38.09 -79.80
N GLU J 192 44.64 -37.11 -80.03
CA GLU J 192 45.04 -35.71 -79.86
C GLU J 192 45.14 -35.38 -78.37
N GLU J 193 46.16 -34.62 -77.99
CA GLU J 193 46.45 -34.30 -76.59
C GLU J 193 45.42 -33.45 -75.85
N ASN J 194 44.68 -32.61 -76.55
CA ASN J 194 43.73 -31.66 -75.97
C ASN J 194 42.51 -31.41 -76.87
N TRP J 195 41.48 -30.72 -76.35
CA TRP J 195 40.22 -30.53 -77.06
C TRP J 195 40.22 -29.65 -78.30
N GLN J 196 41.28 -28.87 -78.60
CA GLN J 196 41.36 -28.11 -79.86
C GLN J 196 41.90 -29.04 -80.94
N GLU J 197 41.23 -30.17 -81.17
CA GLU J 197 41.59 -31.18 -82.15
C GLU J 197 41.59 -30.55 -83.55
N THR J 198 42.73 -30.44 -84.23
CA THR J 198 42.85 -29.79 -85.56
C THR J 198 44.14 -30.22 -86.26
N GLU J 199 44.01 -31.07 -87.28
CA GLU J 199 45.11 -31.60 -88.08
C GLU J 199 44.64 -31.98 -89.49
N ALA J 200 45.55 -31.97 -90.45
CA ALA J 200 45.26 -32.18 -91.86
C ALA J 200 44.80 -33.61 -92.21
N PHE J 201 45.45 -34.64 -91.66
CA PHE J 201 45.20 -36.05 -91.98
C PHE J 201 45.14 -36.91 -90.72
N TYR J 202 44.35 -37.97 -90.72
CA TYR J 202 44.19 -38.85 -89.55
C TYR J 202 44.21 -40.34 -89.84
N GLY J 203 44.80 -41.10 -88.92
CA GLY J 203 44.89 -42.54 -88.94
C GLY J 203 44.15 -43.20 -87.77
N GLY J 204 43.65 -44.42 -87.97
CA GLY J 204 43.00 -45.23 -86.95
C GLY J 204 43.12 -46.71 -87.25
N ARG J 205 42.89 -47.62 -86.31
CA ARG J 205 42.86 -49.07 -86.60
C ARG J 205 41.42 -49.53 -86.78
N ALA J 206 41.17 -50.61 -87.52
CA ALA J 206 39.84 -51.18 -87.68
C ALA J 206 39.87 -52.69 -87.92
N LEU J 207 38.82 -53.39 -87.48
CA LEU J 207 38.71 -54.82 -87.67
C LEU J 207 38.33 -55.13 -89.12
N LYS J 208 38.96 -56.13 -89.73
CA LYS J 208 38.62 -56.57 -91.08
C LYS J 208 37.28 -57.30 -91.06
N LYS J 209 36.68 -57.40 -92.25
CA LYS J 209 35.38 -58.04 -92.52
C LYS J 209 35.19 -59.44 -91.92
N ASP J 210 36.22 -60.28 -91.96
CA ASP J 210 36.14 -61.65 -91.45
C ASP J 210 36.15 -61.79 -89.92
N THR J 211 36.70 -60.83 -89.18
CA THR J 211 36.67 -60.90 -87.71
C THR J 211 35.29 -60.41 -87.27
N LYS J 212 34.37 -61.35 -86.98
CA LYS J 212 32.97 -61.07 -86.67
C LYS J 212 32.76 -60.03 -85.58
N MET J 213 31.84 -59.11 -85.82
CA MET J 213 31.50 -58.01 -84.92
C MET J 213 31.05 -58.45 -83.53
N LYS J 214 31.51 -57.70 -82.53
CA LYS J 214 31.15 -57.82 -81.12
C LYS J 214 31.07 -56.40 -80.56
N PRO J 215 30.31 -56.16 -79.49
CA PRO J 215 30.27 -54.85 -78.85
C PRO J 215 31.64 -54.46 -78.32
N CYS J 216 31.89 -53.18 -78.06
CA CYS J 216 33.18 -52.74 -77.54
C CYS J 216 33.41 -53.24 -76.11
N TYR J 217 32.40 -53.07 -75.27
CA TYR J 217 32.38 -53.50 -73.88
C TYR J 217 32.60 -55.01 -73.80
N GLY J 218 33.70 -55.42 -73.17
CA GLY J 218 34.02 -56.82 -72.97
C GLY J 218 34.89 -57.45 -74.05
N SER J 219 35.19 -56.74 -75.14
CA SER J 219 35.97 -57.30 -76.24
C SER J 219 37.47 -57.32 -76.03
N PHE J 220 38.02 -58.48 -75.69
CA PHE J 220 39.44 -58.72 -75.55
C PHE J 220 40.01 -59.32 -76.83
N ALA J 221 41.32 -59.18 -77.05
CA ALA J 221 42.03 -59.86 -78.13
C ALA J 221 43.51 -59.89 -77.78
N ARG J 222 44.09 -61.08 -77.61
CA ARG J 222 45.48 -61.20 -77.18
C ARG J 222 46.47 -60.55 -78.14
N PRO J 223 47.56 -59.97 -77.62
CA PRO J 223 48.57 -59.34 -78.43
C PRO J 223 49.36 -60.40 -79.20
N THR J 224 50.03 -60.01 -80.27
CA THR J 224 50.82 -60.92 -81.11
C THR J 224 52.25 -60.45 -81.36
N ASN J 225 52.64 -59.34 -80.74
CA ASN J 225 53.98 -58.77 -80.77
C ASN J 225 54.25 -58.10 -79.40
N GLU J 226 55.50 -57.82 -79.08
CA GLU J 226 55.85 -57.22 -77.79
C GLU J 226 55.42 -55.75 -77.65
N LYS J 227 54.94 -55.09 -78.72
CA LYS J 227 54.48 -53.70 -78.69
C LYS J 227 52.96 -53.57 -78.68
N GLY J 228 52.28 -54.62 -78.24
CA GLY J 228 50.84 -54.65 -78.06
C GLY J 228 49.99 -54.78 -79.31
N GLY J 229 50.58 -54.99 -80.49
CA GLY J 229 49.79 -55.18 -81.70
C GLY J 229 48.92 -56.42 -81.55
N GLN J 230 47.74 -56.44 -82.17
CA GLN J 230 46.77 -57.54 -82.03
C GLN J 230 46.52 -58.33 -83.31
N ALA J 231 47.20 -58.03 -84.42
CA ALA J 231 46.93 -58.68 -85.68
C ALA J 231 47.33 -60.16 -85.74
N LYS J 232 46.52 -60.99 -86.38
CA LYS J 232 46.83 -62.41 -86.59
C LYS J 232 47.99 -62.57 -87.58
N LEU J 233 48.80 -63.62 -87.47
CA LEU J 233 49.84 -63.90 -88.48
C LEU J 233 49.08 -64.54 -89.64
N LYS J 234 49.37 -64.21 -90.91
CA LYS J 234 48.54 -64.77 -92.01
C LYS J 234 48.94 -66.23 -92.28
N LEU J 235 47.92 -67.06 -92.49
CA LEU J 235 48.02 -68.52 -92.61
C LEU J 235 48.51 -69.08 -93.94
N ASN J 236 49.01 -68.25 -94.86
CA ASN J 236 49.53 -68.72 -96.16
C ASN J 236 48.48 -69.64 -96.82
N ASP J 237 48.96 -70.60 -97.59
CA ASP J 237 48.22 -71.74 -98.07
C ASP J 237 48.79 -72.91 -97.22
N GLN J 238 48.18 -74.10 -97.20
CA GLN J 238 48.62 -75.22 -96.34
C GLN J 238 48.64 -74.85 -94.82
N GLY J 239 47.93 -73.78 -94.42
CA GLY J 239 47.84 -73.30 -93.03
C GLY J 239 49.16 -72.86 -92.38
N GLN J 240 50.20 -72.59 -93.17
CA GLN J 240 51.50 -72.20 -92.64
C GLN J 240 51.45 -70.79 -91.99
N PRO J 241 51.85 -70.60 -90.73
CA PRO J 241 51.85 -69.29 -90.07
C PRO J 241 53.02 -68.46 -90.59
N THR J 242 52.77 -67.65 -91.61
CA THR J 242 53.77 -66.77 -92.22
C THR J 242 54.32 -65.78 -91.21
N LYS J 243 55.53 -65.27 -91.39
CA LYS J 243 56.07 -64.22 -90.50
C LYS J 243 55.32 -62.89 -90.70
N ASP J 244 54.60 -62.75 -91.82
CA ASP J 244 53.77 -61.60 -92.19
C ASP J 244 52.46 -61.53 -91.40
N TYR J 245 52.06 -60.35 -90.94
CA TYR J 245 50.79 -60.16 -90.26
C TYR J 245 49.64 -59.98 -91.26
N ASP J 246 48.39 -60.15 -90.82
CA ASP J 246 47.19 -59.95 -91.63
C ASP J 246 46.68 -58.50 -91.51
N ILE J 247 47.51 -57.53 -91.93
CA ILE J 247 47.21 -56.09 -91.84
C ILE J 247 47.28 -55.40 -93.21
N ASP J 248 46.21 -54.72 -93.61
CA ASP J 248 46.07 -53.97 -94.87
C ASP J 248 45.54 -52.56 -94.64
N LEU J 249 46.08 -51.56 -95.35
CA LEU J 249 45.61 -50.18 -95.26
C LEU J 249 44.32 -50.04 -96.08
N ALA J 250 43.40 -49.18 -95.65
CA ALA J 250 42.33 -48.67 -96.49
C ALA J 250 42.22 -47.16 -96.35
N PHE J 251 42.02 -46.46 -97.47
CA PHE J 251 42.08 -45.00 -97.55
C PHE J 251 40.72 -44.39 -97.85
N PHE J 252 40.45 -43.22 -97.29
CA PHE J 252 39.13 -42.61 -97.29
C PHE J 252 39.21 -41.13 -97.59
N ASP J 253 38.15 -40.56 -98.15
CA ASP J 253 38.08 -39.18 -98.62
C ASP J 253 36.72 -38.56 -98.39
N THR J 254 36.68 -37.28 -98.03
CA THR J 254 35.45 -36.52 -98.03
C THR J 254 34.92 -36.28 -99.46
N PRO J 255 33.60 -36.19 -99.66
CA PRO J 255 32.95 -35.98 -100.95
C PRO J 255 32.87 -34.54 -101.48
N GLY J 256 32.42 -34.38 -102.73
CA GLY J 256 32.22 -33.08 -103.41
C GLY J 256 33.52 -32.31 -103.60
N GLY J 257 33.66 -31.12 -103.01
CA GLY J 257 34.83 -30.25 -103.20
C GLY J 257 36.12 -30.66 -102.51
N THR J 258 36.22 -31.89 -102.01
CA THR J 258 37.48 -32.40 -101.45
C THR J 258 38.47 -32.49 -102.62
N PRO J 259 38.18 -33.28 -103.66
CA PRO J 259 38.89 -33.16 -104.93
C PRO J 259 38.30 -31.89 -105.55
N PRO J 260 38.99 -31.17 -106.43
CA PRO J 260 38.39 -29.98 -106.98
C PRO J 260 37.09 -30.28 -107.70
N THR J 261 36.11 -29.41 -107.49
CA THR J 261 34.73 -29.44 -108.03
C THR J 261 34.45 -27.97 -108.46
N GLY J 262 33.51 -27.62 -109.35
CA GLY J 262 33.50 -26.20 -109.83
C GLY J 262 34.76 -26.10 -110.73
N SER J 263 35.88 -25.69 -110.14
CA SER J 263 37.32 -25.71 -110.57
C SER J 263 37.80 -27.15 -110.94
N GLY J 264 36.81 -28.02 -111.11
CA GLY J 264 36.54 -29.43 -111.23
C GLY J 264 37.42 -30.44 -111.92
N GLN J 265 38.73 -30.18 -111.90
CA GLN J 265 39.85 -30.96 -112.44
C GLN J 265 39.97 -32.41 -111.88
N GLN J 266 38.82 -33.09 -111.96
CA GLN J 266 38.22 -34.39 -111.58
C GLN J 266 39.12 -35.66 -111.45
N GLU J 267 40.42 -35.49 -111.62
CA GLU J 267 41.52 -36.46 -111.65
C GLU J 267 42.60 -36.06 -110.62
N GLU J 268 42.12 -35.48 -109.54
CA GLU J 268 42.80 -34.76 -108.49
C GLU J 268 42.18 -35.07 -107.10
N TYR J 269 42.20 -36.35 -106.71
CA TYR J 269 41.60 -36.89 -105.47
C TYR J 269 42.72 -37.14 -104.46
N LYS J 270 42.40 -37.10 -103.16
CA LYS J 270 43.40 -37.40 -102.11
C LYS J 270 42.79 -38.07 -100.89
N ALA J 271 43.57 -38.94 -100.25
CA ALA J 271 43.17 -39.60 -99.03
C ALA J 271 43.18 -38.57 -97.89
N ASP J 272 42.05 -38.41 -97.21
CA ASP J 272 41.95 -37.61 -96.00
C ASP J 272 42.27 -38.43 -94.75
N ILE J 273 41.93 -39.72 -94.80
CA ILE J 273 41.99 -40.65 -93.68
C ILE J 273 42.53 -42.00 -94.14
N VAL J 274 43.22 -42.69 -93.25
CA VAL J 274 43.71 -44.05 -93.49
C VAL J 274 43.32 -44.90 -92.28
N MET J 275 42.76 -46.07 -92.53
CA MET J 275 42.42 -47.03 -91.48
C MET J 275 43.35 -48.20 -91.60
N TYR J 276 44.08 -48.56 -90.54
CA TYR J 276 44.92 -49.73 -90.63
C TYR J 276 44.04 -50.93 -90.28
N THR J 277 43.58 -51.67 -91.29
CA THR J 277 42.59 -52.75 -91.14
C THR J 277 43.24 -54.10 -90.93
N GLU J 278 42.79 -54.85 -89.93
CA GLU J 278 43.41 -56.11 -89.50
C GLU J 278 42.43 -57.17 -89.01
N ASN J 279 42.79 -58.45 -89.14
CA ASN J 279 42.05 -59.54 -88.50
C ASN J 279 42.67 -59.71 -87.12
N VAL J 280 41.86 -60.06 -86.12
CA VAL J 280 42.27 -60.10 -84.72
C VAL J 280 41.62 -61.26 -83.98
N ASN J 281 42.26 -61.81 -82.93
CA ASN J 281 41.70 -62.92 -82.15
C ASN J 281 40.65 -62.40 -81.17
N LEU J 282 39.51 -61.96 -81.67
CA LEU J 282 38.46 -61.34 -80.86
C LEU J 282 37.76 -62.32 -79.93
N GLU J 283 37.55 -61.92 -78.68
CA GLU J 283 36.92 -62.72 -77.61
C GLU J 283 36.06 -61.86 -76.70
N THR J 284 35.13 -62.46 -75.98
CA THR J 284 34.34 -61.84 -74.92
C THR J 284 34.43 -62.77 -73.71
N PRO J 285 35.59 -62.86 -73.03
CA PRO J 285 35.80 -63.80 -71.94
C PRO J 285 34.83 -63.73 -70.77
N ASP J 286 34.31 -62.55 -70.46
CA ASP J 286 33.44 -62.33 -69.30
C ASP J 286 32.14 -61.57 -69.60
N THR J 287 31.72 -61.47 -70.87
CA THR J 287 30.46 -60.81 -71.26
C THR J 287 29.72 -61.60 -72.33
N HIS J 288 28.43 -61.29 -72.50
CA HIS J 288 27.59 -61.93 -73.52
C HIS J 288 26.71 -60.88 -74.18
N VAL J 289 26.35 -61.11 -75.43
CA VAL J 289 25.49 -60.21 -76.18
C VAL J 289 24.05 -60.42 -75.73
N VAL J 290 23.46 -59.44 -75.07
CA VAL J 290 22.08 -59.51 -74.56
C VAL J 290 21.06 -59.06 -75.60
N TYR J 291 21.46 -58.26 -76.58
CA TYR J 291 20.64 -57.95 -77.74
C TYR J 291 21.40 -57.96 -79.04
N LYS J 292 20.86 -58.63 -80.06
CA LYS J 292 21.34 -58.56 -81.45
C LYS J 292 20.09 -58.54 -82.33
N PRO J 293 20.06 -57.78 -83.44
CA PRO J 293 18.83 -57.53 -84.18
C PRO J 293 18.31 -58.76 -84.94
N GLY J 294 19.17 -59.71 -85.27
CA GLY J 294 18.79 -60.92 -86.02
C GLY J 294 19.71 -62.10 -85.74
N LYS J 295 19.38 -63.26 -86.29
CA LYS J 295 20.16 -64.50 -86.12
C LYS J 295 21.52 -64.47 -86.83
N GLU J 296 21.75 -63.53 -87.75
CA GLU J 296 23.00 -63.34 -88.46
C GLU J 296 24.15 -63.07 -87.49
N ASP J 297 25.07 -64.00 -87.35
CA ASP J 297 26.27 -63.91 -86.51
C ASP J 297 27.42 -63.09 -87.12
N GLU J 298 27.32 -62.77 -88.41
CA GLU J 298 28.31 -62.13 -89.26
C GLU J 298 28.46 -60.60 -89.18
N SER J 299 29.60 -60.08 -89.66
CA SER J 299 29.86 -58.65 -89.73
C SER J 299 28.86 -58.00 -90.68
N SER J 300 28.06 -57.05 -90.20
CA SER J 300 27.04 -56.36 -90.98
C SER J 300 26.66 -55.05 -90.32
N GLU J 301 26.04 -54.13 -91.06
CA GLU J 301 25.68 -52.81 -90.56
C GLU J 301 24.85 -52.86 -89.28
N THR J 302 23.79 -53.65 -89.25
CA THR J 302 22.97 -53.75 -88.04
C THR J 302 23.70 -54.42 -86.89
N ASN J 303 24.67 -55.30 -87.13
CA ASN J 303 25.42 -55.93 -86.04
C ASN J 303 26.39 -54.97 -85.35
N LEU J 304 26.56 -53.73 -85.83
CA LEU J 304 27.16 -52.69 -85.02
C LEU J 304 26.33 -52.39 -83.77
N THR J 305 25.02 -52.64 -83.82
CA THR J 305 24.07 -52.25 -82.76
C THR J 305 23.89 -53.28 -81.65
N GLN J 306 24.70 -54.33 -81.63
CA GLN J 306 24.65 -55.34 -80.58
C GLN J 306 25.00 -54.72 -79.22
N GLN J 307 24.41 -55.27 -78.16
CA GLN J 307 24.58 -54.78 -76.80
C GLN J 307 25.10 -55.90 -75.91
N SER J 308 26.22 -55.70 -75.23
CA SER J 308 26.77 -56.70 -74.31
C SER J 308 26.38 -56.37 -72.87
N MET J 309 26.26 -57.42 -72.07
CA MET J 309 25.95 -57.41 -70.64
C MET J 309 27.02 -58.26 -69.95
N PRO J 310 27.58 -57.86 -68.80
CA PRO J 310 28.61 -58.65 -68.15
C PRO J 310 28.04 -59.96 -67.62
N ASN J 311 28.83 -61.04 -67.61
CA ASN J 311 28.33 -62.32 -67.11
C ASN J 311 28.10 -62.27 -65.60
N ARG J 312 27.11 -63.02 -65.11
CA ARG J 312 26.74 -63.02 -63.69
C ARG J 312 27.94 -63.41 -62.85
N PRO J 313 28.18 -62.76 -61.71
CA PRO J 313 29.31 -63.06 -60.86
C PRO J 313 29.10 -64.42 -60.22
N ASN J 314 30.14 -65.24 -60.18
CA ASN J 314 30.06 -66.58 -59.62
C ASN J 314 31.34 -66.95 -58.88
N TYR J 315 31.32 -66.74 -57.57
CA TYR J 315 32.40 -67.04 -56.67
C TYR J 315 32.38 -68.52 -56.34
N ILE J 316 33.49 -69.20 -56.59
CA ILE J 316 33.67 -70.62 -56.29
C ILE J 316 34.84 -70.82 -55.34
N GLY J 317 34.65 -71.60 -54.29
CA GLY J 317 35.68 -71.98 -53.34
C GLY J 317 35.20 -73.11 -52.45
N PHE J 318 36.03 -73.57 -51.53
CA PHE J 318 35.64 -74.63 -50.62
C PHE J 318 34.58 -74.15 -49.63
N ARG J 319 33.76 -75.06 -49.10
CA ARG J 319 32.68 -74.74 -48.15
C ARG J 319 33.23 -74.29 -46.78
N ASP J 320 32.41 -73.60 -46.00
CA ASP J 320 32.78 -73.13 -44.66
C ASP J 320 33.32 -74.32 -43.86
N ASN J 321 34.49 -74.20 -43.24
CA ASN J 321 35.14 -75.28 -42.49
C ASN J 321 35.30 -76.58 -43.27
N PHE J 322 35.39 -76.50 -44.59
CA PHE J 322 35.48 -77.65 -45.48
C PHE J 322 34.34 -78.66 -45.28
N VAL J 323 33.10 -78.25 -44.93
CA VAL J 323 32.02 -79.23 -44.79
C VAL J 323 31.92 -80.07 -46.06
N GLY J 324 31.73 -81.37 -45.92
CA GLY J 324 31.62 -82.31 -47.03
C GLY J 324 32.95 -82.85 -47.54
N LEU J 325 34.10 -82.26 -47.20
CA LEU J 325 35.39 -82.75 -47.69
C LEU J 325 35.81 -84.11 -47.12
N MET J 326 35.28 -84.51 -45.97
CA MET J 326 35.52 -85.80 -45.30
C MET J 326 34.20 -86.56 -45.14
N TYR J 327 34.21 -87.89 -45.20
CA TYR J 327 33.00 -88.67 -45.08
C TYR J 327 32.46 -88.93 -43.66
N TYR J 328 31.88 -87.94 -43.00
CA TYR J 328 31.18 -88.17 -41.72
C TYR J 328 29.78 -88.71 -41.97
N ASN J 329 29.26 -89.53 -41.07
CA ASN J 329 27.90 -90.07 -41.09
C ASN J 329 27.47 -90.67 -42.44
N SER J 330 28.36 -91.39 -43.11
CA SER J 330 28.06 -92.02 -44.41
C SER J 330 28.42 -93.49 -44.28
N THR J 331 27.48 -94.42 -44.41
CA THR J 331 27.72 -95.70 -43.72
C THR J 331 28.76 -96.56 -44.42
N GLY J 332 28.85 -96.49 -45.75
CA GLY J 332 29.79 -97.27 -46.53
C GLY J 332 31.23 -96.75 -46.51
N ASN J 333 31.51 -95.63 -45.85
CA ASN J 333 32.76 -94.88 -45.97
C ASN J 333 33.26 -94.37 -44.61
N MET J 334 33.02 -95.10 -43.52
CA MET J 334 33.41 -94.65 -42.17
C MET J 334 34.90 -94.40 -42.04
N GLY J 335 35.28 -93.58 -41.07
CA GLY J 335 36.69 -93.56 -40.70
C GLY J 335 37.06 -94.66 -39.73
N VAL J 336 38.36 -94.83 -39.46
CA VAL J 336 38.91 -95.85 -38.55
C VAL J 336 39.83 -95.20 -37.54
N LEU J 337 39.79 -95.64 -36.29
CA LEU J 337 40.80 -95.38 -35.29
C LEU J 337 40.86 -96.67 -34.49
N ALA J 338 42.02 -97.32 -34.41
CA ALA J 338 42.16 -98.59 -33.73
C ALA J 338 43.61 -98.88 -33.37
N GLY J 339 43.84 -99.73 -32.39
CA GLY J 339 45.16 -100.25 -32.14
C GLY J 339 45.63 -101.07 -33.33
N GLN J 340 46.91 -101.41 -33.41
CA GLN J 340 47.36 -102.34 -34.43
C GLN J 340 47.10 -103.83 -34.08
N ALA J 341 46.99 -104.18 -32.80
CA ALA J 341 46.92 -105.57 -32.37
C ALA J 341 45.52 -106.18 -32.56
N SER J 342 44.47 -105.39 -32.36
CA SER J 342 43.07 -105.76 -32.54
C SER J 342 42.46 -104.81 -33.53
N GLN J 343 41.77 -105.30 -34.53
CA GLN J 343 41.34 -104.40 -35.59
C GLN J 343 40.02 -103.71 -35.22
N LEU J 344 39.57 -103.84 -33.97
CA LEU J 344 38.29 -103.34 -33.53
C LEU J 344 38.33 -101.80 -33.48
N ASN J 345 37.51 -101.17 -34.33
CA ASN J 345 37.42 -99.74 -34.53
C ASN J 345 36.70 -98.97 -33.41
N ALA J 346 37.34 -97.92 -32.90
CA ALA J 346 36.80 -97.07 -31.85
C ALA J 346 35.79 -96.04 -32.39
N VAL J 347 35.67 -95.90 -33.71
CA VAL J 347 34.77 -94.95 -34.34
C VAL J 347 33.51 -95.69 -34.81
N VAL J 348 32.38 -95.43 -34.16
CA VAL J 348 31.07 -96.05 -34.45
C VAL J 348 30.10 -94.96 -34.86
N ASP J 349 30.11 -94.65 -36.15
CA ASP J 349 29.26 -93.62 -36.74
C ASP J 349 27.88 -94.15 -37.12
N LEU J 350 26.89 -93.27 -37.27
CA LEU J 350 25.50 -93.63 -37.57
C LEU J 350 24.94 -92.84 -38.74
N GLN J 351 24.01 -93.43 -39.49
CA GLN J 351 23.46 -92.81 -40.68
C GLN J 351 22.48 -91.64 -40.41
N ASP J 352 22.04 -91.45 -39.17
CA ASP J 352 21.09 -90.40 -38.76
C ASP J 352 21.70 -89.34 -37.84
N ARG J 353 23.03 -89.27 -37.77
CA ARG J 353 23.79 -88.25 -37.05
C ARG J 353 24.14 -87.14 -38.02
N ASN J 354 24.43 -85.93 -37.57
CA ASN J 354 24.83 -84.82 -38.43
C ASN J 354 26.02 -84.09 -37.84
N THR J 355 27.20 -84.68 -37.99
CA THR J 355 28.45 -84.15 -37.46
C THR J 355 28.85 -82.84 -38.11
N GLU J 356 28.56 -82.62 -39.38
CA GLU J 356 28.92 -81.36 -40.03
C GLU J 356 28.13 -80.19 -39.45
N LEU J 357 26.80 -80.31 -39.36
CA LEU J 357 25.98 -79.26 -38.77
C LEU J 357 26.35 -79.07 -37.30
N SER J 358 26.51 -80.15 -36.56
CA SER J 358 26.87 -80.08 -35.14
C SER J 358 28.13 -79.25 -34.95
N TYR J 359 29.12 -79.40 -35.84
CA TYR J 359 30.33 -78.60 -35.75
C TYR J 359 30.04 -77.13 -36.03
N GLN J 360 29.24 -76.80 -37.05
CA GLN J 360 28.98 -75.38 -37.34
C GLN J 360 28.30 -74.70 -36.16
N LEU J 361 27.43 -75.40 -35.44
CA LEU J 361 26.78 -74.84 -34.28
C LEU J 361 27.76 -74.75 -33.11
N LEU J 362 28.61 -75.75 -32.88
CA LEU J 362 29.55 -75.66 -31.77
C LEU J 362 30.54 -74.51 -31.96
N LEU J 363 31.05 -74.26 -33.17
CA LEU J 363 31.96 -73.15 -33.39
C LEU J 363 31.34 -71.82 -32.98
N ASP J 364 30.07 -71.60 -33.28
CA ASP J 364 29.37 -70.39 -32.85
C ASP J 364 29.21 -70.33 -31.32
N SER J 365 29.00 -71.47 -30.66
CA SER J 365 28.87 -71.46 -29.21
C SER J 365 30.22 -71.22 -28.50
N LEU J 366 31.33 -71.65 -29.10
CA LEU J 366 32.69 -71.49 -28.58
C LEU J 366 33.33 -70.14 -28.90
N GLY J 367 33.05 -69.53 -30.04
CA GLY J 367 33.68 -68.28 -30.42
C GLY J 367 32.78 -67.35 -31.22
N ASP J 368 33.39 -66.50 -32.03
CA ASP J 368 32.67 -65.53 -32.84
C ASP J 368 32.84 -65.88 -34.31
N ARG J 369 31.76 -66.27 -35.01
CA ARG J 369 31.86 -66.65 -36.43
C ARG J 369 32.09 -65.45 -37.33
N THR J 370 31.94 -64.22 -36.86
CA THR J 370 32.14 -63.02 -37.69
C THR J 370 33.62 -62.74 -37.97
N ARG J 371 34.54 -63.48 -37.35
CA ARG J 371 35.98 -63.36 -37.55
C ARG J 371 36.44 -64.50 -38.46
N TYR J 372 37.13 -64.20 -39.54
CA TYR J 372 37.52 -65.19 -40.53
C TYR J 372 38.92 -65.75 -40.26
N PHE J 373 39.05 -67.07 -40.23
CA PHE J 373 40.31 -67.77 -40.00
C PHE J 373 40.60 -68.64 -41.21
N SER J 374 41.64 -68.30 -41.98
CA SER J 374 41.96 -69.02 -43.22
C SER J 374 42.41 -70.46 -43.04
N MET J 375 43.00 -70.81 -41.91
CA MET J 375 43.54 -72.16 -41.72
C MET J 375 42.47 -73.21 -41.89
N TRP J 376 41.40 -73.09 -41.12
CA TRP J 376 40.28 -74.00 -41.20
C TRP J 376 39.26 -73.56 -42.22
N ASN J 377 39.58 -72.63 -43.11
CA ASN J 377 38.63 -72.12 -44.11
C ASN J 377 37.33 -71.68 -43.44
N SER J 378 37.46 -71.06 -42.28
CA SER J 378 36.37 -70.58 -41.46
C SER J 378 35.98 -69.19 -41.87
N ALA J 379 34.85 -69.06 -42.54
CA ALA J 379 34.30 -67.81 -43.03
C ALA J 379 32.84 -68.11 -43.35
N VAL J 380 31.99 -67.85 -42.37
CA VAL J 380 30.58 -68.20 -42.39
C VAL J 380 29.75 -67.69 -43.56
N ASP J 381 28.89 -68.55 -44.10
CA ASP J 381 27.98 -68.15 -45.16
C ASP J 381 27.10 -66.99 -44.66
N SER J 382 27.11 -65.87 -45.36
CA SER J 382 26.34 -64.68 -45.01
C SER J 382 25.64 -64.06 -46.21
N TYR J 383 24.80 -63.07 -45.95
CA TYR J 383 24.10 -62.30 -46.97
C TYR J 383 24.08 -60.84 -46.54
N ASP J 384 23.88 -59.94 -47.48
CA ASP J 384 23.78 -58.52 -47.16
C ASP J 384 22.35 -58.26 -46.66
N PRO J 385 22.11 -57.85 -45.40
CA PRO J 385 20.74 -57.67 -44.92
C PRO J 385 19.97 -56.60 -45.69
N ASP J 386 20.66 -55.66 -46.36
CA ASP J 386 20.00 -54.65 -47.16
C ASP J 386 19.42 -55.25 -48.45
N VAL J 387 19.90 -56.44 -48.85
CA VAL J 387 19.41 -57.23 -49.98
C VAL J 387 18.30 -58.16 -49.51
N ARG J 388 18.43 -58.73 -48.30
CA ARG J 388 17.42 -59.64 -47.75
C ARG J 388 16.12 -58.92 -47.44
N ILE J 389 16.21 -57.79 -46.75
CA ILE J 389 15.07 -56.97 -46.35
C ILE J 389 15.32 -55.57 -46.92
N ILE J 390 14.62 -55.23 -47.99
CA ILE J 390 14.85 -53.97 -48.67
C ILE J 390 14.30 -52.81 -47.87
N GLU J 391 15.19 -51.90 -47.46
CA GLU J 391 14.82 -50.68 -46.75
C GLU J 391 14.72 -49.57 -47.78
N ASN J 392 13.58 -49.46 -48.47
CA ASN J 392 13.50 -48.55 -49.61
C ASN J 392 13.23 -47.13 -49.14
N HIS J 393 14.28 -46.46 -48.65
CA HIS J 393 14.25 -45.04 -48.27
C HIS J 393 14.12 -44.08 -49.45
N GLY J 394 14.03 -44.55 -50.69
CA GLY J 394 14.18 -43.67 -51.85
C GLY J 394 15.61 -43.14 -51.96
N VAL J 395 15.82 -41.94 -52.50
CA VAL J 395 17.15 -41.37 -52.77
C VAL J 395 17.21 -39.88 -52.50
N GLU J 396 18.35 -39.34 -52.09
CA GLU J 396 18.49 -37.93 -51.70
C GLU J 396 18.88 -37.05 -52.90
N ASP J 397 18.03 -36.99 -53.93
CA ASP J 397 18.37 -36.40 -55.22
C ASP J 397 17.91 -34.95 -55.42
N GLU J 398 17.78 -34.12 -54.38
CA GLU J 398 17.28 -32.76 -54.49
C GLU J 398 18.05 -31.87 -55.47
N LEU J 399 19.38 -31.93 -55.48
CA LEU J 399 20.22 -31.27 -56.49
C LEU J 399 20.28 -32.07 -57.81
N PRO J 400 20.13 -31.43 -58.98
CA PRO J 400 20.37 -32.02 -60.28
C PRO J 400 21.87 -32.05 -60.62
N ASN J 401 22.36 -33.08 -61.33
CA ASN J 401 23.78 -33.23 -61.68
C ASN J 401 23.99 -33.11 -63.20
N TYR J 402 25.10 -32.51 -63.66
CA TYR J 402 25.27 -32.12 -65.06
C TYR J 402 26.57 -32.50 -65.76
N CYS J 403 26.47 -33.07 -66.95
CA CYS J 403 27.56 -33.30 -67.87
C CYS J 403 27.80 -32.00 -68.67
N PHE J 404 29.03 -31.54 -68.81
CA PHE J 404 29.39 -30.28 -69.47
C PHE J 404 30.46 -30.51 -70.54
N PRO J 405 30.47 -29.74 -71.64
CA PRO J 405 31.46 -29.87 -72.71
C PRO J 405 32.89 -29.76 -72.20
N LEU J 406 33.86 -30.42 -72.84
CA LEU J 406 35.26 -30.38 -72.38
C LEU J 406 35.86 -28.98 -72.31
N ASN J 407 35.40 -28.06 -73.16
CA ASN J 407 35.84 -26.66 -73.17
C ASN J 407 34.94 -25.75 -72.32
N GLY J 408 34.03 -26.31 -71.51
CA GLY J 408 33.11 -25.54 -70.68
C GLY J 408 31.88 -25.04 -71.41
N THR J 409 32.01 -24.09 -72.33
CA THR J 409 30.88 -23.46 -73.04
C THR J 409 30.20 -24.28 -74.16
N GLY J 410 30.94 -25.04 -74.96
CA GLY J 410 30.43 -25.91 -76.04
C GLY J 410 29.91 -25.30 -77.33
N THR J 411 28.95 -24.38 -77.24
CA THR J 411 28.16 -23.91 -78.42
C THR J 411 28.96 -23.27 -79.58
N ASN J 412 30.07 -22.59 -79.31
CA ASN J 412 30.95 -22.01 -80.34
C ASN J 412 30.35 -21.02 -81.36
N SER J 413 29.39 -20.21 -80.93
CA SER J 413 28.86 -19.11 -81.77
C SER J 413 30.05 -18.17 -82.00
N THR J 414 30.24 -17.67 -83.21
CA THR J 414 31.43 -16.88 -83.58
C THR J 414 31.10 -15.42 -83.89
N TYR J 415 31.95 -14.48 -83.48
CA TYR J 415 31.73 -13.04 -83.59
C TYR J 415 32.96 -12.20 -83.94
N GLN J 416 32.70 -11.02 -84.49
CA GLN J 416 33.70 -10.02 -84.81
C GLN J 416 33.60 -8.87 -83.81
N GLY J 417 34.73 -8.26 -83.44
CA GLY J 417 34.72 -7.10 -82.56
C GLY J 417 34.22 -5.84 -83.26
N VAL J 418 33.56 -4.92 -82.56
CA VAL J 418 33.07 -3.63 -83.09
C VAL J 418 33.32 -2.50 -82.10
N LYS J 419 33.29 -1.27 -82.58
CA LYS J 419 33.45 -0.05 -81.78
C LYS J 419 32.45 1.02 -82.22
N VAL J 420 32.16 2.02 -81.38
CA VAL J 420 31.26 3.12 -81.79
C VAL J 420 31.92 3.83 -82.99
N LYS J 421 31.13 4.19 -84.01
CA LYS J 421 31.63 4.78 -85.26
C LYS J 421 32.51 6.00 -85.01
N THR J 422 33.65 6.11 -85.70
CA THR J 422 34.62 7.21 -85.51
C THR J 422 34.03 8.62 -85.75
N GLY J 423 33.05 8.76 -86.65
CA GLY J 423 32.41 10.05 -86.94
C GLY J 423 31.26 10.43 -85.99
N GLN J 424 30.84 9.49 -85.15
CA GLN J 424 29.77 9.58 -84.15
C GLN J 424 30.31 8.95 -82.87
N ASP J 425 31.54 9.31 -82.50
CA ASP J 425 32.36 8.74 -81.41
C ASP J 425 31.72 8.67 -79.99
N GLY J 426 30.53 9.21 -79.80
CA GLY J 426 29.76 9.09 -78.56
C GLY J 426 28.26 9.39 -78.73
N ALA J 427 27.73 9.35 -79.96
CA ALA J 427 26.36 9.73 -80.31
C ALA J 427 25.24 8.79 -79.80
N GLU J 428 24.03 9.33 -79.65
CA GLU J 428 22.85 8.51 -79.28
C GLU J 428 22.35 7.75 -80.53
N GLU J 429 22.61 8.29 -81.72
CA GLU J 429 22.50 7.59 -83.01
C GLU J 429 23.83 6.81 -83.05
N THR J 430 23.93 5.82 -82.16
CA THR J 430 25.12 5.02 -81.87
C THR J 430 25.45 4.00 -82.97
N GLU J 431 25.96 4.50 -84.10
CA GLU J 431 26.43 3.68 -85.21
C GLU J 431 27.71 2.91 -84.80
N TRP J 432 28.00 1.76 -85.42
CA TRP J 432 29.18 0.95 -85.11
C TRP J 432 30.00 0.59 -86.34
N ASP J 433 31.30 0.38 -86.17
CA ASP J 433 32.18 -0.07 -87.25
C ASP J 433 33.12 -1.16 -86.73
N LYS J 434 33.69 -1.92 -87.66
CA LYS J 434 34.61 -3.02 -87.37
C LYS J 434 35.90 -2.49 -86.73
N ASP J 435 36.15 -2.89 -85.47
CA ASP J 435 37.38 -2.55 -84.78
C ASP J 435 38.47 -3.48 -85.31
N GLU J 436 39.45 -2.97 -86.07
CA GLU J 436 40.47 -3.87 -86.62
C GLU J 436 41.54 -4.22 -85.58
N THR J 437 41.44 -3.69 -84.36
CA THR J 437 42.33 -4.08 -83.25
C THR J 437 41.81 -5.36 -82.58
N VAL J 438 40.67 -5.88 -83.03
CA VAL J 438 40.01 -7.08 -82.50
C VAL J 438 39.78 -8.06 -83.65
N ALA J 439 39.90 -9.35 -83.36
CA ALA J 439 39.74 -10.42 -84.33
C ALA J 439 38.31 -10.51 -84.88
N ARG J 440 38.16 -11.25 -85.98
CA ARG J 440 36.89 -11.43 -86.69
C ARG J 440 36.19 -12.74 -86.37
N GLN J 441 36.85 -13.63 -85.62
CA GLN J 441 36.29 -14.92 -85.22
C GLN J 441 36.54 -15.26 -83.75
N ASN J 442 36.04 -14.41 -82.87
CA ASN J 442 36.02 -14.62 -81.43
C ASN J 442 34.92 -15.65 -81.17
N GLN J 443 34.94 -16.35 -80.05
CA GLN J 443 33.96 -17.41 -79.79
C GLN J 443 33.29 -17.20 -78.45
N ILE J 444 31.99 -16.89 -78.49
CA ILE J 444 31.20 -16.55 -77.32
C ILE J 444 29.81 -17.17 -77.38
N ALA J 445 29.57 -18.18 -76.55
CA ALA J 445 28.26 -18.77 -76.47
C ALA J 445 27.26 -17.81 -75.82
N LYS J 446 26.06 -17.67 -76.37
CA LYS J 446 24.98 -16.88 -75.81
C LYS J 446 24.36 -17.61 -74.61
N GLY J 447 24.02 -16.91 -73.54
CA GLY J 447 23.32 -17.53 -72.42
C GLY J 447 24.20 -18.48 -71.61
N ASN J 448 23.58 -19.48 -70.99
CA ASN J 448 24.25 -20.48 -70.15
C ASN J 448 25.08 -21.49 -70.98
N VAL J 449 25.96 -22.24 -70.32
CA VAL J 449 26.74 -23.32 -70.94
C VAL J 449 25.83 -24.45 -71.46
N TYR J 450 26.19 -25.14 -72.54
CA TYR J 450 25.47 -26.36 -72.93
C TYR J 450 25.64 -27.43 -71.87
N ALA J 451 24.59 -28.18 -71.55
CA ALA J 451 24.60 -29.20 -70.50
C ALA J 451 23.64 -30.36 -70.78
N MET J 452 23.90 -31.49 -70.14
CA MET J 452 23.10 -32.70 -70.20
C MET J 452 22.93 -33.23 -68.78
N GLU J 453 21.71 -33.38 -68.28
CA GLU J 453 21.43 -33.70 -66.87
C GLU J 453 21.35 -35.20 -66.58
N ILE J 454 21.73 -35.63 -65.37
CA ILE J 454 21.66 -37.04 -64.92
C ILE J 454 21.32 -37.11 -63.43
N ASN J 455 20.52 -38.10 -63.01
CA ASN J 455 20.19 -38.30 -61.60
C ASN J 455 21.14 -39.37 -61.06
N LEU J 456 22.24 -38.96 -60.41
CA LEU J 456 23.22 -39.94 -59.95
C LEU J 456 22.66 -40.85 -58.88
N GLN J 457 22.00 -40.30 -57.86
CA GLN J 457 21.48 -41.12 -56.76
C GLN J 457 20.47 -42.14 -57.26
N ALA J 458 19.52 -41.76 -58.11
CA ALA J 458 18.57 -42.72 -58.65
C ALA J 458 19.28 -43.82 -59.44
N ASN J 459 20.24 -43.47 -60.28
CA ASN J 459 21.00 -44.46 -61.06
C ASN J 459 21.77 -45.42 -60.15
N LEU J 460 22.39 -44.93 -59.07
CA LEU J 460 23.08 -45.79 -58.13
C LEU J 460 22.07 -46.73 -57.46
N TRP J 461 20.99 -46.22 -56.89
CA TRP J 461 19.98 -47.03 -56.21
C TRP J 461 19.35 -48.08 -57.12
N LYS J 462 19.03 -47.70 -58.36
CA LYS J 462 18.44 -48.58 -59.36
C LYS J 462 19.42 -49.64 -59.84
N SER J 463 20.72 -49.35 -59.93
CA SER J 463 21.70 -50.36 -60.35
C SER J 463 22.07 -51.28 -59.18
N PHE J 464 21.94 -50.82 -57.94
CA PHE J 464 22.11 -51.67 -56.76
C PHE J 464 20.98 -52.71 -56.75
N LEU J 465 19.74 -52.26 -56.92
CA LEU J 465 18.56 -53.13 -56.92
C LEU J 465 18.62 -54.19 -58.02
N TYR J 466 19.00 -53.83 -59.24
CA TYR J 466 18.96 -54.79 -60.33
C TYR J 466 19.98 -55.92 -60.16
N SER J 467 21.24 -55.55 -59.97
CA SER J 467 22.32 -56.53 -59.82
C SER J 467 22.24 -57.37 -58.54
N ASN J 468 21.62 -56.87 -57.45
CA ASN J 468 21.54 -57.59 -56.20
C ASN J 468 20.18 -58.22 -55.91
N VAL J 469 19.09 -57.78 -56.52
CA VAL J 469 17.77 -58.35 -56.29
C VAL J 469 17.16 -58.90 -57.56
N ALA J 470 17.07 -58.11 -58.63
CA ALA J 470 16.41 -58.56 -59.86
C ALA J 470 17.03 -59.83 -60.43
N LEU J 471 18.36 -59.85 -60.54
CA LEU J 471 19.08 -61.00 -61.07
C LEU J 471 18.82 -62.29 -60.26
N TYR J 472 18.54 -62.18 -58.97
CA TYR J 472 18.37 -63.35 -58.11
C TYR J 472 16.93 -63.86 -58.03
N LEU J 473 15.97 -63.26 -58.74
CA LEU J 473 14.59 -63.72 -58.75
C LEU J 473 14.45 -65.15 -59.30
N PRO J 474 13.43 -65.93 -58.87
CA PRO J 474 13.18 -67.27 -59.39
C PRO J 474 13.09 -67.29 -60.91
N ASP J 475 13.44 -68.40 -61.55
CA ASP J 475 13.44 -68.49 -63.02
C ASP J 475 12.09 -68.19 -63.67
N SER J 476 10.97 -68.36 -62.97
CA SER J 476 9.65 -68.05 -63.52
C SER J 476 9.39 -66.55 -63.71
N TYR J 477 10.29 -65.66 -63.29
CA TYR J 477 10.18 -64.21 -63.51
C TYR J 477 11.04 -63.76 -64.69
N LYS J 478 11.93 -64.62 -65.16
CA LYS J 478 12.79 -64.34 -66.30
C LYS J 478 12.12 -64.73 -67.61
N TYR J 479 12.71 -64.30 -68.71
CA TYR J 479 12.37 -64.79 -70.04
C TYR J 479 13.64 -64.96 -70.86
N THR J 480 13.54 -65.74 -71.92
CA THR J 480 14.65 -65.96 -72.84
C THR J 480 14.42 -65.02 -74.00
N PRO J 481 15.36 -64.13 -74.34
CA PRO J 481 15.17 -63.18 -75.43
C PRO J 481 14.88 -63.86 -76.77
N ALA J 482 14.47 -63.05 -77.73
CA ALA J 482 14.02 -63.48 -79.04
C ALA J 482 14.97 -64.31 -79.93
N ASN J 483 16.30 -64.20 -79.80
CA ASN J 483 17.21 -64.93 -80.69
C ASN J 483 18.47 -65.52 -80.07
N VAL J 484 18.46 -65.77 -78.76
CA VAL J 484 19.56 -66.46 -78.04
C VAL J 484 19.07 -67.87 -77.73
N THR J 485 19.89 -68.88 -77.98
CA THR J 485 19.51 -70.28 -77.71
C THR J 485 20.31 -70.74 -76.50
N LEU J 486 19.62 -71.14 -75.45
CA LEU J 486 20.23 -71.59 -74.19
C LEU J 486 20.23 -73.12 -74.07
N PRO J 487 21.05 -73.71 -73.20
CA PRO J 487 21.05 -75.13 -72.94
C PRO J 487 19.69 -75.61 -72.44
N ALA J 488 19.34 -76.87 -72.69
CA ALA J 488 18.10 -77.46 -72.17
C ALA J 488 18.16 -77.63 -70.64
N ASN J 489 19.36 -77.73 -70.06
CA ASN J 489 19.60 -77.93 -68.63
C ASN J 489 19.60 -76.61 -67.87
N THR J 490 18.50 -76.32 -67.20
CA THR J 490 18.29 -75.07 -66.45
C THR J 490 19.24 -74.89 -65.28
N ASN J 491 20.01 -75.90 -64.87
CA ASN J 491 20.99 -75.83 -63.80
C ASN J 491 22.38 -75.33 -64.26
N THR J 492 22.59 -75.15 -65.56
CA THR J 492 23.89 -74.71 -66.11
C THR J 492 24.09 -73.22 -66.06
N TYR J 493 25.32 -72.78 -65.86
CA TYR J 493 25.65 -71.36 -65.82
C TYR J 493 25.24 -70.64 -67.09
N GLU J 494 25.46 -71.22 -68.27
CA GLU J 494 25.04 -70.56 -69.52
C GLU J 494 23.55 -70.25 -69.52
N TYR J 495 22.71 -71.15 -69.00
CA TYR J 495 21.27 -70.92 -68.88
C TYR J 495 20.99 -69.86 -67.82
N MET J 496 21.50 -70.03 -66.60
CA MET J 496 21.26 -69.08 -65.50
C MET J 496 21.73 -67.66 -65.81
N ASN J 497 22.78 -67.53 -66.61
CA ASN J 497 23.34 -66.26 -67.06
C ASN J 497 22.59 -65.68 -68.25
N GLY J 498 22.27 -66.50 -69.26
CA GLY J 498 21.62 -66.08 -70.48
C GLY J 498 20.19 -65.57 -70.34
N ARG J 499 19.41 -66.09 -69.39
CA ARG J 499 18.03 -65.63 -69.14
C ARG J 499 18.02 -64.14 -68.79
N VAL J 500 17.03 -63.38 -69.27
CA VAL J 500 16.89 -61.94 -69.03
C VAL J 500 15.74 -61.66 -68.07
N VAL J 501 15.88 -60.66 -67.20
CA VAL J 501 14.88 -60.24 -66.22
C VAL J 501 14.58 -58.75 -66.38
N ALA J 502 13.31 -58.38 -66.43
CA ALA J 502 12.92 -57.00 -66.67
C ALA J 502 13.29 -56.12 -65.48
N PRO J 503 14.03 -55.01 -65.66
CA PRO J 503 14.42 -54.12 -64.57
C PRO J 503 13.26 -53.56 -63.76
N SER J 504 12.07 -53.39 -64.33
CA SER J 504 10.92 -52.88 -63.61
C SER J 504 10.37 -53.84 -62.55
N LEU J 505 10.77 -55.12 -62.52
CA LEU J 505 10.24 -56.07 -61.51
C LEU J 505 10.59 -55.61 -60.10
N VAL J 506 11.79 -55.07 -59.91
CA VAL J 506 12.30 -54.52 -58.67
C VAL J 506 13.02 -53.25 -59.08
N ASP J 507 12.38 -52.13 -58.80
CA ASP J 507 12.77 -50.80 -59.25
C ASP J 507 12.80 -49.80 -58.12
N ALA J 508 13.31 -48.59 -58.33
CA ALA J 508 13.43 -47.58 -57.28
C ALA J 508 12.13 -47.30 -56.49
N TYR J 509 10.95 -47.57 -57.06
CA TYR J 509 9.66 -47.41 -56.41
C TYR J 509 9.09 -48.68 -55.76
N ILE J 510 9.79 -49.82 -55.81
CA ILE J 510 9.28 -51.07 -55.23
C ILE J 510 9.06 -50.91 -53.72
N ASN J 511 7.83 -51.07 -53.25
CA ASN J 511 7.46 -50.92 -51.84
C ASN J 511 8.06 -49.66 -51.20
N ILE J 512 8.06 -48.54 -51.93
CA ILE J 512 8.77 -47.33 -51.53
C ILE J 512 8.35 -46.86 -50.13
N GLY J 513 9.32 -46.56 -49.29
CA GLY J 513 9.11 -46.24 -47.88
C GLY J 513 8.87 -47.43 -46.95
N ALA J 514 8.76 -48.67 -47.43
CA ALA J 514 8.57 -49.85 -46.59
C ALA J 514 9.89 -50.61 -46.33
N ARG J 515 9.94 -51.33 -45.22
CA ARG J 515 11.02 -52.25 -44.87
C ARG J 515 10.43 -53.61 -45.16
N TRP J 516 10.78 -54.25 -46.26
CA TRP J 516 10.09 -55.47 -46.66
C TRP J 516 10.83 -56.39 -47.63
N SER J 517 11.02 -57.65 -47.27
CA SER J 517 11.62 -58.64 -48.18
C SER J 517 10.59 -58.99 -49.23
N LEU J 518 10.94 -59.07 -50.52
CA LEU J 518 9.96 -59.38 -51.55
C LEU J 518 9.41 -60.80 -51.43
N ASP J 519 8.12 -60.99 -51.65
CA ASP J 519 7.51 -62.32 -51.54
C ASP J 519 8.18 -63.40 -52.40
N PRO J 520 8.52 -63.20 -53.69
CA PRO J 520 9.20 -64.23 -54.46
C PRO J 520 10.62 -64.51 -53.93
N MET J 521 11.18 -63.62 -53.12
CA MET J 521 12.53 -63.75 -52.57
C MET J 521 12.54 -64.37 -51.17
N ASP J 522 11.43 -64.40 -50.44
CA ASP J 522 11.39 -64.99 -49.11
C ASP J 522 11.89 -66.44 -49.13
N ASN J 523 11.41 -67.23 -50.09
CA ASN J 523 11.74 -68.64 -50.27
C ASN J 523 12.94 -68.90 -51.19
N VAL J 524 13.81 -67.91 -51.40
CA VAL J 524 15.02 -68.00 -52.21
C VAL J 524 16.20 -67.99 -51.26
N ASN J 525 17.11 -68.94 -51.40
CA ASN J 525 18.29 -69.07 -50.55
C ASN J 525 19.15 -67.79 -50.63
N PRO J 526 19.27 -66.99 -49.57
CA PRO J 526 19.99 -65.73 -49.62
C PRO J 526 21.50 -65.87 -49.54
N PHE J 527 22.02 -67.05 -49.17
CA PHE J 527 23.45 -67.29 -49.08
C PHE J 527 24.00 -67.60 -50.48
N ASN J 528 23.14 -68.03 -51.40
CA ASN J 528 23.47 -68.22 -52.81
C ASN J 528 23.39 -66.85 -53.46
N HIS J 529 24.31 -65.97 -53.10
CA HIS J 529 24.37 -64.60 -53.58
C HIS J 529 25.82 -64.14 -53.68
N HIS J 530 26.14 -63.30 -54.65
CA HIS J 530 27.49 -62.78 -54.81
C HIS J 530 27.92 -61.86 -53.69
N ARG J 531 27.03 -61.44 -52.78
CA ARG J 531 27.34 -60.61 -51.61
C ARG J 531 27.56 -61.42 -50.34
N ASN J 532 27.63 -62.74 -50.45
CA ASN J 532 27.95 -63.63 -49.35
C ASN J 532 29.42 -63.39 -49.05
N ALA J 533 29.72 -62.56 -48.05
CA ALA J 533 31.09 -62.20 -47.72
C ALA J 533 31.94 -63.39 -47.32
N GLY J 534 31.34 -64.42 -46.72
CA GLY J 534 32.07 -65.62 -46.36
C GLY J 534 32.52 -66.36 -47.62
N LEU J 535 31.62 -66.57 -48.57
CA LEU J 535 31.94 -67.26 -49.81
C LEU J 535 32.94 -66.45 -50.65
N ARG J 536 32.86 -65.13 -50.63
CA ARG J 536 33.84 -64.28 -51.30
C ARG J 536 35.21 -64.53 -50.70
N TYR J 537 35.34 -64.50 -49.39
CA TYR J 537 36.62 -64.74 -48.73
C TYR J 537 37.18 -66.11 -49.11
N ARG J 538 36.36 -67.18 -49.06
CA ARG J 538 36.82 -68.53 -49.42
C ARG J 538 37.13 -68.62 -50.90
N SER J 539 36.45 -67.86 -51.74
CA SER J 539 36.74 -67.79 -53.18
C SER J 539 37.98 -66.94 -53.47
N MET J 540 38.52 -66.20 -52.51
CA MET J 540 39.69 -65.35 -52.71
C MET J 540 40.92 -65.81 -51.95
N LEU J 541 40.80 -66.71 -50.98
CA LEU J 541 41.95 -67.34 -50.33
C LEU J 541 42.69 -68.21 -51.35
N LEU J 542 41.95 -68.82 -52.28
CA LEU J 542 42.46 -69.64 -53.37
C LEU J 542 43.15 -68.81 -54.46
N GLY J 543 42.70 -67.57 -54.65
CA GLY J 543 43.14 -66.64 -55.69
C GLY J 543 42.08 -66.46 -56.78
N ASN J 544 42.39 -65.74 -57.85
CA ASN J 544 41.42 -65.38 -58.88
C ASN J 544 41.40 -66.21 -60.18
N GLY J 545 42.25 -67.21 -60.37
CA GLY J 545 42.21 -68.01 -61.60
C GLY J 545 41.35 -69.26 -61.44
N ARG J 546 40.83 -69.83 -62.53
CA ARG J 546 40.06 -71.09 -62.42
C ARG J 546 40.95 -72.27 -62.07
N TYR J 547 42.18 -72.29 -62.56
CA TYR J 547 43.17 -73.33 -62.33
C TYR J 547 43.95 -72.97 -61.08
N VAL J 548 43.77 -73.70 -59.99
CA VAL J 548 44.43 -73.40 -58.72
C VAL J 548 45.16 -74.59 -58.10
N PRO J 549 46.47 -74.52 -57.86
CA PRO J 549 47.16 -75.51 -57.06
C PRO J 549 46.86 -75.06 -55.63
N PHE J 550 46.37 -75.94 -54.79
CA PHE J 550 45.95 -75.58 -53.43
C PHE J 550 46.62 -76.42 -52.36
N HIS J 551 46.54 -75.92 -51.13
CA HIS J 551 47.14 -76.53 -49.95
C HIS J 551 46.29 -76.12 -48.77
N ILE J 552 45.69 -77.09 -48.08
CA ILE J 552 44.74 -76.86 -47.00
C ILE J 552 44.92 -77.82 -45.85
N GLN J 553 44.50 -77.44 -44.65
CA GLN J 553 44.56 -78.30 -43.47
C GLN J 553 43.12 -78.56 -43.03
N VAL J 554 42.69 -79.81 -42.99
CA VAL J 554 41.30 -80.16 -42.65
C VAL J 554 41.19 -80.63 -41.19
N PRO J 555 40.31 -80.03 -40.38
CA PRO J 555 40.15 -80.41 -38.99
C PRO J 555 39.36 -81.70 -38.80
N GLN J 556 39.66 -82.44 -37.74
CA GLN J 556 38.87 -83.60 -37.37
C GLN J 556 37.59 -83.10 -36.69
N LYS J 557 36.40 -83.55 -37.10
CA LYS J 557 35.14 -83.11 -36.49
C LYS J 557 34.36 -84.21 -35.78
N PHE J 558 34.71 -85.48 -35.90
CA PHE J 558 33.93 -86.52 -35.24
C PHE J 558 34.02 -86.34 -33.73
N PHE J 559 32.89 -86.35 -33.04
CA PHE J 559 32.86 -86.04 -31.63
C PHE J 559 33.62 -86.95 -30.69
N ALA J 560 33.75 -88.23 -31.01
CA ALA J 560 34.44 -89.18 -30.14
C ALA J 560 35.96 -89.12 -30.20
N ILE J 561 36.53 -88.50 -31.24
CA ILE J 561 37.97 -88.45 -31.42
C ILE J 561 38.52 -87.07 -31.72
N LYS J 562 37.71 -86.01 -31.72
CA LYS J 562 38.23 -84.66 -31.96
C LYS J 562 38.93 -84.09 -30.72
N ASN J 563 38.38 -84.29 -29.53
CA ASN J 563 38.95 -83.79 -28.27
C ASN J 563 39.75 -84.85 -27.47
N LEU J 564 39.78 -86.10 -27.90
CA LEU J 564 40.45 -87.21 -27.20
C LEU J 564 41.93 -87.04 -26.88
N LEU J 565 42.34 -87.40 -25.67
CA LEU J 565 43.73 -87.43 -25.26
C LEU J 565 44.21 -88.87 -25.41
N LEU J 566 44.95 -89.13 -26.46
CA LEU J 566 45.48 -90.42 -26.81
C LEU J 566 46.76 -90.77 -26.04
N LEU J 567 46.79 -91.89 -25.33
CA LEU J 567 47.95 -92.35 -24.56
C LEU J 567 48.98 -93.13 -25.40
N PRO J 568 50.25 -93.28 -24.99
CA PRO J 568 51.31 -93.98 -25.73
C PRO J 568 50.88 -95.31 -26.34
N GLY J 569 51.31 -95.56 -27.57
CA GLY J 569 51.03 -96.75 -28.38
C GLY J 569 51.04 -96.41 -29.88
N SER J 570 50.79 -97.38 -30.74
CA SER J 570 50.68 -97.19 -32.21
C SER J 570 49.25 -97.49 -32.63
N TYR J 571 48.62 -96.60 -33.39
CA TYR J 571 47.23 -96.71 -33.81
C TYR J 571 47.02 -96.56 -35.32
N THR J 572 46.27 -97.46 -35.97
CA THR J 572 45.84 -97.23 -37.35
C THR J 572 44.75 -96.18 -37.36
N TYR J 573 44.81 -95.24 -38.30
CA TYR J 573 43.87 -94.14 -38.45
C TYR J 573 43.52 -93.94 -39.94
N GLU J 574 42.25 -93.90 -40.33
CA GLU J 574 41.83 -93.68 -41.73
C GLU J 574 40.64 -92.74 -41.85
N TRP J 575 40.62 -91.98 -42.93
CA TRP J 575 39.52 -91.12 -43.35
C TRP J 575 39.36 -91.14 -44.86
N ASN J 576 38.12 -91.24 -45.31
CA ASN J 576 37.80 -91.07 -46.72
C ASN J 576 37.56 -89.58 -46.98
N PHE J 577 37.85 -89.11 -48.18
CA PHE J 577 37.68 -87.72 -48.59
C PHE J 577 36.91 -87.70 -49.89
N ARG J 578 36.01 -86.74 -50.08
CA ARG J 578 35.18 -86.68 -51.29
C ARG J 578 35.92 -86.04 -52.46
N LYS J 579 35.57 -86.45 -53.68
CA LYS J 579 36.08 -85.86 -54.92
C LYS J 579 34.97 -85.16 -55.72
N ASP J 580 33.70 -85.31 -55.33
CA ASP J 580 32.56 -84.67 -55.98
C ASP J 580 32.58 -83.16 -55.78
N VAL J 581 32.72 -82.40 -56.86
CA VAL J 581 32.77 -80.94 -56.84
C VAL J 581 31.52 -80.29 -56.27
N ASN J 582 30.34 -80.87 -56.37
CA ASN J 582 29.15 -80.27 -55.78
C ASN J 582 29.23 -80.30 -54.25
N MET J 583 29.79 -81.35 -53.70
CA MET J 583 29.94 -81.50 -52.27
C MET J 583 31.09 -80.69 -51.72
N ILE J 584 32.25 -80.72 -52.37
CA ILE J 584 33.41 -80.00 -51.85
C ILE J 584 33.50 -78.53 -52.20
N LEU J 585 32.97 -78.10 -53.34
CA LEU J 585 32.99 -76.70 -53.73
C LEU J 585 31.61 -76.09 -53.54
N GLN J 586 31.55 -74.77 -53.58
CA GLN J 586 30.32 -74.01 -53.44
C GLN J 586 30.33 -72.90 -54.47
N SER J 587 29.22 -72.59 -55.10
CA SER J 587 29.13 -71.49 -56.06
C SER J 587 28.07 -70.49 -55.62
N SER J 588 28.31 -69.20 -55.82
CA SER J 588 27.37 -68.18 -55.39
C SER J 588 26.06 -68.17 -56.19
N LEU J 589 25.95 -68.91 -57.28
CA LEU J 589 24.71 -69.04 -58.06
C LEU J 589 23.99 -70.36 -57.75
N GLY J 590 24.74 -71.37 -57.34
CA GLY J 590 24.25 -72.72 -57.01
C GLY J 590 24.20 -73.67 -58.21
N ASN J 591 24.86 -73.33 -59.33
CA ASN J 591 24.89 -74.10 -60.57
C ASN J 591 25.48 -75.50 -60.38
N ASP J 592 25.19 -76.41 -61.29
CA ASP J 592 25.69 -77.78 -61.22
C ASP J 592 27.14 -77.87 -61.69
N LEU J 593 28.09 -77.83 -60.75
CA LEU J 593 29.51 -77.87 -61.08
C LEU J 593 29.99 -79.17 -61.71
N ARG J 594 29.32 -80.32 -61.45
CA ARG J 594 29.71 -81.59 -62.10
C ARG J 594 29.54 -81.51 -63.61
N VAL J 595 28.59 -80.69 -64.06
CA VAL J 595 28.27 -80.43 -65.46
C VAL J 595 29.06 -79.25 -66.01
N ASP J 596 29.12 -78.15 -65.27
CA ASP J 596 29.84 -76.94 -65.68
C ASP J 596 31.37 -77.04 -65.62
N GLY J 597 31.91 -78.24 -65.75
CA GLY J 597 33.33 -78.55 -65.91
C GLY J 597 34.28 -78.48 -64.72
N ALA J 598 33.84 -78.22 -63.49
CA ALA J 598 34.80 -78.17 -62.38
C ALA J 598 35.35 -79.57 -62.05
N SER J 599 36.61 -79.65 -61.62
CA SER J 599 37.22 -80.92 -61.20
C SER J 599 38.34 -80.68 -60.20
N VAL J 600 38.64 -81.66 -59.36
CA VAL J 600 39.69 -81.61 -58.35
C VAL J 600 40.56 -82.86 -58.43
N ARG J 601 41.85 -82.74 -58.11
CA ARG J 601 42.74 -83.88 -57.98
C ARG J 601 43.55 -83.69 -56.72
N PHE J 602 43.74 -84.76 -55.96
CA PHE J 602 44.54 -84.68 -54.73
C PHE J 602 45.88 -85.32 -55.01
N ASP J 603 46.95 -84.58 -54.76
CA ASP J 603 48.31 -85.07 -54.95
C ASP J 603 48.80 -85.80 -53.70
N SER J 604 48.54 -85.25 -52.51
CA SER J 604 48.94 -85.91 -51.27
C SER J 604 48.16 -85.46 -50.03
N VAL J 605 48.03 -86.38 -49.09
CA VAL J 605 47.41 -86.19 -47.77
C VAL J 605 48.46 -86.52 -46.73
N ASN J 606 48.67 -85.68 -45.74
CA ASN J 606 49.57 -85.91 -44.63
C ASN J 606 48.76 -85.62 -43.37
N LEU J 607 49.11 -86.25 -42.27
CA LEU J 607 48.50 -86.07 -40.97
C LEU J 607 49.53 -85.33 -40.15
N TYR J 608 49.18 -84.20 -39.58
CA TYR J 608 50.08 -83.48 -38.69
C TYR J 608 49.57 -83.66 -37.26
N ALA J 609 50.46 -83.75 -36.28
CA ALA J 609 50.13 -83.93 -34.88
C ALA J 609 51.10 -83.12 -34.05
N THR J 610 50.70 -82.54 -32.91
CA THR J 610 51.62 -81.77 -32.07
C THR J 610 51.52 -82.20 -30.64
N PHE J 611 52.64 -82.29 -29.94
CA PHE J 611 52.68 -82.78 -28.58
C PHE J 611 53.20 -81.76 -27.59
N PHE J 612 52.52 -81.64 -26.46
CA PHE J 612 53.06 -80.81 -25.40
C PHE J 612 54.34 -81.52 -24.95
N PRO J 613 55.47 -80.83 -24.81
CA PRO J 613 56.72 -81.45 -24.44
C PRO J 613 56.78 -81.75 -22.94
N MET J 614 55.79 -82.47 -22.43
CA MET J 614 55.61 -82.71 -21.01
C MET J 614 56.76 -83.48 -20.41
N ALA J 615 57.16 -83.14 -19.18
CA ALA J 615 58.28 -83.78 -18.50
C ALA J 615 58.07 -85.30 -18.53
N HIS J 616 59.09 -86.08 -18.87
CA HIS J 616 58.91 -87.51 -19.08
C HIS J 616 58.35 -88.28 -17.89
N ASN J 617 58.64 -87.94 -16.64
CA ASN J 617 58.03 -88.62 -15.50
C ASN J 617 56.61 -88.08 -15.20
N THR J 618 56.34 -86.80 -15.42
CA THR J 618 55.02 -86.20 -15.25
C THR J 618 54.07 -86.86 -16.24
N ALA J 619 54.43 -86.97 -17.51
CA ALA J 619 53.61 -87.62 -18.52
C ALA J 619 53.40 -89.10 -18.20
N SER J 620 54.40 -89.77 -17.65
CA SER J 620 54.27 -91.17 -17.27
C SER J 620 53.32 -91.32 -16.08
N THR J 621 53.35 -90.36 -15.17
CA THR J 621 52.46 -90.32 -14.01
C THR J 621 51.04 -90.10 -14.49
N LEU J 622 50.85 -89.25 -15.50
CA LEU J 622 49.55 -89.00 -16.11
C LEU J 622 49.04 -90.25 -16.83
N GLU J 623 49.88 -90.89 -17.64
CA GLU J 623 49.51 -92.09 -18.37
C GLU J 623 49.00 -93.16 -17.41
N ALA J 624 49.75 -93.49 -16.36
CA ALA J 624 49.32 -94.49 -15.39
C ALA J 624 47.94 -94.18 -14.82
N MET J 625 47.63 -92.92 -14.51
CA MET J 625 46.32 -92.51 -14.02
C MET J 625 45.22 -92.63 -15.06
N LEU J 626 45.45 -92.26 -16.32
CA LEU J 626 44.42 -92.33 -17.35
C LEU J 626 44.14 -93.75 -17.86
N ARG J 627 45.01 -94.72 -17.64
CA ARG J 627 44.81 -96.14 -18.03
C ARG J 627 43.94 -96.92 -17.05
N ASN J 628 43.39 -96.28 -16.02
CA ASN J 628 42.57 -96.89 -14.98
C ASN J 628 41.08 -96.61 -15.28
N ASP J 629 40.21 -97.62 -15.15
CA ASP J 629 38.79 -97.48 -15.50
C ASP J 629 38.00 -96.40 -14.78
N THR J 630 38.41 -95.87 -13.62
CA THR J 630 37.68 -94.75 -13.01
C THR J 630 37.91 -93.45 -13.75
N ASN J 631 38.91 -93.37 -14.64
CA ASN J 631 39.32 -92.14 -15.29
C ASN J 631 39.10 -92.08 -16.80
N ASP J 632 38.17 -92.86 -17.33
CA ASP J 632 37.83 -92.86 -18.75
C ASP J 632 37.42 -91.50 -19.26
N GLN J 633 37.86 -91.15 -20.46
CA GLN J 633 37.50 -89.89 -21.09
C GLN J 633 36.10 -90.04 -21.69
N SER J 634 35.29 -89.01 -21.75
CA SER J 634 33.92 -89.10 -22.28
C SER J 634 33.47 -87.81 -22.93
N PHE J 635 32.65 -87.92 -23.97
CA PHE J 635 32.25 -86.76 -24.78
C PHE J 635 30.88 -86.88 -25.44
N ASN J 636 30.15 -85.78 -25.58
CA ASN J 636 28.88 -85.73 -26.33
C ASN J 636 29.07 -85.19 -27.75
N ASP J 637 28.16 -85.49 -28.67
CA ASP J 637 28.13 -84.79 -29.96
C ASP J 637 27.86 -83.35 -29.54
N TYR J 638 28.66 -82.37 -29.97
CA TYR J 638 28.59 -81.09 -29.27
C TYR J 638 27.28 -80.32 -29.37
N LEU J 639 26.40 -80.64 -30.33
CA LEU J 639 25.03 -80.14 -30.36
C LEU J 639 24.15 -81.30 -30.86
N SER J 640 24.18 -82.31 -29.99
CA SER J 640 23.55 -83.62 -30.06
C SER J 640 22.04 -83.71 -30.29
N ALA J 641 21.64 -84.52 -31.26
CA ALA J 641 20.27 -84.86 -31.67
C ALA J 641 20.27 -86.04 -32.64
N ALA J 642 19.09 -86.61 -32.91
CA ALA J 642 18.88 -87.61 -33.94
C ALA J 642 18.25 -86.86 -35.09
N ASN J 643 18.81 -86.97 -36.29
CA ASN J 643 18.39 -86.20 -37.43
C ASN J 643 17.45 -86.97 -38.34
N MET J 644 16.25 -86.43 -38.61
CA MET J 644 15.25 -87.07 -39.45
C MET J 644 14.66 -86.14 -40.49
N LEU J 645 14.45 -86.65 -41.69
CA LEU J 645 13.93 -85.88 -42.82
C LEU J 645 12.64 -86.54 -43.32
N TYR J 646 11.61 -85.74 -43.62
CA TYR J 646 10.34 -86.26 -44.13
C TYR J 646 9.92 -85.47 -45.36
N PRO J 647 9.42 -86.11 -46.43
CA PRO J 647 9.06 -85.42 -47.64
C PRO J 647 7.77 -84.64 -47.55
N ILE J 648 7.81 -83.39 -48.02
CA ILE J 648 6.68 -82.47 -48.13
C ILE J 648 6.43 -82.30 -49.63
N PRO J 649 5.41 -82.94 -50.21
CA PRO J 649 5.13 -82.84 -51.62
C PRO J 649 4.91 -81.40 -52.08
N ALA J 650 5.10 -81.13 -53.36
CA ALA J 650 4.85 -79.81 -53.90
C ALA J 650 3.41 -79.39 -53.56
N LYS J 651 3.24 -78.17 -53.09
CA LYS J 651 1.98 -77.55 -52.66
C LYS J 651 1.25 -78.23 -51.49
N ALA J 652 1.87 -79.17 -50.79
CA ALA J 652 1.29 -79.79 -49.60
C ALA J 652 1.35 -78.80 -48.42
N THR J 653 0.44 -78.90 -47.46
CA THR J 653 0.36 -77.99 -46.31
C THR J 653 0.18 -78.67 -44.96
N ASN J 654 -0.38 -79.87 -44.87
CA ASN J 654 -0.41 -80.63 -43.62
C ASN J 654 0.64 -81.71 -43.79
N VAL J 655 1.55 -81.81 -42.83
CA VAL J 655 2.65 -82.76 -42.85
C VAL J 655 2.53 -83.59 -41.58
N PRO J 656 1.70 -84.64 -41.56
CA PRO J 656 1.55 -85.49 -40.40
C PRO J 656 2.70 -86.48 -40.35
N ILE J 657 3.18 -86.81 -39.16
CA ILE J 657 4.26 -87.77 -38.95
C ILE J 657 4.09 -88.46 -37.61
N SER J 658 4.57 -89.70 -37.51
CA SER J 658 4.53 -90.47 -36.29
C SER J 658 5.80 -91.25 -36.12
N ILE J 659 6.16 -91.46 -34.86
CA ILE J 659 7.29 -92.23 -34.43
C ILE J 659 6.74 -93.52 -33.82
N PRO J 660 7.28 -94.70 -34.18
CA PRO J 660 6.81 -95.95 -33.59
C PRO J 660 7.09 -95.96 -32.09
N SER J 661 6.41 -96.83 -31.35
CA SER J 661 6.56 -96.93 -29.91
C SER J 661 8.00 -97.14 -29.47
N ARG J 662 8.46 -96.40 -28.46
CA ARG J 662 9.81 -96.51 -27.90
C ARG J 662 9.90 -95.90 -26.50
N ASN J 663 10.98 -96.15 -25.77
CA ASN J 663 11.21 -95.55 -24.45
C ASN J 663 11.85 -94.15 -24.64
N TRP J 664 11.27 -93.12 -24.01
CA TRP J 664 11.67 -91.71 -24.07
C TRP J 664 12.46 -91.20 -22.89
N ALA J 665 13.03 -92.07 -22.06
CA ALA J 665 13.82 -91.60 -20.93
C ALA J 665 14.96 -90.68 -21.42
N ALA J 666 15.27 -89.63 -20.68
CA ALA J 666 16.22 -88.58 -21.01
C ALA J 666 15.98 -87.76 -22.28
N PHE J 667 14.80 -87.82 -22.89
CA PHE J 667 14.50 -87.01 -24.08
C PHE J 667 14.67 -85.53 -23.76
N ARG J 668 15.15 -84.71 -24.71
CA ARG J 668 15.43 -83.28 -24.49
C ARG J 668 14.46 -82.31 -25.16
N GLY J 669 13.70 -82.73 -26.17
CA GLY J 669 12.75 -81.90 -26.91
C GLY J 669 12.96 -81.97 -28.40
N TRP J 670 12.43 -81.00 -29.15
CA TRP J 670 12.50 -81.00 -30.60
C TRP J 670 13.02 -79.71 -31.19
N SER J 671 13.81 -79.82 -32.25
CA SER J 671 14.20 -78.68 -33.08
C SER J 671 13.78 -79.00 -34.48
N PHE J 672 13.35 -78.04 -35.28
CA PHE J 672 12.88 -78.33 -36.62
C PHE J 672 13.06 -77.18 -37.59
N THR J 673 13.14 -77.50 -38.87
CA THR J 673 13.28 -76.52 -39.94
C THR J 673 12.86 -77.11 -41.29
N ARG J 674 12.70 -76.30 -42.34
CA ARG J 674 12.28 -76.76 -43.67
C ARG J 674 13.40 -76.64 -44.69
N LEU J 675 13.58 -77.65 -45.53
CA LEU J 675 14.64 -77.70 -46.54
C LEU J 675 14.13 -77.97 -47.94
N LYS J 676 14.85 -77.53 -48.98
CA LYS J 676 14.50 -77.88 -50.35
C LYS J 676 15.10 -79.24 -50.65
N THR J 677 14.49 -80.04 -51.51
CA THR J 677 15.07 -81.36 -51.83
C THR J 677 16.31 -81.20 -52.69
N LYS J 678 16.33 -80.30 -53.68
CA LYS J 678 17.53 -80.12 -54.50
C LYS J 678 18.72 -79.56 -53.70
N GLU J 679 18.47 -78.81 -52.63
CA GLU J 679 19.51 -78.26 -51.78
C GLU J 679 19.95 -79.27 -50.70
N THR J 680 19.51 -80.53 -50.75
CA THR J 680 19.86 -81.55 -49.76
C THR J 680 20.42 -82.83 -50.39
N PRO J 681 21.70 -83.18 -50.20
CA PRO J 681 22.26 -84.41 -50.73
C PRO J 681 21.90 -85.59 -49.83
N SER J 682 21.80 -86.80 -50.36
CA SER J 682 21.58 -87.99 -49.52
C SER J 682 22.96 -88.58 -49.25
N LEU J 683 23.42 -88.49 -48.00
CA LEU J 683 24.74 -88.96 -47.57
C LEU J 683 24.87 -90.48 -47.46
N GLY J 684 23.83 -91.27 -47.68
CA GLY J 684 23.87 -92.71 -47.46
C GLY J 684 25.06 -93.39 -48.15
N SER J 685 25.18 -93.19 -49.45
CA SER J 685 26.20 -93.81 -50.29
C SER J 685 27.27 -92.83 -50.74
N GLY J 686 28.30 -93.39 -51.37
CA GLY J 686 29.60 -92.76 -51.62
C GLY J 686 29.56 -91.57 -52.58
N PHE J 687 28.58 -91.52 -53.48
CA PHE J 687 28.31 -90.47 -54.46
C PHE J 687 26.80 -90.34 -54.64
N ASP J 688 26.29 -89.16 -54.95
CA ASP J 688 24.85 -88.89 -55.10
C ASP J 688 24.58 -88.34 -56.50
N PRO J 689 24.23 -89.22 -57.45
CA PRO J 689 24.04 -88.80 -58.83
C PRO J 689 22.85 -87.85 -59.04
N TYR J 690 21.89 -87.77 -58.12
CA TYR J 690 20.74 -86.86 -58.24
C TYR J 690 21.02 -85.47 -57.65
N PHE J 691 22.16 -85.26 -56.98
CA PHE J 691 22.51 -83.99 -56.35
C PHE J 691 23.12 -83.00 -57.35
N VAL J 692 22.26 -82.46 -58.22
CA VAL J 692 22.57 -81.51 -59.29
C VAL J 692 22.66 -80.03 -58.83
N TYR J 693 23.32 -79.75 -57.71
CA TYR J 693 23.39 -78.40 -57.16
C TYR J 693 24.66 -78.14 -56.36
N SER J 694 25.10 -76.87 -56.24
CA SER J 694 26.32 -76.58 -55.47
C SER J 694 26.28 -75.33 -54.60
N GLY J 695 25.13 -74.73 -54.37
CA GLY J 695 25.04 -73.60 -53.46
C GLY J 695 25.21 -74.07 -52.02
N SER J 696 24.87 -73.25 -51.03
CA SER J 696 24.91 -73.69 -49.63
C SER J 696 24.07 -74.93 -49.39
N ILE J 697 24.40 -75.76 -48.40
CA ILE J 697 23.62 -76.94 -48.05
C ILE J 697 23.17 -76.71 -46.61
N PRO J 698 22.05 -76.03 -46.37
CA PRO J 698 21.59 -75.70 -45.04
C PRO J 698 21.58 -76.87 -44.07
N TYR J 699 21.14 -78.03 -44.54
CA TYR J 699 21.13 -79.28 -43.78
C TYR J 699 22.50 -79.63 -43.20
N LEU J 700 23.56 -79.35 -43.95
CA LEU J 700 24.93 -79.72 -43.67
C LEU J 700 25.78 -78.60 -43.08
N ASP J 701 25.38 -77.34 -43.21
CA ASP J 701 26.18 -76.22 -42.71
C ASP J 701 25.41 -75.22 -41.85
N GLY J 702 24.13 -75.41 -41.61
CA GLY J 702 23.35 -74.55 -40.72
C GLY J 702 22.89 -73.24 -41.34
N THR J 703 23.09 -73.02 -42.63
CA THR J 703 22.66 -71.78 -43.25
C THR J 703 21.17 -71.81 -43.63
N PHE J 704 20.32 -72.06 -42.64
CA PHE J 704 18.87 -72.16 -42.80
C PHE J 704 18.23 -70.83 -43.19
N TYR J 705 16.99 -70.96 -43.64
CA TYR J 705 16.02 -69.95 -44.04
C TYR J 705 14.70 -70.71 -44.04
N LEU J 706 13.65 -70.24 -44.70
CA LEU J 706 12.41 -71.00 -44.88
C LEU J 706 11.60 -71.33 -43.59
N ASN J 707 12.08 -70.97 -42.40
CA ASN J 707 11.40 -71.16 -41.12
C ASN J 707 10.08 -70.40 -41.04
N HIS J 708 9.98 -69.24 -41.68
CA HIS J 708 8.77 -68.45 -41.72
C HIS J 708 7.63 -69.20 -42.39
N THR J 709 7.88 -70.31 -43.10
CA THR J 709 6.84 -71.06 -43.79
C THR J 709 6.01 -71.96 -42.88
N PHE J 710 6.37 -72.14 -41.61
CA PHE J 710 5.56 -72.95 -40.68
C PHE J 710 4.34 -72.16 -40.20
N LYS J 711 3.23 -72.83 -39.91
CA LYS J 711 2.00 -72.20 -39.42
C LYS J 711 1.66 -72.67 -38.02
N LYS J 712 1.70 -73.98 -37.76
CA LYS J 712 1.46 -74.53 -36.42
C LYS J 712 2.03 -75.93 -36.27
N VAL J 713 2.22 -76.38 -35.05
CA VAL J 713 2.66 -77.75 -34.74
C VAL J 713 1.81 -78.29 -33.61
N SER J 714 1.28 -79.49 -33.75
CA SER J 714 0.50 -80.15 -32.70
C SER J 714 1.22 -81.44 -32.39
N ILE J 715 1.35 -81.75 -31.11
CA ILE J 715 2.14 -82.88 -30.60
C ILE J 715 1.26 -83.73 -29.71
N MET J 716 1.18 -85.02 -29.97
CA MET J 716 0.36 -85.93 -29.19
C MET J 716 1.08 -87.23 -28.90
N PHE J 717 1.51 -87.42 -27.66
CA PHE J 717 2.12 -88.68 -27.25
C PHE J 717 1.07 -89.79 -27.21
N ASP J 718 1.48 -91.05 -27.31
CA ASP J 718 0.56 -92.19 -27.24
C ASP J 718 -0.56 -91.97 -28.26
N SER J 719 -1.79 -91.91 -27.82
CA SER J 719 -2.94 -91.46 -28.59
C SER J 719 -3.79 -90.73 -27.58
N SER J 720 -4.40 -89.63 -27.99
CA SER J 720 -5.20 -88.76 -27.14
C SER J 720 -4.50 -88.31 -25.86
N VAL J 721 -3.21 -87.99 -25.95
CA VAL J 721 -2.40 -87.41 -24.87
C VAL J 721 -1.70 -86.25 -25.54
N SER J 722 -2.43 -85.15 -25.72
CA SER J 722 -1.87 -83.96 -26.38
C SER J 722 -0.82 -83.38 -25.45
N TRP J 723 0.42 -83.27 -25.92
CA TRP J 723 1.58 -82.93 -25.09
C TRP J 723 1.75 -81.56 -24.46
N PRO J 724 1.65 -80.45 -25.22
CA PRO J 724 2.04 -79.12 -24.76
C PRO J 724 1.77 -78.84 -23.29
N GLY J 725 0.60 -79.22 -22.80
CA GLY J 725 0.32 -79.18 -21.38
C GLY J 725 -1.15 -79.18 -21.00
N ASN J 726 -1.36 -78.76 -19.76
CA ASN J 726 -2.64 -78.61 -19.11
C ASN J 726 -3.10 -77.16 -19.19
N ASP J 727 -3.88 -76.78 -20.19
CA ASP J 727 -4.38 -75.40 -20.35
C ASP J 727 -3.26 -74.34 -20.43
N ARG J 728 -2.04 -74.71 -20.87
CA ARG J 728 -0.84 -73.87 -20.78
C ARG J 728 -0.86 -72.65 -21.69
N LEU J 729 -0.91 -72.90 -22.99
CA LEU J 729 -0.89 -71.92 -24.07
C LEU J 729 -2.24 -71.23 -24.29
N LEU J 730 -2.30 -70.10 -25.02
CA LEU J 730 -3.57 -69.44 -25.32
C LEU J 730 -4.45 -70.33 -26.21
N THR J 731 -3.82 -71.26 -26.94
CA THR J 731 -4.46 -72.34 -27.72
C THR J 731 -3.84 -73.58 -27.08
N PRO J 732 -4.35 -74.07 -25.94
CA PRO J 732 -3.75 -75.09 -25.09
C PRO J 732 -3.13 -76.34 -25.70
N ASN J 733 -3.60 -76.80 -26.86
CA ASN J 733 -3.09 -78.05 -27.44
C ASN J 733 -2.42 -77.94 -28.82
N GLU J 734 -1.99 -76.76 -29.26
CA GLU J 734 -1.24 -76.57 -30.49
C GLU J 734 -0.24 -75.43 -30.37
N PHE J 735 0.96 -75.59 -30.91
CA PHE J 735 1.94 -74.53 -31.00
C PHE J 735 1.64 -73.76 -32.27
N GLU J 736 0.72 -72.81 -32.23
CA GLU J 736 0.43 -71.99 -33.39
C GLU J 736 1.56 -70.97 -33.55
N ILE J 737 2.34 -71.06 -34.61
CA ILE J 737 3.49 -70.20 -34.84
C ILE J 737 3.06 -68.82 -35.32
N LYS J 738 2.15 -68.74 -36.28
CA LYS J 738 1.67 -67.47 -36.82
C LYS J 738 0.20 -67.53 -37.19
N ARG J 739 -0.47 -66.38 -37.21
CA ARG J 739 -1.89 -66.29 -37.54
C ARG J 739 -2.19 -65.44 -38.76
N SER J 740 -2.96 -65.97 -39.69
CA SER J 740 -3.37 -65.21 -40.88
C SER J 740 -4.50 -64.24 -40.51
N VAL J 741 -5.36 -64.68 -39.60
CA VAL J 741 -6.50 -63.96 -39.04
C VAL J 741 -6.42 -64.09 -37.52
N ASP J 742 -6.64 -63.01 -36.80
CA ASP J 742 -6.53 -63.00 -35.35
C ASP J 742 -7.50 -62.01 -34.74
N GLY J 743 -8.74 -62.44 -34.49
CA GLY J 743 -9.73 -61.56 -33.88
C GLY J 743 -9.45 -61.33 -32.40
N GLU J 744 -8.89 -62.32 -31.73
CA GLU J 744 -8.65 -62.29 -30.28
C GLU J 744 -7.44 -61.45 -29.89
N GLY J 745 -6.47 -61.24 -30.78
CA GLY J 745 -5.31 -60.40 -30.53
C GLY J 745 -4.09 -61.19 -30.05
N TYR J 746 -3.98 -62.47 -30.36
CA TYR J 746 -2.87 -63.28 -29.91
C TYR J 746 -1.54 -63.02 -30.64
N ASN J 747 -1.46 -62.14 -31.64
CA ASN J 747 -0.19 -61.80 -32.28
C ASN J 747 0.71 -60.96 -31.39
N VAL J 748 1.97 -60.79 -31.77
CA VAL J 748 2.96 -59.95 -31.05
C VAL J 748 3.93 -59.21 -31.92
N ALA J 749 4.61 -58.25 -31.31
CA ALA J 749 5.74 -57.58 -31.90
C ALA J 749 5.50 -56.87 -33.24
N GLN J 750 4.30 -56.35 -33.46
CA GLN J 750 3.97 -55.55 -34.66
C GLN J 750 4.15 -56.43 -35.90
N CYS J 751 3.74 -57.69 -35.76
CA CYS J 751 3.93 -58.79 -36.69
C CYS J 751 2.88 -59.90 -36.52
N ASN J 752 2.86 -60.91 -37.39
CA ASN J 752 1.90 -62.01 -37.31
C ASN J 752 2.34 -63.24 -36.49
N MET J 753 3.49 -63.22 -35.79
CA MET J 753 3.90 -64.32 -34.90
C MET J 753 3.01 -64.31 -33.64
N THR J 754 2.66 -65.45 -33.06
CA THR J 754 1.80 -65.48 -31.86
C THR J 754 2.52 -65.25 -30.52
N LYS J 755 1.76 -64.87 -29.49
CA LYS J 755 2.23 -64.68 -28.11
C LYS J 755 2.81 -65.97 -27.56
N ASP J 756 2.17 -67.10 -27.85
CA ASP J 756 2.65 -68.42 -27.43
C ASP J 756 4.00 -68.72 -28.04
N TRP J 757 4.12 -68.58 -29.36
CA TRP J 757 5.37 -68.89 -30.00
C TRP J 757 6.51 -67.99 -29.58
N PHE J 758 6.27 -66.69 -29.49
CA PHE J 758 7.31 -65.76 -29.09
C PHE J 758 7.80 -66.09 -27.68
N LEU J 759 6.89 -66.43 -26.78
CA LEU J 759 7.22 -66.80 -25.41
C LEU J 759 8.08 -68.08 -25.41
N VAL J 760 7.69 -69.09 -26.17
CA VAL J 760 8.42 -70.37 -26.24
C VAL J 760 9.81 -70.23 -26.85
N GLN J 761 10.04 -69.33 -27.81
CA GLN J 761 11.38 -69.14 -28.35
C GLN J 761 12.23 -68.32 -27.40
N MET J 762 11.69 -67.30 -26.74
CA MET J 762 12.48 -66.52 -25.78
C MET J 762 12.82 -67.35 -24.54
N LEU J 763 11.92 -68.22 -24.09
CA LEU J 763 12.19 -69.09 -22.94
C LEU J 763 13.26 -70.12 -23.26
N SER J 764 13.16 -70.78 -24.41
CA SER J 764 14.10 -71.84 -24.78
C SER J 764 15.51 -71.38 -25.15
N HIS J 765 15.68 -70.20 -25.73
CA HIS J 765 17.01 -69.68 -26.05
C HIS J 765 17.65 -68.91 -24.90
N TYR J 766 16.85 -68.18 -24.12
CA TYR J 766 17.35 -67.26 -23.10
C TYR J 766 16.74 -67.32 -21.71
N ASN J 767 15.75 -68.16 -21.41
CA ASN J 767 15.05 -68.19 -20.11
C ASN J 767 14.34 -66.85 -19.78
N ILE J 768 13.93 -66.05 -20.78
CA ILE J 768 13.40 -64.68 -20.59
C ILE J 768 11.92 -64.41 -20.27
N GLY J 769 10.97 -65.09 -20.89
CA GLY J 769 9.57 -64.69 -20.82
C GLY J 769 8.77 -64.52 -19.52
N TYR J 770 9.05 -65.18 -18.40
CA TYR J 770 8.15 -65.03 -17.24
C TYR J 770 8.30 -63.72 -16.45
N GLN J 771 9.40 -63.00 -16.60
CA GLN J 771 9.66 -61.73 -15.92
C GLN J 771 9.84 -60.58 -16.91
N GLY J 772 9.16 -60.67 -18.05
CA GLY J 772 9.06 -59.60 -19.04
C GLY J 772 10.16 -59.64 -20.07
N PHE J 773 9.81 -59.43 -21.34
CA PHE J 773 10.77 -59.45 -22.40
C PHE J 773 11.74 -58.28 -22.34
N HIS J 774 12.99 -58.54 -22.71
CA HIS J 774 14.05 -57.56 -22.87
C HIS J 774 15.03 -58.09 -23.91
N VAL J 775 15.87 -57.24 -24.47
CA VAL J 775 16.89 -57.69 -25.41
C VAL J 775 17.86 -58.62 -24.69
N PRO J 776 18.04 -59.87 -25.13
CA PRO J 776 18.95 -60.80 -24.48
C PRO J 776 20.39 -60.29 -24.50
N GLU J 777 21.13 -60.60 -23.44
CA GLU J 777 22.51 -60.14 -23.30
C GLU J 777 23.40 -60.57 -24.47
N GLY J 778 24.34 -59.73 -24.87
CA GLY J 778 25.18 -59.96 -26.05
C GLY J 778 25.88 -61.30 -26.10
N TYR J 779 26.41 -61.82 -24.99
CA TYR J 779 27.10 -63.10 -25.02
C TYR J 779 26.16 -64.28 -25.26
N LYS J 780 24.87 -64.17 -24.89
CA LYS J 780 23.87 -65.21 -25.08
C LYS J 780 23.27 -65.23 -26.48
N ASP J 781 23.10 -64.06 -27.07
CA ASP J 781 22.46 -63.88 -28.38
C ASP J 781 23.47 -64.04 -29.53
N ARG J 782 23.95 -65.26 -29.70
CA ARG J 782 24.97 -65.65 -30.69
C ARG J 782 24.41 -65.76 -32.11
N MET J 783 25.21 -66.15 -33.09
CA MET J 783 24.78 -66.15 -34.49
C MET J 783 23.56 -66.99 -34.88
N TYR J 784 23.44 -68.21 -34.38
CA TYR J 784 22.30 -69.08 -34.69
C TYR J 784 21.14 -68.93 -33.69
N SER J 785 21.20 -67.97 -32.76
CA SER J 785 20.14 -67.74 -31.77
C SER J 785 18.99 -66.91 -32.32
N PHE J 786 17.84 -66.98 -31.66
CA PHE J 786 16.60 -66.35 -32.10
C PHE J 786 16.55 -64.85 -32.21
N PHE J 787 16.78 -64.09 -31.15
CA PHE J 787 16.57 -62.65 -31.22
C PHE J 787 17.52 -61.95 -32.19
N ARG J 788 18.74 -62.45 -32.36
CA ARG J 788 19.69 -61.93 -33.35
C ARG J 788 19.09 -61.90 -34.74
N ASN J 789 18.28 -62.90 -35.07
CA ASN J 789 17.71 -63.12 -36.39
C ASN J 789 16.24 -62.75 -36.55
N PHE J 790 15.43 -62.58 -35.50
CA PHE J 790 14.03 -62.19 -35.65
C PHE J 790 13.87 -60.81 -36.30
N GLN J 791 13.18 -60.76 -37.44
CA GLN J 791 12.98 -59.58 -38.25
C GLN J 791 11.51 -59.42 -38.67
N PRO J 792 10.66 -58.81 -37.83
CA PRO J 792 9.27 -58.54 -38.15
C PRO J 792 9.15 -57.40 -39.15
N MET J 793 8.20 -57.48 -40.08
CA MET J 793 8.00 -56.49 -41.13
C MET J 793 6.53 -56.25 -41.41
N SER J 794 6.20 -55.10 -42.00
CA SER J 794 4.83 -54.75 -42.38
C SER J 794 4.84 -53.78 -43.56
N ARG J 795 3.85 -53.85 -44.44
CA ARG J 795 3.71 -52.93 -45.59
C ARG J 795 2.25 -52.72 -45.93
N GLN J 796 1.93 -51.62 -46.59
CA GLN J 796 0.61 -51.39 -47.11
C GLN J 796 0.62 -51.65 -48.61
N VAL J 797 -0.54 -51.97 -49.17
CA VAL J 797 -0.74 -52.16 -50.60
C VAL J 797 -2.09 -51.55 -50.95
N VAL J 798 -2.27 -51.22 -52.23
CA VAL J 798 -3.51 -50.67 -52.75
C VAL J 798 -4.63 -51.68 -52.51
N ASP J 799 -5.75 -51.24 -51.97
CA ASP J 799 -6.88 -52.12 -51.71
C ASP J 799 -7.60 -52.44 -53.02
N GLU J 800 -7.36 -53.61 -53.58
CA GLU J 800 -7.95 -54.01 -54.86
C GLU J 800 -9.48 -54.06 -54.85
N ILE J 801 -10.11 -54.22 -53.69
CA ILE J 801 -11.56 -54.36 -53.57
C ILE J 801 -12.25 -53.04 -53.29
N ASN J 802 -11.83 -52.29 -52.27
CA ASN J 802 -12.52 -51.05 -51.92
C ASN J 802 -12.12 -49.82 -52.74
N TYR J 803 -11.00 -49.80 -53.47
CA TYR J 803 -10.68 -48.67 -54.32
C TYR J 803 -11.46 -48.80 -55.64
N LYS J 804 -12.56 -48.05 -55.79
CA LYS J 804 -13.46 -48.13 -56.96
C LYS J 804 -12.83 -47.86 -58.33
N ASP J 805 -11.71 -47.15 -58.40
CA ASP J 805 -11.04 -46.81 -59.65
C ASP J 805 -9.81 -47.67 -59.95
N TYR J 806 -9.64 -48.78 -59.24
CA TYR J 806 -8.53 -49.69 -59.44
C TYR J 806 -8.55 -50.42 -60.78
N LYS J 807 -7.39 -50.59 -61.40
CA LYS J 807 -7.15 -51.38 -62.62
C LYS J 807 -5.88 -52.19 -62.40
N ALA J 808 -5.89 -53.48 -62.69
CA ALA J 808 -4.75 -54.38 -62.45
C ALA J 808 -3.85 -54.49 -63.67
N VAL J 809 -3.05 -53.45 -63.91
CA VAL J 809 -2.13 -53.34 -65.04
C VAL J 809 -0.97 -54.33 -64.94
N THR J 810 -0.96 -55.34 -65.81
CA THR J 810 0.11 -56.36 -65.83
C THR J 810 1.44 -55.71 -66.24
N LEU J 811 2.56 -56.27 -65.79
CA LEU J 811 3.89 -55.69 -65.97
C LEU J 811 4.28 -55.17 -67.36
N PRO J 812 4.02 -55.82 -68.50
CA PRO J 812 4.31 -55.25 -69.81
C PRO J 812 3.68 -53.88 -70.11
N PHE J 813 2.67 -53.47 -69.33
CA PHE J 813 1.88 -52.25 -69.49
C PHE J 813 2.04 -51.25 -68.35
N GLN J 814 2.78 -51.60 -67.31
CA GLN J 814 3.24 -50.66 -66.31
C GLN J 814 4.30 -49.77 -66.95
N HIS J 815 4.18 -48.45 -66.87
CA HIS J 815 5.22 -47.54 -67.33
C HIS J 815 5.46 -46.44 -66.32
N ASN J 816 6.74 -46.32 -65.95
CA ASN J 816 7.33 -45.31 -65.10
C ASN J 816 8.78 -45.13 -65.60
N ASN J 817 9.36 -43.94 -65.50
CA ASN J 817 10.69 -43.64 -66.05
C ASN J 817 10.79 -43.96 -67.56
N SER J 818 9.69 -43.96 -68.30
CA SER J 818 9.65 -44.30 -69.74
C SER J 818 10.45 -43.30 -70.57
N GLY J 819 11.00 -43.73 -71.71
CA GLY J 819 11.91 -42.92 -72.52
C GLY J 819 13.32 -42.87 -71.95
N PHE J 820 13.45 -42.75 -70.64
CA PHE J 820 14.70 -42.82 -69.88
C PHE J 820 15.18 -44.23 -69.56
N THR J 821 14.41 -45.27 -69.88
CA THR J 821 14.63 -46.65 -69.41
C THR J 821 14.39 -47.63 -70.54
N GLY J 822 14.96 -48.83 -70.46
CA GLY J 822 15.01 -49.78 -71.58
C GLY J 822 13.88 -50.79 -71.69
N TYR J 823 12.65 -50.41 -71.35
CA TYR J 823 11.51 -51.32 -71.37
C TYR J 823 11.73 -52.59 -70.54
N LEU J 824 11.44 -53.79 -71.07
CA LEU J 824 11.52 -55.06 -70.33
C LEU J 824 12.91 -55.67 -70.28
N ALA J 825 13.98 -54.91 -70.45
CA ALA J 825 15.33 -55.45 -70.43
C ALA J 825 16.34 -54.41 -69.94
N PRO J 826 17.52 -54.79 -69.47
CA PRO J 826 18.53 -53.85 -68.99
C PRO J 826 19.23 -53.07 -70.11
N THR J 827 18.74 -53.11 -71.34
CA THR J 827 19.56 -52.93 -72.54
C THR J 827 19.86 -51.48 -72.92
N MET J 828 18.87 -50.74 -73.40
CA MET J 828 19.05 -49.45 -74.08
C MET J 828 17.79 -48.62 -73.89
N ARG J 829 17.92 -47.30 -73.70
CA ARG J 829 16.77 -46.39 -73.49
C ARG J 829 15.66 -46.58 -74.52
N GLN J 830 14.41 -46.39 -74.15
CA GLN J 830 13.32 -46.76 -75.05
C GLN J 830 12.04 -45.99 -74.76
N GLY J 831 11.45 -45.39 -75.79
CA GLY J 831 10.13 -44.78 -75.68
C GLY J 831 10.18 -43.28 -75.51
N GLN J 832 9.23 -42.73 -74.76
CA GLN J 832 9.10 -41.29 -74.53
C GLN J 832 8.89 -40.94 -73.06
N PRO J 833 9.21 -39.72 -72.63
CA PRO J 833 8.72 -39.21 -71.35
C PRO J 833 7.19 -39.21 -71.36
N TYR J 834 6.55 -39.57 -70.26
CA TYR J 834 5.09 -39.52 -70.11
C TYR J 834 4.70 -39.66 -68.63
N PRO J 835 3.51 -39.22 -68.18
CA PRO J 835 3.10 -39.40 -66.80
C PRO J 835 3.21 -40.89 -66.45
N ALA J 836 3.67 -41.22 -65.25
CA ALA J 836 3.82 -42.59 -64.81
C ALA J 836 2.49 -43.19 -64.36
N ASN J 837 2.09 -44.35 -64.89
CA ASN J 837 0.84 -45.02 -64.52
C ASN J 837 0.92 -46.01 -63.38
N PHE J 838 2.11 -46.49 -62.97
CA PHE J 838 2.14 -47.64 -62.07
C PHE J 838 1.95 -47.54 -60.55
N PRO J 839 2.95 -47.20 -59.72
CA PRO J 839 2.78 -47.35 -58.28
C PRO J 839 1.80 -46.34 -57.70
N TYR J 840 0.57 -46.77 -57.40
CA TYR J 840 -0.45 -45.88 -56.83
C TYR J 840 0.09 -45.28 -55.53
N PRO J 841 -0.14 -44.00 -55.25
CA PRO J 841 0.35 -43.38 -54.03
C PRO J 841 -0.38 -43.90 -52.80
N LEU J 842 0.32 -44.50 -51.86
CA LEU J 842 -0.20 -44.83 -50.54
C LEU J 842 0.00 -43.67 -49.54
N ILE J 843 0.41 -42.51 -50.03
CA ILE J 843 1.05 -41.40 -49.29
C ILE J 843 0.51 -40.05 -49.80
N GLY J 844 0.43 -39.05 -48.94
CA GLY J 844 0.06 -37.69 -49.34
C GLY J 844 -1.45 -37.41 -49.42
N GLN J 845 -1.85 -36.45 -50.25
CA GLN J 845 -3.25 -36.03 -50.36
C GLN J 845 -4.11 -36.88 -51.29
N THR J 846 -3.56 -37.42 -52.36
CA THR J 846 -4.28 -38.28 -53.30
C THR J 846 -4.11 -39.77 -52.95
N ALA J 847 -3.77 -40.07 -51.70
CA ALA J 847 -3.52 -41.42 -51.24
C ALA J 847 -4.70 -42.35 -51.48
N VAL J 848 -4.40 -43.48 -52.11
CA VAL J 848 -5.34 -44.52 -52.48
C VAL J 848 -5.81 -45.38 -51.30
N PRO J 849 -7.06 -45.88 -51.28
CA PRO J 849 -7.52 -46.80 -50.24
C PRO J 849 -6.54 -47.95 -50.09
N SER J 850 -6.37 -48.45 -48.88
CA SER J 850 -5.28 -49.38 -48.58
C SER J 850 -5.54 -50.47 -47.54
N VAL J 851 -4.81 -51.58 -47.67
CA VAL J 851 -4.82 -52.74 -46.76
C VAL J 851 -3.40 -53.09 -46.37
N THR J 852 -3.23 -53.75 -45.24
CA THR J 852 -1.92 -54.04 -44.64
C THR J 852 -1.53 -55.50 -44.60
N GLN J 853 -0.26 -55.78 -44.88
CA GLN J 853 0.34 -57.10 -44.85
C GLN J 853 1.46 -57.14 -43.81
N LYS J 854 1.40 -58.05 -42.85
CA LYS J 854 2.42 -58.25 -41.80
C LYS J 854 3.03 -59.62 -41.93
N LYS J 855 4.35 -59.75 -41.83
CA LYS J 855 5.10 -61.01 -41.88
C LYS J 855 6.42 -60.92 -41.11
N PHE J 856 7.22 -61.98 -41.07
CA PHE J 856 8.53 -61.97 -40.43
C PHE J 856 9.50 -62.93 -41.08
N LEU J 857 10.77 -62.75 -40.74
CA LEU J 857 11.85 -63.64 -41.10
C LEU J 857 12.75 -63.85 -39.88
N CYS J 858 13.36 -65.01 -39.84
CA CYS J 858 14.43 -65.43 -38.96
C CYS J 858 14.91 -66.63 -39.72
N ASP J 859 16.17 -66.62 -40.14
CA ASP J 859 16.66 -67.63 -41.06
C ASP J 859 17.80 -68.49 -40.55
N ARG J 860 18.85 -67.98 -39.93
CA ARG J 860 19.92 -68.89 -39.42
C ARG J 860 19.42 -69.85 -38.32
N VAL J 861 18.35 -69.47 -37.65
CA VAL J 861 17.64 -70.21 -36.60
C VAL J 861 17.02 -71.51 -37.10
N MET J 862 16.76 -72.42 -36.17
CA MET J 862 15.89 -73.57 -36.37
C MET J 862 14.96 -73.56 -35.17
N TRP J 863 13.67 -73.77 -35.37
CA TRP J 863 12.68 -73.67 -34.31
C TRP J 863 12.91 -74.67 -33.22
N ARG J 864 12.71 -74.29 -31.95
CA ARG J 864 12.89 -75.21 -30.83
C ARG J 864 11.71 -75.32 -29.89
N ILE J 865 11.51 -76.50 -29.32
CA ILE J 865 10.48 -76.81 -28.33
C ILE J 865 11.15 -77.69 -27.25
N PRO J 866 11.49 -77.19 -26.06
CA PRO J 866 12.11 -77.97 -25.01
C PRO J 866 11.16 -78.95 -24.33
N PHE J 867 11.52 -80.23 -24.20
CA PHE J 867 10.71 -81.18 -23.46
C PHE J 867 11.03 -80.94 -21.99
N SER J 868 10.43 -79.90 -21.44
CA SER J 868 10.64 -79.42 -20.09
C SER J 868 9.34 -78.88 -19.51
N SER J 869 9.07 -79.11 -18.22
CA SER J 869 7.74 -78.90 -17.64
C SER J 869 7.25 -77.45 -17.74
N ASN J 870 8.20 -76.53 -17.75
CA ASN J 870 8.09 -75.18 -18.27
C ASN J 870 9.22 -75.08 -19.33
N PHE J 871 9.11 -74.22 -20.33
CA PHE J 871 10.08 -74.24 -21.43
C PHE J 871 11.51 -73.73 -21.16
N MET J 872 11.92 -73.48 -19.93
CA MET J 872 13.26 -73.00 -19.61
C MET J 872 14.34 -74.08 -19.59
N SER J 873 15.60 -73.67 -19.77
CA SER J 873 16.76 -74.56 -19.60
C SER J 873 17.14 -74.53 -18.13
N MET J 874 16.68 -75.52 -17.35
CA MET J 874 16.98 -75.65 -15.91
C MET J 874 18.06 -76.69 -15.62
N GLY J 875 18.52 -77.40 -16.65
CA GLY J 875 19.66 -78.31 -16.67
C GLY J 875 19.70 -79.03 -18.02
N ALA J 876 20.71 -79.82 -18.31
CA ALA J 876 20.81 -80.52 -19.59
C ALA J 876 19.83 -81.69 -19.67
N LEU J 877 19.73 -82.48 -18.61
CA LEU J 877 18.77 -83.57 -18.46
C LEU J 877 17.50 -83.00 -17.82
N THR J 878 16.47 -82.72 -18.62
CA THR J 878 15.27 -81.98 -18.21
C THR J 878 14.40 -82.75 -17.23
N ASP J 879 13.47 -82.07 -16.55
CA ASP J 879 12.63 -82.72 -15.53
C ASP J 879 11.71 -83.78 -16.13
N LEU J 880 11.04 -83.48 -17.24
CA LEU J 880 10.19 -84.44 -17.94
C LEU J 880 11.04 -85.59 -18.47
N GLY J 881 12.28 -85.34 -18.87
CA GLY J 881 13.18 -86.39 -19.32
C GLY J 881 13.46 -87.41 -18.23
N GLN J 882 13.53 -86.98 -16.96
CA GLN J 882 13.68 -87.88 -15.82
C GLN J 882 12.39 -88.61 -15.48
N ASN J 883 11.24 -87.93 -15.51
CA ASN J 883 9.95 -88.61 -15.27
C ASN J 883 9.82 -89.82 -16.19
N MET J 884 10.17 -89.68 -17.45
CA MET J 884 10.10 -90.78 -18.42
C MET J 884 11.07 -91.93 -18.13
N LEU J 885 12.10 -91.75 -17.30
CA LEU J 885 12.93 -92.86 -16.79
C LEU J 885 12.21 -93.68 -15.74
N TYR J 886 11.70 -92.97 -14.74
CA TYR J 886 10.84 -93.55 -13.73
C TYR J 886 9.51 -94.06 -14.31
N ALA J 887 9.08 -93.63 -15.49
CA ALA J 887 7.87 -94.22 -16.08
C ALA J 887 8.13 -95.66 -16.59
N ASN J 888 9.39 -96.06 -16.84
CA ASN J 888 9.85 -97.39 -17.31
C ASN J 888 9.02 -98.00 -18.46
N SER J 889 8.43 -97.16 -19.31
CA SER J 889 7.46 -97.57 -20.32
C SER J 889 7.67 -96.94 -21.68
N ALA J 890 7.23 -97.65 -22.73
CA ALA J 890 7.25 -97.18 -24.09
C ALA J 890 6.02 -96.32 -24.44
N HIS J 891 6.20 -95.23 -25.19
CA HIS J 891 5.13 -94.35 -25.66
C HIS J 891 5.30 -94.11 -27.17
N ALA J 892 4.19 -94.00 -27.90
CA ALA J 892 4.23 -93.60 -29.30
C ALA J 892 4.25 -92.07 -29.38
N LEU J 893 4.46 -91.49 -30.55
CA LEU J 893 4.38 -90.04 -30.71
C LEU J 893 3.88 -89.65 -32.09
N ASP J 894 2.89 -88.76 -32.14
CA ASP J 894 2.38 -88.18 -33.37
C ASP J 894 2.65 -86.68 -33.38
N MET J 895 3.01 -86.14 -34.52
CA MET J 895 3.20 -84.71 -34.71
C MET J 895 2.54 -84.31 -36.02
N THR J 896 1.80 -83.21 -36.02
CA THR J 896 1.22 -82.68 -37.25
C THR J 896 1.74 -81.27 -37.42
N PHE J 897 2.46 -81.02 -38.49
CA PHE J 897 2.99 -79.71 -38.82
C PHE J 897 2.12 -79.11 -39.90
N GLU J 898 1.65 -77.89 -39.72
CA GLU J 898 0.92 -77.18 -40.75
C GLU J 898 1.93 -76.19 -41.30
N VAL J 899 2.03 -76.10 -42.62
CA VAL J 899 3.06 -75.36 -43.32
C VAL J 899 2.55 -74.71 -44.60
N ASP J 900 3.15 -73.61 -45.03
CA ASP J 900 2.77 -72.90 -46.25
C ASP J 900 3.13 -73.74 -47.48
N PRO J 901 2.29 -73.74 -48.52
CA PRO J 901 2.53 -74.49 -49.73
C PRO J 901 3.70 -73.89 -50.52
N MET J 902 4.50 -74.74 -51.15
CA MET J 902 5.62 -74.34 -52.01
C MET J 902 5.58 -75.08 -53.33
N ASP J 903 5.93 -74.42 -54.41
CA ASP J 903 5.86 -74.99 -55.75
C ASP J 903 6.86 -76.13 -56.05
N GLU J 904 7.80 -76.39 -55.13
CA GLU J 904 8.84 -77.41 -55.27
C GLU J 904 8.85 -78.41 -54.11
N PRO J 905 9.29 -79.66 -54.32
CA PRO J 905 9.33 -80.64 -53.26
C PRO J 905 10.32 -80.20 -52.18
N THR J 906 9.92 -80.32 -50.92
CA THR J 906 10.69 -79.89 -49.76
C THR J 906 10.70 -80.98 -48.69
N LEU J 907 11.52 -80.82 -47.65
CA LEU J 907 11.61 -81.75 -46.55
C LEU J 907 11.40 -81.09 -45.19
N LEU J 908 10.64 -81.72 -44.32
CA LEU J 908 10.55 -81.33 -42.92
C LEU J 908 11.80 -81.93 -42.30
N TYR J 909 12.61 -81.14 -41.62
CA TYR J 909 13.80 -81.64 -40.96
C TYR J 909 13.55 -81.57 -39.46
N LEU J 910 13.56 -82.71 -38.77
CA LEU J 910 13.39 -82.79 -37.34
C LEU J 910 14.64 -83.25 -36.65
N LEU J 911 14.92 -82.63 -35.52
CA LEU J 911 15.97 -83.02 -34.64
C LEU J 911 15.30 -83.47 -33.38
N PHE J 912 15.32 -84.75 -33.12
CA PHE J 912 14.83 -85.21 -31.84
C PHE J 912 16.03 -84.98 -30.94
N GLU J 913 15.97 -84.01 -30.04
CA GLU J 913 17.09 -83.69 -29.18
C GLU J 913 17.32 -84.89 -28.26
N VAL J 914 18.59 -85.18 -28.02
CA VAL J 914 18.97 -86.44 -27.39
C VAL J 914 20.32 -86.33 -26.68
N PHE J 915 20.69 -87.27 -25.82
CA PHE J 915 22.07 -87.41 -25.36
C PHE J 915 22.79 -88.45 -26.20
N ASP J 916 23.62 -88.01 -27.14
CA ASP J 916 24.48 -88.86 -27.95
C ASP J 916 25.85 -88.73 -27.29
N VAL J 917 26.41 -89.81 -26.77
CA VAL J 917 27.64 -89.77 -25.98
C VAL J 917 28.52 -90.99 -26.16
N VAL J 918 29.79 -90.86 -25.82
CA VAL J 918 30.79 -91.91 -25.82
C VAL J 918 31.61 -91.82 -24.55
N ARG J 919 32.20 -92.95 -24.15
CA ARG J 919 33.21 -93.08 -23.09
C ARG J 919 34.34 -93.90 -23.66
N VAL J 920 35.59 -93.54 -23.40
CA VAL J 920 36.76 -94.15 -24.03
C VAL J 920 37.76 -94.61 -23.00
N HIS J 921 38.19 -95.87 -23.12
CA HIS J 921 39.08 -96.54 -22.20
C HIS J 921 40.32 -96.98 -22.94
N GLN J 922 41.47 -96.86 -22.30
CA GLN J 922 42.78 -97.11 -22.86
C GLN J 922 43.62 -97.94 -21.86
N PRO J 923 43.26 -99.21 -21.58
CA PRO J 923 43.92 -99.99 -20.54
C PRO J 923 45.28 -100.59 -20.84
N HIS J 924 45.69 -100.75 -22.08
CA HIS J 924 47.03 -101.25 -22.38
C HIS J 924 47.59 -100.43 -23.54
N ARG J 925 48.90 -100.40 -23.69
CA ARG J 925 49.65 -99.54 -24.61
C ARG J 925 49.23 -99.66 -26.05
N GLY J 926 48.81 -100.84 -26.44
CA GLY J 926 48.37 -101.08 -27.81
C GLY J 926 46.90 -100.83 -28.11
N VAL J 927 46.04 -100.45 -27.15
CA VAL J 927 44.59 -100.43 -27.39
C VAL J 927 43.77 -99.27 -26.87
N ILE J 928 42.61 -99.12 -27.49
CA ILE J 928 41.55 -98.15 -27.20
C ILE J 928 40.20 -98.84 -27.37
N GLU J 929 39.30 -98.70 -26.40
CA GLU J 929 37.95 -99.29 -26.38
C GLU J 929 36.90 -98.21 -26.12
N ALA J 930 35.96 -98.02 -27.03
CA ALA J 930 34.94 -97.01 -26.90
C ALA J 930 33.57 -97.62 -26.66
N VAL J 931 32.85 -97.08 -25.68
CA VAL J 931 31.46 -97.43 -25.36
C VAL J 931 30.59 -96.27 -25.80
N TYR J 932 29.62 -96.52 -26.67
CA TYR J 932 28.70 -95.51 -27.14
C TYR J 932 27.34 -95.64 -26.48
N LEU J 933 26.62 -94.54 -26.35
CA LEU J 933 25.23 -94.54 -25.97
C LEU J 933 24.47 -93.39 -26.65
N ARG J 934 23.18 -93.58 -26.93
CA ARG J 934 22.29 -92.53 -27.43
C ARG J 934 20.94 -92.76 -26.84
N THR J 935 20.51 -91.88 -25.95
CA THR J 935 19.60 -92.36 -24.93
C THR J 935 18.19 -92.61 -25.43
N PRO J 936 17.40 -91.59 -25.75
CA PRO J 936 16.39 -91.78 -26.76
C PRO J 936 16.99 -92.15 -28.11
N PHE J 937 16.24 -92.78 -29.02
CA PHE J 937 16.73 -93.18 -30.35
C PHE J 937 18.03 -93.98 -30.32
N SER J 938 18.08 -95.00 -29.47
CA SER J 938 19.29 -95.79 -29.26
C SER J 938 19.81 -96.59 -30.42
N ALA J 939 21.11 -96.90 -30.35
CA ALA J 939 21.87 -97.68 -31.32
C ALA J 939 22.86 -98.63 -30.64
N GLY J 940 22.58 -99.03 -29.40
CA GLY J 940 23.33 -100.07 -28.68
C GLY J 940 24.66 -99.65 -28.08
N ASN J 941 25.52 -100.65 -27.92
CA ASN J 941 26.73 -100.62 -27.12
C ASN J 941 27.98 -101.11 -27.86
N MET K 1 14.95 -38.71 11.93
CA MET K 1 15.29 -39.13 10.55
C MET K 1 15.71 -40.58 10.41
N MET K 2 16.62 -41.15 11.21
CA MET K 2 17.00 -42.52 10.88
C MET K 2 16.00 -43.67 10.84
N PRO K 3 14.86 -43.78 11.55
CA PRO K 3 14.08 -45.00 11.32
C PRO K 3 13.44 -44.85 9.96
N GLN K 4 12.88 -43.69 9.59
CA GLN K 4 12.42 -43.41 8.22
C GLN K 4 13.42 -43.87 7.14
N TRP K 5 14.69 -43.52 7.24
CA TRP K 5 15.70 -43.97 6.28
C TRP K 5 16.06 -45.43 6.41
N ALA K 6 16.05 -46.01 7.60
CA ALA K 6 16.32 -47.44 7.72
C ALA K 6 15.12 -48.29 7.33
N TYR K 7 13.91 -47.75 7.36
CA TYR K 7 12.66 -48.42 7.01
C TYR K 7 12.37 -48.34 5.51
N MET K 8 12.66 -47.21 4.86
CA MET K 8 12.64 -47.11 3.41
C MET K 8 13.95 -47.54 2.73
N HIS K 9 14.89 -48.13 3.47
CA HIS K 9 16.16 -48.68 2.95
C HIS K 9 17.04 -47.72 2.18
N ILE K 10 17.16 -46.49 2.65
CA ILE K 10 18.10 -45.48 2.14
C ILE K 10 19.45 -45.57 2.88
N ALA K 11 19.44 -46.13 4.09
CA ALA K 11 20.60 -46.33 4.95
C ALA K 11 20.44 -47.61 5.79
N GLY K 12 21.50 -48.07 6.46
CA GLY K 12 21.45 -49.30 7.26
C GLY K 12 21.76 -50.60 6.51
N GLN K 13 21.01 -51.66 6.84
CA GLN K 13 21.15 -53.04 6.35
C GLN K 13 20.93 -53.32 4.85
N ASP K 14 21.66 -54.31 4.33
CA ASP K 14 21.55 -54.85 2.98
C ASP K 14 20.36 -55.81 2.84
N ALA K 15 19.84 -56.11 1.65
CA ALA K 15 18.76 -57.09 1.53
C ALA K 15 19.20 -58.46 2.08
N SER K 16 20.50 -58.75 2.00
CA SER K 16 21.10 -59.96 2.53
C SER K 16 21.16 -59.94 4.06
N GLU K 17 20.67 -58.89 4.71
CA GLU K 17 20.72 -58.69 6.16
C GLU K 17 19.33 -58.43 6.75
N TYR K 18 18.46 -57.67 6.10
CA TYR K 18 17.12 -57.41 6.64
C TYR K 18 16.09 -58.50 6.29
N LEU K 19 16.18 -59.16 5.13
CA LEU K 19 15.21 -60.21 4.77
C LEU K 19 15.32 -61.45 5.64
N SER K 20 14.22 -62.17 5.84
CA SER K 20 14.28 -63.43 6.59
C SER K 20 15.20 -64.38 5.85
N PRO K 21 16.08 -65.12 6.52
CA PRO K 21 17.06 -65.92 5.83
C PRO K 21 16.45 -67.01 4.95
N GLY K 22 15.23 -67.48 5.21
CA GLY K 22 14.57 -68.44 4.34
C GLY K 22 14.40 -67.85 2.94
N LEU K 23 13.97 -66.60 2.84
CA LEU K 23 13.79 -65.94 1.55
C LEU K 23 15.13 -65.73 0.87
N VAL K 24 16.18 -65.43 1.63
CA VAL K 24 17.51 -65.23 1.08
C VAL K 24 18.01 -66.55 0.48
N GLN K 25 17.76 -67.69 1.13
CA GLN K 25 18.11 -69.03 0.63
C GLN K 25 17.29 -69.35 -0.62
N PHE K 26 15.97 -69.15 -0.58
CA PHE K 26 15.09 -69.38 -1.72
C PHE K 26 15.53 -68.58 -2.94
N ALA K 27 15.88 -67.32 -2.75
CA ALA K 27 16.35 -66.44 -3.81
C ALA K 27 17.58 -67.04 -4.50
N ARG K 28 18.63 -67.34 -3.74
CA ARG K 28 19.87 -67.94 -4.26
C ARG K 28 19.60 -69.24 -5.00
N ALA K 29 18.76 -70.11 -4.43
CA ALA K 29 18.43 -71.40 -5.02
C ALA K 29 17.62 -71.37 -6.33
N THR K 30 16.85 -70.32 -6.62
CA THR K 30 16.01 -70.19 -7.83
C THR K 30 16.45 -69.06 -8.78
N ASP K 31 17.55 -68.40 -8.48
CA ASP K 31 18.02 -67.21 -9.21
C ASP K 31 18.33 -67.38 -10.68
N THR K 32 18.46 -68.61 -11.17
CA THR K 32 18.68 -68.84 -12.60
C THR K 32 17.40 -69.07 -13.37
N TYR K 33 16.26 -69.30 -12.71
CA TYR K 33 15.03 -69.49 -13.45
C TYR K 33 14.20 -68.22 -13.27
N PHE K 34 14.03 -67.75 -12.04
CA PHE K 34 13.05 -66.73 -11.63
C PHE K 34 13.72 -65.90 -10.55
N SER K 35 14.21 -64.73 -10.94
CA SER K 35 15.14 -63.96 -10.16
C SER K 35 14.39 -62.88 -9.38
N LEU K 36 14.35 -63.05 -8.06
CA LEU K 36 13.80 -62.12 -7.09
C LEU K 36 14.74 -60.98 -6.70
N GLY K 37 15.97 -60.91 -7.21
CA GLY K 37 16.91 -59.91 -6.74
C GLY K 37 16.48 -58.47 -6.96
N ASN K 38 15.81 -58.11 -8.06
CA ASN K 38 15.56 -56.70 -8.37
C ASN K 38 14.44 -56.06 -7.53
N LYS K 39 13.95 -56.76 -6.51
CA LYS K 39 12.74 -56.42 -5.74
C LYS K 39 13.04 -55.90 -4.34
N PHE K 40 14.31 -55.72 -4.02
CA PHE K 40 14.74 -55.28 -2.71
C PHE K 40 15.85 -54.24 -2.77
N ARG K 41 15.72 -53.14 -2.03
CA ARG K 41 16.73 -52.10 -1.99
C ARG K 41 17.98 -52.49 -1.22
N ASN K 42 19.16 -52.17 -1.73
CA ASN K 42 20.41 -52.29 -0.99
C ASN K 42 20.89 -50.85 -0.81
N PRO K 43 21.03 -50.31 0.40
CA PRO K 43 21.64 -49.01 0.56
C PRO K 43 23.15 -49.04 0.34
N THR K 44 23.74 -47.88 0.03
CA THR K 44 25.19 -47.70 -0.23
C THR K 44 25.62 -46.33 0.30
N VAL K 45 25.74 -46.23 1.61
CA VAL K 45 26.13 -45.01 2.32
C VAL K 45 27.59 -44.64 2.10
N ALA K 46 27.93 -43.35 1.94
CA ALA K 46 29.30 -42.87 1.75
C ALA K 46 30.06 -42.61 3.08
N PRO K 47 31.41 -42.65 3.10
CA PRO K 47 32.23 -42.85 4.33
C PRO K 47 32.28 -41.76 5.42
N THR K 48 31.61 -40.63 5.24
CA THR K 48 31.53 -39.48 6.14
C THR K 48 32.83 -38.80 6.63
N HIS K 49 33.15 -38.77 7.92
CA HIS K 49 34.20 -37.93 8.53
C HIS K 49 35.70 -38.04 8.20
N ASP K 50 36.29 -39.21 7.94
CA ASP K 50 37.75 -39.26 7.77
C ASP K 50 38.30 -39.17 6.35
N VAL K 51 37.46 -39.01 5.32
CA VAL K 51 37.90 -39.03 3.92
C VAL K 51 38.36 -37.66 3.45
N THR K 52 37.52 -36.63 3.55
CA THR K 52 37.78 -35.31 2.94
C THR K 52 38.05 -34.22 3.96
N THR K 53 39.05 -33.39 3.73
CA THR K 53 39.40 -32.28 4.60
C THR K 53 38.43 -31.12 4.48
N ASP K 54 38.09 -30.53 5.61
CA ASP K 54 37.26 -29.33 5.67
C ASP K 54 38.17 -28.09 5.82
N ARG K 55 39.49 -28.19 5.60
CA ARG K 55 40.35 -26.99 5.55
C ARG K 55 40.36 -26.44 4.13
N SER K 56 40.66 -25.15 3.98
CA SER K 56 40.67 -24.47 2.67
C SER K 56 41.89 -24.87 1.85
N GLN K 57 41.66 -25.65 0.80
CA GLN K 57 42.73 -26.20 -0.03
C GLN K 57 42.25 -26.48 -1.45
N ARG K 58 43.08 -26.18 -2.45
CA ARG K 58 42.87 -26.43 -3.88
C ARG K 58 42.84 -27.90 -4.25
N LEU K 59 42.06 -28.20 -5.28
CA LEU K 59 42.02 -29.49 -5.98
C LEU K 59 43.10 -29.56 -7.03
N THR K 60 43.26 -28.50 -7.82
CA THR K 60 44.26 -28.42 -8.88
C THR K 60 45.25 -27.31 -8.58
N LEU K 61 46.55 -27.60 -8.63
CA LEU K 61 47.60 -26.59 -8.46
C LEU K 61 48.31 -26.45 -9.78
N ARG K 62 48.62 -25.21 -10.12
CA ARG K 62 49.28 -24.82 -11.34
C ARG K 62 50.63 -24.23 -11.01
N PHE K 63 51.70 -24.89 -11.46
CA PHE K 63 53.06 -24.47 -11.27
C PHE K 63 53.58 -23.82 -12.54
N VAL K 64 54.50 -22.89 -12.35
CA VAL K 64 55.12 -22.04 -13.37
C VAL K 64 56.61 -22.34 -13.48
N PRO K 65 57.24 -22.22 -14.65
CA PRO K 65 58.65 -22.45 -14.75
C PRO K 65 59.43 -21.47 -13.88
N VAL K 66 60.18 -21.96 -12.90
CA VAL K 66 61.03 -21.08 -12.09
C VAL K 66 62.24 -20.64 -12.90
N ASP K 67 62.54 -21.37 -13.99
CA ASP K 67 63.60 -21.09 -14.96
C ASP K 67 63.30 -21.84 -16.26
N ARG K 68 63.77 -21.31 -17.38
CA ARG K 68 63.62 -21.87 -18.71
C ARG K 68 64.80 -21.51 -19.59
N GLU K 69 65.21 -22.40 -20.49
CA GLU K 69 66.29 -22.16 -21.42
C GLU K 69 65.91 -22.56 -22.84
N ASP K 70 66.38 -21.83 -23.85
CA ASP K 70 66.10 -22.10 -25.26
C ASP K 70 67.36 -22.31 -26.11
N THR K 71 67.24 -23.14 -27.14
CA THR K 71 68.25 -23.37 -28.16
C THR K 71 67.55 -23.37 -29.51
N THR K 72 68.31 -23.44 -30.60
CA THR K 72 67.79 -23.42 -31.98
C THR K 72 66.77 -24.53 -32.27
N TYR K 73 66.81 -25.64 -31.53
CA TYR K 73 65.98 -26.83 -31.73
C TYR K 73 65.32 -27.42 -30.48
N SER K 74 65.45 -26.82 -29.30
CA SER K 74 64.86 -27.38 -28.07
C SER K 74 64.56 -26.32 -27.00
N TYR K 75 63.80 -26.72 -25.99
CA TYR K 75 63.31 -25.91 -24.88
C TYR K 75 63.46 -26.70 -23.59
N LYS K 76 63.69 -26.08 -22.45
CA LYS K 76 63.96 -26.79 -21.18
C LYS K 76 63.46 -25.97 -20.03
N ALA K 77 62.50 -26.45 -19.26
CA ALA K 77 61.92 -25.69 -18.15
C ALA K 77 62.01 -26.42 -16.81
N ARG K 78 62.28 -25.69 -15.72
CA ARG K 78 62.45 -26.20 -14.36
C ARG K 78 61.31 -25.80 -13.49
N PHE K 79 60.74 -26.74 -12.75
CA PHE K 79 59.65 -26.41 -11.87
C PHE K 79 59.90 -26.92 -10.45
N THR K 80 59.39 -26.25 -9.44
CA THR K 80 59.48 -26.74 -8.06
C THR K 80 58.13 -27.36 -7.76
N LEU K 81 57.97 -28.65 -8.01
CA LEU K 81 56.72 -29.32 -7.74
C LEU K 81 56.68 -29.48 -6.24
N ALA K 82 55.83 -28.74 -5.54
CA ALA K 82 55.71 -28.79 -4.09
C ALA K 82 54.45 -29.51 -3.68
N VAL K 83 54.61 -30.45 -2.75
CA VAL K 83 53.54 -31.24 -2.15
C VAL K 83 53.57 -30.85 -0.67
N GLY K 84 52.54 -30.15 -0.19
CA GLY K 84 52.46 -29.71 1.21
C GLY K 84 52.35 -30.87 2.19
N ASP K 85 52.63 -30.64 3.47
CA ASP K 85 52.63 -31.68 4.51
C ASP K 85 51.44 -32.62 4.60
N ASN K 86 50.22 -32.19 4.28
CA ASN K 86 49.05 -33.05 4.39
C ASN K 86 48.46 -33.45 3.04
N ARG K 87 49.20 -33.23 1.95
CA ARG K 87 48.83 -33.65 0.60
C ARG K 87 49.49 -35.01 0.33
N VAL K 88 49.05 -35.71 -0.69
CA VAL K 88 49.83 -36.71 -1.46
C VAL K 88 49.47 -36.56 -2.95
N LEU K 89 50.43 -36.69 -3.86
CA LEU K 89 50.20 -36.48 -5.28
C LEU K 89 50.44 -37.74 -6.08
N ASP K 90 49.43 -38.27 -6.78
CA ASP K 90 49.67 -39.32 -7.76
C ASP K 90 50.16 -38.66 -9.05
N MET K 91 51.38 -38.95 -9.46
CA MET K 91 51.99 -38.34 -10.63
C MET K 91 51.21 -38.56 -11.92
N ALA K 92 50.36 -39.57 -12.04
CA ALA K 92 49.56 -39.78 -13.24
C ALA K 92 48.57 -38.65 -13.45
N SER K 93 48.31 -37.84 -12.43
CA SER K 93 47.43 -36.68 -12.51
C SER K 93 48.16 -35.42 -13.01
N THR K 94 49.49 -35.45 -13.12
CA THR K 94 50.28 -34.30 -13.57
C THR K 94 50.52 -34.23 -15.07
N TYR K 95 50.57 -33.05 -15.68
CA TYR K 95 50.80 -32.87 -17.13
C TYR K 95 51.37 -31.48 -17.47
N PHE K 96 52.11 -31.39 -18.56
CA PHE K 96 52.66 -30.13 -19.04
C PHE K 96 51.68 -29.46 -19.99
N ASP K 97 51.05 -28.39 -19.55
CA ASP K 97 50.11 -27.59 -20.32
C ASP K 97 50.95 -26.59 -21.10
N ILE K 98 50.98 -26.73 -22.42
CA ILE K 98 51.81 -25.92 -23.31
C ILE K 98 50.94 -25.09 -24.25
N ARG K 99 51.34 -23.83 -24.49
CA ARG K 99 50.70 -22.89 -25.40
C ARG K 99 51.74 -22.34 -26.37
N GLY K 100 51.36 -22.02 -27.60
CA GLY K 100 52.28 -21.57 -28.62
C GLY K 100 51.58 -21.27 -29.93
N VAL K 101 52.36 -20.99 -30.96
CA VAL K 101 51.86 -20.72 -32.30
C VAL K 101 52.59 -21.66 -33.25
N LEU K 102 51.84 -22.22 -34.18
CA LEU K 102 52.27 -23.20 -35.14
C LEU K 102 51.99 -22.75 -36.56
N ASP K 103 52.94 -22.91 -37.47
CA ASP K 103 52.73 -22.70 -38.90
C ASP K 103 53.02 -24.04 -39.55
N ARG K 104 51.98 -24.65 -40.11
CA ARG K 104 52.02 -25.95 -40.80
C ARG K 104 52.69 -25.85 -42.17
N GLY K 105 52.97 -24.64 -42.65
CA GLY K 105 53.64 -24.41 -43.93
C GLY K 105 52.73 -24.54 -45.15
N PRO K 106 53.23 -24.16 -46.33
CA PRO K 106 52.47 -24.22 -47.57
C PRO K 106 52.20 -25.64 -48.07
N SER K 107 52.89 -26.64 -47.53
CA SER K 107 52.65 -28.04 -47.90
C SER K 107 51.41 -28.61 -47.24
N PHE K 108 50.84 -27.93 -46.24
CA PHE K 108 49.61 -28.37 -45.59
C PHE K 108 48.45 -28.19 -46.55
N LYS K 109 47.61 -29.21 -46.71
CA LYS K 109 46.45 -29.19 -47.60
C LYS K 109 45.53 -30.30 -47.12
N PRO K 110 44.73 -30.07 -46.08
CA PRO K 110 43.90 -31.06 -45.40
C PRO K 110 42.60 -31.48 -46.06
N TYR K 111 42.57 -31.63 -47.38
CA TYR K 111 41.39 -32.10 -48.10
C TYR K 111 41.79 -32.57 -49.49
N SER K 112 41.00 -33.46 -50.05
CA SER K 112 41.14 -33.94 -51.41
C SER K 112 40.35 -33.01 -52.34
N GLY K 113 40.72 -32.90 -53.62
CA GLY K 113 40.00 -32.02 -54.56
C GLY K 113 40.34 -30.55 -54.39
N THR K 114 39.43 -29.65 -54.71
CA THR K 114 39.63 -28.19 -54.61
C THR K 114 38.38 -27.48 -54.10
N ALA K 115 38.56 -26.37 -53.40
CA ALA K 115 37.45 -25.53 -52.98
C ALA K 115 36.79 -24.78 -54.16
N TYR K 116 37.51 -24.56 -55.27
CA TYR K 116 37.12 -23.56 -56.25
C TYR K 116 36.72 -24.16 -57.58
N ASN K 117 35.53 -23.87 -58.06
CA ASN K 117 35.03 -24.30 -59.37
C ASN K 117 35.13 -25.82 -59.61
N SER K 118 35.03 -26.64 -58.58
CA SER K 118 35.20 -28.09 -58.70
C SER K 118 34.19 -28.79 -59.62
N LEU K 119 33.04 -28.20 -59.94
CA LEU K 119 32.11 -28.73 -60.95
C LEU K 119 32.54 -28.47 -62.39
N ALA K 120 33.41 -27.50 -62.63
CA ALA K 120 33.94 -27.22 -63.95
C ALA K 120 34.74 -28.41 -64.51
N PRO K 121 34.66 -28.72 -65.80
CA PRO K 121 35.58 -29.65 -66.43
C PRO K 121 37.03 -29.28 -66.18
N LYS K 122 37.91 -30.28 -65.99
CA LYS K 122 39.34 -30.07 -65.64
C LYS K 122 40.17 -29.48 -66.76
N SER K 123 39.58 -29.19 -67.91
CA SER K 123 40.24 -28.60 -69.07
C SER K 123 39.47 -27.40 -69.64
N ALA K 124 38.45 -26.91 -68.93
CA ALA K 124 37.74 -25.68 -69.32
C ALA K 124 38.59 -24.44 -69.01
N PRO K 125 38.68 -23.44 -69.90
CA PRO K 125 39.31 -22.17 -69.62
C PRO K 125 38.36 -21.21 -68.91
N ASN K 126 38.89 -20.24 -68.17
CA ASN K 126 38.11 -19.05 -67.83
C ASN K 126 37.83 -18.24 -69.11
N PRO K 127 36.64 -17.64 -69.28
CA PRO K 127 36.38 -16.65 -70.32
C PRO K 127 37.51 -15.63 -70.30
N SER K 128 38.20 -15.46 -71.42
CA SER K 128 39.40 -14.63 -71.46
C SER K 128 39.85 -14.20 -72.86
N GLN K 129 40.76 -13.23 -72.86
CA GLN K 129 41.31 -12.58 -74.04
C GLN K 129 42.83 -12.74 -74.19
N TRP K 130 43.34 -12.64 -75.41
CA TRP K 130 44.77 -12.70 -75.69
C TRP K 130 45.09 -11.98 -76.99
N THR K 131 46.36 -11.65 -77.25
CA THR K 131 46.77 -10.98 -78.49
C THR K 131 47.45 -11.94 -79.44
N ALA K 132 46.93 -12.07 -80.66
CA ALA K 132 47.36 -13.03 -81.67
C ALA K 132 47.14 -12.44 -83.08
N ASN K 133 47.80 -12.94 -84.12
CA ASN K 133 47.69 -12.34 -85.45
C ASN K 133 46.61 -12.92 -86.39
N GLU K 134 45.69 -12.05 -86.82
CA GLU K 134 44.72 -12.19 -87.91
C GLU K 134 45.42 -12.10 -89.28
N LYS K 135 46.37 -13.00 -89.51
CA LYS K 135 47.37 -12.83 -90.56
C LYS K 135 46.83 -13.24 -91.93
N GLN K 136 47.33 -12.54 -92.95
CA GLN K 136 47.51 -13.02 -94.33
C GLN K 136 49.00 -12.80 -94.60
N THR K 137 49.68 -13.68 -95.36
CA THR K 137 51.16 -13.68 -95.54
C THR K 137 51.84 -12.30 -95.47
N GLY K 138 51.46 -11.38 -96.36
CA GLY K 138 51.87 -9.97 -96.33
C GLY K 138 50.64 -9.04 -96.44
N GLY K 139 49.47 -9.58 -96.82
CA GLY K 139 48.23 -8.83 -97.02
C GLY K 139 47.71 -8.04 -95.82
N GLN K 140 47.85 -8.56 -94.59
CA GLN K 140 47.65 -7.78 -93.37
C GLN K 140 48.41 -8.39 -92.16
N PRO K 141 49.39 -7.69 -91.56
CA PRO K 141 50.19 -8.16 -90.41
C PRO K 141 49.50 -7.90 -89.04
N LYS K 142 48.19 -8.18 -88.94
CA LYS K 142 47.34 -7.61 -87.89
C LYS K 142 47.37 -8.41 -86.60
N SER K 143 48.26 -8.06 -85.67
CA SER K 143 48.17 -8.51 -84.28
C SER K 143 46.98 -7.86 -83.57
N VAL K 144 46.03 -8.66 -83.09
CA VAL K 144 44.74 -8.22 -82.57
C VAL K 144 44.37 -8.91 -81.27
N THR K 145 43.46 -8.34 -80.50
CA THR K 145 42.86 -9.06 -79.38
C THR K 145 41.87 -10.10 -79.90
N GLN K 146 41.83 -11.28 -79.30
CA GLN K 146 40.98 -12.41 -79.64
C GLN K 146 40.39 -12.95 -78.34
N THR K 147 39.20 -13.53 -78.38
CA THR K 147 38.44 -13.87 -77.16
C THR K 147 37.74 -15.22 -77.23
N PHE K 148 37.76 -15.94 -76.12
CA PHE K 148 36.91 -17.11 -75.86
C PHE K 148 36.04 -16.79 -74.64
N GLY K 149 34.75 -17.16 -74.60
CA GLY K 149 33.93 -16.88 -73.43
C GLY K 149 32.47 -17.28 -73.59
N SER K 150 31.61 -16.77 -72.70
CA SER K 150 30.15 -16.83 -72.83
C SER K 150 29.47 -15.65 -72.17
N ALA K 151 28.27 -15.30 -72.61
CA ALA K 151 27.54 -14.11 -72.18
C ALA K 151 26.16 -14.47 -71.65
N PRO K 152 26.00 -14.71 -70.34
CA PRO K 152 24.76 -15.23 -69.79
C PRO K 152 23.74 -14.17 -69.38
N MET K 153 24.16 -12.92 -69.14
CA MET K 153 23.25 -11.86 -68.69
C MET K 153 22.47 -11.30 -69.88
N GLY K 154 21.21 -11.64 -70.04
CA GLY K 154 20.38 -11.11 -71.13
C GLY K 154 19.94 -9.66 -70.88
N GLY K 155 19.70 -8.89 -71.94
CA GLY K 155 19.29 -7.47 -71.84
C GLY K 155 18.47 -6.97 -73.04
N SER K 156 17.79 -5.84 -72.86
CA SER K 156 16.95 -5.26 -73.92
C SER K 156 17.69 -4.44 -74.97
N ASN K 157 18.91 -3.98 -74.72
CA ASN K 157 19.70 -3.15 -75.62
C ASN K 157 21.19 -3.21 -75.23
N ILE K 158 22.08 -2.83 -76.13
CA ILE K 158 23.50 -2.54 -75.86
C ILE K 158 23.82 -1.16 -76.43
N THR K 159 24.52 -0.33 -75.67
CA THR K 159 25.03 0.97 -76.12
C THR K 159 26.50 1.12 -75.74
N ILE K 160 27.10 2.30 -75.93
CA ILE K 160 28.46 2.57 -75.44
C ILE K 160 28.57 2.40 -73.91
N GLU K 161 27.45 2.56 -73.19
CA GLU K 161 27.37 2.38 -71.73
C GLU K 161 27.23 0.90 -71.32
N GLY K 162 27.30 -0.01 -72.27
CA GLY K 162 27.14 -1.43 -72.06
C GLY K 162 25.72 -1.96 -72.15
N LEU K 163 25.45 -3.04 -71.42
CA LEU K 163 24.18 -3.75 -71.47
C LEU K 163 23.05 -3.11 -70.69
N VAL K 164 21.90 -2.90 -71.34
CA VAL K 164 20.70 -2.42 -70.68
C VAL K 164 20.03 -3.62 -69.99
N ILE K 165 19.88 -3.57 -68.68
CA ILE K 165 19.30 -4.65 -67.89
C ILE K 165 17.91 -4.34 -67.33
N GLY K 166 17.35 -3.17 -67.63
CA GLY K 166 16.01 -2.80 -67.18
C GLY K 166 15.65 -1.35 -67.52
N THR K 167 14.36 -1.06 -67.61
CA THR K 167 13.84 0.29 -67.87
C THR K 167 13.24 0.85 -66.60
N LYS K 168 13.56 2.10 -66.24
CA LYS K 168 12.97 2.77 -65.08
C LYS K 168 11.90 3.72 -65.58
N GLU K 169 10.70 3.56 -65.06
CA GLU K 169 9.47 4.27 -65.43
C GLU K 169 9.08 5.27 -64.33
N GLU K 170 9.99 6.20 -64.10
CA GLU K 170 9.94 7.21 -63.03
C GLU K 170 9.00 8.41 -63.22
N GLU K 171 8.55 8.70 -64.44
CA GLU K 171 7.62 9.80 -64.73
C GLU K 171 6.54 9.36 -65.74
N GLY K 172 6.36 8.05 -65.90
CA GLY K 172 5.43 7.43 -66.84
C GLY K 172 5.89 7.55 -68.29
N ASN K 173 6.11 8.78 -68.77
CA ASN K 173 6.52 9.09 -70.14
C ASN K 173 8.06 9.17 -70.32
N ALA K 174 8.79 9.75 -69.37
CA ALA K 174 10.25 9.93 -69.43
C ALA K 174 11.06 8.68 -69.01
N THR K 175 10.73 7.51 -69.54
CA THR K 175 11.43 6.24 -69.25
C THR K 175 12.91 6.32 -69.60
N GLU K 176 13.75 5.68 -68.78
CA GLU K 176 15.20 5.65 -69.00
C GLU K 176 15.76 4.23 -68.85
N GLU K 177 16.90 3.96 -69.47
CA GLU K 177 17.53 2.65 -69.42
C GLU K 177 18.53 2.52 -68.27
N ILE K 178 18.54 1.37 -67.60
CA ILE K 178 19.47 1.01 -66.52
C ILE K 178 20.47 0.05 -67.17
N PHE K 179 21.75 0.32 -66.95
CA PHE K 179 22.95 -0.35 -67.46
C PHE K 179 23.61 -1.13 -66.35
N ALA K 180 24.07 -2.35 -66.63
CA ALA K 180 24.73 -3.15 -65.62
C ALA K 180 26.01 -2.45 -65.16
N ASP K 181 26.11 -2.07 -63.88
CA ASP K 181 27.31 -1.43 -63.32
C ASP K 181 28.51 -2.38 -63.47
N LYS K 182 29.48 -2.01 -64.32
CA LYS K 182 30.63 -2.87 -64.60
C LYS K 182 31.44 -3.30 -63.38
N THR K 183 31.38 -2.59 -62.26
CA THR K 183 32.12 -2.98 -61.04
C THR K 183 31.67 -4.33 -60.47
N PHE K 184 30.47 -4.82 -60.80
CA PHE K 184 30.01 -6.16 -60.37
C PHE K 184 28.75 -6.69 -61.09
N GLN K 185 27.85 -5.82 -61.55
CA GLN K 185 26.50 -6.22 -61.98
C GLN K 185 26.27 -7.24 -63.10
N PRO K 186 27.09 -7.37 -64.15
CA PRO K 186 26.96 -8.51 -65.06
C PRO K 186 27.68 -9.61 -64.28
N GLU K 187 26.97 -10.18 -63.31
CA GLU K 187 27.45 -11.14 -62.33
C GLU K 187 27.61 -12.53 -62.96
N PRO K 188 28.69 -13.28 -62.67
CA PRO K 188 28.92 -14.55 -63.34
C PRO K 188 27.96 -15.63 -62.87
N GLN K 189 27.46 -15.56 -61.64
CA GLN K 189 26.50 -16.50 -61.06
C GLN K 189 25.05 -16.29 -61.49
N VAL K 190 24.78 -15.31 -62.35
CA VAL K 190 23.44 -14.95 -62.82
C VAL K 190 23.36 -15.15 -64.32
N GLY K 191 22.26 -15.70 -64.80
CA GLY K 191 22.05 -16.04 -66.21
C GLY K 191 20.59 -16.21 -66.55
N GLU K 192 20.25 -16.92 -67.62
CA GLU K 192 18.85 -17.18 -67.92
C GLU K 192 18.23 -18.22 -66.97
N GLU K 193 16.97 -18.01 -66.58
CA GLU K 193 16.31 -18.78 -65.51
C GLU K 193 15.99 -20.22 -65.88
N ASN K 194 15.80 -20.48 -67.18
CA ASN K 194 15.21 -21.71 -67.68
C ASN K 194 15.72 -22.02 -69.10
N TRP K 195 15.48 -23.23 -69.59
CA TRP K 195 16.09 -23.71 -70.83
C TRP K 195 15.58 -23.05 -72.11
N GLN K 196 14.52 -22.24 -72.08
CA GLN K 196 14.07 -21.49 -73.25
C GLN K 196 14.89 -20.19 -73.37
N GLU K 197 16.21 -20.32 -73.49
CA GLU K 197 17.11 -19.18 -73.59
C GLU K 197 16.76 -18.39 -74.86
N THR K 198 16.28 -17.16 -74.70
CA THR K 198 15.84 -16.28 -75.79
C THR K 198 15.82 -14.84 -75.30
N GLU K 199 16.78 -14.03 -75.76
CA GLU K 199 16.84 -12.61 -75.45
C GLU K 199 17.55 -11.87 -76.60
N ALA K 200 17.28 -10.59 -76.79
CA ALA K 200 17.84 -9.84 -77.91
C ALA K 200 19.36 -9.65 -77.83
N PHE K 201 19.89 -9.30 -76.65
CA PHE K 201 21.30 -8.97 -76.43
C PHE K 201 21.83 -9.66 -75.19
N TYR K 202 23.13 -9.94 -75.12
CA TYR K 202 23.75 -10.57 -73.96
C TYR K 202 25.07 -9.94 -73.51
N GLY K 203 25.25 -9.88 -72.19
CA GLY K 203 26.45 -9.41 -71.52
C GLY K 203 27.14 -10.51 -70.72
N GLY K 204 28.47 -10.49 -70.65
CA GLY K 204 29.27 -11.44 -69.89
C GLY K 204 30.52 -10.77 -69.32
N ARG K 205 31.42 -11.52 -68.69
CA ARG K 205 32.71 -11.02 -68.19
C ARG K 205 33.84 -11.86 -68.78
N ALA K 206 35.02 -11.27 -68.98
CA ALA K 206 36.20 -12.02 -69.45
C ALA K 206 37.47 -11.44 -68.85
N LEU K 207 38.45 -12.30 -68.60
CA LEU K 207 39.76 -11.86 -68.15
C LEU K 207 40.53 -11.14 -69.26
N LYS K 208 41.11 -9.99 -68.94
CA LYS K 208 41.94 -9.23 -69.88
C LYS K 208 43.20 -10.01 -70.25
N LYS K 209 43.81 -9.65 -71.37
CA LYS K 209 45.04 -10.25 -71.94
C LYS K 209 46.19 -10.38 -70.95
N ASP K 210 46.40 -9.41 -70.07
CA ASP K 210 47.50 -9.41 -69.10
C ASP K 210 47.31 -10.30 -67.86
N THR K 211 46.08 -10.67 -67.50
CA THR K 211 45.86 -11.69 -66.45
C THR K 211 46.03 -13.06 -67.08
N LYS K 212 47.20 -13.69 -66.89
CA LYS K 212 47.55 -14.97 -67.52
C LYS K 212 46.53 -16.07 -67.29
N MET K 213 46.24 -16.81 -68.35
CA MET K 213 45.28 -17.91 -68.33
C MET K 213 45.61 -19.02 -67.34
N LYS K 214 44.57 -19.54 -66.70
CA LYS K 214 44.57 -20.69 -65.81
C LYS K 214 43.28 -21.46 -66.07
N PRO K 215 43.20 -22.78 -65.85
CA PRO K 215 41.96 -23.53 -66.02
C PRO K 215 40.87 -23.02 -65.08
N CYS K 216 39.60 -23.27 -65.37
CA CYS K 216 38.53 -22.76 -64.51
C CYS K 216 38.57 -23.46 -63.15
N TYR K 217 38.74 -24.78 -63.17
CA TYR K 217 38.87 -25.67 -62.01
C TYR K 217 40.05 -25.24 -61.14
N GLY K 218 39.76 -24.77 -59.93
CA GLY K 218 40.77 -24.32 -58.98
C GLY K 218 41.09 -22.84 -59.01
N SER K 219 40.56 -22.06 -59.95
CA SER K 219 40.86 -20.63 -60.03
C SER K 219 40.07 -19.82 -59.02
N PHE K 220 40.75 -19.34 -57.98
CA PHE K 220 40.28 -18.27 -57.09
C PHE K 220 40.74 -16.90 -57.58
N ALA K 221 40.08 -15.83 -57.15
CA ALA K 221 40.66 -14.49 -57.15
C ALA K 221 39.95 -13.57 -56.15
N ARG K 222 40.67 -12.98 -55.18
CA ARG K 222 39.99 -12.28 -54.08
C ARG K 222 39.12 -11.13 -54.59
N PRO K 223 37.98 -10.85 -53.95
CA PRO K 223 37.12 -9.74 -54.34
C PRO K 223 37.81 -8.43 -53.98
N THR K 224 37.45 -7.36 -54.65
CA THR K 224 38.04 -6.03 -54.42
C THR K 224 37.01 -4.95 -54.11
N ASN K 225 35.73 -5.33 -54.00
CA ASN K 225 34.63 -4.45 -53.61
C ASN K 225 33.63 -5.28 -52.78
N GLU K 226 32.76 -4.63 -52.03
CA GLU K 226 31.86 -5.33 -51.13
C GLU K 226 30.72 -6.11 -51.83
N LYS K 227 30.52 -5.89 -53.13
CA LYS K 227 29.54 -6.58 -53.98
C LYS K 227 30.20 -7.65 -54.84
N GLY K 228 31.37 -8.13 -54.43
CA GLY K 228 31.98 -9.33 -54.99
C GLY K 228 32.73 -9.17 -56.31
N GLY K 229 32.91 -7.96 -56.83
CA GLY K 229 33.69 -7.76 -58.04
C GLY K 229 35.16 -8.12 -57.84
N GLN K 230 35.78 -8.73 -58.83
CA GLN K 230 37.17 -9.22 -58.77
C GLN K 230 38.19 -8.36 -59.51
N ALA K 231 37.81 -7.19 -60.03
CA ALA K 231 38.71 -6.34 -60.80
C ALA K 231 39.81 -5.65 -59.97
N LYS K 232 41.03 -5.59 -60.50
CA LYS K 232 42.13 -4.89 -59.84
C LYS K 232 41.91 -3.38 -59.91
N LEU K 233 42.43 -2.61 -58.95
CA LEU K 233 42.39 -1.14 -59.00
C LEU K 233 43.51 -0.72 -59.96
N LYS K 234 43.32 0.28 -60.82
CA LYS K 234 44.35 0.66 -61.79
C LYS K 234 45.47 1.50 -61.12
N LEU K 235 46.70 1.26 -61.56
CA LEU K 235 47.94 1.77 -60.97
C LEU K 235 48.40 3.22 -61.21
N ASN K 236 47.62 4.10 -61.86
CA ASN K 236 47.98 5.51 -62.07
C ASN K 236 49.41 5.66 -62.65
N ASP K 237 50.08 6.76 -62.31
CA ASP K 237 51.51 6.98 -62.50
C ASP K 237 52.09 6.80 -61.06
N GLN K 238 53.40 6.55 -60.94
CA GLN K 238 54.05 6.31 -59.65
C GLN K 238 53.48 5.05 -58.93
N GLY K 239 52.77 4.18 -59.67
CA GLY K 239 52.17 2.94 -59.15
C GLY K 239 51.06 3.16 -58.11
N GLN K 240 50.49 4.37 -58.03
CA GLN K 240 49.45 4.72 -57.06
C GLN K 240 48.13 3.96 -57.32
N PRO K 241 47.55 3.28 -56.32
CA PRO K 241 46.28 2.57 -56.48
C PRO K 241 45.10 3.56 -56.58
N THR K 242 44.70 3.89 -57.80
CA THR K 242 43.59 4.79 -58.11
C THR K 242 42.28 4.23 -57.56
N LYS K 243 41.29 5.09 -57.27
CA LYS K 243 39.98 4.59 -56.83
C LYS K 243 39.24 3.89 -57.98
N ASP K 244 39.65 4.14 -59.23
CA ASP K 244 39.12 3.57 -60.47
C ASP K 244 39.58 2.11 -60.69
N TYR K 245 38.69 1.21 -61.13
CA TYR K 245 39.02 -0.18 -61.42
C TYR K 245 39.60 -0.37 -62.83
N ASP K 246 40.33 -1.46 -63.05
CA ASP K 246 40.89 -1.85 -64.34
C ASP K 246 39.87 -2.66 -65.15
N ILE K 247 38.75 -2.04 -65.51
CA ILE K 247 37.65 -2.66 -66.27
C ILE K 247 37.33 -1.89 -67.55
N ASP K 248 37.36 -2.56 -68.69
CA ASP K 248 37.02 -2.02 -70.01
C ASP K 248 36.01 -2.90 -70.75
N LEU K 249 35.04 -2.32 -71.44
CA LEU K 249 34.08 -3.06 -72.24
C LEU K 249 34.72 -3.56 -73.54
N ALA K 250 34.27 -4.69 -74.08
CA ALA K 250 34.45 -5.00 -75.49
C ALA K 250 33.15 -5.51 -76.13
N PHE K 251 32.85 -5.06 -77.35
CA PHE K 251 31.58 -5.32 -78.02
C PHE K 251 31.77 -6.25 -79.20
N PHE K 252 30.76 -7.07 -79.45
CA PHE K 252 30.86 -8.14 -80.43
C PHE K 252 29.58 -8.23 -81.23
N ASP K 253 29.73 -8.73 -82.44
CA ASP K 253 28.70 -8.75 -83.47
C ASP K 253 28.83 -10.04 -84.28
N THR K 254 27.71 -10.61 -84.71
CA THR K 254 27.77 -11.75 -85.61
C THR K 254 28.45 -11.35 -86.95
N PRO K 255 29.26 -12.20 -87.58
CA PRO K 255 30.35 -11.76 -88.45
C PRO K 255 29.87 -11.31 -89.84
N GLY K 256 30.60 -10.36 -90.45
CA GLY K 256 30.43 -9.97 -91.84
C GLY K 256 28.99 -9.61 -92.19
N GLY K 257 28.47 -10.29 -93.21
CA GLY K 257 27.09 -10.16 -93.69
C GLY K 257 26.06 -10.89 -92.83
N THR K 258 26.38 -11.33 -91.59
CA THR K 258 25.39 -11.98 -90.72
C THR K 258 24.30 -10.94 -90.44
N PRO K 259 24.61 -9.71 -89.95
CA PRO K 259 23.61 -8.66 -90.07
C PRO K 259 23.75 -8.11 -91.48
N PRO K 260 22.80 -8.33 -92.37
CA PRO K 260 22.75 -7.58 -93.60
C PRO K 260 21.74 -6.47 -93.35
N THR K 261 21.93 -5.24 -93.83
CA THR K 261 20.76 -4.38 -93.82
C THR K 261 20.85 -3.60 -95.11
N GLY K 262 19.82 -3.67 -95.94
CA GLY K 262 19.80 -3.01 -97.25
C GLY K 262 21.18 -3.15 -97.93
N SER K 263 21.63 -2.03 -98.49
CA SER K 263 23.02 -1.70 -98.87
C SER K 263 23.72 -1.03 -97.67
N GLY K 264 22.88 -0.43 -96.80
CA GLY K 264 23.19 0.37 -95.64
C GLY K 264 23.95 -0.35 -94.53
N GLN K 265 24.08 -1.69 -94.54
CA GLN K 265 24.95 -2.35 -93.55
C GLN K 265 26.40 -1.92 -93.82
N GLN K 266 26.68 -1.34 -94.98
CA GLN K 266 27.96 -0.80 -95.34
C GLN K 266 28.49 0.30 -94.37
N GLU K 267 27.63 0.86 -93.49
CA GLU K 267 27.99 1.80 -92.42
C GLU K 267 27.15 1.61 -91.14
N GLU K 268 26.42 0.50 -90.95
CA GLU K 268 25.21 0.46 -90.08
C GLU K 268 24.84 -0.93 -89.50
N TYR K 269 25.80 -1.53 -88.78
CA TYR K 269 25.81 -2.87 -88.15
C TYR K 269 25.60 -2.55 -86.62
N LYS K 270 25.32 -3.50 -85.71
CA LYS K 270 25.15 -3.21 -84.26
C LYS K 270 25.77 -4.27 -83.33
N ALA K 271 26.13 -3.89 -82.10
CA ALA K 271 26.66 -4.82 -81.10
C ALA K 271 25.56 -5.81 -80.68
N ASP K 272 25.83 -7.09 -80.84
CA ASP K 272 24.96 -8.18 -80.43
C ASP K 272 25.24 -8.60 -78.98
N ILE K 273 26.50 -8.48 -78.57
CA ILE K 273 27.03 -8.96 -77.30
C ILE K 273 28.04 -7.97 -76.73
N VAL K 274 28.18 -7.93 -75.41
CA VAL K 274 29.19 -7.10 -74.73
C VAL K 274 29.90 -7.96 -73.70
N MET K 275 31.22 -7.86 -73.61
CA MET K 275 32.00 -8.48 -72.55
C MET K 275 32.58 -7.45 -71.64
N TYR K 276 32.36 -7.55 -70.32
CA TYR K 276 33.01 -6.63 -69.43
C TYR K 276 34.38 -7.25 -69.14
N THR K 277 35.44 -6.71 -69.72
CA THR K 277 36.80 -7.29 -69.61
C THR K 277 37.61 -6.61 -68.53
N GLU K 278 38.24 -7.40 -67.68
CA GLU K 278 38.95 -6.90 -66.51
C GLU K 278 40.19 -7.69 -66.09
N ASN K 279 41.16 -7.03 -65.47
CA ASN K 279 42.31 -7.71 -64.88
C ASN K 279 41.94 -8.14 -63.46
N VAL K 280 42.47 -9.26 -62.98
CA VAL K 280 42.00 -9.94 -61.76
C VAL K 280 43.18 -10.57 -61.02
N ASN K 281 43.14 -10.68 -59.69
CA ASN K 281 44.23 -11.30 -58.91
C ASN K 281 44.10 -12.83 -58.94
N LEU K 282 44.36 -13.45 -60.09
CA LEU K 282 44.10 -14.87 -60.30
C LEU K 282 45.05 -15.76 -59.51
N GLU K 283 44.53 -16.80 -58.86
CA GLU K 283 45.30 -17.76 -58.09
C GLU K 283 44.77 -19.18 -58.22
N THR K 284 45.61 -20.17 -57.95
CA THR K 284 45.20 -21.59 -57.94
C THR K 284 45.64 -22.21 -56.61
N PRO K 285 45.07 -21.80 -55.46
CA PRO K 285 45.67 -22.03 -54.16
C PRO K 285 45.90 -23.48 -53.81
N ASP K 286 45.09 -24.38 -54.35
CA ASP K 286 45.11 -25.80 -54.07
C ASP K 286 45.15 -26.69 -55.31
N THR K 287 45.46 -26.16 -56.49
CA THR K 287 45.57 -26.94 -57.73
C THR K 287 46.84 -26.57 -58.50
N HIS K 288 47.26 -27.43 -59.43
CA HIS K 288 48.42 -27.20 -60.29
C HIS K 288 48.09 -27.64 -61.71
N VAL K 289 48.72 -27.02 -62.70
CA VAL K 289 48.50 -27.33 -64.11
C VAL K 289 49.24 -28.62 -64.43
N VAL K 290 48.51 -29.70 -64.71
CA VAL K 290 49.11 -31.00 -65.04
C VAL K 290 49.40 -31.14 -66.53
N TYR K 291 48.70 -30.42 -67.41
CA TYR K 291 49.04 -30.33 -68.82
C TYR K 291 48.93 -28.94 -69.39
N LYS K 292 49.95 -28.52 -70.13
CA LYS K 292 49.96 -27.31 -70.93
C LYS K 292 50.67 -27.66 -72.23
N PRO K 293 50.22 -27.16 -73.38
CA PRO K 293 50.72 -27.66 -74.67
C PRO K 293 52.17 -27.25 -74.97
N GLY K 294 52.66 -26.16 -74.40
CA GLY K 294 54.01 -25.64 -74.62
C GLY K 294 54.53 -24.86 -73.42
N LYS K 295 55.79 -24.46 -73.47
CA LYS K 295 56.45 -23.71 -72.38
C LYS K 295 55.94 -22.27 -72.21
N GLU K 296 55.21 -21.74 -73.17
CA GLU K 296 54.59 -20.40 -73.12
C GLU K 296 53.62 -20.29 -71.95
N ASP K 297 53.96 -19.50 -70.94
CA ASP K 297 53.14 -19.23 -69.75
C ASP K 297 52.00 -18.20 -69.97
N GLU K 298 52.05 -17.49 -71.09
CA GLU K 298 51.18 -16.36 -71.44
C GLU K 298 49.79 -16.67 -71.97
N SER K 299 48.89 -15.71 -71.89
CA SER K 299 47.54 -15.83 -72.43
C SER K 299 47.65 -16.07 -73.94
N SER K 300 47.14 -17.18 -74.45
CA SER K 300 47.21 -17.53 -75.88
C SER K 300 46.16 -18.56 -76.23
N GLU K 301 45.84 -18.73 -77.52
CA GLU K 301 44.73 -19.60 -77.93
C GLU K 301 44.89 -21.01 -77.39
N THR K 302 46.06 -21.63 -77.58
CA THR K 302 46.30 -22.98 -77.06
C THR K 302 46.32 -23.03 -75.54
N ASN K 303 46.62 -21.95 -74.82
CA ASN K 303 46.58 -21.97 -73.36
C ASN K 303 45.16 -21.97 -72.80
N LEU K 304 44.13 -21.84 -73.64
CA LEU K 304 42.78 -22.23 -73.24
C LEU K 304 42.69 -23.73 -72.92
N THR K 305 43.59 -24.56 -73.45
CA THR K 305 43.53 -26.01 -73.31
C THR K 305 44.28 -26.57 -72.11
N GLN K 306 44.81 -25.73 -71.21
CA GLN K 306 45.51 -26.19 -70.01
C GLN K 306 44.59 -27.03 -69.15
N GLN K 307 45.15 -28.01 -68.42
CA GLN K 307 44.38 -28.89 -67.54
C GLN K 307 44.90 -28.85 -66.12
N SER K 308 44.07 -28.55 -65.14
CA SER K 308 44.49 -28.53 -63.74
C SER K 308 44.15 -29.85 -63.04
N MET K 309 44.93 -30.18 -62.03
CA MET K 309 44.73 -31.32 -61.13
C MET K 309 44.81 -30.79 -59.70
N PRO K 310 43.95 -31.23 -58.78
CA PRO K 310 44.03 -30.77 -57.41
C PRO K 310 45.31 -31.24 -56.76
N ASN K 311 45.87 -30.46 -55.84
CA ASN K 311 47.09 -30.83 -55.16
C ASN K 311 46.86 -32.02 -54.24
N ARG K 312 47.86 -32.87 -54.07
CA ARG K 312 47.78 -34.07 -53.24
C ARG K 312 47.39 -33.74 -51.80
N PRO K 313 46.50 -34.50 -51.16
CA PRO K 313 46.08 -34.21 -49.80
C PRO K 313 47.21 -34.44 -48.81
N ASN K 314 47.37 -33.50 -47.88
CA ASN K 314 48.40 -33.54 -46.88
C ASN K 314 47.93 -33.02 -45.52
N TYR K 315 47.59 -33.93 -44.62
CA TYR K 315 47.14 -33.66 -43.26
C TYR K 315 48.35 -33.47 -42.35
N ILE K 316 48.47 -32.33 -41.66
CA ILE K 316 49.58 -32.07 -40.75
C ILE K 316 49.09 -31.73 -39.34
N GLY K 317 49.62 -32.41 -38.33
CA GLY K 317 49.29 -32.15 -36.94
C GLY K 317 50.25 -32.85 -36.00
N PHE K 318 50.02 -32.77 -34.71
CA PHE K 318 50.85 -33.44 -33.73
C PHE K 318 50.73 -34.96 -33.83
N ARG K 319 51.76 -35.69 -33.41
CA ARG K 319 51.82 -37.16 -33.44
C ARG K 319 50.92 -37.81 -32.40
N ASP K 320 50.59 -39.09 -32.56
CA ASP K 320 49.78 -39.84 -31.61
C ASP K 320 50.36 -39.69 -30.19
N ASN K 321 49.56 -39.34 -29.19
CA ASN K 321 50.04 -39.14 -27.82
C ASN K 321 51.26 -38.21 -27.73
N PHE K 322 51.42 -37.28 -28.67
CA PHE K 322 52.54 -36.36 -28.76
C PHE K 322 53.91 -37.05 -28.77
N VAL K 323 54.08 -38.25 -29.35
CA VAL K 323 55.41 -38.89 -29.34
C VAL K 323 56.45 -37.92 -29.91
N GLY K 324 57.62 -37.86 -29.29
CA GLY K 324 58.70 -36.98 -29.72
C GLY K 324 58.63 -35.57 -29.17
N LEU K 325 57.52 -35.11 -28.59
CA LEU K 325 57.44 -33.74 -28.04
C LEU K 325 58.29 -33.53 -26.79
N MET K 326 58.63 -34.60 -26.06
CA MET K 326 59.50 -34.58 -24.89
C MET K 326 60.73 -35.46 -25.17
N TYR K 327 61.91 -35.10 -24.68
CA TYR K 327 63.12 -35.89 -24.93
C TYR K 327 63.30 -37.11 -24.02
N TYR K 328 62.59 -38.21 -24.28
CA TYR K 328 62.86 -39.44 -23.56
C TYR K 328 64.07 -40.16 -24.17
N ASN K 329 64.82 -40.92 -23.38
CA ASN K 329 65.91 -41.78 -23.85
C ASN K 329 66.94 -41.10 -24.74
N SER K 330 67.34 -39.87 -24.45
CA SER K 330 68.30 -39.12 -25.24
C SER K 330 69.36 -38.55 -24.32
N THR K 331 70.65 -38.78 -24.63
CA THR K 331 71.77 -38.42 -23.76
C THR K 331 71.89 -36.94 -23.39
N GLY K 332 71.78 -36.02 -24.33
CA GLY K 332 71.93 -34.59 -24.05
C GLY K 332 70.79 -33.91 -23.33
N ASN K 333 69.60 -34.52 -23.32
CA ASN K 333 68.40 -33.87 -22.82
C ASN K 333 67.56 -34.69 -21.82
N MET K 334 68.16 -35.45 -20.91
CA MET K 334 67.38 -36.24 -19.95
C MET K 334 66.68 -35.36 -18.91
N GLY K 335 65.49 -35.76 -18.46
CA GLY K 335 64.73 -35.01 -17.47
C GLY K 335 65.27 -35.19 -16.06
N VAL K 336 64.76 -34.40 -15.13
CA VAL K 336 65.17 -34.41 -13.72
C VAL K 336 64.00 -34.42 -12.79
N LEU K 337 64.10 -35.19 -11.72
CA LEU K 337 63.19 -35.16 -10.60
C LEU K 337 64.07 -35.37 -9.36
N ALA K 338 64.15 -34.42 -8.44
CA ALA K 338 65.03 -34.51 -7.27
C ALA K 338 64.58 -33.62 -6.12
N GLY K 339 65.01 -33.87 -4.89
CA GLY K 339 64.66 -32.98 -3.78
C GLY K 339 65.46 -31.67 -3.80
N GLN K 340 65.11 -30.66 -3.00
CA GLN K 340 65.91 -29.42 -2.96
C GLN K 340 67.23 -29.61 -2.21
N ALA K 341 67.24 -30.45 -1.18
CA ALA K 341 68.41 -30.63 -0.34
C ALA K 341 69.54 -31.44 -0.98
N SER K 342 69.22 -32.40 -1.83
CA SER K 342 70.23 -33.16 -2.56
C SER K 342 69.91 -33.06 -4.05
N GLN K 343 70.91 -32.66 -4.81
CA GLN K 343 70.82 -32.50 -6.25
C GLN K 343 70.70 -33.86 -6.99
N LEU K 344 70.65 -35.00 -6.27
CA LEU K 344 70.70 -36.36 -6.81
C LEU K 344 69.39 -36.76 -7.48
N ASN K 345 69.45 -36.98 -8.80
CA ASN K 345 68.34 -37.26 -9.68
C ASN K 345 67.72 -38.67 -9.57
N ALA K 346 66.40 -38.73 -9.44
CA ALA K 346 65.65 -39.98 -9.37
C ALA K 346 65.37 -40.58 -10.75
N VAL K 347 65.63 -39.86 -11.83
CA VAL K 347 65.40 -40.31 -13.19
C VAL K 347 66.71 -40.78 -13.80
N VAL K 348 66.89 -42.07 -14.04
CA VAL K 348 68.13 -42.61 -14.64
C VAL K 348 67.77 -43.24 -15.96
N ASP K 349 67.81 -42.43 -17.01
CA ASP K 349 67.46 -42.89 -18.33
C ASP K 349 68.65 -43.51 -19.07
N LEU K 350 68.38 -44.33 -20.08
CA LEU K 350 69.39 -45.03 -20.87
C LEU K 350 69.16 -44.82 -22.36
N GLN K 351 70.24 -44.81 -23.12
CA GLN K 351 70.20 -44.56 -24.56
C GLN K 351 69.61 -45.70 -25.39
N ASP K 352 69.39 -46.88 -24.80
CA ASP K 352 68.83 -48.05 -25.45
C ASP K 352 67.44 -48.46 -24.95
N ARG K 353 66.75 -47.58 -24.23
CA ARG K 353 65.36 -47.75 -23.79
C ARG K 353 64.44 -47.12 -24.83
N ASN K 354 63.17 -47.49 -24.90
CA ASN K 354 62.23 -46.89 -25.84
C ASN K 354 60.91 -46.61 -25.14
N THR K 355 60.89 -45.53 -24.38
CA THR K 355 59.74 -45.09 -23.59
C THR K 355 58.58 -44.71 -24.47
N GLU K 356 58.81 -44.12 -25.64
CA GLU K 356 57.72 -43.73 -26.51
C GLU K 356 56.99 -44.95 -27.02
N LEU K 357 57.70 -45.93 -27.59
CA LEU K 357 57.06 -47.14 -28.09
C LEU K 357 56.39 -47.88 -26.94
N SER K 358 57.07 -47.99 -25.80
CA SER K 358 56.53 -48.68 -24.63
C SER K 358 55.17 -48.11 -24.23
N TYR K 359 55.01 -46.79 -24.24
CA TYR K 359 53.73 -46.18 -23.91
C TYR K 359 52.68 -46.56 -24.96
N GLN K 360 53.02 -46.52 -26.25
CA GLN K 360 52.05 -46.87 -27.28
C GLN K 360 51.58 -48.31 -27.15
N LEU K 361 52.44 -49.23 -26.74
CA LEU K 361 52.05 -50.62 -26.54
C LEU K 361 51.25 -50.79 -25.27
N LEU K 362 51.64 -50.17 -24.16
CA LEU K 362 50.90 -50.34 -22.91
C LEU K 362 49.47 -49.81 -23.03
N LEU K 363 49.24 -48.68 -23.68
CA LEU K 363 47.88 -48.16 -23.82
C LEU K 363 46.98 -49.17 -24.53
N ASP K 364 47.49 -49.87 -25.54
CA ASP K 364 46.71 -50.91 -26.21
C ASP K 364 46.40 -52.06 -25.26
N SER K 365 47.30 -52.38 -24.33
CA SER K 365 47.02 -53.44 -23.37
C SER K 365 46.04 -53.03 -22.28
N LEU K 366 46.04 -51.76 -21.87
CA LEU K 366 45.16 -51.24 -20.81
C LEU K 366 43.77 -50.89 -21.29
N GLY K 367 43.61 -50.39 -22.50
CA GLY K 367 42.31 -49.98 -23.02
C GLY K 367 42.15 -50.27 -24.49
N ASP K 368 41.33 -49.48 -25.16
CA ASP K 368 41.03 -49.64 -26.58
C ASP K 368 41.59 -48.45 -27.37
N ARG K 369 42.51 -48.69 -28.32
CA ARG K 369 43.08 -47.60 -29.11
C ARG K 369 42.15 -47.07 -30.16
N THR K 370 41.04 -47.73 -30.47
CA THR K 370 40.09 -47.26 -31.50
C THR K 370 39.22 -46.09 -31.02
N ARG K 371 39.30 -45.70 -29.75
CA ARG K 371 38.55 -44.58 -29.17
C ARG K 371 39.49 -43.39 -29.05
N TYR K 372 39.18 -42.28 -29.74
CA TYR K 372 40.01 -41.09 -29.72
C TYR K 372 39.75 -40.25 -28.49
N PHE K 373 40.77 -39.55 -28.03
CA PHE K 373 40.70 -38.70 -26.86
C PHE K 373 41.53 -37.47 -27.17
N SER K 374 40.88 -36.32 -27.39
CA SER K 374 41.61 -35.10 -27.79
C SER K 374 42.58 -34.58 -26.76
N MET K 375 42.37 -34.86 -25.47
CA MET K 375 43.24 -34.33 -24.41
C MET K 375 44.67 -34.74 -24.61
N TRP K 376 44.95 -36.04 -24.56
CA TRP K 376 46.29 -36.54 -24.79
C TRP K 376 46.62 -36.68 -26.26
N ASN K 377 45.89 -36.04 -27.18
CA ASN K 377 46.08 -36.17 -28.62
C ASN K 377 46.17 -37.63 -29.02
N SER K 378 45.35 -38.47 -28.39
CA SER K 378 45.32 -39.90 -28.59
C SER K 378 44.41 -40.24 -29.74
N ALA K 379 44.95 -40.68 -30.85
CA ALA K 379 44.25 -41.07 -32.06
C ALA K 379 45.27 -41.85 -32.88
N VAL K 380 45.26 -43.17 -32.72
CA VAL K 380 46.22 -44.09 -33.31
C VAL K 380 46.38 -44.04 -34.83
N ASP K 381 47.62 -44.13 -35.30
CA ASP K 381 47.94 -44.21 -36.72
C ASP K 381 47.26 -45.46 -37.31
N SER K 382 46.48 -45.26 -38.36
CA SER K 382 45.76 -46.31 -39.04
C SER K 382 45.81 -46.17 -40.55
N TYR K 383 45.29 -47.15 -41.25
CA TYR K 383 45.17 -47.16 -42.69
C TYR K 383 43.84 -47.79 -43.07
N ASP K 384 43.35 -47.50 -44.26
CA ASP K 384 42.12 -48.12 -44.74
C ASP K 384 42.50 -49.53 -45.24
N PRO K 385 42.02 -50.63 -44.65
CA PRO K 385 42.40 -51.96 -45.10
C PRO K 385 41.98 -52.25 -46.53
N ASP K 386 40.99 -51.55 -47.07
CA ASP K 386 40.59 -51.74 -48.47
C ASP K 386 41.64 -51.16 -49.42
N VAL K 387 42.51 -50.26 -48.92
CA VAL K 387 43.63 -49.67 -49.66
C VAL K 387 44.86 -50.55 -49.51
N ARG K 388 45.10 -51.08 -48.30
CA ARG K 388 46.25 -51.93 -48.03
C ARG K 388 46.19 -53.26 -48.78
N ILE K 389 45.05 -53.94 -48.74
CA ILE K 389 44.80 -55.22 -49.39
C ILE K 389 43.60 -55.00 -50.28
N ILE K 390 43.86 -54.88 -51.57
CA ILE K 390 42.84 -54.59 -52.57
C ILE K 390 41.96 -55.80 -52.80
N GLU K 391 40.67 -55.67 -52.52
CA GLU K 391 39.66 -56.67 -52.80
C GLU K 391 38.97 -56.31 -54.10
N ASN K 392 39.54 -56.65 -55.26
CA ASN K 392 38.98 -56.19 -56.54
C ASN K 392 37.79 -57.04 -57.01
N HIS K 393 36.63 -56.84 -56.39
CA HIS K 393 35.37 -57.51 -56.73
C HIS K 393 34.79 -57.08 -58.09
N GLY K 394 35.45 -56.21 -58.84
CA GLY K 394 34.87 -55.55 -60.00
C GLY K 394 33.76 -54.59 -59.57
N VAL K 395 32.74 -54.41 -60.40
CA VAL K 395 31.66 -53.43 -60.15
C VAL K 395 30.30 -53.95 -60.58
N GLU K 396 29.24 -53.52 -59.92
CA GLU K 396 27.88 -54.01 -60.17
C GLU K 396 27.16 -53.17 -61.25
N ASP K 397 27.71 -53.14 -62.46
CA ASP K 397 27.29 -52.21 -63.53
C ASP K 397 26.33 -52.81 -64.58
N GLU K 398 25.47 -53.76 -64.24
CA GLU K 398 24.59 -54.41 -65.21
C GLU K 398 23.64 -53.45 -65.97
N LEU K 399 22.98 -52.51 -65.30
CA LEU K 399 22.27 -51.42 -65.98
C LEU K 399 23.22 -50.32 -66.52
N PRO K 400 22.99 -49.80 -67.74
CA PRO K 400 23.59 -48.57 -68.21
C PRO K 400 22.98 -47.36 -67.51
N ASN K 401 23.71 -46.25 -67.42
CA ASN K 401 23.22 -44.98 -66.89
C ASN K 401 23.30 -43.90 -67.99
N TYR K 402 22.36 -42.97 -68.01
CA TYR K 402 22.19 -42.01 -69.10
C TYR K 402 22.08 -40.58 -68.63
N CYS K 403 22.67 -39.70 -69.42
CA CYS K 403 22.59 -38.26 -69.31
C CYS K 403 21.61 -37.81 -70.38
N PHE K 404 20.60 -37.02 -70.04
CA PHE K 404 19.52 -36.61 -70.94
C PHE K 404 19.40 -35.08 -71.02
N PRO K 405 18.96 -34.50 -72.15
CA PRO K 405 18.82 -33.06 -72.36
C PRO K 405 17.97 -32.39 -71.31
N LEU K 406 18.23 -31.13 -70.99
CA LEU K 406 17.50 -30.38 -69.96
C LEU K 406 15.99 -30.33 -70.21
N ASN K 407 15.53 -30.43 -71.46
CA ASN K 407 14.12 -30.45 -71.85
C ASN K 407 13.60 -31.86 -72.14
N GLY K 408 14.32 -32.91 -71.77
CA GLY K 408 13.96 -34.30 -72.00
C GLY K 408 14.22 -34.80 -73.40
N THR K 409 13.74 -34.10 -74.44
CA THR K 409 13.80 -34.56 -75.84
C THR K 409 15.05 -34.16 -76.61
N GLY K 410 15.51 -32.91 -76.50
CA GLY K 410 16.74 -32.38 -77.10
C GLY K 410 16.81 -32.08 -78.61
N THR K 411 16.48 -33.02 -79.49
CA THR K 411 16.69 -32.84 -80.96
C THR K 411 15.95 -31.67 -81.64
N ASN K 412 14.79 -31.22 -81.17
CA ASN K 412 14.07 -30.07 -81.73
C ASN K 412 13.69 -30.08 -83.22
N SER K 413 13.39 -31.25 -83.78
CA SER K 413 12.88 -31.33 -85.15
C SER K 413 11.54 -30.56 -85.14
N THR K 414 11.27 -29.71 -86.13
CA THR K 414 10.07 -28.83 -86.15
C THR K 414 9.06 -29.20 -87.22
N TYR K 415 7.76 -29.17 -86.91
CA TYR K 415 6.68 -29.60 -87.80
C TYR K 415 5.42 -28.73 -87.81
N GLN K 416 4.75 -28.67 -88.95
CA GLN K 416 3.48 -27.97 -89.09
C GLN K 416 2.35 -29.00 -88.96
N GLY K 417 1.21 -28.59 -88.42
CA GLY K 417 0.07 -29.49 -88.31
C GLY K 417 -0.63 -29.70 -89.66
N VAL K 418 -1.21 -30.88 -89.88
CA VAL K 418 -1.97 -31.23 -91.10
C VAL K 418 -3.21 -32.03 -90.76
N LYS K 419 -4.19 -32.07 -91.66
CA LYS K 419 -5.44 -32.83 -91.51
C LYS K 419 -5.83 -33.52 -92.82
N VAL K 420 -6.69 -34.52 -92.75
CA VAL K 420 -7.15 -35.26 -93.93
C VAL K 420 -7.89 -34.31 -94.89
N LYS K 421 -7.64 -34.40 -96.20
CA LYS K 421 -8.15 -33.46 -97.22
C LYS K 421 -9.67 -33.41 -97.34
N THR K 422 -10.22 -32.21 -97.15
CA THR K 422 -11.66 -31.94 -97.29
C THR K 422 -12.22 -31.83 -98.72
N GLY K 423 -11.47 -31.24 -99.65
CA GLY K 423 -11.89 -31.01 -101.06
C GLY K 423 -11.60 -32.12 -102.07
N GLN K 424 -10.76 -33.03 -101.60
CA GLN K 424 -10.18 -34.22 -102.21
C GLN K 424 -10.29 -35.25 -101.06
N ASP K 425 -11.55 -35.50 -100.66
CA ASP K 425 -12.20 -36.28 -99.57
C ASP K 425 -11.72 -37.72 -99.41
N GLY K 426 -10.43 -37.69 -99.20
CA GLY K 426 -9.30 -38.57 -99.14
C GLY K 426 -9.19 -39.38 -97.86
N ALA K 427 -10.24 -40.16 -97.65
CA ALA K 427 -10.51 -41.21 -96.68
C ALA K 427 -9.36 -42.22 -96.88
N GLU K 428 -9.49 -43.55 -96.95
CA GLU K 428 -8.25 -44.38 -97.00
C GLU K 428 -7.32 -44.01 -98.20
N GLU K 429 -7.79 -43.34 -99.28
CA GLU K 429 -6.89 -42.63 -100.23
C GLU K 429 -6.50 -41.36 -99.46
N THR K 430 -5.70 -41.49 -98.41
CA THR K 430 -5.49 -40.39 -97.47
C THR K 430 -4.66 -39.19 -97.94
N GLU K 431 -5.28 -38.25 -98.67
CA GLU K 431 -4.67 -36.96 -99.05
C GLU K 431 -4.73 -35.99 -97.84
N TRP K 432 -3.87 -34.97 -97.73
CA TRP K 432 -3.84 -34.05 -96.58
C TRP K 432 -3.73 -32.54 -96.93
N ASP K 433 -4.09 -31.66 -96.01
CA ASP K 433 -3.98 -30.19 -96.16
C ASP K 433 -3.55 -29.52 -94.85
N LYS K 434 -3.06 -28.27 -94.93
CA LYS K 434 -2.62 -27.49 -93.77
C LYS K 434 -3.77 -27.25 -92.81
N ASP K 435 -3.73 -27.80 -91.60
CA ASP K 435 -4.76 -27.51 -90.60
C ASP K 435 -4.43 -26.13 -90.03
N GLU K 436 -5.25 -25.13 -90.32
CA GLU K 436 -4.99 -23.79 -89.83
C GLU K 436 -5.38 -23.63 -88.34
N THR K 437 -5.98 -24.62 -87.72
CA THR K 437 -6.26 -24.62 -86.27
C THR K 437 -5.02 -25.02 -85.48
N VAL K 438 -3.92 -25.35 -86.16
CA VAL K 438 -2.67 -25.82 -85.57
C VAL K 438 -1.50 -24.99 -86.07
N ALA K 439 -0.54 -24.73 -85.18
CA ALA K 439 0.63 -23.93 -85.48
C ALA K 439 1.53 -24.54 -86.56
N ARG K 440 2.45 -23.72 -87.09
CA ARG K 440 3.40 -24.09 -88.14
C ARG K 440 4.74 -24.59 -87.62
N GLN K 441 5.05 -24.39 -86.33
CA GLN K 441 6.32 -24.82 -85.72
C GLN K 441 6.18 -25.58 -84.40
N ASN K 442 5.48 -26.71 -84.45
CA ASN K 442 5.39 -27.62 -83.31
C ASN K 442 6.76 -28.32 -83.21
N GLN K 443 7.15 -28.87 -82.07
CA GLN K 443 8.48 -29.46 -81.91
C GLN K 443 8.37 -30.90 -81.39
N ILE K 444 8.71 -31.86 -82.25
CA ILE K 444 8.57 -33.28 -81.96
C ILE K 444 9.81 -34.06 -82.36
N ALA K 445 10.57 -34.57 -81.40
CA ALA K 445 11.72 -35.39 -81.73
C ALA K 445 11.26 -36.76 -82.26
N LYS K 446 11.85 -37.25 -83.34
CA LYS K 446 11.57 -38.58 -83.88
C LYS K 446 12.23 -39.62 -82.96
N GLY K 447 11.58 -40.74 -82.68
CA GLY K 447 12.26 -41.89 -82.07
C GLY K 447 12.59 -41.67 -80.60
N ASN K 448 13.55 -42.42 -80.06
CA ASN K 448 13.90 -42.28 -78.65
C ASN K 448 14.52 -40.90 -78.35
N VAL K 449 14.54 -40.51 -77.09
CA VAL K 449 15.15 -39.24 -76.62
C VAL K 449 16.64 -39.15 -76.96
N TYR K 450 17.18 -37.96 -77.14
CA TYR K 450 18.64 -37.82 -77.24
C TYR K 450 19.25 -38.24 -75.91
N ALA K 451 20.35 -38.99 -75.93
CA ALA K 451 20.96 -39.49 -74.70
C ALA K 451 22.47 -39.69 -74.81
N MET K 452 23.15 -39.71 -73.68
CA MET K 452 24.58 -39.92 -73.59
C MET K 452 24.91 -40.87 -72.43
N GLU K 453 25.68 -41.93 -72.66
CA GLU K 453 25.83 -43.02 -71.70
C GLU K 453 27.04 -42.85 -70.77
N ILE K 454 26.98 -43.37 -69.56
CA ILE K 454 28.11 -43.40 -68.62
C ILE K 454 28.09 -44.66 -67.76
N ASN K 455 29.25 -45.16 -67.36
CA ASN K 455 29.38 -46.23 -66.38
C ASN K 455 29.71 -45.62 -65.01
N LEU K 456 28.69 -45.35 -64.19
CA LEU K 456 28.93 -44.70 -62.90
C LEU K 456 29.77 -45.57 -61.98
N GLN K 457 29.46 -46.86 -61.89
CA GLN K 457 30.18 -47.73 -60.97
C GLN K 457 31.66 -47.83 -61.34
N ALA K 458 31.99 -48.04 -62.61
CA ALA K 458 33.38 -48.15 -63.04
C ALA K 458 34.16 -46.86 -62.76
N ASN K 459 33.57 -45.70 -62.99
CA ASN K 459 34.20 -44.42 -62.70
C ASN K 459 34.45 -44.22 -61.21
N LEU K 460 33.50 -44.60 -60.36
CA LEU K 460 33.66 -44.57 -58.91
C LEU K 460 34.81 -45.49 -58.48
N TRP K 461 34.81 -46.75 -58.88
CA TRP K 461 35.86 -47.69 -58.48
C TRP K 461 37.23 -47.28 -59.01
N LYS K 462 37.29 -46.81 -60.26
CA LYS K 462 38.53 -46.37 -60.89
C LYS K 462 39.07 -45.08 -60.28
N SER K 463 38.23 -44.17 -59.82
CA SER K 463 38.72 -42.95 -59.16
C SER K 463 39.17 -43.24 -57.73
N PHE K 464 38.51 -44.19 -57.06
CA PHE K 464 38.94 -44.64 -55.74
C PHE K 464 40.32 -45.26 -55.84
N LEU K 465 40.53 -46.20 -56.78
CA LEU K 465 41.83 -46.81 -56.98
C LEU K 465 42.93 -45.78 -57.26
N TYR K 466 42.70 -44.82 -58.15
CA TYR K 466 43.77 -43.89 -58.49
C TYR K 466 44.17 -43.00 -57.33
N SER K 467 43.22 -42.29 -56.73
CA SER K 467 43.51 -41.38 -55.63
C SER K 467 44.02 -42.07 -54.37
N ASN K 468 43.72 -43.35 -54.15
CA ASN K 468 44.14 -44.06 -52.95
C ASN K 468 45.31 -45.01 -53.15
N VAL K 469 45.55 -45.52 -54.34
CA VAL K 469 46.61 -46.50 -54.62
C VAL K 469 47.63 -45.93 -55.59
N ALA K 470 47.19 -45.47 -56.77
CA ALA K 470 48.11 -45.03 -57.80
C ALA K 470 49.00 -43.90 -57.31
N LEU K 471 48.41 -42.87 -56.71
CA LEU K 471 49.15 -41.72 -56.21
C LEU K 471 50.21 -42.10 -55.17
N TYR K 472 50.03 -43.21 -54.47
CA TYR K 472 50.95 -43.70 -53.45
C TYR K 472 51.97 -44.74 -53.95
N LEU K 473 51.98 -45.10 -55.24
CA LEU K 473 53.04 -45.96 -55.78
C LEU K 473 54.42 -45.29 -55.61
N PRO K 474 55.50 -46.06 -55.43
CA PRO K 474 56.86 -45.55 -55.30
C PRO K 474 57.25 -44.61 -56.43
N ASP K 475 58.16 -43.69 -56.17
CA ASP K 475 58.59 -42.72 -57.17
C ASP K 475 59.18 -43.34 -58.45
N SER K 476 59.75 -44.54 -58.40
CA SER K 476 60.30 -45.20 -59.58
C SER K 476 59.23 -45.68 -60.58
N TYR K 477 57.94 -45.53 -60.27
CA TYR K 477 56.82 -45.74 -61.20
C TYR K 477 56.24 -44.44 -61.76
N LYS K 478 56.65 -43.28 -61.26
CA LYS K 478 56.24 -41.97 -61.78
C LYS K 478 57.14 -41.48 -62.91
N TYR K 479 56.71 -40.41 -63.55
CA TYR K 479 57.52 -39.61 -64.46
C TYR K 479 57.21 -38.13 -64.26
N THR K 480 58.08 -37.27 -64.76
CA THR K 480 57.85 -35.83 -64.77
C THR K 480 57.36 -35.45 -66.15
N PRO K 481 56.21 -34.79 -66.32
CA PRO K 481 55.70 -34.46 -67.64
C PRO K 481 56.66 -33.63 -68.50
N ALA K 482 56.37 -33.54 -69.79
CA ALA K 482 57.24 -32.93 -70.77
C ALA K 482 57.66 -31.47 -70.55
N ASN K 483 56.88 -30.66 -69.82
CA ASN K 483 57.17 -29.25 -69.63
C ASN K 483 56.87 -28.66 -68.25
N VAL K 484 56.85 -29.46 -67.19
CA VAL K 484 56.88 -28.97 -65.79
C VAL K 484 58.25 -29.18 -65.17
N THR K 485 58.73 -28.19 -64.44
CA THR K 485 60.04 -28.22 -63.76
C THR K 485 59.80 -28.33 -62.26
N LEU K 486 60.32 -29.39 -61.65
CA LEU K 486 60.18 -29.69 -60.22
C LEU K 486 61.49 -29.43 -59.46
N PRO K 487 61.44 -29.28 -58.13
CA PRO K 487 62.64 -29.12 -57.31
C PRO K 487 63.61 -30.30 -57.43
N ALA K 488 64.89 -30.08 -57.22
CA ALA K 488 65.88 -31.15 -57.23
C ALA K 488 65.71 -32.09 -56.02
N ASN K 489 65.10 -31.59 -54.94
CA ASN K 489 64.87 -32.32 -53.71
C ASN K 489 63.58 -33.15 -53.77
N THR K 490 63.73 -34.46 -53.95
CA THR K 490 62.60 -35.40 -54.06
C THR K 490 61.73 -35.53 -52.82
N ASN K 491 62.17 -35.02 -51.67
CA ASN K 491 61.40 -35.04 -50.41
C ASN K 491 60.43 -33.87 -50.24
N THR K 492 60.44 -32.90 -51.16
CA THR K 492 59.58 -31.71 -51.06
C THR K 492 58.19 -31.94 -51.60
N TYR K 493 57.19 -31.27 -51.02
CA TYR K 493 55.81 -31.40 -51.44
C TYR K 493 55.64 -31.08 -52.91
N GLU K 494 56.30 -30.02 -53.41
CA GLU K 494 56.22 -29.64 -54.83
C GLU K 494 56.65 -30.77 -55.74
N TYR K 495 57.69 -31.54 -55.38
CA TYR K 495 58.11 -32.68 -56.16
C TYR K 495 57.11 -33.82 -56.03
N MET K 496 56.77 -34.22 -54.80
CA MET K 496 55.84 -35.33 -54.54
C MET K 496 54.47 -35.14 -55.16
N ASN K 497 54.02 -33.88 -55.24
CA ASN K 497 52.77 -33.47 -55.84
C ASN K 497 52.87 -33.38 -57.37
N GLY K 498 53.97 -32.82 -57.88
CA GLY K 498 54.10 -32.56 -59.31
C GLY K 498 54.21 -33.82 -60.17
N ARG K 499 54.90 -34.86 -59.68
CA ARG K 499 55.15 -36.10 -60.43
C ARG K 499 53.87 -36.78 -60.85
N VAL K 500 53.83 -37.31 -62.08
CA VAL K 500 52.64 -37.94 -62.66
C VAL K 500 52.82 -39.46 -62.70
N VAL K 501 51.74 -40.17 -62.42
CA VAL K 501 51.66 -41.63 -62.41
C VAL K 501 50.55 -42.08 -63.35
N ALA K 502 50.86 -43.01 -64.24
CA ALA K 502 49.95 -43.42 -65.28
C ALA K 502 48.78 -44.22 -64.70
N PRO K 503 47.52 -43.83 -64.94
CA PRO K 503 46.39 -44.50 -64.29
C PRO K 503 46.31 -45.99 -64.58
N SER K 504 46.78 -46.46 -65.73
CA SER K 504 46.76 -47.88 -66.08
C SER K 504 47.65 -48.76 -65.22
N LEU K 505 48.52 -48.19 -64.37
CA LEU K 505 49.32 -48.95 -63.40
C LEU K 505 48.44 -49.69 -62.38
N VAL K 506 47.36 -49.06 -61.92
CA VAL K 506 46.39 -49.65 -61.01
C VAL K 506 45.00 -49.23 -61.46
N ASP K 507 44.27 -50.17 -62.04
CA ASP K 507 43.11 -49.92 -62.87
C ASP K 507 41.98 -50.86 -62.48
N ALA K 508 40.76 -50.67 -62.97
CA ALA K 508 39.63 -51.53 -62.58
C ALA K 508 39.90 -53.03 -62.81
N TYR K 509 40.79 -53.41 -63.72
CA TYR K 509 41.21 -54.79 -63.98
C TYR K 509 42.47 -55.25 -63.22
N ILE K 510 43.10 -54.45 -62.36
CA ILE K 510 44.30 -54.90 -61.64
C ILE K 510 43.97 -56.10 -60.76
N ASN K 511 44.59 -57.25 -60.99
CA ASN K 511 44.34 -58.48 -60.25
C ASN K 511 42.85 -58.78 -60.04
N ILE K 512 42.03 -58.59 -61.07
CA ILE K 512 40.58 -58.66 -60.94
C ILE K 512 40.14 -60.00 -60.36
N GLY K 513 39.25 -59.96 -59.37
CA GLY K 513 38.81 -61.14 -58.62
C GLY K 513 39.75 -61.59 -57.50
N ALA K 514 40.95 -61.03 -57.33
CA ALA K 514 41.87 -61.42 -56.28
C ALA K 514 41.75 -60.50 -55.07
N ARG K 515 42.06 -61.04 -53.89
CA ARG K 515 42.37 -60.27 -52.68
C ARG K 515 43.87 -60.21 -52.61
N TRP K 516 44.46 -59.07 -52.91
CA TRP K 516 45.91 -58.97 -53.00
C TRP K 516 46.49 -57.57 -52.85
N SER K 517 47.43 -57.40 -51.94
CA SER K 517 48.16 -56.14 -51.78
C SER K 517 49.14 -56.05 -52.94
N LEU K 518 49.30 -54.89 -53.58
CA LEU K 518 50.21 -54.82 -54.72
C LEU K 518 51.64 -54.97 -54.24
N ASP K 519 52.48 -55.70 -54.98
CA ASP K 519 53.89 -55.90 -54.60
C ASP K 519 54.67 -54.62 -54.39
N PRO K 520 54.59 -53.59 -55.25
CA PRO K 520 55.32 -52.35 -55.00
C PRO K 520 54.82 -51.59 -53.78
N MET K 521 53.62 -51.90 -53.28
CA MET K 521 53.01 -51.25 -52.14
C MET K 521 53.27 -51.99 -50.84
N ASP K 522 53.64 -53.27 -50.89
CA ASP K 522 53.93 -54.05 -49.68
C ASP K 522 54.97 -53.35 -48.81
N ASN K 523 56.04 -52.86 -49.44
CA ASN K 523 57.15 -52.17 -48.78
C ASN K 523 56.99 -50.64 -48.69
N VAL K 524 55.78 -50.11 -48.86
CA VAL K 524 55.45 -48.69 -48.74
C VAL K 524 54.65 -48.48 -47.48
N ASN K 525 55.06 -47.54 -46.65
CA ASN K 525 54.41 -47.25 -45.37
C ASN K 525 52.92 -46.90 -45.57
N PRO K 526 51.97 -47.71 -45.12
CA PRO K 526 50.55 -47.45 -45.32
C PRO K 526 49.98 -46.40 -44.36
N PHE K 527 50.67 -46.05 -43.28
CA PHE K 527 50.19 -45.02 -42.33
C PHE K 527 50.46 -43.63 -42.88
N ASN K 528 51.42 -43.49 -43.81
CA ASN K 528 51.69 -42.26 -44.53
C ASN K 528 50.66 -42.19 -45.66
N HIS K 529 49.40 -41.97 -45.31
CA HIS K 529 48.32 -41.93 -46.27
C HIS K 529 47.25 -40.96 -45.82
N HIS K 530 46.54 -40.37 -46.76
CA HIS K 530 45.48 -39.42 -46.47
C HIS K 530 44.23 -40.07 -45.87
N ARG K 531 44.14 -41.40 -45.78
CA ARG K 531 43.03 -42.14 -45.15
C ARG K 531 43.34 -42.59 -43.72
N ASN K 532 44.47 -42.18 -43.16
CA ASN K 532 44.84 -42.47 -41.78
C ASN K 532 43.88 -41.68 -40.88
N ALA K 533 42.82 -42.31 -40.37
CA ALA K 533 41.78 -41.62 -39.59
C ALA K 533 42.30 -40.96 -38.32
N GLY K 534 43.36 -41.50 -37.75
CA GLY K 534 43.99 -40.94 -36.57
C GLY K 534 44.67 -39.62 -36.93
N LEU K 535 45.43 -39.61 -38.02
CA LEU K 535 46.11 -38.39 -38.47
C LEU K 535 45.10 -37.35 -38.94
N ARG K 536 44.02 -37.74 -39.60
CA ARG K 536 42.94 -36.82 -39.97
C ARG K 536 42.37 -36.17 -38.73
N TYR K 537 42.07 -36.96 -37.70
CA TYR K 537 41.56 -36.41 -36.45
C TYR K 537 42.55 -35.43 -35.85
N ARG K 538 43.84 -35.77 -35.73
CA ARG K 538 44.85 -34.86 -35.13
C ARG K 538 45.05 -33.61 -35.97
N SER K 539 44.94 -33.73 -37.28
CA SER K 539 45.03 -32.62 -38.21
C SER K 539 43.78 -31.76 -38.18
N MET K 540 42.69 -32.17 -37.54
CA MET K 540 41.44 -31.42 -37.46
C MET K 540 41.14 -30.92 -36.06
N LEU K 541 41.80 -31.42 -35.01
CA LEU K 541 41.68 -30.86 -33.67
C LEU K 541 42.26 -29.44 -33.65
N LEU K 542 43.31 -29.21 -34.44
CA LEU K 542 43.98 -27.93 -34.60
C LEU K 542 43.22 -26.97 -35.52
N GLY K 543 42.20 -27.43 -36.20
CA GLY K 543 41.44 -26.67 -37.19
C GLY K 543 41.99 -26.82 -38.61
N ASN K 544 41.46 -26.06 -39.56
CA ASN K 544 41.78 -26.13 -40.98
C ASN K 544 42.71 -25.06 -41.57
N GLY K 545 43.23 -24.09 -40.82
CA GLY K 545 44.18 -23.10 -41.35
C GLY K 545 45.64 -23.51 -41.15
N ARG K 546 46.59 -23.04 -41.98
CA ARG K 546 48.01 -23.39 -41.77
C ARG K 546 48.58 -22.75 -40.51
N TYR K 547 48.12 -21.55 -40.16
CA TYR K 547 48.55 -20.81 -38.99
C TYR K 547 47.64 -21.16 -37.83
N VAL K 548 48.15 -21.80 -36.79
CA VAL K 548 47.35 -22.21 -35.64
C VAL K 548 47.94 -21.85 -34.27
N PRO K 549 47.27 -21.05 -33.45
CA PRO K 549 47.67 -20.86 -32.08
C PRO K 549 47.15 -22.11 -31.39
N PHE K 550 47.96 -22.80 -30.59
CA PHE K 550 47.56 -24.04 -29.96
C PHE K 550 47.73 -24.05 -28.46
N HIS K 551 47.04 -24.98 -27.80
CA HIS K 551 47.00 -25.15 -26.35
C HIS K 551 46.74 -26.64 -26.11
N ILE K 552 47.73 -27.34 -25.53
CA ILE K 552 47.74 -28.78 -25.34
C ILE K 552 48.26 -29.24 -23.97
N GLN K 553 47.85 -30.43 -23.52
CA GLN K 553 48.31 -31.05 -22.28
C GLN K 553 49.15 -32.26 -22.64
N VAL K 554 50.43 -32.29 -22.27
CA VAL K 554 51.33 -33.40 -22.60
C VAL K 554 51.49 -34.32 -21.38
N PRO K 555 51.23 -35.64 -21.49
CA PRO K 555 51.34 -36.57 -20.39
C PRO K 555 52.78 -36.98 -20.08
N GLN K 556 53.06 -37.28 -18.82
CA GLN K 556 54.35 -37.85 -18.42
C GLN K 556 54.39 -39.33 -18.81
N LYS K 557 55.43 -39.81 -19.50
CA LYS K 557 55.55 -41.20 -19.93
C LYS K 557 56.72 -41.97 -19.35
N PHE K 558 57.66 -41.36 -18.64
CA PHE K 558 58.79 -42.13 -18.12
C PHE K 558 58.30 -43.12 -17.06
N PHE K 559 58.64 -44.39 -17.19
CA PHE K 559 58.06 -45.43 -16.33
C PHE K 559 58.29 -45.28 -14.84
N ALA K 560 59.41 -44.71 -14.42
CA ALA K 560 59.71 -44.57 -13.01
C ALA K 560 58.95 -43.46 -12.32
N ILE K 561 58.37 -42.50 -13.04
CA ILE K 561 57.68 -41.37 -12.41
C ILE K 561 56.29 -41.09 -12.96
N LYS K 562 55.78 -41.87 -13.90
CA LYS K 562 54.43 -41.65 -14.42
C LYS K 562 53.35 -42.12 -13.47
N ASN K 563 53.50 -43.26 -12.80
CA ASN K 563 52.49 -43.81 -11.88
C ASN K 563 52.75 -43.48 -10.39
N LEU K 564 53.89 -42.86 -10.08
CA LEU K 564 54.39 -42.68 -8.71
C LEU K 564 53.45 -41.92 -7.80
N LEU K 565 53.26 -42.36 -6.55
CA LEU K 565 52.62 -41.57 -5.51
C LEU K 565 53.71 -40.83 -4.76
N LEU K 566 53.82 -39.54 -5.05
CA LEU K 566 54.80 -38.63 -4.47
C LEU K 566 54.35 -38.12 -3.10
N LEU K 567 55.14 -38.34 -2.06
CA LEU K 567 54.88 -37.90 -0.69
C LEU K 567 55.31 -36.45 -0.44
N PRO K 568 54.78 -35.79 0.61
CA PRO K 568 55.09 -34.41 0.92
C PRO K 568 56.56 -34.04 0.84
N GLY K 569 56.83 -32.88 0.27
CA GLY K 569 58.15 -32.31 0.05
C GLY K 569 58.17 -31.35 -1.14
N SER K 570 59.32 -30.73 -1.41
CA SER K 570 59.55 -29.82 -2.54
C SER K 570 60.55 -30.44 -3.47
N TYR K 571 60.21 -30.61 -4.75
CA TYR K 571 61.06 -31.30 -5.69
C TYR K 571 61.34 -30.53 -6.97
N THR K 572 62.60 -30.38 -7.36
CA THR K 572 62.94 -29.75 -8.63
C THR K 572 62.60 -30.76 -9.70
N TYR K 573 61.91 -30.33 -10.75
CA TYR K 573 61.44 -31.18 -11.85
C TYR K 573 61.77 -30.49 -13.19
N GLU K 574 62.39 -31.14 -14.16
CA GLU K 574 62.73 -30.55 -15.46
C GLU K 574 62.53 -31.51 -16.62
N TRP K 575 62.01 -31.03 -17.74
CA TRP K 575 61.88 -31.77 -18.99
C TRP K 575 62.28 -30.92 -20.17
N ASN K 576 62.98 -31.54 -21.13
CA ASN K 576 63.34 -30.87 -22.36
C ASN K 576 62.26 -31.19 -23.38
N PHE K 577 61.95 -30.26 -24.26
CA PHE K 577 60.95 -30.42 -25.28
C PHE K 577 61.56 -30.12 -26.64
N ARG K 578 61.18 -30.86 -27.66
CA ARG K 578 61.70 -30.64 -29.00
C ARG K 578 61.00 -29.49 -29.69
N LYS K 579 61.71 -28.82 -30.58
CA LYS K 579 61.19 -27.80 -31.48
C LYS K 579 61.25 -28.29 -32.93
N ASP K 580 61.88 -29.43 -33.20
CA ASP K 580 62.04 -29.95 -34.55
C ASP K 580 60.70 -30.41 -35.12
N VAL K 581 60.24 -29.69 -36.14
CA VAL K 581 58.98 -29.97 -36.82
C VAL K 581 58.92 -31.37 -37.38
N ASN K 582 60.03 -31.97 -37.79
CA ASN K 582 59.99 -33.34 -38.29
C ASN K 582 59.63 -34.33 -37.18
N MET K 583 60.12 -34.09 -35.97
CA MET K 583 59.84 -34.92 -34.80
C MET K 583 58.50 -34.63 -34.17
N ILE K 584 58.12 -33.36 -33.96
CA ILE K 584 56.85 -33.03 -33.30
C ILE K 584 55.60 -33.07 -34.16
N LEU K 585 55.71 -32.85 -35.47
CA LEU K 585 54.59 -32.89 -36.38
C LEU K 585 54.67 -34.17 -37.21
N GLN K 586 53.59 -34.47 -37.91
CA GLN K 586 53.45 -35.60 -38.81
C GLN K 586 52.71 -35.15 -40.04
N SER K 587 53.09 -35.61 -41.23
CA SER K 587 52.38 -35.28 -42.46
C SER K 587 51.90 -36.56 -43.15
N SER K 588 50.72 -36.56 -43.77
CA SER K 588 50.21 -37.78 -44.41
C SER K 588 51.00 -38.21 -45.64
N LEU K 589 51.87 -37.35 -46.18
CA LEU K 589 52.75 -37.72 -47.29
C LEU K 589 54.15 -38.08 -46.79
N GLY K 590 54.60 -37.48 -45.69
CA GLY K 590 55.92 -37.69 -45.12
C GLY K 590 56.96 -36.69 -45.64
N ASN K 591 56.53 -35.60 -46.28
CA ASN K 591 57.43 -34.60 -46.84
C ASN K 591 58.33 -33.96 -45.78
N ASP K 592 59.47 -33.41 -46.19
CA ASP K 592 60.42 -32.81 -45.27
C ASP K 592 59.97 -31.43 -44.80
N LEU K 593 59.34 -31.34 -43.63
CA LEU K 593 58.80 -30.07 -43.14
C LEU K 593 59.86 -29.04 -42.79
N ARG K 594 61.08 -29.44 -42.44
CA ARG K 594 62.15 -28.47 -42.15
C ARG K 594 62.47 -27.65 -43.40
N VAL K 595 62.22 -28.21 -44.58
CA VAL K 595 62.40 -27.54 -45.88
C VAL K 595 61.09 -26.90 -46.32
N ASP K 596 59.97 -27.61 -46.22
CA ASP K 596 58.63 -27.15 -46.62
C ASP K 596 58.00 -26.07 -45.73
N GLY K 597 58.81 -25.27 -45.06
CA GLY K 597 58.40 -24.09 -44.31
C GLY K 597 57.69 -24.22 -42.96
N ALA K 598 57.46 -25.39 -42.41
CA ALA K 598 56.78 -25.49 -41.12
C ALA K 598 57.61 -24.93 -39.97
N SER K 599 56.97 -24.37 -38.96
CA SER K 599 57.66 -23.87 -37.76
C SER K 599 56.76 -23.85 -36.55
N VAL K 600 57.33 -23.95 -35.36
CA VAL K 600 56.61 -23.88 -34.10
C VAL K 600 57.32 -22.93 -33.13
N ARG K 601 56.58 -22.24 -32.27
CA ARG K 601 57.15 -21.41 -31.20
C ARG K 601 56.36 -21.72 -29.95
N PHE K 602 57.01 -21.84 -28.80
CA PHE K 602 56.30 -22.09 -27.56
C PHE K 602 56.26 -20.80 -26.77
N ASP K 603 55.05 -20.36 -26.41
CA ASP K 603 54.87 -19.14 -25.63
C ASP K 603 55.04 -19.44 -24.15
N SER K 604 54.54 -20.59 -23.69
CA SER K 604 54.66 -20.98 -22.29
C SER K 604 54.49 -22.47 -22.06
N VAL K 605 55.04 -22.94 -20.94
CA VAL K 605 54.87 -24.29 -20.39
C VAL K 605 54.40 -24.15 -18.96
N ASN K 606 53.38 -24.86 -18.50
CA ASN K 606 52.89 -24.84 -17.12
C ASN K 606 52.68 -26.28 -16.68
N LEU K 607 52.89 -26.58 -15.42
CA LEU K 607 52.72 -27.92 -14.88
C LEU K 607 51.46 -27.89 -14.07
N TYR K 608 50.54 -28.79 -14.37
CA TYR K 608 49.33 -28.91 -13.59
C TYR K 608 49.44 -30.20 -12.79
N ALA K 609 48.90 -30.20 -11.58
CA ALA K 609 48.89 -31.32 -10.65
C ALA K 609 47.54 -31.31 -9.94
N THR K 610 46.97 -32.47 -9.62
CA THR K 610 45.69 -32.50 -8.90
C THR K 610 45.79 -33.38 -7.68
N PHE K 611 45.28 -32.90 -6.57
CA PHE K 611 45.35 -33.58 -5.29
C PHE K 611 43.97 -34.02 -4.83
N PHE K 612 43.88 -35.25 -4.35
CA PHE K 612 42.72 -35.69 -3.61
C PHE K 612 42.67 -34.85 -2.32
N PRO K 613 41.54 -34.24 -1.93
CA PRO K 613 41.47 -33.35 -0.79
C PRO K 613 41.39 -34.13 0.53
N MET K 614 42.30 -35.07 0.73
CA MET K 614 42.21 -36.11 1.76
C MET K 614 42.29 -35.49 3.16
N ALA K 615 41.54 -36.01 4.13
CA ALA K 615 41.53 -35.48 5.51
C ALA K 615 42.97 -35.38 6.01
N HIS K 616 43.35 -34.27 6.63
CA HIS K 616 44.74 -34.02 6.99
C HIS K 616 45.42 -35.05 7.83
N ASN K 617 44.72 -35.70 8.75
CA ASN K 617 45.30 -36.77 9.56
C ASN K 617 45.25 -38.14 8.84
N THR K 618 44.29 -38.38 7.96
CA THR K 618 44.28 -39.59 7.12
C THR K 618 45.43 -39.59 6.14
N ALA K 619 45.64 -38.49 5.42
CA ALA K 619 46.78 -38.38 4.52
C ALA K 619 48.11 -38.50 5.25
N SER K 620 48.21 -37.96 6.45
CA SER K 620 49.42 -38.07 7.27
C SER K 620 49.67 -39.50 7.71
N THR K 621 48.60 -40.24 7.95
CA THR K 621 48.66 -41.65 8.29
C THR K 621 49.16 -42.47 7.12
N LEU K 622 48.68 -42.18 5.89
CA LEU K 622 49.14 -42.81 4.66
C LEU K 622 50.60 -42.48 4.38
N GLU K 623 51.00 -41.25 4.60
CA GLU K 623 52.40 -40.84 4.41
C GLU K 623 53.33 -41.66 5.29
N ALA K 624 53.06 -41.72 6.59
CA ALA K 624 53.89 -42.45 7.53
C ALA K 624 54.09 -43.91 7.12
N MET K 625 53.05 -44.56 6.61
CA MET K 625 53.16 -45.92 6.08
C MET K 625 54.03 -45.99 4.82
N LEU K 626 53.94 -45.03 3.90
CA LEU K 626 54.68 -45.07 2.64
C LEU K 626 56.13 -44.64 2.75
N ARG K 627 56.54 -43.96 3.83
CA ARG K 627 57.96 -43.60 4.05
C ARG K 627 58.82 -44.74 4.55
N ASN K 628 58.26 -45.93 4.75
CA ASN K 628 58.92 -47.01 5.45
C ASN K 628 59.44 -48.01 4.43
N ASP K 629 60.69 -48.46 4.57
CA ASP K 629 61.38 -49.22 3.52
C ASP K 629 60.74 -50.54 3.12
N THR K 630 59.84 -51.13 3.91
CA THR K 630 59.07 -52.29 3.43
C THR K 630 58.07 -51.92 2.35
N ASN K 631 57.76 -50.63 2.16
CA ASN K 631 56.64 -50.14 1.36
C ASN K 631 57.09 -49.26 0.20
N ASP K 632 58.32 -49.42 -0.27
CA ASP K 632 58.79 -48.79 -1.49
C ASP K 632 57.91 -49.14 -2.67
N GLN K 633 57.59 -48.13 -3.47
CA GLN K 633 56.85 -48.29 -4.70
C GLN K 633 57.83 -48.77 -5.77
N SER K 634 57.39 -49.61 -6.70
CA SER K 634 58.26 -50.14 -7.75
C SER K 634 57.51 -50.41 -9.04
N PHE K 635 58.20 -50.27 -10.17
CA PHE K 635 57.55 -50.22 -11.47
C PHE K 635 58.47 -50.79 -12.56
N ASN K 636 57.93 -51.50 -13.54
CA ASN K 636 58.67 -51.89 -14.74
C ASN K 636 58.43 -50.95 -15.90
N ASP K 637 59.36 -50.92 -16.86
CA ASP K 637 59.06 -50.27 -18.12
C ASP K 637 57.87 -51.10 -18.63
N TYR K 638 56.75 -50.50 -18.97
CA TYR K 638 55.56 -51.34 -19.13
C TYR K 638 55.60 -52.34 -20.27
N LEU K 639 56.49 -52.20 -21.24
CA LEU K 639 56.78 -53.20 -22.27
C LEU K 639 58.29 -53.16 -22.53
N SER K 640 58.96 -53.57 -21.45
CA SER K 640 60.39 -53.69 -21.16
C SER K 640 61.22 -54.59 -22.09
N ALA K 641 62.34 -54.07 -22.55
CA ALA K 641 63.37 -54.71 -23.37
C ALA K 641 64.60 -53.79 -23.51
N ALA K 642 65.71 -54.32 -23.99
CA ALA K 642 66.88 -53.52 -24.36
C ALA K 642 66.74 -53.37 -25.88
N ASN K 643 66.67 -52.15 -26.40
CA ASN K 643 66.40 -51.87 -27.79
C ASN K 643 67.70 -51.66 -28.57
N MET K 644 67.93 -52.44 -29.63
CA MET K 644 69.14 -52.38 -30.45
C MET K 644 68.85 -52.31 -31.93
N LEU K 645 69.62 -51.52 -32.66
CA LEU K 645 69.46 -51.33 -34.10
C LEU K 645 70.74 -51.75 -34.83
N TYR K 646 70.62 -52.48 -35.94
CA TYR K 646 71.76 -52.91 -36.75
C TYR K 646 71.51 -52.58 -38.22
N PRO K 647 72.49 -52.05 -38.96
CA PRO K 647 72.29 -51.68 -40.35
C PRO K 647 72.27 -52.84 -41.31
N ILE K 648 71.32 -52.80 -42.23
CA ILE K 648 71.13 -53.73 -43.33
C ILE K 648 71.43 -52.92 -44.59
N PRO K 649 72.59 -53.07 -45.23
CA PRO K 649 72.93 -52.33 -46.42
C PRO K 649 71.90 -52.55 -47.53
N ALA K 650 71.80 -51.63 -48.48
CA ALA K 650 70.89 -51.79 -49.60
C ALA K 650 71.15 -53.13 -50.29
N LYS K 651 70.10 -53.88 -50.58
CA LYS K 651 70.12 -55.21 -51.22
C LYS K 651 70.85 -56.30 -50.44
N ALA K 652 71.28 -56.09 -49.20
CA ALA K 652 71.85 -57.17 -48.40
C ALA K 652 70.72 -58.16 -48.01
N THR K 653 71.03 -59.42 -47.75
CA THR K 653 70.02 -60.44 -47.39
C THR K 653 70.40 -61.29 -46.18
N ASN K 654 71.67 -61.47 -45.84
CA ASN K 654 72.07 -62.12 -44.60
C ASN K 654 72.52 -61.03 -43.66
N VAL K 655 71.97 -61.01 -42.46
CA VAL K 655 72.23 -60.01 -41.44
C VAL K 655 72.72 -60.73 -40.19
N PRO K 656 74.02 -61.00 -40.09
CA PRO K 656 74.59 -61.67 -38.94
C PRO K 656 74.81 -60.71 -37.79
N ILE K 657 74.63 -61.17 -36.56
CA ILE K 657 74.88 -60.38 -35.36
C ILE K 657 75.36 -61.29 -34.24
N SER K 658 76.21 -60.77 -33.35
CA SER K 658 76.71 -61.52 -32.21
C SER K 658 76.82 -60.64 -30.98
N ILE K 659 76.61 -61.26 -29.83
CA ILE K 659 76.69 -60.63 -28.52
C ILE K 659 77.93 -61.25 -27.84
N PRO K 660 78.86 -60.45 -27.30
CA PRO K 660 80.03 -60.97 -26.62
C PRO K 660 79.61 -61.75 -25.37
N SER K 661 80.49 -62.57 -24.81
CA SER K 661 80.14 -63.40 -23.66
C SER K 661 79.54 -62.62 -22.48
N ARG K 662 78.38 -63.08 -21.96
CA ARG K 662 77.66 -62.49 -20.82
C ARG K 662 76.76 -63.52 -20.12
N ASN K 663 76.26 -63.20 -18.92
CA ASN K 663 75.35 -64.04 -18.13
C ASN K 663 73.90 -63.73 -18.58
N TRP K 664 73.10 -64.75 -18.91
CA TRP K 664 71.73 -64.59 -19.41
C TRP K 664 70.63 -64.85 -18.37
N ALA K 665 70.94 -64.85 -17.09
CA ALA K 665 69.91 -65.11 -16.07
C ALA K 665 68.75 -64.12 -16.20
N ALA K 666 67.53 -64.60 -16.00
CA ALA K 666 66.28 -63.86 -16.20
C ALA K 666 65.99 -63.34 -17.61
N PHE K 667 66.72 -63.76 -18.63
CA PHE K 667 66.43 -63.34 -20.01
C PHE K 667 65.00 -63.75 -20.38
N ARG K 668 64.26 -62.94 -21.15
CA ARG K 668 62.86 -63.24 -21.49
C ARG K 668 62.63 -63.66 -22.93
N GLY K 669 63.56 -63.39 -23.83
CA GLY K 669 63.44 -63.76 -25.24
C GLY K 669 63.69 -62.60 -26.17
N TRP K 670 63.30 -62.73 -27.42
CA TRP K 670 63.55 -61.70 -28.41
C TRP K 670 62.31 -61.26 -29.14
N SER K 671 62.24 -59.97 -29.43
CA SER K 671 61.26 -59.45 -30.36
C SER K 671 62.04 -58.72 -31.42
N PHE K 672 61.57 -58.73 -32.66
CA PHE K 672 62.28 -58.09 -33.74
C PHE K 672 61.37 -57.62 -34.86
N THR K 673 61.83 -56.63 -35.60
CA THR K 673 61.12 -56.06 -36.75
C THR K 673 62.09 -55.32 -37.65
N ARG K 674 61.67 -54.96 -38.86
CA ARG K 674 62.50 -54.25 -39.85
C ARG K 674 62.04 -52.82 -40.05
N LEU K 675 62.98 -51.90 -40.06
CA LEU K 675 62.75 -50.48 -40.21
C LEU K 675 63.53 -49.90 -41.37
N LYS K 676 63.05 -48.81 -41.97
CA LYS K 676 63.80 -48.09 -43.00
C LYS K 676 64.71 -47.09 -42.30
N THR K 677 65.85 -46.73 -42.87
CA THR K 677 66.69 -45.73 -42.21
C THR K 677 66.09 -44.33 -42.32
N LYS K 678 65.56 -43.89 -43.47
CA LYS K 678 65.00 -42.53 -43.58
C LYS K 678 63.79 -42.30 -42.68
N GLU K 679 63.07 -43.37 -42.32
CA GLU K 679 61.92 -43.29 -41.43
C GLU K 679 62.29 -43.42 -39.95
N THR K 680 63.58 -43.46 -39.61
CA THR K 680 64.05 -43.62 -38.23
C THR K 680 65.05 -42.53 -37.82
N PRO K 681 64.74 -41.64 -36.88
CA PRO K 681 65.69 -40.63 -36.44
C PRO K 681 66.67 -41.24 -35.44
N SER K 682 67.88 -40.72 -35.33
CA SER K 682 68.84 -41.22 -34.34
C SER K 682 68.71 -40.35 -33.10
N LEU K 683 68.17 -40.91 -32.01
CA LEU K 683 67.91 -40.19 -30.76
C LEU K 683 69.13 -39.88 -29.88
N GLY K 684 70.32 -40.30 -30.28
CA GLY K 684 71.56 -40.05 -29.53
C GLY K 684 71.99 -38.58 -29.47
N SER K 685 71.37 -37.70 -30.27
CA SER K 685 71.67 -36.27 -30.35
C SER K 685 70.44 -35.39 -30.15
N GLY K 686 70.64 -34.16 -29.66
CA GLY K 686 69.56 -33.18 -29.45
C GLY K 686 68.84 -32.79 -30.75
N PHE K 687 69.50 -32.93 -31.88
CA PHE K 687 68.99 -32.66 -33.22
C PHE K 687 69.58 -33.67 -34.21
N ASP K 688 68.89 -33.97 -35.31
CA ASP K 688 69.31 -34.92 -36.34
C ASP K 688 69.24 -34.28 -37.73
N PRO K 689 70.35 -33.70 -38.23
CA PRO K 689 70.34 -33.00 -39.50
C PRO K 689 70.08 -33.90 -40.70
N TYR K 690 70.25 -35.22 -40.57
CA TYR K 690 69.96 -36.19 -41.64
C TYR K 690 68.52 -36.72 -41.62
N PHE K 691 67.72 -36.41 -40.60
CA PHE K 691 66.33 -36.87 -40.54
C PHE K 691 65.42 -35.98 -41.38
N VAL K 692 65.53 -36.16 -42.69
CA VAL K 692 64.80 -35.45 -43.75
C VAL K 692 63.39 -36.01 -43.97
N TYR K 693 62.66 -36.33 -42.90
CA TYR K 693 61.32 -36.90 -42.97
C TYR K 693 60.32 -36.57 -41.89
N SER K 694 59.02 -36.62 -42.23
CA SER K 694 57.96 -36.34 -41.26
C SER K 694 56.72 -37.24 -41.30
N GLY K 695 56.77 -38.40 -41.93
CA GLY K 695 55.68 -39.40 -41.87
C GLY K 695 55.67 -40.07 -40.49
N SER K 696 54.96 -41.18 -40.33
CA SER K 696 55.00 -41.96 -39.08
C SER K 696 56.42 -42.43 -38.76
N ILE K 697 56.76 -42.66 -37.50
CA ILE K 697 58.07 -43.17 -37.09
C ILE K 697 57.81 -44.51 -36.40
N PRO K 698 57.75 -45.63 -37.14
CA PRO K 698 57.45 -46.93 -36.57
C PRO K 698 58.29 -47.28 -35.35
N TYR K 699 59.58 -46.99 -35.38
CA TYR K 699 60.47 -47.23 -34.25
C TYR K 699 59.98 -46.59 -32.96
N LEU K 700 59.39 -45.41 -33.07
CA LEU K 700 58.98 -44.56 -31.97
C LEU K 700 57.51 -44.62 -31.62
N ASP K 701 56.64 -45.09 -32.51
CA ASP K 701 55.21 -45.09 -32.25
C ASP K 701 54.51 -46.44 -32.45
N GLY K 702 55.24 -47.47 -32.86
CA GLY K 702 54.71 -48.81 -32.99
C GLY K 702 53.95 -49.10 -34.27
N THR K 703 53.92 -48.19 -35.23
CA THR K 703 53.20 -48.40 -36.48
C THR K 703 54.04 -49.19 -37.48
N PHE K 704 54.47 -50.39 -37.07
CA PHE K 704 55.29 -51.26 -37.89
C PHE K 704 54.57 -51.77 -39.13
N TYR K 705 55.37 -52.27 -40.06
CA TYR K 705 55.02 -52.91 -41.31
C TYR K 705 56.30 -53.63 -41.72
N LEU K 706 56.46 -54.05 -42.97
CA LEU K 706 57.72 -54.64 -43.44
C LEU K 706 58.14 -55.99 -42.81
N ASN K 707 57.42 -56.51 -41.82
CA ASN K 707 57.69 -57.80 -41.15
C ASN K 707 57.65 -58.97 -42.12
N HIS K 708 56.84 -58.90 -43.16
CA HIS K 708 56.76 -59.92 -44.19
C HIS K 708 58.09 -60.14 -44.91
N THR K 709 59.05 -59.23 -44.78
CA THR K 709 60.35 -59.34 -45.44
C THR K 709 61.33 -60.29 -44.76
N PHE K 710 61.06 -60.85 -43.58
CA PHE K 710 61.96 -61.82 -42.94
C PHE K 710 61.80 -63.21 -43.58
N LYS K 711 62.86 -64.01 -43.66
CA LYS K 711 62.81 -65.35 -44.25
C LYS K 711 63.09 -66.41 -43.23
N LYS K 712 64.17 -66.29 -42.46
CA LYS K 712 64.49 -67.23 -41.38
C LYS K 712 65.41 -66.62 -40.34
N VAL K 713 65.46 -67.23 -39.16
CA VAL K 713 66.34 -66.82 -38.07
C VAL K 713 67.03 -68.05 -37.51
N SER K 714 68.33 -68.00 -37.30
CA SER K 714 69.06 -69.10 -36.67
C SER K 714 69.73 -68.52 -35.44
N ILE K 715 69.67 -69.23 -34.33
CA ILE K 715 70.17 -68.77 -33.03
C ILE K 715 71.13 -69.82 -32.50
N MET K 716 72.33 -69.39 -32.10
CA MET K 716 73.35 -70.31 -31.63
C MET K 716 74.13 -69.76 -30.45
N PHE K 717 73.87 -70.32 -29.26
CA PHE K 717 74.65 -69.95 -28.10
C PHE K 717 76.06 -70.47 -28.24
N ASP K 718 77.00 -69.85 -27.56
CA ASP K 718 78.39 -70.26 -27.56
C ASP K 718 78.82 -70.41 -29.04
N SER K 719 79.23 -71.59 -29.46
CA SER K 719 79.42 -71.97 -30.85
C SER K 719 78.98 -73.41 -30.94
N SER K 720 78.31 -73.77 -32.01
CA SER K 720 77.73 -75.10 -32.20
C SER K 720 76.86 -75.61 -31.06
N VAL K 721 76.03 -74.71 -30.50
CA VAL K 721 75.01 -75.01 -29.50
C VAL K 721 73.79 -74.29 -30.02
N SER K 722 73.12 -74.90 -30.99
CA SER K 722 71.99 -74.29 -31.64
C SER K 722 70.81 -74.22 -30.68
N TRP K 723 70.27 -73.02 -30.46
CA TRP K 723 69.25 -72.79 -29.44
C TRP K 723 67.84 -73.31 -29.55
N PRO K 724 67.11 -73.12 -30.66
CA PRO K 724 65.68 -73.40 -30.73
C PRO K 724 65.26 -74.61 -29.93
N GLY K 725 66.04 -75.67 -30.05
CA GLY K 725 65.92 -76.79 -29.16
C GLY K 725 66.53 -78.05 -29.70
N ASN K 726 66.13 -79.14 -29.05
CA ASN K 726 66.57 -80.48 -29.31
C ASN K 726 65.56 -81.15 -30.23
N ASP K 727 65.82 -81.17 -31.54
CA ASP K 727 64.95 -81.81 -32.54
C ASP K 727 63.50 -81.26 -32.51
N ARG K 728 63.29 -80.01 -32.08
CA ARG K 728 61.96 -79.43 -31.76
C ARG K 728 61.10 -79.14 -32.98
N LEU K 729 61.58 -78.25 -33.84
CA LEU K 729 60.87 -77.74 -35.02
C LEU K 729 60.89 -78.73 -36.19
N LEU K 730 60.06 -78.53 -37.21
CA LEU K 730 60.13 -79.34 -38.44
C LEU K 730 61.47 -79.14 -39.17
N THR K 731 62.14 -78.02 -38.96
CA THR K 731 63.50 -77.73 -39.45
C THR K 731 64.33 -77.43 -38.20
N PRO K 732 64.79 -78.45 -37.43
CA PRO K 732 65.05 -78.33 -36.00
C PRO K 732 65.90 -77.18 -35.50
N ASN K 733 66.82 -76.67 -36.30
CA ASN K 733 67.75 -75.65 -35.86
C ASN K 733 67.65 -74.29 -36.54
N GLU K 734 66.52 -73.97 -37.17
CA GLU K 734 66.25 -72.64 -37.74
C GLU K 734 64.77 -72.29 -37.64
N PHE K 735 64.43 -71.04 -37.34
CA PHE K 735 63.07 -70.57 -37.38
C PHE K 735 62.78 -70.15 -38.81
N GLU K 736 62.40 -71.07 -39.69
CA GLU K 736 62.08 -70.69 -41.05
C GLU K 736 60.72 -70.02 -41.01
N ILE K 737 60.65 -68.71 -41.23
CA ILE K 737 59.41 -67.92 -41.13
C ILE K 737 58.52 -68.19 -42.32
N LYS K 738 59.09 -68.22 -43.51
CA LYS K 738 58.36 -68.45 -44.77
C LYS K 738 59.20 -69.22 -45.76
N ARG K 739 58.57 -69.88 -46.72
CA ARG K 739 59.27 -70.68 -47.74
C ARG K 739 59.03 -70.22 -49.17
N SER K 740 60.11 -70.08 -49.92
CA SER K 740 60.09 -69.77 -51.36
C SER K 740 59.75 -71.02 -52.16
N VAL K 741 60.24 -72.17 -51.71
CA VAL K 741 60.00 -73.51 -52.25
C VAL K 741 59.72 -74.44 -51.07
N ASP K 742 58.73 -75.32 -51.17
CA ASP K 742 58.30 -76.16 -50.06
C ASP K 742 57.85 -77.51 -50.62
N GLY K 743 58.78 -78.45 -50.75
CA GLY K 743 58.45 -79.77 -51.29
C GLY K 743 57.64 -80.59 -50.32
N GLU K 744 57.88 -80.43 -49.02
CA GLU K 744 57.31 -81.27 -47.97
C GLU K 744 55.91 -80.86 -47.48
N GLY K 745 55.50 -79.61 -47.70
CA GLY K 745 54.18 -79.14 -47.29
C GLY K 745 54.18 -78.44 -45.94
N TYR K 746 55.32 -77.90 -45.52
CA TYR K 746 55.45 -77.22 -44.25
C TYR K 746 54.84 -75.82 -44.22
N ASN K 747 54.26 -75.30 -45.31
CA ASN K 747 53.47 -74.07 -45.26
C ASN K 747 52.16 -74.26 -44.46
N VAL K 748 51.43 -73.18 -44.13
CA VAL K 748 50.09 -73.26 -43.50
C VAL K 748 49.11 -72.26 -44.07
N ALA K 749 47.84 -72.48 -43.79
CA ALA K 749 46.84 -71.43 -43.77
C ALA K 749 46.68 -70.72 -45.13
N GLN K 750 46.81 -71.48 -46.22
CA GLN K 750 46.59 -71.01 -47.57
C GLN K 750 47.55 -69.88 -47.96
N CYS K 751 48.82 -70.03 -47.56
CA CYS K 751 49.82 -68.98 -47.43
C CYS K 751 51.25 -69.56 -47.47
N ASN K 752 52.32 -68.75 -47.58
CA ASN K 752 53.70 -69.24 -47.58
C ASN K 752 54.39 -69.22 -46.19
N MET K 753 53.69 -68.88 -45.11
CA MET K 753 54.21 -68.92 -43.74
C MET K 753 54.36 -70.39 -43.31
N THR K 754 55.38 -70.76 -42.55
CA THR K 754 55.57 -72.15 -42.13
C THR K 754 54.73 -72.57 -40.92
N LYS K 755 54.52 -73.88 -40.76
CA LYS K 755 53.93 -74.53 -39.58
C LYS K 755 54.68 -74.21 -38.31
N ASP K 756 56.01 -74.20 -38.35
CA ASP K 756 56.82 -73.82 -37.20
C ASP K 756 56.54 -72.39 -36.81
N TRP K 757 56.56 -71.46 -37.76
CA TRP K 757 56.34 -70.08 -37.41
C TRP K 757 54.94 -69.80 -36.93
N PHE K 758 53.92 -70.34 -37.59
CA PHE K 758 52.55 -70.09 -37.16
C PHE K 758 52.30 -70.65 -35.76
N LEU K 759 52.86 -71.81 -35.44
CA LEU K 759 52.82 -72.35 -34.09
C LEU K 759 53.53 -71.43 -33.10
N VAL K 760 54.75 -70.98 -33.39
CA VAL K 760 55.53 -70.17 -32.44
C VAL K 760 54.89 -68.81 -32.18
N GLN K 761 54.22 -68.23 -33.16
CA GLN K 761 53.53 -66.96 -32.94
C GLN K 761 52.21 -67.15 -32.20
N MET K 762 51.45 -68.21 -32.48
CA MET K 762 50.22 -68.54 -31.73
C MET K 762 50.49 -68.95 -30.28
N LEU K 763 51.57 -69.67 -30.02
CA LEU K 763 52.00 -69.98 -28.65
C LEU K 763 52.46 -68.74 -27.92
N SER K 764 53.34 -67.95 -28.51
CA SER K 764 53.90 -66.79 -27.80
C SER K 764 52.90 -65.68 -27.56
N HIS K 765 51.91 -65.46 -28.42
CA HIS K 765 50.89 -64.45 -28.16
C HIS K 765 49.77 -64.98 -27.27
N TYR K 766 49.31 -66.21 -27.48
CA TYR K 766 48.03 -66.71 -26.96
C TYR K 766 48.08 -68.05 -26.24
N ASN K 767 49.23 -68.71 -26.13
CA ASN K 767 49.33 -70.04 -25.53
C ASN K 767 48.45 -71.08 -26.25
N ILE K 768 48.11 -70.89 -27.52
CA ILE K 768 47.16 -71.77 -28.25
C ILE K 768 47.69 -73.08 -28.83
N GLY K 769 48.86 -73.11 -29.43
CA GLY K 769 49.14 -74.14 -30.44
C GLY K 769 49.06 -75.62 -30.08
N TYR K 770 49.22 -76.06 -28.83
CA TYR K 770 49.36 -77.49 -28.49
C TYR K 770 48.07 -78.30 -28.45
N GLN K 771 46.92 -77.64 -28.35
CA GLN K 771 45.61 -78.28 -28.30
C GLN K 771 44.71 -77.83 -29.46
N GLY K 772 45.35 -77.44 -30.57
CA GLY K 772 44.70 -77.13 -31.82
C GLY K 772 44.36 -75.66 -31.93
N PHE K 773 44.57 -75.08 -33.10
CA PHE K 773 44.32 -73.67 -33.34
C PHE K 773 42.83 -73.34 -33.37
N HIS K 774 42.50 -72.17 -32.85
CA HIS K 774 41.18 -71.56 -32.86
C HIS K 774 41.38 -70.05 -32.79
N VAL K 775 40.37 -69.27 -33.16
CA VAL K 775 40.48 -67.82 -33.09
C VAL K 775 40.68 -67.40 -31.63
N PRO K 776 41.78 -66.72 -31.26
CA PRO K 776 41.98 -66.25 -29.89
C PRO K 776 40.87 -65.31 -29.44
N GLU K 777 40.52 -65.39 -28.17
CA GLU K 777 39.41 -64.63 -27.58
C GLU K 777 39.58 -63.11 -27.70
N GLY K 778 38.49 -62.38 -27.92
CA GLY K 778 38.54 -60.98 -28.36
C GLY K 778 39.40 -60.06 -27.49
N TYR K 779 39.36 -60.23 -26.17
CA TYR K 779 40.16 -59.44 -25.23
C TYR K 779 41.66 -59.74 -25.27
N LYS K 780 42.07 -60.94 -25.70
CA LYS K 780 43.48 -61.33 -25.84
C LYS K 780 44.08 -60.80 -27.13
N ASP K 781 43.27 -60.75 -28.17
CA ASP K 781 43.69 -60.42 -29.52
C ASP K 781 43.63 -58.91 -29.76
N ARG K 782 44.51 -58.18 -29.10
CA ARG K 782 44.56 -56.71 -29.12
C ARG K 782 45.18 -56.14 -30.40
N MET K 783 45.22 -54.82 -30.53
CA MET K 783 45.67 -54.15 -31.76
C MET K 783 47.06 -54.53 -32.26
N TYR K 784 48.04 -54.67 -31.38
CA TYR K 784 49.39 -55.06 -31.77
C TYR K 784 49.62 -56.58 -31.76
N SER K 785 48.62 -57.40 -31.50
CA SER K 785 48.77 -58.87 -31.44
C SER K 785 48.75 -59.51 -32.83
N PHE K 786 49.22 -60.75 -32.94
CA PHE K 786 49.33 -61.47 -34.20
C PHE K 786 48.05 -61.75 -34.97
N PHE K 787 47.09 -62.48 -34.42
CA PHE K 787 45.99 -62.98 -35.24
C PHE K 787 45.09 -61.86 -35.74
N ARG K 788 44.96 -60.75 -35.00
CA ARG K 788 44.31 -59.52 -35.45
C ARG K 788 44.87 -58.97 -36.75
N ASN K 789 46.18 -59.08 -36.95
CA ASN K 789 46.91 -58.53 -38.09
C ASN K 789 47.36 -59.52 -39.16
N PHE K 790 47.41 -60.83 -38.90
CA PHE K 790 47.77 -61.83 -39.91
C PHE K 790 46.80 -61.84 -41.08
N GLN K 791 47.32 -61.59 -42.28
CA GLN K 791 46.57 -61.42 -43.52
C GLN K 791 47.23 -62.25 -44.63
N PRO K 792 46.93 -63.54 -44.72
CA PRO K 792 47.39 -64.38 -45.81
C PRO K 792 46.66 -64.04 -47.09
N MET K 793 47.35 -64.10 -48.22
CA MET K 793 46.81 -63.76 -49.53
C MET K 793 47.32 -64.71 -50.61
N SER K 794 46.59 -64.76 -51.72
CA SER K 794 47.01 -65.50 -52.91
C SER K 794 46.42 -64.89 -54.18
N ARG K 795 47.09 -65.03 -55.32
CA ARG K 795 46.58 -64.71 -56.66
C ARG K 795 47.11 -65.69 -57.68
N GLN K 796 46.42 -65.79 -58.82
CA GLN K 796 46.99 -66.40 -60.01
C GLN K 796 47.48 -65.34 -60.97
N VAL K 797 48.44 -65.70 -61.82
CA VAL K 797 48.98 -64.86 -62.88
C VAL K 797 49.22 -65.73 -64.10
N VAL K 798 49.31 -65.10 -65.26
CA VAL K 798 49.60 -65.79 -66.50
C VAL K 798 50.95 -66.50 -66.41
N ASP K 799 51.00 -67.76 -66.85
CA ASP K 799 52.24 -68.54 -66.84
C ASP K 799 53.12 -68.10 -68.01
N GLU K 800 54.11 -67.25 -67.72
CA GLU K 800 55.04 -66.68 -68.71
C GLU K 800 55.88 -67.71 -69.45
N ILE K 801 56.05 -68.92 -68.90
CA ILE K 801 56.87 -69.98 -69.47
C ILE K 801 56.04 -70.98 -70.28
N ASN K 802 54.99 -71.57 -69.71
CA ASN K 802 54.21 -72.61 -70.39
C ASN K 802 53.09 -72.13 -71.31
N TYR K 803 52.66 -70.87 -71.26
CA TYR K 803 51.71 -70.36 -72.25
C TYR K 803 52.45 -70.04 -73.55
N LYS K 804 52.29 -70.91 -74.55
CA LYS K 804 52.96 -70.83 -75.86
C LYS K 804 52.72 -69.53 -76.64
N ASP K 805 51.64 -68.81 -76.35
CA ASP K 805 51.25 -67.57 -77.03
C ASP K 805 51.52 -66.29 -76.21
N TYR K 806 52.29 -66.37 -75.13
CA TYR K 806 52.57 -65.19 -74.30
C TYR K 806 53.43 -64.14 -75.01
N LYS K 807 53.09 -62.85 -74.87
CA LYS K 807 53.92 -61.69 -75.23
C LYS K 807 53.88 -60.66 -74.12
N ALA K 808 55.03 -60.14 -73.73
CA ALA K 808 55.20 -59.33 -72.53
C ALA K 808 55.11 -57.82 -72.85
N VAL K 809 53.89 -57.30 -73.04
CA VAL K 809 53.62 -55.91 -73.45
C VAL K 809 53.99 -54.94 -72.32
N THR K 810 55.03 -54.13 -72.48
CA THR K 810 55.38 -53.06 -71.51
C THR K 810 54.38 -51.92 -71.52
N LEU K 811 54.25 -51.24 -70.39
CA LEU K 811 53.09 -50.41 -70.07
C LEU K 811 52.66 -49.36 -71.13
N PRO K 812 53.55 -48.60 -71.79
CA PRO K 812 53.17 -47.65 -72.84
C PRO K 812 52.38 -48.23 -74.01
N PHE K 813 52.33 -49.56 -74.15
CA PHE K 813 51.68 -50.27 -75.25
C PHE K 813 50.49 -51.11 -74.81
N GLN K 814 50.24 -51.21 -73.51
CA GLN K 814 49.02 -51.82 -72.98
C GLN K 814 47.84 -50.90 -73.27
N HIS K 815 46.76 -51.41 -73.84
CA HIS K 815 45.54 -50.64 -74.03
C HIS K 815 44.30 -51.43 -73.68
N ASN K 816 43.51 -50.84 -72.81
CA ASN K 816 42.19 -51.25 -72.41
C ASN K 816 41.46 -49.96 -72.00
N ASN K 817 40.16 -49.82 -72.24
CA ASN K 817 39.46 -48.53 -72.09
C ASN K 817 40.08 -47.39 -72.92
N SER K 818 40.73 -47.69 -74.05
CA SER K 818 41.28 -46.68 -74.96
C SER K 818 40.17 -45.80 -75.55
N GLY K 819 40.47 -44.55 -75.90
CA GLY K 819 39.48 -43.58 -76.37
C GLY K 819 38.67 -42.97 -75.24
N PHE K 820 38.25 -43.79 -74.27
CA PHE K 820 37.55 -43.36 -73.07
C PHE K 820 38.46 -42.87 -71.92
N THR K 821 39.78 -43.00 -72.05
CA THR K 821 40.77 -42.77 -70.98
C THR K 821 41.99 -42.00 -71.49
N GLY K 822 42.76 -41.36 -70.62
CA GLY K 822 43.76 -40.36 -71.01
C GLY K 822 45.19 -40.80 -71.29
N TYR K 823 45.39 -41.97 -71.87
CA TYR K 823 46.71 -42.57 -72.06
C TYR K 823 47.51 -42.63 -70.73
N LEU K 824 48.78 -42.23 -70.69
CA LEU K 824 49.66 -42.40 -69.52
C LEU K 824 49.47 -41.35 -68.42
N ALA K 825 48.32 -40.70 -68.31
CA ALA K 825 48.11 -39.60 -67.39
C ALA K 825 46.63 -39.46 -67.00
N PRO K 826 46.32 -38.80 -65.87
CA PRO K 826 44.96 -38.61 -65.37
C PRO K 826 44.17 -37.53 -66.12
N THR K 827 44.59 -37.13 -67.32
CA THR K 827 44.28 -35.81 -67.85
C THR K 827 42.97 -35.72 -68.64
N MET K 828 42.91 -36.29 -69.84
CA MET K 828 41.86 -36.00 -70.83
C MET K 828 41.71 -37.21 -71.71
N ARG K 829 40.49 -37.55 -72.14
CA ARG K 829 40.21 -38.70 -73.01
C ARG K 829 41.15 -38.76 -74.23
N GLN K 830 41.50 -39.94 -74.72
CA GLN K 830 42.52 -40.06 -75.75
C GLN K 830 42.42 -41.36 -76.54
N GLY K 831 42.36 -41.29 -77.87
CA GLY K 831 42.44 -42.45 -78.74
C GLY K 831 41.08 -42.87 -79.31
N GLN K 832 40.89 -44.16 -79.55
CA GLN K 832 39.67 -44.75 -80.10
C GLN K 832 39.17 -45.92 -79.25
N PRO K 833 37.90 -46.31 -79.32
CA PRO K 833 37.49 -47.63 -78.89
C PRO K 833 38.21 -48.71 -79.70
N TYR K 834 38.69 -49.77 -79.06
CA TYR K 834 39.26 -50.94 -79.73
C TYR K 834 39.25 -52.17 -78.81
N PRO K 835 39.32 -53.42 -79.28
CA PRO K 835 39.47 -54.57 -78.41
C PRO K 835 40.68 -54.40 -77.49
N ALA K 836 40.56 -54.79 -76.23
CA ALA K 836 41.58 -54.59 -75.22
C ALA K 836 42.69 -55.63 -75.36
N ASN K 837 43.95 -55.22 -75.41
CA ASN K 837 45.06 -56.17 -75.51
C ASN K 837 45.55 -56.72 -74.16
N PHE K 838 45.32 -56.04 -73.03
CA PHE K 838 46.21 -56.27 -71.90
C PHE K 838 45.91 -57.47 -71.00
N PRO K 839 45.00 -57.42 -70.03
CA PRO K 839 45.02 -58.38 -68.93
C PRO K 839 44.53 -59.73 -69.43
N TYR K 840 45.41 -60.71 -69.63
CA TYR K 840 44.99 -62.01 -70.16
C TYR K 840 43.90 -62.62 -69.27
N PRO K 841 42.87 -63.24 -69.82
CA PRO K 841 41.78 -63.79 -69.03
C PRO K 841 42.24 -65.02 -68.26
N LEU K 842 42.16 -65.01 -66.93
CA LEU K 842 42.37 -66.19 -66.06
C LEU K 842 41.04 -66.96 -65.79
N ILE K 843 39.99 -66.64 -66.53
CA ILE K 843 38.57 -66.91 -66.22
C ILE K 843 37.87 -67.42 -67.49
N GLY K 844 36.89 -68.30 -67.33
CA GLY K 844 36.04 -68.70 -68.44
C GLY K 844 36.65 -69.78 -69.33
N GLN K 845 36.23 -69.82 -70.59
CA GLN K 845 36.58 -70.87 -71.53
C GLN K 845 37.91 -70.62 -72.23
N THR K 846 38.26 -69.36 -72.44
CA THR K 846 39.53 -68.96 -73.07
C THR K 846 40.62 -68.68 -72.04
N ALA K 847 40.48 -69.20 -70.82
CA ALA K 847 41.38 -68.94 -69.72
C ALA K 847 42.82 -69.34 -70.04
N VAL K 848 43.74 -68.44 -69.79
CA VAL K 848 45.17 -68.62 -70.05
C VAL K 848 45.82 -69.60 -69.04
N PRO K 849 46.82 -70.41 -69.44
CA PRO K 849 47.67 -71.15 -68.52
C PRO K 849 48.26 -70.25 -67.44
N SER K 850 48.43 -70.78 -66.23
CA SER K 850 48.44 -69.96 -65.01
C SER K 850 49.35 -70.51 -63.91
N VAL K 851 49.93 -69.63 -63.09
CA VAL K 851 50.75 -69.97 -61.93
C VAL K 851 50.33 -69.13 -60.74
N THR K 852 50.62 -69.61 -59.54
CA THR K 852 50.06 -69.10 -58.29
C THR K 852 51.13 -68.48 -57.41
N GLN K 853 50.81 -67.33 -56.85
CA GLN K 853 51.68 -66.58 -55.96
C GLN K 853 51.01 -66.42 -54.60
N LYS K 854 51.64 -66.88 -53.53
CA LYS K 854 51.13 -66.81 -52.16
C LYS K 854 52.03 -65.93 -51.32
N LYS K 855 51.47 -65.05 -50.50
CA LYS K 855 52.19 -64.17 -49.59
C LYS K 855 51.33 -63.80 -48.39
N PHE K 856 51.86 -63.02 -47.47
CA PHE K 856 51.11 -62.56 -46.31
C PHE K 856 51.63 -61.23 -45.79
N LEU K 857 50.83 -60.60 -44.96
CA LEU K 857 51.15 -59.39 -44.25
C LEU K 857 50.69 -59.52 -42.81
N CYS K 858 51.37 -58.81 -41.94
CA CYS K 858 51.00 -58.55 -40.56
C CYS K 858 51.91 -57.39 -40.30
N ASP K 859 51.35 -56.25 -39.95
CA ASP K 859 52.13 -55.04 -39.88
C ASP K 859 52.18 -54.40 -38.51
N ARG K 860 51.10 -54.24 -37.77
CA ARG K 860 51.23 -53.62 -36.44
C ARG K 860 52.06 -54.46 -35.45
N VAL K 861 52.17 -55.75 -35.71
CA VAL K 861 52.96 -56.75 -34.97
C VAL K 861 54.46 -56.52 -35.04
N MET K 862 55.21 -57.08 -34.09
CA MET K 862 56.65 -57.27 -34.19
C MET K 862 56.83 -58.73 -33.82
N TRP K 863 57.68 -59.47 -34.53
CA TRP K 863 57.87 -60.89 -34.31
C TRP K 863 58.43 -61.16 -32.92
N ARG K 864 57.98 -62.23 -32.25
CA ARG K 864 58.42 -62.61 -30.90
C ARG K 864 58.93 -64.04 -30.88
N ILE K 865 59.94 -64.34 -30.08
CA ILE K 865 60.52 -65.67 -29.85
C ILE K 865 60.75 -65.75 -28.34
N PRO K 866 59.87 -66.38 -27.57
CA PRO K 866 60.03 -66.46 -26.13
C PRO K 866 61.16 -67.39 -25.74
N PHE K 867 62.08 -66.94 -24.90
CA PHE K 867 63.13 -67.79 -24.36
C PHE K 867 62.47 -68.61 -23.25
N SER K 868 61.76 -69.66 -23.65
CA SER K 868 60.98 -70.53 -22.77
C SER K 868 61.01 -71.98 -23.25
N SER K 869 61.05 -72.95 -22.34
CA SER K 869 61.37 -74.34 -22.72
C SER K 869 60.36 -74.94 -23.69
N ASN K 870 59.12 -74.52 -23.58
CA ASN K 870 58.11 -74.59 -24.62
C ASN K 870 57.63 -73.15 -24.82
N PHE K 871 57.21 -72.75 -26.02
CA PHE K 871 57.07 -71.31 -26.29
C PHE K 871 55.90 -70.61 -25.59
N MET K 872 55.19 -71.22 -24.62
CA MET K 872 54.10 -70.56 -23.90
C MET K 872 54.53 -69.59 -22.82
N SER K 873 53.66 -68.61 -22.51
CA SER K 873 53.84 -67.69 -21.40
C SER K 873 53.35 -68.39 -20.13
N MET K 874 54.25 -68.94 -19.33
CA MET K 874 53.89 -69.60 -18.06
C MET K 874 54.12 -68.71 -16.84
N GLY K 875 54.72 -67.55 -17.05
CA GLY K 875 54.97 -66.50 -16.08
C GLY K 875 55.72 -65.36 -16.76
N ALA K 876 56.04 -64.28 -16.06
CA ALA K 876 56.92 -63.25 -16.61
C ALA K 876 58.37 -63.74 -16.67
N LEU K 877 58.87 -64.35 -15.60
CA LEU K 877 60.24 -64.86 -15.50
C LEU K 877 60.27 -66.31 -16.01
N THR K 878 60.70 -66.52 -17.24
CA THR K 878 60.56 -67.83 -17.91
C THR K 878 61.45 -68.91 -17.28
N ASP K 879 61.18 -70.18 -17.57
CA ASP K 879 61.92 -71.30 -16.97
C ASP K 879 63.37 -71.34 -17.45
N LEU K 880 63.63 -71.17 -18.74
CA LEU K 880 65.01 -71.10 -19.24
C LEU K 880 65.72 -69.89 -18.66
N GLY K 881 65.00 -68.80 -18.41
CA GLY K 881 65.54 -67.65 -17.71
C GLY K 881 66.08 -68.00 -16.33
N GLN K 882 65.46 -68.97 -15.65
CA GLN K 882 65.91 -69.56 -14.39
C GLN K 882 67.02 -70.61 -14.60
N ASN K 883 66.99 -71.49 -15.62
CA ASN K 883 68.10 -72.42 -15.88
C ASN K 883 69.43 -71.69 -15.98
N MET K 884 69.45 -70.55 -16.68
CA MET K 884 70.63 -69.70 -16.89
C MET K 884 71.16 -69.04 -15.61
N LEU K 885 70.36 -68.97 -14.54
CA LEU K 885 70.81 -68.63 -13.18
C LEU K 885 71.61 -69.81 -12.61
N TYR K 886 70.99 -71.01 -12.53
CA TYR K 886 71.64 -72.23 -12.02
C TYR K 886 72.77 -72.73 -12.92
N ALA K 887 72.84 -72.24 -14.17
CA ALA K 887 73.94 -72.50 -15.07
C ALA K 887 75.21 -71.71 -14.60
N ASN K 888 75.09 -70.63 -13.78
CA ASN K 888 76.15 -69.79 -13.18
C ASN K 888 77.27 -69.42 -14.15
N SER K 889 76.97 -69.31 -15.43
CA SER K 889 78.00 -69.15 -16.44
C SER K 889 77.64 -68.17 -17.53
N ALA K 890 78.68 -67.60 -18.10
CA ALA K 890 78.58 -66.70 -19.21
C ALA K 890 78.51 -67.50 -20.52
N HIS K 891 77.67 -67.10 -21.47
CA HIS K 891 77.57 -67.75 -22.79
C HIS K 891 77.59 -66.71 -23.88
N ALA K 892 78.25 -66.97 -24.99
CA ALA K 892 78.22 -66.06 -26.15
C ALA K 892 76.94 -66.30 -26.95
N LEU K 893 76.59 -65.44 -27.90
CA LEU K 893 75.41 -65.66 -28.73
C LEU K 893 75.60 -65.16 -30.15
N ASP K 894 75.26 -65.97 -31.13
CA ASP K 894 75.24 -65.59 -32.53
C ASP K 894 73.82 -65.73 -33.05
N MET K 895 73.35 -64.79 -33.85
CA MET K 895 72.05 -64.86 -34.49
C MET K 895 72.25 -64.46 -35.93
N THR K 896 71.69 -65.21 -36.87
CA THR K 896 71.76 -64.85 -38.27
C THR K 896 70.34 -64.77 -38.80
N PHE K 897 69.95 -63.60 -39.27
CA PHE K 897 68.65 -63.36 -39.85
C PHE K 897 68.82 -63.32 -41.36
N GLU K 898 68.02 -64.07 -42.09
CA GLU K 898 67.98 -64.02 -43.55
C GLU K 898 66.72 -63.22 -43.84
N VAL K 899 66.84 -62.23 -44.71
CA VAL K 899 65.83 -61.24 -45.00
C VAL K 899 65.79 -60.86 -46.48
N ASP K 900 64.64 -60.44 -46.99
CA ASP K 900 64.46 -60.05 -48.38
C ASP K 900 65.24 -58.79 -48.77
N PRO K 901 65.80 -58.71 -49.98
CA PRO K 901 66.53 -57.53 -50.42
C PRO K 901 65.61 -56.34 -50.67
N MET K 902 66.07 -55.14 -50.31
CA MET K 902 65.39 -53.86 -50.55
C MET K 902 66.36 -52.87 -51.16
N ASP K 903 65.91 -52.02 -52.08
CA ASP K 903 66.77 -51.04 -52.75
C ASP K 903 67.28 -49.89 -51.86
N GLU K 904 66.80 -49.78 -50.62
CA GLU K 904 67.15 -48.72 -49.67
C GLU K 904 67.71 -49.27 -48.34
N PRO K 905 68.59 -48.52 -47.65
CA PRO K 905 69.18 -48.98 -46.42
C PRO K 905 68.10 -49.11 -45.34
N THR K 906 68.16 -50.19 -44.59
CA THR K 906 67.18 -50.56 -43.56
C THR K 906 67.90 -50.99 -42.29
N LEU K 907 67.18 -51.12 -41.19
CA LEU K 907 67.73 -51.53 -39.91
C LEU K 907 67.00 -52.75 -39.37
N LEU K 908 67.74 -53.70 -38.84
CA LEU K 908 67.19 -54.81 -38.08
C LEU K 908 67.00 -54.20 -36.70
N TYR K 909 65.81 -54.30 -36.12
CA TYR K 909 65.56 -53.79 -34.79
C TYR K 909 65.35 -54.97 -33.86
N LEU K 910 66.24 -55.17 -32.88
CA LEU K 910 66.12 -56.26 -31.92
C LEU K 910 65.76 -55.74 -30.57
N LEU K 911 64.84 -56.42 -29.93
CA LEU K 911 64.47 -56.17 -28.57
C LEU K 911 64.91 -57.38 -27.79
N PHE K 912 65.94 -57.22 -26.98
CA PHE K 912 66.31 -58.30 -26.09
C PHE K 912 65.34 -58.10 -24.94
N GLU K 913 64.33 -58.95 -24.81
CA GLU K 913 63.33 -58.81 -23.74
C GLU K 913 64.03 -59.06 -22.41
N VAL K 914 63.72 -58.24 -21.44
CA VAL K 914 64.48 -58.12 -20.20
C VAL K 914 63.60 -57.60 -19.07
N PHE K 915 64.03 -57.69 -17.81
CA PHE K 915 63.34 -56.99 -16.72
C PHE K 915 63.99 -55.64 -16.44
N ASP K 916 63.44 -54.54 -16.96
CA ASP K 916 63.89 -53.18 -16.70
C ASP K 916 62.94 -52.60 -15.66
N VAL K 917 63.44 -52.29 -14.47
CA VAL K 917 62.62 -52.05 -13.27
C VAL K 917 63.26 -51.00 -12.37
N VAL K 918 62.45 -50.37 -11.52
CA VAL K 918 62.89 -49.39 -10.53
C VAL K 918 62.21 -49.64 -9.21
N ARG K 919 62.83 -49.19 -8.13
CA ARG K 919 62.30 -49.18 -6.77
C ARG K 919 62.54 -47.80 -6.21
N VAL K 920 61.54 -47.22 -5.56
CA VAL K 920 61.57 -45.83 -5.12
C VAL K 920 61.27 -45.69 -3.64
N HIS K 921 62.13 -44.96 -2.93
CA HIS K 921 62.11 -44.80 -1.49
C HIS K 921 62.04 -43.32 -1.16
N GLN K 922 61.25 -42.95 -0.16
CA GLN K 922 60.96 -41.55 0.22
C GLN K 922 61.01 -41.42 1.74
N PRO K 923 62.17 -41.61 2.38
CA PRO K 923 62.28 -41.69 3.82
C PRO K 923 62.14 -40.42 4.64
N HIS K 924 62.27 -39.23 4.05
CA HIS K 924 62.08 -37.98 4.78
C HIS K 924 61.39 -36.97 3.88
N ARG K 925 60.82 -35.91 4.44
CA ARG K 925 60.06 -34.92 3.66
C ARG K 925 60.82 -34.43 2.41
N GLY K 926 62.08 -34.08 2.52
CA GLY K 926 62.79 -33.48 1.39
C GLY K 926 63.31 -34.42 0.31
N VAL K 927 63.15 -35.73 0.43
CA VAL K 927 63.89 -36.64 -0.45
C VAL K 927 63.15 -37.80 -1.08
N ILE K 928 63.70 -38.24 -2.20
CA ILE K 928 63.30 -39.37 -3.03
C ILE K 928 64.59 -40.06 -3.49
N GLU K 929 64.63 -41.39 -3.44
CA GLU K 929 65.79 -42.19 -3.81
C GLU K 929 65.33 -43.35 -4.68
N ALA K 930 65.85 -43.47 -5.89
CA ALA K 930 65.50 -44.53 -6.81
C ALA K 930 66.67 -45.44 -7.11
N VAL K 931 66.46 -46.73 -6.99
CA VAL K 931 67.39 -47.77 -7.44
C VAL K 931 66.82 -48.39 -8.68
N TYR K 932 67.59 -48.41 -9.75
CA TYR K 932 67.22 -49.08 -10.99
C TYR K 932 67.92 -50.41 -11.11
N LEU K 933 67.29 -51.34 -11.79
CA LEU K 933 67.90 -52.58 -12.21
C LEU K 933 67.39 -53.02 -13.57
N ARG K 934 68.27 -53.64 -14.35
CA ARG K 934 67.97 -54.23 -15.65
C ARG K 934 68.74 -55.54 -15.71
N THR K 935 68.06 -56.69 -15.68
CA THR K 935 68.74 -57.92 -15.26
C THR K 935 69.68 -58.40 -16.37
N PRO K 936 69.25 -59.04 -17.48
CA PRO K 936 70.18 -59.19 -18.59
C PRO K 936 70.53 -57.78 -19.10
N PHE K 937 71.61 -57.61 -19.82
CA PHE K 937 72.01 -56.32 -20.35
C PHE K 937 72.09 -55.16 -19.33
N SER K 938 72.63 -55.35 -18.13
CA SER K 938 72.70 -54.20 -17.22
C SER K 938 73.91 -53.31 -17.56
N ALA K 939 73.74 -52.07 -18.00
CA ALA K 939 74.70 -50.93 -17.99
C ALA K 939 74.33 -49.88 -19.08
N GLY K 940 73.25 -50.09 -19.82
CA GLY K 940 72.96 -49.31 -21.04
C GLY K 940 73.80 -49.96 -22.16
N ASN K 941 74.21 -49.21 -23.18
CA ASN K 941 75.08 -49.69 -24.27
C ASN K 941 76.24 -48.75 -24.57
N MET L 1 26.07 36.85 53.12
CA MET L 1 25.46 36.50 51.81
C MET L 1 25.51 35.01 51.44
N MET L 2 26.36 34.20 52.04
CA MET L 2 26.61 32.82 51.60
C MET L 2 25.40 31.89 51.46
N PRO L 3 24.30 31.94 52.25
CA PRO L 3 23.21 30.99 52.10
C PRO L 3 22.58 31.03 50.71
N GLN L 4 22.39 32.23 50.16
CA GLN L 4 21.86 32.43 48.83
C GLN L 4 22.80 31.83 47.79
N TRP L 5 24.11 32.07 47.92
CA TRP L 5 25.09 31.53 46.99
C TRP L 5 25.21 30.03 47.07
N ALA L 6 25.18 29.46 48.27
CA ALA L 6 25.24 28.04 48.50
C ALA L 6 23.96 27.32 48.09
N TYR L 7 22.85 28.03 47.91
CA TYR L 7 21.59 27.49 47.43
C TYR L 7 21.46 27.58 45.91
N MET L 8 21.98 28.63 45.31
CA MET L 8 22.00 28.83 43.85
C MET L 8 23.26 28.24 43.20
N HIS L 9 24.12 27.58 43.97
CA HIS L 9 25.38 26.95 43.53
C HIS L 9 26.37 27.93 42.93
N ILE L 10 26.36 29.17 43.41
CA ILE L 10 27.36 30.19 43.10
C ILE L 10 28.64 29.96 43.92
N ALA L 11 28.49 29.44 45.14
CA ALA L 11 29.55 29.03 46.05
C ALA L 11 29.14 27.74 46.76
N GLY L 12 30.02 27.10 47.52
CA GLY L 12 29.72 25.82 48.17
C GLY L 12 30.22 24.63 47.37
N GLN L 13 29.34 23.74 46.96
CA GLN L 13 29.71 22.41 46.50
C GLN L 13 29.56 22.16 44.99
N ASP L 14 30.52 21.42 44.44
CA ASP L 14 30.45 20.77 43.14
C ASP L 14 29.20 19.87 43.04
N ALA L 15 28.55 19.82 41.87
CA ALA L 15 27.31 19.08 41.66
C ALA L 15 27.43 17.57 41.85
N SER L 16 28.62 17.01 41.76
CA SER L 16 28.82 15.61 42.12
C SER L 16 28.68 15.36 43.61
N GLU L 17 28.73 16.40 44.46
CA GLU L 17 28.55 16.26 45.90
C GLU L 17 27.11 16.52 46.33
N TYR L 18 26.49 17.62 45.90
CA TYR L 18 25.18 17.99 46.45
C TYR L 18 24.03 17.17 45.90
N LEU L 19 24.12 16.67 44.67
CA LEU L 19 23.14 15.74 44.15
C LEU L 19 23.20 14.42 44.90
N SER L 20 22.09 13.69 44.95
CA SER L 20 22.04 12.39 45.57
C SER L 20 22.92 11.40 44.80
N PRO L 21 23.71 10.55 45.44
CA PRO L 21 24.65 9.68 44.75
C PRO L 21 24.00 8.62 43.86
N GLY L 22 22.70 8.36 43.97
CA GLY L 22 22.00 7.62 42.92
C GLY L 22 22.06 8.34 41.56
N LEU L 23 21.68 9.61 41.53
CA LEU L 23 21.66 10.41 40.33
C LEU L 23 23.06 10.64 39.75
N VAL L 24 24.08 10.75 40.59
CA VAL L 24 25.45 10.82 40.09
C VAL L 24 25.82 9.50 39.41
N GLN L 25 25.58 8.34 40.02
CA GLN L 25 25.84 7.04 39.38
C GLN L 25 24.98 6.78 38.14
N PHE L 26 23.74 7.26 38.09
CA PHE L 26 22.94 7.22 36.87
C PHE L 26 23.63 8.03 35.78
N ALA L 27 23.86 9.32 36.01
CA ALA L 27 24.37 10.23 35.00
C ALA L 27 25.70 9.73 34.45
N ARG L 28 26.54 9.25 35.35
CA ARG L 28 27.83 8.65 35.08
C ARG L 28 27.78 7.41 34.23
N ALA L 29 26.74 6.60 34.33
CA ALA L 29 26.64 5.37 33.57
C ALA L 29 26.13 5.59 32.15
N THR L 30 25.24 6.56 31.95
CA THR L 30 24.56 6.80 30.68
C THR L 30 25.19 7.88 29.81
N ASP L 31 26.18 8.64 30.29
CA ASP L 31 26.60 9.89 29.64
C ASP L 31 27.00 9.77 28.15
N THR L 32 27.37 8.59 27.66
CA THR L 32 27.70 8.38 26.25
C THR L 32 26.49 8.41 25.31
N TYR L 33 25.27 8.27 25.83
CA TYR L 33 24.04 8.27 25.03
C TYR L 33 22.90 9.07 25.63
N PHE L 34 22.84 9.25 26.94
CA PHE L 34 21.90 10.20 27.53
C PHE L 34 22.56 10.90 28.69
N SER L 35 22.77 12.20 28.51
CA SER L 35 23.59 13.03 29.37
C SER L 35 22.73 13.93 30.23
N LEU L 36 22.99 13.91 31.53
CA LEU L 36 22.44 14.86 32.49
C LEU L 36 23.49 15.92 32.86
N GLY L 37 24.58 16.04 32.12
CA GLY L 37 25.74 16.83 32.55
C GLY L 37 25.53 18.34 32.60
N ASN L 38 24.83 18.92 31.64
CA ASN L 38 24.69 20.36 31.49
C ASN L 38 23.54 21.00 32.28
N LYS L 39 23.01 20.31 33.30
CA LYS L 39 21.74 20.65 33.98
C LYS L 39 21.87 20.96 35.46
N PHE L 40 23.10 21.11 35.92
CA PHE L 40 23.46 21.44 37.29
C PHE L 40 24.66 22.36 37.21
N ARG L 41 24.81 23.31 38.13
CA ARG L 41 25.98 24.19 38.18
C ARG L 41 26.94 23.74 39.24
N ASN L 42 28.24 23.83 38.96
CA ASN L 42 29.26 23.86 40.00
C ASN L 42 29.59 25.31 40.34
N PRO L 43 29.98 25.62 41.57
CA PRO L 43 30.73 26.81 41.83
C PRO L 43 32.14 26.68 41.23
N THR L 44 32.78 27.79 40.92
CA THR L 44 34.25 27.86 40.94
C THR L 44 34.64 29.17 41.59
N VAL L 45 35.61 29.14 42.50
CA VAL L 45 35.84 30.23 43.45
C VAL L 45 37.32 30.56 43.51
N ALA L 46 37.68 31.83 43.34
CA ALA L 46 39.06 32.28 43.42
C ALA L 46 39.55 32.36 44.86
N PRO L 47 40.83 32.17 45.14
CA PRO L 47 41.36 32.23 46.50
C PRO L 47 41.50 33.67 47.01
N THR L 48 41.03 33.92 48.22
CA THR L 48 41.20 35.21 48.94
C THR L 48 42.51 35.34 49.71
N HIS L 49 43.20 34.23 49.93
CA HIS L 49 44.07 34.08 51.10
C HIS L 49 45.48 34.61 50.87
N ASP L 50 46.30 33.91 50.07
CA ASP L 50 47.76 34.12 49.98
C ASP L 50 48.26 34.34 48.55
N VAL L 51 47.38 34.73 47.63
CA VAL L 51 47.70 34.79 46.19
C VAL L 51 48.15 36.16 45.72
N THR L 52 47.52 37.25 46.17
CA THR L 52 47.86 38.61 45.75
C THR L 52 48.08 39.52 46.95
N THR L 53 49.05 40.42 46.87
CA THR L 53 49.28 41.45 47.88
C THR L 53 48.23 42.56 47.81
N ASP L 54 47.82 43.14 48.94
CA ASP L 54 47.01 44.37 48.94
C ASP L 54 47.87 45.64 48.88
N ARG L 55 49.20 45.52 49.03
CA ARG L 55 50.11 46.65 49.13
C ARG L 55 50.18 47.47 47.84
N SER L 56 50.48 48.76 47.99
CA SER L 56 50.66 49.68 46.87
C SER L 56 51.96 49.38 46.13
N GLN L 57 51.87 48.78 44.95
CA GLN L 57 52.98 48.12 44.26
C GLN L 57 52.66 48.02 42.77
N ARG L 58 53.59 48.40 41.91
CA ARG L 58 53.49 48.39 40.44
C ARG L 58 53.34 47.00 39.85
N LEU L 59 52.72 46.92 38.68
CA LEU L 59 52.80 45.75 37.82
C LEU L 59 54.00 45.81 36.89
N THR L 60 54.19 46.92 36.17
CA THR L 60 55.22 47.07 35.15
C THR L 60 56.22 48.15 35.54
N LEU L 61 57.51 47.83 35.67
CA LEU L 61 58.58 48.84 35.83
C LEU L 61 59.34 49.03 34.52
N ARG L 62 59.62 50.28 34.19
CA ARG L 62 60.41 50.73 33.05
C ARG L 62 61.69 51.38 33.56
N PHE L 63 62.84 50.85 33.19
CA PHE L 63 64.15 51.40 33.55
C PHE L 63 64.79 52.08 32.35
N VAL L 64 65.14 53.35 32.48
CA VAL L 64 66.02 54.05 31.54
C VAL L 64 67.48 53.65 31.80
N PRO L 65 68.40 53.78 30.83
CA PRO L 65 69.79 53.42 31.03
C PRO L 65 70.43 54.21 32.15
N VAL L 66 71.26 53.59 32.98
CA VAL L 66 72.23 54.34 33.81
C VAL L 66 73.45 54.76 33.01
N ASP L 67 73.73 54.08 31.91
CA ASP L 67 74.89 54.32 31.06
C ASP L 67 74.63 53.86 29.62
N ARG L 68 75.26 54.47 28.61
CA ARG L 68 75.12 54.04 27.22
C ARG L 68 76.30 54.41 26.32
N GLU L 69 76.47 53.70 25.21
CA GLU L 69 77.63 53.82 24.32
C GLU L 69 77.22 53.66 22.85
N ASP L 70 76.65 54.71 22.27
CA ASP L 70 76.36 54.78 20.84
C ASP L 70 77.65 54.89 20.01
N THR L 71 77.83 54.09 18.97
CA THR L 71 79.07 54.00 18.18
C THR L 71 78.82 53.82 16.69
N THR L 72 79.88 53.69 15.91
CA THR L 72 79.91 53.58 14.44
C THR L 72 78.90 52.57 13.89
N TYR L 73 78.80 51.41 14.52
CA TYR L 73 77.96 50.29 14.08
C TYR L 73 77.27 49.54 15.23
N SER L 74 77.31 50.05 16.47
CA SER L 74 76.58 49.45 17.59
C SER L 74 75.98 50.48 18.56
N TYR L 75 75.05 50.04 19.40
CA TYR L 75 74.60 50.81 20.56
C TYR L 75 74.66 49.91 21.78
N LYS L 76 75.15 50.40 22.91
CA LYS L 76 75.23 49.63 24.16
C LYS L 76 74.45 50.35 25.24
N ALA L 77 73.81 49.65 26.17
CA ALA L 77 73.14 50.29 27.30
C ALA L 77 73.22 49.43 28.55
N ARG L 78 73.26 50.07 29.72
CA ARG L 78 73.26 49.41 31.03
C ARG L 78 72.07 49.83 31.86
N PHE L 79 71.37 48.88 32.45
CA PHE L 79 70.27 49.11 33.38
C PHE L 79 70.65 48.61 34.77
N THR L 80 70.18 49.27 35.82
CA THR L 80 70.12 48.64 37.15
C THR L 80 68.79 47.95 37.29
N LEU L 81 68.74 46.66 37.00
CA LEU L 81 67.54 45.84 37.11
C LEU L 81 67.29 45.54 38.58
N ALA L 82 66.70 46.47 39.31
CA ALA L 82 66.36 46.29 40.70
C ALA L 82 65.13 45.39 40.82
N VAL L 83 65.32 44.11 41.11
CA VAL L 83 64.23 43.32 41.69
C VAL L 83 64.12 43.76 43.12
N GLY L 84 63.07 44.52 43.44
CA GLY L 84 62.76 44.90 44.81
C GLY L 84 62.44 43.72 45.72
N ASP L 85 62.23 43.98 47.00
CA ASP L 85 61.98 42.98 48.03
C ASP L 85 60.57 42.39 47.96
N ASN L 86 60.33 41.23 48.59
CA ASN L 86 59.02 40.56 48.60
C ASN L 86 58.36 40.43 47.21
N ARG L 87 59.19 40.31 46.17
CA ARG L 87 58.84 40.08 44.78
C ARG L 87 59.71 38.95 44.24
N VAL L 88 59.39 38.49 43.04
CA VAL L 88 60.24 37.68 42.18
C VAL L 88 59.99 38.15 40.76
N LEU L 89 61.00 38.17 39.89
CA LEU L 89 60.84 38.58 38.49
C LEU L 89 61.04 37.40 37.56
N ASP L 90 60.07 37.10 36.70
CA ASP L 90 60.29 36.16 35.61
C ASP L 90 60.87 36.90 34.42
N MET L 91 62.09 36.53 34.02
CA MET L 91 62.80 37.12 32.92
C MET L 91 62.10 36.96 31.57
N ALA L 92 61.13 36.07 31.43
CA ALA L 92 60.29 36.04 30.24
C ALA L 92 59.41 37.30 30.13
N SER L 93 59.18 38.02 31.23
CA SER L 93 58.52 39.32 31.20
C SER L 93 59.38 40.42 30.57
N THR L 94 60.71 40.29 30.56
CA THR L 94 61.61 41.39 30.22
C THR L 94 61.92 41.52 28.73
N TYR L 95 62.09 42.75 28.25
CA TYR L 95 62.39 43.10 26.87
C TYR L 95 62.92 44.52 26.78
N PHE L 96 63.53 44.88 25.65
CA PHE L 96 64.09 46.21 25.41
C PHE L 96 63.15 46.99 24.51
N ASP L 97 62.64 48.12 24.98
CA ASP L 97 61.69 48.95 24.23
C ASP L 97 62.51 50.01 23.50
N ILE L 98 62.89 49.69 22.27
CA ILE L 98 63.73 50.56 21.46
C ILE L 98 62.85 51.58 20.74
N ARG L 99 63.27 52.85 20.70
CA ARG L 99 62.75 53.87 19.79
C ARG L 99 63.90 54.45 19.01
N GLY L 100 63.70 54.78 17.74
CA GLY L 100 64.75 55.25 16.85
C GLY L 100 64.21 55.76 15.53
N VAL L 101 65.04 55.87 14.51
CA VAL L 101 64.58 56.11 13.14
C VAL L 101 65.33 55.30 12.10
N LEU L 102 64.60 54.68 11.17
CA LEU L 102 65.11 54.10 9.93
C LEU L 102 65.08 55.11 8.80
N ASP L 103 66.07 55.00 7.94
CA ASP L 103 65.95 55.37 6.54
C ASP L 103 66.18 54.07 5.78
N ARG L 104 65.22 53.62 4.99
CA ARG L 104 65.31 52.40 4.18
C ARG L 104 66.05 52.61 2.84
N GLY L 105 66.39 53.86 2.49
CA GLY L 105 67.15 54.16 1.27
C GLY L 105 66.33 54.12 -0.02
N PRO L 106 66.89 54.56 -1.15
CA PRO L 106 66.18 54.67 -2.43
C PRO L 106 65.83 53.32 -3.03
N SER L 107 66.40 52.25 -2.51
CA SER L 107 66.18 50.89 -2.98
C SER L 107 64.92 50.24 -2.43
N PHE L 108 64.21 50.85 -1.51
CA PHE L 108 62.96 50.35 -0.98
C PHE L 108 61.78 50.51 -1.95
N LYS L 109 60.96 49.47 -2.13
CA LYS L 109 59.71 49.57 -2.91
C LYS L 109 58.68 48.54 -2.47
N PRO L 110 57.74 48.90 -1.58
CA PRO L 110 56.79 47.97 -0.96
C PRO L 110 55.57 47.63 -1.83
N TYR L 111 55.68 47.67 -3.16
CA TYR L 111 54.61 47.27 -4.06
C TYR L 111 55.13 46.82 -5.40
N SER L 112 54.40 45.94 -6.06
CA SER L 112 54.61 45.57 -7.45
C SER L 112 54.00 46.61 -8.38
N GLY L 113 54.54 46.82 -9.58
CA GLY L 113 53.96 47.77 -10.55
C GLY L 113 54.24 49.22 -10.19
N THR L 114 53.36 50.16 -10.52
CA THR L 114 53.58 51.62 -10.41
C THR L 114 52.35 52.36 -9.90
N ALA L 115 52.55 53.48 -9.21
CA ALA L 115 51.45 54.31 -8.73
C ALA L 115 50.91 55.26 -9.80
N TYR L 116 51.74 55.65 -10.76
CA TYR L 116 51.47 56.76 -11.66
C TYR L 116 51.09 56.29 -13.05
N ASN L 117 49.94 56.68 -13.57
CA ASN L 117 49.49 56.34 -14.92
C ASN L 117 49.55 54.83 -15.23
N SER L 118 49.25 53.96 -14.27
CA SER L 118 49.37 52.50 -14.44
C SER L 118 48.57 51.94 -15.61
N LEU L 119 47.48 52.56 -16.02
CA LEU L 119 46.67 52.10 -17.15
C LEU L 119 47.24 52.52 -18.51
N ALA L 120 48.19 53.44 -18.55
CA ALA L 120 48.75 53.89 -19.82
C ALA L 120 49.39 52.72 -20.56
N PRO L 121 49.14 52.55 -21.86
CA PRO L 121 49.97 51.69 -22.70
C PRO L 121 51.44 52.02 -22.53
N LYS L 122 52.29 51.01 -22.41
CA LYS L 122 53.74 51.18 -22.41
C LYS L 122 54.18 51.56 -23.83
N SER L 123 55.22 52.36 -23.96
CA SER L 123 55.60 53.04 -25.20
C SER L 123 54.65 54.15 -25.69
N ALA L 124 53.61 54.51 -24.94
CA ALA L 124 52.86 55.73 -25.17
C ALA L 124 53.55 56.95 -24.51
N PRO L 125 53.90 58.02 -25.24
CA PRO L 125 54.55 59.20 -24.68
C PRO L 125 53.58 60.17 -23.99
N ASN L 126 54.06 61.01 -23.06
CA ASN L 126 53.32 62.20 -22.68
C ASN L 126 53.22 63.13 -23.90
N PRO L 127 52.09 63.81 -24.15
CA PRO L 127 52.00 64.86 -25.16
C PRO L 127 53.13 65.87 -25.00
N SER L 128 53.92 66.07 -26.05
CA SER L 128 55.26 66.62 -25.91
C SER L 128 55.82 67.17 -27.21
N GLN L 129 56.91 67.90 -27.11
CA GLN L 129 57.51 68.68 -28.19
C GLN L 129 58.99 68.40 -28.32
N TRP L 130 59.53 68.65 -29.51
CA TRP L 130 60.94 68.58 -29.84
C TRP L 130 61.26 69.57 -30.96
N THR L 131 62.44 69.48 -31.55
CA THR L 131 62.93 70.46 -32.53
C THR L 131 63.61 69.81 -33.73
N ALA L 132 63.71 70.57 -34.81
CA ALA L 132 64.39 70.29 -36.08
C ALA L 132 63.92 69.00 -36.76
N ASN L 133 62.63 68.72 -36.67
CA ASN L 133 62.04 67.51 -37.25
C ASN L 133 61.97 67.55 -38.79
N GLU L 134 61.23 68.52 -39.33
CA GLU L 134 61.10 68.75 -40.77
C GLU L 134 61.91 69.99 -41.15
N LYS L 135 62.76 69.83 -42.16
CA LYS L 135 63.94 70.67 -42.37
C LYS L 135 64.18 71.01 -43.84
N GLN L 136 63.35 70.56 -44.78
CA GLN L 136 63.71 70.47 -46.20
C GLN L 136 64.46 71.71 -46.75
N THR L 137 65.73 71.47 -47.08
CA THR L 137 66.72 72.44 -47.58
C THR L 137 66.44 72.95 -49.01
N GLY L 138 67.31 73.80 -49.52
CA GLY L 138 67.01 74.72 -50.63
C GLY L 138 66.30 75.95 -50.09
N GLY L 139 66.94 76.78 -49.26
CA GLY L 139 68.38 76.79 -48.93
C GLY L 139 68.77 76.50 -47.48
N GLN L 140 67.85 76.01 -46.63
CA GLN L 140 68.10 75.87 -45.19
C GLN L 140 67.62 74.54 -44.59
N PRO L 141 68.40 73.86 -43.72
CA PRO L 141 67.85 72.95 -42.71
C PRO L 141 67.05 73.75 -41.67
N LYS L 142 65.72 73.84 -41.86
CA LYS L 142 64.87 74.91 -41.28
C LYS L 142 64.81 74.97 -39.75
N SER L 143 64.97 73.85 -39.04
CA SER L 143 65.07 73.83 -37.58
C SER L 143 63.83 74.37 -36.82
N VAL L 144 62.63 73.92 -37.22
CA VAL L 144 61.34 74.22 -36.58
C VAL L 144 61.14 73.56 -35.21
N THR L 145 60.14 73.99 -34.43
CA THR L 145 59.58 73.20 -33.30
C THR L 145 58.56 72.19 -33.83
N GLN L 146 58.42 71.03 -33.20
CA GLN L 146 57.51 69.96 -33.60
C GLN L 146 56.84 69.34 -32.37
N THR L 147 55.64 68.78 -32.53
CA THR L 147 54.75 68.37 -31.44
C THR L 147 53.98 67.09 -31.76
N PHE L 148 53.66 66.33 -30.72
CA PHE L 148 52.73 65.20 -30.72
C PHE L 148 51.82 65.34 -29.50
N GLY L 149 50.52 65.04 -29.59
CA GLY L 149 49.67 65.09 -28.41
C GLY L 149 48.20 64.85 -28.70
N SER L 150 47.33 65.22 -27.76
CA SER L 150 45.89 65.25 -28.01
C SER L 150 45.22 66.41 -27.30
N ALA L 151 44.03 66.77 -27.75
CA ALA L 151 43.32 67.96 -27.31
C ALA L 151 41.89 67.57 -26.93
N PRO L 152 41.66 67.15 -25.68
CA PRO L 152 40.42 66.52 -25.29
C PRO L 152 39.35 67.54 -24.89
N MET L 153 39.75 68.73 -24.45
CA MET L 153 38.84 69.77 -24.00
C MET L 153 38.22 70.39 -25.23
N GLY L 154 36.98 70.05 -25.54
CA GLY L 154 36.23 70.74 -26.57
C GLY L 154 35.76 72.12 -26.13
N GLY L 155 35.46 73.01 -27.08
CA GLY L 155 35.05 74.38 -26.79
C GLY L 155 34.49 75.12 -28.01
N SER L 156 34.08 76.37 -27.81
CA SER L 156 33.25 77.13 -28.76
C SER L 156 34.02 78.02 -29.73
N ASN L 157 35.24 78.44 -29.41
CA ASN L 157 36.09 79.33 -30.24
C ASN L 157 37.54 79.34 -29.70
N ILE L 158 38.50 79.86 -30.47
CA ILE L 158 39.91 80.05 -30.08
C ILE L 158 40.37 81.45 -30.47
N THR L 159 41.05 82.16 -29.57
CA THR L 159 41.56 83.53 -29.78
C THR L 159 42.98 83.68 -29.22
N ILE L 160 43.58 84.87 -29.20
CA ILE L 160 44.88 85.09 -28.54
C ILE L 160 44.87 84.60 -27.09
N GLU L 161 43.75 84.74 -26.39
CA GLU L 161 43.58 84.30 -25.00
C GLU L 161 43.42 82.77 -24.85
N GLY L 162 43.38 82.02 -25.95
CA GLY L 162 43.26 80.57 -25.95
C GLY L 162 41.85 80.06 -26.19
N LEU L 163 41.49 78.95 -25.56
CA LEU L 163 40.26 78.22 -25.78
C LEU L 163 39.09 78.85 -25.04
N VAL L 164 37.98 79.11 -25.74
CA VAL L 164 36.70 79.46 -25.15
C VAL L 164 36.01 78.21 -24.62
N ILE L 165 36.03 78.02 -23.30
CA ILE L 165 35.43 76.85 -22.65
C ILE L 165 33.98 77.08 -22.22
N GLY L 166 33.53 78.32 -22.21
CA GLY L 166 32.19 78.70 -21.76
C GLY L 166 31.85 80.16 -22.03
N THR L 167 30.69 80.59 -21.52
CA THR L 167 30.09 81.90 -21.80
C THR L 167 29.28 82.42 -20.61
N LYS L 168 29.08 83.74 -20.50
CA LYS L 168 28.10 84.37 -19.57
C LYS L 168 27.36 85.54 -20.21
N GLU L 169 26.15 85.81 -19.75
CA GLU L 169 25.16 86.67 -20.43
C GLU L 169 25.59 88.14 -20.62
N GLU L 170 26.17 88.78 -19.60
CA GLU L 170 26.64 90.18 -19.58
C GLU L 170 25.58 91.28 -19.82
N GLU L 171 24.94 91.27 -20.98
CA GLU L 171 23.80 92.11 -21.40
C GLU L 171 22.83 91.37 -22.35
N GLY L 172 23.07 90.08 -22.61
CA GLY L 172 22.45 89.31 -23.70
C GLY L 172 23.13 89.58 -25.05
N ASN L 173 23.54 90.82 -25.33
CA ASN L 173 24.37 91.20 -26.49
C ASN L 173 25.88 91.17 -26.21
N ALA L 174 26.30 91.40 -24.96
CA ALA L 174 27.70 91.56 -24.57
C ALA L 174 28.36 90.25 -24.08
N THR L 175 27.75 89.09 -24.37
CA THR L 175 28.06 87.80 -23.72
C THR L 175 29.55 87.51 -23.71
N GLU L 176 30.16 87.39 -22.53
CA GLU L 176 31.61 87.24 -22.44
C GLU L 176 32.05 85.80 -22.69
N GLU L 177 33.05 85.63 -23.55
CA GLU L 177 33.72 84.36 -23.81
C GLU L 177 34.66 84.03 -22.64
N ILE L 178 34.44 82.92 -21.94
CA ILE L 178 35.27 82.54 -20.80
C ILE L 178 36.41 81.65 -21.28
N PHE L 179 37.62 82.22 -21.27
CA PHE L 179 38.84 81.54 -21.67
C PHE L 179 39.38 80.68 -20.53
N ALA L 180 39.95 79.52 -20.84
CA ALA L 180 40.53 78.66 -19.81
C ALA L 180 41.66 79.35 -19.02
N ASP L 181 41.64 79.30 -17.68
CA ASP L 181 42.78 79.80 -16.88
C ASP L 181 43.97 78.86 -17.06
N LYS L 182 44.95 79.28 -17.86
CA LYS L 182 46.02 78.41 -18.33
C LYS L 182 46.81 77.74 -17.22
N THR L 183 46.80 78.29 -16.01
CA THR L 183 47.55 77.75 -14.87
C THR L 183 47.02 76.41 -14.39
N PHE L 184 45.77 76.04 -14.71
CA PHE L 184 45.23 74.72 -14.34
C PHE L 184 44.21 74.17 -15.33
N GLN L 185 43.43 75.01 -16.01
CA GLN L 185 42.66 74.60 -17.18
C GLN L 185 43.54 74.64 -18.43
N PRO L 186 43.23 73.87 -19.48
CA PRO L 186 42.32 72.76 -19.45
C PRO L 186 42.90 71.65 -18.60
N GLU L 187 42.09 71.02 -17.77
CA GLU L 187 42.52 69.88 -16.99
C GLU L 187 42.77 68.69 -17.93
N PRO L 188 43.83 67.89 -17.77
CA PRO L 188 44.03 66.74 -18.64
C PRO L 188 43.00 65.65 -18.39
N GLN L 189 42.41 65.58 -17.19
CA GLN L 189 41.42 64.59 -16.79
C GLN L 189 39.99 64.94 -17.19
N VAL L 190 39.77 66.10 -17.83
CA VAL L 190 38.48 66.47 -18.41
C VAL L 190 38.56 66.36 -19.93
N GLY L 191 37.53 65.79 -20.54
CA GLY L 191 37.34 65.68 -21.98
C GLY L 191 35.89 65.31 -22.29
N GLU L 192 35.56 65.10 -23.57
CA GLU L 192 34.18 64.96 -24.06
C GLU L 192 33.36 63.92 -23.29
N GLU L 193 32.13 64.24 -22.90
CA GLU L 193 31.36 63.46 -21.94
C GLU L 193 30.96 62.06 -22.43
N ASN L 194 30.88 61.88 -23.74
CA ASN L 194 30.35 60.68 -24.38
C ASN L 194 31.06 60.38 -25.70
N TRP L 195 30.90 59.16 -26.22
CA TRP L 195 31.58 58.71 -27.45
C TRP L 195 31.11 59.38 -28.73
N GLN L 196 29.89 59.91 -28.76
CA GLN L 196 29.30 60.47 -29.98
C GLN L 196 29.89 61.82 -30.29
N GLU L 197 30.05 62.65 -29.27
CA GLU L 197 30.30 64.06 -29.50
C GLU L 197 31.62 64.31 -30.23
N THR L 198 31.60 65.37 -31.04
CA THR L 198 32.78 66.16 -31.33
C THR L 198 32.43 67.63 -31.57
N GLU L 199 32.95 68.48 -30.69
CA GLU L 199 32.89 69.94 -30.74
C GLU L 199 33.66 70.56 -31.94
N ALA L 200 33.49 71.87 -32.16
CA ALA L 200 34.15 72.57 -33.28
C ALA L 200 35.63 72.89 -33.01
N PHE L 201 35.97 73.36 -31.82
CA PHE L 201 37.31 73.79 -31.40
C PHE L 201 37.81 72.97 -30.22
N TYR L 202 39.11 72.75 -30.12
CA TYR L 202 39.69 71.86 -29.12
C TYR L 202 40.94 72.42 -28.45
N GLY L 203 41.23 71.98 -27.23
CA GLY L 203 42.51 72.26 -26.62
C GLY L 203 42.96 71.22 -25.61
N GLY L 204 44.19 71.38 -25.13
CA GLY L 204 44.81 70.43 -24.21
C GLY L 204 46.14 70.97 -23.69
N ARG L 205 46.98 70.11 -23.11
CA ARG L 205 48.31 70.47 -22.60
C ARG L 205 49.38 69.66 -23.30
N ALA L 206 50.59 70.19 -23.39
CA ALA L 206 51.76 69.44 -23.84
C ALA L 206 53.03 69.88 -23.12
N LEU L 207 54.00 69.00 -23.03
CA LEU L 207 55.30 69.29 -22.42
C LEU L 207 56.21 70.07 -23.39
N LYS L 208 56.67 71.26 -22.98
CA LYS L 208 57.62 72.09 -23.72
C LYS L 208 58.91 71.32 -23.96
N LYS L 209 59.61 71.67 -25.03
CA LYS L 209 60.79 70.93 -25.51
C LYS L 209 61.87 70.73 -24.45
N ASP L 210 62.04 71.64 -23.51
CA ASP L 210 63.06 71.54 -22.47
C ASP L 210 62.81 70.42 -21.44
N THR L 211 61.59 69.91 -21.34
CA THR L 211 61.26 68.78 -20.45
C THR L 211 61.49 67.46 -21.19
N LYS L 212 62.59 66.77 -20.86
CA LYS L 212 63.04 65.56 -21.57
C LYS L 212 62.01 64.44 -21.49
N MET L 213 61.81 63.72 -22.58
CA MET L 213 60.77 62.70 -22.66
C MET L 213 60.99 61.55 -21.68
N LYS L 214 59.86 61.10 -21.15
CA LYS L 214 59.64 59.83 -20.47
C LYS L 214 58.34 59.25 -21.01
N PRO L 215 58.22 57.92 -21.16
CA PRO L 215 56.97 57.31 -21.55
C PRO L 215 55.94 57.52 -20.45
N CYS L 216 54.67 57.73 -20.79
CA CYS L 216 53.63 58.18 -19.88
C CYS L 216 53.41 57.26 -18.67
N TYR L 217 53.57 55.95 -18.87
CA TYR L 217 53.48 54.94 -17.83
C TYR L 217 54.53 55.22 -16.76
N GLY L 218 54.07 55.59 -15.57
CA GLY L 218 54.94 55.95 -14.45
C GLY L 218 55.26 57.43 -14.32
N SER L 219 54.91 58.32 -15.26
CA SER L 219 55.24 59.76 -15.17
C SER L 219 54.53 60.45 -14.01
N PHE L 220 55.28 61.13 -13.14
CA PHE L 220 54.75 62.05 -12.13
C PHE L 220 55.39 63.44 -12.28
N ALA L 221 54.68 64.51 -11.96
CA ALA L 221 55.30 65.83 -11.77
C ALA L 221 54.57 66.62 -10.66
N ARG L 222 55.27 67.18 -9.67
CA ARG L 222 54.58 67.75 -8.49
C ARG L 222 53.71 68.93 -8.88
N PRO L 223 52.54 69.14 -8.24
CA PRO L 223 51.68 70.28 -8.47
C PRO L 223 52.34 71.55 -7.95
N THR L 224 52.18 72.65 -8.68
CA THR L 224 52.79 73.95 -8.37
C THR L 224 51.75 75.02 -8.04
N ASN L 225 50.46 74.65 -7.97
CA ASN L 225 49.37 75.43 -7.42
C ASN L 225 48.27 74.54 -6.82
N GLU L 226 47.40 75.09 -5.97
CA GLU L 226 46.31 74.36 -5.29
C GLU L 226 45.26 73.74 -6.20
N LYS L 227 45.26 74.03 -7.51
CA LYS L 227 44.38 73.40 -8.50
C LYS L 227 45.13 72.44 -9.41
N GLY L 228 46.29 71.98 -8.97
CA GLY L 228 46.94 70.81 -9.54
C GLY L 228 47.63 71.05 -10.89
N GLY L 229 47.76 72.29 -11.32
CA GLY L 229 48.66 72.63 -12.41
C GLY L 229 50.08 72.22 -12.08
N GLN L 230 50.88 71.91 -13.09
CA GLN L 230 52.18 71.25 -12.92
C GLN L 230 53.35 72.11 -13.41
N ALA L 231 53.09 73.28 -13.95
CA ALA L 231 54.10 74.12 -14.59
C ALA L 231 55.14 74.70 -13.62
N LYS L 232 56.41 74.75 -14.01
CA LYS L 232 57.47 75.43 -13.25
C LYS L 232 57.20 76.93 -13.17
N LEU L 233 57.50 77.54 -12.03
CA LEU L 233 57.63 79.00 -11.96
C LEU L 233 58.87 79.44 -12.71
N LYS L 234 58.82 80.58 -13.41
CA LYS L 234 60.00 81.15 -14.09
C LYS L 234 60.98 81.77 -13.09
N LEU L 235 62.29 81.64 -13.33
CA LEU L 235 63.34 82.21 -12.47
C LEU L 235 64.55 82.68 -13.30
N ASN L 236 64.29 83.07 -14.54
CA ASN L 236 65.28 83.00 -15.62
C ASN L 236 66.17 84.25 -15.74
N ASP L 237 65.70 85.39 -15.24
CA ASP L 237 66.48 86.62 -15.16
C ASP L 237 67.41 86.60 -13.92
N GLN L 238 66.81 86.43 -12.74
CA GLN L 238 67.49 86.05 -11.51
C GLN L 238 66.67 85.00 -10.75
N GLY L 239 67.35 84.23 -9.89
CA GLY L 239 66.87 82.94 -9.38
C GLY L 239 65.68 82.95 -8.41
N GLN L 240 65.15 84.11 -8.02
CA GLN L 240 63.86 84.16 -7.33
C GLN L 240 62.72 83.75 -8.28
N PRO L 241 61.66 83.08 -7.81
CA PRO L 241 60.47 82.86 -8.63
C PRO L 241 59.86 84.17 -9.12
N THR L 242 59.50 84.21 -10.39
CA THR L 242 59.02 85.41 -11.10
C THR L 242 57.50 85.64 -10.95
N LYS L 243 56.85 84.92 -10.02
CA LYS L 243 55.40 85.02 -9.72
C LYS L 243 54.50 84.63 -10.91
N ASP L 244 55.04 83.89 -11.87
CA ASP L 244 54.32 83.38 -13.03
C ASP L 244 54.90 82.05 -13.53
N TYR L 245 54.11 81.35 -14.34
CA TYR L 245 54.35 79.99 -14.78
C TYR L 245 54.93 79.93 -16.19
N ASP L 246 55.83 78.99 -16.44
CA ASP L 246 56.41 78.72 -17.74
C ASP L 246 55.43 78.02 -18.72
N ILE L 247 54.36 78.72 -19.14
CA ILE L 247 53.27 78.20 -20.00
C ILE L 247 53.04 79.08 -21.24
N ASP L 248 53.05 78.49 -22.43
CA ASP L 248 52.77 79.18 -23.70
C ASP L 248 51.64 78.52 -24.48
N LEU L 249 50.79 79.32 -25.13
CA LEU L 249 49.82 78.79 -26.08
C LEU L 249 50.50 78.53 -27.42
N ALA L 250 50.16 77.41 -28.04
CA ALA L 250 50.53 77.06 -29.40
C ALA L 250 49.25 76.72 -30.15
N PHE L 251 49.10 77.23 -31.37
CA PHE L 251 47.85 77.18 -32.12
C PHE L 251 48.04 76.45 -33.43
N PHE L 252 47.02 75.76 -33.91
CA PHE L 252 47.12 74.86 -35.04
C PHE L 252 45.92 74.94 -35.97
N ASP L 253 46.14 74.62 -37.24
CA ASP L 253 45.11 74.43 -38.26
C ASP L 253 45.44 73.16 -39.06
N THR L 254 44.48 72.61 -39.77
CA THR L 254 44.70 71.64 -40.84
C THR L 254 45.77 72.11 -41.83
N PRO L 255 46.63 71.21 -42.36
CA PRO L 255 47.76 71.57 -43.22
C PRO L 255 47.26 72.01 -44.59
N GLY L 256 47.93 72.97 -45.25
CA GLY L 256 47.53 73.49 -46.58
C GLY L 256 47.40 72.43 -47.69
N GLY L 257 47.93 71.23 -47.46
CA GLY L 257 47.74 70.02 -48.28
C GLY L 257 46.39 69.32 -48.11
N THR L 258 45.46 69.82 -47.27
CA THR L 258 44.12 69.22 -47.07
C THR L 258 42.90 70.17 -47.19
N PRO L 259 42.93 71.48 -46.82
CA PRO L 259 42.01 72.46 -47.41
C PRO L 259 42.14 72.48 -48.94
N PRO L 260 41.10 72.87 -49.68
CA PRO L 260 41.20 73.01 -51.13
C PRO L 260 42.12 74.17 -51.53
N THR L 261 42.85 74.00 -52.64
CA THR L 261 43.83 74.98 -53.17
C THR L 261 43.21 76.36 -53.39
N GLY L 262 43.96 77.42 -53.12
CA GLY L 262 43.47 78.81 -53.09
C GLY L 262 42.73 79.15 -51.79
N SER L 263 41.86 78.24 -51.31
CA SER L 263 41.28 78.26 -49.96
C SER L 263 42.23 77.68 -48.90
N GLY L 264 43.49 78.11 -48.92
CA GLY L 264 44.52 77.73 -47.94
C GLY L 264 45.71 78.70 -47.91
N GLN L 265 45.50 79.94 -48.37
CA GLN L 265 46.52 80.98 -48.57
C GLN L 265 45.93 82.32 -48.09
N GLN L 266 46.77 83.35 -47.94
CA GLN L 266 46.38 84.68 -47.46
C GLN L 266 45.80 84.66 -46.02
N GLU L 267 44.51 84.35 -45.84
CA GLU L 267 43.78 84.49 -44.56
C GLU L 267 43.17 83.18 -44.00
N GLU L 268 43.08 82.15 -44.83
CA GLU L 268 42.42 80.85 -44.70
C GLU L 268 42.98 79.98 -43.57
N TYR L 269 44.21 80.26 -43.14
CA TYR L 269 44.74 79.70 -41.91
C TYR L 269 43.88 80.16 -40.74
N LYS L 270 43.42 79.26 -39.88
CA LYS L 270 42.63 79.65 -38.69
C LYS L 270 42.79 78.62 -37.60
N ALA L 271 43.20 79.05 -36.40
CA ALA L 271 43.38 78.15 -35.28
C ALA L 271 42.09 77.38 -34.96
N ASP L 272 42.16 76.06 -34.91
CA ASP L 272 41.07 75.20 -34.42
C ASP L 272 41.52 74.18 -33.38
N ILE L 273 42.81 74.10 -33.10
CA ILE L 273 43.35 73.45 -31.90
C ILE L 273 44.31 74.39 -31.19
N VAL L 274 44.28 74.39 -29.86
CA VAL L 274 45.27 75.10 -29.03
C VAL L 274 45.84 74.19 -27.96
N MET L 275 47.16 74.14 -27.81
CA MET L 275 47.80 73.43 -26.71
C MET L 275 48.56 74.35 -25.79
N TYR L 276 48.23 74.31 -24.51
CA TYR L 276 48.85 75.08 -23.45
C TYR L 276 50.16 74.41 -23.06
N THR L 277 51.21 74.66 -23.83
CA THR L 277 52.53 74.01 -23.65
C THR L 277 53.23 74.50 -22.39
N GLU L 278 53.85 73.63 -21.60
CA GLU L 278 54.45 73.99 -20.30
C GLU L 278 55.68 73.16 -19.94
N ASN L 279 56.57 73.68 -19.09
CA ASN L 279 57.66 72.89 -18.48
C ASN L 279 57.25 72.44 -17.09
N VAL L 280 57.50 71.17 -16.72
CA VAL L 280 57.02 70.59 -15.45
C VAL L 280 58.15 69.87 -14.72
N ASN L 281 57.99 69.64 -13.42
CA ASN L 281 58.99 68.94 -12.62
C ASN L 281 58.89 67.42 -12.77
N LEU L 282 59.20 66.92 -13.97
CA LEU L 282 58.95 65.53 -14.35
C LEU L 282 59.90 64.55 -13.70
N GLU L 283 59.35 63.48 -13.16
CA GLU L 283 60.03 62.39 -12.47
C GLU L 283 59.38 61.06 -12.83
N THR L 284 60.05 59.94 -12.52
CA THR L 284 59.47 58.60 -12.64
C THR L 284 59.84 57.79 -11.40
N PRO L 285 59.28 58.10 -10.22
CA PRO L 285 59.76 57.60 -8.94
C PRO L 285 59.85 56.09 -8.76
N ASP L 286 59.12 55.31 -9.54
CA ASP L 286 58.99 53.86 -9.34
C ASP L 286 59.12 53.05 -10.63
N THR L 287 59.66 53.62 -11.69
CA THR L 287 59.90 52.95 -12.98
C THR L 287 61.25 53.32 -13.58
N HIS L 288 61.66 52.60 -14.62
CA HIS L 288 62.86 52.87 -15.39
C HIS L 288 62.59 52.64 -16.87
N VAL L 289 63.38 53.25 -17.75
CA VAL L 289 63.24 53.06 -19.21
C VAL L 289 63.91 51.75 -19.59
N VAL L 290 63.15 50.74 -20.02
CA VAL L 290 63.71 49.44 -20.43
C VAL L 290 64.20 49.45 -21.87
N TYR L 291 63.64 50.30 -22.74
CA TYR L 291 64.06 50.47 -24.13
C TYR L 291 64.04 51.93 -24.55
N LYS L 292 65.06 52.36 -25.29
CA LYS L 292 65.05 53.59 -26.06
C LYS L 292 65.93 53.45 -27.31
N PRO L 293 65.61 54.13 -28.42
CA PRO L 293 66.19 53.84 -29.72
C PRO L 293 67.61 54.36 -29.96
N GLY L 294 68.23 55.08 -29.03
CA GLY L 294 69.59 55.58 -29.16
C GLY L 294 70.17 56.06 -27.84
N LYS L 295 71.46 56.42 -27.83
CA LYS L 295 72.14 56.96 -26.64
C LYS L 295 71.58 58.30 -26.19
N GLU L 296 71.09 59.11 -27.12
CA GLU L 296 70.46 60.42 -26.88
C GLU L 296 69.34 60.35 -25.82
N ASP L 297 69.54 61.03 -24.69
CA ASP L 297 68.56 61.21 -23.59
C ASP L 297 67.49 62.29 -23.89
N GLU L 298 67.73 63.09 -24.92
CA GLU L 298 67.03 64.34 -25.23
C GLU L 298 65.61 64.14 -25.79
N SER L 299 64.85 65.23 -25.92
CA SER L 299 63.55 65.23 -26.57
C SER L 299 63.71 65.07 -28.10
N SER L 300 63.08 64.08 -28.72
CA SER L 300 63.10 63.88 -30.17
C SER L 300 61.99 62.95 -30.64
N GLU L 301 61.65 62.96 -31.93
CA GLU L 301 60.57 62.12 -32.44
C GLU L 301 60.79 60.64 -32.14
N THR L 302 62.02 60.14 -32.25
CA THR L 302 62.28 58.74 -31.93
C THR L 302 62.11 58.51 -30.44
N ASN L 303 62.53 59.44 -29.58
CA ASN L 303 62.37 59.29 -28.13
C ASN L 303 60.90 59.24 -27.67
N LEU L 304 59.90 59.62 -28.49
CA LEU L 304 58.49 59.30 -28.19
C LEU L 304 58.26 57.79 -28.04
N THR L 305 59.07 56.97 -28.70
CA THR L 305 58.99 55.50 -28.65
C THR L 305 59.80 54.87 -27.53
N GLN L 306 60.36 55.63 -26.58
CA GLN L 306 60.87 55.06 -25.33
C GLN L 306 59.81 54.15 -24.71
N GLN L 307 60.21 53.18 -23.90
CA GLN L 307 59.26 52.45 -23.06
C GLN L 307 59.85 52.01 -21.74
N SER L 308 59.00 51.96 -20.72
CA SER L 308 59.38 51.82 -19.33
C SER L 308 58.80 50.56 -18.74
N MET L 309 59.45 50.09 -17.69
CA MET L 309 59.08 48.93 -16.90
C MET L 309 59.07 49.37 -15.44
N PRO L 310 58.14 48.91 -14.59
CA PRO L 310 58.14 49.28 -13.19
C PRO L 310 59.37 48.72 -12.47
N ASN L 311 59.81 49.37 -11.40
CA ASN L 311 60.95 48.89 -10.65
C ASN L 311 60.60 47.65 -9.83
N ARG L 312 61.54 46.74 -9.67
CA ARG L 312 61.33 45.45 -9.00
C ARG L 312 60.97 45.64 -7.52
N PRO L 313 59.98 44.93 -6.99
CA PRO L 313 59.54 45.11 -5.61
C PRO L 313 60.64 44.71 -4.64
N ASN L 314 60.79 45.47 -3.57
CA ASN L 314 61.87 45.29 -2.61
C ASN L 314 61.40 45.70 -1.23
N TYR L 315 60.66 44.82 -0.57
CA TYR L 315 60.18 45.04 0.79
C TYR L 315 61.36 45.05 1.75
N ILE L 316 61.41 46.03 2.64
CA ILE L 316 62.41 46.10 3.69
C ILE L 316 61.72 46.22 5.03
N GLY L 317 62.18 45.46 6.01
CA GLY L 317 61.67 45.52 7.37
C GLY L 317 62.61 44.81 8.32
N PHE L 318 62.28 44.80 9.60
CA PHE L 318 63.07 44.06 10.57
C PHE L 318 62.90 42.55 10.37
N ARG L 319 63.91 41.76 10.72
CA ARG L 319 63.87 40.30 10.55
C ARG L 319 62.84 39.64 11.45
N ASP L 320 62.51 38.38 11.18
CA ASP L 320 61.61 37.58 12.02
C ASP L 320 62.11 37.60 13.45
N ASN L 321 61.25 37.72 14.45
CA ASN L 321 61.68 37.73 15.85
C ASN L 321 62.78 38.75 16.15
N PHE L 322 62.97 39.78 15.32
CA PHE L 322 64.12 40.69 15.39
C PHE L 322 65.49 39.98 15.35
N VAL L 323 65.63 38.81 14.72
CA VAL L 323 66.95 38.14 14.63
C VAL L 323 67.97 39.07 14.01
N GLY L 324 69.22 38.97 14.45
CA GLY L 324 70.30 39.83 14.01
C GLY L 324 70.39 41.16 14.76
N LEU L 325 69.34 41.61 15.44
CA LEU L 325 69.37 42.93 16.10
C LEU L 325 70.30 42.95 17.32
N MET L 326 70.19 42.00 18.23
CA MET L 326 71.13 41.92 19.35
C MET L 326 72.35 41.08 19.01
N TYR L 327 73.47 41.34 19.66
CA TYR L 327 74.60 40.42 19.61
C TYR L 327 74.36 39.24 20.55
N TYR L 328 74.59 38.04 20.04
CA TYR L 328 74.62 36.78 20.76
C TYR L 328 75.81 35.98 20.24
N ASN L 329 76.33 35.03 21.02
CA ASN L 329 77.36 34.07 20.60
C ASN L 329 78.57 34.76 19.98
N SER L 330 78.92 35.90 20.56
CA SER L 330 79.86 36.88 20.02
C SER L 330 80.53 37.55 21.20
N THR L 331 81.61 36.92 21.65
CA THR L 331 82.19 37.15 22.97
C THR L 331 82.98 38.44 23.07
N GLY L 332 83.29 39.10 21.97
CA GLY L 332 83.80 40.48 22.00
C GLY L 332 82.74 41.50 22.39
N ASN L 333 81.47 41.16 22.23
CA ASN L 333 80.32 42.05 22.36
C ASN L 333 79.25 41.48 23.29
N MET L 334 79.66 40.62 24.21
CA MET L 334 78.77 39.79 25.04
C MET L 334 77.84 40.65 25.91
N GLY L 335 76.61 40.19 26.12
CA GLY L 335 75.67 40.78 27.08
C GLY L 335 76.02 40.45 28.53
N VAL L 336 75.49 41.23 29.48
CA VAL L 336 75.86 41.09 30.89
C VAL L 336 74.62 40.98 31.75
N LEU L 337 74.66 40.05 32.67
CA LEU L 337 73.78 40.01 33.83
C LEU L 337 74.65 39.66 35.03
N ALA L 338 74.87 40.58 35.95
CA ALA L 338 75.70 40.36 37.11
C ALA L 338 75.05 40.95 38.35
N GLY L 339 75.15 40.29 39.50
CA GLY L 339 74.70 40.86 40.76
C GLY L 339 75.51 42.09 41.07
N GLN L 340 74.92 43.24 41.34
CA GLN L 340 75.65 44.51 41.35
C GLN L 340 76.79 44.56 42.38
N ALA L 341 76.71 43.78 43.46
CA ALA L 341 77.82 43.64 44.40
C ALA L 341 78.91 42.69 43.87
N SER L 342 78.50 41.53 43.36
CA SER L 342 79.41 40.50 42.85
C SER L 342 80.14 40.95 41.59
N GLN L 343 79.46 41.66 40.70
CA GLN L 343 79.97 42.31 39.49
C GLN L 343 80.55 41.37 38.43
N LEU L 344 80.50 40.05 38.59
CA LEU L 344 81.06 39.09 37.63
C LEU L 344 79.96 38.48 36.78
N ASN L 345 80.10 38.60 35.46
CA ASN L 345 79.04 38.32 34.50
C ASN L 345 78.56 36.86 34.52
N ALA L 346 77.28 36.63 34.76
CA ALA L 346 76.67 35.31 34.77
C ALA L 346 76.33 34.74 33.39
N VAL L 347 76.44 35.50 32.29
CA VAL L 347 76.07 35.00 30.95
C VAL L 347 77.00 33.90 30.43
N VAL L 348 78.30 34.12 30.29
CA VAL L 348 79.26 33.10 29.84
C VAL L 348 78.91 32.43 28.50
N ASP L 349 78.63 33.23 27.48
CA ASP L 349 78.33 32.76 26.12
C ASP L 349 79.56 32.23 25.34
N LEU L 350 79.35 31.57 24.19
CA LEU L 350 80.35 30.85 23.39
C LEU L 350 80.23 31.15 21.89
N GLN L 351 81.31 31.02 21.10
CA GLN L 351 81.23 31.15 19.64
C GLN L 351 80.57 29.92 18.98
N ASP L 352 80.70 28.69 19.44
CA ASP L 352 80.10 27.55 18.72
C ASP L 352 78.66 27.26 19.16
N ARG L 353 77.96 28.28 19.68
CA ARG L 353 76.52 28.24 20.01
C ARG L 353 75.75 29.13 19.03
N ASN L 354 74.48 28.87 18.78
CA ASN L 354 73.67 29.63 17.83
C ASN L 354 72.30 29.97 18.41
N THR L 355 72.24 30.98 19.28
CA THR L 355 71.04 31.35 20.03
C THR L 355 69.87 31.68 19.12
N GLU L 356 70.11 32.37 18.02
CA GLU L 356 69.04 32.82 17.15
C GLU L 356 68.38 31.63 16.46
N LEU L 357 69.13 30.65 15.94
CA LEU L 357 68.51 29.45 15.41
C LEU L 357 67.85 28.62 16.51
N SER L 358 68.46 28.51 17.66
CA SER L 358 67.83 27.79 18.77
C SER L 358 66.46 28.37 19.13
N TYR L 359 66.34 29.69 19.14
CA TYR L 359 65.08 30.35 19.40
C TYR L 359 64.09 30.17 18.26
N GLN L 360 64.52 30.23 17.00
CA GLN L 360 63.62 29.98 15.87
C GLN L 360 63.01 28.58 15.93
N LEU L 361 63.81 27.57 16.23
CA LEU L 361 63.34 26.20 16.39
C LEU L 361 62.40 26.10 17.59
N LEU L 362 62.74 26.71 18.72
CA LEU L 362 61.94 26.58 19.93
C LEU L 362 60.49 27.03 19.70
N LEU L 363 60.26 28.20 19.12
CA LEU L 363 58.92 28.69 18.85
C LEU L 363 58.09 27.75 18.00
N ASP L 364 58.66 27.09 17.01
CA ASP L 364 57.93 26.10 16.21
C ASP L 364 57.55 24.83 17.00
N SER L 365 58.24 24.56 18.11
CA SER L 365 57.86 23.47 19.02
C SER L 365 56.83 23.91 20.08
N LEU L 366 56.85 25.19 20.47
CA LEU L 366 55.91 25.78 21.42
C LEU L 366 54.59 26.22 20.80
N GLY L 367 54.52 26.47 19.50
CA GLY L 367 53.32 27.08 18.93
C GLY L 367 53.19 26.96 17.43
N ASP L 368 52.33 27.79 16.86
CA ASP L 368 51.99 27.78 15.45
C ASP L 368 52.63 28.97 14.76
N ARG L 369 53.75 28.77 14.06
CA ARG L 369 54.45 29.85 13.39
C ARG L 369 53.62 30.52 12.29
N THR L 370 52.51 29.95 11.85
CA THR L 370 51.65 30.59 10.84
C THR L 370 50.82 31.75 11.38
N ARG L 371 50.84 32.02 12.69
CA ARG L 371 50.17 33.18 13.28
C ARG L 371 51.15 34.31 13.55
N TYR L 372 50.99 35.45 12.89
CA TYR L 372 51.85 36.61 13.04
C TYR L 372 51.57 37.38 14.32
N PHE L 373 52.59 37.95 14.93
CA PHE L 373 52.49 38.64 16.22
C PHE L 373 53.42 39.83 16.21
N SER L 374 52.87 41.02 16.10
CA SER L 374 53.64 42.23 15.86
C SER L 374 54.58 42.62 17.00
N MET L 375 54.24 42.29 18.24
CA MET L 375 55.02 42.73 19.40
C MET L 375 56.44 42.24 19.37
N TRP L 376 56.63 40.95 19.12
CA TRP L 376 57.95 40.37 18.89
C TRP L 376 58.40 40.40 17.43
N ASN L 377 57.69 41.08 16.53
CA ASN L 377 57.93 41.04 15.08
C ASN L 377 57.99 39.61 14.54
N SER L 378 57.30 38.69 15.18
CA SER L 378 57.22 37.30 14.74
C SER L 378 56.30 37.23 13.55
N ALA L 379 56.84 36.88 12.39
CA ALA L 379 56.09 36.50 11.22
C ALA L 379 57.05 35.75 10.31
N VAL L 380 57.00 34.41 10.39
CA VAL L 380 58.01 33.53 9.84
C VAL L 380 58.18 33.70 8.34
N ASP L 381 59.39 33.56 7.83
CA ASP L 381 59.66 33.64 6.40
C ASP L 381 59.00 32.50 5.63
N SER L 382 58.56 32.78 4.40
CA SER L 382 57.85 31.83 3.57
C SER L 382 58.20 31.99 2.09
N TYR L 383 57.43 31.33 1.24
CA TYR L 383 57.33 31.58 -0.19
C TYR L 383 55.98 31.02 -0.67
N ASP L 384 55.49 31.41 -1.82
CA ASP L 384 54.31 30.78 -2.40
C ASP L 384 54.70 29.40 -2.96
N PRO L 385 54.16 28.27 -2.50
CA PRO L 385 54.56 26.98 -3.00
C PRO L 385 54.34 26.80 -4.50
N ASP L 386 53.36 27.44 -5.13
CA ASP L 386 53.18 27.42 -6.59
C ASP L 386 54.23 28.25 -7.36
N VAL L 387 55.07 29.02 -6.65
CA VAL L 387 56.22 29.74 -7.21
C VAL L 387 57.50 28.96 -7.01
N ARG L 388 57.58 28.14 -5.96
CA ARG L 388 58.75 27.27 -5.72
C ARG L 388 58.69 26.02 -6.57
N ILE L 389 57.52 25.41 -6.74
CA ILE L 389 57.31 24.23 -7.57
C ILE L 389 56.21 24.57 -8.59
N ILE L 390 56.62 24.81 -9.83
CA ILE L 390 55.84 25.58 -10.82
C ILE L 390 54.46 25.02 -11.12
N GLU L 391 54.27 23.70 -11.11
CA GLU L 391 52.97 23.04 -11.25
C GLU L 391 52.13 23.60 -12.42
N ASN L 392 52.61 23.40 -13.65
CA ASN L 392 52.06 24.05 -14.84
C ASN L 392 50.87 23.28 -15.44
N HIS L 393 49.66 23.51 -14.91
CA HIS L 393 48.42 22.94 -15.43
C HIS L 393 47.87 23.64 -16.69
N GLY L 394 48.64 24.53 -17.31
CA GLY L 394 48.14 25.36 -18.43
C GLY L 394 47.07 26.36 -18.00
N VAL L 395 46.20 26.77 -18.93
CA VAL L 395 45.20 27.82 -18.71
C VAL L 395 43.83 27.45 -19.25
N GLU L 396 42.76 27.83 -18.57
CA GLU L 396 41.39 27.52 -18.99
C GLU L 396 40.86 28.51 -20.03
N ASP L 397 41.43 28.52 -21.24
CA ASP L 397 41.16 29.47 -22.32
C ASP L 397 40.30 28.92 -23.48
N GLU L 398 39.37 27.98 -23.24
CA GLU L 398 38.53 27.41 -24.30
C GLU L 398 37.64 28.42 -25.03
N LEU L 399 37.21 29.49 -24.36
CA LEU L 399 36.24 30.43 -24.88
C LEU L 399 36.91 31.79 -25.15
N PRO L 400 36.85 32.36 -26.36
CA PRO L 400 37.62 33.55 -26.72
C PRO L 400 37.04 34.86 -26.20
N ASN L 401 37.89 35.78 -25.72
CA ASN L 401 37.46 37.01 -25.07
C ASN L 401 37.59 38.19 -26.03
N TYR L 402 36.52 38.49 -26.75
CA TYR L 402 36.46 39.65 -27.62
C TYR L 402 36.44 40.98 -26.86
N CYS L 403 36.82 42.06 -27.54
CA CYS L 403 36.86 43.44 -27.07
C CYS L 403 36.22 44.36 -28.13
N PHE L 404 35.38 45.32 -27.73
CA PHE L 404 34.36 45.89 -28.62
C PHE L 404 34.29 47.43 -28.60
N PRO L 405 33.98 48.11 -29.71
CA PRO L 405 33.90 49.56 -29.79
C PRO L 405 32.93 50.18 -28.79
N LEU L 406 33.20 51.40 -28.36
CA LEU L 406 32.40 52.12 -27.36
C LEU L 406 30.92 52.25 -27.74
N ASN L 407 30.63 52.47 -29.04
CA ASN L 407 29.27 52.59 -29.58
C ASN L 407 28.61 51.24 -29.88
N GLY L 408 29.27 50.11 -29.61
CA GLY L 408 28.77 48.77 -29.93
C GLY L 408 29.02 48.36 -31.37
N THR L 409 28.38 49.00 -32.36
CA THR L 409 28.43 48.54 -33.77
C THR L 409 29.79 48.71 -34.43
N GLY L 410 30.62 49.63 -33.96
CA GLY L 410 31.92 49.93 -34.52
C GLY L 410 31.85 50.83 -35.75
N THR L 411 32.54 50.44 -36.82
CA THR L 411 32.69 51.26 -38.02
C THR L 411 31.41 51.28 -38.85
N ASN L 412 30.52 52.24 -38.57
CA ASN L 412 29.33 52.42 -39.37
C ASN L 412 29.64 53.05 -40.74
N SER L 413 29.00 52.53 -41.78
CA SER L 413 28.76 53.23 -43.04
C SER L 413 27.41 53.93 -43.00
N THR L 414 27.28 54.95 -43.83
CA THR L 414 26.11 55.80 -43.92
C THR L 414 25.22 55.36 -45.08
N TYR L 415 23.91 55.38 -44.87
CA TYR L 415 22.90 54.97 -45.85
C TYR L 415 21.74 55.95 -45.88
N GLN L 416 20.88 55.84 -46.90
CA GLN L 416 19.68 56.62 -47.04
C GLN L 416 18.47 55.70 -47.11
N GLY L 417 17.36 56.06 -46.48
CA GLY L 417 16.14 55.25 -46.52
C GLY L 417 15.44 55.28 -47.88
N VAL L 418 14.85 54.15 -48.28
CA VAL L 418 14.15 53.98 -49.57
C VAL L 418 12.78 53.29 -49.39
N LYS L 419 11.94 53.31 -50.42
CA LYS L 419 10.62 52.67 -50.45
C LYS L 419 10.33 52.08 -51.81
N VAL L 420 9.39 51.16 -51.94
CA VAL L 420 8.93 50.70 -53.27
C VAL L 420 8.11 51.79 -53.96
N LYS L 421 8.23 51.91 -55.28
CA LYS L 421 7.83 53.10 -56.05
C LYS L 421 6.36 53.47 -55.90
N THR L 422 5.48 52.69 -56.52
CA THR L 422 4.01 52.90 -56.53
C THR L 422 3.23 51.58 -56.61
N GLY L 423 3.87 50.46 -56.27
CA GLY L 423 3.27 49.12 -56.29
C GLY L 423 3.04 48.51 -57.67
N GLN L 424 3.49 49.16 -58.74
CA GLN L 424 3.33 48.70 -60.14
C GLN L 424 3.99 47.32 -60.35
N ASP L 425 5.20 47.16 -59.84
CA ASP L 425 6.03 45.95 -59.91
C ASP L 425 6.83 45.80 -58.60
N GLY L 426 7.40 46.90 -58.12
CA GLY L 426 7.63 47.11 -56.69
C GLY L 426 8.50 46.06 -55.98
N ALA L 427 9.51 45.48 -56.62
CA ALA L 427 10.55 44.72 -55.93
C ALA L 427 11.91 44.76 -56.64
N GLU L 428 11.93 44.50 -57.94
CA GLU L 428 13.10 44.00 -58.66
C GLU L 428 13.84 45.02 -59.51
N GLU L 429 15.16 45.03 -59.37
CA GLU L 429 16.05 46.12 -59.83
C GLU L 429 15.55 47.48 -59.29
N THR L 430 15.88 48.58 -59.96
CA THR L 430 15.40 49.91 -59.59
C THR L 430 13.91 50.07 -59.93
N GLU L 431 13.06 49.66 -59.00
CA GLU L 431 11.65 50.08 -58.88
C GLU L 431 11.30 50.41 -57.43
N TRP L 432 12.33 50.71 -56.64
CA TRP L 432 12.30 51.53 -55.44
C TRP L 432 12.39 53.00 -55.81
N ASP L 433 12.18 53.91 -54.87
CA ASP L 433 12.65 55.29 -54.92
C ASP L 433 12.98 55.81 -53.51
N LYS L 434 13.68 56.94 -53.40
CA LYS L 434 14.17 57.44 -52.11
C LYS L 434 13.00 57.85 -51.21
N ASP L 435 13.01 57.39 -49.96
CA ASP L 435 11.94 57.66 -49.02
C ASP L 435 12.14 59.01 -48.34
N GLU L 436 11.37 60.03 -48.74
CA GLU L 436 11.50 61.37 -48.15
C GLU L 436 11.00 61.47 -46.70
N THR L 437 10.39 60.42 -46.15
CA THR L 437 10.05 60.36 -44.74
C THR L 437 11.23 59.95 -43.85
N VAL L 438 12.37 59.53 -44.41
CA VAL L 438 13.50 58.95 -43.67
C VAL L 438 14.82 59.66 -43.96
N ALA L 439 15.61 59.94 -42.91
CA ALA L 439 16.88 60.66 -42.97
C ALA L 439 17.83 60.14 -44.04
N ARG L 440 18.52 61.03 -44.75
CA ARG L 440 19.47 60.69 -45.81
C ARG L 440 20.84 60.17 -45.30
N GLN L 441 21.03 60.09 -43.98
CA GLN L 441 22.26 59.63 -43.36
C GLN L 441 21.99 58.77 -42.12
N ASN L 442 21.47 57.57 -42.31
CA ASN L 442 21.37 56.54 -41.26
C ASN L 442 22.74 55.89 -41.03
N GLN L 443 23.07 55.48 -39.81
CA GLN L 443 24.34 54.84 -39.49
C GLN L 443 24.15 53.34 -39.28
N ILE L 444 24.73 52.51 -40.13
CA ILE L 444 24.50 51.06 -40.10
C ILE L 444 25.79 50.29 -40.38
N ALA L 445 26.00 49.15 -39.72
CA ALA L 445 27.10 48.22 -40.00
C ALA L 445 26.61 46.92 -40.64
N LYS L 446 27.20 46.51 -41.76
CA LYS L 446 26.97 45.21 -42.39
C LYS L 446 27.74 44.12 -41.64
N GLY L 447 27.12 42.98 -41.39
CA GLY L 447 27.78 41.85 -40.73
C GLY L 447 28.03 42.06 -39.24
N ASN L 448 28.69 41.10 -38.59
CA ASN L 448 28.92 41.14 -37.14
C ASN L 448 29.73 42.39 -36.73
N VAL L 449 29.55 42.84 -35.50
CA VAL L 449 30.22 44.05 -35.00
C VAL L 449 31.74 43.96 -35.08
N TYR L 450 32.42 45.03 -35.48
CA TYR L 450 33.89 45.09 -35.44
C TYR L 450 34.40 44.77 -34.04
N ALA L 451 35.42 43.93 -33.89
CA ALA L 451 35.99 43.53 -32.60
C ALA L 451 37.45 43.10 -32.72
N MET L 452 38.18 43.06 -31.60
CA MET L 452 39.50 42.45 -31.50
C MET L 452 39.54 41.48 -30.33
N GLU L 453 40.32 40.42 -30.42
CA GLU L 453 40.30 39.29 -29.49
C GLU L 453 41.54 39.29 -28.59
N ILE L 454 41.36 39.09 -27.29
CA ILE L 454 42.45 38.87 -26.35
C ILE L 454 42.28 37.50 -25.70
N ASN L 455 43.38 36.78 -25.48
CA ASN L 455 43.37 35.64 -24.57
C ASN L 455 43.70 36.16 -23.17
N LEU L 456 42.72 36.24 -22.28
CA LEU L 456 42.96 36.72 -20.92
C LEU L 456 43.70 35.69 -20.10
N GLN L 457 43.29 34.42 -20.18
CA GLN L 457 43.77 33.39 -19.28
C GLN L 457 45.25 33.09 -19.50
N ALA L 458 45.71 33.09 -20.75
CA ALA L 458 47.13 33.02 -21.07
C ALA L 458 47.93 34.22 -20.54
N ASN L 459 47.37 35.42 -20.55
CA ASN L 459 48.04 36.61 -20.04
C ASN L 459 48.10 36.66 -18.52
N LEU L 460 47.03 36.29 -17.83
CA LEU L 460 47.01 36.17 -16.37
C LEU L 460 48.01 35.11 -15.88
N TRP L 461 48.33 34.10 -16.70
CA TRP L 461 49.39 33.13 -16.39
C TRP L 461 50.80 33.62 -16.75
N LYS L 462 51.03 34.21 -17.93
CA LYS L 462 52.35 34.77 -18.26
C LYS L 462 52.75 35.87 -17.30
N SER L 463 51.84 36.78 -16.95
CA SER L 463 52.15 37.85 -16.01
C SER L 463 52.43 37.31 -14.62
N PHE L 464 51.88 36.15 -14.24
CA PHE L 464 52.35 35.41 -13.07
C PHE L 464 53.77 34.88 -13.27
N LEU L 465 54.03 34.06 -14.29
CA LEU L 465 55.35 33.44 -14.40
C LEU L 465 56.48 34.47 -14.54
N TYR L 466 56.32 35.52 -15.35
CA TYR L 466 57.40 36.47 -15.55
C TYR L 466 57.74 37.26 -14.30
N SER L 467 56.73 37.74 -13.58
CA SER L 467 56.96 38.53 -12.37
C SER L 467 57.40 37.66 -11.20
N ASN L 468 56.95 36.41 -11.12
CA ASN L 468 57.24 35.54 -9.98
C ASN L 468 58.40 34.57 -10.19
N VAL L 469 58.91 34.39 -11.40
CA VAL L 469 60.00 33.44 -11.65
C VAL L 469 61.02 33.97 -12.64
N ALA L 470 60.61 34.56 -13.76
CA ALA L 470 61.59 35.00 -14.75
C ALA L 470 62.52 36.04 -14.16
N LEU L 471 62.00 37.02 -13.42
CA LEU L 471 62.86 38.04 -12.82
C LEU L 471 63.79 37.52 -11.73
N TYR L 472 63.60 36.30 -11.24
CA TYR L 472 64.41 35.71 -10.18
C TYR L 472 65.43 34.68 -10.69
N LEU L 473 65.45 34.34 -11.98
CA LEU L 473 66.53 33.53 -12.56
C LEU L 473 67.88 34.21 -12.34
N PRO L 474 68.96 33.47 -12.03
CA PRO L 474 70.29 34.02 -11.78
C PRO L 474 70.82 34.96 -12.86
N ASP L 475 71.75 35.85 -12.50
CA ASP L 475 72.21 36.93 -13.38
C ASP L 475 72.78 36.46 -14.72
N SER L 476 73.43 35.30 -14.75
CA SER L 476 73.94 34.71 -15.99
C SER L 476 72.84 34.32 -17.00
N TYR L 477 71.56 34.31 -16.64
CA TYR L 477 70.44 34.15 -17.59
C TYR L 477 69.89 35.49 -18.09
N LYS L 478 70.28 36.62 -17.47
CA LYS L 478 69.88 37.98 -17.81
C LYS L 478 70.81 38.63 -18.83
N TYR L 479 70.52 39.86 -19.25
CA TYR L 479 71.44 40.69 -20.03
C TYR L 479 71.19 42.18 -19.79
N THR L 480 72.06 43.06 -20.29
CA THR L 480 71.89 44.51 -20.20
C THR L 480 71.38 45.03 -21.55
N PRO L 481 70.26 45.77 -21.60
CA PRO L 481 69.71 46.27 -22.85
C PRO L 481 70.68 47.10 -23.68
N ALA L 482 70.36 47.29 -24.95
CA ALA L 482 71.07 48.25 -25.80
C ALA L 482 71.08 49.66 -25.17
N ASN L 483 72.25 50.32 -25.23
CA ASN L 483 72.49 51.70 -24.79
C ASN L 483 72.13 52.06 -23.34
N VAL L 484 72.10 51.08 -22.43
CA VAL L 484 71.87 51.26 -20.99
C VAL L 484 73.16 51.04 -20.19
N THR L 485 73.43 51.92 -19.21
CA THR L 485 74.63 51.86 -18.36
C THR L 485 74.27 51.52 -16.92
N LEU L 486 74.71 50.35 -16.45
CA LEU L 486 74.52 49.86 -15.07
C LEU L 486 75.74 50.18 -14.19
N PRO L 487 75.61 50.17 -12.86
CA PRO L 487 76.75 50.23 -11.96
C PRO L 487 77.48 48.89 -11.91
N ALA L 488 78.78 48.91 -11.65
CA ALA L 488 79.59 47.70 -11.63
C ALA L 488 79.36 46.80 -10.39
N ASN L 489 78.85 47.36 -9.29
CA ASN L 489 78.54 46.61 -8.10
C ASN L 489 77.23 45.83 -8.25
N THR L 490 77.33 44.54 -8.56
CA THR L 490 76.17 43.69 -8.85
C THR L 490 75.21 43.52 -7.69
N ASN L 491 75.67 43.74 -6.46
CA ASN L 491 74.89 43.68 -5.22
C ASN L 491 74.04 44.93 -5.00
N THR L 492 73.71 45.72 -6.03
CA THR L 492 73.00 47.00 -5.90
C THR L 492 71.71 47.00 -6.69
N TYR L 493 70.73 47.75 -6.22
CA TYR L 493 69.39 47.77 -6.77
C TYR L 493 69.37 48.18 -8.24
N GLU L 494 70.15 49.16 -8.64
CA GLU L 494 70.21 49.57 -10.04
C GLU L 494 70.72 48.45 -10.95
N TYR L 495 71.60 47.58 -10.47
CA TYR L 495 71.99 46.40 -11.23
C TYR L 495 70.88 45.36 -11.23
N MET L 496 70.41 44.94 -10.06
CA MET L 496 69.35 43.93 -9.93
C MET L 496 68.07 44.31 -10.66
N ASN L 497 67.80 45.60 -10.81
CA ASN L 497 66.66 46.16 -11.51
C ASN L 497 66.97 46.43 -12.98
N GLY L 498 68.18 46.90 -13.29
CA GLY L 498 68.56 47.30 -14.64
C GLY L 498 68.75 46.14 -15.62
N ARG L 499 69.16 44.97 -15.14
CA ARG L 499 69.33 43.77 -15.98
C ARG L 499 67.97 43.26 -16.47
N VAL L 500 67.80 43.06 -17.77
CA VAL L 500 66.56 42.52 -18.35
C VAL L 500 66.61 41.00 -18.47
N VAL L 501 65.46 40.34 -18.46
CA VAL L 501 65.32 38.88 -18.63
C VAL L 501 64.41 38.58 -19.80
N ALA L 502 64.82 37.72 -20.71
CA ALA L 502 64.00 37.35 -21.85
C ALA L 502 62.76 36.56 -21.39
N PRO L 503 61.52 36.97 -21.68
CA PRO L 503 60.32 36.26 -21.22
C PRO L 503 60.15 34.84 -21.76
N SER L 504 60.92 34.45 -22.77
CA SER L 504 60.90 33.08 -23.29
C SER L 504 61.45 32.08 -22.28
N LEU L 505 62.33 32.51 -21.37
CA LEU L 505 62.65 31.74 -20.18
C LEU L 505 61.41 31.75 -19.28
N VAL L 506 61.01 30.58 -18.78
CA VAL L 506 59.79 30.41 -17.96
C VAL L 506 58.53 31.03 -18.58
N ASP L 507 58.34 30.79 -19.88
CA ASP L 507 57.13 31.14 -20.62
C ASP L 507 55.94 30.23 -20.28
N ALA L 508 54.75 30.50 -20.81
CA ALA L 508 53.50 29.81 -20.43
C ALA L 508 53.55 28.27 -20.53
N TYR L 509 54.24 27.73 -21.52
CA TYR L 509 54.37 26.30 -21.78
C TYR L 509 55.52 25.63 -21.02
N ILE L 510 56.35 26.33 -20.26
CA ILE L 510 57.57 25.72 -19.71
C ILE L 510 57.23 24.60 -18.74
N ASN L 511 57.74 23.38 -19.03
CA ASN L 511 57.42 22.12 -18.36
C ASN L 511 55.92 21.84 -18.24
N ILE L 512 55.13 22.22 -19.24
CA ILE L 512 53.68 22.13 -19.16
C ILE L 512 53.23 20.69 -18.89
N GLY L 513 52.28 20.54 -17.98
CA GLY L 513 51.84 19.27 -17.44
C GLY L 513 52.55 18.81 -16.16
N ALA L 514 53.71 19.32 -15.77
CA ALA L 514 54.47 18.76 -14.64
C ALA L 514 54.59 19.71 -13.46
N ARG L 515 54.68 19.14 -12.25
CA ARG L 515 55.29 19.79 -11.10
C ARG L 515 56.79 19.64 -11.26
N TRP L 516 57.49 20.71 -11.54
CA TRP L 516 58.93 20.69 -11.58
C TRP L 516 59.43 22.07 -11.19
N SER L 517 60.13 22.20 -10.08
CA SER L 517 60.88 23.43 -9.84
C SER L 517 61.91 23.57 -10.95
N LEU L 518 62.05 24.76 -11.55
CA LEU L 518 63.06 24.97 -12.57
C LEU L 518 64.45 24.66 -12.04
N ASP L 519 65.31 24.09 -12.88
CA ASP L 519 66.62 23.61 -12.42
C ASP L 519 67.64 24.66 -11.98
N PRO L 520 67.69 25.91 -12.50
CA PRO L 520 68.53 26.91 -11.86
C PRO L 520 67.95 27.38 -10.53
N MET L 521 66.63 27.30 -10.34
CA MET L 521 65.96 27.86 -9.17
C MET L 521 66.17 27.03 -7.91
N ASP L 522 66.46 25.74 -8.01
CA ASP L 522 66.64 24.92 -6.82
C ASP L 522 67.72 25.47 -5.88
N ASN L 523 68.79 26.02 -6.43
CA ASN L 523 69.88 26.63 -5.68
C ASN L 523 69.72 28.12 -5.40
N VAL L 524 68.61 28.76 -5.79
CA VAL L 524 68.32 30.17 -5.52
C VAL L 524 67.54 30.29 -4.22
N ASN L 525 67.88 31.23 -3.35
CA ASN L 525 67.18 31.39 -2.08
C ASN L 525 65.69 31.74 -2.28
N PRO L 526 64.75 30.86 -1.91
CA PRO L 526 63.34 31.10 -2.22
C PRO L 526 62.70 32.13 -1.28
N PHE L 527 63.34 32.45 -0.16
CA PHE L 527 62.80 33.39 0.81
C PHE L 527 63.14 34.85 0.46
N ASN L 528 64.10 35.08 -0.44
CA ASN L 528 64.40 36.36 -1.05
C ASN L 528 63.48 36.58 -2.26
N HIS L 529 62.16 36.63 -2.03
CA HIS L 529 61.14 36.74 -3.06
C HIS L 529 60.05 37.69 -2.61
N HIS L 530 59.58 38.59 -3.46
CA HIS L 530 58.62 39.63 -3.08
C HIS L 530 57.27 39.10 -2.63
N ARG L 531 56.98 37.82 -2.88
CA ARG L 531 55.72 37.15 -2.56
C ARG L 531 55.71 36.45 -1.21
N ASN L 532 56.76 36.54 -0.40
CA ASN L 532 56.71 35.92 0.91
C ASN L 532 55.97 36.76 1.94
N ALA L 533 54.85 36.22 2.42
CA ALA L 533 53.92 36.94 3.28
C ALA L 533 54.56 37.43 4.57
N GLY L 534 55.47 36.68 5.17
CA GLY L 534 56.07 37.07 6.44
C GLY L 534 56.87 38.35 6.32
N LEU L 535 57.64 38.52 5.26
CA LEU L 535 58.38 39.75 5.05
C LEU L 535 57.47 40.88 4.60
N ARG L 536 56.48 40.64 3.73
CA ARG L 536 55.50 41.66 3.35
C ARG L 536 54.82 42.22 4.58
N TYR L 537 54.37 41.35 5.48
CA TYR L 537 53.78 41.74 6.73
C TYR L 537 54.76 42.58 7.56
N ARG L 538 55.97 42.09 7.80
CA ARG L 538 57.00 42.82 8.56
C ARG L 538 57.39 44.15 7.94
N SER L 539 57.38 44.28 6.62
CA SER L 539 57.69 45.52 5.92
C SER L 539 56.53 46.50 5.88
N MET L 540 55.29 46.01 5.85
CA MET L 540 54.06 46.79 5.94
C MET L 540 53.69 47.20 7.36
N LEU L 541 54.19 46.48 8.38
CA LEU L 541 53.96 46.80 9.79
C LEU L 541 54.56 48.15 10.17
N LEU L 542 55.62 48.55 9.48
CA LEU L 542 56.28 49.84 9.59
C LEU L 542 55.66 50.92 8.70
N GLY L 543 54.83 50.56 7.73
CA GLY L 543 54.23 51.46 6.73
C GLY L 543 55.01 51.55 5.41
N ASN L 544 54.49 52.35 4.49
CA ASN L 544 54.88 52.45 3.09
C ASN L 544 56.02 53.42 2.74
N GLY L 545 56.52 54.24 3.65
CA GLY L 545 57.57 55.21 3.33
C GLY L 545 58.97 54.65 3.52
N ARG L 546 60.00 55.26 2.94
CA ARG L 546 61.39 54.93 3.31
C ARG L 546 61.80 55.50 4.66
N TYR L 547 61.21 56.62 5.06
CA TYR L 547 61.58 57.33 6.28
C TYR L 547 60.63 56.94 7.40
N VAL L 548 61.14 56.25 8.41
CA VAL L 548 60.29 55.54 9.36
C VAL L 548 60.87 55.69 10.75
N PRO L 549 60.31 56.50 11.66
CA PRO L 549 60.58 56.33 13.07
C PRO L 549 60.02 54.98 13.51
N PHE L 550 60.56 54.36 14.54
CA PHE L 550 60.11 53.05 15.00
C PHE L 550 60.06 52.95 16.52
N HIS L 551 59.30 52.00 17.06
CA HIS L 551 59.12 51.77 18.49
C HIS L 551 58.80 50.29 18.73
N ILE L 552 59.78 49.50 19.12
CA ILE L 552 59.75 48.04 19.04
C ILE L 552 60.11 47.39 20.38
N GLN L 553 59.57 46.22 20.66
CA GLN L 553 59.83 45.48 21.90
C GLN L 553 60.73 44.28 21.61
N VAL L 554 62.04 44.42 21.66
CA VAL L 554 62.93 43.29 21.38
C VAL L 554 63.03 42.35 22.60
N PRO L 555 62.74 41.05 22.49
CA PRO L 555 62.76 40.12 23.62
C PRO L 555 64.17 39.58 23.88
N GLN L 556 64.36 38.91 25.01
CA GLN L 556 65.61 38.24 25.38
C GLN L 556 65.56 36.75 25.01
N LYS L 557 66.54 36.23 24.28
CA LYS L 557 66.57 34.86 23.73
C LYS L 557 67.60 33.93 24.37
N PHE L 558 68.53 34.44 25.16
CA PHE L 558 69.62 33.63 25.68
C PHE L 558 69.17 32.58 26.68
N PHE L 559 69.45 31.30 26.45
CA PHE L 559 68.79 30.20 27.17
C PHE L 559 68.96 30.20 28.68
N ALA L 560 70.10 30.67 29.18
CA ALA L 560 70.36 30.72 30.61
C ALA L 560 69.60 31.82 31.33
N ILE L 561 68.87 32.66 30.60
CA ILE L 561 68.16 33.82 31.12
C ILE L 561 66.69 33.84 30.70
N LYS L 562 66.36 33.48 29.46
CA LYS L 562 65.06 33.78 28.86
C LYS L 562 63.84 33.29 29.65
N ASN L 563 63.95 32.23 30.44
CA ASN L 563 62.87 31.74 31.32
C ASN L 563 63.17 31.86 32.81
N LEU L 564 64.33 32.41 33.20
CA LEU L 564 64.82 32.46 34.57
C LEU L 564 63.90 33.26 35.47
N LEU L 565 63.80 32.89 36.73
CA LEU L 565 63.19 33.72 37.78
C LEU L 565 64.29 34.34 38.64
N LEU L 566 64.37 35.66 38.69
CA LEU L 566 65.30 36.40 39.54
C LEU L 566 64.66 36.68 40.89
N LEU L 567 65.33 36.26 41.96
CA LEU L 567 64.96 36.61 43.32
C LEU L 567 65.40 38.05 43.64
N PRO L 568 64.95 38.64 44.77
CA PRO L 568 65.29 39.99 45.17
C PRO L 568 66.77 40.32 45.16
N GLY L 569 67.10 41.51 44.68
CA GLY L 569 68.45 42.04 44.57
C GLY L 569 68.57 43.05 43.45
N SER L 570 69.72 43.73 43.37
CA SER L 570 69.99 44.67 42.29
C SER L 570 71.01 44.07 41.33
N TYR L 571 70.65 43.94 40.06
CA TYR L 571 71.47 43.32 39.03
C TYR L 571 71.84 44.33 37.97
N THR L 572 73.10 44.42 37.59
CA THR L 572 73.47 45.17 36.39
C THR L 572 73.15 44.34 35.20
N TYR L 573 72.31 44.86 34.31
CA TYR L 573 71.94 44.25 33.05
C TYR L 573 72.49 45.10 31.92
N GLU L 574 73.24 44.53 30.99
CA GLU L 574 73.65 45.20 29.76
C GLU L 574 73.33 44.33 28.58
N TRP L 575 73.06 44.95 27.43
CA TRP L 575 73.17 44.26 26.17
C TRP L 575 73.66 45.18 25.08
N ASN L 576 74.21 44.59 24.02
CA ASN L 576 74.84 45.29 22.91
C ASN L 576 74.06 45.02 21.64
N PHE L 577 73.86 46.03 20.79
CA PHE L 577 72.90 46.01 19.69
C PHE L 577 73.53 46.46 18.38
N ARG L 578 73.20 45.82 17.26
CA ARG L 578 73.75 46.18 15.95
C ARG L 578 73.08 47.42 15.38
N LYS L 579 73.84 48.29 14.71
CA LYS L 579 73.32 49.34 13.79
C LYS L 579 73.55 48.99 12.31
N ASP L 580 74.19 47.86 12.04
CA ASP L 580 74.44 47.33 10.70
C ASP L 580 73.15 46.92 9.99
N VAL L 581 72.69 47.72 9.03
CA VAL L 581 71.49 47.45 8.25
C VAL L 581 71.48 46.11 7.55
N ASN L 582 72.60 45.54 7.11
CA ASN L 582 72.56 44.23 6.43
C ASN L 582 72.21 43.13 7.43
N MET L 583 72.61 43.28 8.68
CA MET L 583 72.21 42.38 9.76
C MET L 583 70.81 42.69 10.26
N ILE L 584 70.47 43.94 10.60
CA ILE L 584 69.20 44.15 11.32
C ILE L 584 67.97 44.26 10.43
N LEU L 585 68.07 44.77 9.21
CA LEU L 585 66.99 44.77 8.23
C LEU L 585 67.13 43.58 7.29
N GLN L 586 66.04 43.21 6.65
CA GLN L 586 65.99 42.27 5.53
C GLN L 586 65.39 42.95 4.32
N SER L 587 65.78 42.54 3.12
CA SER L 587 65.18 43.01 1.88
C SER L 587 64.69 41.86 1.00
N SER L 588 63.63 42.04 0.21
CA SER L 588 63.14 40.94 -0.62
C SER L 588 64.02 40.64 -1.84
N LEU L 589 64.90 41.54 -2.28
CA LEU L 589 65.93 41.23 -3.27
C LEU L 589 67.24 40.72 -2.67
N GLY L 590 67.59 41.13 -1.45
CA GLY L 590 68.87 40.82 -0.83
C GLY L 590 70.03 41.73 -1.22
N ASN L 591 69.78 42.90 -1.79
CA ASN L 591 70.81 43.89 -2.14
C ASN L 591 71.62 44.37 -0.94
N ASP L 592 72.77 44.99 -1.17
CA ASP L 592 73.63 45.52 -0.12
C ASP L 592 73.12 46.87 0.40
N LEU L 593 72.32 46.86 1.46
CA LEU L 593 71.73 48.09 1.98
C LEU L 593 72.77 49.09 2.52
N ARG L 594 73.95 48.65 2.96
CA ARG L 594 75.00 49.58 3.37
C ARG L 594 75.56 50.40 2.21
N VAL L 595 75.34 49.96 0.97
CA VAL L 595 75.63 50.74 -0.22
C VAL L 595 74.38 51.43 -0.70
N ASP L 596 73.26 50.71 -0.78
CA ASP L 596 71.98 51.21 -1.29
C ASP L 596 71.20 52.09 -0.30
N GLY L 597 71.88 52.65 0.69
CA GLY L 597 71.48 53.88 1.35
C GLY L 597 70.64 53.75 2.62
N ALA L 598 70.47 52.56 3.18
CA ALA L 598 69.76 52.44 4.45
C ALA L 598 70.63 52.91 5.63
N SER L 599 70.02 53.40 6.71
CA SER L 599 70.72 53.62 7.98
C SER L 599 69.75 53.68 9.16
N VAL L 600 70.27 53.50 10.38
CA VAL L 600 69.46 53.41 11.61
C VAL L 600 70.08 54.18 12.77
N ARG L 601 69.25 54.82 13.60
CA ARG L 601 69.62 55.65 14.76
C ARG L 601 68.77 55.21 15.94
N PHE L 602 69.33 55.01 17.12
CA PHE L 602 68.52 54.72 18.31
C PHE L 602 68.40 55.96 19.19
N ASP L 603 67.17 56.35 19.51
CA ASP L 603 66.84 57.53 20.27
C ASP L 603 66.65 57.21 21.76
N SER L 604 66.15 56.04 22.12
CA SER L 604 66.31 55.50 23.46
C SER L 604 66.00 54.00 23.53
N VAL L 605 66.54 53.34 24.55
CA VAL L 605 66.39 51.90 24.79
C VAL L 605 66.06 51.69 26.26
N ASN L 606 64.90 51.12 26.59
CA ASN L 606 64.44 51.00 27.98
C ASN L 606 64.06 49.56 28.32
N LEU L 607 64.39 49.13 29.53
CA LEU L 607 64.16 47.79 29.99
C LEU L 607 62.85 47.75 30.76
N TYR L 608 61.89 46.95 30.32
CA TYR L 608 60.63 46.73 31.04
C TYR L 608 60.64 45.42 31.80
N ALA L 609 60.06 45.39 32.99
CA ALA L 609 59.86 44.19 33.77
C ALA L 609 58.43 44.19 34.29
N THR L 610 57.71 43.08 34.17
CA THR L 610 56.34 42.93 34.67
C THR L 610 56.28 41.86 35.75
N PHE L 611 55.76 42.18 36.92
CA PHE L 611 55.83 41.37 38.13
C PHE L 611 54.45 40.89 38.58
N PHE L 612 54.23 39.58 38.68
CA PHE L 612 53.02 39.04 39.29
C PHE L 612 52.90 39.58 40.72
N PRO L 613 51.79 40.21 41.14
CA PRO L 613 51.71 40.96 42.39
C PRO L 613 51.53 40.05 43.60
N MET L 614 52.44 39.12 43.80
CA MET L 614 52.31 38.02 44.75
C MET L 614 52.16 38.50 46.18
N ALA L 615 51.31 37.86 46.99
CA ALA L 615 51.20 38.16 48.41
C ALA L 615 52.57 38.10 49.08
N HIS L 616 52.95 39.08 49.87
CA HIS L 616 54.35 39.21 50.31
C HIS L 616 54.81 38.03 51.14
N ASN L 617 53.97 37.50 52.02
CA ASN L 617 54.28 36.30 52.81
C ASN L 617 54.47 35.04 51.94
N THR L 618 53.85 34.99 50.77
CA THR L 618 54.07 33.95 49.75
C THR L 618 55.37 34.20 48.99
N ALA L 619 55.67 35.43 48.59
CA ALA L 619 56.88 35.75 47.86
C ALA L 619 58.15 35.63 48.71
N SER L 620 58.09 36.10 49.95
CA SER L 620 59.15 35.95 50.93
C SER L 620 59.37 34.48 51.30
N THR L 621 58.34 33.63 51.24
CA THR L 621 58.52 32.18 51.33
C THR L 621 59.13 31.60 50.06
N LEU L 622 58.63 31.96 48.87
CA LEU L 622 59.16 31.42 47.62
C LEU L 622 60.64 31.71 47.47
N GLU L 623 61.07 32.94 47.73
CA GLU L 623 62.48 33.28 47.79
C GLU L 623 63.25 32.35 48.72
N ALA L 624 62.86 32.24 49.99
CA ALA L 624 63.56 31.39 50.95
C ALA L 624 63.64 29.93 50.54
N MET L 625 62.75 29.42 49.69
CA MET L 625 62.88 28.08 49.13
C MET L 625 63.82 28.03 47.94
N LEU L 626 63.77 29.02 47.06
CA LEU L 626 64.61 29.05 45.85
C LEU L 626 66.05 29.49 46.09
N ARG L 627 66.38 30.10 47.23
CA ARG L 627 67.78 30.31 47.62
C ARG L 627 68.49 29.06 48.11
N ASN L 628 67.77 28.03 48.52
CA ASN L 628 68.37 26.78 48.98
C ASN L 628 69.00 26.02 47.82
N ASP L 629 70.20 25.45 47.98
CA ASP L 629 70.90 24.81 46.86
C ASP L 629 70.26 23.53 46.33
N THR L 630 69.24 23.00 47.00
CA THR L 630 68.39 21.92 46.45
C THR L 630 67.62 22.38 45.22
N ASN L 631 67.25 23.66 45.18
CA ASN L 631 66.26 24.20 44.26
C ASN L 631 66.85 25.16 43.22
N ASP L 632 68.05 24.89 42.74
CA ASP L 632 68.62 25.66 41.63
C ASP L 632 67.80 25.49 40.38
N GLN L 633 67.36 26.61 39.80
CA GLN L 633 66.77 26.60 38.48
C GLN L 633 67.80 26.10 37.48
N SER L 634 67.36 25.39 36.46
CA SER L 634 68.24 24.83 35.45
C SER L 634 67.57 24.82 34.09
N PHE L 635 68.37 24.97 33.05
CA PHE L 635 67.90 25.28 31.72
C PHE L 635 68.75 24.57 30.69
N ASN L 636 68.25 24.46 29.46
CA ASN L 636 68.88 23.71 28.40
C ASN L 636 68.60 24.45 27.10
N ASP L 637 69.63 24.93 26.43
CA ASP L 637 69.50 25.57 25.13
C ASP L 637 68.73 24.65 24.17
N TYR L 638 67.66 25.08 23.52
CA TYR L 638 66.81 24.13 22.79
C TYR L 638 67.54 23.39 21.68
N LEU L 639 68.40 24.08 20.93
CA LEU L 639 69.22 23.46 19.90
C LEU L 639 70.15 22.40 20.48
N SER L 640 70.91 22.76 21.51
CA SER L 640 71.82 21.89 22.27
C SER L 640 72.84 21.19 21.36
N ALA L 641 73.72 21.97 20.76
CA ALA L 641 74.64 21.52 19.73
C ALA L 641 75.94 22.33 19.74
N ALA L 642 77.02 21.81 19.16
CA ALA L 642 78.25 22.55 18.86
C ALA L 642 78.36 22.77 17.35
N ASN L 643 78.57 24.01 16.94
CA ASN L 643 78.41 24.44 15.56
C ASN L 643 79.75 24.57 14.83
N MET L 644 79.94 23.81 13.77
CA MET L 644 81.09 23.93 12.91
C MET L 644 80.65 24.41 11.54
N LEU L 645 81.42 25.31 10.94
CA LEU L 645 81.28 25.71 9.56
C LEU L 645 82.58 25.36 8.85
N TYR L 646 82.52 24.50 7.85
CA TYR L 646 83.66 24.12 7.04
C TYR L 646 83.50 24.65 5.62
N PRO L 647 84.53 25.27 5.03
CA PRO L 647 84.43 25.78 3.68
C PRO L 647 84.41 24.65 2.67
N ILE L 648 83.58 24.78 1.65
CA ILE L 648 83.59 23.95 0.46
C ILE L 648 83.94 24.88 -0.70
N PRO L 649 85.11 24.75 -1.31
CA PRO L 649 85.51 25.60 -2.43
C PRO L 649 84.50 25.56 -3.56
N ALA L 650 84.42 26.61 -4.36
CA ALA L 650 83.58 26.60 -5.55
C ALA L 650 83.94 25.40 -6.44
N LYS L 651 82.92 24.69 -6.91
CA LYS L 651 83.01 23.46 -7.73
C LYS L 651 83.64 22.23 -7.08
N ALA L 652 83.98 22.24 -5.79
CA ALA L 652 84.39 21.01 -5.11
C ALA L 652 83.19 20.09 -4.93
N THR L 653 83.31 18.80 -5.27
CA THR L 653 82.24 17.79 -5.07
C THR L 653 82.43 16.96 -3.81
N ASN L 654 83.61 17.03 -3.18
CA ASN L 654 83.93 16.26 -1.99
C ASN L 654 84.39 17.19 -0.87
N VAL L 655 83.96 16.95 0.36
CA VAL L 655 84.42 17.70 1.54
C VAL L 655 84.72 16.73 2.69
N PRO L 656 85.99 16.32 2.85
CA PRO L 656 86.43 15.46 3.92
C PRO L 656 86.82 16.28 5.14
N ILE L 657 86.34 15.91 6.33
CA ILE L 657 86.59 16.62 7.59
C ILE L 657 86.79 15.63 8.74
N SER L 658 87.47 16.03 9.80
CA SER L 658 87.70 15.16 10.94
C SER L 658 87.77 15.93 12.24
N ILE L 659 87.55 15.24 13.35
CA ILE L 659 87.89 15.77 14.67
C ILE L 659 88.79 14.77 15.38
N PRO L 660 89.85 15.25 16.06
CA PRO L 660 90.85 14.38 16.64
C PRO L 660 90.33 13.61 17.84
N SER L 661 91.08 12.61 18.27
CA SER L 661 90.73 11.73 19.39
C SER L 661 90.18 12.50 20.57
N ARG L 662 88.96 12.18 21.00
CA ARG L 662 88.28 12.86 22.09
C ARG L 662 87.20 11.97 22.69
N ASN L 663 86.64 12.31 23.83
CA ASN L 663 85.50 11.57 24.38
C ASN L 663 84.18 11.85 23.64
N TRP L 664 83.20 10.96 23.78
CA TRP L 664 81.88 11.05 23.15
C TRP L 664 80.72 10.72 24.11
N ALA L 665 81.00 10.70 25.41
CA ALA L 665 80.05 10.63 26.51
C ALA L 665 78.82 11.51 26.33
N ALA L 666 77.61 10.97 26.42
CA ALA L 666 76.36 11.70 26.22
C ALA L 666 76.24 12.43 24.87
N PHE L 667 77.04 12.11 23.86
CA PHE L 667 76.77 12.55 22.50
C PHE L 667 75.36 12.16 22.06
N ARG L 668 74.68 12.98 21.25
CA ARG L 668 73.34 12.68 20.76
C ARG L 668 73.26 12.30 19.29
N GLY L 669 74.14 12.78 18.43
CA GLY L 669 74.03 12.61 16.98
C GLY L 669 74.46 13.83 16.22
N TRP L 670 74.19 13.86 14.92
CA TRP L 670 74.58 14.96 14.03
C TRP L 670 73.37 15.60 13.40
N SER L 671 73.43 16.91 13.17
CA SER L 671 72.62 17.58 12.16
C SER L 671 73.51 18.31 11.18
N PHE L 672 73.16 18.33 9.91
CA PHE L 672 73.96 19.03 8.91
C PHE L 672 73.14 19.60 7.78
N THR L 673 73.65 20.65 7.16
CA THR L 673 73.01 21.34 6.05
C THR L 673 74.06 22.19 5.34
N ARG L 674 73.72 22.79 4.20
CA ARG L 674 74.65 23.55 3.36
C ARG L 674 74.21 24.98 3.23
N LEU L 675 75.18 25.89 3.27
CA LEU L 675 74.97 27.34 3.22
C LEU L 675 75.79 27.94 2.08
N LYS L 676 75.37 29.05 1.51
CA LYS L 676 76.24 29.90 0.69
C LYS L 676 77.16 30.74 1.57
N THR L 677 78.36 31.04 1.10
CA THR L 677 79.28 31.84 1.90
C THR L 677 78.84 33.29 1.97
N LYS L 678 78.38 33.88 0.85
CA LYS L 678 77.88 35.26 0.88
C LYS L 678 76.60 35.44 1.69
N GLU L 679 75.84 34.38 1.94
CA GLU L 679 74.60 34.39 2.73
C GLU L 679 74.82 34.01 4.20
N THR L 680 76.04 34.21 4.71
CA THR L 680 76.44 33.81 6.05
C THR L 680 77.37 34.87 6.66
N PRO L 681 76.89 35.69 7.60
CA PRO L 681 77.71 36.72 8.20
C PRO L 681 78.72 36.14 9.18
N SER L 682 79.87 36.79 9.37
CA SER L 682 80.76 36.47 10.49
C SER L 682 80.24 37.04 11.81
N LEU L 683 80.06 36.19 12.83
CA LEU L 683 79.63 36.60 14.16
C LEU L 683 80.80 36.90 15.11
N GLY L 684 82.03 36.62 14.68
CA GLY L 684 83.23 36.74 15.51
C GLY L 684 83.74 38.16 15.70
N SER L 685 83.09 39.14 15.09
CA SER L 685 83.53 40.54 15.06
C SER L 685 82.39 41.49 15.41
N GLY L 686 82.72 42.71 15.83
CA GLY L 686 81.70 43.75 15.99
C GLY L 686 80.93 44.01 14.71
N PHE L 687 81.59 43.97 13.56
CA PHE L 687 81.03 44.25 12.24
C PHE L 687 81.71 43.36 11.20
N ASP L 688 81.03 43.05 10.11
CA ASP L 688 81.58 42.25 9.01
C ASP L 688 81.45 43.00 7.69
N PRO L 689 82.47 43.75 7.26
CA PRO L 689 82.36 44.60 6.10
C PRO L 689 82.20 43.81 4.81
N TYR L 690 82.54 42.52 4.77
CA TYR L 690 82.36 41.67 3.59
C TYR L 690 81.03 40.92 3.58
N PHE L 691 80.15 41.16 4.56
CA PHE L 691 78.77 40.72 4.50
C PHE L 691 77.93 41.67 3.63
N VAL L 692 78.17 41.62 2.33
CA VAL L 692 77.59 42.47 1.29
C VAL L 692 76.26 41.90 0.78
N TYR L 693 75.36 41.50 1.68
CA TYR L 693 74.07 40.90 1.34
C TYR L 693 73.03 41.08 2.45
N SER L 694 71.75 41.24 2.12
CA SER L 694 70.69 41.48 3.11
C SER L 694 69.43 40.63 2.94
N GLY L 695 69.48 39.50 2.25
CA GLY L 695 68.34 38.58 2.16
C GLY L 695 68.13 37.81 3.47
N SER L 696 67.44 36.66 3.45
CA SER L 696 67.34 35.78 4.62
C SER L 696 68.73 35.29 5.05
N ILE L 697 68.92 34.94 6.30
CA ILE L 697 70.19 34.43 6.81
C ILE L 697 69.92 33.05 7.40
N PRO L 698 69.92 31.98 6.59
CA PRO L 698 69.51 30.65 7.02
C PRO L 698 70.21 30.20 8.30
N TYR L 699 71.50 30.43 8.42
CA TYR L 699 72.28 30.07 9.60
C TYR L 699 71.73 30.70 10.88
N LEU L 700 71.10 31.87 10.80
CA LEU L 700 70.52 32.58 11.93
C LEU L 700 69.02 32.31 12.07
N ASP L 701 68.28 32.21 10.97
CA ASP L 701 66.83 32.28 10.97
C ASP L 701 66.10 30.97 10.62
N GLY L 702 66.78 29.94 10.15
CA GLY L 702 66.22 28.62 9.91
C GLY L 702 65.71 28.35 8.49
N THR L 703 65.85 29.28 7.54
CA THR L 703 65.40 29.10 6.15
C THR L 703 66.29 28.19 5.28
N PHE L 704 66.74 27.02 5.73
CA PHE L 704 67.71 26.19 5.00
C PHE L 704 67.18 25.61 3.68
N TYR L 705 67.83 25.90 2.55
CA TYR L 705 67.28 25.65 1.22
C TYR L 705 68.20 24.92 0.23
N LEU L 706 69.33 24.35 0.68
CA LEU L 706 70.23 23.55 -0.17
C LEU L 706 70.33 22.09 0.26
N ASN L 707 69.37 21.57 1.02
CA ASN L 707 69.41 20.20 1.55
C ASN L 707 69.37 19.13 0.46
N HIS L 708 68.76 19.42 -0.69
CA HIS L 708 68.73 18.55 -1.86
C HIS L 708 70.10 18.39 -2.54
N THR L 709 71.13 19.17 -2.17
CA THR L 709 72.45 19.11 -2.83
C THR L 709 73.38 18.05 -2.26
N PHE L 710 73.06 17.41 -1.15
CA PHE L 710 73.84 16.28 -0.62
C PHE L 710 73.57 14.99 -1.40
N LYS L 711 74.61 14.20 -1.67
CA LYS L 711 74.51 12.88 -2.30
C LYS L 711 74.77 11.77 -1.30
N LYS L 712 75.88 11.78 -0.57
CA LYS L 712 76.13 10.82 0.50
C LYS L 712 77.06 11.30 1.58
N VAL L 713 76.92 10.74 2.77
CA VAL L 713 77.73 11.01 3.95
C VAL L 713 78.14 9.69 4.58
N SER L 714 79.39 9.59 4.98
CA SER L 714 79.94 8.39 5.61
C SER L 714 80.74 8.76 6.84
N ILE L 715 80.70 7.88 7.84
CA ILE L 715 81.13 8.13 9.20
C ILE L 715 82.07 7.00 9.61
N MET L 716 83.22 7.34 10.18
CA MET L 716 84.31 6.41 10.38
C MET L 716 85.07 6.83 11.63
N PHE L 717 84.86 6.13 12.74
CA PHE L 717 85.60 6.35 13.98
C PHE L 717 86.98 5.67 13.92
N ASP L 718 88.02 6.29 14.48
CA ASP L 718 89.36 5.71 14.56
C ASP L 718 89.95 5.21 13.24
N SER L 719 89.52 5.75 12.10
CA SER L 719 89.96 5.33 10.77
C SER L 719 89.87 3.82 10.49
N SER L 720 89.02 3.11 11.22
CA SER L 720 88.66 1.70 10.97
C SER L 720 87.22 1.38 11.30
N VAL L 721 86.67 1.96 12.37
CA VAL L 721 85.39 1.55 12.93
C VAL L 721 84.28 2.32 12.22
N SER L 722 83.85 1.82 11.08
CA SER L 722 82.75 2.42 10.32
C SER L 722 81.45 2.44 11.11
N TRP L 723 80.66 3.49 10.98
CA TRP L 723 79.36 3.63 11.66
C TRP L 723 78.26 3.98 10.66
N PRO L 724 77.04 3.42 10.75
CA PRO L 724 76.51 2.55 11.81
C PRO L 724 77.08 1.14 11.76
N GLY L 725 77.78 0.79 10.69
CA GLY L 725 78.35 -0.54 10.52
C GLY L 725 77.26 -1.59 10.70
N ASN L 726 77.63 -2.74 11.28
CA ASN L 726 76.75 -3.83 11.67
C ASN L 726 75.69 -4.21 10.62
N ASP L 727 76.04 -4.05 9.35
CA ASP L 727 75.22 -4.41 8.19
C ASP L 727 73.85 -3.74 8.13
N ARG L 728 73.66 -2.58 8.77
CA ARG L 728 72.31 -2.00 8.97
C ARG L 728 71.57 -1.61 7.70
N LEU L 729 72.14 -0.72 6.90
CA LEU L 729 71.52 -0.14 5.71
C LEU L 729 71.60 -1.05 4.49
N LEU L 730 70.92 -0.74 3.40
CA LEU L 730 71.13 -1.37 2.10
C LEU L 730 72.51 -1.03 1.49
N THR L 731 73.19 0.01 1.96
CA THR L 731 74.58 0.35 1.64
C THR L 731 75.38 0.54 2.94
N PRO L 732 75.76 -0.53 3.64
CA PRO L 732 76.01 -0.53 5.08
C PRO L 732 76.96 0.53 5.62
N ASN L 733 77.93 0.98 4.84
CA ASN L 733 78.99 1.88 5.29
C ASN L 733 78.76 3.35 4.93
N GLU L 734 77.72 3.68 4.16
CA GLU L 734 77.41 5.05 3.70
C GLU L 734 75.93 5.36 3.84
N PHE L 735 75.57 6.55 4.35
CA PHE L 735 74.21 7.07 4.18
C PHE L 735 74.10 7.67 2.77
N GLU L 736 73.52 6.90 1.87
CA GLU L 736 73.27 7.32 0.51
C GLU L 736 71.99 8.14 0.44
N ILE L 737 72.10 9.45 0.55
CA ILE L 737 70.98 10.40 0.69
C ILE L 737 70.11 10.40 -0.55
N LYS L 738 70.72 10.32 -1.73
CA LYS L 738 70.05 10.17 -3.01
C LYS L 738 70.98 9.47 -3.99
N ARG L 739 70.46 8.87 -5.04
CA ARG L 739 71.28 8.28 -6.12
C ARG L 739 70.82 8.75 -7.50
N SER L 740 71.76 8.98 -8.40
CA SER L 740 71.52 9.51 -9.74
C SER L 740 71.10 8.44 -10.75
N VAL L 741 71.45 7.16 -10.52
CA VAL L 741 70.98 6.01 -11.30
C VAL L 741 70.85 4.81 -10.39
N ASP L 742 69.83 3.98 -10.60
CA ASP L 742 69.34 3.03 -9.60
C ASP L 742 69.14 1.63 -10.18
N GLY L 743 70.20 0.83 -10.24
CA GLY L 743 70.12 -0.54 -10.72
C GLY L 743 69.24 -1.43 -9.83
N GLU L 744 69.40 -1.36 -8.51
CA GLU L 744 68.75 -2.30 -7.61
C GLU L 744 67.28 -1.94 -7.31
N GLY L 745 66.88 -0.68 -7.48
CA GLY L 745 65.58 -0.18 -7.09
C GLY L 745 65.55 0.45 -5.70
N TYR L 746 66.64 1.02 -5.23
CA TYR L 746 66.71 1.60 -3.88
C TYR L 746 66.15 3.02 -3.76
N ASN L 747 65.61 3.63 -4.81
CA ASN L 747 64.82 4.86 -4.65
C ASN L 747 63.51 4.62 -3.87
N VAL L 748 62.84 5.69 -3.41
CA VAL L 748 61.50 5.68 -2.77
C VAL L 748 60.66 6.89 -3.14
N ALA L 749 59.39 6.84 -2.79
CA ALA L 749 58.52 8.00 -2.75
C ALA L 749 58.38 8.70 -4.10
N GLN L 750 58.67 7.99 -5.18
CA GLN L 750 58.62 8.45 -6.56
C GLN L 750 59.57 9.62 -6.88
N CYS L 751 60.64 9.80 -6.12
CA CYS L 751 61.80 10.60 -6.51
C CYS L 751 63.07 9.73 -6.57
N ASN L 752 64.23 10.28 -6.22
CA ASN L 752 65.52 9.63 -6.14
C ASN L 752 66.17 9.63 -4.75
N MET L 753 65.46 10.05 -3.72
CA MET L 753 65.84 9.76 -2.34
C MET L 753 65.80 8.25 -2.09
N THR L 754 66.69 7.69 -1.29
CA THR L 754 66.78 6.24 -1.11
C THR L 754 65.86 5.68 -0.02
N LYS L 755 65.61 4.37 -0.10
CA LYS L 755 65.00 3.55 0.94
C LYS L 755 65.69 3.70 2.27
N ASP L 756 67.01 3.74 2.30
CA ASP L 756 67.77 3.99 3.51
C ASP L 756 67.51 5.37 4.06
N TRP L 757 67.66 6.41 3.25
CA TRP L 757 67.62 7.76 3.78
C TRP L 757 66.24 8.16 4.22
N PHE L 758 65.22 7.87 3.43
CA PHE L 758 63.85 8.13 3.82
C PHE L 758 63.50 7.44 5.14
N LEU L 759 63.92 6.18 5.32
CA LEU L 759 63.75 5.46 6.58
C LEU L 759 64.47 6.16 7.72
N VAL L 760 65.72 6.56 7.55
CA VAL L 760 66.48 7.24 8.60
C VAL L 760 65.82 8.56 8.97
N GLN L 761 65.32 9.30 8.01
CA GLN L 761 64.60 10.52 8.31
C GLN L 761 63.26 10.26 8.99
N MET L 762 62.42 9.37 8.46
CA MET L 762 61.14 9.05 9.11
C MET L 762 61.30 8.42 10.51
N LEU L 763 62.39 7.72 10.79
CA LEU L 763 62.67 7.20 12.12
C LEU L 763 63.09 8.31 13.06
N SER L 764 64.01 9.16 12.63
CA SER L 764 64.56 10.18 13.51
C SER L 764 63.58 11.31 13.82
N HIS L 765 62.71 11.68 12.86
CA HIS L 765 61.68 12.68 13.12
C HIS L 765 60.46 12.11 13.84
N TYR L 766 60.04 10.88 13.53
CA TYR L 766 58.73 10.40 13.94
C TYR L 766 58.68 8.99 14.54
N ASN L 767 59.81 8.30 14.71
CA ASN L 767 59.85 6.90 15.15
C ASN L 767 59.05 5.95 14.23
N ILE L 768 58.83 6.29 12.95
CA ILE L 768 57.86 5.64 12.07
C ILE L 768 58.31 4.32 11.43
N GLY L 769 59.52 4.20 10.92
CA GLY L 769 59.79 3.23 9.84
C GLY L 769 59.59 1.74 10.15
N TYR L 770 60.02 1.24 11.30
CA TYR L 770 59.76 -0.14 11.68
C TYR L 770 58.28 -0.27 11.97
N GLN L 771 57.64 -1.34 11.52
CA GLN L 771 56.17 -1.40 11.45
C GLN L 771 55.53 -0.26 10.65
N GLY L 772 56.09 0.03 9.48
CA GLY L 772 55.37 0.62 8.34
C GLY L 772 55.23 2.14 8.35
N PHE L 773 55.33 2.75 7.17
CA PHE L 773 55.16 4.19 6.98
C PHE L 773 53.69 4.64 6.84
N HIS L 774 53.40 5.83 7.36
CA HIS L 774 52.13 6.55 7.27
C HIS L 774 52.40 8.03 7.48
N VAL L 775 51.46 8.94 7.20
CA VAL L 775 51.72 10.36 7.46
C VAL L 775 51.81 10.60 8.96
N PRO L 776 52.85 11.27 9.47
CA PRO L 776 52.94 11.57 10.89
C PRO L 776 51.80 12.49 11.28
N GLU L 777 51.25 12.29 12.47
CA GLU L 777 50.13 13.10 12.95
C GLU L 777 50.55 14.56 13.09
N GLY L 778 49.70 15.49 12.65
CA GLY L 778 50.11 16.87 12.39
C GLY L 778 50.81 17.58 13.55
N TYR L 779 50.49 17.27 14.80
CA TYR L 779 51.13 17.95 15.93
C TYR L 779 52.57 17.51 16.17
N LYS L 780 53.00 16.37 15.63
CA LYS L 780 54.40 15.94 15.62
C LYS L 780 55.10 16.26 14.29
N ASP L 781 54.50 17.08 13.45
CA ASP L 781 55.02 17.46 12.13
C ASP L 781 55.01 18.98 11.99
N ARG L 782 55.96 19.61 12.69
CA ARG L 782 56.07 21.07 12.85
C ARG L 782 56.62 21.74 11.58
N MET L 783 56.76 23.05 11.54
CA MET L 783 57.24 23.76 10.34
C MET L 783 58.67 23.37 9.95
N TYR L 784 59.50 22.92 10.88
CA TYR L 784 60.85 22.43 10.61
C TYR L 784 60.97 20.89 10.56
N SER L 785 59.86 20.15 10.52
CA SER L 785 59.87 18.69 10.39
C SER L 785 60.02 18.24 8.94
N PHE L 786 60.20 16.94 8.71
CA PHE L 786 60.59 16.39 7.42
C PHE L 786 59.42 16.27 6.43
N PHE L 787 58.42 15.47 6.75
CA PHE L 787 57.26 15.24 5.90
C PHE L 787 56.40 16.49 5.63
N ARG L 788 56.44 17.51 6.50
CA ARG L 788 55.90 18.84 6.21
C ARG L 788 56.56 19.48 4.99
N ASN L 789 57.88 19.31 4.85
CA ASN L 789 58.73 20.02 3.89
C ASN L 789 59.14 19.21 2.66
N PHE L 790 59.19 17.88 2.73
CA PHE L 790 59.62 16.99 1.66
C PHE L 790 58.75 17.07 0.40
N GLN L 791 59.34 17.45 -0.73
CA GLN L 791 58.63 17.59 -2.01
C GLN L 791 59.31 16.77 -3.11
N PRO L 792 58.87 15.53 -3.38
CA PRO L 792 59.37 14.75 -4.50
C PRO L 792 58.77 15.24 -5.82
N MET L 793 59.51 15.10 -6.92
CA MET L 793 59.13 15.59 -8.25
C MET L 793 59.62 14.65 -9.36
N SER L 794 58.88 14.62 -10.47
CA SER L 794 59.23 13.92 -11.71
C SER L 794 58.87 14.79 -12.92
N ARG L 795 59.66 14.77 -13.99
CA ARG L 795 59.27 15.30 -15.31
C ARG L 795 59.76 14.41 -16.43
N GLN L 796 59.25 14.61 -17.64
CA GLN L 796 59.77 14.01 -18.87
C GLN L 796 60.36 15.09 -19.77
N VAL L 797 61.38 14.71 -20.53
CA VAL L 797 62.15 15.58 -21.42
C VAL L 797 62.27 14.87 -22.77
N VAL L 798 62.44 15.60 -23.86
CA VAL L 798 62.79 14.98 -25.15
C VAL L 798 64.09 14.19 -25.06
N ASP L 799 64.11 12.98 -25.61
CA ASP L 799 65.25 12.08 -25.61
C ASP L 799 66.27 12.51 -26.68
N GLU L 800 67.16 13.41 -26.33
CA GLU L 800 68.13 14.02 -27.27
C GLU L 800 69.08 13.02 -27.93
N ILE L 801 69.11 11.77 -27.47
CA ILE L 801 70.01 10.75 -28.00
C ILE L 801 69.26 9.86 -28.99
N ASN L 802 68.07 9.38 -28.63
CA ASN L 802 67.37 8.40 -29.43
C ASN L 802 66.29 9.00 -30.35
N TYR L 803 65.80 10.21 -30.10
CA TYR L 803 64.91 10.90 -31.04
C TYR L 803 65.69 11.46 -32.23
N LYS L 804 65.67 10.76 -33.37
CA LYS L 804 66.54 11.05 -34.52
C LYS L 804 66.21 12.37 -35.23
N ASP L 805 64.99 12.86 -35.15
CA ASP L 805 64.59 14.15 -35.71
C ASP L 805 64.80 15.33 -34.75
N TYR L 806 65.52 15.15 -33.65
CA TYR L 806 65.89 16.22 -32.72
C TYR L 806 66.85 17.23 -33.35
N LYS L 807 66.68 18.53 -33.05
CA LYS L 807 67.64 19.62 -33.29
C LYS L 807 67.79 20.52 -32.08
N ALA L 808 69.02 20.93 -31.78
CA ALA L 808 69.39 21.66 -30.58
C ALA L 808 69.15 23.17 -30.67
N VAL L 809 67.89 23.59 -30.79
CA VAL L 809 67.55 25.02 -30.88
C VAL L 809 67.80 25.75 -29.57
N THR L 810 68.77 26.66 -29.51
CA THR L 810 69.00 27.54 -28.35
C THR L 810 68.02 28.70 -28.29
N LEU L 811 67.92 29.38 -27.15
CA LEU L 811 66.86 30.34 -26.85
C LEU L 811 66.57 31.37 -27.94
N PRO L 812 67.56 32.06 -28.53
CA PRO L 812 67.27 33.11 -29.50
C PRO L 812 66.54 32.63 -30.75
N PHE L 813 66.67 31.35 -31.08
CA PHE L 813 66.07 30.77 -32.28
C PHE L 813 64.72 30.11 -32.03
N GLN L 814 64.40 29.79 -30.78
CA GLN L 814 63.08 29.27 -30.41
C GLN L 814 62.00 30.32 -30.65
N HIS L 815 60.84 29.93 -31.16
CA HIS L 815 59.69 30.80 -31.25
C HIS L 815 58.38 30.06 -31.05
N ASN L 816 57.49 30.75 -30.37
CA ASN L 816 56.17 30.31 -29.96
C ASN L 816 55.47 31.59 -29.50
N ASN L 817 54.27 31.89 -29.99
CA ASN L 817 53.65 33.21 -29.91
C ASN L 817 54.37 34.32 -30.69
N SER L 818 55.23 34.02 -31.67
CA SER L 818 55.82 35.06 -32.52
C SER L 818 54.75 35.97 -33.13
N GLY L 819 55.04 37.25 -33.31
CA GLY L 819 54.03 38.23 -33.72
C GLY L 819 53.21 38.78 -32.56
N PHE L 820 52.95 37.97 -31.55
CA PHE L 820 52.15 38.32 -30.38
C PHE L 820 53.00 38.55 -29.11
N THR L 821 54.34 38.55 -29.21
CA THR L 821 55.27 38.52 -28.07
C THR L 821 56.55 39.32 -28.35
N GLY L 822 57.19 39.94 -27.35
CA GLY L 822 58.42 40.72 -27.55
C GLY L 822 59.62 39.83 -27.89
N TYR L 823 60.57 40.30 -28.68
CA TYR L 823 61.75 39.48 -29.02
C TYR L 823 62.78 39.50 -27.89
N LEU L 824 62.81 38.42 -27.09
CA LEU L 824 63.72 38.26 -25.94
C LEU L 824 63.68 39.39 -24.90
N ALA L 825 62.58 40.13 -24.78
CA ALA L 825 62.45 41.24 -23.82
C ALA L 825 61.00 41.44 -23.34
N PRO L 826 60.77 42.00 -22.14
CA PRO L 826 59.45 42.27 -21.58
C PRO L 826 58.82 43.54 -22.17
N THR L 827 58.86 43.69 -23.49
CA THR L 827 58.57 44.94 -24.21
C THR L 827 57.69 44.65 -25.42
N MET L 828 57.40 45.67 -26.23
CA MET L 828 56.38 45.62 -27.28
C MET L 828 56.46 44.36 -28.15
N ARG L 829 55.31 43.75 -28.44
CA ARG L 829 55.19 42.58 -29.32
C ARG L 829 55.87 42.78 -30.67
N GLN L 830 56.57 41.77 -31.16
CA GLN L 830 57.30 41.78 -32.43
C GLN L 830 57.02 40.54 -33.29
N GLY L 831 57.25 40.63 -34.59
CA GLY L 831 57.30 39.47 -35.49
C GLY L 831 56.04 39.24 -36.30
N GLN L 832 55.84 38.00 -36.72
CA GLN L 832 54.66 37.52 -37.45
C GLN L 832 54.08 36.28 -36.77
N PRO L 833 52.78 36.00 -36.93
CA PRO L 833 52.25 34.69 -36.59
C PRO L 833 52.98 33.61 -37.41
N TYR L 834 53.35 32.49 -36.80
CA TYR L 834 53.97 31.36 -37.49
C TYR L 834 53.87 30.10 -36.63
N PRO L 835 53.88 28.88 -37.19
CA PRO L 835 53.92 27.65 -36.41
C PRO L 835 55.07 27.67 -35.41
N ALA L 836 54.83 27.28 -34.16
CA ALA L 836 55.86 27.28 -33.15
C ALA L 836 56.86 26.16 -33.41
N ASN L 837 58.15 26.39 -33.11
CA ASN L 837 59.20 25.37 -33.25
C ASN L 837 59.69 24.81 -31.91
N PHE L 838 59.05 25.18 -30.79
CA PHE L 838 59.47 24.78 -29.44
C PHE L 838 58.30 24.84 -28.44
N PRO L 839 58.23 24.00 -27.40
CA PRO L 839 59.01 22.80 -27.15
C PRO L 839 58.44 21.60 -27.91
N TYR L 840 59.20 20.53 -28.10
CA TYR L 840 58.66 19.33 -28.70
C TYR L 840 57.50 18.78 -27.86
N PRO L 841 56.41 18.25 -28.46
CA PRO L 841 55.29 17.72 -27.71
C PRO L 841 55.65 16.41 -27.00
N LEU L 842 55.24 16.26 -25.74
CA LEU L 842 55.34 14.98 -25.02
C LEU L 842 54.02 14.19 -24.97
N ILE L 843 52.98 14.68 -25.63
CA ILE L 843 51.60 14.14 -25.56
C ILE L 843 50.95 14.02 -26.94
N GLY L 844 49.84 13.30 -27.01
CA GLY L 844 49.10 13.13 -28.25
C GLY L 844 49.72 12.09 -29.18
N GLN L 845 49.25 12.11 -30.42
CA GLN L 845 49.52 11.07 -31.41
C GLN L 845 50.92 11.18 -32.01
N THR L 846 51.52 12.37 -31.99
CA THR L 846 52.87 12.65 -32.49
C THR L 846 53.88 12.86 -31.37
N ALA L 847 53.55 12.44 -30.14
CA ALA L 847 54.41 12.63 -28.98
C ALA L 847 55.82 12.10 -29.23
N VAL L 848 56.80 12.87 -28.80
CA VAL L 848 58.21 12.61 -29.06
C VAL L 848 58.81 11.63 -28.03
N PRO L 849 59.68 10.68 -28.42
CA PRO L 849 60.41 9.83 -27.50
C PRO L 849 61.06 10.60 -26.36
N SER L 850 60.92 10.13 -25.13
CA SER L 850 61.22 10.95 -23.95
C SER L 850 61.84 10.19 -22.80
N VAL L 851 62.64 10.88 -21.99
CA VAL L 851 63.36 10.36 -20.82
C VAL L 851 62.91 11.05 -19.56
N THR L 852 62.89 10.32 -18.45
CA THR L 852 62.47 10.83 -17.14
C THR L 852 63.62 11.46 -16.37
N GLN L 853 63.30 12.49 -15.59
CA GLN L 853 64.18 13.06 -14.57
C GLN L 853 63.42 13.14 -13.26
N LYS L 854 64.08 12.85 -12.15
CA LYS L 854 63.48 12.78 -10.81
C LYS L 854 64.34 13.47 -9.79
N LYS L 855 63.73 14.20 -8.87
CA LYS L 855 64.43 14.97 -7.84
C LYS L 855 63.52 15.26 -6.67
N PHE L 856 64.06 15.83 -5.60
CA PHE L 856 63.26 16.31 -4.48
C PHE L 856 63.79 17.64 -4.00
N LEU L 857 62.96 18.37 -3.27
CA LEU L 857 63.35 19.55 -2.51
C LEU L 857 63.02 19.31 -1.04
N CYS L 858 63.70 19.99 -0.13
CA CYS L 858 63.42 19.88 1.29
C CYS L 858 63.86 21.18 2.00
N ASP L 859 62.97 22.16 2.08
CA ASP L 859 63.32 23.59 2.14
C ASP L 859 63.35 24.26 3.51
N ARG L 860 63.13 23.54 4.62
CA ARG L 860 63.35 24.12 5.97
C ARG L 860 63.95 23.15 6.98
N VAL L 861 64.15 21.91 6.59
CA VAL L 861 64.76 20.87 7.41
C VAL L 861 66.24 21.16 7.55
N MET L 862 66.93 20.50 8.47
CA MET L 862 68.34 20.23 8.31
C MET L 862 68.53 18.75 8.62
N TRP L 863 69.35 18.07 7.83
CA TRP L 863 69.42 16.62 7.85
C TRP L 863 69.85 16.13 9.21
N ARG L 864 69.24 15.06 9.72
CA ARG L 864 69.58 14.47 11.02
C ARG L 864 70.07 13.04 10.90
N ILE L 865 70.96 12.66 11.79
CA ILE L 865 71.40 11.28 12.05
C ILE L 865 71.52 11.13 13.56
N PRO L 866 70.53 10.57 14.26
CA PRO L 866 70.64 10.30 15.69
C PRO L 866 71.74 9.28 15.98
N PHE L 867 72.62 9.54 16.96
CA PHE L 867 73.56 8.54 17.47
C PHE L 867 72.82 7.60 18.40
N SER L 868 71.87 6.85 17.85
CA SER L 868 70.96 5.96 18.56
C SER L 868 70.96 4.60 17.90
N SER L 869 70.97 3.49 18.62
CA SER L 869 71.34 2.18 18.04
C SER L 869 70.41 1.67 16.94
N ASN L 870 69.17 2.16 16.90
CA ASN L 870 68.14 1.84 15.91
C ASN L 870 67.64 3.08 15.17
N PHE L 871 68.34 4.21 15.28
CA PHE L 871 67.97 5.54 14.80
C PHE L 871 66.74 6.19 15.44
N MET L 872 66.02 5.55 16.36
CA MET L 872 64.85 6.14 17.01
C MET L 872 65.22 7.03 18.19
N SER L 873 64.36 7.96 18.55
CA SER L 873 64.43 8.64 19.84
C SER L 873 63.65 7.86 20.90
N MET L 874 64.35 7.09 21.72
CA MET L 874 63.79 6.48 22.94
C MET L 874 63.99 7.36 24.19
N GLY L 875 64.87 8.34 24.14
CA GLY L 875 65.14 9.26 25.24
C GLY L 875 66.21 10.26 24.83
N ALA L 876 66.31 11.38 25.53
CA ALA L 876 67.20 12.46 25.14
C ALA L 876 68.67 12.05 25.22
N LEU L 877 69.07 11.34 26.27
CA LEU L 877 70.37 10.68 26.38
C LEU L 877 70.24 9.33 25.69
N THR L 878 70.88 9.13 24.54
CA THR L 878 70.64 7.94 23.71
C THR L 878 71.19 6.66 24.32
N ASP L 879 71.01 5.51 23.68
CA ASP L 879 71.61 4.28 24.16
C ASP L 879 73.05 4.10 23.68
N LEU L 880 73.49 4.76 22.60
CA LEU L 880 74.90 4.76 22.24
C LEU L 880 75.71 5.78 23.03
N GLY L 881 75.16 6.94 23.40
CA GLY L 881 75.87 7.95 24.21
C GLY L 881 76.23 7.51 25.64
N GLN L 882 75.76 6.35 26.07
CA GLN L 882 76.04 5.69 27.34
C GLN L 882 76.32 4.18 27.13
N ASN L 883 76.83 3.85 25.94
CA ASN L 883 77.30 2.52 25.60
C ASN L 883 78.54 2.17 26.44
N MET L 884 79.00 0.93 26.40
CA MET L 884 80.28 0.58 27.01
C MET L 884 81.44 1.28 26.29
N LEU L 885 81.43 1.39 24.96
CA LEU L 885 82.51 2.04 24.20
C LEU L 885 82.54 3.55 24.47
N TYR L 886 81.56 4.29 23.92
CA TYR L 886 81.68 5.72 23.72
C TYR L 886 81.68 6.56 25.00
N ALA L 887 81.11 6.05 26.09
CA ALA L 887 81.25 6.67 27.39
C ALA L 887 82.62 6.41 28.05
N ASN L 888 83.37 5.39 27.60
CA ASN L 888 84.68 5.05 28.15
C ASN L 888 85.88 5.49 27.30
N SER L 889 85.96 5.11 26.03
CA SER L 889 87.19 5.26 25.25
C SER L 889 87.12 6.39 24.23
N ALA L 890 88.14 7.23 24.19
CA ALA L 890 88.19 8.37 23.31
C ALA L 890 88.50 7.99 21.86
N HIS L 891 87.50 8.02 20.99
CA HIS L 891 87.66 7.78 19.56
C HIS L 891 87.97 9.06 18.79
N ALA L 892 88.74 9.00 17.71
CA ALA L 892 88.75 10.04 16.70
C ALA L 892 87.56 9.84 15.74
N LEU L 893 87.11 10.87 15.04
CA LEU L 893 86.07 10.73 14.01
C LEU L 893 86.49 11.36 12.70
N ASP L 894 86.30 10.61 11.62
CA ASP L 894 86.45 11.04 10.24
C ASP L 894 85.08 11.01 9.54
N MET L 895 84.65 12.12 8.95
CA MET L 895 83.43 12.22 8.16
C MET L 895 83.73 12.72 6.77
N THR L 896 82.93 12.34 5.79
CA THR L 896 83.14 12.81 4.42
C THR L 896 81.82 12.92 3.69
N PHE L 897 81.64 13.98 2.92
CA PHE L 897 80.42 14.23 2.19
C PHE L 897 80.69 14.36 0.69
N GLU L 898 79.79 13.83 -0.11
CA GLU L 898 79.72 13.99 -1.56
C GLU L 898 78.49 14.82 -1.89
N VAL L 899 78.65 15.86 -2.69
CA VAL L 899 77.64 16.90 -2.90
C VAL L 899 77.60 17.41 -4.34
N ASP L 900 76.49 17.98 -4.79
CA ASP L 900 76.44 18.67 -6.09
C ASP L 900 77.39 19.89 -6.10
N PRO L 901 78.19 20.13 -7.15
CA PRO L 901 79.05 21.31 -7.25
C PRO L 901 78.23 22.58 -7.52
N MET L 902 78.61 23.70 -6.92
CA MET L 902 77.78 24.92 -6.88
C MET L 902 78.18 26.05 -7.84
N ASP L 903 79.42 26.08 -8.29
CA ASP L 903 80.01 27.25 -8.98
C ASP L 903 80.08 28.55 -8.15
N GLU L 904 79.82 28.50 -6.85
CA GLU L 904 80.09 29.58 -5.89
C GLU L 904 80.45 28.98 -4.51
N PRO L 905 81.23 29.67 -3.67
CA PRO L 905 81.74 29.08 -2.45
C PRO L 905 80.61 28.84 -1.45
N THR L 906 80.66 27.70 -0.76
CA THR L 906 79.63 27.29 0.20
C THR L 906 80.25 26.77 1.46
N LEU L 907 79.44 26.61 2.50
CA LEU L 907 79.85 26.02 3.76
C LEU L 907 79.05 24.74 4.01
N LEU L 908 79.71 23.70 4.46
CA LEU L 908 79.05 22.68 5.26
C LEU L 908 78.79 23.30 6.62
N TYR L 909 77.55 23.28 7.06
CA TYR L 909 77.19 23.59 8.43
C TYR L 909 76.91 22.27 9.11
N LEU L 910 77.74 21.94 10.09
CA LEU L 910 77.70 20.70 10.85
C LEU L 910 77.45 21.01 12.31
N LEU L 911 76.38 20.45 12.87
CA LEU L 911 76.03 20.57 14.27
C LEU L 911 76.30 19.21 14.90
N PHE L 912 77.22 19.18 15.86
CA PHE L 912 77.37 18.06 16.74
C PHE L 912 76.35 18.21 17.84
N GLU L 913 75.33 17.37 17.90
CA GLU L 913 74.29 17.46 18.91
C GLU L 913 74.82 16.88 20.22
N VAL L 914 74.70 17.68 21.27
CA VAL L 914 75.26 17.41 22.60
C VAL L 914 74.19 17.73 23.64
N PHE L 915 74.51 17.68 24.92
CA PHE L 915 73.80 18.45 25.92
C PHE L 915 74.49 19.79 26.09
N ASP L 916 73.75 20.85 26.40
CA ASP L 916 74.28 22.20 26.63
C ASP L 916 73.42 22.87 27.70
N VAL L 917 73.81 22.69 28.95
CA VAL L 917 72.97 22.87 30.12
C VAL L 917 73.59 23.88 31.07
N VAL L 918 72.73 24.59 31.79
CA VAL L 918 73.12 25.50 32.87
C VAL L 918 72.30 25.25 34.14
N ARG L 919 72.93 25.41 35.31
CA ARG L 919 72.28 25.43 36.63
C ARG L 919 72.57 26.77 37.27
N VAL L 920 71.59 27.39 37.92
CA VAL L 920 71.69 28.75 38.45
C VAL L 920 71.30 28.81 39.93
N HIS L 921 72.27 29.16 40.78
CA HIS L 921 72.15 29.20 42.24
C HIS L 921 72.15 30.65 42.71
N GLN L 922 71.18 31.06 43.53
CA GLN L 922 70.99 32.44 44.01
C GLN L 922 71.01 32.53 45.53
N PRO L 923 72.14 32.25 46.19
CA PRO L 923 72.19 31.97 47.62
C PRO L 923 71.91 33.15 48.55
N HIS L 924 72.04 34.39 48.06
CA HIS L 924 71.94 35.61 48.86
C HIS L 924 71.31 36.74 48.04
N ARG L 925 70.77 37.77 48.68
CA ARG L 925 70.21 38.95 48.00
C ARG L 925 71.19 39.49 46.96
N GLY L 926 70.74 39.58 45.71
CA GLY L 926 71.53 40.13 44.60
C GLY L 926 72.77 39.32 44.24
N VAL L 927 72.80 38.02 44.50
CA VAL L 927 73.88 37.13 44.08
C VAL L 927 73.39 36.15 43.03
N ILE L 928 74.10 36.03 41.91
CA ILE L 928 73.91 34.95 40.94
C ILE L 928 75.21 34.15 40.80
N GLU L 929 75.18 32.85 41.07
CA GLU L 929 76.19 31.89 40.61
C GLU L 929 75.58 31.08 39.48
N ALA L 930 76.30 30.91 38.37
CA ALA L 930 75.83 30.13 37.24
C ALA L 930 76.89 29.13 36.80
N VAL L 931 76.49 27.88 36.55
CA VAL L 931 77.42 26.80 36.21
C VAL L 931 77.01 26.19 34.89
N TYR L 932 77.95 26.13 33.94
CA TYR L 932 77.73 25.59 32.62
C TYR L 932 78.45 24.26 32.42
N LEU L 933 77.75 23.33 31.79
CA LEU L 933 78.35 22.16 31.18
C LEU L 933 77.64 21.91 29.87
N ARG L 934 78.35 22.15 28.78
CA ARG L 934 78.11 21.45 27.53
C ARG L 934 78.81 20.10 27.58
N THR L 935 78.25 19.05 27.02
CA THR L 935 78.91 17.74 27.00
C THR L 935 78.29 16.84 25.94
N PRO L 936 79.08 16.12 25.12
CA PRO L 936 80.52 16.23 24.97
C PRO L 936 80.87 17.58 24.30
N PHE L 937 82.10 17.76 23.84
CA PHE L 937 82.59 19.08 23.43
C PHE L 937 82.42 20.11 24.56
N SER L 938 82.74 19.73 25.80
CA SER L 938 82.78 20.65 26.93
C SER L 938 83.73 21.79 26.64
N ALA L 939 83.34 23.03 26.96
CA ALA L 939 83.90 24.22 26.32
C ALA L 939 84.78 25.11 27.20
N GLY L 940 85.15 24.70 28.41
CA GLY L 940 85.86 25.59 29.33
C GLY L 940 86.95 24.94 30.16
N ASN L 941 88.15 25.51 30.05
CA ASN L 941 89.26 25.59 31.01
C ASN L 941 90.45 26.28 30.30
N MET M 1 25.57 -19.23 21.53
CA MET M 1 26.68 -18.75 20.66
C MET M 1 27.88 -18.16 21.42
N MET M 2 27.80 -17.88 22.72
CA MET M 2 28.93 -17.24 23.44
C MET M 2 30.31 -17.90 23.28
N PRO M 3 30.50 -19.23 23.21
CA PRO M 3 31.86 -19.77 23.07
C PRO M 3 32.56 -19.27 21.80
N GLN M 4 31.85 -19.24 20.67
CA GLN M 4 32.42 -18.73 19.43
C GLN M 4 32.70 -17.24 19.57
N TRP M 5 31.79 -16.45 20.14
CA TRP M 5 32.00 -15.01 20.30
C TRP M 5 33.16 -14.68 21.22
N ALA M 6 33.30 -15.41 22.31
CA ALA M 6 34.39 -15.21 23.26
C ALA M 6 35.73 -15.63 22.65
N TYR M 7 35.76 -16.61 21.76
CA TYR M 7 36.97 -17.06 21.10
C TYR M 7 37.39 -16.09 20.01
N MET M 8 36.43 -15.54 19.29
CA MET M 8 36.67 -14.56 18.23
C MET M 8 36.81 -13.14 18.76
N HIS M 9 36.75 -12.92 20.07
CA HIS M 9 36.82 -11.60 20.70
C HIS M 9 35.72 -10.65 20.20
N ILE M 10 34.56 -11.19 19.86
CA ILE M 10 33.36 -10.45 19.48
C ILE M 10 32.64 -9.96 20.74
N ALA M 11 32.69 -10.79 21.78
CA ALA M 11 32.15 -10.58 23.12
C ALA M 11 33.17 -11.05 24.15
N GLY M 12 32.89 -10.87 25.42
CA GLY M 12 33.78 -11.34 26.47
C GLY M 12 34.71 -10.29 27.05
N GLN M 13 36.02 -10.49 26.88
CA GLN M 13 37.07 -9.69 27.50
C GLN M 13 37.94 -8.78 26.63
N ASP M 14 38.28 -7.63 27.20
CA ASP M 14 39.25 -6.67 26.69
C ASP M 14 40.63 -7.36 26.57
N ALA M 15 41.44 -7.02 25.58
CA ALA M 15 42.73 -7.66 25.37
C ALA M 15 43.70 -7.53 26.54
N SER M 16 43.57 -6.53 27.40
CA SER M 16 44.43 -6.41 28.58
C SER M 16 44.08 -7.47 29.63
N GLU M 17 42.91 -8.11 29.52
CA GLU M 17 42.47 -9.16 30.42
C GLU M 17 42.77 -10.53 29.86
N TYR M 18 42.54 -10.79 28.56
CA TYR M 18 42.80 -12.14 28.04
C TYR M 18 44.26 -12.43 27.77
N LEU M 19 45.05 -11.47 27.29
CA LEU M 19 46.47 -11.71 27.03
C LEU M 19 47.23 -11.96 28.33
N SER M 20 48.20 -12.86 28.30
CA SER M 20 48.94 -13.21 29.50
C SER M 20 49.64 -11.96 30.05
N PRO M 21 49.67 -11.77 31.37
CA PRO M 21 50.20 -10.54 31.94
C PRO M 21 51.70 -10.35 31.70
N GLY M 22 52.46 -11.38 31.34
CA GLY M 22 53.81 -11.20 30.79
C GLY M 22 53.80 -10.34 29.51
N LEU M 23 52.97 -10.70 28.52
CA LEU M 23 52.88 -9.96 27.28
C LEU M 23 52.29 -8.57 27.48
N VAL M 24 51.34 -8.40 28.39
CA VAL M 24 50.79 -7.06 28.67
C VAL M 24 51.88 -6.18 29.26
N GLN M 25 52.68 -6.65 30.23
CA GLN M 25 53.81 -5.88 30.74
C GLN M 25 54.89 -5.60 29.70
N PHE M 26 55.13 -6.51 28.76
CA PHE M 26 56.02 -6.24 27.62
C PHE M 26 55.45 -5.12 26.77
N ALA M 27 54.23 -5.26 26.25
CA ALA M 27 53.59 -4.28 25.38
C ALA M 27 53.52 -2.89 26.03
N ARG M 28 53.16 -2.84 27.30
CA ARG M 28 53.08 -1.63 28.12
C ARG M 28 54.44 -0.97 28.33
N ALA M 29 55.55 -1.72 28.36
CA ALA M 29 56.87 -1.15 28.55
C ALA M 29 57.50 -0.60 27.26
N THR M 30 57.25 -1.24 26.12
CA THR M 30 57.89 -0.91 24.83
C THR M 30 57.06 -0.04 23.88
N ASP M 31 55.79 0.26 24.17
CA ASP M 31 54.90 0.96 23.23
C ASP M 31 55.41 2.29 22.66
N THR M 32 56.38 2.95 23.28
CA THR M 32 56.98 4.16 22.72
C THR M 32 57.90 3.91 21.53
N TYR M 33 58.37 2.68 21.30
CA TYR M 33 59.28 2.33 20.19
C TYR M 33 58.94 1.04 19.45
N PHE M 34 58.26 0.07 20.05
CA PHE M 34 57.76 -1.07 19.31
C PHE M 34 56.37 -1.41 19.82
N SER M 35 55.34 -1.28 19.01
CA SER M 35 53.97 -1.31 19.50
C SER M 35 53.23 -2.58 19.10
N LEU M 36 52.68 -3.27 20.10
CA LEU M 36 51.83 -4.44 19.93
C LEU M 36 50.35 -4.10 20.05
N GLY M 37 49.98 -2.81 20.08
CA GLY M 37 48.61 -2.40 20.34
C GLY M 37 47.58 -2.79 19.27
N ASN M 38 47.92 -2.71 17.99
CA ASN M 38 46.94 -2.82 16.91
C ASN M 38 46.70 -4.25 16.44
N LYS M 39 47.03 -5.27 17.24
CA LYS M 39 47.10 -6.68 16.80
C LYS M 39 46.18 -7.62 17.56
N PHE M 40 45.30 -7.06 18.37
CA PHE M 40 44.36 -7.79 19.18
C PHE M 40 43.04 -7.02 19.19
N ARG M 41 41.91 -7.72 19.21
CA ARG M 41 40.59 -7.08 19.26
C ARG M 41 40.07 -7.00 20.67
N ASN M 42 39.41 -5.89 21.00
CA ASN M 42 38.59 -5.80 22.20
C ASN M 42 37.11 -5.85 21.80
N PRO M 43 36.26 -6.56 22.52
CA PRO M 43 34.84 -6.50 22.30
C PRO M 43 34.28 -5.21 22.88
N THR M 44 33.18 -4.71 22.34
CA THR M 44 32.44 -3.62 22.98
C THR M 44 31.00 -4.05 22.81
N VAL M 45 30.21 -4.06 23.87
CA VAL M 45 28.86 -4.60 23.81
C VAL M 45 27.84 -3.64 24.41
N ALA M 46 26.77 -3.28 23.69
CA ALA M 46 25.75 -2.39 24.23
C ALA M 46 24.84 -3.10 25.24
N PRO M 47 24.29 -2.42 26.26
CA PRO M 47 23.42 -3.06 27.25
C PRO M 47 22.06 -3.41 26.66
N THR M 48 21.59 -4.63 26.90
CA THR M 48 20.28 -5.12 26.42
C THR M 48 19.11 -4.86 27.36
N HIS M 49 19.42 -4.55 28.61
CA HIS M 49 18.46 -4.65 29.69
C HIS M 49 17.49 -3.51 29.99
N ASP M 50 17.95 -2.36 30.47
CA ASP M 50 17.09 -1.27 30.95
C ASP M 50 17.25 0.06 30.21
N VAL M 51 17.77 0.03 28.99
CA VAL M 51 18.10 1.26 28.25
C VAL M 51 16.99 1.73 27.32
N THR M 52 16.25 0.84 26.66
CA THR M 52 15.19 1.23 25.73
C THR M 52 13.89 0.52 25.99
N THR M 53 12.77 1.25 25.89
CA THR M 53 11.45 0.68 26.15
C THR M 53 10.95 -0.25 25.04
N ASP M 54 10.30 -1.30 25.50
CA ASP M 54 9.70 -2.39 24.74
C ASP M 54 8.22 -2.15 24.51
N ARG M 55 7.75 -0.91 24.70
CA ARG M 55 6.39 -0.44 24.41
C ARG M 55 6.33 0.37 23.12
N SER M 56 5.14 0.43 22.54
CA SER M 56 4.86 1.42 21.49
C SER M 56 5.04 2.79 22.07
N GLN M 57 5.84 3.64 21.41
CA GLN M 57 6.05 5.01 21.84
C GLN M 57 6.80 5.82 20.79
N ARG M 58 6.33 7.04 20.49
CA ARG M 58 6.91 8.01 19.53
C ARG M 58 8.29 8.50 19.89
N LEU M 59 9.06 8.83 18.86
CA LEU M 59 10.32 9.55 19.03
C LEU M 59 10.05 11.04 18.91
N THR M 60 9.31 11.49 17.89
CA THR M 60 9.04 12.91 17.64
C THR M 60 7.54 13.26 17.69
N LEU M 61 7.14 14.22 18.50
CA LEU M 61 5.77 14.72 18.61
C LEU M 61 5.65 16.12 18.03
N ARG M 62 4.59 16.40 17.27
CA ARG M 62 4.30 17.70 16.66
C ARG M 62 3.04 18.29 17.28
N PHE M 63 3.10 19.47 17.87
CA PHE M 63 1.94 20.11 18.47
C PHE M 63 1.46 21.33 17.70
N VAL M 64 0.19 21.33 17.25
CA VAL M 64 -0.41 22.50 16.61
C VAL M 64 -0.85 23.46 17.72
N PRO M 65 -0.94 24.78 17.50
CA PRO M 65 -1.36 25.69 18.54
C PRO M 65 -2.78 25.43 19.04
N VAL M 66 -3.00 25.53 20.35
CA VAL M 66 -4.36 25.45 20.92
C VAL M 66 -5.05 26.80 20.78
N ASP M 67 -4.26 27.86 20.61
CA ASP M 67 -4.69 29.23 20.45
C ASP M 67 -3.60 30.02 19.71
N ARG M 68 -3.97 31.08 18.99
CA ARG M 68 -3.02 31.96 18.29
C ARG M 68 -3.53 33.38 18.19
N GLU M 69 -2.65 34.37 18.07
CA GLU M 69 -2.98 35.82 17.96
C GLU M 69 -2.08 36.54 16.94
N ASP M 70 -2.41 36.46 15.66
CA ASP M 70 -1.72 37.20 14.60
C ASP M 70 -2.10 38.70 14.70
N THR M 71 -1.11 39.60 14.68
CA THR M 71 -1.29 41.06 14.91
C THR M 71 -0.46 41.93 13.96
N THR M 72 -0.60 43.25 14.08
CA THR M 72 0.00 44.24 13.17
C THR M 72 1.47 44.01 12.89
N TYR M 73 2.21 43.58 13.91
CA TYR M 73 3.67 43.42 13.90
C TYR M 73 4.17 42.17 14.63
N SER M 74 3.30 41.34 15.21
CA SER M 74 3.71 40.10 15.88
C SER M 74 2.72 38.97 15.67
N TYR M 75 3.15 37.74 15.90
CA TYR M 75 2.38 36.52 15.88
C TYR M 75 2.59 35.85 17.23
N LYS M 76 1.56 35.36 17.88
CA LYS M 76 1.68 34.67 19.16
C LYS M 76 0.95 33.35 19.09
N ALA M 77 1.47 32.31 19.71
CA ALA M 77 0.90 30.99 19.67
C ALA M 77 1.04 30.28 21.00
N ARG M 78 0.06 29.47 21.39
CA ARG M 78 0.08 28.67 22.62
C ARG M 78 0.03 27.19 22.29
N PHE M 79 0.85 26.39 22.94
CA PHE M 79 0.90 24.95 22.79
C PHE M 79 0.67 24.26 24.12
N THR M 80 0.01 23.11 24.13
CA THR M 80 -0.08 22.30 25.35
C THR M 80 1.04 21.28 25.22
N LEU M 81 2.21 21.59 25.76
CA LEU M 81 3.38 20.72 25.72
C LEU M 81 3.18 19.56 26.70
N ALA M 82 2.49 18.53 26.26
CA ALA M 82 2.19 17.35 27.05
C ALA M 82 3.33 16.35 27.10
N VAL M 83 4.15 16.37 28.16
CA VAL M 83 5.18 15.33 28.36
C VAL M 83 4.39 14.15 28.92
N GLY M 84 4.15 13.12 28.11
CA GLY M 84 3.39 11.95 28.55
C GLY M 84 4.07 11.21 29.68
N ASP M 85 3.45 10.20 30.26
CA ASP M 85 4.01 9.48 31.41
C ASP M 85 5.22 8.60 31.07
N ASN M 86 6.00 8.21 32.07
CA ASN M 86 7.21 7.37 31.96
C ASN M 86 8.22 7.84 30.89
N ARG M 87 8.29 9.14 30.67
CA ARG M 87 9.17 9.83 29.71
C ARG M 87 9.87 10.99 30.39
N VAL M 88 10.90 11.52 29.74
CA VAL M 88 11.48 12.81 30.06
C VAL M 88 11.82 13.51 28.75
N LEU M 89 11.67 14.82 28.70
CA LEU M 89 11.95 15.63 27.53
C LEU M 89 13.14 16.54 27.80
N ASP M 90 14.20 16.51 27.01
CA ASP M 90 15.17 17.58 27.05
C ASP M 90 14.72 18.70 26.12
N MET M 91 14.48 19.89 26.67
CA MET M 91 14.03 21.07 25.95
C MET M 91 14.98 21.49 24.84
N ALA M 92 16.23 21.03 24.83
CA ALA M 92 17.17 21.30 23.75
C ALA M 92 16.67 20.65 22.45
N SER M 93 15.77 19.66 22.54
CA SER M 93 15.14 19.00 21.39
C SER M 93 13.80 19.61 21.03
N THR M 94 13.58 20.89 21.30
CA THR M 94 12.32 21.56 20.96
C THR M 94 12.61 22.79 20.15
N TYR M 95 11.78 23.03 19.15
CA TYR M 95 11.91 24.15 18.24
C TYR M 95 10.58 24.41 17.57
N PHE M 96 10.42 25.61 17.04
CA PHE M 96 9.20 26.03 16.38
C PHE M 96 9.39 25.89 14.88
N ASP M 97 8.55 25.08 14.26
CA ASP M 97 8.58 24.78 12.85
C ASP M 97 7.66 25.80 12.17
N ILE M 98 8.19 26.95 11.79
CA ILE M 98 7.43 28.04 11.17
C ILE M 98 7.35 27.88 9.66
N ARG M 99 6.17 28.07 9.08
CA ARG M 99 5.97 28.11 7.63
C ARG M 99 5.24 29.39 7.31
N GLY M 100 5.60 30.01 6.21
CA GLY M 100 5.01 31.27 5.79
C GLY M 100 5.50 31.69 4.43
N VAL M 101 5.38 32.96 4.08
CA VAL M 101 5.87 33.46 2.80
C VAL M 101 6.47 34.86 2.89
N LEU M 102 7.68 35.01 2.36
CA LEU M 102 8.41 36.26 2.26
C LEU M 102 8.22 36.92 0.91
N ASP M 103 8.23 38.24 0.94
CA ASP M 103 8.41 39.05 -0.24
C ASP M 103 9.59 39.89 0.20
N ARG M 104 10.74 39.76 -0.43
CA ARG M 104 11.94 40.53 -0.07
C ARG M 104 11.87 41.95 -0.63
N GLY M 105 10.86 42.28 -1.43
CA GLY M 105 10.69 43.58 -2.04
C GLY M 105 11.64 43.82 -3.22
N PRO M 106 11.44 44.92 -3.96
CA PRO M 106 12.25 45.26 -5.13
C PRO M 106 13.71 45.58 -4.85
N SER M 107 14.04 45.92 -3.61
CA SER M 107 15.41 46.25 -3.19
C SER M 107 16.33 45.04 -3.08
N PHE M 108 15.82 43.83 -3.18
CA PHE M 108 16.60 42.60 -3.12
C PHE M 108 17.33 42.34 -4.43
N LYS M 109 18.62 42.05 -4.38
CA LYS M 109 19.44 41.74 -5.54
C LYS M 109 20.57 40.81 -5.11
N PRO M 110 20.45 39.48 -5.22
CA PRO M 110 21.45 38.56 -4.75
C PRO M 110 22.65 38.34 -5.69
N TYR M 111 23.09 39.35 -6.44
CA TYR M 111 24.26 39.20 -7.30
C TYR M 111 24.86 40.54 -7.68
N SER M 112 26.16 40.54 -7.98
CA SER M 112 26.89 41.69 -8.48
C SER M 112 26.74 41.73 -10.00
N GLY M 113 26.80 42.88 -10.64
CA GLY M 113 26.67 42.96 -12.11
C GLY M 113 25.24 42.81 -12.61
N THR M 114 25.05 42.28 -13.82
CA THR M 114 23.73 42.13 -14.48
C THR M 114 23.55 40.81 -15.22
N ALA M 115 22.32 40.33 -15.35
CA ALA M 115 22.03 39.11 -16.06
C ALA M 115 21.84 39.31 -17.57
N TYR M 116 21.50 40.53 -18.01
CA TYR M 116 21.16 40.82 -19.40
C TYR M 116 22.23 41.58 -20.18
N ASN M 117 22.72 41.02 -21.28
CA ASN M 117 23.72 41.63 -22.17
C ASN M 117 24.96 42.15 -21.44
N SER M 118 25.41 41.45 -20.41
CA SER M 118 26.56 41.83 -19.58
C SER M 118 27.88 42.04 -20.31
N LEU M 119 28.10 41.42 -21.48
CA LEU M 119 29.27 41.66 -22.33
C LEU M 119 29.15 42.91 -23.21
N ALA M 120 27.96 43.46 -23.43
CA ALA M 120 27.80 44.67 -24.23
C ALA M 120 28.64 45.79 -23.64
N PRO M 121 29.34 46.59 -24.45
CA PRO M 121 29.99 47.78 -23.97
C PRO M 121 28.96 48.65 -23.27
N LYS M 122 29.32 49.27 -22.15
CA LYS M 122 28.49 50.31 -21.54
C LYS M 122 28.52 51.54 -22.45
N SER M 123 27.40 52.24 -22.58
CA SER M 123 27.17 53.28 -23.60
C SER M 123 26.97 52.78 -25.04
N ALA M 124 26.90 51.46 -25.30
CA ALA M 124 26.41 50.96 -26.58
C ALA M 124 24.88 50.91 -26.57
N PRO M 125 24.18 51.61 -27.47
CA PRO M 125 22.73 51.56 -27.55
C PRO M 125 22.22 50.36 -28.34
N ASN M 126 20.98 49.95 -28.05
CA ASN M 126 20.31 48.94 -28.85
C ASN M 126 20.06 49.54 -30.22
N PRO M 127 20.16 48.79 -31.32
CA PRO M 127 19.75 49.27 -32.63
C PRO M 127 18.34 49.86 -32.56
N SER M 128 18.17 51.14 -32.88
CA SER M 128 16.97 51.91 -32.57
C SER M 128 16.73 53.11 -33.46
N GLN M 129 15.54 53.71 -33.34
CA GLN M 129 15.08 54.83 -34.14
C GLN M 129 14.55 56.02 -33.34
N TRP M 130 14.54 57.18 -33.98
CA TRP M 130 14.03 58.43 -33.43
C TRP M 130 13.52 59.33 -34.55
N THR M 131 13.20 60.59 -34.27
CA THR M 131 12.64 61.50 -35.29
C THR M 131 13.27 62.87 -35.30
N ALA M 132 13.14 63.54 -36.44
CA ALA M 132 13.59 64.90 -36.74
C ALA M 132 15.10 65.10 -36.53
N ASN M 133 15.92 64.12 -36.90
CA ASN M 133 17.38 64.21 -36.75
C ASN M 133 18.06 65.18 -37.74
N GLU M 134 17.92 64.92 -39.03
CA GLU M 134 18.47 65.78 -40.08
C GLU M 134 17.27 66.52 -40.66
N LYS M 135 17.39 67.84 -40.71
CA LYS M 135 16.27 68.68 -41.14
C LYS M 135 16.73 69.79 -42.07
N GLN M 136 18.02 70.06 -42.20
CA GLN M 136 18.47 71.13 -43.08
C GLN M 136 18.26 70.96 -44.59
N THR M 137 17.14 71.45 -45.04
CA THR M 137 16.72 71.77 -46.39
C THR M 137 16.83 73.29 -46.59
N GLY M 138 15.76 74.00 -46.95
CA GLY M 138 15.78 75.34 -47.56
C GLY M 138 15.01 74.91 -48.80
N GLY M 139 13.66 74.83 -48.66
CA GLY M 139 12.85 75.43 -47.56
C GLY M 139 12.17 74.83 -46.31
N GLN M 140 12.45 73.63 -45.80
CA GLN M 140 11.75 73.10 -44.60
C GLN M 140 12.51 72.44 -43.43
N PRO M 141 12.11 72.57 -42.14
CA PRO M 141 12.67 71.69 -41.11
C PRO M 141 12.01 70.34 -41.46
N LYS M 142 12.69 69.46 -42.20
CA LYS M 142 12.07 68.27 -42.82
C LYS M 142 11.39 67.22 -41.90
N SER M 143 11.79 67.04 -40.64
CA SER M 143 11.15 66.12 -39.67
C SER M 143 11.04 64.63 -40.05
N VAL M 144 12.12 64.06 -40.57
CA VAL M 144 12.26 62.65 -40.97
C VAL M 144 12.41 61.66 -39.80
N THR M 145 12.22 60.38 -40.04
CA THR M 145 12.55 59.31 -39.08
C THR M 145 14.04 59.00 -39.27
N GLN M 146 14.74 58.57 -38.22
CA GLN M 146 16.18 58.29 -38.28
C GLN M 146 16.51 57.00 -37.51
N THR M 147 17.59 56.31 -37.89
CA THR M 147 17.99 55.01 -37.34
C THR M 147 19.49 54.88 -37.09
N PHE M 148 19.85 54.06 -36.11
CA PHE M 148 21.20 53.56 -35.87
C PHE M 148 21.13 52.06 -35.63
N GLY M 149 22.07 51.26 -36.14
CA GLY M 149 22.06 49.83 -35.89
C GLY M 149 23.10 49.04 -36.67
N SER M 150 22.87 47.75 -36.79
CA SER M 150 23.65 46.86 -37.64
C SER M 150 22.76 45.80 -38.26
N ALA M 151 23.22 45.18 -39.34
CA ALA M 151 22.50 44.18 -40.09
C ALA M 151 23.38 42.93 -40.23
N PRO M 152 23.32 42.00 -39.27
CA PRO M 152 24.18 40.83 -39.26
C PRO M 152 23.67 39.69 -40.13
N MET M 153 22.38 39.59 -40.41
CA MET M 153 21.82 38.49 -41.20
C MET M 153 22.05 38.69 -42.69
N GLY M 154 23.01 38.00 -43.29
CA GLY M 154 23.25 38.12 -44.73
C GLY M 154 22.21 37.34 -45.55
N GLY M 155 22.00 37.68 -46.82
CA GLY M 155 21.01 37.01 -47.66
C GLY M 155 21.19 37.27 -49.16
N SER M 156 20.33 36.67 -49.97
CA SER M 156 20.45 36.70 -51.43
C SER M 156 19.73 37.82 -52.16
N ASN M 157 18.68 38.43 -51.58
CA ASN M 157 17.88 39.48 -52.22
C ASN M 157 17.01 40.19 -51.16
N ILE M 158 16.44 41.35 -51.50
CA ILE M 158 15.51 42.12 -50.66
C ILE M 158 14.29 42.52 -51.49
N THR M 159 13.10 42.37 -50.93
CA THR M 159 11.80 42.65 -51.59
C THR M 159 10.81 43.27 -50.60
N ILE M 160 9.57 43.56 -51.01
CA ILE M 160 8.51 43.94 -50.03
C ILE M 160 8.32 42.88 -48.94
N GLU M 161 8.55 41.61 -49.25
CA GLU M 161 8.42 40.51 -48.29
C GLU M 161 9.63 40.42 -47.35
N GLY M 162 10.65 41.26 -47.55
CA GLY M 162 11.85 41.32 -46.74
C GLY M 162 13.06 40.63 -47.35
N LEU M 163 13.95 40.20 -46.48
CA LEU M 163 15.21 39.53 -46.79
C LEU M 163 15.04 38.06 -47.21
N VAL M 164 15.63 37.69 -48.35
CA VAL M 164 15.66 36.32 -48.84
C VAL M 164 16.78 35.58 -48.11
N ILE M 165 16.44 34.76 -47.12
CA ILE M 165 17.43 34.02 -46.31
C ILE M 165 17.78 32.64 -46.87
N GLY M 166 16.99 32.14 -47.81
CA GLY M 166 17.23 30.83 -48.41
C GLY M 166 16.39 30.62 -49.66
N THR M 167 16.51 29.42 -50.22
CA THR M 167 15.85 29.03 -51.47
C THR M 167 15.52 27.54 -51.45
N LYS M 168 14.56 27.12 -52.27
CA LYS M 168 14.19 25.71 -52.45
C LYS M 168 14.09 25.40 -53.93
N GLU M 169 14.35 24.14 -54.27
CA GLU M 169 14.47 23.77 -55.68
C GLU M 169 13.24 23.94 -56.53
N GLU M 170 12.07 23.30 -56.37
CA GLU M 170 10.93 23.67 -57.25
C GLU M 170 11.17 23.50 -58.78
N GLU M 171 12.40 23.25 -59.27
CA GLU M 171 12.77 23.79 -60.56
C GLU M 171 12.48 23.10 -61.87
N GLY M 172 11.70 22.03 -62.06
CA GLY M 172 11.02 21.93 -63.39
C GLY M 172 11.43 23.08 -64.37
N ASN M 173 11.05 24.29 -63.89
CA ASN M 173 11.50 25.66 -64.21
C ASN M 173 11.79 26.66 -63.00
N ALA M 174 11.13 26.46 -61.83
CA ALA M 174 10.86 27.37 -60.66
C ALA M 174 11.57 27.71 -59.29
N THR M 175 12.86 27.66 -58.93
CA THR M 175 13.27 27.93 -57.51
C THR M 175 12.60 29.10 -56.73
N GLU M 176 11.96 28.80 -55.58
CA GLU M 176 11.28 29.76 -54.69
C GLU M 176 12.20 30.46 -53.66
N GLU M 177 12.04 31.77 -53.53
CA GLU M 177 12.75 32.61 -52.57
C GLU M 177 12.11 32.48 -51.19
N ILE M 178 12.85 32.04 -50.17
CA ILE M 178 12.36 31.89 -48.81
C ILE M 178 12.69 33.16 -48.01
N PHE M 179 11.66 33.94 -47.70
CA PHE M 179 11.76 35.16 -46.90
C PHE M 179 11.76 34.87 -45.41
N ALA M 180 12.50 35.63 -44.61
CA ALA M 180 12.54 35.48 -43.16
C ALA M 180 11.15 35.70 -42.52
N ASP M 181 10.69 34.83 -41.62
CA ASP M 181 9.45 35.07 -40.88
C ASP M 181 9.72 36.20 -39.88
N LYS M 182 9.21 37.39 -40.17
CA LYS M 182 9.45 38.58 -39.37
C LYS M 182 9.10 38.46 -37.89
N THR M 183 8.22 37.55 -37.50
CA THR M 183 7.80 37.39 -36.10
C THR M 183 8.92 36.92 -35.19
N PHE M 184 10.01 36.37 -35.74
CA PHE M 184 11.16 35.94 -34.94
C PHE M 184 12.50 35.99 -35.70
N GLN M 185 12.50 35.77 -37.02
CA GLN M 185 13.68 35.96 -37.86
C GLN M 185 13.72 37.42 -38.32
N PRO M 186 14.88 38.02 -38.58
CA PRO M 186 16.21 37.47 -38.39
C PRO M 186 16.52 37.45 -36.89
N GLU M 187 17.08 36.36 -36.39
CA GLU M 187 17.44 36.25 -35.00
C GLU M 187 18.63 37.16 -34.70
N PRO M 188 18.66 37.92 -33.60
CA PRO M 188 19.78 38.80 -33.33
C PRO M 188 21.06 38.05 -32.99
N GLN M 189 20.96 36.82 -32.49
CA GLN M 189 22.09 35.99 -32.12
C GLN M 189 22.71 35.24 -33.29
N VAL M 190 22.18 35.38 -34.50
CA VAL M 190 22.71 34.75 -35.72
C VAL M 190 23.32 35.81 -36.63
N GLY M 191 24.50 35.53 -37.15
CA GLY M 191 25.17 36.41 -38.10
C GLY M 191 26.11 35.63 -39.01
N GLU M 192 27.03 36.30 -39.65
CA GLU M 192 28.01 35.68 -40.56
C GLU M 192 28.97 34.79 -39.74
N GLU M 193 29.32 33.63 -40.27
CA GLU M 193 30.16 32.64 -39.59
C GLU M 193 31.62 33.01 -39.31
N ASN M 194 32.28 33.84 -40.12
CA ASN M 194 33.70 34.17 -39.96
C ASN M 194 34.12 35.56 -40.46
N TRP M 195 35.21 36.13 -39.94
CA TRP M 195 35.61 37.51 -40.28
C TRP M 195 35.91 37.82 -41.77
N GLN M 196 36.16 36.81 -42.60
CA GLN M 196 36.38 36.89 -44.06
C GLN M 196 35.10 37.33 -44.80
N GLU M 197 34.09 37.47 -43.99
CA GLU M 197 32.67 37.73 -44.03
C GLU M 197 32.40 38.61 -45.30
N THR M 198 31.33 38.32 -46.06
CA THR M 198 30.44 39.34 -46.63
C THR M 198 29.44 38.85 -47.70
N GLU M 199 28.16 38.75 -47.38
CA GLU M 199 27.06 38.47 -48.32
C GLU M 199 26.67 39.70 -49.18
N ALA M 200 25.81 39.50 -50.19
CA ALA M 200 25.34 40.56 -51.08
C ALA M 200 24.37 41.56 -50.40
N PHE M 201 23.41 41.04 -49.65
CA PHE M 201 22.36 41.79 -48.95
C PHE M 201 22.38 41.51 -47.44
N TYR M 202 21.90 42.43 -46.61
CA TYR M 202 21.90 42.25 -45.16
C TYR M 202 20.62 42.73 -44.49
N GLY M 203 20.31 42.19 -43.32
CA GLY M 203 19.17 42.61 -42.53
C GLY M 203 19.40 42.43 -41.04
N GLY M 204 18.50 42.95 -40.23
CA GLY M 204 18.57 42.86 -38.77
C GLY M 204 17.33 43.42 -38.09
N ARG M 205 17.36 43.64 -36.78
CA ARG M 205 16.21 44.16 -36.02
C ARG M 205 16.54 45.49 -35.36
N ALA M 206 15.55 46.35 -35.15
CA ALA M 206 15.74 47.64 -34.48
C ALA M 206 14.50 48.08 -33.71
N LEU M 207 14.68 48.83 -32.64
CA LEU M 207 13.59 49.30 -31.81
C LEU M 207 12.90 50.51 -32.44
N LYS M 208 11.58 50.42 -32.61
CA LYS M 208 10.75 51.51 -33.13
C LYS M 208 10.85 52.73 -32.22
N LYS M 209 10.58 53.90 -32.77
CA LYS M 209 10.70 55.18 -32.06
C LYS M 209 9.94 55.27 -30.74
N ASP M 210 8.80 54.62 -30.58
CA ASP M 210 8.00 54.65 -29.35
C ASP M 210 8.64 53.93 -28.16
N THR M 211 9.56 53.00 -28.40
CA THR M 211 10.25 52.26 -27.35
C THR M 211 11.39 53.15 -26.87
N LYS M 212 11.24 53.79 -25.70
CA LYS M 212 12.26 54.71 -25.21
C LYS M 212 13.61 54.03 -25.06
N MET M 213 14.68 54.71 -25.47
CA MET M 213 16.03 54.18 -25.42
C MET M 213 16.55 53.89 -24.02
N LYS M 214 17.32 52.81 -23.96
CA LYS M 214 18.11 52.32 -22.84
C LYS M 214 19.42 51.79 -23.43
N PRO M 215 20.56 51.88 -22.73
CA PRO M 215 21.80 51.31 -23.21
C PRO M 215 21.65 49.78 -23.25
N CYS M 216 22.29 49.12 -24.19
CA CYS M 216 22.16 47.68 -24.41
C CYS M 216 22.55 46.82 -23.22
N TYR M 217 23.55 47.23 -22.45
CA TYR M 217 23.98 46.58 -21.23
C TYR M 217 22.80 46.60 -20.27
N GLY M 218 22.23 45.45 -19.92
CA GLY M 218 21.11 45.36 -18.98
C GLY M 218 19.71 45.36 -19.60
N SER M 219 19.58 45.56 -20.91
CA SER M 219 18.29 45.57 -21.60
C SER M 219 17.64 44.20 -21.70
N PHE M 220 16.43 44.04 -21.16
CA PHE M 220 15.62 42.83 -21.24
C PHE M 220 14.28 43.13 -21.86
N ALA M 221 13.69 42.21 -22.60
CA ALA M 221 12.34 42.35 -23.13
C ALA M 221 11.74 40.95 -23.21
N ARG M 222 10.65 40.68 -22.48
CA ARG M 222 10.08 39.34 -22.47
C ARG M 222 9.62 38.89 -23.87
N PRO M 223 9.75 37.61 -24.22
CA PRO M 223 9.32 37.06 -25.50
C PRO M 223 7.79 37.08 -25.62
N THR M 224 7.27 37.19 -26.84
CA THR M 224 5.83 37.21 -27.14
C THR M 224 5.36 36.05 -28.02
N ASN M 225 6.25 35.11 -28.33
CA ASN M 225 5.97 33.87 -29.05
C ASN M 225 6.99 32.80 -28.66
N GLU M 226 6.68 31.53 -28.93
CA GLU M 226 7.56 30.41 -28.58
C GLU M 226 8.86 30.30 -29.39
N LYS M 227 9.12 31.23 -30.33
CA LYS M 227 10.37 31.30 -31.10
C LYS M 227 11.22 32.51 -30.71
N GLY M 228 10.97 33.05 -29.52
CA GLY M 228 11.76 34.12 -28.93
C GLY M 228 11.56 35.53 -29.46
N GLY M 229 10.58 35.78 -30.33
CA GLY M 229 10.31 37.13 -30.83
C GLY M 229 9.96 38.03 -29.64
N GLN M 230 10.24 39.33 -29.72
CA GLN M 230 10.03 40.28 -28.61
C GLN M 230 9.03 41.39 -28.91
N ALA M 231 8.45 41.43 -30.10
CA ALA M 231 7.53 42.45 -30.53
C ALA M 231 6.18 42.45 -29.81
N LYS M 232 5.67 43.63 -29.45
CA LYS M 232 4.36 43.80 -28.84
C LYS M 232 3.23 43.49 -29.81
N LEU M 233 2.13 42.92 -29.33
CA LEU M 233 0.93 42.74 -30.13
C LEU M 233 0.24 44.11 -30.30
N LYS M 234 -0.36 44.42 -31.45
CA LYS M 234 -1.07 45.69 -31.69
C LYS M 234 -2.41 45.71 -30.96
N LEU M 235 -2.86 46.83 -30.40
CA LEU M 235 -4.15 46.98 -29.68
C LEU M 235 -4.70 48.41 -29.89
N ASN M 236 -4.42 48.95 -31.06
CA ASN M 236 -4.63 50.36 -31.39
C ASN M 236 -6.05 50.79 -31.80
N ASP M 237 -6.92 49.90 -32.32
CA ASP M 237 -8.32 50.26 -32.62
C ASP M 237 -9.17 50.14 -31.34
N GLN M 238 -9.10 48.95 -30.73
CA GLN M 238 -9.72 48.58 -29.46
C GLN M 238 -8.67 47.79 -28.66
N GLY M 239 -8.79 47.76 -27.34
CA GLY M 239 -7.77 47.19 -26.46
C GLY M 239 -7.49 45.68 -26.51
N GLN M 240 -8.22 44.87 -27.27
CA GLN M 240 -7.87 43.44 -27.39
C GLN M 240 -6.62 43.31 -28.30
N PRO M 241 -5.73 42.33 -28.06
CA PRO M 241 -4.61 42.09 -28.97
C PRO M 241 -5.16 41.82 -30.38
N THR M 242 -4.57 42.44 -31.40
CA THR M 242 -5.05 42.37 -32.80
C THR M 242 -4.59 41.10 -33.53
N LYS M 243 -4.07 40.12 -32.79
CA LYS M 243 -3.56 38.83 -33.30
C LYS M 243 -2.36 39.00 -34.27
N ASP M 244 -1.71 40.14 -34.24
CA ASP M 244 -0.54 40.45 -35.06
C ASP M 244 0.42 41.37 -34.29
N TYR M 245 1.67 41.35 -34.71
CA TYR M 245 2.78 42.02 -34.04
C TYR M 245 3.12 43.39 -34.62
N ASP M 246 3.56 44.30 -33.77
CA ASP M 246 4.00 45.65 -34.10
C ASP M 246 5.40 45.65 -34.75
N ILE M 247 5.52 45.05 -35.95
CA ILE M 247 6.77 44.90 -36.70
C ILE M 247 6.66 45.50 -38.11
N ASP M 248 7.56 46.40 -38.48
CA ASP M 248 7.63 47.04 -39.79
C ASP M 248 9.01 46.92 -40.41
N LEU M 249 9.04 46.65 -41.71
CA LEU M 249 10.30 46.61 -42.45
C LEU M 249 10.70 48.03 -42.88
N ALA M 250 11.98 48.33 -42.85
CA ALA M 250 12.54 49.60 -43.30
C ALA M 250 13.73 49.27 -44.22
N PHE M 251 13.85 49.96 -45.35
CA PHE M 251 14.84 49.64 -46.37
C PHE M 251 15.82 50.78 -46.63
N PHE M 252 17.05 50.46 -47.05
CA PHE M 252 18.12 51.44 -47.26
C PHE M 252 19.01 51.19 -48.49
N ASP M 253 19.51 52.28 -49.09
CA ASP M 253 20.47 52.30 -50.18
C ASP M 253 21.70 53.11 -49.78
N THR M 254 22.81 52.76 -50.40
CA THR M 254 24.05 53.48 -50.45
C THR M 254 23.82 54.90 -50.95
N PRO M 255 24.65 55.88 -50.57
CA PRO M 255 24.51 57.23 -51.07
C PRO M 255 24.83 57.29 -52.57
N GLY M 256 24.17 58.14 -53.35
CA GLY M 256 24.40 58.27 -54.81
C GLY M 256 25.86 58.59 -55.21
N GLY M 257 26.70 58.98 -54.25
CA GLY M 257 28.12 59.24 -54.44
C GLY M 257 28.97 57.97 -54.56
N THR M 258 28.40 56.76 -54.50
CA THR M 258 29.14 55.47 -54.59
C THR M 258 28.67 54.51 -55.69
N PRO M 259 27.36 54.41 -56.04
CA PRO M 259 26.91 53.75 -57.28
C PRO M 259 27.64 54.45 -58.47
N PRO M 260 27.64 54.00 -59.73
CA PRO M 260 28.35 54.73 -60.78
C PRO M 260 27.90 56.21 -60.73
N THR M 261 28.79 57.14 -61.06
CA THR M 261 28.60 58.53 -60.60
C THR M 261 27.21 59.09 -60.76
N GLY M 262 26.63 59.38 -59.60
CA GLY M 262 25.29 59.88 -59.32
C GLY M 262 24.17 58.85 -59.62
N SER M 263 24.29 58.25 -60.78
CA SER M 263 23.52 57.31 -61.61
C SER M 263 23.49 55.78 -61.65
N GLY M 264 22.64 54.97 -60.99
CA GLY M 264 22.76 53.54 -61.35
C GLY M 264 21.58 52.92 -62.11
N GLN M 265 20.47 53.64 -62.36
CA GLN M 265 19.38 53.53 -63.38
C GLN M 265 18.39 54.71 -63.16
N GLN M 266 17.88 55.50 -64.12
CA GLN M 266 16.77 56.48 -63.92
C GLN M 266 16.52 57.00 -62.45
N GLU M 267 15.65 56.30 -61.71
CA GLU M 267 15.19 56.38 -60.29
C GLU M 267 16.08 55.58 -59.29
N GLU M 268 17.39 55.55 -59.53
CA GLU M 268 18.61 54.78 -59.17
C GLU M 268 18.72 54.16 -57.76
N TYR M 269 17.84 54.51 -56.82
CA TYR M 269 17.70 53.94 -55.48
C TYR M 269 17.33 52.46 -55.57
N LYS M 270 17.98 51.58 -54.80
CA LYS M 270 17.66 50.14 -54.74
C LYS M 270 18.06 49.56 -53.38
N ALA M 271 17.09 49.02 -52.64
CA ALA M 271 17.27 48.46 -51.29
C ALA M 271 18.34 47.37 -51.20
N ASP M 272 19.33 47.53 -50.32
CA ASP M 272 20.33 46.49 -50.07
C ASP M 272 20.50 46.14 -48.58
N ILE M 273 19.80 46.85 -47.71
CA ILE M 273 19.70 46.57 -46.27
C ILE M 273 18.25 46.68 -45.87
N VAL M 274 17.77 45.75 -45.03
CA VAL M 274 16.39 45.79 -44.51
C VAL M 274 16.38 45.57 -43.00
N MET M 275 15.73 46.44 -42.24
CA MET M 275 15.65 46.29 -40.78
C MET M 275 14.22 46.06 -40.33
N TYR M 276 13.99 44.95 -39.64
CA TYR M 276 12.72 44.55 -39.08
C TYR M 276 12.51 45.34 -37.79
N THR M 277 12.04 46.57 -37.93
CA THR M 277 11.82 47.47 -36.80
C THR M 277 10.62 47.02 -35.99
N GLU M 278 10.68 47.05 -34.66
CA GLU M 278 9.58 46.59 -33.80
C GLU M 278 9.53 47.33 -32.47
N ASN M 279 8.38 47.33 -31.80
CA ASN M 279 8.21 47.85 -30.44
C ASN M 279 8.27 46.65 -29.49
N VAL M 280 8.98 46.75 -28.38
CA VAL M 280 9.15 45.63 -27.43
C VAL M 280 8.84 46.04 -25.99
N ASN M 281 8.60 45.06 -25.13
CA ASN M 281 8.35 45.28 -23.71
C ASN M 281 9.71 45.47 -23.03
N LEU M 282 10.38 46.58 -23.31
CA LEU M 282 11.70 46.88 -22.79
C LEU M 282 11.72 47.19 -21.30
N GLU M 283 12.68 46.62 -20.60
CA GLU M 283 12.91 46.72 -19.16
C GLU M 283 14.41 46.75 -18.88
N THR M 284 14.78 47.20 -17.69
CA THR M 284 16.15 47.13 -17.15
C THR M 284 16.02 46.67 -15.69
N PRO M 285 15.68 45.39 -15.45
CA PRO M 285 15.40 44.85 -14.11
C PRO M 285 16.48 45.00 -13.04
N ASP M 286 17.75 45.06 -13.42
CA ASP M 286 18.88 45.08 -12.50
C ASP M 286 19.96 46.14 -12.77
N THR M 287 19.68 47.17 -13.55
CA THR M 287 20.62 48.27 -13.86
C THR M 287 19.95 49.64 -13.81
N HIS M 288 20.73 50.71 -13.83
CA HIS M 288 20.21 52.07 -13.87
C HIS M 288 21.09 52.94 -14.75
N VAL M 289 20.55 54.01 -15.31
CA VAL M 289 21.32 54.93 -16.15
C VAL M 289 22.13 55.87 -15.26
N VAL M 290 23.46 55.75 -15.29
CA VAL M 290 24.38 56.56 -14.49
C VAL M 290 24.71 57.89 -15.19
N TYR M 291 24.63 57.95 -16.52
CA TYR M 291 24.80 59.19 -17.28
C TYR M 291 23.89 59.25 -18.49
N LYS M 292 23.33 60.42 -18.74
CA LYS M 292 22.56 60.75 -19.94
C LYS M 292 22.79 62.24 -20.25
N PRO M 293 22.78 62.64 -21.52
CA PRO M 293 23.14 64.00 -21.88
C PRO M 293 22.11 65.09 -21.59
N GLY M 294 20.90 64.76 -21.14
CA GLY M 294 19.89 65.77 -20.84
C GLY M 294 18.70 65.24 -20.08
N LYS M 295 17.79 66.14 -19.68
CA LYS M 295 16.57 65.76 -18.95
C LYS M 295 15.63 64.90 -19.79
N GLU M 296 15.61 65.08 -21.11
CA GLU M 296 14.78 64.34 -22.06
C GLU M 296 14.97 62.81 -21.94
N ASP M 297 13.92 62.13 -21.52
CA ASP M 297 13.84 60.67 -21.38
C ASP M 297 13.53 59.96 -22.72
N GLU M 298 13.06 60.70 -23.72
CA GLU M 298 12.60 60.22 -25.03
C GLU M 298 13.71 59.71 -25.96
N SER M 299 13.31 59.05 -27.05
CA SER M 299 14.21 58.53 -28.07
C SER M 299 14.81 59.67 -28.91
N SER M 300 16.13 59.77 -28.99
CA SER M 300 16.84 60.80 -29.75
C SER M 300 18.29 60.42 -30.00
N GLU M 301 18.96 61.07 -30.95
CA GLU M 301 20.35 60.74 -31.24
C GLU M 301 21.27 60.88 -30.03
N THR M 302 21.09 61.90 -29.18
CA THR M 302 21.96 62.04 -28.01
C THR M 302 21.66 60.93 -27.02
N ASN M 303 20.41 60.50 -26.87
CA ASN M 303 20.06 59.41 -25.97
C ASN M 303 20.72 58.08 -26.37
N LEU M 304 21.26 57.92 -27.59
CA LEU M 304 22.03 56.71 -27.92
C LEU M 304 23.24 56.58 -26.99
N THR M 305 23.75 57.70 -26.49
CA THR M 305 24.93 57.73 -25.60
C THR M 305 24.65 57.56 -24.12
N GLN M 306 23.40 57.27 -23.73
CA GLN M 306 23.10 56.98 -22.33
C GLN M 306 24.02 55.84 -21.87
N GLN M 307 24.35 55.77 -20.59
CA GLN M 307 25.16 54.66 -20.10
C GLN M 307 24.68 54.25 -18.74
N SER M 308 24.72 52.94 -18.53
CA SER M 308 24.18 52.29 -17.35
C SER M 308 25.23 51.59 -16.54
N MET M 309 24.88 51.40 -15.28
CA MET M 309 25.69 50.77 -14.27
C MET M 309 24.83 49.68 -13.63
N PRO M 310 25.37 48.52 -13.27
CA PRO M 310 24.56 47.52 -12.61
C PRO M 310 24.16 47.99 -11.22
N ASN M 311 23.00 47.56 -10.74
CA ASN M 311 22.50 47.96 -9.43
C ASN M 311 23.31 47.31 -8.31
N ARG M 312 23.48 48.01 -7.19
CA ARG M 312 24.28 47.51 -6.08
C ARG M 312 23.71 46.21 -5.50
N PRO M 313 24.54 45.19 -5.23
CA PRO M 313 24.10 43.93 -4.67
C PRO M 313 23.51 44.10 -3.28
N ASN M 314 22.41 43.44 -2.99
CA ASN M 314 21.69 43.55 -1.73
C ASN M 314 21.03 42.23 -1.31
N TYR M 315 21.79 41.37 -0.67
CA TYR M 315 21.41 40.04 -0.20
C TYR M 315 20.50 40.21 0.98
N ILE M 316 19.36 39.53 0.99
CA ILE M 316 18.41 39.57 2.07
C ILE M 316 18.14 38.15 2.54
N GLY M 317 18.12 37.94 3.84
CA GLY M 317 17.82 36.65 4.44
C GLY M 317 17.59 36.76 5.93
N PHE M 318 17.23 35.66 6.58
CA PHE M 318 17.04 35.68 8.03
C PHE M 318 18.40 35.83 8.72
N ARG M 319 18.41 36.37 9.94
CA ARG M 319 19.64 36.60 10.71
C ARG M 319 20.32 35.31 11.19
N ASP M 320 21.58 35.41 11.61
CA ASP M 320 22.35 34.29 12.15
C ASP M 320 21.55 33.70 13.30
N ASN M 321 21.45 32.38 13.43
CA ASN M 321 20.68 31.76 14.51
C ASN M 321 19.26 32.31 14.65
N PHE M 322 18.65 32.85 13.58
CA PHE M 322 17.32 33.47 13.63
C PHE M 322 17.21 34.57 14.71
N VAL M 323 18.28 35.29 15.05
CA VAL M 323 18.19 36.37 16.03
C VAL M 323 17.14 37.37 15.57
N GLY M 324 16.47 37.98 16.53
CA GLY M 324 15.43 38.96 16.27
C GLY M 324 14.07 38.36 15.97
N LEU M 325 13.94 37.08 15.63
CA LEU M 325 12.63 36.51 15.29
C LEU M 325 11.73 36.33 16.51
N MET M 326 12.20 35.73 17.60
CA MET M 326 11.41 35.60 18.84
C MET M 326 11.62 36.74 19.82
N TYR M 327 10.60 37.09 20.60
CA TYR M 327 10.78 38.14 21.61
C TYR M 327 11.51 37.60 22.83
N TYR M 328 12.54 38.30 23.27
CA TYR M 328 13.31 38.02 24.46
C TYR M 328 13.62 39.33 25.17
N ASN M 329 13.78 39.31 26.49
CA ASN M 329 14.16 40.47 27.29
C ASN M 329 13.32 41.71 26.99
N SER M 330 12.04 41.51 26.70
CA SER M 330 11.18 42.55 26.17
C SER M 330 9.85 42.38 26.84
N THR M 331 9.64 43.15 27.91
CA THR M 331 8.60 42.85 28.91
C THR M 331 7.19 43.22 28.48
N GLY M 332 6.98 43.78 27.30
CA GLY M 332 5.64 43.84 26.71
C GLY M 332 5.15 42.49 26.19
N ASN M 333 6.04 41.67 25.64
CA ASN M 333 5.71 40.51 24.82
C ASN M 333 6.40 39.22 25.31
N MET M 334 6.43 38.99 26.62
CA MET M 334 7.18 37.89 27.23
C MET M 334 6.62 36.50 26.90
N GLY M 335 7.46 35.48 26.82
CA GLY M 335 7.10 34.07 26.58
C GLY M 335 6.63 33.36 27.86
N VAL M 336 5.94 32.22 27.73
CA VAL M 336 5.39 31.50 28.89
C VAL M 336 5.67 30.01 28.91
N LEU M 337 6.03 29.47 30.07
CA LEU M 337 6.16 28.04 30.33
C LEU M 337 5.57 27.87 31.72
N ALA M 338 4.40 27.29 31.85
CA ALA M 338 3.71 27.12 33.12
C ALA M 338 3.04 25.76 33.25
N GLY M 339 3.02 25.18 34.44
CA GLY M 339 2.29 23.93 34.66
C GLY M 339 0.82 24.29 34.46
N GLN M 340 0.09 23.59 33.59
CA GLN M 340 -1.24 23.99 33.14
C GLN M 340 -2.26 24.24 34.27
N ALA M 341 -2.05 23.68 35.45
CA ALA M 341 -2.95 23.83 36.59
C ALA M 341 -2.92 25.20 37.33
N SER M 342 -1.78 25.93 37.34
CA SER M 342 -1.47 26.83 38.47
C SER M 342 -0.87 28.20 38.12
N GLN M 343 -1.00 28.67 36.89
CA GLN M 343 -0.91 30.07 36.40
C GLN M 343 0.44 30.82 36.57
N LEU M 344 1.30 30.44 37.50
CA LEU M 344 2.62 31.02 37.69
C LEU M 344 3.50 30.73 36.50
N ASN M 345 3.85 31.75 35.73
CA ASN M 345 4.79 31.64 34.63
C ASN M 345 6.19 31.36 35.18
N ALA M 346 6.91 30.37 34.64
CA ALA M 346 8.25 30.06 35.14
C ALA M 346 9.36 30.86 34.43
N VAL M 347 9.07 31.61 33.36
CA VAL M 347 10.08 32.36 32.61
C VAL M 347 10.68 33.53 33.37
N VAL M 348 9.89 34.54 33.75
CA VAL M 348 10.37 35.66 34.57
C VAL M 348 11.60 36.36 33.99
N ASP M 349 11.46 36.91 32.79
CA ASP M 349 12.55 37.63 32.11
C ASP M 349 12.67 39.11 32.54
N LEU M 350 13.69 39.83 32.06
CA LEU M 350 14.02 41.22 32.46
C LEU M 350 14.53 42.08 31.30
N GLN M 351 14.37 43.39 31.41
CA GLN M 351 14.82 44.36 30.41
C GLN M 351 16.35 44.44 30.26
N ASP M 352 17.11 44.36 31.34
CA ASP M 352 18.56 44.52 31.33
C ASP M 352 19.31 43.20 31.11
N ARG M 353 18.69 42.23 30.47
CA ARG M 353 19.27 40.94 30.10
C ARG M 353 19.38 40.88 28.57
N ASN M 354 20.30 40.11 28.01
CA ASN M 354 20.48 40.03 26.56
C ASN M 354 20.68 38.60 26.08
N THR M 355 19.58 37.84 25.97
CA THR M 355 19.56 36.45 25.55
C THR M 355 20.15 36.20 24.17
N GLU M 356 19.91 37.09 23.22
CA GLU M 356 20.42 36.90 21.87
C GLU M 356 21.94 37.00 21.84
N LEU M 357 22.54 38.00 22.47
CA LEU M 357 24.00 38.09 22.50
C LEU M 357 24.57 36.93 23.31
N SER M 358 23.91 36.56 24.41
CA SER M 358 24.35 35.46 25.25
C SER M 358 24.44 34.16 24.46
N TYR M 359 23.47 33.90 23.60
CA TYR M 359 23.49 32.71 22.77
C TYR M 359 24.59 32.79 21.70
N GLN M 360 24.79 33.95 21.09
CA GLN M 360 25.83 34.12 20.06
C GLN M 360 27.20 33.82 20.66
N LEU M 361 27.47 34.30 21.87
CA LEU M 361 28.71 34.05 22.60
C LEU M 361 28.86 32.59 22.99
N LEU M 362 27.79 31.96 23.46
CA LEU M 362 27.81 30.57 23.86
C LEU M 362 28.26 29.66 22.71
N LEU M 363 27.66 29.81 21.53
CA LEU M 363 28.02 29.00 20.38
C LEU M 363 29.49 29.11 20.01
N ASP M 364 30.11 30.28 20.16
CA ASP M 364 31.53 30.41 19.87
C ASP M 364 32.42 29.68 20.88
N SER M 365 31.93 29.46 22.09
CA SER M 365 32.66 28.75 23.13
C SER M 365 32.44 27.22 23.03
N LEU M 366 31.27 26.79 22.55
CA LEU M 366 30.89 25.39 22.36
C LEU M 366 31.37 24.78 21.05
N GLY M 367 31.66 25.57 20.03
CA GLY M 367 32.08 25.03 18.73
C GLY M 367 32.81 26.00 17.83
N ASP M 368 32.87 25.67 16.56
CA ASP M 368 33.53 26.44 15.52
C ASP M 368 32.51 27.21 14.68
N ARG M 369 32.40 28.52 14.90
CA ARG M 369 31.47 29.36 14.13
C ARG M 369 31.75 29.40 12.63
N THR M 370 32.90 28.95 12.14
CA THR M 370 33.18 28.97 10.70
C THR M 370 32.41 27.90 9.92
N ARG M 371 31.69 27.00 10.61
CA ARG M 371 30.89 25.94 9.99
C ARG M 371 29.42 26.34 9.93
N TYR M 372 28.90 26.52 8.74
CA TYR M 372 27.50 26.86 8.55
C TYR M 372 26.59 25.67 8.83
N PHE M 373 25.38 25.91 9.32
CA PHE M 373 24.40 24.88 9.62
C PHE M 373 23.01 25.44 9.31
N SER M 374 22.40 24.94 8.24
CA SER M 374 21.12 25.43 7.76
C SER M 374 19.94 25.19 8.68
N MET M 375 19.91 24.15 9.51
CA MET M 375 18.72 23.92 10.34
C MET M 375 18.46 25.10 11.27
N TRP M 376 19.47 25.52 12.02
CA TRP M 376 19.35 26.69 12.89
C TRP M 376 19.72 27.99 12.17
N ASN M 377 19.89 27.99 10.85
CA ASN M 377 20.31 29.18 10.09
C ASN M 377 21.59 29.79 10.62
N SER M 378 22.44 28.97 11.24
CA SER M 378 23.71 29.38 11.82
C SER M 378 24.73 29.56 10.72
N ALA M 379 25.18 30.78 10.48
CA ALA M 379 26.22 31.14 9.56
C ALA M 379 26.64 32.55 9.94
N VAL M 380 27.66 32.60 10.78
CA VAL M 380 28.16 33.82 11.41
C VAL M 380 28.53 34.93 10.45
N ASP M 381 28.25 36.16 10.86
CA ASP M 381 28.58 37.33 10.08
C ASP M 381 30.09 37.53 9.98
N SER M 382 30.55 37.96 8.82
CA SER M 382 31.95 38.19 8.54
C SER M 382 32.15 39.36 7.60
N TYR M 383 33.36 39.48 7.08
CA TYR M 383 33.76 40.44 6.07
C TYR M 383 35.07 39.92 5.48
N ASP M 384 35.44 40.35 4.29
CA ASP M 384 36.69 39.92 3.69
C ASP M 384 37.83 40.69 4.38
N PRO M 385 38.81 40.06 5.04
CA PRO M 385 39.85 40.81 5.72
C PRO M 385 40.63 41.72 4.76
N ASP M 386 40.76 41.37 3.48
CA ASP M 386 41.45 42.23 2.51
C ASP M 386 40.62 43.47 2.12
N VAL M 387 39.37 43.54 2.55
CA VAL M 387 38.46 44.67 2.35
C VAL M 387 38.42 45.54 3.60
N ARG M 388 38.58 44.95 4.79
CA ARG M 388 38.58 45.73 6.04
C ARG M 388 39.89 46.47 6.21
N ILE M 389 41.00 45.83 5.85
CA ILE M 389 42.35 46.39 5.90
C ILE M 389 42.84 46.24 4.45
N ILE M 390 42.90 47.35 3.71
CA ILE M 390 43.13 47.35 2.26
C ILE M 390 44.36 46.58 1.80
N GLU M 391 45.48 46.61 2.52
CA GLU M 391 46.70 45.85 2.15
C GLU M 391 47.09 46.02 0.68
N ASN M 392 47.48 47.23 0.29
CA ASN M 392 47.79 47.57 -1.10
C ASN M 392 49.22 47.23 -1.50
N HIS M 393 49.48 45.99 -1.92
CA HIS M 393 50.78 45.59 -2.46
C HIS M 393 51.00 45.96 -3.94
N GLY M 394 50.19 46.82 -4.55
CA GLY M 394 50.28 47.11 -5.99
C GLY M 394 49.90 45.91 -6.86
N VAL M 395 50.41 45.83 -8.09
CA VAL M 395 50.03 44.79 -9.07
C VAL M 395 51.20 44.28 -9.89
N GLU M 396 51.17 43.00 -10.29
CA GLU M 396 52.29 42.38 -11.00
C GLU M 396 52.16 42.55 -12.53
N ASP M 397 52.45 43.75 -13.05
CA ASP M 397 52.13 44.12 -14.43
C ASP M 397 53.37 44.38 -15.31
N GLU M 398 54.51 43.75 -15.02
CA GLU M 398 55.78 43.95 -15.74
C GLU M 398 55.68 43.71 -17.24
N LEU M 399 54.77 42.85 -17.66
CA LEU M 399 54.66 42.32 -19.01
C LEU M 399 53.38 42.88 -19.68
N PRO M 400 53.43 43.52 -20.85
CA PRO M 400 52.25 44.14 -21.46
C PRO M 400 51.27 43.15 -22.08
N ASN M 401 49.98 43.26 -21.78
CA ASN M 401 48.94 42.40 -22.37
C ASN M 401 48.42 43.10 -23.63
N TYR M 402 48.21 42.35 -24.71
CA TYR M 402 47.80 42.88 -26.01
C TYR M 402 46.46 42.25 -26.45
N CYS M 403 45.74 42.94 -27.33
CA CYS M 403 44.41 42.69 -27.89
C CYS M 403 44.61 42.74 -29.41
N PHE M 404 44.17 41.74 -30.18
CA PHE M 404 44.59 41.55 -31.57
C PHE M 404 43.43 41.30 -32.55
N PRO M 405 43.50 41.77 -33.81
CA PRO M 405 42.46 41.60 -34.80
C PRO M 405 42.07 40.15 -35.03
N LEU M 406 40.82 39.90 -35.39
CA LEU M 406 40.32 38.54 -35.60
C LEU M 406 41.14 37.75 -36.65
N ASN M 407 41.63 38.43 -37.69
CA ASN M 407 42.42 37.82 -38.76
C ASN M 407 43.93 37.73 -38.46
N GLY M 408 44.37 38.10 -37.26
CA GLY M 408 45.77 38.07 -36.87
C GLY M 408 46.58 39.26 -37.38
N THR M 409 46.73 39.41 -38.69
CA THR M 409 47.53 40.48 -39.30
C THR M 409 46.93 41.89 -39.18
N GLY M 410 45.62 42.03 -39.01
CA GLY M 410 44.96 43.33 -38.91
C GLY M 410 44.68 43.98 -40.27
N THR M 411 45.01 45.26 -40.39
CA THR M 411 44.76 46.06 -41.60
C THR M 411 45.76 45.75 -42.71
N ASN M 412 45.42 44.77 -43.55
CA ASN M 412 46.23 44.40 -44.70
C ASN M 412 46.19 45.39 -45.86
N SER M 413 47.32 45.56 -46.51
CA SER M 413 47.39 46.27 -47.79
C SER M 413 47.39 45.20 -48.87
N THR M 414 46.91 45.52 -50.06
CA THR M 414 46.89 44.59 -51.18
C THR M 414 48.16 44.70 -52.02
N TYR M 415 48.63 43.62 -52.63
CA TYR M 415 49.84 43.55 -53.45
C TYR M 415 49.66 42.63 -54.68
N GLN M 416 50.53 42.75 -55.67
CA GLN M 416 50.58 41.92 -56.88
C GLN M 416 51.93 41.25 -56.97
N GLY M 417 52.00 40.05 -57.51
CA GLY M 417 53.25 39.32 -57.62
C GLY M 417 54.13 39.84 -58.75
N VAL M 418 55.44 39.81 -58.55
CA VAL M 418 56.44 40.24 -59.53
C VAL M 418 57.59 39.25 -59.58
N LYS M 419 58.42 39.40 -60.60
CA LYS M 419 59.60 38.59 -60.85
C LYS M 419 60.68 39.44 -61.49
N VAL M 420 61.92 39.00 -61.43
CA VAL M 420 63.03 39.66 -62.13
C VAL M 420 62.79 39.30 -63.61
N LYS M 421 62.99 40.23 -64.54
CA LYS M 421 62.56 40.03 -65.93
C LYS M 421 63.11 38.82 -66.70
N THR M 422 64.42 38.73 -66.95
CA THR M 422 65.01 37.59 -67.71
C THR M 422 66.42 37.21 -67.24
N GLY M 423 66.87 37.69 -66.08
CA GLY M 423 68.21 37.41 -65.56
C GLY M 423 69.34 38.18 -66.25
N GLN M 424 69.05 39.21 -67.05
CA GLN M 424 70.08 40.04 -67.72
C GLN M 424 70.97 40.71 -66.66
N ASP M 425 70.34 41.34 -65.67
CA ASP M 425 70.93 42.00 -64.50
C ASP M 425 70.04 41.59 -63.31
N GLY M 426 68.73 41.83 -63.39
CA GLY M 426 67.73 41.25 -62.49
C GLY M 426 67.92 41.38 -60.96
N ALA M 427 68.57 42.38 -60.34
CA ALA M 427 68.65 42.43 -58.87
C ALA M 427 68.50 43.82 -58.23
N GLU M 428 69.25 44.77 -58.78
CA GLU M 428 69.32 46.21 -58.49
C GLU M 428 68.89 46.79 -59.83
N GLU M 429 68.18 47.91 -59.98
CA GLU M 429 67.58 47.90 -61.35
C GLU M 429 66.22 48.70 -61.36
N THR M 430 65.76 48.74 -62.62
CA THR M 430 64.46 48.93 -63.24
C THR M 430 64.17 47.77 -64.22
N GLU M 431 64.29 46.49 -63.86
CA GLU M 431 64.07 45.35 -64.77
C GLU M 431 63.24 44.21 -64.19
N TRP M 432 62.38 44.54 -63.25
CA TRP M 432 61.45 43.57 -62.72
C TRP M 432 60.15 43.69 -63.52
N ASP M 433 59.30 42.66 -63.55
CA ASP M 433 57.99 42.75 -64.20
C ASP M 433 56.95 41.89 -63.48
N LYS M 434 55.66 42.10 -63.78
CA LYS M 434 54.54 41.39 -63.16
C LYS M 434 54.58 39.88 -63.45
N ASP M 435 54.37 39.06 -62.43
CA ASP M 435 54.36 37.60 -62.51
C ASP M 435 52.94 37.12 -62.84
N GLU M 436 52.73 36.58 -64.03
CA GLU M 436 51.42 36.09 -64.46
C GLU M 436 50.92 34.87 -63.69
N THR M 437 51.78 34.17 -62.97
CA THR M 437 51.39 32.98 -62.18
C THR M 437 50.78 33.33 -60.82
N VAL M 438 50.77 34.60 -60.43
CA VAL M 438 50.28 35.07 -59.12
C VAL M 438 49.13 36.08 -59.23
N ALA M 439 48.13 35.97 -58.35
CA ALA M 439 46.98 36.88 -58.28
C ALA M 439 47.39 38.34 -58.08
N ARG M 440 46.71 39.30 -58.71
CA ARG M 440 47.05 40.73 -58.55
C ARG M 440 46.54 41.34 -57.22
N GLN M 441 46.02 40.53 -56.30
CA GLN M 441 45.46 40.99 -55.03
C GLN M 441 45.83 40.14 -53.81
N ASN M 442 47.11 39.93 -53.56
CA ASN M 442 47.56 39.23 -52.35
C ASN M 442 47.35 40.16 -51.17
N GLN M 443 47.11 39.66 -49.96
CA GLN M 443 46.86 40.49 -48.78
C GLN M 443 48.02 40.34 -47.81
N ILE M 444 48.73 41.43 -47.54
CA ILE M 444 49.92 41.39 -46.68
C ILE M 444 50.00 42.64 -45.79
N ALA M 445 50.45 42.47 -44.55
CA ALA M 445 50.69 43.58 -43.63
C ALA M 445 52.19 43.80 -43.45
N LYS M 446 52.71 45.02 -43.64
CA LYS M 446 54.13 45.34 -43.40
C LYS M 446 54.35 45.56 -41.92
N GLY M 447 55.46 45.08 -41.36
CA GLY M 447 55.77 45.32 -39.95
C GLY M 447 54.93 44.49 -38.98
N ASN M 448 54.97 44.81 -37.69
CA ASN M 448 54.22 44.06 -36.69
C ASN M 448 52.69 44.13 -36.86
N VAL M 449 51.97 43.13 -36.34
CA VAL M 449 50.50 43.06 -36.40
C VAL M 449 49.85 44.25 -35.70
N TYR M 450 48.77 44.80 -36.25
CA TYR M 450 48.04 45.86 -35.57
C TYR M 450 47.54 45.36 -34.21
N ALA M 451 47.70 46.13 -33.14
CA ALA M 451 47.26 45.76 -31.80
C ALA M 451 47.05 46.98 -30.90
N MET M 452 46.33 46.78 -29.81
CA MET M 452 46.07 47.75 -28.75
C MET M 452 46.42 47.09 -27.41
N GLU M 453 46.92 47.84 -26.44
CA GLU M 453 47.51 47.34 -25.21
C GLU M 453 46.63 47.63 -24.00
N ILE M 454 46.50 46.68 -23.06
CA ILE M 454 45.68 46.84 -21.86
C ILE M 454 46.38 46.34 -20.60
N ASN M 455 46.32 47.09 -19.51
CA ASN M 455 46.87 46.62 -18.25
C ASN M 455 45.78 45.78 -17.57
N LEU M 456 45.79 44.46 -17.72
CA LEU M 456 44.76 43.63 -17.10
C LEU M 456 44.87 43.64 -15.58
N GLN M 457 46.07 43.60 -15.05
CA GLN M 457 46.30 43.55 -13.62
C GLN M 457 45.81 44.80 -12.89
N ALA M 458 46.03 45.99 -13.44
CA ALA M 458 45.52 47.21 -12.84
C ALA M 458 43.99 47.23 -12.83
N ASN M 459 43.34 46.72 -13.88
CA ASN M 459 41.88 46.66 -13.95
C ASN M 459 41.30 45.66 -12.96
N LEU M 460 41.89 44.48 -12.79
CA LEU M 460 41.45 43.49 -11.81
C LEU M 460 41.61 44.02 -10.38
N TRP M 461 42.56 44.91 -10.13
CA TRP M 461 42.74 45.54 -8.83
C TRP M 461 41.77 46.73 -8.65
N LYS M 462 41.65 47.62 -9.64
CA LYS M 462 40.72 48.76 -9.57
C LYS M 462 39.28 48.32 -9.45
N SER M 463 38.88 47.28 -10.18
CA SER M 463 37.51 46.76 -10.09
C SER M 463 37.27 46.16 -8.70
N PHE M 464 38.30 45.60 -8.07
CA PHE M 464 38.19 45.11 -6.70
C PHE M 464 37.99 46.29 -5.74
N LEU M 465 38.87 47.28 -5.75
CA LEU M 465 38.77 48.43 -4.85
C LEU M 465 37.48 49.22 -5.04
N TYR M 466 37.07 49.49 -6.28
CA TYR M 466 35.86 50.29 -6.49
C TYR M 466 34.61 49.60 -6.00
N SER M 467 34.43 48.32 -6.37
CA SER M 467 33.25 47.59 -5.98
C SER M 467 33.23 47.20 -4.51
N ASN M 468 34.38 46.95 -3.89
CA ASN M 468 34.44 46.52 -2.50
C ASN M 468 34.71 47.62 -1.47
N VAL M 469 35.07 48.82 -1.90
CA VAL M 469 35.38 49.90 -0.96
C VAL M 469 34.83 51.25 -1.42
N ALA M 470 34.99 51.66 -2.68
CA ALA M 470 34.48 52.97 -3.07
C ALA M 470 32.97 53.06 -2.86
N LEU M 471 32.22 52.04 -3.28
CA LEU M 471 30.77 52.02 -3.11
C LEU M 471 30.31 51.99 -1.65
N TYR M 472 31.20 51.72 -0.69
CA TYR M 472 30.86 51.66 0.73
C TYR M 472 31.31 52.90 1.51
N LEU M 473 31.98 53.86 0.88
CA LEU M 473 32.33 55.11 1.54
C LEU M 473 31.04 55.81 2.01
N PRO M 474 31.02 56.46 3.18
CA PRO M 474 29.83 57.14 3.67
C PRO M 474 29.21 58.07 2.63
N ASP M 475 27.91 58.36 2.72
CA ASP M 475 27.22 59.21 1.74
C ASP M 475 27.87 60.58 1.55
N SER M 476 28.47 61.16 2.58
CA SER M 476 29.08 62.49 2.46
C SER M 476 30.21 62.55 1.44
N TYR M 477 30.74 61.42 0.97
CA TYR M 477 31.77 61.35 -0.06
C TYR M 477 31.18 61.19 -1.47
N LYS M 478 29.90 60.86 -1.57
CA LYS M 478 29.17 60.62 -2.83
C LYS M 478 28.50 61.89 -3.34
N TYR M 479 27.87 61.82 -4.51
CA TYR M 479 27.12 62.92 -5.10
C TYR M 479 25.98 62.41 -5.96
N THR M 480 25.08 63.29 -6.38
CA THR M 480 23.96 62.92 -7.26
C THR M 480 24.31 63.39 -8.67
N PRO M 481 24.34 62.52 -9.68
CA PRO M 481 24.70 62.90 -11.04
C PRO M 481 23.84 64.02 -11.65
N ALA M 482 24.35 64.64 -12.71
CA ALA M 482 23.62 65.65 -13.45
C ALA M 482 22.30 65.07 -13.96
N ASN M 483 21.22 65.83 -13.86
CA ASN M 483 19.87 65.47 -14.30
C ASN M 483 19.25 64.17 -13.76
N VAL M 484 19.72 63.64 -12.64
CA VAL M 484 19.18 62.42 -12.00
C VAL M 484 18.38 62.80 -10.75
N THR M 485 17.20 62.21 -10.55
CA THR M 485 16.34 62.51 -9.39
C THR M 485 16.19 61.33 -8.43
N LEU M 486 16.71 61.49 -7.22
CA LEU M 486 16.68 60.51 -6.13
C LEU M 486 15.58 60.82 -5.11
N PRO M 487 15.13 59.84 -4.31
CA PRO M 487 14.14 60.09 -3.26
C PRO M 487 14.81 60.79 -2.08
N ALA M 488 14.04 61.54 -1.29
CA ALA M 488 14.59 62.25 -0.14
C ALA M 488 14.94 61.32 1.02
N ASN M 489 14.32 60.15 1.14
CA ASN M 489 14.61 59.20 2.20
C ASN M 489 15.95 58.50 1.92
N THR M 490 16.98 58.95 2.61
CA THR M 490 18.33 58.43 2.40
C THR M 490 18.50 56.96 2.76
N ASN M 491 17.65 56.41 3.62
CA ASN M 491 17.67 55.02 4.01
C ASN M 491 16.98 54.10 2.98
N THR M 492 16.87 54.47 1.71
CA THR M 492 16.19 53.68 0.68
C THR M 492 17.10 53.26 -0.46
N TYR M 493 16.82 52.11 -1.05
CA TYR M 493 17.64 51.53 -2.11
C TYR M 493 17.83 52.47 -3.28
N GLU M 494 16.80 53.18 -3.73
CA GLU M 494 16.99 54.11 -4.83
C GLU M 494 17.95 55.25 -4.48
N TYR M 495 18.08 55.65 -3.20
CA TYR M 495 19.07 56.64 -2.83
C TYR M 495 20.45 55.95 -2.84
N MET M 496 20.63 54.85 -2.11
CA MET M 496 21.91 54.13 -1.96
C MET M 496 22.49 53.68 -3.30
N ASN M 497 21.63 53.35 -4.25
CA ASN M 497 22.00 52.91 -5.59
C ASN M 497 22.18 54.08 -6.56
N GLY M 498 21.36 55.13 -6.44
CA GLY M 498 21.44 56.29 -7.32
C GLY M 498 22.65 57.19 -7.11
N ARG M 499 23.17 57.33 -5.88
CA ARG M 499 24.33 58.18 -5.57
C ARG M 499 25.59 57.62 -6.20
N VAL M 500 26.33 58.45 -6.92
CA VAL M 500 27.56 58.04 -7.58
C VAL M 500 28.78 58.35 -6.69
N VAL M 501 29.85 57.58 -6.84
CA VAL M 501 31.10 57.73 -6.08
C VAL M 501 32.26 57.91 -7.03
N ALA M 502 33.08 58.93 -6.83
CA ALA M 502 34.22 59.17 -7.69
C ALA M 502 35.26 58.05 -7.52
N PRO M 503 35.66 57.31 -8.58
CA PRO M 503 36.62 56.24 -8.47
C PRO M 503 38.02 56.66 -8.00
N SER M 504 38.31 57.96 -8.00
CA SER M 504 39.59 58.51 -7.52
C SER M 504 39.72 58.31 -6.02
N LEU M 505 38.61 58.27 -5.28
CA LEU M 505 38.63 57.91 -3.88
C LEU M 505 38.94 56.41 -3.88
N VAL M 506 39.85 55.93 -3.05
CA VAL M 506 40.26 54.51 -3.04
C VAL M 506 40.67 53.97 -4.43
N ASP M 507 41.48 54.72 -5.16
CA ASP M 507 42.02 54.29 -6.44
C ASP M 507 43.21 53.31 -6.25
N ALA M 508 43.75 52.74 -7.31
CA ALA M 508 44.84 51.75 -7.25
C ALA M 508 46.05 52.15 -6.40
N TYR M 509 46.44 53.42 -6.40
CA TYR M 509 47.56 53.95 -5.63
C TYR M 509 47.24 54.41 -4.21
N ILE M 510 45.98 54.36 -3.75
CA ILE M 510 45.66 54.84 -2.41
C ILE M 510 46.38 54.01 -1.35
N ASN M 511 47.15 54.70 -0.49
CA ASN M 511 47.97 54.10 0.57
C ASN M 511 48.87 52.99 0.05
N ILE M 512 49.36 53.11 -1.19
CA ILE M 512 50.12 52.02 -1.80
C ILE M 512 51.34 51.68 -0.97
N GLY M 513 51.56 50.39 -0.76
CA GLY M 513 52.61 49.87 0.09
C GLY M 513 52.22 49.57 1.54
N ALA M 514 51.03 49.92 2.00
CA ALA M 514 50.68 49.77 3.41
C ALA M 514 49.41 49.00 3.70
N ARG M 515 49.38 48.36 4.88
CA ARG M 515 48.16 47.80 5.43
C ARG M 515 47.52 48.95 6.18
N TRP M 516 46.44 49.51 5.66
CA TRP M 516 45.78 50.62 6.33
C TRP M 516 44.32 50.63 5.99
N SER M 517 43.45 50.39 6.96
CA SER M 517 42.03 50.53 6.73
C SER M 517 41.75 51.99 6.46
N LEU M 518 40.98 52.36 5.44
CA LEU M 518 40.74 53.78 5.15
C LEU M 518 40.14 54.47 6.39
N ASP M 519 40.50 55.71 6.66
CA ASP M 519 40.01 56.38 7.87
C ASP M 519 38.50 56.62 7.92
N PRO M 520 37.76 56.87 6.82
CA PRO M 520 36.31 56.98 6.95
C PRO M 520 35.68 55.61 7.16
N MET M 521 36.33 54.54 6.71
CA MET M 521 35.84 53.17 6.82
C MET M 521 35.97 52.55 8.20
N ASP M 522 36.87 53.00 9.08
CA ASP M 522 36.98 52.36 10.41
C ASP M 522 35.66 52.37 11.15
N ASN M 523 34.90 53.46 11.03
CA ASN M 523 33.61 53.62 11.70
C ASN M 523 32.42 53.13 10.87
N VAL M 524 32.63 52.54 9.71
CA VAL M 524 31.55 52.01 8.86
C VAL M 524 31.36 50.56 9.23
N ASN M 525 30.13 50.10 9.42
CA ASN M 525 29.85 48.73 9.80
C ASN M 525 30.41 47.79 8.71
N PRO M 526 31.38 46.93 9.02
CA PRO M 526 32.01 46.09 8.02
C PRO M 526 31.17 44.88 7.63
N PHE M 527 30.15 44.53 8.42
CA PHE M 527 29.29 43.40 8.14
C PHE M 527 28.18 43.76 7.16
N ASN M 528 27.92 45.06 6.94
CA ASN M 528 26.95 45.55 5.97
C ASN M 528 27.67 45.65 4.63
N HIS M 529 28.10 44.52 4.10
CA HIS M 529 28.87 44.44 2.88
C HIS M 529 28.43 43.25 2.04
N HIS M 530 28.38 43.36 0.72
CA HIS M 530 27.96 42.26 -0.15
C HIS M 530 28.89 41.05 -0.12
N ARG M 531 30.08 41.19 0.43
CA ARG M 531 31.09 40.16 0.46
C ARG M 531 31.12 39.33 1.74
N ASN M 532 30.19 39.49 2.67
CA ASN M 532 30.20 38.64 3.85
C ASN M 532 29.54 37.28 3.60
N ALA M 533 30.33 36.23 3.72
CA ALA M 533 29.90 34.88 3.46
C ALA M 533 28.70 34.43 4.28
N GLY M 534 28.58 34.81 5.55
CA GLY M 534 27.44 34.37 6.34
C GLY M 534 26.10 34.87 5.81
N LEU M 535 26.02 36.15 5.42
CA LEU M 535 24.79 36.66 4.88
C LEU M 535 24.58 36.11 3.48
N ARG M 536 25.61 35.99 2.64
CA ARG M 536 25.44 35.38 1.32
C ARG M 536 24.82 34.02 1.46
N TYR M 537 25.35 33.18 2.33
CA TYR M 537 24.85 31.85 2.54
C TYR M 537 23.39 31.91 2.99
N ARG M 538 23.10 32.66 4.05
CA ARG M 538 21.73 32.83 4.58
C ARG M 538 20.78 33.44 3.57
N SER M 539 21.25 34.26 2.64
CA SER M 539 20.40 34.80 1.59
C SER M 539 20.19 33.80 0.47
N MET M 540 21.20 33.02 0.10
CA MET M 540 21.11 32.01 -0.95
C MET M 540 20.40 30.75 -0.48
N LEU M 541 20.35 30.50 0.82
CA LEU M 541 19.68 29.33 1.39
C LEU M 541 18.18 29.35 1.12
N LEU M 542 17.61 30.54 1.04
CA LEU M 542 16.20 30.80 0.70
C LEU M 542 16.00 30.83 -0.83
N GLY M 543 17.05 30.73 -1.63
CA GLY M 543 17.05 30.82 -3.09
C GLY M 543 17.22 32.25 -3.63
N ASN M 544 17.21 32.42 -4.95
CA ASN M 544 17.44 33.69 -5.66
C ASN M 544 16.23 34.56 -6.02
N GLY M 545 14.99 34.17 -5.76
CA GLY M 545 13.83 35.01 -6.10
C GLY M 545 13.41 35.93 -4.97
N ARG M 546 12.73 37.05 -5.24
CA ARG M 546 12.25 37.92 -4.16
C ARG M 546 11.09 37.32 -3.40
N TYR M 547 10.36 36.39 -4.00
CA TYR M 547 9.23 35.70 -3.39
C TYR M 547 9.67 34.34 -2.93
N VAL M 548 9.48 34.04 -1.64
CA VAL M 548 9.95 32.80 -1.05
C VAL M 548 8.99 32.23 -0.01
N PRO M 549 8.33 31.08 -0.25
CA PRO M 549 7.49 30.40 0.72
C PRO M 549 8.37 29.63 1.71
N PHE M 550 9.01 30.34 2.63
CA PHE M 550 9.93 29.79 3.62
C PHE M 550 9.35 28.75 4.59
N HIS M 551 10.23 27.94 5.12
CA HIS M 551 9.97 26.88 6.09
C HIS M 551 11.24 26.80 6.94
N ILE M 552 11.14 27.11 8.23
CA ILE M 552 12.29 27.18 9.15
C ILE M 552 12.01 26.54 10.50
N GLN M 553 13.08 26.15 11.19
CA GLN M 553 13.04 25.54 12.53
C GLN M 553 13.70 26.48 13.54
N VAL M 554 12.97 27.38 14.18
CA VAL M 554 13.57 28.32 15.14
C VAL M 554 13.81 27.66 16.50
N PRO M 555 15.03 27.67 17.06
CA PRO M 555 15.33 27.05 18.35
C PRO M 555 15.00 27.94 19.55
N GLN M 556 15.02 27.37 20.75
CA GLN M 556 14.76 28.11 21.99
C GLN M 556 16.09 28.53 22.62
N LYS M 557 16.29 29.81 22.93
CA LYS M 557 17.51 30.37 23.52
C LYS M 557 17.45 30.83 24.98
N PHE M 558 16.29 30.94 25.61
CA PHE M 558 16.21 31.40 27.00
C PHE M 558 16.93 30.45 27.95
N PHE M 559 17.87 30.94 28.74
CA PHE M 559 18.75 30.08 29.55
C PHE M 559 18.06 29.14 30.52
N ALA M 560 16.97 29.56 31.14
CA ALA M 560 16.25 28.74 32.10
C ALA M 560 15.47 27.59 31.45
N ILE M 561 15.45 27.50 30.12
CA ILE M 561 14.71 26.50 29.37
C ILE M 561 15.56 25.78 28.32
N LYS M 562 16.48 26.45 27.62
CA LYS M 562 17.22 25.86 26.50
C LYS M 562 17.92 24.53 26.77
N ASN M 563 18.29 24.21 28.00
CA ASN M 563 18.89 22.92 28.36
C ASN M 563 18.04 22.15 29.39
N LEU M 564 16.87 22.64 29.78
CA LEU M 564 16.03 22.03 30.81
C LEU M 564 15.59 20.60 30.45
N LEU M 565 15.50 19.71 31.43
CA LEU M 565 14.81 18.44 31.28
C LEU M 565 13.44 18.53 31.97
N LEU M 566 12.36 18.33 31.22
CA LEU M 566 11.00 18.32 31.73
C LEU M 566 10.54 16.93 32.09
N LEU M 567 10.06 16.80 33.31
CA LEU M 567 9.46 15.58 33.80
C LEU M 567 8.00 15.54 33.33
N PRO M 568 7.31 14.40 33.44
CA PRO M 568 5.92 14.23 33.00
C PRO M 568 4.92 15.27 33.51
N GLY M 569 4.01 15.69 32.64
CA GLY M 569 2.94 16.65 32.93
C GLY M 569 2.54 17.46 31.70
N SER M 570 1.44 18.20 31.75
CA SER M 570 1.04 19.09 30.66
C SER M 570 1.38 20.52 31.00
N TYR M 571 2.18 21.18 30.16
CA TYR M 571 2.64 22.55 30.36
C TYR M 571 2.15 23.49 29.28
N THR M 572 1.57 24.65 29.64
CA THR M 572 1.19 25.63 28.63
C THR M 572 2.47 26.33 28.23
N TYR M 573 2.85 26.24 26.97
CA TYR M 573 4.03 26.85 26.40
C TYR M 573 3.57 27.89 25.39
N GLU M 574 3.97 29.14 25.53
CA GLU M 574 3.64 30.21 24.59
C GLU M 574 4.88 30.98 24.23
N TRP M 575 4.89 31.52 23.03
CA TRP M 575 5.94 32.43 22.65
C TRP M 575 5.35 33.47 21.73
N ASN M 576 5.94 34.66 21.77
CA ASN M 576 5.66 35.78 20.88
C ASN M 576 6.74 35.86 19.81
N PHE M 577 6.35 36.17 18.58
CA PHE M 577 7.27 36.27 17.45
C PHE M 577 7.08 37.56 16.66
N ARG M 578 8.16 38.20 16.19
CA ARG M 578 8.12 39.45 15.40
C ARG M 578 7.75 39.23 13.93
N LYS M 579 7.01 40.15 13.32
CA LYS M 579 6.73 40.22 11.86
C LYS M 579 7.44 41.43 11.23
N ASP M 580 8.12 42.25 12.03
CA ASP M 580 8.88 43.44 11.62
C ASP M 580 10.07 43.07 10.76
N VAL M 581 10.01 43.32 9.45
CA VAL M 581 11.11 42.99 8.52
C VAL M 581 12.44 43.60 8.88
N ASN M 582 12.54 44.76 9.53
CA ASN M 582 13.85 45.28 9.88
C ASN M 582 14.50 44.44 10.98
N MET M 583 13.71 43.86 11.87
CA MET M 583 14.20 43.02 12.96
C MET M 583 14.47 41.60 12.50
N ILE M 584 13.55 40.95 11.80
CA ILE M 584 13.72 39.55 11.41
C ILE M 584 14.55 39.30 10.15
N LEU M 585 14.57 40.20 9.16
CA LEU M 585 15.44 40.05 7.99
C LEU M 585 16.68 40.94 8.10
N GLN M 586 17.74 40.60 7.39
CA GLN M 586 18.95 41.40 7.29
C GLN M 586 19.22 41.67 5.82
N SER M 587 19.82 42.81 5.50
CA SER M 587 20.17 43.18 4.13
C SER M 587 21.64 43.55 4.05
N SER M 588 22.34 43.34 2.94
CA SER M 588 23.76 43.68 2.91
C SER M 588 24.00 45.19 2.87
N LEU M 589 23.04 46.01 2.43
CA LEU M 589 23.18 47.46 2.44
C LEU M 589 22.70 48.12 3.73
N GLY M 590 21.74 47.51 4.43
CA GLY M 590 21.16 48.04 5.65
C GLY M 590 20.03 49.05 5.44
N ASN M 591 19.43 49.10 4.25
CA ASN M 591 18.32 49.97 3.89
C ASN M 591 17.05 49.73 4.72
N ASP M 592 16.11 50.65 4.74
CA ASP M 592 14.87 50.48 5.51
C ASP M 592 13.89 49.56 4.77
N LEU M 593 13.88 48.26 5.06
CA LEU M 593 13.00 47.32 4.38
C LEU M 593 11.51 47.60 4.59
N ARG M 594 11.09 48.26 5.68
CA ARG M 594 9.67 48.59 5.87
C ARG M 594 9.17 49.59 4.84
N VAL M 595 10.08 50.37 4.26
CA VAL M 595 9.81 51.35 3.21
C VAL M 595 10.10 50.74 1.85
N ASP M 596 11.20 49.99 1.73
CA ASP M 596 11.62 49.36 0.49
C ASP M 596 10.85 48.10 0.05
N GLY M 597 9.65 47.89 0.60
CA GLY M 597 8.71 46.86 0.16
C GLY M 597 8.77 45.44 0.70
N ALA M 598 9.60 45.08 1.67
CA ALA M 598 9.59 43.70 2.15
C ALA M 598 8.40 43.40 3.06
N SER M 599 7.94 42.14 3.14
CA SER M 599 6.89 41.74 4.08
C SER M 599 6.93 40.25 4.38
N VAL M 600 6.32 39.85 5.49
CA VAL M 600 6.28 38.46 5.94
C VAL M 600 4.91 38.08 6.47
N ARG M 601 4.51 36.84 6.18
CA ARG M 601 3.25 36.25 6.61
C ARG M 601 3.55 34.88 7.19
N PHE M 602 2.99 34.54 8.35
CA PHE M 602 3.16 33.21 8.93
C PHE M 602 1.88 32.45 8.67
N ASP M 603 1.98 31.27 8.05
CA ASP M 603 0.85 30.43 7.73
C ASP M 603 0.59 29.44 8.88
N SER M 604 1.64 28.96 9.55
CA SER M 604 1.51 28.13 10.76
C SER M 604 2.82 28.10 11.56
N VAL M 605 2.69 27.81 12.84
CA VAL M 605 3.79 27.70 13.81
C VAL M 605 3.50 26.44 14.60
N ASN M 606 4.37 25.45 14.61
CA ASN M 606 4.16 24.20 15.32
C ASN M 606 5.33 23.92 16.24
N LEU M 607 5.08 23.30 17.37
CA LEU M 607 6.12 22.96 18.32
C LEU M 607 6.50 21.50 18.14
N TYR M 608 7.77 21.18 17.89
CA TYR M 608 8.21 19.79 17.80
C TYR M 608 8.98 19.42 19.06
N ALA M 609 8.88 18.17 19.52
CA ALA M 609 9.61 17.64 20.66
C ALA M 609 10.11 16.24 20.33
N THR M 610 11.36 15.92 20.70
CA THR M 610 11.95 14.60 20.47
C THR M 610 12.31 13.94 21.80
N PHE M 611 11.92 12.68 21.99
CA PHE M 611 12.10 11.93 23.23
C PHE M 611 13.04 10.73 23.08
N PHE M 612 14.13 10.64 23.86
CA PHE M 612 14.88 9.38 24.01
C PHE M 612 13.91 8.31 24.53
N PRO M 613 13.76 7.14 23.87
CA PRO M 613 12.78 6.12 24.21
C PRO M 613 13.15 5.26 25.42
N MET M 614 13.38 5.91 26.54
CA MET M 614 13.95 5.29 27.73
C MET M 614 13.10 4.16 28.29
N ALA M 615 13.71 3.08 28.77
CA ALA M 615 12.95 2.01 29.41
C ALA M 615 12.09 2.64 30.53
N HIS M 616 10.80 2.32 30.62
CA HIS M 616 9.90 2.97 31.59
C HIS M 616 10.28 2.77 33.04
N ASN M 617 10.76 1.60 33.42
CA ASN M 617 11.24 1.37 34.77
C ASN M 617 12.48 2.25 35.06
N THR M 618 13.25 2.60 34.03
CA THR M 618 14.36 3.54 34.15
C THR M 618 13.87 4.98 34.20
N ALA M 619 12.95 5.40 33.33
CA ALA M 619 12.45 6.78 33.31
C ALA M 619 11.68 7.09 34.59
N SER M 620 10.89 6.14 35.06
CA SER M 620 10.13 6.31 36.28
C SER M 620 11.08 6.40 37.48
N THR M 621 12.25 5.76 37.41
CA THR M 621 13.31 5.93 38.41
C THR M 621 14.00 7.29 38.30
N LEU M 622 14.37 7.71 37.10
CA LEU M 622 14.94 9.02 36.87
C LEU M 622 14.01 10.14 37.33
N GLU M 623 12.71 10.12 36.99
CA GLU M 623 11.72 11.10 37.44
C GLU M 623 11.72 11.14 38.96
N ALA M 624 11.58 10.01 39.64
CA ALA M 624 11.58 9.98 41.09
C ALA M 624 12.86 10.56 41.71
N MET M 625 14.00 10.49 41.03
CA MET M 625 15.21 11.15 41.53
C MET M 625 15.19 12.63 41.24
N LEU M 626 14.73 13.06 40.07
CA LEU M 626 14.74 14.47 39.71
C LEU M 626 13.63 15.29 40.36
N ARG M 627 12.56 14.69 40.89
CA ARG M 627 11.51 15.41 41.61
C ARG M 627 11.89 15.78 43.04
N ASN M 628 12.87 15.13 43.63
CA ASN M 628 13.30 15.40 44.99
C ASN M 628 14.01 16.76 45.05
N ASP M 629 13.75 17.61 46.03
CA ASP M 629 14.37 18.95 46.10
C ASP M 629 15.90 18.95 46.25
N THR M 630 16.53 17.83 46.54
CA THR M 630 17.98 17.71 46.57
C THR M 630 18.56 17.84 45.16
N ASN M 631 17.80 17.42 44.16
CA ASN M 631 18.24 17.32 42.77
C ASN M 631 17.65 18.35 41.82
N ASP M 632 17.42 19.58 42.27
CA ASP M 632 16.91 20.62 41.38
C ASP M 632 17.89 20.96 40.28
N GLN M 633 17.40 20.96 39.04
CA GLN M 633 18.23 21.39 37.93
C GLN M 633 18.55 22.86 38.11
N SER M 634 19.70 23.31 37.67
CA SER M 634 20.09 24.71 37.76
C SER M 634 20.85 25.10 36.53
N PHE M 635 20.65 26.35 36.13
CA PHE M 635 21.19 26.91 34.91
C PHE M 635 21.67 28.31 35.18
N ASN M 636 22.48 28.82 34.26
CA ASN M 636 23.12 30.12 34.39
C ASN M 636 23.22 30.74 33.00
N ASP M 637 22.66 31.93 32.78
CA ASP M 637 22.76 32.63 31.50
C ASP M 637 24.23 32.73 31.09
N TYR M 638 24.63 32.35 29.87
CA TYR M 638 26.05 32.37 29.52
C TYR M 638 26.71 33.74 29.60
N LEU M 639 26.07 34.81 29.13
CA LEU M 639 26.61 36.17 29.24
C LEU M 639 26.74 36.57 30.71
N SER M 640 25.70 36.33 31.51
CA SER M 640 25.65 36.60 32.95
C SER M 640 26.05 38.03 33.28
N ALA M 641 25.26 38.99 32.84
CA ALA M 641 25.53 40.39 33.05
C ALA M 641 24.27 41.24 33.10
N ALA M 642 24.36 42.43 33.65
CA ALA M 642 23.31 43.43 33.68
C ALA M 642 23.72 44.45 32.61
N ASN M 643 22.82 44.73 31.68
CA ASN M 643 23.11 45.53 30.49
C ASN M 643 22.61 46.97 30.58
N MET M 644 23.52 47.91 30.39
CA MET M 644 23.24 49.33 30.35
C MET M 644 23.55 49.86 28.97
N LEU M 645 22.77 50.83 28.51
CA LEU M 645 23.04 51.57 27.28
C LEU M 645 22.97 53.06 27.62
N TYR M 646 24.06 53.80 27.46
CA TYR M 646 24.10 55.22 27.77
C TYR M 646 24.27 56.01 26.49
N PRO M 647 23.48 57.06 26.24
CA PRO M 647 23.64 57.83 25.02
C PRO M 647 24.88 58.72 25.06
N ILE M 648 25.60 58.77 23.94
CA ILE M 648 26.75 59.63 23.73
C ILE M 648 26.31 60.60 22.63
N PRO M 649 26.06 61.89 22.96
CA PRO M 649 25.59 62.86 22.00
C PRO M 649 26.52 62.99 20.80
N ALA M 650 26.00 63.39 19.65
CA ALA M 650 26.82 63.54 18.46
C ALA M 650 27.97 64.52 18.78
N LYS M 651 29.18 64.15 18.36
CA LYS M 651 30.44 64.88 18.58
C LYS M 651 30.91 65.00 20.04
N ALA M 652 30.24 64.41 21.02
CA ALA M 652 30.72 64.42 22.41
C ALA M 652 31.92 63.48 22.57
N THR M 653 33.00 63.92 23.19
CA THR M 653 34.21 63.11 23.43
C THR M 653 34.26 62.48 24.80
N ASN M 654 33.43 62.90 25.75
CA ASN M 654 33.43 62.42 27.13
C ASN M 654 32.06 61.91 27.53
N VAL M 655 32.01 60.77 28.21
CA VAL M 655 30.75 60.18 28.67
C VAL M 655 30.89 59.74 30.11
N PRO M 656 30.48 60.58 31.07
CA PRO M 656 30.55 60.28 32.48
C PRO M 656 29.29 59.53 32.88
N ILE M 657 29.43 58.45 33.64
CA ILE M 657 28.28 57.66 34.11
C ILE M 657 28.49 57.23 35.56
N SER M 658 27.41 56.99 36.30
CA SER M 658 27.50 56.58 37.69
C SER M 658 26.36 55.71 38.18
N ILE M 659 26.64 54.89 39.18
CA ILE M 659 25.66 54.07 39.84
C ILE M 659 25.67 54.44 41.32
N PRO M 660 24.52 54.81 41.92
CA PRO M 660 24.49 55.18 43.31
C PRO M 660 24.77 53.99 44.21
N SER M 661 25.20 54.29 45.44
CA SER M 661 25.64 53.38 46.50
C SER M 661 24.95 52.00 46.46
N ARG M 662 25.75 50.93 46.44
CA ARG M 662 25.31 49.57 46.18
C ARG M 662 26.22 48.55 46.88
N ASN M 663 25.76 47.31 47.06
CA ASN M 663 26.59 46.19 47.50
C ASN M 663 27.21 45.47 46.29
N TRP M 664 28.50 45.15 46.36
CA TRP M 664 29.22 44.53 45.25
C TRP M 664 29.66 43.09 45.50
N ALA M 665 29.05 42.40 46.45
CA ALA M 665 29.39 41.01 46.71
C ALA M 665 29.15 40.21 45.44
N ALA M 666 30.08 39.32 45.11
CA ALA M 666 30.11 38.48 43.93
C ALA M 666 30.18 39.21 42.60
N PHE M 667 30.48 40.51 42.55
CA PHE M 667 30.67 41.22 41.29
C PHE M 667 31.82 40.57 40.52
N ARG M 668 31.75 40.50 39.19
CA ARG M 668 32.80 39.86 38.37
C ARG M 668 33.67 40.82 37.58
N GLY M 669 33.18 41.99 37.23
CA GLY M 669 33.93 42.96 36.44
C GLY M 669 33.06 43.66 35.40
N TRP M 670 33.67 44.39 34.49
CA TRP M 670 32.98 45.13 33.46
C TRP M 670 33.37 44.73 32.06
N SER M 671 32.42 44.72 31.14
CA SER M 671 32.65 44.55 29.71
C SER M 671 32.02 45.75 29.04
N PHE M 672 32.62 46.36 28.03
CA PHE M 672 32.04 47.53 27.40
C PHE M 672 32.41 47.64 25.94
N THR M 673 31.58 48.34 25.18
CA THR M 673 31.76 48.57 23.76
C THR M 673 30.88 49.73 23.31
N ARG M 674 30.98 50.18 22.06
CA ARG M 674 30.24 51.32 21.51
C ARG M 674 29.37 50.88 20.35
N LEU M 675 28.17 51.42 20.26
CA LEU M 675 27.16 51.12 19.24
C LEU M 675 26.63 52.36 18.56
N LYS M 676 26.17 52.26 17.31
CA LYS M 676 25.50 53.41 16.68
C LYS M 676 24.05 53.43 17.15
N THR M 677 23.44 54.60 17.27
CA THR M 677 22.03 54.63 17.71
C THR M 677 21.13 54.12 16.62
N LYS M 678 21.38 54.46 15.36
CA LYS M 678 20.53 53.96 14.28
C LYS M 678 20.64 52.47 14.08
N GLU M 679 21.72 51.85 14.55
CA GLU M 679 21.97 50.41 14.47
C GLU M 679 21.56 49.68 15.76
N THR M 680 20.69 50.25 16.58
CA THR M 680 20.27 49.65 17.85
C THR M 680 18.77 49.83 18.10
N PRO M 681 17.97 48.76 17.98
CA PRO M 681 16.54 48.85 18.19
C PRO M 681 16.21 48.98 19.66
N SER M 682 15.22 49.78 20.07
CA SER M 682 14.87 49.86 21.50
C SER M 682 14.29 48.53 21.99
N LEU M 683 14.71 47.99 23.15
CA LEU M 683 14.16 46.70 23.62
C LEU M 683 12.77 46.78 24.25
N GLY M 684 12.50 47.81 25.04
CA GLY M 684 11.21 48.02 25.69
C GLY M 684 10.14 48.45 24.70
N SER M 685 9.85 47.59 23.73
CA SER M 685 9.06 47.93 22.54
C SER M 685 8.56 46.67 21.86
N GLY M 686 7.27 46.61 21.60
CA GLY M 686 6.73 45.63 20.66
C GLY M 686 7.20 45.90 19.24
N PHE M 687 7.21 47.18 18.86
CA PHE M 687 7.69 47.68 17.58
C PHE M 687 8.42 49.01 17.79
N ASP M 688 9.42 49.33 16.98
CA ASP M 688 10.20 50.56 17.10
C ASP M 688 10.15 51.33 15.77
N PRO M 689 9.23 52.29 15.61
CA PRO M 689 9.02 52.93 14.33
C PRO M 689 10.23 53.77 13.88
N TYR M 690 11.16 54.10 14.77
CA TYR M 690 12.37 54.86 14.45
C TYR M 690 13.58 53.96 14.13
N PHE M 691 13.45 52.63 14.19
CA PHE M 691 14.50 51.69 13.81
C PHE M 691 14.51 51.54 12.28
N VAL M 692 14.90 52.60 11.60
CA VAL M 692 14.90 52.78 10.14
C VAL M 692 16.17 52.22 9.48
N TYR M 693 16.53 51.00 9.84
CA TYR M 693 17.74 50.32 9.35
C TYR M 693 17.61 48.81 9.46
N SER M 694 18.24 48.03 8.57
CA SER M 694 18.18 46.57 8.62
C SER M 694 19.52 45.85 8.48
N GLY M 695 20.66 46.51 8.66
CA GLY M 695 21.96 45.86 8.59
C GLY M 695 22.19 45.00 9.83
N SER M 696 23.42 44.62 10.14
CA SER M 696 23.72 43.84 11.35
C SER M 696 23.27 44.61 12.59
N ILE M 697 22.96 43.93 13.67
CA ILE M 697 22.56 44.56 14.92
C ILE M 697 23.57 44.06 15.96
N PRO M 698 24.72 44.72 16.11
CA PRO M 698 25.76 44.28 17.02
C PRO M 698 25.28 43.96 18.42
N TYR M 699 24.39 44.77 18.97
CA TYR M 699 23.85 44.56 20.31
C TYR M 699 23.13 43.21 20.45
N LEU M 700 22.54 42.71 19.38
CA LEU M 700 21.78 41.45 19.34
C LEU M 700 22.62 40.29 18.82
N ASP M 701 23.50 40.52 17.84
CA ASP M 701 24.23 39.45 17.16
C ASP M 701 25.73 39.31 17.47
N GLY M 702 26.36 40.28 18.14
CA GLY M 702 27.77 40.23 18.53
C GLY M 702 28.78 40.83 17.56
N THR M 703 28.36 41.43 16.45
CA THR M 703 29.26 42.09 15.47
C THR M 703 29.82 43.44 15.92
N PHE M 704 30.37 43.59 17.14
CA PHE M 704 30.87 44.89 17.63
C PHE M 704 32.06 45.42 16.83
N TYR M 705 31.95 46.61 16.25
CA TYR M 705 33.00 47.18 15.37
C TYR M 705 33.53 48.59 15.69
N LEU M 706 33.25 49.17 16.86
CA LEU M 706 33.72 50.51 17.24
C LEU M 706 34.68 50.51 18.46
N ASN M 707 35.28 49.38 18.79
CA ASN M 707 36.18 49.23 19.96
C ASN M 707 37.45 50.07 19.86
N HIS M 708 37.93 50.37 18.67
CA HIS M 708 39.11 51.21 18.47
C HIS M 708 38.86 52.67 18.84
N THR M 709 37.61 53.07 19.07
CA THR M 709 37.25 54.46 19.37
C THR M 709 37.39 54.86 20.83
N PHE M 710 37.69 53.95 21.75
CA PHE M 710 37.92 54.32 23.16
C PHE M 710 39.32 54.88 23.39
N LYS M 711 39.49 55.93 24.21
CA LYS M 711 40.80 56.50 24.55
C LYS M 711 41.21 56.14 25.97
N LYS M 712 40.35 56.35 26.95
CA LYS M 712 40.59 55.94 28.33
C LYS M 712 39.33 55.75 29.12
N VAL M 713 39.43 54.96 30.19
CA VAL M 713 38.35 54.72 31.13
C VAL M 713 38.93 54.80 32.53
N SER M 714 38.22 55.40 33.46
CA SER M 714 38.65 55.52 34.85
C SER M 714 37.51 55.09 35.75
N ILE M 715 37.85 54.48 36.88
CA ILE M 715 36.90 53.89 37.80
C ILE M 715 37.18 54.49 39.16
N MET M 716 36.13 54.92 39.85
CA MET M 716 36.23 55.66 41.09
C MET M 716 35.09 55.36 42.04
N PHE M 717 35.35 54.60 43.09
CA PHE M 717 34.36 54.29 44.11
C PHE M 717 34.22 55.43 45.12
N ASP M 718 33.02 55.67 45.61
CA ASP M 718 32.72 56.70 46.61
C ASP M 718 33.25 58.09 46.28
N SER M 719 33.42 58.42 45.01
CA SER M 719 34.00 59.68 44.55
C SER M 719 35.37 60.02 45.17
N SER M 720 36.11 59.02 45.65
CA SER M 720 37.46 59.20 46.22
C SER M 720 38.38 58.00 46.06
N VAL M 721 37.85 56.79 46.18
CA VAL M 721 38.64 55.57 46.12
C VAL M 721 38.80 55.13 44.69
N SER M 722 39.84 55.66 44.05
CA SER M 722 40.17 55.29 42.69
C SER M 722 40.52 53.80 42.58
N TRP M 723 40.11 53.13 41.51
CA TRP M 723 40.36 51.70 41.27
C TRP M 723 41.01 51.53 39.88
N PRO M 724 41.97 50.62 39.69
CA PRO M 724 42.52 49.68 40.66
C PRO M 724 43.40 50.29 41.75
N GLY M 725 43.77 51.57 41.61
CA GLY M 725 44.61 52.24 42.59
C GLY M 725 45.90 51.45 42.83
N ASN M 726 46.39 51.45 44.06
CA ASN M 726 47.58 50.72 44.51
C ASN M 726 48.79 50.82 43.58
N ASP M 727 48.95 51.94 42.88
CA ASP M 727 50.05 52.21 41.95
C ASP M 727 50.18 51.17 40.81
N ARG M 728 49.12 50.43 40.47
CA ARG M 728 49.26 49.22 39.64
C ARG M 728 49.78 49.48 38.23
N LEU M 729 49.08 50.32 37.50
CA LEU M 729 49.36 50.62 36.11
C LEU M 729 50.44 51.69 35.95
N LEU M 730 50.96 51.89 34.73
CA LEU M 730 51.94 52.95 34.46
C LEU M 730 51.30 54.35 34.64
N THR M 731 49.97 54.41 34.61
CA THR M 731 49.10 55.59 34.82
C THR M 731 48.08 55.13 35.87
N PRO M 732 48.46 55.08 37.15
CA PRO M 732 47.70 54.42 38.20
C PRO M 732 46.20 54.63 38.35
N ASN M 733 45.69 55.80 38.00
CA ASN M 733 44.29 56.11 38.17
C ASN M 733 43.41 55.92 36.95
N GLU M 734 43.97 55.62 35.77
CA GLU M 734 43.20 55.46 34.53
C GLU M 734 43.65 54.30 33.66
N PHE M 735 42.71 53.54 33.08
CA PHE M 735 43.09 52.58 32.06
C PHE M 735 43.21 53.37 30.77
N GLU M 736 44.43 53.77 30.42
CA GLU M 736 44.70 54.50 29.20
C GLU M 736 44.74 53.49 28.06
N ILE M 737 43.63 53.32 27.36
CA ILE M 737 43.45 52.33 26.29
C ILE M 737 44.40 52.57 25.13
N LYS M 738 44.56 53.82 24.71
CA LYS M 738 45.45 54.22 23.62
C LYS M 738 45.86 55.67 23.82
N ARG M 739 46.97 56.08 23.24
CA ARG M 739 47.43 57.47 23.33
C ARG M 739 47.86 58.01 21.97
N SER M 740 47.53 59.26 21.69
CA SER M 740 47.84 59.92 20.42
C SER M 740 49.27 60.44 20.35
N VAL M 741 49.89 60.68 21.50
CA VAL M 741 51.28 61.12 21.63
C VAL M 741 51.83 60.39 22.85
N ASP M 742 53.06 59.91 22.75
CA ASP M 742 53.68 59.05 23.74
C ASP M 742 55.08 59.49 24.13
N GLY M 743 55.20 60.42 25.07
CA GLY M 743 56.51 60.88 25.53
C GLY M 743 57.33 59.79 26.22
N GLU M 744 56.72 59.04 27.14
CA GLU M 744 57.41 58.03 27.93
C GLU M 744 57.69 56.72 27.19
N GLY M 745 57.02 56.45 26.08
CA GLY M 745 57.21 55.22 25.31
C GLY M 745 56.29 54.09 25.76
N TYR M 746 55.10 54.40 26.28
CA TYR M 746 54.15 53.40 26.77
C TYR M 746 53.33 52.68 25.70
N ASN M 747 53.50 52.94 24.40
CA ASN M 747 52.81 52.17 23.35
C ASN M 747 53.29 50.70 23.29
N VAL M 748 52.62 49.82 22.55
CA VAL M 748 53.06 48.44 22.23
C VAL M 748 52.65 47.96 20.86
N ALA M 749 53.17 46.80 20.47
CA ALA M 749 52.70 46.00 19.35
C ALA M 749 52.77 46.71 18.00
N GLN M 750 53.61 47.74 17.93
CA GLN M 750 53.84 48.60 16.78
C GLN M 750 52.61 49.38 16.31
N CYS M 751 51.63 49.58 17.18
CA CYS M 751 50.56 50.56 17.02
C CYS M 751 50.60 51.60 18.16
N ASN M 752 49.46 52.12 18.60
CA ASN M 752 49.35 53.10 19.67
C ASN M 752 48.61 52.59 20.92
N MET M 753 48.26 51.31 20.98
CA MET M 753 47.63 50.73 22.17
C MET M 753 48.66 50.78 23.30
N THR M 754 48.29 50.97 24.57
CA THR M 754 49.31 51.05 25.64
C THR M 754 49.76 49.70 26.17
N LYS M 755 50.92 49.70 26.80
CA LYS M 755 51.45 48.63 27.65
C LYS M 755 50.45 48.19 28.71
N ASP M 756 49.84 49.13 29.43
CA ASP M 756 48.84 48.82 30.45
C ASP M 756 47.64 48.10 29.89
N TRP M 757 47.05 48.63 28.81
CA TRP M 757 45.85 48.04 28.24
C TRP M 757 46.12 46.69 27.60
N PHE M 758 47.17 46.56 26.81
CA PHE M 758 47.52 45.31 26.18
C PHE M 758 47.74 44.23 27.24
N LEU M 759 48.37 44.57 28.36
CA LEU M 759 48.58 43.66 29.47
C LEU M 759 47.24 43.22 30.02
N VAL M 760 46.34 44.15 30.33
CA VAL M 760 45.02 43.86 30.91
C VAL M 760 44.19 42.98 30.00
N GLN M 761 44.20 43.21 28.68
CA GLN M 761 43.45 42.36 27.76
C GLN M 761 44.07 40.96 27.66
N MET M 762 45.38 40.82 27.49
CA MET M 762 46.03 39.50 27.50
C MET M 762 45.90 38.77 28.84
N LEU M 763 45.82 39.47 29.96
CA LEU M 763 45.63 38.82 31.26
C LEU M 763 44.21 38.34 31.40
N SER M 764 43.23 39.18 31.03
CA SER M 764 41.83 38.83 31.21
C SER M 764 41.33 37.74 30.27
N HIS M 765 41.78 37.70 29.01
CA HIS M 765 41.39 36.68 28.05
C HIS M 765 42.16 35.37 28.19
N TYR M 766 43.45 35.42 28.52
CA TYR M 766 44.29 34.23 28.51
C TYR M 766 45.20 34.02 29.72
N ASN M 767 45.15 34.83 30.77
CA ASN M 767 46.07 34.70 31.90
C ASN M 767 47.57 34.83 31.47
N ILE M 768 47.86 35.49 30.34
CA ILE M 768 49.20 35.59 29.74
C ILE M 768 50.21 36.63 30.23
N GLY M 769 49.85 37.85 30.62
CA GLY M 769 50.86 38.88 30.89
C GLY M 769 52.02 38.62 31.84
N TYR M 770 51.78 38.17 33.07
CA TYR M 770 52.89 37.85 33.97
C TYR M 770 53.66 36.68 33.36
N GLN M 771 54.98 36.67 33.48
CA GLN M 771 55.84 35.65 32.87
C GLN M 771 55.68 35.53 31.34
N GLY M 772 55.59 36.68 30.68
CA GLY M 772 55.85 36.90 29.26
C GLY M 772 54.71 36.62 28.27
N PHE M 773 54.65 37.43 27.22
CA PHE M 773 53.66 37.32 26.16
C PHE M 773 54.05 36.32 25.06
N HIS M 774 53.05 35.63 24.55
CA HIS M 774 53.12 34.69 23.42
C HIS M 774 51.74 34.57 22.79
N VAL M 775 51.64 33.97 21.59
CA VAL M 775 50.32 33.74 21.01
C VAL M 775 49.54 32.71 21.85
N PRO M 776 48.30 32.98 22.25
CA PRO M 776 47.51 32.06 23.04
C PRO M 776 47.21 30.81 22.23
N GLU M 777 47.14 29.64 22.86
CA GLU M 777 46.87 28.40 22.14
C GLU M 777 45.51 28.49 21.41
N GLY M 778 45.45 28.03 20.17
CA GLY M 778 44.26 28.16 19.31
C GLY M 778 42.91 27.73 19.87
N TYR M 779 42.82 26.71 20.73
CA TYR M 779 41.51 26.32 21.24
C TYR M 779 40.99 27.35 22.28
N LYS M 780 41.86 28.17 22.91
CA LYS M 780 41.49 29.23 23.89
C LYS M 780 41.44 30.61 23.26
N ASP M 781 41.47 30.70 21.93
CA ASP M 781 41.43 31.94 21.17
C ASP M 781 40.31 31.84 20.12
N ARG M 782 39.07 31.96 20.60
CA ARG M 782 37.82 31.82 19.85
C ARG M 782 37.52 33.02 18.94
N MET M 783 36.41 33.02 18.21
CA MET M 783 36.08 34.12 17.31
C MET M 783 35.85 35.44 18.02
N TYR M 784 35.39 35.46 19.27
CA TYR M 784 35.18 36.70 20.03
C TYR M 784 36.33 37.02 20.99
N SER M 785 37.46 36.32 20.88
CA SER M 785 38.64 36.55 21.74
C SER M 785 39.44 37.75 21.25
N PHE M 786 40.43 38.19 22.02
CA PHE M 786 41.21 39.39 21.73
C PHE M 786 42.24 39.23 20.61
N PHE M 787 43.22 38.35 20.79
CA PHE M 787 44.34 38.22 19.86
C PHE M 787 43.88 37.77 18.48
N ARG M 788 42.78 37.03 18.40
CA ARG M 788 42.17 36.60 17.13
C ARG M 788 41.78 37.80 16.28
N ASN M 789 41.29 38.86 16.93
CA ASN M 789 40.77 40.07 16.28
C ASN M 789 41.70 41.28 16.26
N PHE M 790 42.67 41.39 17.19
CA PHE M 790 43.56 42.55 17.27
C PHE M 790 44.42 42.71 16.02
N GLN M 791 44.31 43.85 15.32
CA GLN M 791 45.02 44.18 14.09
C GLN M 791 45.75 45.53 14.18
N PRO M 792 47.05 45.59 14.50
CA PRO M 792 47.83 46.83 14.50
C PRO M 792 48.23 47.27 13.09
N MET M 793 48.32 48.58 12.85
CA MET M 793 48.63 49.15 11.53
C MET M 793 49.44 50.44 11.61
N SER M 794 50.26 50.70 10.58
CA SER M 794 51.07 51.91 10.45
C SER M 794 51.11 52.38 8.99
N ARG M 795 51.13 53.69 8.73
CA ARG M 795 51.31 54.25 7.38
C ARG M 795 52.13 55.52 7.42
N GLN M 796 52.64 55.97 6.27
CA GLN M 796 53.33 57.24 6.13
C GLN M 796 52.49 58.14 5.24
N VAL M 797 52.54 59.43 5.55
CA VAL M 797 51.80 60.47 4.85
C VAL M 797 52.74 61.63 4.57
N VAL M 798 52.50 62.42 3.54
CA VAL M 798 53.33 63.60 3.26
C VAL M 798 53.29 64.57 4.44
N ASP M 799 54.44 65.09 4.84
CA ASP M 799 54.56 66.04 5.93
C ASP M 799 54.13 67.43 5.45
N GLU M 800 52.84 67.72 5.57
CA GLU M 800 52.23 68.98 5.12
C GLU M 800 52.79 70.25 5.79
N ILE M 801 53.58 70.13 6.86
CA ILE M 801 54.16 71.26 7.56
C ILE M 801 55.62 71.47 7.19
N ASN M 802 56.42 70.42 7.19
CA ASN M 802 57.85 70.54 6.91
C ASN M 802 58.22 70.36 5.45
N TYR M 803 57.38 69.77 4.60
CA TYR M 803 57.68 69.69 3.18
C TYR M 803 57.34 71.05 2.54
N LYS M 804 58.35 71.87 2.29
CA LYS M 804 58.17 73.24 1.79
C LYS M 804 57.57 73.37 0.39
N ASP M 805 57.73 72.40 -0.50
CA ASP M 805 57.17 72.43 -1.86
C ASP M 805 55.75 71.84 -1.98
N TYR M 806 55.12 71.52 -0.86
CA TYR M 806 53.77 70.93 -0.81
C TYR M 806 52.72 71.87 -1.40
N LYS M 807 51.73 71.33 -2.10
CA LYS M 807 50.45 72.00 -2.44
C LYS M 807 49.28 71.08 -2.15
N ALA M 808 48.21 71.64 -1.59
CA ALA M 808 46.99 70.96 -1.15
C ALA M 808 45.97 70.68 -2.27
N VAL M 809 46.30 69.90 -3.28
CA VAL M 809 45.38 69.62 -4.40
C VAL M 809 44.18 68.78 -3.98
N THR M 810 42.97 69.34 -4.00
CA THR M 810 41.73 68.63 -3.65
C THR M 810 41.22 67.76 -4.80
N LEU M 811 40.34 66.80 -4.49
CA LEU M 811 39.98 65.70 -5.37
C LEU M 811 39.63 66.08 -6.82
N PRO M 812 38.79 67.08 -7.12
CA PRO M 812 38.43 67.38 -8.51
C PRO M 812 39.62 67.78 -9.38
N PHE M 813 40.70 68.27 -8.77
CA PHE M 813 41.91 68.72 -9.45
C PHE M 813 43.04 67.69 -9.50
N GLN M 814 42.97 66.61 -8.73
CA GLN M 814 43.95 65.53 -8.82
C GLN M 814 43.78 64.76 -10.12
N HIS M 815 44.89 64.43 -10.80
CA HIS M 815 44.85 63.55 -11.95
C HIS M 815 46.00 62.56 -11.93
N ASN M 816 45.64 61.35 -12.34
CA ASN M 816 46.45 60.15 -12.43
C ASN M 816 45.60 59.23 -13.32
N ASN M 817 46.16 58.62 -14.37
CA ASN M 817 45.41 57.82 -15.35
C ASN M 817 44.41 58.67 -16.16
N SER M 818 44.59 59.99 -16.24
CA SER M 818 43.83 60.87 -17.13
C SER M 818 43.92 60.38 -18.56
N GLY M 819 42.87 60.56 -19.35
CA GLY M 819 42.75 59.96 -20.70
C GLY M 819 42.31 58.51 -20.68
N PHE M 820 42.69 57.74 -19.67
CA PHE M 820 42.37 56.33 -19.49
C PHE M 820 41.35 56.06 -18.37
N THR M 821 40.71 57.07 -17.81
CA THR M 821 39.78 56.94 -16.68
C THR M 821 38.63 57.93 -16.76
N GLY M 822 37.47 57.61 -16.19
CA GLY M 822 36.33 58.52 -16.16
C GLY M 822 36.54 59.68 -15.19
N TYR M 823 36.03 60.86 -15.50
CA TYR M 823 36.23 62.02 -14.64
C TYR M 823 35.27 61.99 -13.45
N LEU M 824 35.77 61.65 -12.26
CA LEU M 824 35.01 61.59 -11.00
C LEU M 824 33.76 60.69 -11.06
N ALA M 825 33.72 59.70 -11.95
CA ALA M 825 32.58 58.79 -12.09
C ALA M 825 32.98 57.40 -12.62
N PRO M 826 32.22 56.35 -12.31
CA PRO M 826 32.44 54.99 -12.80
C PRO M 826 31.88 54.85 -14.23
N THR M 827 32.22 55.79 -15.11
CA THR M 827 31.71 55.88 -16.48
C THR M 827 32.85 56.04 -17.48
N MET M 828 32.52 56.25 -18.75
CA MET M 828 33.46 56.27 -19.86
C MET M 828 34.74 57.10 -19.64
N ARG M 829 35.89 56.58 -20.06
CA ARG M 829 37.18 57.27 -20.05
C ARG M 829 37.12 58.66 -20.68
N GLN M 830 37.80 59.63 -20.09
CA GLN M 830 37.88 61.01 -20.59
C GLN M 830 39.31 61.53 -20.56
N GLY M 831 39.60 62.56 -21.36
CA GLY M 831 40.79 63.39 -21.21
C GLY M 831 41.98 63.00 -22.09
N GLN M 832 43.19 63.32 -21.65
CA GLN M 832 44.42 63.01 -22.40
C GLN M 832 45.47 62.36 -21.48
N PRO M 833 46.39 61.54 -22.00
CA PRO M 833 47.54 61.06 -21.24
C PRO M 833 48.36 62.25 -20.75
N TYR M 834 48.79 62.27 -19.49
CA TYR M 834 49.61 63.36 -18.93
C TYR M 834 50.32 62.91 -17.65
N PRO M 835 51.44 63.50 -17.21
CA PRO M 835 52.06 63.19 -15.93
C PRO M 835 51.09 63.32 -14.76
N ALA M 836 51.08 62.35 -13.86
CA ALA M 836 50.19 62.39 -12.71
C ALA M 836 50.68 63.42 -11.69
N ASN M 837 49.78 64.15 -11.06
CA ASN M 837 50.10 65.15 -10.04
C ASN M 837 49.86 64.67 -8.61
N PHE M 838 49.34 63.46 -8.43
CA PHE M 838 49.00 62.92 -7.11
C PHE M 838 49.02 61.37 -7.10
N PRO M 839 49.44 60.71 -6.01
CA PRO M 839 49.96 61.21 -4.73
C PRO M 839 51.47 61.50 -4.76
N TYR M 840 52.00 62.25 -3.79
CA TYR M 840 53.44 62.47 -3.70
C TYR M 840 54.18 61.16 -3.42
N PRO M 841 55.36 60.92 -4.01
CA PRO M 841 56.10 59.69 -3.79
C PRO M 841 56.73 59.65 -2.40
N LEU M 842 56.56 58.54 -1.68
CA LEU M 842 57.21 58.33 -0.38
C LEU M 842 58.45 57.41 -0.45
N ILE M 843 58.85 57.00 -1.65
CA ILE M 843 59.94 56.04 -1.92
C ILE M 843 60.86 56.50 -3.07
N GLY M 844 62.00 55.83 -3.25
CA GLY M 844 62.99 56.20 -4.26
C GLY M 844 63.89 57.35 -3.80
N GLN M 845 64.60 57.96 -4.73
CA GLN M 845 65.54 59.03 -4.40
C GLN M 845 64.84 60.37 -4.16
N THR M 846 63.75 60.64 -4.88
CA THR M 846 62.97 61.88 -4.75
C THR M 846 61.87 61.80 -3.70
N ALA M 847 61.96 60.85 -2.77
CA ALA M 847 60.98 60.66 -1.73
C ALA M 847 60.71 61.96 -0.95
N VAL M 848 59.46 62.20 -0.63
CA VAL M 848 58.99 63.42 0.05
C VAL M 848 58.97 63.28 1.57
N PRO M 849 59.38 64.31 2.35
CA PRO M 849 59.35 64.28 3.81
C PRO M 849 58.00 63.78 4.30
N SER M 850 58.00 62.91 5.30
CA SER M 850 56.77 62.25 5.74
C SER M 850 56.64 62.01 7.23
N VAL M 851 55.39 61.92 7.68
CA VAL M 851 54.97 61.66 9.07
C VAL M 851 54.28 60.32 9.16
N THR M 852 54.49 59.61 10.25
CA THR M 852 53.86 58.31 10.47
C THR M 852 52.55 58.44 11.21
N GLN M 853 51.59 57.57 10.89
CA GLN M 853 50.31 57.44 11.58
C GLN M 853 50.17 55.99 11.99
N LYS M 854 49.62 55.75 13.18
CA LYS M 854 49.48 54.43 13.78
C LYS M 854 48.10 54.25 14.39
N LYS M 855 47.53 53.08 14.21
CA LYS M 855 46.22 52.73 14.77
C LYS M 855 46.06 51.23 14.83
N PHE M 856 44.98 50.78 15.42
CA PHE M 856 44.64 49.38 15.51
C PHE M 856 43.15 49.22 15.35
N LEU M 857 42.72 48.03 14.98
CA LEU M 857 41.31 47.64 14.89
C LEU M 857 41.12 46.42 15.79
N CYS M 858 39.89 46.23 16.25
CA CYS M 858 39.47 45.13 17.09
C CYS M 858 37.97 45.00 16.81
N ASP M 859 37.58 44.15 15.84
CA ASP M 859 36.24 44.08 15.24
C ASP M 859 35.17 43.08 15.73
N ARG M 860 35.41 42.28 16.77
CA ARG M 860 34.35 41.42 17.34
C ARG M 860 34.46 41.29 18.85
N VAL M 861 35.50 41.87 19.43
CA VAL M 861 35.72 41.90 20.87
C VAL M 861 34.84 42.94 21.52
N MET M 862 34.69 42.84 22.83
CA MET M 862 34.15 43.90 23.62
C MET M 862 35.15 43.99 24.76
N TRP M 863 35.57 45.19 25.11
CA TRP M 863 36.62 45.40 26.09
C TRP M 863 36.26 44.84 27.45
N ARG M 864 37.21 44.22 28.15
CA ARG M 864 36.98 43.63 29.48
C ARG M 864 37.89 44.19 30.54
N ILE M 865 37.39 44.28 31.77
CA ILE M 865 38.13 44.69 32.96
C ILE M 865 37.66 43.76 34.09
N PRO M 866 38.35 42.66 34.38
CA PRO M 866 37.97 41.77 35.46
C PRO M 866 38.15 42.42 36.82
N PHE M 867 37.14 42.37 37.67
CA PHE M 867 37.24 42.86 39.04
C PHE M 867 37.95 41.77 39.84
N SER M 868 39.22 41.52 39.50
CA SER M 868 40.09 40.51 40.08
C SER M 868 41.42 41.15 40.45
N SER M 869 42.00 40.82 41.61
CA SER M 869 43.03 41.64 42.24
C SER M 869 44.32 41.78 41.41
N ASN M 870 44.53 40.85 40.47
CA ASN M 870 45.64 40.78 39.52
C ASN M 870 45.14 40.72 38.06
N PHE M 871 43.88 41.04 37.78
CA PHE M 871 43.22 40.96 36.47
C PHE M 871 43.09 39.55 35.87
N MET M 872 43.60 38.49 36.49
CA MET M 872 43.51 37.12 35.96
C MET M 872 42.17 36.45 36.28
N SER M 873 41.81 35.43 35.51
CA SER M 873 40.67 34.57 35.86
C SER M 873 41.20 33.36 36.62
N MET M 874 41.08 33.39 37.94
CA MET M 874 41.42 32.26 38.82
C MET M 874 40.22 31.37 39.16
N GLY M 875 39.01 31.89 39.00
CA GLY M 875 37.74 31.20 39.21
C GLY M 875 36.58 32.13 38.91
N ALA M 876 35.40 31.60 38.63
CA ALA M 876 34.26 32.40 38.16
C ALA M 876 33.81 33.45 39.18
N LEU M 877 33.87 33.15 40.47
CA LEU M 877 33.67 34.11 41.57
C LEU M 877 35.04 34.69 41.94
N THR M 878 35.32 35.94 41.58
CA THR M 878 36.68 36.52 41.71
C THR M 878 37.11 36.73 43.16
N ASP M 879 38.38 37.04 43.42
CA ASP M 879 38.84 37.22 44.79
C ASP M 879 38.38 38.58 45.35
N LEU M 880 38.20 39.60 44.52
CA LEU M 880 37.67 40.89 44.97
C LEU M 880 36.18 40.77 45.20
N GLY M 881 35.48 39.96 44.41
CA GLY M 881 34.04 39.76 44.58
C GLY M 881 33.71 39.11 45.92
N GLN M 882 34.66 38.52 46.64
CA GLN M 882 34.45 37.96 47.97
C GLN M 882 35.37 38.56 49.08
N ASN M 883 36.02 39.65 48.70
CA ASN M 883 36.52 40.83 49.42
C ASN M 883 35.23 41.59 49.71
N MET M 884 35.01 42.71 48.99
CA MET M 884 34.01 43.82 48.98
C MET M 884 32.56 43.56 49.47
N LEU M 885 32.17 42.34 49.90
CA LEU M 885 30.95 42.05 50.73
C LEU M 885 30.84 43.04 51.88
N TYR M 886 32.00 43.61 52.16
CA TYR M 886 32.36 44.71 53.00
C TYR M 886 31.52 45.97 52.72
N ALA M 887 30.64 45.96 51.73
CA ALA M 887 29.78 47.06 51.36
C ALA M 887 28.84 47.56 52.47
N ASN M 888 29.09 47.37 53.76
CA ASN M 888 28.61 48.12 54.93
C ASN M 888 28.75 49.66 54.78
N SER M 889 29.77 50.12 54.05
CA SER M 889 29.88 51.50 53.51
C SER M 889 29.39 51.64 52.05
N ALA M 890 28.91 50.54 51.47
CA ALA M 890 28.00 50.41 50.33
C ALA M 890 28.48 51.18 49.12
N HIS M 891 29.54 50.76 48.42
CA HIS M 891 30.19 51.85 47.71
C HIS M 891 29.43 52.32 46.49
N ALA M 892 29.47 53.62 46.22
CA ALA M 892 28.91 54.18 45.00
C ALA M 892 29.99 54.06 43.93
N LEU M 893 29.64 54.06 42.65
CA LEU M 893 30.65 53.98 41.61
C LEU M 893 30.43 55.03 40.54
N ASP M 894 31.51 55.74 40.23
CA ASP M 894 31.61 56.74 39.18
C ASP M 894 32.61 56.25 38.15
N MET M 895 32.21 56.21 36.89
CA MET M 895 33.05 55.82 35.78
C MET M 895 33.03 56.89 34.70
N THR M 896 34.08 57.00 33.93
CA THR M 896 34.13 57.99 32.86
C THR M 896 34.95 57.47 31.71
N PHE M 897 34.50 57.72 30.49
CA PHE M 897 35.18 57.29 29.30
C PHE M 897 35.50 58.48 28.41
N GLU M 898 36.67 58.47 27.80
CA GLU M 898 37.11 59.46 26.83
C GLU M 898 37.14 58.68 25.52
N VAL M 899 36.51 59.18 24.47
CA VAL M 899 36.37 58.48 23.20
C VAL M 899 36.46 59.38 21.99
N ASP M 900 36.76 58.83 20.82
CA ASP M 900 36.80 59.61 19.58
C ASP M 900 35.40 60.15 19.25
N PRO M 901 35.24 61.40 18.79
CA PRO M 901 33.95 61.97 18.41
C PRO M 901 33.42 61.31 17.12
N MET M 902 32.11 61.10 17.00
CA MET M 902 31.51 60.37 15.86
C MET M 902 30.74 61.14 14.79
N ASP M 903 30.29 62.36 15.04
CA ASP M 903 29.42 63.12 14.11
C ASP M 903 28.01 62.51 13.92
N GLU M 904 27.64 61.51 14.71
CA GLU M 904 26.33 60.87 14.77
C GLU M 904 26.10 60.34 16.20
N PRO M 905 24.85 60.22 16.68
CA PRO M 905 24.61 59.75 18.03
C PRO M 905 25.00 58.28 18.19
N THR M 906 25.66 57.95 19.30
CA THR M 906 26.11 56.58 19.60
C THR M 906 25.78 56.19 21.02
N LEU M 907 25.84 54.92 21.36
CA LEU M 907 25.56 54.44 22.70
C LEU M 907 26.72 53.68 23.29
N LEU M 908 27.08 54.00 24.52
CA LEU M 908 28.03 53.23 25.27
C LEU M 908 27.24 52.03 25.74
N TYR M 909 27.69 50.83 25.40
CA TYR M 909 27.10 49.61 25.85
C TYR M 909 28.01 49.10 26.95
N LEU M 910 27.51 49.10 28.17
CA LEU M 910 28.24 48.70 29.36
C LEU M 910 27.56 47.51 30.00
N LEU M 911 28.30 46.43 30.20
CA LEU M 911 27.82 45.24 30.83
C LEU M 911 28.46 45.10 32.20
N PHE M 912 27.66 45.10 33.24
CA PHE M 912 28.13 44.82 34.59
C PHE M 912 28.10 43.31 34.71
N GLU M 913 29.23 42.65 34.81
CA GLU M 913 29.29 41.21 34.92
C GLU M 913 28.93 40.78 36.33
N VAL M 914 27.92 39.92 36.44
CA VAL M 914 27.35 39.41 37.69
C VAL M 914 27.05 37.93 37.55
N PHE M 915 26.44 37.29 38.53
CA PHE M 915 25.91 35.94 38.37
C PHE M 915 24.44 36.12 38.03
N ASP M 916 23.84 35.31 37.17
CA ASP M 916 22.43 35.40 36.77
C ASP M 916 22.02 33.94 36.64
N VAL M 917 21.55 33.39 37.77
CA VAL M 917 21.28 31.98 37.96
C VAL M 917 19.85 31.64 38.31
N VAL M 918 19.43 30.46 37.91
CA VAL M 918 18.09 29.90 38.18
C VAL M 918 18.19 28.47 38.69
N ARG M 919 17.32 28.12 39.62
CA ARG M 919 17.13 26.75 40.12
C ARG M 919 15.69 26.35 39.82
N VAL M 920 15.47 25.17 39.25
CA VAL M 920 14.16 24.69 38.82
C VAL M 920 13.76 23.42 39.55
N HIS M 921 12.63 23.46 40.23
CA HIS M 921 12.11 22.37 41.05
C HIS M 921 10.80 21.88 40.45
N GLN M 922 10.66 20.58 40.24
CA GLN M 922 9.46 19.97 39.63
C GLN M 922 8.89 18.89 40.56
N PRO M 923 8.31 19.24 41.70
CA PRO M 923 7.89 18.29 42.71
C PRO M 923 6.74 17.32 42.41
N HIS M 924 5.87 17.62 41.46
CA HIS M 924 4.71 16.79 41.14
C HIS M 924 4.41 16.89 39.65
N ARG M 925 3.64 15.97 39.11
CA ARG M 925 3.24 16.01 37.70
C ARG M 925 2.62 17.38 37.35
N GLY M 926 3.14 18.04 36.34
CA GLY M 926 2.62 19.34 35.91
C GLY M 926 2.87 20.49 36.89
N VAL M 927 3.86 20.42 37.77
CA VAL M 927 4.30 21.58 38.59
C VAL M 927 5.69 22.02 38.17
N ILE M 928 5.90 23.32 37.92
CA ILE M 928 7.25 23.89 37.80
C ILE M 928 7.41 25.08 38.74
N GLU M 929 8.35 25.00 39.66
CA GLU M 929 8.75 26.10 40.50
C GLU M 929 10.12 26.55 40.00
N ALA M 930 10.35 27.85 39.85
CA ALA M 930 11.62 28.40 39.41
C ALA M 930 12.03 29.56 40.32
N VAL M 931 13.29 29.58 40.74
CA VAL M 931 13.87 30.61 41.59
C VAL M 931 14.99 31.31 40.86
N TYR M 932 14.94 32.63 40.72
CA TYR M 932 15.97 33.43 40.07
C TYR M 932 16.73 34.30 41.05
N LEU M 933 18.05 34.27 41.03
CA LEU M 933 18.84 35.23 41.77
C LEU M 933 19.90 35.79 40.84
N ARG M 934 19.90 37.11 40.71
CA ARG M 934 20.91 37.84 39.98
C ARG M 934 21.71 38.57 41.04
N THR M 935 23.02 38.38 41.08
CA THR M 935 23.82 38.98 42.13
C THR M 935 25.22 39.36 41.70
N PRO M 936 25.65 40.63 41.82
CA PRO M 936 24.90 41.79 42.31
C PRO M 936 23.86 42.26 41.26
N PHE M 937 23.32 43.47 41.39
CA PHE M 937 22.33 44.04 40.48
C PHE M 937 21.05 43.19 40.42
N SER M 938 20.56 42.80 41.59
CA SER M 938 19.36 41.98 41.79
C SER M 938 18.07 42.62 41.27
N ALA M 939 17.05 41.79 41.08
CA ALA M 939 15.78 42.19 40.48
C ALA M 939 14.57 41.50 41.15
N GLY M 940 14.60 41.32 42.47
CA GLY M 940 13.51 40.66 43.21
C GLY M 940 13.79 39.20 43.56
N ASN M 941 12.95 38.28 43.08
CA ASN M 941 12.89 36.88 43.50
C ASN M 941 12.14 35.99 42.46
N MET N 1 81.93 10.11 36.05
CA MET N 1 81.08 10.18 34.84
C MET N 1 79.58 10.39 35.13
N MET N 2 78.94 9.73 36.10
CA MET N 2 77.56 10.03 36.52
C MET N 2 77.39 11.30 37.35
N PRO N 3 78.31 11.71 38.25
CA PRO N 3 78.10 12.89 39.09
C PRO N 3 77.87 14.17 38.29
N GLN N 4 78.60 14.40 37.22
CA GLN N 4 78.44 15.58 36.39
C GLN N 4 77.06 15.59 35.75
N TRP N 5 76.61 14.44 35.29
CA TRP N 5 75.29 14.29 34.70
C TRP N 5 74.18 14.42 35.73
N ALA N 6 74.34 13.86 36.91
CA ALA N 6 73.35 13.95 37.97
C ALA N 6 73.27 15.33 38.62
N TYR N 7 74.32 16.15 38.52
CA TYR N 7 74.36 17.50 39.06
C TYR N 7 73.76 18.49 38.07
N MET N 8 74.01 18.28 36.79
CA MET N 8 73.41 19.08 35.73
C MET N 8 72.04 18.57 35.29
N HIS N 9 71.52 17.49 35.88
CA HIS N 9 70.23 16.90 35.49
C HIS N 9 70.19 16.46 34.02
N ILE N 10 71.32 15.95 33.51
CA ILE N 10 71.38 15.21 32.23
C ILE N 10 70.87 13.78 32.42
N ALA N 11 71.10 13.21 33.61
CA ALA N 11 70.71 11.88 34.03
C ALA N 11 70.21 11.94 35.48
N GLY N 12 69.70 10.85 36.04
CA GLY N 12 69.29 10.84 37.46
C GLY N 12 67.81 11.06 37.66
N GLN N 13 67.43 12.14 38.35
CA GLN N 13 66.08 12.34 38.84
C GLN N 13 65.26 13.39 38.09
N ASP N 14 63.97 13.10 37.91
CA ASP N 14 62.94 14.08 37.58
C ASP N 14 62.85 15.20 38.64
N ALA N 15 62.57 16.44 38.22
CA ALA N 15 62.52 17.59 39.11
C ALA N 15 61.50 17.49 40.23
N SER N 16 60.43 16.72 40.06
CA SER N 16 59.47 16.46 41.13
C SER N 16 60.04 15.58 42.25
N GLU N 17 61.16 14.90 42.01
CA GLU N 17 61.88 14.15 43.02
C GLU N 17 63.04 14.92 43.66
N TYR N 18 63.89 15.63 42.91
CA TYR N 18 65.03 16.31 43.51
C TYR N 18 64.72 17.62 44.22
N LEU N 19 63.72 18.39 43.79
CA LEU N 19 63.40 19.64 44.49
C LEU N 19 62.88 19.34 45.89
N SER N 20 63.04 20.26 46.83
CA SER N 20 62.51 20.02 48.16
C SER N 20 60.99 19.88 48.08
N PRO N 21 60.36 18.93 48.80
CA PRO N 21 58.92 18.74 48.68
C PRO N 21 58.07 19.94 49.06
N GLY N 22 58.64 20.94 49.76
CA GLY N 22 57.95 22.20 50.04
C GLY N 22 57.68 22.92 48.73
N LEU N 23 58.72 23.06 47.90
CA LEU N 23 58.65 23.71 46.60
C LEU N 23 57.77 22.93 45.63
N VAL N 24 57.75 21.60 45.72
CA VAL N 24 56.88 20.79 44.84
C VAL N 24 55.44 21.09 45.15
N GLN N 25 55.05 21.09 46.43
CA GLN N 25 53.67 21.42 46.80
C GLN N 25 53.33 22.86 46.41
N PHE N 26 54.27 23.79 46.52
CA PHE N 26 54.07 25.18 46.11
C PHE N 26 53.76 25.25 44.62
N ALA N 27 54.64 24.72 43.77
CA ALA N 27 54.45 24.73 42.34
C ALA N 27 53.13 24.04 41.97
N ARG N 28 52.86 22.89 42.59
CA ARG N 28 51.67 22.09 42.33
C ARG N 28 50.37 22.83 42.64
N ALA N 29 50.37 23.68 43.67
CA ALA N 29 49.21 24.47 44.07
C ALA N 29 49.01 25.74 43.23
N THR N 30 50.08 26.42 42.78
CA THR N 30 49.97 27.71 42.08
C THR N 30 50.04 27.66 40.55
N ASP N 31 50.32 26.51 39.95
CA ASP N 31 50.52 26.40 38.50
C ASP N 31 49.41 26.95 37.58
N THR N 32 48.18 27.09 38.04
CA THR N 32 47.09 27.68 37.24
C THR N 32 47.23 29.20 37.08
N TYR N 33 48.03 29.87 37.90
CA TYR N 33 48.23 31.32 37.85
C TYR N 33 49.69 31.77 37.96
N PHE N 34 50.57 31.01 38.60
CA PHE N 34 51.99 31.28 38.50
C PHE N 34 52.77 29.99 38.39
N SER N 35 53.42 29.75 37.26
CA SER N 35 53.97 28.44 36.95
C SER N 35 55.48 28.42 37.09
N LEU N 36 55.97 27.46 37.89
CA LEU N 36 57.38 27.17 38.06
C LEU N 36 57.81 25.95 37.22
N GLY N 37 56.99 25.46 36.29
CA GLY N 37 57.31 24.26 35.52
C GLY N 37 58.50 24.35 34.56
N ASN N 38 58.67 25.47 33.85
CA ASN N 38 59.67 25.58 32.79
C ASN N 38 61.06 26.00 33.27
N LYS N 39 61.36 25.84 34.57
CA LYS N 39 62.54 26.42 35.22
C LYS N 39 63.48 25.41 35.85
N PHE N 40 63.22 24.14 35.61
CA PHE N 40 64.00 23.04 36.12
C PHE N 40 64.04 21.97 35.03
N ARG N 41 65.13 21.23 34.94
CA ARG N 41 65.34 20.18 33.93
C ARG N 41 64.99 18.81 34.49
N ASN N 42 64.27 18.01 33.72
CA ASN N 42 64.19 16.57 33.90
C ASN N 42 65.14 15.88 32.94
N PRO N 43 65.82 14.81 33.35
CA PRO N 43 66.43 13.90 32.41
C PRO N 43 65.35 13.16 31.65
N THR N 44 65.66 12.69 30.46
CA THR N 44 64.98 11.53 29.87
C THR N 44 66.08 10.65 29.29
N VAL N 45 65.98 9.35 29.48
CA VAL N 45 67.10 8.42 29.26
C VAL N 45 66.66 7.21 28.45
N ALA N 46 67.35 6.88 27.38
CA ALA N 46 67.04 5.68 26.60
C ALA N 46 67.54 4.41 27.33
N PRO N 47 66.94 3.24 27.11
CA PRO N 47 67.40 2.01 27.73
C PRO N 47 68.66 1.48 27.05
N THR N 48 69.68 1.12 27.79
CA THR N 48 70.91 0.52 27.25
C THR N 48 70.86 -1.00 27.11
N HIS N 49 69.90 -1.64 27.77
CA HIS N 49 70.09 -3.01 28.23
C HIS N 49 69.75 -4.09 27.20
N ASP N 50 68.48 -4.23 26.87
CA ASP N 50 67.91 -5.37 26.15
C ASP N 50 67.08 -4.95 24.93
N VAL N 51 67.27 -3.74 24.41
CA VAL N 51 66.39 -3.19 23.36
C VAL N 51 66.86 -3.47 21.95
N THR N 52 68.14 -3.30 21.64
CA THR N 52 68.67 -3.49 20.28
C THR N 52 69.80 -4.48 20.26
N THR N 53 69.87 -5.32 19.23
CA THR N 53 70.93 -6.31 19.09
C THR N 53 72.28 -5.72 18.67
N ASP N 54 73.38 -6.25 19.19
CA ASP N 54 74.75 -5.85 18.86
C ASP N 54 75.32 -6.65 17.68
N ARG N 55 74.61 -7.70 17.25
CA ARG N 55 74.94 -8.57 16.13
C ARG N 55 74.83 -7.85 14.80
N SER N 56 75.61 -8.28 13.83
CA SER N 56 75.58 -7.76 12.47
C SER N 56 74.27 -8.22 11.83
N GLN N 57 73.33 -7.32 11.58
CA GLN N 57 71.99 -7.68 11.09
C GLN N 57 71.29 -6.52 10.39
N ARG N 58 70.71 -6.80 9.22
CA ARG N 58 70.06 -5.82 8.35
C ARG N 58 68.85 -5.18 8.99
N LEU N 59 68.56 -3.95 8.59
CA LEU N 59 67.27 -3.30 8.88
C LEU N 59 66.23 -3.66 7.84
N THR N 60 66.58 -3.57 6.56
CA THR N 60 65.69 -3.86 5.44
C THR N 60 66.15 -5.05 4.60
N LEU N 61 65.31 -6.05 4.41
CA LEU N 61 65.56 -7.18 3.51
C LEU N 61 64.73 -7.00 2.27
N ARG N 62 65.31 -7.30 1.12
CA ARG N 62 64.72 -7.22 -0.19
C ARG N 62 64.72 -8.62 -0.75
N PHE N 63 63.56 -9.16 -1.12
CA PHE N 63 63.44 -10.47 -1.71
C PHE N 63 63.02 -10.38 -3.17
N VAL N 64 63.80 -10.94 -4.08
CA VAL N 64 63.41 -11.04 -5.48
C VAL N 64 62.45 -12.24 -5.61
N PRO N 65 61.60 -12.32 -6.65
CA PRO N 65 60.72 -13.45 -6.80
C PRO N 65 61.51 -14.74 -6.94
N VAL N 66 61.08 -15.82 -6.31
CA VAL N 66 61.57 -17.16 -6.67
C VAL N 66 60.87 -17.67 -7.92
N ASP N 67 59.70 -17.13 -8.22
CA ASP N 67 58.84 -17.51 -9.34
C ASP N 67 57.98 -16.32 -9.79
N ARG N 68 57.65 -16.21 -11.07
CA ARG N 68 56.80 -15.14 -11.63
C ARG N 68 56.12 -15.52 -12.94
N GLU N 69 55.02 -14.86 -13.27
CA GLU N 69 54.18 -15.24 -14.40
C GLU N 69 53.53 -14.03 -15.06
N ASP N 70 54.24 -13.37 -15.97
CA ASP N 70 53.69 -12.25 -16.74
C ASP N 70 52.70 -12.76 -17.80
N THR N 71 51.49 -12.21 -17.93
CA THR N 71 50.44 -12.74 -18.84
C THR N 71 49.63 -11.63 -19.52
N THR N 72 48.62 -12.00 -20.32
CA THR N 72 47.78 -11.11 -21.12
C THR N 72 47.16 -9.95 -20.35
N TYR N 73 46.70 -10.17 -19.12
CA TYR N 73 46.06 -9.14 -18.31
C TYR N 73 46.43 -9.18 -16.82
N SER N 74 47.43 -9.95 -16.43
CA SER N 74 47.92 -10.04 -15.05
C SER N 74 49.41 -10.32 -14.93
N TYR N 75 49.97 -10.09 -13.76
CA TYR N 75 51.34 -10.42 -13.41
C TYR N 75 51.26 -11.15 -12.06
N LYS N 76 51.95 -12.27 -11.89
CA LYS N 76 51.99 -13.02 -10.63
C LYS N 76 53.41 -13.17 -10.13
N ALA N 77 53.66 -13.17 -8.83
CA ALA N 77 55.00 -13.38 -8.27
C ALA N 77 54.97 -14.09 -6.90
N ARG N 78 55.97 -14.94 -6.61
CA ARG N 78 56.13 -15.65 -5.33
C ARG N 78 57.45 -15.29 -4.68
N PHE N 79 57.41 -14.99 -3.39
CA PHE N 79 58.56 -14.66 -2.57
C PHE N 79 58.70 -15.64 -1.40
N THR N 80 59.93 -15.99 -1.02
CA THR N 80 60.17 -16.78 0.18
C THR N 80 60.48 -15.79 1.29
N LEU N 81 59.47 -15.34 2.01
CA LEU N 81 59.57 -14.38 3.08
C LEU N 81 60.17 -15.09 4.30
N ALA N 82 61.49 -15.21 4.33
CA ALA N 82 62.19 -15.88 5.42
C ALA N 82 62.33 -15.00 6.65
N VAL N 83 61.41 -15.10 7.62
CA VAL N 83 61.59 -14.39 8.88
C VAL N 83 62.62 -15.22 9.63
N GLY N 84 63.85 -14.73 9.70
CA GLY N 84 64.94 -15.45 10.34
C GLY N 84 64.72 -15.65 11.82
N ASP N 85 65.60 -16.39 12.48
CA ASP N 85 65.49 -16.65 13.91
C ASP N 85 65.74 -15.40 14.75
N ASN N 86 65.30 -15.39 16.01
CA ASN N 86 65.49 -14.26 16.92
C ASN N 86 65.08 -12.89 16.36
N ARG N 87 64.08 -12.86 15.47
CA ARG N 87 63.50 -11.65 14.85
C ARG N 87 61.99 -11.76 14.91
N VAL N 88 61.30 -10.65 14.64
CA VAL N 88 59.86 -10.63 14.38
C VAL N 88 59.63 -9.62 13.26
N LEU N 89 58.70 -9.89 12.38
CA LEU N 89 58.36 -8.99 11.28
C LEU N 89 56.96 -8.45 11.47
N ASP N 90 56.80 -7.14 11.46
CA ASP N 90 55.47 -6.57 11.33
C ASP N 90 55.11 -6.45 9.86
N MET N 91 54.05 -7.10 9.41
CA MET N 91 53.64 -7.05 8.02
C MET N 91 53.30 -5.65 7.55
N ALA N 92 53.08 -4.66 8.41
CA ALA N 92 52.93 -3.27 7.98
C ALA N 92 54.21 -2.73 7.36
N SER N 93 55.36 -3.31 7.70
CA SER N 93 56.65 -2.96 7.10
C SER N 93 56.75 -3.41 5.65
N THR N 94 55.94 -4.37 5.24
CA THR N 94 56.09 -5.02 3.94
C THR N 94 55.37 -4.31 2.82
N TYR N 95 55.94 -4.32 1.62
CA TYR N 95 55.33 -3.77 0.41
C TYR N 95 56.00 -4.34 -0.84
N PHE N 96 55.36 -4.21 -2.01
CA PHE N 96 55.90 -4.68 -3.27
C PHE N 96 56.44 -3.49 -4.06
N ASP N 97 57.73 -3.49 -4.34
CA ASP N 97 58.43 -2.44 -5.06
C ASP N 97 58.40 -2.78 -6.54
N ILE N 98 57.38 -2.32 -7.25
CA ILE N 98 57.20 -2.59 -8.68
C ILE N 98 57.94 -1.55 -9.52
N ARG N 99 58.64 -1.98 -10.56
CA ARG N 99 59.29 -1.14 -11.58
C ARG N 99 58.80 -1.60 -12.93
N GLY N 100 58.55 -0.68 -13.85
CA GLY N 100 58.06 -1.00 -15.18
C GLY N 100 57.91 0.23 -16.06
N VAL N 101 57.06 0.18 -17.09
CA VAL N 101 56.83 1.34 -17.96
C VAL N 101 55.37 1.48 -18.42
N LEU N 102 54.81 2.69 -18.29
CA LEU N 102 53.49 3.09 -18.77
C LEU N 102 53.55 3.79 -20.13
N ASP N 103 52.53 3.57 -20.92
CA ASP N 103 52.24 4.42 -22.08
C ASP N 103 50.83 4.87 -21.76
N ARG N 104 50.60 6.16 -21.56
CA ARG N 104 49.28 6.70 -21.25
C ARG N 104 48.41 6.88 -22.48
N GLY N 105 48.94 6.63 -23.67
CA GLY N 105 48.21 6.72 -24.93
C GLY N 105 47.98 8.14 -25.44
N PRO N 106 47.48 8.27 -26.67
CA PRO N 106 47.25 9.54 -27.32
C PRO N 106 46.14 10.38 -26.68
N SER N 107 45.36 9.79 -25.78
CA SER N 107 44.29 10.45 -25.07
C SER N 107 44.75 11.23 -23.84
N PHE N 108 46.01 11.12 -23.42
CA PHE N 108 46.54 11.83 -22.25
C PHE N 108 46.82 13.30 -22.51
N LYS N 109 46.42 14.20 -21.61
CA LYS N 109 46.69 15.65 -21.71
C LYS N 109 46.66 16.31 -20.32
N PRO N 110 47.77 16.48 -19.62
CA PRO N 110 47.78 16.94 -18.25
C PRO N 110 47.67 18.47 -18.10
N TYR N 111 47.07 19.18 -19.06
CA TYR N 111 46.93 20.64 -18.98
C TYR N 111 45.75 21.17 -19.77
N SER N 112 45.19 22.28 -19.32
CA SER N 112 44.14 23.02 -20.03
C SER N 112 44.77 23.93 -21.08
N GLY N 113 44.05 24.23 -22.15
CA GLY N 113 44.57 25.14 -23.18
C GLY N 113 45.62 24.49 -24.07
N THR N 114 46.59 25.26 -24.58
CA THR N 114 47.59 24.79 -25.55
C THR N 114 48.99 25.31 -25.25
N ALA N 115 50.01 24.54 -25.61
CA ALA N 115 51.40 24.94 -25.49
C ALA N 115 51.85 25.84 -26.63
N TYR N 116 51.22 25.74 -27.80
CA TYR N 116 51.69 26.37 -29.04
C TYR N 116 50.84 27.58 -29.42
N ASN N 117 51.46 28.75 -29.56
CA ASN N 117 50.82 29.98 -30.02
C ASN N 117 49.56 30.37 -29.23
N SER N 118 49.53 30.14 -27.92
CA SER N 118 48.34 30.33 -27.09
C SER N 118 47.74 31.73 -27.15
N LEU N 119 48.54 32.76 -27.41
CA LEU N 119 48.04 34.13 -27.48
C LEU N 119 47.35 34.43 -28.82
N ALA N 120 47.56 33.61 -29.85
CA ALA N 120 47.06 33.92 -31.17
C ALA N 120 45.54 34.02 -31.15
N PRO N 121 44.92 35.04 -31.75
CA PRO N 121 43.49 35.03 -31.94
C PRO N 121 43.07 33.74 -32.61
N LYS N 122 42.00 33.12 -32.11
CA LYS N 122 41.45 31.95 -32.75
C LYS N 122 40.84 32.40 -34.09
N SER N 123 40.88 31.55 -35.10
CA SER N 123 40.59 31.91 -36.50
C SER N 123 41.62 32.81 -37.21
N ALA N 124 42.77 33.15 -36.61
CA ALA N 124 43.85 33.77 -37.35
C ALA N 124 44.68 32.68 -38.05
N PRO N 125 44.86 32.70 -39.38
CA PRO N 125 45.63 31.69 -40.09
C PRO N 125 47.12 31.98 -40.08
N ASN N 126 47.92 30.94 -40.28
CA ASN N 126 49.36 31.10 -40.49
C ASN N 126 49.52 31.84 -41.85
N PRO N 127 50.50 32.72 -42.03
CA PRO N 127 50.87 33.24 -43.34
C PRO N 127 51.00 32.06 -44.30
N SER N 128 50.24 32.04 -45.38
CA SER N 128 50.12 30.86 -46.25
C SER N 128 49.61 31.16 -47.65
N GLN N 129 49.71 30.16 -48.54
CA GLN N 129 49.37 30.25 -49.96
C GLN N 129 48.41 29.18 -50.43
N TRP N 130 47.75 29.47 -51.52
CA TRP N 130 46.82 28.56 -52.16
C TRP N 130 46.87 28.83 -53.65
N THR N 131 45.93 28.23 -54.34
CA THR N 131 45.66 28.31 -55.77
C THR N 131 44.25 28.84 -55.74
N ALA N 132 43.60 29.25 -56.80
CA ALA N 132 42.73 30.36 -56.40
C ALA N 132 42.43 31.12 -57.67
N ASN N 133 41.32 30.63 -58.19
CA ASN N 133 40.65 30.82 -59.44
C ASN N 133 40.76 32.20 -60.09
N GLU N 134 41.10 33.35 -59.46
CA GLU N 134 40.62 34.67 -59.89
C GLU N 134 41.09 34.88 -61.33
N LYS N 135 40.05 35.33 -62.02
CA LYS N 135 39.73 35.15 -63.41
C LYS N 135 39.53 36.36 -64.32
N GLN N 136 40.32 37.41 -64.28
CA GLN N 136 40.33 38.14 -65.56
C GLN N 136 40.32 37.18 -66.79
N THR N 137 39.16 37.04 -67.45
CA THR N 137 38.94 36.32 -68.73
C THR N 137 39.35 37.14 -69.95
N GLY N 138 39.09 36.62 -71.15
CA GLY N 138 39.52 37.21 -72.41
C GLY N 138 40.95 36.77 -72.62
N GLY N 139 41.21 35.49 -72.87
CA GLY N 139 40.23 34.40 -73.05
C GLY N 139 40.20 33.29 -72.00
N GLN N 140 40.78 33.45 -70.81
CA GLN N 140 40.84 32.36 -69.83
C GLN N 140 40.47 32.64 -68.36
N PRO N 141 39.72 31.73 -67.71
CA PRO N 141 39.49 31.80 -66.27
C PRO N 141 40.79 31.34 -65.58
N LYS N 142 41.67 32.28 -65.24
CA LYS N 142 43.12 31.99 -65.15
C LYS N 142 43.57 31.06 -64.03
N SER N 143 42.95 31.08 -62.86
CA SER N 143 43.24 30.14 -61.76
C SER N 143 44.71 30.07 -61.25
N VAL N 144 45.23 31.22 -60.85
CA VAL N 144 46.57 31.57 -60.32
C VAL N 144 46.91 31.04 -58.90
N THR N 145 48.17 31.25 -58.47
CA THR N 145 48.58 31.17 -57.04
C THR N 145 48.20 32.46 -56.30
N GLN N 146 47.91 32.37 -55.00
CA GLN N 146 47.41 33.46 -54.16
C GLN N 146 47.96 33.35 -52.73
N THR N 147 48.07 34.45 -51.98
CA THR N 147 48.77 34.52 -50.68
C THR N 147 48.09 35.40 -49.63
N PHE N 148 48.21 35.06 -48.35
CA PHE N 148 47.87 35.90 -47.20
C PHE N 148 49.00 35.87 -46.17
N GLY N 149 49.34 36.98 -45.53
CA GLY N 149 50.40 36.97 -44.52
C GLY N 149 50.80 38.34 -43.99
N SER N 150 51.98 38.40 -43.39
CA SER N 150 52.63 39.65 -43.02
C SER N 150 54.14 39.53 -43.18
N ALA N 151 54.82 40.66 -43.27
CA ALA N 151 56.24 40.75 -43.57
C ALA N 151 56.88 41.68 -42.52
N PRO N 152 57.33 41.15 -41.37
CA PRO N 152 57.75 41.98 -40.26
C PRO N 152 59.20 42.44 -40.38
N MET N 153 60.05 41.72 -41.10
CA MET N 153 61.48 41.98 -41.15
C MET N 153 61.77 43.14 -42.09
N GLY N 154 62.07 44.31 -41.57
CA GLY N 154 62.41 45.46 -42.40
C GLY N 154 63.84 45.36 -42.98
N GLY N 155 64.13 46.06 -44.07
CA GLY N 155 65.45 46.01 -44.69
C GLY N 155 65.74 47.13 -45.66
N SER N 156 66.94 47.14 -46.23
CA SER N 156 67.42 48.22 -47.10
C SER N 156 67.18 48.02 -48.59
N ASN N 157 66.99 46.80 -49.08
CA ASN N 157 66.78 46.53 -50.50
C ASN N 157 66.25 45.09 -50.71
N ILE N 158 65.73 44.76 -51.89
CA ILE N 158 65.30 43.41 -52.27
C ILE N 158 65.84 43.04 -53.65
N THR N 159 66.39 41.84 -53.79
CA THR N 159 67.06 41.32 -55.01
C THR N 159 66.75 39.84 -55.23
N ILE N 160 67.29 39.17 -56.27
CA ILE N 160 67.16 37.70 -56.39
C ILE N 160 67.69 36.98 -55.14
N GLU N 161 68.70 37.53 -54.47
CA GLU N 161 69.27 36.93 -53.26
C GLU N 161 68.38 37.17 -52.03
N GLY N 162 67.28 37.92 -52.18
CA GLY N 162 66.33 38.22 -51.12
C GLY N 162 66.51 39.59 -50.52
N LEU N 163 66.07 39.70 -49.27
CA LEU N 163 66.09 40.90 -48.46
C LEU N 163 67.47 41.28 -47.93
N VAL N 164 67.88 42.53 -48.13
CA VAL N 164 69.14 43.08 -47.59
C VAL N 164 68.91 43.48 -46.14
N ILE N 165 69.37 42.65 -45.21
CA ILE N 165 69.19 42.87 -43.77
C ILE N 165 70.33 43.67 -43.13
N GLY N 166 71.44 43.89 -43.85
CA GLY N 166 72.57 44.70 -43.36
C GLY N 166 73.63 44.95 -44.44
N THR N 167 74.74 45.58 -44.06
CA THR N 167 75.85 45.95 -44.96
C THR N 167 77.18 45.91 -44.21
N LYS N 168 78.31 45.74 -44.91
CA LYS N 168 79.68 45.74 -44.35
C LYS N 168 80.61 46.54 -45.25
N GLU N 169 81.68 47.11 -44.70
CA GLU N 169 82.59 48.02 -45.43
C GLU N 169 83.37 47.40 -46.61
N GLU N 170 83.94 46.21 -46.48
CA GLU N 170 84.74 45.49 -47.49
C GLU N 170 86.02 46.22 -47.97
N GLU N 171 85.86 47.36 -48.64
CA GLU N 171 86.90 48.27 -49.17
C GLU N 171 86.39 49.74 -49.17
N GLY N 172 85.20 50.02 -48.64
CA GLY N 172 84.54 51.33 -48.68
C GLY N 172 83.82 51.53 -50.02
N ASN N 173 84.44 51.08 -51.12
CA ASN N 173 83.86 51.08 -52.47
C ASN N 173 83.13 49.75 -52.77
N ALA N 174 83.58 48.65 -52.15
CA ALA N 174 83.06 47.30 -52.32
C ALA N 174 82.03 46.87 -51.27
N THR N 175 81.39 47.81 -50.54
CA THR N 175 80.46 47.46 -49.44
C THR N 175 79.45 46.39 -49.84
N GLU N 176 79.52 45.25 -49.18
CA GLU N 176 78.66 44.12 -49.50
C GLU N 176 77.30 44.19 -48.82
N GLU N 177 76.25 43.88 -49.59
CA GLU N 177 74.90 43.76 -49.08
C GLU N 177 74.74 42.40 -48.39
N ILE N 178 74.38 42.36 -47.11
CA ILE N 178 74.20 41.10 -46.37
C ILE N 178 72.76 40.65 -46.51
N PHE N 179 72.54 39.59 -47.29
CA PHE N 179 71.23 38.99 -47.51
C PHE N 179 70.84 38.01 -46.43
N ALA N 180 69.56 37.96 -46.08
CA ALA N 180 69.06 37.02 -45.07
C ALA N 180 69.28 35.55 -45.50
N ASP N 181 69.87 34.74 -44.62
CA ASP N 181 70.07 33.32 -44.91
C ASP N 181 68.72 32.66 -44.82
N LYS N 182 68.15 32.32 -45.98
CA LYS N 182 66.80 31.77 -46.09
C LYS N 182 66.55 30.54 -45.24
N THR N 183 67.58 29.79 -44.86
CA THR N 183 67.43 28.59 -44.02
C THR N 183 66.97 28.89 -42.60
N PHE N 184 67.07 30.13 -42.12
CA PHE N 184 66.56 30.49 -40.79
C PHE N 184 66.06 31.94 -40.72
N GLN N 185 66.68 32.87 -41.43
CA GLN N 185 66.22 34.25 -41.54
C GLN N 185 65.20 34.36 -42.68
N PRO N 186 64.30 35.34 -42.65
CA PRO N 186 63.97 36.16 -41.51
C PRO N 186 63.31 35.31 -40.44
N GLU N 187 63.69 35.50 -39.18
CA GLU N 187 63.04 34.81 -38.07
C GLU N 187 61.61 35.35 -37.88
N PRO N 188 60.62 34.49 -37.64
CA PRO N 188 59.25 34.93 -37.47
C PRO N 188 59.05 35.70 -36.16
N GLN N 189 59.90 35.46 -35.16
CA GLN N 189 59.86 36.19 -33.90
C GLN N 189 60.55 37.56 -33.93
N VAL N 190 61.13 37.97 -35.06
CA VAL N 190 61.82 39.26 -35.19
C VAL N 190 60.98 40.20 -36.05
N GLY N 191 60.88 41.46 -35.64
CA GLY N 191 60.21 42.50 -36.40
C GLY N 191 60.62 43.88 -35.91
N GLU N 192 60.01 44.91 -36.46
CA GLU N 192 60.28 46.31 -36.12
C GLU N 192 60.22 46.59 -34.62
N GLU N 193 61.20 47.32 -34.09
CA GLU N 193 61.33 47.49 -32.65
C GLU N 193 60.21 48.30 -32.01
N ASN N 194 59.54 49.17 -32.77
CA ASN N 194 58.62 50.16 -32.22
C ASN N 194 57.45 50.56 -33.14
N TRP N 195 56.40 51.13 -32.55
CA TRP N 195 55.13 51.47 -33.19
C TRP N 195 55.16 52.60 -34.23
N GLN N 196 56.22 53.41 -34.20
CA GLN N 196 56.58 54.53 -35.08
C GLN N 196 57.02 54.04 -36.49
N GLU N 197 56.81 52.74 -36.70
CA GLU N 197 57.35 51.64 -37.50
C GLU N 197 57.58 52.13 -38.96
N THR N 198 58.82 52.09 -39.49
CA THR N 198 59.02 52.34 -40.92
C THR N 198 60.41 51.97 -41.44
N GLU N 199 60.58 50.84 -42.08
CA GLU N 199 61.58 50.58 -43.10
C GLU N 199 61.13 50.85 -44.54
N ALA N 200 62.07 50.87 -45.50
CA ALA N 200 61.79 50.96 -46.93
C ALA N 200 61.18 49.68 -47.53
N PHE N 201 61.80 48.54 -47.21
CA PHE N 201 61.52 47.20 -47.74
C PHE N 201 61.17 46.23 -46.62
N TYR N 202 60.41 45.18 -46.91
CA TYR N 202 59.98 44.21 -45.91
C TYR N 202 60.00 42.77 -46.39
N GLY N 203 60.15 41.86 -45.44
CA GLY N 203 60.10 40.43 -45.74
C GLY N 203 59.58 39.60 -44.59
N GLY N 204 59.37 38.31 -44.82
CA GLY N 204 58.82 37.40 -43.83
C GLY N 204 58.82 35.95 -44.32
N ARG N 205 58.08 35.07 -43.64
CA ARG N 205 57.93 33.66 -44.05
C ARG N 205 56.45 33.32 -44.31
N ALA N 206 56.17 32.37 -45.20
CA ALA N 206 54.82 31.86 -45.44
C ALA N 206 54.80 30.38 -45.81
N LEU N 207 53.71 29.69 -45.52
CA LEU N 207 53.56 28.27 -45.82
C LEU N 207 53.20 28.04 -47.30
N LYS N 208 54.00 27.24 -48.01
CA LYS N 208 53.74 26.88 -49.41
C LYS N 208 52.39 26.17 -49.53
N LYS N 209 51.79 26.22 -50.73
CA LYS N 209 50.48 25.65 -51.02
C LYS N 209 50.29 24.19 -50.62
N ASP N 210 51.35 23.39 -50.66
CA ASP N 210 51.31 21.96 -50.30
C ASP N 210 51.09 21.66 -48.81
N THR N 211 51.39 22.60 -47.92
CA THR N 211 51.19 22.42 -46.47
C THR N 211 49.76 22.83 -46.13
N LYS N 212 48.87 21.86 -45.92
CA LYS N 212 47.44 22.13 -45.67
C LYS N 212 47.24 23.05 -44.47
N MET N 213 46.35 24.02 -44.61
CA MET N 213 46.08 25.03 -43.60
C MET N 213 45.55 24.51 -42.27
N LYS N 214 46.02 25.20 -41.22
CA LYS N 214 45.61 25.06 -39.82
C LYS N 214 45.58 26.47 -39.22
N PRO N 215 44.68 26.77 -38.30
CA PRO N 215 44.67 28.06 -37.64
C PRO N 215 45.96 28.21 -36.82
N CYS N 216 46.50 29.41 -36.69
CA CYS N 216 47.77 29.67 -35.99
C CYS N 216 47.80 29.19 -34.54
N TYR N 217 46.70 29.32 -33.83
CA TYR N 217 46.54 28.86 -32.45
C TYR N 217 46.73 27.33 -32.42
N GLY N 218 47.77 26.85 -31.75
CA GLY N 218 48.07 25.42 -31.65
C GLY N 218 49.00 24.87 -32.72
N SER N 219 49.39 25.65 -33.73
CA SER N 219 50.30 25.20 -34.79
C SER N 219 51.72 24.94 -34.32
N PHE N 220 52.24 23.75 -34.52
CA PHE N 220 53.62 23.40 -34.22
C PHE N 220 54.27 22.74 -35.42
N ALA N 221 55.56 22.95 -35.64
CA ALA N 221 56.32 22.30 -36.70
C ALA N 221 57.73 22.05 -36.17
N ARG N 222 58.29 20.84 -36.28
CA ARG N 222 59.63 20.62 -35.73
C ARG N 222 60.73 21.39 -36.45
N PRO N 223 61.77 21.87 -35.74
CA PRO N 223 62.89 22.54 -36.35
C PRO N 223 63.73 21.54 -37.17
N THR N 224 64.26 21.97 -38.30
CA THR N 224 65.07 21.14 -39.20
C THR N 224 66.54 21.59 -39.25
N ASN N 225 66.94 22.58 -38.46
CA ASN N 225 68.33 23.02 -38.31
C ASN N 225 68.56 23.62 -36.91
N GLU N 226 69.81 23.76 -36.48
CA GLU N 226 70.15 24.30 -35.16
C GLU N 226 69.75 25.76 -34.92
N LYS N 227 69.33 26.50 -35.96
CA LYS N 227 68.91 27.90 -35.85
C LYS N 227 67.40 28.06 -35.94
N GLY N 228 66.69 26.97 -35.65
CA GLY N 228 65.23 26.93 -35.55
C GLY N 228 64.45 26.99 -36.84
N GLY N 229 65.07 26.89 -38.01
CA GLY N 229 64.34 26.88 -39.27
C GLY N 229 63.40 25.68 -39.27
N GLN N 230 62.27 25.76 -39.97
CA GLN N 230 61.26 24.70 -39.96
C GLN N 230 61.03 24.03 -41.30
N ALA N 231 61.73 24.45 -42.35
CA ALA N 231 61.52 23.94 -43.71
C ALA N 231 61.90 22.49 -43.91
N LYS N 232 61.08 21.73 -44.65
CA LYS N 232 61.36 20.34 -45.01
C LYS N 232 62.54 20.23 -45.97
N LEU N 233 63.33 19.18 -45.84
CA LEU N 233 64.38 18.86 -46.80
C LEU N 233 63.69 18.30 -48.05
N LYS N 234 64.18 18.56 -49.26
CA LYS N 234 63.58 18.01 -50.49
C LYS N 234 63.93 16.52 -50.65
N LEU N 235 63.03 15.67 -51.16
CA LEU N 235 63.24 14.23 -51.41
C LEU N 235 62.45 13.82 -52.68
N ASN N 236 62.38 14.75 -53.64
CA ASN N 236 61.54 14.68 -54.83
C ASN N 236 62.07 13.96 -56.08
N ASP N 237 63.37 13.79 -56.25
CA ASP N 237 63.94 12.98 -57.35
C ASP N 237 63.89 11.48 -56.95
N GLN N 238 64.50 11.19 -55.81
CA GLN N 238 64.56 9.90 -55.13
C GLN N 238 64.34 10.19 -53.63
N GLY N 239 63.93 9.19 -52.85
CA GLY N 239 63.55 9.40 -51.44
C GLY N 239 64.62 9.81 -50.43
N GLN N 240 65.90 9.86 -50.76
CA GLN N 240 66.91 10.36 -49.81
C GLN N 240 66.78 11.89 -49.67
N PRO N 241 67.02 12.47 -48.49
CA PRO N 241 67.02 13.92 -48.36
C PRO N 241 68.05 14.51 -49.33
N THR N 242 67.69 15.57 -50.04
CA THR N 242 68.51 16.18 -51.10
C THR N 242 69.56 17.16 -50.56
N LYS N 243 69.78 17.17 -49.24
CA LYS N 243 70.75 18.02 -48.55
C LYS N 243 70.47 19.54 -48.70
N ASP N 244 69.24 19.90 -49.08
CA ASP N 244 68.78 21.29 -49.24
C ASP N 244 67.30 21.39 -48.85
N TYR N 245 66.87 22.61 -48.54
CA TYR N 245 65.53 22.91 -48.03
C TYR N 245 64.53 23.39 -49.06
N ASP N 246 63.28 22.99 -48.87
CA ASP N 246 62.11 23.37 -49.68
C ASP N 246 61.67 24.82 -49.38
N ILE N 247 62.50 25.79 -49.74
CA ILE N 247 62.26 27.23 -49.54
C ILE N 247 62.41 28.01 -50.84
N ASP N 248 61.41 28.79 -51.22
CA ASP N 248 61.41 29.65 -52.40
C ASP N 248 61.03 31.08 -52.04
N LEU N 249 61.69 32.06 -52.65
CA LEU N 249 61.37 33.45 -52.46
C LEU N 249 60.21 33.82 -53.38
N ALA N 250 59.30 34.66 -52.93
CA ALA N 250 58.24 35.24 -53.74
C ALA N 250 58.20 36.75 -53.50
N PHE N 251 58.04 37.55 -54.56
CA PHE N 251 58.26 38.99 -54.53
C PHE N 251 57.00 39.78 -54.93
N PHE N 252 56.78 40.97 -54.37
CA PHE N 252 55.54 41.71 -54.56
C PHE N 252 55.73 43.21 -54.77
N ASP N 253 54.84 43.82 -55.56
CA ASP N 253 54.68 45.28 -55.67
C ASP N 253 53.27 45.62 -55.19
N THR N 254 53.09 46.87 -54.78
CA THR N 254 51.81 47.56 -54.82
C THR N 254 51.06 47.27 -56.13
N PRO N 255 49.71 47.31 -56.09
CA PRO N 255 48.81 47.28 -57.24
C PRO N 255 49.09 48.47 -58.16
N GLY N 256 48.31 48.66 -59.22
CA GLY N 256 48.44 49.64 -60.34
C GLY N 256 49.00 51.06 -60.11
N GLY N 257 49.37 51.40 -58.89
CA GLY N 257 50.14 52.56 -58.42
C GLY N 257 51.62 52.42 -58.92
N THR N 258 51.85 51.63 -59.98
CA THR N 258 53.06 50.90 -60.38
C THR N 258 53.66 51.45 -61.70
N PRO N 259 52.92 51.92 -62.75
CA PRO N 259 53.54 52.64 -63.87
C PRO N 259 54.18 53.89 -63.27
N PRO N 260 55.18 54.49 -63.91
CA PRO N 260 55.84 55.55 -63.18
C PRO N 260 55.22 56.92 -62.99
N THR N 261 54.88 57.23 -61.73
CA THR N 261 54.99 58.63 -61.33
C THR N 261 56.46 58.46 -60.92
N GLY N 262 57.47 59.09 -61.53
CA GLY N 262 58.83 58.79 -61.06
C GLY N 262 59.42 57.40 -61.34
N SER N 263 58.68 56.25 -61.29
CA SER N 263 59.41 55.03 -60.91
C SER N 263 60.35 54.41 -61.96
N GLY N 264 60.40 54.96 -63.18
CA GLY N 264 61.53 55.03 -64.11
C GLY N 264 61.25 54.90 -65.60
N GLN N 265 60.19 54.18 -66.03
CA GLN N 265 59.60 54.09 -67.39
C GLN N 265 58.27 53.28 -67.39
N GLN N 266 57.25 53.45 -68.27
CA GLN N 266 56.15 52.45 -68.47
C GLN N 266 55.83 51.36 -67.39
N GLU N 267 56.61 50.26 -67.45
CA GLU N 267 56.54 48.88 -66.90
C GLU N 267 56.85 48.64 -65.42
N GLU N 268 57.12 49.68 -64.67
CA GLU N 268 57.88 49.74 -63.41
C GLU N 268 57.47 48.99 -62.13
N TYR N 269 56.66 47.95 -62.26
CA TYR N 269 56.57 46.97 -61.18
C TYR N 269 57.98 46.61 -60.60
N LYS N 270 58.16 46.65 -59.27
CA LYS N 270 59.47 46.55 -58.57
C LYS N 270 59.25 46.00 -57.18
N ALA N 271 59.89 44.89 -56.84
CA ALA N 271 59.70 44.21 -55.57
C ALA N 271 59.99 45.11 -54.36
N ASP N 272 59.01 45.28 -53.47
CA ASP N 272 59.23 45.92 -52.17
C ASP N 272 58.79 45.07 -50.96
N ILE N 273 58.23 43.89 -51.21
CA ILE N 273 58.06 42.83 -50.23
C ILE N 273 58.55 41.52 -50.79
N VAL N 274 59.23 40.73 -49.97
CA VAL N 274 59.71 39.39 -50.32
C VAL N 274 59.27 38.42 -49.24
N MET N 275 58.66 37.29 -49.58
CA MET N 275 58.31 36.25 -48.61
C MET N 275 59.02 34.95 -48.89
N TYR N 276 59.70 34.43 -47.89
CA TYR N 276 60.41 33.17 -47.94
C TYR N 276 59.39 32.06 -47.74
N THR N 277 58.73 31.65 -48.81
CA THR N 277 57.72 30.59 -48.78
C THR N 277 58.38 29.24 -48.57
N GLU N 278 57.84 28.39 -47.70
CA GLU N 278 58.43 27.09 -47.41
C GLU N 278 57.40 26.03 -47.00
N ASN N 279 57.74 24.74 -47.14
CA ASN N 279 56.91 23.64 -46.67
C ASN N 279 57.46 23.22 -45.31
N VAL N 280 56.61 22.97 -44.32
CA VAL N 280 57.04 22.62 -42.96
C VAL N 280 56.30 21.40 -42.44
N ASN N 281 56.83 20.73 -41.42
CA ASN N 281 56.20 19.56 -40.81
C ASN N 281 55.11 20.03 -39.84
N LEU N 282 54.05 20.63 -40.36
CA LEU N 282 52.98 21.19 -39.57
C LEU N 282 52.12 20.15 -38.88
N GLU N 283 51.86 20.39 -37.61
CA GLU N 283 51.07 19.58 -36.69
C GLU N 283 50.28 20.47 -35.73
N THR N 284 49.31 19.89 -35.02
CA THR N 284 48.53 20.56 -33.98
C THR N 284 48.41 19.57 -32.80
N PRO N 285 49.49 19.26 -32.08
CA PRO N 285 49.51 18.21 -31.07
C PRO N 285 48.50 18.27 -29.93
N ASP N 286 47.95 19.42 -29.58
CA ASP N 286 47.05 19.56 -28.43
C ASP N 286 45.76 20.36 -28.70
N THR N 287 45.36 20.52 -29.97
CA THR N 287 44.14 21.21 -30.37
C THR N 287 43.41 20.51 -31.50
N HIS N 288 42.16 20.92 -31.77
CA HIS N 288 41.34 20.40 -32.85
C HIS N 288 40.58 21.54 -33.51
N VAL N 289 40.20 21.37 -34.77
CA VAL N 289 39.44 22.37 -35.52
C VAL N 289 37.97 22.26 -35.14
N VAL N 290 37.45 23.27 -34.45
CA VAL N 290 36.05 23.29 -34.01
C VAL N 290 35.13 23.81 -35.11
N TYR N 291 35.62 24.61 -36.05
CA TYR N 291 34.87 25.02 -37.23
C TYR N 291 35.71 25.13 -38.50
N LYS N 292 35.15 24.72 -39.64
CA LYS N 292 35.72 24.92 -40.97
C LYS N 292 34.57 25.01 -41.99
N PRO N 293 34.71 25.83 -43.05
CA PRO N 293 33.56 26.24 -43.84
C PRO N 293 33.07 25.21 -44.86
N GLY N 294 33.77 24.10 -45.03
CA GLY N 294 33.38 23.08 -45.98
C GLY N 294 34.12 21.77 -45.75
N LYS N 295 33.72 20.73 -46.50
CA LYS N 295 34.30 19.39 -46.44
C LYS N 295 35.77 19.36 -46.89
N GLU N 296 36.13 20.28 -47.79
CA GLU N 296 37.49 20.45 -48.32
C GLU N 296 38.55 20.67 -47.25
N ASP N 297 39.49 19.73 -47.13
CA ASP N 297 40.62 19.78 -46.19
C ASP N 297 41.83 20.60 -46.72
N GLU N 298 41.83 20.90 -48.01
CA GLU N 298 42.90 21.58 -48.76
C GLU N 298 43.11 23.06 -48.47
N SER N 299 44.24 23.59 -48.93
CA SER N 299 44.61 25.00 -48.77
C SER N 299 43.71 25.86 -49.67
N SER N 300 42.98 26.83 -49.11
CA SER N 300 42.08 27.70 -49.87
C SER N 300 41.71 28.94 -49.09
N GLU N 301 41.19 29.95 -49.77
CA GLU N 301 40.88 31.22 -49.14
C GLU N 301 39.87 31.06 -48.02
N THR N 302 38.85 30.21 -48.18
CA THR N 302 37.90 29.96 -47.10
C THR N 302 38.54 29.16 -45.98
N ASN N 303 39.42 28.20 -46.26
CA ASN N 303 40.10 27.46 -45.20
C ASN N 303 41.04 28.34 -44.37
N LEU N 304 41.40 29.57 -44.76
CA LEU N 304 42.04 30.51 -43.82
C LEU N 304 41.16 30.67 -42.59
N THR N 305 39.85 30.56 -42.76
CA THR N 305 38.85 30.79 -41.70
C THR N 305 38.48 29.58 -40.86
N GLN N 306 39.21 28.48 -40.98
CA GLN N 306 39.22 27.47 -39.93
C GLN N 306 39.47 28.14 -38.57
N GLN N 307 39.00 27.53 -37.48
CA GLN N 307 39.33 27.94 -36.12
C GLN N 307 39.41 26.72 -35.22
N SER N 308 40.30 26.80 -34.23
CA SER N 308 40.59 25.69 -33.32
C SER N 308 40.25 26.00 -31.88
N MET N 309 40.04 24.93 -31.15
CA MET N 309 39.72 24.88 -29.73
C MET N 309 40.72 23.91 -29.12
N PRO N 310 41.28 24.18 -27.94
CA PRO N 310 42.23 23.26 -27.34
C PRO N 310 41.58 21.94 -26.95
N ASN N 311 42.34 20.86 -26.91
CA ASN N 311 41.79 19.55 -26.54
C ASN N 311 41.49 19.50 -25.05
N ARG N 312 40.44 18.78 -24.67
CA ARG N 312 40.00 18.69 -23.29
C ARG N 312 41.08 18.08 -22.39
N PRO N 313 41.30 18.61 -21.18
CA PRO N 313 42.28 18.07 -20.26
C PRO N 313 41.86 16.67 -19.85
N ASN N 314 42.85 15.80 -19.73
CA ASN N 314 42.65 14.42 -19.38
C ASN N 314 43.86 13.92 -18.61
N TYR N 315 43.87 14.19 -17.33
CA TYR N 315 44.91 13.68 -16.44
C TYR N 315 44.78 12.18 -16.29
N ILE N 316 45.88 11.45 -16.40
CA ILE N 316 45.93 10.01 -16.22
C ILE N 316 46.98 9.66 -15.19
N GLY N 317 46.68 8.77 -14.27
CA GLY N 317 47.63 8.37 -13.25
C GLY N 317 47.14 7.15 -12.51
N PHE N 318 47.92 6.65 -11.57
CA PHE N 318 47.46 5.61 -10.70
C PHE N 318 46.40 6.09 -9.71
N ARG N 319 45.49 5.20 -9.33
CA ARG N 319 44.41 5.50 -8.39
C ARG N 319 44.93 5.79 -6.99
N ASP N 320 44.07 6.37 -6.18
CA ASP N 320 44.38 6.67 -4.78
C ASP N 320 44.84 5.40 -4.07
N ASN N 321 45.86 5.43 -3.23
CA ASN N 321 46.34 4.24 -2.52
C ASN N 321 46.62 3.04 -3.43
N PHE N 322 46.87 3.23 -4.72
CA PHE N 322 46.95 2.18 -5.72
C PHE N 322 45.74 1.23 -5.76
N VAL N 323 44.53 1.68 -5.40
CA VAL N 323 43.35 0.80 -5.48
C VAL N 323 43.25 0.25 -6.89
N GLY N 324 42.79 -0.98 -7.06
CA GLY N 324 42.67 -1.63 -8.35
C GLY N 324 43.96 -2.29 -8.85
N LEU N 325 45.14 -1.99 -8.35
CA LEU N 325 46.36 -2.61 -8.86
C LEU N 325 46.47 -4.08 -8.46
N MET N 326 46.27 -4.41 -7.18
CA MET N 326 46.26 -5.78 -6.69
C MET N 326 44.86 -6.40 -6.67
N TYR N 327 44.77 -7.71 -6.83
CA TYR N 327 43.55 -8.52 -6.71
C TYR N 327 43.26 -8.81 -5.26
N TYR N 328 42.04 -8.51 -4.85
CA TYR N 328 41.49 -8.75 -3.53
C TYR N 328 40.05 -9.16 -3.73
N ASN N 329 39.48 -9.94 -2.83
CA ASN N 329 38.09 -10.38 -2.87
C ASN N 329 37.73 -11.00 -4.22
N SER N 330 38.67 -11.77 -4.77
CA SER N 330 38.58 -12.37 -6.08
C SER N 330 39.22 -13.73 -6.04
N THR N 331 38.44 -14.75 -5.73
CA THR N 331 38.99 -16.02 -5.26
C THR N 331 39.65 -16.81 -6.39
N GLY N 332 39.41 -16.50 -7.66
CA GLY N 332 40.13 -17.15 -8.78
C GLY N 332 41.60 -16.75 -8.86
N ASN N 333 41.95 -15.62 -8.25
CA ASN N 333 43.24 -14.98 -8.35
C ASN N 333 43.81 -14.60 -6.98
N MET N 334 43.40 -15.33 -5.94
CA MET N 334 43.63 -15.00 -4.55
C MET N 334 45.12 -14.98 -4.18
N GLY N 335 45.53 -14.05 -3.32
CA GLY N 335 46.91 -13.98 -2.84
C GLY N 335 47.19 -15.12 -1.86
N VAL N 336 48.45 -15.42 -1.61
CA VAL N 336 48.84 -16.54 -0.73
C VAL N 336 49.86 -16.15 0.31
N LEU N 337 49.61 -16.58 1.54
CA LEU N 337 50.56 -16.48 2.65
C LEU N 337 50.46 -17.80 3.37
N ALA N 338 51.48 -18.63 3.26
CA ALA N 338 51.50 -19.96 3.83
C ALA N 338 52.85 -20.33 4.43
N GLY N 339 52.86 -21.11 5.49
CA GLY N 339 54.12 -21.61 6.03
C GLY N 339 54.72 -22.55 5.01
N GLN N 340 55.97 -22.41 4.58
CA GLN N 340 56.48 -23.12 3.41
C GLN N 340 56.50 -24.65 3.54
N ALA N 341 56.56 -25.18 4.75
CA ALA N 341 56.43 -26.62 4.97
C ALA N 341 54.97 -27.06 4.88
N SER N 342 54.09 -26.31 5.55
CA SER N 342 52.65 -26.55 5.65
C SER N 342 51.93 -26.35 4.31
N GLN N 343 52.30 -25.33 3.54
CA GLN N 343 51.90 -25.05 2.18
C GLN N 343 50.40 -24.77 1.98
N LEU N 344 49.64 -24.58 3.06
CA LEU N 344 48.21 -24.26 3.03
C LEU N 344 47.99 -22.77 3.27
N ASN N 345 47.24 -22.14 2.36
CA ASN N 345 47.07 -20.71 2.29
C ASN N 345 46.29 -20.16 3.47
N ALA N 346 46.85 -19.21 4.21
CA ALA N 346 46.18 -18.59 5.35
C ALA N 346 45.22 -17.46 4.95
N VAL N 347 45.18 -17.04 3.68
CA VAL N 347 44.39 -15.87 3.26
C VAL N 347 42.88 -16.10 3.28
N VAL N 348 42.31 -17.10 2.60
CA VAL N 348 40.85 -17.41 2.68
C VAL N 348 39.92 -16.22 2.46
N ASP N 349 40.10 -15.51 1.36
CA ASP N 349 39.29 -14.36 1.01
C ASP N 349 37.89 -14.74 0.44
N LEU N 350 36.98 -13.78 0.31
CA LEU N 350 35.57 -13.98 -0.04
C LEU N 350 35.10 -12.97 -1.10
N GLN N 351 34.12 -13.34 -1.92
CA GLN N 351 33.58 -12.47 -2.96
C GLN N 351 32.73 -11.31 -2.48
N ASP N 352 31.97 -11.46 -1.38
CA ASP N 352 31.10 -10.43 -0.84
C ASP N 352 31.80 -9.55 0.21
N ARG N 353 33.13 -9.45 0.12
CA ARG N 353 34.02 -8.59 0.94
C ARG N 353 34.59 -7.52 0.00
N ASN N 354 34.92 -6.35 0.54
CA ASN N 354 35.45 -5.22 -0.23
C ASN N 354 36.63 -4.58 0.49
N THR N 355 37.80 -5.18 0.38
CA THR N 355 39.04 -4.74 1.02
C THR N 355 39.45 -3.34 0.61
N GLU N 356 39.25 -2.95 -0.63
CA GLU N 356 39.67 -1.64 -1.11
C GLU N 356 38.83 -0.54 -0.46
N LEU N 357 37.51 -0.67 -0.42
CA LEU N 357 36.68 0.33 0.24
C LEU N 357 36.94 0.31 1.74
N SER N 358 37.13 -0.87 2.31
CA SER N 358 37.45 -1.02 3.72
C SER N 358 38.74 -0.29 4.07
N TYR N 359 39.75 -0.35 3.20
CA TYR N 359 40.98 0.36 3.43
C TYR N 359 40.79 1.87 3.29
N GLN N 360 40.00 2.33 2.31
CA GLN N 360 39.75 3.77 2.13
C GLN N 360 39.12 4.35 3.38
N LEU N 361 38.12 3.67 3.93
CA LEU N 361 37.45 4.11 5.14
C LEU N 361 38.39 4.09 6.34
N LEU N 362 39.26 3.08 6.45
CA LEU N 362 40.21 3.00 7.54
C LEU N 362 41.12 4.22 7.58
N LEU N 363 41.74 4.62 6.46
CA LEU N 363 42.64 5.77 6.43
C LEU N 363 41.98 7.06 6.91
N ASP N 364 40.72 7.29 6.57
CA ASP N 364 40.02 8.51 7.02
C ASP N 364 39.81 8.52 8.54
N SER N 365 39.78 7.35 9.17
CA SER N 365 39.63 7.25 10.60
C SER N 365 40.99 7.34 11.30
N LEU N 366 42.06 6.88 10.63
CA LEU N 366 43.43 6.93 11.15
C LEU N 366 44.14 8.26 10.89
N GLY N 367 43.77 9.02 9.88
CA GLY N 367 44.46 10.28 9.60
C GLY N 367 43.69 11.28 8.76
N ASP N 368 44.40 12.29 8.27
CA ASP N 368 43.85 13.40 7.51
C ASP N 368 44.12 13.19 6.02
N ARG N 369 43.09 12.77 5.29
CA ARG N 369 43.17 12.50 3.87
C ARG N 369 43.55 13.72 3.03
N THR N 370 43.48 14.94 3.56
CA THR N 370 43.86 16.13 2.77
C THR N 370 45.38 16.27 2.60
N ARG N 371 46.19 15.45 3.27
CA ARG N 371 47.64 15.44 3.15
C ARG N 371 48.09 14.35 2.19
N TYR N 372 48.68 14.74 1.07
CA TYR N 372 49.13 13.79 0.05
C TYR N 372 50.44 13.12 0.47
N PHE N 373 50.68 11.88 0.03
CA PHE N 373 51.84 11.09 0.40
C PHE N 373 52.27 10.23 -0.77
N SER N 374 53.36 10.57 -1.43
CA SER N 374 53.71 9.95 -2.71
C SER N 374 54.01 8.47 -2.62
N MET N 375 54.51 7.98 -1.48
CA MET N 375 55.00 6.61 -1.40
C MET N 375 53.90 5.61 -1.66
N TRP N 376 52.77 5.75 -0.98
CA TRP N 376 51.60 4.91 -1.20
C TRP N 376 50.68 5.44 -2.28
N ASN N 377 51.08 6.46 -3.04
CA ASN N 377 50.21 7.17 -3.99
C ASN N 377 48.92 7.69 -3.35
N SER N 378 48.96 8.03 -2.06
CA SER N 378 47.79 8.55 -1.36
C SER N 378 47.56 10.01 -1.69
N ALA N 379 46.43 10.32 -2.31
CA ALA N 379 45.94 11.65 -2.62
C ALA N 379 44.46 11.45 -2.97
N VAL N 380 43.59 11.66 -2.00
CA VAL N 380 42.13 11.41 -2.12
C VAL N 380 41.46 12.15 -3.26
N ASP N 381 40.49 11.51 -3.90
CA ASP N 381 39.71 12.14 -4.97
C ASP N 381 38.83 13.26 -4.40
N SER N 382 38.64 14.33 -5.17
CA SER N 382 37.86 15.48 -4.76
C SER N 382 37.14 16.16 -5.93
N TYR N 383 36.66 17.36 -5.71
CA TYR N 383 36.11 18.23 -6.74
C TYR N 383 36.15 19.64 -6.16
N ASP N 384 36.11 20.66 -6.99
CA ASP N 384 36.05 22.02 -6.48
C ASP N 384 34.60 22.25 -5.98
N PRO N 385 34.33 22.53 -4.70
CA PRO N 385 32.95 22.67 -4.23
C PRO N 385 32.18 23.76 -4.95
N ASP N 386 32.85 24.80 -5.45
CA ASP N 386 32.19 25.86 -6.23
C ASP N 386 31.82 25.39 -7.65
N VAL N 387 32.29 24.22 -8.07
CA VAL N 387 32.00 23.59 -9.37
C VAL N 387 30.87 22.57 -9.22
N ARG N 388 30.75 21.93 -8.05
CA ARG N 388 29.67 20.98 -7.78
C ARG N 388 28.38 21.73 -7.50
N ILE N 389 28.46 22.82 -6.74
CA ILE N 389 27.35 23.69 -6.38
C ILE N 389 27.73 25.07 -6.91
N ILE N 390 27.15 25.47 -8.04
CA ILE N 390 27.52 26.65 -8.83
C ILE N 390 27.64 27.99 -8.11
N GLU N 391 26.81 28.28 -7.11
CA GLU N 391 26.94 29.47 -6.25
C GLU N 391 27.19 30.79 -7.02
N ASN N 392 26.23 31.20 -7.85
CA ASN N 392 26.42 32.26 -8.84
C ASN N 392 26.15 33.66 -8.27
N HIS N 393 27.13 34.29 -7.64
CA HIS N 393 27.02 35.66 -7.14
C HIS N 393 27.19 36.74 -8.22
N GLY N 394 27.14 36.40 -9.51
CA GLY N 394 27.39 37.34 -10.60
C GLY N 394 28.83 37.82 -10.63
N VAL N 395 29.09 39.03 -11.12
CA VAL N 395 30.46 39.58 -11.21
C VAL N 395 30.57 41.04 -10.83
N GLU N 396 31.71 41.46 -10.31
CA GLU N 396 31.94 42.83 -9.88
C GLU N 396 32.44 43.70 -11.04
N ASP N 397 31.56 44.13 -11.94
CA ASP N 397 31.91 44.84 -13.18
C ASP N 397 31.37 46.28 -13.28
N GLU N 398 31.24 46.98 -12.15
CA GLU N 398 30.79 48.37 -12.13
C GLU N 398 31.68 49.32 -12.95
N LEU N 399 32.98 49.03 -13.01
CA LEU N 399 33.98 49.94 -13.54
C LEU N 399 34.49 49.41 -14.90
N PRO N 400 34.40 50.15 -16.01
CA PRO N 400 34.69 49.62 -17.35
C PRO N 400 36.18 49.45 -17.60
N ASN N 401 36.57 48.31 -18.16
CA ASN N 401 37.95 48.08 -18.59
C ASN N 401 38.11 48.45 -20.08
N TYR N 402 39.16 49.18 -20.42
CA TYR N 402 39.40 49.69 -21.77
C TYR N 402 40.74 49.19 -22.32
N CYS N 403 40.83 49.09 -23.63
CA CYS N 403 41.98 48.64 -24.41
C CYS N 403 42.35 49.77 -25.37
N PHE N 404 43.63 50.18 -25.42
CA PHE N 404 44.08 51.45 -26.00
C PHE N 404 45.27 51.32 -26.97
N PRO N 405 45.39 52.14 -28.02
CA PRO N 405 46.48 52.08 -28.98
C PRO N 405 47.87 52.15 -28.38
N LEU N 406 48.85 51.56 -29.04
CA LEU N 406 50.22 51.47 -28.53
C LEU N 406 50.84 52.84 -28.26
N ASN N 407 50.55 53.82 -29.12
CA ASN N 407 51.07 55.18 -29.03
C ASN N 407 50.31 56.06 -28.02
N GLY N 408 49.30 55.54 -27.32
CA GLY N 408 48.43 56.27 -26.40
C GLY N 408 47.26 56.97 -27.09
N THR N 409 47.52 57.99 -27.90
CA THR N 409 46.48 58.84 -28.52
C THR N 409 45.66 58.17 -29.61
N GLY N 410 46.19 57.14 -30.27
CA GLY N 410 45.51 56.44 -31.35
C GLY N 410 45.65 57.09 -32.72
N THR N 411 44.53 57.24 -33.43
CA THR N 411 44.50 57.70 -34.82
C THR N 411 44.73 59.22 -34.90
N ASN N 412 45.98 59.65 -34.94
CA ASN N 412 46.31 61.06 -35.03
C ASN N 412 46.08 61.65 -36.43
N SER N 413 45.50 62.84 -36.46
CA SER N 413 45.37 63.64 -37.68
C SER N 413 46.54 64.61 -37.69
N THR N 414 46.86 65.13 -38.86
CA THR N 414 47.99 66.05 -39.03
C THR N 414 47.52 67.50 -39.05
N TYR N 415 48.29 68.37 -38.40
CA TYR N 415 48.05 69.80 -38.30
C TYR N 415 49.32 70.60 -38.51
N GLN N 416 49.19 71.89 -38.76
CA GLN N 416 50.28 72.82 -38.95
C GLN N 416 50.14 73.96 -37.94
N GLY N 417 51.26 74.46 -37.42
CA GLY N 417 51.23 75.57 -36.48
C GLY N 417 50.85 76.88 -37.16
N VAL N 418 50.10 77.72 -36.48
CA VAL N 418 49.64 79.05 -36.90
C VAL N 418 49.85 80.07 -35.81
N LYS N 419 49.75 81.34 -36.15
CA LYS N 419 49.91 82.45 -35.22
C LYS N 419 48.96 83.58 -35.57
N VAL N 420 48.69 84.47 -34.63
CA VAL N 420 47.90 85.65 -34.97
C VAL N 420 48.77 86.51 -35.86
N LYS N 421 48.20 87.22 -36.83
CA LYS N 421 48.95 87.90 -37.88
C LYS N 421 50.08 88.81 -37.40
N THR N 422 49.79 89.95 -36.80
CA THR N 422 50.81 90.90 -36.28
C THR N 422 50.32 91.69 -35.06
N GLY N 423 49.28 91.20 -34.37
CA GLY N 423 48.65 91.86 -33.21
C GLY N 423 47.75 93.06 -33.57
N GLN N 424 47.54 93.30 -34.86
CA GLN N 424 46.73 94.41 -35.37
C GLN N 424 45.27 94.41 -34.92
N ASP N 425 44.60 93.25 -34.74
CA ASP N 425 43.15 93.31 -34.47
C ASP N 425 42.40 92.59 -33.34
N GLY N 426 42.46 91.29 -33.03
CA GLY N 426 41.52 90.81 -31.98
C GLY N 426 40.05 91.08 -32.40
N ALA N 427 39.83 90.79 -33.68
CA ALA N 427 38.77 90.96 -34.69
C ALA N 427 38.56 89.64 -35.42
N GLU N 428 38.72 88.59 -34.62
CA GLU N 428 38.89 87.18 -34.84
C GLU N 428 37.97 86.65 -35.93
N GLU N 429 38.32 85.44 -36.38
CA GLU N 429 38.10 84.82 -37.70
C GLU N 429 39.38 85.08 -38.48
N THR N 430 39.40 85.17 -39.81
CA THR N 430 40.68 85.18 -40.53
C THR N 430 41.59 86.39 -40.43
N GLU N 431 42.35 86.41 -39.34
CA GLU N 431 43.42 87.35 -39.04
C GLU N 431 44.62 86.58 -38.44
N TRP N 432 44.65 85.26 -38.66
CA TRP N 432 45.75 84.34 -38.36
C TRP N 432 46.60 84.15 -39.63
N ASP N 433 47.79 83.58 -39.49
CA ASP N 433 48.62 83.18 -40.62
C ASP N 433 49.52 81.99 -40.21
N LYS N 434 50.12 81.29 -41.16
CA LYS N 434 50.96 80.12 -40.86
C LYS N 434 52.25 80.50 -40.15
N ASP N 435 52.55 79.83 -39.03
CA ASP N 435 53.76 80.05 -38.25
C ASP N 435 54.92 79.25 -38.82
N GLU N 436 55.88 79.89 -39.49
CA GLU N 436 57.03 79.17 -40.08
C GLU N 436 58.03 78.65 -39.05
N THR N 437 57.89 79.01 -37.77
CA THR N 437 58.78 78.51 -36.70
C THR N 437 58.40 77.12 -36.22
N VAL N 438 57.26 76.59 -36.67
CA VAL N 438 56.63 75.35 -36.19
C VAL N 438 56.33 74.43 -37.36
N ALA N 439 56.65 73.15 -37.23
CA ALA N 439 56.53 72.11 -38.27
C ALA N 439 55.15 72.06 -38.90
N ARG N 440 55.10 71.82 -40.21
CA ARG N 440 53.85 71.72 -40.98
C ARG N 440 53.09 70.41 -40.81
N GLN N 441 53.61 69.47 -40.02
CA GLN N 441 52.94 68.20 -39.75
C GLN N 441 53.08 67.77 -38.29
N ASN N 442 52.40 68.48 -37.38
CA ASN N 442 52.22 68.07 -36.00
C ASN N 442 51.17 66.96 -35.93
N GLN N 443 51.29 66.01 -35.02
CA GLN N 443 50.37 64.88 -34.89
C GLN N 443 49.46 65.09 -33.68
N ILE N 444 48.17 65.26 -33.89
CA ILE N 444 47.24 65.54 -32.78
C ILE N 444 45.89 64.84 -32.97
N ALA N 445 45.30 64.41 -31.86
CA ALA N 445 43.97 63.81 -31.84
C ALA N 445 42.96 64.74 -31.16
N LYS N 446 41.84 65.05 -31.83
CA LYS N 446 40.76 65.87 -31.26
C LYS N 446 39.90 65.01 -30.35
N GLY N 447 39.52 65.49 -29.17
CA GLY N 447 38.66 64.73 -28.27
C GLY N 447 39.39 63.57 -27.58
N ASN N 448 38.65 62.73 -26.85
CA ASN N 448 39.20 61.61 -26.11
C ASN N 448 39.93 60.61 -26.99
N VAL N 449 40.89 59.87 -26.42
CA VAL N 449 41.66 58.84 -27.13
C VAL N 449 40.77 57.75 -27.70
N TYR N 450 41.13 57.23 -28.88
CA TYR N 450 40.49 56.04 -29.43
C TYR N 450 40.67 54.86 -28.46
N ALA N 451 39.61 54.11 -28.19
CA ALA N 451 39.65 52.95 -27.31
C ALA N 451 38.50 51.97 -27.60
N MET N 452 38.65 50.73 -27.14
CA MET N 452 37.60 49.72 -27.16
C MET N 452 37.44 49.09 -25.79
N GLU N 453 36.23 48.68 -25.45
CA GLU N 453 35.84 48.26 -24.11
C GLU N 453 35.66 46.74 -24.00
N ILE N 454 36.12 46.14 -22.91
CA ILE N 454 35.94 44.72 -22.63
C ILE N 454 35.48 44.50 -21.19
N ASN N 455 34.47 43.67 -20.96
CA ASN N 455 34.12 43.27 -19.61
C ASN N 455 35.01 42.12 -19.18
N LEU N 456 36.07 42.40 -18.42
CA LEU N 456 37.00 41.34 -18.02
C LEU N 456 36.35 40.37 -17.04
N GLN N 457 35.57 40.90 -16.11
CA GLN N 457 35.01 40.10 -15.04
C GLN N 457 33.96 39.12 -15.59
N ALA N 458 33.08 39.54 -16.50
CA ALA N 458 32.17 38.63 -17.18
C ALA N 458 32.92 37.54 -17.95
N ASN N 459 34.03 37.85 -18.62
CA ASN N 459 34.83 36.83 -19.30
C ASN N 459 35.55 35.89 -18.35
N LEU N 460 36.14 36.36 -17.27
CA LEU N 460 36.74 35.48 -16.28
C LEU N 460 35.66 34.55 -15.68
N TRP N 461 34.40 34.98 -15.56
CA TRP N 461 33.35 34.12 -15.02
C TRP N 461 32.80 33.14 -16.05
N LYS N 462 32.51 33.58 -17.28
CA LYS N 462 32.11 32.69 -18.38
C LYS N 462 33.17 31.67 -18.73
N SER N 463 34.44 32.05 -18.77
CA SER N 463 35.49 31.08 -19.09
C SER N 463 35.59 30.03 -17.98
N PHE N 464 35.27 30.38 -16.73
CA PHE N 464 35.23 29.42 -15.62
C PHE N 464 34.06 28.48 -15.84
N LEU N 465 32.82 28.97 -15.99
CA LEU N 465 31.65 28.12 -16.18
C LEU N 465 31.72 27.25 -17.43
N TYR N 466 32.17 27.76 -18.57
CA TYR N 466 32.21 26.92 -19.76
C TYR N 466 33.21 25.79 -19.62
N SER N 467 34.42 26.08 -19.13
CA SER N 467 35.43 25.04 -18.99
C SER N 467 35.18 24.09 -17.84
N ASN N 468 34.63 24.55 -16.72
CA ASN N 468 34.40 23.73 -15.54
C ASN N 468 33.04 23.12 -15.46
N VAL N 469 32.05 23.52 -16.26
CA VAL N 469 30.71 22.93 -16.15
C VAL N 469 30.11 22.66 -17.51
N ALA N 470 30.16 23.57 -18.49
CA ALA N 470 29.50 23.29 -19.77
C ALA N 470 30.09 22.07 -20.47
N LEU N 471 31.42 21.96 -20.52
CA LEU N 471 32.06 20.81 -21.17
C LEU N 471 31.78 19.50 -20.44
N TYR N 472 31.25 19.51 -19.22
CA TYR N 472 30.93 18.32 -18.46
C TYR N 472 29.45 17.92 -18.53
N LEU N 473 28.57 18.70 -19.16
CA LEU N 473 27.16 18.33 -19.33
C LEU N 473 27.03 16.99 -20.09
N PRO N 474 26.04 16.13 -19.78
CA PRO N 474 25.86 14.86 -20.48
C PRO N 474 25.85 15.00 -22.00
N ASP N 475 26.23 13.94 -22.71
CA ASP N 475 26.34 13.96 -24.16
C ASP N 475 25.04 14.38 -24.88
N SER N 476 23.87 14.09 -24.32
CA SER N 476 22.59 14.47 -24.91
C SER N 476 22.37 15.98 -24.99
N TYR N 477 23.19 16.80 -24.33
CA TYR N 477 23.13 18.27 -24.42
C TYR N 477 24.10 18.81 -25.49
N LYS N 478 25.02 17.98 -25.98
CA LYS N 478 26.03 18.31 -26.97
C LYS N 478 25.56 18.00 -28.38
N TYR N 479 26.36 18.34 -29.38
CA TYR N 479 26.08 18.04 -30.78
C TYR N 479 27.39 17.90 -31.55
N THR N 480 27.32 17.44 -32.80
CA THR N 480 28.51 17.31 -33.66
C THR N 480 28.51 18.47 -34.66
N PRO N 481 29.56 19.29 -34.75
CA PRO N 481 29.61 20.40 -35.69
C PRO N 481 29.41 19.99 -37.14
N ALA N 482 29.08 20.96 -37.99
CA ALA N 482 28.92 20.76 -39.42
C ALA N 482 30.21 20.24 -40.07
N ASN N 483 30.10 19.30 -41.00
CA ASN N 483 31.21 18.69 -41.75
C ASN N 483 32.37 18.05 -40.93
N VAL N 484 32.13 17.67 -39.67
CA VAL N 484 33.10 16.99 -38.79
C VAL N 484 32.68 15.53 -38.63
N THR N 485 33.60 14.56 -38.78
CA THR N 485 33.28 13.12 -38.64
C THR N 485 33.98 12.52 -37.43
N LEU N 486 33.19 12.10 -36.45
CA LEU N 486 33.61 11.48 -35.20
C LEU N 486 33.51 9.94 -35.26
N PRO N 487 34.22 9.21 -34.38
CA PRO N 487 34.14 7.75 -34.32
C PRO N 487 32.83 7.34 -33.65
N ALA N 488 32.31 6.15 -33.95
CA ALA N 488 31.06 5.70 -33.37
C ALA N 488 31.14 5.32 -31.88
N ASN N 489 32.31 4.94 -31.36
CA ASN N 489 32.51 4.57 -29.96
C ASN N 489 32.56 5.80 -29.04
N THR N 490 31.45 6.06 -28.36
CA THR N 490 31.26 7.20 -27.43
C THR N 490 32.21 7.21 -26.25
N ASN N 491 32.80 6.08 -25.90
CA ASN N 491 33.75 6.01 -24.81
C ASN N 491 35.17 6.41 -25.22
N THR N 492 35.37 7.13 -26.32
CA THR N 492 36.71 7.47 -26.81
C THR N 492 36.96 8.96 -26.78
N TYR N 493 38.21 9.33 -26.59
CA TYR N 493 38.63 10.70 -26.46
C TYR N 493 38.24 11.52 -27.68
N GLU N 494 38.35 11.01 -28.91
CA GLU N 494 37.95 11.79 -30.07
C GLU N 494 36.47 12.14 -30.02
N TYR N 495 35.61 11.28 -29.47
CA TYR N 495 34.19 11.57 -29.29
C TYR N 495 33.96 12.53 -28.15
N MET N 496 34.50 12.23 -26.99
CA MET N 496 34.36 13.12 -25.85
C MET N 496 34.93 14.52 -26.11
N ASN N 497 35.93 14.64 -26.98
CA ASN N 497 36.60 15.89 -27.34
C ASN N 497 35.97 16.56 -28.55
N GLY N 498 35.50 15.81 -29.55
CA GLY N 498 34.92 16.34 -30.77
C GLY N 498 33.55 16.96 -30.63
N ARG N 499 32.73 16.49 -29.71
CA ARG N 499 31.37 16.99 -29.46
C ARG N 499 31.42 18.39 -28.89
N VAL N 500 30.72 19.32 -29.52
CA VAL N 500 30.70 20.71 -29.08
C VAL N 500 29.54 20.96 -28.13
N VAL N 501 29.66 21.95 -27.25
CA VAL N 501 28.60 22.33 -26.31
C VAL N 501 28.25 23.78 -26.53
N ALA N 502 26.97 24.10 -26.64
CA ALA N 502 26.54 25.48 -26.81
C ALA N 502 26.86 26.26 -25.54
N PRO N 503 27.61 27.36 -25.57
CA PRO N 503 27.95 28.11 -24.37
C PRO N 503 26.75 28.74 -23.66
N SER N 504 25.58 28.78 -24.31
CA SER N 504 24.34 29.29 -23.73
C SER N 504 23.88 28.37 -22.60
N LEU N 505 24.20 27.08 -22.65
CA LEU N 505 23.94 26.19 -21.52
C LEU N 505 24.94 26.61 -20.44
N VAL N 506 24.53 26.74 -19.19
CA VAL N 506 25.41 27.19 -18.10
C VAL N 506 26.17 28.49 -18.42
N ASP N 507 25.43 29.48 -18.94
CA ASP N 507 25.92 30.82 -19.23
C ASP N 507 26.07 31.65 -17.93
N ALA N 508 26.62 32.86 -18.01
CA ALA N 508 26.94 33.69 -16.85
C ALA N 508 25.76 33.90 -15.89
N TYR N 509 24.56 34.07 -16.43
CA TYR N 509 23.34 34.36 -15.69
C TYR N 509 22.58 33.11 -15.21
N ILE N 510 23.01 31.89 -15.52
CA ILE N 510 22.26 30.69 -15.12
C ILE N 510 22.16 30.57 -13.61
N ASN N 511 20.92 30.49 -13.11
CA ASN N 511 20.59 30.47 -11.68
C ASN N 511 21.24 31.60 -10.88
N ILE N 512 21.41 32.77 -11.50
CA ILE N 512 22.11 33.88 -10.87
C ILE N 512 21.44 34.28 -9.57
N GLY N 513 22.24 34.42 -8.52
CA GLY N 513 21.79 34.61 -7.16
C GLY N 513 21.64 33.38 -6.28
N ALA N 514 21.79 32.14 -6.76
CA ALA N 514 21.54 30.95 -5.96
C ALA N 514 22.71 29.96 -5.86
N ARG N 515 22.79 29.22 -4.74
CA ARG N 515 23.54 27.97 -4.67
C ARG N 515 22.69 26.86 -5.23
N TRP N 516 22.98 26.39 -6.42
CA TRP N 516 22.19 25.33 -7.03
C TRP N 516 23.04 24.52 -7.98
N SER N 517 23.28 23.25 -7.67
CA SER N 517 23.94 22.37 -8.61
C SER N 517 23.02 22.22 -9.82
N LEU N 518 23.51 22.29 -11.05
CA LEU N 518 22.62 22.16 -12.21
C LEU N 518 21.91 20.81 -12.15
N ASP N 519 20.65 20.74 -12.53
CA ASP N 519 19.93 19.47 -12.40
C ASP N 519 20.50 18.31 -13.23
N PRO N 520 21.05 18.47 -14.45
CA PRO N 520 21.64 17.32 -15.13
C PRO N 520 22.94 16.88 -14.49
N MET N 521 23.65 17.76 -13.79
CA MET N 521 24.92 17.47 -13.15
C MET N 521 24.82 16.70 -11.83
N ASP N 522 23.70 16.73 -11.12
CA ASP N 522 23.59 15.99 -9.85
C ASP N 522 23.90 14.52 -10.04
N ASN N 523 23.46 13.94 -11.16
CA ASN N 523 23.67 12.54 -11.50
C ASN N 523 24.96 12.28 -12.29
N VAL N 524 25.79 13.28 -12.57
CA VAL N 524 27.07 13.11 -13.27
C VAL N 524 28.16 12.92 -12.23
N ASN N 525 29.06 11.96 -12.43
CA ASN N 525 30.14 11.71 -11.48
C ASN N 525 30.99 12.99 -11.37
N PRO N 526 31.05 13.66 -10.21
CA PRO N 526 31.79 14.90 -10.08
C PRO N 526 33.29 14.69 -9.95
N PHE N 527 33.75 13.46 -9.67
CA PHE N 527 35.17 13.17 -9.50
C PHE N 527 35.86 12.96 -10.85
N ASN N 528 35.11 12.74 -11.91
CA ASN N 528 35.62 12.65 -13.27
C ASN N 528 35.68 14.09 -13.80
N HIS N 529 36.52 14.93 -13.19
CA HIS N 529 36.65 16.34 -13.53
C HIS N 529 38.12 16.76 -13.49
N HIS N 530 38.61 17.51 -14.46
CA HIS N 530 40.02 17.93 -14.51
C HIS N 530 40.50 18.79 -13.34
N ARG N 531 39.59 19.32 -12.52
CA ARG N 531 39.88 20.19 -11.39
C ARG N 531 39.99 19.47 -10.06
N ASN N 532 39.91 18.14 -9.98
CA ASN N 532 40.09 17.45 -8.71
C ASN N 532 41.56 17.32 -8.34
N ALA N 533 41.96 17.95 -7.24
CA ALA N 533 43.37 17.99 -6.82
C ALA N 533 44.02 16.63 -6.65
N GLY N 534 43.31 15.61 -6.18
CA GLY N 534 43.93 14.30 -5.99
C GLY N 534 44.40 13.66 -7.27
N LEU N 535 43.63 13.68 -8.35
CA LEU N 535 44.07 13.10 -9.61
C LEU N 535 45.10 13.97 -10.32
N ARG N 536 44.97 15.30 -10.27
CA ARG N 536 46.00 16.18 -10.80
C ARG N 536 47.34 15.85 -10.20
N TYR N 537 47.41 15.75 -8.87
CA TYR N 537 48.63 15.40 -8.16
C TYR N 537 49.13 14.04 -8.59
N ARG N 538 48.29 13.01 -8.50
CA ARG N 538 48.65 11.62 -8.85
C ARG N 538 49.12 11.51 -10.28
N SER N 539 48.59 12.30 -11.18
CA SER N 539 49.02 12.30 -12.57
C SER N 539 50.33 13.06 -12.76
N MET N 540 50.56 14.16 -12.04
CA MET N 540 51.78 14.98 -12.14
C MET N 540 52.97 14.34 -11.44
N LEU N 541 52.72 13.47 -10.48
CA LEU N 541 53.73 12.74 -9.73
C LEU N 541 54.54 11.79 -10.62
N LEU N 542 53.95 11.34 -11.72
CA LEU N 542 54.59 10.56 -12.79
C LEU N 542 55.28 11.45 -13.85
N GLY N 543 54.99 12.75 -13.86
CA GLY N 543 55.48 13.71 -14.83
C GLY N 543 54.55 13.90 -16.04
N ASN N 544 54.92 14.81 -16.94
CA ASN N 544 54.09 15.34 -18.00
C ASN N 544 54.06 14.59 -19.32
N GLY N 545 54.91 13.58 -19.54
CA GLY N 545 54.89 12.85 -20.81
C GLY N 545 53.90 11.70 -20.81
N ARG N 546 53.51 11.19 -21.98
CA ARG N 546 52.72 9.96 -22.04
C ARG N 546 53.53 8.70 -21.76
N TYR N 547 54.81 8.70 -22.08
CA TYR N 547 55.73 7.56 -21.97
C TYR N 547 56.51 7.65 -20.65
N VAL N 548 56.28 6.73 -19.72
CA VAL N 548 56.68 6.94 -18.32
C VAL N 548 57.22 5.67 -17.70
N PRO N 549 58.54 5.52 -17.47
CA PRO N 549 59.02 4.49 -16.56
C PRO N 549 58.54 4.81 -15.14
N PHE N 550 58.30 3.83 -14.28
CA PHE N 550 57.74 4.10 -12.95
C PHE N 550 58.35 3.16 -11.91
N HIS N 551 58.26 3.54 -10.66
CA HIS N 551 58.88 2.81 -9.56
C HIS N 551 58.06 3.11 -8.33
N ILE N 552 57.24 2.14 -7.92
CA ILE N 552 56.16 2.34 -6.95
C ILE N 552 56.24 1.32 -5.82
N GLN N 553 55.82 1.69 -4.62
CA GLN N 553 55.82 0.82 -3.44
C GLN N 553 54.38 0.46 -3.10
N VAL N 554 53.83 -0.61 -3.66
CA VAL N 554 52.42 -0.96 -3.39
C VAL N 554 52.28 -1.65 -2.04
N PRO N 555 51.43 -1.16 -1.12
CA PRO N 555 51.26 -1.75 0.20
C PRO N 555 50.27 -2.93 0.20
N GLN N 556 50.24 -3.67 1.29
CA GLN N 556 49.33 -4.79 1.52
C GLN N 556 48.12 -4.29 2.32
N LYS N 557 46.89 -4.54 1.85
CA LYS N 557 45.63 -4.10 2.48
C LYS N 557 44.75 -5.18 3.09
N PHE N 558 44.98 -6.46 2.85
CA PHE N 558 44.13 -7.51 3.39
C PHE N 558 44.17 -7.49 4.92
N PHE N 559 43.01 -7.38 5.57
CA PHE N 559 42.93 -7.19 7.02
C PHE N 559 43.59 -8.27 7.85
N ALA N 560 43.56 -9.53 7.42
CA ALA N 560 44.18 -10.62 8.18
C ALA N 560 45.71 -10.60 8.09
N ILE N 561 46.29 -9.71 7.30
CA ILE N 561 47.73 -9.64 7.09
C ILE N 561 48.33 -8.25 7.30
N LYS N 562 47.68 -7.16 6.91
CA LYS N 562 48.28 -5.82 6.91
C LYS N 562 48.91 -5.34 8.22
N ASN N 563 48.47 -5.80 9.38
CA ASN N 563 49.07 -5.45 10.67
C ASN N 563 49.67 -6.67 11.39
N LEU N 564 49.64 -7.86 10.81
CA LEU N 564 50.08 -9.09 11.46
C LEU N 564 51.55 -9.05 11.84
N LEU N 565 51.93 -9.60 12.99
CA LEU N 565 53.32 -9.80 13.33
C LEU N 565 53.66 -11.26 13.09
N LEU N 566 54.57 -11.54 12.16
CA LEU N 566 55.02 -12.87 11.84
C LEU N 566 56.21 -13.28 12.70
N LEU N 567 56.07 -14.38 13.40
CA LEU N 567 57.13 -14.96 14.17
C LEU N 567 58.07 -15.73 13.23
N PRO N 568 59.28 -16.13 13.66
CA PRO N 568 60.25 -16.83 12.83
C PRO N 568 59.73 -18.04 12.04
N GLY N 569 60.19 -18.14 10.79
CA GLY N 569 59.86 -19.21 9.87
C GLY N 569 59.97 -18.77 8.42
N SER N 570 59.88 -19.70 7.47
CA SER N 570 59.92 -19.37 6.04
C SER N 570 58.51 -19.48 5.50
N TYR N 571 57.99 -18.38 4.96
CA TYR N 571 56.64 -18.31 4.44
C TYR N 571 56.62 -18.03 2.96
N THR N 572 55.83 -18.76 2.18
CA THR N 572 55.65 -18.44 0.77
C THR N 572 54.63 -17.35 0.67
N TYR N 573 55.00 -16.22 0.11
CA TYR N 573 54.12 -15.08 -0.07
C TYR N 573 53.90 -14.83 -1.56
N GLU N 574 52.67 -14.86 -2.03
CA GLU N 574 52.34 -14.59 -3.42
C GLU N 574 51.25 -13.57 -3.53
N TRP N 575 51.29 -12.79 -4.58
CA TRP N 575 50.21 -11.89 -4.88
C TRP N 575 50.10 -11.78 -6.40
N ASN N 576 48.91 -11.43 -6.85
CA ASN N 576 48.56 -11.32 -8.25
C ASN N 576 48.17 -9.87 -8.53
N PHE N 577 48.61 -9.33 -9.66
CA PHE N 577 48.46 -7.92 -10.02
C PHE N 577 47.83 -7.73 -11.39
N ARG N 578 46.97 -6.73 -11.55
CA ARG N 578 46.31 -6.40 -12.81
C ARG N 578 47.19 -5.65 -13.82
N LYS N 579 47.03 -5.95 -15.11
CA LYS N 579 47.64 -5.18 -16.22
C LYS N 579 46.56 -4.41 -17.02
N ASP N 580 45.28 -4.57 -16.65
CA ASP N 580 44.11 -3.91 -17.22
C ASP N 580 44.13 -2.41 -16.91
N VAL N 581 44.42 -1.57 -17.90
CA VAL N 581 44.50 -0.12 -17.73
C VAL N 581 43.24 0.54 -17.20
N ASN N 582 42.04 0.05 -17.49
CA ASN N 582 40.83 0.69 -16.96
C ASN N 582 40.73 0.50 -15.45
N MET N 583 41.25 -0.61 -14.94
CA MET N 583 41.26 -0.89 -13.51
C MET N 583 42.40 -0.20 -12.80
N ILE N 584 43.63 -0.30 -13.30
CA ILE N 584 44.78 0.28 -12.58
C ILE N 584 44.99 1.78 -12.79
N LEU N 585 44.69 2.35 -13.95
CA LEU N 585 44.80 3.79 -14.18
C LEU N 585 43.44 4.47 -14.08
N GLN N 586 43.45 5.77 -13.80
CA GLN N 586 42.25 6.60 -13.75
C GLN N 586 42.42 7.74 -14.73
N SER N 587 41.34 8.22 -15.33
CA SER N 587 41.38 9.35 -16.25
C SER N 587 40.36 10.40 -15.83
N SER N 588 40.63 11.68 -16.03
CA SER N 588 39.66 12.69 -15.61
C SER N 588 38.43 12.75 -16.50
N LEU N 589 38.46 12.24 -17.73
CA LEU N 589 37.27 12.17 -18.59
C LEU N 589 36.49 10.88 -18.41
N GLY N 590 37.16 9.80 -18.00
CA GLY N 590 36.55 8.48 -17.84
C GLY N 590 36.50 7.69 -19.14
N ASN N 591 37.27 8.07 -20.17
CA ASN N 591 37.31 7.36 -21.44
C ASN N 591 37.83 5.93 -21.31
N ASP N 592 37.63 5.11 -22.34
CA ASP N 592 38.09 3.73 -22.36
C ASP N 592 39.57 3.66 -22.73
N LEU N 593 40.44 3.56 -21.75
CA LEU N 593 41.87 3.48 -22.00
C LEU N 593 42.27 2.18 -22.73
N ARG N 594 41.54 1.07 -22.64
CA ARG N 594 41.90 -0.15 -23.40
C ARG N 594 41.77 0.07 -24.91
N VAL N 595 40.97 1.04 -25.33
CA VAL N 595 40.77 1.44 -26.72
C VAL N 595 41.63 2.63 -27.04
N ASP N 596 41.69 3.62 -26.14
CA ASP N 596 42.45 4.86 -26.33
C ASP N 596 43.97 4.74 -26.17
N GLY N 597 44.50 3.53 -26.30
CA GLY N 597 45.93 3.24 -26.40
C GLY N 597 46.78 3.12 -25.14
N ALA N 598 46.25 3.17 -23.93
CA ALA N 598 47.14 3.04 -22.76
C ALA N 598 47.60 1.60 -22.57
N SER N 599 48.79 1.38 -22.02
CA SER N 599 49.27 0.03 -21.72
C SER N 599 50.34 0.06 -20.63
N VAL N 600 50.57 -1.08 -19.98
CA VAL N 600 51.52 -1.20 -18.88
C VAL N 600 52.35 -2.47 -18.97
N ARG N 601 53.61 -2.36 -18.55
CA ARG N 601 54.58 -3.43 -18.52
C ARG N 601 55.26 -3.41 -17.16
N PHE N 602 55.41 -4.55 -16.51
CA PHE N 602 56.16 -4.67 -15.25
C PHE N 602 57.51 -5.30 -15.58
N ASP N 603 58.60 -4.68 -15.17
CA ASP N 603 59.95 -5.17 -15.42
C ASP N 603 60.46 -6.01 -14.24
N SER N 604 60.14 -5.63 -13.01
CA SER N 604 60.46 -6.42 -11.83
C SER N 604 59.59 -5.99 -10.66
N VAL N 605 59.38 -6.92 -9.73
CA VAL N 605 58.57 -6.76 -8.53
C VAL N 605 59.39 -7.34 -7.38
N ASN N 606 59.73 -6.58 -6.35
CA ASN N 606 60.50 -7.08 -5.22
C ASN N 606 59.76 -6.82 -3.91
N LEU N 607 59.85 -7.75 -2.97
CA LEU N 607 59.21 -7.65 -1.67
C LEU N 607 60.20 -7.09 -0.68
N TYR N 608 59.89 -5.98 -0.03
CA TYR N 608 60.74 -5.40 1.00
C TYR N 608 60.16 -5.65 2.38
N ALA N 609 60.99 -5.95 3.36
CA ALA N 609 60.61 -6.16 4.76
C ALA N 609 61.57 -5.36 5.62
N THR N 610 61.06 -4.62 6.59
CA THR N 610 61.87 -3.86 7.53
C THR N 610 61.65 -4.41 8.93
N PHE N 611 62.73 -4.73 9.63
CA PHE N 611 62.70 -5.37 10.94
C PHE N 611 63.26 -4.42 11.99
N PHE N 612 62.51 -4.16 13.06
CA PHE N 612 63.10 -3.53 14.23
C PHE N 612 64.27 -4.41 14.72
N PRO N 613 65.50 -3.89 14.92
CA PRO N 613 66.68 -4.69 15.23
C PRO N 613 66.73 -5.15 16.70
N MET N 614 65.71 -5.87 17.14
CA MET N 614 65.48 -6.21 18.53
C MET N 614 66.60 -7.06 19.13
N ALA N 615 66.97 -6.86 20.40
CA ALA N 615 67.95 -7.70 21.07
C ALA N 615 67.49 -9.17 20.97
N HIS N 616 68.36 -10.11 20.64
CA HIS N 616 67.92 -11.48 20.42
C HIS N 616 67.27 -12.12 21.64
N ASN N 617 67.77 -11.91 22.86
CA ASN N 617 67.17 -12.45 24.06
C ASN N 617 65.77 -11.88 24.34
N THR N 618 65.50 -10.66 23.88
CA THR N 618 64.18 -10.04 23.94
C THR N 618 63.26 -10.58 22.87
N ALA N 619 63.72 -10.71 21.63
CA ALA N 619 62.88 -11.24 20.56
C ALA N 619 62.53 -12.69 20.82
N SER N 620 63.46 -13.48 21.35
CA SER N 620 63.21 -14.88 21.68
C SER N 620 62.19 -15.01 22.81
N THR N 621 62.15 -14.04 23.74
CA THR N 621 61.11 -13.97 24.77
C THR N 621 59.77 -13.57 24.17
N LEU N 622 59.74 -12.56 23.31
CA LEU N 622 58.54 -12.12 22.61
C LEU N 622 57.92 -13.25 21.81
N GLU N 623 58.71 -13.98 21.03
CA GLU N 623 58.24 -15.12 20.24
C GLU N 623 57.57 -16.13 21.17
N ALA N 624 58.25 -16.57 22.22
CA ALA N 624 57.71 -17.54 23.15
C ALA N 624 56.44 -17.09 23.86
N MET N 625 56.19 -15.80 24.03
CA MET N 625 54.91 -15.31 24.53
C MET N 625 53.86 -15.28 23.44
N LEU N 626 54.19 -14.95 22.20
CA LEU N 626 53.21 -14.89 21.12
C LEU N 626 52.86 -16.26 20.52
N ARG N 627 53.68 -17.31 20.69
CA ARG N 627 53.32 -18.65 20.20
C ARG N 627 52.27 -19.32 21.09
N ASN N 628 52.07 -18.83 22.30
CA ASN N 628 51.08 -19.36 23.22
C ASN N 628 49.65 -19.08 22.74
N ASP N 629 48.75 -20.06 22.80
CA ASP N 629 47.38 -19.91 22.32
C ASP N 629 46.49 -18.95 23.11
N THR N 630 46.92 -18.43 24.25
CA THR N 630 46.27 -17.30 24.91
C THR N 630 46.42 -16.04 24.08
N ASN N 631 47.54 -15.87 23.39
CA ASN N 631 47.98 -14.61 22.82
C ASN N 631 47.88 -14.58 21.30
N ASP N 632 46.86 -15.24 20.73
CA ASP N 632 46.64 -15.19 19.30
C ASP N 632 46.32 -13.78 18.87
N GLN N 633 47.04 -13.27 17.87
CA GLN N 633 46.69 -12.00 17.27
C GLN N 633 45.33 -12.13 16.61
N SER N 634 44.55 -11.06 16.62
CA SER N 634 43.23 -11.07 16.01
C SER N 634 42.89 -9.73 15.42
N PHE N 635 42.18 -9.78 14.31
CA PHE N 635 41.98 -8.64 13.44
C PHE N 635 40.56 -8.65 12.92
N ASN N 636 40.09 -7.50 12.46
CA ASN N 636 38.68 -7.26 12.18
C ASN N 636 38.67 -6.29 11.00
N ASP N 637 38.15 -6.72 9.85
CA ASP N 637 38.09 -5.88 8.67
C ASP N 637 37.38 -4.57 9.03
N TYR N 638 37.91 -3.39 8.69
CA TYR N 638 37.29 -2.14 9.14
C TYR N 638 35.86 -1.93 8.66
N LEU N 639 35.56 -2.22 7.39
CA LEU N 639 34.21 -2.13 6.86
C LEU N 639 33.28 -3.09 7.59
N SER N 640 33.69 -4.35 7.74
CA SER N 640 32.96 -5.38 8.48
C SER N 640 31.52 -5.48 8.00
N ALA N 641 31.33 -5.88 6.75
CA ALA N 641 30.02 -6.00 6.13
C ALA N 641 30.02 -7.09 5.08
N ALA N 642 28.84 -7.57 4.70
CA ALA N 642 28.63 -8.40 3.53
C ALA N 642 28.00 -7.55 2.43
N ASN N 643 28.56 -7.63 1.23
CA ASN N 643 28.32 -6.68 0.16
C ASN N 643 27.39 -7.27 -0.88
N MET N 644 26.26 -6.61 -1.13
CA MET N 644 25.33 -6.97 -2.19
C MET N 644 25.16 -5.86 -3.22
N LEU N 645 25.09 -6.24 -4.48
CA LEU N 645 24.82 -5.34 -5.58
C LEU N 645 23.54 -5.85 -6.24
N TYR N 646 22.46 -5.09 -6.21
CA TYR N 646 21.22 -5.50 -6.85
C TYR N 646 20.98 -4.60 -8.04
N PRO N 647 20.66 -5.12 -9.22
CA PRO N 647 20.44 -4.29 -10.39
C PRO N 647 19.14 -3.51 -10.31
N ILE N 648 19.18 -2.27 -10.76
CA ILE N 648 18.04 -1.39 -10.90
C ILE N 648 17.97 -1.10 -12.41
N PRO N 649 17.02 -1.68 -13.14
CA PRO N 649 16.90 -1.48 -14.58
C PRO N 649 16.77 0.00 -14.94
N ALA N 650 17.16 0.40 -16.14
CA ALA N 650 17.03 1.79 -16.55
C ALA N 650 15.58 2.27 -16.37
N LYS N 651 15.40 3.45 -15.79
CA LYS N 651 14.10 4.08 -15.48
C LYS N 651 13.25 3.38 -14.43
N ALA N 652 13.73 2.33 -13.76
CA ALA N 652 12.97 1.71 -12.69
C ALA N 652 13.01 2.61 -11.45
N THR N 653 11.85 2.88 -10.85
CA THR N 653 11.71 3.71 -9.64
C THR N 653 11.62 2.91 -8.35
N ASN N 654 11.46 1.60 -8.45
CA ASN N 654 11.30 0.68 -7.32
C ASN N 654 12.28 -0.50 -7.37
N VAL N 655 12.84 -0.87 -6.23
CA VAL N 655 13.74 -2.02 -6.15
C VAL N 655 13.45 -2.85 -4.89
N PRO N 656 12.66 -3.91 -5.00
CA PRO N 656 12.32 -4.80 -3.92
C PRO N 656 13.34 -5.92 -3.85
N ILE N 657 13.85 -6.23 -2.66
CA ILE N 657 14.83 -7.30 -2.46
C ILE N 657 14.53 -8.05 -1.18
N SER N 658 14.93 -9.31 -1.11
CA SER N 658 14.71 -10.10 0.10
C SER N 658 15.83 -11.08 0.30
N ILE N 659 16.03 -11.49 1.55
CA ILE N 659 16.89 -12.61 1.86
C ILE N 659 16.06 -13.62 2.65
N PRO N 660 16.18 -14.91 2.34
CA PRO N 660 15.35 -15.93 2.94
C PRO N 660 15.71 -16.10 4.42
N SER N 661 14.88 -16.82 5.17
CA SER N 661 15.06 -17.06 6.59
C SER N 661 16.48 -17.50 6.93
N ARG N 662 17.13 -16.79 7.85
CA ARG N 662 18.46 -17.06 8.37
C ARG N 662 18.63 -16.46 9.76
N ASN N 663 19.70 -16.77 10.49
CA ASN N 663 19.96 -16.11 11.78
C ASN N 663 20.45 -14.67 11.59
N TRP N 664 20.32 -13.87 12.66
CA TRP N 664 20.72 -12.46 12.70
C TRP N 664 21.50 -12.11 13.97
N ALA N 665 21.99 -13.11 14.68
CA ALA N 665 22.79 -12.91 15.87
C ALA N 665 24.03 -12.08 15.51
N ALA N 666 24.33 -11.09 16.34
CA ALA N 666 25.35 -10.08 16.18
C ALA N 666 25.23 -9.14 14.97
N PHE N 667 24.08 -9.09 14.28
CA PHE N 667 23.89 -8.16 13.15
C PHE N 667 24.11 -6.71 13.64
N ARG N 668 24.65 -5.81 12.80
CA ARG N 668 24.92 -4.42 13.20
C ARG N 668 24.00 -3.38 12.57
N GLY N 669 23.46 -3.62 11.39
CA GLY N 669 22.61 -2.66 10.69
C GLY N 669 22.86 -2.66 9.20
N TRP N 670 22.33 -1.67 8.50
CA TRP N 670 22.49 -1.54 7.06
C TRP N 670 23.16 -0.25 6.64
N SER N 671 23.96 -0.34 5.60
CA SER N 671 24.53 0.81 4.92
C SER N 671 24.18 0.64 3.46
N PHE N 672 23.82 1.68 2.74
CA PHE N 672 23.43 1.54 1.34
C PHE N 672 23.74 2.80 0.54
N THR N 673 23.89 2.65 -0.77
CA THR N 673 24.15 3.75 -1.70
C THR N 673 23.85 3.28 -3.13
N ARG N 674 23.90 4.16 -4.14
CA ARG N 674 23.57 3.81 -5.53
C ARG N 674 24.75 4.02 -6.46
N LEU N 675 24.97 3.09 -7.38
CA LEU N 675 26.09 3.08 -8.32
C LEU N 675 25.65 2.95 -9.77
N LYS N 676 26.42 3.46 -10.72
CA LYS N 676 26.12 3.23 -12.13
C LYS N 676 26.63 1.86 -12.52
N THR N 677 26.01 1.22 -13.49
CA THR N 677 26.51 -0.11 -13.89
C THR N 677 27.82 0.05 -14.65
N LYS N 678 27.92 1.02 -15.56
CA LYS N 678 29.18 1.22 -16.30
C LYS N 678 30.33 1.69 -15.40
N GLU N 679 30.03 2.23 -14.22
CA GLU N 679 31.04 2.69 -13.25
C GLU N 679 31.30 1.62 -12.18
N THR N 680 31.07 0.34 -12.49
CA THR N 680 31.25 -0.78 -11.55
C THR N 680 31.81 -2.03 -12.23
N PRO N 681 33.09 -2.38 -12.01
CA PRO N 681 33.69 -3.57 -12.61
C PRO N 681 33.27 -4.85 -11.89
N SER N 682 33.20 -5.97 -12.61
CA SER N 682 32.97 -7.28 -11.99
C SER N 682 34.27 -7.79 -11.35
N LEU N 683 34.26 -8.11 -10.06
CA LEU N 683 35.46 -8.63 -9.37
C LEU N 683 35.57 -10.17 -9.37
N GLY N 684 34.53 -10.86 -9.86
CA GLY N 684 34.50 -12.31 -9.95
C GLY N 684 35.35 -12.90 -11.08
N SER N 685 36.01 -12.07 -11.89
CA SER N 685 36.84 -12.53 -13.01
C SER N 685 38.19 -11.83 -13.08
N GLY N 686 39.16 -12.49 -13.71
CA GLY N 686 40.51 -11.96 -13.92
C GLY N 686 40.48 -10.65 -14.70
N PHE N 687 39.56 -10.59 -15.67
CA PHE N 687 39.35 -9.47 -16.57
C PHE N 687 37.85 -9.33 -16.82
N ASP N 688 37.38 -8.12 -17.07
CA ASP N 688 35.98 -7.79 -17.35
C ASP N 688 35.92 -7.04 -18.68
N PRO N 689 35.65 -7.73 -19.80
CA PRO N 689 35.66 -7.10 -21.11
C PRO N 689 34.59 -6.02 -21.29
N TYR N 690 33.55 -5.99 -20.45
CA TYR N 690 32.50 -4.97 -20.53
C TYR N 690 32.79 -3.76 -19.66
N PHE N 691 33.90 -3.74 -18.92
CA PHE N 691 34.27 -2.59 -18.10
C PHE N 691 34.99 -1.54 -18.97
N VAL N 692 34.21 -0.91 -19.84
CA VAL N 692 34.60 0.09 -20.84
C VAL N 692 34.59 1.52 -20.27
N TYR N 693 35.21 1.72 -19.10
CA TYR N 693 35.27 3.01 -18.40
C TYR N 693 36.48 3.13 -17.49
N SER N 694 37.04 4.33 -17.29
CA SER N 694 38.23 4.50 -16.44
C SER N 694 38.20 5.67 -15.46
N GLY N 695 37.03 6.22 -15.14
CA GLY N 695 36.94 7.31 -14.17
C GLY N 695 37.09 6.77 -12.75
N SER N 696 36.63 7.50 -11.73
CA SER N 696 36.63 6.97 -10.35
C SER N 696 35.76 5.71 -10.27
N ILE N 697 35.99 4.84 -9.33
CA ILE N 697 35.21 3.63 -9.13
C ILE N 697 34.66 3.71 -7.72
N PRO N 698 33.49 4.35 -7.51
CA PRO N 698 32.93 4.56 -6.20
C PRO N 698 32.89 3.32 -5.32
N TYR N 699 32.50 2.19 -5.89
CA TYR N 699 32.42 0.92 -5.18
C TYR N 699 33.77 0.50 -4.57
N LEU N 700 34.89 0.87 -5.20
CA LEU N 700 36.24 0.53 -4.77
C LEU N 700 36.90 1.64 -3.97
N ASP N 701 36.69 2.90 -4.35
CA ASP N 701 37.38 4.04 -3.76
C ASP N 701 36.59 4.93 -2.81
N GLY N 702 35.27 4.78 -2.70
CA GLY N 702 34.45 5.55 -1.78
C GLY N 702 33.86 6.86 -2.33
N THR N 703 34.04 7.20 -3.60
CA THR N 703 33.50 8.42 -4.22
C THR N 703 31.99 8.33 -4.49
N PHE N 704 31.16 7.94 -3.53
CA PHE N 704 29.71 7.79 -3.73
C PHE N 704 28.99 9.14 -3.99
N TYR N 705 28.29 9.31 -5.10
CA TYR N 705 27.65 10.57 -5.48
C TYR N 705 26.16 10.55 -5.85
N LEU N 706 25.43 9.44 -5.66
CA LEU N 706 24.00 9.33 -5.99
C LEU N 706 23.08 9.16 -4.79
N ASN N 707 23.55 9.48 -3.58
CA ASN N 707 22.76 9.33 -2.36
C ASN N 707 21.49 10.19 -2.34
N HIS N 708 21.49 11.32 -3.03
CA HIS N 708 20.34 12.21 -3.14
C HIS N 708 19.18 11.62 -3.95
N THR N 709 19.40 10.48 -4.65
CA THR N 709 18.37 9.86 -5.49
C THR N 709 17.40 8.93 -4.75
N PHE N 710 17.61 8.60 -3.48
CA PHE N 710 16.68 7.74 -2.73
C PHE N 710 15.46 8.53 -2.26
N LYS N 711 14.26 7.92 -2.25
CA LYS N 711 13.02 8.54 -1.74
C LYS N 711 12.61 7.90 -0.43
N LYS N 712 12.50 6.57 -0.35
CA LYS N 712 12.16 5.84 0.88
C LYS N 712 12.64 4.42 0.89
N VAL N 713 12.78 3.85 2.09
CA VAL N 713 13.15 2.45 2.32
C VAL N 713 12.28 1.89 3.41
N SER N 714 11.78 0.68 3.27
CA SER N 714 10.97 -0.01 4.27
C SER N 714 11.57 -1.39 4.47
N ILE N 715 11.47 -1.87 5.70
CA ILE N 715 12.06 -3.10 6.20
C ILE N 715 10.96 -3.92 6.83
N MET N 716 10.95 -5.23 6.60
CA MET N 716 9.87 -6.10 7.02
C MET N 716 10.44 -7.48 7.34
N PHE N 717 10.51 -7.88 8.61
CA PHE N 717 10.93 -9.24 8.98
C PHE N 717 9.76 -10.23 8.91
N ASP N 718 10.05 -11.47 8.52
CA ASP N 718 9.12 -12.60 8.45
C ASP N 718 7.90 -12.38 7.55
N SER N 719 7.97 -11.42 6.63
CA SER N 719 6.83 -10.92 5.87
C SER N 719 5.68 -10.34 6.69
N SER N 720 5.93 -9.84 7.89
CA SER N 720 4.87 -9.32 8.76
C SER N 720 5.28 -8.16 9.64
N VAL N 721 6.37 -8.29 10.38
CA VAL N 721 6.73 -7.32 11.42
C VAL N 721 7.54 -6.20 10.78
N SER N 722 6.87 -5.10 10.46
CA SER N 722 7.54 -3.90 10.00
C SER N 722 8.55 -3.41 11.06
N TRP N 723 9.77 -3.10 10.65
CA TRP N 723 10.82 -2.53 11.48
C TRP N 723 11.14 -1.09 11.08
N PRO N 724 11.40 -0.17 12.02
CA PRO N 724 11.47 -0.34 13.47
C PRO N 724 10.12 -0.54 14.13
N GLY N 725 9.00 -0.26 13.47
CA GLY N 725 7.67 -0.48 14.06
C GLY N 725 7.49 0.36 15.33
N ASN N 726 6.71 -0.13 16.30
CA ASN N 726 6.54 0.51 17.61
C ASN N 726 6.16 1.99 17.58
N ASP N 727 5.53 2.48 16.51
CA ASP N 727 5.18 3.89 16.35
C ASP N 727 6.36 4.84 16.51
N ARG N 728 7.59 4.43 16.19
CA ARG N 728 8.75 5.24 16.52
C ARG N 728 8.81 6.56 15.77
N LEU N 729 8.87 6.52 14.45
CA LEU N 729 9.04 7.68 13.54
C LEU N 729 7.73 8.24 13.03
N LEU N 730 7.77 9.42 12.40
CA LEU N 730 6.55 10.07 11.94
C LEU N 730 5.87 9.29 10.81
N THR N 731 6.58 8.49 10.02
CA THR N 731 5.99 7.47 9.15
C THR N 731 6.69 6.10 9.04
N PRO N 732 7.59 5.66 9.94
CA PRO N 732 8.31 4.35 9.86
C PRO N 732 7.68 2.99 9.97
N ASN N 733 6.45 2.90 9.48
CA ASN N 733 6.39 1.61 8.81
C ASN N 733 7.29 1.76 7.52
N GLU N 734 7.71 2.99 7.15
CA GLU N 734 8.64 3.42 6.10
C GLU N 734 9.64 4.52 6.49
N PHE N 735 10.95 4.37 6.25
CA PHE N 735 11.92 5.44 6.48
C PHE N 735 11.85 6.34 5.26
N GLU N 736 11.15 7.45 5.40
CA GLU N 736 10.97 8.41 4.33
C GLU N 736 12.20 9.30 4.26
N ILE N 737 13.13 9.00 3.36
CA ILE N 737 14.39 9.73 3.20
C ILE N 737 14.15 11.17 2.75
N LYS N 738 13.24 11.40 1.80
CA LYS N 738 12.87 12.74 1.32
C LYS N 738 11.47 12.72 0.75
N ARG N 739 10.83 13.87 0.64
CA ARG N 739 9.49 13.98 0.06
C ARG N 739 9.39 15.12 -0.95
N SER N 740 8.68 14.93 -2.06
CA SER N 740 8.57 15.94 -3.13
C SER N 740 7.57 17.05 -2.83
N VAL N 741 6.60 16.78 -1.96
CA VAL N 741 5.58 17.73 -1.52
C VAL N 741 5.29 17.43 -0.06
N ASP N 742 5.07 18.48 0.73
CA ASP N 742 5.06 18.39 2.18
C ASP N 742 3.88 19.14 2.81
N GLY N 743 2.71 18.52 2.83
CA GLY N 743 1.55 19.07 3.52
C GLY N 743 1.78 19.27 5.02
N GLU N 744 2.33 18.28 5.71
CA GLU N 744 2.42 18.32 7.17
C GLU N 744 3.59 19.17 7.69
N GLY N 745 4.59 19.46 6.88
CA GLY N 745 5.78 20.17 7.30
C GLY N 745 6.86 19.22 7.82
N TYR N 746 6.93 17.99 7.34
CA TYR N 746 7.90 17.02 7.82
C TYR N 746 9.29 17.18 7.22
N ASN N 747 9.54 18.14 6.34
CA ASN N 747 10.89 18.51 5.90
C ASN N 747 11.72 19.13 7.03
N VAL N 748 13.04 19.26 6.85
CA VAL N 748 14.00 19.95 7.73
C VAL N 748 15.10 20.64 6.95
N ALA N 749 15.92 21.42 7.66
CA ALA N 749 17.20 21.91 7.19
C ALA N 749 17.11 22.78 5.93
N GLN N 750 15.92 23.30 5.64
CA GLN N 750 15.62 24.17 4.52
C GLN N 750 15.87 23.50 3.16
N CYS N 751 15.86 22.17 3.11
CA CYS N 751 15.73 21.38 1.89
C CYS N 751 14.48 20.50 1.96
N ASN N 752 14.52 19.29 1.40
CA ASN N 752 13.40 18.35 1.36
C ASN N 752 13.68 17.02 2.09
N MET N 753 14.79 16.89 2.80
CA MET N 753 15.08 15.72 3.61
C MET N 753 14.08 15.74 4.77
N THR N 754 13.58 14.60 5.26
CA THR N 754 12.58 14.63 6.34
C THR N 754 13.19 14.78 7.73
N LYS N 755 12.34 15.16 8.70
CA LYS N 755 12.58 15.11 10.14
C LYS N 755 13.05 13.74 10.57
N ASP N 756 12.36 12.71 10.11
CA ASP N 756 12.72 11.33 10.42
C ASP N 756 14.11 10.96 9.93
N TRP N 757 14.40 11.23 8.67
CA TRP N 757 15.68 10.83 8.12
C TRP N 757 16.84 11.59 8.71
N PHE N 758 16.73 12.91 8.81
CA PHE N 758 17.79 13.71 9.40
C PHE N 758 18.10 13.27 10.83
N LEU N 759 17.08 12.97 11.64
CA LEU N 759 17.25 12.43 12.99
C LEU N 759 17.99 11.09 12.95
N VAL N 760 17.62 10.17 12.07
CA VAL N 760 18.29 8.88 11.97
C VAL N 760 19.74 9.04 11.57
N GLN N 761 20.07 9.91 10.62
CA GLN N 761 21.45 10.12 10.23
C GLN N 761 22.26 10.80 11.34
N MET N 762 21.78 11.87 11.94
CA MET N 762 22.52 12.53 13.01
C MET N 762 22.65 11.64 14.25
N LEU N 763 21.72 10.74 14.52
CA LEU N 763 21.85 9.78 15.62
C LEU N 763 22.86 8.70 15.29
N SER N 764 22.79 8.12 14.10
CA SER N 764 23.69 7.03 13.72
C SER N 764 25.14 7.48 13.51
N HIS N 765 25.39 8.68 13.00
CA HIS N 765 26.76 9.19 12.82
C HIS N 765 27.36 9.74 14.10
N TYR N 766 26.58 10.43 14.94
CA TYR N 766 27.13 11.21 16.04
C TYR N 766 26.45 11.03 17.40
N ASN N 767 25.42 10.18 17.54
CA ASN N 767 24.54 10.12 18.70
C ASN N 767 23.86 11.48 19.00
N ILE N 768 23.66 12.37 18.02
CA ILE N 768 23.19 13.74 18.28
C ILE N 768 21.69 13.96 18.55
N GLY N 769 20.74 13.31 17.87
CA GLY N 769 19.37 13.85 17.83
C GLY N 769 18.62 14.09 19.12
N TYR N 770 18.55 13.10 20.02
CA TYR N 770 17.91 13.30 21.32
C TYR N 770 18.74 14.32 22.11
N GLN N 771 18.08 15.19 22.86
CA GLN N 771 18.67 16.39 23.49
C GLN N 771 19.48 17.28 22.54
N GLY N 772 18.87 17.54 21.38
CA GLY N 772 19.07 18.68 20.48
C GLY N 772 20.19 18.59 19.45
N PHE N 773 19.96 19.17 18.26
CA PHE N 773 20.95 19.18 17.19
C PHE N 773 21.97 20.31 17.36
N HIS N 774 23.21 20.03 16.98
CA HIS N 774 24.33 20.96 16.89
C HIS N 774 25.31 20.43 15.86
N VAL N 775 26.31 21.20 15.43
CA VAL N 775 27.34 20.65 14.54
C VAL N 775 28.17 19.63 15.32
N PRO N 776 28.40 18.42 14.82
CA PRO N 776 29.27 17.44 15.45
C PRO N 776 30.71 17.95 15.52
N GLU N 777 31.42 17.61 16.59
CA GLU N 777 32.78 18.09 16.81
C GLU N 777 33.72 17.62 15.71
N GLY N 778 34.61 18.50 15.25
CA GLY N 778 35.39 18.31 14.02
C GLY N 778 36.17 17.01 13.92
N TYR N 779 36.68 16.47 15.02
CA TYR N 779 37.43 15.22 14.95
C TYR N 779 36.52 14.00 14.76
N LYS N 780 35.21 14.07 15.07
CA LYS N 780 34.22 12.98 14.84
C LYS N 780 33.41 13.19 13.58
N ASP N 781 33.81 14.14 12.74
CA ASP N 781 33.17 14.48 11.48
C ASP N 781 34.24 14.40 10.40
N ARG N 782 34.59 13.15 10.06
CA ARG N 782 35.64 12.78 9.10
C ARG N 782 35.23 13.08 7.67
N MET N 783 36.09 12.79 6.69
CA MET N 783 35.78 13.08 5.29
C MET N 783 34.59 12.29 4.75
N TYR N 784 34.32 11.09 5.28
CA TYR N 784 33.20 10.23 4.88
C TYR N 784 31.98 10.33 5.82
N SER N 785 31.92 11.30 6.73
CA SER N 785 30.78 11.50 7.66
C SER N 785 29.63 12.26 7.00
N PHE N 786 28.48 12.37 7.66
CA PHE N 786 27.28 13.01 7.11
C PHE N 786 27.33 14.54 7.08
N PHE N 787 27.44 15.20 8.21
CA PHE N 787 27.34 16.65 8.29
C PHE N 787 28.46 17.39 7.55
N ARG N 788 29.62 16.77 7.39
CA ARG N 788 30.70 17.26 6.51
C ARG N 788 30.26 17.37 5.06
N ASN N 789 29.47 16.42 4.60
CA ASN N 789 29.05 16.31 3.20
C ASN N 789 27.64 16.80 2.88
N PHE N 790 26.72 16.86 3.84
CA PHE N 790 25.34 17.29 3.61
C PHE N 790 25.21 18.73 3.13
N GLN N 791 24.69 18.95 1.91
CA GLN N 791 24.55 20.27 1.30
C GLN N 791 23.11 20.51 0.84
N PRO N 792 22.27 21.18 1.64
CA PRO N 792 20.91 21.56 1.24
C PRO N 792 20.92 22.77 0.32
N MET N 793 19.96 22.87 -0.60
CA MET N 793 19.90 23.91 -1.63
C MET N 793 18.46 24.31 -1.93
N SER N 794 18.26 25.56 -2.34
CA SER N 794 16.97 26.08 -2.79
C SER N 794 17.18 26.98 -4.01
N ARG N 795 16.24 27.03 -4.94
CA ARG N 795 16.15 28.09 -5.95
C ARG N 795 14.71 28.52 -6.21
N GLN N 796 14.54 29.63 -6.90
CA GLN N 796 13.26 30.03 -7.46
C GLN N 796 13.31 29.95 -8.97
N VAL N 797 12.19 29.57 -9.57
CA VAL N 797 12.01 29.40 -11.00
C VAL N 797 10.75 30.13 -11.45
N VAL N 798 10.66 30.55 -12.70
CA VAL N 798 9.46 31.20 -13.24
C VAL N 798 8.25 30.26 -13.11
N ASP N 799 7.13 30.78 -12.65
CA ASP N 799 5.88 30.04 -12.48
C ASP N 799 5.19 29.86 -13.83
N GLU N 800 5.54 28.79 -14.52
CA GLU N 800 5.01 28.48 -15.85
C GLU N 800 3.48 28.32 -15.94
N ILE N 801 2.78 28.24 -14.80
CA ILE N 801 1.33 28.05 -14.71
C ILE N 801 0.59 29.33 -14.38
N ASN N 802 1.02 30.07 -13.37
CA ASN N 802 0.34 31.28 -12.93
C ASN N 802 0.88 32.57 -13.56
N TYR N 803 2.08 32.61 -14.14
CA TYR N 803 2.51 33.75 -14.96
C TYR N 803 1.84 33.66 -16.33
N LYS N 804 0.78 34.44 -16.58
CA LYS N 804 0.04 34.37 -17.85
C LYS N 804 0.80 34.76 -19.10
N ASP N 805 1.81 35.62 -18.98
CA ASP N 805 2.62 36.07 -20.12
C ASP N 805 3.83 35.18 -20.43
N TYR N 806 3.96 34.02 -19.79
CA TYR N 806 5.07 33.10 -20.00
C TYR N 806 5.11 32.50 -21.40
N LYS N 807 6.30 32.37 -22.00
CA LYS N 807 6.55 31.58 -23.22
C LYS N 807 7.78 30.70 -23.05
N ALA N 808 7.68 29.47 -23.52
CA ALA N 808 8.67 28.40 -23.40
C ALA N 808 9.76 28.46 -24.47
N VAL N 809 10.56 29.51 -24.50
CA VAL N 809 11.58 29.69 -25.54
C VAL N 809 12.69 28.64 -25.41
N THR N 810 12.81 27.76 -26.40
CA THR N 810 13.86 26.72 -26.40
C THR N 810 15.21 27.29 -26.80
N LEU N 811 16.29 26.55 -26.51
CA LEU N 811 17.66 27.07 -26.56
C LEU N 811 18.03 27.84 -27.83
N PRO N 812 17.75 27.37 -29.06
CA PRO N 812 18.18 28.08 -30.26
C PRO N 812 17.58 29.48 -30.39
N PHE N 813 16.44 29.73 -29.76
CA PHE N 813 15.71 30.99 -29.83
C PHE N 813 15.95 31.93 -28.66
N GLN N 814 16.60 31.48 -27.60
CA GLN N 814 17.02 32.38 -26.53
C GLN N 814 18.19 33.25 -26.99
N HIS N 815 18.16 34.55 -26.71
CA HIS N 815 19.29 35.44 -26.90
C HIS N 815 19.49 36.41 -25.73
N ASN N 816 20.76 36.55 -25.38
CA ASN N 816 21.31 37.36 -24.32
C ASN N 816 22.81 37.40 -24.63
N ASN N 817 23.45 38.57 -24.62
CA ASN N 817 24.78 38.80 -25.18
C ASN N 817 24.88 38.60 -26.70
N SER N 818 23.77 38.58 -27.45
CA SER N 818 23.83 38.51 -28.92
C SER N 818 24.69 39.63 -29.50
N GLY N 819 25.37 39.38 -30.62
CA GLY N 819 26.38 40.28 -31.17
C GLY N 819 27.74 40.13 -30.50
N PHE N 820 27.77 39.87 -29.19
CA PHE N 820 28.99 39.74 -28.39
C PHE N 820 29.35 38.29 -28.04
N THR N 821 28.67 37.30 -28.60
CA THR N 821 28.83 35.89 -28.25
C THR N 821 28.61 35.00 -29.46
N GLY N 822 29.23 33.82 -29.52
CA GLY N 822 29.08 32.88 -30.64
C GLY N 822 27.70 32.22 -30.65
N TYR N 823 27.17 31.89 -31.83
CA TYR N 823 25.84 31.29 -31.92
C TYR N 823 25.89 29.80 -31.61
N LEU N 824 25.47 29.41 -30.42
CA LEU N 824 25.43 28.02 -29.96
C LEU N 824 26.76 27.26 -30.06
N ALA N 825 27.89 27.96 -30.08
CA ALA N 825 29.21 27.34 -30.17
C ALA N 825 30.29 28.17 -29.45
N PRO N 826 31.38 27.56 -28.97
CA PRO N 826 32.48 28.23 -28.28
C PRO N 826 33.44 28.87 -29.30
N THR N 827 32.90 29.60 -30.26
CA THR N 827 33.59 30.08 -31.46
C THR N 827 33.28 31.55 -31.66
N MET N 828 33.79 32.14 -32.74
CA MET N 828 33.74 33.57 -32.97
C MET N 828 32.36 34.21 -32.73
N ARG N 829 32.34 35.38 -32.07
CA ARG N 829 31.12 36.16 -31.79
C ARG N 829 30.27 36.41 -33.03
N GLN N 830 28.95 36.34 -32.93
CA GLN N 830 28.01 36.52 -34.03
C GLN N 830 26.85 37.43 -33.68
N GLY N 831 26.19 37.98 -34.69
CA GLY N 831 24.87 38.61 -34.55
C GLY N 831 24.94 40.11 -34.34
N GLN N 832 23.96 40.67 -33.65
CA GLN N 832 23.87 42.10 -33.31
C GLN N 832 23.56 42.30 -31.83
N PRO N 833 23.92 43.46 -31.25
CA PRO N 833 23.38 43.85 -29.97
C PRO N 833 21.86 43.91 -30.05
N TYR N 834 21.14 43.40 -29.05
CA TYR N 834 19.68 43.51 -28.96
C TYR N 834 19.21 43.22 -27.53
N PRO N 835 18.05 43.74 -27.05
CA PRO N 835 17.50 43.38 -25.76
C PRO N 835 17.39 41.87 -25.57
N ALA N 836 17.76 41.37 -24.39
CA ALA N 836 17.76 39.95 -24.11
C ALA N 836 16.34 39.42 -23.85
N ASN N 837 16.02 38.24 -24.36
CA ASN N 837 14.70 37.60 -24.16
C ASN N 837 14.69 36.52 -23.07
N PHE N 838 15.83 36.22 -22.45
CA PHE N 838 15.99 35.13 -21.48
C PHE N 838 17.15 35.42 -20.53
N PRO N 839 17.14 35.02 -19.25
CA PRO N 839 16.04 34.44 -18.48
C PRO N 839 15.06 35.50 -17.96
N TYR N 840 13.87 35.12 -17.54
CA TYR N 840 12.95 36.07 -16.89
C TYR N 840 13.53 36.60 -15.57
N PRO N 841 13.30 37.87 -15.20
CA PRO N 841 13.83 38.43 -13.97
C PRO N 841 13.08 37.95 -12.74
N LEU N 842 13.79 37.44 -11.72
CA LEU N 842 13.19 37.02 -10.44
C LEU N 842 13.33 38.04 -9.31
N ILE N 843 13.84 39.24 -9.64
CA ILE N 843 14.08 40.34 -8.70
C ILE N 843 13.64 41.68 -9.26
N GLY N 844 13.55 42.69 -8.41
CA GLY N 844 13.18 44.05 -8.82
C GLY N 844 11.68 44.25 -8.98
N GLN N 845 11.31 45.38 -9.58
CA GLN N 845 9.91 45.81 -9.60
C GLN N 845 9.10 45.04 -10.63
N THR N 846 9.73 44.66 -11.73
CA THR N 846 9.14 43.82 -12.77
C THR N 846 9.37 42.33 -12.53
N ALA N 847 9.72 41.91 -11.31
CA ALA N 847 9.96 40.51 -10.99
C ALA N 847 8.79 39.62 -11.40
N VAL N 848 9.10 38.45 -11.93
CA VAL N 848 8.12 37.52 -12.49
C VAL N 848 7.65 36.53 -11.42
N PRO N 849 6.35 36.20 -11.33
CA PRO N 849 5.83 35.17 -10.44
C PRO N 849 6.62 33.86 -10.51
N SER N 850 6.92 33.26 -9.36
CA SER N 850 7.92 32.22 -9.25
C SER N 850 7.58 31.11 -8.26
N VAL N 851 8.07 29.89 -8.51
CA VAL N 851 7.93 28.70 -7.67
C VAL N 851 9.29 28.25 -7.15
N THR N 852 9.31 27.73 -5.93
CA THR N 852 10.52 27.27 -5.27
C THR N 852 10.79 25.80 -5.52
N GLN N 853 12.06 25.42 -5.68
CA GLN N 853 12.52 24.05 -5.83
C GLN N 853 13.64 23.82 -4.84
N LYS N 854 13.63 22.66 -4.18
CA LYS N 854 14.47 22.33 -3.03
C LYS N 854 15.05 20.94 -3.19
N LYS N 855 16.31 20.78 -2.82
CA LYS N 855 17.02 19.52 -2.90
C LYS N 855 18.25 19.55 -2.02
N PHE N 856 18.93 18.43 -1.89
CA PHE N 856 20.18 18.33 -1.16
C PHE N 856 21.13 17.38 -1.87
N LEU N 857 22.41 17.53 -1.60
CA LEU N 857 23.46 16.67 -2.09
C LEU N 857 24.20 16.09 -0.90
N CYS N 858 24.78 14.92 -1.08
CA CYS N 858 25.52 14.22 -0.05
C CYS N 858 26.51 13.33 -0.83
N ASP N 859 27.72 13.83 -1.09
CA ASP N 859 28.69 13.26 -2.04
C ASP N 859 29.81 12.31 -1.62
N ARG N 860 29.91 11.87 -0.37
CA ARG N 860 30.92 10.85 -0.03
C ARG N 860 30.40 9.86 1.01
N VAL N 861 29.23 10.13 1.56
CA VAL N 861 28.52 9.31 2.53
C VAL N 861 27.91 8.10 1.87
N MET N 862 27.52 7.14 2.68
CA MET N 862 26.64 6.09 2.24
C MET N 862 25.62 6.03 3.39
N TRP N 863 24.34 5.95 3.09
CA TRP N 863 23.27 6.00 4.09
C TRP N 863 23.35 4.90 5.11
N ARG N 864 23.07 5.17 6.39
CA ARG N 864 23.12 4.16 7.45
C ARG N 864 21.81 4.02 8.21
N ILE N 865 21.52 2.82 8.68
CA ILE N 865 20.37 2.47 9.54
C ILE N 865 20.88 1.46 10.58
N PRO N 866 21.29 1.88 11.78
CA PRO N 866 21.80 0.98 12.78
C PRO N 866 20.75 0.01 13.28
N PHE N 867 21.06 -1.27 13.39
CA PHE N 867 20.16 -2.24 13.98
C PHE N 867 20.31 -2.13 15.51
N SER N 868 19.93 -0.97 16.02
CA SER N 868 20.03 -0.57 17.41
C SER N 868 18.69 -0.02 17.87
N SER N 869 18.26 -0.36 19.08
CA SER N 869 16.87 -0.17 19.49
C SER N 869 16.40 1.29 19.51
N ASN N 870 17.33 2.25 19.61
CA ASN N 870 17.09 3.69 19.61
C ASN N 870 17.92 4.42 18.55
N PHE N 871 18.46 3.72 17.55
CA PHE N 871 19.33 4.23 16.50
C PHE N 871 20.71 4.78 16.91
N MET N 872 21.06 4.82 18.18
CA MET N 872 22.38 5.29 18.62
C MET N 872 23.42 4.18 18.61
N SER N 873 24.70 4.54 18.52
CA SER N 873 25.79 3.59 18.80
C SER N 873 26.14 3.63 20.28
N MET N 874 25.61 2.67 21.03
CA MET N 874 25.98 2.41 22.42
C MET N 874 27.10 1.40 22.56
N GLY N 875 27.39 0.60 21.54
CA GLY N 875 28.51 -0.36 21.54
C GLY N 875 28.58 -1.07 20.19
N ALA N 876 29.72 -1.65 19.83
CA ALA N 876 29.89 -2.21 18.48
C ALA N 876 28.99 -3.40 18.22
N LEU N 877 28.77 -4.27 19.21
CA LEU N 877 27.74 -5.31 19.22
C LEU N 877 26.47 -4.69 19.81
N THR N 878 25.47 -4.41 18.97
CA THR N 878 24.29 -3.63 19.35
C THR N 878 23.37 -4.37 20.31
N ASP N 879 22.37 -3.69 20.87
CA ASP N 879 21.45 -4.34 21.80
C ASP N 879 20.41 -5.21 21.09
N LEU N 880 20.11 -4.96 19.81
CA LEU N 880 19.21 -5.83 19.06
C LEU N 880 19.95 -7.05 18.55
N GLY N 881 21.22 -6.92 18.17
CA GLY N 881 22.00 -8.05 17.68
C GLY N 881 22.25 -9.16 18.70
N GLN N 882 21.96 -8.92 19.97
CA GLN N 882 22.02 -9.92 21.04
C GLN N 882 20.70 -9.98 21.82
N ASN N 883 19.60 -9.55 21.18
CA ASN N 883 18.28 -9.59 21.76
C ASN N 883 17.83 -11.04 21.94
N MET N 884 16.81 -11.25 22.77
CA MET N 884 16.14 -12.54 22.91
C MET N 884 15.65 -13.09 21.58
N LEU N 885 15.10 -12.26 20.68
CA LEU N 885 14.59 -12.73 19.38
C LEU N 885 15.72 -13.09 18.43
N TYR N 886 16.39 -12.08 17.91
CA TYR N 886 17.36 -12.19 16.83
C TYR N 886 18.57 -13.08 17.07
N ALA N 887 19.00 -13.31 18.32
CA ALA N 887 20.02 -14.32 18.61
C ALA N 887 19.47 -15.77 18.73
N ASN N 888 18.15 -16.00 18.85
CA ASN N 888 17.57 -17.35 18.94
C ASN N 888 16.92 -17.86 17.65
N SER N 889 16.19 -17.03 16.89
CA SER N 889 15.28 -17.49 15.84
C SER N 889 15.64 -17.00 14.43
N ALA N 890 15.45 -17.86 13.43
CA ALA N 890 15.85 -17.63 12.06
C ALA N 890 14.85 -16.76 11.27
N HIS N 891 14.82 -15.47 11.50
CA HIS N 891 13.92 -14.57 10.77
C HIS N 891 14.26 -14.44 9.28
N ALA N 892 13.27 -14.15 8.44
CA ALA N 892 13.48 -13.76 7.03
C ALA N 892 13.42 -12.25 6.89
N LEU N 893 13.99 -11.65 5.83
CA LEU N 893 13.95 -10.20 5.71
C LEU N 893 13.58 -9.75 4.30
N ASP N 894 12.59 -8.89 4.21
CA ASP N 894 12.19 -8.22 3.00
C ASP N 894 12.51 -6.73 3.11
N MET N 895 13.09 -6.15 2.08
CA MET N 895 13.38 -4.73 2.00
C MET N 895 12.90 -4.16 0.69
N THR N 896 12.53 -2.89 0.65
CA THR N 896 12.11 -2.25 -0.59
C THR N 896 12.53 -0.79 -0.58
N PHE N 897 13.02 -0.30 -1.72
CA PHE N 897 13.47 1.07 -1.90
C PHE N 897 12.74 1.73 -3.06
N GLU N 898 12.45 3.02 -2.90
CA GLU N 898 11.84 3.88 -3.89
C GLU N 898 12.92 4.91 -4.23
N VAL N 899 13.19 5.14 -5.51
CA VAL N 899 14.28 6.02 -5.96
C VAL N 899 13.97 6.82 -7.22
N ASP N 900 14.66 7.93 -7.44
CA ASP N 900 14.49 8.72 -8.67
C ASP N 900 14.92 7.88 -9.88
N PRO N 901 14.23 7.91 -11.02
CA PRO N 901 14.62 7.17 -12.21
C PRO N 901 15.90 7.79 -12.81
N MET N 902 16.77 6.96 -13.38
CA MET N 902 18.08 7.39 -13.92
C MET N 902 18.28 7.46 -15.42
N ASP N 903 17.44 6.80 -16.22
CA ASP N 903 17.60 6.70 -17.68
C ASP N 903 18.84 5.91 -18.15
N GLU N 904 19.53 5.23 -17.22
CA GLU N 904 20.66 4.33 -17.43
C GLU N 904 20.65 3.25 -16.33
N PRO N 905 21.18 2.04 -16.58
CA PRO N 905 21.15 1.00 -15.57
C PRO N 905 22.07 1.33 -14.38
N THR N 906 21.59 1.09 -13.17
CA THR N 906 22.31 1.36 -11.91
C THR N 906 22.21 0.16 -10.98
N LEU N 907 23.01 0.14 -9.92
CA LEU N 907 23.00 -0.91 -8.93
C LEU N 907 22.75 -0.36 -7.54
N LEU N 908 21.84 -0.96 -6.79
CA LEU N 908 21.70 -0.64 -5.39
C LEU N 908 22.89 -1.32 -4.73
N TYR N 909 23.73 -0.59 -4.03
CA TYR N 909 24.82 -1.17 -3.30
C TYR N 909 24.36 -1.22 -1.86
N LEU N 910 24.16 -2.42 -1.34
CA LEU N 910 23.67 -2.68 -0.01
C LEU N 910 24.70 -3.44 0.79
N LEU N 911 25.08 -2.90 1.93
CA LEU N 911 26.04 -3.50 2.83
C LEU N 911 25.31 -3.97 4.08
N PHE N 912 25.27 -5.27 4.32
CA PHE N 912 24.72 -5.81 5.56
C PHE N 912 25.85 -5.74 6.54
N GLU N 913 25.79 -4.88 7.56
CA GLU N 913 26.88 -4.73 8.51
C GLU N 913 26.87 -5.88 9.50
N VAL N 914 28.01 -6.55 9.62
CA VAL N 914 28.23 -7.74 10.44
C VAL N 914 29.52 -7.59 11.24
N PHE N 915 29.95 -8.61 11.97
CA PHE N 915 31.34 -8.76 12.37
C PHE N 915 32.08 -9.59 11.31
N ASP N 916 33.34 -9.33 11.05
CA ASP N 916 34.15 -10.05 10.06
C ASP N 916 35.59 -10.13 10.57
N VAL N 917 35.88 -11.21 11.30
CA VAL N 917 36.98 -11.31 12.25
C VAL N 917 37.90 -12.47 11.88
N VAL N 918 39.18 -12.37 12.21
CA VAL N 918 40.15 -13.47 12.11
C VAL N 918 40.96 -13.58 13.40
N ARG N 919 41.30 -14.80 13.79
CA ARG N 919 42.24 -15.12 14.87
C ARG N 919 43.38 -15.90 14.23
N VAL N 920 44.64 -15.54 14.50
CA VAL N 920 45.82 -16.15 13.91
C VAL N 920 46.71 -16.76 14.98
N HIS N 921 46.94 -18.06 14.90
CA HIS N 921 47.78 -18.85 15.80
C HIS N 921 49.07 -19.30 15.08
N GLN N 922 50.23 -19.10 15.70
CA GLN N 922 51.55 -19.46 15.14
C GLN N 922 52.27 -20.38 16.12
N PRO N 923 51.83 -21.62 16.33
CA PRO N 923 52.36 -22.50 17.37
C PRO N 923 53.80 -23.00 17.22
N HIS N 924 54.36 -23.04 16.01
CA HIS N 924 55.69 -23.56 15.76
C HIS N 924 56.39 -22.77 14.66
N ARG N 925 57.71 -22.87 14.56
CA ARG N 925 58.48 -22.21 13.50
C ARG N 925 57.87 -22.50 12.13
N GLY N 926 57.60 -21.44 11.38
CA GLY N 926 57.05 -21.48 10.02
C GLY N 926 55.64 -22.03 9.88
N VAL N 927 54.82 -22.00 10.93
CA VAL N 927 53.42 -22.47 10.90
C VAL N 927 52.44 -21.34 11.14
N ILE N 928 51.43 -21.18 10.27
CA ILE N 928 50.33 -20.22 10.45
C ILE N 928 49.02 -21.00 10.43
N GLU N 929 48.24 -20.98 11.50
CA GLU N 929 46.84 -21.41 11.47
C GLU N 929 46.01 -20.15 11.58
N ALA N 930 45.02 -19.98 10.72
CA ALA N 930 44.15 -18.82 10.73
C ALA N 930 42.72 -19.29 10.75
N VAL N 931 41.90 -18.67 11.58
CA VAL N 931 40.50 -19.05 11.74
C VAL N 931 39.65 -17.82 11.47
N TYR N 932 38.73 -17.92 10.52
CA TYR N 932 37.83 -16.84 10.13
C TYR N 932 36.41 -17.09 10.64
N LEU N 933 35.73 -16.06 11.15
CA LEU N 933 34.29 -16.10 11.39
C LEU N 933 33.67 -14.75 11.07
N ARG N 934 32.98 -14.64 9.93
CA ARG N 934 32.04 -13.55 9.72
C ARG N 934 30.73 -13.90 10.41
N THR N 935 30.01 -12.98 11.02
CA THR N 935 28.72 -13.31 11.62
C THR N 935 27.86 -12.07 11.86
N PRO N 936 26.57 -12.06 11.48
CA PRO N 936 25.86 -13.10 10.75
C PRO N 936 26.36 -13.13 9.29
N PHE N 937 25.69 -13.82 8.37
CA PHE N 937 26.21 -14.07 7.01
C PHE N 937 27.58 -14.73 7.05
N SER N 938 27.74 -15.67 7.97
CA SER N 938 28.88 -16.56 8.03
C SER N 938 29.03 -17.27 6.71
N ALA N 939 30.26 -17.42 6.23
CA ALA N 939 30.58 -17.75 4.84
C ALA N 939 31.05 -19.20 4.65
N GLY N 940 30.82 -20.03 5.65
CA GLY N 940 31.24 -21.41 5.89
C GLY N 940 30.08 -22.16 6.59
N ASN N 941 29.80 -23.44 6.31
CA ASN N 941 28.55 -24.18 6.58
C ASN N 941 28.72 -25.70 6.33
N MET O 1 -47.78 39.16 94.42
CA MET O 1 -46.79 38.86 95.49
C MET O 1 -45.59 38.15 94.85
N MET O 2 -44.36 38.29 95.37
CA MET O 2 -43.16 37.79 94.68
C MET O 2 -43.02 36.29 94.34
N PRO O 3 -43.58 35.26 95.01
CA PRO O 3 -43.38 33.87 94.60
C PRO O 3 -43.73 33.60 93.14
N GLN O 4 -44.75 34.27 92.63
CA GLN O 4 -45.18 34.14 91.25
C GLN O 4 -44.32 34.95 90.30
N TRP O 5 -43.94 36.19 90.65
CA TRP O 5 -43.03 36.99 89.84
C TRP O 5 -41.65 36.35 89.71
N ALA O 6 -41.15 35.73 90.77
CA ALA O 6 -39.86 35.08 90.76
C ALA O 6 -39.84 33.87 89.82
N TYR O 7 -40.82 32.98 89.94
CA TYR O 7 -40.94 31.83 89.08
C TYR O 7 -41.05 32.23 87.60
N MET O 8 -41.75 33.32 87.32
CA MET O 8 -42.05 33.76 85.96
C MET O 8 -41.06 34.79 85.41
N HIS O 9 -40.00 35.14 86.16
CA HIS O 9 -38.99 36.12 85.76
C HIS O 9 -39.55 37.49 85.43
N ILE O 10 -40.43 37.98 86.31
CA ILE O 10 -40.86 39.38 86.37
C ILE O 10 -40.00 40.15 87.39
N ALA O 11 -39.43 39.46 88.38
CA ALA O 11 -38.53 39.94 89.42
C ALA O 11 -37.57 38.80 89.83
N GLY O 12 -36.68 38.99 90.80
CA GLY O 12 -35.74 37.95 91.25
C GLY O 12 -34.44 37.88 90.44
N GLN O 13 -33.75 36.74 90.47
CA GLN O 13 -32.46 36.50 89.81
C GLN O 13 -32.41 36.74 88.29
N ASP O 14 -31.23 37.06 87.78
CA ASP O 14 -30.93 37.22 86.37
C ASP O 14 -30.74 35.85 85.70
N ALA O 15 -30.81 35.72 84.37
CA ALA O 15 -30.58 34.44 83.73
C ALA O 15 -29.19 33.91 84.04
N SER O 16 -28.20 34.78 84.20
CA SER O 16 -26.85 34.35 84.53
C SER O 16 -26.72 33.76 85.93
N GLU O 17 -27.76 33.86 86.75
CA GLU O 17 -27.79 33.35 88.11
C GLU O 17 -28.80 32.23 88.31
N TYR O 18 -29.95 32.23 87.63
CA TYR O 18 -30.92 31.18 87.86
C TYR O 18 -30.67 29.92 87.02
N LEU O 19 -30.05 30.04 85.85
CA LEU O 19 -29.72 28.89 85.02
C LEU O 19 -28.66 28.05 85.70
N SER O 20 -28.61 26.73 85.44
CA SER O 20 -27.56 25.91 86.04
C SER O 20 -26.21 26.42 85.51
N PRO O 21 -25.14 26.43 86.31
CA PRO O 21 -23.87 26.98 85.88
C PRO O 21 -23.29 26.27 84.66
N GLY O 22 -23.59 24.98 84.48
CA GLY O 22 -23.15 24.21 83.33
C GLY O 22 -23.65 24.83 82.03
N LEU O 23 -24.92 25.25 81.99
CA LEU O 23 -25.50 25.88 80.80
C LEU O 23 -24.95 27.28 80.60
N VAL O 24 -24.69 28.02 81.66
CA VAL O 24 -24.12 29.37 81.54
C VAL O 24 -22.74 29.29 80.90
N GLN O 25 -21.92 28.29 81.27
CA GLN O 25 -20.61 28.13 80.65
C GLN O 25 -20.79 27.76 79.18
N PHE O 26 -21.73 26.86 78.86
CA PHE O 26 -22.01 26.47 77.49
C PHE O 26 -22.34 27.69 76.63
N ALA O 27 -23.24 28.54 77.10
CA ALA O 27 -23.65 29.76 76.42
C ALA O 27 -22.44 30.69 76.20
N ARG O 28 -21.68 31.03 77.24
CA ARG O 28 -20.47 31.87 77.14
C ARG O 28 -19.46 31.32 76.13
N ALA O 29 -19.31 29.99 76.02
CA ALA O 29 -18.37 29.36 75.12
C ALA O 29 -18.81 29.28 73.65
N THR O 30 -20.10 29.33 73.34
CA THR O 30 -20.65 29.19 71.98
C THR O 30 -21.30 30.45 71.42
N ASP O 31 -21.42 31.50 72.22
CA ASP O 31 -22.16 32.72 71.90
C ASP O 31 -21.84 33.41 70.57
N THR O 32 -20.64 33.23 70.01
CA THR O 32 -20.24 33.87 68.76
C THR O 32 -20.79 33.18 67.51
N TYR O 33 -21.29 31.94 67.61
CA TYR O 33 -21.86 31.17 66.50
C TYR O 33 -23.19 30.51 66.79
N PHE O 34 -23.44 30.08 68.02
CA PHE O 34 -24.78 29.72 68.43
C PHE O 34 -25.15 30.59 69.64
N SER O 35 -26.17 31.41 69.49
CA SER O 35 -26.59 32.37 70.51
C SER O 35 -27.80 31.89 71.29
N LEU O 36 -27.61 31.77 72.61
CA LEU O 36 -28.61 31.41 73.60
C LEU O 36 -29.16 32.60 74.40
N GLY O 37 -28.71 33.83 74.17
CA GLY O 37 -29.15 34.99 74.96
C GLY O 37 -30.63 35.37 74.83
N ASN O 38 -31.25 35.22 73.67
CA ASN O 38 -32.61 35.71 73.46
C ASN O 38 -33.70 34.79 74.00
N LYS O 39 -33.35 33.78 74.80
CA LYS O 39 -34.26 32.72 75.26
C LYS O 39 -34.52 32.70 76.75
N PHE O 40 -33.96 33.66 77.47
CA PHE O 40 -34.08 33.72 78.92
C PHE O 40 -34.40 35.14 79.36
N ARG O 41 -35.42 35.30 80.19
CA ARG O 41 -35.83 36.60 80.67
C ARG O 41 -34.95 37.13 81.80
N ASN O 42 -34.53 38.39 81.74
CA ASN O 42 -33.79 39.06 82.81
C ASN O 42 -34.70 40.14 83.40
N PRO O 43 -35.14 40.05 84.65
CA PRO O 43 -35.96 41.07 85.26
C PRO O 43 -35.26 42.42 85.30
N THR O 44 -35.97 43.55 85.27
CA THR O 44 -35.38 44.81 85.73
C THR O 44 -36.40 45.49 86.63
N VAL O 45 -35.97 46.03 87.77
CA VAL O 45 -36.88 46.45 88.83
C VAL O 45 -36.49 47.83 89.31
N ALA O 46 -37.43 48.76 89.36
CA ALA O 46 -37.18 50.10 89.88
C ALA O 46 -37.02 50.07 91.42
N PRO O 47 -36.24 50.99 92.00
CA PRO O 47 -36.08 51.09 93.44
C PRO O 47 -37.35 51.64 94.11
N THR O 48 -37.78 51.07 95.23
CA THR O 48 -39.06 51.45 95.84
C THR O 48 -38.98 52.50 96.93
N HIS O 49 -37.78 52.82 97.45
CA HIS O 49 -37.59 53.83 98.49
C HIS O 49 -36.40 54.73 98.21
N ASP O 50 -36.35 55.89 98.87
CA ASP O 50 -35.29 56.89 98.79
C ASP O 50 -35.05 57.56 97.43
N VAL O 51 -35.86 57.33 96.40
CA VAL O 51 -35.72 58.05 95.13
C VAL O 51 -36.70 59.19 94.97
N THR O 52 -38.00 58.93 95.06
CA THR O 52 -39.05 59.95 94.86
C THR O 52 -39.78 60.25 96.15
N THR O 53 -40.14 61.51 96.39
CA THR O 53 -40.85 61.92 97.61
C THR O 53 -42.31 61.56 97.59
N ASP O 54 -42.87 61.18 98.74
CA ASP O 54 -44.28 60.88 98.92
C ASP O 54 -45.13 62.14 99.13
N ARG O 55 -44.49 63.32 99.25
CA ARG O 55 -45.13 64.60 99.53
C ARG O 55 -45.74 65.26 98.31
N SER O 56 -46.72 66.10 98.55
CA SER O 56 -47.32 66.93 97.53
C SER O 56 -46.25 67.96 97.17
N GLN O 57 -45.86 68.06 95.90
CA GLN O 57 -44.76 68.92 95.46
C GLN O 57 -44.76 69.07 93.94
N ARG O 58 -44.68 70.31 93.43
CA ARG O 58 -44.65 70.61 92.00
C ARG O 58 -43.39 70.10 91.32
N LEU O 59 -43.51 69.67 90.06
CA LEU O 59 -42.35 69.37 89.21
C LEU O 59 -41.81 70.65 88.57
N THR O 60 -42.66 71.43 87.92
CA THR O 60 -42.26 72.68 87.26
C THR O 60 -42.75 73.88 88.06
N LEU O 61 -41.87 74.82 88.37
CA LEU O 61 -42.18 76.09 89.01
C LEU O 61 -42.05 77.20 88.01
N ARG O 62 -42.95 78.16 88.07
CA ARG O 62 -42.97 79.34 87.21
C ARG O 62 -42.76 80.57 88.07
N PHE O 63 -41.88 81.48 87.71
CA PHE O 63 -41.65 82.69 88.44
C PHE O 63 -41.90 83.92 87.58
N VAL O 64 -42.43 84.96 88.19
CA VAL O 64 -42.77 86.23 87.54
C VAL O 64 -41.84 87.31 88.08
N PRO O 65 -41.52 88.35 87.32
CA PRO O 65 -40.58 89.35 87.76
C PRO O 65 -40.98 90.06 89.03
N VAL O 66 -40.05 90.27 89.94
CA VAL O 66 -40.30 91.12 91.10
C VAL O 66 -40.23 92.57 90.63
N ASP O 67 -39.47 92.85 89.56
CA ASP O 67 -39.43 94.14 88.88
C ASP O 67 -39.04 93.94 87.40
N ARG O 68 -39.50 94.88 86.57
CA ARG O 68 -39.29 94.94 85.13
C ARG O 68 -38.79 96.32 84.72
N GLU O 69 -37.78 96.43 83.88
CA GLU O 69 -37.33 97.70 83.35
C GLU O 69 -37.36 97.56 81.84
N ASP O 70 -37.85 98.57 81.15
CA ASP O 70 -38.06 98.53 79.71
C ASP O 70 -37.49 99.78 79.05
N THR O 71 -36.72 99.63 77.97
CA THR O 71 -36.05 100.76 77.30
C THR O 71 -36.16 100.68 75.78
N THR O 72 -35.65 101.69 75.09
CA THR O 72 -35.69 101.78 73.63
C THR O 72 -35.01 100.61 72.94
N TYR O 73 -33.89 100.12 73.48
CA TYR O 73 -33.09 99.06 72.86
C TYR O 73 -32.93 97.79 73.70
N SER O 74 -33.38 97.74 74.95
CA SER O 74 -33.24 96.57 75.83
C SER O 74 -34.39 96.42 76.83
N TYR O 75 -34.54 95.23 77.40
CA TYR O 75 -35.52 94.88 78.42
C TYR O 75 -34.83 94.11 79.53
N LYS O 76 -35.10 94.41 80.80
CA LYS O 76 -34.50 93.78 81.97
C LYS O 76 -35.56 93.19 82.87
N ALA O 77 -35.38 91.95 83.31
CA ALA O 77 -36.30 91.30 84.22
C ALA O 77 -35.56 90.74 85.44
N ARG O 78 -36.08 90.91 86.67
CA ARG O 78 -35.47 90.44 87.94
C ARG O 78 -36.39 89.52 88.68
N PHE O 79 -35.94 88.33 89.07
CA PHE O 79 -36.67 87.22 89.71
C PHE O 79 -36.02 86.77 91.01
N THR O 80 -36.79 86.27 91.96
CA THR O 80 -36.22 85.66 93.17
C THR O 80 -36.36 84.16 93.01
N LEU O 81 -35.32 83.49 92.53
CA LEU O 81 -35.31 82.05 92.36
C LEU O 81 -35.32 81.44 93.76
N ALA O 82 -36.16 80.45 94.04
CA ALA O 82 -36.32 79.95 95.39
C ALA O 82 -36.31 78.42 95.52
N VAL O 83 -35.11 77.89 95.68
CA VAL O 83 -34.86 76.47 95.90
C VAL O 83 -35.20 76.20 97.36
N GLY O 84 -36.43 75.82 97.64
CA GLY O 84 -36.86 75.51 99.01
C GLY O 84 -36.13 74.30 99.61
N ASP O 85 -36.32 74.03 100.89
CA ASP O 85 -35.67 72.91 101.57
C ASP O 85 -35.98 71.56 100.93
N ASN O 86 -35.08 70.59 101.08
CA ASN O 86 -35.20 69.23 100.54
C ASN O 86 -35.37 69.15 99.03
N ARG O 87 -34.85 70.11 98.27
CA ARG O 87 -34.86 70.16 96.81
C ARG O 87 -33.49 70.51 96.27
N VAL O 88 -33.18 70.17 95.04
CA VAL O 88 -31.96 70.60 94.35
C VAL O 88 -32.38 71.02 92.95
N LEU O 89 -31.87 72.13 92.46
CA LEU O 89 -32.21 72.64 91.15
C LEU O 89 -31.00 72.60 90.23
N ASP O 90 -31.06 71.80 89.18
CA ASP O 90 -30.05 71.90 88.14
C ASP O 90 -30.40 73.07 87.25
N MET O 91 -29.53 74.06 87.16
CA MET O 91 -29.77 75.24 86.33
C MET O 91 -30.01 74.88 84.86
N ALA O 92 -29.65 73.69 84.37
CA ALA O 92 -30.00 73.24 83.02
C ALA O 92 -31.51 73.14 82.82
N SER O 93 -32.27 72.95 83.89
CA SER O 93 -33.73 72.91 83.89
C SER O 93 -34.37 74.28 83.98
N THR O 94 -33.63 75.36 83.74
CA THR O 94 -34.17 76.71 83.82
C THR O 94 -34.10 77.40 82.47
N TYR O 95 -35.11 78.21 82.18
CA TYR O 95 -35.15 79.01 80.95
C TYR O 95 -36.10 80.18 81.13
N PHE O 96 -35.86 81.24 80.37
CA PHE O 96 -36.69 82.43 80.38
C PHE O 96 -37.71 82.24 79.27
N ASP O 97 -38.98 82.19 79.61
CA ASP O 97 -40.10 82.05 78.69
C ASP O 97 -40.63 83.44 78.42
N ILE O 98 -40.58 83.85 77.16
CA ILE O 98 -40.92 85.20 76.72
C ILE O 98 -42.10 85.19 75.76
N ARG O 99 -43.05 86.11 75.97
CA ARG O 99 -44.18 86.32 75.07
C ARG O 99 -44.11 87.73 74.54
N GLY O 100 -44.43 87.93 73.28
CA GLY O 100 -44.32 89.25 72.67
C GLY O 100 -44.89 89.29 71.26
N VAL O 101 -44.66 90.39 70.55
CA VAL O 101 -45.11 90.54 69.16
C VAL O 101 -44.04 91.15 68.29
N LEU O 102 -43.79 90.50 67.15
CA LEU O 102 -42.87 90.89 66.08
C LEU O 102 -43.56 91.58 64.93
N ASP O 103 -42.86 92.52 64.33
CA ASP O 103 -43.21 93.03 63.02
C ASP O 103 -41.92 92.80 62.23
N ARG O 104 -41.93 91.96 61.22
CA ARG O 104 -40.75 91.67 60.38
C ARG O 104 -40.46 92.77 59.36
N GLY O 105 -41.33 93.75 59.19
CA GLY O 105 -41.18 94.83 58.23
C GLY O 105 -41.55 94.43 56.80
N PRO O 106 -41.68 95.40 55.88
CA PRO O 106 -42.06 95.14 54.51
C PRO O 106 -40.98 94.41 53.71
N SER O 107 -39.75 94.34 54.19
CA SER O 107 -38.65 93.65 53.52
C SER O 107 -38.63 92.14 53.76
N PHE O 108 -39.66 91.56 54.37
CA PHE O 108 -39.78 90.13 54.58
C PHE O 108 -40.48 89.45 53.41
N LYS O 109 -39.97 88.35 52.88
CA LYS O 109 -40.58 87.61 51.78
C LYS O 109 -40.15 86.14 51.82
N PRO O 110 -40.86 85.26 52.50
CA PRO O 110 -40.40 83.90 52.78
C PRO O 110 -40.57 82.93 51.60
N TYR O 111 -40.59 83.41 50.36
CA TYR O 111 -40.75 82.57 49.19
C TYR O 111 -40.13 83.20 47.96
N SER O 112 -39.68 82.39 47.03
CA SER O 112 -39.25 82.83 45.71
C SER O 112 -40.44 82.97 44.77
N GLY O 113 -40.36 83.85 43.78
CA GLY O 113 -41.47 84.07 42.84
C GLY O 113 -42.58 84.93 43.42
N THR O 114 -43.77 84.89 42.81
CA THR O 114 -44.95 85.66 43.22
C THR O 114 -46.13 84.76 43.57
N ALA O 115 -47.00 85.21 44.48
CA ALA O 115 -48.29 84.56 44.71
C ALA O 115 -49.33 84.86 43.61
N TYR O 116 -49.16 85.91 42.80
CA TYR O 116 -50.21 86.43 41.95
C TYR O 116 -49.90 86.27 40.46
N ASN O 117 -50.78 85.59 39.73
CA ASN O 117 -50.64 85.34 38.31
C ASN O 117 -49.29 84.74 37.90
N SER O 118 -48.76 83.78 38.65
CA SER O 118 -47.41 83.25 38.44
C SER O 118 -47.19 82.58 37.08
N LEU O 119 -48.21 82.09 36.40
CA LEU O 119 -48.09 81.57 35.03
C LEU O 119 -48.13 82.66 33.96
N ALA O 120 -48.56 83.88 34.28
CA ALA O 120 -48.71 84.91 33.28
C ALA O 120 -47.36 85.24 32.67
N PRO O 121 -47.23 85.26 31.34
CA PRO O 121 -45.99 85.67 30.69
C PRO O 121 -45.57 87.00 31.26
N LYS O 122 -44.30 87.12 31.66
CA LYS O 122 -43.82 88.40 32.19
C LYS O 122 -44.00 89.39 31.04
N SER O 123 -44.51 90.58 31.32
CA SER O 123 -44.85 91.60 30.32
C SER O 123 -46.10 91.34 29.47
N ALA O 124 -46.91 90.31 29.74
CA ALA O 124 -48.30 90.33 29.32
C ALA O 124 -49.08 91.39 30.13
N PRO O 125 -49.73 92.39 29.52
CA PRO O 125 -50.44 93.42 30.26
C PRO O 125 -51.77 92.94 30.82
N ASN O 126 -52.31 93.65 31.81
CA ASN O 126 -53.69 93.42 32.24
C ASN O 126 -54.58 94.12 31.19
N PRO O 127 -55.68 93.54 30.72
CA PRO O 127 -56.56 94.17 29.76
C PRO O 127 -56.96 95.56 30.24
N SER O 128 -56.65 96.62 29.49
CA SER O 128 -56.78 97.98 29.99
C SER O 128 -56.91 99.04 28.91
N GLN O 129 -57.27 100.26 29.34
CA GLN O 129 -57.48 101.43 28.49
C GLN O 129 -56.50 102.57 28.78
N TRP O 130 -56.36 103.51 27.84
CA TRP O 130 -55.54 104.73 27.99
C TRP O 130 -56.01 105.77 26.98
N THR O 131 -55.65 107.05 27.10
CA THR O 131 -56.15 108.01 26.10
C THR O 131 -55.17 108.49 25.04
N ALA O 132 -54.76 107.67 24.06
CA ALA O 132 -54.12 108.14 22.83
C ALA O 132 -53.89 107.06 21.77
N ASN O 133 -54.81 106.50 20.97
CA ASN O 133 -54.23 105.96 19.69
C ASN O 133 -54.90 106.50 18.40
N GLU O 134 -55.53 107.69 18.38
CA GLU O 134 -56.12 108.24 17.15
C GLU O 134 -55.65 109.61 16.63
N LYS O 135 -55.44 109.71 15.31
CA LYS O 135 -55.28 110.95 14.52
C LYS O 135 -55.23 110.78 12.99
N GLN O 136 -55.68 111.85 12.35
CA GLN O 136 -55.91 112.24 10.94
C GLN O 136 -55.63 113.77 10.75
N THR O 137 -55.49 114.44 11.90
CA THR O 137 -55.98 115.68 12.49
C THR O 137 -56.51 116.93 11.76
N GLY O 138 -55.80 117.99 11.40
CA GLY O 138 -56.33 119.24 10.83
C GLY O 138 -57.66 119.72 11.48
N GLY O 139 -57.78 120.84 12.18
CA GLY O 139 -56.70 121.64 12.73
C GLY O 139 -56.20 120.99 14.05
N GLN O 140 -56.71 119.82 14.47
CA GLN O 140 -56.30 119.15 15.74
C GLN O 140 -56.29 117.60 15.80
N PRO O 141 -55.38 116.98 16.57
CA PRO O 141 -55.32 115.54 16.87
C PRO O 141 -56.47 115.26 17.87
N LYS O 142 -57.08 114.07 17.85
CA LYS O 142 -58.33 113.86 18.61
C LYS O 142 -58.30 113.33 20.05
N SER O 143 -57.24 112.70 20.55
CA SER O 143 -57.18 112.25 21.97
C SER O 143 -58.28 111.29 22.45
N VAL O 144 -58.61 110.29 21.65
CA VAL O 144 -59.61 109.25 21.96
C VAL O 144 -59.14 108.21 22.98
N THR O 145 -60.07 107.48 23.60
CA THR O 145 -59.76 106.35 24.46
C THR O 145 -59.39 105.17 23.56
N GLN O 146 -58.33 104.46 23.91
CA GLN O 146 -57.80 103.32 23.20
C GLN O 146 -57.80 102.13 24.18
N THR O 147 -57.94 100.90 23.70
CA THR O 147 -58.05 99.70 24.53
C THR O 147 -57.30 98.49 24.00
N PHE O 148 -56.80 97.65 24.90
CA PHE O 148 -56.13 96.38 24.61
C PHE O 148 -56.69 95.33 25.55
N GLY O 149 -56.96 94.11 25.08
CA GLY O 149 -57.47 93.07 25.97
C GLY O 149 -57.99 91.83 25.26
N SER O 150 -58.81 91.07 25.96
CA SER O 150 -59.50 89.91 25.42
C SER O 150 -60.90 89.84 26.01
N ALA O 151 -61.79 89.11 25.33
CA ALA O 151 -63.19 88.93 25.68
C ALA O 151 -63.45 87.41 25.71
N PRO O 152 -63.22 86.77 26.86
CA PRO O 152 -63.32 85.33 26.98
C PRO O 152 -64.72 84.77 27.11
N MET O 153 -65.70 85.55 27.56
CA MET O 153 -67.05 85.06 27.82
C MET O 153 -67.92 85.11 26.58
N GLY O 154 -68.46 83.98 26.14
CA GLY O 154 -69.39 83.91 25.02
C GLY O 154 -70.81 84.26 25.45
N GLY O 155 -71.61 84.87 24.57
CA GLY O 155 -73.00 85.25 24.87
C GLY O 155 -73.91 85.22 23.65
N SER O 156 -75.22 85.27 23.87
CA SER O 156 -76.22 85.14 22.79
C SER O 156 -76.49 86.39 22.01
N ASN O 157 -76.34 87.55 22.63
CA ASN O 157 -76.62 88.85 22.03
C ASN O 157 -76.00 89.95 22.91
N ILE O 158 -75.83 91.17 22.39
CA ILE O 158 -75.30 92.30 23.15
C ILE O 158 -76.27 93.47 23.00
N THR O 159 -76.61 94.11 24.12
CA THR O 159 -77.50 95.27 24.17
C THR O 159 -76.92 96.28 25.15
N ILE O 160 -77.65 97.33 25.50
CA ILE O 160 -77.21 98.34 26.46
C ILE O 160 -77.03 97.73 27.86
N GLU O 161 -77.66 96.60 28.15
CA GLU O 161 -77.48 95.82 29.38
C GLU O 161 -76.18 95.00 29.36
N GLY O 162 -75.44 95.05 28.25
CA GLY O 162 -74.22 94.30 27.98
C GLY O 162 -74.45 92.92 27.42
N LEU O 163 -73.71 91.94 27.90
CA LEU O 163 -73.74 90.57 27.39
C LEU O 163 -74.88 89.69 27.90
N VAL O 164 -75.63 89.10 26.98
CA VAL O 164 -76.68 88.12 27.29
C VAL O 164 -76.00 86.78 27.57
N ILE O 165 -76.03 86.31 28.80
CA ILE O 165 -75.40 85.05 29.22
C ILE O 165 -76.37 83.87 29.23
N GLY O 166 -77.68 84.11 29.09
CA GLY O 166 -78.67 83.05 29.06
C GLY O 166 -80.08 83.59 28.83
N THR O 167 -81.08 82.74 29.06
CA THR O 167 -82.48 83.12 28.83
C THR O 167 -83.42 82.47 29.83
N LYS O 168 -84.41 83.24 30.27
CA LYS O 168 -85.49 82.86 31.15
C LYS O 168 -86.56 82.12 30.31
N GLU O 169 -86.88 80.87 30.66
CA GLU O 169 -87.84 79.99 29.96
C GLU O 169 -89.28 80.05 30.48
N GLU O 170 -89.43 80.56 31.70
CA GLU O 170 -90.68 80.83 32.41
C GLU O 170 -91.60 81.69 31.51
N GLU O 171 -92.91 81.73 31.72
CA GLU O 171 -93.85 82.23 30.71
C GLU O 171 -93.52 81.72 29.29
N GLY O 172 -94.14 80.55 29.10
CA GLY O 172 -94.25 79.50 28.05
C GLY O 172 -94.73 80.02 26.68
N ASN O 173 -94.41 81.29 26.49
CA ASN O 173 -94.65 82.35 25.53
C ASN O 173 -93.24 82.96 25.31
N ALA O 174 -93.09 84.22 24.84
CA ALA O 174 -91.73 84.65 24.62
C ALA O 174 -90.88 84.59 25.89
N THR O 175 -89.68 84.06 25.67
CA THR O 175 -88.59 83.88 26.61
C THR O 175 -87.87 85.22 26.83
N GLU O 176 -87.23 85.41 27.98
CA GLU O 176 -86.64 86.70 28.36
C GLU O 176 -85.12 86.67 28.57
N GLU O 177 -84.40 87.70 28.15
CA GLU O 177 -82.94 87.78 28.23
C GLU O 177 -82.40 87.89 29.67
N ILE O 178 -81.26 87.23 29.93
CA ILE O 178 -80.57 87.27 31.22
C ILE O 178 -79.19 87.84 30.92
N PHE O 179 -78.81 88.88 31.66
CA PHE O 179 -77.57 89.63 31.42
C PHE O 179 -76.56 89.45 32.54
N ALA O 180 -75.28 89.52 32.19
CA ALA O 180 -74.21 89.40 33.15
C ALA O 180 -74.31 90.49 34.22
N ASP O 181 -74.28 90.14 35.50
CA ASP O 181 -74.32 91.14 36.56
C ASP O 181 -72.97 91.86 36.56
N LYS O 182 -72.94 93.15 36.18
CA LYS O 182 -71.68 93.87 36.05
C LYS O 182 -70.84 93.88 37.33
N THR O 183 -71.44 93.71 38.51
CA THR O 183 -70.69 93.71 39.77
C THR O 183 -69.73 92.53 39.92
N PHE O 184 -69.91 91.43 39.18
CA PHE O 184 -68.97 90.29 39.25
C PHE O 184 -68.87 89.45 37.96
N GLN O 185 -69.59 89.77 36.90
CA GLN O 185 -69.57 89.00 35.66
C GLN O 185 -69.16 89.78 34.41
N PRO O 186 -68.51 89.13 33.42
CA PRO O 186 -68.06 87.74 33.49
C PRO O 186 -66.88 87.59 34.45
N GLU O 187 -66.81 86.49 35.20
CA GLU O 187 -65.68 86.25 36.05
C GLU O 187 -64.45 86.01 35.13
N PRO O 188 -63.28 86.60 35.35
CA PRO O 188 -62.15 86.44 34.44
C PRO O 188 -61.59 85.03 34.35
N GLN O 189 -61.83 84.19 35.34
CA GLN O 189 -61.47 82.78 35.34
C GLN O 189 -62.41 81.90 34.51
N VAL O 190 -63.50 82.46 33.98
CA VAL O 190 -64.45 81.79 33.08
C VAL O 190 -64.22 82.25 31.65
N GLY O 191 -64.22 81.30 30.74
CA GLY O 191 -64.14 81.49 29.30
C GLY O 191 -64.69 80.27 28.60
N GLU O 192 -64.62 80.19 27.29
CA GLU O 192 -65.15 79.04 26.57
C GLU O 192 -64.49 77.72 26.96
N GLU O 193 -65.28 76.66 27.00
CA GLU O 193 -64.91 75.36 27.54
C GLU O 193 -63.99 74.46 26.73
N ASN O 194 -63.93 74.58 25.41
CA ASN O 194 -63.15 73.68 24.56
C ASN O 194 -62.60 74.39 23.33
N TRP O 195 -61.63 73.80 22.64
CA TRP O 195 -61.14 74.43 21.40
C TRP O 195 -62.07 74.59 20.19
N GLN O 196 -63.19 73.88 20.01
CA GLN O 196 -64.12 74.27 18.93
C GLN O 196 -65.21 75.16 19.50
N GLU O 197 -64.95 75.89 20.55
CA GLU O 197 -66.02 76.61 21.19
C GLU O 197 -66.36 78.03 20.62
N THR O 198 -67.30 78.07 19.67
CA THR O 198 -67.64 79.15 18.74
C THR O 198 -68.99 79.82 19.02
N GLU O 199 -68.97 81.16 19.09
CA GLU O 199 -70.09 82.02 19.51
C GLU O 199 -70.22 83.31 18.68
N ALA O 200 -71.42 83.84 18.65
CA ALA O 200 -71.76 85.05 17.91
C ALA O 200 -71.24 86.35 18.56
N PHE O 201 -71.22 86.43 19.89
CA PHE O 201 -70.83 87.62 20.65
C PHE O 201 -69.93 87.26 21.82
N TYR O 202 -69.03 88.16 22.22
CA TYR O 202 -68.09 87.92 23.30
C TYR O 202 -68.01 89.10 24.28
N GLY O 203 -67.60 88.87 25.52
CA GLY O 203 -67.38 89.93 26.50
C GLY O 203 -66.25 89.64 27.49
N GLY O 204 -65.86 90.65 28.26
CA GLY O 204 -64.79 90.55 29.25
C GLY O 204 -64.73 91.73 30.22
N ARG O 205 -63.64 91.84 30.98
CA ARG O 205 -63.41 92.94 31.93
C ARG O 205 -62.08 93.63 31.61
N ALA O 206 -61.97 94.93 31.82
CA ALA O 206 -60.75 95.67 31.53
C ALA O 206 -60.54 96.83 32.50
N LEU O 207 -59.30 97.16 32.84
CA LEU O 207 -58.99 98.25 33.75
C LEU O 207 -59.24 99.62 33.09
N LYS O 208 -59.98 100.51 33.76
CA LYS O 208 -60.23 101.87 33.26
C LYS O 208 -58.94 102.67 33.18
N LYS O 209 -59.01 103.78 32.44
CA LYS O 209 -57.94 104.74 32.19
C LYS O 209 -57.15 105.13 33.44
N ASP O 210 -57.85 105.29 34.56
CA ASP O 210 -57.27 105.81 35.80
C ASP O 210 -56.49 104.81 36.63
N THR O 211 -56.68 103.52 36.44
CA THR O 211 -55.90 102.50 37.16
C THR O 211 -54.57 102.38 36.43
N LYS O 212 -53.47 102.89 37.01
CA LYS O 212 -52.16 102.88 36.35
C LYS O 212 -51.73 101.49 35.93
N MET O 213 -51.16 101.35 34.75
CA MET O 213 -50.73 100.05 34.24
C MET O 213 -49.60 99.39 35.02
N LYS O 214 -49.76 98.08 35.16
CA LYS O 214 -48.83 97.10 35.71
C LYS O 214 -48.97 95.85 34.86
N PRO O 215 -47.92 95.05 34.66
CA PRO O 215 -48.03 93.82 33.91
C PRO O 215 -48.77 92.78 34.74
N CYS O 216 -49.32 91.76 34.11
CA CYS O 216 -50.23 90.85 34.78
C CYS O 216 -49.56 90.00 35.86
N TYR O 217 -48.33 89.54 35.61
CA TYR O 217 -47.52 88.79 36.55
C TYR O 217 -47.29 89.60 37.82
N GLY O 218 -47.94 89.20 38.91
CA GLY O 218 -47.84 89.85 40.21
C GLY O 218 -48.99 90.81 40.54
N SER O 219 -49.89 91.11 39.60
CA SER O 219 -51.02 92.03 39.81
C SER O 219 -52.12 91.48 40.71
N PHE O 220 -52.42 92.17 41.80
CA PHE O 220 -53.46 91.82 42.76
C PHE O 220 -54.42 92.97 43.04
N ALA O 221 -55.67 92.68 43.39
CA ALA O 221 -56.64 93.68 43.79
C ALA O 221 -57.59 93.13 44.85
N ARG O 222 -57.82 93.83 45.97
CA ARG O 222 -58.72 93.32 46.99
C ARG O 222 -60.13 93.20 46.42
N PRO O 223 -60.90 92.14 46.73
CA PRO O 223 -62.27 92.03 46.28
C PRO O 223 -63.13 93.06 46.99
N THR O 224 -64.19 93.54 46.35
CA THR O 224 -65.08 94.56 46.93
C THR O 224 -66.53 94.08 47.06
N ASN O 225 -66.79 92.80 46.80
CA ASN O 225 -68.07 92.12 46.98
C ASN O 225 -67.79 90.65 47.30
N GLU O 226 -68.73 89.92 47.89
CA GLU O 226 -68.50 88.53 48.27
C GLU O 226 -68.43 87.58 47.07
N LYS O 227 -68.74 88.05 45.86
CA LYS O 227 -68.65 87.29 44.61
C LYS O 227 -67.37 87.56 43.86
N GLY O 228 -66.37 88.08 44.55
CA GLY O 228 -65.03 88.28 43.98
C GLY O 228 -64.86 89.44 43.01
N GLY O 229 -65.83 90.32 42.85
CA GLY O 229 -65.66 91.48 41.96
C GLY O 229 -64.62 92.40 42.58
N GLN O 230 -63.90 93.16 41.77
CA GLN O 230 -62.82 94.01 42.27
C GLN O 230 -63.03 95.51 42.01
N ALA O 231 -64.19 95.91 41.51
CA ALA O 231 -64.44 97.31 41.20
C ALA O 231 -64.40 98.25 42.41
N LYS O 232 -63.88 99.46 42.25
CA LYS O 232 -63.90 100.49 43.30
C LYS O 232 -65.32 101.01 43.53
N LEU O 233 -65.65 101.41 44.75
CA LEU O 233 -66.93 102.09 45.01
C LEU O 233 -66.76 103.57 44.59
N LYS O 234 -67.81 104.23 44.09
CA LYS O 234 -67.69 105.63 43.67
C LYS O 234 -67.63 106.57 44.89
N LEU O 235 -66.78 107.58 44.87
CA LEU O 235 -66.64 108.59 45.94
C LEU O 235 -67.09 109.95 45.38
N ASN O 236 -68.28 110.01 44.78
CA ASN O 236 -68.80 111.24 44.17
C ASN O 236 -69.05 112.36 45.20
N ASP O 237 -68.35 113.47 45.04
CA ASP O 237 -68.38 114.72 45.84
C ASP O 237 -68.10 114.56 47.36
N GLN O 238 -67.76 113.37 47.84
CA GLN O 238 -67.43 113.08 49.25
C GLN O 238 -66.42 111.95 49.42
N GLY O 239 -65.67 111.99 50.53
CA GLY O 239 -64.73 110.93 50.89
C GLY O 239 -65.47 109.65 51.28
N GLN O 240 -66.71 109.77 51.75
CA GLN O 240 -67.57 108.64 52.09
C GLN O 240 -68.02 107.96 50.78
N PRO O 241 -67.95 106.64 50.65
CA PRO O 241 -68.34 105.95 49.43
C PRO O 241 -69.85 105.98 49.16
N THR O 242 -70.20 105.90 47.87
CA THR O 242 -71.57 105.87 47.35
C THR O 242 -72.09 104.42 47.37
N LYS O 243 -73.37 104.23 47.09
CA LYS O 243 -74.04 102.92 47.05
C LYS O 243 -73.51 101.95 45.98
N ASP O 244 -72.87 102.46 44.94
CA ASP O 244 -72.49 101.68 43.76
C ASP O 244 -71.05 101.80 43.25
N TYR O 245 -70.69 100.83 42.42
CA TYR O 245 -69.38 100.59 41.86
C TYR O 245 -69.05 101.36 40.58
N ASP O 246 -67.77 101.67 40.41
CA ASP O 246 -67.16 102.36 39.28
C ASP O 246 -66.94 101.42 38.07
N ILE O 247 -68.04 100.88 37.53
CA ILE O 247 -68.04 99.94 36.39
C ILE O 247 -68.85 100.52 35.23
N ASP O 248 -68.25 100.66 34.05
CA ASP O 248 -68.93 101.17 32.85
C ASP O 248 -68.59 100.31 31.63
N LEU O 249 -69.60 100.01 30.83
CA LEU O 249 -69.48 99.20 29.64
C LEU O 249 -68.91 99.93 28.42
N ALA O 250 -68.08 99.26 27.66
CA ALA O 250 -67.55 99.74 26.39
C ALA O 250 -67.94 98.70 25.34
N PHE O 251 -68.29 99.12 24.13
CA PHE O 251 -68.75 98.25 23.05
C PHE O 251 -67.84 98.36 21.83
N PHE O 252 -67.62 97.27 21.10
CA PHE O 252 -66.71 97.25 19.97
C PHE O 252 -67.28 96.47 18.78
N ASP O 253 -66.80 96.74 17.57
CA ASP O 253 -67.36 96.23 16.31
C ASP O 253 -66.32 95.91 15.20
N THR O 254 -66.64 94.98 14.30
CA THR O 254 -65.80 94.59 13.15
C THR O 254 -65.75 95.77 12.16
N PRO O 255 -64.58 96.35 11.89
CA PRO O 255 -64.40 97.56 11.10
C PRO O 255 -64.21 97.34 9.59
N GLY O 256 -63.97 98.46 8.89
CA GLY O 256 -63.66 98.50 7.45
C GLY O 256 -64.60 99.33 6.57
N GLY O 257 -65.58 100.04 7.15
CA GLY O 257 -66.58 100.79 6.36
C GLY O 257 -67.57 99.86 5.65
N THR O 258 -67.41 98.55 5.86
CA THR O 258 -68.23 97.45 5.38
C THR O 258 -67.93 96.27 6.33
N PRO O 259 -68.87 95.91 7.22
CA PRO O 259 -68.75 94.82 8.19
C PRO O 259 -69.25 93.51 7.53
N PRO O 260 -69.45 92.41 8.29
CA PRO O 260 -70.05 91.17 7.79
C PRO O 260 -71.54 91.28 7.34
N THR O 261 -72.10 92.48 7.19
CA THR O 261 -73.51 92.73 6.80
C THR O 261 -73.70 93.91 5.81
N GLY O 262 -74.87 93.96 5.17
CA GLY O 262 -75.29 94.92 4.13
C GLY O 262 -75.64 96.33 4.61
N SER O 263 -74.72 96.98 5.34
CA SER O 263 -74.91 98.34 5.86
C SER O 263 -76.17 98.53 6.72
N GLY O 264 -76.59 97.49 7.46
CA GLY O 264 -77.77 97.52 8.33
C GLY O 264 -78.98 97.99 7.50
N GLN O 265 -79.57 99.10 7.92
CA GLN O 265 -80.61 99.80 7.17
C GLN O 265 -79.99 100.99 6.42
N GLN O 266 -79.17 101.78 7.13
CA GLN O 266 -78.50 102.98 6.62
C GLN O 266 -77.10 103.26 7.21
N GLU O 267 -76.60 102.41 8.12
CA GLU O 267 -75.26 102.47 8.71
C GLU O 267 -74.82 101.03 9.10
N GLU O 268 -73.52 100.77 9.17
CA GLU O 268 -72.98 99.42 9.36
C GLU O 268 -72.80 98.88 10.79
N TYR O 269 -72.63 99.77 11.77
CA TYR O 269 -72.28 99.46 13.15
C TYR O 269 -73.27 98.71 14.06
N LYS O 270 -72.77 97.67 14.74
CA LYS O 270 -73.43 96.89 15.79
C LYS O 270 -72.37 96.32 16.71
N ALA O 271 -72.65 96.18 18.00
CA ALA O 271 -71.68 95.66 18.95
C ALA O 271 -71.45 94.14 18.84
N ASP O 272 -70.23 93.74 18.49
CA ASP O 272 -69.78 92.35 18.42
C ASP O 272 -69.11 91.90 19.73
N ILE O 273 -68.56 92.86 20.48
CA ILE O 273 -67.86 92.64 21.74
C ILE O 273 -68.25 93.72 22.74
N VAL O 274 -68.36 93.37 24.01
CA VAL O 274 -68.61 94.31 25.11
C VAL O 274 -67.60 94.07 26.22
N MET O 275 -67.02 95.12 26.81
CA MET O 275 -66.10 94.95 27.94
C MET O 275 -66.50 95.81 29.12
N TYR O 276 -66.65 95.20 30.29
CA TYR O 276 -67.01 95.87 31.51
C TYR O 276 -65.74 96.52 32.04
N THR O 277 -65.53 97.78 31.69
CA THR O 277 -64.36 98.53 32.12
C THR O 277 -64.56 98.97 33.55
N GLU O 278 -63.58 98.80 34.41
CA GLU O 278 -63.67 99.14 35.82
C GLU O 278 -62.38 99.62 36.44
N ASN O 279 -62.47 100.47 37.48
CA ASN O 279 -61.30 100.85 38.26
C ASN O 279 -61.16 99.71 39.26
N VAL O 280 -59.95 99.26 39.57
CA VAL O 280 -59.78 98.01 40.33
C VAL O 280 -59.00 98.04 41.63
N ASN O 281 -58.42 99.16 42.09
CA ASN O 281 -57.69 99.15 43.38
C ASN O 281 -56.47 98.21 43.36
N LEU O 282 -55.82 98.13 42.20
CA LEU O 282 -54.65 97.31 41.89
C LEU O 282 -53.40 97.59 42.76
N GLU O 283 -52.67 96.53 43.07
CA GLU O 283 -51.41 96.50 43.82
C GLU O 283 -50.49 95.43 43.21
N THR O 284 -49.20 95.48 43.48
CA THR O 284 -48.24 94.43 43.10
C THR O 284 -47.50 94.13 44.39
N PRO O 285 -48.09 93.33 45.30
CA PRO O 285 -47.55 93.09 46.63
C PRO O 285 -46.16 92.48 46.76
N ASP O 286 -45.71 91.69 45.79
CA ASP O 286 -44.43 90.98 45.88
C ASP O 286 -43.54 90.96 44.63
N THR O 287 -43.77 91.85 43.66
CA THR O 287 -42.98 91.98 42.43
C THR O 287 -42.67 93.44 42.14
N HIS O 288 -41.76 93.72 41.22
CA HIS O 288 -41.40 95.06 40.82
C HIS O 288 -41.22 95.13 39.31
N VAL O 289 -41.42 96.31 38.73
CA VAL O 289 -41.25 96.52 37.31
C VAL O 289 -39.75 96.63 37.02
N VAL O 290 -39.17 95.65 36.35
CA VAL O 290 -37.74 95.63 36.02
C VAL O 290 -37.45 96.42 34.76
N TYR O 291 -38.43 96.55 33.86
CA TYR O 291 -38.32 97.36 32.64
C TYR O 291 -39.60 98.16 32.44
N LYS O 292 -39.46 99.43 32.07
CA LYS O 292 -40.53 100.29 31.59
C LYS O 292 -39.92 101.15 30.47
N PRO O 293 -40.63 101.43 29.38
CA PRO O 293 -40.03 102.10 28.24
C PRO O 293 -39.70 103.58 28.46
N GLY O 294 -40.56 104.33 29.12
CA GLY O 294 -40.35 105.75 29.45
C GLY O 294 -40.39 105.99 30.95
N LYS O 295 -40.18 107.25 31.37
CA LYS O 295 -40.28 107.63 32.79
C LYS O 295 -41.73 107.77 33.25
N GLU O 296 -42.67 107.85 32.32
CA GLU O 296 -44.12 107.92 32.54
C GLU O 296 -44.65 106.80 33.46
N ASP O 297 -45.39 107.17 34.50
CA ASP O 297 -46.07 106.24 35.40
C ASP O 297 -47.48 105.89 34.91
N GLU O 298 -48.16 106.84 34.25
CA GLU O 298 -49.55 106.74 33.78
C GLU O 298 -49.77 105.66 32.71
N SER O 299 -51.01 105.19 32.57
CA SER O 299 -51.39 104.19 31.55
C SER O 299 -51.21 104.73 30.14
N SER O 300 -50.61 103.96 29.25
CA SER O 300 -50.37 104.37 27.87
C SER O 300 -50.04 103.17 27.00
N GLU O 301 -50.03 103.36 25.67
CA GLU O 301 -49.72 102.25 24.75
C GLU O 301 -48.33 101.68 25.01
N THR O 302 -47.32 102.50 25.32
CA THR O 302 -45.98 101.99 25.58
C THR O 302 -45.90 101.34 26.95
N ASN O 303 -46.55 101.88 28.00
CA ASN O 303 -46.52 101.23 29.31
C ASN O 303 -47.18 99.86 29.27
N LEU O 304 -47.94 99.53 28.21
CA LEU O 304 -48.51 98.21 27.97
C LEU O 304 -47.42 97.14 27.76
N THR O 305 -46.14 97.54 27.74
CA THR O 305 -44.96 96.68 27.56
C THR O 305 -44.06 96.55 28.80
N GLN O 306 -44.45 97.08 29.96
CA GLN O 306 -43.69 96.95 31.21
C GLN O 306 -43.40 95.47 31.52
N GLN O 307 -42.25 95.13 32.08
CA GLN O 307 -41.88 93.76 32.46
C GLN O 307 -41.70 93.69 33.97
N SER O 308 -42.24 92.69 34.66
CA SER O 308 -42.08 92.55 36.12
C SER O 308 -41.24 91.33 36.53
N MET O 309 -40.34 91.52 37.48
CA MET O 309 -39.49 90.50 38.07
C MET O 309 -39.94 90.30 39.53
N PRO O 310 -40.00 89.09 40.09
CA PRO O 310 -40.45 88.93 41.47
C PRO O 310 -39.45 89.50 42.46
N ASN O 311 -39.90 90.02 43.60
CA ASN O 311 -39.01 90.55 44.63
C ASN O 311 -38.13 89.43 45.20
N ARG O 312 -36.91 89.75 45.62
CA ARG O 312 -35.97 88.75 46.15
C ARG O 312 -36.48 88.05 47.40
N PRO O 313 -36.30 86.73 47.56
CA PRO O 313 -36.69 86.04 48.78
C PRO O 313 -35.85 86.53 49.95
N ASN O 314 -36.48 86.79 51.08
CA ASN O 314 -35.82 87.24 52.29
C ASN O 314 -36.53 86.66 53.52
N TYR O 315 -36.08 85.51 53.98
CA TYR O 315 -36.52 84.88 55.23
C TYR O 315 -36.00 85.62 56.45
N ILE O 316 -36.83 85.80 57.47
CA ILE O 316 -36.44 86.45 58.72
C ILE O 316 -36.97 85.64 59.88
N GLY O 317 -36.17 85.47 60.92
CA GLY O 317 -36.53 84.76 62.14
C GLY O 317 -35.47 84.94 63.19
N PHE O 318 -35.67 84.43 64.39
CA PHE O 318 -34.66 84.52 65.44
C PHE O 318 -33.43 83.69 65.08
N ARG O 319 -32.25 84.08 65.57
CA ARG O 319 -30.99 83.39 65.32
C ARG O 319 -30.93 81.99 65.93
N ASP O 320 -30.02 81.17 65.42
CA ASP O 320 -29.77 79.82 65.90
C ASP O 320 -29.55 79.84 67.42
N ASN O 321 -30.16 78.94 68.18
CA ASN O 321 -30.02 78.89 69.64
C ASN O 321 -30.36 80.21 70.35
N PHE O 322 -31.13 81.09 69.72
CA PHE O 322 -31.39 82.45 70.17
C PHE O 322 -30.14 83.31 70.45
N VAL O 323 -29.08 83.15 69.64
CA VAL O 323 -27.89 84.01 69.71
C VAL O 323 -28.33 85.47 69.67
N GLY O 324 -27.71 86.33 70.47
CA GLY O 324 -27.99 87.77 70.47
C GLY O 324 -29.19 88.23 71.28
N LEU O 325 -30.08 87.36 71.74
CA LEU O 325 -31.26 87.79 72.49
C LEU O 325 -30.98 88.14 73.96
N MET O 326 -29.97 87.55 74.57
CA MET O 326 -29.55 87.79 75.94
C MET O 326 -28.18 88.43 75.96
N TYR O 327 -27.93 89.33 76.89
CA TYR O 327 -26.66 90.01 77.00
C TYR O 327 -25.64 89.13 77.68
N TYR O 328 -24.53 88.88 76.99
CA TYR O 328 -23.39 88.10 77.42
C TYR O 328 -22.11 88.84 77.07
N ASN O 329 -21.07 88.71 77.87
CA ASN O 329 -19.77 89.32 77.62
C ASN O 329 -19.86 90.81 77.32
N SER O 330 -20.70 91.50 78.07
CA SER O 330 -20.97 92.91 77.95
C SER O 330 -21.23 93.42 79.35
N THR O 331 -20.19 93.87 80.03
CA THR O 331 -20.24 94.28 81.45
C THR O 331 -21.22 95.40 81.75
N GLY O 332 -21.61 96.22 80.77
CA GLY O 332 -22.57 97.29 80.99
C GLY O 332 -23.99 96.78 81.25
N ASN O 333 -24.26 95.55 80.87
CA ASN O 333 -25.55 94.88 80.95
C ASN O 333 -25.43 93.46 81.53
N MET O 334 -24.42 93.22 82.37
CA MET O 334 -24.14 91.90 82.95
C MET O 334 -25.31 91.36 83.76
N GLY O 335 -25.62 90.07 83.62
CA GLY O 335 -26.67 89.41 84.38
C GLY O 335 -26.26 89.19 85.83
N VAL O 336 -27.19 88.83 86.71
CA VAL O 336 -26.93 88.63 88.15
C VAL O 336 -27.51 87.35 88.68
N LEU O 337 -26.74 86.56 89.42
CA LEU O 337 -27.19 85.38 90.17
C LEU O 337 -26.51 85.56 91.52
N ALA O 338 -27.23 85.95 92.56
CA ALA O 338 -26.65 86.26 93.85
C ALA O 338 -27.52 85.84 95.03
N GLY O 339 -26.94 85.47 96.18
CA GLY O 339 -27.71 85.12 97.36
C GLY O 339 -28.61 86.29 97.73
N GLN O 340 -29.89 86.05 98.00
CA GLN O 340 -30.87 87.10 98.26
C GLN O 340 -30.50 88.08 99.36
N ALA O 341 -29.96 87.59 100.47
CA ALA O 341 -29.55 88.40 101.63
C ALA O 341 -28.07 88.78 101.65
N SER O 342 -27.30 88.31 100.69
CA SER O 342 -25.84 88.46 100.61
C SER O 342 -25.50 88.62 99.14
N GLN O 343 -25.78 89.79 98.58
CA GLN O 343 -25.78 90.00 97.14
C GLN O 343 -24.45 90.05 96.37
N LEU O 344 -23.54 89.10 96.63
CA LEU O 344 -22.32 88.90 95.84
C LEU O 344 -22.77 88.31 94.50
N ASN O 345 -22.56 88.95 93.36
CA ASN O 345 -22.91 88.32 92.10
C ASN O 345 -21.99 87.13 91.84
N ALA O 346 -22.52 85.94 91.55
CA ALA O 346 -21.69 84.77 91.24
C ALA O 346 -21.18 84.91 89.80
N VAL O 347 -21.89 85.65 88.95
CA VAL O 347 -21.53 85.89 87.56
C VAL O 347 -20.49 86.97 87.43
N VAL O 348 -19.32 86.61 86.89
CA VAL O 348 -18.25 87.56 86.57
C VAL O 348 -18.03 87.35 85.09
N ASP O 349 -18.30 88.36 84.28
CA ASP O 349 -18.17 88.25 82.85
C ASP O 349 -17.18 89.27 82.32
N LEU O 350 -16.56 88.97 81.19
CA LEU O 350 -15.49 89.76 80.62
C LEU O 350 -15.77 90.17 79.18
N GLN O 351 -15.39 91.39 78.81
CA GLN O 351 -15.51 91.86 77.44
C GLN O 351 -14.68 90.95 76.51
N ASP O 352 -13.60 90.39 77.07
CA ASP O 352 -12.59 89.51 76.48
C ASP O 352 -13.00 88.02 76.45
N ARG O 353 -14.28 87.73 76.29
CA ARG O 353 -14.87 86.39 76.26
C ARG O 353 -15.99 86.34 75.23
N ASN O 354 -16.31 85.16 74.73
CA ASN O 354 -17.34 84.97 73.72
C ASN O 354 -18.14 83.70 74.06
N THR O 355 -19.17 83.87 74.89
CA THR O 355 -20.06 82.79 75.36
C THR O 355 -20.94 82.26 74.24
N GLU O 356 -21.35 83.11 73.32
CA GLU O 356 -22.23 82.70 72.23
C GLU O 356 -21.54 81.71 71.33
N LEU O 357 -20.30 81.97 70.93
CA LEU O 357 -19.57 81.05 70.09
C LEU O 357 -19.18 79.79 70.85
N SER O 358 -18.86 79.90 72.14
CA SER O 358 -18.55 78.73 72.97
C SER O 358 -19.73 77.78 73.01
N TYR O 359 -20.95 78.31 73.14
CA TYR O 359 -22.15 77.49 73.14
C TYR O 359 -22.37 76.85 71.78
N GLN O 360 -22.17 77.58 70.68
CA GLN O 360 -22.29 77.01 69.34
C GLN O 360 -21.33 75.85 69.15
N LEU O 361 -20.09 75.96 69.61
CA LEU O 361 -19.09 74.91 69.49
C LEU O 361 -19.40 73.74 70.43
N LEU O 362 -19.88 74.00 71.63
CA LEU O 362 -20.24 72.97 72.59
C LEU O 362 -21.29 72.03 72.03
N LEU O 363 -22.39 72.55 71.51
CA LEU O 363 -23.45 71.71 70.98
C LEU O 363 -23.00 70.80 69.85
N ASP O 364 -22.03 71.20 69.05
CA ASP O 364 -21.51 70.37 67.95
C ASP O 364 -20.80 69.14 68.50
N SER O 365 -20.16 69.26 69.65
CA SER O 365 -19.50 68.13 70.28
C SER O 365 -20.45 67.25 71.07
N LEU O 366 -21.50 67.83 71.66
CA LEU O 366 -22.46 67.10 72.47
C LEU O 366 -23.44 66.31 71.63
N GLY O 367 -23.76 66.76 70.44
CA GLY O 367 -24.70 66.04 69.60
C GLY O 367 -24.65 66.48 68.17
N ASP O 368 -25.62 66.01 67.41
CA ASP O 368 -25.71 66.21 65.98
C ASP O 368 -26.44 67.52 65.64
N ARG O 369 -25.71 68.57 65.29
CA ARG O 369 -26.29 69.86 64.92
C ARG O 369 -27.18 69.79 63.67
N THR O 370 -27.19 68.69 62.92
CA THR O 370 -28.03 68.57 61.72
C THR O 370 -29.50 68.28 62.05
N ARG O 371 -29.86 68.12 63.33
CA ARG O 371 -31.22 67.90 63.81
C ARG O 371 -31.81 69.17 64.40
N TYR O 372 -32.91 69.66 63.85
CA TYR O 372 -33.54 70.89 64.32
C TYR O 372 -34.41 70.62 65.55
N PHE O 373 -34.30 71.45 66.58
CA PHE O 373 -35.12 71.40 67.77
C PHE O 373 -35.80 72.77 67.97
N SER O 374 -37.13 72.84 67.90
CA SER O 374 -37.81 74.13 67.94
C SER O 374 -37.75 74.81 69.31
N MET O 375 -37.64 74.06 70.41
CA MET O 375 -37.76 74.67 71.73
C MET O 375 -36.70 75.74 71.94
N TRP O 376 -35.43 75.42 71.70
CA TRP O 376 -34.34 76.39 71.78
C TRP O 376 -34.09 77.14 70.48
N ASN O 377 -34.94 77.02 69.46
CA ASN O 377 -34.72 77.57 68.12
C ASN O 377 -33.37 77.14 67.54
N SER O 378 -32.97 75.91 67.84
CA SER O 378 -31.76 75.29 67.33
C SER O 378 -32.00 74.73 65.94
N ALA O 379 -31.39 75.32 64.94
CA ALA O 379 -31.44 74.92 63.55
C ALA O 379 -30.29 75.66 62.89
N VAL O 380 -29.17 74.97 62.78
CA VAL O 380 -27.89 75.51 62.34
C VAL O 380 -27.83 76.15 60.96
N ASP O 381 -27.17 77.28 60.85
CA ASP O 381 -26.94 77.96 59.60
C ASP O 381 -26.19 77.06 58.62
N SER O 382 -26.58 77.07 57.35
CA SER O 382 -25.99 76.27 56.30
C SER O 382 -26.14 76.93 54.93
N TYR O 383 -25.51 76.35 53.92
CA TYR O 383 -25.63 76.78 52.53
C TYR O 383 -25.78 75.54 51.66
N ASP O 384 -26.36 75.67 50.49
CA ASP O 384 -26.49 74.54 49.57
C ASP O 384 -25.08 74.21 49.05
N PRO O 385 -24.52 73.01 49.29
CA PRO O 385 -23.15 72.75 48.88
C PRO O 385 -22.95 72.77 47.37
N ASP O 386 -24.00 72.66 46.57
CA ASP O 386 -23.90 72.75 45.11
C ASP O 386 -23.91 74.20 44.63
N VAL O 387 -24.18 75.15 45.53
CA VAL O 387 -24.21 76.59 45.26
C VAL O 387 -22.92 77.27 45.70
N ARG O 388 -22.32 76.83 46.81
CA ARG O 388 -21.05 77.40 47.27
C ARG O 388 -19.94 77.12 46.28
N ILE O 389 -19.85 75.88 45.83
CA ILE O 389 -18.89 75.41 44.84
C ILE O 389 -19.71 74.87 43.68
N ILE O 390 -19.72 75.58 42.58
CA ILE O 390 -20.50 75.20 41.41
C ILE O 390 -19.84 74.01 40.73
N GLU O 391 -20.60 72.93 40.59
CA GLU O 391 -20.20 71.69 39.93
C GLU O 391 -20.85 71.64 38.55
N ASN O 392 -20.36 72.41 37.60
CA ASN O 392 -21.00 72.57 36.30
C ASN O 392 -20.83 71.45 35.25
N HIS O 393 -21.43 70.30 35.47
CA HIS O 393 -21.42 69.20 34.48
C HIS O 393 -22.48 69.34 33.38
N GLY O 394 -22.91 70.55 33.06
CA GLY O 394 -23.87 70.79 31.98
C GLY O 394 -25.26 70.17 32.19
N VAL O 395 -25.94 69.84 31.09
CA VAL O 395 -27.31 69.32 31.08
C VAL O 395 -27.56 68.15 30.15
N GLU O 396 -28.37 67.17 30.56
CA GLU O 396 -28.72 65.98 29.76
C GLU O 396 -29.80 66.34 28.71
N ASP O 397 -29.44 67.16 27.73
CA ASP O 397 -30.34 67.67 26.69
C ASP O 397 -30.18 67.03 25.29
N GLU O 398 -29.75 65.77 25.18
CA GLU O 398 -29.58 65.09 23.89
C GLU O 398 -30.85 64.96 23.06
N LEU O 399 -32.02 65.00 23.68
CA LEU O 399 -33.31 64.78 23.05
C LEU O 399 -34.14 66.07 23.11
N PRO O 400 -34.64 66.58 21.98
CA PRO O 400 -35.40 67.83 21.92
C PRO O 400 -36.79 67.71 22.55
N ASN O 401 -37.25 68.78 23.18
CA ASN O 401 -38.57 68.85 23.79
C ASN O 401 -39.45 69.78 22.96
N TYR O 402 -40.69 69.40 22.69
CA TYR O 402 -41.62 70.17 21.87
C TYR O 402 -42.90 70.55 22.59
N CYS O 403 -43.42 71.71 22.25
CA CYS O 403 -44.71 72.24 22.68
C CYS O 403 -45.60 72.14 21.42
N PHE O 404 -46.80 71.59 21.55
CA PHE O 404 -47.71 71.33 20.43
C PHE O 404 -49.07 72.05 20.56
N PRO O 405 -49.77 72.33 19.45
CA PRO O 405 -51.10 72.96 19.43
C PRO O 405 -52.11 72.18 20.26
N LEU O 406 -53.08 72.84 20.89
CA LEU O 406 -54.10 72.15 21.70
C LEU O 406 -54.93 71.17 20.88
N ASN O 407 -55.14 71.45 19.60
CA ASN O 407 -55.88 70.58 18.69
C ASN O 407 -55.00 69.53 18.02
N GLY O 408 -53.80 69.29 18.52
CA GLY O 408 -52.85 68.33 17.97
C GLY O 408 -52.13 68.81 16.72
N THR O 409 -52.84 69.16 15.65
CA THR O 409 -52.26 69.56 14.35
C THR O 409 -51.88 71.02 14.12
N GLY O 410 -52.54 72.00 14.75
CA GLY O 410 -52.29 73.41 14.45
C GLY O 410 -53.35 73.97 13.50
N THR O 411 -53.06 75.08 12.84
CA THR O 411 -54.00 75.70 11.89
C THR O 411 -54.07 74.90 10.59
N ASN O 412 -55.11 74.09 10.47
CA ASN O 412 -55.36 73.29 9.27
C ASN O 412 -55.90 74.08 8.07
N SER O 413 -55.52 73.66 6.87
CA SER O 413 -56.17 74.15 5.66
C SER O 413 -57.44 73.31 5.49
N THR O 414 -58.26 73.57 4.47
CA THR O 414 -59.53 72.87 4.28
C THR O 414 -59.68 72.25 2.91
N TYR O 415 -60.24 71.04 2.84
CA TYR O 415 -60.27 70.18 1.67
C TYR O 415 -61.66 69.63 1.38
N GLN O 416 -61.95 69.31 0.12
CA GLN O 416 -63.18 68.67 -0.32
C GLN O 416 -62.96 67.21 -0.71
N GLY O 417 -63.87 66.32 -0.37
CA GLY O 417 -63.77 64.93 -0.79
C GLY O 417 -64.00 64.79 -2.30
N VAL O 418 -63.23 63.92 -2.96
CA VAL O 418 -63.31 63.64 -4.40
C VAL O 418 -63.34 62.14 -4.66
N LYS O 419 -63.67 61.72 -5.87
CA LYS O 419 -63.76 60.31 -6.25
C LYS O 419 -63.34 60.10 -7.69
N VAL O 420 -62.83 58.93 -8.00
CA VAL O 420 -62.46 58.59 -9.38
C VAL O 420 -63.71 58.76 -10.25
N LYS O 421 -63.62 59.50 -11.35
CA LYS O 421 -64.77 59.82 -12.22
C LYS O 421 -65.37 58.59 -12.89
N THR O 422 -66.51 58.13 -12.35
CA THR O 422 -67.31 56.97 -12.80
C THR O 422 -66.58 55.63 -12.95
N GLY O 423 -65.39 55.46 -12.35
CA GLY O 423 -64.61 54.21 -12.42
C GLY O 423 -63.86 53.94 -13.73
N GLN O 424 -64.53 54.07 -14.88
CA GLN O 424 -63.94 53.83 -16.20
C GLN O 424 -62.78 54.81 -16.51
N ASP O 425 -61.67 54.29 -17.05
CA ASP O 425 -60.46 55.03 -17.45
C ASP O 425 -59.82 55.93 -16.36
N GLY O 426 -59.98 55.57 -15.09
CA GLY O 426 -59.40 56.33 -13.97
C GLY O 426 -57.87 56.26 -13.84
N ALA O 427 -57.16 55.50 -14.68
CA ALA O 427 -55.71 55.41 -14.64
C ALA O 427 -55.09 56.78 -15.00
N GLU O 428 -54.15 57.27 -14.19
CA GLU O 428 -53.50 58.59 -14.34
C GLU O 428 -54.48 59.75 -14.61
N GLU O 429 -55.69 59.66 -14.02
CA GLU O 429 -56.76 60.64 -14.17
C GLU O 429 -56.40 62.00 -13.55
N THR O 430 -56.39 63.05 -14.38
CA THR O 430 -56.40 64.45 -13.91
C THR O 430 -57.82 65.01 -13.73
N GLU O 431 -58.83 64.24 -14.12
CA GLU O 431 -60.25 64.59 -14.21
C GLU O 431 -61.12 63.79 -13.22
N TRP O 432 -60.86 63.89 -11.91
CA TRP O 432 -61.68 63.24 -10.88
C TRP O 432 -63.06 63.91 -10.79
N ASP O 433 -64.07 63.26 -10.22
CA ASP O 433 -65.33 63.94 -9.90
C ASP O 433 -65.36 64.33 -8.42
N LYS O 434 -66.12 65.36 -8.05
CA LYS O 434 -66.38 65.71 -6.65
C LYS O 434 -67.27 64.64 -6.00
N ASP O 435 -67.03 64.29 -4.75
CA ASP O 435 -67.85 63.30 -4.06
C ASP O 435 -68.98 63.95 -3.25
N GLU O 436 -70.24 63.70 -3.62
CA GLU O 436 -71.40 64.27 -2.92
C GLU O 436 -71.63 63.65 -1.53
N THR O 437 -71.03 62.49 -1.25
CA THR O 437 -71.17 61.80 0.04
C THR O 437 -70.16 62.27 1.08
N VAL O 438 -69.23 63.18 0.74
CA VAL O 438 -68.20 63.70 1.65
C VAL O 438 -68.24 65.22 1.70
N ALA O 439 -68.08 65.78 2.90
CA ALA O 439 -68.29 67.18 3.17
C ALA O 439 -67.40 68.09 2.32
N ARG O 440 -67.86 69.33 2.14
CA ARG O 440 -67.15 70.33 1.37
C ARG O 440 -65.92 70.87 2.10
N GLN O 441 -65.85 70.75 3.43
CA GLN O 441 -64.82 71.39 4.25
C GLN O 441 -64.17 70.49 5.31
N ASN O 442 -63.40 69.50 4.89
CA ASN O 442 -62.64 68.61 5.75
C ASN O 442 -61.36 69.33 6.21
N GLN O 443 -61.12 69.52 7.51
CA GLN O 443 -59.90 70.17 8.00
C GLN O 443 -58.75 69.17 8.09
N ILE O 444 -57.72 69.31 7.26
CA ILE O 444 -56.56 68.39 7.26
C ILE O 444 -55.25 69.17 7.18
N ALA O 445 -54.27 68.83 8.02
CA ALA O 445 -52.91 69.38 7.89
C ALA O 445 -52.03 68.47 7.04
N LYS O 446 -51.32 69.00 6.05
CA LYS O 446 -50.24 68.29 5.37
C LYS O 446 -48.98 68.24 6.23
N GLY O 447 -48.20 67.17 6.12
CA GLY O 447 -46.92 67.03 6.80
C GLY O 447 -46.97 66.90 8.32
N ASN O 448 -45.83 67.11 8.95
CA ASN O 448 -45.68 67.03 10.40
C ASN O 448 -46.55 68.09 11.11
N VAL O 449 -46.97 67.81 12.33
CA VAL O 449 -47.78 68.75 13.12
C VAL O 449 -47.03 70.04 13.44
N TYR O 450 -47.73 71.17 13.54
CA TYR O 450 -47.05 72.41 13.92
C TYR O 450 -46.43 72.23 15.30
N ALA O 451 -45.28 72.82 15.55
CA ALA O 451 -44.59 72.70 16.82
C ALA O 451 -43.60 73.84 17.04
N MET O 452 -43.22 74.01 18.29
CA MET O 452 -42.19 74.92 18.76
C MET O 452 -41.33 74.08 19.68
N GLU O 453 -40.06 74.44 19.83
CA GLU O 453 -39.08 73.65 20.56
C GLU O 453 -38.39 74.47 21.67
N ILE O 454 -38.16 73.84 22.81
CA ILE O 454 -37.57 74.41 24.01
C ILE O 454 -36.51 73.50 24.62
N ASN O 455 -35.36 74.03 25.04
CA ASN O 455 -34.37 73.22 25.75
C ASN O 455 -34.73 73.28 27.24
N LEU O 456 -35.61 72.41 27.73
CA LEU O 456 -36.03 72.46 29.14
C LEU O 456 -34.88 72.34 30.12
N GLN O 457 -33.93 71.45 29.86
CA GLN O 457 -32.84 71.24 30.79
C GLN O 457 -31.96 72.47 30.89
N ALA O 458 -31.59 73.10 29.77
CA ALA O 458 -30.79 74.33 29.82
C ALA O 458 -31.54 75.44 30.55
N ASN O 459 -32.85 75.54 30.36
CA ASN O 459 -33.66 76.54 31.04
C ASN O 459 -33.65 76.31 32.55
N LEU O 460 -33.83 75.08 33.02
CA LEU O 460 -33.81 74.74 34.44
C LEU O 460 -32.43 74.97 35.04
N TRP O 461 -31.35 74.69 34.31
CA TRP O 461 -30.01 74.92 34.83
C TRP O 461 -29.74 76.41 34.97
N LYS O 462 -30.06 77.24 33.96
CA LYS O 462 -29.90 78.69 34.07
C LYS O 462 -30.80 79.27 35.16
N SER O 463 -32.03 78.76 35.32
CA SER O 463 -32.97 79.15 36.37
C SER O 463 -32.40 78.90 37.76
N PHE O 464 -31.72 77.76 37.94
CA PHE O 464 -30.95 77.48 39.13
C PHE O 464 -29.79 78.45 39.29
N LEU O 465 -28.88 78.57 38.32
CA LEU O 465 -27.72 79.46 38.44
C LEU O 465 -28.06 80.94 38.66
N TYR O 466 -29.03 81.50 37.97
CA TYR O 466 -29.34 82.91 38.11
C TYR O 466 -29.85 83.26 39.50
N SER O 467 -30.92 82.63 39.95
CA SER O 467 -31.49 82.90 41.25
C SER O 467 -30.58 82.49 42.41
N ASN O 468 -29.79 81.42 42.29
CA ASN O 468 -28.94 80.98 43.38
C ASN O 468 -27.53 81.56 43.37
N VAL O 469 -27.04 82.10 42.26
CA VAL O 469 -25.68 82.65 42.21
C VAL O 469 -25.63 84.05 41.66
N ALA O 470 -26.22 84.33 40.49
CA ALA O 470 -26.13 85.67 39.92
C ALA O 470 -26.66 86.74 40.86
N LEU O 471 -27.81 86.54 41.48
CA LEU O 471 -28.37 87.53 42.39
C LEU O 471 -27.52 87.77 43.63
N TYR O 472 -26.59 86.89 43.97
CA TYR O 472 -25.74 87.06 45.14
C TYR O 472 -24.36 87.64 44.80
N LEU O 473 -24.08 87.96 43.52
CA LEU O 473 -22.79 88.57 43.18
C LEU O 473 -22.67 89.93 43.90
N PRO O 474 -21.45 90.39 44.24
CA PRO O 474 -21.25 91.66 44.91
C PRO O 474 -21.92 92.79 44.15
N ASP O 475 -22.38 93.82 44.85
CA ASP O 475 -23.07 94.95 44.21
C ASP O 475 -22.27 95.64 43.09
N SER O 476 -20.95 95.55 43.09
CA SER O 476 -20.12 96.13 42.03
C SER O 476 -20.29 95.44 40.67
N TYR O 477 -20.88 94.24 40.62
CA TYR O 477 -21.17 93.50 39.37
C TYR O 477 -22.52 93.85 38.77
N LYS O 478 -23.41 94.43 39.57
CA LYS O 478 -24.76 94.89 39.19
C LYS O 478 -24.73 96.30 38.61
N TYR O 479 -25.87 96.74 38.12
CA TYR O 479 -26.11 98.09 37.63
C TYR O 479 -27.56 98.48 37.90
N THR O 480 -27.88 99.77 37.85
CA THR O 480 -29.25 100.26 38.08
C THR O 480 -29.92 100.46 36.73
N PRO O 481 -31.15 99.96 36.50
CA PRO O 481 -31.82 100.10 35.21
C PRO O 481 -31.90 101.53 34.71
N ALA O 482 -32.19 101.68 33.42
CA ALA O 482 -32.22 102.97 32.72
C ALA O 482 -33.08 104.06 33.36
N ASN O 483 -34.29 103.74 33.80
CA ASN O 483 -35.24 104.70 34.36
C ASN O 483 -35.90 104.23 35.66
N VAL O 484 -35.11 103.68 36.57
CA VAL O 484 -35.57 103.21 37.88
C VAL O 484 -34.75 103.91 38.97
N THR O 485 -35.42 104.38 40.02
CA THR O 485 -34.79 105.10 41.15
C THR O 485 -34.79 104.25 42.40
N LEU O 486 -33.64 104.14 43.04
CA LEU O 486 -33.38 103.37 44.25
C LEU O 486 -32.95 104.28 45.41
N PRO O 487 -33.31 103.99 46.66
CA PRO O 487 -32.86 104.77 47.80
C PRO O 487 -31.34 104.88 47.86
N ALA O 488 -30.80 105.97 48.37
CA ALA O 488 -29.34 106.12 48.47
C ALA O 488 -28.69 105.16 49.47
N ASN O 489 -29.46 104.63 50.41
CA ASN O 489 -28.97 103.69 51.41
C ASN O 489 -28.85 102.27 50.81
N THR O 490 -27.63 101.87 50.46
CA THR O 490 -27.31 100.57 49.86
C THR O 490 -27.56 99.35 50.75
N ASN O 491 -28.04 99.52 51.99
CA ASN O 491 -28.38 98.44 52.91
C ASN O 491 -29.89 98.20 52.98
N THR O 492 -30.71 99.03 52.33
CA THR O 492 -32.16 98.87 52.27
C THR O 492 -32.56 97.68 51.42
N TYR O 493 -33.77 97.17 51.60
CA TYR O 493 -34.27 96.10 50.74
C TYR O 493 -34.54 96.62 49.34
N GLU O 494 -35.11 97.81 49.21
CA GLU O 494 -35.40 98.42 47.92
C GLU O 494 -34.18 98.49 47.02
N TYR O 495 -33.04 98.92 47.54
CA TYR O 495 -31.81 98.96 46.78
C TYR O 495 -31.40 97.53 46.38
N MET O 496 -31.27 96.63 47.35
CA MET O 496 -30.88 95.24 47.09
C MET O 496 -31.81 94.50 46.12
N ASN O 497 -33.07 94.90 46.06
CA ASN O 497 -34.11 94.31 45.23
C ASN O 497 -34.22 94.94 43.83
N GLY O 498 -33.93 96.23 43.67
CA GLY O 498 -34.05 96.92 42.39
C GLY O 498 -32.83 96.87 41.46
N ARG O 499 -31.62 96.62 41.98
CA ARG O 499 -30.40 96.51 41.16
C ARG O 499 -30.50 95.32 40.21
N VAL O 500 -29.91 95.39 39.02
CA VAL O 500 -29.96 94.29 38.03
C VAL O 500 -28.59 93.68 37.80
N VAL O 501 -28.55 92.35 37.71
CA VAL O 501 -27.35 91.57 37.41
C VAL O 501 -27.59 90.86 36.10
N ALA O 502 -26.64 90.95 35.18
CA ALA O 502 -26.74 90.34 33.88
C ALA O 502 -26.71 88.80 33.96
N PRO O 503 -27.66 88.07 33.35
CA PRO O 503 -27.65 86.63 33.36
C PRO O 503 -26.45 85.99 32.67
N SER O 504 -25.63 86.76 31.94
CA SER O 504 -24.44 86.24 31.26
C SER O 504 -23.26 86.16 32.24
N LEU O 505 -23.27 86.91 33.35
CA LEU O 505 -22.34 86.64 34.44
C LEU O 505 -22.84 85.32 34.98
N VAL O 506 -21.98 84.37 35.31
CA VAL O 506 -22.43 83.07 35.81
C VAL O 506 -23.55 82.39 34.98
N ASP O 507 -23.33 82.26 33.67
CA ASP O 507 -24.26 81.60 32.74
C ASP O 507 -24.05 80.07 32.74
N ALA O 508 -24.84 79.30 32.01
CA ALA O 508 -24.72 77.85 31.93
C ALA O 508 -23.32 77.36 31.54
N TYR O 509 -22.57 78.12 30.75
CA TYR O 509 -21.20 77.79 30.33
C TYR O 509 -20.11 78.21 31.32
N ILE O 510 -20.44 78.78 32.48
CA ILE O 510 -19.44 79.20 33.45
C ILE O 510 -18.59 78.02 33.95
N ASN O 511 -17.26 78.06 33.75
CA ASN O 511 -16.33 77.00 34.17
C ASN O 511 -16.89 75.60 33.89
N ILE O 512 -17.42 75.38 32.70
CA ILE O 512 -18.08 74.12 32.37
C ILE O 512 -17.12 72.95 32.50
N GLY O 513 -17.56 71.96 33.25
CA GLY O 513 -16.85 70.75 33.62
C GLY O 513 -15.99 70.85 34.87
N ALA O 514 -16.02 71.94 35.65
CA ALA O 514 -15.19 72.09 36.86
C ALA O 514 -15.97 72.27 38.16
N ARG O 515 -15.37 71.85 39.28
CA ARG O 515 -15.85 72.19 40.62
C ARG O 515 -15.11 73.47 40.96
N TRP O 516 -15.75 74.62 40.87
CA TRP O 516 -15.02 75.86 41.09
C TRP O 516 -15.94 76.97 41.58
N SER O 517 -15.73 77.45 42.80
CA SER O 517 -16.45 78.60 43.35
C SER O 517 -16.00 79.86 42.59
N LEU O 518 -16.91 80.76 42.22
CA LEU O 518 -16.51 81.97 41.49
C LEU O 518 -15.54 82.80 42.33
N ASP O 519 -14.48 83.35 41.74
CA ASP O 519 -13.55 84.18 42.51
C ASP O 519 -14.21 85.34 43.24
N PRO O 520 -15.25 86.04 42.73
CA PRO O 520 -15.89 87.09 43.51
C PRO O 520 -16.72 86.56 44.67
N MET O 521 -17.16 85.30 44.62
CA MET O 521 -18.04 84.70 45.62
C MET O 521 -17.30 84.06 46.80
N ASP O 522 -16.01 83.73 46.70
CA ASP O 522 -15.29 83.14 47.84
C ASP O 522 -15.36 83.99 49.10
N ASN O 523 -15.37 85.31 48.88
CA ASN O 523 -15.38 86.35 49.89
C ASN O 523 -16.78 86.95 50.16
N VAL O 524 -17.84 86.32 49.69
CA VAL O 524 -19.24 86.70 49.95
C VAL O 524 -19.77 85.69 50.97
N ASN O 525 -20.43 86.15 52.02
CA ASN O 525 -20.93 85.27 53.07
C ASN O 525 -21.92 84.24 52.50
N PRO O 526 -21.62 82.94 52.56
CA PRO O 526 -22.48 81.93 51.98
C PRO O 526 -23.72 81.64 52.81
N PHE O 527 -23.75 82.00 54.09
CA PHE O 527 -24.90 81.78 54.96
C PHE O 527 -26.00 82.82 54.70
N ASN O 528 -25.69 83.98 54.12
CA ASN O 528 -26.66 84.99 53.73
C ASN O 528 -27.27 84.58 52.38
N HIS O 529 -28.04 83.51 52.34
CA HIS O 529 -28.60 82.92 51.13
C HIS O 529 -30.00 82.42 51.41
N HIS O 530 -30.84 82.35 50.39
CA HIS O 530 -32.22 81.91 50.56
C HIS O 530 -32.34 80.39 50.68
N ARG O 531 -31.35 79.61 50.28
CA ARG O 531 -31.29 78.16 50.54
C ARG O 531 -30.64 77.77 51.87
N ASN O 532 -30.46 78.71 52.79
CA ASN O 532 -29.91 78.42 54.12
C ASN O 532 -31.01 77.68 54.87
N ALA O 533 -31.03 76.35 54.82
CA ALA O 533 -32.13 75.57 55.38
C ALA O 533 -32.33 75.79 56.87
N GLY O 534 -31.29 76.13 57.60
CA GLY O 534 -31.44 76.43 59.01
C GLY O 534 -32.31 77.67 59.16
N LEU O 535 -31.94 78.75 58.48
CA LEU O 535 -32.68 80.00 58.49
C LEU O 535 -34.10 79.80 57.98
N ARG O 536 -34.30 79.11 56.86
CA ARG O 536 -35.64 78.85 56.34
C ARG O 536 -36.51 78.24 57.42
N TYR O 537 -36.05 77.21 58.11
CA TYR O 537 -36.80 76.61 59.19
C TYR O 537 -37.10 77.62 60.28
N ARG O 538 -36.10 78.29 60.84
CA ARG O 538 -36.29 79.30 61.88
C ARG O 538 -37.21 80.44 61.48
N SER O 539 -37.33 80.72 60.19
CA SER O 539 -38.24 81.74 59.69
C SER O 539 -39.66 81.19 59.53
N MET O 540 -39.83 80.05 58.88
CA MET O 540 -41.11 79.39 58.70
C MET O 540 -41.73 78.85 59.98
N LEU O 541 -40.93 78.64 61.03
CA LEU O 541 -41.36 78.18 62.34
C LEU O 541 -42.19 79.20 63.11
N LEU O 542 -41.93 80.48 62.87
CA LEU O 542 -42.71 81.60 63.41
C LEU O 542 -44.01 81.82 62.64
N GLY O 543 -44.01 81.56 61.34
CA GLY O 543 -45.15 81.75 60.46
C GLY O 543 -44.75 82.43 59.17
N ASN O 544 -45.68 82.57 58.24
CA ASN O 544 -45.43 83.18 56.93
C ASN O 544 -45.79 84.66 56.80
N GLY O 545 -46.48 85.26 57.77
CA GLY O 545 -46.82 86.69 57.73
C GLY O 545 -45.77 87.57 58.36
N ARG O 546 -45.78 88.87 58.08
CA ARG O 546 -44.83 89.80 58.70
C ARG O 546 -45.10 90.05 60.17
N TYR O 547 -46.35 90.05 60.64
CA TYR O 547 -46.65 90.29 62.05
C TYR O 547 -46.76 88.96 62.77
N VAL O 548 -46.08 88.79 63.89
CA VAL O 548 -46.07 87.50 64.58
C VAL O 548 -46.15 87.60 66.10
N PRO O 549 -47.26 87.23 66.75
CA PRO O 549 -47.35 87.18 68.19
C PRO O 549 -46.56 85.93 68.60
N PHE O 550 -45.33 86.07 69.09
CA PHE O 550 -44.44 84.94 69.38
C PHE O 550 -44.49 84.54 70.85
N HIS O 551 -44.01 83.34 71.13
CA HIS O 551 -43.87 82.76 72.45
C HIS O 551 -42.71 81.80 72.39
N ILE O 552 -41.68 82.00 73.21
CA ILE O 552 -40.40 81.29 73.09
C ILE O 552 -39.83 80.95 74.45
N GLN O 553 -39.02 79.89 74.50
CA GLN O 553 -38.23 79.52 75.66
C GLN O 553 -36.75 79.78 75.35
N VAL O 554 -36.04 80.59 76.14
CA VAL O 554 -34.61 80.92 75.90
C VAL O 554 -33.70 80.25 76.94
N PRO O 555 -32.66 79.52 76.54
CA PRO O 555 -31.76 78.80 77.45
C PRO O 555 -30.58 79.62 77.98
N GLN O 556 -30.12 79.31 79.20
CA GLN O 556 -28.96 79.95 79.82
C GLN O 556 -27.65 79.45 79.22
N LYS O 557 -26.87 80.30 78.55
CA LYS O 557 -25.60 79.92 77.93
C LYS O 557 -24.36 80.17 78.76
N PHE O 558 -24.41 80.97 79.83
CA PHE O 558 -23.19 81.31 80.56
C PHE O 558 -22.60 80.10 81.30
N PHE O 559 -21.33 79.80 81.01
CA PHE O 559 -20.66 78.60 81.50
C PHE O 559 -20.62 78.41 83.02
N ALA O 560 -20.41 79.46 83.82
CA ALA O 560 -20.35 79.31 85.27
C ALA O 560 -21.66 78.90 85.93
N ILE O 561 -22.80 79.07 85.28
CA ILE O 561 -24.09 78.74 85.89
C ILE O 561 -24.98 77.82 85.06
N LYS O 562 -24.79 77.64 83.76
CA LYS O 562 -25.68 76.82 82.92
C LYS O 562 -25.85 75.35 83.34
N ASN O 563 -24.97 74.80 84.16
CA ASN O 563 -25.06 73.43 84.68
C ASN O 563 -24.98 73.38 86.23
N LEU O 564 -24.93 74.52 86.93
CA LEU O 564 -24.78 74.58 88.37
C LEU O 564 -25.94 73.86 89.07
N LEU O 565 -25.64 72.94 89.97
CA LEU O 565 -26.65 72.35 90.84
C LEU O 565 -26.81 73.28 92.03
N LEU O 566 -27.81 74.13 91.96
CA LEU O 566 -28.12 75.14 92.96
C LEU O 566 -28.80 74.53 94.19
N LEU O 567 -28.11 74.56 95.32
CA LEU O 567 -28.60 74.03 96.58
C LEU O 567 -29.64 74.98 97.21
N PRO O 568 -30.42 74.53 98.20
CA PRO O 568 -31.44 75.33 98.85
C PRO O 568 -31.05 76.75 99.27
N GLY O 569 -31.97 77.68 99.06
CA GLY O 569 -31.84 79.10 99.35
C GLY O 569 -32.62 79.98 98.39
N SER O 570 -32.69 81.29 98.66
CA SER O 570 -33.32 82.28 97.77
C SER O 570 -32.21 83.01 97.02
N TYR O 571 -32.32 83.19 95.70
CA TYR O 571 -31.30 83.86 94.91
C TYR O 571 -31.88 84.91 93.99
N THR O 572 -31.32 86.10 93.95
CA THR O 572 -31.72 87.14 93.00
C THR O 572 -31.21 86.68 91.66
N TYR O 573 -32.03 86.74 90.62
CA TYR O 573 -31.63 86.32 89.28
C TYR O 573 -32.16 87.35 88.27
N GLU O 574 -31.28 88.20 87.73
CA GLU O 574 -31.63 89.21 86.72
C GLU O 574 -30.94 88.94 85.41
N TRP O 575 -31.59 89.22 84.30
CA TRP O 575 -30.92 89.17 83.02
C TRP O 575 -31.44 90.28 82.12
N ASN O 576 -30.59 90.69 81.19
CA ASN O 576 -30.88 91.71 80.21
C ASN O 576 -31.12 91.06 78.85
N PHE O 577 -32.13 91.51 78.15
CA PHE O 577 -32.50 91.04 76.83
C PHE O 577 -32.45 92.18 75.84
N ARG O 578 -32.02 91.96 74.60
CA ARG O 578 -31.99 93.01 73.58
C ARG O 578 -33.35 93.26 72.95
N LYS O 579 -33.51 94.42 72.31
CA LYS O 579 -34.64 94.75 71.42
C LYS O 579 -34.11 95.07 70.00
N ASP O 580 -32.80 95.08 69.80
CA ASP O 580 -32.16 95.39 68.53
C ASP O 580 -32.42 94.31 67.49
N VAL O 581 -33.30 94.60 66.53
CA VAL O 581 -33.64 93.66 65.47
C VAL O 581 -32.46 93.22 64.63
N ASN O 582 -31.41 94.02 64.48
CA ASN O 582 -30.25 93.57 63.73
C ASN O 582 -29.53 92.44 64.49
N MET O 583 -29.53 92.48 65.82
CA MET O 583 -28.94 91.46 66.67
C MET O 583 -29.84 90.25 66.89
N ILE O 584 -31.10 90.49 67.22
CA ILE O 584 -32.10 89.47 67.58
C ILE O 584 -32.52 88.60 66.43
N LEU O 585 -32.76 89.20 65.27
CA LEU O 585 -33.19 88.51 64.08
C LEU O 585 -32.02 88.31 63.11
N GLN O 586 -32.26 87.51 62.09
CA GLN O 586 -31.35 87.26 60.98
C GLN O 586 -32.15 87.35 59.71
N SER O 587 -31.59 87.90 58.65
CA SER O 587 -32.25 88.00 57.36
C SER O 587 -31.41 87.32 56.30
N SER O 588 -32.06 86.72 55.31
CA SER O 588 -31.37 86.04 54.23
C SER O 588 -30.53 86.99 53.38
N LEU O 589 -30.98 88.22 53.12
CA LEU O 589 -30.18 89.19 52.36
C LEU O 589 -29.13 89.91 53.20
N GLY O 590 -29.35 89.96 54.51
CA GLY O 590 -28.50 90.66 55.45
C GLY O 590 -28.78 92.16 55.52
N ASN O 591 -29.88 92.62 54.92
CA ASN O 591 -30.30 94.02 54.91
C ASN O 591 -30.46 94.62 56.31
N ASP O 592 -30.32 95.93 56.44
CA ASP O 592 -30.58 96.57 57.72
C ASP O 592 -32.05 96.38 58.09
N LEU O 593 -32.39 96.08 59.35
CA LEU O 593 -33.78 95.91 59.75
C LEU O 593 -34.26 97.05 60.64
N ARG O 594 -33.39 97.97 61.06
CA ARG O 594 -33.84 99.15 61.80
C ARG O 594 -34.45 100.06 60.76
N VAL O 595 -33.76 100.26 59.63
CA VAL O 595 -34.38 100.81 58.43
C VAL O 595 -35.24 99.62 57.97
N ASP O 596 -36.35 99.79 57.28
CA ASP O 596 -37.31 98.69 57.02
C ASP O 596 -38.21 98.43 58.24
N GLY O 597 -38.01 99.15 59.35
CA GLY O 597 -38.88 99.14 60.50
C GLY O 597 -39.29 97.82 61.17
N ALA O 598 -38.45 96.78 61.21
CA ALA O 598 -38.84 95.60 61.99
C ALA O 598 -38.89 96.00 63.48
N SER O 599 -39.70 95.37 64.33
CA SER O 599 -39.73 95.72 65.75
C SER O 599 -40.15 94.55 66.65
N VAL O 600 -39.82 94.66 67.93
CA VAL O 600 -40.12 93.68 68.98
C VAL O 600 -40.67 94.29 70.25
N ARG O 601 -41.72 93.70 70.80
CA ARG O 601 -42.26 94.04 72.12
C ARG O 601 -42.22 92.80 72.98
N PHE O 602 -41.81 92.91 74.23
CA PHE O 602 -41.89 91.81 75.17
C PHE O 602 -43.06 92.11 76.10
N ASP O 603 -44.11 91.31 76.08
CA ASP O 603 -45.27 91.53 76.93
C ASP O 603 -45.00 90.96 78.33
N SER O 604 -44.31 89.82 78.43
CA SER O 604 -43.90 89.24 79.71
C SER O 604 -42.70 88.31 79.55
N VAL O 605 -41.88 88.21 80.58
CA VAL O 605 -40.70 87.35 80.66
C VAL O 605 -40.83 86.55 81.96
N ASN O 606 -40.76 85.23 81.94
CA ASN O 606 -40.93 84.38 83.11
C ASN O 606 -39.86 83.30 83.22
N LEU O 607 -39.33 83.05 84.41
CA LEU O 607 -38.34 82.00 84.65
C LEU O 607 -39.11 80.72 84.97
N TYR O 608 -39.02 79.72 84.12
CA TYR O 608 -39.44 78.39 84.50
C TYR O 608 -38.25 77.63 85.06
N ALA O 609 -38.51 76.69 85.95
CA ALA O 609 -37.54 75.83 86.59
C ALA O 609 -38.19 74.46 86.79
N THR O 610 -37.43 73.36 86.73
CA THR O 610 -37.99 72.01 86.94
C THR O 610 -37.12 71.23 87.91
N PHE O 611 -37.77 70.59 88.88
CA PHE O 611 -37.16 69.93 90.03
C PHE O 611 -37.39 68.44 89.93
N PHE O 612 -36.35 67.64 90.11
CA PHE O 612 -36.51 66.22 90.31
C PHE O 612 -37.29 66.03 91.61
N PRO O 613 -38.37 65.25 91.67
CA PRO O 613 -39.21 65.09 92.86
C PRO O 613 -38.52 64.16 93.87
N MET O 614 -37.31 64.49 94.28
CA MET O 614 -36.46 63.67 95.11
C MET O 614 -36.97 63.40 96.52
N ALA O 615 -36.77 62.18 97.03
CA ALA O 615 -37.15 61.82 98.39
C ALA O 615 -36.48 62.84 99.32
N HIS O 616 -37.20 63.40 100.28
CA HIS O 616 -36.67 64.50 101.09
C HIS O 616 -35.42 64.14 101.86
N ASN O 617 -35.32 62.93 102.40
CA ASN O 617 -34.12 62.52 103.14
C ASN O 617 -32.93 62.35 102.21
N THR O 618 -33.14 61.93 100.97
CA THR O 618 -32.08 61.80 99.97
C THR O 618 -31.63 63.17 99.54
N ALA O 619 -32.55 64.12 99.32
CA ALA O 619 -32.22 65.48 98.94
C ALA O 619 -31.46 66.20 100.06
N SER O 620 -31.89 66.04 101.31
CA SER O 620 -31.21 66.61 102.47
C SER O 620 -29.82 66.02 102.62
N THR O 621 -29.66 64.72 102.36
CA THR O 621 -28.35 64.06 102.41
C THR O 621 -27.45 64.61 101.31
N LEU O 622 -27.94 64.71 100.08
CA LEU O 622 -27.15 65.22 98.97
C LEU O 622 -26.73 66.66 99.18
N GLU O 623 -27.61 67.54 99.69
CA GLU O 623 -27.24 68.91 100.02
C GLU O 623 -26.10 68.91 101.02
N ALA O 624 -26.21 68.15 102.11
CA ALA O 624 -25.15 68.12 103.11
C ALA O 624 -23.81 67.67 102.52
N MET O 625 -23.80 66.82 101.50
CA MET O 625 -22.56 66.40 100.85
C MET O 625 -22.04 67.45 99.88
N LEU O 626 -22.92 68.11 99.13
CA LEU O 626 -22.53 69.15 98.18
C LEU O 626 -22.14 70.48 98.85
N ARG O 627 -22.52 70.74 100.10
CA ARG O 627 -22.09 71.93 100.85
C ARG O 627 -20.67 71.80 101.40
N ASN O 628 -20.16 70.59 101.54
CA ASN O 628 -18.83 70.34 102.08
C ASN O 628 -17.79 70.79 101.05
N ASP O 629 -16.81 71.61 101.43
CA ASP O 629 -15.87 72.22 100.47
C ASP O 629 -15.02 71.24 99.68
N THR O 630 -14.96 69.98 100.07
CA THR O 630 -14.26 68.95 99.30
C THR O 630 -14.95 68.75 97.94
N ASN O 631 -16.27 68.92 97.92
CA ASN O 631 -17.18 68.66 96.81
C ASN O 631 -17.67 69.89 96.02
N ASP O 632 -16.91 70.98 96.01
CA ASP O 632 -17.27 72.17 95.24
C ASP O 632 -17.40 71.85 93.75
N GLN O 633 -18.48 72.31 93.13
CA GLN O 633 -18.68 72.09 91.70
C GLN O 633 -17.70 72.98 90.94
N SER O 634 -17.26 72.55 89.78
CA SER O 634 -16.34 73.28 88.94
C SER O 634 -16.71 73.20 87.48
N PHE O 635 -16.57 74.29 86.75
CA PHE O 635 -16.93 74.39 85.34
C PHE O 635 -15.86 75.13 84.56
N ASN O 636 -15.71 74.83 83.29
CA ASN O 636 -14.75 75.48 82.42
C ASN O 636 -15.41 75.79 81.08
N ASP O 637 -15.26 76.99 80.57
CA ASP O 637 -15.84 77.41 79.30
C ASP O 637 -15.37 76.50 78.16
N TYR O 638 -16.20 76.08 77.21
CA TYR O 638 -15.69 75.21 76.14
C TYR O 638 -14.72 75.92 75.23
N LEU O 639 -15.08 77.06 74.66
CA LEU O 639 -14.13 77.86 73.93
C LEU O 639 -13.30 78.66 74.94
N SER O 640 -12.56 78.02 75.86
CA SER O 640 -11.79 78.78 76.83
C SER O 640 -10.60 79.43 76.12
N ALA O 641 -10.66 80.75 75.97
CA ALA O 641 -9.67 81.59 75.30
C ALA O 641 -9.87 83.08 75.57
N ALA O 642 -8.83 83.90 75.42
CA ALA O 642 -8.97 85.34 75.43
C ALA O 642 -9.41 85.68 73.99
N ASN O 643 -10.22 86.71 73.76
CA ASN O 643 -10.77 86.98 72.43
C ASN O 643 -10.36 88.36 71.91
N MET O 644 -9.14 88.47 71.41
CA MET O 644 -8.61 89.69 70.83
C MET O 644 -9.14 89.91 69.39
N LEU O 645 -9.45 91.14 69.01
CA LEU O 645 -9.84 91.50 67.64
C LEU O 645 -8.90 92.62 67.19
N TYR O 646 -8.40 92.59 65.96
CA TYR O 646 -7.49 93.62 65.46
C TYR O 646 -7.93 94.05 64.07
N PRO O 647 -7.94 95.35 63.76
CA PRO O 647 -8.40 95.83 62.48
C PRO O 647 -7.41 95.61 61.33
N ILE O 648 -7.93 95.42 60.14
CA ILE O 648 -7.17 95.24 58.92
C ILE O 648 -7.71 96.26 57.94
N PRO O 649 -7.01 97.37 57.67
CA PRO O 649 -7.46 98.37 56.73
C PRO O 649 -7.74 97.80 55.34
N ALA O 650 -8.61 98.45 54.56
CA ALA O 650 -8.89 98.01 53.21
C ALA O 650 -7.58 97.97 52.43
N LYS O 651 -7.36 96.92 51.63
CA LYS O 651 -6.16 96.67 50.81
C LYS O 651 -4.89 96.34 51.62
N ALA O 652 -4.96 96.08 52.92
CA ALA O 652 -3.78 95.75 53.70
C ALA O 652 -3.44 94.25 53.63
N THR O 653 -2.25 93.93 53.11
CA THR O 653 -1.72 92.57 52.94
C THR O 653 -0.96 92.05 54.15
N ASN O 654 -0.52 92.91 55.07
CA ASN O 654 0.30 92.57 56.21
C ASN O 654 -0.33 93.05 57.52
N VAL O 655 -0.33 92.22 58.55
CA VAL O 655 -0.94 92.52 59.86
C VAL O 655 0.01 92.18 61.01
N PRO O 656 0.85 93.10 61.49
CA PRO O 656 1.76 92.87 62.59
C PRO O 656 1.07 93.12 63.92
N ILE O 657 1.34 92.30 64.92
CA ILE O 657 0.76 92.34 66.25
C ILE O 657 1.80 92.00 67.31
N SER O 658 1.65 92.51 68.52
CA SER O 658 2.49 92.07 69.63
C SER O 658 1.73 92.20 70.92
N ILE O 659 2.10 91.41 71.91
CA ILE O 659 1.55 91.53 73.24
C ILE O 659 2.76 91.67 74.18
N PRO O 660 2.76 92.59 75.14
CA PRO O 660 3.91 92.82 75.99
C PRO O 660 4.18 91.64 76.92
N SER O 661 5.43 91.53 77.38
CA SER O 661 5.93 90.48 78.25
C SER O 661 4.96 90.06 79.34
N ARG O 662 4.62 88.77 79.39
CA ARG O 662 3.67 88.20 80.35
C ARG O 662 3.89 86.71 80.59
N ASN O 663 3.23 86.12 81.59
CA ASN O 663 3.29 84.69 81.88
C ASN O 663 2.57 83.87 80.80
N TRP O 664 3.15 82.76 80.35
CA TRP O 664 2.61 81.83 79.35
C TRP O 664 2.41 80.41 79.91
N ALA O 665 2.60 80.20 81.21
CA ALA O 665 2.39 78.90 81.84
C ALA O 665 0.94 78.44 81.59
N ALA O 666 0.72 77.15 81.34
CA ALA O 666 -0.57 76.56 81.02
C ALA O 666 -1.26 77.12 79.77
N PHE O 667 -0.55 77.82 78.89
CA PHE O 667 -1.04 78.25 77.59
C PHE O 667 -1.38 77.05 76.72
N ARG O 668 -2.37 77.12 75.85
CA ARG O 668 -2.77 76.00 74.98
C ARG O 668 -2.51 76.21 73.49
N GLY O 669 -2.22 77.43 73.05
CA GLY O 669 -1.97 77.75 71.64
C GLY O 669 -2.90 78.80 71.09
N TRP O 670 -2.88 78.96 69.77
CA TRP O 670 -3.66 79.95 69.08
C TRP O 670 -4.74 79.39 68.19
N SER O 671 -5.84 80.09 68.05
CA SER O 671 -6.89 79.83 67.09
C SER O 671 -7.16 81.16 66.41
N PHE O 672 -7.41 81.20 65.11
CA PHE O 672 -7.66 82.48 64.45
C PHE O 672 -8.46 82.36 63.18
N THR O 673 -9.08 83.45 62.79
CA THR O 673 -9.88 83.54 61.56
C THR O 673 -10.09 85.01 61.19
N ARG O 674 -10.81 85.33 60.12
CA ARG O 674 -11.00 86.69 59.63
C ARG O 674 -12.48 87.02 59.50
N LEU O 675 -12.85 88.21 59.93
CA LEU O 675 -14.23 88.69 59.92
C LEU O 675 -14.36 89.97 59.12
N LYS O 676 -15.50 90.25 58.47
CA LYS O 676 -15.69 91.56 57.87
C LYS O 676 -16.02 92.52 58.99
N THR O 677 -15.76 93.83 58.84
CA THR O 677 -16.08 94.74 59.95
C THR O 677 -17.57 95.03 60.00
N LYS O 678 -18.26 95.21 58.87
CA LYS O 678 -19.71 95.50 58.89
C LYS O 678 -20.56 94.33 59.36
N GLU O 679 -20.01 93.13 59.38
CA GLU O 679 -20.68 91.93 59.88
C GLU O 679 -20.42 91.70 61.37
N THR O 680 -19.60 92.51 62.03
CA THR O 680 -19.28 92.37 63.46
C THR O 680 -19.90 93.49 64.32
N PRO O 681 -20.71 93.16 65.35
CA PRO O 681 -21.32 94.15 66.22
C PRO O 681 -20.37 94.57 67.35
N SER O 682 -20.42 95.84 67.75
CA SER O 682 -19.64 96.38 68.86
C SER O 682 -20.31 96.01 70.18
N LEU O 683 -20.07 94.82 70.72
CA LEU O 683 -20.67 94.35 71.97
C LEU O 683 -20.31 95.16 73.22
N GLY O 684 -19.31 96.04 73.12
CA GLY O 684 -18.86 96.89 74.22
C GLY O 684 -19.89 97.94 74.66
N SER O 685 -20.99 98.11 73.94
CA SER O 685 -22.02 99.11 74.21
C SER O 685 -23.40 98.47 74.31
N GLY O 686 -24.31 99.11 75.04
CA GLY O 686 -25.66 98.57 75.22
C GLY O 686 -26.40 98.40 73.90
N PHE O 687 -26.16 99.31 72.95
CA PHE O 687 -26.70 99.32 71.60
C PHE O 687 -25.60 99.77 70.65
N ASP O 688 -25.66 99.40 69.38
CA ASP O 688 -24.66 99.74 68.38
C ASP O 688 -25.29 100.43 67.17
N PRO O 689 -25.38 101.76 67.16
CA PRO O 689 -25.98 102.52 66.07
C PRO O 689 -25.37 102.24 64.71
N TYR O 690 -24.11 101.81 64.65
CA TYR O 690 -23.42 101.60 63.39
C TYR O 690 -23.43 100.17 62.88
N PHE O 691 -24.08 99.24 63.57
CA PHE O 691 -24.22 97.85 63.10
C PHE O 691 -25.38 97.77 62.12
N VAL O 692 -25.18 98.30 60.92
CA VAL O 692 -26.19 98.36 59.87
C VAL O 692 -26.17 97.07 59.05
N TYR O 693 -26.59 95.93 59.61
CA TYR O 693 -26.55 94.62 58.95
C TYR O 693 -27.30 93.55 59.74
N SER O 694 -27.97 92.60 59.06
CA SER O 694 -28.73 91.53 59.70
C SER O 694 -28.38 90.11 59.26
N GLY O 695 -27.31 89.87 58.52
CA GLY O 695 -26.98 88.51 58.09
C GLY O 695 -26.39 87.69 59.24
N SER O 696 -25.75 86.55 58.95
CA SER O 696 -25.10 85.79 60.02
C SER O 696 -24.00 86.65 60.63
N ILE O 697 -23.66 86.47 61.89
CA ILE O 697 -22.61 87.20 62.59
C ILE O 697 -21.54 86.18 62.89
N PRO O 698 -20.53 86.00 62.03
CA PRO O 698 -19.52 84.98 62.25
C PRO O 698 -18.79 85.06 63.58
N TYR O 699 -18.80 86.22 64.25
CA TYR O 699 -18.19 86.34 65.56
C TYR O 699 -18.97 85.54 66.61
N LEU O 700 -20.29 85.34 66.46
CA LEU O 700 -21.13 84.68 67.45
C LEU O 700 -21.78 83.38 66.98
N ASP O 701 -22.20 83.34 65.73
CA ASP O 701 -22.91 82.21 65.13
C ASP O 701 -22.06 81.02 64.75
N GLY O 702 -20.74 81.14 64.73
CA GLY O 702 -19.92 80.13 64.07
C GLY O 702 -20.00 80.64 62.61
N THR O 703 -20.40 79.89 61.59
CA THR O 703 -20.57 80.44 60.22
C THR O 703 -19.33 81.14 59.62
N PHE O 704 -18.13 80.73 60.02
CA PHE O 704 -16.92 81.34 59.47
C PHE O 704 -16.77 81.08 57.98
N TYR O 705 -16.01 81.96 57.36
CA TYR O 705 -15.58 81.91 55.98
C TYR O 705 -14.30 82.76 55.95
N LEU O 706 -13.77 83.16 54.81
CA LEU O 706 -12.52 83.94 54.74
C LEU O 706 -11.26 83.24 55.29
N ASN O 707 -11.32 82.01 55.76
CA ASN O 707 -10.15 81.25 56.24
C ASN O 707 -9.15 81.04 55.11
N HIS O 708 -9.64 80.84 53.89
CA HIS O 708 -8.82 80.66 52.71
C HIS O 708 -8.08 81.95 52.33
N THR O 709 -8.39 83.09 52.94
CA THR O 709 -7.73 84.36 52.63
C THR O 709 -6.38 84.52 53.30
N PHE O 710 -6.03 83.72 54.29
CA PHE O 710 -4.73 83.77 54.92
C PHE O 710 -3.65 83.21 54.00
N LYS O 711 -2.48 83.85 53.94
CA LYS O 711 -1.35 83.36 53.17
C LYS O 711 -0.34 82.70 54.09
N LYS O 712 0.09 83.37 55.16
CA LYS O 712 1.05 82.82 56.14
C LYS O 712 1.05 83.59 57.45
N VAL O 713 1.64 83.01 58.47
CA VAL O 713 1.75 83.59 59.80
C VAL O 713 3.06 83.16 60.42
N SER O 714 3.63 84.00 61.26
CA SER O 714 4.86 83.70 61.96
C SER O 714 4.73 84.16 63.40
N ILE O 715 5.46 83.51 64.29
CA ILE O 715 5.44 83.70 65.74
C ILE O 715 6.86 83.94 66.23
N MET O 716 7.05 84.91 67.12
CA MET O 716 8.39 85.30 67.53
C MET O 716 8.42 85.77 68.99
N PHE O 717 9.02 85.01 69.89
CA PHE O 717 9.14 85.40 71.30
C PHE O 717 10.38 86.26 71.55
N ASP O 718 10.26 87.28 72.38
CA ASP O 718 11.38 88.16 72.75
C ASP O 718 12.18 88.73 71.57
N SER O 719 11.52 88.91 70.42
CA SER O 719 12.10 89.41 69.17
C SER O 719 13.29 88.61 68.62
N SER O 720 13.56 87.41 69.14
CA SER O 720 14.64 86.53 68.68
C SER O 720 14.25 85.05 68.58
N VAL O 721 13.38 84.56 69.45
CA VAL O 721 12.99 83.16 69.48
C VAL O 721 11.88 82.84 68.50
N SER O 722 12.23 82.62 67.24
CA SER O 722 11.29 82.23 66.19
C SER O 722 10.69 80.88 66.56
N TRP O 723 9.38 80.76 66.71
CA TRP O 723 8.70 79.54 67.18
C TRP O 723 7.87 78.83 66.10
N PRO O 724 7.86 77.50 66.04
CA PRO O 724 8.56 76.55 66.90
C PRO O 724 10.05 76.41 66.62
N GLY O 725 10.55 76.99 65.52
CA GLY O 725 11.96 76.90 65.17
C GLY O 725 12.41 75.44 65.12
N ASN O 726 13.59 75.17 65.66
CA ASN O 726 14.21 73.83 65.74
C ASN O 726 14.25 73.08 64.41
N ASP O 727 14.19 73.78 63.27
CA ASP O 727 14.17 73.21 61.94
C ASP O 727 13.01 72.21 61.76
N ARG O 728 11.89 72.40 62.47
CA ARG O 728 10.74 71.50 62.45
C ARG O 728 9.98 71.42 61.13
N LEU O 729 9.57 72.56 60.61
CA LEU O 729 8.76 72.64 59.39
C LEU O 729 9.58 72.78 58.11
N LEU O 730 8.93 72.63 56.95
CA LEU O 730 9.57 72.81 55.64
C LEU O 730 9.94 74.27 55.35
N THR O 731 9.42 75.20 56.15
CA THR O 731 9.72 76.64 56.20
C THR O 731 9.84 76.93 57.70
N PRO O 732 10.93 76.50 58.35
CA PRO O 732 11.07 76.52 59.79
C PRO O 732 10.64 77.76 60.58
N ASN O 733 10.83 78.97 60.05
CA ASN O 733 10.51 80.21 60.75
C ASN O 733 9.01 80.62 60.68
N GLU O 734 8.17 80.00 59.86
CA GLU O 734 6.79 80.41 59.70
C GLU O 734 5.83 79.31 59.23
N PHE O 735 4.54 79.52 59.46
CA PHE O 735 3.49 78.62 59.01
C PHE O 735 2.97 79.13 57.67
N GLU O 736 3.41 78.53 56.57
CA GLU O 736 2.97 78.93 55.24
C GLU O 736 1.66 78.23 54.90
N ILE O 737 0.55 78.91 55.12
CA ILE O 737 -0.79 78.37 54.93
C ILE O 737 -1.07 77.99 53.49
N LYS O 738 -0.72 78.82 52.52
CA LYS O 738 -0.98 78.53 51.10
C LYS O 738 0.04 79.18 50.16
N ARG O 739 0.21 78.67 48.94
CA ARG O 739 1.20 79.17 47.97
C ARG O 739 0.64 79.52 46.59
N SER O 740 0.95 80.71 46.09
CA SER O 740 0.57 81.22 44.76
C SER O 740 1.46 80.66 43.63
N VAL O 741 2.70 80.30 43.96
CA VAL O 741 3.68 79.67 43.09
C VAL O 741 4.38 78.61 43.92
N ASP O 742 4.58 77.40 43.40
CA ASP O 742 5.20 76.31 44.15
C ASP O 742 6.29 75.60 43.33
N GLY O 743 7.54 76.02 43.47
CA GLY O 743 8.67 75.44 42.75
C GLY O 743 9.16 74.14 43.38
N GLU O 744 9.19 74.08 44.70
CA GLU O 744 9.64 72.93 45.48
C GLU O 744 8.61 71.79 45.49
N GLY O 745 7.34 72.08 45.24
CA GLY O 745 6.30 71.06 45.29
C GLY O 745 5.80 70.86 46.71
N TYR O 746 5.78 71.91 47.52
CA TYR O 746 5.31 71.86 48.90
C TYR O 746 3.79 71.90 49.01
N ASN O 747 3.02 71.98 47.94
CA ASN O 747 1.57 71.90 48.01
C ASN O 747 1.07 70.49 48.36
N VAL O 748 -0.18 70.34 48.75
CA VAL O 748 -0.83 69.05 49.06
C VAL O 748 -2.24 68.93 48.55
N ALA O 749 -2.73 67.69 48.55
CA ALA O 749 -4.12 67.41 48.35
C ALA O 749 -4.71 67.99 47.06
N GLN O 750 -3.89 68.21 46.05
CA GLN O 750 -4.28 68.76 44.77
C GLN O 750 -4.85 70.18 44.83
N CYS O 751 -4.30 71.05 45.68
CA CYS O 751 -4.73 72.44 45.76
C CYS O 751 -3.56 73.37 46.15
N ASN O 752 -3.89 74.54 46.69
CA ASN O 752 -3.01 75.63 47.08
C ASN O 752 -2.39 75.47 48.48
N MET O 753 -2.98 74.64 49.34
CA MET O 753 -2.52 74.44 50.71
C MET O 753 -1.17 73.73 50.74
N THR O 754 -0.37 73.89 51.79
CA THR O 754 0.98 73.31 51.88
C THR O 754 1.09 72.04 52.72
N LYS O 755 2.19 71.31 52.55
CA LYS O 755 2.50 70.07 53.25
C LYS O 755 2.62 70.25 54.74
N ASP O 756 3.18 71.37 55.19
CA ASP O 756 3.29 71.62 56.61
C ASP O 756 1.96 72.12 57.17
N TRP O 757 1.23 73.01 56.50
CA TRP O 757 -0.03 73.46 57.06
C TRP O 757 -1.05 72.33 57.14
N PHE O 758 -1.11 71.45 56.15
CA PHE O 758 -2.01 70.32 56.19
C PHE O 758 -1.61 69.35 57.29
N LEU O 759 -0.32 69.03 57.42
CA LEU O 759 0.19 68.17 58.49
C LEU O 759 -0.16 68.77 59.85
N VAL O 760 -0.05 70.09 60.02
CA VAL O 760 -0.38 70.78 61.26
C VAL O 760 -1.87 70.72 61.54
N GLN O 761 -2.72 70.98 60.56
CA GLN O 761 -4.16 70.91 60.79
C GLN O 761 -4.64 69.48 61.01
N MET O 762 -4.10 68.49 60.32
CA MET O 762 -4.50 67.11 60.57
C MET O 762 -4.05 66.66 61.94
N LEU O 763 -2.85 67.02 62.39
CA LEU O 763 -2.37 66.64 63.72
C LEU O 763 -3.19 67.32 64.80
N SER O 764 -3.39 68.62 64.68
CA SER O 764 -4.10 69.37 65.71
C SER O 764 -5.60 69.08 65.80
N HIS O 765 -6.28 68.58 64.76
CA HIS O 765 -7.70 68.20 64.85
C HIS O 765 -7.90 66.74 65.20
N TYR O 766 -7.03 65.84 64.74
CA TYR O 766 -7.25 64.41 64.90
C TYR O 766 -6.04 63.57 65.31
N ASN O 767 -4.83 64.10 65.47
CA ASN O 767 -3.60 63.32 65.69
C ASN O 767 -3.25 62.45 64.45
N ILE O 768 -3.86 62.68 63.29
CA ILE O 768 -3.70 61.87 62.08
C ILE O 768 -2.41 62.08 61.28
N GLY O 769 -1.68 63.17 61.43
CA GLY O 769 -0.55 63.37 60.52
C GLY O 769 0.61 62.36 60.60
N TYR O 770 0.97 61.82 61.76
CA TYR O 770 2.01 60.80 61.79
C TYR O 770 1.36 59.44 61.58
N GLN O 771 2.06 58.56 60.89
CA GLN O 771 1.76 57.16 60.68
C GLN O 771 0.35 56.78 60.25
N GLY O 772 -0.31 57.36 59.25
CA GLY O 772 0.00 58.42 58.29
C GLY O 772 -1.38 58.92 57.80
N PHE O 773 -1.51 59.86 56.86
CA PHE O 773 -2.84 60.40 56.54
C PHE O 773 -3.92 59.41 56.06
N HIS O 774 -5.13 59.58 56.59
CA HIS O 774 -6.34 58.81 56.30
C HIS O 774 -7.58 59.63 56.68
N VAL O 775 -8.77 59.19 56.30
CA VAL O 775 -10.01 59.89 56.60
C VAL O 775 -10.37 59.75 58.08
N PRO O 776 -10.52 60.83 58.86
CA PRO O 776 -10.86 60.74 60.27
C PRO O 776 -12.24 60.13 60.49
N GLU O 777 -12.41 59.42 61.60
CA GLU O 777 -13.67 58.77 61.94
C GLU O 777 -14.78 59.82 62.12
N GLY O 778 -15.98 59.51 61.64
CA GLY O 778 -17.11 60.45 61.67
C GLY O 778 -17.53 60.94 63.05
N TYR O 779 -17.20 60.24 64.14
CA TYR O 779 -17.56 60.71 65.48
C TYR O 779 -16.59 61.82 65.92
N LYS O 780 -15.35 61.85 65.41
CA LYS O 780 -14.36 62.89 65.74
C LYS O 780 -14.38 64.02 64.72
N ASP O 781 -14.88 63.76 63.53
CA ASP O 781 -15.05 64.75 62.48
C ASP O 781 -16.37 65.54 62.63
N ARG O 782 -16.42 66.45 63.60
CA ARG O 782 -17.60 67.26 63.93
C ARG O 782 -17.92 68.30 62.84
N MET O 783 -18.98 69.09 62.99
CA MET O 783 -19.38 70.07 61.98
C MET O 783 -18.37 71.20 61.80
N TYR O 784 -17.75 71.66 62.87
CA TYR O 784 -16.70 72.70 62.83
C TYR O 784 -15.29 72.14 62.63
N SER O 785 -15.11 70.85 62.36
CA SER O 785 -13.78 70.26 62.16
C SER O 785 -13.21 70.52 60.77
N PHE O 786 -11.89 70.40 60.63
CA PHE O 786 -11.14 70.66 59.41
C PHE O 786 -11.52 69.80 58.20
N PHE O 787 -11.39 68.49 58.29
CA PHE O 787 -11.64 67.61 57.14
C PHE O 787 -13.09 67.61 56.69
N ARG O 788 -14.05 67.94 57.56
CA ARG O 788 -15.46 68.03 57.16
C ARG O 788 -15.66 69.15 56.14
N ASN O 789 -14.87 70.22 56.24
CA ASN O 789 -15.06 71.43 55.46
C ASN O 789 -13.99 71.70 54.40
N PHE O 790 -12.84 71.05 54.43
CA PHE O 790 -11.78 71.27 53.44
C PHE O 790 -12.22 70.87 52.02
N GLN O 791 -12.19 71.81 51.09
CA GLN O 791 -12.62 71.63 49.70
C GLN O 791 -11.56 72.10 48.69
N PRO O 792 -10.72 71.22 48.15
CA PRO O 792 -9.72 71.55 47.15
C PRO O 792 -10.35 71.68 45.77
N MET O 793 -9.86 72.56 44.90
CA MET O 793 -10.46 72.83 43.59
C MET O 793 -9.44 73.21 42.51
N SER O 794 -9.74 72.93 41.25
CA SER O 794 -8.87 73.25 40.11
C SER O 794 -9.66 73.58 38.84
N ARG O 795 -9.13 74.44 37.97
CA ARG O 795 -9.74 74.73 36.67
C ARG O 795 -8.68 75.13 35.65
N GLN O 796 -8.96 74.95 34.36
CA GLN O 796 -8.14 75.42 33.25
C GLN O 796 -8.78 76.68 32.68
N VAL O 797 -7.98 77.62 32.21
CA VAL O 797 -8.45 78.85 31.58
C VAL O 797 -7.49 79.21 30.46
N VAL O 798 -7.97 79.92 29.45
CA VAL O 798 -7.17 80.32 28.31
C VAL O 798 -5.88 81.05 28.70
N ASP O 799 -4.74 80.59 28.18
CA ASP O 799 -3.42 81.15 28.40
C ASP O 799 -3.30 82.43 27.56
N GLU O 800 -3.61 83.57 28.16
CA GLU O 800 -3.63 84.87 27.49
C GLU O 800 -2.28 85.31 26.91
N ILE O 801 -1.19 84.64 27.29
CA ILE O 801 0.17 84.96 26.86
C ILE O 801 0.60 84.07 25.71
N ASN O 802 0.48 82.75 25.85
CA ASN O 802 0.92 81.85 24.78
C ASN O 802 -0.11 81.59 23.67
N TYR O 803 -1.41 81.80 23.89
CA TYR O 803 -2.40 81.59 22.83
C TYR O 803 -2.49 82.83 21.91
N LYS O 804 -1.75 82.87 20.80
CA LYS O 804 -1.66 84.08 19.97
C LYS O 804 -2.97 84.60 19.40
N ASP O 805 -3.99 83.76 19.24
CA ASP O 805 -5.31 84.18 18.73
C ASP O 805 -6.22 84.79 19.82
N TYR O 806 -5.79 84.86 21.08
CA TYR O 806 -6.58 85.39 22.19
C TYR O 806 -6.98 86.85 22.08
N LYS O 807 -8.29 87.14 22.12
CA LYS O 807 -8.86 88.50 22.21
C LYS O 807 -9.59 88.59 23.55
N ALA O 808 -9.40 89.69 24.26
CA ALA O 808 -9.99 89.92 25.58
C ALA O 808 -11.38 90.56 25.51
N VAL O 809 -12.38 89.83 25.03
CA VAL O 809 -13.75 90.34 24.89
C VAL O 809 -14.42 90.52 26.25
N THR O 810 -14.87 91.73 26.59
CA THR O 810 -15.53 92.03 27.87
C THR O 810 -17.04 91.75 27.83
N LEU O 811 -17.68 91.63 28.99
CA LEU O 811 -19.08 91.20 29.12
C LEU O 811 -20.09 91.85 28.17
N PRO O 812 -20.13 93.16 27.92
CA PRO O 812 -21.12 93.74 27.02
C PRO O 812 -21.03 93.23 25.57
N PHE O 813 -19.88 92.66 25.19
CA PHE O 813 -19.59 92.18 23.85
C PHE O 813 -19.52 90.66 23.72
N GLN O 814 -19.52 89.92 24.82
CA GLN O 814 -19.54 88.46 24.78
C GLN O 814 -20.93 87.99 24.37
N HIS O 815 -21.03 87.06 23.42
CA HIS O 815 -22.31 86.53 23.00
C HIS O 815 -22.26 85.04 22.76
N ASN O 816 -23.33 84.41 23.23
CA ASN O 816 -23.67 83.00 23.23
C ASN O 816 -25.18 83.01 23.51
N ASN O 817 -25.98 82.16 22.89
CA ASN O 817 -27.44 82.18 23.01
C ASN O 817 -28.07 83.50 22.55
N SER O 818 -27.38 84.32 21.74
CA SER O 818 -27.96 85.57 21.24
C SER O 818 -29.24 85.28 20.49
N GLY O 819 -30.24 86.12 20.60
CA GLY O 819 -31.53 85.90 19.95
C GLY O 819 -32.44 84.99 20.76
N PHE O 820 -31.89 84.06 21.54
CA PHE O 820 -32.64 83.15 22.40
C PHE O 820 -32.70 83.63 23.86
N THR O 821 -31.82 84.55 24.27
CA THR O 821 -31.80 85.19 25.59
C THR O 821 -31.06 86.53 25.51
N GLY O 822 -31.29 87.50 26.40
CA GLY O 822 -30.52 88.75 26.39
C GLY O 822 -31.24 89.95 27.01
N TYR O 823 -30.67 91.15 27.03
CA TYR O 823 -29.31 91.47 26.59
C TYR O 823 -28.37 91.33 27.79
N LEU O 824 -28.38 92.29 28.72
CA LEU O 824 -27.57 92.25 29.94
C LEU O 824 -28.50 92.26 31.17
N ALA O 825 -29.68 91.68 31.06
CA ALA O 825 -30.70 91.71 32.10
C ALA O 825 -31.59 90.47 32.06
N PRO O 826 -32.31 90.14 33.12
CA PRO O 826 -33.26 89.02 33.15
C PRO O 826 -34.52 89.28 32.30
N THR O 827 -34.58 90.39 31.57
CA THR O 827 -35.70 90.78 30.71
C THR O 827 -35.90 89.89 29.48
N MET O 828 -36.98 90.14 28.73
CA MET O 828 -37.38 89.45 27.50
C MET O 828 -36.24 89.27 26.50
N ARG O 829 -36.20 88.13 25.80
CA ARG O 829 -35.17 87.79 24.79
C ARG O 829 -35.01 88.85 23.69
N GLN O 830 -33.78 89.09 23.26
CA GLN O 830 -33.41 90.06 22.22
C GLN O 830 -32.38 89.50 21.23
N GLY O 831 -32.37 90.02 20.00
CA GLY O 831 -31.31 89.71 19.03
C GLY O 831 -31.58 88.64 17.98
N GLN O 832 -30.49 88.05 17.45
CA GLN O 832 -30.54 87.02 16.41
C GLN O 832 -29.68 85.78 16.71
N PRO O 833 -30.05 84.60 16.18
CA PRO O 833 -29.22 83.41 16.29
C PRO O 833 -27.87 83.70 15.63
N TYR O 834 -26.75 83.32 16.24
CA TYR O 834 -25.44 83.49 15.64
C TYR O 834 -24.37 82.64 16.33
N PRO O 835 -23.25 82.28 15.69
CA PRO O 835 -22.18 81.55 16.34
C PRO O 835 -21.68 82.32 17.55
N ALA O 836 -21.52 81.66 18.68
CA ALA O 836 -21.07 82.29 19.90
C ALA O 836 -19.59 82.70 19.84
N ASN O 837 -19.20 83.81 20.46
CA ASN O 837 -17.81 84.25 20.52
C ASN O 837 -17.13 83.92 21.85
N PHE O 838 -17.86 83.35 22.81
CA PHE O 838 -17.40 83.03 24.16
C PHE O 838 -18.12 81.82 24.77
N PRO O 839 -17.51 81.04 25.67
CA PRO O 839 -16.13 81.11 26.15
C PRO O 839 -15.22 80.28 25.24
N TYR O 840 -13.90 80.39 25.32
CA TYR O 840 -13.05 79.55 24.46
C TYR O 840 -13.18 78.06 24.83
N PRO O 841 -12.98 77.13 23.90
CA PRO O 841 -13.08 75.70 24.16
C PRO O 841 -11.82 75.17 24.84
N LEU O 842 -11.95 74.28 25.80
CA LEU O 842 -10.81 73.66 26.50
C LEU O 842 -10.74 72.15 26.28
N ILE O 843 -11.50 71.64 25.31
CA ILE O 843 -11.62 70.24 24.95
C ILE O 843 -11.73 70.06 23.43
N GLY O 844 -11.56 68.84 22.94
CA GLY O 844 -11.62 68.54 21.50
C GLY O 844 -10.34 68.90 20.73
N GLN O 845 -10.38 68.78 19.40
CA GLN O 845 -9.22 69.04 18.55
C GLN O 845 -8.78 70.51 18.50
N THR O 846 -9.67 71.46 18.78
CA THR O 846 -9.38 72.91 18.76
C THR O 846 -9.24 73.52 20.15
N ALA O 847 -8.97 72.72 21.18
CA ALA O 847 -8.80 73.20 22.54
C ALA O 847 -7.70 74.26 22.62
N VAL O 848 -7.99 75.35 23.30
CA VAL O 848 -7.10 76.48 23.44
C VAL O 848 -6.01 76.25 24.48
N PRO O 849 -4.74 76.69 24.24
CA PRO O 849 -3.65 76.57 25.22
C PRO O 849 -4.13 77.14 26.54
N SER O 850 -3.88 76.47 27.66
CA SER O 850 -4.44 76.91 28.93
C SER O 850 -3.58 76.81 30.17
N VAL O 851 -3.76 77.82 31.01
CA VAL O 851 -3.20 77.98 32.35
C VAL O 851 -4.08 77.19 33.30
N THR O 852 -3.48 76.55 34.30
CA THR O 852 -4.20 75.80 35.32
C THR O 852 -4.18 76.59 36.61
N GLN O 853 -5.31 76.81 37.25
CA GLN O 853 -5.44 77.56 38.51
C GLN O 853 -5.92 76.61 39.62
N LYS O 854 -5.44 76.80 40.84
CA LYS O 854 -5.75 75.98 42.02
C LYS O 854 -6.09 76.81 43.24
N LYS O 855 -7.10 76.43 44.02
CA LYS O 855 -7.50 77.09 45.26
C LYS O 855 -8.26 76.14 46.16
N PHE O 856 -8.57 76.55 47.39
CA PHE O 856 -9.37 75.75 48.31
C PHE O 856 -10.31 76.63 49.12
N LEU O 857 -11.32 76.02 49.69
CA LEU O 857 -12.24 76.63 50.64
C LEU O 857 -12.27 75.77 51.89
N CYS O 858 -12.49 76.40 53.03
CA CYS O 858 -12.56 75.76 54.33
C CYS O 858 -13.40 76.71 55.19
N ASP O 859 -14.71 76.74 54.93
CA ASP O 859 -15.64 77.70 55.52
C ASP O 859 -15.86 77.68 57.05
N ARG O 860 -16.67 76.77 57.60
CA ARG O 860 -17.03 76.80 59.02
C ARG O 860 -15.91 76.63 60.05
N VAL O 861 -14.69 76.32 59.63
CA VAL O 861 -13.52 76.09 60.49
C VAL O 861 -12.95 77.37 61.06
N MET O 862 -12.10 77.24 62.06
CA MET O 862 -11.35 78.32 62.66
C MET O 862 -9.95 77.73 62.74
N TRP O 863 -8.94 78.39 62.19
CA TRP O 863 -7.61 77.80 62.16
C TRP O 863 -7.04 77.60 63.54
N ARG O 864 -6.20 76.59 63.74
CA ARG O 864 -5.56 76.28 65.03
C ARG O 864 -4.07 76.03 64.95
N ILE O 865 -3.35 76.35 66.00
CA ILE O 865 -1.91 76.08 66.17
C ILE O 865 -1.72 75.67 67.63
N PRO O 866 -1.67 74.37 67.96
CA PRO O 866 -1.48 73.93 69.31
C PRO O 866 -0.13 74.29 69.88
N PHE O 867 -0.11 74.83 71.08
CA PHE O 867 1.14 75.08 71.78
C PHE O 867 1.59 73.78 72.45
N SER O 868 2.03 72.83 71.64
CA SER O 868 2.51 71.53 72.06
C SER O 868 3.73 71.20 71.20
N SER O 869 4.74 70.57 71.77
CA SER O 869 6.00 70.34 71.08
C SER O 869 5.94 69.60 69.75
N ASN O 870 4.90 68.82 69.48
CA ASN O 870 4.76 68.04 68.26
C ASN O 870 3.39 68.16 67.57
N PHE O 871 2.63 69.20 67.91
CA PHE O 871 1.31 69.54 67.36
C PHE O 871 0.19 68.53 67.62
N MET O 872 0.29 67.73 68.67
CA MET O 872 -0.73 66.74 69.02
C MET O 872 -1.41 67.05 70.33
N SER O 873 -2.68 66.66 70.44
CA SER O 873 -3.48 66.87 71.66
C SER O 873 -3.25 65.72 72.65
N MET O 874 -2.06 65.63 73.23
CA MET O 874 -1.70 64.60 74.22
C MET O 874 -2.42 64.74 75.56
N GLY O 875 -2.96 65.90 75.85
CA GLY O 875 -3.67 66.23 77.07
C GLY O 875 -4.05 67.71 77.02
N ALA O 876 -5.05 68.15 77.76
CA ALA O 876 -5.47 69.55 77.69
C ALA O 876 -4.43 70.53 78.21
N LEU O 877 -3.73 70.20 79.29
CA LEU O 877 -2.62 71.00 79.76
C LEU O 877 -1.43 70.48 78.94
N THR O 878 -1.00 71.23 77.92
CA THR O 878 0.04 70.77 76.99
C THR O 878 1.41 70.62 77.61
N ASP O 879 2.34 69.97 76.92
CA ASP O 879 3.69 69.77 77.43
C ASP O 879 4.44 71.11 77.47
N LEU O 880 4.34 71.92 76.43
CA LEU O 880 5.00 73.23 76.40
C LEU O 880 4.41 74.15 77.46
N GLY O 881 3.13 74.07 77.77
CA GLY O 881 2.56 74.88 78.83
C GLY O 881 3.10 74.54 80.23
N GLN O 882 3.84 73.44 80.39
CA GLN O 882 4.48 72.97 81.62
C GLN O 882 6.01 73.22 81.66
N ASN O 883 6.60 73.41 80.49
CA ASN O 883 8.00 73.72 80.11
C ASN O 883 8.61 74.91 80.78
N MET O 884 8.77 74.81 82.07
CA MET O 884 9.13 75.83 83.02
C MET O 884 10.38 76.68 82.72
N LEU O 885 10.88 76.71 81.48
CA LEU O 885 11.70 77.78 80.93
C LEU O 885 10.76 78.96 80.62
N TYR O 886 9.72 78.69 79.84
CA TYR O 886 8.65 79.62 79.43
C TYR O 886 7.40 79.27 80.22
N ALA O 887 7.57 79.82 81.40
CA ALA O 887 6.91 79.91 82.68
C ALA O 887 7.44 81.21 83.34
N ASN O 888 7.71 81.14 84.65
CA ASN O 888 8.11 82.19 85.60
C ASN O 888 8.99 83.30 84.98
N SER O 889 9.98 83.00 84.13
CA SER O 889 10.85 84.03 83.54
C SER O 889 10.25 84.45 82.20
N ALA O 890 9.18 85.25 82.32
CA ALA O 890 8.26 85.76 81.30
C ALA O 890 8.63 86.53 80.05
N HIS O 891 8.23 85.92 78.94
CA HIS O 891 8.30 86.26 77.52
C HIS O 891 7.33 87.27 76.91
N ALA O 892 7.80 88.08 75.97
CA ALA O 892 7.04 88.98 75.08
C ALA O 892 6.71 88.21 73.81
N LEU O 893 5.58 88.48 73.15
CA LEU O 893 5.22 87.81 71.90
C LEU O 893 4.93 88.76 70.76
N ASP O 894 5.55 88.53 69.62
CA ASP O 894 5.32 89.24 68.38
C ASP O 894 4.73 88.27 67.36
N MET O 895 3.76 88.71 66.57
CA MET O 895 3.11 87.90 65.54
C MET O 895 2.90 88.71 64.28
N THR O 896 3.00 88.08 63.12
CA THR O 896 2.78 88.74 61.84
C THR O 896 1.93 87.85 60.95
N PHE O 897 0.94 88.40 60.26
CA PHE O 897 0.12 87.65 59.33
C PHE O 897 0.16 88.28 57.95
N GLU O 898 0.20 87.46 56.91
CA GLU O 898 0.11 87.86 55.52
C GLU O 898 -1.25 87.36 55.04
N VAL O 899 -2.07 88.22 54.45
CA VAL O 899 -3.43 87.91 54.03
C VAL O 899 -3.74 88.44 52.65
N ASP O 900 -4.71 87.86 51.96
CA ASP O 900 -5.14 88.38 50.66
C ASP O 900 -5.76 89.76 50.88
N PRO O 901 -5.39 90.80 50.12
CA PRO O 901 -5.95 92.12 50.31
C PRO O 901 -7.43 92.05 49.92
N MET O 902 -8.28 92.63 50.77
CA MET O 902 -9.73 92.49 50.69
C MET O 902 -10.55 93.60 50.05
N ASP O 903 -9.96 94.75 49.72
CA ASP O 903 -10.66 95.91 49.14
C ASP O 903 -11.78 96.51 50.01
N GLU O 904 -11.85 96.13 51.29
CA GLU O 904 -12.79 96.64 52.29
C GLU O 904 -12.21 96.42 53.69
N PRO O 905 -12.64 97.14 54.73
CA PRO O 905 -12.08 96.98 56.06
C PRO O 905 -12.56 95.69 56.70
N THR O 906 -11.62 94.90 57.23
CA THR O 906 -11.88 93.61 57.90
C THR O 906 -11.16 93.48 59.23
N LEU O 907 -11.33 92.38 59.95
CA LEU O 907 -10.74 92.15 61.27
C LEU O 907 -10.07 90.79 61.43
N LEU O 908 -8.88 90.75 62.03
CA LEU O 908 -8.28 89.50 62.42
C LEU O 908 -8.90 89.13 63.76
N TYR O 909 -9.40 87.91 63.89
CA TYR O 909 -9.94 87.41 65.13
C TYR O 909 -8.91 86.45 65.67
N LEU O 910 -8.34 86.74 66.83
CA LEU O 910 -7.28 85.93 67.41
C LEU O 910 -7.66 85.48 68.79
N LEU O 911 -7.76 84.17 68.94
CA LEU O 911 -8.09 83.57 70.19
C LEU O 911 -6.82 82.99 70.77
N PHE O 912 -6.49 83.40 71.99
CA PHE O 912 -5.36 82.82 72.71
C PHE O 912 -6.00 81.79 73.61
N GLU O 913 -5.74 80.52 73.39
CA GLU O 913 -6.38 79.47 74.15
C GLU O 913 -5.74 79.31 75.53
N VAL O 914 -6.58 79.38 76.56
CA VAL O 914 -6.20 79.32 77.98
C VAL O 914 -7.22 78.54 78.79
N PHE O 915 -6.97 78.25 80.06
CA PHE O 915 -8.02 77.66 80.88
C PHE O 915 -8.89 78.80 81.38
N ASP O 916 -10.21 78.67 81.38
CA ASP O 916 -11.14 79.71 81.84
C ASP O 916 -12.15 79.00 82.74
N VAL O 917 -11.68 78.64 83.93
CA VAL O 917 -12.37 77.83 84.95
C VAL O 917 -12.87 78.55 86.18
N VAL O 918 -14.01 78.12 86.69
CA VAL O 918 -14.66 78.61 87.90
C VAL O 918 -14.93 77.46 88.84
N ARG O 919 -14.81 77.69 90.15
CA ARG O 919 -15.13 76.74 91.20
C ARG O 919 -16.18 77.40 92.07
N VAL O 920 -17.29 76.74 92.36
CA VAL O 920 -18.44 77.33 93.05
C VAL O 920 -18.72 76.63 94.36
N HIS O 921 -18.62 77.38 95.45
CA HIS O 921 -18.80 76.91 96.82
C HIS O 921 -20.08 77.49 97.42
N GLN O 922 -20.93 76.64 97.98
CA GLN O 922 -22.24 76.97 98.54
C GLN O 922 -22.27 76.57 100.02
N PRO O 923 -21.58 77.27 100.92
CA PRO O 923 -21.42 76.85 102.31
C PRO O 923 -22.62 76.92 103.23
N HIS O 924 -23.60 77.78 102.97
CA HIS O 924 -24.78 77.95 103.82
C HIS O 924 -26.01 78.18 102.97
N ARG O 925 -27.19 78.02 103.56
CA ARG O 925 -28.45 78.23 102.84
C ARG O 925 -28.50 79.61 102.22
N GLY O 926 -28.61 79.70 100.91
CA GLY O 926 -28.70 80.96 100.17
C GLY O 926 -27.40 81.75 99.98
N VAL O 927 -26.23 81.12 100.07
CA VAL O 927 -24.93 81.76 99.83
C VAL O 927 -24.18 81.13 98.67
N ILE O 928 -23.76 81.92 97.67
CA ILE O 928 -22.92 81.43 96.57
C ILE O 928 -21.61 82.19 96.52
N GLU O 929 -20.49 81.51 96.71
CA GLU O 929 -19.16 82.08 96.55
C GLU O 929 -18.55 81.41 95.32
N ALA O 930 -18.35 82.15 94.24
CA ALA O 930 -17.76 81.62 93.01
C ALA O 930 -16.35 82.19 92.84
N VAL O 931 -15.35 81.35 92.58
CA VAL O 931 -13.96 81.76 92.40
C VAL O 931 -13.54 81.49 90.97
N TYR O 932 -13.04 82.51 90.27
CA TYR O 932 -12.65 82.42 88.87
C TYR O 932 -11.15 82.53 88.63
N LEU O 933 -10.59 81.65 87.80
CA LEU O 933 -9.20 81.77 87.36
C LEU O 933 -9.15 81.50 85.87
N ARG O 934 -8.69 82.47 85.12
CA ARG O 934 -8.38 82.30 83.71
C ARG O 934 -6.87 82.29 83.67
N THR O 935 -6.21 81.34 83.03
CA THR O 935 -4.75 81.33 83.04
C THR O 935 -4.18 80.67 81.80
N PRO O 936 -3.20 81.28 81.12
CA PRO O 936 -2.70 82.64 81.32
C PRO O 936 -3.79 83.69 80.95
N PHE O 937 -3.45 84.97 80.76
CA PHE O 937 -4.40 86.07 80.45
C PHE O 937 -5.44 86.30 81.57
N SER O 938 -5.02 86.14 82.83
CA SER O 938 -5.86 86.31 84.01
C SER O 938 -6.35 87.75 84.17
N ALA O 939 -7.63 87.99 84.49
CA ALA O 939 -8.05 89.36 84.71
C ALA O 939 -7.99 89.67 86.21
N GLY O 940 -6.98 90.43 86.64
CA GLY O 940 -6.75 90.91 88.00
C GLY O 940 -5.24 91.08 88.23
N ASN O 941 -4.76 92.27 88.62
CA ASN O 941 -3.32 92.53 88.83
C ASN O 941 -2.46 92.16 87.62
N MET P 1 1.55 21.64 60.11
CA MET P 1 1.85 21.26 61.51
C MET P 1 2.36 22.50 62.25
N MET P 2 2.05 22.63 63.53
CA MET P 2 2.11 23.90 64.24
C MET P 2 3.46 24.61 64.38
N PRO P 3 4.67 24.01 64.40
CA PRO P 3 5.91 24.77 64.53
C PRO P 3 6.05 25.93 63.55
N GLN P 4 5.58 25.73 62.32
CA GLN P 4 5.59 26.76 61.30
C GLN P 4 4.49 27.79 61.50
N TRP P 5 3.28 27.37 61.86
CA TRP P 5 2.21 28.31 62.16
C TRP P 5 2.51 29.17 63.36
N ALA P 6 3.14 28.64 64.39
CA ALA P 6 3.58 29.39 65.54
C ALA P 6 4.66 30.41 65.15
N TYR P 7 5.74 29.99 64.48
CA TYR P 7 6.78 30.92 64.06
C TYR P 7 6.28 32.06 63.16
N MET P 8 5.32 31.76 62.27
CA MET P 8 4.77 32.73 61.35
C MET P 8 3.50 33.44 61.84
N HIS P 9 3.03 33.19 63.06
CA HIS P 9 1.81 33.76 63.65
C HIS P 9 0.53 33.50 62.83
N ILE P 10 0.34 32.27 62.40
CA ILE P 10 -0.93 31.74 61.87
C ILE P 10 -1.73 31.02 62.96
N ALA P 11 -1.07 30.56 64.01
CA ALA P 11 -1.65 30.03 65.25
C ALA P 11 -0.70 30.31 66.43
N GLY P 12 -0.95 29.78 67.63
CA GLY P 12 -0.11 30.04 68.80
C GLY P 12 -0.48 31.31 69.58
N GLN P 13 0.47 31.87 70.31
CA GLN P 13 0.31 33.09 71.11
C GLN P 13 -0.14 34.32 70.30
N ASP P 14 -0.83 35.22 70.99
CA ASP P 14 -1.17 36.56 70.56
C ASP P 14 0.01 37.55 70.67
N ALA P 15 -0.01 38.72 70.01
CA ALA P 15 1.06 39.71 70.18
C ALA P 15 1.19 40.20 71.61
N SER P 16 0.10 40.23 72.37
CA SER P 16 0.18 40.58 73.77
C SER P 16 0.88 39.52 74.62
N GLU P 17 1.18 38.33 74.07
CA GLU P 17 1.78 37.21 74.78
C GLU P 17 3.16 36.82 74.26
N TYR P 18 3.45 36.99 72.96
CA TYR P 18 4.78 36.67 72.40
C TYR P 18 5.77 37.83 72.41
N LEU P 19 5.32 39.09 72.40
CA LEU P 19 6.21 40.23 72.54
C LEU P 19 6.83 40.27 73.94
N SER P 20 8.04 40.83 74.08
CA SER P 20 8.66 40.92 75.39
C SER P 20 7.85 41.87 76.28
N PRO P 21 7.65 41.57 77.58
CA PRO P 21 6.68 42.31 78.37
C PRO P 21 7.02 43.79 78.52
N GLY P 22 8.31 44.14 78.46
CA GLY P 22 8.74 45.52 78.33
C GLY P 22 8.11 46.25 77.15
N LEU P 23 8.04 45.64 75.97
CA LEU P 23 7.43 46.27 74.80
C LEU P 23 5.92 46.39 74.95
N VAL P 24 5.28 45.41 75.58
CA VAL P 24 3.84 45.46 75.84
C VAL P 24 3.50 46.62 76.76
N GLN P 25 4.34 46.91 77.77
CA GLN P 25 4.18 48.09 78.60
C GLN P 25 4.49 49.38 77.86
N PHE P 26 5.55 49.43 77.06
CA PHE P 26 5.85 50.61 76.24
C PHE P 26 4.66 50.96 75.35
N ALA P 27 4.11 49.99 74.63
CA ALA P 27 2.94 50.18 73.78
C ALA P 27 1.76 50.73 74.57
N ARG P 28 1.34 50.05 75.64
CA ARG P 28 0.25 50.50 76.51
C ARG P 28 0.47 51.91 77.05
N ALA P 29 1.71 52.32 77.30
CA ALA P 29 2.04 53.66 77.81
C ALA P 29 2.03 54.76 76.75
N THR P 30 2.18 54.44 75.46
CA THR P 30 2.30 55.41 74.35
C THR P 30 1.14 55.41 73.34
N ASP P 31 0.19 54.48 73.48
CA ASP P 31 -0.82 54.15 72.48
C ASP P 31 -1.70 55.32 72.01
N THR P 32 -1.85 56.37 72.80
CA THR P 32 -2.69 57.53 72.46
C THR P 32 -2.04 58.49 71.48
N TYR P 33 -0.72 58.41 71.28
CA TYR P 33 0.02 59.28 70.37
C TYR P 33 0.92 58.54 69.40
N PHE P 34 1.56 57.45 69.81
CA PHE P 34 2.31 56.57 68.91
C PHE P 34 1.75 55.15 69.01
N SER P 35 1.20 54.62 67.93
CA SER P 35 0.41 53.37 67.95
C SER P 35 1.19 52.23 67.36
N LEU P 36 1.49 51.23 68.19
CA LEU P 36 2.25 50.04 67.81
C LEU P 36 1.37 48.83 67.48
N GLY P 37 0.05 48.90 67.65
CA GLY P 37 -0.79 47.71 67.65
C GLY P 37 -0.82 47.00 66.29
N ASN P 38 -0.82 47.73 65.19
CA ASN P 38 -1.10 47.18 63.86
C ASN P 38 0.08 46.50 63.17
N LYS P 39 1.18 46.27 63.89
CA LYS P 39 2.47 45.80 63.36
C LYS P 39 2.84 44.40 63.82
N PHE P 40 1.95 43.76 64.54
CA PHE P 40 2.15 42.44 65.09
C PHE P 40 0.91 41.62 64.79
N ARG P 41 1.06 40.41 64.25
CA ARG P 41 -0.05 39.54 63.90
C ARG P 41 -0.62 38.87 65.14
N ASN P 42 -1.95 38.88 65.26
CA ASN P 42 -2.68 38.10 66.26
C ASN P 42 -3.40 36.95 65.55
N PRO P 43 -3.04 35.68 65.77
CA PRO P 43 -3.79 34.58 65.22
C PRO P 43 -5.25 34.60 65.68
N THR P 44 -6.18 34.10 64.88
CA THR P 44 -7.49 33.66 65.36
C THR P 44 -7.78 32.30 64.78
N VAL P 45 -8.24 31.37 65.61
CA VAL P 45 -8.30 29.94 65.26
C VAL P 45 -9.65 29.38 65.63
N ALA P 46 -10.32 28.70 64.71
CA ALA P 46 -11.58 28.04 64.97
C ALA P 46 -11.40 26.80 65.86
N PRO P 47 -12.41 26.43 66.66
CA PRO P 47 -12.39 25.21 67.46
C PRO P 47 -12.53 23.97 66.58
N THR P 48 -11.75 22.93 66.84
CA THR P 48 -11.65 21.77 65.94
C THR P 48 -12.54 20.59 66.32
N HIS P 49 -13.08 20.53 67.53
CA HIS P 49 -13.91 19.43 68.04
C HIS P 49 -15.18 19.96 68.71
N ASP P 50 -16.19 19.12 68.85
CA ASP P 50 -17.41 19.40 69.61
C ASP P 50 -18.28 20.57 69.10
N VAL P 51 -17.99 21.18 67.96
CA VAL P 51 -18.91 22.17 67.38
C VAL P 51 -19.72 21.55 66.26
N THR P 52 -19.09 20.98 65.23
CA THR P 52 -19.79 20.42 64.07
C THR P 52 -19.69 18.90 64.01
N THR P 53 -20.75 18.23 63.57
CA THR P 53 -20.78 16.76 63.45
C THR P 53 -20.01 16.23 62.25
N ASP P 54 -19.43 15.04 62.39
CA ASP P 54 -18.82 14.27 61.31
C ASP P 54 -19.83 13.52 60.45
N ARG P 55 -21.11 13.52 60.84
CA ARG P 55 -22.17 12.66 60.27
C ARG P 55 -22.82 13.25 59.02
N SER P 56 -23.44 12.37 58.23
CA SER P 56 -24.40 12.79 57.21
C SER P 56 -25.62 13.42 57.88
N GLN P 57 -25.97 14.65 57.54
CA GLN P 57 -27.06 15.40 58.19
C GLN P 57 -27.38 16.68 57.39
N ARG P 58 -28.63 16.90 56.99
CA ARG P 58 -29.10 18.09 56.25
C ARG P 58 -29.03 19.36 57.07
N LEU P 59 -28.77 20.50 56.41
CA LEU P 59 -28.86 21.81 57.05
C LEU P 59 -30.28 22.35 57.07
N THR P 60 -30.95 22.41 55.93
CA THR P 60 -32.36 22.86 55.83
C THR P 60 -33.26 21.67 55.56
N LEU P 61 -34.35 21.52 56.30
CA LEU P 61 -35.41 20.56 55.99
C LEU P 61 -36.64 21.29 55.48
N ARG P 62 -37.29 20.69 54.48
CA ARG P 62 -38.54 21.14 53.86
C ARG P 62 -39.61 20.14 54.21
N PHE P 63 -40.75 20.58 54.70
CA PHE P 63 -41.90 19.73 54.99
C PHE P 63 -43.12 20.13 54.15
N VAL P 64 -43.95 19.14 53.84
CA VAL P 64 -45.20 19.29 53.10
C VAL P 64 -46.36 18.90 54.00
N PRO P 65 -47.56 19.47 53.83
CA PRO P 65 -48.64 19.25 54.77
C PRO P 65 -48.99 17.78 54.95
N VAL P 66 -49.29 17.33 56.16
CA VAL P 66 -50.01 16.08 56.38
C VAL P 66 -51.50 16.24 56.12
N ASP P 67 -52.03 17.45 56.24
CA ASP P 67 -53.31 17.80 55.63
C ASP P 67 -53.43 19.29 55.31
N ARG P 68 -54.27 19.56 54.31
CA ARG P 68 -54.64 20.86 53.78
C ARG P 68 -56.14 21.01 53.91
N GLU P 69 -56.61 22.14 54.40
CA GLU P 69 -58.02 22.51 54.33
C GLU P 69 -58.10 23.86 53.65
N ASP P 70 -59.11 24.03 52.82
CA ASP P 70 -59.23 25.16 51.92
C ASP P 70 -60.67 25.68 51.97
N THR P 71 -60.88 26.99 52.13
CA THR P 71 -62.21 27.59 52.32
C THR P 71 -62.35 28.88 51.52
N THR P 72 -63.53 29.52 51.56
CA THR P 72 -63.75 30.81 50.91
C THR P 72 -62.81 31.92 51.40
N TYR P 73 -62.54 31.99 52.70
CA TYR P 73 -61.83 33.11 53.34
C TYR P 73 -60.54 32.74 54.07
N SER P 74 -60.21 31.46 54.20
CA SER P 74 -58.99 30.99 54.88
C SER P 74 -58.41 29.72 54.25
N TYR P 75 -57.15 29.43 54.54
CA TYR P 75 -56.49 28.18 54.21
C TYR P 75 -55.75 27.66 55.44
N LYS P 76 -55.84 26.39 55.75
CA LYS P 76 -55.19 25.77 56.92
C LYS P 76 -54.25 24.69 56.46
N ALA P 77 -52.99 24.72 56.90
CA ALA P 77 -52.01 23.70 56.60
C ALA P 77 -51.44 23.12 57.87
N ARG P 78 -51.21 21.81 57.89
CA ARG P 78 -50.76 21.07 59.09
C ARG P 78 -49.52 20.28 58.78
N PHE P 79 -48.51 20.37 59.61
CA PHE P 79 -47.23 19.70 59.44
C PHE P 79 -46.92 18.86 60.67
N THR P 80 -46.12 17.79 60.49
CA THR P 80 -45.36 17.18 61.59
C THR P 80 -43.92 17.64 61.50
N LEU P 81 -43.57 18.62 62.32
CA LEU P 81 -42.21 19.10 62.52
C LEU P 81 -41.45 18.02 63.29
N ALA P 82 -40.22 17.71 62.90
CA ALA P 82 -39.55 16.50 63.38
C ALA P 82 -38.09 16.77 63.74
N VAL P 83 -37.87 17.26 64.95
CA VAL P 83 -36.54 17.47 65.52
C VAL P 83 -35.98 16.11 65.90
N GLY P 84 -35.34 15.41 64.97
CA GLY P 84 -34.75 14.09 65.23
C GLY P 84 -33.59 14.15 66.23
N ASP P 85 -33.14 13.00 66.71
CA ASP P 85 -32.11 12.89 67.75
C ASP P 85 -30.81 13.62 67.45
N ASN P 86 -30.14 14.08 68.50
CA ASN P 86 -28.89 14.82 68.44
C ASN P 86 -28.97 16.13 67.65
N ARG P 87 -30.13 16.78 67.65
CA ARG P 87 -30.35 18.10 67.06
C ARG P 87 -30.98 19.05 68.07
N VAL P 88 -30.90 20.35 67.81
CA VAL P 88 -31.77 21.35 68.42
C VAL P 88 -32.23 22.30 67.33
N LEU P 89 -33.50 22.70 67.34
CA LEU P 89 -34.07 23.58 66.32
C LEU P 89 -34.43 24.91 66.93
N ASP P 90 -33.83 26.00 66.46
CA ASP P 90 -34.34 27.31 66.81
C ASP P 90 -35.51 27.66 65.90
N MET P 91 -36.70 27.86 66.46
CA MET P 91 -37.91 28.23 65.72
C MET P 91 -37.76 29.52 64.91
N ALA P 92 -36.76 30.36 65.17
CA ALA P 92 -36.44 31.51 64.31
C ALA P 92 -35.97 31.07 62.91
N SER P 93 -35.51 29.82 62.80
CA SER P 93 -35.02 29.18 61.59
C SER P 93 -36.13 28.60 60.74
N THR P 94 -37.38 28.91 61.04
CA THR P 94 -38.55 28.29 60.39
C THR P 94 -39.44 29.33 59.78
N TYR P 95 -40.12 28.98 58.70
CA TYR P 95 -41.08 29.85 58.02
C TYR P 95 -41.99 29.03 57.12
N PHE P 96 -43.19 29.54 56.83
CA PHE P 96 -44.14 28.94 55.91
C PHE P 96 -43.90 29.53 54.54
N ASP P 97 -43.52 28.72 53.59
CA ASP P 97 -43.19 29.13 52.23
C ASP P 97 -44.41 28.84 51.36
N ILE P 98 -44.96 29.88 50.76
CA ILE P 98 -46.24 29.86 50.09
C ILE P 98 -46.06 30.19 48.62
N ARG P 99 -46.67 29.39 47.74
CA ARG P 99 -46.77 29.66 46.31
C ARG P 99 -48.23 29.76 45.93
N GLY P 100 -48.55 30.65 45.01
CA GLY P 100 -49.93 30.96 44.68
C GLY P 100 -50.03 31.86 43.46
N VAL P 101 -51.23 32.37 43.18
CA VAL P 101 -51.43 33.36 42.14
C VAL P 101 -52.36 34.47 42.57
N LEU P 102 -51.95 35.71 42.34
CA LEU P 102 -52.74 36.92 42.56
C LEU P 102 -53.46 37.32 41.30
N ASP P 103 -54.65 37.85 41.43
CA ASP P 103 -55.19 38.83 40.49
C ASP P 103 -55.42 40.08 41.30
N ARG P 104 -54.74 41.17 40.95
CA ARG P 104 -54.89 42.48 41.61
C ARG P 104 -56.18 43.21 41.24
N GLY P 105 -56.93 42.72 40.27
CA GLY P 105 -58.14 43.38 39.79
C GLY P 105 -57.85 44.55 38.86
N PRO P 106 -58.88 45.11 38.22
CA PRO P 106 -58.72 46.20 37.29
C PRO P 106 -58.34 47.53 37.97
N SER P 107 -58.55 47.66 39.29
CA SER P 107 -58.24 48.85 40.07
C SER P 107 -56.77 49.00 40.46
N PHE P 108 -55.88 48.28 39.82
CA PHE P 108 -54.45 48.35 40.07
C PHE P 108 -53.78 49.18 38.97
N LYS P 109 -52.93 50.14 39.35
CA LYS P 109 -52.16 50.95 38.41
C LYS P 109 -50.84 51.43 39.01
N PRO P 110 -49.73 50.71 38.86
CA PRO P 110 -48.48 51.02 39.56
C PRO P 110 -47.67 52.20 38.98
N TYR P 111 -48.27 53.16 38.27
CA TYR P 111 -47.54 54.30 37.73
C TYR P 111 -48.43 55.53 37.56
N SER P 112 -47.85 56.72 37.64
CA SER P 112 -48.53 57.98 37.36
C SER P 112 -48.52 58.25 35.86
N GLY P 113 -49.53 58.92 35.34
CA GLY P 113 -49.65 59.19 33.90
C GLY P 113 -50.17 58.01 33.10
N THR P 114 -49.98 58.04 31.78
CA THR P 114 -50.39 57.00 30.84
C THR P 114 -49.17 56.37 30.17
N ALA P 115 -49.26 55.10 29.77
CA ALA P 115 -48.26 54.52 28.88
C ALA P 115 -48.38 55.00 27.42
N TYR P 116 -49.53 55.50 26.97
CA TYR P 116 -49.86 55.64 25.54
C TYR P 116 -50.00 57.10 25.10
N ASN P 117 -49.23 57.51 24.10
CA ASN P 117 -49.26 58.89 23.58
C ASN P 117 -49.11 59.95 24.68
N SER P 118 -48.24 59.72 25.64
CA SER P 118 -48.05 60.57 26.81
C SER P 118 -47.63 62.00 26.49
N LEU P 119 -46.97 62.24 25.36
CA LEU P 119 -46.63 63.59 24.88
C LEU P 119 -47.79 64.29 24.19
N ALA P 120 -48.84 63.58 23.79
CA ALA P 120 -49.90 64.18 23.00
C ALA P 120 -50.61 65.22 23.86
N PRO P 121 -50.87 66.43 23.37
CA PRO P 121 -51.67 67.39 24.12
C PRO P 121 -52.97 66.75 24.55
N LYS P 122 -53.34 66.91 25.81
CA LYS P 122 -54.62 66.40 26.30
C LYS P 122 -55.70 67.11 25.51
N SER P 123 -56.72 66.39 25.09
CA SER P 123 -57.71 66.86 24.10
C SER P 123 -57.25 67.05 22.66
N ALA P 124 -56.01 66.73 22.27
CA ALA P 124 -55.72 66.54 20.85
C ALA P 124 -56.45 65.28 20.38
N PRO P 125 -57.31 65.32 19.36
CA PRO P 125 -58.04 64.15 18.91
C PRO P 125 -57.14 63.18 18.13
N ASN P 126 -57.58 61.94 17.98
CA ASN P 126 -57.06 61.05 16.95
C ASN P 126 -57.64 61.49 15.59
N PRO P 127 -56.86 61.51 14.51
CA PRO P 127 -57.38 61.70 13.15
C PRO P 127 -58.56 60.76 12.88
N SER P 128 -59.72 61.31 12.55
CA SER P 128 -60.97 60.53 12.57
C SER P 128 -62.11 61.17 11.78
N GLN P 129 -63.11 60.35 11.41
CA GLN P 129 -64.29 60.74 10.65
C GLN P 129 -65.60 60.64 11.43
N TRP P 130 -66.65 61.29 10.94
CA TRP P 130 -68.01 61.24 11.49
C TRP P 130 -69.02 61.69 10.44
N THR P 131 -70.33 61.49 10.67
CA THR P 131 -71.37 61.91 9.71
C THR P 131 -71.98 63.23 10.14
N ALA P 132 -71.92 64.24 9.27
CA ALA P 132 -72.33 65.61 9.57
C ALA P 132 -73.53 66.05 8.72
N ASN P 133 -74.54 66.61 9.36
CA ASN P 133 -75.81 66.93 8.73
C ASN P 133 -75.79 68.28 7.97
N GLU P 134 -74.86 68.46 7.02
CA GLU P 134 -74.54 69.77 6.45
C GLU P 134 -75.34 70.17 5.18
N LYS P 135 -75.58 71.48 5.00
CA LYS P 135 -76.13 72.15 3.80
C LYS P 135 -75.96 73.69 3.88
N GLN P 136 -76.31 74.38 2.78
CA GLN P 136 -76.82 75.76 2.84
C GLN P 136 -77.98 76.03 1.86
N THR P 137 -77.91 75.46 0.64
CA THR P 137 -78.89 75.71 -0.44
C THR P 137 -80.29 75.17 -0.13
N GLY P 138 -80.40 74.05 0.58
CA GLY P 138 -81.65 73.29 0.65
C GLY P 138 -81.86 72.39 -0.57
N GLY P 139 -82.96 71.65 -0.66
CA GLY P 139 -84.10 71.66 0.28
C GLY P 139 -83.90 70.84 1.57
N GLN P 140 -82.74 70.21 1.75
CA GLN P 140 -82.48 69.31 2.89
C GLN P 140 -81.01 69.30 3.32
N PRO P 141 -80.71 69.00 4.59
CA PRO P 141 -79.36 68.67 5.05
C PRO P 141 -78.94 67.29 4.53
N LYS P 142 -77.67 67.14 4.13
CA LYS P 142 -77.23 66.06 3.22
C LYS P 142 -76.69 64.80 3.90
N SER P 143 -76.26 64.89 5.17
CA SER P 143 -75.63 63.78 5.91
C SER P 143 -74.36 63.23 5.24
N VAL P 144 -73.42 64.11 4.95
CA VAL P 144 -72.09 63.79 4.40
C VAL P 144 -71.16 63.20 5.45
N THR P 145 -70.17 62.39 5.08
CA THR P 145 -69.02 62.12 5.97
C THR P 145 -68.09 63.32 6.05
N GLN P 146 -67.59 63.62 7.24
CA GLN P 146 -66.74 64.75 7.59
C GLN P 146 -65.50 64.20 8.29
N THR P 147 -64.37 64.89 8.18
CA THR P 147 -63.06 64.39 8.61
C THR P 147 -62.25 65.48 9.29
N PHE P 148 -61.45 65.08 10.27
CA PHE P 148 -60.37 65.87 10.83
C PHE P 148 -59.12 65.00 10.91
N GLY P 149 -57.94 65.54 10.61
CA GLY P 149 -56.72 64.76 10.73
C GLY P 149 -55.49 65.43 10.18
N SER P 150 -54.46 64.66 9.89
CA SER P 150 -53.29 65.11 9.15
C SER P 150 -52.78 64.05 8.20
N ALA P 151 -51.95 64.45 7.25
CA ALA P 151 -51.37 63.60 6.24
C ALA P 151 -49.84 63.80 6.22
N PRO P 152 -49.08 63.06 7.04
CA PRO P 152 -47.66 63.30 7.22
C PRO P 152 -46.77 62.73 6.11
N MET P 153 -47.22 61.73 5.36
CA MET P 153 -46.34 61.03 4.42
C MET P 153 -46.31 61.75 3.08
N GLY P 154 -45.14 62.20 2.63
CA GLY P 154 -45.00 62.77 1.30
C GLY P 154 -44.89 61.71 0.20
N GLY P 155 -45.45 61.95 -0.98
CA GLY P 155 -45.42 61.02 -2.09
C GLY P 155 -45.54 61.66 -3.47
N SER P 156 -45.25 60.90 -4.51
CA SER P 156 -44.98 61.44 -5.85
C SER P 156 -46.23 61.73 -6.69
N ASN P 157 -47.31 61.01 -6.43
CA ASN P 157 -48.56 61.04 -7.17
C ASN P 157 -49.63 60.33 -6.32
N ILE P 158 -50.91 60.55 -6.60
CA ILE P 158 -52.03 59.83 -5.97
C ILE P 158 -52.91 59.25 -7.06
N THR P 159 -53.28 57.98 -6.92
CA THR P 159 -54.16 57.25 -7.84
C THR P 159 -55.16 56.41 -7.05
N ILE P 160 -55.89 55.50 -7.70
CA ILE P 160 -56.80 54.61 -6.99
C ILE P 160 -56.04 53.63 -6.08
N GLU P 161 -54.76 53.38 -6.33
CA GLU P 161 -53.84 52.69 -5.42
C GLU P 161 -53.45 53.55 -4.20
N GLY P 162 -53.91 54.80 -4.13
CA GLY P 162 -53.51 55.74 -3.11
C GLY P 162 -52.15 56.36 -3.40
N LEU P 163 -51.30 56.46 -2.38
CA LEU P 163 -50.09 57.26 -2.40
C LEU P 163 -48.92 56.53 -3.07
N VAL P 164 -48.27 57.15 -4.05
CA VAL P 164 -46.98 56.69 -4.58
C VAL P 164 -45.86 57.04 -3.62
N ILE P 165 -45.24 56.03 -3.03
CA ILE P 165 -44.13 56.19 -2.07
C ILE P 165 -42.75 56.07 -2.74
N GLY P 166 -42.69 55.59 -3.98
CA GLY P 166 -41.44 55.33 -4.67
C GLY P 166 -41.65 54.80 -6.08
N THR P 167 -40.58 54.24 -6.66
CA THR P 167 -40.56 53.83 -8.07
C THR P 167 -39.65 52.61 -8.27
N LYS P 168 -40.07 51.69 -9.14
CA LYS P 168 -39.32 50.54 -9.67
C LYS P 168 -38.33 51.01 -10.73
N GLU P 169 -37.06 50.67 -10.56
CA GLU P 169 -35.97 51.14 -11.42
C GLU P 169 -35.70 50.23 -12.64
N GLU P 170 -36.13 48.97 -12.61
CA GLU P 170 -35.87 47.96 -13.65
C GLU P 170 -36.38 48.36 -15.05
N GLU P 171 -35.47 48.37 -16.04
CA GLU P 171 -35.80 48.76 -17.42
C GLU P 171 -36.42 47.61 -18.24
N GLY P 172 -37.59 47.12 -17.82
CA GLY P 172 -38.55 46.47 -18.72
C GLY P 172 -39.42 47.47 -19.51
N ASN P 173 -39.38 48.73 -19.09
CA ASN P 173 -40.13 49.89 -19.57
C ASN P 173 -39.37 51.14 -19.07
N ALA P 174 -39.96 52.33 -19.16
CA ALA P 174 -39.65 53.41 -18.22
C ALA P 174 -39.96 52.99 -16.76
N THR P 175 -39.41 53.73 -15.79
CA THR P 175 -39.55 53.43 -14.36
C THR P 175 -41.01 53.52 -13.90
N GLU P 176 -41.39 52.67 -12.94
CA GLU P 176 -42.77 52.24 -12.68
C GLU P 176 -43.21 52.54 -11.23
N GLU P 177 -44.45 52.95 -11.00
CA GLU P 177 -44.90 53.44 -9.68
C GLU P 177 -44.96 52.35 -8.60
N ILE P 178 -44.62 52.71 -7.35
CA ILE P 178 -44.73 51.86 -6.16
C ILE P 178 -45.55 52.58 -5.11
N PHE P 179 -46.54 51.89 -4.54
CA PHE P 179 -47.63 52.46 -3.73
C PHE P 179 -47.61 51.96 -2.27
N ALA P 180 -48.05 52.78 -1.33
CA ALA P 180 -48.16 52.38 0.07
C ALA P 180 -49.10 51.17 0.26
N ASP P 181 -48.63 50.11 0.92
CA ASP P 181 -49.47 48.96 1.27
C ASP P 181 -50.47 49.36 2.36
N LYS P 182 -51.77 49.36 2.05
CA LYS P 182 -52.75 49.88 3.00
C LYS P 182 -52.75 49.15 4.34
N THR P 183 -52.32 47.90 4.40
CA THR P 183 -52.33 47.10 5.63
C THR P 183 -51.42 47.63 6.72
N PHE P 184 -50.42 48.47 6.40
CA PHE P 184 -49.60 49.11 7.43
C PHE P 184 -49.05 50.50 7.05
N GLN P 185 -49.31 51.02 5.85
CA GLN P 185 -48.69 52.26 5.38
C GLN P 185 -49.67 53.39 5.08
N PRO P 186 -49.25 54.65 5.20
CA PRO P 186 -48.01 55.05 5.83
C PRO P 186 -48.04 54.77 7.33
N GLU P 187 -46.92 54.35 7.91
CA GLU P 187 -46.83 54.15 9.35
C GLU P 187 -46.95 55.54 10.02
N PRO P 188 -47.75 55.72 11.08
CA PRO P 188 -48.05 57.05 11.59
C PRO P 188 -46.84 57.74 12.20
N GLN P 189 -45.80 56.99 12.58
CA GLN P 189 -44.52 57.49 13.09
C GLN P 189 -43.58 58.00 11.99
N VAL P 190 -43.93 57.85 10.71
CA VAL P 190 -43.15 58.33 9.57
C VAL P 190 -43.79 59.58 8.97
N GLY P 191 -42.97 60.60 8.76
CA GLY P 191 -43.33 61.85 8.07
C GLY P 191 -42.08 62.52 7.53
N GLU P 192 -42.21 63.68 6.89
CA GLU P 192 -41.06 64.35 6.29
C GLU P 192 -39.96 64.73 7.30
N GLU P 193 -38.70 64.59 6.89
CA GLU P 193 -37.56 64.42 7.78
C GLU P 193 -37.05 65.70 8.44
N ASN P 194 -37.34 66.85 7.85
CA ASN P 194 -36.80 68.14 8.24
C ASN P 194 -37.80 69.27 7.94
N TRP P 195 -37.60 70.49 8.49
CA TRP P 195 -38.63 71.53 8.41
C TRP P 195 -38.92 72.09 7.01
N GLN P 196 -38.09 71.82 6.00
CA GLN P 196 -38.41 72.14 4.60
C GLN P 196 -39.46 71.17 4.04
N GLU P 197 -40.66 71.33 4.59
CA GLU P 197 -41.85 70.53 4.43
C GLU P 197 -42.48 70.84 3.08
N THR P 198 -42.03 70.21 1.99
CA THR P 198 -42.56 70.52 0.65
C THR P 198 -42.65 69.30 -0.27
N GLU P 199 -43.89 68.97 -0.65
CA GLU P 199 -44.24 67.81 -1.49
C GLU P 199 -45.48 68.10 -2.32
N ALA P 200 -45.60 67.42 -3.47
CA ALA P 200 -46.74 67.59 -4.37
C ALA P 200 -48.01 66.90 -3.86
N PHE P 201 -47.88 65.78 -3.14
CA PHE P 201 -49.00 64.98 -2.60
C PHE P 201 -48.67 64.42 -1.22
N TYR P 202 -49.69 64.25 -0.38
CA TYR P 202 -49.53 63.75 0.99
C TYR P 202 -50.55 62.67 1.33
N GLY P 203 -50.25 61.80 2.28
CA GLY P 203 -51.23 60.87 2.81
C GLY P 203 -51.06 60.56 4.29
N GLY P 204 -51.99 59.80 4.86
CA GLY P 204 -52.04 59.45 6.27
C GLY P 204 -53.01 58.32 6.57
N ARG P 205 -53.34 58.10 7.85
CA ARG P 205 -54.32 57.12 8.32
C ARG P 205 -55.34 57.78 9.23
N ALA P 206 -56.60 57.34 9.26
CA ALA P 206 -57.63 57.93 10.11
C ALA P 206 -58.64 56.90 10.60
N LEU P 207 -59.15 57.06 11.81
CA LEU P 207 -60.23 56.22 12.33
C LEU P 207 -61.52 56.41 11.53
N LYS P 208 -62.16 55.33 11.09
CA LYS P 208 -63.49 55.34 10.45
C LYS P 208 -64.59 55.85 11.39
N LYS P 209 -65.74 56.17 10.80
CA LYS P 209 -66.97 56.62 11.48
C LYS P 209 -67.34 55.77 12.70
N ASP P 210 -67.14 54.46 12.61
CA ASP P 210 -67.67 53.48 13.56
C ASP P 210 -66.79 53.24 14.79
N THR P 211 -65.52 53.62 14.76
CA THR P 211 -64.66 53.60 15.95
C THR P 211 -64.93 54.87 16.75
N LYS P 212 -65.55 54.73 17.93
CA LYS P 212 -65.93 55.87 18.77
C LYS P 212 -64.74 56.74 19.12
N MET P 213 -64.92 58.04 19.15
CA MET P 213 -63.84 58.97 19.47
C MET P 213 -63.35 58.81 20.90
N LYS P 214 -62.03 58.88 21.03
CA LYS P 214 -61.27 59.14 22.24
C LYS P 214 -60.17 60.14 21.87
N PRO P 215 -59.69 60.98 22.80
CA PRO P 215 -58.55 61.84 22.56
C PRO P 215 -57.25 61.04 22.52
N CYS P 216 -56.20 61.59 21.91
CA CYS P 216 -55.05 60.78 21.57
C CYS P 216 -54.28 60.36 22.82
N TYR P 217 -54.13 61.26 23.78
CA TYR P 217 -53.46 60.99 25.05
C TYR P 217 -54.15 59.81 25.74
N GLY P 218 -53.50 58.65 25.74
CA GLY P 218 -53.97 57.42 26.35
C GLY P 218 -54.61 56.42 25.40
N SER P 219 -54.82 56.76 24.13
CA SER P 219 -55.37 55.84 23.12
C SER P 219 -54.39 54.75 22.75
N PHE P 220 -54.81 53.50 22.89
CA PHE P 220 -54.10 52.30 22.47
C PHE P 220 -54.96 51.49 21.52
N ALA P 221 -54.37 50.70 20.64
CA ALA P 221 -55.08 49.73 19.84
C ALA P 221 -54.19 48.51 19.56
N ARG P 222 -54.66 47.28 19.80
CA ARG P 222 -53.79 46.12 19.55
C ARG P 222 -53.44 46.06 18.06
N PRO P 223 -52.20 45.73 17.69
CA PRO P 223 -51.83 45.50 16.30
C PRO P 223 -52.48 44.22 15.78
N THR P 224 -52.83 44.20 14.51
CA THR P 224 -53.51 43.07 13.85
C THR P 224 -52.71 42.49 12.68
N ASN P 225 -51.47 42.92 12.50
CA ASN P 225 -50.48 42.32 11.62
C ASN P 225 -49.07 42.53 12.18
N GLU P 226 -48.10 41.75 11.73
CA GLU P 226 -46.71 41.81 12.21
C GLU P 226 -45.93 43.07 11.79
N LYS P 227 -46.49 43.91 10.91
CA LYS P 227 -45.94 45.23 10.59
C LYS P 227 -46.65 46.35 11.34
N GLY P 228 -47.37 46.02 12.41
CA GLY P 228 -47.88 46.99 13.37
C GLY P 228 -49.08 47.80 12.92
N GLY P 229 -49.73 47.42 11.83
CA GLY P 229 -51.01 48.00 11.46
C GLY P 229 -52.10 47.54 12.43
N GLN P 230 -53.13 48.35 12.60
CA GLN P 230 -54.11 48.21 13.67
C GLN P 230 -55.55 47.99 13.17
N ALA P 231 -55.75 47.77 11.87
CA ALA P 231 -57.09 47.60 11.31
C ALA P 231 -57.83 46.39 11.89
N LYS P 232 -59.15 46.46 12.03
CA LYS P 232 -59.98 45.27 12.27
C LYS P 232 -59.98 44.37 11.04
N LEU P 233 -60.14 43.05 11.22
CA LEU P 233 -60.57 42.18 10.12
C LEU P 233 -62.07 42.34 9.87
N LYS P 234 -62.52 42.19 8.62
CA LYS P 234 -63.95 42.22 8.30
C LYS P 234 -64.64 40.94 8.75
N LEU P 235 -65.83 41.03 9.32
CA LEU P 235 -66.66 39.88 9.73
C LEU P 235 -67.93 39.86 8.86
N ASN P 236 -67.77 39.97 7.54
CA ASN P 236 -68.92 40.13 6.64
C ASN P 236 -69.83 38.89 6.63
N ASP P 237 -71.08 39.08 7.06
CA ASP P 237 -72.16 38.08 7.11
C ASP P 237 -71.88 36.82 7.95
N GLN P 238 -70.77 36.77 8.69
CA GLN P 238 -70.46 35.74 9.68
C GLN P 238 -69.64 36.31 10.85
N GLY P 239 -69.78 35.71 12.03
CA GLY P 239 -68.90 36.00 13.17
C GLY P 239 -67.45 35.53 12.97
N GLN P 240 -67.22 34.52 12.13
CA GLN P 240 -65.87 34.13 11.73
C GLN P 240 -65.27 35.18 10.77
N PRO P 241 -64.01 35.62 10.97
CA PRO P 241 -63.42 36.69 10.17
C PRO P 241 -63.20 36.29 8.71
N THR P 242 -63.18 37.32 7.85
CA THR P 242 -62.88 37.23 6.43
C THR P 242 -61.36 37.30 6.21
N LYS P 243 -60.90 37.11 4.97
CA LYS P 243 -59.48 37.14 4.58
C LYS P 243 -58.75 38.47 4.87
N ASP P 244 -59.50 39.58 4.99
CA ASP P 244 -58.98 40.92 4.78
C ASP P 244 -59.45 41.98 5.81
N TYR P 245 -58.74 43.10 5.81
CA TYR P 245 -58.86 44.18 6.77
C TYR P 245 -59.88 45.26 6.38
N ASP P 246 -60.49 45.86 7.39
CA ASP P 246 -61.45 46.95 7.31
C ASP P 246 -60.78 48.32 7.05
N ILE P 247 -60.07 48.44 5.92
CA ILE P 247 -59.34 49.64 5.50
C ILE P 247 -59.85 50.12 4.14
N ASP P 248 -60.29 51.38 4.04
CA ASP P 248 -60.77 51.97 2.78
C ASP P 248 -60.29 53.41 2.61
N LEU P 249 -59.85 53.74 1.41
CA LEU P 249 -59.27 55.04 1.07
C LEU P 249 -60.35 56.12 0.98
N ALA P 250 -60.00 57.32 1.44
CA ALA P 250 -60.71 58.55 1.12
C ALA P 250 -59.74 59.50 0.42
N PHE P 251 -60.23 60.28 -0.54
CA PHE P 251 -59.42 61.18 -1.34
C PHE P 251 -59.94 62.60 -1.22
N PHE P 252 -59.03 63.57 -1.21
CA PHE P 252 -59.33 64.95 -0.87
C PHE P 252 -58.58 65.92 -1.76
N ASP P 253 -59.10 67.14 -1.90
CA ASP P 253 -58.74 68.12 -2.93
C ASP P 253 -58.90 69.56 -2.40
N THR P 254 -58.16 70.52 -2.95
CA THR P 254 -58.27 71.94 -2.59
C THR P 254 -59.56 72.59 -3.13
N PRO P 255 -60.44 73.14 -2.28
CA PRO P 255 -61.86 73.34 -2.56
C PRO P 255 -62.19 74.69 -3.22
N GLY P 256 -63.50 74.94 -3.39
CA GLY P 256 -64.07 76.27 -3.59
C GLY P 256 -64.86 76.49 -4.88
N GLY P 257 -65.02 75.44 -5.71
CA GLY P 257 -65.47 75.57 -7.11
C GLY P 257 -64.39 76.15 -8.05
N THR P 258 -63.21 76.47 -7.48
CA THR P 258 -62.02 77.00 -8.15
C THR P 258 -60.78 76.64 -7.29
N PRO P 259 -59.92 75.71 -7.75
CA PRO P 259 -58.72 75.24 -7.06
C PRO P 259 -57.52 76.16 -7.41
N PRO P 260 -56.27 75.84 -7.05
CA PRO P 260 -55.07 76.51 -7.56
C PRO P 260 -54.84 76.49 -9.09
N THR P 261 -55.77 75.99 -9.91
CA THR P 261 -55.61 75.73 -11.35
C THR P 261 -56.83 76.14 -12.19
N GLY P 262 -56.63 76.25 -13.50
CA GLY P 262 -57.52 76.82 -14.50
C GLY P 262 -58.63 75.84 -14.93
N SER P 263 -59.38 75.33 -13.96
CA SER P 263 -60.51 74.39 -14.16
C SER P 263 -60.11 73.12 -14.95
N GLY P 264 -58.89 72.62 -14.72
CA GLY P 264 -58.35 71.45 -15.43
C GLY P 264 -58.33 71.68 -16.95
N GLN P 265 -59.07 70.85 -17.69
CA GLN P 265 -59.63 71.26 -18.99
C GLN P 265 -61.08 71.77 -18.86
N GLN P 266 -61.93 71.05 -18.13
CA GLN P 266 -63.39 71.28 -18.07
C GLN P 266 -64.04 70.97 -16.70
N GLU P 267 -63.24 70.56 -15.70
CA GLU P 267 -63.64 70.41 -14.31
C GLU P 267 -62.41 70.59 -13.40
N GLU P 268 -62.62 70.97 -12.14
CA GLU P 268 -61.52 71.44 -11.29
C GLU P 268 -60.81 70.32 -10.50
N TYR P 269 -61.51 69.24 -10.18
CA TYR P 269 -61.12 68.27 -9.16
C TYR P 269 -59.96 67.31 -9.52
N LYS P 270 -58.97 67.18 -8.63
CA LYS P 270 -57.99 66.08 -8.56
C LYS P 270 -57.62 65.80 -7.11
N ALA P 271 -57.27 64.57 -6.74
CA ALA P 271 -56.82 64.26 -5.39
C ALA P 271 -55.45 64.90 -5.07
N ASP P 272 -55.41 65.78 -4.08
CA ASP P 272 -54.20 66.36 -3.49
C ASP P 272 -53.71 65.55 -2.27
N ILE P 273 -54.62 64.86 -1.59
CA ILE P 273 -54.36 64.08 -0.37
C ILE P 273 -55.16 62.78 -0.42
N VAL P 274 -54.63 61.71 0.16
CA VAL P 274 -55.31 60.44 0.36
C VAL P 274 -55.19 60.01 1.81
N MET P 275 -56.24 59.48 2.41
CA MET P 275 -56.15 58.91 3.76
C MET P 275 -56.72 57.51 3.83
N TYR P 276 -55.96 56.59 4.40
CA TYR P 276 -56.35 55.20 4.56
C TYR P 276 -57.21 55.07 5.81
N THR P 277 -58.52 55.18 5.65
CA THR P 277 -59.45 55.18 6.77
C THR P 277 -59.71 53.76 7.27
N GLU P 278 -59.66 53.52 8.57
CA GLU P 278 -59.73 52.17 9.14
C GLU P 278 -60.48 52.11 10.48
N ASN P 279 -61.16 51.00 10.77
CA ASN P 279 -61.63 50.72 12.13
C ASN P 279 -60.51 50.04 12.90
N VAL P 280 -60.32 50.34 14.18
CA VAL P 280 -59.00 50.17 14.80
C VAL P 280 -58.97 49.33 16.07
N ASN P 281 -60.09 48.88 16.61
CA ASN P 281 -60.08 48.11 17.86
C ASN P 281 -59.51 48.91 19.07
N LEU P 282 -59.74 50.23 19.06
CA LEU P 282 -59.27 51.22 20.03
C LEU P 282 -59.69 50.93 21.48
N GLU P 283 -58.82 51.26 22.42
CA GLU P 283 -58.99 51.20 23.86
C GLU P 283 -58.36 52.43 24.52
N THR P 284 -58.70 52.71 25.76
CA THR P 284 -57.94 53.65 26.60
C THR P 284 -57.64 52.95 27.93
N PRO P 285 -56.60 52.10 27.98
CA PRO P 285 -56.43 51.15 29.07
C PRO P 285 -56.25 51.81 30.44
N ASP P 286 -55.66 53.01 30.49
CA ASP P 286 -55.19 53.62 31.74
C ASP P 286 -55.52 55.11 31.88
N THR P 287 -56.44 55.63 31.08
CA THR P 287 -56.97 57.01 31.17
C THR P 287 -58.48 57.01 31.12
N HIS P 288 -59.09 58.14 31.46
CA HIS P 288 -60.53 58.33 31.38
C HIS P 288 -60.83 59.72 30.84
N VAL P 289 -61.99 59.90 30.24
CA VAL P 289 -62.44 61.20 29.75
C VAL P 289 -62.91 62.03 30.94
N VAL P 290 -62.21 63.12 31.23
CA VAL P 290 -62.55 64.04 32.32
C VAL P 290 -63.54 65.13 31.89
N TYR P 291 -63.59 65.46 30.59
CA TYR P 291 -64.62 66.30 29.98
C TYR P 291 -65.11 65.72 28.66
N LYS P 292 -66.42 65.77 28.42
CA LYS P 292 -66.99 65.65 27.07
C LYS P 292 -68.17 66.60 26.87
N PRO P 293 -68.39 67.14 25.67
CA PRO P 293 -69.24 68.31 25.53
C PRO P 293 -70.73 68.00 25.69
N GLY P 294 -71.19 66.90 25.13
CA GLY P 294 -72.56 66.38 25.32
C GLY P 294 -72.55 65.02 26.02
N LYS P 295 -73.74 64.45 26.25
CA LYS P 295 -73.91 63.07 26.73
C LYS P 295 -73.66 62.03 25.63
N GLU P 296 -73.64 62.45 24.37
CA GLU P 296 -73.34 61.64 23.19
C GLU P 296 -72.11 60.75 23.39
N ASP P 297 -72.20 59.45 23.11
CA ASP P 297 -71.00 58.62 23.04
C ASP P 297 -70.32 58.63 21.64
N GLU P 298 -71.11 58.70 20.57
CA GLU P 298 -70.67 58.48 19.20
C GLU P 298 -69.65 59.49 18.69
N SER P 299 -68.91 59.13 17.64
CA SER P 299 -68.02 60.05 16.92
C SER P 299 -68.81 61.20 16.31
N SER P 300 -68.32 62.43 16.47
CA SER P 300 -69.00 63.64 16.01
C SER P 300 -68.03 64.80 16.00
N GLU P 301 -68.41 65.95 15.43
CA GLU P 301 -67.53 67.11 15.49
C GLU P 301 -67.24 67.53 16.93
N THR P 302 -68.23 67.55 17.81
CA THR P 302 -68.01 68.00 19.18
C THR P 302 -67.24 66.98 20.01
N ASN P 303 -67.48 65.67 19.89
CA ASN P 303 -66.66 64.68 20.59
C ASN P 303 -65.18 64.68 20.16
N LEU P 304 -64.81 65.41 19.10
CA LEU P 304 -63.43 65.72 18.75
C LEU P 304 -62.71 66.55 19.83
N THR P 305 -63.43 67.01 20.86
CA THR P 305 -62.92 67.87 21.94
C THR P 305 -62.89 67.19 23.31
N GLN P 306 -63.16 65.88 23.42
CA GLN P 306 -63.03 65.18 24.70
C GLN P 306 -61.66 65.45 25.30
N GLN P 307 -61.57 65.59 26.62
CA GLN P 307 -60.30 65.74 27.32
C GLN P 307 -60.07 64.50 28.19
N SER P 308 -58.90 63.88 28.14
CA SER P 308 -58.58 62.72 28.97
C SER P 308 -57.60 63.07 30.07
N MET P 309 -57.84 62.53 31.26
CA MET P 309 -56.97 62.61 32.42
C MET P 309 -56.44 61.19 32.70
N PRO P 310 -55.18 61.00 33.06
CA PRO P 310 -54.68 59.66 33.36
C PRO P 310 -55.30 59.13 34.64
N ASN P 311 -55.55 57.81 34.73
CA ASN P 311 -56.11 57.23 35.95
C ASN P 311 -55.17 57.41 37.13
N ARG P 312 -55.72 57.51 38.35
CA ARG P 312 -54.93 57.68 39.57
C ARG P 312 -54.00 56.49 39.80
N PRO P 313 -52.73 56.70 40.18
CA PRO P 313 -51.83 55.61 40.49
C PRO P 313 -52.33 54.85 41.72
N ASN P 314 -52.31 53.53 41.68
CA ASN P 314 -52.72 52.66 42.76
C ASN P 314 -51.87 51.40 42.83
N TYR P 315 -50.80 51.44 43.61
CA TYR P 315 -49.97 50.30 43.95
C TYR P 315 -50.71 49.31 44.83
N ILE P 316 -50.54 48.03 44.56
CA ILE P 316 -51.00 46.95 45.42
C ILE P 316 -49.90 45.92 45.60
N GLY P 317 -49.76 45.40 46.80
CA GLY P 317 -48.89 44.28 47.16
C GLY P 317 -49.17 43.82 48.59
N PHE P 318 -48.45 42.82 49.08
CA PHE P 318 -48.61 42.37 50.45
C PHE P 318 -48.16 43.42 51.46
N ARG P 319 -48.75 43.41 52.66
CA ARG P 319 -48.39 44.30 53.76
C ARG P 319 -46.98 44.09 54.27
N ASP P 320 -46.46 45.09 54.96
CA ASP P 320 -45.15 45.08 55.61
C ASP P 320 -45.00 43.82 56.46
N ASN P 321 -43.88 43.12 56.42
CA ASN P 321 -43.67 41.92 57.25
C ASN P 321 -44.75 40.84 57.08
N PHE P 322 -45.53 40.85 55.99
CA PHE P 322 -46.74 40.05 55.85
C PHE P 322 -47.74 40.18 57.02
N VAL P 323 -47.92 41.39 57.58
CA VAL P 323 -49.09 41.66 58.45
C VAL P 323 -50.36 41.13 57.79
N GLY P 324 -51.26 40.55 58.55
CA GLY P 324 -52.58 40.13 58.10
C GLY P 324 -52.64 38.77 57.41
N LEU P 325 -51.53 38.17 57.01
CA LEU P 325 -51.53 36.90 56.26
C LEU P 325 -51.70 35.65 57.14
N MET P 326 -51.37 35.71 58.42
CA MET P 326 -51.55 34.60 59.38
C MET P 326 -52.54 35.00 60.48
N TYR P 327 -53.29 34.04 61.02
CA TYR P 327 -54.22 34.35 62.10
C TYR P 327 -53.49 34.48 63.43
N TYR P 328 -53.57 35.65 64.04
CA TYR P 328 -53.00 35.95 65.34
C TYR P 328 -54.04 36.63 66.20
N ASN P 329 -54.04 36.35 67.49
CA ASN P 329 -54.94 36.95 68.47
C ASN P 329 -56.41 36.79 68.06
N SER P 330 -56.76 35.61 67.59
CA SER P 330 -58.09 35.32 67.07
C SER P 330 -58.44 33.88 67.38
N THR P 331 -59.01 33.67 68.58
CA THR P 331 -59.16 32.36 69.22
C THR P 331 -60.03 31.37 68.44
N GLY P 332 -60.86 31.83 67.51
CA GLY P 332 -61.58 30.96 66.59
C GLY P 332 -60.68 30.23 65.58
N ASN P 333 -59.48 30.75 65.34
CA ASN P 333 -58.53 30.27 64.33
C ASN P 333 -57.11 30.19 64.88
N MET P 334 -56.95 29.96 66.18
CA MET P 334 -55.66 29.89 66.85
C MET P 334 -54.77 28.79 66.27
N GLY P 335 -53.50 29.09 66.00
CA GLY P 335 -52.54 28.10 65.51
C GLY P 335 -52.03 27.19 66.61
N VAL P 336 -51.34 26.11 66.24
CA VAL P 336 -51.04 24.98 67.13
C VAL P 336 -49.58 24.58 67.04
N LEU P 337 -48.90 24.45 68.17
CA LEU P 337 -47.63 23.75 68.27
C LEU P 337 -47.69 22.79 69.46
N ALA P 338 -47.76 21.49 69.22
CA ALA P 338 -48.09 20.51 70.25
C ALA P 338 -47.31 19.21 70.08
N GLY P 339 -46.91 18.55 71.16
CA GLY P 339 -46.17 17.29 71.09
C GLY P 339 -46.98 16.21 70.38
N GLN P 340 -46.38 15.49 69.43
CA GLN P 340 -47.16 14.72 68.46
C GLN P 340 -48.13 13.71 69.07
N ALA P 341 -47.72 13.01 70.13
CA ALA P 341 -48.53 12.01 70.84
C ALA P 341 -49.29 12.57 72.04
N SER P 342 -49.07 13.84 72.37
CA SER P 342 -49.39 14.46 73.65
C SER P 342 -49.87 15.86 73.37
N GLN P 343 -51.04 15.97 72.75
CA GLN P 343 -51.45 17.17 72.02
C GLN P 343 -51.98 18.32 72.90
N LEU P 344 -51.21 18.67 73.94
CA LEU P 344 -51.26 19.98 74.58
C LEU P 344 -50.68 21.00 73.61
N ASN P 345 -51.48 21.99 73.21
CA ASN P 345 -50.96 23.14 72.51
C ASN P 345 -50.02 23.93 73.43
N ALA P 346 -48.86 24.34 72.92
CA ALA P 346 -47.98 25.30 73.57
C ALA P 346 -48.42 26.75 73.31
N VAL P 347 -49.10 27.02 72.20
CA VAL P 347 -49.69 28.32 71.91
C VAL P 347 -50.95 28.51 72.76
N VAL P 348 -50.99 29.54 73.59
CA VAL P 348 -52.25 30.08 74.12
C VAL P 348 -52.33 31.52 73.68
N ASP P 349 -53.37 31.88 72.93
CA ASP P 349 -53.53 33.24 72.45
C ASP P 349 -54.84 33.87 72.93
N LEU P 350 -54.90 35.20 72.97
CA LEU P 350 -55.95 35.98 73.61
C LEU P 350 -56.49 36.99 72.61
N GLN P 351 -57.80 37.25 72.61
CA GLN P 351 -58.33 38.38 71.84
C GLN P 351 -57.69 39.70 72.30
N ASP P 352 -57.34 39.75 73.58
CA ASP P 352 -56.92 40.93 74.31
C ASP P 352 -55.42 41.20 74.17
N ARG P 353 -54.85 40.85 73.01
CA ARG P 353 -53.43 40.90 72.66
C ARG P 353 -53.29 41.35 71.21
N ASN P 354 -52.13 41.89 70.82
CA ASN P 354 -51.85 42.35 69.46
C ASN P 354 -50.43 41.98 69.04
N THR P 355 -50.25 40.79 68.48
CA THR P 355 -48.95 40.26 68.06
C THR P 355 -48.38 41.02 66.88
N GLU P 356 -49.22 41.48 65.97
CA GLU P 356 -48.75 42.17 64.78
C GLU P 356 -48.09 43.49 65.13
N LEU P 357 -48.70 44.30 65.99
CA LEU P 357 -48.08 45.55 66.40
C LEU P 357 -46.89 45.32 67.33
N SER P 358 -46.93 44.28 68.15
CA SER P 358 -45.75 43.91 68.92
C SER P 358 -44.55 43.62 68.02
N TYR P 359 -44.73 42.94 66.90
CA TYR P 359 -43.63 42.65 65.99
C TYR P 359 -43.12 43.91 65.30
N GLN P 360 -44.02 44.77 64.81
CA GLN P 360 -43.64 46.02 64.16
C GLN P 360 -42.78 46.87 65.09
N LEU P 361 -43.16 46.98 66.37
CA LEU P 361 -42.40 47.71 67.36
C LEU P 361 -41.10 47.01 67.74
N LEU P 362 -41.08 45.69 67.84
CA LEU P 362 -39.87 44.95 68.15
C LEU P 362 -38.80 45.26 67.10
N LEU P 363 -39.11 45.09 65.82
CA LEU P 363 -38.14 45.29 64.76
C LEU P 363 -37.56 46.69 64.72
N ASP P 364 -38.27 47.70 65.16
CA ASP P 364 -37.73 49.05 65.24
C ASP P 364 -36.67 49.15 66.35
N SER P 365 -36.85 48.43 67.46
CA SER P 365 -35.85 48.41 68.52
C SER P 365 -34.63 47.56 68.17
N LEU P 366 -34.80 46.53 67.36
CA LEU P 366 -33.73 45.60 66.99
C LEU P 366 -32.82 46.13 65.90
N GLY P 367 -33.32 46.97 65.01
CA GLY P 367 -32.51 47.50 63.91
C GLY P 367 -33.14 48.67 63.20
N ASP P 368 -32.58 49.01 62.05
CA ASP P 368 -32.98 50.14 61.23
C ASP P 368 -34.14 49.78 60.28
N ARG P 369 -35.39 50.11 60.61
CA ARG P 369 -36.54 49.83 59.75
C ARG P 369 -36.48 50.50 58.39
N THR P 370 -35.55 51.43 58.14
CA THR P 370 -35.40 52.06 56.82
C THR P 370 -34.71 51.18 55.78
N ARG P 371 -34.28 49.96 56.13
CA ARG P 371 -33.68 49.01 55.18
C ARG P 371 -34.68 47.93 54.78
N TYR P 372 -34.98 47.82 53.50
CA TYR P 372 -35.95 46.86 53.00
C TYR P 372 -35.33 45.48 52.82
N PHE P 373 -35.97 44.43 53.31
CA PHE P 373 -35.54 43.05 53.16
C PHE P 373 -36.66 42.28 52.49
N SER P 374 -36.42 41.76 51.29
CA SER P 374 -37.49 41.19 50.49
C SER P 374 -37.99 39.87 51.04
N MET P 375 -37.18 39.09 51.76
CA MET P 375 -37.59 37.76 52.20
C MET P 375 -38.84 37.82 53.05
N TRP P 376 -38.85 38.64 54.09
CA TRP P 376 -40.04 38.83 54.93
C TRP P 376 -40.98 39.90 54.41
N ASN P 377 -40.76 40.46 53.22
CA ASN P 377 -41.50 41.61 52.68
C ASN P 377 -41.46 42.79 53.66
N SER P 378 -40.32 42.94 54.34
CA SER P 378 -40.09 44.02 55.26
C SER P 378 -39.75 45.25 54.46
N ALA P 379 -40.63 46.25 54.45
CA ALA P 379 -40.40 47.54 53.83
C ALA P 379 -41.42 48.55 54.35
N VAL P 380 -41.03 49.33 55.36
CA VAL P 380 -41.94 50.03 56.26
C VAL P 380 -42.79 51.08 55.57
N ASP P 381 -44.07 51.13 55.91
CA ASP P 381 -44.97 52.17 55.42
C ASP P 381 -44.49 53.57 55.76
N SER P 382 -44.63 54.48 54.80
CA SER P 382 -44.10 55.84 54.89
C SER P 382 -44.93 56.79 54.05
N TYR P 383 -44.65 58.09 54.17
CA TYR P 383 -45.19 59.13 53.31
C TYR P 383 -44.07 60.07 52.93
N ASP P 384 -44.23 60.84 51.86
CA ASP P 384 -43.26 61.84 51.49
C ASP P 384 -43.29 62.98 52.53
N PRO P 385 -42.25 63.22 53.31
CA PRO P 385 -42.32 64.14 54.43
C PRO P 385 -42.45 65.60 54.02
N ASP P 386 -42.26 65.94 52.74
CA ASP P 386 -42.59 67.27 52.18
C ASP P 386 -44.07 67.39 51.80
N VAL P 387 -44.81 66.28 51.77
CA VAL P 387 -46.21 66.18 51.32
C VAL P 387 -47.16 66.17 52.49
N ARG P 388 -46.79 65.54 53.61
CA ARG P 388 -47.57 65.60 54.85
C ARG P 388 -47.61 67.03 55.40
N ILE P 389 -46.45 67.69 55.43
CA ILE P 389 -46.30 69.10 55.81
C ILE P 389 -45.69 69.84 54.62
N ILE P 390 -46.52 70.66 53.95
CA ILE P 390 -46.13 71.40 52.76
C ILE P 390 -45.19 72.53 53.15
N GLU P 391 -44.02 72.61 52.54
CA GLU P 391 -43.07 73.68 52.80
C GLU P 391 -43.08 74.66 51.62
N ASN P 392 -44.11 75.50 51.51
CA ASN P 392 -44.35 76.30 50.30
C ASN P 392 -43.51 77.56 50.16
N HIS P 393 -42.20 77.47 50.02
CA HIS P 393 -41.38 78.62 49.60
C HIS P 393 -41.45 78.98 48.11
N GLY P 394 -42.54 78.68 47.42
CA GLY P 394 -42.72 79.16 46.04
C GLY P 394 -41.67 78.62 45.09
N VAL P 395 -41.32 79.39 44.06
CA VAL P 395 -40.53 78.93 42.91
C VAL P 395 -39.47 79.91 42.46
N GLU P 396 -38.31 79.41 42.04
CA GLU P 396 -37.19 80.22 41.58
C GLU P 396 -37.39 80.63 40.10
N ASP P 397 -38.41 81.43 39.81
CA ASP P 397 -38.82 81.81 38.45
C ASP P 397 -38.37 83.21 37.99
N GLU P 398 -37.25 83.75 38.47
CA GLU P 398 -36.82 85.12 38.19
C GLU P 398 -36.54 85.42 36.72
N LEU P 399 -36.26 84.39 35.92
CA LEU P 399 -35.78 84.48 34.55
C LEU P 399 -36.78 83.78 33.62
N PRO P 400 -37.29 84.41 32.54
CA PRO P 400 -38.31 83.81 31.68
C PRO P 400 -37.77 82.70 30.78
N ASN P 401 -38.56 81.65 30.54
CA ASN P 401 -38.23 80.55 29.64
C ASN P 401 -39.10 80.61 28.37
N TYR P 402 -38.54 80.32 27.21
CA TYR P 402 -39.22 80.49 25.93
C TYR P 402 -39.33 79.18 25.14
N CYS P 403 -40.41 79.00 24.38
CA CYS P 403 -40.57 77.97 23.36
C CYS P 403 -40.44 78.65 21.97
N PHE P 404 -39.53 78.19 21.10
CA PHE P 404 -39.06 78.88 19.87
C PHE P 404 -39.28 78.08 18.58
N PRO P 405 -39.44 78.71 17.42
CA PRO P 405 -39.65 78.06 16.12
C PRO P 405 -38.57 77.07 15.78
N LEU P 406 -38.92 75.95 15.15
CA LEU P 406 -37.95 74.92 14.79
C LEU P 406 -36.87 75.44 13.84
N ASN P 407 -37.19 76.38 12.94
CA ASN P 407 -36.24 77.03 12.04
C ASN P 407 -35.49 78.22 12.68
N GLY P 408 -35.51 78.36 13.99
CA GLY P 408 -34.97 79.50 14.73
C GLY P 408 -35.85 80.74 14.67
N THR P 409 -36.15 81.27 13.48
CA THR P 409 -36.67 82.63 13.31
C THR P 409 -38.18 82.76 13.34
N GLY P 410 -38.93 81.72 12.99
CA GLY P 410 -40.39 81.78 12.79
C GLY P 410 -40.75 81.89 11.32
N THR P 411 -42.01 82.20 11.01
CA THR P 411 -42.41 82.42 9.61
C THR P 411 -41.84 83.74 9.10
N ASN P 412 -40.78 83.63 8.29
CA ASN P 412 -40.16 84.77 7.65
C ASN P 412 -41.09 85.37 6.59
N SER P 413 -41.05 86.70 6.42
CA SER P 413 -41.44 87.32 5.16
C SER P 413 -40.27 87.29 4.18
N THR P 414 -40.49 87.73 2.95
CA THR P 414 -39.57 87.47 1.84
C THR P 414 -39.19 88.73 1.08
N TYR P 415 -37.91 88.83 0.68
CA TYR P 415 -37.29 90.05 0.19
C TYR P 415 -36.50 89.84 -1.10
N GLN P 416 -36.38 90.90 -1.90
CA GLN P 416 -35.57 90.91 -3.12
C GLN P 416 -34.26 91.65 -2.87
N GLY P 417 -33.13 91.11 -3.34
CA GLY P 417 -31.86 91.82 -3.23
C GLY P 417 -31.81 93.08 -4.09
N VAL P 418 -31.20 94.15 -3.59
CA VAL P 418 -31.06 95.45 -4.28
C VAL P 418 -29.63 95.97 -4.24
N LYS P 419 -29.34 97.01 -5.00
CA LYS P 419 -28.04 97.69 -5.03
C LYS P 419 -28.18 99.18 -5.26
N VAL P 420 -27.26 99.98 -4.74
CA VAL P 420 -27.22 101.43 -5.02
C VAL P 420 -27.18 101.67 -6.53
N LYS P 421 -28.07 102.51 -7.05
CA LYS P 421 -28.23 102.74 -8.50
C LYS P 421 -26.97 103.40 -9.06
N THR P 422 -26.11 102.61 -9.70
CA THR P 422 -24.92 103.04 -10.47
C THR P 422 -23.90 103.91 -9.71
N GLY P 423 -23.94 103.94 -8.38
CA GLY P 423 -22.99 104.62 -7.49
C GLY P 423 -23.15 106.15 -7.43
N GLN P 424 -23.20 106.84 -8.57
CA GLN P 424 -23.30 108.30 -8.63
C GLN P 424 -24.62 108.81 -8.03
N ASP P 425 -24.55 109.83 -7.19
CA ASP P 425 -25.72 110.45 -6.53
C ASP P 425 -26.59 109.48 -5.70
N GLY P 426 -26.00 108.41 -5.14
CA GLY P 426 -26.66 107.45 -4.23
C GLY P 426 -27.01 108.00 -2.83
N ALA P 427 -26.78 109.28 -2.56
CA ALA P 427 -27.19 109.96 -1.32
C ALA P 427 -28.72 110.08 -1.22
N GLU P 428 -29.27 109.85 -0.02
CA GLU P 428 -30.70 109.88 0.34
C GLU P 428 -31.63 109.16 -0.66
N GLU P 429 -31.09 108.14 -1.35
CA GLU P 429 -31.73 107.46 -2.46
C GLU P 429 -32.94 106.65 -2.00
N THR P 430 -34.15 106.95 -2.51
CA THR P 430 -35.28 105.99 -2.50
C THR P 430 -35.36 105.18 -3.79
N GLU P 431 -34.40 105.40 -4.69
CA GLU P 431 -34.32 104.85 -6.04
C GLU P 431 -33.06 103.97 -6.23
N TRP P 432 -32.93 102.94 -5.40
CA TRP P 432 -31.96 101.86 -5.59
C TRP P 432 -32.36 101.05 -6.84
N ASP P 433 -31.51 100.15 -7.31
CA ASP P 433 -31.82 99.28 -8.45
C ASP P 433 -31.88 97.82 -7.98
N LYS P 434 -32.71 96.99 -8.60
CA LYS P 434 -32.80 95.57 -8.25
C LYS P 434 -31.47 94.89 -8.60
N ASP P 435 -30.95 94.07 -7.69
CA ASP P 435 -29.69 93.36 -7.90
C ASP P 435 -29.92 92.03 -8.62
N GLU P 436 -29.38 91.88 -9.82
CA GLU P 436 -29.53 90.66 -10.61
C GLU P 436 -28.70 89.49 -10.09
N THR P 437 -27.69 89.74 -9.25
CA THR P 437 -26.82 88.72 -8.67
C THR P 437 -27.43 88.06 -7.44
N VAL P 438 -28.57 88.53 -6.96
CA VAL P 438 -29.21 88.08 -5.72
C VAL P 438 -30.64 87.63 -5.98
N ALA P 439 -31.07 86.56 -5.33
CA ALA P 439 -32.37 85.94 -5.57
C ALA P 439 -33.56 86.91 -5.42
N ARG P 440 -34.70 86.54 -5.97
CA ARG P 440 -35.96 87.29 -5.81
C ARG P 440 -36.60 87.07 -4.43
N GLN P 441 -36.25 85.97 -3.76
CA GLN P 441 -36.92 85.51 -2.55
C GLN P 441 -35.96 85.11 -1.44
N ASN P 442 -35.25 86.07 -0.88
CA ASN P 442 -34.48 85.89 0.34
C ASN P 442 -35.43 85.88 1.53
N GLN P 443 -35.46 84.80 2.31
CA GLN P 443 -36.28 84.72 3.51
C GLN P 443 -35.59 85.42 4.68
N ILE P 444 -36.09 86.58 5.09
CA ILE P 444 -35.49 87.34 6.19
C ILE P 444 -36.56 87.83 7.15
N ALA P 445 -36.38 87.58 8.44
CA ALA P 445 -37.28 88.03 9.50
C ALA P 445 -36.79 89.36 10.10
N LYS P 446 -37.71 90.28 10.38
CA LYS P 446 -37.43 91.50 11.16
C LYS P 446 -37.32 91.20 12.64
N GLY P 447 -36.54 91.99 13.38
CA GLY P 447 -36.67 92.08 14.82
C GLY P 447 -36.31 90.80 15.57
N ASN P 448 -36.76 90.69 16.81
CA ASN P 448 -36.53 89.50 17.61
C ASN P 448 -37.22 88.28 17.00
N VAL P 449 -36.64 87.09 17.22
CA VAL P 449 -37.21 85.83 16.74
C VAL P 449 -38.58 85.55 17.37
N TYR P 450 -39.48 84.90 16.64
CA TYR P 450 -40.82 84.62 17.19
C TYR P 450 -40.72 83.75 18.43
N ALA P 451 -41.59 83.92 19.42
CA ALA P 451 -41.52 83.17 20.67
C ALA P 451 -42.87 83.09 21.38
N MET P 452 -42.97 82.10 22.28
CA MET P 452 -44.00 81.97 23.29
C MET P 452 -43.29 81.61 24.60
N GLU P 453 -43.92 81.80 25.74
CA GLU P 453 -43.25 81.87 27.03
C GLU P 453 -43.95 81.02 28.10
N ILE P 454 -43.18 80.25 28.87
CA ILE P 454 -43.70 79.31 29.86
C ILE P 454 -42.94 79.44 31.17
N ASN P 455 -43.66 79.50 32.29
CA ASN P 455 -43.05 79.48 33.61
C ASN P 455 -42.81 78.02 34.05
N LEU P 456 -41.67 77.44 33.69
CA LEU P 456 -41.42 76.01 33.92
C LEU P 456 -41.47 75.66 35.40
N GLN P 457 -40.99 76.53 36.27
CA GLN P 457 -40.92 76.24 37.70
C GLN P 457 -42.33 76.21 38.30
N ALA P 458 -43.15 77.22 38.02
CA ALA P 458 -44.51 77.25 38.52
C ALA P 458 -45.33 76.06 38.02
N ASN P 459 -45.17 75.64 36.77
CA ASN P 459 -45.81 74.44 36.26
C ASN P 459 -45.39 73.18 37.04
N LEU P 460 -44.11 72.98 37.31
CA LEU P 460 -43.63 71.84 38.10
C LEU P 460 -44.11 71.88 39.55
N TRP P 461 -44.25 73.06 40.15
CA TRP P 461 -44.79 73.18 41.49
C TRP P 461 -46.29 72.86 41.54
N LYS P 462 -47.10 73.34 40.59
CA LYS P 462 -48.50 72.92 40.52
C LYS P 462 -48.63 71.44 40.22
N SER P 463 -47.76 70.89 39.37
CA SER P 463 -47.74 69.46 39.05
C SER P 463 -47.46 68.65 40.29
N PHE P 464 -46.54 69.08 41.15
CA PHE P 464 -46.31 68.48 42.46
C PHE P 464 -47.54 68.61 43.36
N LEU P 465 -48.03 69.81 43.64
CA LEU P 465 -49.12 70.02 44.60
C LEU P 465 -50.41 69.33 44.19
N TYR P 466 -50.81 69.40 42.93
CA TYR P 466 -52.09 68.85 42.54
C TYR P 466 -52.12 67.34 42.71
N SER P 467 -51.21 66.62 42.06
CA SER P 467 -51.16 65.16 42.11
C SER P 467 -50.82 64.63 43.51
N ASN P 468 -50.00 65.31 44.31
CA ASN P 468 -49.61 64.81 45.62
C ASN P 468 -50.48 65.28 46.76
N VAL P 469 -51.30 66.32 46.60
CA VAL P 469 -52.16 66.83 47.68
C VAL P 469 -53.60 67.01 47.22
N ALA P 470 -53.88 67.71 46.13
CA ALA P 470 -55.26 67.93 45.75
C ALA P 470 -56.00 66.61 45.54
N LEU P 471 -55.41 65.65 44.83
CA LEU P 471 -56.09 64.36 44.58
C LEU P 471 -56.34 63.55 45.85
N TYR P 472 -55.70 63.87 46.96
CA TYR P 472 -55.91 63.20 48.24
C TYR P 472 -56.84 63.96 49.20
N LEU P 473 -57.41 65.13 48.83
CA LEU P 473 -58.37 65.82 49.68
C LEU P 473 -59.61 64.96 49.93
N PRO P 474 -60.30 65.11 51.08
CA PRO P 474 -61.49 64.35 51.39
C PRO P 474 -62.57 64.45 50.33
N ASP P 475 -63.36 63.40 50.11
CA ASP P 475 -64.31 63.36 49.01
C ASP P 475 -65.33 64.51 49.01
N SER P 476 -65.62 65.09 50.15
CA SER P 476 -66.49 66.26 50.25
C SER P 476 -65.93 67.52 49.58
N TYR P 477 -64.64 67.59 49.25
CA TYR P 477 -64.05 68.68 48.47
C TYR P 477 -64.11 68.46 46.95
N LYS P 478 -64.29 67.22 46.51
CA LYS P 478 -64.45 66.87 45.10
C LYS P 478 -65.89 67.06 44.65
N TYR P 479 -66.12 66.96 43.35
CA TYR P 479 -67.43 66.98 42.75
C TYR P 479 -67.44 66.10 41.50
N THR P 480 -68.62 65.76 41.00
CA THR P 480 -68.77 64.87 39.85
C THR P 480 -68.97 65.69 38.59
N PRO P 481 -68.21 65.47 37.49
CA PRO P 481 -68.34 66.26 36.27
C PRO P 481 -69.76 66.30 35.70
N ALA P 482 -70.01 67.24 34.78
CA ALA P 482 -71.35 67.53 34.28
C ALA P 482 -72.11 66.30 33.75
N ASN P 483 -71.45 65.47 32.94
CA ASN P 483 -72.05 64.37 32.20
C ASN P 483 -71.23 63.08 32.34
N VAL P 484 -70.84 62.76 33.56
CA VAL P 484 -70.17 61.52 33.92
C VAL P 484 -70.95 60.80 35.02
N THR P 485 -71.08 59.49 34.90
CA THR P 485 -71.71 58.63 35.92
C THR P 485 -70.67 57.76 36.61
N LEU P 486 -70.74 57.74 37.94
CA LEU P 486 -69.89 56.96 38.84
C LEU P 486 -70.76 55.90 39.53
N PRO P 487 -70.26 54.69 39.81
CA PRO P 487 -70.94 53.73 40.67
C PRO P 487 -71.31 54.35 42.02
N ALA P 488 -72.44 53.97 42.60
CA ALA P 488 -72.89 54.53 43.88
C ALA P 488 -71.99 54.16 45.07
N ASN P 489 -71.22 53.09 44.93
CA ASN P 489 -70.32 52.59 45.96
C ASN P 489 -69.05 53.46 46.04
N THR P 490 -69.00 54.35 47.02
CA THR P 490 -67.89 55.30 47.25
C THR P 490 -66.56 54.65 47.60
N ASN P 491 -66.47 53.31 47.70
CA ASN P 491 -65.23 52.56 47.92
C ASN P 491 -64.70 51.84 46.67
N THR P 492 -65.41 51.89 45.54
CA THR P 492 -64.88 51.43 44.24
C THR P 492 -63.70 52.27 43.78
N TYR P 493 -62.89 51.75 42.85
CA TYR P 493 -61.90 52.57 42.17
C TYR P 493 -62.56 53.56 41.24
N GLU P 494 -63.59 53.16 40.50
CA GLU P 494 -64.28 54.03 39.54
C GLU P 494 -64.74 55.34 40.18
N TYR P 495 -65.39 55.28 41.35
CA TYR P 495 -65.76 56.46 42.08
C TYR P 495 -64.53 57.27 42.50
N MET P 496 -63.55 56.69 43.19
CA MET P 496 -62.33 57.40 43.61
C MET P 496 -61.53 58.00 42.46
N ASN P 497 -61.62 57.41 41.26
CA ASN P 497 -60.87 57.78 40.07
C ASN P 497 -61.59 58.81 39.21
N GLY P 498 -62.93 58.80 39.18
CA GLY P 498 -63.73 59.65 38.31
C GLY P 498 -64.12 61.00 38.91
N ARG P 499 -64.14 61.14 40.24
CA ARG P 499 -64.42 62.41 40.94
C ARG P 499 -63.36 63.44 40.60
N VAL P 500 -63.69 64.73 40.57
CA VAL P 500 -62.76 65.81 40.22
C VAL P 500 -62.54 66.73 41.40
N VAL P 501 -61.30 67.19 41.59
CA VAL P 501 -60.97 68.25 42.54
C VAL P 501 -60.43 69.44 41.79
N ALA P 502 -60.92 70.63 42.13
CA ALA P 502 -60.50 71.87 41.50
C ALA P 502 -59.05 72.20 41.86
N PRO P 503 -58.14 72.44 40.90
CA PRO P 503 -56.76 72.78 41.18
C PRO P 503 -56.52 74.05 41.97
N SER P 504 -57.56 74.85 42.21
CA SER P 504 -57.50 76.09 42.98
C SER P 504 -57.70 75.87 44.48
N LEU P 505 -58.27 74.75 44.89
CA LEU P 505 -57.92 74.20 46.20
C LEU P 505 -56.44 73.83 46.12
N VAL P 506 -55.65 74.09 47.17
CA VAL P 506 -54.22 73.74 47.22
C VAL P 506 -53.43 74.09 45.95
N ASP P 507 -53.53 75.35 45.52
CA ASP P 507 -52.79 75.91 44.39
C ASP P 507 -51.38 76.40 44.82
N ALA P 508 -50.53 76.83 43.89
CA ALA P 508 -49.18 77.29 44.18
C ALA P 508 -49.09 78.39 45.26
N TYR P 509 -50.13 79.20 45.46
CA TYR P 509 -50.19 80.23 46.48
C TYR P 509 -50.64 79.76 47.86
N ILE P 510 -50.92 78.46 48.05
CA ILE P 510 -51.46 77.92 49.31
C ILE P 510 -50.47 78.15 50.45
N ASN P 511 -50.88 78.87 51.49
CA ASN P 511 -50.04 79.15 52.66
C ASN P 511 -48.61 79.56 52.30
N ILE P 512 -48.43 80.45 51.32
CA ILE P 512 -47.12 80.64 50.72
C ILE P 512 -46.15 81.22 51.75
N GLY P 513 -45.01 80.58 51.92
CA GLY P 513 -44.05 80.87 52.97
C GLY P 513 -44.17 80.10 54.29
N ALA P 514 -45.07 79.12 54.45
CA ALA P 514 -45.25 78.38 55.71
C ALA P 514 -44.92 76.88 55.59
N ARG P 515 -44.45 76.26 56.68
CA ARG P 515 -44.60 74.82 56.91
C ARG P 515 -45.96 74.61 57.54
N TRP P 516 -46.92 74.10 56.81
CA TRP P 516 -48.26 73.94 57.36
C TRP P 516 -49.01 72.85 56.63
N SER P 517 -49.32 71.74 57.30
CA SER P 517 -50.25 70.75 56.77
C SER P 517 -51.65 71.37 56.67
N LEU P 518 -52.34 71.15 55.55
CA LEU P 518 -53.69 71.68 55.36
C LEU P 518 -54.62 71.14 56.44
N ASP P 519 -55.50 71.94 57.03
CA ASP P 519 -56.37 71.43 58.09
C ASP P 519 -57.29 70.26 57.68
N PRO P 520 -57.81 70.12 56.46
CA PRO P 520 -58.53 68.89 56.12
C PRO P 520 -57.62 67.67 56.06
N MET P 521 -56.31 67.83 55.84
CA MET P 521 -55.40 66.73 55.59
C MET P 521 -54.79 66.11 56.85
N ASP P 522 -54.78 66.79 58.00
CA ASP P 522 -54.29 66.20 59.24
C ASP P 522 -55.01 64.88 59.59
N ASN P 523 -56.30 64.83 59.31
CA ASN P 523 -57.19 63.72 59.63
C ASN P 523 -57.46 62.80 58.43
N VAL P 524 -56.66 62.90 57.36
CA VAL P 524 -56.61 61.94 56.24
C VAL P 524 -55.40 61.05 56.44
N ASN P 525 -55.55 59.74 56.26
CA ASN P 525 -54.45 58.81 56.48
C ASN P 525 -53.28 59.11 55.53
N PRO P 526 -52.08 59.46 56.02
CA PRO P 526 -51.00 59.85 55.15
C PRO P 526 -50.30 58.68 54.48
N PHE P 527 -50.45 57.45 54.97
CA PHE P 527 -49.78 56.28 54.42
C PHE P 527 -50.49 55.73 53.20
N ASN P 528 -51.78 56.02 53.05
CA ASN P 528 -52.56 55.76 51.84
C ASN P 528 -52.20 56.82 50.78
N HIS P 529 -50.99 56.74 50.23
CA HIS P 529 -50.46 57.67 49.24
C HIS P 529 -49.67 56.90 48.18
N HIS P 530 -49.51 57.44 46.98
CA HIS P 530 -48.71 56.82 45.94
C HIS P 530 -47.22 57.02 46.14
N ARG P 531 -46.78 58.02 46.90
CA ARG P 531 -45.38 58.20 47.29
C ARG P 531 -45.01 57.46 48.56
N ASN P 532 -45.83 56.50 49.00
CA ASN P 532 -45.46 55.61 50.10
C ASN P 532 -44.39 54.64 49.58
N ALA P 533 -43.11 54.99 49.69
CA ALA P 533 -42.03 54.24 49.08
C ALA P 533 -41.92 52.81 49.63
N GLY P 534 -42.38 52.57 50.86
CA GLY P 534 -42.48 51.22 51.40
C GLY P 534 -43.47 50.38 50.61
N LEU P 535 -44.70 50.88 50.45
CA LEU P 535 -45.70 50.22 49.64
C LEU P 535 -45.25 50.07 48.20
N ARG P 536 -44.76 51.13 47.54
CA ARG P 536 -44.31 51.03 46.15
C ARG P 536 -43.34 49.88 45.99
N TYR P 537 -42.34 49.78 46.85
CA TYR P 537 -41.38 48.69 46.79
C TYR P 537 -42.09 47.35 46.91
N ARG P 538 -42.89 47.11 47.96
CA ARG P 538 -43.66 45.86 48.12
C ARG P 538 -44.63 45.56 46.97
N SER P 539 -45.08 46.56 46.23
CA SER P 539 -45.88 46.38 45.03
C SER P 539 -45.04 46.02 43.82
N MET P 540 -43.97 46.76 43.54
CA MET P 540 -43.06 46.48 42.44
C MET P 540 -42.24 45.22 42.63
N LEU P 541 -42.11 44.74 43.87
CA LEU P 541 -41.39 43.53 44.22
C LEU P 541 -42.07 42.27 43.68
N LEU P 542 -43.37 42.32 43.45
CA LEU P 542 -44.14 41.23 42.88
C LEU P 542 -44.04 41.18 41.36
N GLY P 543 -43.94 42.35 40.75
CA GLY P 543 -44.10 42.56 39.32
C GLY P 543 -45.08 43.68 39.04
N ASN P 544 -45.15 44.14 37.81
CA ASN P 544 -45.98 45.25 37.34
C ASN P 544 -47.31 44.87 36.69
N GLY P 545 -47.60 43.59 36.42
CA GLY P 545 -48.86 43.15 35.84
C GLY P 545 -49.95 42.95 36.89
N ARG P 546 -51.24 42.93 36.51
CA ARG P 546 -52.29 42.66 37.49
C ARG P 546 -52.25 41.23 38.01
N TYR P 547 -51.83 40.27 37.19
CA TYR P 547 -51.79 38.87 37.58
C TYR P 547 -50.38 38.48 37.99
N VAL P 548 -50.19 37.82 39.12
CA VAL P 548 -48.84 37.52 39.62
C VAL P 548 -48.76 36.11 40.21
N PRO P 549 -48.08 35.16 39.57
CA PRO P 549 -47.70 33.91 40.20
C PRO P 549 -46.60 34.18 41.22
N PHE P 550 -46.96 34.24 42.50
CA PHE P 550 -46.08 34.66 43.59
C PHE P 550 -45.49 33.48 44.37
N HIS P 551 -44.42 33.76 45.10
CA HIS P 551 -43.70 32.82 45.95
C HIS P 551 -43.05 33.60 47.08
N ILE P 552 -43.37 33.27 48.33
CA ILE P 552 -43.01 34.06 49.51
C ILE P 552 -42.64 33.16 50.68
N GLN P 553 -41.81 33.67 51.59
CA GLN P 553 -41.52 33.04 52.88
C GLN P 553 -42.13 33.88 54.01
N VAL P 554 -42.99 33.33 54.85
CA VAL P 554 -43.66 34.09 55.93
C VAL P 554 -43.11 33.70 57.30
N PRO P 555 -42.65 34.65 58.12
CA PRO P 555 -42.01 34.36 59.39
C PRO P 555 -43.01 34.15 60.53
N GLN P 556 -42.65 33.34 61.52
CA GLN P 556 -43.44 33.21 62.73
C GLN P 556 -43.29 34.44 63.64
N LYS P 557 -44.35 35.21 63.84
CA LYS P 557 -44.35 36.39 64.72
C LYS P 557 -44.76 36.12 66.15
N PHE P 558 -45.37 34.99 66.47
CA PHE P 558 -45.98 34.81 67.79
C PHE P 558 -44.96 34.66 68.91
N PHE P 559 -45.03 35.50 69.94
CA PHE P 559 -43.93 35.66 70.89
C PHE P 559 -43.51 34.38 71.59
N ALA P 560 -44.47 33.56 72.01
CA ALA P 560 -44.19 32.39 72.84
C ALA P 560 -43.34 31.34 72.12
N ILE P 561 -43.29 31.35 70.79
CA ILE P 561 -42.57 30.33 70.04
C ILE P 561 -41.54 30.89 69.06
N LYS P 562 -41.59 32.17 68.67
CA LYS P 562 -40.73 32.68 67.58
C LYS P 562 -39.23 32.56 67.81
N ASN P 563 -38.78 32.34 69.04
CA ASN P 563 -37.38 32.09 69.43
C ASN P 563 -37.15 30.75 70.13
N LEU P 564 -38.18 29.93 70.31
CA LEU P 564 -38.11 28.71 71.10
C LEU P 564 -37.10 27.73 70.50
N LEU P 565 -36.17 27.23 71.32
CA LEU P 565 -35.22 26.20 70.91
C LEU P 565 -35.86 24.83 71.19
N LEU P 566 -36.51 24.28 70.18
CA LEU P 566 -37.31 23.08 70.24
C LEU P 566 -36.41 21.86 70.33
N LEU P 567 -36.44 21.18 71.46
CA LEU P 567 -35.61 20.00 71.70
C LEU P 567 -36.15 18.80 70.95
N PRO P 568 -35.37 17.72 70.77
CA PRO P 568 -35.77 16.54 70.03
C PRO P 568 -37.17 16.00 70.35
N GLY P 569 -37.86 15.58 69.30
CA GLY P 569 -39.22 15.06 69.30
C GLY P 569 -39.96 15.36 68.02
N SER P 570 -41.14 14.77 67.83
CA SER P 570 -42.08 15.14 66.77
C SER P 570 -43.11 16.11 67.33
N TYR P 571 -43.45 17.16 66.59
CA TYR P 571 -44.46 18.13 66.98
C TYR P 571 -45.45 18.38 65.84
N THR P 572 -46.72 18.40 66.16
CA THR P 572 -47.75 18.93 65.27
C THR P 572 -47.58 20.41 65.19
N TYR P 573 -47.60 20.98 63.99
CA TYR P 573 -47.54 22.42 63.76
C TYR P 573 -48.56 22.81 62.69
N GLU P 574 -49.65 23.44 63.09
CA GLU P 574 -50.65 23.98 62.17
C GLU P 574 -50.63 25.50 62.21
N TRP P 575 -50.89 26.16 61.09
CA TRP P 575 -51.36 27.53 61.18
C TRP P 575 -52.49 27.79 60.21
N ASN P 576 -53.30 28.79 60.50
CA ASN P 576 -54.36 29.27 59.63
C ASN P 576 -53.88 30.53 58.92
N PHE P 577 -54.15 30.63 57.63
CA PHE P 577 -53.79 31.74 56.77
C PHE P 577 -55.05 32.39 56.24
N ARG P 578 -55.08 33.70 56.05
CA ARG P 578 -56.21 34.36 55.41
C ARG P 578 -56.20 34.16 53.90
N LYS P 579 -57.35 34.39 53.25
CA LYS P 579 -57.47 34.73 51.82
C LYS P 579 -58.04 36.14 51.55
N ASP P 580 -58.41 36.86 52.58
CA ASP P 580 -59.13 38.12 52.48
C ASP P 580 -58.26 39.24 51.91
N VAL P 581 -58.47 39.62 50.66
CA VAL P 581 -57.64 40.62 49.99
C VAL P 581 -57.61 41.99 50.69
N ASN P 582 -58.64 42.36 51.44
CA ASN P 582 -58.63 43.61 52.20
C ASN P 582 -57.67 43.52 53.39
N MET P 583 -57.52 42.33 53.98
CA MET P 583 -56.51 42.09 55.02
C MET P 583 -55.13 41.87 54.43
N ILE P 584 -54.99 41.02 53.41
CA ILE P 584 -53.73 40.50 52.90
C ILE P 584 -52.92 41.52 52.12
N LEU P 585 -53.58 42.31 51.29
CA LEU P 585 -52.94 43.29 50.45
C LEU P 585 -53.04 44.68 51.08
N GLN P 586 -52.40 45.65 50.47
CA GLN P 586 -52.62 47.05 50.77
C GLN P 586 -52.73 47.81 49.45
N SER P 587 -53.59 48.81 49.37
CA SER P 587 -53.72 49.62 48.17
C SER P 587 -53.44 51.07 48.48
N SER P 588 -52.82 51.77 47.54
CA SER P 588 -52.41 53.15 47.73
C SER P 588 -53.61 54.08 47.96
N LEU P 589 -54.72 53.83 47.28
CA LEU P 589 -55.98 54.55 47.52
C LEU P 589 -56.73 54.04 48.75
N GLY P 590 -56.53 52.79 49.14
CA GLY P 590 -57.29 52.15 50.21
C GLY P 590 -58.63 51.60 49.78
N ASN P 591 -58.93 51.55 48.48
CA ASN P 591 -60.19 51.07 47.91
C ASN P 591 -60.58 49.69 48.41
N ASP P 592 -61.86 49.35 48.34
CA ASP P 592 -62.26 47.97 48.57
C ASP P 592 -61.60 47.09 47.50
N LEU P 593 -61.13 45.89 47.81
CA LEU P 593 -60.60 44.99 46.80
C LEU P 593 -61.48 43.74 46.61
N ARG P 594 -62.50 43.56 47.44
CA ARG P 594 -63.48 42.51 47.23
C ARG P 594 -64.46 42.90 46.13
N VAL P 595 -65.00 44.12 46.18
CA VAL P 595 -65.41 44.81 44.94
C VAL P 595 -64.11 45.24 44.27
N ASP P 596 -64.04 45.27 42.94
CA ASP P 596 -62.77 45.23 42.19
C ASP P 596 -62.11 43.85 42.16
N GLY P 597 -62.71 42.83 42.77
CA GLY P 597 -62.48 41.44 42.42
C GLY P 597 -61.02 40.98 42.41
N ALA P 598 -60.16 41.51 43.26
CA ALA P 598 -58.86 40.91 43.49
C ALA P 598 -59.04 39.52 44.10
N SER P 599 -58.12 38.58 43.84
CA SER P 599 -58.23 37.23 44.40
C SER P 599 -56.88 36.58 44.64
N VAL P 600 -56.87 35.54 45.48
CA VAL P 600 -55.69 34.76 45.86
C VAL P 600 -56.00 33.28 45.74
N ARG P 601 -55.10 32.49 45.17
CA ARG P 601 -55.07 31.04 45.36
C ARG P 601 -53.75 30.69 46.02
N PHE P 602 -53.75 29.79 46.98
CA PHE P 602 -52.51 29.15 47.44
C PHE P 602 -52.39 27.80 46.77
N ASP P 603 -51.39 27.63 45.92
CA ASP P 603 -51.15 26.37 45.24
C ASP P 603 -50.42 25.38 46.14
N SER P 604 -49.51 25.85 47.00
CA SER P 604 -48.96 25.06 48.10
C SER P 604 -48.41 25.93 49.23
N VAL P 605 -48.39 25.37 50.44
CA VAL P 605 -47.80 25.95 51.64
C VAL P 605 -46.82 24.93 52.23
N ASN P 606 -45.57 25.28 52.49
CA ASN P 606 -44.54 24.35 52.98
C ASN P 606 -43.77 24.93 54.16
N LEU P 607 -43.55 24.16 55.20
CA LEU P 607 -42.75 24.58 56.33
C LEU P 607 -41.28 24.25 56.06
N TYR P 608 -40.43 25.26 55.94
CA TYR P 608 -38.98 25.07 55.95
C TYR P 608 -38.46 25.25 57.37
N ALA P 609 -37.37 24.58 57.72
CA ALA P 609 -36.69 24.65 59.00
C ALA P 609 -35.19 24.47 58.80
N THR P 610 -34.33 25.03 59.65
CA THR P 610 -32.87 24.94 59.48
C THR P 610 -32.19 24.60 60.79
N PHE P 611 -31.22 23.68 60.77
CA PHE P 611 -30.57 23.13 61.95
C PHE P 611 -29.09 23.46 61.94
N PHE P 612 -28.56 23.98 63.05
CA PHE P 612 -27.13 24.06 63.22
C PHE P 612 -26.55 22.64 63.19
N PRO P 613 -25.50 22.33 62.41
CA PRO P 613 -25.00 20.96 62.23
C PRO P 613 -24.16 20.48 63.41
N MET P 614 -24.71 20.55 64.61
CA MET P 614 -23.99 20.44 65.87
C MET P 614 -23.41 19.03 66.11
N ALA P 615 -22.22 18.94 66.71
CA ALA P 615 -21.61 17.67 67.08
C ALA P 615 -22.57 16.86 67.95
N HIS P 616 -22.75 15.56 67.68
CA HIS P 616 -23.87 14.83 68.30
C HIS P 616 -23.78 14.75 69.81
N ASN P 617 -22.59 14.61 70.38
CA ASN P 617 -22.37 14.64 71.83
C ASN P 617 -22.56 16.03 72.42
N THR P 618 -22.33 17.10 71.67
CA THR P 618 -22.64 18.45 72.12
C THR P 618 -24.15 18.67 72.12
N ALA P 619 -24.85 18.27 71.06
CA ALA P 619 -26.29 18.43 70.94
C ALA P 619 -27.04 17.62 72.00
N SER P 620 -26.66 16.37 72.19
CA SER P 620 -27.20 15.50 73.22
C SER P 620 -26.96 16.06 74.62
N THR P 621 -25.80 16.67 74.86
CA THR P 621 -25.51 17.32 76.15
C THR P 621 -26.40 18.53 76.36
N LEU P 622 -26.48 19.42 75.38
CA LEU P 622 -27.30 20.62 75.48
C LEU P 622 -28.78 20.28 75.70
N GLU P 623 -29.32 19.26 75.04
CA GLU P 623 -30.66 18.74 75.35
C GLU P 623 -30.77 18.35 76.82
N ALA P 624 -29.86 17.53 77.34
CA ALA P 624 -29.93 17.14 78.74
C ALA P 624 -29.85 18.31 79.73
N MET P 625 -29.21 19.43 79.39
CA MET P 625 -29.21 20.64 80.22
C MET P 625 -30.48 21.45 80.05
N LEU P 626 -31.01 21.58 78.83
CA LEU P 626 -32.23 22.31 78.57
C LEU P 626 -33.50 21.59 79.04
N ARG P 627 -33.49 20.26 79.18
CA ARG P 627 -34.60 19.52 79.81
C ARG P 627 -34.70 19.67 81.32
N ASN P 628 -33.66 20.12 82.01
CA ASN P 628 -33.72 20.32 83.45
C ASN P 628 -34.55 21.55 83.78
N ASP P 629 -35.58 21.45 84.63
CA ASP P 629 -36.53 22.54 84.83
C ASP P 629 -35.93 23.83 85.40
N THR P 630 -34.67 23.81 85.82
CA THR P 630 -33.92 25.03 86.16
C THR P 630 -33.74 25.93 84.95
N ASN P 631 -33.61 25.34 83.77
CA ASN P 631 -33.24 25.98 82.51
C ASN P 631 -34.41 26.19 81.54
N ASP P 632 -35.65 26.28 82.02
CA ASP P 632 -36.80 26.55 81.16
C ASP P 632 -36.64 27.84 80.39
N GLN P 633 -36.87 27.81 79.08
CA GLN P 633 -36.76 29.00 78.26
C GLN P 633 -37.93 29.93 78.57
N SER P 634 -37.73 31.24 78.55
CA SER P 634 -38.77 32.20 78.88
C SER P 634 -38.76 33.36 77.93
N PHE P 635 -39.95 33.79 77.53
CA PHE P 635 -40.16 34.82 76.54
C PHE P 635 -41.26 35.74 77.02
N ASN P 636 -41.20 37.01 76.69
CA ASN P 636 -42.20 38.00 77.07
C ASN P 636 -42.50 38.84 75.84
N ASP P 637 -43.77 39.03 75.50
CA ASP P 637 -44.20 39.77 74.32
C ASP P 637 -43.56 41.17 74.31
N TYR P 638 -43.10 41.70 73.18
CA TYR P 638 -42.46 43.01 73.23
C TYR P 638 -43.45 44.09 73.64
N LEU P 639 -44.56 44.24 72.91
CA LEU P 639 -45.63 45.15 73.31
C LEU P 639 -46.51 44.51 74.38
N SER P 640 -45.96 44.12 75.53
CA SER P 640 -46.78 43.43 76.52
C SER P 640 -47.78 44.40 77.15
N ALA P 641 -49.05 44.19 76.85
CA ALA P 641 -50.18 45.01 77.25
C ALA P 641 -51.49 44.23 77.08
N ALA P 642 -52.55 44.63 77.77
CA ALA P 642 -53.93 44.36 77.35
C ALA P 642 -54.31 45.39 76.28
N ASN P 643 -55.18 45.04 75.34
CA ASN P 643 -55.47 45.88 74.16
C ASN P 643 -56.95 46.25 74.09
N MET P 644 -57.37 47.22 74.89
CA MET P 644 -58.74 47.70 74.87
C MET P 644 -59.04 48.58 73.65
N LEU P 645 -60.22 48.42 73.07
CA LEU P 645 -60.79 49.36 72.11
C LEU P 645 -62.13 49.86 72.65
N TYR P 646 -62.44 51.13 72.44
CA TYR P 646 -63.71 51.75 72.82
C TYR P 646 -64.26 52.63 71.70
N PRO P 647 -65.56 52.58 71.40
CA PRO P 647 -66.12 53.39 70.32
C PRO P 647 -66.24 54.87 70.72
N ILE P 648 -66.20 55.75 69.72
CA ILE P 648 -66.35 57.19 69.83
C ILE P 648 -67.37 57.63 68.76
N PRO P 649 -68.60 57.98 69.14
CA PRO P 649 -69.63 58.39 68.19
C PRO P 649 -69.19 59.58 67.33
N ALA P 650 -69.73 59.72 66.13
CA ALA P 650 -69.48 60.90 65.33
C ALA P 650 -69.86 62.17 66.12
N LYS P 651 -69.01 63.20 66.05
CA LYS P 651 -69.15 64.45 66.83
C LYS P 651 -68.98 64.32 68.34
N ALA P 652 -68.44 63.22 68.87
CA ALA P 652 -68.21 63.09 70.31
C ALA P 652 -66.87 63.71 70.73
N THR P 653 -66.93 64.72 71.58
CA THR P 653 -65.76 65.44 72.13
C THR P 653 -65.18 64.76 73.36
N ASN P 654 -65.96 63.93 74.02
CA ASN P 654 -65.70 63.39 75.34
C ASN P 654 -65.82 61.87 75.33
N VAL P 655 -64.86 61.16 75.92
CA VAL P 655 -64.82 59.69 75.94
C VAL P 655 -64.55 59.22 77.36
N PRO P 656 -65.59 58.99 78.17
CA PRO P 656 -65.47 58.48 79.52
C PRO P 656 -65.43 56.96 79.52
N ILE P 657 -64.61 56.39 80.39
CA ILE P 657 -64.34 54.97 80.55
C ILE P 657 -64.23 54.68 82.05
N SER P 658 -64.49 53.45 82.46
CA SER P 658 -63.96 52.92 83.72
C SER P 658 -63.70 51.45 83.60
N ILE P 659 -62.81 50.91 84.43
CA ILE P 659 -62.67 49.47 84.64
C ILE P 659 -62.85 49.13 86.11
N PRO P 660 -63.60 48.07 86.43
CA PRO P 660 -63.99 47.81 87.80
C PRO P 660 -62.82 47.34 88.64
N SER P 661 -62.94 47.55 89.95
CA SER P 661 -61.95 47.27 90.98
C SER P 661 -61.17 45.99 90.78
N ARG P 662 -59.84 46.09 90.71
CA ARG P 662 -58.97 44.96 90.40
C ARG P 662 -57.56 45.12 90.93
N ASN P 663 -56.77 44.06 90.86
CA ASN P 663 -55.35 44.11 91.14
C ASN P 663 -54.59 44.93 90.09
N TRP P 664 -53.67 45.78 90.55
CA TRP P 664 -52.78 46.62 89.73
C TRP P 664 -51.29 46.34 89.96
N ALA P 665 -50.94 45.32 90.74
CA ALA P 665 -49.56 44.99 91.00
C ALA P 665 -48.79 44.77 89.71
N ALA P 666 -47.57 45.28 89.60
CA ALA P 666 -46.77 45.21 88.37
C ALA P 666 -47.41 45.84 87.12
N PHE P 667 -48.43 46.69 87.26
CA PHE P 667 -48.84 47.60 86.21
C PHE P 667 -47.68 48.51 85.80
N ARG P 668 -47.58 48.86 84.53
CA ARG P 668 -46.49 49.70 84.01
C ARG P 668 -46.94 51.10 83.58
N GLY P 669 -48.24 51.32 83.39
CA GLY P 669 -48.77 52.55 82.82
C GLY P 669 -49.53 52.33 81.53
N TRP P 670 -49.91 53.42 80.88
CA TRP P 670 -50.83 53.42 79.76
C TRP P 670 -50.11 53.78 78.48
N SER P 671 -50.56 53.23 77.35
CA SER P 671 -50.33 53.83 76.04
C SER P 671 -51.66 54.00 75.34
N PHE P 672 -51.87 55.03 74.52
CA PHE P 672 -53.12 55.20 73.80
C PHE P 672 -53.00 56.04 72.52
N THR P 673 -53.97 55.85 71.64
CA THR P 673 -54.08 56.57 70.35
C THR P 673 -55.49 56.38 69.78
N ARG P 674 -55.78 56.91 68.60
CA ARG P 674 -57.15 56.96 68.05
C ARG P 674 -57.18 56.35 66.66
N LEU P 675 -58.16 55.53 66.37
CA LEU P 675 -58.28 54.82 65.11
C LEU P 675 -59.59 55.21 64.44
N LYS P 676 -59.67 55.25 63.11
CA LYS P 676 -60.97 55.32 62.45
C LYS P 676 -61.67 53.98 62.57
N THR P 677 -63.00 53.92 62.45
CA THR P 677 -63.68 52.62 62.49
C THR P 677 -63.56 51.87 61.17
N LYS P 678 -63.69 52.55 60.02
CA LYS P 678 -63.64 51.86 58.72
C LYS P 678 -62.25 51.34 58.34
N GLU P 679 -61.21 51.81 59.01
CA GLU P 679 -59.85 51.32 58.84
C GLU P 679 -59.49 50.15 59.78
N THR P 680 -60.35 49.76 60.72
CA THR P 680 -60.03 48.73 61.74
C THR P 680 -60.81 47.42 61.49
N PRO P 681 -60.17 46.25 61.37
CA PRO P 681 -60.85 45.00 61.11
C PRO P 681 -61.37 44.38 62.40
N SER P 682 -62.53 43.74 62.38
CA SER P 682 -63.05 42.96 63.49
C SER P 682 -62.36 41.60 63.61
N LEU P 683 -61.18 41.55 64.23
CA LEU P 683 -60.39 40.32 64.44
C LEU P 683 -61.07 39.26 65.34
N GLY P 684 -62.18 39.61 65.98
CA GLY P 684 -63.02 38.67 66.70
C GLY P 684 -63.69 37.62 65.80
N SER P 685 -63.56 37.70 64.49
CA SER P 685 -64.21 36.78 63.56
C SER P 685 -63.25 36.21 62.54
N GLY P 686 -63.58 35.03 62.01
CA GLY P 686 -62.78 34.37 61.00
C GLY P 686 -62.66 35.16 59.71
N PHE P 687 -63.74 35.83 59.32
CA PHE P 687 -63.81 36.78 58.21
C PHE P 687 -64.67 37.98 58.60
N ASP P 688 -64.45 39.14 57.97
CA ASP P 688 -65.17 40.38 58.28
C ASP P 688 -65.82 40.99 57.04
N PRO P 689 -67.09 40.68 56.74
CA PRO P 689 -67.76 41.16 55.55
C PRO P 689 -67.75 42.67 55.43
N TYR P 690 -67.69 43.39 56.55
CA TYR P 690 -67.90 44.83 56.61
C TYR P 690 -66.60 45.64 56.67
N PHE P 691 -65.44 44.99 56.61
CA PHE P 691 -64.15 45.67 56.47
C PHE P 691 -63.92 46.05 55.01
N VAL P 692 -64.63 47.06 54.54
CA VAL P 692 -64.64 47.50 53.13
C VAL P 692 -63.52 48.54 52.92
N TYR P 693 -62.25 48.12 52.98
CA TYR P 693 -61.09 49.02 52.99
C TYR P 693 -59.77 48.27 52.86
N SER P 694 -58.80 48.81 52.13
CA SER P 694 -57.50 48.18 51.90
C SER P 694 -56.31 49.07 52.21
N GLY P 695 -56.44 50.22 52.87
CA GLY P 695 -55.28 51.07 53.16
C GLY P 695 -54.41 50.50 54.28
N SER P 696 -53.52 51.28 54.91
CA SER P 696 -52.80 50.79 56.10
C SER P 696 -53.78 50.49 57.23
N ILE P 697 -53.47 49.61 58.16
CA ILE P 697 -54.30 49.27 59.31
C ILE P 697 -53.56 49.72 60.57
N PRO P 698 -53.76 50.95 61.05
CA PRO P 698 -53.01 51.46 62.17
C PRO P 698 -53.10 50.66 63.46
N TYR P 699 -54.09 49.80 63.62
CA TYR P 699 -54.15 48.87 64.75
C TYR P 699 -53.04 47.82 64.69
N LEU P 700 -52.56 47.45 63.50
CA LEU P 700 -51.64 46.33 63.30
C LEU P 700 -50.28 46.76 62.77
N ASP P 701 -50.28 47.72 61.85
CA ASP P 701 -49.13 48.08 61.02
C ASP P 701 -48.09 48.93 61.75
N GLY P 702 -48.43 49.54 62.88
CA GLY P 702 -47.83 50.83 63.23
C GLY P 702 -48.60 51.86 62.40
N THR P 703 -48.00 52.79 61.69
CA THR P 703 -48.74 53.75 60.82
C THR P 703 -49.77 54.58 61.55
N PHE P 704 -49.57 54.90 62.83
CA PHE P 704 -50.49 55.80 63.53
C PHE P 704 -50.52 57.20 62.92
N TYR P 705 -51.64 57.85 63.16
CA TYR P 705 -51.88 59.28 63.02
C TYR P 705 -53.03 59.62 63.98
N LEU P 706 -53.68 60.77 63.88
CA LEU P 706 -54.71 61.20 64.83
C LEU P 706 -54.25 61.42 66.28
N ASN P 707 -52.97 61.26 66.59
CA ASN P 707 -52.42 61.56 67.91
C ASN P 707 -52.59 63.03 68.28
N HIS P 708 -52.49 63.91 67.30
CA HIS P 708 -52.73 65.34 67.47
C HIS P 708 -54.18 65.68 67.80
N THR P 709 -55.12 64.74 67.70
CA THR P 709 -56.54 65.03 67.95
C THR P 709 -56.89 65.04 69.42
N PHE P 710 -56.07 64.49 70.30
CA PHE P 710 -56.32 64.52 71.74
C PHE P 710 -56.15 65.92 72.32
N LYS P 711 -57.08 66.35 73.18
CA LYS P 711 -57.03 67.64 73.84
C LYS P 711 -56.53 67.51 75.25
N LYS P 712 -57.09 66.58 76.02
CA LYS P 712 -56.65 66.26 77.39
C LYS P 712 -57.16 64.91 77.86
N VAL P 713 -56.62 64.40 78.96
CA VAL P 713 -57.04 63.13 79.59
C VAL P 713 -56.92 63.23 81.11
N SER P 714 -57.78 62.55 81.87
CA SER P 714 -57.65 62.50 83.32
C SER P 714 -57.99 61.13 83.88
N ILE P 715 -57.37 60.80 85.01
CA ILE P 715 -57.21 59.47 85.58
C ILE P 715 -57.60 59.54 87.04
N MET P 716 -58.39 58.59 87.51
CA MET P 716 -59.08 58.72 88.79
C MET P 716 -59.27 57.35 89.41
N PHE P 717 -58.51 57.03 90.45
CA PHE P 717 -58.70 55.77 91.16
C PHE P 717 -59.80 55.92 92.21
N ASP P 718 -60.64 54.90 92.37
CA ASP P 718 -61.69 54.81 93.37
C ASP P 718 -62.68 55.97 93.41
N SER P 719 -62.85 56.74 92.33
CA SER P 719 -63.68 57.94 92.26
C SER P 719 -63.34 59.05 93.27
N SER P 720 -62.16 59.01 93.90
CA SER P 720 -61.64 60.14 94.70
C SER P 720 -60.19 60.45 94.45
N VAL P 721 -59.35 59.46 94.15
CA VAL P 721 -57.90 59.61 94.02
C VAL P 721 -57.54 60.07 92.62
N SER P 722 -57.63 61.37 92.36
CA SER P 722 -57.17 61.98 91.11
C SER P 722 -55.67 61.80 90.97
N TRP P 723 -55.22 61.15 89.90
CA TRP P 723 -53.83 60.68 89.74
C TRP P 723 -53.08 61.44 88.64
N PRO P 724 -51.80 61.82 88.83
CA PRO P 724 -50.93 61.52 89.96
C PRO P 724 -51.22 62.35 91.21
N GLY P 725 -52.07 63.38 91.12
CA GLY P 725 -52.33 64.27 92.25
C GLY P 725 -51.02 64.85 92.76
N ASN P 726 -50.84 64.95 94.08
CA ASN P 726 -49.60 65.44 94.70
C ASN P 726 -49.12 66.78 94.14
N ASP P 727 -50.02 67.61 93.61
CA ASP P 727 -49.74 68.91 93.02
C ASP P 727 -48.65 68.87 91.95
N ARG P 728 -48.43 67.73 91.28
CA ARG P 728 -47.23 67.50 90.48
C ARG P 728 -47.15 68.40 89.27
N LEU P 729 -48.19 68.40 88.45
CA LEU P 729 -48.21 69.03 87.13
C LEU P 729 -48.62 70.50 87.21
N LEU P 730 -48.49 71.26 86.12
CA LEU P 730 -49.05 72.62 86.06
C LEU P 730 -50.60 72.66 86.08
N THR P 731 -51.26 71.52 85.88
CA THR P 731 -52.71 71.32 86.04
C THR P 731 -52.94 70.01 86.81
N PRO P 732 -52.69 69.98 88.12
CA PRO P 732 -52.44 68.76 88.88
C PRO P 732 -53.40 67.58 88.69
N ASN P 733 -54.67 67.84 88.42
CA ASN P 733 -55.67 66.79 88.29
C ASN P 733 -55.68 66.08 86.93
N GLU P 734 -55.05 66.61 85.89
CA GLU P 734 -55.20 66.09 84.53
C GLU P 734 -53.98 66.33 83.62
N PHE P 735 -53.86 65.54 82.57
CA PHE P 735 -52.84 65.70 81.53
C PHE P 735 -53.40 66.56 80.40
N GLU P 736 -53.07 67.85 80.36
CA GLU P 736 -53.54 68.74 79.31
C GLU P 736 -52.61 68.69 78.10
N ILE P 737 -52.93 67.82 77.15
CA ILE P 737 -52.08 67.51 76.00
C ILE P 737 -51.85 68.72 75.11
N LYS P 738 -52.86 69.54 74.80
CA LYS P 738 -52.72 70.71 73.93
C LYS P 738 -53.70 71.84 74.30
N ARG P 739 -53.43 73.10 73.95
CA ARG P 739 -54.31 74.25 74.28
C ARG P 739 -54.68 75.13 73.09
N SER P 740 -55.97 75.39 72.93
CA SER P 740 -56.50 76.29 71.89
C SER P 740 -56.35 77.79 72.21
N VAL P 741 -56.34 78.17 73.48
CA VAL P 741 -56.00 79.49 73.99
C VAL P 741 -55.14 79.31 75.22
N ASP P 742 -54.12 80.13 75.42
CA ASP P 742 -53.16 79.97 76.51
C ASP P 742 -52.94 81.31 77.22
N GLY P 743 -53.62 81.54 78.33
CA GLY P 743 -53.47 82.78 79.10
C GLY P 743 -52.22 82.80 79.97
N GLU P 744 -51.90 81.66 80.58
CA GLU P 744 -50.78 81.48 81.49
C GLU P 744 -49.42 81.37 80.77
N GLY P 745 -49.41 81.02 79.49
CA GLY P 745 -48.16 80.72 78.78
C GLY P 745 -47.68 79.29 79.04
N TYR P 746 -48.58 78.34 79.29
CA TYR P 746 -48.21 76.95 79.51
C TYR P 746 -47.90 76.18 78.24
N ASN P 747 -47.99 76.75 77.04
CA ASN P 747 -47.52 76.08 75.82
C ASN P 747 -46.01 75.89 75.78
N VAL P 748 -45.49 75.08 74.86
CA VAL P 748 -44.05 74.89 74.59
C VAL P 748 -43.73 74.94 73.12
N ALA P 749 -42.43 75.01 72.82
CA ALA P 749 -41.86 74.48 71.58
C ALA P 749 -42.46 75.08 70.31
N GLN P 750 -42.99 76.28 70.47
CA GLN P 750 -43.54 77.13 69.42
C GLN P 750 -44.72 76.46 68.71
N CYS P 751 -45.53 75.74 69.47
CA CYS P 751 -46.78 75.16 69.01
C CYS P 751 -47.81 75.07 70.15
N ASN P 752 -48.80 74.19 69.94
CA ASN P 752 -50.00 74.02 70.75
C ASN P 752 -49.77 73.14 71.99
N MET P 753 -48.73 72.29 72.00
CA MET P 753 -48.43 71.36 73.07
C MET P 753 -48.03 72.07 74.36
N THR P 754 -48.20 71.46 75.54
CA THR P 754 -48.00 72.12 76.84
C THR P 754 -46.72 71.73 77.57
N LYS P 755 -46.30 72.57 78.51
CA LYS P 755 -45.10 72.42 79.33
C LYS P 755 -45.10 71.19 80.19
N ASP P 756 -46.24 70.74 80.70
CA ASP P 756 -46.29 69.44 81.33
C ASP P 756 -46.34 68.31 80.30
N TRP P 757 -47.13 68.36 79.23
CA TRP P 757 -47.18 67.19 78.35
C TRP P 757 -45.87 66.92 77.64
N PHE P 758 -45.15 67.96 77.26
CA PHE P 758 -43.84 67.83 76.64
C PHE P 758 -42.81 67.28 77.62
N LEU P 759 -42.77 67.78 78.85
CA LEU P 759 -41.96 67.21 79.93
C LEU P 759 -42.29 65.74 80.16
N VAL P 760 -43.56 65.37 80.11
CA VAL P 760 -43.98 63.98 80.29
C VAL P 760 -43.52 63.13 79.13
N GLN P 761 -43.72 63.53 77.87
CA GLN P 761 -43.29 62.71 76.74
C GLN P 761 -41.77 62.62 76.60
N MET P 762 -41.02 63.68 76.92
CA MET P 762 -39.56 63.64 76.94
C MET P 762 -39.02 62.74 78.03
N LEU P 763 -39.59 62.74 79.22
CA LEU P 763 -39.14 61.83 80.28
C LEU P 763 -39.47 60.39 79.96
N SER P 764 -40.69 60.12 79.54
CA SER P 764 -41.19 58.77 79.35
C SER P 764 -40.65 58.07 78.10
N HIS P 765 -40.10 58.79 77.13
CA HIS P 765 -39.29 58.19 76.06
C HIS P 765 -37.80 58.12 76.36
N TYR P 766 -37.20 59.09 77.04
CA TYR P 766 -35.74 59.25 77.04
C TYR P 766 -35.08 59.55 78.39
N ASN P 767 -35.83 59.71 79.48
CA ASN P 767 -35.34 60.32 80.72
C ASN P 767 -34.83 61.77 80.59
N ILE P 768 -35.12 62.49 79.50
CA ILE P 768 -34.49 63.80 79.22
C ILE P 768 -35.00 64.98 80.04
N GLY P 769 -36.26 64.98 80.46
CA GLY P 769 -36.93 66.23 80.85
C GLY P 769 -36.44 66.92 82.12
N TYR P 770 -35.76 66.23 83.03
CA TYR P 770 -35.02 66.89 84.10
C TYR P 770 -33.60 67.15 83.60
N GLN P 771 -33.06 68.31 83.94
CA GLN P 771 -31.66 68.71 83.80
C GLN P 771 -31.03 68.45 82.44
N GLY P 772 -31.59 68.85 81.32
CA GLY P 772 -32.79 69.59 80.95
C GLY P 772 -32.93 69.38 79.44
N PHE P 773 -33.95 69.91 78.74
CA PHE P 773 -34.26 69.40 77.39
C PHE P 773 -33.11 69.54 76.39
N HIS P 774 -32.91 68.52 75.53
CA HIS P 774 -31.94 68.48 74.42
C HIS P 774 -32.38 67.45 73.38
N VAL P 775 -31.70 67.37 72.24
CA VAL P 775 -32.00 66.34 71.22
C VAL P 775 -31.55 64.95 71.67
N PRO P 776 -32.42 63.93 71.77
CA PRO P 776 -32.02 62.58 72.16
C PRO P 776 -31.06 61.96 71.14
N GLU P 777 -30.18 61.08 71.61
CA GLU P 777 -29.22 60.41 70.75
C GLU P 777 -29.92 59.48 69.74
N GLY P 778 -29.42 59.42 68.50
CA GLY P 778 -30.11 58.73 67.41
C GLY P 778 -30.34 57.23 67.60
N TYR P 779 -29.61 56.56 68.49
CA TYR P 779 -29.85 55.16 68.80
C TYR P 779 -31.02 54.96 69.75
N LYS P 780 -31.36 55.94 70.60
CA LYS P 780 -32.56 55.86 71.47
C LYS P 780 -33.77 56.54 70.85
N ASP P 781 -33.54 57.44 69.89
CA ASP P 781 -34.60 58.00 69.06
C ASP P 781 -34.95 57.04 67.91
N ARG P 782 -35.69 55.97 68.22
CA ARG P 782 -36.14 54.98 67.23
C ARG P 782 -37.21 55.58 66.31
N MET P 783 -37.68 54.80 65.34
CA MET P 783 -38.65 55.27 64.33
C MET P 783 -40.01 55.59 64.94
N TYR P 784 -40.47 54.81 65.91
CA TYR P 784 -41.72 55.09 66.64
C TYR P 784 -41.55 56.01 67.86
N SER P 785 -40.38 56.64 68.06
CA SER P 785 -40.16 57.50 69.24
C SER P 785 -40.70 58.90 69.05
N PHE P 786 -40.92 59.61 70.15
CA PHE P 786 -41.56 60.92 70.17
C PHE P 786 -40.83 61.95 69.33
N PHE P 787 -39.60 62.26 69.68
CA PHE P 787 -38.89 63.40 69.09
C PHE P 787 -38.53 63.19 67.61
N ARG P 788 -38.49 61.94 67.13
CA ARG P 788 -38.37 61.62 65.71
C ARG P 788 -39.57 62.14 64.91
N ASN P 789 -40.74 62.27 65.55
CA ASN P 789 -42.02 62.46 64.91
C ASN P 789 -42.73 63.75 65.31
N PHE P 790 -42.39 64.40 66.41
CA PHE P 790 -43.01 65.67 66.80
C PHE P 790 -42.71 66.80 65.80
N GLN P 791 -43.77 67.41 65.24
CA GLN P 791 -43.69 68.46 64.23
C GLN P 791 -44.52 69.68 64.63
N PRO P 792 -43.91 70.72 65.23
CA PRO P 792 -44.58 71.97 65.53
C PRO P 792 -44.71 72.85 64.29
N MET P 793 -45.81 73.61 64.17
CA MET P 793 -46.15 74.38 62.98
C MET P 793 -46.91 75.66 63.30
N SER P 794 -46.78 76.68 62.43
CA SER P 794 -47.46 77.97 62.56
C SER P 794 -47.81 78.56 61.20
N ARG P 795 -48.86 79.37 61.09
CA ARG P 795 -49.14 80.24 59.95
C ARG P 795 -49.87 81.49 60.38
N GLN P 796 -49.82 82.54 59.58
CA GLN P 796 -50.75 83.66 59.64
C GLN P 796 -51.87 83.47 58.63
N VAL P 797 -53.06 83.99 58.94
CA VAL P 797 -54.18 84.12 58.01
C VAL P 797 -54.91 85.44 58.25
N VAL P 798 -55.61 85.97 57.25
CA VAL P 798 -56.31 87.25 57.33
C VAL P 798 -57.26 87.31 58.53
N ASP P 799 -57.17 88.38 59.32
CA ASP P 799 -58.02 88.61 60.50
C ASP P 799 -59.42 89.04 60.06
N GLU P 800 -60.34 88.10 59.92
CA GLU P 800 -61.65 88.32 59.34
C GLU P 800 -62.52 89.32 60.13
N ILE P 801 -62.11 89.68 61.34
CA ILE P 801 -62.86 90.56 62.22
C ILE P 801 -62.28 91.96 62.17
N ASN P 802 -60.99 92.12 62.44
CA ASN P 802 -60.39 93.45 62.55
C ASN P 802 -60.00 94.08 61.22
N TYR P 803 -59.83 93.31 60.14
CA TYR P 803 -59.50 93.86 58.83
C TYR P 803 -60.77 94.33 58.15
N LYS P 804 -61.15 95.60 58.27
CA LYS P 804 -62.50 96.00 57.87
C LYS P 804 -62.79 95.86 56.37
N ASP P 805 -61.77 95.86 55.51
CA ASP P 805 -61.92 95.67 54.07
C ASP P 805 -62.12 94.20 53.65
N TYR P 806 -62.11 93.25 54.58
CA TYR P 806 -62.26 91.83 54.31
C TYR P 806 -63.57 91.48 53.61
N LYS P 807 -63.50 90.84 52.43
CA LYS P 807 -64.62 90.08 51.85
C LYS P 807 -64.31 88.59 51.81
N ALA P 808 -65.29 87.77 52.16
CA ALA P 808 -65.17 86.32 52.31
C ALA P 808 -65.42 85.58 51.00
N VAL P 809 -64.55 85.70 50.01
CA VAL P 809 -64.78 85.13 48.68
C VAL P 809 -64.65 83.60 48.68
N THR P 810 -65.65 82.88 48.18
CA THR P 810 -65.65 81.42 48.08
C THR P 810 -65.03 80.90 46.79
N LEU P 811 -64.69 79.61 46.73
CA LEU P 811 -63.86 79.06 45.68
C LEU P 811 -64.29 79.39 44.24
N PRO P 812 -65.57 79.31 43.83
CA PRO P 812 -65.96 79.58 42.46
C PRO P 812 -65.64 81.00 42.00
N PHE P 813 -65.47 81.93 42.93
CA PHE P 813 -65.32 83.36 42.71
C PHE P 813 -63.94 83.89 43.08
N GLN P 814 -63.08 83.08 43.69
CA GLN P 814 -61.66 83.39 43.82
C GLN P 814 -61.00 83.29 42.44
N HIS P 815 -60.16 84.25 42.06
CA HIS P 815 -59.37 84.13 40.84
C HIS P 815 -57.95 84.62 40.99
N ASN P 816 -57.05 83.85 40.39
CA ASN P 816 -55.61 84.05 40.31
C ASN P 816 -55.15 83.12 39.19
N ASN P 817 -54.22 83.53 38.33
CA ASN P 817 -53.89 82.83 37.09
C ASN P 817 -55.10 82.63 36.16
N SER P 818 -56.16 83.43 36.28
CA SER P 818 -57.28 83.38 35.35
C SER P 818 -56.80 83.60 33.93
N GLY P 819 -57.33 82.90 32.94
CA GLY P 819 -56.85 82.99 31.56
C GLY P 819 -55.63 82.15 31.26
N PHE P 820 -54.80 81.88 32.26
CA PHE P 820 -53.67 80.96 32.14
C PHE P 820 -53.98 79.55 32.70
N THR P 821 -54.98 79.42 33.56
CA THR P 821 -55.48 78.15 34.10
C THR P 821 -56.97 78.28 34.42
N GLY P 822 -57.70 77.18 34.50
CA GLY P 822 -59.08 77.22 34.98
C GLY P 822 -59.89 75.98 34.59
N TYR P 823 -61.19 75.93 34.88
CA TYR P 823 -61.89 76.83 35.81
C TYR P 823 -61.86 76.23 37.21
N LEU P 824 -62.62 75.16 37.44
CA LEU P 824 -62.65 74.42 38.70
C LEU P 824 -62.26 72.95 38.51
N ALA P 825 -61.39 72.68 37.54
CA ALA P 825 -61.03 71.34 37.10
C ALA P 825 -59.62 71.32 36.54
N PRO P 826 -58.96 70.16 36.44
CA PRO P 826 -57.69 70.02 35.74
C PRO P 826 -57.81 70.18 34.21
N THR P 827 -59.01 70.39 33.68
CA THR P 827 -59.28 70.54 32.24
C THR P 827 -58.63 71.79 31.63
N MET P 828 -58.67 71.90 30.30
CA MET P 828 -58.04 72.93 29.48
C MET P 828 -58.27 74.35 29.99
N ARG P 829 -57.26 75.22 29.90
CA ARG P 829 -57.30 76.62 30.35
C ARG P 829 -58.48 77.41 29.80
N GLN P 830 -59.04 78.30 30.61
CA GLN P 830 -60.18 79.16 30.30
C GLN P 830 -59.85 80.61 30.66
N GLY P 831 -60.47 81.60 30.03
CA GLY P 831 -60.61 82.94 30.61
C GLY P 831 -59.68 84.03 30.08
N GLN P 832 -59.44 85.07 30.88
CA GLN P 832 -58.59 86.21 30.53
C GLN P 832 -57.53 86.52 31.59
N PRO P 833 -56.37 87.06 31.21
CA PRO P 833 -55.45 87.72 32.12
C PRO P 833 -56.17 88.83 32.90
N TYR P 834 -55.94 88.92 34.20
CA TYR P 834 -56.53 89.95 35.05
C TYR P 834 -55.81 90.05 36.38
N PRO P 835 -55.88 91.17 37.12
CA PRO P 835 -55.45 91.21 38.50
C PRO P 835 -56.17 90.15 39.33
N ALA P 836 -55.43 89.37 40.10
CA ALA P 836 -55.98 88.36 40.98
C ALA P 836 -56.73 88.97 42.17
N ASN P 837 -57.81 88.34 42.63
CA ASN P 837 -58.52 88.73 43.84
C ASN P 837 -58.15 87.89 45.07
N PHE P 838 -57.34 86.84 44.94
CA PHE P 838 -57.04 85.90 46.02
C PHE P 838 -55.61 85.35 45.93
N PRO P 839 -54.95 84.95 47.02
CA PRO P 839 -55.26 85.17 48.43
C PRO P 839 -54.75 86.55 48.88
N TYR P 840 -55.12 87.04 50.04
CA TYR P 840 -54.63 88.35 50.50
C TYR P 840 -53.11 88.35 50.77
N PRO P 841 -52.42 89.49 50.69
CA PRO P 841 -51.02 89.57 51.07
C PRO P 841 -50.84 89.55 52.58
N LEU P 842 -49.81 88.87 53.07
CA LEU P 842 -49.37 88.93 54.47
C LEU P 842 -47.95 89.50 54.63
N ILE P 843 -47.40 90.11 53.59
CA ILE P 843 -46.04 90.66 53.51
C ILE P 843 -46.00 91.99 52.73
N GLY P 844 -44.91 92.72 52.81
CA GLY P 844 -44.77 94.02 52.14
C GLY P 844 -45.45 95.17 52.89
N GLN P 845 -45.48 96.36 52.31
CA GLN P 845 -46.10 97.53 52.93
C GLN P 845 -47.61 97.37 53.10
N THR P 846 -48.27 96.57 52.25
CA THR P 846 -49.74 96.42 52.23
C THR P 846 -50.21 95.11 52.84
N ALA P 847 -49.40 94.46 53.67
CA ALA P 847 -49.80 93.27 54.40
C ALA P 847 -51.07 93.46 55.23
N VAL P 848 -51.95 92.47 55.19
CA VAL P 848 -53.26 92.48 55.83
C VAL P 848 -53.19 92.11 57.32
N PRO P 849 -53.96 92.75 58.23
CA PRO P 849 -54.02 92.37 59.64
C PRO P 849 -54.33 90.88 59.81
N SER P 850 -53.64 90.15 60.69
CA SER P 850 -53.71 88.68 60.66
C SER P 850 -53.73 87.97 62.01
N VAL P 851 -54.54 86.92 62.08
CA VAL P 851 -54.63 85.91 63.14
C VAL P 851 -53.51 84.90 62.98
N THR P 852 -52.92 84.47 64.08
CA THR P 852 -51.86 83.46 64.08
C THR P 852 -52.36 82.14 64.63
N GLN P 853 -52.18 81.08 63.84
CA GLN P 853 -52.60 79.74 64.15
C GLN P 853 -51.38 78.86 64.39
N LYS P 854 -51.45 78.01 65.41
CA LYS P 854 -50.38 77.12 65.85
C LYS P 854 -50.92 75.72 66.08
N LYS P 855 -50.22 74.68 65.63
CA LYS P 855 -50.62 73.27 65.79
C LYS P 855 -49.42 72.35 65.75
N PHE P 856 -49.59 71.07 66.01
CA PHE P 856 -48.55 70.08 65.81
C PHE P 856 -49.10 68.83 65.13
N LEU P 857 -48.20 68.03 64.57
CA LEU P 857 -48.45 66.65 64.18
C LEU P 857 -47.42 65.74 64.83
N CYS P 858 -47.77 64.49 65.07
CA CYS P 858 -46.91 63.52 65.73
C CYS P 858 -47.33 62.11 65.32
N ASP P 859 -47.08 61.75 64.06
CA ASP P 859 -47.80 60.68 63.38
C ASP P 859 -47.53 59.29 63.94
N ARG P 860 -46.38 58.68 63.65
CA ARG P 860 -46.12 57.26 63.90
C ARG P 860 -46.07 56.85 65.36
N VAL P 861 -46.18 57.80 66.29
CA VAL P 861 -46.08 57.61 67.74
C VAL P 861 -47.35 56.95 68.28
N MET P 862 -47.31 56.44 69.49
CA MET P 862 -48.48 56.15 70.28
C MET P 862 -48.24 56.74 71.66
N TRP P 863 -49.15 57.57 72.17
CA TRP P 863 -48.88 58.33 73.39
C TRP P 863 -48.69 57.43 74.59
N ARG P 864 -47.86 57.80 75.56
CA ARG P 864 -47.55 57.01 76.75
C ARG P 864 -47.69 57.82 78.02
N ILE P 865 -48.05 57.19 79.13
CA ILE P 865 -48.01 57.74 80.48
C ILE P 865 -47.47 56.64 81.39
N PRO P 866 -46.21 56.68 81.85
CA PRO P 866 -45.68 55.67 82.75
C PRO P 866 -46.35 55.69 84.12
N PHE P 867 -46.75 54.53 84.62
CA PHE P 867 -47.09 54.39 86.02
C PHE P 867 -45.81 54.30 86.83
N SER P 868 -45.08 55.41 86.93
CA SER P 868 -43.91 55.57 87.79
C SER P 868 -43.91 56.96 88.42
N SER P 869 -43.45 57.08 89.66
CA SER P 869 -43.72 58.23 90.52
C SER P 869 -43.24 59.58 89.97
N ASN P 870 -42.28 59.55 89.05
CA ASN P 870 -41.62 60.71 88.48
C ASN P 870 -41.55 60.66 86.95
N PHE P 871 -42.32 59.79 86.31
CA PHE P 871 -42.41 59.57 84.86
C PHE P 871 -41.14 59.07 84.18
N MET P 872 -40.28 58.31 84.85
CA MET P 872 -39.03 57.80 84.26
C MET P 872 -38.95 56.30 84.24
N SER P 873 -38.26 55.75 83.24
CA SER P 873 -38.05 54.31 83.10
C SER P 873 -36.88 53.82 83.94
N MET P 874 -37.01 53.85 85.27
CA MET P 874 -35.96 53.40 86.20
C MET P 874 -35.68 51.90 86.14
N GLY P 875 -36.62 51.14 85.60
CA GLY P 875 -36.60 49.69 85.50
C GLY P 875 -37.97 49.27 85.02
N ALA P 876 -38.08 48.11 84.38
CA ALA P 876 -39.32 47.78 83.68
C ALA P 876 -40.48 47.46 84.63
N LEU P 877 -40.21 46.87 85.80
CA LEU P 877 -41.15 46.79 86.89
C LEU P 877 -41.07 48.11 87.68
N THR P 878 -42.04 48.99 87.51
CA THR P 878 -41.95 50.35 88.05
C THR P 878 -42.05 50.38 89.56
N ASP P 879 -41.72 51.52 90.17
CA ASP P 879 -41.82 51.73 91.60
C ASP P 879 -43.29 51.71 92.04
N LEU P 880 -44.17 52.40 91.33
CA LEU P 880 -45.56 52.45 91.71
C LEU P 880 -46.26 51.10 91.58
N GLY P 881 -45.91 50.28 90.59
CA GLY P 881 -46.38 48.90 90.49
C GLY P 881 -45.94 47.99 91.64
N GLN P 882 -45.04 48.43 92.51
CA GLN P 882 -44.64 47.74 93.73
C GLN P 882 -45.21 48.38 95.01
N ASN P 883 -45.44 49.70 95.03
CA ASN P 883 -46.13 50.39 96.14
C ASN P 883 -47.57 49.91 96.27
N MET P 884 -48.24 49.71 95.13
CA MET P 884 -49.67 49.38 94.96
C MET P 884 -50.01 47.89 94.98
N LEU P 885 -49.03 47.06 95.29
CA LEU P 885 -49.08 45.60 95.27
C LEU P 885 -50.27 45.08 96.06
N TYR P 886 -50.36 45.55 97.30
CA TYR P 886 -51.30 45.06 98.30
C TYR P 886 -52.45 46.04 98.45
N ALA P 887 -53.68 45.55 98.40
CA ALA P 887 -54.85 46.36 98.66
C ALA P 887 -55.92 45.57 99.41
N ASN P 888 -56.66 46.27 100.29
CA ASN P 888 -57.85 45.73 100.95
C ASN P 888 -59.01 45.67 99.94
N SER P 889 -59.28 46.82 99.31
CA SER P 889 -60.19 47.04 98.17
C SER P 889 -59.39 47.46 96.92
N ALA P 890 -58.75 46.51 96.24
CA ALA P 890 -57.91 46.74 95.07
C ALA P 890 -58.60 47.60 94.00
N HIS P 891 -57.91 48.65 93.54
CA HIS P 891 -58.50 49.88 93.04
C HIS P 891 -59.39 49.78 91.81
N ALA P 892 -60.47 50.58 91.78
CA ALA P 892 -61.22 50.86 90.57
C ALA P 892 -60.56 52.00 89.80
N LEU P 893 -60.60 51.99 88.47
CA LEU P 893 -60.06 53.10 87.67
C LEU P 893 -61.11 53.70 86.75
N ASP P 894 -61.27 55.02 86.82
CA ASP P 894 -62.03 55.82 85.88
C ASP P 894 -61.08 56.65 85.01
N MET P 895 -61.35 56.78 83.72
CA MET P 895 -60.57 57.60 82.80
C MET P 895 -61.46 58.39 81.87
N THR P 896 -61.09 59.63 81.57
CA THR P 896 -61.85 60.48 80.67
C THR P 896 -60.91 61.13 79.70
N PHE P 897 -61.29 61.20 78.43
CA PHE P 897 -60.54 61.88 77.41
C PHE P 897 -61.37 63.00 76.80
N GLU P 898 -60.73 64.11 76.45
CA GLU P 898 -61.27 65.12 75.58
C GLU P 898 -60.51 65.02 74.26
N VAL P 899 -61.23 64.97 73.15
CA VAL P 899 -60.69 64.79 71.80
C VAL P 899 -61.33 65.78 70.85
N ASP P 900 -60.67 66.13 69.76
CA ASP P 900 -61.29 66.86 68.67
C ASP P 900 -62.45 66.05 68.09
N PRO P 901 -63.64 66.62 67.89
CA PRO P 901 -64.76 65.88 67.35
C PRO P 901 -64.57 65.58 65.89
N MET P 902 -64.83 64.33 65.48
CA MET P 902 -64.30 63.81 64.22
C MET P 902 -65.28 63.79 63.04
N ASP P 903 -66.56 64.04 63.27
CA ASP P 903 -67.61 63.98 62.23
C ASP P 903 -67.76 62.61 61.52
N GLU P 904 -67.20 61.55 62.10
CA GLU P 904 -67.37 60.14 61.70
C GLU P 904 -67.08 59.22 62.90
N PRO P 905 -67.56 57.97 62.93
CA PRO P 905 -67.42 57.12 64.09
C PRO P 905 -66.01 56.56 64.14
N THR P 906 -65.31 56.77 65.25
CA THR P 906 -63.90 56.40 65.48
C THR P 906 -63.74 55.65 66.80
N LEU P 907 -62.53 55.21 67.11
CA LEU P 907 -62.23 54.32 68.22
C LEU P 907 -61.09 54.89 69.05
N LEU P 908 -61.21 54.87 70.38
CA LEU P 908 -60.06 55.02 71.24
C LEU P 908 -59.37 53.66 71.29
N TYR P 909 -58.05 53.66 71.12
CA TYR P 909 -57.21 52.51 71.37
C TYR P 909 -56.43 52.76 72.63
N LEU P 910 -56.65 51.92 73.64
CA LEU P 910 -56.04 52.07 74.94
C LEU P 910 -55.33 50.79 75.33
N LEU P 911 -54.01 50.86 75.51
CA LEU P 911 -53.21 49.74 75.96
C LEU P 911 -52.92 49.92 77.43
N PHE P 912 -53.21 48.90 78.24
CA PHE P 912 -52.74 48.84 79.60
C PHE P 912 -51.48 48.02 79.59
N GLU P 913 -50.34 48.61 79.91
CA GLU P 913 -49.04 47.96 79.81
C GLU P 913 -48.81 47.07 81.04
N VAL P 914 -48.49 45.80 80.79
CA VAL P 914 -48.40 44.71 81.77
C VAL P 914 -47.22 43.81 81.44
N PHE P 915 -46.87 42.85 82.29
CA PHE P 915 -46.01 41.76 81.84
C PHE P 915 -46.87 40.71 81.16
N ASP P 916 -46.42 40.14 80.04
CA ASP P 916 -47.13 39.11 79.29
C ASP P 916 -46.15 37.99 78.95
N VAL P 917 -45.80 37.21 79.98
CA VAL P 917 -44.66 36.30 79.96
C VAL P 917 -45.08 34.84 79.93
N VAL P 918 -44.33 34.06 79.18
CA VAL P 918 -44.45 32.61 79.11
C VAL P 918 -43.13 31.98 79.51
N ARG P 919 -43.21 30.84 80.15
CA ARG P 919 -42.10 29.94 80.45
C ARG P 919 -42.36 28.61 79.77
N VAL P 920 -41.39 28.04 79.08
CA VAL P 920 -41.57 26.82 78.27
C VAL P 920 -40.66 25.69 78.72
N HIS P 921 -41.26 24.61 79.20
CA HIS P 921 -40.62 23.46 79.85
C HIS P 921 -40.76 22.22 78.98
N GLN P 922 -39.65 21.54 78.68
CA GLN P 922 -39.60 20.45 77.71
C GLN P 922 -39.10 19.17 78.36
N PRO P 923 -39.85 18.53 79.27
CA PRO P 923 -39.25 17.56 80.16
C PRO P 923 -38.88 16.23 79.51
N HIS P 924 -39.50 15.86 78.39
CA HIS P 924 -39.28 14.58 77.71
C HIS P 924 -39.33 14.76 76.19
N ARG P 925 -38.81 13.77 75.44
CA ARG P 925 -38.79 13.80 73.98
C ARG P 925 -40.18 14.03 73.41
N GLY P 926 -40.38 15.13 72.69
CA GLY P 926 -41.68 15.43 72.08
C GLY P 926 -42.76 15.96 73.01
N VAL P 927 -42.42 16.53 74.18
CA VAL P 927 -43.37 17.10 75.14
C VAL P 927 -43.10 18.59 75.34
N ILE P 928 -44.08 19.46 75.13
CA ILE P 928 -43.98 20.88 75.50
C ILE P 928 -45.07 21.21 76.51
N GLU P 929 -44.69 21.61 77.71
CA GLU P 929 -45.57 22.29 78.64
C GLU P 929 -45.16 23.75 78.66
N ALA P 930 -46.01 24.64 78.16
CA ALA P 930 -45.80 26.08 78.20
C ALA P 930 -46.77 26.72 79.18
N VAL P 931 -46.27 27.50 80.11
CA VAL P 931 -47.04 28.12 81.19
C VAL P 931 -47.05 29.62 80.99
N TYR P 932 -48.25 30.20 80.99
CA TYR P 932 -48.49 31.60 80.73
C TYR P 932 -48.88 32.34 82.01
N LEU P 933 -48.31 33.52 82.22
CA LEU P 933 -48.89 34.52 83.11
C LEU P 933 -48.79 35.90 82.49
N ARG P 934 -49.94 36.54 82.34
CA ARG P 934 -50.03 37.98 82.09
C ARG P 934 -50.47 38.64 83.37
N THR P 935 -49.85 39.73 83.80
CA THR P 935 -50.17 40.35 85.09
C THR P 935 -49.78 41.82 85.10
N PRO P 936 -50.64 42.73 85.58
CA PRO P 936 -52.06 42.52 85.91
C PRO P 936 -52.89 42.17 84.66
N PHE P 937 -54.22 42.21 84.73
CA PHE P 937 -55.11 41.80 83.64
C PHE P 937 -54.95 40.34 83.22
N SER P 938 -54.73 39.44 84.17
CA SER P 938 -54.54 38.01 83.92
C SER P 938 -55.75 37.35 83.31
N ALA P 939 -55.55 36.54 82.27
CA ALA P 939 -56.52 35.55 81.83
C ALA P 939 -56.16 34.18 82.42
N GLY P 940 -57.09 33.48 83.04
CA GLY P 940 -56.84 32.15 83.60
C GLY P 940 -57.92 31.65 84.55
N ASN P 941 -58.38 30.42 84.35
CA ASN P 941 -59.53 29.80 85.02
C ASN P 941 -60.81 30.64 84.85
N MET Q 1 1.93 78.34 89.59
CA MET Q 1 2.56 77.22 90.32
C MET Q 1 1.42 76.25 90.74
N MET Q 2 1.70 74.95 90.91
CA MET Q 2 0.67 73.92 91.13
C MET Q 2 -0.31 74.02 92.32
N PRO Q 3 -0.06 74.66 93.48
CA PRO Q 3 -1.09 74.73 94.54
C PRO Q 3 -2.43 75.31 94.06
N GLN Q 4 -2.37 76.33 93.20
CA GLN Q 4 -3.52 76.95 92.57
C GLN Q 4 -4.08 76.13 91.43
N TRP Q 5 -3.25 75.52 90.58
CA TRP Q 5 -3.78 74.61 89.55
C TRP Q 5 -4.49 73.42 90.15
N ALA Q 6 -4.01 72.88 91.26
CA ALA Q 6 -4.66 71.79 91.94
C ALA Q 6 -6.00 72.22 92.52
N TYR Q 7 -6.05 73.31 93.28
CA TYR Q 7 -7.31 73.82 93.84
C TYR Q 7 -8.35 74.16 92.77
N MET Q 8 -7.93 74.64 91.61
CA MET Q 8 -8.81 75.04 90.50
C MET Q 8 -9.02 73.90 89.48
N HIS Q 9 -8.48 72.70 89.72
CA HIS Q 9 -8.60 71.54 88.84
C HIS Q 9 -8.11 71.78 87.41
N ILE Q 10 -6.98 72.44 87.27
CA ILE Q 10 -6.22 72.56 86.02
C ILE Q 10 -5.18 71.44 85.95
N ALA Q 11 -4.75 70.91 87.09
CA ALA Q 11 -3.88 69.76 87.24
C ALA Q 11 -4.23 69.02 88.56
N GLY Q 12 -3.50 67.98 88.95
CA GLY Q 12 -3.78 67.22 90.18
C GLY Q 12 -4.81 66.09 90.00
N GLN Q 13 -5.50 65.72 91.07
CA GLN Q 13 -6.49 64.63 91.13
C GLN Q 13 -7.70 64.74 90.19
N ASP Q 14 -8.25 63.60 89.82
CA ASP Q 14 -9.49 63.44 89.05
C ASP Q 14 -10.73 63.60 89.93
N ALA Q 15 -11.94 63.86 89.40
CA ALA Q 15 -13.13 63.97 90.25
C ALA Q 15 -13.42 62.68 91.01
N SER Q 16 -13.05 61.52 90.46
CA SER Q 16 -13.24 60.25 91.16
C SER Q 16 -12.27 60.08 92.34
N GLU Q 17 -11.30 60.98 92.51
CA GLU Q 17 -10.31 60.91 93.58
C GLU Q 17 -10.41 62.06 94.58
N TYR Q 18 -10.82 63.26 94.17
CA TYR Q 18 -10.94 64.37 95.14
C TYR Q 18 -12.30 64.46 95.83
N LEU Q 19 -13.39 64.05 95.20
CA LEU Q 19 -14.71 64.10 95.84
C LEU Q 19 -14.77 63.14 97.03
N SER Q 20 -15.58 63.41 98.05
CA SER Q 20 -15.73 62.46 99.14
C SER Q 20 -16.31 61.15 98.60
N PRO Q 21 -15.86 59.99 99.09
CA PRO Q 21 -16.31 58.72 98.55
C PRO Q 21 -17.80 58.48 98.70
N GLY Q 22 -18.45 59.06 99.70
CA GLY Q 22 -19.91 59.08 99.78
C GLY Q 22 -20.57 59.69 98.56
N LEU Q 23 -20.07 60.82 98.08
CA LEU Q 23 -20.63 61.47 96.90
C LEU Q 23 -20.34 60.65 95.66
N VAL Q 24 -19.16 60.02 95.57
CA VAL Q 24 -18.83 59.16 94.43
C VAL Q 24 -19.79 57.97 94.38
N GLN Q 25 -20.13 57.37 95.53
CA GLN Q 25 -21.10 56.28 95.56
C GLN Q 25 -22.49 56.79 95.22
N PHE Q 26 -22.88 57.94 95.73
CA PHE Q 26 -24.16 58.55 95.37
C PHE Q 26 -24.27 58.75 93.86
N ALA Q 27 -23.24 59.31 93.25
CA ALA Q 27 -23.22 59.52 91.82
C ALA Q 27 -23.40 58.18 91.08
N ARG Q 28 -22.54 57.19 91.34
CA ARG Q 28 -22.62 55.85 90.73
C ARG Q 28 -23.99 55.21 90.92
N ALA Q 29 -24.64 55.41 92.06
CA ALA Q 29 -25.95 54.82 92.35
C ALA Q 29 -27.12 55.50 91.65
N THR Q 30 -27.01 56.77 91.24
CA THR Q 30 -28.11 57.56 90.67
C THR Q 30 -27.93 57.98 89.21
N ASP Q 31 -26.76 57.77 88.64
CA ASP Q 31 -26.35 58.21 87.30
C ASP Q 31 -27.25 57.86 86.10
N THR Q 32 -28.13 56.86 86.18
CA THR Q 32 -29.11 56.56 85.12
C THR Q 32 -30.34 57.46 85.12
N TYR Q 33 -30.62 58.22 86.17
CA TYR Q 33 -31.77 59.13 86.24
C TYR Q 33 -31.45 60.53 86.74
N PHE Q 34 -30.53 60.69 87.67
CA PHE Q 34 -29.99 61.99 88.07
C PHE Q 34 -28.48 61.98 87.87
N SER Q 35 -27.97 62.83 86.98
CA SER Q 35 -26.60 62.82 86.49
C SER Q 35 -25.79 63.95 87.11
N LEU Q 36 -24.76 63.60 87.88
CA LEU Q 36 -23.84 64.53 88.54
C LEU Q 36 -22.50 64.67 87.80
N GLY Q 37 -22.26 63.96 86.71
CA GLY Q 37 -20.98 64.00 86.02
C GLY Q 37 -20.57 65.36 85.46
N ASN Q 38 -21.46 66.18 84.92
CA ASN Q 38 -21.04 67.38 84.22
C ASN Q 38 -20.65 68.55 85.13
N LYS Q 39 -20.50 68.34 86.45
CA LYS Q 39 -20.31 69.40 87.44
C LYS Q 39 -18.95 69.38 88.12
N PHE Q 40 -18.08 68.48 87.72
CA PHE Q 40 -16.77 68.31 88.32
C PHE Q 40 -15.71 68.20 87.24
N ARG Q 41 -14.68 69.02 87.30
CA ARG Q 41 -13.58 69.06 86.34
C ARG Q 41 -12.56 67.94 86.54
N ASN Q 42 -12.16 67.25 85.48
CA ASN Q 42 -11.11 66.23 85.53
C ASN Q 42 -9.90 66.76 84.76
N PRO Q 43 -8.77 67.07 85.40
CA PRO Q 43 -7.60 67.53 84.68
C PRO Q 43 -7.11 66.48 83.67
N THR Q 44 -6.52 66.92 82.56
CA THR Q 44 -5.69 66.03 81.73
C THR Q 44 -4.41 66.76 81.41
N VAL Q 45 -3.29 66.08 81.54
CA VAL Q 45 -1.98 66.71 81.54
C VAL Q 45 -1.07 65.93 80.60
N ALA Q 46 -0.45 66.58 79.63
CA ALA Q 46 0.50 65.94 78.75
C ALA Q 46 1.82 65.60 79.49
N PRO Q 47 2.55 64.56 79.11
CA PRO Q 47 3.80 64.20 79.74
C PRO Q 47 4.91 65.18 79.39
N THR Q 48 5.75 65.54 80.37
CA THR Q 48 6.74 66.61 80.20
C THR Q 48 8.14 66.14 79.82
N HIS Q 49 8.43 64.84 79.91
CA HIS Q 49 9.73 64.23 79.61
C HIS Q 49 9.56 62.96 78.79
N ASP Q 50 10.63 62.52 78.12
CA ASP Q 50 10.69 61.29 77.34
C ASP Q 50 9.73 61.13 76.15
N VAL Q 51 8.95 62.15 75.76
CA VAL Q 51 8.11 62.06 74.55
C VAL Q 51 8.68 62.82 73.37
N THR Q 52 8.95 64.12 73.49
CA THR Q 52 9.47 64.92 72.38
C THR Q 52 10.91 65.38 72.61
N THR Q 53 11.74 65.37 71.56
CA THR Q 53 13.12 65.81 71.67
C THR Q 53 13.29 67.33 71.73
N ASP Q 54 14.26 67.80 72.50
CA ASP Q 54 14.68 69.19 72.59
C ASP Q 54 15.60 69.62 71.43
N ARG Q 55 16.01 68.68 70.59
CA ARG Q 55 17.02 68.89 69.55
C ARG Q 55 16.45 69.54 68.29
N SER Q 56 17.32 70.16 67.51
CA SER Q 56 17.01 70.56 66.15
C SER Q 56 16.81 69.33 65.28
N GLN Q 57 15.62 69.17 64.69
CA GLN Q 57 15.19 67.94 64.02
C GLN Q 57 13.90 68.22 63.24
N ARG Q 58 13.89 67.88 61.95
CA ARG Q 58 12.75 67.99 61.02
C ARG Q 58 11.60 67.07 61.34
N LEU Q 59 10.37 67.49 61.08
CA LEU Q 59 9.20 66.61 61.10
C LEU Q 59 9.05 65.88 59.78
N THR Q 60 9.09 66.58 58.65
CA THR Q 60 8.99 65.97 57.31
C THR Q 60 10.33 66.01 56.63
N LEU Q 61 10.78 64.89 56.07
CA LEU Q 61 11.93 64.84 55.17
C LEU Q 61 11.51 64.64 53.73
N ARG Q 62 12.14 65.35 52.82
CA ARG Q 62 11.97 65.20 51.38
C ARG Q 62 13.22 64.61 50.80
N PHE Q 63 13.09 63.62 49.94
CA PHE Q 63 14.22 63.00 49.25
C PHE Q 63 14.03 63.09 47.75
N VAL Q 64 15.13 63.24 47.03
CA VAL Q 64 15.17 63.33 45.56
C VAL Q 64 15.87 62.08 45.04
N PRO Q 65 15.59 61.62 43.83
CA PRO Q 65 16.20 60.41 43.34
C PRO Q 65 17.73 60.42 43.28
N VAL Q 66 18.37 59.32 43.64
CA VAL Q 66 19.80 59.15 43.44
C VAL Q 66 20.00 58.75 41.99
N ASP Q 67 19.02 58.09 41.37
CA ASP Q 67 18.98 57.81 39.95
C ASP Q 67 17.53 57.72 39.49
N ARG Q 68 17.31 58.04 38.21
CA ARG Q 68 16.04 58.03 37.51
C ARG Q 68 16.23 57.25 36.24
N GLU Q 69 15.31 56.36 35.91
CA GLU Q 69 15.33 55.63 34.66
C GLU Q 69 13.98 55.87 34.00
N ASP Q 70 14.00 56.07 32.69
CA ASP Q 70 12.81 56.43 31.93
C ASP Q 70 12.73 55.55 30.68
N THR Q 71 11.56 55.01 30.35
CA THR Q 71 11.36 54.10 29.19
C THR Q 71 10.06 54.39 28.43
N THR Q 72 9.79 53.64 27.36
CA THR Q 72 8.59 53.81 26.54
C THR Q 72 7.27 53.64 27.28
N TYR Q 73 7.19 52.70 28.22
CA TYR Q 73 5.98 52.38 29.00
C TYR Q 73 6.11 52.48 30.53
N SER Q 74 7.29 52.77 31.07
CA SER Q 74 7.47 52.88 32.53
C SER Q 74 8.53 53.89 32.96
N TYR Q 75 8.50 54.31 34.23
CA TYR Q 75 9.44 55.24 34.85
C TYR Q 75 9.89 54.65 36.18
N LYS Q 76 11.17 54.65 36.50
CA LYS Q 76 11.74 54.09 37.74
C LYS Q 76 12.48 55.16 38.52
N ALA Q 77 12.23 55.28 39.82
CA ALA Q 77 12.93 56.24 40.66
C ALA Q 77 13.59 55.53 41.85
N ARG Q 78 14.84 55.85 42.20
CA ARG Q 78 15.58 55.18 43.28
C ARG Q 78 16.06 56.15 44.33
N PHE Q 79 15.71 55.94 45.59
CA PHE Q 79 15.97 56.83 46.74
C PHE Q 79 16.74 56.15 47.85
N THR Q 80 17.54 56.92 48.57
CA THR Q 80 18.21 56.42 49.78
C THR Q 80 17.42 57.00 50.94
N LEU Q 81 16.49 56.22 51.46
CA LEU Q 81 15.71 56.56 52.63
C LEU Q 81 16.69 56.49 53.79
N ALA Q 82 16.74 57.47 54.67
CA ALA Q 82 17.75 57.51 55.72
C ALA Q 82 17.20 57.81 57.10
N VAL Q 83 16.84 56.75 57.81
CA VAL Q 83 16.36 56.83 59.18
C VAL Q 83 17.59 57.04 60.07
N GLY Q 84 17.96 58.28 60.36
CA GLY Q 84 19.13 58.55 61.20
C GLY Q 84 18.98 58.01 62.62
N ASP Q 85 20.05 58.06 63.40
CA ASP Q 85 20.01 57.60 64.79
C ASP Q 85 18.94 58.30 65.63
N ASN Q 86 18.47 57.61 66.66
CA ASN Q 86 17.47 58.11 67.58
C ASN Q 86 16.14 58.51 66.94
N ARG Q 87 15.77 57.85 65.84
CA ARG Q 87 14.51 58.01 65.13
C ARG Q 87 13.89 56.66 64.81
N VAL Q 88 12.60 56.66 64.53
CA VAL Q 88 11.87 55.51 64.02
C VAL Q 88 10.95 56.06 62.94
N LEU Q 89 10.82 55.39 61.81
CA LEU Q 89 9.96 55.81 60.72
C LEU Q 89 8.83 54.81 60.52
N ASP Q 90 7.57 55.23 60.68
CA ASP Q 90 6.46 54.40 60.22
C ASP Q 90 6.24 54.58 58.72
N MET Q 91 6.41 53.52 57.94
CA MET Q 91 6.22 53.58 56.49
C MET Q 91 4.86 54.08 56.03
N ALA Q 92 3.84 54.08 56.88
CA ALA Q 92 2.55 54.68 56.57
C ALA Q 92 2.65 56.19 56.32
N SER Q 93 3.66 56.84 56.89
CA SER Q 93 4.00 58.25 56.72
C SER Q 93 4.84 58.52 55.48
N THR Q 94 4.91 57.61 54.52
CA THR Q 94 5.69 57.84 53.30
C THR Q 94 4.81 57.82 52.08
N TYR Q 95 5.16 58.64 51.08
CA TYR Q 95 4.47 58.67 49.81
C TYR Q 95 5.37 59.25 48.74
N PHE Q 96 5.10 58.88 47.49
CA PHE Q 96 5.80 59.37 46.33
C PHE Q 96 5.03 60.56 45.83
N ASP Q 97 5.65 61.73 45.82
CA ASP Q 97 5.07 62.95 45.33
C ASP Q 97 5.56 63.11 43.90
N ILE Q 98 4.62 63.08 42.96
CA ILE Q 98 4.88 63.10 41.52
C ILE Q 98 4.34 64.38 40.92
N ARG Q 99 5.11 65.02 40.06
CA ARG Q 99 4.68 66.15 39.22
C ARG Q 99 4.84 65.80 37.77
N GLY Q 100 3.97 66.28 36.91
CA GLY Q 100 3.99 65.96 35.50
C GLY Q 100 2.97 66.76 34.72
N VAL Q 101 2.70 66.37 33.47
CA VAL Q 101 1.66 66.97 32.65
C VAL Q 101 0.88 65.92 31.87
N LEU Q 102 -0.44 66.02 31.91
CA LEU Q 102 -1.39 65.20 31.16
C LEU Q 102 -1.90 65.89 29.91
N ASP Q 103 -2.18 65.11 28.88
CA ASP Q 103 -3.00 65.56 27.77
C ASP Q 103 -4.09 64.50 27.72
N ARG Q 104 -5.33 64.85 28.01
CA ARG Q 104 -6.47 63.96 28.01
C ARG Q 104 -7.00 63.64 26.62
N GLY Q 105 -6.47 64.26 25.58
CA GLY Q 105 -6.86 63.96 24.20
C GLY Q 105 -8.19 64.59 23.80
N PRO Q 106 -8.53 64.55 22.51
CA PRO Q 106 -9.73 65.15 21.96
C PRO Q 106 -11.03 64.41 22.35
N SER Q 107 -10.94 63.18 22.87
CA SER Q 107 -12.08 62.43 23.36
C SER Q 107 -12.53 62.80 24.78
N PHE Q 108 -11.96 63.83 25.39
CA PHE Q 108 -12.34 64.27 26.74
C PHE Q 108 -13.49 65.27 26.69
N LYS Q 109 -14.53 65.07 27.49
CA LYS Q 109 -15.66 66.00 27.59
C LYS Q 109 -16.30 65.91 28.96
N PRO Q 110 -15.91 66.72 29.94
CA PRO Q 110 -16.43 66.65 31.29
C PRO Q 110 -17.80 67.31 31.53
N TYR Q 111 -18.67 67.37 30.53
CA TYR Q 111 -20.02 67.89 30.72
C TYR Q 111 -21.02 67.30 29.75
N SER Q 112 -22.28 67.22 30.14
CA SER Q 112 -23.39 66.88 29.23
C SER Q 112 -23.88 68.12 28.51
N GLY Q 113 -24.40 67.97 27.30
CA GLY Q 113 -24.87 69.11 26.51
C GLY Q 113 -23.74 69.88 25.86
N THR Q 114 -24.00 71.10 25.41
CA THR Q 114 -23.05 71.98 24.72
C THR Q 114 -22.83 73.25 25.53
N ALA Q 115 -21.64 73.84 25.43
CA ALA Q 115 -21.40 75.18 25.95
C ALA Q 115 -22.00 76.29 25.07
N TYR Q 116 -22.28 76.02 23.79
CA TYR Q 116 -22.55 77.06 22.81
C TYR Q 116 -23.98 77.03 22.29
N ASN Q 117 -24.69 78.15 22.41
CA ASN Q 117 -26.06 78.33 21.94
C ASN Q 117 -27.01 77.22 22.40
N SER Q 118 -26.87 76.74 23.63
CA SER Q 118 -27.65 75.62 24.16
C SER Q 118 -29.18 75.83 24.13
N LEU Q 119 -29.69 77.06 24.15
CA LEU Q 119 -31.13 77.32 24.04
C LEU Q 119 -31.63 77.29 22.59
N ALA Q 120 -30.75 77.33 21.60
CA ALA Q 120 -31.17 77.35 20.20
C ALA Q 120 -31.88 76.05 19.87
N PRO Q 121 -33.04 76.09 19.18
CA PRO Q 121 -33.64 74.89 18.65
C PRO Q 121 -32.61 74.10 17.86
N LYS Q 122 -32.50 72.80 18.10
CA LYS Q 122 -31.64 71.94 17.28
C LYS Q 122 -32.20 71.98 15.87
N SER Q 123 -31.34 72.13 14.87
CA SER Q 123 -31.71 72.49 13.49
C SER Q 123 -32.20 73.92 13.21
N ALA Q 124 -32.20 74.86 14.16
CA ALA Q 124 -32.22 76.26 13.77
C ALA Q 124 -30.88 76.61 13.09
N PRO Q 125 -30.85 77.12 11.85
CA PRO Q 125 -29.62 77.44 11.15
C PRO Q 125 -28.99 78.74 11.62
N ASN Q 126 -27.69 78.92 11.41
CA ASN Q 126 -27.11 80.25 11.51
C ASN Q 126 -27.55 81.09 10.30
N PRO Q 127 -27.90 82.37 10.46
CA PRO Q 127 -28.16 83.28 9.35
C PRO Q 127 -27.00 83.17 8.36
N SER Q 128 -27.28 82.83 7.11
CA SER Q 128 -26.23 82.54 6.13
C SER Q 128 -26.68 82.59 4.68
N GLN Q 129 -25.69 82.65 3.80
CA GLN Q 129 -25.85 82.72 2.35
C GLN Q 129 -25.34 81.50 1.60
N TRP Q 130 -25.79 81.33 0.36
CA TRP Q 130 -25.39 80.26 -0.54
C TRP Q 130 -25.72 80.64 -1.98
N THR Q 131 -25.26 79.89 -2.97
CA THR Q 131 -25.58 80.15 -4.38
C THR Q 131 -26.67 79.22 -4.85
N ALA Q 132 -27.77 79.80 -5.35
CA ALA Q 132 -28.95 79.10 -5.83
C ALA Q 132 -29.09 79.24 -7.34
N ASN Q 133 -29.37 78.14 -8.01
CA ASN Q 133 -29.49 78.03 -9.45
C ASN Q 133 -30.88 78.43 -9.98
N GLU Q 134 -31.36 79.63 -9.70
CA GLU Q 134 -32.73 80.08 -10.06
C GLU Q 134 -32.92 80.74 -11.45
N LYS Q 135 -34.11 80.55 -12.06
CA LYS Q 135 -34.60 81.19 -13.32
C LYS Q 135 -36.09 80.92 -13.62
N GLN Q 136 -36.62 81.61 -14.62
CA GLN Q 136 -37.96 81.36 -15.18
C GLN Q 136 -38.00 81.59 -16.71
N THR Q 137 -37.42 82.70 -17.18
CA THR Q 137 -37.38 83.08 -18.61
C THR Q 137 -36.43 82.22 -19.47
N GLY Q 138 -35.32 81.77 -18.90
CA GLY Q 138 -34.29 81.07 -19.67
C GLY Q 138 -33.39 82.09 -20.37
N GLY Q 139 -32.46 81.69 -21.25
CA GLY Q 139 -32.19 80.30 -21.66
C GLY Q 139 -31.35 79.49 -20.68
N GLN Q 140 -30.98 80.05 -19.53
CA GLN Q 140 -30.13 79.40 -18.54
C GLN Q 140 -30.44 79.80 -17.09
N PRO Q 141 -30.16 78.93 -16.11
CA PRO Q 141 -30.28 79.25 -14.70
C PRO Q 141 -29.20 80.31 -14.37
N LYS Q 142 -29.52 81.28 -13.51
CA LYS Q 142 -28.64 82.45 -13.29
C LYS Q 142 -27.57 82.34 -12.20
N SER Q 143 -27.65 81.38 -11.29
CA SER Q 143 -26.67 81.19 -10.19
C SER Q 143 -26.52 82.42 -9.28
N VAL Q 144 -27.65 82.93 -8.81
CA VAL Q 144 -27.72 84.07 -7.89
C VAL Q 144 -27.38 83.68 -6.46
N THR Q 145 -26.93 84.63 -5.66
CA THR Q 145 -26.75 84.42 -4.22
C THR Q 145 -28.12 84.42 -3.56
N GLN Q 146 -28.35 83.53 -2.61
CA GLN Q 146 -29.57 83.38 -1.85
C GLN Q 146 -29.22 83.48 -0.37
N THR Q 147 -30.13 83.95 0.47
CA THR Q 147 -29.88 84.19 1.88
C THR Q 147 -31.06 83.82 2.77
N PHE Q 148 -30.77 83.36 3.98
CA PHE Q 148 -31.75 83.06 5.02
C PHE Q 148 -31.24 83.69 6.33
N GLY Q 149 -32.09 84.33 7.11
CA GLY Q 149 -31.65 84.92 8.38
C GLY Q 149 -32.67 85.84 9.02
N SER Q 150 -32.21 86.67 9.94
CA SER Q 150 -33.03 87.73 10.55
C SER Q 150 -32.22 88.99 10.81
N ALA Q 151 -32.91 90.11 10.99
CA ALA Q 151 -32.34 91.44 11.14
C ALA Q 151 -32.91 92.11 12.39
N PRO Q 152 -32.30 91.89 13.57
CA PRO Q 152 -32.91 92.25 14.83
C PRO Q 152 -32.69 93.71 15.24
N MET Q 153 -31.68 94.38 14.71
CA MET Q 153 -31.35 95.73 15.10
C MET Q 153 -32.22 96.73 14.34
N GLY Q 154 -32.97 97.56 15.06
CA GLY Q 154 -33.77 98.62 14.49
C GLY Q 154 -32.89 99.84 14.20
N GLY Q 155 -33.16 100.62 13.15
CA GLY Q 155 -32.36 101.80 12.80
C GLY Q 155 -33.17 102.90 12.14
N SER Q 156 -32.61 104.10 12.04
CA SER Q 156 -33.34 105.27 11.53
C SER Q 156 -33.43 105.38 10.03
N ASN Q 157 -32.44 104.85 9.31
CA ASN Q 157 -32.30 104.91 7.85
C ASN Q 157 -31.24 103.91 7.38
N ILE Q 158 -31.22 103.57 6.10
CA ILE Q 158 -30.22 102.69 5.48
C ILE Q 158 -29.65 103.40 4.25
N THR Q 159 -28.33 103.40 4.14
CA THR Q 159 -27.57 103.99 3.03
C THR Q 159 -26.43 103.05 2.63
N ILE Q 160 -25.48 103.48 1.81
CA ILE Q 160 -24.34 102.63 1.44
C ILE Q 160 -23.47 102.37 2.69
N GLU Q 161 -23.53 103.25 3.70
CA GLU Q 161 -22.84 103.09 5.00
C GLU Q 161 -23.55 102.04 5.89
N GLY Q 162 -24.67 101.48 5.42
CA GLY Q 162 -25.51 100.54 6.11
C GLY Q 162 -26.52 101.21 7.02
N LEU Q 163 -26.70 100.64 8.19
CA LEU Q 163 -27.71 101.05 9.16
C LEU Q 163 -27.37 102.25 10.04
N VAL Q 164 -28.25 103.25 10.06
CA VAL Q 164 -28.13 104.42 10.94
C VAL Q 164 -28.59 104.00 12.33
N ILE Q 165 -27.69 104.00 13.30
CA ILE Q 165 -27.98 103.61 14.68
C ILE Q 165 -28.22 104.79 15.61
N GLY Q 166 -27.91 106.01 15.19
CA GLY Q 166 -28.09 107.23 16.01
C GLY Q 166 -27.74 108.50 15.25
N THR Q 167 -27.61 109.62 15.96
CA THR Q 167 -27.33 110.92 15.31
C THR Q 167 -26.52 111.85 16.21
N LYS Q 168 -25.58 112.57 15.61
CA LYS Q 168 -24.70 113.57 16.21
C LYS Q 168 -25.49 114.88 16.41
N GLU Q 169 -25.57 115.40 17.63
CA GLU Q 169 -26.31 116.63 18.00
C GLU Q 169 -25.51 117.94 17.93
N GLU Q 170 -24.18 117.84 17.92
CA GLU Q 170 -23.22 118.95 17.79
C GLU Q 170 -23.63 119.81 16.58
N GLU Q 171 -23.32 121.11 16.52
CA GLU Q 171 -24.00 122.06 15.62
C GLU Q 171 -25.52 121.78 15.44
N GLY Q 172 -26.19 122.43 16.40
CA GLY Q 172 -27.59 122.61 16.86
C GLY Q 172 -28.56 123.16 15.79
N ASN Q 173 -28.19 122.81 14.57
CA ASN Q 173 -28.58 123.07 13.20
C ASN Q 173 -28.62 121.66 12.57
N ALA Q 174 -28.42 121.43 11.26
CA ALA Q 174 -28.54 120.05 10.86
C ALA Q 174 -27.53 119.14 11.59
N THR Q 175 -28.13 118.10 12.12
CA THR Q 175 -27.58 116.96 12.85
C THR Q 175 -27.00 115.96 11.85
N GLU Q 176 -26.04 115.13 12.26
CA GLU Q 176 -25.34 114.20 11.37
C GLU Q 176 -25.55 112.71 11.73
N GLU Q 177 -25.71 111.85 10.72
CA GLU Q 177 -25.98 110.42 10.88
C GLU Q 177 -24.82 109.64 11.50
N ILE Q 178 -25.11 108.62 12.31
CA ILE Q 178 -24.11 107.73 12.92
C ILE Q 178 -24.50 106.33 12.47
N PHE Q 179 -23.54 105.59 11.90
CA PHE Q 179 -23.77 104.27 11.31
C PHE Q 179 -23.09 103.14 12.07
N ALA Q 180 -23.69 101.96 12.08
CA ALA Q 180 -23.13 100.81 12.77
C ALA Q 180 -21.73 100.45 12.24
N ASP Q 181 -20.74 100.33 13.12
CA ASP Q 181 -19.39 99.92 12.72
C ASP Q 181 -19.42 98.44 12.34
N LYS Q 182 -19.23 98.12 11.06
CA LYS Q 182 -19.31 96.75 10.58
C LYS Q 182 -18.36 95.78 11.27
N THR Q 183 -17.27 96.24 11.85
CA THR Q 183 -16.29 95.37 12.52
C THR Q 183 -16.86 94.68 13.75
N PHE Q 184 -17.97 95.16 14.32
CA PHE Q 184 -18.68 94.41 15.37
C PHE Q 184 -20.20 94.66 15.47
N GLN Q 185 -20.80 95.55 14.66
CA GLN Q 185 -22.18 96.00 14.82
C GLN Q 185 -23.09 95.70 13.63
N PRO Q 186 -24.39 95.49 13.83
CA PRO Q 186 -25.00 95.35 15.15
C PRO Q 186 -24.51 94.07 15.81
N GLU Q 187 -24.32 94.12 17.12
CA GLU Q 187 -23.98 92.93 17.88
C GLU Q 187 -25.18 91.97 17.84
N PRO Q 188 -25.01 90.66 17.67
CA PRO Q 188 -26.15 89.77 17.48
C PRO Q 188 -27.01 89.63 18.73
N GLN Q 189 -26.46 89.91 19.92
CA GLN Q 189 -27.19 89.89 21.18
C GLN Q 189 -28.10 91.10 21.39
N VAL Q 190 -28.06 92.11 20.53
CA VAL Q 190 -28.92 93.31 20.61
C VAL Q 190 -30.05 93.25 19.58
N GLY Q 191 -31.26 93.53 20.04
CA GLY Q 191 -32.48 93.68 19.24
C GLY Q 191 -33.51 94.49 20.01
N GLU Q 192 -34.70 94.69 19.46
CA GLU Q 192 -35.70 95.58 20.08
C GLU Q 192 -36.14 95.14 21.48
N GLU Q 193 -36.39 96.11 22.35
CA GLU Q 193 -36.44 95.90 23.80
C GLU Q 193 -37.71 95.23 24.33
N ASN Q 194 -38.82 95.27 23.58
CA ASN Q 194 -40.14 94.92 24.06
C ASN Q 194 -41.04 94.43 22.91
N TRP Q 195 -42.20 93.81 23.16
CA TRP Q 195 -43.04 93.41 22.04
C TRP Q 195 -43.60 94.46 21.07
N GLN Q 196 -43.56 95.77 21.33
CA GLN Q 196 -43.97 96.76 20.33
C GLN Q 196 -42.86 96.96 19.30
N GLU Q 197 -42.68 95.90 18.53
CA GLU Q 197 -41.69 95.68 17.48
C GLU Q 197 -42.02 96.51 16.24
N THR Q 198 -41.59 97.78 16.22
CA THR Q 198 -41.86 98.69 15.09
C THR Q 198 -40.75 99.68 14.79
N GLU Q 199 -40.13 99.53 13.62
CA GLU Q 199 -39.07 100.41 13.12
C GLU Q 199 -39.13 100.49 11.59
N ALA Q 200 -38.64 101.58 11.02
CA ALA Q 200 -38.66 101.79 9.58
C ALA Q 200 -37.62 100.94 8.83
N PHE Q 201 -36.49 100.63 9.46
CA PHE Q 201 -35.39 99.86 8.88
C PHE Q 201 -34.76 98.90 9.88
N TYR Q 202 -34.25 97.78 9.40
CA TYR Q 202 -33.63 96.77 10.26
C TYR Q 202 -32.33 96.21 9.69
N GLY Q 203 -31.43 95.74 10.53
CA GLY Q 203 -30.21 95.08 10.05
C GLY Q 203 -29.71 93.98 10.98
N GLY Q 204 -28.77 93.18 10.49
CA GLY Q 204 -28.24 92.01 11.20
C GLY Q 204 -26.95 91.48 10.58
N ARG Q 205 -26.50 90.31 10.97
CA ARG Q 205 -25.24 89.72 10.51
C ARG Q 205 -25.52 88.34 9.93
N ALA Q 206 -24.78 87.90 8.92
CA ALA Q 206 -24.95 86.59 8.32
C ALA Q 206 -23.65 85.99 7.84
N LEU Q 207 -23.51 84.68 7.90
CA LEU Q 207 -22.34 83.99 7.39
C LEU Q 207 -22.27 84.04 5.86
N LYS Q 208 -21.12 84.42 5.29
CA LYS Q 208 -20.91 84.43 3.83
C LYS Q 208 -20.98 83.03 3.24
N LYS Q 209 -21.10 82.98 1.92
CA LYS Q 209 -21.15 81.76 1.10
C LYS Q 209 -20.09 80.72 1.45
N ASP Q 210 -18.87 81.16 1.75
CA ASP Q 210 -17.72 80.27 1.95
C ASP Q 210 -17.61 79.59 3.32
N THR Q 211 -18.27 80.09 4.35
CA THR Q 211 -18.28 79.44 5.67
C THR Q 211 -19.31 78.32 5.58
N LYS Q 212 -18.87 77.06 5.57
CA LYS Q 212 -19.78 75.91 5.42
C LYS Q 212 -20.85 75.88 6.50
N MET Q 213 -22.09 75.56 6.16
CA MET Q 213 -23.18 75.56 7.12
C MET Q 213 -23.07 74.54 8.24
N LYS Q 214 -23.47 75.01 9.42
CA LYS Q 214 -23.64 74.26 10.67
C LYS Q 214 -24.89 74.82 11.37
N PRO Q 215 -25.62 74.03 12.15
CA PRO Q 215 -26.76 74.52 12.88
C PRO Q 215 -26.29 75.34 14.09
N CYS Q 216 -27.16 76.21 14.61
CA CYS Q 216 -26.77 77.21 15.61
C CYS Q 216 -26.38 76.60 16.94
N TYR Q 217 -27.10 75.58 17.39
CA TYR Q 217 -26.79 74.82 18.59
C TYR Q 217 -25.40 74.20 18.47
N GLY Q 218 -24.43 74.72 19.22
CA GLY Q 218 -23.05 74.26 19.24
C GLY Q 218 -22.07 75.07 18.36
N SER Q 219 -22.57 76.01 17.57
CA SER Q 219 -21.74 76.88 16.73
C SER Q 219 -20.95 77.88 17.54
N PHE Q 220 -19.63 77.85 17.42
CA PHE Q 220 -18.70 78.78 18.06
C PHE Q 220 -17.83 79.44 16.99
N ALA Q 221 -17.38 80.66 17.17
CA ALA Q 221 -16.35 81.24 16.34
C ALA Q 221 -15.44 82.16 17.16
N ARG Q 222 -14.12 82.03 17.03
CA ARG Q 222 -13.25 82.86 17.85
C ARG Q 222 -13.44 84.34 17.50
N PRO Q 223 -13.42 85.25 18.47
CA PRO Q 223 -13.41 86.67 18.19
C PRO Q 223 -12.10 87.09 17.53
N THR Q 224 -12.17 88.09 16.68
CA THR Q 224 -11.05 88.66 15.92
C THR Q 224 -10.90 90.16 16.14
N ASN Q 225 -11.64 90.73 17.10
CA ASN Q 225 -11.40 92.04 17.71
C ASN Q 225 -11.92 92.08 19.17
N GLU Q 226 -11.48 93.06 19.95
CA GLU Q 226 -11.85 93.15 21.38
C GLU Q 226 -13.29 93.56 21.64
N LYS Q 227 -14.05 93.95 20.61
CA LYS Q 227 -15.48 94.23 20.69
C LYS Q 227 -16.30 93.03 20.23
N GLY Q 228 -15.66 91.86 20.20
CA GLY Q 228 -16.31 90.56 20.03
C GLY Q 228 -16.71 90.21 18.62
N GLY Q 229 -16.30 90.98 17.62
CA GLY Q 229 -16.57 90.66 16.21
C GLY Q 229 -15.77 89.43 15.79
N GLN Q 230 -16.30 88.68 14.83
CA GLN Q 230 -15.83 87.34 14.49
C GLN Q 230 -15.39 87.19 13.03
N ALA Q 231 -15.31 88.28 12.27
CA ALA Q 231 -14.93 88.24 10.88
C ALA Q 231 -13.48 87.78 10.63
N LYS Q 232 -13.24 86.97 9.60
CA LYS Q 232 -11.89 86.57 9.20
C LYS Q 232 -11.17 87.78 8.63
N LEU Q 233 -9.86 87.86 8.77
CA LEU Q 233 -9.09 88.90 8.10
C LEU Q 233 -8.85 88.44 6.66
N LYS Q 234 -8.79 89.35 5.69
CA LYS Q 234 -8.55 88.97 4.29
C LYS Q 234 -7.10 88.57 4.06
N LEU Q 235 -6.83 87.50 3.31
CA LEU Q 235 -5.47 87.04 2.97
C LEU Q 235 -5.29 87.23 1.46
N ASN Q 236 -5.53 88.44 0.95
CA ASN Q 236 -5.42 88.74 -0.48
C ASN Q 236 -3.95 88.64 -0.97
N ASP Q 237 -3.70 87.70 -1.88
CA ASP Q 237 -2.42 87.39 -2.56
C ASP Q 237 -1.20 87.06 -1.68
N GLN Q 238 -1.36 86.95 -0.37
CA GLN Q 238 -0.29 86.61 0.58
C GLN Q 238 -0.87 85.81 1.75
N GLY Q 239 -0.05 84.91 2.33
CA GLY Q 239 -0.45 84.14 3.50
C GLY Q 239 -0.54 85.02 4.76
N GLN Q 240 0.22 86.12 4.76
CA GLN Q 240 0.17 87.11 5.83
C GLN Q 240 -1.17 87.87 5.70
N PRO Q 241 -1.93 88.06 6.78
CA PRO Q 241 -3.21 88.72 6.70
C PRO Q 241 -3.11 90.21 6.33
N THR Q 242 -4.16 90.73 5.69
CA THR Q 242 -4.27 92.13 5.29
C THR Q 242 -4.73 92.95 6.48
N LYS Q 243 -4.70 94.27 6.37
CA LYS Q 243 -5.10 95.20 7.42
C LYS Q 243 -6.56 95.09 7.87
N ASP Q 244 -7.43 94.53 7.05
CA ASP Q 244 -8.88 94.54 7.23
C ASP Q 244 -9.66 93.22 7.05
N TYR Q 245 -10.91 93.26 7.54
CA TYR Q 245 -11.81 92.13 7.70
C TYR Q 245 -12.65 91.79 6.47
N ASP Q 246 -12.98 90.51 6.33
CA ASP Q 246 -13.80 89.93 5.28
C ASP Q 246 -15.31 90.16 5.53
N ILE Q 247 -15.73 91.43 5.64
CA ILE Q 247 -17.12 91.85 5.90
C ILE Q 247 -17.66 92.72 4.78
N ASP Q 248 -18.81 92.37 4.21
CA ASP Q 248 -19.45 93.14 3.15
C ASP Q 248 -20.98 93.20 3.32
N LEU Q 249 -21.55 94.38 3.13
CA LEU Q 249 -22.98 94.63 3.26
C LEU Q 249 -23.80 94.11 2.07
N ALA Q 250 -24.98 93.57 2.36
CA ALA Q 250 -25.97 93.13 1.40
C ALA Q 250 -27.26 93.90 1.72
N PHE Q 251 -28.01 94.31 0.71
CA PHE Q 251 -29.21 95.12 0.89
C PHE Q 251 -30.43 94.41 0.31
N PHE Q 252 -31.58 94.54 0.97
CA PHE Q 252 -32.80 93.84 0.59
C PHE Q 252 -34.02 94.76 0.67
N ASP Q 253 -35.09 94.42 -0.07
CA ASP Q 253 -36.28 95.26 -0.19
C ASP Q 253 -37.57 94.46 -0.33
N THR Q 254 -38.68 95.02 0.12
CA THR Q 254 -40.01 94.42 -0.02
C THR Q 254 -40.45 94.53 -1.48
N PRO Q 255 -40.75 93.43 -2.18
CA PRO Q 255 -41.22 93.48 -3.56
C PRO Q 255 -42.69 93.87 -3.50
N GLY Q 256 -43.46 93.81 -4.57
CA GLY Q 256 -44.79 94.35 -4.45
C GLY Q 256 -45.41 95.09 -5.61
N GLY Q 257 -45.00 94.83 -6.85
CA GLY Q 257 -45.66 95.58 -7.92
C GLY Q 257 -45.01 96.91 -8.28
N THR Q 258 -43.69 97.07 -8.08
CA THR Q 258 -42.99 98.33 -8.36
C THR Q 258 -41.79 98.14 -9.30
N PRO Q 259 -42.02 98.46 -10.60
CA PRO Q 259 -41.06 98.43 -11.70
C PRO Q 259 -40.44 99.83 -11.96
N PRO Q 260 -39.68 100.03 -13.07
CA PRO Q 260 -39.13 101.29 -13.57
C PRO Q 260 -40.13 102.41 -13.94
N THR Q 261 -41.34 102.38 -13.39
CA THR Q 261 -42.48 103.27 -13.68
C THR Q 261 -43.18 103.79 -12.39
N GLY Q 262 -44.43 104.27 -12.47
CA GLY Q 262 -45.27 104.87 -11.41
C GLY Q 262 -45.01 104.10 -10.10
N SER Q 263 -44.39 104.80 -9.13
CA SER Q 263 -43.55 104.38 -7.99
C SER Q 263 -42.42 105.41 -7.91
N GLY Q 264 -42.92 106.60 -7.56
CA GLY Q 264 -42.28 107.90 -7.49
C GLY Q 264 -42.10 108.42 -8.87
N GLN Q 265 -40.88 108.69 -9.29
CA GLN Q 265 -40.77 109.19 -10.66
C GLN Q 265 -40.74 108.01 -11.60
N GLN Q 266 -39.88 107.05 -11.28
CA GLN Q 266 -39.78 105.81 -12.01
C GLN Q 266 -39.33 104.65 -11.10
N GLU Q 267 -38.86 104.87 -9.85
CA GLU Q 267 -38.67 103.75 -8.93
C GLU Q 267 -38.54 104.06 -7.43
N GLU Q 268 -39.09 103.13 -6.65
CA GLU Q 268 -38.98 102.92 -5.20
C GLU Q 268 -38.25 101.71 -4.68
N TYR Q 269 -37.59 100.89 -5.51
CA TYR Q 269 -36.81 99.87 -4.84
C TYR Q 269 -35.83 100.61 -3.91
N LYS Q 270 -35.88 100.34 -2.61
CA LYS Q 270 -35.06 100.99 -1.59
C LYS Q 270 -34.72 99.95 -0.54
N ALA Q 271 -33.55 100.03 0.05
CA ALA Q 271 -33.16 99.05 1.04
C ALA Q 271 -33.99 99.14 2.34
N ASP Q 272 -34.76 98.11 2.63
CA ASP Q 272 -35.55 97.98 3.86
C ASP Q 272 -34.75 97.26 4.95
N ILE Q 273 -33.82 96.39 4.52
CA ILE Q 273 -32.96 95.62 5.40
C ILE Q 273 -31.55 95.59 4.86
N VAL Q 274 -30.57 95.59 5.76
CA VAL Q 274 -29.14 95.49 5.43
C VAL Q 274 -28.52 94.41 6.29
N MET Q 275 -27.68 93.56 5.71
CA MET Q 275 -27.01 92.53 6.48
C MET Q 275 -25.52 92.56 6.25
N TYR Q 276 -24.77 92.60 7.34
CA TYR Q 276 -23.32 92.62 7.33
C TYR Q 276 -22.85 91.18 7.19
N THR Q 277 -22.63 90.77 5.96
CA THR Q 277 -22.21 89.40 5.66
C THR Q 277 -20.73 89.20 5.91
N GLU Q 278 -20.36 88.12 6.56
CA GLU Q 278 -18.96 87.90 6.97
C GLU Q 278 -18.52 86.44 7.00
N ASN Q 279 -17.24 86.16 6.74
CA ASN Q 279 -16.70 84.81 6.92
C ASN Q 279 -16.20 84.72 8.34
N VAL Q 280 -16.44 83.63 9.05
CA VAL Q 280 -16.54 83.69 10.51
C VAL Q 280 -15.61 82.76 11.27
N ASN Q 281 -14.85 81.87 10.63
CA ASN Q 281 -13.95 80.97 11.36
C ASN Q 281 -14.73 80.03 12.31
N LEU Q 282 -15.93 79.64 11.89
CA LEU Q 282 -16.87 78.80 12.60
C LEU Q 282 -16.30 77.41 12.92
N GLU Q 283 -16.66 76.90 14.08
CA GLU Q 283 -16.34 75.57 14.62
C GLU Q 283 -17.54 75.00 15.34
N THR Q 284 -17.53 73.71 15.63
CA THR Q 284 -18.55 73.08 16.48
C THR Q 284 -17.82 72.22 17.50
N PRO Q 285 -17.23 72.81 18.56
CA PRO Q 285 -16.25 72.13 19.39
C PRO Q 285 -16.76 70.91 20.15
N ASP Q 286 -18.03 70.87 20.51
CA ASP Q 286 -18.58 69.89 21.43
C ASP Q 286 -19.91 69.27 20.99
N THR Q 287 -20.27 69.42 19.71
CA THR Q 287 -21.47 68.86 19.09
C THR Q 287 -21.12 68.30 17.72
N HIS Q 288 -21.99 67.46 17.16
CA HIS Q 288 -21.81 66.88 15.84
C HIS Q 288 -23.14 66.84 15.10
N VAL Q 289 -23.10 66.84 13.78
CA VAL Q 289 -24.32 66.80 12.97
C VAL Q 289 -24.85 65.38 12.99
N VAL Q 290 -26.03 65.18 13.58
CA VAL Q 290 -26.67 63.87 13.64
C VAL Q 290 -27.51 63.61 12.39
N TYR Q 291 -27.99 64.65 11.70
CA TYR Q 291 -28.71 64.52 10.44
C TYR Q 291 -28.34 65.60 9.43
N LYS Q 292 -28.18 65.22 8.17
CA LYS Q 292 -28.01 66.13 7.04
C LYS Q 292 -28.78 65.52 5.86
N PRO Q 293 -29.43 66.31 5.00
CA PRO Q 293 -30.28 65.74 3.97
C PRO Q 293 -29.53 65.03 2.86
N GLY Q 294 -28.41 65.58 2.40
CA GLY Q 294 -27.55 64.99 1.37
C GLY Q 294 -26.11 64.75 1.85
N LYS Q 295 -25.27 64.19 0.99
CA LYS Q 295 -23.83 64.02 1.30
C LYS Q 295 -23.05 65.33 1.14
N GLU Q 296 -23.62 66.31 0.44
CA GLU Q 296 -23.06 67.65 0.20
C GLU Q 296 -22.53 68.30 1.48
N ASP Q 297 -21.29 68.78 1.44
CA ASP Q 297 -20.69 69.47 2.59
C ASP Q 297 -20.97 70.98 2.58
N GLU Q 298 -20.97 71.58 1.38
CA GLU Q 298 -21.12 73.01 1.14
C GLU Q 298 -22.44 73.63 1.60
N SER Q 299 -22.43 74.95 1.81
CA SER Q 299 -23.62 75.72 2.21
C SER Q 299 -24.66 75.68 1.09
N SER Q 300 -25.92 75.40 1.44
CA SER Q 300 -27.01 75.29 0.46
C SER Q 300 -28.37 75.37 1.14
N GLU Q 301 -29.44 75.52 0.37
CA GLU Q 301 -30.77 75.59 0.96
C GLU Q 301 -31.12 74.33 1.76
N THR Q 302 -30.77 73.13 1.30
CA THR Q 302 -31.08 71.91 2.06
C THR Q 302 -30.15 71.74 3.26
N ASN Q 303 -28.85 72.06 3.17
CA ASN Q 303 -27.97 71.95 4.35
C ASN Q 303 -28.42 72.90 5.46
N LEU Q 304 -29.30 73.87 5.17
CA LEU Q 304 -29.86 74.75 6.15
C LEU Q 304 -30.69 73.97 7.19
N THR Q 305 -30.95 72.68 6.94
CA THR Q 305 -31.76 71.80 7.81
C THR Q 305 -30.95 70.78 8.60
N GLN Q 306 -29.60 70.85 8.60
CA GLN Q 306 -28.77 69.97 9.42
C GLN Q 306 -29.21 70.03 10.89
N GLN Q 307 -29.14 68.91 11.60
CA GLN Q 307 -29.51 68.83 13.02
C GLN Q 307 -28.26 68.45 13.81
N SER Q 308 -27.95 69.14 14.91
CA SER Q 308 -26.80 68.83 15.76
C SER Q 308 -27.21 68.23 17.09
N MET Q 309 -26.48 67.23 17.52
CA MET Q 309 -26.60 66.55 18.81
C MET Q 309 -25.34 66.87 19.63
N PRO Q 310 -25.40 67.10 20.94
CA PRO Q 310 -24.20 67.32 21.72
C PRO Q 310 -23.37 66.04 21.79
N ASN Q 311 -22.04 66.15 21.84
CA ASN Q 311 -21.18 64.99 22.00
C ASN Q 311 -21.40 64.30 23.36
N ARG Q 312 -21.20 62.98 23.44
CA ARG Q 312 -21.37 62.23 24.68
C ARG Q 312 -20.41 62.68 25.77
N PRO Q 313 -20.84 62.84 27.03
CA PRO Q 313 -19.95 63.18 28.11
C PRO Q 313 -18.95 62.07 28.37
N ASN Q 314 -17.69 62.44 28.58
CA ASN Q 314 -16.61 61.52 28.85
C ASN Q 314 -15.60 62.13 29.84
N TYR Q 315 -15.82 61.98 31.13
CA TYR Q 315 -14.89 62.37 32.19
C TYR Q 315 -13.64 61.49 32.18
N ILE Q 316 -12.46 62.08 32.36
CA ILE Q 316 -11.19 61.35 32.44
C ILE Q 316 -10.38 61.86 33.61
N GLY Q 317 -9.78 60.97 34.37
CA GLY Q 317 -8.94 61.28 35.52
C GLY Q 317 -8.25 60.04 36.04
N PHE Q 318 -7.40 60.18 37.06
CA PHE Q 318 -6.73 59.03 37.65
C PHE Q 318 -7.70 58.11 38.39
N ARG Q 319 -7.37 56.82 38.44
CA ARG Q 319 -8.18 55.82 39.14
C ARG Q 319 -8.23 56.03 40.64
N ASP Q 320 -9.26 55.47 41.28
CA ASP Q 320 -9.46 55.51 42.72
C ASP Q 320 -8.19 55.05 43.43
N ASN Q 321 -7.77 55.73 44.50
CA ASN Q 321 -6.56 55.39 45.23
C ASN Q 321 -5.30 55.28 44.35
N PHE Q 322 -5.28 55.92 43.19
CA PHE Q 322 -4.27 55.75 42.15
C PHE Q 322 -4.00 54.31 41.70
N VAL Q 323 -5.03 53.46 41.65
CA VAL Q 323 -4.90 52.09 41.13
C VAL Q 323 -4.22 52.16 39.77
N GLY Q 324 -3.31 51.24 39.50
CA GLY Q 324 -2.58 51.17 38.24
C GLY Q 324 -1.37 52.08 38.12
N LEU Q 325 -1.14 53.06 39.00
CA LEU Q 325 0.03 53.94 38.82
C LEU Q 325 1.37 53.34 39.26
N MET Q 326 1.41 52.40 40.20
CA MET Q 326 2.64 51.72 40.65
C MET Q 326 2.59 50.21 40.34
N TYR Q 327 3.72 49.61 40.01
CA TYR Q 327 3.90 48.18 39.73
C TYR Q 327 3.89 47.38 41.01
N TYR Q 328 2.89 46.51 41.08
CA TYR Q 328 2.60 45.58 42.14
C TYR Q 328 2.33 44.24 41.48
N ASN Q 329 2.71 43.14 42.11
CA ASN Q 329 2.43 41.80 41.64
C ASN Q 329 2.84 41.55 40.19
N SER Q 330 4.01 42.04 39.83
CA SER Q 330 4.55 41.95 38.49
C SER Q 330 6.05 41.79 38.60
N THR Q 331 6.55 40.56 38.64
CA THR Q 331 7.97 40.24 38.91
C THR Q 331 8.96 40.86 37.95
N GLY Q 332 8.57 41.17 36.72
CA GLY Q 332 9.46 41.80 35.76
C GLY Q 332 9.84 43.22 36.17
N ASN Q 333 9.08 43.82 37.09
CA ASN Q 333 9.27 45.20 37.55
C ASN Q 333 9.10 45.39 39.07
N MET Q 334 9.48 44.40 39.85
CA MET Q 334 9.34 44.42 41.29
C MET Q 334 10.03 45.59 41.98
N GLY Q 335 9.35 46.23 42.93
CA GLY Q 335 9.93 47.35 43.70
C GLY Q 335 10.94 46.85 44.72
N VAL Q 336 11.71 47.76 45.32
CA VAL Q 336 12.77 47.39 46.24
C VAL Q 336 12.81 48.21 47.51
N LEU Q 337 12.96 47.56 48.66
CA LEU Q 337 13.23 48.16 49.96
C LEU Q 337 14.31 47.26 50.55
N ALA Q 338 15.55 47.70 50.58
CA ALA Q 338 16.68 46.87 50.98
C ALA Q 338 17.67 47.67 51.80
N GLY Q 339 18.38 47.01 52.70
CA GLY Q 339 19.42 47.67 53.47
C GLY Q 339 20.44 48.25 52.48
N GLN Q 340 20.92 49.48 52.66
CA GLN Q 340 21.80 50.11 51.67
C GLN Q 340 23.06 49.32 51.32
N ALA Q 341 23.69 48.73 52.33
CA ALA Q 341 24.91 47.96 52.26
C ALA Q 341 24.75 46.45 52.16
N SER Q 342 23.54 45.97 52.28
CA SER Q 342 23.23 44.55 52.36
C SER Q 342 21.95 44.35 51.59
N GLN Q 343 22.11 44.37 50.27
CA GLN Q 343 21.00 44.42 49.33
C GLN Q 343 20.12 43.19 49.13
N LEU Q 344 19.62 42.62 50.22
CA LEU Q 344 18.55 41.63 50.26
C LEU Q 344 17.24 42.41 50.15
N ASN Q 345 16.42 42.22 49.13
CA ASN Q 345 15.16 42.95 49.05
C ASN Q 345 14.14 42.49 50.09
N ALA Q 346 13.51 43.39 50.84
CA ALA Q 346 12.48 43.00 51.81
C ALA Q 346 11.17 42.70 51.08
N VAL Q 347 10.95 43.29 49.91
CA VAL Q 347 9.78 43.04 49.07
C VAL Q 347 9.94 41.75 48.27
N VAL Q 348 9.03 40.78 48.42
CA VAL Q 348 9.00 39.58 47.58
C VAL Q 348 7.60 39.55 47.01
N ASP Q 349 7.46 39.63 45.70
CA ASP Q 349 6.14 39.68 45.09
C ASP Q 349 5.88 38.55 44.10
N LEU Q 350 4.60 38.23 43.91
CA LEU Q 350 4.15 37.11 43.10
C LEU Q 350 3.11 37.49 42.05
N GLN Q 351 3.17 36.87 40.90
CA GLN Q 351 2.16 37.07 39.86
C GLN Q 351 0.76 36.69 40.31
N ASP Q 352 0.72 35.72 41.20
CA ASP Q 352 -0.43 35.09 41.80
C ASP Q 352 -0.99 35.83 43.02
N ARG Q 353 -0.84 37.15 43.08
CA ARG Q 353 -1.28 38.04 44.17
C ARG Q 353 -1.91 39.30 43.57
N ASN Q 354 -2.77 39.97 44.32
CA ASN Q 354 -3.47 41.18 43.87
C ASN Q 354 -3.52 42.23 44.98
N THR Q 355 -2.49 43.06 45.07
CA THR Q 355 -2.37 44.10 46.07
C THR Q 355 -3.37 45.22 45.87
N GLU Q 356 -3.70 45.57 44.63
CA GLU Q 356 -4.64 46.63 44.36
C GLU Q 356 -6.02 46.30 44.90
N LEU Q 357 -6.54 45.11 44.63
CA LEU Q 357 -7.84 44.74 45.15
C LEU Q 357 -7.77 44.55 46.66
N SER Q 358 -6.66 44.04 47.18
CA SER Q 358 -6.51 43.90 48.62
C SER Q 358 -6.63 45.26 49.29
N TYR Q 359 -6.06 46.31 48.70
CA TYR Q 359 -6.16 47.64 49.25
C TYR Q 359 -7.59 48.17 49.16
N GLN Q 360 -8.26 48.00 48.02
CA GLN Q 360 -9.64 48.45 47.85
C GLN Q 360 -10.55 47.81 48.89
N LEU Q 361 -10.40 46.52 49.16
CA LEU Q 361 -11.19 45.82 50.16
C LEU Q 361 -10.80 46.24 51.58
N LEU Q 362 -9.51 46.43 51.84
CA LEU Q 362 -9.03 46.86 53.15
C LEU Q 362 -9.66 48.18 53.55
N LEU Q 363 -9.63 49.21 52.70
CA LEU Q 363 -10.19 50.50 53.05
C LEU Q 363 -11.67 50.46 53.41
N ASP Q 364 -12.45 49.57 52.82
CA ASP Q 364 -13.87 49.43 53.15
C ASP Q 364 -14.03 48.89 54.58
N SER Q 365 -13.14 48.02 55.03
CA SER Q 365 -13.18 47.51 56.40
C SER Q 365 -12.67 48.54 57.42
N LEU Q 366 -11.76 49.42 56.99
CA LEU Q 366 -11.15 50.44 57.84
C LEU Q 366 -12.01 51.68 58.05
N GLY Q 367 -12.87 52.03 57.10
CA GLY Q 367 -13.70 53.23 57.22
C GLY Q 367 -14.79 53.35 56.16
N ASP Q 368 -15.38 54.54 56.09
CA ASP Q 368 -16.49 54.83 55.18
C ASP Q 368 -15.97 55.26 53.79
N ARG Q 369 -15.97 54.36 52.81
CA ARG Q 369 -15.53 54.68 51.44
C ARG Q 369 -16.39 55.75 50.76
N THR Q 370 -17.56 56.11 51.29
CA THR Q 370 -18.40 57.15 50.67
C THR Q 370 -17.89 58.57 50.92
N ARG Q 371 -16.77 58.74 51.63
CA ARG Q 371 -16.11 60.02 51.83
C ARG Q 371 -14.90 60.15 50.91
N TYR Q 372 -14.87 61.18 50.08
CA TYR Q 372 -13.76 61.43 49.17
C TYR Q 372 -12.59 62.10 49.89
N PHE Q 373 -11.36 61.64 49.65
CA PHE Q 373 -10.14 62.28 50.14
C PHE Q 373 -9.21 62.57 48.95
N SER Q 374 -8.94 63.83 48.65
CA SER Q 374 -8.21 64.19 47.44
C SER Q 374 -6.74 63.85 47.47
N MET Q 375 -6.11 63.76 48.65
CA MET Q 375 -4.67 63.53 48.72
C MET Q 375 -4.31 62.22 48.05
N TRP Q 376 -4.95 61.12 48.45
CA TRP Q 376 -4.73 59.83 47.81
C TRP Q 376 -5.62 59.60 46.61
N ASN Q 377 -6.33 60.60 46.11
CA ASN Q 377 -7.28 60.45 45.00
C ASN Q 377 -8.29 59.34 45.29
N SER Q 378 -8.69 59.23 46.55
CA SER Q 378 -9.66 58.28 47.04
C SER Q 378 -11.06 58.81 46.81
N ALA Q 379 -11.82 58.19 45.93
CA ALA Q 379 -13.19 58.51 45.60
C ALA Q 379 -13.73 57.30 44.83
N VAL Q 380 -14.42 56.43 45.56
CA VAL Q 380 -14.91 55.14 45.07
C VAL Q 380 -15.85 55.20 43.88
N ASP Q 381 -15.62 54.32 42.92
CA ASP Q 381 -16.46 54.18 41.74
C ASP Q 381 -17.89 53.83 42.11
N SER Q 382 -18.85 54.43 41.43
CA SER Q 382 -20.27 54.22 41.69
C SER Q 382 -21.11 54.39 40.45
N TYR Q 383 -22.39 54.07 40.56
CA TYR Q 383 -23.37 54.26 39.50
C TYR Q 383 -24.62 54.83 40.16
N ASP Q 384 -25.47 55.51 39.40
CA ASP Q 384 -26.71 56.04 39.93
C ASP Q 384 -27.63 54.84 40.22
N PRO Q 385 -28.02 54.55 41.47
CA PRO Q 385 -28.79 53.35 41.74
C PRO Q 385 -30.19 53.36 41.12
N ASP Q 386 -30.69 54.50 40.65
CA ASP Q 386 -31.97 54.62 39.94
C ASP Q 386 -31.78 54.36 38.44
N VAL Q 387 -30.53 54.28 37.95
CA VAL Q 387 -30.17 54.01 36.54
C VAL Q 387 -29.84 52.54 36.35
N ARG Q 388 -29.16 51.90 37.31
CA ARG Q 388 -28.83 50.47 37.23
C ARG Q 388 -30.09 49.61 37.24
N ILE Q 389 -31.02 49.92 38.13
CA ILE Q 389 -32.32 49.26 38.23
C ILE Q 389 -33.35 50.38 38.04
N ILE Q 390 -33.96 50.44 36.87
CA ILE Q 390 -34.93 51.47 36.50
C ILE Q 390 -36.22 51.25 37.26
N GLU Q 391 -36.69 52.28 37.96
CA GLU Q 391 -37.92 52.21 38.74
C GLU Q 391 -39.04 52.97 38.05
N ASN Q 392 -39.63 52.44 36.98
CA ASN Q 392 -40.48 53.22 36.08
C ASN Q 392 -41.91 53.41 36.56
N HIS Q 393 -42.13 54.19 37.60
CA HIS Q 393 -43.47 54.65 37.98
C HIS Q 393 -44.06 55.79 37.14
N GLY Q 394 -43.66 55.98 35.88
CA GLY Q 394 -44.27 57.00 35.02
C GLY Q 394 -44.07 58.42 35.55
N VAL Q 395 -45.03 59.31 35.29
CA VAL Q 395 -44.90 60.75 35.57
C VAL Q 395 -46.17 61.40 36.11
N GLU Q 396 -46.06 62.36 37.03
CA GLU Q 396 -47.17 63.07 37.67
C GLU Q 396 -47.72 64.19 36.77
N ASP Q 397 -48.25 63.82 35.60
CA ASP Q 397 -48.66 64.72 34.52
C ASP Q 397 -50.18 64.95 34.42
N GLU Q 398 -50.95 64.86 35.52
CA GLU Q 398 -52.42 65.00 35.50
C GLU Q 398 -52.91 66.36 35.03
N LEU Q 399 -52.08 67.39 35.13
CA LEU Q 399 -52.44 68.79 34.96
C LEU Q 399 -51.68 69.36 33.74
N PRO Q 400 -52.34 69.92 32.73
CA PRO Q 400 -51.69 70.32 31.49
C PRO Q 400 -50.87 71.61 31.66
N ASN Q 401 -49.70 71.69 31.00
CA ASN Q 401 -48.82 72.86 31.05
C ASN Q 401 -48.88 73.60 29.72
N TYR Q 402 -48.94 74.93 29.73
CA TYR Q 402 -49.12 75.73 28.53
C TYR Q 402 -47.97 76.70 28.32
N CYS Q 403 -47.58 76.96 27.07
CA CYS Q 403 -46.69 78.07 26.71
C CYS Q 403 -47.53 79.15 25.99
N PHE Q 404 -47.43 80.41 26.44
CA PHE Q 404 -48.36 81.49 26.14
C PHE Q 404 -47.70 82.69 25.44
N PRO Q 405 -48.44 83.48 24.63
CA PRO Q 405 -47.93 84.63 23.90
C PRO Q 405 -47.24 85.64 24.80
N LEU Q 406 -46.20 86.31 24.32
CA LEU Q 406 -45.50 87.31 25.13
C LEU Q 406 -46.44 88.46 25.53
N ASN Q 407 -47.40 88.81 24.66
CA ASN Q 407 -48.39 89.85 24.92
C ASN Q 407 -49.63 89.34 25.67
N GLY Q 408 -49.57 88.16 26.28
CA GLY Q 408 -50.69 87.52 26.97
C GLY Q 408 -51.70 86.89 26.03
N THR Q 409 -52.27 87.64 25.10
CA THR Q 409 -53.47 87.23 24.35
C THR Q 409 -53.22 86.47 23.06
N GLY Q 410 -52.10 86.73 22.37
CA GLY Q 410 -51.86 86.24 21.00
C GLY Q 410 -52.11 87.31 19.93
N THR Q 411 -52.22 86.90 18.66
CA THR Q 411 -52.46 87.83 17.54
C THR Q 411 -53.89 88.34 17.57
N ASN Q 412 -54.07 89.53 18.13
CA ASN Q 412 -55.36 90.16 18.22
C ASN Q 412 -55.92 90.66 16.88
N SER Q 413 -57.23 90.52 16.68
CA SER Q 413 -57.90 91.16 15.56
C SER Q 413 -58.26 92.56 16.06
N THR Q 414 -58.78 93.43 15.20
CA THR Q 414 -58.90 94.85 15.50
C THR Q 414 -60.33 95.34 15.33
N TYR Q 415 -60.79 96.18 16.26
CA TYR Q 415 -62.20 96.56 16.40
C TYR Q 415 -62.36 98.07 16.59
N GLN Q 416 -63.51 98.62 16.21
CA GLN Q 416 -63.85 100.04 16.43
C GLN Q 416 -64.85 100.22 17.57
N GLY Q 417 -64.69 101.24 18.40
CA GLY Q 417 -65.67 101.55 19.44
C GLY Q 417 -66.99 102.06 18.89
N VAL Q 418 -68.09 101.60 19.47
CA VAL Q 418 -69.46 101.99 19.05
C VAL Q 418 -70.30 102.36 20.27
N LYS Q 419 -71.47 102.95 20.03
CA LYS Q 419 -72.42 103.36 21.07
C LYS Q 419 -73.84 103.19 20.57
N VAL Q 420 -74.78 102.97 21.48
CA VAL Q 420 -76.21 103.01 21.17
C VAL Q 420 -76.58 104.37 20.58
N LYS Q 421 -77.27 104.39 19.44
CA LYS Q 421 -77.58 105.61 18.68
C LYS Q 421 -78.58 106.50 19.42
N THR Q 422 -78.07 107.55 20.05
CA THR Q 422 -78.80 108.58 20.82
C THR Q 422 -79.73 108.08 21.94
N GLY Q 423 -79.60 106.82 22.37
CA GLY Q 423 -80.37 106.22 23.47
C GLY Q 423 -81.82 105.86 23.15
N GLN Q 424 -82.59 106.81 22.62
CA GLN Q 424 -83.99 106.62 22.28
C GLN Q 424 -84.16 105.60 21.15
N ASP Q 425 -85.12 104.67 21.33
CA ASP Q 425 -85.42 103.59 20.37
C ASP Q 425 -84.20 102.70 20.06
N GLY Q 426 -83.27 102.57 21.01
CA GLY Q 426 -82.16 101.61 21.00
C GLY Q 426 -82.56 100.15 21.26
N ALA Q 427 -83.84 99.87 21.47
CA ALA Q 427 -84.36 98.51 21.61
C ALA Q 427 -84.13 97.72 20.32
N GLU Q 428 -83.64 96.47 20.45
CA GLU Q 428 -83.29 95.55 19.36
C GLU Q 428 -82.47 96.20 18.23
N GLU Q 429 -81.68 97.23 18.54
CA GLU Q 429 -81.03 98.09 17.56
C GLU Q 429 -79.99 97.34 16.71
N THR Q 430 -80.21 97.30 15.40
CA THR Q 430 -79.19 96.96 14.39
C THR Q 430 -78.41 98.19 13.92
N GLU Q 431 -78.83 99.38 14.38
CA GLU Q 431 -78.36 100.70 13.96
C GLU Q 431 -77.63 101.45 15.10
N TRP Q 432 -76.51 100.90 15.59
CA TRP Q 432 -75.63 101.60 16.53
C TRP Q 432 -74.91 102.76 15.84
N ASP Q 433 -74.39 103.72 16.60
CA ASP Q 433 -73.52 104.76 16.06
C ASP Q 433 -72.05 104.44 16.38
N LYS Q 434 -71.12 104.94 15.58
CA LYS Q 434 -69.69 104.89 15.91
C LYS Q 434 -69.41 105.87 17.05
N ASP Q 435 -68.57 105.50 18.01
CA ASP Q 435 -68.24 106.36 19.14
C ASP Q 435 -66.98 107.20 18.87
N GLU Q 436 -67.11 108.52 18.79
CA GLU Q 436 -65.99 109.44 18.53
C GLU Q 436 -65.04 109.60 19.72
N THR Q 437 -65.43 109.18 20.91
CA THR Q 437 -64.53 109.16 22.07
C THR Q 437 -63.64 107.93 22.11
N VAL Q 438 -63.79 106.98 21.18
CA VAL Q 438 -63.01 105.72 21.17
C VAL Q 438 -62.27 105.51 19.86
N ALA Q 439 -61.03 105.01 19.92
CA ALA Q 439 -60.16 104.78 18.77
C ALA Q 439 -60.75 103.87 17.70
N ARG Q 440 -60.24 104.02 16.47
CA ARG Q 440 -60.65 103.21 15.32
C ARG Q 440 -60.08 101.80 15.35
N GLN Q 441 -59.00 101.55 16.08
CA GLN Q 441 -58.26 100.30 16.09
C GLN Q 441 -57.90 99.80 17.50
N ASN Q 442 -58.91 99.37 18.25
CA ASN Q 442 -58.72 98.66 19.51
C ASN Q 442 -58.32 97.21 19.24
N GLN Q 443 -57.15 96.76 19.71
CA GLN Q 443 -56.73 95.37 19.58
C GLN Q 443 -57.35 94.48 20.65
N ILE Q 444 -58.24 93.58 20.28
CA ILE Q 444 -58.94 92.69 21.21
C ILE Q 444 -58.95 91.25 20.68
N ALA Q 445 -58.69 90.27 21.54
CA ALA Q 445 -58.88 88.86 21.22
C ALA Q 445 -60.27 88.34 21.67
N LYS Q 446 -61.03 87.65 20.80
CA LYS Q 446 -62.19 86.85 21.22
C LYS Q 446 -61.78 85.52 21.84
N GLY Q 447 -62.57 85.02 22.81
CA GLY Q 447 -62.40 83.70 23.40
C GLY Q 447 -61.14 83.56 24.26
N ASN Q 448 -60.75 82.33 24.56
CA ASN Q 448 -59.54 82.04 25.34
C ASN Q 448 -58.27 82.54 24.65
N VAL Q 449 -57.25 82.84 25.42
CA VAL Q 449 -55.93 83.26 24.91
C VAL Q 449 -55.28 82.17 24.07
N TYR Q 450 -54.55 82.56 23.03
CA TYR Q 450 -53.82 81.58 22.24
C TYR Q 450 -52.80 80.82 23.09
N ALA Q 451 -52.60 79.54 22.83
CA ALA Q 451 -51.69 78.72 23.62
C ALA Q 451 -51.19 77.50 22.85
N MET Q 452 -50.08 76.95 23.33
CA MET Q 452 -49.61 75.63 22.97
C MET Q 452 -49.26 74.88 24.24
N GLU Q 453 -49.17 73.57 24.19
CA GLU Q 453 -49.18 72.70 25.36
C GLU Q 453 -48.01 71.73 25.32
N ILE Q 454 -47.39 71.48 26.46
CA ILE Q 454 -46.25 70.58 26.61
C ILE Q 454 -46.43 69.67 27.82
N ASN Q 455 -46.16 68.37 27.70
CA ASN Q 455 -46.04 67.49 28.85
C ASN Q 455 -44.61 67.58 29.42
N LEU Q 456 -44.37 68.52 30.34
CA LEU Q 456 -43.02 68.71 30.86
C LEU Q 456 -42.50 67.48 31.58
N GLN Q 457 -43.34 66.81 32.36
CA GLN Q 457 -42.87 65.67 33.14
C GLN Q 457 -42.44 64.53 32.23
N ALA Q 458 -43.22 64.19 31.21
CA ALA Q 458 -42.84 63.15 30.26
C ALA Q 458 -41.55 63.52 29.51
N ASN Q 459 -41.37 64.77 29.14
CA ASN Q 459 -40.12 65.23 28.54
C ASN Q 459 -38.92 65.08 29.47
N LEU Q 460 -39.01 65.45 30.74
CA LEU Q 460 -37.94 65.24 31.69
C LEU Q 460 -37.65 63.75 31.91
N TRP Q 461 -38.67 62.89 31.93
CA TRP Q 461 -38.44 61.46 32.10
C TRP Q 461 -37.78 60.84 30.87
N LYS Q 462 -38.22 61.17 29.66
CA LYS Q 462 -37.51 60.70 28.45
C LYS Q 462 -36.09 61.24 28.36
N SER Q 463 -35.88 62.48 28.73
CA SER Q 463 -34.56 63.11 28.81
C SER Q 463 -33.66 62.34 29.77
N PHE Q 464 -34.17 61.93 30.94
CA PHE Q 464 -33.45 61.05 31.85
C PHE Q 464 -33.15 59.70 31.21
N LEU Q 465 -34.16 58.97 30.73
CA LEU Q 465 -33.98 57.63 30.17
C LEU Q 465 -33.05 57.57 28.98
N TYR Q 466 -33.18 58.48 28.02
CA TYR Q 466 -32.36 58.41 26.82
C TYR Q 466 -30.89 58.60 27.13
N SER Q 467 -30.55 59.71 27.77
CA SER Q 467 -29.16 60.02 28.05
C SER Q 467 -28.51 59.06 29.04
N ASN Q 468 -29.25 58.55 30.03
CA ASN Q 468 -28.69 57.67 31.06
C ASN Q 468 -28.80 56.18 30.76
N VAL Q 469 -29.63 55.74 29.83
CA VAL Q 469 -29.79 54.31 29.51
C VAL Q 469 -29.72 54.02 28.02
N ALA Q 470 -30.46 54.71 27.16
CA ALA Q 470 -30.38 54.41 25.73
C ALA Q 470 -28.96 54.54 25.21
N LEU Q 471 -28.26 55.62 25.51
CA LEU Q 471 -26.89 55.81 25.03
C LEU Q 471 -25.90 54.77 25.53
N TYR Q 472 -26.21 54.03 26.59
CA TYR Q 472 -25.34 53.02 27.16
C TYR Q 472 -25.67 51.61 26.71
N LEU Q 473 -26.70 51.42 25.86
CA LEU Q 473 -27.02 50.09 25.34
C LEU Q 473 -25.83 49.55 24.53
N PRO Q 474 -25.64 48.22 24.45
CA PRO Q 474 -24.57 47.63 23.67
C PRO Q 474 -24.57 48.11 22.23
N ASP Q 475 -23.41 48.14 21.58
CA ASP Q 475 -23.31 48.61 20.21
C ASP Q 475 -24.21 47.91 19.19
N SER Q 476 -24.62 46.67 19.44
CA SER Q 476 -25.51 45.94 18.54
C SER Q 476 -26.92 46.53 18.45
N TYR Q 477 -27.32 47.40 19.38
CA TYR Q 477 -28.65 48.03 19.36
C TYR Q 477 -28.64 49.33 18.55
N LYS Q 478 -27.45 49.91 18.35
CA LYS Q 478 -27.23 51.14 17.61
C LYS Q 478 -27.10 50.89 16.11
N TYR Q 479 -27.09 51.97 15.34
CA TYR Q 479 -26.89 51.98 13.89
C TYR Q 479 -26.18 53.25 13.47
N THR Q 480 -25.64 53.26 12.27
CA THR Q 480 -24.92 54.42 11.73
C THR Q 480 -25.87 55.20 10.82
N PRO Q 481 -26.04 56.51 10.97
CA PRO Q 481 -26.94 57.32 10.15
C PRO Q 481 -26.71 57.16 8.64
N ALA Q 482 -27.69 57.58 7.84
CA ALA Q 482 -27.67 57.43 6.38
C ALA Q 482 -26.41 57.93 5.67
N ASN Q 483 -25.86 59.09 6.04
CA ASN Q 483 -24.71 59.70 5.37
C ASN Q 483 -23.64 60.22 6.34
N VAL Q 484 -23.29 59.41 7.34
CA VAL Q 484 -22.24 59.72 8.32
C VAL Q 484 -21.21 58.59 8.33
N THR Q 485 -19.93 58.92 8.33
CA THR Q 485 -18.84 57.93 8.33
C THR Q 485 -18.10 57.94 9.66
N LEU Q 486 -17.92 56.76 10.24
CA LEU Q 486 -17.27 56.53 11.53
C LEU Q 486 -15.97 55.75 11.30
N PRO Q 487 -14.89 55.98 12.06
CA PRO Q 487 -13.66 55.22 11.91
C PRO Q 487 -13.92 53.72 12.07
N ALA Q 488 -13.16 52.87 11.37
CA ALA Q 488 -13.35 51.43 11.49
C ALA Q 488 -13.02 50.87 12.89
N ASN Q 489 -12.22 51.58 13.68
CA ASN Q 489 -11.86 51.18 15.02
C ASN Q 489 -13.02 51.46 15.98
N THR Q 490 -13.78 50.43 16.32
CA THR Q 490 -14.95 50.47 17.23
C THR Q 490 -14.66 50.84 18.69
N ASN Q 491 -13.39 51.05 19.07
CA ASN Q 491 -13.03 51.46 20.43
C ASN Q 491 -12.76 52.95 20.53
N THR Q 492 -12.74 53.66 19.40
CA THR Q 492 -12.53 55.11 19.34
C THR Q 492 -13.71 55.91 19.89
N TYR Q 493 -13.46 57.15 20.27
CA TYR Q 493 -14.53 58.05 20.69
C TYR Q 493 -15.40 58.41 19.50
N GLU Q 494 -14.82 58.67 18.33
CA GLU Q 494 -15.58 59.04 17.14
C GLU Q 494 -16.66 58.01 16.83
N TYR Q 495 -16.32 56.72 16.88
CA TYR Q 495 -17.28 55.65 16.69
C TYR Q 495 -18.32 55.65 17.81
N MET Q 496 -17.92 55.58 19.08
CA MET Q 496 -18.86 55.57 20.21
C MET Q 496 -19.77 56.81 20.31
N ASN Q 497 -19.31 57.94 19.82
CA ASN Q 497 -20.01 59.23 19.82
C ASN Q 497 -20.87 59.43 18.59
N GLY Q 498 -20.50 58.88 17.43
CA GLY Q 498 -21.28 59.06 16.21
C GLY Q 498 -22.39 58.06 15.99
N ARG Q 499 -22.34 56.85 16.56
CA ARG Q 499 -23.42 55.84 16.41
C ARG Q 499 -24.71 56.35 17.03
N VAL Q 500 -25.86 56.01 16.46
CA VAL Q 500 -27.17 56.46 16.93
C VAL Q 500 -27.99 55.31 17.47
N VAL Q 501 -28.71 55.55 18.57
CA VAL Q 501 -29.62 54.60 19.21
C VAL Q 501 -31.02 55.19 19.16
N ALA Q 502 -32.01 54.40 18.76
CA ALA Q 502 -33.38 54.86 18.67
C ALA Q 502 -33.97 55.17 20.06
N PRO Q 503 -34.55 56.36 20.30
CA PRO Q 503 -35.17 56.70 21.59
C PRO Q 503 -36.37 55.84 21.98
N SER Q 504 -36.89 55.00 21.08
CA SER Q 504 -38.02 54.10 21.35
C SER Q 504 -37.55 52.84 22.06
N LEU Q 505 -36.27 52.47 21.94
CA LEU Q 505 -35.70 51.46 22.84
C LEU Q 505 -35.67 52.19 24.18
N VAL Q 506 -36.00 51.55 25.30
CA VAL Q 506 -36.00 52.23 26.61
C VAL Q 506 -36.71 53.59 26.61
N ASP Q 507 -37.95 53.62 26.12
CA ASP Q 507 -38.81 54.81 26.10
C ASP Q 507 -39.55 55.00 27.44
N ALA Q 508 -40.31 56.06 27.64
CA ALA Q 508 -41.04 56.31 28.89
C ALA Q 508 -41.95 55.15 29.36
N TYR Q 509 -42.47 54.31 28.46
CA TYR Q 509 -43.30 53.13 28.75
C TYR Q 509 -42.50 51.84 29.00
N ILE Q 510 -41.18 51.87 28.99
CA ILE Q 510 -40.35 50.69 29.23
C ILE Q 510 -40.67 50.05 30.59
N ASN Q 511 -41.09 48.78 30.60
CA ASN Q 511 -41.42 48.06 31.83
C ASN Q 511 -42.22 48.89 32.83
N ILE Q 512 -43.24 49.61 32.39
CA ILE Q 512 -43.87 50.62 33.24
C ILE Q 512 -44.51 49.97 34.47
N GLY Q 513 -44.22 50.51 35.64
CA GLY Q 513 -44.62 49.98 36.93
C GLY Q 513 -43.68 48.97 37.56
N ALA Q 514 -42.52 48.64 36.99
CA ALA Q 514 -41.59 47.66 37.56
C ALA Q 514 -40.20 48.19 37.94
N ARG Q 515 -39.56 47.58 38.95
CA ARG Q 515 -38.14 47.79 39.23
C ARG Q 515 -37.44 46.76 38.36
N TRP Q 516 -36.83 47.13 37.25
CA TRP Q 516 -36.24 46.10 36.41
C TRP Q 516 -35.12 46.61 35.53
N SER Q 517 -33.90 46.13 35.76
CA SER Q 517 -32.78 46.45 34.91
C SER Q 517 -33.02 45.82 33.53
N LEU Q 518 -32.77 46.53 32.44
CA LEU Q 518 -32.99 45.95 31.11
C LEU Q 518 -32.14 44.71 30.93
N ASP Q 519 -32.64 43.64 30.32
CA ASP Q 519 -31.82 42.45 30.14
C ASP Q 519 -30.50 42.71 29.39
N PRO Q 520 -30.42 43.57 28.36
CA PRO Q 520 -29.13 43.81 27.74
C PRO Q 520 -28.18 44.59 28.63
N MET Q 521 -28.69 45.32 29.63
CA MET Q 521 -27.88 46.14 30.53
C MET Q 521 -27.32 45.42 31.74
N ASP Q 522 -27.85 44.28 32.17
CA ASP Q 522 -27.28 43.55 33.32
C ASP Q 522 -25.81 43.25 33.14
N ASN Q 523 -25.44 42.92 31.90
CA ASN Q 523 -24.09 42.55 31.50
C ASN Q 523 -23.27 43.71 30.92
N VAL Q 524 -23.72 44.95 31.05
CA VAL Q 524 -22.97 46.14 30.62
C VAL Q 524 -22.40 46.73 31.89
N ASN Q 525 -21.12 47.07 31.91
CA ASN Q 525 -20.48 47.59 33.10
C ASN Q 525 -21.20 48.85 33.57
N PRO Q 526 -21.76 48.88 34.78
CA PRO Q 526 -22.49 50.03 35.25
C PRO Q 526 -21.61 51.17 35.72
N PHE Q 527 -20.34 50.93 36.01
CA PHE Q 527 -19.42 51.96 36.48
C PHE Q 527 -18.89 52.82 35.33
N ASN Q 528 -18.91 52.33 34.09
CA ASN Q 528 -18.52 53.10 32.91
C ASN Q 528 -19.67 54.04 32.52
N HIS Q 529 -19.98 55.02 33.34
CA HIS Q 529 -21.17 55.86 33.16
C HIS Q 529 -20.89 57.28 33.56
N HIS Q 530 -21.56 58.24 32.93
CA HIS Q 530 -21.23 59.63 33.18
C HIS Q 530 -21.75 60.10 34.53
N ARG Q 531 -22.69 59.36 35.14
CA ARG Q 531 -23.13 59.56 36.53
C ARG Q 531 -22.29 58.83 37.57
N ASN Q 532 -21.13 58.29 37.21
CA ASN Q 532 -20.23 57.69 38.18
C ASN Q 532 -19.63 58.85 38.95
N ALA Q 533 -20.25 59.25 40.06
CA ALA Q 533 -19.81 60.41 40.81
C ALA Q 533 -18.39 60.28 41.32
N GLY Q 534 -17.89 59.06 41.55
CA GLY Q 534 -16.51 58.89 41.98
C GLY Q 534 -15.58 59.38 40.89
N LEU Q 535 -15.78 58.87 39.67
CA LEU Q 535 -15.02 59.28 38.50
C LEU Q 535 -15.22 60.76 38.25
N ARG Q 536 -16.46 61.28 38.25
CA ARG Q 536 -16.67 62.71 38.05
C ARG Q 536 -15.80 63.53 38.98
N TYR Q 537 -15.79 63.22 40.28
CA TYR Q 537 -14.97 63.95 41.25
C TYR Q 537 -13.50 63.84 40.87
N ARG Q 538 -12.96 62.64 40.69
CA ARG Q 538 -11.56 62.42 40.28
C ARG Q 538 -11.22 63.07 38.95
N SER Q 539 -12.18 63.31 38.09
CA SER Q 539 -11.95 64.01 36.84
C SER Q 539 -11.93 65.51 37.06
N MET Q 540 -12.91 66.06 37.78
CA MET Q 540 -13.01 67.49 38.11
C MET Q 540 -11.92 67.96 39.06
N LEU Q 541 -11.30 67.07 39.82
CA LEU Q 541 -10.21 67.34 40.75
C LEU Q 541 -8.89 67.75 40.07
N LEU Q 542 -8.70 67.31 38.84
CA LEU Q 542 -7.60 67.75 37.98
C LEU Q 542 -7.90 69.10 37.31
N GLY Q 543 -9.15 69.33 36.95
CA GLY Q 543 -9.58 70.52 36.22
C GLY Q 543 -10.50 70.14 35.06
N ASN Q 544 -11.06 71.15 34.39
CA ASN Q 544 -11.96 70.99 33.25
C ASN Q 544 -11.33 71.03 31.85
N GLY Q 545 -10.04 71.34 31.70
CA GLY Q 545 -9.35 71.35 30.40
C GLY Q 545 -8.71 70.02 30.04
N ARG Q 546 -8.43 69.80 28.75
CA ARG Q 546 -7.74 68.58 28.32
C ARG Q 546 -6.28 68.52 28.74
N TYR Q 547 -5.57 69.63 28.85
CA TYR Q 547 -4.18 69.66 29.31
C TYR Q 547 -4.11 69.96 30.79
N VAL Q 548 -3.37 69.17 31.57
CA VAL Q 548 -3.32 69.37 33.02
C VAL Q 548 -1.90 69.17 33.56
N PRO Q 549 -1.21 70.22 34.00
CA PRO Q 549 -0.01 70.09 34.81
C PRO Q 549 -0.41 69.58 36.18
N PHE Q 550 -0.22 68.29 36.44
CA PHE Q 550 -0.69 67.63 37.65
C PHE Q 550 0.39 67.53 38.71
N HIS Q 551 -0.04 67.28 39.94
CA HIS Q 551 0.78 67.12 41.11
C HIS Q 551 0.02 66.23 42.05
N ILE Q 552 0.60 65.11 42.48
CA ILE Q 552 -0.10 64.07 43.24
C ILE Q 552 0.83 63.48 44.28
N GLN Q 553 0.25 62.99 45.38
CA GLN Q 553 0.92 62.18 46.38
C GLN Q 553 0.38 60.75 46.26
N VAL Q 554 1.21 59.73 46.02
CA VAL Q 554 0.78 58.34 45.83
C VAL Q 554 1.17 57.46 47.03
N PRO Q 555 0.23 56.73 47.64
CA PRO Q 555 0.49 55.93 48.83
C PRO Q 555 1.03 54.54 48.55
N GLN Q 556 1.83 54.00 49.48
CA GLN Q 556 2.38 52.65 49.40
C GLN Q 556 1.34 51.60 49.78
N LYS Q 557 0.91 50.76 48.84
CA LYS Q 557 -0.10 49.72 49.08
C LYS Q 557 0.44 48.34 49.38
N PHE Q 558 1.72 48.07 49.18
CA PHE Q 558 2.24 46.72 49.40
C PHE Q 558 2.20 46.35 50.88
N PHE Q 559 1.53 45.24 51.21
CA PHE Q 559 1.28 44.81 52.58
C PHE Q 559 2.50 44.64 53.48
N ALA Q 560 3.60 44.07 52.96
CA ALA Q 560 4.77 43.83 53.77
C ALA Q 560 5.49 45.07 54.28
N ILE Q 561 5.28 46.22 53.65
CA ILE Q 561 5.99 47.43 54.04
C ILE Q 561 5.12 48.62 54.32
N LYS Q 562 3.84 48.66 53.91
CA LYS Q 562 3.01 49.86 54.13
C LYS Q 562 2.83 50.29 55.58
N ASN Q 563 3.01 49.41 56.56
CA ASN Q 563 2.88 49.70 57.98
C ASN Q 563 4.16 49.42 58.78
N LEU Q 564 5.25 49.01 58.12
CA LEU Q 564 6.50 48.66 58.76
C LEU Q 564 7.08 49.84 59.55
N LEU Q 565 7.44 49.65 60.82
CA LEU Q 565 8.20 50.62 61.60
C LEU Q 565 9.68 50.37 61.36
N LEU Q 566 10.25 51.14 60.44
CA LEU Q 566 11.62 51.08 60.00
C LEU Q 566 12.58 51.68 61.04
N LEU Q 567 13.46 50.85 61.59
CA LEU Q 567 14.45 51.26 62.56
C LEU Q 567 15.62 51.99 61.87
N PRO Q 568 16.47 52.70 62.61
CA PRO Q 568 17.62 53.41 62.09
C PRO Q 568 18.50 52.63 61.12
N GLY Q 569 18.93 53.33 60.08
CA GLY Q 569 19.79 52.83 59.02
C GLY Q 569 19.51 53.51 57.68
N SER Q 570 20.35 53.26 56.69
CA SER Q 570 20.13 53.75 55.33
C SER Q 570 19.52 52.63 54.52
N TYR Q 571 18.49 52.90 53.74
CA TYR Q 571 17.81 51.89 52.93
C TYR Q 571 17.56 52.33 51.50
N THR Q 572 17.85 51.47 50.54
CA THR Q 572 17.53 51.71 49.14
C THR Q 572 16.04 51.53 49.01
N TYR Q 573 15.35 52.44 48.34
CA TYR Q 573 13.91 52.35 48.12
C TYR Q 573 13.62 52.75 46.68
N GLU Q 574 13.35 51.76 45.82
CA GLU Q 574 13.01 51.99 44.42
C GLU Q 574 11.58 51.56 44.15
N TRP Q 575 10.91 52.27 43.26
CA TRP Q 575 9.63 51.80 42.76
C TRP Q 575 9.55 52.11 41.28
N ASN Q 576 8.76 51.34 40.57
CA ASN Q 576 8.48 51.48 39.15
C ASN Q 576 7.06 52.04 38.99
N PHE Q 577 6.85 53.01 38.13
CA PHE Q 577 5.58 53.65 37.82
C PHE Q 577 5.22 53.44 36.36
N ARG Q 578 3.95 53.28 36.02
CA ARG Q 578 3.49 53.09 34.63
C ARG Q 578 3.42 54.37 33.82
N LYS Q 579 3.37 54.25 32.49
CA LYS Q 579 3.05 55.36 31.59
C LYS Q 579 1.82 55.06 30.72
N ASP Q 580 1.30 53.85 30.77
CA ASP Q 580 0.17 53.37 29.98
C ASP Q 580 -1.15 54.03 30.38
N VAL Q 581 -1.66 54.94 29.55
CA VAL Q 581 -2.88 55.67 29.86
C VAL Q 581 -4.09 54.79 30.08
N ASN Q 582 -4.18 53.62 29.46
CA ASN Q 582 -5.33 52.76 29.69
C ASN Q 582 -5.30 52.22 31.13
N MET Q 583 -4.11 52.03 31.70
CA MET Q 583 -3.92 51.57 33.06
C MET Q 583 -4.04 52.70 34.08
N ILE Q 584 -3.41 53.82 33.80
CA ILE Q 584 -3.32 54.97 34.69
C ILE Q 584 -4.60 55.78 34.80
N LEU Q 585 -5.28 56.04 33.69
CA LEU Q 585 -6.48 56.83 33.66
C LEU Q 585 -7.72 55.96 33.56
N GLN Q 586 -8.88 56.56 33.74
CA GLN Q 586 -10.16 55.93 33.57
C GLN Q 586 -11.00 56.88 32.77
N SER Q 587 -11.81 56.38 31.86
CA SER Q 587 -12.71 57.20 31.06
C SER Q 587 -14.13 56.76 31.30
N SER Q 588 -15.08 57.67 31.26
CA SER Q 588 -16.47 57.33 31.50
C SER Q 588 -17.00 56.37 30.43
N LEU Q 589 -16.63 56.51 29.16
CA LEU Q 589 -17.09 55.60 28.10
C LEU Q 589 -16.31 54.28 28.06
N GLY Q 590 -15.09 54.28 28.58
CA GLY Q 590 -14.19 53.14 28.53
C GLY Q 590 -13.44 53.02 27.22
N ASN Q 591 -13.50 54.03 26.35
CA ASN Q 591 -12.83 54.09 25.06
C ASN Q 591 -11.32 53.88 25.18
N ASP Q 592 -10.68 53.42 24.12
CA ASP Q 592 -9.22 53.30 24.13
C ASP Q 592 -8.62 54.70 24.27
N LEU Q 593 -7.56 54.89 25.06
CA LEU Q 593 -6.90 56.20 25.20
C LEU Q 593 -5.52 56.22 24.56
N ARG Q 594 -4.99 55.07 24.08
CA ARG Q 594 -3.73 55.06 23.34
C ARG Q 594 -4.08 55.62 21.98
N VAL Q 595 -5.14 55.10 21.35
CA VAL Q 595 -5.79 55.76 20.22
C VAL Q 595 -6.52 56.91 20.93
N ASP Q 596 -6.77 58.04 20.28
CA ASP Q 596 -7.22 59.27 20.97
C ASP Q 596 -6.04 59.99 21.65
N GLY Q 597 -4.83 59.46 21.53
CA GLY Q 597 -3.58 60.09 21.93
C GLY Q 597 -3.45 60.70 23.32
N ALA Q 598 -4.10 60.20 24.37
CA ALA Q 598 -3.85 60.75 25.69
C ALA Q 598 -2.38 60.47 26.08
N SER Q 599 -1.73 61.29 26.90
CA SER Q 599 -0.32 61.04 27.29
C SER Q 599 0.03 61.54 28.69
N VAL Q 600 1.14 61.03 29.24
CA VAL Q 600 1.70 61.39 30.55
C VAL Q 600 3.21 61.62 30.52
N ARG Q 601 3.72 62.70 31.13
CA ARG Q 601 5.16 62.90 31.33
C ARG Q 601 5.35 63.05 32.83
N PHE Q 602 6.36 62.42 33.41
CA PHE Q 602 6.70 62.65 34.82
C PHE Q 602 7.89 63.60 34.83
N ASP Q 603 7.73 64.79 35.38
CA ASP Q 603 8.82 65.75 35.43
C ASP Q 603 9.73 65.43 36.62
N SER Q 604 9.16 65.05 37.76
CA SER Q 604 9.92 64.64 38.94
C SER Q 604 9.08 63.76 39.85
N VAL Q 605 9.75 62.91 40.61
CA VAL Q 605 9.19 61.99 41.60
C VAL Q 605 10.03 62.19 42.86
N ASN Q 606 9.45 62.44 44.02
CA ASN Q 606 10.15 62.68 45.29
C ASN Q 606 9.53 61.87 46.41
N LEU Q 607 10.30 61.28 47.30
CA LEU Q 607 9.78 60.56 48.47
C LEU Q 607 9.70 61.53 49.63
N TYR Q 608 8.50 61.81 50.12
CA TYR Q 608 8.34 62.44 51.41
C TYR Q 608 8.16 61.37 52.49
N ALA Q 609 8.59 61.71 53.69
CA ALA Q 609 8.52 60.89 54.89
C ALA Q 609 8.25 61.80 56.10
N THR Q 610 7.61 61.32 57.15
CA THR Q 610 7.34 62.12 58.35
C THR Q 610 7.70 61.35 59.61
N PHE Q 611 8.40 62.00 60.52
CA PHE Q 611 8.95 61.42 61.73
C PHE Q 611 8.27 62.03 62.95
N PHE Q 612 7.79 61.20 63.87
CA PHE Q 612 7.42 61.65 65.19
C PHE Q 612 8.70 62.20 65.86
N PRO Q 613 8.73 63.41 66.41
CA PRO Q 613 9.95 64.02 66.95
C PRO Q 613 10.27 63.43 68.32
N MET Q 614 10.42 62.12 68.39
CA MET Q 614 10.56 61.37 69.62
C MET Q 614 11.82 61.70 70.41
N ALA Q 615 11.71 61.72 71.74
CA ALA Q 615 12.84 61.96 72.61
C ALA Q 615 13.92 60.93 72.26
N HIS Q 616 15.18 61.36 72.14
CA HIS Q 616 16.24 60.50 71.67
C HIS Q 616 16.48 59.26 72.54
N ASN Q 617 16.37 59.36 73.85
CA ASN Q 617 16.54 58.21 74.72
C ASN Q 617 15.36 57.23 74.59
N THR Q 618 14.17 57.72 74.28
CA THR Q 618 12.97 56.89 74.08
C THR Q 618 13.07 56.16 72.77
N ALA Q 619 13.51 56.84 71.71
CA ALA Q 619 13.70 56.24 70.41
C ALA Q 619 14.79 55.16 70.50
N SER Q 620 15.91 55.46 71.17
CA SER Q 620 17.00 54.49 71.37
C SER Q 620 16.56 53.27 72.19
N THR Q 621 15.73 53.49 73.21
CA THR Q 621 15.17 52.40 74.03
C THR Q 621 14.25 51.55 73.19
N LEU Q 622 13.36 52.17 72.40
CA LEU Q 622 12.45 51.44 71.55
C LEU Q 622 13.20 50.64 70.49
N GLU Q 623 14.23 51.21 69.87
CA GLU Q 623 15.05 50.51 68.90
C GLU Q 623 15.65 49.25 69.55
N ALA Q 624 16.25 49.36 70.74
CA ALA Q 624 16.84 48.20 71.38
C ALA Q 624 15.82 47.07 71.60
N MET Q 625 14.55 47.41 71.80
CA MET Q 625 13.50 46.42 71.97
C MET Q 625 13.01 45.88 70.64
N LEU Q 626 12.91 46.70 69.60
CA LEU Q 626 12.43 46.27 68.29
C LEU Q 626 13.47 45.46 67.51
N ARG Q 627 14.76 45.59 67.82
CA ARG Q 627 15.83 44.80 67.23
C ARG Q 627 15.90 43.37 67.77
N ASN Q 628 15.29 43.09 68.91
CA ASN Q 628 15.31 41.76 69.52
C ASN Q 628 14.44 40.85 68.66
N ASP Q 629 14.93 39.67 68.25
CA ASP Q 629 14.16 38.80 67.33
C ASP Q 629 12.82 38.32 67.86
N THR Q 630 12.54 38.49 69.15
CA THR Q 630 11.23 38.19 69.72
C THR Q 630 10.18 39.14 69.18
N ASN Q 631 10.57 40.38 68.92
CA ASN Q 631 9.70 41.48 68.52
C ASN Q 631 9.69 41.76 67.02
N ASP Q 632 9.94 40.75 66.19
CA ASP Q 632 9.85 40.92 64.75
C ASP Q 632 8.44 41.35 64.37
N GLN Q 633 8.32 42.39 63.57
CA GLN Q 633 7.00 42.85 63.13
C GLN Q 633 6.45 41.83 62.14
N SER Q 634 5.14 41.63 62.11
CA SER Q 634 4.51 40.67 61.19
C SER Q 634 3.24 41.24 60.60
N PHE Q 635 3.04 41.03 59.30
CA PHE Q 635 1.94 41.58 58.54
C PHE Q 635 1.34 40.51 57.64
N ASN Q 636 0.05 40.59 57.39
CA ASN Q 636 -0.65 39.65 56.54
C ASN Q 636 -1.55 40.45 55.60
N ASP Q 637 -1.48 40.15 54.31
CA ASP Q 637 -2.24 40.81 53.26
C ASP Q 637 -3.74 40.78 53.58
N TYR Q 638 -4.53 41.83 53.30
CA TYR Q 638 -5.95 41.77 53.64
C TYR Q 638 -6.67 40.68 52.85
N LEU Q 639 -6.61 40.75 51.53
CA LEU Q 639 -7.16 39.74 50.64
C LEU Q 639 -6.14 38.61 50.49
N SER Q 640 -5.72 37.97 51.57
CA SER Q 640 -4.69 36.93 51.43
C SER Q 640 -5.26 35.74 50.67
N ALA Q 641 -4.81 35.58 49.42
CA ALA Q 641 -5.28 34.55 48.51
C ALA Q 641 -4.37 34.38 47.30
N ALA Q 642 -4.44 33.22 46.66
CA ALA Q 642 -3.84 32.99 45.36
C ALA Q 642 -4.88 33.53 44.37
N ASN Q 643 -4.50 34.06 43.23
CA ASN Q 643 -5.42 34.72 42.32
C ASN Q 643 -5.45 34.05 40.94
N MET Q 644 -6.21 32.98 40.80
CA MET Q 644 -6.35 32.26 39.53
C MET Q 644 -7.31 32.96 38.57
N LEU Q 645 -6.99 32.97 37.28
CA LEU Q 645 -7.86 33.45 36.22
C LEU Q 645 -7.94 32.34 35.18
N TYR Q 646 -9.12 32.04 34.67
CA TYR Q 646 -9.34 30.99 33.68
C TYR Q 646 -10.23 31.52 32.57
N PRO Q 647 -9.96 31.27 31.29
CA PRO Q 647 -10.79 31.78 30.21
C PRO Q 647 -12.10 31.02 30.03
N ILE Q 648 -13.12 31.73 29.54
CA ILE Q 648 -14.46 31.23 29.24
C ILE Q 648 -14.80 31.69 27.83
N PRO Q 649 -14.74 30.79 26.83
CA PRO Q 649 -15.00 31.12 25.44
C PRO Q 649 -16.36 31.74 25.20
N ALA Q 650 -16.52 32.51 24.12
CA ALA Q 650 -17.82 33.06 23.80
C ALA Q 650 -18.83 31.90 23.69
N LYS Q 651 -20.04 32.09 24.23
CA LYS Q 651 -21.13 31.11 24.25
C LYS Q 651 -20.87 29.85 25.11
N ALA Q 652 -19.82 29.82 25.96
CA ALA Q 652 -19.52 28.67 26.81
C ALA Q 652 -20.30 28.72 28.13
N THR Q 653 -21.12 27.70 28.38
CA THR Q 653 -21.96 27.52 29.56
C THR Q 653 -21.27 26.77 30.71
N ASN Q 654 -20.19 26.06 30.44
CA ASN Q 654 -19.49 25.19 31.40
C ASN Q 654 -18.01 25.54 31.51
N VAL Q 655 -17.47 25.55 32.73
CA VAL Q 655 -16.08 25.91 33.01
C VAL Q 655 -15.41 24.92 33.98
N PRO Q 656 -14.74 23.88 33.49
CA PRO Q 656 -14.09 22.86 34.31
C PRO Q 656 -12.66 23.22 34.70
N ILE Q 657 -12.29 22.95 35.94
CA ILE Q 657 -10.97 23.23 36.51
C ILE Q 657 -10.49 22.10 37.40
N SER Q 658 -9.18 21.84 37.45
CA SER Q 658 -8.62 20.86 38.37
C SER Q 658 -7.22 21.31 38.77
N ILE Q 659 -6.80 21.07 40.00
CA ILE Q 659 -5.44 21.32 40.43
C ILE Q 659 -4.93 19.99 41.00
N PRO Q 660 -3.71 19.56 40.67
CA PRO Q 660 -3.21 18.28 41.12
C PRO Q 660 -2.92 18.25 42.62
N SER Q 661 -2.93 17.04 43.18
CA SER Q 661 -2.72 16.75 44.60
C SER Q 661 -1.67 17.62 45.28
N ARG Q 662 -2.05 18.36 46.34
CA ARG Q 662 -1.19 19.30 47.06
C ARG Q 662 -1.64 19.49 48.50
N ASN Q 663 -0.84 20.11 49.37
CA ASN Q 663 -1.22 20.35 50.75
C ASN Q 663 -2.34 21.39 50.89
N TRP Q 664 -3.35 21.15 51.73
CA TRP Q 664 -4.46 22.09 51.95
C TRP Q 664 -4.49 22.60 53.40
N ALA Q 665 -3.48 22.29 54.21
CA ALA Q 665 -3.42 22.77 55.58
C ALA Q 665 -3.53 24.30 55.60
N ALA Q 666 -4.31 24.84 56.52
CA ALA Q 666 -4.64 26.25 56.67
C ALA Q 666 -5.37 26.92 55.50
N PHE Q 667 -5.95 26.15 54.57
CA PHE Q 667 -6.81 26.68 53.51
C PHE Q 667 -8.02 27.36 54.15
N ARG Q 668 -8.55 28.43 53.56
CA ARG Q 668 -9.70 29.19 54.11
C ARG Q 668 -10.98 29.12 53.30
N GLY Q 669 -10.93 28.63 52.07
CA GLY Q 669 -12.07 28.56 51.19
C GLY Q 669 -11.86 29.32 49.90
N TRP Q 670 -12.94 29.46 49.14
CA TRP Q 670 -12.92 30.09 47.85
C TRP Q 670 -13.73 31.35 47.76
N SER Q 671 -13.25 32.28 46.94
CA SER Q 671 -13.99 33.47 46.55
C SER Q 671 -13.91 33.48 45.04
N PHE Q 672 -14.94 33.91 44.36
CA PHE Q 672 -15.00 33.97 42.91
C PHE Q 672 -15.97 34.99 42.34
N THR Q 673 -15.77 35.36 41.08
CA THR Q 673 -16.58 36.28 40.27
C THR Q 673 -16.20 36.13 38.80
N ARG Q 674 -16.80 36.89 37.90
CA ARG Q 674 -16.58 36.81 36.45
C ARG Q 674 -16.19 38.16 35.89
N LEU Q 675 -15.19 38.17 35.02
CA LEU Q 675 -14.65 39.38 34.41
C LEU Q 675 -14.70 39.31 32.90
N LYS Q 676 -14.87 40.43 32.20
CA LYS Q 676 -14.77 40.39 30.75
C LYS Q 676 -13.30 40.33 30.37
N THR Q 677 -12.97 39.81 29.18
CA THR Q 677 -11.56 39.74 28.79
C THR Q 677 -11.06 41.08 28.34
N LYS Q 678 -11.84 41.86 27.58
CA LYS Q 678 -11.37 43.16 27.12
C LYS Q 678 -11.19 44.18 28.24
N GLU Q 679 -11.80 43.95 29.39
CA GLU Q 679 -11.69 44.80 30.59
C GLU Q 679 -10.59 44.36 31.55
N THR Q 680 -9.89 43.25 31.30
CA THR Q 680 -8.85 42.77 32.22
C THR Q 680 -7.43 42.88 31.64
N PRO Q 681 -6.48 43.54 32.32
CA PRO Q 681 -5.12 43.66 31.83
C PRO Q 681 -4.29 42.42 32.18
N SER Q 682 -3.37 42.04 31.31
CA SER Q 682 -2.43 40.96 31.56
C SER Q 682 -1.23 41.46 32.37
N LEU Q 683 -1.34 41.53 33.70
CA LEU Q 683 -0.27 42.04 34.58
C LEU Q 683 1.03 41.21 34.56
N GLY Q 684 1.03 40.08 33.87
CA GLY Q 684 2.19 39.22 33.65
C GLY Q 684 3.28 39.88 32.82
N SER Q 685 3.01 41.08 32.31
CA SER Q 685 3.90 41.84 31.45
C SER Q 685 4.00 43.29 31.90
N GLY Q 686 5.10 43.95 31.55
CA GLY Q 686 5.38 45.35 31.85
C GLY Q 686 4.37 46.29 31.18
N PHE Q 687 3.95 45.90 29.98
CA PHE Q 687 2.99 46.58 29.14
C PHE Q 687 2.06 45.51 28.53
N ASP Q 688 0.85 45.88 28.12
CA ASP Q 688 -0.12 44.98 27.49
C ASP Q 688 -0.71 45.52 26.18
N PRO Q 689 -0.19 45.14 25.01
CA PRO Q 689 -0.64 45.64 23.71
C PRO Q 689 -2.10 45.42 23.38
N TYR Q 690 -2.73 44.40 23.97
CA TYR Q 690 -4.11 44.05 23.66
C TYR Q 690 -5.12 44.65 24.64
N PHE Q 691 -4.68 45.42 25.63
CA PHE Q 691 -5.57 46.07 26.59
C PHE Q 691 -6.13 47.36 25.99
N VAL Q 692 -6.98 47.24 24.99
CA VAL Q 692 -7.57 48.36 24.26
C VAL Q 692 -8.89 48.77 24.94
N TYR Q 693 -8.82 49.37 26.14
CA TYR Q 693 -9.96 49.76 26.97
C TYR Q 693 -9.57 50.61 28.19
N SER Q 694 -10.40 51.59 28.58
CA SER Q 694 -10.11 52.47 29.71
C SER Q 694 -11.20 52.57 30.77
N GLY Q 695 -12.19 51.71 30.82
CA GLY Q 695 -13.24 51.80 31.84
C GLY Q 695 -12.76 51.29 33.19
N SER Q 696 -13.65 50.98 34.13
CA SER Q 696 -13.21 50.40 35.40
C SER Q 696 -12.56 49.05 35.12
N ILE Q 697 -11.63 48.60 35.95
CA ILE Q 697 -10.96 47.30 35.82
C ILE Q 697 -11.40 46.51 37.03
N PRO Q 698 -12.48 45.72 36.94
CA PRO Q 698 -12.99 45.00 38.09
C PRO Q 698 -12.00 44.05 38.75
N TYR Q 699 -10.95 43.64 38.05
CA TYR Q 699 -9.93 42.78 38.64
C TYR Q 699 -9.13 43.53 39.72
N LEU Q 700 -9.00 44.85 39.61
CA LEU Q 700 -8.19 45.68 40.51
C LEU Q 700 -8.97 46.70 41.32
N ASP Q 701 -9.98 47.33 40.72
CA ASP Q 701 -10.79 48.39 41.30
C ASP Q 701 -11.82 47.95 42.31
N GLY Q 702 -12.14 46.67 42.42
CA GLY Q 702 -13.35 46.27 43.10
C GLY Q 702 -14.35 46.44 41.95
N THR Q 703 -15.48 47.14 42.04
CA THR Q 703 -16.35 47.35 40.85
C THR Q 703 -16.82 46.09 40.14
N PHE Q 704 -17.03 45.01 40.88
CA PHE Q 704 -17.55 43.80 40.26
C PHE Q 704 -18.98 44.00 39.77
N TYR Q 705 -19.33 43.12 38.85
CA TYR Q 705 -20.65 42.93 38.28
C TYR Q 705 -20.63 41.49 37.74
N LEU Q 706 -21.57 41.05 36.93
CA LEU Q 706 -21.59 39.68 36.39
C LEU Q 706 -21.73 38.53 37.41
N ASN Q 707 -21.88 38.80 38.71
CA ASN Q 707 -22.08 37.78 39.72
C ASN Q 707 -23.40 37.04 39.51
N HIS Q 708 -24.41 37.74 39.01
CA HIS Q 708 -25.70 37.19 38.68
C HIS Q 708 -25.64 36.22 37.51
N THR Q 709 -24.53 36.11 36.79
CA THR Q 709 -24.41 35.19 35.64
C THR Q 709 -24.13 33.74 36.06
N PHE Q 710 -23.72 33.47 37.29
CA PHE Q 710 -23.45 32.10 37.75
C PHE Q 710 -24.74 31.29 37.94
N LYS Q 711 -24.74 30.02 37.50
CA LYS Q 711 -25.87 29.10 37.64
C LYS Q 711 -25.62 28.11 38.76
N LYS Q 712 -24.46 27.49 38.81
CA LYS Q 712 -24.08 26.54 39.86
C LYS Q 712 -22.59 26.28 39.88
N VAL Q 713 -22.12 25.65 40.95
CA VAL Q 713 -20.73 25.25 41.14
C VAL Q 713 -20.65 23.98 41.93
N SER Q 714 -19.65 23.15 41.68
CA SER Q 714 -19.40 21.92 42.43
C SER Q 714 -17.93 21.86 42.77
N ILE Q 715 -17.62 21.14 43.85
CA ILE Q 715 -16.28 20.98 44.40
C ILE Q 715 -16.07 19.52 44.64
N MET Q 716 -14.94 18.95 44.24
CA MET Q 716 -14.73 17.51 44.30
C MET Q 716 -13.29 17.14 44.62
N PHE Q 717 -13.00 16.66 45.83
CA PHE Q 717 -11.66 16.21 46.18
C PHE Q 717 -11.43 14.77 45.71
N ASP Q 718 -10.22 14.50 45.23
CA ASP Q 718 -9.79 13.18 44.78
C ASP Q 718 -10.78 12.53 43.81
N SER Q 719 -11.47 13.34 43.03
CA SER Q 719 -12.52 13.02 42.05
C SER Q 719 -13.80 12.41 42.61
N SER Q 720 -13.79 11.76 43.77
CA SER Q 720 -14.99 11.11 44.31
C SER Q 720 -15.52 11.74 45.59
N VAL Q 721 -14.69 12.42 46.36
CA VAL Q 721 -15.10 13.02 47.60
C VAL Q 721 -15.78 14.36 47.32
N SER Q 722 -17.06 14.31 46.96
CA SER Q 722 -17.85 15.51 46.72
C SER Q 722 -17.86 16.37 47.96
N TRP Q 723 -17.64 17.69 47.86
CA TRP Q 723 -17.62 18.53 49.05
C TRP Q 723 -18.71 19.61 49.05
N PRO Q 724 -19.36 19.88 50.19
CA PRO Q 724 -19.17 19.30 51.52
C PRO Q 724 -19.73 17.90 51.72
N GLY Q 725 -20.49 17.37 50.76
CA GLY Q 725 -21.08 16.05 50.88
C GLY Q 725 -21.93 15.94 52.12
N ASN Q 726 -21.88 14.80 52.80
CA ASN Q 726 -22.62 14.57 54.04
C ASN Q 726 -24.12 14.89 53.94
N ASP Q 727 -24.67 14.86 52.73
CA ASP Q 727 -26.06 15.20 52.44
C ASP Q 727 -26.50 16.56 53.00
N ARG Q 728 -25.57 17.51 53.10
CA ARG Q 728 -25.80 18.81 53.76
C ARG Q 728 -26.86 19.68 53.06
N LEU Q 729 -26.72 19.89 51.76
CA LEU Q 729 -27.53 20.86 50.97
C LEU Q 729 -28.83 20.31 50.42
N LEU Q 730 -29.71 21.14 49.84
CA LEU Q 730 -31.12 20.73 49.83
C LEU Q 730 -31.43 19.44 49.11
N THR Q 731 -30.68 19.10 48.09
CA THR Q 731 -30.60 17.76 47.50
C THR Q 731 -29.19 17.39 47.04
N PRO Q 732 -28.31 18.34 46.67
CA PRO Q 732 -27.18 17.85 45.90
C PRO Q 732 -25.90 17.24 46.53
N ASN Q 733 -24.92 17.34 45.61
CA ASN Q 733 -23.48 17.15 45.56
C ASN Q 733 -22.85 18.48 45.03
N GLU Q 734 -23.61 19.58 44.90
CA GLU Q 734 -23.20 20.89 44.34
C GLU Q 734 -24.03 22.11 44.83
N PHE Q 735 -23.46 23.32 44.70
CA PHE Q 735 -24.01 24.60 45.10
C PHE Q 735 -24.82 25.18 43.95
N GLU Q 736 -26.14 25.01 44.01
CA GLU Q 736 -27.02 25.53 42.98
C GLU Q 736 -27.35 26.99 43.31
N ILE Q 737 -26.63 27.91 42.70
CA ILE Q 737 -26.74 29.34 42.93
C ILE Q 737 -28.09 29.92 42.55
N LYS Q 738 -28.64 29.57 41.40
CA LYS Q 738 -29.91 30.11 40.92
C LYS Q 738 -30.66 29.10 40.08
N ARG Q 739 -31.98 29.25 39.94
CA ARG Q 739 -32.80 28.30 39.16
C ARG Q 739 -33.67 28.95 38.10
N SER Q 740 -33.60 28.40 36.90
CA SER Q 740 -34.42 28.82 35.77
C SER Q 740 -35.84 28.23 35.87
N VAL Q 741 -35.99 27.05 36.49
CA VAL Q 741 -37.27 26.39 36.76
C VAL Q 741 -37.19 25.78 38.15
N ASP Q 742 -38.24 25.91 38.96
CA ASP Q 742 -38.26 25.43 40.34
C ASP Q 742 -39.53 24.63 40.66
N GLY Q 743 -39.45 23.31 40.67
CA GLY Q 743 -40.61 22.47 41.01
C GLY Q 743 -40.79 22.36 42.51
N GLU Q 744 -39.68 22.18 43.22
CA GLU Q 744 -39.60 21.90 44.65
C GLU Q 744 -39.90 23.12 45.52
N GLY Q 745 -39.81 24.33 44.97
CA GLY Q 745 -39.94 25.58 45.73
C GLY Q 745 -38.65 26.03 46.40
N TYR Q 746 -37.49 25.67 45.89
CA TYR Q 746 -36.20 26.02 46.48
C TYR Q 746 -35.71 27.44 46.23
N ASN Q 747 -36.46 28.30 45.54
CA ASN Q 747 -36.09 29.70 45.39
C ASN Q 747 -36.27 30.51 46.70
N VAL Q 748 -35.68 31.70 46.84
CA VAL Q 748 -35.84 32.57 48.04
C VAL Q 748 -35.99 34.04 47.69
N ALA Q 749 -36.39 34.81 48.69
CA ALA Q 749 -36.34 36.25 48.65
C ALA Q 749 -37.06 36.91 47.48
N GLN Q 750 -38.07 36.24 46.96
CA GLN Q 750 -38.86 36.69 45.83
C GLN Q 750 -38.05 36.89 44.55
N CYS Q 751 -37.06 36.02 44.30
CA CYS Q 751 -36.26 36.04 43.08
C CYS Q 751 -35.77 34.63 42.65
N ASN Q 752 -34.73 34.60 41.82
CA ASN Q 752 -34.14 33.43 41.21
C ASN Q 752 -33.13 32.69 42.12
N MET Q 753 -32.63 33.33 43.16
CA MET Q 753 -31.65 32.73 44.07
C MET Q 753 -32.26 31.58 44.88
N THR Q 754 -31.46 30.62 45.35
CA THR Q 754 -31.96 29.45 46.08
C THR Q 754 -31.76 29.51 47.59
N LYS Q 755 -32.52 28.68 48.31
CA LYS Q 755 -32.51 28.56 49.77
C LYS Q 755 -31.15 28.14 50.32
N ASP Q 756 -30.42 27.24 49.65
CA ASP Q 756 -29.10 26.85 50.13
C ASP Q 756 -28.06 27.92 49.80
N TRP Q 757 -28.09 28.55 48.62
CA TRP Q 757 -27.10 29.57 48.31
C TRP Q 757 -27.27 30.81 49.19
N PHE Q 758 -28.50 31.23 49.46
CA PHE Q 758 -28.76 32.38 50.32
C PHE Q 758 -28.34 32.08 51.74
N LEU Q 759 -28.63 30.89 52.26
CA LEU Q 759 -28.13 30.46 53.56
C LEU Q 759 -26.60 30.54 53.59
N VAL Q 760 -25.92 30.08 52.54
CA VAL Q 760 -24.48 30.07 52.48
C VAL Q 760 -23.92 31.48 52.46
N GLN Q 761 -24.44 32.39 51.65
CA GLN Q 761 -23.91 33.75 51.62
C GLN Q 761 -24.20 34.53 52.91
N MET Q 762 -25.39 34.35 53.50
CA MET Q 762 -25.70 35.03 54.76
C MET Q 762 -24.81 34.53 55.89
N LEU Q 763 -24.51 33.22 55.95
CA LEU Q 763 -23.60 32.66 56.95
C LEU Q 763 -22.16 33.10 56.74
N SER Q 764 -21.65 33.00 55.53
CA SER Q 764 -20.25 33.33 55.28
C SER Q 764 -19.91 34.82 55.37
N HIS Q 765 -20.85 35.74 55.17
CA HIS Q 765 -20.59 37.17 55.36
C HIS Q 765 -20.90 37.65 56.77
N TYR Q 766 -21.90 37.08 57.43
CA TYR Q 766 -22.37 37.59 58.72
C TYR Q 766 -22.68 36.61 59.85
N ASN Q 767 -22.53 35.29 59.68
CA ASN Q 767 -23.03 34.26 60.60
C ASN Q 767 -24.57 34.26 60.80
N ILE Q 768 -25.34 34.91 59.93
CA ILE Q 768 -26.80 35.08 60.07
C ILE Q 768 -27.71 33.90 59.73
N GLY Q 769 -27.32 32.96 58.89
CA GLY Q 769 -28.27 31.94 58.43
C GLY Q 769 -28.86 30.90 59.38
N TYR Q 770 -28.23 30.52 60.48
CA TYR Q 770 -28.92 29.70 61.47
C TYR Q 770 -29.65 30.63 62.41
N GLN Q 771 -30.83 30.24 62.86
CA GLN Q 771 -31.54 30.92 63.95
C GLN Q 771 -31.69 32.45 63.87
N GLY Q 772 -32.10 33.12 62.81
CA GLY Q 772 -32.52 32.80 61.45
C GLY Q 772 -32.50 34.14 60.67
N PHE Q 773 -32.87 34.22 59.40
CA PHE Q 773 -32.53 35.40 58.60
C PHE Q 773 -33.09 36.73 59.15
N HIS Q 774 -32.25 37.76 59.15
CA HIS Q 774 -32.57 39.13 59.53
C HIS Q 774 -31.56 40.10 58.90
N VAL Q 775 -31.82 41.39 58.97
CA VAL Q 775 -30.96 42.41 58.36
C VAL Q 775 -29.66 42.56 59.16
N PRO Q 776 -28.48 42.39 58.55
CA PRO Q 776 -27.21 42.52 59.26
C PRO Q 776 -26.96 43.92 59.80
N GLU Q 777 -26.24 44.03 60.90
CA GLU Q 777 -25.91 45.28 61.54
C GLU Q 777 -25.06 46.16 60.60
N GLY Q 778 -25.31 47.47 60.59
CA GLY Q 778 -24.63 48.39 59.68
C GLY Q 778 -23.11 48.43 59.77
N TYR Q 779 -22.51 48.06 60.89
CA TYR Q 779 -21.04 48.08 61.01
C TYR Q 779 -20.43 46.86 60.32
N LYS Q 780 -21.15 45.73 60.22
CA LYS Q 780 -20.64 44.52 59.54
C LYS Q 780 -21.06 44.48 58.08
N ASP Q 781 -22.14 45.17 57.72
CA ASP Q 781 -22.59 45.28 56.34
C ASP Q 781 -21.77 46.35 55.60
N ARG Q 782 -20.52 46.04 55.28
CA ARG Q 782 -19.59 46.93 54.59
C ARG Q 782 -20.02 47.17 53.13
N MET Q 783 -19.32 48.02 52.40
CA MET Q 783 -19.71 48.37 51.02
C MET Q 783 -19.65 47.18 50.05
N TYR Q 784 -18.66 46.31 50.19
CA TYR Q 784 -18.49 45.09 49.37
C TYR Q 784 -19.22 43.86 49.93
N SER Q 785 -20.05 44.00 50.96
CA SER Q 785 -20.79 42.88 51.57
C SER Q 785 -22.01 42.47 50.76
N PHE Q 786 -22.51 41.25 51.00
CA PHE Q 786 -23.64 40.67 50.30
C PHE Q 786 -24.96 41.42 50.38
N PHE Q 787 -25.54 41.58 51.56
CA PHE Q 787 -26.85 42.18 51.70
C PHE Q 787 -26.94 43.63 51.27
N ARG Q 788 -25.83 44.38 51.32
CA ARG Q 788 -25.76 45.77 50.85
C ARG Q 788 -26.02 45.88 49.35
N ASN Q 789 -25.73 44.82 48.61
CA ASN Q 789 -25.80 44.78 47.16
C ASN Q 789 -26.86 43.83 46.58
N PHE Q 790 -27.42 42.88 47.33
CA PHE Q 790 -28.42 41.95 46.80
C PHE Q 790 -29.72 42.65 46.40
N GLN Q 791 -30.11 42.56 45.13
CA GLN Q 791 -31.28 43.20 44.55
C GLN Q 791 -32.18 42.23 43.78
N PRO Q 792 -33.23 41.69 44.39
CA PRO Q 792 -34.19 40.80 43.74
C PRO Q 792 -35.17 41.62 42.89
N MET Q 793 -35.62 41.11 41.75
CA MET Q 793 -36.50 41.83 40.83
C MET Q 793 -37.47 40.94 40.07
N SER Q 794 -38.62 41.50 39.65
CA SER Q 794 -39.63 40.76 38.88
C SER Q 794 -40.40 41.64 37.89
N ARG Q 795 -40.87 41.08 36.78
CA ARG Q 795 -41.72 41.79 35.81
C ARG Q 795 -42.64 40.83 35.07
N GLN Q 796 -43.75 41.34 34.56
CA GLN Q 796 -44.67 40.62 33.70
C GLN Q 796 -44.42 41.04 32.26
N VAL Q 797 -44.66 40.14 31.32
CA VAL Q 797 -44.56 40.42 29.88
C VAL Q 797 -45.66 39.66 29.16
N VAL Q 798 -46.09 40.13 28.00
CA VAL Q 798 -47.13 39.46 27.22
C VAL Q 798 -46.78 38.00 26.95
N ASP Q 799 -47.71 37.10 27.25
CA ASP Q 799 -47.57 35.67 27.03
C ASP Q 799 -47.79 35.37 25.55
N GLU Q 800 -46.71 35.25 24.78
CA GLU Q 800 -46.78 35.03 23.33
C GLU Q 800 -47.46 33.72 22.93
N ILE Q 801 -47.69 32.80 23.86
CA ILE Q 801 -48.31 31.49 23.60
C ILE Q 801 -49.78 31.50 23.98
N ASN Q 802 -50.14 31.86 25.22
CA ASN Q 802 -51.53 31.85 25.65
C ASN Q 802 -52.35 33.08 25.26
N TYR Q 803 -51.75 34.21 24.88
CA TYR Q 803 -52.54 35.34 24.35
C TYR Q 803 -52.74 35.12 22.85
N LYS Q 804 -53.88 34.53 22.46
CA LYS Q 804 -54.15 34.14 21.06
C LYS Q 804 -54.17 35.26 20.02
N ASP Q 805 -54.38 36.50 20.44
CA ASP Q 805 -54.37 37.70 19.57
C ASP Q 805 -52.98 38.30 19.34
N TYR Q 806 -51.94 37.78 19.98
CA TYR Q 806 -50.59 38.34 19.95
C TYR Q 806 -49.90 38.47 18.61
N LYS Q 807 -49.45 39.70 18.27
CA LYS Q 807 -48.63 39.98 17.08
C LYS Q 807 -47.27 40.50 17.54
N ALA Q 808 -46.20 39.97 16.97
CA ALA Q 808 -44.82 40.28 17.32
C ALA Q 808 -44.26 41.48 16.55
N VAL Q 809 -44.77 42.68 16.83
CA VAL Q 809 -44.33 43.90 16.15
C VAL Q 809 -42.91 44.29 16.58
N THR Q 810 -41.99 44.45 15.63
CA THR Q 810 -40.59 44.84 15.86
C THR Q 810 -40.37 46.36 15.89
N LEU Q 811 -39.22 46.80 16.37
CA LEU Q 811 -38.93 48.22 16.58
C LEU Q 811 -39.25 49.18 15.42
N PRO Q 812 -38.96 48.91 14.14
CA PRO Q 812 -39.33 49.84 13.08
C PRO Q 812 -40.82 50.10 12.94
N PHE Q 813 -41.67 49.21 13.45
CA PHE Q 813 -43.12 49.21 13.25
C PHE Q 813 -43.92 49.49 14.52
N GLN Q 814 -43.27 49.52 15.69
CA GLN Q 814 -43.91 49.90 16.94
C GLN Q 814 -44.17 51.40 16.91
N HIS Q 815 -45.34 51.88 17.29
CA HIS Q 815 -45.60 53.31 17.43
C HIS Q 815 -46.40 53.67 18.68
N ASN Q 816 -45.96 54.74 19.31
CA ASN Q 816 -46.49 55.35 20.52
C ASN Q 816 -45.88 56.76 20.49
N ASN Q 817 -46.63 57.80 20.81
CA ASN Q 817 -46.21 59.18 20.67
C ASN Q 817 -45.87 59.55 19.21
N SER Q 818 -46.37 58.81 18.21
CA SER Q 818 -46.13 59.11 16.80
C SER Q 818 -46.65 60.52 16.48
N GLY Q 819 -45.97 61.26 15.61
CA GLY Q 819 -46.28 62.67 15.37
C GLY Q 819 -45.69 63.61 16.42
N PHE Q 820 -45.60 63.17 17.67
CA PHE Q 820 -45.07 63.97 18.78
C PHE Q 820 -43.59 63.67 19.06
N THR Q 821 -43.08 62.54 18.61
CA THR Q 821 -41.65 62.19 18.61
C THR Q 821 -41.35 61.16 17.52
N GLY Q 822 -40.11 61.00 17.09
CA GLY Q 822 -39.76 59.95 16.11
C GLY Q 822 -38.43 60.18 15.43
N TYR Q 823 -38.06 59.39 14.43
CA TYR Q 823 -38.64 58.09 14.10
C TYR Q 823 -37.86 57.01 14.85
N LEU Q 824 -36.62 56.74 14.45
CA LEU Q 824 -35.71 55.80 15.09
C LEU Q 824 -34.43 56.53 15.53
N ALA Q 825 -34.53 57.81 15.86
CA ALA Q 825 -33.41 58.69 16.14
C ALA Q 825 -33.82 59.82 17.10
N PRO Q 826 -32.90 60.49 17.77
CA PRO Q 826 -33.18 61.67 18.58
C PRO Q 826 -33.52 62.94 17.77
N THR Q 827 -33.56 62.85 16.44
CA THR Q 827 -33.84 63.94 15.50
C THR Q 827 -35.27 64.51 15.60
N MET Q 828 -35.53 65.59 14.87
CA MET Q 828 -36.80 66.34 14.84
C MET Q 828 -38.02 65.42 14.74
N ARG Q 829 -39.10 65.75 15.46
CA ARG Q 829 -40.37 64.98 15.47
C ARG Q 829 -40.94 64.73 14.08
N GLN Q 830 -41.48 63.54 13.83
CA GLN Q 830 -42.06 63.13 12.54
C GLN Q 830 -43.47 62.56 12.72
N GLY Q 831 -44.35 62.67 11.73
CA GLY Q 831 -45.53 61.79 11.63
C GLY Q 831 -46.87 62.42 12.01
N GLN Q 832 -47.83 61.58 12.44
CA GLN Q 832 -49.18 62.00 12.86
C GLN Q 832 -49.58 61.43 14.24
N PRO Q 833 -50.38 62.16 15.02
CA PRO Q 833 -51.08 61.62 16.17
C PRO Q 833 -51.85 60.35 15.82
N TYR Q 834 -51.79 59.31 16.64
CA TYR Q 834 -52.56 58.09 16.41
C TYR Q 834 -52.65 57.21 17.65
N PRO Q 835 -53.66 56.33 17.80
CA PRO Q 835 -53.63 55.31 18.83
C PRO Q 835 -52.36 54.47 18.72
N ALA Q 836 -51.68 54.29 19.85
CA ALA Q 836 -50.45 53.54 19.93
C ALA Q 836 -50.68 52.04 19.74
N ASN Q 837 -49.72 51.34 19.13
CA ASN Q 837 -49.75 49.88 19.01
C ASN Q 837 -48.87 49.16 20.04
N PHE Q 838 -48.11 49.90 20.86
CA PHE Q 838 -47.12 49.32 21.76
C PHE Q 838 -46.99 50.13 23.07
N PRO Q 839 -46.64 49.54 24.22
CA PRO Q 839 -46.59 48.12 24.53
C PRO Q 839 -47.96 47.59 24.91
N TYR Q 840 -48.17 46.28 24.98
CA TYR Q 840 -49.49 45.79 25.41
C TYR Q 840 -49.80 46.16 26.87
N PRO Q 841 -51.07 46.35 27.26
CA PRO Q 841 -51.45 46.67 28.62
C PRO Q 841 -51.39 45.44 29.50
N LEU Q 842 -50.92 45.60 30.73
CA LEU Q 842 -50.91 44.52 31.74
C LEU Q 842 -51.81 44.80 32.95
N ILE Q 843 -52.68 45.80 32.87
CA ILE Q 843 -53.59 46.26 33.93
C ILE Q 843 -54.96 46.71 33.38
N GLY Q 844 -55.94 46.93 34.25
CA GLY Q 844 -57.30 47.31 33.86
C GLY Q 844 -58.15 46.12 33.42
N GLN Q 845 -59.35 46.38 32.91
CA GLN Q 845 -60.23 45.31 32.44
C GLN Q 845 -59.65 44.56 31.23
N THR Q 846 -58.83 45.21 30.42
CA THR Q 846 -58.34 44.66 29.14
C THR Q 846 -56.91 44.17 29.19
N ALA Q 847 -56.39 43.91 30.39
CA ALA Q 847 -55.04 43.41 30.60
C ALA Q 847 -54.74 42.14 29.80
N VAL Q 848 -53.55 42.06 29.20
CA VAL Q 848 -53.11 40.94 28.40
C VAL Q 848 -52.53 39.80 29.25
N PRO Q 849 -52.81 38.52 28.94
CA PRO Q 849 -52.25 37.37 29.65
C PRO Q 849 -50.73 37.45 29.72
N SER Q 850 -50.10 37.16 30.87
CA SER Q 850 -48.66 37.38 30.99
C SER Q 850 -47.79 36.39 31.76
N VAL Q 851 -46.58 36.22 31.22
CA VAL Q 851 -45.46 35.44 31.75
C VAL Q 851 -44.74 36.28 32.80
N THR Q 852 -44.29 35.67 33.88
CA THR Q 852 -43.58 36.36 34.96
C THR Q 852 -42.12 35.99 34.95
N GLN Q 853 -41.25 36.99 34.93
CA GLN Q 853 -39.80 36.82 34.93
C GLN Q 853 -39.25 37.29 36.27
N LYS Q 854 -38.28 36.56 36.81
CA LYS Q 854 -37.61 36.85 38.07
C LYS Q 854 -36.12 36.72 37.90
N LYS Q 855 -35.36 37.66 38.47
CA LYS Q 855 -33.90 37.68 38.42
C LYS Q 855 -33.35 38.47 39.60
N PHE Q 856 -32.05 38.48 39.78
CA PHE Q 856 -31.42 39.29 40.82
C PHE Q 856 -30.12 39.88 40.30
N LEU Q 857 -29.69 40.96 40.92
CA LEU Q 857 -28.41 41.61 40.68
C LEU Q 857 -27.72 41.68 42.03
N CYS Q 858 -26.40 41.63 42.00
CA CYS Q 858 -25.54 41.65 43.16
C CYS Q 858 -24.19 42.15 42.62
N ASP Q 859 -24.12 43.44 42.31
CA ASP Q 859 -22.97 44.03 41.64
C ASP Q 859 -21.62 44.03 42.34
N ARG Q 860 -21.33 44.91 43.30
CA ARG Q 860 -19.99 45.03 43.89
C ARG Q 860 -19.47 43.83 44.66
N VAL Q 861 -20.26 42.79 44.89
CA VAL Q 861 -19.88 41.61 45.65
C VAL Q 861 -18.95 40.68 44.89
N MET Q 862 -18.35 39.76 45.62
CA MET Q 862 -17.54 38.70 45.09
C MET Q 862 -18.05 37.47 45.86
N TRP Q 863 -18.53 36.45 45.18
CA TRP Q 863 -19.11 35.33 45.87
C TRP Q 863 -18.08 34.57 46.69
N ARG Q 864 -18.49 34.00 47.83
CA ARG Q 864 -17.61 33.26 48.74
C ARG Q 864 -18.17 31.92 49.18
N ILE Q 865 -17.29 30.98 49.52
CA ILE Q 865 -17.60 29.66 50.07
C ILE Q 865 -16.50 29.39 51.12
N PRO Q 866 -16.73 29.57 52.42
CA PRO Q 866 -15.72 29.30 53.43
C PRO Q 866 -15.38 27.84 53.57
N PHE Q 867 -14.10 27.49 53.65
CA PHE Q 867 -13.71 26.11 53.91
C PHE Q 867 -13.82 25.87 55.41
N SER Q 868 -15.05 25.83 55.91
CA SER Q 868 -15.37 25.60 57.31
C SER Q 868 -16.59 24.71 57.38
N SER Q 869 -16.62 23.80 58.34
CA SER Q 869 -17.53 22.65 58.34
C SER Q 869 -19.02 23.02 58.31
N ASN Q 870 -19.39 24.23 58.70
CA ASN Q 870 -20.77 24.71 58.79
C ASN Q 870 -20.97 26.09 58.14
N PHE Q 871 -20.01 26.55 57.35
CA PHE Q 871 -19.97 27.83 56.63
C PHE Q 871 -19.91 29.10 57.50
N MET Q 872 -19.35 29.04 58.70
CA MET Q 872 -19.24 30.21 59.59
C MET Q 872 -17.80 30.62 59.89
N SER Q 873 -17.56 31.91 60.10
CA SER Q 873 -16.25 32.48 60.42
C SER Q 873 -15.93 32.41 61.92
N MET Q 874 -15.73 31.20 62.43
CA MET Q 874 -15.38 30.93 63.83
C MET Q 874 -13.97 31.39 64.24
N GLY Q 875 -13.13 31.71 63.27
CA GLY Q 875 -11.74 32.14 63.41
C GLY Q 875 -11.14 32.27 62.02
N ALA Q 876 -10.05 33.02 61.83
CA ALA Q 876 -9.48 33.17 60.51
C ALA Q 876 -8.87 31.86 60.01
N LEU Q 877 -8.25 31.08 60.89
CA LEU Q 877 -7.76 29.75 60.60
C LEU Q 877 -8.96 28.84 60.84
N THR Q 878 -9.58 28.36 59.77
CA THR Q 878 -10.80 27.56 59.88
C THR Q 878 -10.58 26.20 60.55
N ASP Q 879 -11.67 25.54 60.93
CA ASP Q 879 -11.64 24.24 61.58
C ASP Q 879 -11.18 23.18 60.59
N LEU Q 880 -11.69 23.22 59.35
CA LEU Q 880 -11.31 22.25 58.32
C LEU Q 880 -9.85 22.39 57.91
N GLY Q 881 -9.28 23.59 57.91
CA GLY Q 881 -7.87 23.79 57.60
C GLY Q 881 -6.91 23.20 58.65
N GLN Q 882 -7.41 22.78 59.83
CA GLN Q 882 -6.66 22.15 60.93
C GLN Q 882 -6.92 20.65 61.04
N ASN Q 883 -8.10 20.21 60.58
CA ASN Q 883 -8.65 18.86 60.46
C ASN Q 883 -7.79 17.91 59.69
N MET Q 884 -6.71 17.43 60.27
CA MET Q 884 -5.47 17.00 59.67
C MET Q 884 -5.56 15.93 58.57
N LEU Q 885 -6.77 15.56 58.16
CA LEU Q 885 -7.10 14.89 56.92
C LEU Q 885 -6.79 15.86 55.77
N TYR Q 886 -7.28 17.12 55.80
CA TYR Q 886 -7.12 17.95 54.60
C TYR Q 886 -5.90 18.72 55.10
N ALA Q 887 -4.80 18.04 54.94
CA ALA Q 887 -3.50 18.35 55.50
C ALA Q 887 -2.55 17.29 54.92
N ASN Q 888 -1.62 16.86 55.78
CA ASN Q 888 -0.37 16.16 55.56
C ASN Q 888 -0.51 15.06 54.49
N SER Q 889 -1.62 14.35 54.46
CA SER Q 889 -1.86 13.29 53.49
C SER Q 889 -2.72 13.87 52.37
N ALA Q 890 -2.05 14.63 51.51
CA ALA Q 890 -2.53 15.48 50.41
C ALA Q 890 -3.42 15.10 49.22
N HIS Q 891 -4.56 15.80 49.19
CA HIS Q 891 -5.69 15.81 48.24
C HIS Q 891 -5.60 16.55 46.90
N ALA Q 892 -6.21 16.01 45.84
CA ALA Q 892 -6.41 16.63 44.52
C ALA Q 892 -7.74 17.36 44.52
N LEU Q 893 -7.92 18.47 43.81
CA LEU Q 893 -9.20 19.18 43.76
C LEU Q 893 -9.69 19.45 42.34
N ASP Q 894 -10.94 19.10 42.05
CA ASP Q 894 -11.60 19.39 40.80
C ASP Q 894 -12.76 20.33 41.11
N MET Q 895 -13.02 21.31 40.26
CA MET Q 895 -14.09 22.27 40.41
C MET Q 895 -14.76 22.50 39.07
N THR Q 896 -16.07 22.69 39.07
CA THR Q 896 -16.84 22.90 37.84
C THR Q 896 -17.83 24.00 38.05
N PHE Q 897 -18.00 24.90 37.08
CA PHE Q 897 -18.99 25.95 37.20
C PHE Q 897 -19.90 25.96 35.99
N GLU Q 898 -21.17 26.26 36.21
CA GLU Q 898 -22.14 26.44 35.16
C GLU Q 898 -22.47 27.92 35.21
N VAL Q 899 -22.40 28.60 34.08
CA VAL Q 899 -22.60 30.03 33.95
C VAL Q 899 -23.46 30.37 32.75
N ASP Q 900 -24.10 31.52 32.77
CA ASP Q 900 -24.86 32.01 31.62
C ASP Q 900 -23.90 32.23 30.44
N PRO Q 901 -24.25 31.79 29.22
CA PRO Q 901 -23.40 32.00 28.06
C PRO Q 901 -23.40 33.49 27.75
N MET Q 902 -22.22 34.06 27.47
CA MET Q 902 -22.04 35.51 27.37
C MET Q 902 -21.96 36.18 25.99
N ASP Q 903 -21.89 35.42 24.90
CA ASP Q 903 -21.74 35.96 23.53
C ASP Q 903 -20.46 36.80 23.28
N GLU Q 904 -19.50 36.77 24.20
CA GLU Q 904 -18.18 37.41 24.11
C GLU Q 904 -17.20 36.67 25.04
N PRO Q 905 -15.88 36.72 24.84
CA PRO Q 905 -14.94 35.97 25.66
C PRO Q 905 -14.75 36.61 27.03
N THR Q 906 -14.93 35.83 28.08
CA THR Q 906 -14.82 36.29 29.48
C THR Q 906 -13.91 35.41 30.32
N LEU Q 907 -13.70 35.75 31.58
CA LEU Q 907 -12.80 35.04 32.47
C LEU Q 907 -13.44 34.72 33.82
N LEU Q 908 -13.22 33.51 34.30
CA LEU Q 908 -13.60 33.17 35.65
C LEU Q 908 -12.49 33.69 36.53
N TYR Q 909 -12.82 34.43 37.58
CA TYR Q 909 -11.85 34.88 38.54
C TYR Q 909 -12.06 34.04 39.79
N LEU Q 910 -11.07 33.24 40.15
CA LEU Q 910 -11.15 32.34 41.29
C LEU Q 910 -10.01 32.58 42.26
N LEU Q 911 -10.35 32.94 43.48
CA LEU Q 911 -9.40 33.17 44.53
C LEU Q 911 -9.41 31.99 45.48
N PHE Q 912 -8.24 31.42 45.73
CA PHE Q 912 -8.09 30.41 46.74
C PHE Q 912 -7.62 31.20 47.94
N GLU Q 913 -8.42 31.25 48.98
CA GLU Q 913 -8.09 32.01 50.16
C GLU Q 913 -7.12 31.24 51.02
N VAL Q 914 -6.00 31.87 51.33
CA VAL Q 914 -4.87 31.30 52.08
C VAL Q 914 -4.31 32.35 53.03
N PHE Q 915 -3.35 31.99 53.87
CA PHE Q 915 -2.63 33.00 54.66
C PHE Q 915 -1.52 33.50 53.77
N ASP Q 916 -1.23 34.78 53.79
CA ASP Q 916 -0.16 35.41 53.01
C ASP Q 916 0.52 36.36 53.96
N VAL Q 917 1.34 35.80 54.84
CA VAL Q 917 1.99 36.50 55.95
C VAL Q 917 3.49 36.65 55.79
N VAL Q 918 4.03 37.76 56.28
CA VAL Q 918 5.46 38.08 56.30
C VAL Q 918 5.91 38.39 57.72
N ARG Q 919 7.13 38.02 58.05
CA ARG Q 919 7.78 38.32 59.32
C ARG Q 919 9.01 39.15 58.99
N VAL Q 920 9.21 40.29 59.62
CA VAL Q 920 10.31 41.21 59.30
C VAL Q 920 11.20 41.40 60.51
N HIS Q 921 12.47 41.03 60.36
CA HIS Q 921 13.51 41.10 61.39
C HIS Q 921 14.54 42.17 61.03
N GLN Q 922 14.86 43.07 61.95
CA GLN Q 922 15.81 44.18 61.76
C GLN Q 922 16.95 44.12 62.80
N PRO Q 923 17.88 43.15 62.74
CA PRO Q 923 18.86 42.90 63.77
C PRO Q 923 20.02 43.87 63.94
N HIS Q 924 20.41 44.61 62.90
CA HIS Q 924 21.52 45.56 62.97
C HIS Q 924 21.17 46.80 62.19
N ARG Q 925 21.89 47.89 62.44
CA ARG Q 925 21.64 49.18 61.80
C ARG Q 925 21.66 49.05 60.27
N GLY Q 926 20.54 49.36 59.63
CA GLY Q 926 20.40 49.29 58.17
C GLY Q 926 20.23 47.91 57.56
N VAL Q 927 19.77 46.91 58.31
CA VAL Q 927 19.58 45.54 57.82
C VAL Q 927 18.13 45.08 57.94
N ILE Q 928 17.50 44.64 56.84
CA ILE Q 928 16.14 44.07 56.87
C ILE Q 928 16.14 42.65 56.32
N GLU Q 929 15.80 41.67 57.13
CA GLU Q 929 15.63 40.28 56.72
C GLU Q 929 14.14 40.03 56.79
N ALA Q 930 13.46 39.81 55.67
CA ALA Q 930 12.04 39.56 55.65
C ALA Q 930 11.78 38.13 55.20
N VAL Q 931 11.01 37.36 55.94
CA VAL Q 931 10.66 35.98 55.59
C VAL Q 931 9.18 35.88 55.28
N TYR Q 932 8.83 35.32 54.13
CA TYR Q 932 7.46 35.18 53.65
C TYR Q 932 6.97 33.78 53.74
N LEU Q 933 5.74 33.59 54.16
CA LEU Q 933 5.03 32.36 53.91
C LEU Q 933 3.60 32.58 53.51
N ARG Q 934 3.27 32.06 52.33
CA ARG Q 934 1.91 31.99 51.84
C ARG Q 934 1.53 30.53 51.97
N THR Q 935 0.43 30.15 52.57
CA THR Q 935 0.12 28.73 52.77
C THR Q 935 -1.37 28.47 52.93
N PRO Q 936 -1.93 27.48 52.22
CA PRO Q 936 -1.30 26.64 51.21
C PRO Q 936 -0.97 27.48 49.96
N PHE Q 937 -0.63 26.87 48.82
CA PHE Q 937 -0.22 27.57 47.58
C PHE Q 937 1.05 28.41 47.75
N SER Q 938 2.01 27.91 48.53
CA SER Q 938 3.29 28.57 48.80
C SER Q 938 4.24 28.68 47.64
N ALA Q 939 4.77 29.87 47.39
CA ALA Q 939 5.86 29.96 46.43
C ALA Q 939 7.16 30.31 47.12
N GLY Q 940 8.06 29.36 47.24
CA GLY Q 940 9.45 29.64 47.51
C GLY Q 940 10.21 28.77 48.48
N ASN Q 941 10.82 27.71 47.97
CA ASN Q 941 11.90 26.93 48.54
C ASN Q 941 12.41 27.19 49.95
N MET R 1 -51.13 -36.91 62.37
CA MET R 1 -50.20 -37.70 61.53
C MET R 1 -50.99 -38.72 60.71
N MET R 2 -50.48 -39.10 59.53
CA MET R 2 -51.28 -39.56 58.39
C MET R 2 -50.64 -40.78 57.72
N PRO R 3 -50.95 -42.01 58.15
CA PRO R 3 -50.16 -43.18 57.77
C PRO R 3 -50.34 -43.55 56.31
N GLN R 4 -51.55 -43.45 55.78
CA GLN R 4 -51.80 -43.81 54.38
C GLN R 4 -51.22 -42.80 53.39
N TRP R 5 -51.02 -41.54 53.77
CA TRP R 5 -50.29 -40.58 52.94
C TRP R 5 -48.81 -40.87 52.86
N ALA R 6 -48.22 -41.46 53.89
CA ALA R 6 -46.84 -41.91 53.83
C ALA R 6 -46.76 -43.15 52.95
N TYR R 7 -47.63 -44.14 53.15
CA TYR R 7 -47.63 -45.39 52.39
C TYR R 7 -47.93 -45.19 50.89
N MET R 8 -48.81 -44.25 50.53
CA MET R 8 -49.13 -43.93 49.14
C MET R 8 -48.24 -42.85 48.53
N HIS R 9 -47.23 -42.35 49.23
CA HIS R 9 -46.33 -41.29 48.76
C HIS R 9 -47.08 -40.04 48.31
N ILE R 10 -47.89 -39.52 49.21
CA ILE R 10 -48.51 -38.20 49.15
C ILE R 10 -47.68 -37.22 49.98
N ALA R 11 -47.10 -37.69 51.09
CA ALA R 11 -46.12 -37.02 51.92
C ALA R 11 -45.01 -37.98 52.36
N GLY R 12 -43.90 -37.47 52.87
CA GLY R 12 -42.84 -38.29 53.47
C GLY R 12 -41.55 -38.31 52.66
N GLN R 13 -40.90 -39.46 52.61
CA GLN R 13 -39.66 -39.70 51.90
C GLN R 13 -39.77 -39.61 50.37
N ASP R 14 -38.68 -39.27 49.70
CA ASP R 14 -38.46 -39.54 48.27
C ASP R 14 -38.17 -41.02 48.00
N ALA R 15 -38.27 -41.45 46.75
CA ALA R 15 -37.84 -42.77 46.34
C ALA R 15 -36.37 -43.05 46.67
N SER R 16 -35.48 -42.10 46.44
CA SER R 16 -34.07 -42.27 46.80
C SER R 16 -33.82 -42.32 48.31
N GLU R 17 -34.85 -42.12 49.14
CA GLU R 17 -34.80 -42.28 50.58
C GLU R 17 -35.55 -43.55 51.03
N TYR R 18 -36.70 -43.89 50.44
CA TYR R 18 -37.49 -45.07 50.88
C TYR R 18 -37.19 -46.39 50.18
N LEU R 19 -36.59 -46.41 48.99
CA LEU R 19 -36.24 -47.65 48.31
C LEU R 19 -35.08 -48.35 49.02
N SER R 20 -34.86 -49.65 48.79
CA SER R 20 -33.64 -50.28 49.32
C SER R 20 -32.42 -49.73 48.60
N PRO R 21 -31.28 -49.56 49.30
CA PRO R 21 -30.15 -48.83 48.75
C PRO R 21 -29.51 -49.55 47.57
N GLY R 22 -29.64 -50.88 47.48
CA GLY R 22 -29.24 -51.66 46.31
C GLY R 22 -29.95 -51.21 45.03
N LEU R 23 -31.27 -50.99 45.09
CA LEU R 23 -32.01 -50.54 43.92
C LEU R 23 -31.60 -49.13 43.52
N VAL R 24 -31.30 -48.25 44.47
CA VAL R 24 -30.87 -46.89 44.14
C VAL R 24 -29.53 -46.89 43.43
N GLN R 25 -28.53 -47.64 43.91
CA GLN R 25 -27.25 -47.71 43.21
C GLN R 25 -27.39 -48.43 41.86
N PHE R 26 -28.30 -49.40 41.72
CA PHE R 26 -28.63 -49.96 40.41
C PHE R 26 -29.23 -48.89 39.49
N ALA R 27 -30.25 -48.17 39.95
CA ALA R 27 -30.93 -47.15 39.17
C ALA R 27 -29.95 -46.06 38.73
N ARG R 28 -29.11 -45.53 39.63
CA ARG R 28 -28.05 -44.58 39.26
C ARG R 28 -27.14 -45.16 38.19
N ALA R 29 -26.68 -46.39 38.39
CA ALA R 29 -25.80 -47.08 37.45
C ALA R 29 -26.43 -47.34 36.08
N THR R 30 -27.74 -47.11 35.90
CA THR R 30 -28.45 -47.38 34.65
C THR R 30 -29.45 -46.30 34.24
N ASP R 31 -29.43 -45.07 34.75
CA ASP R 31 -30.35 -44.03 34.23
C ASP R 31 -30.02 -43.68 32.77
N THR R 32 -28.73 -43.70 32.48
CA THR R 32 -28.26 -44.02 31.14
C THR R 32 -27.92 -45.47 31.42
N TYR R 33 -28.57 -46.47 30.85
CA TYR R 33 -29.28 -46.60 29.58
C TYR R 33 -30.65 -47.29 29.73
N PHE R 34 -31.17 -47.47 30.94
CA PHE R 34 -32.44 -48.12 31.21
C PHE R 34 -33.11 -47.52 32.44
N SER R 35 -33.82 -46.42 32.26
CA SER R 35 -34.27 -45.62 33.38
C SER R 35 -35.38 -46.29 34.18
N LEU R 36 -35.14 -46.53 35.47
CA LEU R 36 -36.20 -46.80 36.45
C LEU R 36 -36.84 -45.50 36.97
N GLY R 37 -36.23 -44.37 36.69
CA GLY R 37 -36.55 -43.05 37.24
C GLY R 37 -37.79 -42.38 36.65
N ASN R 38 -38.90 -43.09 36.56
CA ASN R 38 -40.26 -42.53 36.40
C ASN R 38 -41.34 -43.45 36.98
N LYS R 39 -40.95 -44.40 37.82
CA LYS R 39 -41.79 -45.51 38.30
C LYS R 39 -42.06 -45.49 39.80
N PHE R 40 -41.56 -44.48 40.48
CA PHE R 40 -41.66 -44.29 41.91
C PHE R 40 -42.07 -42.84 42.18
N ARG R 41 -43.07 -42.64 43.01
CA ARG R 41 -43.52 -41.33 43.45
C ARG R 41 -42.53 -40.71 44.42
N ASN R 42 -42.19 -39.44 44.24
CA ASN R 42 -41.68 -38.59 45.31
C ASN R 42 -42.79 -37.61 45.72
N PRO R 43 -43.02 -37.36 47.01
CA PRO R 43 -43.87 -36.28 47.45
C PRO R 43 -43.16 -34.94 47.32
N THR R 44 -43.92 -33.85 47.27
CA THR R 44 -43.48 -32.52 47.69
C THR R 44 -44.57 -31.89 48.53
N VAL R 45 -44.22 -31.09 49.53
CA VAL R 45 -45.10 -30.70 50.62
C VAL R 45 -44.93 -29.24 50.97
N ALA R 46 -46.00 -28.47 51.02
CA ALA R 46 -45.94 -27.04 51.32
C ALA R 46 -45.52 -26.77 52.78
N PRO R 47 -44.95 -25.60 53.09
CA PRO R 47 -44.58 -25.24 54.45
C PRO R 47 -45.82 -24.76 55.22
N THR R 48 -46.17 -25.39 56.34
CA THR R 48 -47.43 -25.06 57.03
C THR R 48 -47.33 -23.83 57.95
N HIS R 49 -46.14 -23.51 58.45
CA HIS R 49 -45.94 -22.48 59.48
C HIS R 49 -44.95 -21.41 59.07
N ASP R 50 -45.16 -20.21 59.61
CA ASP R 50 -44.35 -19.00 59.42
C ASP R 50 -44.38 -18.37 58.01
N VAL R 51 -45.21 -18.87 57.09
CA VAL R 51 -45.25 -18.34 55.73
C VAL R 51 -46.35 -17.32 55.51
N THR R 52 -47.62 -17.68 55.68
CA THR R 52 -48.76 -16.78 55.39
C THR R 52 -49.50 -16.37 56.65
N THR R 53 -49.87 -15.10 56.79
CA THR R 53 -50.68 -14.64 57.92
C THR R 53 -52.14 -15.03 57.83
N ASP R 54 -52.80 -15.10 58.98
CA ASP R 54 -54.24 -15.34 59.13
C ASP R 54 -54.92 -14.24 59.95
N ARG R 55 -54.24 -13.11 60.19
CA ARG R 55 -54.89 -11.82 60.45
C ARG R 55 -55.52 -11.36 59.14
N SER R 56 -56.72 -10.80 59.17
CA SER R 56 -57.37 -10.29 57.95
C SER R 56 -56.56 -9.17 57.29
N GLN R 57 -56.16 -9.31 56.03
CA GLN R 57 -55.17 -8.44 55.39
C GLN R 57 -55.22 -8.53 53.86
N ARG R 58 -55.27 -7.38 53.19
CA ARG R 58 -55.28 -7.23 51.73
C ARG R 58 -54.04 -7.79 51.04
N LEU R 59 -54.21 -8.38 49.87
CA LEU R 59 -53.11 -8.67 48.94
C LEU R 59 -52.72 -7.45 48.10
N THR R 60 -53.66 -6.54 47.82
CA THR R 60 -53.43 -5.38 46.94
C THR R 60 -53.99 -4.11 47.55
N LEU R 61 -53.22 -3.02 47.56
CA LEU R 61 -53.70 -1.71 48.00
C LEU R 61 -53.69 -0.70 46.87
N ARG R 62 -54.78 0.08 46.77
CA ARG R 62 -54.95 1.21 45.87
C ARG R 62 -54.80 2.48 46.67
N PHE R 63 -53.89 3.37 46.30
CA PHE R 63 -53.82 4.71 46.86
C PHE R 63 -54.31 5.74 45.85
N VAL R 64 -54.76 6.88 46.34
CA VAL R 64 -55.26 8.02 45.55
C VAL R 64 -54.39 9.26 45.78
N PRO R 65 -54.24 10.18 44.82
CA PRO R 65 -53.41 11.34 45.03
C PRO R 65 -53.87 12.16 46.23
N VAL R 66 -53.00 12.28 47.23
CA VAL R 66 -53.14 13.18 48.39
C VAL R 66 -53.01 14.63 47.96
N ASP R 67 -52.31 14.86 46.85
CA ASP R 67 -52.20 16.14 46.17
C ASP R 67 -51.93 15.89 44.69
N ARG R 68 -52.26 16.84 43.81
CA ARG R 68 -52.01 16.74 42.37
C ARG R 68 -51.82 18.11 41.73
N GLU R 69 -51.14 18.14 40.61
CA GLU R 69 -50.89 19.37 39.85
C GLU R 69 -51.09 19.09 38.37
N ASP R 70 -51.69 19.99 37.62
CA ASP R 70 -52.31 19.63 36.34
C ASP R 70 -51.97 20.65 35.24
N THR R 71 -50.68 20.96 35.09
CA THR R 71 -50.17 22.02 34.21
C THR R 71 -50.39 21.78 32.72
N THR R 72 -50.01 22.75 31.89
CA THR R 72 -50.10 22.71 30.42
C THR R 72 -49.37 21.52 29.80
N TYR R 73 -48.21 21.15 30.36
CA TYR R 73 -47.28 20.18 29.77
C TYR R 73 -47.04 18.93 30.60
N SER R 74 -47.36 18.92 31.89
CA SER R 74 -47.15 17.77 32.77
C SER R 74 -48.15 17.68 33.90
N TYR R 75 -48.29 16.50 34.48
CA TYR R 75 -49.22 16.18 35.55
C TYR R 75 -48.49 15.55 36.74
N LYS R 76 -48.76 15.97 37.98
CA LYS R 76 -48.18 15.38 39.21
C LYS R 76 -49.24 14.68 40.02
N ALA R 77 -48.83 13.68 40.76
CA ALA R 77 -49.62 13.08 41.81
C ALA R 77 -48.71 12.82 43.00
N ARG R 78 -49.20 12.99 44.21
CA ARG R 78 -48.50 12.59 45.43
C ARG R 78 -49.30 11.56 46.17
N PHE R 79 -48.67 10.45 46.52
CA PHE R 79 -49.30 9.38 47.28
C PHE R 79 -48.58 9.27 48.62
N THR R 80 -49.30 9.03 49.72
CA THR R 80 -48.68 8.53 50.94
C THR R 80 -48.68 7.02 50.87
N LEU R 81 -47.60 6.44 50.34
CA LEU R 81 -47.38 5.00 50.31
C LEU R 81 -47.05 4.54 51.73
N ALA R 82 -48.03 3.95 52.41
CA ALA R 82 -47.93 3.56 53.80
C ALA R 82 -47.82 2.05 53.92
N VAL R 83 -46.60 1.54 54.06
CA VAL R 83 -46.34 0.13 54.36
C VAL R 83 -46.53 -0.03 55.86
N GLY R 84 -47.58 -0.74 56.29
CA GLY R 84 -47.83 -0.96 57.71
C GLY R 84 -46.75 -1.82 58.36
N ASP R 85 -46.81 -2.00 59.68
CA ASP R 85 -45.98 -2.98 60.37
C ASP R 85 -46.22 -4.38 59.81
N ASN R 86 -45.25 -5.28 59.96
CA ASN R 86 -45.43 -6.68 59.59
C ASN R 86 -45.82 -6.87 58.11
N ARG R 87 -45.37 -5.98 57.24
CA ARG R 87 -45.44 -6.10 55.78
C ARG R 87 -44.10 -5.65 55.21
N VAL R 88 -43.83 -6.02 53.98
CA VAL R 88 -42.71 -5.48 53.21
C VAL R 88 -43.18 -5.34 51.78
N LEU R 89 -42.69 -4.33 51.08
CA LEU R 89 -43.08 -4.07 49.73
C LEU R 89 -41.88 -4.26 48.82
N ASP R 90 -41.92 -5.24 47.93
CA ASP R 90 -41.01 -5.20 46.80
C ASP R 90 -41.55 -4.18 45.81
N MET R 91 -40.88 -3.04 45.68
CA MET R 91 -41.31 -1.93 44.82
C MET R 91 -41.57 -2.33 43.37
N ALA R 92 -41.02 -3.44 42.90
CA ALA R 92 -41.36 -4.02 41.60
C ALA R 92 -42.84 -4.41 41.46
N SER R 93 -43.57 -4.61 42.56
CA SER R 93 -45.01 -4.93 42.54
C SER R 93 -45.92 -3.71 42.39
N THR R 94 -45.39 -2.50 42.50
CA THR R 94 -46.14 -1.25 42.30
C THR R 94 -46.33 -0.92 40.83
N TYR R 95 -47.39 -0.19 40.49
CA TYR R 95 -47.52 0.52 39.22
C TYR R 95 -48.50 1.69 39.37
N PHE R 96 -48.43 2.68 38.48
CA PHE R 96 -49.44 3.73 38.45
C PHE R 96 -50.49 3.35 37.40
N ASP R 97 -51.74 3.28 37.80
CA ASP R 97 -52.87 3.00 36.94
C ASP R 97 -53.51 4.32 36.50
N ILE R 98 -53.37 4.63 35.22
CA ILE R 98 -53.81 5.88 34.60
C ILE R 98 -55.06 5.60 33.77
N ARG R 99 -56.08 6.43 33.90
CA ARG R 99 -57.26 6.45 33.05
C ARG R 99 -57.42 7.83 32.45
N GLY R 100 -57.93 7.91 31.23
CA GLY R 100 -58.10 9.18 30.54
C GLY R 100 -58.72 9.04 29.15
N VAL R 101 -58.58 10.08 28.34
CA VAL R 101 -58.99 10.09 26.92
C VAL R 101 -57.87 10.61 26.07
N LEU R 102 -57.64 9.89 24.97
CA LEU R 102 -56.70 10.14 23.91
C LEU R 102 -57.49 10.56 22.67
N ASP R 103 -57.07 11.63 22.00
CA ASP R 103 -57.39 11.83 20.58
C ASP R 103 -56.11 11.64 19.78
N ARG R 104 -56.13 10.74 18.81
CA ARG R 104 -55.03 10.52 17.87
C ARG R 104 -54.99 11.56 16.74
N GLY R 105 -56.02 12.37 16.59
CA GLY R 105 -56.09 13.44 15.60
C GLY R 105 -56.38 12.93 14.19
N PRO R 106 -56.55 13.83 13.22
CA PRO R 106 -56.96 13.50 11.85
C PRO R 106 -55.88 12.83 11.01
N SER R 107 -54.64 12.74 11.48
CA SER R 107 -53.54 12.13 10.72
C SER R 107 -53.40 10.63 10.89
N PHE R 108 -54.18 10.03 11.79
CA PHE R 108 -54.20 8.59 12.03
C PHE R 108 -54.93 7.80 10.94
N LYS R 109 -54.49 6.57 10.63
CA LYS R 109 -55.16 5.62 9.73
C LYS R 109 -54.57 4.21 9.88
N PRO R 110 -55.14 3.31 10.68
CA PRO R 110 -54.57 1.99 10.98
C PRO R 110 -54.55 0.97 9.87
N TYR R 111 -54.66 1.36 8.61
CA TYR R 111 -54.83 0.39 7.55
C TYR R 111 -54.34 0.89 6.22
N SER R 112 -53.78 -0.02 5.45
CA SER R 112 -53.39 0.21 4.07
C SER R 112 -54.63 0.11 3.19
N GLY R 113 -54.69 0.83 2.07
CA GLY R 113 -55.88 0.81 1.22
C GLY R 113 -57.04 1.62 1.78
N THR R 114 -58.27 1.29 1.40
CA THR R 114 -59.48 2.05 1.79
C THR R 114 -60.62 1.15 2.27
N ALA R 115 -61.47 1.69 3.13
CA ALA R 115 -62.69 1.03 3.54
C ALA R 115 -63.79 1.10 2.47
N TYR R 116 -63.78 2.08 1.56
CA TYR R 116 -64.90 2.37 0.66
C TYR R 116 -64.59 2.05 -0.78
N ASN R 117 -65.41 1.24 -1.43
CA ASN R 117 -65.35 0.88 -2.84
C ASN R 117 -63.97 0.40 -3.32
N SER R 118 -63.27 -0.40 -2.52
CA SER R 118 -61.93 -0.85 -2.85
C SER R 118 -61.81 -1.64 -4.14
N LEU R 119 -62.84 -2.35 -4.61
CA LEU R 119 -62.79 -3.03 -5.92
C LEU R 119 -62.93 -2.09 -7.11
N ALA R 120 -63.46 -0.88 -6.93
CA ALA R 120 -63.72 0.03 -8.04
C ALA R 120 -62.41 0.42 -8.73
N PRO R 121 -62.34 0.50 -10.07
CA PRO R 121 -61.17 1.05 -10.73
C PRO R 121 -60.87 2.45 -10.22
N LYS R 122 -59.61 2.81 -9.99
CA LYS R 122 -59.26 4.04 -9.28
C LYS R 122 -59.58 5.31 -10.06
N SER R 123 -59.79 5.22 -11.36
CA SER R 123 -60.24 6.29 -12.24
C SER R 123 -61.75 6.28 -12.54
N ALA R 124 -62.56 5.42 -11.92
CA ALA R 124 -63.98 5.30 -12.23
C ALA R 124 -64.81 6.41 -11.57
N PRO R 125 -65.62 7.20 -12.28
CA PRO R 125 -66.48 8.21 -11.67
C PRO R 125 -67.74 7.59 -11.06
N ASN R 126 -68.30 8.19 -10.01
CA ASN R 126 -69.66 7.84 -9.62
C ASN R 126 -70.64 8.28 -10.72
N PRO R 127 -71.68 7.50 -11.03
CA PRO R 127 -72.75 7.92 -11.92
C PRO R 127 -73.23 9.29 -11.49
N SER R 128 -73.21 10.27 -12.38
CA SER R 128 -73.35 11.65 -11.99
C SER R 128 -73.68 12.57 -13.16
N GLN R 129 -74.15 13.77 -12.82
CA GLN R 129 -74.55 14.82 -13.74
C GLN R 129 -73.73 16.08 -13.57
N TRP R 130 -73.62 16.84 -14.64
CA TRP R 130 -73.03 18.19 -14.63
C TRP R 130 -73.77 19.09 -15.62
N THR R 131 -73.25 20.29 -15.86
CA THR R 131 -73.88 21.30 -16.70
C THR R 131 -72.86 21.87 -17.70
N ALA R 132 -73.23 22.04 -18.97
CA ALA R 132 -72.27 22.13 -20.07
C ALA R 132 -72.85 22.80 -21.34
N ASN R 133 -72.00 23.11 -22.32
CA ASN R 133 -72.44 23.77 -23.56
C ASN R 133 -72.35 22.85 -24.76
N GLU R 134 -73.48 22.59 -25.41
CA GLU R 134 -73.55 21.89 -26.69
C GLU R 134 -73.53 22.86 -27.88
N LYS R 135 -72.48 23.68 -28.02
CA LYS R 135 -72.40 24.61 -29.16
C LYS R 135 -72.21 23.81 -30.46
N GLN R 136 -73.19 23.92 -31.37
CA GLN R 136 -73.31 23.06 -32.58
C GLN R 136 -73.57 23.85 -33.87
N THR R 137 -74.64 24.65 -33.90
CA THR R 137 -75.08 25.45 -35.06
C THR R 137 -75.96 26.63 -34.65
N GLY R 138 -76.01 27.68 -35.46
CA GLY R 138 -76.81 28.90 -35.26
C GLY R 138 -76.48 29.72 -34.01
N GLY R 139 -75.51 29.29 -33.19
CA GLY R 139 -75.34 29.72 -31.80
C GLY R 139 -76.44 29.24 -30.85
N GLN R 140 -77.38 28.41 -31.33
CA GLN R 140 -78.70 28.14 -30.72
C GLN R 140 -78.69 27.29 -29.43
N PRO R 141 -78.19 26.04 -29.42
CA PRO R 141 -78.05 25.25 -28.20
C PRO R 141 -76.94 25.78 -27.25
N LYS R 142 -77.19 25.66 -25.94
CA LYS R 142 -76.31 26.05 -24.83
C LYS R 142 -76.78 25.43 -23.51
N SER R 143 -75.93 25.46 -22.48
CA SER R 143 -76.25 25.26 -21.07
C SER R 143 -77.25 24.13 -20.78
N VAL R 144 -76.93 22.90 -21.21
CA VAL R 144 -77.70 21.70 -20.89
C VAL R 144 -77.21 21.05 -19.61
N THR R 145 -78.04 20.24 -18.97
CA THR R 145 -77.59 19.18 -18.06
C THR R 145 -77.03 18.00 -18.87
N GLN R 146 -76.02 17.30 -18.36
CA GLN R 146 -75.33 16.21 -19.03
C GLN R 146 -75.03 15.08 -18.03
N THR R 147 -75.07 13.82 -18.46
CA THR R 147 -75.06 12.64 -17.56
C THR R 147 -74.08 11.55 -18.00
N PHE R 148 -73.43 10.89 -17.04
CA PHE R 148 -72.68 9.65 -17.23
C PHE R 148 -73.08 8.66 -16.13
N GLY R 149 -73.25 7.36 -16.42
CA GLY R 149 -73.71 6.42 -15.41
C GLY R 149 -74.02 5.02 -15.89
N SER R 150 -74.75 4.25 -15.10
CA SER R 150 -75.37 3.01 -15.55
C SER R 150 -76.70 2.74 -14.85
N ALA R 151 -77.58 1.99 -15.50
CA ALA R 151 -78.92 1.69 -15.06
C ALA R 151 -79.08 0.18 -14.89
N PRO R 152 -78.77 -0.38 -13.72
CA PRO R 152 -78.69 -1.82 -13.55
C PRO R 152 -80.05 -2.47 -13.31
N MET R 153 -80.99 -1.76 -12.69
CA MET R 153 -82.24 -2.32 -12.21
C MET R 153 -83.21 -2.49 -13.36
N GLY R 154 -83.58 -3.73 -13.65
CA GLY R 154 -84.57 -4.04 -14.68
C GLY R 154 -86.00 -3.75 -14.22
N GLY R 155 -86.90 -3.42 -15.15
CA GLY R 155 -88.32 -3.21 -14.83
C GLY R 155 -89.27 -3.49 -16.00
N SER R 156 -90.57 -3.44 -15.73
CA SER R 156 -91.62 -3.73 -16.71
C SER R 156 -91.95 -2.55 -17.64
N ASN R 157 -91.87 -1.31 -17.14
CA ASN R 157 -92.37 -0.09 -17.79
C ASN R 157 -91.75 1.16 -17.16
N ILE R 158 -91.78 2.32 -17.82
CA ILE R 158 -91.31 3.60 -17.25
C ILE R 158 -92.35 4.68 -17.52
N THR R 159 -92.73 5.44 -16.50
CA THR R 159 -93.72 6.52 -16.58
C THR R 159 -93.21 7.76 -15.82
N ILE R 160 -94.03 8.80 -15.68
CA ILE R 160 -93.67 9.94 -14.81
C ILE R 160 -93.39 9.51 -13.37
N GLU R 161 -94.01 8.41 -12.90
CA GLU R 161 -93.92 7.93 -11.53
C GLU R 161 -92.57 7.27 -11.22
N GLY R 162 -91.95 6.63 -12.22
CA GLY R 162 -90.70 5.92 -12.08
C GLY R 162 -90.65 4.62 -12.89
N LEU R 163 -89.68 3.78 -12.58
CA LEU R 163 -89.58 2.43 -13.10
C LEU R 163 -90.61 1.52 -12.42
N VAL R 164 -91.47 0.88 -13.20
CA VAL R 164 -92.32 -0.20 -12.68
C VAL R 164 -91.45 -1.41 -12.44
N ILE R 165 -91.52 -1.97 -11.22
CA ILE R 165 -90.69 -3.11 -10.80
C ILE R 165 -91.51 -4.31 -10.34
N GLY R 166 -92.83 -4.18 -10.29
CA GLY R 166 -93.74 -5.28 -9.98
C GLY R 166 -95.19 -4.93 -10.28
N THR R 167 -96.10 -5.87 -10.07
CA THR R 167 -97.53 -5.68 -10.34
C THR R 167 -98.42 -6.44 -9.36
N LYS R 168 -99.50 -5.83 -8.87
CA LYS R 168 -100.47 -6.47 -7.95
C LYS R 168 -101.85 -6.66 -8.57
N GLU R 169 -102.45 -7.84 -8.54
CA GLU R 169 -103.84 -8.01 -8.95
C GLU R 169 -104.86 -7.41 -7.96
N GLU R 170 -106.02 -6.99 -8.47
CA GLU R 170 -107.16 -6.49 -7.69
C GLU R 170 -108.47 -7.13 -8.17
N GLU R 171 -108.96 -6.79 -9.37
CA GLU R 171 -110.09 -7.47 -10.04
C GLU R 171 -109.71 -8.84 -10.64
N GLY R 172 -108.77 -9.57 -10.04
CA GLY R 172 -108.28 -10.88 -10.50
C GLY R 172 -107.36 -10.83 -11.73
N ASN R 173 -107.89 -10.45 -12.89
CA ASN R 173 -107.12 -10.37 -14.15
C ASN R 173 -106.36 -9.04 -14.33
N ALA R 174 -106.90 -7.92 -13.80
CA ALA R 174 -106.30 -6.60 -13.86
C ALA R 174 -105.21 -6.41 -12.79
N THR R 175 -104.12 -5.69 -13.10
CA THR R 175 -103.01 -5.46 -12.14
C THR R 175 -102.55 -4.00 -12.05
N GLU R 176 -102.28 -3.56 -10.82
CA GLU R 176 -101.68 -2.27 -10.52
C GLU R 176 -100.16 -2.34 -10.71
N GLU R 177 -99.62 -1.52 -11.62
CA GLU R 177 -98.19 -1.32 -11.79
C GLU R 177 -97.61 -0.58 -10.58
N ILE R 178 -96.66 -1.20 -9.87
CA ILE R 178 -96.02 -0.62 -8.69
C ILE R 178 -94.58 -0.22 -8.98
N PHE R 179 -94.31 1.06 -8.70
CA PHE R 179 -93.08 1.78 -9.04
C PHE R 179 -92.06 1.70 -7.92
N ALA R 180 -90.78 1.70 -8.27
CA ALA R 180 -89.70 1.76 -7.30
C ALA R 180 -89.84 3.01 -6.42
N ASP R 181 -89.65 2.86 -5.11
CA ASP R 181 -89.74 3.92 -4.13
C ASP R 181 -88.52 4.87 -4.20
N LYS R 182 -88.66 6.17 -4.54
CA LYS R 182 -87.50 7.01 -4.95
C LYS R 182 -86.40 7.12 -3.89
N THR R 183 -86.79 7.09 -2.62
CA THR R 183 -85.95 6.58 -1.54
C THR R 183 -86.52 5.21 -1.22
N PHE R 184 -85.78 4.12 -1.22
CA PHE R 184 -84.35 3.87 -1.31
C PHE R 184 -83.99 3.16 -2.61
N GLN R 185 -84.96 2.87 -3.47
CA GLN R 185 -84.83 2.13 -4.73
C GLN R 185 -84.61 3.08 -5.90
N PRO R 186 -84.03 2.65 -7.04
CA PRO R 186 -83.44 1.35 -7.28
C PRO R 186 -82.15 1.24 -6.47
N GLU R 187 -81.99 0.12 -5.81
CA GLU R 187 -80.91 -0.14 -4.88
C GLU R 187 -79.60 -0.30 -5.65
N PRO R 188 -78.52 0.46 -5.36
CA PRO R 188 -77.35 0.46 -6.23
C PRO R 188 -76.59 -0.87 -6.23
N GLN R 189 -76.73 -1.67 -5.17
CA GLN R 189 -76.22 -3.03 -5.08
C GLN R 189 -77.04 -4.09 -5.82
N VAL R 190 -78.19 -3.76 -6.41
CA VAL R 190 -79.08 -4.70 -7.09
C VAL R 190 -79.02 -4.50 -8.60
N GLY R 191 -78.96 -5.58 -9.36
CA GLY R 191 -78.96 -5.61 -10.82
C GLY R 191 -79.42 -6.97 -11.34
N GLU R 192 -79.41 -7.20 -12.65
CA GLU R 192 -79.94 -8.46 -13.20
C GLU R 192 -79.13 -9.68 -12.77
N GLU R 193 -79.82 -10.77 -12.45
CA GLU R 193 -79.28 -11.90 -11.68
C GLU R 193 -78.12 -12.64 -12.37
N ASN R 194 -78.09 -12.61 -13.70
CA ASN R 194 -77.15 -13.37 -14.50
C ASN R 194 -76.78 -12.63 -15.79
N TRP R 195 -75.84 -13.17 -16.55
CA TRP R 195 -75.30 -12.54 -17.76
C TRP R 195 -76.23 -12.56 -18.97
N GLN R 196 -77.09 -13.58 -19.10
CA GLN R 196 -77.89 -13.81 -20.30
C GLN R 196 -79.11 -12.89 -20.36
N GLU R 197 -79.65 -12.52 -19.21
CA GLU R 197 -80.89 -11.76 -19.07
C GLU R 197 -80.84 -10.37 -19.74
N THR R 198 -81.99 -9.85 -20.15
CA THR R 198 -82.14 -8.49 -20.69
C THR R 198 -83.56 -7.99 -20.45
N GLU R 199 -83.78 -6.68 -20.52
CA GLU R 199 -85.07 -6.06 -20.18
C GLU R 199 -85.47 -4.96 -21.14
N ALA R 200 -86.78 -4.71 -21.19
CA ALA R 200 -87.34 -3.63 -22.00
C ALA R 200 -86.95 -2.24 -21.47
N PHE R 201 -86.75 -2.12 -20.16
CA PHE R 201 -86.54 -0.87 -19.45
C PHE R 201 -85.54 -1.05 -18.33
N TYR R 202 -84.82 0.03 -17.99
CA TYR R 202 -83.84 0.02 -16.92
C TYR R 202 -83.85 1.32 -16.12
N GLY R 203 -83.45 1.24 -14.85
CA GLY R 203 -83.25 2.43 -14.03
C GLY R 203 -82.03 2.32 -13.12
N GLY R 204 -81.66 3.43 -12.50
CA GLY R 204 -80.47 3.53 -11.67
C GLY R 204 -80.46 4.79 -10.83
N ARG R 205 -79.32 5.17 -10.30
CA ARG R 205 -79.11 6.41 -9.52
C ARG R 205 -77.95 7.20 -10.09
N ALA R 206 -77.96 8.51 -9.91
CA ALA R 206 -76.82 9.34 -10.26
C ALA R 206 -76.74 10.57 -9.36
N LEU R 207 -75.54 11.02 -9.05
CA LEU R 207 -75.34 12.25 -8.28
C LEU R 207 -75.65 13.47 -9.14
N LYS R 208 -76.33 14.48 -8.60
CA LYS R 208 -76.62 15.75 -9.31
C LYS R 208 -75.36 16.59 -9.57
N LYS R 209 -75.51 17.72 -10.30
CA LYS R 209 -74.44 18.70 -10.56
C LYS R 209 -73.81 19.31 -9.31
N ASP R 210 -74.56 19.36 -8.21
CA ASP R 210 -74.16 20.02 -6.96
C ASP R 210 -73.28 19.16 -6.05
N THR R 211 -73.42 17.84 -6.12
CA THR R 211 -72.56 16.89 -5.40
C THR R 211 -71.26 16.74 -6.17
N LYS R 212 -70.25 17.54 -5.86
CA LYS R 212 -69.05 17.66 -6.70
C LYS R 212 -68.36 16.30 -6.89
N MET R 213 -67.98 15.98 -8.11
CA MET R 213 -67.41 14.67 -8.45
C MET R 213 -66.22 14.28 -7.58
N LYS R 214 -66.23 13.03 -7.14
CA LYS R 214 -65.05 12.30 -6.66
C LYS R 214 -64.99 10.94 -7.34
N PRO R 215 -63.83 10.31 -7.46
CA PRO R 215 -63.74 8.97 -7.99
C PRO R 215 -64.50 8.01 -7.10
N CYS R 216 -65.03 6.93 -7.65
CA CYS R 216 -65.81 5.95 -6.93
C CYS R 216 -65.04 5.33 -5.77
N TYR R 217 -63.79 4.99 -6.03
CA TYR R 217 -62.86 4.45 -5.05
C TYR R 217 -62.67 5.43 -3.90
N GLY R 218 -62.99 5.04 -2.68
CA GLY R 218 -62.93 5.87 -1.48
C GLY R 218 -64.21 6.64 -1.17
N SER R 219 -65.16 6.77 -2.11
CA SER R 219 -66.36 7.59 -1.91
C SER R 219 -67.35 6.97 -0.95
N PHE R 220 -67.69 7.70 0.09
CA PHE R 220 -68.68 7.38 1.10
C PHE R 220 -69.76 8.44 1.18
N ALA R 221 -70.98 8.11 1.57
CA ALA R 221 -71.92 9.10 2.10
C ALA R 221 -72.86 8.54 3.16
N ARG R 222 -73.11 9.27 4.23
CA ARG R 222 -73.98 8.76 5.29
C ARG R 222 -75.39 8.49 4.78
N PRO R 223 -76.01 7.36 5.14
CA PRO R 223 -77.40 7.08 4.80
C PRO R 223 -78.30 8.02 5.59
N THR R 224 -79.29 8.61 4.95
CA THR R 224 -80.22 9.55 5.58
C THR R 224 -81.55 8.90 5.98
N ASN R 225 -81.78 7.63 5.67
CA ASN R 225 -82.87 6.82 6.20
C ASN R 225 -82.40 5.40 6.50
N GLU R 226 -83.17 4.65 7.27
CA GLU R 226 -82.77 3.31 7.73
C GLU R 226 -82.75 2.26 6.63
N LYS R 227 -83.37 2.52 5.49
CA LYS R 227 -83.29 1.71 4.27
C LYS R 227 -82.06 2.03 3.44
N GLY R 228 -81.07 2.75 3.99
CA GLY R 228 -79.78 2.95 3.33
C GLY R 228 -79.76 3.96 2.19
N GLY R 229 -80.84 4.69 1.94
CA GLY R 229 -80.84 5.78 0.95
C GLY R 229 -79.95 6.93 1.38
N GLN R 230 -79.25 7.55 0.44
CA GLN R 230 -78.20 8.53 0.72
C GLN R 230 -78.61 9.99 0.44
N ALA R 231 -79.79 10.24 -0.09
CA ALA R 231 -80.25 11.56 -0.47
C ALA R 231 -80.27 12.56 0.69
N LYS R 232 -79.75 13.78 0.53
CA LYS R 232 -79.93 14.88 1.48
C LYS R 232 -81.39 15.32 1.58
N LEU R 233 -81.72 16.05 2.63
CA LEU R 233 -83.02 16.71 2.85
C LEU R 233 -82.92 18.19 2.48
N LYS R 234 -83.89 18.73 1.72
CA LYS R 234 -83.76 20.06 1.12
C LYS R 234 -84.14 21.20 2.06
N LEU R 235 -83.99 22.44 1.61
CA LEU R 235 -84.19 23.67 2.38
C LEU R 235 -84.50 24.86 1.44
N ASN R 236 -84.98 26.00 1.94
CA ASN R 236 -85.40 27.12 1.08
C ASN R 236 -85.33 28.53 1.72
N ASP R 237 -85.69 28.70 2.98
CA ASP R 237 -85.60 29.96 3.73
C ASP R 237 -84.28 30.04 4.52
N GLN R 238 -84.34 30.15 5.86
CA GLN R 238 -83.19 30.33 6.75
C GLN R 238 -82.38 29.05 6.96
N GLY R 239 -82.16 28.26 5.91
CA GLY R 239 -81.54 26.94 5.99
C GLY R 239 -82.39 25.92 6.74
N GLN R 240 -83.72 26.06 6.72
CA GLN R 240 -84.64 25.22 7.47
C GLN R 240 -84.73 23.79 6.87
N PRO R 241 -84.63 22.72 7.66
CA PRO R 241 -84.72 21.35 7.12
C PRO R 241 -86.15 21.05 6.67
N THR R 242 -86.32 20.69 5.40
CA THR R 242 -87.62 20.40 4.81
C THR R 242 -88.07 18.97 5.13
N LYS R 243 -89.33 18.67 4.84
CA LYS R 243 -89.97 17.37 5.05
C LYS R 243 -89.39 16.23 4.19
N ASP R 244 -88.79 16.52 3.04
CA ASP R 244 -88.44 15.51 2.04
C ASP R 244 -87.09 15.70 1.31
N TYR R 245 -86.69 14.64 0.62
CA TYR R 245 -85.37 14.42 0.06
C TYR R 245 -85.12 15.07 -1.29
N ASP R 246 -83.88 15.44 -1.56
CA ASP R 246 -83.45 16.04 -2.83
C ASP R 246 -83.20 14.99 -3.92
N ILE R 247 -84.29 14.46 -4.50
CA ILE R 247 -84.26 13.41 -5.53
C ILE R 247 -85.18 13.77 -6.71
N ASP R 248 -84.71 13.60 -7.93
CA ASP R 248 -85.43 13.86 -9.17
C ASP R 248 -85.24 12.73 -10.17
N LEU R 249 -86.32 12.26 -10.80
CA LEU R 249 -86.22 11.34 -11.91
C LEU R 249 -85.73 12.09 -13.14
N ALA R 250 -84.71 11.59 -13.82
CA ALA R 250 -84.29 12.04 -15.15
C ALA R 250 -84.53 10.90 -16.15
N PHE R 251 -85.03 11.21 -17.35
CA PHE R 251 -85.43 10.19 -18.32
C PHE R 251 -84.65 10.32 -19.63
N PHE R 252 -84.40 9.19 -20.31
CA PHE R 252 -83.60 9.18 -21.53
C PHE R 252 -84.07 8.14 -22.53
N ASP R 253 -83.79 8.33 -23.83
CA ASP R 253 -83.98 7.31 -24.88
C ASP R 253 -83.01 7.49 -26.06
N THR R 254 -82.97 6.54 -27.01
CA THR R 254 -81.99 6.57 -28.12
C THR R 254 -82.10 7.84 -28.97
N PRO R 255 -81.01 8.57 -29.25
CA PRO R 255 -81.09 9.93 -29.74
C PRO R 255 -81.71 10.04 -31.14
N GLY R 256 -82.29 11.20 -31.45
CA GLY R 256 -82.99 11.46 -32.72
C GLY R 256 -82.21 11.13 -34.01
N GLY R 257 -80.88 11.08 -33.93
CA GLY R 257 -79.97 10.64 -35.00
C GLY R 257 -79.53 9.17 -34.96
N THR R 258 -80.22 8.27 -34.24
CA THR R 258 -79.79 6.86 -34.06
C THR R 258 -80.80 5.74 -34.33
N PRO R 259 -82.14 5.89 -34.23
CA PRO R 259 -83.04 4.98 -34.95
C PRO R 259 -82.62 4.88 -36.42
N PRO R 260 -82.63 3.69 -37.04
CA PRO R 260 -81.96 3.46 -38.32
C PRO R 260 -82.56 4.37 -39.39
N THR R 261 -81.72 5.22 -39.98
CA THR R 261 -82.19 6.49 -40.54
C THR R 261 -83.19 6.33 -41.69
N GLY R 262 -84.20 7.22 -41.70
CA GLY R 262 -85.52 6.96 -42.29
C GLY R 262 -86.58 6.72 -41.21
N SER R 263 -86.23 6.01 -40.12
CA SER R 263 -86.91 6.24 -38.82
C SER R 263 -86.40 7.52 -38.14
N GLY R 264 -87.11 7.99 -37.12
CA GLY R 264 -86.75 9.14 -36.30
C GLY R 264 -87.57 9.13 -35.00
N GLN R 265 -87.04 9.71 -33.92
CA GLN R 265 -87.64 9.51 -32.60
C GLN R 265 -89.05 10.14 -32.49
N GLN R 266 -89.47 10.98 -33.45
CA GLN R 266 -90.85 11.44 -33.60
C GLN R 266 -91.88 10.30 -33.73
N GLU R 267 -91.47 9.09 -34.15
CA GLU R 267 -92.34 7.90 -34.10
C GLU R 267 -92.32 7.17 -32.75
N GLU R 268 -91.34 7.44 -31.88
CA GLU R 268 -90.89 6.47 -30.87
C GLU R 268 -90.26 7.05 -29.59
N TYR R 269 -90.48 8.33 -29.25
CA TYR R 269 -90.05 8.88 -27.94
C TYR R 269 -90.70 8.09 -26.80
N LYS R 270 -89.91 7.45 -25.93
CA LYS R 270 -90.47 6.50 -24.95
C LYS R 270 -89.72 6.36 -23.62
N ALA R 271 -88.65 7.10 -23.37
CA ALA R 271 -87.93 7.04 -22.10
C ALA R 271 -87.49 5.61 -21.71
N ASP R 272 -86.58 5.01 -22.48
CA ASP R 272 -86.01 3.69 -22.22
C ASP R 272 -85.31 3.55 -20.86
N ILE R 273 -84.78 4.64 -20.30
CA ILE R 273 -84.05 4.62 -19.04
C ILE R 273 -84.53 5.75 -18.13
N VAL R 274 -84.59 5.48 -16.83
CA VAL R 274 -84.85 6.49 -15.79
C VAL R 274 -83.75 6.46 -14.74
N MET R 275 -83.08 7.58 -14.48
CA MET R 275 -82.07 7.70 -13.44
C MET R 275 -82.65 8.50 -12.28
N TYR R 276 -82.59 7.97 -11.07
CA TYR R 276 -83.00 8.68 -9.88
C TYR R 276 -81.85 9.58 -9.47
N THR R 277 -81.84 10.81 -9.97
CA THR R 277 -80.76 11.76 -9.74
C THR R 277 -80.91 12.44 -8.38
N GLU R 278 -79.84 12.53 -7.58
CA GLU R 278 -79.94 12.94 -6.17
C GLU R 278 -78.67 13.59 -5.60
N ASN R 279 -78.79 14.31 -4.47
CA ASN R 279 -77.68 14.99 -3.77
C ASN R 279 -77.38 14.26 -2.46
N VAL R 280 -76.13 14.22 -1.99
CA VAL R 280 -75.73 13.05 -1.18
C VAL R 280 -74.96 13.25 0.14
N ASN R 281 -74.30 14.36 0.47
CA ASN R 281 -73.25 14.38 1.53
C ASN R 281 -72.05 13.47 1.17
N LEU R 282 -71.52 13.61 -0.03
CA LEU R 282 -70.39 12.83 -0.50
C LEU R 282 -69.09 13.18 0.22
N GLU R 283 -68.35 12.18 0.66
CA GLU R 283 -67.06 12.28 1.32
C GLU R 283 -66.05 11.28 0.76
N THR R 284 -64.77 11.53 0.95
CA THR R 284 -63.71 10.54 0.75
C THR R 284 -62.89 10.47 2.03
N PRO R 285 -63.33 9.75 3.07
CA PRO R 285 -62.75 9.87 4.40
C PRO R 285 -61.27 9.49 4.46
N ASP R 286 -60.81 8.59 3.61
CA ASP R 286 -59.49 7.97 3.72
C ASP R 286 -58.69 7.88 2.40
N THR R 287 -59.08 8.63 1.38
CA THR R 287 -58.33 8.73 0.12
C THR R 287 -58.17 10.20 -0.30
N HIS R 288 -57.22 10.47 -1.19
CA HIS R 288 -57.00 11.79 -1.76
C HIS R 288 -57.02 11.68 -3.28
N VAL R 289 -57.34 12.76 -3.99
CA VAL R 289 -57.24 12.81 -5.46
C VAL R 289 -55.78 12.97 -5.87
N VAL R 290 -55.26 12.08 -6.71
CA VAL R 290 -53.85 12.05 -7.11
C VAL R 290 -53.64 12.59 -8.52
N TYR R 291 -54.52 12.27 -9.47
CA TYR R 291 -54.59 12.94 -10.75
C TYR R 291 -55.90 13.67 -10.84
N LYS R 292 -55.80 14.96 -11.13
CA LYS R 292 -56.90 15.90 -11.29
C LYS R 292 -56.69 16.58 -12.66
N PRO R 293 -57.69 16.59 -13.56
CA PRO R 293 -57.47 16.94 -14.96
C PRO R 293 -57.26 18.44 -15.18
N GLY R 294 -57.57 19.24 -14.16
CA GLY R 294 -57.36 20.67 -14.14
C GLY R 294 -57.76 21.26 -12.80
N LYS R 295 -57.65 22.57 -12.66
CA LYS R 295 -57.90 23.29 -11.40
C LYS R 295 -59.37 23.35 -10.99
N GLU R 296 -60.28 23.06 -11.91
CA GLU R 296 -61.74 23.05 -11.72
C GLU R 296 -62.16 22.04 -10.65
N ASP R 297 -62.85 22.50 -9.61
CA ASP R 297 -63.35 21.65 -8.52
C ASP R 297 -64.73 21.02 -8.81
N GLU R 298 -65.50 21.65 -9.69
CA GLU R 298 -66.89 21.31 -10.02
C GLU R 298 -67.04 19.94 -10.68
N SER R 299 -68.28 19.48 -10.77
CA SER R 299 -68.64 18.41 -11.68
C SER R 299 -68.47 18.87 -13.12
N SER R 300 -67.84 18.06 -13.97
CA SER R 300 -67.63 18.33 -15.41
C SER R 300 -67.23 17.08 -16.18
N GLU R 301 -67.31 17.11 -17.51
CA GLU R 301 -66.97 15.96 -18.33
C GLU R 301 -65.51 15.54 -18.12
N THR R 302 -64.59 16.50 -18.02
CA THR R 302 -63.21 16.21 -17.65
C THR R 302 -63.11 15.62 -16.26
N ASN R 303 -63.85 16.13 -15.28
CA ASN R 303 -63.74 15.68 -13.89
C ASN R 303 -64.31 14.28 -13.64
N LEU R 304 -64.93 13.63 -14.64
CA LEU R 304 -65.12 12.17 -14.61
C LEU R 304 -63.79 11.41 -14.52
N THR R 305 -62.70 11.98 -15.01
CA THR R 305 -61.40 11.30 -15.10
C THR R 305 -60.52 11.37 -13.85
N GLN R 306 -60.99 11.97 -12.76
CA GLN R 306 -60.20 12.06 -11.52
C GLN R 306 -59.77 10.69 -11.04
N GLN R 307 -58.60 10.59 -10.41
CA GLN R 307 -58.11 9.35 -9.80
C GLN R 307 -57.86 9.57 -8.33
N SER R 308 -58.23 8.63 -7.50
CA SER R 308 -57.91 8.67 -6.07
C SER R 308 -56.90 7.60 -5.72
N MET R 309 -56.12 7.88 -4.69
CA MET R 309 -55.14 6.98 -4.10
C MET R 309 -55.36 6.93 -2.60
N PRO R 310 -55.26 5.76 -1.93
CA PRO R 310 -55.53 5.67 -0.50
C PRO R 310 -54.54 6.51 0.29
N ASN R 311 -55.00 7.13 1.38
CA ASN R 311 -54.10 7.89 2.24
C ASN R 311 -53.10 6.96 2.90
N ARG R 312 -51.88 7.43 3.12
CA ARG R 312 -50.79 6.59 3.64
C ARG R 312 -51.12 6.07 5.03
N PRO R 313 -50.93 4.78 5.34
CA PRO R 313 -51.19 4.24 6.66
C PRO R 313 -50.38 4.95 7.72
N ASN R 314 -50.98 5.15 8.87
CA ASN R 314 -50.35 5.82 9.99
C ASN R 314 -50.91 5.20 11.26
N TYR R 315 -50.07 4.48 11.98
CA TYR R 315 -50.45 3.79 13.21
C TYR R 315 -49.97 4.62 14.37
N ILE R 316 -50.85 4.87 15.33
CA ILE R 316 -50.51 5.67 16.52
C ILE R 316 -50.88 4.93 17.78
N GLY R 317 -50.04 4.99 18.79
CA GLY R 317 -50.25 4.47 20.13
C GLY R 317 -49.14 4.87 21.08
N PHE R 318 -49.16 4.35 22.29
CA PHE R 318 -48.04 4.57 23.21
C PHE R 318 -46.79 3.82 22.74
N ARG R 319 -45.62 4.33 23.09
CA ARG R 319 -44.33 3.70 22.79
C ARG R 319 -44.15 2.38 23.53
N ASP R 320 -43.16 1.60 23.12
CA ASP R 320 -42.83 0.34 23.80
C ASP R 320 -42.62 0.59 25.29
N ASN R 321 -43.10 -0.28 26.17
CA ASN R 321 -42.93 -0.14 27.61
C ASN R 321 -43.43 1.17 28.20
N PHE R 322 -44.25 1.95 27.48
CA PHE R 322 -44.58 3.34 27.82
C PHE R 322 -43.37 4.27 27.94
N VAL R 323 -42.35 4.12 27.09
CA VAL R 323 -41.26 5.10 27.00
C VAL R 323 -41.82 6.52 26.94
N GLY R 324 -41.23 7.43 27.69
CA GLY R 324 -41.53 8.86 27.61
C GLY R 324 -42.75 9.30 28.38
N LEU R 325 -43.56 8.41 28.94
CA LEU R 325 -44.77 8.82 29.66
C LEU R 325 -44.49 9.37 31.07
N MET R 326 -43.35 9.07 31.66
CA MET R 326 -42.89 9.61 32.95
C MET R 326 -41.57 10.35 32.83
N TYR R 327 -41.38 11.45 33.55
CA TYR R 327 -40.09 12.14 33.51
C TYR R 327 -39.04 11.37 34.30
N TYR R 328 -38.03 10.87 33.60
CA TYR R 328 -36.80 10.37 34.20
C TYR R 328 -35.67 11.25 33.71
N ASN R 329 -34.62 11.39 34.51
CA ASN R 329 -33.40 12.12 34.15
C ASN R 329 -33.62 13.61 33.82
N SER R 330 -34.67 14.20 34.40
CA SER R 330 -34.90 15.64 34.36
C SER R 330 -34.86 16.22 35.75
N THR R 331 -33.88 17.07 36.02
CA THR R 331 -33.83 17.83 37.28
C THR R 331 -34.92 18.89 37.38
N GLY R 332 -35.60 19.22 36.27
CA GLY R 332 -36.74 20.12 36.28
C GLY R 332 -38.02 19.51 36.83
N ASN R 333 -38.17 18.17 36.78
CA ASN R 333 -39.42 17.44 37.03
C ASN R 333 -39.18 16.14 37.80
N MET R 334 -38.21 16.15 38.71
CA MET R 334 -37.72 14.95 39.36
C MET R 334 -38.80 14.31 40.22
N GLY R 335 -39.04 13.02 40.05
CA GLY R 335 -39.91 12.26 40.95
C GLY R 335 -39.34 12.15 42.35
N VAL R 336 -40.16 11.71 43.30
CA VAL R 336 -39.81 11.66 44.71
C VAL R 336 -40.15 10.32 45.28
N LEU R 337 -39.26 9.74 46.06
CA LEU R 337 -39.62 8.72 47.04
C LEU R 337 -38.90 9.09 48.33
N ALA R 338 -39.63 9.61 49.29
CA ALA R 338 -39.03 10.23 50.47
C ALA R 338 -39.62 9.64 51.73
N GLY R 339 -38.78 9.38 52.72
CA GLY R 339 -39.25 8.96 54.04
C GLY R 339 -39.98 10.09 54.71
N GLN R 340 -41.28 9.99 54.91
CA GLN R 340 -42.00 10.93 55.77
C GLN R 340 -41.76 10.51 57.23
N ALA R 341 -41.35 11.38 58.15
CA ALA R 341 -41.37 12.83 58.10
C ALA R 341 -39.98 13.49 58.09
N SER R 342 -38.90 12.78 57.77
CA SER R 342 -37.62 13.44 57.47
C SER R 342 -37.64 14.20 56.14
N GLN R 343 -38.42 13.74 55.16
CA GLN R 343 -38.58 14.26 53.81
C GLN R 343 -37.35 14.21 52.89
N LEU R 344 -36.25 13.56 53.29
CA LEU R 344 -35.08 13.37 52.43
C LEU R 344 -35.45 12.49 51.24
N ASN R 345 -35.51 13.05 50.03
CA ASN R 345 -35.78 12.30 48.82
C ASN R 345 -34.67 11.27 48.57
N ALA R 346 -35.03 10.01 48.39
CA ALA R 346 -34.11 8.93 48.08
C ALA R 346 -33.78 8.82 46.58
N VAL R 347 -34.56 9.47 45.71
CA VAL R 347 -34.34 9.52 44.28
C VAL R 347 -33.43 10.71 43.98
N VAL R 348 -32.19 10.48 43.59
CA VAL R 348 -31.29 11.53 43.11
C VAL R 348 -31.00 11.29 41.64
N ASP R 349 -31.39 12.22 40.78
CA ASP R 349 -31.36 12.00 39.34
C ASP R 349 -30.55 13.04 38.58
N LEU R 350 -29.94 12.62 37.47
CA LEU R 350 -28.92 13.38 36.74
C LEU R 350 -29.29 13.55 35.28
N GLN R 351 -28.91 14.66 34.69
CA GLN R 351 -29.22 15.04 33.32
C GLN R 351 -28.64 14.09 32.26
N ASP R 352 -27.60 13.34 32.62
CA ASP R 352 -26.76 12.54 31.73
C ASP R 352 -26.86 11.03 32.00
N ARG R 353 -27.84 10.64 32.80
CA ARG R 353 -28.35 9.26 32.90
C ARG R 353 -29.43 9.03 31.84
N ASN R 354 -29.63 7.80 31.39
CA ASN R 354 -30.68 7.46 30.44
C ASN R 354 -31.46 6.23 30.92
N THR R 355 -32.51 6.47 31.68
CA THR R 355 -33.29 5.42 32.35
C THR R 355 -34.15 4.65 31.36
N GLU R 356 -34.65 5.32 30.32
CA GLU R 356 -35.42 4.66 29.29
C GLU R 356 -34.55 3.66 28.53
N LEU R 357 -33.44 4.10 27.96
CA LEU R 357 -32.58 3.21 27.16
C LEU R 357 -32.00 2.11 28.03
N SER R 358 -31.68 2.40 29.28
CA SER R 358 -31.21 1.39 30.22
C SER R 358 -32.22 0.28 30.44
N TYR R 359 -33.51 0.58 30.44
CA TYR R 359 -34.56 -0.40 30.61
C TYR R 359 -34.81 -1.19 29.33
N GLN R 360 -34.81 -0.52 28.17
CA GLN R 360 -34.92 -1.21 26.89
C GLN R 360 -33.83 -2.27 26.74
N LEU R 361 -32.58 -1.95 27.10
CA LEU R 361 -31.45 -2.88 27.10
C LEU R 361 -31.61 -3.96 28.17
N LEU R 362 -32.07 -3.61 29.36
CA LEU R 362 -32.30 -4.57 30.43
C LEU R 362 -33.26 -5.67 30.00
N LEU R 363 -34.44 -5.33 29.48
CA LEU R 363 -35.44 -6.34 29.22
C LEU R 363 -35.00 -7.37 28.19
N ASP R 364 -34.17 -7.02 27.20
CA ASP R 364 -33.64 -8.03 26.27
C ASP R 364 -32.71 -9.02 26.96
N SER R 365 -32.00 -8.59 28.01
CA SER R 365 -31.15 -9.51 28.76
C SER R 365 -31.97 -10.44 29.66
N LEU R 366 -33.05 -9.94 30.28
CA LEU R 366 -33.91 -10.70 31.17
C LEU R 366 -34.88 -11.62 30.44
N GLY R 367 -35.61 -11.09 29.46
CA GLY R 367 -36.70 -11.77 28.78
C GLY R 367 -36.38 -12.05 27.32
N ASP R 368 -37.42 -12.34 26.56
CA ASP R 368 -37.40 -12.41 25.10
C ASP R 368 -38.31 -11.30 24.57
N ARG R 369 -37.76 -10.27 23.93
CA ARG R 369 -38.54 -9.14 23.46
C ARG R 369 -39.48 -9.46 22.28
N THR R 370 -39.33 -10.60 21.62
CA THR R 370 -40.21 -10.96 20.49
C THR R 370 -41.62 -11.35 20.92
N ARG R 371 -41.91 -11.39 22.22
CA ARG R 371 -43.23 -11.69 22.79
C ARG R 371 -43.85 -10.45 23.41
N TYR R 372 -45.06 -10.10 23.00
CA TYR R 372 -45.73 -8.90 23.49
C TYR R 372 -46.36 -9.13 24.84
N PHE R 373 -46.59 -8.07 25.59
CA PHE R 373 -47.28 -8.12 26.87
C PHE R 373 -47.98 -6.81 27.10
N SER R 374 -49.30 -6.79 26.94
CA SER R 374 -50.05 -5.55 26.91
C SER R 374 -50.07 -4.80 28.22
N MET R 375 -49.81 -5.44 29.36
CA MET R 375 -49.94 -4.78 30.65
C MET R 375 -49.04 -3.56 30.76
N TRP R 376 -47.76 -3.73 30.40
CA TRP R 376 -46.78 -2.66 30.35
C TRP R 376 -46.69 -1.99 28.98
N ASN R 377 -47.65 -2.24 28.08
CA ASN R 377 -47.57 -1.89 26.66
C ASN R 377 -46.24 -2.33 26.02
N SER R 378 -45.69 -3.45 26.49
CA SER R 378 -44.46 -4.01 25.97
C SER R 378 -44.76 -4.66 24.63
N ALA R 379 -44.17 -4.15 23.57
CA ALA R 379 -44.14 -4.76 22.25
C ALA R 379 -43.06 -4.09 21.45
N VAL R 380 -41.94 -4.76 21.20
CA VAL R 380 -40.71 -4.13 20.71
C VAL R 380 -40.82 -3.63 19.28
N ASP R 381 -40.22 -2.49 18.97
CA ASP R 381 -40.17 -2.00 17.60
C ASP R 381 -39.43 -2.95 16.65
N SER R 382 -39.94 -3.05 15.44
CA SER R 382 -39.36 -3.87 14.39
C SER R 382 -39.56 -3.27 13.02
N TYR R 383 -38.89 -3.85 12.04
CA TYR R 383 -39.13 -3.66 10.64
C TYR R 383 -39.18 -5.04 9.98
N ASP R 384 -39.80 -5.13 8.82
CA ASP R 384 -39.79 -6.35 8.03
C ASP R 384 -38.42 -6.51 7.35
N PRO R 385 -37.63 -7.57 7.59
CA PRO R 385 -36.27 -7.59 7.09
C PRO R 385 -36.20 -7.67 5.56
N ASP R 386 -37.25 -8.19 4.92
CA ASP R 386 -37.47 -8.12 3.48
C ASP R 386 -37.55 -6.68 2.95
N VAL R 387 -38.01 -5.73 3.77
CA VAL R 387 -38.13 -4.32 3.40
C VAL R 387 -36.80 -3.61 3.56
N ARG R 388 -36.12 -3.84 4.69
CA ARG R 388 -34.86 -3.16 5.02
C ARG R 388 -33.71 -3.57 4.10
N ILE R 389 -33.59 -4.85 3.74
CA ILE R 389 -32.53 -5.35 2.86
C ILE R 389 -33.16 -6.17 1.75
N ILE R 390 -33.40 -5.55 0.61
CA ILE R 390 -34.22 -6.15 -0.46
C ILE R 390 -33.45 -7.30 -1.08
N GLU R 391 -33.93 -8.53 -0.89
CA GLU R 391 -33.50 -9.67 -1.69
C GLU R 391 -34.35 -9.67 -2.94
N ASN R 392 -33.91 -9.08 -4.04
CA ASN R 392 -34.71 -9.05 -5.25
C ASN R 392 -34.45 -10.29 -6.09
N HIS R 393 -35.06 -11.42 -5.72
CA HIS R 393 -34.95 -12.68 -6.45
C HIS R 393 -35.84 -12.75 -7.70
N GLY R 394 -36.39 -11.65 -8.18
CA GLY R 394 -37.33 -11.66 -9.30
C GLY R 394 -38.67 -12.27 -8.91
N VAL R 395 -39.38 -12.88 -9.86
CA VAL R 395 -40.74 -13.39 -9.69
C VAL R 395 -40.96 -14.70 -10.45
N GLU R 396 -41.84 -15.57 -9.98
CA GLU R 396 -42.08 -16.88 -10.59
C GLU R 396 -43.22 -16.82 -11.63
N ASP R 397 -43.02 -16.13 -12.76
CA ASP R 397 -44.07 -15.84 -13.75
C ASP R 397 -43.97 -16.65 -15.05
N GLU R 398 -43.37 -17.83 -15.05
CA GLU R 398 -43.20 -18.66 -16.25
C GLU R 398 -44.51 -18.97 -17.01
N LEU R 399 -45.66 -18.90 -16.35
CA LEU R 399 -46.97 -19.12 -16.95
C LEU R 399 -47.72 -17.80 -17.13
N PRO R 400 -48.29 -17.54 -18.31
CA PRO R 400 -49.25 -16.47 -18.48
C PRO R 400 -50.55 -16.79 -17.75
N ASN R 401 -51.27 -15.78 -17.28
CA ASN R 401 -52.57 -15.93 -16.60
C ASN R 401 -53.61 -15.05 -17.29
N TYR R 402 -54.85 -15.52 -17.43
CA TYR R 402 -55.85 -14.86 -18.25
C TYR R 402 -57.11 -14.48 -17.48
N CYS R 403 -57.73 -13.37 -17.88
CA CYS R 403 -59.09 -13.01 -17.54
C CYS R 403 -60.02 -13.33 -18.72
N PHE R 404 -61.20 -13.92 -18.45
CA PHE R 404 -62.12 -14.50 -19.43
C PHE R 404 -63.55 -13.93 -19.33
N PRO R 405 -64.33 -13.92 -20.43
CA PRO R 405 -65.74 -13.55 -20.45
C PRO R 405 -66.56 -14.32 -19.42
N LEU R 406 -67.56 -13.70 -18.79
CA LEU R 406 -68.38 -14.36 -17.78
C LEU R 406 -69.19 -15.54 -18.31
N ASN R 407 -69.46 -15.60 -19.61
CA ASN R 407 -70.10 -16.74 -20.25
C ASN R 407 -69.10 -17.69 -20.93
N GLY R 408 -67.82 -17.63 -20.58
CA GLY R 408 -66.76 -18.43 -21.18
C GLY R 408 -66.31 -17.92 -22.53
N THR R 409 -67.19 -17.92 -23.54
CA THR R 409 -66.81 -17.71 -24.95
C THR R 409 -66.83 -16.24 -25.41
N GLY R 410 -67.69 -15.42 -24.83
CA GLY R 410 -67.61 -13.95 -24.93
C GLY R 410 -67.86 -13.32 -26.28
N THR R 411 -68.67 -13.93 -27.15
CA THR R 411 -69.02 -13.32 -28.45
C THR R 411 -70.42 -13.70 -28.88
N ASN R 412 -71.04 -12.84 -29.68
CA ASN R 412 -72.40 -12.99 -30.20
C ASN R 412 -72.44 -13.47 -31.66
N SER R 413 -71.32 -13.89 -32.25
CA SER R 413 -71.26 -14.37 -33.64
C SER R 413 -72.27 -15.50 -33.84
N THR R 414 -73.25 -15.26 -34.71
CA THR R 414 -74.49 -16.03 -34.75
C THR R 414 -74.59 -16.82 -36.05
N TYR R 415 -74.94 -18.10 -35.99
CA TYR R 415 -75.01 -18.98 -37.14
C TYR R 415 -76.35 -19.72 -37.20
N GLN R 416 -76.89 -19.92 -38.38
CA GLN R 416 -78.06 -20.75 -38.59
C GLN R 416 -77.63 -22.21 -38.75
N GLY R 417 -78.51 -23.16 -38.44
CA GLY R 417 -78.24 -24.56 -38.74
C GLY R 417 -78.44 -24.89 -40.21
N VAL R 418 -77.62 -25.78 -40.75
CA VAL R 418 -77.71 -26.27 -42.13
C VAL R 418 -77.53 -27.77 -42.20
N LYS R 419 -77.85 -28.39 -43.33
CA LYS R 419 -77.67 -29.82 -43.58
C LYS R 419 -77.24 -30.07 -45.02
N VAL R 420 -76.62 -31.21 -45.28
CA VAL R 420 -76.27 -31.63 -46.64
C VAL R 420 -77.57 -31.88 -47.42
N LYS R 421 -77.79 -31.10 -48.49
CA LYS R 421 -79.04 -31.10 -49.25
C LYS R 421 -78.99 -32.24 -50.26
N THR R 422 -79.36 -33.41 -49.77
CA THR R 422 -78.88 -34.71 -50.22
C THR R 422 -79.03 -34.93 -51.74
N GLY R 423 -77.91 -35.20 -52.40
CA GLY R 423 -77.80 -35.22 -53.85
C GLY R 423 -78.40 -36.46 -54.50
N GLN R 424 -78.37 -36.51 -55.83
CA GLN R 424 -78.84 -37.67 -56.60
C GLN R 424 -78.04 -38.94 -56.26
N ASP R 425 -76.77 -38.79 -55.88
CA ASP R 425 -75.89 -39.86 -55.38
C ASP R 425 -75.40 -39.54 -53.94
N GLY R 426 -76.22 -38.84 -53.16
CA GLY R 426 -75.97 -38.48 -51.75
C GLY R 426 -75.03 -37.29 -51.55
N ALA R 427 -73.74 -37.47 -51.84
CA ALA R 427 -72.67 -36.55 -51.44
C ALA R 427 -71.52 -36.45 -52.48
N GLU R 428 -71.89 -36.31 -53.76
CA GLU R 428 -70.98 -36.06 -54.89
C GLU R 428 -70.65 -34.57 -55.10
N GLU R 429 -71.51 -33.66 -54.64
CA GLU R 429 -71.45 -32.23 -54.94
C GLU R 429 -71.68 -31.36 -53.68
N THR R 430 -71.16 -30.14 -53.66
CA THR R 430 -71.03 -29.33 -52.43
C THR R 430 -72.35 -28.67 -52.00
N GLU R 431 -73.38 -29.47 -51.73
CA GLU R 431 -74.77 -29.05 -51.63
C GLU R 431 -75.32 -29.06 -50.21
N TRP R 432 -75.91 -27.94 -49.80
CA TRP R 432 -76.43 -27.70 -48.46
C TRP R 432 -77.70 -26.86 -48.52
N ASP R 433 -78.53 -26.92 -47.49
CA ASP R 433 -79.64 -25.98 -47.26
C ASP R 433 -79.98 -25.87 -45.76
N LYS R 434 -80.94 -25.02 -45.39
CA LYS R 434 -81.31 -24.84 -43.99
C LYS R 434 -81.70 -26.15 -43.32
N ASP R 435 -81.26 -26.34 -42.08
CA ASP R 435 -81.87 -27.35 -41.23
C ASP R 435 -83.04 -26.75 -40.45
N GLU R 436 -84.26 -27.02 -40.91
CA GLU R 436 -85.49 -26.53 -40.28
C GLU R 436 -85.77 -27.13 -38.91
N THR R 437 -85.04 -28.16 -38.48
CA THR R 437 -85.09 -28.63 -37.09
C THR R 437 -84.16 -27.83 -36.18
N VAL R 438 -83.40 -26.85 -36.68
CA VAL R 438 -82.42 -26.07 -35.91
C VAL R 438 -82.75 -24.57 -35.93
N ALA R 439 -82.45 -23.88 -34.83
CA ALA R 439 -82.68 -22.46 -34.67
C ALA R 439 -81.93 -21.61 -35.70
N ARG R 440 -82.53 -20.50 -36.16
CA ARG R 440 -81.88 -19.58 -37.11
C ARG R 440 -80.71 -18.82 -36.48
N GLN R 441 -80.57 -18.85 -35.15
CA GLN R 441 -79.55 -18.06 -34.44
C GLN R 441 -78.92 -18.85 -33.28
N ASN R 442 -77.78 -19.49 -33.54
CA ASN R 442 -76.94 -20.21 -32.58
C ASN R 442 -75.67 -19.40 -32.32
N GLN R 443 -75.21 -19.27 -31.08
CA GLN R 443 -74.13 -18.34 -30.73
C GLN R 443 -72.73 -18.98 -30.71
N ILE R 444 -72.41 -19.88 -31.62
CA ILE R 444 -71.18 -20.68 -31.54
C ILE R 444 -69.93 -19.88 -31.99
N ALA R 445 -69.01 -19.55 -31.06
CA ALA R 445 -67.81 -18.76 -31.37
C ALA R 445 -66.78 -19.52 -32.22
N LYS R 446 -66.07 -18.85 -33.14
CA LYS R 446 -64.88 -19.41 -33.84
C LYS R 446 -63.63 -19.27 -32.99
N GLY R 447 -62.71 -20.22 -33.09
CA GLY R 447 -61.38 -20.10 -32.51
C GLY R 447 -61.34 -20.12 -30.98
N ASN R 448 -60.15 -19.90 -30.42
CA ASN R 448 -59.95 -19.90 -28.97
C ASN R 448 -60.79 -18.80 -28.30
N VAL R 449 -61.25 -19.02 -27.07
CA VAL R 449 -62.10 -18.05 -26.34
C VAL R 449 -61.43 -16.68 -26.21
N TYR R 450 -62.22 -15.61 -26.22
CA TYR R 450 -61.68 -14.29 -25.94
C TYR R 450 -61.02 -14.24 -24.56
N ALA R 451 -59.92 -13.52 -24.42
CA ALA R 451 -59.20 -13.35 -23.17
C ALA R 451 -58.39 -12.06 -23.17
N MET R 452 -58.02 -11.59 -21.99
CA MET R 452 -56.90 -10.67 -21.83
C MET R 452 -55.94 -11.21 -20.78
N GLU R 453 -54.67 -10.87 -20.88
CA GLU R 453 -53.58 -11.47 -20.12
C GLU R 453 -53.07 -10.50 -19.07
N ILE R 454 -52.85 -10.98 -17.84
CA ILE R 454 -52.30 -10.19 -16.73
C ILE R 454 -51.18 -10.97 -16.08
N ASN R 455 -50.01 -10.36 -15.93
CA ASN R 455 -48.91 -10.97 -15.18
C ASN R 455 -49.09 -10.73 -13.68
N LEU R 456 -49.73 -11.65 -12.96
CA LEU R 456 -50.03 -11.49 -11.54
C LEU R 456 -48.77 -11.36 -10.71
N GLN R 457 -47.79 -12.24 -10.91
CA GLN R 457 -46.62 -12.32 -10.05
C GLN R 457 -45.80 -11.03 -10.09
N ALA R 458 -45.64 -10.42 -11.29
CA ALA R 458 -44.99 -9.13 -11.41
C ALA R 458 -45.79 -8.00 -10.76
N ASN R 459 -47.11 -8.01 -10.84
CA ASN R 459 -47.94 -7.00 -10.18
C ASN R 459 -47.87 -7.08 -8.66
N LEU R 460 -47.96 -8.28 -8.09
CA LEU R 460 -47.77 -8.52 -6.66
C LEU R 460 -46.42 -7.98 -6.19
N TRP R 461 -45.32 -8.35 -6.85
CA TRP R 461 -44.01 -7.84 -6.47
C TRP R 461 -43.87 -6.33 -6.64
N LYS R 462 -44.32 -5.76 -7.75
CA LYS R 462 -44.23 -4.31 -7.94
C LYS R 462 -45.03 -3.55 -6.90
N SER R 463 -46.26 -3.95 -6.62
CA SER R 463 -47.11 -3.28 -5.61
C SER R 463 -46.59 -3.47 -4.19
N PHE R 464 -45.91 -4.59 -3.89
CA PHE R 464 -45.10 -4.72 -2.69
C PHE R 464 -44.02 -3.64 -2.62
N LEU R 465 -43.13 -3.53 -3.61
CA LEU R 465 -42.07 -2.53 -3.56
C LEU R 465 -42.61 -1.10 -3.50
N TYR R 466 -43.72 -0.79 -4.16
CA TYR R 466 -44.23 0.57 -4.13
C TYR R 466 -44.75 0.95 -2.73
N SER R 467 -45.68 0.17 -2.21
CA SER R 467 -46.24 0.41 -0.88
C SER R 467 -45.21 0.30 0.23
N ASN R 468 -44.24 -0.61 0.12
CA ASN R 468 -43.28 -0.88 1.18
C ASN R 468 -41.98 -0.09 1.09
N VAL R 469 -41.50 0.29 -0.08
CA VAL R 469 -40.21 0.97 -0.24
C VAL R 469 -40.32 2.30 -0.96
N ALA R 470 -41.15 2.44 -2.00
CA ALA R 470 -41.15 3.69 -2.75
C ALA R 470 -41.66 4.83 -1.90
N LEU R 471 -42.76 4.61 -1.18
CA LEU R 471 -43.41 5.67 -0.42
C LEU R 471 -42.56 6.18 0.74
N TYR R 472 -41.66 5.36 1.27
CA TYR R 472 -40.77 5.76 2.35
C TYR R 472 -39.50 6.49 1.89
N LEU R 473 -39.22 6.60 0.58
CA LEU R 473 -38.04 7.33 0.09
C LEU R 473 -37.97 8.78 0.61
N PRO R 474 -36.77 9.33 0.83
CA PRO R 474 -36.60 10.72 1.20
C PRO R 474 -37.28 11.67 0.22
N ASP R 475 -37.74 12.81 0.74
CA ASP R 475 -38.57 13.73 0.00
C ASP R 475 -37.90 14.33 -1.25
N SER R 476 -36.56 14.40 -1.31
CA SER R 476 -35.87 14.92 -2.50
C SER R 476 -36.09 14.07 -3.75
N TYR R 477 -36.52 12.81 -3.60
CA TYR R 477 -36.89 11.91 -4.68
C TYR R 477 -38.36 12.05 -5.13
N LYS R 478 -39.19 12.80 -4.40
CA LYS R 478 -40.62 13.00 -4.68
C LYS R 478 -40.88 14.23 -5.53
N TYR R 479 -42.13 14.48 -5.87
CA TYR R 479 -42.59 15.74 -6.42
C TYR R 479 -44.02 16.08 -5.99
N THR R 480 -44.47 17.29 -6.27
CA THR R 480 -45.85 17.71 -6.03
C THR R 480 -46.61 17.67 -7.36
N PRO R 481 -47.79 17.03 -7.46
CA PRO R 481 -48.50 16.85 -8.73
C PRO R 481 -48.81 18.14 -9.48
N ALA R 482 -49.12 18.02 -10.77
CA ALA R 482 -49.63 19.14 -11.54
C ALA R 482 -50.94 19.64 -10.92
N ASN R 483 -50.97 20.91 -10.51
CA ASN R 483 -52.11 21.58 -9.88
C ASN R 483 -52.72 20.80 -8.70
N VAL R 484 -51.89 20.54 -7.70
CA VAL R 484 -52.28 20.15 -6.34
C VAL R 484 -51.50 21.02 -5.35
N THR R 485 -52.15 21.55 -4.31
CA THR R 485 -51.52 22.45 -3.34
C THR R 485 -51.49 21.81 -1.96
N LEU R 486 -50.29 21.60 -1.43
CA LEU R 486 -49.99 21.01 -0.11
C LEU R 486 -49.79 22.13 0.93
N PRO R 487 -49.73 21.83 2.24
CA PRO R 487 -49.21 22.76 3.23
C PRO R 487 -47.76 23.15 2.97
N ALA R 488 -47.29 24.22 3.61
CA ALA R 488 -45.86 24.53 3.65
C ALA R 488 -45.09 23.68 4.66
N ASN R 489 -45.74 23.26 5.75
CA ASN R 489 -45.11 22.55 6.83
C ASN R 489 -44.94 21.06 6.51
N THR R 490 -43.76 20.72 6.01
CA THR R 490 -43.38 19.37 5.58
C THR R 490 -43.41 18.31 6.69
N ASN R 491 -43.53 18.70 7.96
CA ASN R 491 -43.68 17.79 9.08
C ASN R 491 -45.12 17.30 9.28
N THR R 492 -46.10 17.77 8.51
CA THR R 492 -47.50 17.38 8.65
C THR R 492 -47.89 16.23 7.72
N TYR R 493 -48.89 15.47 8.12
CA TYR R 493 -49.42 14.35 7.36
C TYR R 493 -49.98 14.75 6.02
N GLU R 494 -50.66 15.89 5.91
CA GLU R 494 -51.23 16.33 4.64
C GLU R 494 -50.17 16.58 3.58
N TYR R 495 -49.00 17.11 3.97
CA TYR R 495 -47.87 17.20 3.06
C TYR R 495 -47.31 15.81 2.73
N MET R 496 -47.01 14.99 3.73
CA MET R 496 -46.38 13.68 3.54
C MET R 496 -47.27 12.69 2.78
N ASN R 497 -48.59 12.84 2.86
CA ASN R 497 -49.57 12.10 2.06
C ASN R 497 -49.63 12.61 0.62
N GLY R 498 -49.56 13.93 0.42
CA GLY R 498 -49.84 14.55 -0.88
C GLY R 498 -48.70 14.45 -1.87
N ARG R 499 -47.45 14.40 -1.40
CA ARG R 499 -46.26 14.22 -2.25
C ARG R 499 -46.31 12.89 -3.01
N VAL R 500 -45.87 12.88 -4.26
CA VAL R 500 -45.97 11.72 -5.16
C VAL R 500 -44.59 11.27 -5.57
N VAL R 501 -44.39 9.97 -5.71
CA VAL R 501 -43.09 9.34 -5.92
C VAL R 501 -43.17 8.29 -7.00
N ALA R 502 -42.20 8.26 -7.91
CA ALA R 502 -42.29 7.52 -9.15
C ALA R 502 -42.13 6.00 -8.96
N PRO R 503 -43.07 5.15 -9.39
CA PRO R 503 -42.92 3.70 -9.30
C PRO R 503 -41.79 3.11 -10.15
N SER R 504 -41.05 3.92 -10.89
CA SER R 504 -39.83 3.50 -11.59
C SER R 504 -38.56 3.76 -10.79
N LEU R 505 -38.63 4.42 -9.62
CA LEU R 505 -37.48 4.52 -8.72
C LEU R 505 -37.13 3.18 -8.10
N VAL R 506 -38.13 2.48 -7.56
CA VAL R 506 -38.03 1.10 -7.10
C VAL R 506 -38.99 0.25 -7.87
N ASP R 507 -38.50 -0.79 -8.49
CA ASP R 507 -39.23 -1.50 -9.53
C ASP R 507 -38.83 -2.97 -9.51
N ALA R 508 -39.49 -3.82 -10.26
CA ALA R 508 -39.18 -5.24 -10.29
C ALA R 508 -37.69 -5.52 -10.64
N TYR R 509 -37.00 -4.60 -11.32
CA TYR R 509 -35.58 -4.69 -11.64
C TYR R 509 -34.61 -3.99 -10.65
N ILE R 510 -35.06 -3.40 -9.53
CA ILE R 510 -34.14 -2.68 -8.64
C ILE R 510 -33.10 -3.62 -8.04
N ASN R 511 -31.82 -3.39 -8.33
CA ASN R 511 -30.72 -4.28 -7.94
C ASN R 511 -31.03 -5.77 -8.16
N ILE R 512 -31.73 -6.11 -9.24
CA ILE R 512 -32.28 -7.44 -9.43
C ILE R 512 -31.18 -8.50 -9.34
N GLY R 513 -31.43 -9.53 -8.55
CA GLY R 513 -30.50 -10.60 -8.33
C GLY R 513 -29.59 -10.42 -7.11
N ALA R 514 -29.75 -9.37 -6.31
CA ALA R 514 -28.93 -9.13 -5.12
C ALA R 514 -29.75 -8.93 -3.85
N ARG R 515 -29.18 -9.32 -2.69
CA ARG R 515 -29.48 -8.70 -1.40
C ARG R 515 -28.76 -7.37 -1.36
N TRP R 516 -29.46 -6.28 -1.62
CA TRP R 516 -28.94 -4.93 -1.49
C TRP R 516 -29.99 -4.04 -0.87
N SER R 517 -29.61 -3.10 -0.02
CA SER R 517 -30.49 -2.11 0.57
C SER R 517 -30.31 -0.78 -0.14
N LEU R 518 -31.36 -0.03 -0.43
CA LEU R 518 -31.16 1.14 -1.28
C LEU R 518 -30.29 2.16 -0.55
N ASP R 519 -29.29 2.71 -1.21
CA ASP R 519 -28.40 3.66 -0.54
C ASP R 519 -29.12 4.85 0.14
N PRO R 520 -30.17 5.47 -0.42
CA PRO R 520 -30.90 6.49 0.32
C PRO R 520 -31.67 5.90 1.48
N MET R 521 -32.22 4.70 1.35
CA MET R 521 -33.01 4.07 2.40
C MET R 521 -32.17 3.63 3.60
N ASP R 522 -30.86 3.41 3.47
CA ASP R 522 -30.04 3.00 4.61
C ASP R 522 -30.12 4.01 5.75
N ASN R 523 -30.16 5.31 5.42
CA ASN R 523 -30.23 6.42 6.35
C ASN R 523 -31.65 6.91 6.65
N VAL R 524 -32.69 6.20 6.20
CA VAL R 524 -34.09 6.47 6.56
C VAL R 524 -34.46 5.57 7.72
N ASN R 525 -34.95 6.12 8.83
CA ASN R 525 -35.27 5.36 10.03
C ASN R 525 -36.25 4.23 9.69
N PRO R 526 -35.87 2.94 9.77
CA PRO R 526 -36.70 1.86 9.29
C PRO R 526 -37.87 1.54 10.21
N PHE R 527 -37.89 2.05 11.43
CA PHE R 527 -38.92 1.74 12.42
C PHE R 527 -40.15 2.64 12.27
N ASN R 528 -40.00 3.77 11.59
CA ASN R 528 -41.11 4.57 11.10
C ASN R 528 -41.69 3.93 9.84
N HIS R 529 -42.30 2.77 9.97
CA HIS R 529 -42.85 2.03 8.83
C HIS R 529 -44.12 1.30 9.23
N HIS R 530 -45.10 1.22 8.35
CA HIS R 530 -46.38 0.61 8.64
C HIS R 530 -46.31 -0.90 8.92
N ARG R 531 -45.23 -1.59 8.56
CA ARG R 531 -44.96 -2.99 8.91
C ARG R 531 -44.20 -3.19 10.23
N ASN R 532 -43.96 -2.14 11.00
CA ASN R 532 -43.50 -2.23 12.37
C ASN R 532 -44.52 -3.00 13.22
N ALA R 533 -44.28 -4.28 13.49
CA ALA R 533 -45.22 -5.15 14.18
C ALA R 533 -45.44 -4.76 15.64
N GLY R 534 -44.42 -4.21 16.29
CA GLY R 534 -44.58 -3.59 17.60
C GLY R 534 -45.54 -2.40 17.56
N LEU R 535 -45.34 -1.41 16.69
CA LEU R 535 -46.23 -0.24 16.69
C LEU R 535 -47.64 -0.59 16.21
N ARG R 536 -47.79 -1.48 15.23
CA ARG R 536 -49.10 -2.02 14.86
C ARG R 536 -49.84 -2.55 16.06
N TYR R 537 -49.23 -3.46 16.82
CA TYR R 537 -49.87 -4.04 18.00
C TYR R 537 -50.23 -2.98 19.03
N ARG R 538 -49.32 -2.06 19.36
CA ARG R 538 -49.58 -0.98 20.32
C ARG R 538 -50.65 -0.02 19.83
N SER R 539 -50.86 0.08 18.53
CA SER R 539 -51.96 0.88 17.98
C SER R 539 -53.28 0.14 18.04
N MET R 540 -53.27 -1.18 17.91
CA MET R 540 -54.47 -1.99 17.87
C MET R 540 -54.99 -2.40 19.24
N LEU R 541 -54.17 -2.38 20.30
CA LEU R 541 -54.66 -2.47 21.68
C LEU R 541 -55.60 -1.33 22.04
N LEU R 542 -55.40 -0.15 21.45
CA LEU R 542 -56.25 1.02 21.63
C LEU R 542 -57.46 0.97 20.68
N GLY R 543 -57.26 0.51 19.45
CA GLY R 543 -58.32 0.15 18.53
C GLY R 543 -58.29 0.93 17.22
N ASN R 544 -59.37 0.84 16.46
CA ASN R 544 -59.51 1.38 15.13
C ASN R 544 -59.92 2.85 15.07
N GLY R 545 -60.41 3.47 16.13
CA GLY R 545 -60.91 4.85 16.10
C GLY R 545 -59.89 5.88 16.53
N ARG R 546 -60.05 7.14 16.11
CA ARG R 546 -59.15 8.22 16.55
C ARG R 546 -59.42 8.70 17.98
N TYR R 547 -60.69 8.75 18.39
CA TYR R 547 -61.10 9.12 19.74
C TYR R 547 -61.11 7.87 20.61
N VAL R 548 -60.37 7.87 21.72
CA VAL R 548 -60.06 6.64 22.45
C VAL R 548 -60.01 6.92 23.96
N PRO R 549 -60.97 6.46 24.76
CA PRO R 549 -60.76 6.29 26.19
C PRO R 549 -59.63 5.29 26.42
N PHE R 550 -58.75 5.54 27.38
CA PHE R 550 -57.65 4.63 27.69
C PHE R 550 -57.53 4.37 29.18
N HIS R 551 -56.94 3.23 29.50
CA HIS R 551 -56.75 2.75 30.85
C HIS R 551 -55.51 1.89 30.79
N ILE R 552 -54.47 2.26 31.52
CA ILE R 552 -53.14 1.67 31.43
C ILE R 552 -52.51 1.55 32.80
N GLN R 553 -51.51 0.69 32.91
CA GLN R 553 -50.63 0.59 34.06
C GLN R 553 -49.21 0.94 33.63
N VAL R 554 -48.56 1.91 34.27
CA VAL R 554 -47.17 2.26 33.96
C VAL R 554 -46.24 1.79 35.07
N PRO R 555 -45.17 1.05 34.76
CA PRO R 555 -44.21 0.56 35.74
C PRO R 555 -43.23 1.65 36.17
N GLN R 556 -42.62 1.49 37.34
CA GLN R 556 -41.47 2.28 37.78
C GLN R 556 -40.16 1.80 37.14
N LYS R 557 -39.47 2.61 36.35
CA LYS R 557 -38.20 2.25 35.70
C LYS R 557 -36.96 2.76 36.40
N PHE R 558 -37.02 3.65 37.38
CA PHE R 558 -35.81 4.23 37.95
C PHE R 558 -35.03 3.23 38.79
N PHE R 559 -33.77 3.01 38.44
CA PHE R 559 -32.97 1.90 38.93
C PHE R 559 -32.83 1.83 40.45
N ALA R 560 -32.85 2.97 41.14
CA ALA R 560 -32.61 3.00 42.57
C ALA R 560 -33.77 2.41 43.38
N ILE R 561 -34.96 2.40 42.81
CA ILE R 561 -36.19 2.08 43.53
C ILE R 561 -36.96 0.93 42.90
N LYS R 562 -36.83 0.65 41.60
CA LYS R 562 -37.64 -0.32 40.88
C LYS R 562 -37.55 -1.78 41.36
N ASN R 563 -36.68 -2.08 42.30
CA ASN R 563 -36.46 -3.41 42.88
C ASN R 563 -36.29 -3.35 44.41
N LEU R 564 -36.54 -2.20 45.03
CA LEU R 564 -36.26 -1.99 46.44
C LEU R 564 -37.24 -2.78 47.30
N LEU R 565 -36.75 -3.54 48.28
CA LEU R 565 -37.58 -3.95 49.40
C LEU R 565 -37.71 -2.79 50.37
N LEU R 566 -38.88 -2.18 50.34
CA LEU R 566 -39.26 -1.05 51.14
C LEU R 566 -39.93 -1.58 52.39
N LEU R 567 -39.33 -1.27 53.52
CA LEU R 567 -39.74 -1.74 54.84
C LEU R 567 -40.82 -0.84 55.44
N PRO R 568 -41.49 -1.22 56.54
CA PRO R 568 -42.55 -0.45 57.16
C PRO R 568 -42.27 1.04 57.35
N GLY R 569 -43.28 1.85 57.12
CA GLY R 569 -43.30 3.30 57.35
C GLY R 569 -44.30 4.01 56.46
N SER R 570 -44.37 5.35 56.56
CA SER R 570 -45.11 6.19 55.61
C SER R 570 -44.15 6.93 54.70
N TYR R 571 -44.37 6.86 53.40
CA TYR R 571 -43.45 7.41 52.41
C TYR R 571 -44.20 8.27 51.41
N THR R 572 -43.64 9.42 51.09
CA THR R 572 -44.14 10.25 50.01
C THR R 572 -43.62 9.70 48.70
N TYR R 573 -44.50 9.35 47.79
CA TYR R 573 -44.14 8.89 46.45
C TYR R 573 -44.80 9.83 45.44
N GLU R 574 -44.05 10.40 44.50
CA GLU R 574 -44.55 11.31 43.47
C GLU R 574 -43.88 11.06 42.14
N TRP R 575 -44.55 11.29 41.02
CA TRP R 575 -43.87 11.37 39.75
C TRP R 575 -44.50 12.37 38.80
N ASN R 576 -43.75 12.90 37.85
CA ASN R 576 -44.31 13.75 36.82
C ASN R 576 -44.61 12.95 35.55
N PHE R 577 -45.82 13.10 34.99
CA PHE R 577 -46.24 12.47 33.76
C PHE R 577 -46.34 13.50 32.64
N ARG R 578 -45.76 13.24 31.47
CA ARG R 578 -45.85 14.17 30.33
C ARG R 578 -47.29 14.31 29.86
N LYS R 579 -47.61 15.44 29.23
CA LYS R 579 -48.75 15.60 28.33
C LYS R 579 -48.34 15.85 26.87
N ASP R 580 -47.04 15.96 26.60
CA ASP R 580 -46.51 16.23 25.26
C ASP R 580 -46.71 15.04 24.32
N VAL R 581 -47.65 15.14 23.38
CA VAL R 581 -48.00 14.03 22.49
C VAL R 581 -46.87 13.60 21.56
N ASN R 582 -45.93 14.47 21.20
CA ASN R 582 -44.77 14.02 20.44
C ASN R 582 -43.86 13.11 21.30
N MET R 583 -43.85 13.25 22.62
CA MET R 583 -43.10 12.35 23.50
C MET R 583 -43.90 11.10 23.82
N ILE R 584 -45.13 11.26 24.28
CA ILE R 584 -46.01 10.17 24.72
C ILE R 584 -46.35 9.21 23.59
N LEU R 585 -46.87 9.71 22.48
CA LEU R 585 -47.39 8.91 21.37
C LEU R 585 -46.33 8.71 20.30
N GLN R 586 -46.50 7.71 19.47
CA GLN R 586 -45.61 7.41 18.36
C GLN R 586 -46.41 7.20 17.09
N SER R 587 -45.99 7.75 15.96
CA SER R 587 -46.66 7.57 14.68
C SER R 587 -45.79 6.80 13.69
N SER R 588 -46.38 5.95 12.85
CA SER R 588 -45.58 5.17 11.89
C SER R 588 -45.01 6.01 10.75
N LEU R 589 -45.26 7.31 10.72
CA LEU R 589 -44.68 8.23 9.74
C LEU R 589 -43.74 9.25 10.39
N GLY R 590 -43.97 9.59 11.66
CA GLY R 590 -43.19 10.56 12.41
C GLY R 590 -43.67 12.01 12.28
N ASN R 591 -44.87 12.25 11.75
CA ASN R 591 -45.41 13.59 11.55
C ASN R 591 -45.58 14.32 12.88
N ASP R 592 -45.52 15.64 12.88
CA ASP R 592 -45.69 16.44 14.09
C ASP R 592 -47.12 16.27 14.62
N LEU R 593 -47.30 15.59 15.75
CA LEU R 593 -48.62 15.40 16.35
C LEU R 593 -49.04 16.55 17.28
N ARG R 594 -48.23 17.59 17.48
CA ARG R 594 -48.72 18.82 18.12
C ARG R 594 -49.51 19.64 17.12
N VAL R 595 -49.02 19.76 15.90
CA VAL R 595 -49.85 19.97 14.70
C VAL R 595 -50.59 18.64 14.42
N ASP R 596 -51.49 18.53 13.44
CA ASP R 596 -52.20 17.27 13.18
C ASP R 596 -53.01 16.74 14.38
N GLY R 597 -53.31 17.60 15.37
CA GLY R 597 -54.47 17.52 16.25
C GLY R 597 -54.50 16.49 17.37
N ALA R 598 -53.47 15.71 17.65
CA ALA R 598 -53.53 14.77 18.75
C ALA R 598 -53.61 15.47 20.12
N SER R 599 -54.16 14.82 21.13
CA SER R 599 -54.14 15.30 22.52
C SER R 599 -54.34 14.16 23.50
N VAL R 600 -54.02 14.36 24.76
CA VAL R 600 -54.28 13.37 25.82
C VAL R 600 -54.73 14.08 27.09
N ARG R 601 -55.63 13.47 27.87
CA ARG R 601 -56.25 14.02 29.07
C ARG R 601 -56.30 12.97 30.16
N PHE R 602 -55.53 13.15 31.23
CA PHE R 602 -55.54 12.24 32.37
C PHE R 602 -56.72 12.54 33.30
N ASP R 603 -57.65 11.60 33.43
CA ASP R 603 -58.83 11.75 34.28
C ASP R 603 -58.62 11.22 35.71
N SER R 604 -57.77 10.21 35.91
CA SER R 604 -57.25 9.87 37.24
C SER R 604 -55.98 9.05 37.16
N VAL R 605 -55.02 9.30 38.04
CA VAL R 605 -53.87 8.42 38.30
C VAL R 605 -54.04 7.80 39.68
N ASN R 606 -53.96 6.48 39.85
CA ASN R 606 -54.00 5.79 41.15
C ASN R 606 -52.83 4.83 41.26
N LEU R 607 -52.26 4.67 42.45
CA LEU R 607 -51.06 3.87 42.69
C LEU R 607 -51.45 2.53 43.27
N TYR R 608 -51.09 1.43 42.61
CA TYR R 608 -51.37 0.08 43.08
C TYR R 608 -50.11 -0.54 43.68
N ALA R 609 -50.25 -1.33 44.74
CA ALA R 609 -49.14 -2.02 45.38
C ALA R 609 -49.60 -3.40 45.83
N THR R 610 -48.85 -4.43 45.50
CA THR R 610 -49.20 -5.81 45.84
C THR R 610 -48.25 -6.34 46.91
N PHE R 611 -48.76 -7.02 47.93
CA PHE R 611 -47.94 -7.56 49.01
C PHE R 611 -47.99 -9.08 49.08
N PHE R 612 -46.87 -9.71 49.38
CA PHE R 612 -46.90 -11.09 49.84
C PHE R 612 -47.53 -11.09 51.24
N PRO R 613 -48.60 -11.86 51.52
CA PRO R 613 -49.36 -11.80 52.78
C PRO R 613 -48.65 -12.50 53.95
N MET R 614 -47.38 -12.15 54.16
CA MET R 614 -46.41 -12.90 54.96
C MET R 614 -46.78 -12.97 56.44
N ALA R 615 -46.41 -14.05 57.13
CA ALA R 615 -46.63 -14.20 58.56
C ALA R 615 -45.99 -13.05 59.36
N HIS R 616 -46.71 -12.52 60.34
CA HIS R 616 -46.28 -11.27 60.99
C HIS R 616 -44.96 -11.38 61.74
N ASN R 617 -44.67 -12.51 62.37
CA ASN R 617 -43.37 -12.79 62.99
C ASN R 617 -42.26 -12.91 61.94
N THR R 618 -42.51 -13.55 60.81
CA THR R 618 -41.53 -13.65 59.72
C THR R 618 -41.26 -12.31 59.09
N ALA R 619 -42.27 -11.51 58.74
CA ALA R 619 -42.08 -10.18 58.19
C ALA R 619 -41.39 -9.24 59.18
N SER R 620 -41.75 -9.31 60.46
CA SER R 620 -41.01 -8.62 61.52
C SER R 620 -39.55 -9.02 61.57
N THR R 621 -39.24 -10.31 61.48
CA THR R 621 -37.85 -10.80 61.46
C THR R 621 -37.11 -10.31 60.23
N LEU R 622 -37.75 -10.36 59.07
CA LEU R 622 -37.13 -9.92 57.83
C LEU R 622 -36.80 -8.43 57.88
N GLU R 623 -37.70 -7.61 58.41
CA GLU R 623 -37.45 -6.19 58.63
C GLU R 623 -36.32 -5.98 59.62
N ALA R 624 -36.28 -6.71 60.74
CA ALA R 624 -35.19 -6.58 61.68
C ALA R 624 -33.85 -6.78 60.99
N MET R 625 -33.71 -7.84 60.20
CA MET R 625 -32.50 -8.09 59.43
C MET R 625 -32.25 -7.03 58.38
N LEU R 626 -33.22 -6.57 57.60
CA LEU R 626 -32.99 -5.57 56.57
C LEU R 626 -32.75 -4.15 57.12
N ARG R 627 -32.99 -3.85 58.40
CA ARG R 627 -32.60 -2.57 59.02
C ARG R 627 -31.20 -2.58 59.62
N ASN R 628 -30.49 -3.71 59.68
CA ASN R 628 -29.09 -3.74 60.10
C ASN R 628 -28.21 -3.15 59.00
N ASP R 629 -27.29 -2.25 59.34
CA ASP R 629 -26.46 -1.52 58.34
C ASP R 629 -25.66 -2.40 57.37
N THR R 630 -25.24 -3.61 57.75
CA THR R 630 -24.53 -4.48 56.81
C THR R 630 -25.44 -5.11 55.76
N ASN R 631 -26.76 -5.09 55.97
CA ASN R 631 -27.77 -5.62 55.07
C ASN R 631 -28.38 -4.56 54.16
N ASP R 632 -27.76 -3.39 54.01
CA ASP R 632 -28.20 -2.38 53.04
C ASP R 632 -28.31 -2.93 51.64
N GLN R 633 -29.36 -2.55 50.93
CA GLN R 633 -29.61 -2.99 49.57
C GLN R 633 -28.85 -2.12 48.59
N SER R 634 -28.58 -2.60 47.38
CA SER R 634 -27.85 -1.82 46.38
C SER R 634 -28.19 -2.22 44.95
N PHE R 635 -28.09 -1.26 44.05
CA PHE R 635 -28.56 -1.37 42.69
C PHE R 635 -27.62 -0.60 41.78
N ASN R 636 -27.50 -0.95 40.50
CA ASN R 636 -26.76 -0.13 39.57
C ASN R 636 -27.49 -0.05 38.24
N ASP R 637 -27.53 1.14 37.63
CA ASP R 637 -28.28 1.34 36.40
C ASP R 637 -27.79 0.38 35.33
N TYR R 638 -28.68 -0.37 34.67
CA TYR R 638 -28.25 -1.45 33.80
C TYR R 638 -27.31 -0.97 32.69
N LEU R 639 -27.71 0.01 31.88
CA LEU R 639 -26.78 0.85 31.14
C LEU R 639 -26.14 1.78 32.14
N SER R 640 -24.99 1.40 32.70
CA SER R 640 -24.18 2.30 33.51
C SER R 640 -23.26 3.09 32.59
N ALA R 641 -23.57 4.36 32.30
CA ALA R 641 -22.77 5.22 31.45
C ALA R 641 -23.08 6.70 31.67
N ALA R 642 -22.17 7.60 31.26
CA ALA R 642 -22.47 9.02 31.06
C ALA R 642 -22.86 9.29 29.61
N ASN R 643 -24.08 9.78 29.40
CA ASN R 643 -24.70 9.90 28.08
C ASN R 643 -24.36 11.23 27.42
N MET R 644 -23.11 11.42 27.04
CA MET R 644 -22.70 12.61 26.30
C MET R 644 -23.21 12.58 24.86
N LEU R 645 -23.82 13.67 24.41
CA LEU R 645 -24.21 13.91 23.03
C LEU R 645 -23.37 15.07 22.47
N TYR R 646 -22.79 14.93 21.28
CA TYR R 646 -22.05 15.99 20.60
C TYR R 646 -22.63 16.22 19.20
N PRO R 647 -22.76 17.47 18.73
CA PRO R 647 -23.37 17.76 17.44
C PRO R 647 -22.43 17.56 16.25
N ILE R 648 -23.01 17.27 15.09
CA ILE R 648 -22.34 17.07 13.80
C ILE R 648 -23.11 17.87 12.73
N PRO R 649 -22.62 19.03 12.30
CA PRO R 649 -23.29 19.87 11.30
C PRO R 649 -23.53 19.13 9.98
N ALA R 650 -24.57 19.49 9.23
CA ALA R 650 -24.87 18.82 7.98
C ALA R 650 -23.67 18.84 7.03
N LYS R 651 -23.43 17.73 6.34
CA LYS R 651 -22.29 17.44 5.46
C LYS R 651 -20.92 17.34 6.11
N ALA R 652 -20.76 17.55 7.42
CA ALA R 652 -19.47 17.33 8.08
C ALA R 652 -19.04 15.85 8.07
N THR R 653 -17.73 15.57 8.12
CA THR R 653 -17.18 14.19 8.10
C THR R 653 -16.25 13.85 9.25
N ASN R 654 -16.07 14.78 10.19
CA ASN R 654 -15.10 14.65 11.26
C ASN R 654 -15.64 15.23 12.57
N VAL R 655 -15.46 14.54 13.67
CA VAL R 655 -15.95 14.96 14.99
C VAL R 655 -14.82 14.78 16.00
N PRO R 656 -13.99 15.79 16.22
CA PRO R 656 -12.97 15.75 17.24
C PRO R 656 -13.60 16.12 18.57
N ILE R 657 -13.31 15.38 19.64
CA ILE R 657 -13.82 15.66 20.98
C ILE R 657 -12.72 15.48 22.01
N SER R 658 -12.84 16.15 23.15
CA SER R 658 -11.82 16.07 24.18
C SER R 658 -12.37 16.28 25.58
N ILE R 659 -11.66 15.74 26.57
CA ILE R 659 -11.98 15.82 27.99
C ILE R 659 -10.72 16.33 28.70
N PRO R 660 -10.80 17.43 29.47
CA PRO R 660 -9.65 18.29 29.69
C PRO R 660 -8.57 17.69 30.57
N SER R 661 -8.98 16.95 31.59
CA SER R 661 -8.18 16.14 32.52
C SER R 661 -9.19 15.41 33.38
N ARG R 662 -8.97 14.14 33.67
CA ARG R 662 -10.02 13.29 34.26
C ARG R 662 -9.37 12.13 34.99
N ASN R 663 -9.99 11.63 36.04
CA ASN R 663 -9.60 10.35 36.64
C ASN R 663 -10.35 9.22 35.94
N TRP R 664 -9.67 8.12 35.60
CA TRP R 664 -10.24 7.04 34.79
C TRP R 664 -10.37 5.72 35.54
N ALA R 665 -10.13 5.71 36.84
CA ALA R 665 -10.41 4.58 37.70
C ALA R 665 -11.82 4.03 37.48
N ALA R 666 -11.95 2.70 37.39
CA ALA R 666 -13.17 1.98 37.07
C ALA R 666 -13.92 2.39 35.79
N PHE R 667 -13.29 3.13 34.87
CA PHE R 667 -13.86 3.36 33.54
C PHE R 667 -14.03 2.02 32.81
N ARG R 668 -15.19 1.77 32.19
CA ARG R 668 -15.50 0.48 31.56
C ARG R 668 -15.22 0.42 30.07
N GLY R 669 -15.05 1.55 29.41
CA GLY R 669 -14.89 1.64 27.96
C GLY R 669 -15.88 2.58 27.33
N TRP R 670 -15.84 2.66 26.01
CA TRP R 670 -16.68 3.55 25.24
C TRP R 670 -17.68 2.73 24.50
N SER R 671 -18.93 3.17 24.49
CA SER R 671 -19.92 2.69 23.55
C SER R 671 -20.48 3.88 22.80
N PHE R 672 -20.85 3.74 21.54
CA PHE R 672 -21.32 4.87 20.75
C PHE R 672 -22.21 4.49 19.58
N THR R 673 -22.94 5.48 19.08
CA THR R 673 -23.79 5.40 17.89
C THR R 673 -24.16 6.82 17.42
N ARG R 674 -24.87 6.95 16.29
CA ARG R 674 -25.21 8.23 15.67
C ARG R 674 -26.71 8.43 15.60
N LEU R 675 -27.20 9.61 15.91
CA LEU R 675 -28.61 9.95 15.94
C LEU R 675 -28.87 11.15 15.02
N LYS R 676 -30.07 11.32 14.48
CA LYS R 676 -30.43 12.58 13.80
C LYS R 676 -30.81 13.62 14.83
N THR R 677 -30.61 14.90 14.57
CA THR R 677 -31.00 15.92 15.56
C THR R 677 -32.50 16.02 15.65
N LYS R 678 -33.19 15.95 14.50
CA LYS R 678 -34.65 15.92 14.43
C LYS R 678 -35.25 14.78 15.23
N GLU R 679 -34.69 13.58 15.14
CA GLU R 679 -35.25 12.38 15.77
C GLU R 679 -34.87 12.21 17.24
N THR R 680 -34.42 13.24 17.95
CA THR R 680 -34.24 13.17 19.40
C THR R 680 -34.54 14.47 20.14
N PRO R 681 -35.25 14.44 21.28
CA PRO R 681 -35.55 15.63 22.05
C PRO R 681 -34.35 16.08 22.88
N SER R 682 -34.34 17.33 23.29
CA SER R 682 -33.63 17.78 24.48
C SER R 682 -34.49 17.48 25.71
N LEU R 683 -33.87 17.19 26.85
CA LEU R 683 -34.58 17.02 28.11
C LEU R 683 -33.77 17.49 29.31
N GLY R 684 -34.48 17.82 30.38
CA GLY R 684 -34.07 18.83 31.35
C GLY R 684 -34.85 20.12 31.15
N SER R 685 -35.12 20.47 29.89
CA SER R 685 -36.27 21.31 29.58
C SER R 685 -37.52 20.51 29.89
N GLY R 686 -38.46 21.07 30.65
CA GLY R 686 -39.71 20.37 30.98
C GLY R 686 -40.57 20.11 29.75
N PHE R 687 -40.47 20.96 28.72
CA PHE R 687 -41.08 20.79 27.41
C PHE R 687 -40.07 21.12 26.30
N ASP R 688 -40.10 20.43 25.15
CA ASP R 688 -39.23 20.74 24.02
C ASP R 688 -40.02 21.35 22.85
N PRO R 689 -40.09 22.68 22.74
CA PRO R 689 -40.88 23.32 21.69
C PRO R 689 -40.35 23.06 20.28
N TYR R 690 -39.14 22.52 20.11
CA TYR R 690 -38.55 22.26 18.80
C TYR R 690 -38.59 20.79 18.41
N PHE R 691 -38.99 19.88 19.31
CA PHE R 691 -39.18 18.48 18.99
C PHE R 691 -40.45 18.26 18.18
N VAL R 692 -40.31 18.42 16.88
CA VAL R 692 -41.37 18.44 15.87
C VAL R 692 -41.61 17.09 15.20
N TYR R 693 -40.69 16.15 15.33
CA TYR R 693 -40.86 14.75 14.96
C TYR R 693 -41.74 13.99 15.97
N SER R 694 -42.23 12.79 15.62
CA SER R 694 -42.96 11.91 16.55
C SER R 694 -42.78 10.40 16.33
N GLY R 695 -41.85 9.98 15.49
CA GLY R 695 -41.60 8.55 15.23
C GLY R 695 -40.87 7.87 16.40
N SER R 696 -40.24 6.73 16.17
CA SER R 696 -39.44 6.11 17.23
C SER R 696 -38.31 7.04 17.65
N ILE R 697 -37.91 7.09 18.91
CA ILE R 697 -36.84 7.97 19.37
C ILE R 697 -35.62 7.12 19.69
N PRO R 698 -34.64 6.95 18.79
CA PRO R 698 -33.49 6.10 19.02
C PRO R 698 -32.72 6.33 20.32
N TYR R 699 -32.65 7.57 20.83
CA TYR R 699 -31.99 7.88 22.10
C TYR R 699 -32.70 7.25 23.30
N LEU R 700 -34.00 7.05 23.24
CA LEU R 700 -34.80 6.47 24.34
C LEU R 700 -35.17 5.03 24.03
N ASP R 701 -35.78 4.75 22.89
CA ASP R 701 -36.42 3.46 22.62
C ASP R 701 -35.52 2.46 21.89
N GLY R 702 -34.20 2.71 21.84
CA GLY R 702 -33.20 1.72 21.45
C GLY R 702 -33.23 1.36 19.96
N THR R 703 -34.02 2.06 19.15
CA THR R 703 -34.10 1.86 17.71
C THR R 703 -32.94 2.53 16.98
N PHE R 704 -31.69 2.16 17.25
CA PHE R 704 -30.52 2.65 16.49
C PHE R 704 -30.48 2.11 15.06
N TYR R 705 -29.93 2.87 14.11
CA TYR R 705 -29.92 2.48 12.69
C TYR R 705 -28.83 3.10 11.80
N LEU R 706 -27.96 3.97 12.30
CA LEU R 706 -26.93 4.66 11.50
C LEU R 706 -25.49 4.18 11.80
N ASN R 707 -25.31 3.04 12.47
CA ASN R 707 -23.99 2.57 12.85
C ASN R 707 -23.06 2.30 11.67
N HIS R 708 -23.59 1.94 10.50
CA HIS R 708 -22.78 1.78 9.29
C HIS R 708 -22.11 3.07 8.83
N THR R 709 -22.53 4.24 9.29
CA THR R 709 -21.98 5.51 8.85
C THR R 709 -20.63 5.89 9.46
N PHE R 710 -20.08 5.13 10.41
CA PHE R 710 -18.76 5.39 11.00
C PHE R 710 -17.63 4.83 10.13
N LYS R 711 -16.58 5.61 9.84
CA LYS R 711 -15.41 5.16 9.09
C LYS R 711 -14.29 4.73 10.01
N LYS R 712 -13.97 5.51 11.04
CA LYS R 712 -13.00 5.16 12.07
C LYS R 712 -13.18 5.98 13.32
N VAL R 713 -12.54 5.55 14.40
CA VAL R 713 -12.28 6.36 15.59
C VAL R 713 -10.84 6.22 16.00
N SER R 714 -10.20 7.32 16.39
CA SER R 714 -8.91 7.29 17.09
C SER R 714 -9.11 7.79 18.51
N ILE R 715 -8.29 7.28 19.44
CA ILE R 715 -8.40 7.53 20.87
C ILE R 715 -7.00 7.88 21.36
N MET R 716 -6.83 8.96 22.13
CA MET R 716 -5.50 9.42 22.51
C MET R 716 -5.45 10.07 23.90
N PHE R 717 -4.75 9.47 24.85
CA PHE R 717 -4.55 10.07 26.18
C PHE R 717 -3.39 11.06 26.20
N ASP R 718 -3.49 12.04 27.09
CA ASP R 718 -2.51 13.12 27.29
C ASP R 718 -2.09 13.82 26.00
N SER R 719 -3.03 13.95 25.06
CA SER R 719 -2.82 14.54 23.74
C SER R 719 -1.65 13.93 22.94
N SER R 720 -1.16 12.75 23.33
CA SER R 720 0.15 12.26 22.90
C SER R 720 0.24 10.76 22.74
N VAL R 721 -0.50 10.00 23.55
CA VAL R 721 -0.34 8.56 23.63
C VAL R 721 -1.51 7.89 22.94
N SER R 722 -1.29 7.26 21.80
CA SER R 722 -2.36 6.62 21.05
C SER R 722 -2.86 5.41 21.82
N TRP R 723 -4.12 5.39 22.28
CA TRP R 723 -4.47 4.59 23.46
C TRP R 723 -4.26 3.09 23.30
N PRO R 724 -4.87 2.38 22.35
CA PRO R 724 -4.71 0.93 22.29
C PRO R 724 -3.22 0.61 22.16
N GLY R 725 -2.51 1.35 21.30
CA GLY R 725 -1.07 1.41 21.29
C GLY R 725 -0.46 0.03 21.03
N ASN R 726 0.71 -0.21 21.63
CA ASN R 726 1.38 -1.50 21.72
C ASN R 726 1.30 -2.36 20.45
N ASP R 727 1.38 -1.74 19.27
CA ASP R 727 1.18 -2.40 17.98
C ASP R 727 -0.05 -3.34 17.90
N ARG R 728 -1.12 -3.13 18.67
CA ARG R 728 -2.20 -4.12 18.83
C ARG R 728 -2.91 -4.46 17.53
N LEU R 729 -3.41 -3.45 16.84
CA LEU R 729 -4.29 -3.55 15.68
C LEU R 729 -3.50 -3.48 14.37
N LEU R 730 -4.04 -3.99 13.26
CA LEU R 730 -3.34 -4.02 11.97
C LEU R 730 -3.07 -2.63 11.40
N THR R 731 -3.92 -1.63 11.65
CA THR R 731 -3.50 -0.23 11.66
C THR R 731 -3.42 0.24 13.11
N PRO R 732 -2.25 0.16 13.78
CA PRO R 732 -2.17 0.22 15.24
C PRO R 732 -2.76 1.46 15.89
N ASN R 733 -2.69 2.58 15.18
CA ASN R 733 -2.92 3.89 15.74
C ASN R 733 -4.39 4.20 16.02
N GLU R 734 -5.33 3.41 15.49
CA GLU R 734 -6.74 3.75 15.43
C GLU R 734 -7.64 2.55 15.14
N PHE R 735 -8.93 2.68 15.40
CA PHE R 735 -9.91 1.67 15.04
C PHE R 735 -10.50 2.02 13.70
N GLU R 736 -9.93 1.50 12.62
CA GLU R 736 -10.44 1.72 11.27
C GLU R 736 -11.67 0.85 11.03
N ILE R 737 -12.84 1.36 11.38
CA ILE R 737 -14.12 0.63 11.44
C ILE R 737 -14.48 0.00 10.09
N LYS R 738 -14.31 0.74 9.00
CA LYS R 738 -14.52 0.23 7.65
C LYS R 738 -13.51 0.83 6.67
N ARG R 739 -13.51 0.35 5.42
CA ARG R 739 -12.65 0.85 4.34
C ARG R 739 -13.40 1.17 3.05
N SER R 740 -12.82 2.06 2.23
CA SER R 740 -13.23 2.36 0.85
C SER R 740 -12.21 1.85 -0.18
N VAL R 741 -10.93 1.85 0.17
CA VAL R 741 -9.83 1.23 -0.59
C VAL R 741 -9.02 0.33 0.34
N ASP R 742 -8.52 -0.80 -0.15
CA ASP R 742 -8.01 -1.86 0.72
C ASP R 742 -6.79 -2.59 0.12
N GLY R 743 -5.71 -1.86 -0.14
CA GLY R 743 -4.55 -2.42 -0.83
C GLY R 743 -3.96 -3.63 -0.12
N GLU R 744 -3.89 -3.57 1.21
CA GLU R 744 -3.36 -4.65 2.05
C GLU R 744 -4.26 -5.89 2.08
N GLY R 745 -5.57 -5.75 1.85
CA GLY R 745 -6.54 -6.83 2.00
C GLY R 745 -7.08 -7.02 3.42
N TYR R 746 -7.35 -5.95 4.16
CA TYR R 746 -7.81 -5.98 5.55
C TYR R 746 -9.32 -6.08 5.76
N ASN R 747 -10.16 -6.17 4.72
CA ASN R 747 -11.60 -6.39 4.90
C ASN R 747 -11.96 -7.80 5.43
N VAL R 748 -13.22 -8.07 5.79
CA VAL R 748 -13.75 -9.38 6.25
C VAL R 748 -15.21 -9.61 5.88
N ALA R 749 -15.74 -10.79 6.18
CA ALA R 749 -17.16 -11.11 6.09
C ALA R 749 -17.74 -10.89 4.69
N GLN R 750 -16.89 -10.86 3.67
CA GLN R 750 -17.23 -10.54 2.29
C GLN R 750 -17.83 -9.13 2.10
N CYS R 751 -17.76 -8.24 3.10
CA CYS R 751 -18.08 -6.82 2.97
C CYS R 751 -16.84 -5.93 3.20
N ASN R 752 -17.02 -4.69 3.66
CA ASN R 752 -15.97 -3.67 3.83
C ASN R 752 -15.64 -3.30 5.29
N MET R 753 -16.13 -4.05 6.27
CA MET R 753 -15.65 -3.92 7.64
C MET R 753 -14.21 -4.44 7.73
N THR R 754 -13.36 -3.91 8.62
CA THR R 754 -11.98 -4.39 8.75
C THR R 754 -11.83 -5.61 9.66
N LYS R 755 -10.71 -6.32 9.53
CA LYS R 755 -10.28 -7.40 10.42
C LYS R 755 -10.14 -6.92 11.84
N ASP R 756 -9.63 -5.71 12.03
CA ASP R 756 -9.57 -5.07 13.35
C ASP R 756 -10.94 -4.86 13.93
N TRP R 757 -11.85 -4.21 13.20
CA TRP R 757 -13.09 -3.83 13.84
C TRP R 757 -13.98 -5.03 14.12
N PHE R 758 -14.06 -5.97 13.18
CA PHE R 758 -14.81 -7.19 13.38
C PHE R 758 -14.31 -7.99 14.57
N LEU R 759 -12.99 -8.12 14.72
CA LEU R 759 -12.37 -8.81 15.84
C LEU R 759 -12.73 -8.13 17.16
N VAL R 760 -12.73 -6.81 17.22
CA VAL R 760 -13.05 -6.05 18.44
C VAL R 760 -14.53 -6.19 18.79
N GLN R 761 -15.43 -6.09 17.81
CA GLN R 761 -16.85 -6.24 18.07
C GLN R 761 -17.19 -7.67 18.46
N MET R 762 -16.54 -8.69 17.89
CA MET R 762 -16.76 -10.07 18.29
C MET R 762 -16.20 -10.37 19.68
N LEU R 763 -14.97 -9.93 19.99
CA LEU R 763 -14.38 -10.14 21.32
C LEU R 763 -15.19 -9.47 22.41
N SER R 764 -15.65 -8.25 22.22
CA SER R 764 -16.39 -7.53 23.27
C SER R 764 -17.80 -8.09 23.48
N HIS R 765 -18.55 -8.38 22.42
CA HIS R 765 -19.89 -8.96 22.57
C HIS R 765 -19.87 -10.43 23.02
N TYR R 766 -18.87 -11.22 22.66
CA TYR R 766 -18.95 -12.68 22.80
C TYR R 766 -17.72 -13.39 23.35
N ASN R 767 -16.58 -12.73 23.56
CA ASN R 767 -15.32 -13.38 23.90
C ASN R 767 -14.95 -14.46 22.86
N ILE R 768 -14.67 -14.09 21.60
CA ILE R 768 -14.50 -15.07 20.50
C ILE R 768 -13.17 -15.05 19.73
N GLY R 769 -12.55 -13.91 19.42
CA GLY R 769 -11.49 -13.84 18.40
C GLY R 769 -10.30 -14.80 18.52
N TYR R 770 -9.81 -15.10 19.71
CA TYR R 770 -8.53 -15.79 19.88
C TYR R 770 -8.55 -17.28 19.63
N GLN R 771 -9.72 -17.93 19.62
CA GLN R 771 -9.83 -19.36 19.40
C GLN R 771 -10.72 -19.67 18.20
N GLY R 772 -10.70 -18.76 17.21
CA GLY R 772 -11.41 -18.87 15.94
C GLY R 772 -12.77 -18.21 16.00
N PHE R 773 -13.18 -17.54 14.93
CA PHE R 773 -14.54 -17.05 14.80
C PHE R 773 -15.50 -18.21 14.58
N HIS R 774 -16.59 -18.26 15.34
CA HIS R 774 -17.70 -19.19 15.16
C HIS R 774 -19.01 -18.49 15.50
N VAL R 775 -20.16 -19.03 15.10
CA VAL R 775 -21.43 -18.37 15.39
C VAL R 775 -21.65 -18.34 16.90
N PRO R 776 -21.84 -17.18 17.54
CA PRO R 776 -22.04 -17.12 18.97
C PRO R 776 -23.33 -17.82 19.38
N GLU R 777 -23.32 -18.44 20.56
CA GLU R 777 -24.46 -19.20 21.07
C GLU R 777 -25.67 -18.29 21.32
N GLY R 778 -26.87 -18.74 20.97
CA GLY R 778 -28.08 -17.90 21.01
C GLY R 778 -28.33 -17.20 22.35
N TYR R 779 -27.96 -17.79 23.48
CA TYR R 779 -28.22 -17.19 24.79
C TYR R 779 -27.31 -16.00 25.07
N LYS R 780 -26.18 -15.88 24.37
CA LYS R 780 -25.32 -14.68 24.31
C LYS R 780 -25.77 -13.71 23.23
N ASP R 781 -26.32 -14.21 22.14
CA ASP R 781 -26.61 -13.47 20.92
C ASP R 781 -28.02 -12.87 20.89
N ARG R 782 -28.25 -11.94 21.80
CA ARG R 782 -29.58 -11.41 22.12
C ARG R 782 -30.02 -10.34 21.11
N MET R 783 -31.23 -9.79 21.23
CA MET R 783 -31.77 -8.90 20.21
C MET R 783 -30.89 -7.69 19.88
N TYR R 784 -30.22 -7.11 20.86
CA TYR R 784 -29.31 -5.98 20.65
C TYR R 784 -27.86 -6.34 20.33
N SER R 785 -27.44 -7.61 20.35
CA SER R 785 -26.03 -7.97 20.16
C SER R 785 -25.54 -7.77 18.71
N PHE R 786 -24.23 -7.81 18.50
CA PHE R 786 -23.61 -7.54 17.20
C PHE R 786 -24.04 -8.51 16.11
N PHE R 787 -23.76 -9.79 16.25
CA PHE R 787 -23.90 -10.78 15.20
C PHE R 787 -25.36 -10.96 14.75
N ARG R 788 -26.32 -10.98 15.68
CA ARG R 788 -27.76 -10.97 15.37
C ARG R 788 -28.12 -9.91 14.34
N ASN R 789 -27.48 -8.75 14.40
CA ASN R 789 -27.83 -7.55 13.63
C ASN R 789 -26.91 -7.26 12.46
N PHE R 790 -25.73 -7.87 12.38
CA PHE R 790 -24.73 -7.57 11.34
C PHE R 790 -25.10 -8.16 9.99
N GLN R 791 -25.42 -7.31 9.01
CA GLN R 791 -25.83 -7.69 7.66
C GLN R 791 -24.83 -7.19 6.62
N PRO R 792 -23.87 -7.99 6.17
CA PRO R 792 -22.96 -7.65 5.09
C PRO R 792 -23.64 -7.81 3.74
N MET R 793 -23.24 -7.02 2.74
CA MET R 793 -23.87 -6.97 1.43
C MET R 793 -22.86 -6.67 0.31
N SER R 794 -23.20 -7.05 -0.92
CA SER R 794 -22.50 -6.64 -2.14
C SER R 794 -23.47 -6.47 -3.30
N ARG R 795 -23.14 -5.66 -4.32
CA ARG R 795 -23.79 -5.66 -5.64
C ARG R 795 -22.78 -5.36 -6.74
N GLN R 796 -23.03 -5.82 -7.97
CA GLN R 796 -22.40 -5.30 -9.17
C GLN R 796 -23.32 -4.29 -9.85
N VAL R 797 -22.70 -3.28 -10.46
CA VAL R 797 -23.34 -2.26 -11.27
C VAL R 797 -22.50 -1.96 -12.50
N VAL R 798 -23.10 -1.38 -13.52
CA VAL R 798 -22.41 -1.03 -14.76
C VAL R 798 -21.22 -0.13 -14.49
N ASP R 799 -20.11 -0.38 -15.19
CA ASP R 799 -18.92 0.46 -15.16
C ASP R 799 -19.17 1.75 -15.95
N GLU R 800 -19.13 2.92 -15.31
CA GLU R 800 -19.55 4.17 -15.95
C GLU R 800 -18.42 4.81 -16.75
N ILE R 801 -17.24 4.85 -16.13
CA ILE R 801 -15.95 4.89 -16.79
C ILE R 801 -15.76 3.55 -17.50
N ASN R 802 -14.79 3.38 -18.40
CA ASN R 802 -14.33 2.04 -18.80
C ASN R 802 -15.38 1.11 -19.45
N TYR R 803 -16.41 1.69 -20.06
CA TYR R 803 -17.37 1.00 -20.93
C TYR R 803 -17.79 1.97 -22.03
N LYS R 804 -17.26 1.77 -23.24
CA LYS R 804 -17.39 2.69 -24.38
C LYS R 804 -18.81 3.06 -24.80
N ASP R 805 -19.82 2.32 -24.35
CA ASP R 805 -21.23 2.54 -24.71
C ASP R 805 -22.12 2.99 -23.54
N TYR R 806 -21.61 3.17 -22.32
CA TYR R 806 -22.45 3.64 -21.22
C TYR R 806 -22.97 5.06 -21.50
N LYS R 807 -24.29 5.26 -21.40
CA LYS R 807 -24.96 6.58 -21.44
C LYS R 807 -25.77 6.82 -20.17
N ALA R 808 -25.82 8.06 -19.69
CA ALA R 808 -26.36 8.42 -18.38
C ALA R 808 -27.85 8.80 -18.43
N VAL R 809 -28.74 7.84 -18.64
CA VAL R 809 -30.18 8.14 -18.82
C VAL R 809 -30.83 8.51 -17.49
N THR R 810 -31.25 9.75 -17.31
CA THR R 810 -31.92 10.18 -16.06
C THR R 810 -33.39 9.78 -16.02
N LEU R 811 -33.98 9.76 -14.83
CA LEU R 811 -35.24 9.09 -14.56
C LEU R 811 -36.38 9.36 -15.58
N PRO R 812 -36.69 10.59 -15.99
CA PRO R 812 -37.78 10.85 -16.94
C PRO R 812 -37.62 10.17 -18.30
N PHE R 813 -36.38 9.84 -18.66
CA PHE R 813 -36.00 9.24 -19.93
C PHE R 813 -35.78 7.73 -19.85
N GLN R 814 -35.79 7.16 -18.66
CA GLN R 814 -35.72 5.72 -18.45
C GLN R 814 -37.06 5.09 -18.80
N HIS R 815 -37.07 4.01 -19.57
CA HIS R 815 -38.28 3.22 -19.78
C HIS R 815 -38.04 1.73 -19.73
N ASN R 816 -38.99 1.07 -19.08
CA ASN R 816 -39.14 -0.37 -18.95
C ASN R 816 -40.59 -0.61 -18.51
N ASN R 817 -41.30 -1.60 -19.05
CA ASN R 817 -42.76 -1.65 -18.95
C ASN R 817 -43.45 -0.37 -19.48
N SER R 818 -42.91 0.32 -20.50
CA SER R 818 -43.66 1.39 -21.17
C SER R 818 -44.94 0.83 -21.80
N GLY R 819 -46.01 1.61 -21.85
CA GLY R 819 -47.35 1.12 -22.21
C GLY R 819 -48.10 0.47 -21.05
N PHE R 820 -47.40 -0.03 -20.05
CA PHE R 820 -47.99 -0.81 -18.97
C PHE R 820 -47.83 -0.17 -17.58
N THR R 821 -47.44 1.10 -17.47
CA THR R 821 -47.27 1.83 -16.20
C THR R 821 -47.60 3.31 -16.34
N GLY R 822 -48.01 3.98 -15.27
CA GLY R 822 -48.16 5.44 -15.29
C GLY R 822 -46.82 6.14 -15.46
N TYR R 823 -46.76 7.30 -16.11
CA TYR R 823 -45.50 8.00 -16.32
C TYR R 823 -45.04 8.72 -15.04
N LEU R 824 -43.99 8.21 -14.40
CA LEU R 824 -43.43 8.73 -13.14
C LEU R 824 -44.41 8.80 -11.95
N ALA R 825 -45.49 8.02 -11.96
CA ALA R 825 -46.56 8.13 -10.97
C ALA R 825 -47.28 6.79 -10.77
N PRO R 826 -48.01 6.63 -9.66
CA PRO R 826 -49.00 5.57 -9.47
C PRO R 826 -50.31 5.75 -10.24
N THR R 827 -50.46 6.82 -11.02
CA THR R 827 -51.63 7.08 -11.88
C THR R 827 -51.76 6.06 -13.01
N MET R 828 -52.90 6.01 -13.70
CA MET R 828 -53.19 4.96 -14.71
C MET R 828 -52.13 4.81 -15.81
N ARG R 829 -52.02 3.60 -16.36
CA ARG R 829 -51.03 3.26 -17.39
C ARG R 829 -51.01 4.21 -18.57
N GLN R 830 -49.82 4.50 -19.10
CA GLN R 830 -49.59 5.33 -20.26
C GLN R 830 -48.58 4.71 -21.21
N GLY R 831 -48.57 5.15 -22.46
CA GLY R 831 -47.49 4.93 -23.43
C GLY R 831 -47.75 3.79 -24.40
N GLN R 832 -46.69 3.29 -25.02
CA GLN R 832 -46.72 2.15 -25.94
C GLN R 832 -45.77 1.02 -25.51
N PRO R 833 -46.01 -0.23 -25.90
CA PRO R 833 -45.01 -1.27 -25.80
C PRO R 833 -43.75 -0.87 -26.57
N TYR R 834 -42.57 -1.07 -25.99
CA TYR R 834 -41.30 -0.84 -26.68
C TYR R 834 -40.16 -1.55 -25.96
N PRO R 835 -39.03 -1.90 -26.61
CA PRO R 835 -37.87 -2.45 -25.93
C PRO R 835 -37.41 -1.54 -24.79
N ALA R 836 -37.20 -2.10 -23.61
CA ALA R 836 -36.76 -1.35 -22.45
C ALA R 836 -35.32 -0.85 -22.63
N ASN R 837 -35.00 0.33 -22.12
CA ASN R 837 -33.66 0.91 -22.27
C ASN R 837 -32.84 0.89 -20.99
N PHE R 838 -33.46 0.81 -19.81
CA PHE R 838 -32.79 1.36 -18.64
C PHE R 838 -31.73 0.46 -17.98
N PRO R 839 -32.06 -0.66 -17.31
CA PRO R 839 -31.05 -1.36 -16.55
C PRO R 839 -30.18 -2.19 -17.49
N TYR R 840 -28.90 -1.88 -17.65
CA TYR R 840 -28.05 -2.70 -18.52
C TYR R 840 -27.95 -4.13 -17.96
N PRO R 841 -27.94 -5.18 -18.78
CA PRO R 841 -27.82 -6.53 -18.29
C PRO R 841 -26.42 -6.78 -17.74
N LEU R 842 -26.34 -7.33 -16.53
CA LEU R 842 -25.11 -7.80 -15.89
C LEU R 842 -24.86 -9.31 -16.03
N ILE R 843 -25.69 -10.00 -16.80
CA ILE R 843 -25.70 -11.46 -16.93
C ILE R 843 -25.77 -11.86 -18.40
N GLY R 844 -25.48 -13.12 -18.70
CA GLY R 844 -25.52 -13.62 -20.08
C GLY R 844 -24.29 -13.27 -20.88
N GLN R 845 -24.30 -13.58 -22.17
CA GLN R 845 -23.15 -13.33 -23.05
C GLN R 845 -23.02 -11.85 -23.45
N THR R 846 -24.03 -11.03 -23.20
CA THR R 846 -23.96 -9.57 -23.35
C THR R 846 -23.92 -8.82 -22.02
N ALA R 847 -23.48 -9.44 -20.92
CA ALA R 847 -23.26 -8.72 -19.68
C ALA R 847 -22.30 -7.55 -19.88
N VAL R 848 -22.70 -6.34 -19.51
CA VAL R 848 -21.85 -5.14 -19.64
C VAL R 848 -20.68 -5.15 -18.65
N PRO R 849 -19.55 -4.48 -18.94
CA PRO R 849 -18.48 -4.28 -17.97
C PRO R 849 -19.00 -3.67 -16.67
N SER R 850 -18.45 -4.06 -15.52
CA SER R 850 -19.06 -3.75 -14.23
C SER R 850 -18.06 -3.54 -13.10
N VAL R 851 -18.51 -2.88 -12.04
CA VAL R 851 -17.76 -2.67 -10.78
C VAL R 851 -18.57 -3.19 -9.60
N THR R 852 -17.91 -3.53 -8.50
CA THR R 852 -18.55 -4.05 -7.29
C THR R 852 -18.57 -3.03 -6.16
N GLN R 853 -19.66 -2.99 -5.41
CA GLN R 853 -19.93 -2.06 -4.32
C GLN R 853 -20.24 -2.81 -3.04
N LYS R 854 -19.59 -2.44 -1.95
CA LYS R 854 -19.63 -3.20 -0.70
C LYS R 854 -20.00 -2.30 0.47
N LYS R 855 -20.81 -2.85 1.36
CA LYS R 855 -21.26 -2.20 2.59
C LYS R 855 -21.79 -3.23 3.56
N PHE R 856 -22.18 -2.79 4.74
CA PHE R 856 -22.96 -3.56 5.71
C PHE R 856 -23.99 -2.64 6.36
N LEU R 857 -24.97 -3.22 7.04
CA LEU R 857 -25.86 -2.54 7.98
C LEU R 857 -25.80 -3.25 9.31
N CYS R 858 -25.93 -2.51 10.41
CA CYS R 858 -25.94 -3.10 11.74
C CYS R 858 -26.82 -2.26 12.66
N ASP R 859 -28.11 -2.57 12.70
CA ASP R 859 -29.11 -1.62 13.20
C ASP R 859 -29.10 -1.47 14.72
N ARG R 860 -29.83 -2.27 15.49
CA ARG R 860 -30.10 -1.95 16.91
C ARG R 860 -28.86 -1.94 17.83
N VAL R 861 -27.69 -2.25 17.30
CA VAL R 861 -26.42 -2.33 18.01
C VAL R 861 -25.94 -0.95 18.47
N MET R 862 -24.99 -0.91 19.39
CA MET R 862 -24.05 0.19 19.53
C MET R 862 -22.64 -0.34 19.34
N TRP R 863 -21.79 0.44 18.71
CA TRP R 863 -20.38 0.08 18.68
C TRP R 863 -19.84 0.08 20.10
N ARG R 864 -18.98 -0.88 20.43
CA ARG R 864 -18.30 -0.98 21.74
C ARG R 864 -16.80 -0.99 21.59
N ILE R 865 -16.09 -0.40 22.55
CA ILE R 865 -14.64 -0.51 22.72
C ILE R 865 -14.33 -0.70 24.21
N PRO R 866 -14.13 -1.94 24.69
CA PRO R 866 -13.87 -2.19 26.10
C PRO R 866 -12.55 -1.62 26.60
N PHE R 867 -12.54 -1.01 27.79
CA PHE R 867 -11.32 -0.48 28.39
C PHE R 867 -10.53 -1.57 29.10
N SER R 868 -10.01 -2.52 28.34
CA SER R 868 -9.47 -3.77 28.85
C SER R 868 -8.18 -4.15 28.14
N SER R 869 -7.19 -4.66 28.87
CA SER R 869 -5.84 -4.89 28.34
C SER R 869 -5.80 -5.80 27.10
N ASN R 870 -6.81 -6.64 26.94
CA ASN R 870 -7.26 -7.14 25.66
C ASN R 870 -8.80 -7.07 25.65
N PHE R 871 -9.45 -7.08 24.50
CA PHE R 871 -10.83 -6.63 24.42
C PHE R 871 -11.88 -7.65 24.90
N MET R 872 -11.47 -8.76 25.48
CA MET R 872 -12.36 -9.69 26.15
C MET R 872 -12.97 -9.08 27.41
N SER R 873 -14.16 -9.52 27.77
CA SER R 873 -14.75 -9.21 29.08
C SER R 873 -14.33 -10.29 30.07
N MET R 874 -13.49 -9.94 31.04
CA MET R 874 -13.03 -10.84 32.10
C MET R 874 -13.59 -10.46 33.47
N GLY R 875 -14.36 -9.38 33.56
CA GLY R 875 -14.99 -8.87 34.75
C GLY R 875 -15.63 -7.51 34.44
N ALA R 876 -16.51 -7.03 35.30
CA ALA R 876 -17.11 -5.71 35.13
C ALA R 876 -16.13 -4.60 35.47
N LEU R 877 -15.27 -4.80 36.49
CA LEU R 877 -14.20 -3.87 36.81
C LEU R 877 -12.95 -4.25 36.02
N THR R 878 -12.79 -3.68 34.83
CA THR R 878 -11.76 -4.09 33.87
C THR R 878 -10.35 -3.89 34.43
N ASP R 879 -9.36 -4.59 33.90
CA ASP R 879 -8.03 -4.50 34.47
C ASP R 879 -7.39 -3.13 34.28
N LEU R 880 -7.57 -2.45 33.13
CA LEU R 880 -7.07 -1.10 32.98
C LEU R 880 -7.77 -0.13 33.93
N GLY R 881 -9.06 -0.32 34.18
CA GLY R 881 -9.82 0.42 35.18
C GLY R 881 -9.33 0.22 36.62
N GLN R 882 -8.34 -0.63 36.86
CA GLN R 882 -7.68 -0.79 38.16
C GLN R 882 -6.17 -0.99 38.03
N ASN R 883 -5.54 -0.58 36.92
CA ASN R 883 -4.11 -0.74 36.66
C ASN R 883 -3.45 0.58 36.23
N MET R 884 -3.08 1.35 37.25
CA MET R 884 -2.26 2.57 37.29
C MET R 884 -2.69 3.77 36.43
N LEU R 885 -3.94 3.74 35.97
CA LEU R 885 -4.77 4.92 35.69
C LEU R 885 -5.50 5.34 36.97
N TYR R 886 -5.26 4.67 38.11
CA TYR R 886 -5.79 5.02 39.43
C TYR R 886 -4.99 6.13 40.15
N ALA R 887 -3.68 5.98 40.29
CA ALA R 887 -2.86 6.76 41.21
C ALA R 887 -2.56 8.16 40.67
N ASN R 888 -3.29 9.17 41.19
CA ASN R 888 -3.40 10.56 40.72
C ASN R 888 -3.86 10.60 39.26
N SER R 889 -3.02 10.17 38.34
CA SER R 889 -3.35 9.96 36.92
C SER R 889 -3.87 11.21 36.21
N ALA R 890 -5.14 11.56 36.38
CA ALA R 890 -5.72 12.81 35.90
C ALA R 890 -5.63 13.05 34.38
N HIS R 891 -5.34 12.02 33.59
CA HIS R 891 -5.03 12.12 32.17
C HIS R 891 -6.12 12.81 31.38
N ALA R 892 -5.73 13.68 30.45
CA ALA R 892 -6.64 14.22 29.46
C ALA R 892 -6.94 13.13 28.42
N LEU R 893 -8.12 13.13 27.80
CA LEU R 893 -8.46 12.22 26.70
C LEU R 893 -8.96 13.01 25.51
N ASP R 894 -8.46 12.67 24.33
CA ASP R 894 -8.94 13.19 23.05
C ASP R 894 -9.43 12.03 22.18
N MET R 895 -10.46 12.25 21.39
CA MET R 895 -10.94 11.26 20.41
C MET R 895 -11.36 11.95 19.13
N THR R 896 -11.52 11.18 18.06
CA THR R 896 -11.90 11.73 16.77
C THR R 896 -12.64 10.69 15.98
N PHE R 897 -13.84 11.01 15.55
CA PHE R 897 -14.65 10.10 14.75
C PHE R 897 -14.69 10.60 13.32
N GLU R 898 -14.27 9.77 12.39
CA GLU R 898 -14.48 10.02 10.97
C GLU R 898 -15.77 9.32 10.58
N VAL R 899 -16.70 10.06 10.02
CA VAL R 899 -18.07 9.62 9.81
C VAL R 899 -18.53 10.09 8.46
N ASP R 900 -19.40 9.33 7.82
CA ASP R 900 -19.92 9.67 6.51
C ASP R 900 -20.75 10.95 6.57
N PRO R 901 -20.67 11.81 5.55
CA PRO R 901 -21.44 13.04 5.50
C PRO R 901 -22.93 12.74 5.29
N MET R 902 -23.79 13.50 5.96
CA MET R 902 -25.23 13.44 5.78
C MET R 902 -25.79 14.85 5.66
N ASP R 903 -26.79 15.06 4.82
CA ASP R 903 -27.49 16.34 4.72
C ASP R 903 -28.33 16.68 5.95
N GLU R 904 -28.59 15.73 6.85
CA GLU R 904 -29.17 15.99 8.16
C GLU R 904 -28.12 16.43 9.18
N PRO R 905 -28.38 17.41 10.06
CA PRO R 905 -27.58 17.57 11.25
C PRO R 905 -27.80 16.38 12.19
N THR R 906 -26.72 15.79 12.69
CA THR R 906 -26.76 14.54 13.49
C THR R 906 -25.97 14.72 14.79
N LEU R 907 -26.13 13.78 15.73
CA LEU R 907 -25.42 13.77 17.00
C LEU R 907 -24.56 12.51 17.12
N LEU R 908 -23.29 12.66 17.50
CA LEU R 908 -22.50 11.57 18.04
C LEU R 908 -23.00 11.31 19.45
N TYR R 909 -23.55 10.14 19.70
CA TYR R 909 -23.94 9.68 21.01
C TYR R 909 -22.84 8.83 21.60
N LEU R 910 -22.11 9.36 22.57
CA LEU R 910 -20.96 8.69 23.16
C LEU R 910 -21.20 8.41 24.63
N LEU R 911 -21.24 7.13 24.95
CA LEU R 911 -21.44 6.59 26.27
C LEU R 911 -20.08 6.29 26.84
N PHE R 912 -19.60 7.14 27.74
CA PHE R 912 -18.51 6.73 28.61
C PHE R 912 -19.08 5.72 29.58
N GLU R 913 -18.74 4.46 29.47
CA GLU R 913 -19.25 3.42 30.35
C GLU R 913 -18.58 3.49 31.70
N VAL R 914 -19.37 3.39 32.76
CA VAL R 914 -18.92 3.56 34.15
C VAL R 914 -19.63 2.54 35.04
N PHE R 915 -19.46 2.61 36.35
CA PHE R 915 -20.46 2.07 37.27
C PHE R 915 -21.31 3.22 37.75
N ASP R 916 -22.64 3.07 37.74
CA ASP R 916 -23.61 4.05 38.23
C ASP R 916 -24.45 3.40 39.32
N VAL R 917 -23.95 3.41 40.55
CA VAL R 917 -24.44 2.55 41.64
C VAL R 917 -25.01 3.34 42.81
N VAL R 918 -26.02 2.78 43.49
CA VAL R 918 -26.63 3.31 44.72
C VAL R 918 -26.65 2.26 45.81
N ARG R 919 -26.52 2.68 47.06
CA ARG R 919 -26.77 1.88 48.26
C ARG R 919 -27.88 2.50 49.08
N VAL R 920 -28.88 1.72 49.46
CA VAL R 920 -30.08 2.18 50.16
C VAL R 920 -30.19 1.58 51.54
N HIS R 921 -30.29 2.44 52.54
CA HIS R 921 -30.25 2.17 53.97
C HIS R 921 -31.59 2.57 54.60
N GLN R 922 -32.07 1.81 55.59
CA GLN R 922 -33.42 2.00 56.16
C GLN R 922 -33.43 1.81 57.69
N PRO R 923 -32.76 2.67 58.45
CA PRO R 923 -32.38 2.38 59.84
C PRO R 923 -33.52 2.32 60.86
N HIS R 924 -34.60 3.07 60.66
CA HIS R 924 -35.79 3.10 61.51
C HIS R 924 -37.02 3.23 60.64
N ARG R 925 -38.21 2.88 61.13
CA ARG R 925 -39.42 2.88 60.29
C ARG R 925 -39.70 4.22 59.62
N GLY R 926 -40.01 4.19 58.33
CA GLY R 926 -40.22 5.39 57.53
C GLY R 926 -38.95 6.13 57.08
N VAL R 927 -37.74 5.68 57.41
CA VAL R 927 -36.51 6.38 56.98
C VAL R 927 -35.88 5.68 55.80
N ILE R 928 -35.64 6.38 54.69
CA ILE R 928 -34.78 5.93 53.60
C ILE R 928 -33.60 6.88 53.50
N GLU R 929 -32.40 6.36 53.65
CA GLU R 929 -31.18 7.07 53.27
C GLU R 929 -30.60 6.37 52.05
N ALA R 930 -30.35 7.07 50.96
CA ALA R 930 -29.73 6.52 49.78
C ALA R 930 -28.44 7.25 49.47
N VAL R 931 -27.43 6.54 49.00
CA VAL R 931 -26.11 7.12 48.69
C VAL R 931 -25.68 6.63 47.33
N TYR R 932 -25.24 7.53 46.46
CA TYR R 932 -24.94 7.25 45.07
C TYR R 932 -23.46 7.50 44.77
N LEU R 933 -22.89 6.72 43.87
CA LEU R 933 -21.56 6.99 43.32
C LEU R 933 -21.47 6.49 41.89
N ARG R 934 -21.55 7.39 40.91
CA ARG R 934 -21.05 7.11 39.59
C ARG R 934 -19.52 7.15 39.66
N THR R 935 -18.75 6.21 39.12
CA THR R 935 -17.35 6.06 39.60
C THR R 935 -16.24 6.80 38.84
N PRO R 936 -16.28 7.00 37.52
CA PRO R 936 -15.64 8.16 36.88
C PRO R 936 -16.79 9.06 36.38
N PHE R 937 -16.54 10.35 36.14
CA PHE R 937 -17.59 11.34 35.96
C PHE R 937 -18.50 11.34 37.20
N SER R 938 -17.91 11.58 38.37
CA SER R 938 -18.36 11.05 39.66
C SER R 938 -18.77 12.03 40.76
N ALA R 939 -19.77 12.87 40.64
CA ALA R 939 -20.66 13.11 39.53
C ALA R 939 -21.09 14.58 39.57
N GLY R 940 -21.48 15.15 38.42
CA GLY R 940 -21.46 16.60 38.23
C GLY R 940 -20.03 17.17 38.05
N ASN R 941 -19.03 16.50 38.64
CA ASN R 941 -17.65 16.49 38.14
C ASN R 941 -17.54 15.72 36.82
N MET S 1 -6.53 -54.79 21.64
CA MET S 1 -5.58 -54.92 22.77
C MET S 1 -5.21 -53.55 23.26
N MET S 2 -4.87 -53.36 24.54
CA MET S 2 -4.59 -51.99 24.97
C MET S 2 -3.31 -51.73 25.79
N PRO S 3 -2.17 -51.63 25.08
CA PRO S 3 -1.13 -50.66 25.37
C PRO S 3 -1.33 -49.49 24.39
N GLN S 4 -1.66 -49.77 23.11
CA GLN S 4 -1.88 -48.76 22.07
C GLN S 4 -3.19 -48.00 22.25
N TRP S 5 -4.26 -48.60 22.77
CA TRP S 5 -5.49 -47.85 23.04
C TRP S 5 -5.26 -46.88 24.19
N ALA S 6 -4.39 -47.20 25.15
CA ALA S 6 -4.06 -46.26 26.22
C ALA S 6 -3.15 -45.16 25.66
N TYR S 7 -2.13 -45.51 24.87
CA TYR S 7 -1.19 -44.57 24.29
C TYR S 7 -1.89 -43.59 23.34
N MET S 8 -2.93 -44.01 22.61
CA MET S 8 -3.68 -43.17 21.70
C MET S 8 -4.95 -42.56 22.28
N HIS S 9 -5.25 -42.77 23.56
CA HIS S 9 -6.46 -42.29 24.23
C HIS S 9 -7.76 -42.75 23.58
N ILE S 10 -7.85 -44.05 23.36
CA ILE S 10 -9.03 -44.75 22.87
C ILE S 10 -9.75 -45.32 24.11
N ALA S 11 -9.01 -45.70 25.14
CA ALA S 11 -9.46 -46.17 26.45
C ALA S 11 -8.49 -45.67 27.53
N GLY S 12 -8.84 -45.82 28.79
CA GLY S 12 -7.96 -45.47 29.90
C GLY S 12 -8.38 -44.17 30.57
N GLN S 13 -7.40 -43.42 31.05
CA GLN S 13 -7.57 -42.15 31.75
C GLN S 13 -8.09 -40.95 30.93
N ASP S 14 -8.77 -40.03 31.60
CA ASP S 14 -9.18 -38.74 31.02
C ASP S 14 -7.99 -37.81 31.00
N ALA S 15 -8.07 -36.72 30.26
CA ALA S 15 -7.01 -35.72 30.25
C ALA S 15 -6.76 -35.21 31.67
N SER S 16 -7.80 -34.99 32.47
CA SER S 16 -7.62 -34.53 33.84
C SER S 16 -6.97 -35.56 34.76
N GLU S 17 -6.76 -36.78 34.29
CA GLU S 17 -6.09 -37.86 35.01
C GLU S 17 -4.71 -38.15 34.43
N TYR S 18 -4.53 -38.09 33.10
CA TYR S 18 -3.23 -38.40 32.49
C TYR S 18 -2.32 -37.20 32.28
N LEU S 19 -2.84 -35.97 32.19
CA LEU S 19 -1.97 -34.82 32.02
C LEU S 19 -1.21 -34.55 33.32
N SER S 20 -0.08 -33.86 33.26
CA SER S 20 0.63 -33.53 34.49
C SER S 20 -0.26 -32.59 35.30
N PRO S 21 -0.34 -32.72 36.63
CA PRO S 21 -1.29 -31.97 37.45
C PRO S 21 -1.10 -30.46 37.37
N GLY S 22 0.09 -29.99 37.04
CA GLY S 22 0.35 -28.55 36.86
C GLY S 22 -0.49 -28.00 35.71
N LEU S 23 -0.58 -28.71 34.60
CA LEU S 23 -1.35 -28.29 33.44
C LEU S 23 -2.85 -28.33 33.73
N VAL S 24 -3.32 -29.30 34.53
CA VAL S 24 -4.74 -29.35 34.90
C VAL S 24 -5.11 -28.14 35.73
N GLN S 25 -4.34 -27.79 36.76
CA GLN S 25 -4.69 -26.62 37.57
C GLN S 25 -4.56 -25.34 36.74
N PHE S 26 -3.62 -25.26 35.79
CA PHE S 26 -3.50 -24.13 34.90
C PHE S 26 -4.75 -24.00 34.04
N ALA S 27 -5.16 -25.10 33.41
CA ALA S 27 -6.33 -25.14 32.57
C ALA S 27 -7.59 -24.72 33.34
N ARG S 28 -7.79 -25.23 34.56
CA ARG S 28 -8.93 -24.82 35.40
C ARG S 28 -8.93 -23.32 35.64
N ALA S 29 -7.77 -22.78 36.01
CA ALA S 29 -7.58 -21.36 36.27
C ALA S 29 -7.72 -20.46 35.03
N THR S 30 -7.83 -21.02 33.83
CA THR S 30 -7.93 -20.25 32.57
C THR S 30 -8.99 -20.78 31.61
N ASP S 31 -9.94 -21.65 31.98
CA ASP S 31 -10.98 -22.11 31.04
C ASP S 31 -11.83 -20.92 30.61
N THR S 32 -12.12 -20.06 31.58
CA THR S 32 -12.35 -18.65 31.31
C THR S 32 -10.94 -18.14 31.59
N TYR S 33 -10.19 -17.63 30.65
CA TYR S 33 -10.54 -16.93 29.42
C TYR S 33 -9.84 -17.48 28.18
N PHE S 34 -9.15 -18.61 28.29
CA PHE S 34 -8.36 -19.18 27.20
C PHE S 34 -8.37 -20.70 27.31
N SER S 35 -9.41 -21.32 26.77
CA SER S 35 -9.68 -22.72 27.05
C SER S 35 -8.68 -23.62 26.34
N LEU S 36 -8.01 -24.48 27.10
CA LEU S 36 -7.27 -25.61 26.57
C LEU S 36 -8.18 -26.82 26.36
N GLY S 37 -9.43 -26.77 26.83
CA GLY S 37 -10.25 -27.96 27.04
C GLY S 37 -10.90 -28.54 25.77
N ASN S 38 -10.20 -28.56 24.66
CA ASN S 38 -10.62 -29.23 23.43
C ASN S 38 -9.43 -29.77 22.62
N LYS S 39 -8.27 -29.86 23.26
CA LYS S 39 -6.97 -30.18 22.66
C LYS S 39 -6.38 -31.48 23.18
N PHE S 40 -7.12 -32.17 24.03
CA PHE S 40 -6.78 -33.43 24.67
C PHE S 40 -7.96 -34.39 24.58
N ARG S 41 -7.70 -35.63 24.21
CA ARG S 41 -8.70 -36.66 24.10
C ARG S 41 -9.10 -37.16 25.47
N ASN S 42 -10.38 -37.40 25.71
CA ASN S 42 -10.86 -38.18 26.85
C ASN S 42 -11.56 -39.40 26.26
N PRO S 43 -11.18 -40.62 26.61
CA PRO S 43 -11.86 -41.80 26.13
C PRO S 43 -13.21 -41.99 26.80
N THR S 44 -14.11 -42.72 26.14
CA THR S 44 -15.39 -43.15 26.70
C THR S 44 -15.49 -44.60 26.28
N VAL S 45 -15.98 -45.48 27.14
CA VAL S 45 -15.95 -46.92 26.89
C VAL S 45 -17.22 -47.61 27.36
N ALA S 46 -17.82 -48.47 26.56
CA ALA S 46 -19.03 -49.15 27.00
C ALA S 46 -18.73 -50.19 28.09
N PRO S 47 -19.69 -50.56 28.94
CA PRO S 47 -19.53 -51.64 29.88
C PRO S 47 -19.64 -53.00 29.16
N THR S 48 -18.65 -53.87 29.32
CA THR S 48 -18.62 -55.18 28.64
C THR S 48 -19.40 -56.29 29.32
N HIS S 49 -19.54 -56.27 30.64
CA HIS S 49 -20.13 -57.35 31.43
C HIS S 49 -21.45 -56.95 32.09
N ASP S 50 -22.32 -57.92 32.32
CA ASP S 50 -23.61 -57.74 33.03
C ASP S 50 -24.66 -56.84 32.38
N VAL S 51 -24.45 -56.35 31.15
CA VAL S 51 -25.44 -55.49 30.48
C VAL S 51 -26.31 -56.25 29.49
N THR S 52 -25.73 -56.83 28.44
CA THR S 52 -26.49 -57.52 27.40
C THR S 52 -26.33 -59.02 27.44
N THR S 53 -27.42 -59.75 27.33
CA THR S 53 -27.37 -61.21 27.31
C THR S 53 -26.80 -61.72 26.01
N ASP S 54 -26.18 -62.90 26.01
CA ASP S 54 -25.64 -63.52 24.80
C ASP S 54 -26.34 -64.84 24.49
N ARG S 55 -27.45 -65.12 25.18
CA ARG S 55 -28.36 -66.23 24.85
C ARG S 55 -29.16 -65.74 23.64
N SER S 56 -29.61 -66.63 22.77
CA SER S 56 -30.47 -66.24 21.65
C SER S 56 -31.78 -65.68 22.21
N GLN S 57 -32.17 -64.43 21.90
CA GLN S 57 -33.37 -63.76 22.43
C GLN S 57 -33.83 -62.54 21.62
N ARG S 58 -35.13 -62.46 21.31
CA ARG S 58 -35.80 -61.35 20.61
C ARG S 58 -35.81 -60.01 21.31
N LEU S 59 -35.77 -58.96 20.50
CA LEU S 59 -35.96 -57.59 20.95
C LEU S 59 -37.46 -57.26 20.99
N THR S 60 -38.22 -57.61 19.94
CA THR S 60 -39.65 -57.33 19.84
C THR S 60 -40.52 -58.57 19.74
N LEU S 61 -41.53 -58.73 20.58
CA LEU S 61 -42.48 -59.82 20.48
C LEU S 61 -43.82 -59.30 19.94
N ARG S 62 -44.61 -60.17 19.31
CA ARG S 62 -45.92 -59.86 18.73
C ARG S 62 -46.92 -60.91 19.20
N PHE S 63 -48.02 -60.49 19.78
CA PHE S 63 -49.07 -61.38 20.27
C PHE S 63 -50.35 -61.19 19.49
N VAL S 64 -51.14 -62.24 19.40
CA VAL S 64 -52.41 -62.28 18.67
C VAL S 64 -53.56 -62.53 19.65
N PRO S 65 -54.78 -62.06 19.36
CA PRO S 65 -55.88 -62.23 20.27
C PRO S 65 -56.19 -63.70 20.53
N VAL S 66 -56.09 -64.11 21.79
CA VAL S 66 -56.42 -65.45 22.25
C VAL S 66 -57.92 -65.64 22.07
N ASP S 67 -58.66 -64.53 22.15
CA ASP S 67 -60.09 -64.39 21.98
C ASP S 67 -60.41 -62.97 21.48
N ARG S 68 -61.52 -62.79 20.77
CA ARG S 68 -61.94 -61.48 20.26
C ARG S 68 -63.46 -61.41 20.19
N GLU S 69 -64.01 -60.21 20.23
CA GLU S 69 -65.44 -59.96 20.14
C GLU S 69 -65.62 -58.78 19.20
N ASP S 70 -66.63 -58.82 18.36
CA ASP S 70 -66.80 -57.87 17.27
C ASP S 70 -68.22 -57.31 17.18
N THR S 71 -68.72 -56.73 18.27
CA THR S 71 -70.08 -56.16 18.33
C THR S 71 -70.28 -54.95 17.39
N THR S 72 -71.50 -54.43 17.31
CA THR S 72 -71.86 -53.28 16.47
C THR S 72 -71.09 -52.01 16.80
N TYR S 73 -70.80 -51.76 18.08
CA TYR S 73 -70.19 -50.52 18.53
C TYR S 73 -68.79 -50.63 19.10
N SER S 74 -68.33 -51.81 19.47
CA SER S 74 -67.00 -51.99 20.05
C SER S 74 -66.41 -53.34 19.70
N TYR S 75 -65.10 -53.43 19.79
CA TYR S 75 -64.31 -54.61 19.51
C TYR S 75 -63.42 -54.95 20.69
N LYS S 76 -63.35 -56.22 21.12
CA LYS S 76 -62.49 -56.69 22.23
C LYS S 76 -61.43 -57.61 21.70
N ALA S 77 -60.28 -57.61 22.36
CA ALA S 77 -59.21 -58.53 22.09
C ALA S 77 -58.60 -58.93 23.43
N ARG S 78 -58.23 -60.18 23.61
CA ARG S 78 -57.57 -60.67 24.82
C ARG S 78 -56.23 -61.24 24.45
N PHE S 79 -55.16 -60.85 25.11
CA PHE S 79 -53.83 -61.35 24.86
C PHE S 79 -53.22 -61.96 26.10
N THR S 80 -52.46 -63.05 25.98
CA THR S 80 -51.69 -63.58 27.11
C THR S 80 -50.29 -63.00 26.96
N LEU S 81 -50.05 -61.83 27.54
CA LEU S 81 -48.77 -61.14 27.52
C LEU S 81 -47.80 -61.94 28.39
N ALA S 82 -46.89 -62.70 27.77
CA ALA S 82 -45.99 -63.58 28.49
C ALA S 82 -44.57 -63.05 28.60
N VAL S 83 -44.24 -62.46 29.74
CA VAL S 83 -42.88 -61.98 30.03
C VAL S 83 -42.09 -63.16 30.56
N GLY S 84 -41.20 -63.74 29.77
CA GLY S 84 -40.43 -64.90 30.19
C GLY S 84 -39.43 -64.60 31.30
N ASP S 85 -38.83 -65.64 31.88
CA ASP S 85 -37.85 -65.47 32.95
C ASP S 85 -36.66 -64.63 32.48
N ASN S 86 -36.01 -63.94 33.41
CA ASN S 86 -34.84 -63.14 33.10
C ASN S 86 -35.05 -62.01 32.08
N ARG S 87 -36.26 -61.44 32.04
CA ARG S 87 -36.68 -60.30 31.20
C ARG S 87 -37.49 -59.38 32.09
N VAL S 88 -37.65 -58.13 31.68
CA VAL S 88 -38.61 -57.22 32.29
C VAL S 88 -39.22 -56.37 31.18
N LEU S 89 -40.49 -56.01 31.29
CA LEU S 89 -41.17 -55.20 30.28
C LEU S 89 -41.48 -53.84 30.86
N ASP S 90 -40.89 -52.79 30.32
CA ASP S 90 -41.44 -51.48 30.54
C ASP S 90 -42.67 -51.31 29.65
N MET S 91 -43.85 -51.31 30.26
CA MET S 91 -45.14 -51.24 29.59
C MET S 91 -45.27 -50.05 28.64
N ALA S 92 -44.46 -49.01 28.79
CA ALA S 92 -44.38 -47.89 27.86
C ALA S 92 -43.99 -48.33 26.45
N SER S 93 -43.35 -49.48 26.31
CA SER S 93 -42.93 -50.03 25.04
C SER S 93 -44.01 -50.82 24.32
N THR S 94 -45.14 -51.10 24.98
CA THR S 94 -46.24 -51.84 24.35
C THR S 94 -47.19 -50.95 23.58
N TYR S 95 -47.84 -51.49 22.56
CA TYR S 95 -48.87 -50.79 21.81
C TYR S 95 -49.75 -51.80 21.10
N PHE S 96 -50.99 -51.43 20.77
CA PHE S 96 -51.88 -52.30 20.02
C PHE S 96 -51.83 -51.86 18.58
N ASP S 97 -51.40 -52.72 17.69
CA ASP S 97 -51.26 -52.46 16.28
C ASP S 97 -52.53 -52.93 15.59
N ILE S 98 -53.32 -51.97 15.11
CA ILE S 98 -54.63 -52.19 14.52
C ILE S 98 -54.56 -52.04 13.02
N ARG S 99 -55.13 -52.98 12.29
CA ARG S 99 -55.24 -52.96 10.83
C ARG S 99 -56.71 -53.06 10.48
N GLY S 100 -57.13 -52.44 9.39
CA GLY S 100 -58.52 -52.48 8.99
C GLY S 100 -58.77 -51.64 7.75
N VAL S 101 -60.03 -51.34 7.49
CA VAL S 101 -60.47 -50.49 6.39
C VAL S 101 -61.41 -49.44 6.92
N LEU S 102 -61.15 -48.22 6.50
CA LEU S 102 -61.87 -47.02 6.83
C LEU S 102 -62.58 -46.48 5.61
N ASP S 103 -63.85 -46.11 5.72
CA ASP S 103 -64.55 -45.38 4.68
C ASP S 103 -64.89 -44.04 5.31
N ARG S 104 -64.41 -42.95 4.74
CA ARG S 104 -64.67 -41.59 5.20
C ARG S 104 -66.03 -41.08 4.75
N GLY S 105 -66.72 -41.78 3.86
CA GLY S 105 -68.04 -41.39 3.36
C GLY S 105 -68.01 -40.26 2.34
N PRO S 106 -69.17 -39.90 1.77
CA PRO S 106 -69.28 -38.85 0.77
C PRO S 106 -69.12 -37.42 1.29
N SER S 107 -69.06 -37.19 2.61
CA SER S 107 -68.90 -35.82 3.11
C SER S 107 -67.45 -35.37 3.18
N PHE S 108 -66.50 -36.25 2.91
CA PHE S 108 -65.08 -35.96 2.92
C PHE S 108 -64.64 -35.17 1.69
N LYS S 109 -63.69 -34.25 1.84
CA LYS S 109 -63.11 -33.43 0.77
C LYS S 109 -61.84 -32.75 1.29
N PRO S 110 -60.65 -33.34 1.11
CA PRO S 110 -59.39 -32.78 1.59
C PRO S 110 -58.84 -31.56 0.88
N TYR S 111 -59.65 -30.80 0.16
CA TYR S 111 -59.12 -29.67 -0.54
C TYR S 111 -60.14 -28.59 -0.75
N SER S 112 -59.68 -27.35 -0.74
CA SER S 112 -60.49 -26.17 -1.01
C SER S 112 -60.58 -26.04 -2.52
N GLY S 113 -61.62 -25.42 -3.05
CA GLY S 113 -61.75 -25.29 -4.50
C GLY S 113 -62.18 -26.59 -5.19
N THR S 114 -61.83 -26.78 -6.45
CA THR S 114 -62.22 -27.95 -7.26
C THR S 114 -61.09 -28.51 -8.11
N ALA S 115 -61.13 -29.81 -8.37
CA ALA S 115 -60.17 -30.47 -9.23
C ALA S 115 -60.46 -30.25 -10.72
N TYR S 116 -61.71 -29.96 -11.09
CA TYR S 116 -62.14 -29.86 -12.49
C TYR S 116 -62.49 -28.47 -12.98
N ASN S 117 -61.90 -28.07 -14.10
CA ASN S 117 -62.08 -26.80 -14.77
C ASN S 117 -62.00 -25.59 -13.84
N SER S 118 -61.06 -25.60 -12.89
CA SER S 118 -60.88 -24.54 -11.90
C SER S 118 -60.64 -23.16 -12.48
N LEU S 119 -59.98 -23.03 -13.63
CA LEU S 119 -59.78 -21.74 -14.30
C LEU S 119 -61.04 -21.24 -14.99
N ALA S 120 -62.04 -22.07 -15.27
CA ALA S 120 -63.24 -21.62 -15.95
C ALA S 120 -63.98 -20.56 -15.14
N PRO S 121 -64.56 -19.53 -15.77
CA PRO S 121 -65.48 -18.65 -15.10
C PRO S 121 -66.62 -19.45 -14.46
N LYS S 122 -67.02 -19.13 -13.24
CA LYS S 122 -68.02 -19.89 -12.50
C LYS S 122 -69.43 -19.89 -13.08
N SER S 123 -69.76 -18.95 -13.94
CA SER S 123 -71.05 -18.81 -14.64
C SER S 123 -70.99 -19.26 -16.11
N ALA S 124 -69.89 -19.87 -16.57
CA ALA S 124 -69.76 -20.29 -17.96
C ALA S 124 -70.33 -21.69 -18.22
N PRO S 125 -71.24 -21.88 -19.18
CA PRO S 125 -71.82 -23.18 -19.51
C PRO S 125 -70.92 -24.02 -20.42
N ASN S 126 -71.03 -25.35 -20.34
CA ASN S 126 -70.35 -26.21 -21.30
C ASN S 126 -71.02 -26.04 -22.67
N PRO S 127 -70.27 -26.02 -23.78
CA PRO S 127 -70.85 -25.98 -25.11
C PRO S 127 -71.91 -27.06 -25.20
N SER S 128 -73.14 -26.68 -25.50
CA SER S 128 -74.27 -27.59 -25.39
C SER S 128 -75.47 -27.15 -26.17
N GLN S 129 -76.39 -28.09 -26.30
CA GLN S 129 -77.60 -27.99 -27.07
C GLN S 129 -78.81 -28.16 -26.18
N TRP S 130 -79.90 -27.55 -26.60
CA TRP S 130 -81.20 -27.74 -26.00
C TRP S 130 -82.26 -27.66 -27.08
N THR S 131 -83.51 -27.61 -26.66
CA THR S 131 -84.66 -27.59 -27.54
C THR S 131 -85.53 -26.41 -27.15
N ALA S 132 -86.05 -25.66 -28.11
CA ALA S 132 -86.78 -24.43 -27.83
C ALA S 132 -87.76 -24.05 -28.93
N ASN S 133 -88.59 -23.04 -28.66
CA ASN S 133 -89.63 -22.57 -29.56
C ASN S 133 -89.27 -21.24 -30.20
N GLU S 134 -89.23 -21.19 -31.53
CA GLU S 134 -89.13 -19.94 -32.30
C GLU S 134 -90.53 -19.43 -32.69
N LYS S 135 -91.42 -19.18 -31.72
CA LYS S 135 -92.77 -18.69 -32.01
C LYS S 135 -92.74 -17.28 -32.60
N GLN S 136 -93.15 -17.13 -33.86
CA GLN S 136 -92.94 -15.89 -34.63
C GLN S 136 -94.18 -15.40 -35.40
N THR S 137 -94.76 -16.23 -36.26
CA THR S 137 -95.92 -15.84 -37.10
C THR S 137 -96.78 -17.04 -37.47
N GLY S 138 -98.08 -16.81 -37.67
CA GLY S 138 -99.06 -17.84 -38.02
C GLY S 138 -99.21 -18.96 -37.00
N GLY S 139 -98.49 -18.90 -35.87
CA GLY S 139 -98.43 -19.98 -34.89
C GLY S 139 -97.63 -21.17 -35.46
N GLN S 140 -97.02 -20.99 -36.64
CA GLN S 140 -96.34 -22.01 -37.45
C GLN S 140 -95.00 -22.56 -36.92
N PRO S 141 -93.90 -21.80 -36.76
CA PRO S 141 -92.65 -22.38 -36.26
C PRO S 141 -92.71 -22.77 -34.78
N LYS S 142 -92.05 -23.88 -34.43
CA LYS S 142 -91.96 -24.47 -33.09
C LYS S 142 -90.88 -25.55 -32.99
N SER S 143 -90.53 -25.91 -31.76
CA SER S 143 -89.64 -27.03 -31.39
C SER S 143 -88.38 -27.24 -32.25
N VAL S 144 -87.50 -26.24 -32.32
CA VAL S 144 -86.17 -26.41 -32.93
C VAL S 144 -85.12 -26.84 -31.89
N THR S 145 -84.03 -27.46 -32.31
CA THR S 145 -82.78 -27.53 -31.54
C THR S 145 -82.04 -26.19 -31.59
N GLN S 146 -81.33 -25.85 -30.53
CA GLN S 146 -80.63 -24.57 -30.36
C GLN S 146 -79.29 -24.84 -29.66
N THR S 147 -78.25 -24.06 -29.97
CA THR S 147 -76.87 -24.34 -29.56
C THR S 147 -76.17 -23.10 -29.00
N PHE S 148 -75.34 -23.29 -27.98
CA PHE S 148 -74.36 -22.32 -27.50
C PHE S 148 -73.02 -23.04 -27.43
N GLY S 149 -71.91 -22.42 -27.83
CA GLY S 149 -70.63 -23.14 -27.79
C GLY S 149 -69.46 -22.39 -28.41
N SER S 150 -68.38 -23.11 -28.67
CA SER S 150 -67.28 -22.63 -29.50
C SER S 150 -66.62 -23.74 -30.29
N ALA S 151 -66.02 -23.38 -31.41
CA ALA S 151 -65.41 -24.24 -32.38
C ALA S 151 -63.93 -23.82 -32.56
N PRO S 152 -63.00 -24.34 -31.76
CA PRO S 152 -61.61 -23.91 -31.75
C PRO S 152 -60.73 -24.58 -32.80
N MET S 153 -61.07 -25.81 -33.21
CA MET S 153 -60.25 -26.61 -34.12
C MET S 153 -60.39 -26.12 -35.55
N GLY S 154 -59.32 -25.59 -36.12
CA GLY S 154 -59.31 -25.14 -37.51
C GLY S 154 -59.22 -26.32 -38.48
N GLY S 155 -59.76 -26.20 -39.69
CA GLY S 155 -59.69 -27.24 -40.71
C GLY S 155 -59.77 -26.71 -42.13
N SER S 156 -59.50 -27.57 -43.09
CA SER S 156 -59.45 -27.24 -44.51
C SER S 156 -60.79 -27.16 -45.22
N ASN S 157 -61.75 -27.98 -44.81
CA ASN S 157 -63.04 -28.14 -45.47
C ASN S 157 -64.04 -28.82 -44.55
N ILE S 158 -65.35 -28.76 -44.84
CA ILE S 158 -66.40 -29.45 -44.08
C ILE S 158 -67.30 -30.19 -45.05
N THR S 159 -67.57 -31.47 -44.79
CA THR S 159 -68.43 -32.32 -45.60
C THR S 159 -69.35 -33.17 -44.72
N ILE S 160 -70.13 -34.08 -45.29
CA ILE S 160 -70.98 -34.96 -44.50
C ILE S 160 -70.16 -35.85 -43.54
N GLU S 161 -68.88 -36.08 -43.85
CA GLU S 161 -67.98 -36.89 -43.05
C GLU S 161 -67.47 -36.15 -41.80
N GLY S 162 -67.33 -34.83 -41.87
CA GLY S 162 -66.82 -33.99 -40.78
C GLY S 162 -65.86 -32.92 -41.29
N LEU S 163 -65.08 -32.36 -40.36
CA LEU S 163 -64.05 -31.36 -40.61
C LEU S 163 -62.77 -31.99 -41.17
N VAL S 164 -62.28 -31.55 -42.32
CA VAL S 164 -61.00 -32.04 -42.87
C VAL S 164 -59.88 -31.38 -42.07
N ILE S 165 -58.96 -32.14 -41.50
CA ILE S 165 -57.87 -31.61 -40.66
C ILE S 165 -56.48 -31.91 -41.20
N GLY S 166 -56.37 -32.64 -42.30
CA GLY S 166 -55.10 -32.97 -42.93
C GLY S 166 -55.34 -33.53 -44.32
N THR S 167 -54.26 -33.78 -45.05
CA THR S 167 -54.34 -34.27 -46.42
C THR S 167 -53.15 -35.21 -46.75
N LYS S 168 -53.38 -36.36 -47.39
CA LYS S 168 -52.35 -37.35 -47.77
C LYS S 168 -52.20 -37.50 -49.29
N GLU S 169 -51.00 -37.40 -49.83
CA GLU S 169 -50.75 -37.64 -51.25
C GLU S 169 -50.79 -39.12 -51.59
N GLU S 170 -51.24 -39.39 -52.81
CA GLU S 170 -51.21 -40.74 -53.35
C GLU S 170 -50.52 -40.52 -54.71
N GLU S 171 -51.25 -40.35 -55.82
CA GLU S 171 -50.68 -39.98 -57.12
C GLU S 171 -50.75 -38.47 -57.44
N GLY S 172 -50.75 -37.57 -56.46
CA GLY S 172 -50.88 -36.12 -56.70
C GLY S 172 -52.34 -35.67 -57.00
N ASN S 173 -52.96 -36.18 -58.09
CA ASN S 173 -54.36 -35.88 -58.51
C ASN S 173 -55.42 -36.75 -57.80
N ALA S 174 -55.01 -37.90 -57.28
CA ALA S 174 -55.84 -38.84 -56.51
C ALA S 174 -56.24 -38.09 -55.22
N THR S 175 -57.23 -38.53 -54.41
CA THR S 175 -57.75 -37.51 -53.46
C THR S 175 -57.24 -37.55 -52.03
N GLU S 176 -56.80 -36.34 -51.65
CA GLU S 176 -56.04 -36.06 -50.43
C GLU S 176 -56.95 -35.51 -49.29
N GLU S 177 -58.12 -35.99 -48.83
CA GLU S 177 -58.80 -35.36 -47.65
C GLU S 177 -58.90 -36.27 -46.43
N ILE S 178 -58.36 -35.93 -45.25
CA ILE S 178 -58.58 -36.74 -44.04
C ILE S 178 -59.36 -35.96 -42.97
N PHE S 179 -60.47 -36.52 -42.52
CA PHE S 179 -61.40 -35.93 -41.56
C PHE S 179 -61.06 -36.24 -40.10
N ALA S 180 -61.41 -35.34 -39.21
CA ALA S 180 -61.23 -35.56 -37.78
C ALA S 180 -62.04 -36.79 -37.35
N ASP S 181 -61.46 -37.70 -36.59
CA ASP S 181 -62.11 -38.92 -36.11
C ASP S 181 -63.13 -38.57 -35.03
N LYS S 182 -64.45 -38.82 -35.21
CA LYS S 182 -65.49 -38.36 -34.26
C LYS S 182 -65.25 -38.77 -32.82
N THR S 183 -64.67 -39.94 -32.62
CA THR S 183 -64.05 -40.29 -31.35
C THR S 183 -62.60 -40.26 -31.73
N PHE S 184 -61.73 -39.46 -31.15
CA PHE S 184 -61.79 -38.54 -30.04
C PHE S 184 -61.69 -37.07 -30.48
N GLN S 185 -61.51 -36.81 -31.76
CA GLN S 185 -61.31 -35.47 -32.33
C GLN S 185 -62.65 -34.81 -32.70
N PRO S 186 -62.75 -33.48 -32.75
CA PRO S 186 -61.71 -32.49 -32.47
C PRO S 186 -61.45 -32.47 -30.98
N GLU S 187 -60.18 -32.51 -30.57
CA GLU S 187 -59.79 -32.54 -29.17
C GLU S 187 -60.18 -31.22 -28.51
N PRO S 188 -60.92 -31.20 -27.38
CA PRO S 188 -61.36 -29.94 -26.80
C PRO S 188 -60.22 -29.08 -26.29
N GLN S 189 -59.08 -29.67 -25.93
CA GLN S 189 -57.87 -28.98 -25.47
C GLN S 189 -57.00 -28.41 -26.59
N VAL S 190 -57.31 -28.67 -27.86
CA VAL S 190 -56.53 -28.18 -29.01
C VAL S 190 -57.27 -27.10 -29.76
N GLY S 191 -56.57 -26.03 -30.13
CA GLY S 191 -57.09 -24.89 -30.90
C GLY S 191 -55.99 -24.26 -31.74
N GLU S 192 -56.26 -23.12 -32.35
CA GLU S 192 -55.27 -22.42 -33.20
C GLU S 192 -54.11 -21.96 -32.31
N GLU S 193 -52.89 -22.08 -32.81
CA GLU S 193 -51.66 -21.84 -32.05
C GLU S 193 -51.39 -20.43 -31.55
N ASN S 194 -51.95 -19.40 -32.19
CA ASN S 194 -51.69 -18.01 -31.83
C ASN S 194 -52.90 -17.07 -32.03
N TRP S 195 -52.74 -15.79 -31.68
CA TRP S 195 -53.81 -14.79 -31.74
C TRP S 195 -54.10 -14.21 -33.12
N GLN S 196 -53.13 -14.21 -34.04
CA GLN S 196 -53.30 -13.64 -35.37
C GLN S 196 -53.98 -14.57 -36.36
N GLU S 197 -53.82 -15.88 -36.21
CA GLU S 197 -54.33 -16.83 -37.18
C GLU S 197 -55.84 -16.97 -37.29
N THR S 198 -56.28 -17.41 -38.47
CA THR S 198 -57.67 -17.59 -38.85
C THR S 198 -57.80 -18.66 -39.94
N GLU S 199 -58.99 -19.23 -40.13
CA GLU S 199 -59.24 -20.38 -41.00
C GLU S 199 -60.53 -20.24 -41.80
N ALA S 200 -60.61 -20.98 -42.89
CA ALA S 200 -61.84 -21.08 -43.66
C ALA S 200 -62.94 -21.81 -42.89
N PHE S 201 -62.62 -22.79 -42.04
CA PHE S 201 -63.58 -23.67 -41.38
C PHE S 201 -63.15 -24.04 -39.97
N TYR S 202 -64.12 -24.31 -39.09
CA TYR S 202 -63.85 -24.61 -37.69
C TYR S 202 -64.79 -25.68 -37.15
N GLY S 203 -64.36 -26.42 -36.13
CA GLY S 203 -65.20 -27.42 -35.48
C GLY S 203 -64.96 -27.46 -33.98
N GLY S 204 -65.85 -28.13 -33.26
CA GLY S 204 -65.76 -28.32 -31.82
C GLY S 204 -66.70 -29.40 -31.31
N ARG S 205 -66.88 -29.52 -30.01
CA ARG S 205 -67.74 -30.53 -29.39
C ARG S 205 -68.80 -29.86 -28.54
N ALA S 206 -69.96 -30.47 -28.39
CA ALA S 206 -71.02 -29.92 -27.56
C ALA S 206 -71.90 -31.02 -26.96
N LEU S 207 -72.41 -30.81 -25.75
CA LEU S 207 -73.30 -31.76 -25.08
C LEU S 207 -74.69 -31.74 -25.72
N LYS S 208 -75.29 -32.91 -25.97
CA LYS S 208 -76.65 -33.01 -26.53
C LYS S 208 -77.69 -32.55 -25.51
N LYS S 209 -78.95 -32.41 -25.95
CA LYS S 209 -80.07 -32.00 -25.11
C LYS S 209 -80.29 -32.92 -23.90
N ASP S 210 -79.91 -34.19 -23.97
CA ASP S 210 -80.14 -35.15 -22.89
C ASP S 210 -79.13 -35.05 -21.74
N THR S 211 -77.90 -34.61 -21.99
CA THR S 211 -76.90 -34.44 -20.94
C THR S 211 -77.20 -33.11 -20.27
N LYS S 212 -78.02 -33.11 -19.21
CA LYS S 212 -78.50 -31.89 -18.56
C LYS S 212 -77.39 -30.91 -18.18
N MET S 213 -77.57 -29.64 -18.50
CA MET S 213 -76.62 -28.56 -18.25
C MET S 213 -76.17 -28.40 -16.81
N LYS S 214 -74.84 -28.21 -16.66
CA LYS S 214 -74.11 -27.87 -15.45
C LYS S 214 -73.05 -26.83 -15.84
N PRO S 215 -72.60 -25.95 -14.95
CA PRO S 215 -71.56 -24.99 -15.26
C PRO S 215 -70.25 -25.71 -15.59
N CYS S 216 -69.38 -25.07 -16.36
CA CYS S 216 -68.11 -25.68 -16.75
C CYS S 216 -67.19 -25.96 -15.55
N TYR S 217 -67.13 -25.00 -14.62
CA TYR S 217 -66.39 -25.11 -13.38
C TYR S 217 -66.90 -26.31 -12.60
N GLY S 218 -66.07 -27.31 -12.35
CA GLY S 218 -66.42 -28.50 -11.61
C GLY S 218 -66.94 -29.66 -12.46
N SER S 219 -67.26 -29.45 -13.72
CA SER S 219 -67.78 -30.50 -14.60
C SER S 219 -66.75 -31.52 -15.02
N PHE S 220 -67.04 -32.78 -14.73
CA PHE S 220 -66.23 -33.94 -15.05
C PHE S 220 -67.03 -35.00 -15.78
N ALA S 221 -66.38 -35.78 -16.64
CA ALA S 221 -67.00 -36.95 -17.24
C ALA S 221 -65.92 -37.98 -17.57
N ARG S 222 -66.12 -39.23 -17.17
CA ARG S 222 -65.13 -40.28 -17.38
C ARG S 222 -64.88 -40.55 -18.86
N PRO S 223 -63.63 -40.76 -19.30
CA PRO S 223 -63.32 -41.11 -20.67
C PRO S 223 -63.84 -42.52 -20.94
N THR S 224 -64.47 -42.75 -22.09
CA THR S 224 -65.00 -44.05 -22.48
C THR S 224 -64.06 -44.82 -23.42
N ASN S 225 -62.94 -44.22 -23.84
CA ASN S 225 -61.92 -44.86 -24.67
C ASN S 225 -60.52 -44.40 -24.27
N GLU S 226 -59.47 -45.10 -24.69
CA GLU S 226 -58.10 -44.74 -24.31
C GLU S 226 -57.59 -43.44 -24.92
N LYS S 227 -58.29 -42.87 -25.90
CA LYS S 227 -57.95 -41.59 -26.52
C LYS S 227 -58.62 -40.39 -25.83
N GLY S 228 -59.18 -40.59 -24.65
CA GLY S 228 -59.81 -39.53 -23.86
C GLY S 228 -61.21 -39.10 -24.30
N GLY S 229 -61.85 -39.78 -25.26
CA GLY S 229 -63.19 -39.41 -25.69
C GLY S 229 -64.18 -39.65 -24.55
N GLN S 230 -65.15 -38.77 -24.37
CA GLN S 230 -66.11 -38.84 -23.27
C GLN S 230 -67.50 -39.32 -23.68
N ALA S 231 -67.75 -39.56 -24.96
CA ALA S 231 -69.05 -39.96 -25.49
C ALA S 231 -69.59 -41.27 -24.90
N LYS S 232 -70.87 -41.33 -24.51
CA LYS S 232 -71.49 -42.58 -24.06
C LYS S 232 -71.67 -43.53 -25.22
N LEU S 233 -71.87 -44.81 -24.95
CA LEU S 233 -72.12 -45.84 -25.96
C LEU S 233 -73.63 -46.07 -26.02
N LYS S 234 -74.22 -46.15 -27.22
CA LYS S 234 -75.68 -46.28 -27.38
C LYS S 234 -76.22 -47.70 -27.21
N LEU S 235 -77.54 -47.84 -27.32
CA LEU S 235 -78.33 -49.07 -27.12
C LEU S 235 -79.62 -49.01 -27.95
N ASN S 236 -80.35 -50.13 -28.13
CA ASN S 236 -81.59 -50.10 -28.94
C ASN S 236 -82.66 -51.14 -28.55
N ASP S 237 -82.26 -52.36 -28.20
CA ASP S 237 -83.15 -53.46 -27.80
C ASP S 237 -83.30 -53.50 -26.27
N GLN S 238 -82.88 -54.58 -25.62
CA GLN S 238 -82.97 -54.80 -24.18
C GLN S 238 -81.91 -53.99 -23.39
N GLY S 239 -81.69 -52.72 -23.77
CA GLY S 239 -80.70 -51.84 -23.14
C GLY S 239 -79.27 -52.34 -23.34
N GLN S 240 -79.03 -53.08 -24.42
CA GLN S 240 -77.74 -53.68 -24.72
C GLN S 240 -76.67 -52.65 -25.13
N PRO S 241 -75.45 -52.68 -24.56
CA PRO S 241 -74.41 -51.74 -24.93
C PRO S 241 -73.92 -52.03 -26.36
N THR S 242 -74.10 -51.06 -27.26
CA THR S 242 -73.78 -51.18 -28.68
C THR S 242 -72.28 -50.99 -28.96
N LYS S 243 -71.86 -51.35 -30.17
CA LYS S 243 -70.48 -51.24 -30.66
C LYS S 243 -69.97 -49.79 -30.76
N ASP S 244 -70.85 -48.79 -30.84
CA ASP S 244 -70.43 -47.40 -31.06
C ASP S 244 -71.12 -46.33 -30.21
N TYR S 245 -70.51 -45.15 -30.27
CA TYR S 245 -70.81 -43.96 -29.48
C TYR S 245 -71.98 -43.10 -29.94
N ASP S 246 -72.60 -42.41 -29.00
CA ASP S 246 -73.70 -41.49 -29.19
C ASP S 246 -73.19 -40.09 -29.63
N ILE S 247 -72.74 -39.98 -30.88
CA ILE S 247 -72.17 -38.76 -31.46
C ILE S 247 -72.83 -38.42 -32.79
N ASP S 248 -73.20 -37.16 -33.00
CA ASP S 248 -73.82 -36.66 -34.22
C ASP S 248 -73.20 -35.33 -34.67
N LEU S 249 -72.85 -35.21 -35.94
CA LEU S 249 -72.33 -33.98 -36.50
C LEU S 249 -73.47 -33.01 -36.76
N ALA S 250 -73.38 -31.79 -36.25
CA ALA S 250 -74.33 -30.70 -36.48
C ALA S 250 -73.61 -29.61 -37.28
N PHE S 251 -74.23 -29.02 -38.30
CA PHE S 251 -73.58 -28.04 -39.18
C PHE S 251 -74.23 -26.65 -39.18
N PHE S 252 -73.45 -25.59 -39.37
CA PHE S 252 -73.92 -24.20 -39.26
C PHE S 252 -73.22 -23.22 -40.22
N ASP S 253 -73.87 -22.11 -40.60
CA ASP S 253 -73.27 -21.06 -41.48
C ASP S 253 -73.90 -19.66 -41.32
N THR S 254 -73.30 -18.64 -41.96
CA THR S 254 -73.74 -17.23 -41.91
C THR S 254 -75.20 -17.09 -42.32
N PRO S 255 -76.04 -16.45 -41.51
CA PRO S 255 -77.48 -16.52 -41.68
C PRO S 255 -77.96 -15.83 -42.95
N GLY S 256 -79.15 -16.22 -43.43
CA GLY S 256 -79.74 -15.71 -44.68
C GLY S 256 -79.83 -14.18 -44.84
N GLY S 257 -79.82 -13.43 -43.75
CA GLY S 257 -79.85 -11.97 -43.72
C GLY S 257 -78.47 -11.29 -43.63
N THR S 258 -77.36 -12.02 -43.81
CA THR S 258 -75.99 -11.47 -43.66
C THR S 258 -75.09 -11.46 -44.89
N PRO S 259 -75.16 -12.36 -45.89
CA PRO S 259 -74.40 -12.15 -47.12
C PRO S 259 -74.73 -10.75 -47.64
N PRO S 260 -73.80 -10.01 -48.27
CA PRO S 260 -74.05 -8.64 -48.69
C PRO S 260 -75.31 -8.65 -49.55
N THR S 261 -76.29 -7.87 -49.11
CA THR S 261 -77.65 -7.89 -49.65
C THR S 261 -77.68 -7.70 -51.17
N GLY S 262 -78.58 -8.49 -51.75
CA GLY S 262 -78.70 -8.78 -53.18
C GLY S 262 -78.31 -10.27 -53.27
N SER S 263 -77.26 -10.67 -52.54
CA SER S 263 -76.88 -12.08 -52.37
C SER S 263 -77.84 -12.72 -51.34
N GLY S 264 -77.84 -14.04 -51.26
CA GLY S 264 -78.67 -14.78 -50.32
C GLY S 264 -78.07 -16.18 -50.15
N GLN S 265 -78.29 -16.82 -49.01
CA GLN S 265 -77.62 -18.10 -48.75
C GLN S 265 -78.02 -19.20 -49.73
N GLN S 266 -79.11 -19.06 -50.50
CA GLN S 266 -79.49 -20.04 -51.53
C GLN S 266 -78.36 -20.25 -52.57
N GLU S 267 -77.50 -19.24 -52.77
CA GLU S 267 -76.33 -19.29 -53.67
C GLU S 267 -75.07 -19.77 -52.98
N GLU S 268 -75.08 -19.89 -51.65
CA GLU S 268 -73.88 -20.11 -50.86
C GLU S 268 -74.01 -20.89 -49.53
N TYR S 269 -75.05 -21.71 -49.29
CA TYR S 269 -75.11 -22.55 -48.09
C TYR S 269 -73.88 -23.49 -48.08
N LYS S 270 -73.04 -23.46 -47.04
CA LYS S 270 -71.73 -24.13 -47.10
C LYS S 270 -71.21 -24.65 -45.76
N ALA S 271 -72.01 -24.65 -44.69
CA ALA S 271 -71.57 -25.23 -43.42
C ALA S 271 -70.19 -24.76 -42.92
N ASP S 272 -70.03 -23.47 -42.60
CA ASP S 272 -68.78 -22.93 -42.06
C ASP S 272 -68.28 -23.61 -40.78
N ILE S 273 -69.17 -24.15 -39.96
CA ILE S 273 -68.83 -24.74 -38.66
C ILE S 273 -69.51 -26.10 -38.49
N VAL S 274 -68.82 -27.08 -37.90
CA VAL S 274 -69.35 -28.40 -37.58
C VAL S 274 -69.12 -28.75 -36.12
N MET S 275 -70.18 -29.05 -35.38
CA MET S 275 -70.07 -29.42 -33.98
C MET S 275 -70.31 -30.92 -33.82
N TYR S 276 -69.36 -31.61 -33.22
CA TYR S 276 -69.48 -33.03 -32.92
C TYR S 276 -70.29 -33.10 -31.63
N THR S 277 -71.61 -33.16 -31.75
CA THR S 277 -72.53 -33.17 -30.62
C THR S 277 -72.56 -34.57 -30.01
N GLU S 278 -72.54 -34.69 -28.69
CA GLU S 278 -72.48 -35.99 -28.00
C GLU S 278 -73.09 -36.02 -26.60
N ASN S 279 -73.35 -37.21 -26.06
CA ASN S 279 -73.86 -37.46 -24.69
C ASN S 279 -72.66 -37.90 -23.85
N VAL S 280 -72.59 -37.55 -22.55
CA VAL S 280 -71.31 -37.67 -21.83
C VAL S 280 -71.13 -38.38 -20.47
N ASN S 281 -72.12 -38.69 -19.63
CA ASN S 281 -71.87 -39.15 -18.23
C ASN S 281 -71.29 -37.98 -17.43
N LEU S 282 -71.92 -36.82 -17.55
CA LEU S 282 -71.53 -35.61 -16.85
C LEU S 282 -71.82 -35.69 -15.35
N GLU S 283 -70.84 -35.29 -14.54
CA GLU S 283 -70.87 -35.24 -13.08
C GLU S 283 -70.22 -33.97 -12.56
N THR S 284 -70.54 -33.59 -11.34
CA THR S 284 -69.90 -32.49 -10.62
C THR S 284 -69.50 -33.08 -9.27
N PRO S 285 -68.39 -33.85 -9.20
CA PRO S 285 -68.00 -34.56 -7.99
C PRO S 285 -67.72 -33.72 -6.76
N ASP S 286 -67.30 -32.47 -6.93
CA ASP S 286 -66.89 -31.63 -5.81
C ASP S 286 -67.39 -30.18 -5.82
N THR S 287 -68.42 -29.86 -6.62
CA THR S 287 -69.05 -28.52 -6.65
C THR S 287 -70.56 -28.65 -6.66
N HIS S 288 -71.27 -27.61 -6.26
CA HIS S 288 -72.73 -27.57 -6.24
C HIS S 288 -73.22 -26.30 -6.93
N VAL S 289 -74.42 -26.32 -7.45
CA VAL S 289 -75.01 -25.14 -8.08
C VAL S 289 -75.47 -24.20 -6.98
N VAL S 290 -75.02 -22.95 -7.01
CA VAL S 290 -75.35 -21.93 -6.02
C VAL S 290 -76.43 -20.99 -6.54
N TYR S 291 -76.39 -20.63 -7.82
CA TYR S 291 -77.43 -19.86 -8.47
C TYR S 291 -78.04 -20.74 -9.55
N LYS S 292 -79.35 -20.91 -9.47
CA LYS S 292 -80.16 -21.67 -10.42
C LYS S 292 -81.25 -20.70 -10.84
N PRO S 293 -81.51 -20.49 -12.13
CA PRO S 293 -82.47 -19.48 -12.57
C PRO S 293 -83.94 -19.87 -12.34
N GLY S 294 -84.23 -21.14 -12.05
CA GLY S 294 -85.58 -21.64 -11.82
C GLY S 294 -85.57 -23.13 -11.47
N LYS S 295 -86.74 -23.71 -11.22
CA LYS S 295 -86.90 -25.13 -10.86
C LYS S 295 -86.60 -26.11 -11.99
N GLU S 296 -86.50 -25.64 -13.22
CA GLU S 296 -86.18 -26.45 -14.39
C GLU S 296 -84.80 -27.11 -14.27
N ASP S 297 -84.75 -28.43 -14.31
CA ASP S 297 -83.52 -29.21 -14.25
C ASP S 297 -82.87 -29.43 -15.64
N GLU S 298 -83.67 -29.35 -16.70
CA GLU S 298 -83.32 -29.59 -18.10
C GLU S 298 -82.34 -28.60 -18.73
N SER S 299 -81.77 -28.96 -19.89
CA SER S 299 -80.94 -28.04 -20.67
C SER S 299 -81.86 -26.96 -21.26
N SER S 300 -81.50 -25.68 -21.16
CA SER S 300 -82.31 -24.57 -21.64
C SER S 300 -81.52 -23.28 -21.76
N GLU S 301 -82.05 -22.28 -22.45
CA GLU S 301 -81.32 -21.02 -22.62
C GLU S 301 -81.11 -20.33 -21.27
N THR S 302 -82.06 -20.45 -20.34
CA THR S 302 -81.91 -19.93 -18.98
C THR S 302 -80.88 -20.74 -18.23
N ASN S 303 -80.89 -22.07 -18.32
CA ASN S 303 -79.96 -22.90 -17.56
C ASN S 303 -78.50 -22.76 -17.97
N LEU S 304 -78.19 -22.09 -19.08
CA LEU S 304 -76.80 -21.76 -19.41
C LEU S 304 -76.20 -20.89 -18.31
N THR S 305 -77.03 -20.13 -17.60
CA THR S 305 -76.61 -19.16 -16.60
C THR S 305 -76.42 -19.70 -15.18
N GLN S 306 -76.49 -21.01 -14.98
CA GLN S 306 -76.26 -21.57 -13.66
C GLN S 306 -74.85 -21.23 -13.18
N GLN S 307 -74.65 -21.08 -11.88
CA GLN S 307 -73.34 -20.82 -11.29
C GLN S 307 -73.02 -21.89 -10.28
N SER S 308 -71.79 -22.40 -10.26
CA SER S 308 -71.36 -23.41 -9.31
C SER S 308 -70.34 -22.84 -8.35
N MET S 309 -70.33 -23.37 -7.14
CA MET S 309 -69.45 -23.00 -6.04
C MET S 309 -68.77 -24.27 -5.54
N PRO S 310 -67.47 -24.27 -5.22
CA PRO S 310 -66.82 -25.48 -4.74
C PRO S 310 -67.39 -25.94 -3.41
N ASN S 311 -67.50 -27.26 -3.20
CA ASN S 311 -68.04 -27.78 -1.95
C ASN S 311 -67.11 -27.46 -0.80
N ARG S 312 -67.64 -27.27 0.41
CA ARG S 312 -66.82 -26.88 1.56
C ARG S 312 -65.77 -27.95 1.89
N PRO S 313 -64.52 -27.57 2.16
CA PRO S 313 -63.49 -28.53 2.51
C PRO S 313 -63.86 -29.23 3.81
N ASN S 314 -63.56 -30.51 3.90
CA ASN S 314 -63.87 -31.31 5.06
C ASN S 314 -62.77 -32.35 5.20
N TYR S 315 -61.93 -32.19 6.22
CA TYR S 315 -60.81 -33.08 6.46
C TYR S 315 -61.21 -34.07 7.53
N ILE S 316 -61.01 -35.36 7.25
CA ILE S 316 -61.35 -36.42 8.19
C ILE S 316 -60.17 -37.34 8.41
N GLY S 317 -59.95 -37.71 9.66
CA GLY S 317 -58.92 -38.64 10.11
C GLY S 317 -59.06 -38.91 11.60
N PHE S 318 -58.18 -39.73 12.18
CA PHE S 318 -58.21 -40.05 13.59
C PHE S 318 -57.82 -38.83 14.45
N ARG S 319 -58.29 -38.75 15.69
CA ARG S 319 -57.99 -37.64 16.61
C ARG S 319 -56.54 -37.64 17.07
N ASP S 320 -56.10 -36.51 17.63
CA ASP S 320 -54.74 -36.36 18.17
C ASP S 320 -54.47 -37.51 19.15
N ASN S 321 -53.29 -38.13 19.12
CA ASN S 321 -52.97 -39.23 20.01
C ASN S 321 -54.02 -40.37 20.00
N PHE S 322 -54.78 -40.54 18.92
CA PHE S 322 -55.86 -41.51 18.80
C PHE S 322 -56.92 -41.41 19.91
N VAL S 323 -57.23 -40.20 20.38
CA VAL S 323 -58.25 -39.96 21.40
C VAL S 323 -59.56 -40.66 21.05
N GLY S 324 -60.16 -41.31 22.04
CA GLY S 324 -61.45 -41.98 21.91
C GLY S 324 -61.42 -43.36 21.28
N LEU S 325 -60.30 -43.83 20.73
CA LEU S 325 -60.24 -45.15 20.08
C LEU S 325 -60.21 -46.31 21.07
N MET S 326 -59.88 -46.07 22.34
CA MET S 326 -59.89 -47.05 23.43
C MET S 326 -60.85 -46.62 24.53
N TYR S 327 -61.55 -47.56 25.17
CA TYR S 327 -62.44 -47.19 26.28
C TYR S 327 -61.65 -46.93 27.56
N TYR S 328 -61.67 -45.68 28.01
CA TYR S 328 -61.10 -45.25 29.28
C TYR S 328 -62.21 -44.65 30.12
N ASN S 329 -62.13 -44.79 31.43
CA ASN S 329 -63.08 -44.24 32.37
C ASN S 329 -64.53 -44.69 32.15
N SER S 330 -64.74 -45.86 31.55
CA SER S 330 -66.06 -46.45 31.36
C SER S 330 -66.08 -47.76 32.10
N THR S 331 -66.85 -47.84 33.19
CA THR S 331 -66.94 -49.08 33.96
C THR S 331 -67.68 -50.18 33.21
N GLY S 332 -68.39 -49.83 32.14
CA GLY S 332 -69.09 -50.77 31.29
C GLY S 332 -68.19 -51.58 30.35
N ASN S 333 -67.02 -51.02 30.01
CA ASN S 333 -66.07 -51.55 29.04
C ASN S 333 -64.64 -51.38 29.56
N MET S 334 -64.42 -51.62 30.84
CA MET S 334 -63.12 -51.47 31.47
C MET S 334 -62.07 -52.46 30.94
N GLY S 335 -60.89 -51.96 30.58
CA GLY S 335 -59.79 -52.80 30.13
C GLY S 335 -59.25 -53.67 31.26
N VAL S 336 -58.44 -54.69 30.95
CA VAL S 336 -57.91 -55.61 31.95
C VAL S 336 -56.44 -55.85 31.77
N LEU S 337 -55.67 -55.83 32.84
CA LEU S 337 -54.28 -56.26 32.89
C LEU S 337 -54.23 -57.02 34.19
N ALA S 338 -54.30 -58.34 34.10
CA ALA S 338 -54.40 -59.18 35.27
C ALA S 338 -53.38 -60.30 35.29
N GLY S 339 -52.82 -60.55 36.46
CA GLY S 339 -51.90 -61.65 36.62
C GLY S 339 -52.60 -62.98 36.52
N GLN S 340 -52.34 -63.75 35.46
CA GLN S 340 -52.87 -65.09 35.32
C GLN S 340 -51.99 -66.02 36.19
N ALA S 341 -52.55 -66.95 36.97
CA ALA S 341 -53.93 -67.34 37.04
C ALA S 341 -54.69 -66.83 38.27
N SER S 342 -54.21 -65.79 38.96
CA SER S 342 -55.00 -65.19 40.05
C SER S 342 -56.17 -64.37 39.52
N GLN S 343 -56.05 -63.78 38.32
CA GLN S 343 -57.07 -62.97 37.68
C GLN S 343 -57.44 -61.64 38.36
N LEU S 344 -56.76 -61.21 39.42
CA LEU S 344 -57.02 -59.92 40.06
C LEU S 344 -56.60 -58.80 39.10
N ASN S 345 -57.58 -58.09 38.54
CA ASN S 345 -57.31 -57.03 37.58
C ASN S 345 -56.54 -55.90 38.26
N ALA S 346 -55.43 -55.47 37.69
CA ALA S 346 -54.64 -54.38 38.24
C ALA S 346 -55.19 -53.01 37.80
N VAL S 347 -56.04 -52.95 36.78
CA VAL S 347 -56.68 -51.73 36.28
C VAL S 347 -58.00 -51.48 37.00
N VAL S 348 -58.07 -50.45 37.84
CA VAL S 348 -59.32 -50.06 38.52
C VAL S 348 -59.66 -48.68 37.99
N ASP S 349 -60.79 -48.54 37.30
CA ASP S 349 -61.16 -47.28 36.67
C ASP S 349 -62.48 -46.70 37.15
N LEU S 350 -62.61 -45.38 37.08
CA LEU S 350 -63.72 -44.61 37.62
C LEU S 350 -64.43 -43.74 36.59
N GLN S 351 -65.73 -43.55 36.77
CA GLN S 351 -66.56 -42.72 35.90
C GLN S 351 -66.17 -41.23 35.92
N ASP S 352 -65.48 -40.76 36.96
CA ASP S 352 -65.14 -39.35 37.16
C ASP S 352 -63.65 -39.01 36.98
N ARG S 353 -62.87 -39.93 36.42
CA ARG S 353 -61.49 -39.72 35.98
C ARG S 353 -61.52 -39.34 34.51
N ASN S 354 -60.53 -38.62 33.99
CA ASN S 354 -60.47 -38.26 32.56
C ASN S 354 -59.08 -38.57 32.02
N THR S 355 -58.85 -39.80 31.56
CA THR S 355 -57.55 -40.27 31.08
C THR S 355 -57.11 -39.61 29.78
N GLU S 356 -58.04 -39.36 28.87
CA GLU S 356 -57.73 -38.72 27.61
C GLU S 356 -57.20 -37.32 27.87
N LEU S 357 -57.94 -36.49 28.60
CA LEU S 357 -57.48 -35.15 28.89
C LEU S 357 -56.21 -35.18 29.71
N SER S 358 -56.08 -36.09 30.65
CA SER S 358 -54.88 -36.18 31.46
C SER S 358 -53.65 -36.46 30.61
N TYR S 359 -53.79 -37.24 29.55
CA TYR S 359 -52.69 -37.52 28.64
C TYR S 359 -52.42 -36.33 27.71
N GLN S 360 -53.46 -35.66 27.19
CA GLN S 360 -53.25 -34.48 26.35
C GLN S 360 -52.44 -33.43 27.09
N LEU S 361 -52.76 -33.21 28.37
CA LEU S 361 -52.05 -32.27 29.23
C LEU S 361 -50.64 -32.77 29.53
N LEU S 362 -50.46 -34.05 29.83
CA LEU S 362 -49.17 -34.63 30.14
C LEU S 362 -48.15 -34.40 29.04
N LEU S 363 -48.48 -34.71 27.78
CA LEU S 363 -47.53 -34.57 26.70
C LEU S 363 -47.05 -33.13 26.49
N ASP S 364 -47.85 -32.10 26.76
CA ASP S 364 -47.36 -30.73 26.65
C ASP S 364 -46.31 -30.45 27.72
N SER S 365 -46.38 -31.09 28.89
CA SER S 365 -45.39 -30.89 29.94
C SER S 365 -44.08 -31.63 29.66
N LEU S 366 -44.16 -32.82 29.07
CA LEU S 366 -43.01 -33.64 28.73
C LEU S 366 -42.27 -33.14 27.49
N GLY S 367 -43.00 -32.90 26.41
CA GLY S 367 -42.46 -32.48 25.13
C GLY S 367 -42.93 -31.10 24.66
N ASP S 368 -42.79 -30.90 23.36
CA ASP S 368 -43.25 -29.71 22.65
C ASP S 368 -44.34 -30.19 21.69
N ARG S 369 -45.61 -29.83 21.93
CA ARG S 369 -46.71 -30.28 21.08
C ARG S 369 -46.71 -29.67 19.68
N THR S 370 -45.89 -28.66 19.39
CA THR S 370 -45.85 -28.07 18.05
C THR S 370 -45.23 -28.99 16.99
N ARG S 371 -44.72 -30.17 17.39
CA ARG S 371 -44.08 -31.17 16.53
C ARG S 371 -44.99 -32.37 16.31
N TYR S 372 -45.22 -32.77 15.06
CA TYR S 372 -46.05 -33.92 14.75
C TYR S 372 -45.23 -35.22 14.79
N PHE S 373 -45.87 -36.35 15.03
CA PHE S 373 -45.23 -37.66 15.08
C PHE S 373 -46.30 -38.66 14.66
N SER S 374 -46.19 -39.17 13.44
CA SER S 374 -47.21 -40.04 12.85
C SER S 374 -47.44 -41.38 13.52
N MET S 375 -46.48 -41.96 14.24
CA MET S 375 -46.69 -43.28 14.83
C MET S 375 -47.89 -43.29 15.76
N TRP S 376 -47.96 -42.35 16.70
CA TRP S 376 -49.07 -42.20 17.65
C TRP S 376 -50.15 -41.24 17.15
N ASN S 377 -50.14 -40.86 15.88
CA ASN S 377 -51.05 -39.89 15.29
C ASN S 377 -51.07 -38.59 16.10
N SER S 378 -49.93 -38.28 16.70
CA SER S 378 -49.71 -37.10 17.51
C SER S 378 -49.55 -35.93 16.57
N ALA S 379 -50.45 -34.97 16.65
CA ALA S 379 -50.44 -33.73 15.89
C ALA S 379 -51.47 -32.88 16.59
N VAL S 380 -51.07 -31.89 17.37
CA VAL S 380 -52.01 -31.11 18.17
C VAL S 380 -52.95 -30.25 17.35
N ASP S 381 -54.20 -30.15 17.78
CA ASP S 381 -55.18 -29.30 17.12
C ASP S 381 -54.79 -27.83 17.22
N SER S 382 -55.04 -27.10 16.15
CA SER S 382 -54.74 -25.68 16.12
C SER S 382 -55.73 -24.93 15.27
N TYR S 383 -55.66 -23.63 15.37
CA TYR S 383 -56.43 -22.71 14.55
C TYR S 383 -55.45 -21.66 14.07
N ASP S 384 -55.76 -21.04 12.95
CA ASP S 384 -54.93 -19.98 12.43
C ASP S 384 -55.21 -18.76 13.32
N PRO S 385 -54.24 -18.15 14.01
CA PRO S 385 -54.54 -17.05 14.90
C PRO S 385 -55.07 -15.84 14.13
N ASP S 386 -54.75 -15.71 12.85
CA ASP S 386 -55.29 -14.66 11.98
C ASP S 386 -56.81 -14.81 11.80
N VAL S 387 -57.32 -16.05 11.89
CA VAL S 387 -58.72 -16.39 11.71
C VAL S 387 -59.50 -16.17 12.98
N ARG S 388 -58.95 -16.59 14.11
CA ARG S 388 -59.61 -16.45 15.41
C ARG S 388 -59.72 -15.00 15.83
N ILE S 389 -58.70 -14.19 15.60
CA ILE S 389 -58.66 -12.77 15.97
C ILE S 389 -58.21 -11.98 14.74
N ILE S 390 -59.15 -11.42 14.01
CA ILE S 390 -58.89 -10.73 12.76
C ILE S 390 -58.14 -9.41 12.91
N GLU S 391 -56.88 -9.34 12.49
CA GLU S 391 -56.14 -8.07 12.45
C GLU S 391 -56.44 -7.48 11.09
N ASN S 392 -57.39 -6.55 10.98
CA ASN S 392 -57.75 -6.02 9.68
C ASN S 392 -56.92 -4.77 9.38
N HIS S 393 -55.66 -4.94 9.03
CA HIS S 393 -54.78 -3.86 8.61
C HIS S 393 -55.04 -3.37 7.18
N GLY S 394 -56.14 -3.75 6.53
CA GLY S 394 -56.43 -3.36 5.16
C GLY S 394 -55.54 -4.09 4.15
N VAL S 395 -55.24 -3.46 3.02
CA VAL S 395 -54.44 -4.07 1.93
C VAL S 395 -53.50 -3.06 1.27
N GLU S 396 -52.40 -3.49 0.71
CA GLU S 396 -51.39 -2.60 0.17
C GLU S 396 -51.65 -2.33 -1.31
N ASP S 397 -52.75 -1.65 -1.64
CA ASP S 397 -53.23 -1.53 -3.02
C ASP S 397 -52.95 -0.16 -3.68
N GLU S 398 -51.90 0.55 -3.27
CA GLU S 398 -51.52 1.85 -3.82
C GLU S 398 -51.29 1.91 -5.34
N LEU S 399 -51.03 0.79 -6.02
CA LEU S 399 -50.90 0.69 -7.47
C LEU S 399 -52.09 -0.02 -8.11
N PRO S 400 -52.66 0.49 -9.21
CA PRO S 400 -53.61 -0.27 -10.03
C PRO S 400 -52.91 -1.36 -10.82
N ASN S 401 -53.63 -2.41 -11.20
CA ASN S 401 -53.11 -3.54 -11.98
C ASN S 401 -54.03 -3.85 -13.14
N TYR S 402 -53.49 -4.31 -14.26
CA TYR S 402 -54.24 -4.41 -15.49
C TYR S 402 -54.15 -5.75 -16.21
N CYS S 403 -55.27 -6.21 -16.74
CA CYS S 403 -55.36 -7.07 -17.91
C CYS S 403 -55.09 -6.33 -19.22
N PHE S 404 -54.26 -6.88 -20.11
CA PHE S 404 -53.96 -6.30 -21.43
C PHE S 404 -54.26 -7.30 -22.56
N PRO S 405 -54.63 -6.84 -23.76
CA PRO S 405 -54.83 -7.68 -24.93
C PRO S 405 -53.66 -8.61 -25.21
N LEU S 406 -53.91 -9.82 -25.70
CA LEU S 406 -52.85 -10.82 -25.95
C LEU S 406 -51.79 -10.33 -26.95
N ASN S 407 -52.11 -9.34 -27.79
CA ASN S 407 -51.21 -8.77 -28.78
C ASN S 407 -50.75 -7.33 -28.43
N GLY S 408 -50.96 -6.90 -27.18
CA GLY S 408 -50.55 -5.59 -26.69
C GLY S 408 -51.49 -4.44 -27.05
N THR S 409 -51.81 -4.27 -28.33
CA THR S 409 -52.60 -3.12 -28.79
C THR S 409 -54.11 -3.32 -28.66
N GLY S 410 -54.63 -4.52 -28.95
CA GLY S 410 -56.05 -4.85 -28.81
C GLY S 410 -57.09 -4.13 -29.68
N THR S 411 -56.73 -3.59 -30.85
CA THR S 411 -57.70 -2.93 -31.75
C THR S 411 -57.33 -3.10 -33.21
N ASN S 412 -58.34 -3.11 -34.07
CA ASN S 412 -58.22 -3.31 -35.51
C ASN S 412 -58.22 -2.01 -36.34
N SER S 413 -58.13 -0.84 -35.71
CA SER S 413 -58.08 0.43 -36.43
C SER S 413 -56.97 0.33 -37.48
N THR S 414 -57.35 0.46 -38.75
CA THR S 414 -56.50 0.24 -39.92
C THR S 414 -56.20 1.50 -40.70
N TYR S 415 -54.95 1.67 -41.10
CA TYR S 415 -54.47 2.84 -41.84
C TYR S 415 -53.58 2.50 -43.02
N GLN S 416 -53.67 3.26 -44.11
CA GLN S 416 -52.82 3.13 -45.29
C GLN S 416 -51.61 4.06 -45.15
N GLY S 417 -50.53 3.78 -45.85
CA GLY S 417 -49.36 4.67 -45.87
C GLY S 417 -49.58 5.85 -46.81
N VAL S 418 -49.05 7.02 -46.47
CA VAL S 418 -49.12 8.23 -47.29
C VAL S 418 -47.76 8.93 -47.33
N LYS S 419 -47.55 9.82 -48.29
CA LYS S 419 -46.29 10.56 -48.47
C LYS S 419 -46.55 12.00 -48.89
N VAL S 420 -45.58 12.89 -48.73
CA VAL S 420 -45.73 14.27 -49.20
C VAL S 420 -45.90 14.18 -50.71
N LYS S 421 -46.98 14.74 -51.23
CA LYS S 421 -47.25 14.78 -52.66
C LYS S 421 -46.41 15.93 -53.15
N THR S 422 -45.12 15.65 -53.35
CA THR S 422 -44.17 16.67 -53.74
C THR S 422 -44.64 17.39 -55.00
N GLY S 423 -45.14 18.56 -54.67
CA GLY S 423 -45.74 19.61 -55.40
C GLY S 423 -44.84 20.76 -55.84
N GLN S 424 -45.64 21.79 -56.06
CA GLN S 424 -45.53 23.22 -56.32
C GLN S 424 -44.78 23.96 -55.19
N ASP S 425 -44.12 23.29 -54.24
CA ASP S 425 -43.94 23.91 -52.94
C ASP S 425 -42.99 25.09 -52.72
N GLY S 426 -42.42 25.76 -53.74
CA GLY S 426 -42.31 27.25 -53.70
C GLY S 426 -42.64 27.96 -52.36
N ALA S 427 -43.94 27.66 -52.13
CA ALA S 427 -45.07 27.93 -51.25
C ALA S 427 -45.45 26.51 -50.70
N GLU S 428 -44.72 26.15 -49.63
CA GLU S 428 -44.44 24.93 -48.84
C GLU S 428 -45.59 24.10 -48.24
N GLU S 429 -46.74 24.01 -48.90
CA GLU S 429 -47.92 23.49 -48.23
C GLU S 429 -48.09 21.96 -48.07
N THR S 430 -48.90 21.61 -47.07
CA THR S 430 -49.21 20.30 -46.48
C THR S 430 -49.97 19.29 -47.35
N GLU S 431 -49.42 19.02 -48.51
CA GLU S 431 -49.98 18.19 -49.55
C GLU S 431 -49.51 16.72 -49.49
N TRP S 432 -50.45 15.77 -49.57
CA TRP S 432 -50.18 14.33 -49.42
C TRP S 432 -50.95 13.45 -50.41
N ASP S 433 -50.46 12.23 -50.64
CA ASP S 433 -51.17 11.19 -51.40
C ASP S 433 -50.66 9.79 -50.99
N LYS S 434 -51.24 8.73 -51.56
CA LYS S 434 -50.90 7.34 -51.26
C LYS S 434 -49.42 7.05 -51.44
N ASP S 435 -48.84 6.31 -50.50
CA ASP S 435 -47.50 5.77 -50.69
C ASP S 435 -47.68 4.36 -51.24
N GLU S 436 -47.52 4.17 -52.54
CA GLU S 436 -47.72 2.85 -53.15
C GLU S 436 -46.64 1.84 -52.75
N THR S 437 -45.58 2.27 -52.06
CA THR S 437 -44.54 1.38 -51.53
C THR S 437 -44.88 0.87 -50.13
N VAL S 438 -46.03 1.27 -49.56
CA VAL S 438 -46.49 0.89 -48.23
C VAL S 438 -47.87 0.23 -48.31
N ALA S 439 -48.12 -0.75 -47.47
CA ALA S 439 -49.36 -1.50 -47.46
C ALA S 439 -50.59 -0.63 -47.20
N ARG S 440 -51.72 -0.94 -47.84
CA ARG S 440 -53.00 -0.24 -47.65
C ARG S 440 -53.66 -0.49 -46.30
N GLN S 441 -53.20 -1.48 -45.53
CA GLN S 441 -53.80 -1.80 -44.24
C GLN S 441 -52.78 -2.13 -43.15
N ASN S 442 -52.41 -1.13 -42.36
CA ASN S 442 -51.50 -1.22 -41.24
C ASN S 442 -52.33 -1.12 -39.97
N GLN S 443 -52.10 -1.94 -38.95
CA GLN S 443 -52.87 -1.91 -37.70
C GLN S 443 -52.08 -1.13 -36.68
N ILE S 444 -52.40 0.16 -36.55
CA ILE S 444 -51.73 1.10 -35.66
C ILE S 444 -52.75 1.80 -34.75
N ALA S 445 -52.87 1.32 -33.52
CA ALA S 445 -53.79 1.85 -32.53
C ALA S 445 -53.46 3.28 -32.07
N LYS S 446 -54.46 4.14 -31.84
CA LYS S 446 -54.26 5.50 -31.29
C LYS S 446 -54.15 5.43 -29.76
N GLY S 447 -53.43 6.35 -29.14
CA GLY S 447 -53.55 6.53 -27.69
C GLY S 447 -53.02 5.34 -26.87
N ASN S 448 -53.30 5.32 -25.57
CA ASN S 448 -52.91 4.21 -24.72
C ASN S 448 -53.51 2.85 -25.13
N VAL S 449 -52.83 1.76 -24.80
CA VAL S 449 -53.34 0.40 -25.04
C VAL S 449 -54.66 0.13 -24.33
N TYR S 450 -55.53 -0.67 -24.92
CA TYR S 450 -56.74 -1.12 -24.23
C TYR S 450 -56.37 -1.94 -22.98
N ALA S 451 -57.14 -1.82 -21.90
CA ALA S 451 -56.90 -2.53 -20.66
C ALA S 451 -58.16 -2.70 -19.85
N MET S 452 -58.13 -3.62 -18.89
CA MET S 452 -59.10 -3.66 -17.79
C MET S 452 -58.41 -3.77 -16.45
N GLU S 453 -58.92 -3.11 -15.43
CA GLU S 453 -58.22 -2.90 -14.16
C GLU S 453 -58.77 -3.81 -13.06
N ILE S 454 -57.92 -4.42 -12.25
CA ILE S 454 -58.32 -5.29 -11.13
C ILE S 454 -57.53 -5.02 -9.85
N ASN S 455 -58.23 -4.88 -8.72
CA ASN S 455 -57.56 -4.72 -7.44
C ASN S 455 -57.19 -6.10 -6.88
N LEU S 456 -56.02 -6.62 -7.21
CA LEU S 456 -55.57 -7.94 -6.77
C LEU S 456 -55.47 -8.05 -5.26
N GLN S 457 -54.88 -7.06 -4.60
CA GLN S 457 -54.65 -7.12 -3.16
C GLN S 457 -55.97 -7.22 -2.38
N ALA S 458 -57.01 -6.49 -2.80
CA ALA S 458 -58.32 -6.56 -2.18
C ALA S 458 -59.01 -7.91 -2.46
N ASN S 459 -58.84 -8.50 -3.65
CA ASN S 459 -59.45 -9.79 -3.96
C ASN S 459 -58.83 -10.90 -3.11
N LEU S 460 -57.51 -10.86 -2.89
CA LEU S 460 -56.80 -11.79 -2.03
C LEU S 460 -57.35 -11.69 -0.60
N TRP S 461 -57.47 -10.49 -0.04
CA TRP S 461 -58.00 -10.31 1.32
C TRP S 461 -59.47 -10.70 1.44
N LYS S 462 -60.31 -10.33 0.49
CA LYS S 462 -61.73 -10.68 0.51
C LYS S 462 -61.93 -12.19 0.39
N SER S 463 -61.23 -12.88 -0.49
CA SER S 463 -61.38 -14.33 -0.63
C SER S 463 -60.86 -15.06 0.58
N PHE S 464 -59.84 -14.52 1.27
CA PHE S 464 -59.40 -15.06 2.55
C PHE S 464 -60.54 -14.95 3.57
N LEU S 465 -61.07 -13.76 3.84
CA LEU S 465 -62.13 -13.59 4.83
C LEU S 465 -63.38 -14.40 4.51
N TYR S 466 -63.75 -14.54 3.25
CA TYR S 466 -64.92 -15.33 2.91
C TYR S 466 -64.72 -16.81 3.21
N SER S 467 -63.68 -17.38 2.63
CA SER S 467 -63.39 -18.78 2.80
C SER S 467 -63.05 -19.13 4.24
N ASN S 468 -62.38 -18.26 4.97
CA ASN S 468 -61.96 -18.54 6.33
C ASN S 468 -62.91 -18.13 7.44
N VAL S 469 -63.72 -17.08 7.29
CA VAL S 469 -64.58 -16.60 8.37
C VAL S 469 -66.05 -16.57 7.99
N ALA S 470 -66.41 -16.18 6.77
CA ALA S 470 -67.82 -16.09 6.42
C ALA S 470 -68.49 -17.45 6.47
N LEU S 471 -67.84 -18.47 5.93
CA LEU S 471 -68.43 -19.81 5.89
C LEU S 471 -68.59 -20.44 7.26
N TYR S 472 -67.83 -20.04 8.27
CA TYR S 472 -67.91 -20.60 9.62
C TYR S 472 -68.91 -19.90 10.55
N LEU S 473 -69.54 -18.81 10.13
CA LEU S 473 -70.53 -18.12 10.94
C LEU S 473 -71.67 -19.05 11.40
N PRO S 474 -72.28 -18.85 12.58
CA PRO S 474 -73.41 -19.66 13.03
C PRO S 474 -74.51 -19.69 11.99
N ASP S 475 -75.24 -20.79 11.89
CA ASP S 475 -76.28 -20.96 10.87
C ASP S 475 -77.38 -19.89 10.87
N SER S 476 -77.65 -19.21 11.99
CA SER S 476 -78.67 -18.17 12.01
C SER S 476 -78.30 -16.98 11.09
N TYR S 477 -77.04 -16.82 10.70
CA TYR S 477 -76.60 -15.77 9.78
C TYR S 477 -76.68 -16.18 8.31
N LYS S 478 -76.92 -17.45 8.01
CA LYS S 478 -77.03 -18.00 6.65
C LYS S 478 -78.47 -18.09 6.21
N TYR S 479 -78.69 -18.47 4.96
CA TYR S 479 -80.04 -18.66 4.40
C TYR S 479 -80.03 -19.75 3.34
N THR S 480 -81.21 -20.21 2.95
CA THR S 480 -81.34 -21.23 1.91
C THR S 480 -81.71 -20.50 0.62
N PRO S 481 -80.98 -20.69 -0.49
CA PRO S 481 -81.23 -19.99 -1.74
C PRO S 481 -82.62 -20.18 -2.31
N ALA S 482 -82.97 -19.28 -3.23
CA ALA S 482 -84.20 -19.36 -3.97
C ALA S 482 -84.23 -20.70 -4.75
N ASN S 483 -85.27 -21.50 -4.49
CA ASN S 483 -85.51 -22.79 -5.09
C ASN S 483 -84.33 -23.79 -5.08
N VAL S 484 -83.79 -24.02 -3.88
CA VAL S 484 -82.76 -25.04 -3.58
C VAL S 484 -83.30 -25.76 -2.35
N THR S 485 -83.33 -27.11 -2.34
CA THR S 485 -83.88 -27.87 -1.21
C THR S 485 -82.82 -28.68 -0.49
N LEU S 486 -82.62 -28.36 0.78
CA LEU S 486 -81.65 -29.03 1.65
C LEU S 486 -82.33 -30.09 2.51
N PRO S 487 -81.57 -31.03 3.09
CA PRO S 487 -82.13 -32.02 4.01
C PRO S 487 -82.71 -31.36 5.27
N ALA S 488 -83.54 -32.09 6.00
CA ALA S 488 -84.12 -31.60 7.24
C ALA S 488 -83.14 -31.64 8.42
N ASN S 489 -82.19 -32.57 8.36
CA ASN S 489 -81.16 -32.77 9.37
C ASN S 489 -80.01 -31.80 9.17
N THR S 490 -80.02 -30.72 9.94
CA THR S 490 -79.01 -29.65 9.90
C THR S 490 -77.59 -30.10 10.26
N ASN S 491 -77.41 -31.28 10.86
CA ASN S 491 -76.10 -31.83 11.21
C ASN S 491 -75.41 -32.54 10.05
N THR S 492 -76.04 -32.64 8.87
CA THR S 492 -75.45 -33.31 7.72
C THR S 492 -74.64 -32.35 6.86
N TYR S 493 -73.65 -32.87 6.15
CA TYR S 493 -72.82 -32.09 5.25
C TYR S 493 -73.62 -31.46 4.13
N GLU S 494 -74.61 -32.15 3.55
CA GLU S 494 -75.38 -31.58 2.45
C GLU S 494 -76.03 -30.27 2.87
N TYR S 495 -76.61 -30.22 4.07
CA TYR S 495 -77.20 -29.02 4.61
C TYR S 495 -76.11 -27.96 4.86
N MET S 496 -75.02 -28.31 5.54
CA MET S 496 -73.94 -27.37 5.83
C MET S 496 -73.20 -26.84 4.60
N ASN S 497 -73.17 -27.61 3.52
CA ASN S 497 -72.60 -27.23 2.23
C ASN S 497 -73.54 -26.35 1.40
N GLY S 498 -74.85 -26.65 1.42
CA GLY S 498 -75.84 -25.95 0.60
C GLY S 498 -76.24 -24.56 1.09
N ARG S 499 -76.21 -24.31 2.40
CA ARG S 499 -76.56 -22.99 2.98
C ARG S 499 -75.64 -21.91 2.42
N VAL S 500 -76.17 -20.72 2.20
CA VAL S 500 -75.42 -19.59 1.62
C VAL S 500 -75.29 -18.48 2.64
N VAL S 501 -74.17 -17.77 2.59
CA VAL S 501 -73.82 -16.69 3.51
C VAL S 501 -73.33 -15.48 2.72
N ALA S 502 -73.78 -14.30 3.09
CA ALA S 502 -73.48 -13.07 2.38
C ALA S 502 -72.03 -12.61 2.56
N PRO S 503 -71.24 -12.39 1.49
CA PRO S 503 -69.87 -11.91 1.58
C PRO S 503 -69.73 -10.50 2.16
N SER S 504 -70.84 -9.83 2.48
CA SER S 504 -70.83 -8.50 3.10
C SER S 504 -70.91 -8.60 4.62
N LEU S 505 -71.11 -9.80 5.20
CA LEU S 505 -71.12 -10.01 6.65
C LEU S 505 -69.70 -9.82 7.18
N VAL S 506 -68.73 -10.45 6.52
CA VAL S 506 -67.31 -10.28 6.79
C VAL S 506 -66.71 -9.88 5.46
N ASP S 507 -66.09 -8.70 5.43
CA ASP S 507 -65.59 -8.09 4.21
C ASP S 507 -64.31 -7.31 4.50
N ALA S 508 -63.65 -6.79 3.48
CA ALA S 508 -62.42 -6.04 3.63
C ALA S 508 -62.48 -4.90 4.67
N TYR S 509 -63.67 -4.38 5.00
CA TYR S 509 -63.86 -3.25 5.94
C TYR S 509 -64.30 -3.71 7.35
N ILE S 510 -64.41 -5.02 7.65
CA ILE S 510 -64.87 -5.53 8.95
C ILE S 510 -63.94 -5.06 10.06
N ASN S 511 -64.45 -4.27 11.01
CA ASN S 511 -63.67 -3.70 12.10
C ASN S 511 -62.33 -3.12 11.59
N ILE S 512 -62.30 -2.50 10.39
CA ILE S 512 -61.03 -2.17 9.73
C ILE S 512 -60.16 -1.29 10.61
N GLY S 513 -58.88 -1.63 10.70
CA GLY S 513 -57.97 -1.04 11.65
C GLY S 513 -57.90 -1.62 13.06
N ALA S 514 -58.62 -2.68 13.41
CA ALA S 514 -58.56 -3.32 14.74
C ALA S 514 -58.17 -4.80 14.77
N ARG S 515 -57.61 -5.26 15.90
CA ARG S 515 -57.46 -6.70 16.18
C ARG S 515 -58.75 -7.03 16.89
N TRP S 516 -59.76 -7.56 16.21
CA TRP S 516 -61.02 -7.87 16.87
C TRP S 516 -61.56 -9.20 16.39
N SER S 517 -62.12 -10.01 17.28
CA SER S 517 -62.73 -11.27 16.92
C SER S 517 -64.23 -11.02 16.84
N LEU S 518 -64.91 -11.54 15.84
CA LEU S 518 -66.34 -11.28 15.72
C LEU S 518 -67.10 -11.86 16.90
N ASP S 519 -68.00 -11.10 17.49
CA ASP S 519 -68.77 -11.57 18.63
C ASP S 519 -69.50 -12.89 18.39
N PRO S 520 -70.12 -13.17 17.22
CA PRO S 520 -70.73 -14.48 17.02
C PRO S 520 -69.69 -15.58 16.92
N MET S 521 -68.51 -15.28 16.38
CA MET S 521 -67.43 -16.25 16.24
C MET S 521 -66.74 -16.60 17.54
N ASP S 522 -66.78 -15.78 18.59
CA ASP S 522 -66.11 -16.14 19.84
C ASP S 522 -66.61 -17.45 20.41
N ASN S 523 -67.93 -17.70 20.32
CA ASN S 523 -68.56 -18.91 20.85
C ASN S 523 -68.62 -20.07 19.84
N VAL S 524 -67.96 -19.94 18.68
CA VAL S 524 -67.90 -20.96 17.65
C VAL S 524 -66.57 -21.66 17.82
N ASN S 525 -66.58 -22.99 17.95
CA ASN S 525 -65.38 -23.77 18.17
C ASN S 525 -64.35 -23.49 17.06
N PRO S 526 -63.20 -22.89 17.36
CA PRO S 526 -62.23 -22.54 16.34
C PRO S 526 -61.41 -23.72 15.80
N PHE S 527 -61.46 -24.88 16.43
CA PHE S 527 -60.69 -26.04 15.99
C PHE S 527 -61.43 -26.77 14.86
N ASN S 528 -62.74 -26.60 14.74
CA ASN S 528 -63.53 -27.15 13.64
C ASN S 528 -63.35 -26.22 12.43
N HIS S 529 -62.14 -26.20 11.86
CA HIS S 529 -61.82 -25.31 10.75
C HIS S 529 -60.85 -25.96 9.77
N HIS S 530 -60.99 -25.68 8.47
CA HIS S 530 -60.13 -26.29 7.45
C HIS S 530 -58.65 -25.89 7.55
N ARG S 531 -58.30 -24.87 8.34
CA ARG S 531 -56.91 -24.46 8.61
C ARG S 531 -56.37 -25.04 9.91
N ASN S 532 -57.06 -25.99 10.54
CA ASN S 532 -56.52 -26.71 11.68
C ASN S 532 -55.35 -27.55 11.18
N ALA S 533 -54.11 -27.12 11.41
CA ALA S 533 -52.93 -27.80 10.91
C ALA S 533 -52.76 -29.20 11.47
N GLY S 534 -53.23 -29.44 12.68
CA GLY S 534 -53.19 -30.76 13.28
C GLY S 534 -54.08 -31.69 12.48
N LEU S 535 -55.35 -31.33 12.29
CA LEU S 535 -56.28 -32.16 11.56
C LEU S 535 -55.91 -32.31 10.08
N ARG S 536 -55.46 -31.27 9.39
CA ARG S 536 -55.02 -31.40 8.00
C ARG S 536 -54.00 -32.51 7.90
N TYR S 537 -52.99 -32.48 8.78
CA TYR S 537 -51.94 -33.48 8.81
C TYR S 537 -52.49 -34.86 9.11
N ARG S 538 -53.31 -35.00 10.16
CA ARG S 538 -53.91 -36.30 10.52
C ARG S 538 -54.82 -36.83 9.43
N SER S 539 -55.37 -35.96 8.58
CA SER S 539 -56.18 -36.39 7.44
C SER S 539 -55.34 -36.78 6.24
N MET S 540 -54.23 -36.10 6.01
CA MET S 540 -53.34 -36.39 4.90
C MET S 540 -52.44 -37.59 5.18
N LEU S 541 -52.24 -38.01 6.44
CA LEU S 541 -51.48 -39.22 6.76
C LEU S 541 -52.14 -40.47 6.19
N LEU S 542 -53.46 -40.46 6.11
CA LEU S 542 -54.25 -41.55 5.55
C LEU S 542 -54.26 -41.47 4.02
N GLY S 543 -54.27 -40.24 3.47
CA GLY S 543 -54.24 -39.95 2.05
C GLY S 543 -55.43 -39.18 1.51
N ASN S 544 -55.50 -39.00 0.20
CA ASN S 544 -56.53 -38.24 -0.49
C ASN S 544 -57.87 -38.94 -0.79
N GLY S 545 -57.99 -40.27 -0.68
CA GLY S 545 -59.22 -40.98 -1.02
C GLY S 545 -60.17 -41.24 0.13
N ARG S 546 -61.46 -41.42 -0.13
CA ARG S 546 -62.41 -41.72 0.96
C ARG S 546 -62.27 -43.15 1.49
N TYR S 547 -61.93 -44.09 0.63
CA TYR S 547 -61.74 -45.49 0.95
C TYR S 547 -60.30 -45.66 1.37
N VAL S 548 -60.04 -46.17 2.57
CA VAL S 548 -58.67 -46.18 3.11
C VAL S 548 -58.32 -47.42 3.92
N PRO S 549 -57.46 -48.32 3.45
CA PRO S 549 -56.94 -49.38 4.30
C PRO S 549 -56.06 -48.66 5.33
N PHE S 550 -56.12 -49.01 6.61
CA PHE S 550 -55.31 -48.31 7.61
C PHE S 550 -54.54 -49.30 8.46
N HIS S 551 -53.46 -48.81 9.03
CA HIS S 551 -52.56 -49.56 9.88
C HIS S 551 -52.01 -48.55 10.84
N ILE S 552 -52.30 -48.73 12.12
CA ILE S 552 -51.97 -47.81 13.18
C ILE S 552 -51.51 -48.53 14.43
N GLN S 553 -50.83 -47.81 15.31
CA GLN S 553 -50.39 -48.28 16.60
C GLN S 553 -51.06 -47.40 17.65
N VAL S 554 -51.81 -47.93 18.59
CA VAL S 554 -52.44 -47.11 19.64
C VAL S 554 -51.72 -47.34 20.96
N PRO S 555 -51.22 -46.29 21.63
CA PRO S 555 -50.47 -46.40 22.86
C PRO S 555 -51.37 -46.57 24.09
N GLN S 556 -50.83 -47.16 25.15
CA GLN S 556 -51.58 -47.33 26.39
C GLN S 556 -51.56 -46.03 27.18
N LYS S 557 -52.71 -45.42 27.45
CA LYS S 557 -52.81 -44.17 28.20
C LYS S 557 -53.21 -44.29 29.66
N PHE S 558 -53.66 -45.43 30.16
CA PHE S 558 -54.09 -45.51 31.55
C PHE S 558 -52.91 -45.36 32.51
N PHE S 559 -52.95 -44.37 33.39
CA PHE S 559 -51.85 -44.00 34.28
C PHE S 559 -51.26 -45.09 35.14
N ALA S 560 -52.05 -46.05 35.60
CA ALA S 560 -51.57 -47.11 36.48
C ALA S 560 -50.68 -48.15 35.80
N ILE S 561 -50.74 -48.27 34.46
CA ILE S 561 -50.01 -49.27 33.69
C ILE S 561 -49.12 -48.70 32.60
N LYS S 562 -49.36 -47.51 32.07
CA LYS S 562 -48.59 -46.92 30.95
C LYS S 562 -47.09 -46.71 31.16
N ASN S 563 -46.56 -46.93 32.34
CA ASN S 563 -45.15 -46.81 32.68
C ASN S 563 -44.65 -47.99 33.51
N LEU S 564 -45.46 -49.04 33.70
CA LEU S 564 -45.15 -50.07 34.68
C LEU S 564 -43.96 -50.92 34.22
N LEU S 565 -42.96 -51.15 35.08
CA LEU S 565 -42.08 -52.29 34.90
C LEU S 565 -42.78 -53.58 35.33
N LEU S 566 -43.17 -54.36 34.35
CA LEU S 566 -43.88 -55.60 34.52
C LEU S 566 -42.85 -56.73 34.53
N LEU S 567 -42.76 -57.44 35.65
CA LEU S 567 -41.81 -58.52 35.88
C LEU S 567 -42.31 -59.86 35.32
N PRO S 568 -41.47 -60.91 35.24
CA PRO S 568 -41.82 -62.21 34.70
C PRO S 568 -43.15 -62.81 35.15
N GLY S 569 -43.85 -63.43 34.20
CA GLY S 569 -45.12 -64.11 34.39
C GLY S 569 -46.00 -64.05 33.14
N SER S 570 -47.19 -64.64 33.20
CA SER S 570 -48.17 -64.59 32.11
C SER S 570 -49.29 -63.68 32.56
N TYR S 571 -49.67 -62.70 31.74
CA TYR S 571 -50.69 -61.72 32.13
C TYR S 571 -51.80 -61.60 31.11
N THR S 572 -53.05 -61.55 31.56
CA THR S 572 -54.20 -61.35 30.68
C THR S 572 -54.30 -59.87 30.42
N TYR S 573 -54.23 -59.47 29.18
CA TYR S 573 -54.34 -58.07 28.79
C TYR S 573 -55.52 -57.95 27.83
N GLU S 574 -56.50 -57.10 28.11
CA GLU S 574 -57.66 -56.87 27.25
C GLU S 574 -58.02 -55.41 27.20
N TRP S 575 -58.56 -54.95 26.09
CA TRP S 575 -59.08 -53.59 26.02
C TRP S 575 -60.25 -53.58 25.05
N ASN S 576 -61.16 -52.64 25.22
CA ASN S 576 -62.27 -52.43 24.31
C ASN S 576 -61.94 -51.27 23.41
N PHE S 577 -62.13 -51.42 22.10
CA PHE S 577 -61.90 -50.39 21.09
C PHE S 577 -63.21 -49.93 20.48
N ARG S 578 -63.46 -48.63 20.42
CA ARG S 578 -64.69 -48.11 19.81
C ARG S 578 -64.77 -48.33 18.31
N LYS S 579 -65.98 -48.42 17.77
CA LYS S 579 -66.26 -48.42 16.32
C LYS S 579 -67.06 -47.18 15.92
N ASP S 580 -67.46 -46.36 16.89
CA ASP S 580 -68.24 -45.15 16.70
C ASP S 580 -67.43 -44.09 15.97
N VAL S 581 -67.76 -43.86 14.71
CA VAL S 581 -67.05 -42.90 13.89
C VAL S 581 -67.15 -41.47 14.39
N ASN S 582 -68.18 -41.06 15.14
CA ASN S 582 -68.22 -39.71 15.68
C ASN S 582 -67.17 -39.55 16.79
N MET S 583 -66.84 -40.63 17.50
CA MET S 583 -65.83 -40.62 18.56
C MET S 583 -64.44 -40.82 17.97
N ILE S 584 -64.24 -41.83 17.15
CA ILE S 584 -62.98 -42.22 16.53
C ILE S 584 -62.42 -41.20 15.55
N LEU S 585 -63.24 -40.75 14.61
CA LEU S 585 -62.84 -39.81 13.59
C LEU S 585 -63.18 -38.38 14.00
N GLN S 586 -62.54 -37.42 13.35
CA GLN S 586 -62.80 -36.01 13.55
C GLN S 586 -62.99 -35.40 12.18
N SER S 587 -63.96 -34.51 12.02
CA SER S 587 -64.20 -33.81 10.76
C SER S 587 -63.92 -32.33 10.96
N SER S 588 -63.41 -31.61 9.96
CA SER S 588 -63.13 -30.19 10.12
C SER S 588 -64.40 -29.33 10.14
N LEU S 589 -65.59 -29.90 10.00
CA LEU S 589 -66.87 -29.17 10.06
C LEU S 589 -67.71 -29.55 11.28
N GLY S 590 -67.59 -30.80 11.75
CA GLY S 590 -68.35 -31.34 12.86
C GLY S 590 -69.67 -32.00 12.45
N ASN S 591 -69.88 -32.33 11.18
CA ASN S 591 -71.11 -32.99 10.70
C ASN S 591 -71.26 -34.38 11.30
N ASP S 592 -72.47 -34.90 11.42
CA ASP S 592 -72.69 -36.25 11.94
C ASP S 592 -72.14 -37.32 10.97
N LEU S 593 -71.07 -38.01 11.32
CA LEU S 593 -70.47 -39.02 10.45
C LEU S 593 -71.16 -40.39 10.56
N ARG S 594 -72.13 -40.57 11.45
CA ARG S 594 -72.91 -41.82 11.48
C ARG S 594 -73.89 -41.70 10.31
N VAL S 595 -74.45 -40.51 10.14
CA VAL S 595 -75.14 -40.10 8.90
C VAL S 595 -73.97 -39.76 7.95
N ASP S 596 -74.18 -39.34 6.72
CA ASP S 596 -73.06 -39.03 5.81
C ASP S 596 -72.08 -40.19 5.52
N GLY S 597 -72.47 -41.43 5.81
CA GLY S 597 -71.79 -42.67 5.42
C GLY S 597 -70.44 -43.12 5.95
N ALA S 598 -69.78 -42.49 6.91
CA ALA S 598 -68.47 -43.02 7.35
C ALA S 598 -68.60 -44.36 8.08
N SER S 599 -67.57 -45.20 8.02
CA SER S 599 -67.54 -46.47 8.78
C SER S 599 -66.10 -46.95 8.95
N VAL S 600 -65.86 -47.83 9.91
CA VAL S 600 -64.54 -48.39 10.16
C VAL S 600 -64.65 -49.87 10.48
N ARG S 601 -63.70 -50.65 10.00
CA ARG S 601 -63.70 -52.10 10.18
C ARG S 601 -62.32 -52.58 10.58
N PHE S 602 -62.20 -53.05 11.81
CA PHE S 602 -60.96 -53.61 12.33
C PHE S 602 -60.82 -55.02 11.80
N ASP S 603 -59.80 -55.30 10.99
CA ASP S 603 -59.56 -56.63 10.45
C ASP S 603 -58.65 -57.41 11.40
N SER S 604 -57.72 -56.76 12.11
CA SER S 604 -56.91 -57.43 13.13
C SER S 604 -56.29 -56.46 14.12
N VAL S 605 -56.26 -56.84 15.41
CA VAL S 605 -55.60 -56.10 16.48
C VAL S 605 -54.50 -56.98 17.03
N ASN S 606 -53.27 -56.52 17.09
CA ASN S 606 -52.12 -57.26 17.61
C ASN S 606 -51.43 -56.47 18.70
N LEU S 607 -50.81 -57.14 19.65
CA LEU S 607 -50.10 -56.47 20.72
C LEU S 607 -48.60 -56.63 20.50
N TYR S 608 -47.86 -55.54 20.41
CA TYR S 608 -46.40 -55.55 20.26
C TYR S 608 -45.75 -55.15 21.57
N ALA S 609 -44.63 -55.75 21.93
CA ALA S 609 -43.92 -55.45 23.16
C ALA S 609 -42.42 -55.48 22.91
N THR S 610 -41.68 -54.47 23.36
CA THR S 610 -40.22 -54.41 23.14
C THR S 610 -39.47 -54.61 24.46
N PHE S 611 -38.44 -55.44 24.45
CA PHE S 611 -37.65 -55.76 25.62
C PHE S 611 -36.21 -55.28 25.50
N PHE S 612 -35.66 -54.71 26.57
CA PHE S 612 -34.20 -54.61 26.67
C PHE S 612 -33.61 -55.99 26.82
N PRO S 613 -32.66 -56.41 25.95
CA PRO S 613 -32.05 -57.72 25.98
C PRO S 613 -31.05 -57.85 27.15
N MET S 614 -31.51 -57.64 28.37
CA MET S 614 -30.68 -57.51 29.56
C MET S 614 -29.99 -58.80 29.96
N ALA S 615 -28.79 -58.73 30.55
CA ALA S 615 -28.06 -59.90 31.02
C ALA S 615 -28.94 -60.67 32.01
N HIS S 616 -29.04 -61.99 31.90
CA HIS S 616 -29.96 -62.74 32.72
C HIS S 616 -29.71 -62.65 34.21
N ASN S 617 -28.46 -62.62 34.66
CA ASN S 617 -28.16 -62.46 36.07
C ASN S 617 -28.59 -61.07 36.56
N THR S 618 -28.39 -60.04 35.74
CA THR S 618 -28.84 -58.68 36.04
C THR S 618 -30.34 -58.58 36.06
N ALA S 619 -31.06 -59.11 35.08
CA ALA S 619 -32.52 -59.09 35.06
C ALA S 619 -33.09 -59.88 36.24
N SER S 620 -32.50 -61.03 36.56
CA SER S 620 -32.90 -61.81 37.72
C SER S 620 -32.70 -61.01 39.00
N THR S 621 -31.58 -60.33 39.15
CA THR S 621 -31.27 -59.51 40.32
C THR S 621 -32.23 -58.32 40.40
N LEU S 622 -32.56 -57.69 39.28
CA LEU S 622 -33.50 -56.59 39.24
C LEU S 622 -34.87 -57.07 39.67
N GLU S 623 -35.32 -58.23 39.19
CA GLU S 623 -36.58 -58.83 39.59
C GLU S 623 -36.55 -59.15 41.09
N ALA S 624 -35.46 -59.71 41.60
CA ALA S 624 -35.34 -60.01 43.02
C ALA S 624 -35.59 -58.77 43.86
N MET S 625 -35.00 -57.63 43.47
CA MET S 625 -35.22 -56.36 44.15
C MET S 625 -36.63 -55.82 43.94
N LEU S 626 -37.16 -55.83 42.72
CA LEU S 626 -38.44 -55.18 42.45
C LEU S 626 -39.61 -55.95 43.05
N ARG S 627 -39.43 -57.21 43.46
CA ARG S 627 -40.47 -57.98 44.14
C ARG S 627 -40.50 -57.72 45.64
N ASN S 628 -39.51 -57.02 46.22
CA ASN S 628 -39.50 -56.68 47.65
C ASN S 628 -40.56 -55.63 47.92
N ASP S 629 -41.34 -55.75 48.99
CA ASP S 629 -42.43 -54.83 49.33
C ASP S 629 -42.05 -53.36 49.43
N THR S 630 -40.82 -53.03 49.82
CA THR S 630 -40.41 -51.63 49.88
C THR S 630 -40.18 -50.99 48.52
N ASN S 631 -39.99 -51.79 47.47
CA ASN S 631 -39.67 -51.36 46.11
C ASN S 631 -40.89 -51.34 45.20
N ASP S 632 -42.11 -51.33 45.75
CA ASP S 632 -43.35 -51.22 44.97
C ASP S 632 -43.32 -50.00 44.06
N GLN S 633 -43.79 -50.15 42.83
CA GLN S 633 -43.88 -49.04 41.92
C GLN S 633 -45.12 -48.22 42.24
N SER S 634 -45.14 -46.97 41.86
CA SER S 634 -46.30 -46.12 42.06
C SER S 634 -46.40 -45.05 41.01
N PHE S 635 -47.63 -44.63 40.76
CA PHE S 635 -47.99 -43.72 39.68
C PHE S 635 -49.12 -42.83 40.17
N ASN S 636 -49.32 -41.66 39.58
CA ASN S 636 -50.52 -40.87 39.81
C ASN S 636 -50.97 -40.25 38.48
N ASP S 637 -52.27 -40.13 38.27
CA ASP S 637 -52.81 -39.55 37.04
C ASP S 637 -52.28 -38.12 36.90
N TYR S 638 -51.74 -37.69 35.76
CA TYR S 638 -51.20 -36.34 35.64
C TYR S 638 -52.26 -35.30 36.04
N LEU S 639 -53.42 -35.28 35.39
CA LEU S 639 -54.53 -34.43 35.81
C LEU S 639 -55.15 -35.16 37.00
N SER S 640 -54.67 -34.97 38.23
CA SER S 640 -55.26 -35.66 39.37
C SER S 640 -56.48 -34.87 39.83
N ALA S 641 -57.68 -35.28 39.44
CA ALA S 641 -58.89 -34.55 39.79
C ALA S 641 -60.19 -35.37 39.68
N ALA S 642 -61.25 -34.94 40.36
CA ALA S 642 -62.58 -35.50 40.23
C ALA S 642 -63.31 -34.63 39.20
N ASN S 643 -63.72 -35.23 38.09
CA ASN S 643 -64.31 -34.57 36.93
C ASN S 643 -65.84 -34.43 37.02
N MET S 644 -66.35 -33.53 37.83
CA MET S 644 -67.79 -33.29 37.94
C MET S 644 -68.31 -32.47 36.72
N LEU S 645 -69.40 -32.88 36.08
CA LEU S 645 -70.04 -32.15 34.98
C LEU S 645 -71.45 -31.76 35.42
N TYR S 646 -71.81 -30.49 35.31
CA TYR S 646 -73.12 -29.95 35.71
C TYR S 646 -73.80 -29.24 34.54
N PRO S 647 -75.11 -29.38 34.36
CA PRO S 647 -75.80 -28.76 33.25
C PRO S 647 -76.11 -27.28 33.51
N ILE S 648 -76.24 -26.52 32.43
CA ILE S 648 -76.58 -25.10 32.39
C ILE S 648 -77.66 -24.99 31.32
N PRO S 649 -78.93 -24.85 31.69
CA PRO S 649 -80.02 -24.74 30.74
C PRO S 649 -79.80 -23.60 29.75
N ALA S 650 -80.34 -23.71 28.54
CA ALA S 650 -80.18 -22.66 27.55
C ALA S 650 -80.66 -21.34 28.15
N LYS S 651 -79.92 -20.27 27.86
CA LYS S 651 -80.11 -18.91 28.33
C LYS S 651 -79.91 -18.66 29.83
N ALA S 652 -79.62 -19.66 30.67
CA ALA S 652 -79.34 -19.41 32.08
C ALA S 652 -78.03 -18.67 32.29
N THR S 653 -77.93 -17.86 33.35
CA THR S 653 -76.76 -17.05 33.69
C THR S 653 -76.22 -17.29 35.08
N ASN S 654 -76.78 -18.24 35.82
CA ASN S 654 -76.34 -18.55 37.17
C ASN S 654 -76.30 -20.06 37.38
N VAL S 655 -75.23 -20.57 37.98
CA VAL S 655 -75.04 -22.01 38.21
C VAL S 655 -74.63 -22.27 39.65
N PRO S 656 -75.58 -22.48 40.57
CA PRO S 656 -75.29 -22.80 41.95
C PRO S 656 -75.05 -24.29 42.11
N ILE S 657 -74.02 -24.71 42.86
CA ILE S 657 -73.68 -26.12 43.11
C ILE S 657 -73.25 -26.33 44.57
N SER S 658 -73.39 -27.55 45.10
CA SER S 658 -72.98 -27.85 46.48
C SER S 658 -72.56 -29.30 46.71
N ILE S 659 -71.76 -29.50 47.75
CA ILE S 659 -71.22 -30.78 48.23
C ILE S 659 -71.65 -30.87 49.70
N PRO S 660 -72.32 -31.95 50.14
CA PRO S 660 -72.98 -31.98 51.44
C PRO S 660 -72.14 -31.94 52.70
N SER S 661 -71.02 -32.65 52.76
CA SER S 661 -70.05 -32.69 53.86
C SER S 661 -68.94 -33.56 53.35
N ARG S 662 -67.70 -33.14 53.54
CA ARG S 662 -66.58 -33.81 52.91
C ARG S 662 -65.27 -33.59 53.65
N ASN S 663 -64.35 -34.54 53.61
CA ASN S 663 -63.03 -34.32 54.19
C ASN S 663 -62.21 -33.65 53.08
N TRP S 664 -61.48 -32.58 53.37
CA TRP S 664 -60.72 -31.83 52.37
C TRP S 664 -59.21 -31.99 52.53
N ALA S 665 -58.74 -32.87 53.41
CA ALA S 665 -57.33 -33.15 53.57
C ALA S 665 -56.73 -33.46 52.21
N ALA S 666 -55.55 -32.95 51.90
CA ALA S 666 -54.87 -33.10 50.62
C ALA S 666 -55.63 -32.63 49.37
N PHE S 667 -56.69 -31.84 49.51
CA PHE S 667 -57.37 -31.21 48.37
C PHE S 667 -56.39 -30.21 47.74
N ARG S 668 -56.25 -30.19 46.41
CA ARG S 668 -55.32 -29.30 45.71
C ARG S 668 -55.89 -28.00 45.15
N GLY S 669 -57.19 -27.81 45.07
CA GLY S 669 -57.83 -26.61 44.52
C GLY S 669 -58.91 -26.91 43.51
N TRP S 670 -59.49 -25.88 42.91
CA TRP S 670 -60.52 -26.01 41.88
C TRP S 670 -59.98 -25.58 40.53
N SER S 671 -60.34 -26.30 39.49
CA SER S 671 -60.04 -25.90 38.11
C SER S 671 -61.34 -25.98 37.32
N PHE S 672 -61.63 -25.10 36.37
CA PHE S 672 -62.91 -25.17 35.66
C PHE S 672 -62.93 -24.51 34.29
N THR S 673 -63.94 -24.88 33.50
CA THR S 673 -64.20 -24.39 32.15
C THR S 673 -65.63 -24.72 31.73
N ARG S 674 -66.08 -24.30 30.54
CA ARG S 674 -67.45 -24.50 30.03
C ARG S 674 -67.42 -25.27 28.73
N LEU S 675 -68.36 -26.20 28.55
CA LEU S 675 -68.49 -27.03 27.36
C LEU S 675 -69.87 -26.92 26.76
N LYS S 676 -70.06 -27.14 25.45
CA LYS S 676 -71.42 -27.22 24.88
C LYS S 676 -71.95 -28.62 25.12
N THR S 677 -73.25 -28.82 25.28
CA THR S 677 -73.74 -30.20 25.48
C THR S 677 -73.57 -31.01 24.19
N LYS S 678 -73.83 -30.40 23.03
CA LYS S 678 -73.68 -31.04 21.72
C LYS S 678 -72.27 -31.56 21.46
N GLU S 679 -71.25 -30.77 21.81
CA GLU S 679 -69.84 -31.08 21.54
C GLU S 679 -69.20 -32.02 22.55
N THR S 680 -69.94 -32.72 23.40
CA THR S 680 -69.35 -33.68 24.34
C THR S 680 -70.24 -34.90 24.53
N PRO S 681 -69.69 -36.12 24.45
CA PRO S 681 -70.47 -37.33 24.58
C PRO S 681 -70.73 -37.71 26.02
N SER S 682 -71.78 -38.48 26.26
CA SER S 682 -71.99 -39.09 27.55
C SER S 682 -71.16 -40.36 27.51
N LEU S 683 -70.60 -40.79 28.63
CA LEU S 683 -69.78 -42.01 28.69
C LEU S 683 -70.10 -42.76 29.97
N GLY S 684 -69.82 -44.05 29.93
CA GLY S 684 -70.31 -45.04 30.89
C GLY S 684 -71.34 -45.83 30.07
N SER S 685 -72.12 -45.14 29.22
CA SER S 685 -72.97 -45.74 28.20
C SER S 685 -72.00 -46.30 27.17
N GLY S 686 -72.09 -47.58 26.80
CA GLY S 686 -71.16 -48.18 25.85
C GLY S 686 -71.18 -47.48 24.47
N PHE S 687 -72.31 -46.90 24.09
CA PHE S 687 -72.49 -46.12 22.88
C PHE S 687 -73.39 -44.92 23.18
N ASP S 688 -73.16 -43.77 22.55
CA ASP S 688 -74.00 -42.60 22.73
C ASP S 688 -74.79 -42.32 21.44
N PRO S 689 -76.03 -42.82 21.29
CA PRO S 689 -76.81 -42.60 20.08
C PRO S 689 -77.19 -41.14 19.86
N TYR S 690 -77.01 -40.24 20.84
CA TYR S 690 -77.37 -38.82 20.72
C TYR S 690 -76.19 -37.91 20.47
N PHE S 691 -74.97 -38.41 20.55
CA PHE S 691 -73.77 -37.68 20.20
C PHE S 691 -73.69 -37.62 18.66
N VAL S 692 -74.38 -36.63 18.11
CA VAL S 692 -74.54 -36.41 16.66
C VAL S 692 -73.44 -35.52 16.06
N TYR S 693 -72.68 -34.83 16.88
CA TYR S 693 -71.54 -34.01 16.47
C TYR S 693 -70.30 -34.87 16.17
N SER S 694 -69.27 -34.33 15.52
CA SER S 694 -68.01 -35.07 15.23
C SER S 694 -66.74 -34.20 15.19
N GLY S 695 -66.81 -32.95 15.60
CA GLY S 695 -65.65 -32.06 15.61
C GLY S 695 -64.75 -32.35 16.80
N SER S 696 -63.87 -31.44 17.17
CA SER S 696 -63.00 -31.66 18.36
C SER S 696 -63.86 -31.79 19.60
N ILE S 697 -63.47 -32.61 20.57
CA ILE S 697 -64.23 -32.82 21.80
C ILE S 697 -63.44 -32.18 22.94
N PRO S 698 -63.73 -30.92 23.32
CA PRO S 698 -63.02 -30.24 24.36
C PRO S 698 -62.87 -31.01 25.67
N TYR S 699 -63.84 -31.83 26.05
CA TYR S 699 -63.76 -32.64 27.27
C TYR S 699 -62.66 -33.71 27.21
N LEU S 700 -62.33 -34.21 26.02
CA LEU S 700 -61.34 -35.25 25.80
C LEU S 700 -60.02 -34.76 25.21
N ASP S 701 -60.07 -33.98 24.13
CA ASP S 701 -58.87 -33.54 23.43
C ASP S 701 -58.31 -32.18 23.85
N GLY S 702 -58.79 -31.60 24.95
CA GLY S 702 -58.27 -30.36 25.53
C GLY S 702 -58.48 -29.07 24.74
N THR S 703 -59.21 -29.08 23.64
CA THR S 703 -59.42 -27.90 22.80
C THR S 703 -60.46 -26.94 23.40
N PHE S 704 -60.26 -26.41 24.61
CA PHE S 704 -61.20 -25.48 25.26
C PHE S 704 -61.28 -24.14 24.53
N TYR S 705 -62.43 -23.47 24.59
CA TYR S 705 -62.66 -22.20 23.89
C TYR S 705 -63.74 -21.29 24.47
N LEU S 706 -64.43 -21.64 25.55
CA LEU S 706 -65.51 -20.81 26.14
C LEU S 706 -65.14 -20.18 27.48
N ASN S 707 -63.86 -20.15 27.86
CA ASN S 707 -63.45 -19.58 29.14
C ASN S 707 -63.77 -18.09 29.27
N HIS S 708 -63.80 -17.34 28.17
CA HIS S 708 -64.16 -15.92 28.21
C HIS S 708 -65.61 -15.71 28.62
N THR S 709 -66.46 -16.74 28.66
CA THR S 709 -67.88 -16.63 29.02
C THR S 709 -68.16 -16.57 30.53
N PHE S 710 -67.17 -16.73 31.40
CA PHE S 710 -67.38 -16.63 32.85
C PHE S 710 -67.35 -15.19 33.33
N LYS S 711 -68.30 -14.77 34.17
CA LYS S 711 -68.31 -13.42 34.72
C LYS S 711 -67.68 -13.41 36.09
N LYS S 712 -68.07 -14.32 36.97
CA LYS S 712 -67.47 -14.49 38.32
C LYS S 712 -67.83 -15.81 38.97
N VAL S 713 -67.10 -16.15 40.03
CA VAL S 713 -67.36 -17.32 40.86
C VAL S 713 -67.25 -16.95 42.33
N SER S 714 -68.17 -17.44 43.15
CA SER S 714 -68.10 -17.28 44.59
C SER S 714 -67.99 -18.68 45.19
N ILE S 715 -67.29 -18.81 46.30
CA ILE S 715 -66.99 -20.06 47.00
C ILE S 715 -67.33 -19.87 48.47
N MET S 716 -68.02 -20.82 49.10
CA MET S 716 -68.43 -20.70 50.50
C MET S 716 -68.53 -22.02 51.25
N PHE S 717 -67.68 -22.25 52.25
CA PHE S 717 -67.69 -23.44 53.10
C PHE S 717 -68.67 -23.31 54.26
N ASP S 718 -69.22 -24.43 54.71
CA ASP S 718 -70.19 -24.51 55.81
C ASP S 718 -71.32 -23.50 55.67
N SER S 719 -71.72 -23.20 54.44
CA SER S 719 -72.80 -22.28 54.04
C SER S 719 -72.72 -20.92 54.72
N SER S 720 -71.56 -20.55 55.26
CA SER S 720 -71.39 -19.37 56.08
C SER S 720 -70.05 -18.68 55.95
N VAL S 721 -68.99 -19.40 55.56
CA VAL S 721 -67.65 -18.84 55.45
C VAL S 721 -67.29 -18.62 53.99
N SER S 722 -67.18 -17.38 53.55
CA SER S 722 -66.77 -17.02 52.18
C SER S 722 -65.33 -17.51 52.10
N TRP S 723 -64.98 -18.42 51.19
CA TRP S 723 -63.67 -19.09 51.32
C TRP S 723 -62.42 -18.23 51.34
N PRO S 724 -62.07 -17.45 50.31
CA PRO S 724 -60.80 -16.72 50.38
C PRO S 724 -60.81 -15.88 51.65
N GLY S 725 -61.89 -15.12 51.87
CA GLY S 725 -62.08 -14.33 53.06
C GLY S 725 -60.92 -13.40 53.30
N ASN S 726 -60.65 -13.13 54.58
CA ASN S 726 -59.53 -12.36 55.09
C ASN S 726 -59.19 -11.10 54.27
N ASP S 727 -60.18 -10.41 53.70
CA ASP S 727 -59.98 -9.23 52.84
C ASP S 727 -58.91 -9.43 51.75
N ARG S 728 -58.68 -10.63 51.26
CA ARG S 728 -57.60 -10.86 50.28
C ARG S 728 -57.70 -10.10 48.97
N LEU S 729 -58.83 -10.19 48.30
CA LEU S 729 -59.06 -9.64 46.97
C LEU S 729 -59.67 -8.22 46.97
N LEU S 730 -59.59 -7.48 45.86
CA LEU S 730 -60.16 -6.13 45.78
C LEU S 730 -61.68 -6.16 46.00
N THR S 731 -62.36 -7.22 45.56
CA THR S 731 -63.75 -7.51 45.94
C THR S 731 -63.60 -8.77 46.80
N PRO S 732 -63.37 -8.65 48.12
CA PRO S 732 -63.04 -9.79 48.97
C PRO S 732 -63.94 -11.01 48.95
N ASN S 733 -65.23 -10.83 48.73
CA ASN S 733 -66.21 -11.89 48.79
C ASN S 733 -66.27 -12.84 47.60
N GLU S 734 -65.66 -12.54 46.46
CA GLU S 734 -65.77 -13.39 45.26
C GLU S 734 -64.71 -13.12 44.20
N PHE S 735 -64.52 -14.04 43.25
CA PHE S 735 -63.58 -13.92 42.16
C PHE S 735 -64.28 -13.33 40.96
N GLU S 736 -64.21 -12.01 40.81
CA GLU S 736 -64.81 -11.30 39.70
C GLU S 736 -63.89 -11.45 38.48
N ILE S 737 -64.09 -12.52 37.69
CA ILE S 737 -63.28 -12.91 36.53
C ILE S 737 -63.17 -11.83 35.46
N LYS S 738 -64.25 -11.13 35.15
CA LYS S 738 -64.25 -10.01 34.20
C LYS S 738 -65.28 -8.96 34.59
N ARG S 739 -65.25 -7.79 33.96
CA ARG S 739 -66.21 -6.69 34.23
C ARG S 739 -66.84 -6.11 32.98
N SER S 740 -68.02 -5.54 33.13
CA SER S 740 -68.75 -4.85 32.07
C SER S 740 -68.66 -3.33 32.29
N VAL S 741 -68.66 -2.88 33.54
CA VAL S 741 -68.52 -1.49 33.98
C VAL S 741 -67.49 -1.44 35.09
N ASP S 742 -66.67 -0.40 35.15
CA ASP S 742 -65.49 -0.40 36.03
C ASP S 742 -65.23 0.97 36.66
N GLY S 743 -66.16 1.45 37.48
CA GLY S 743 -66.04 2.76 38.13
C GLY S 743 -64.77 2.91 38.98
N GLU S 744 -64.38 1.85 39.69
CA GLU S 744 -63.21 1.82 40.55
C GLU S 744 -61.87 1.75 39.78
N GLY S 745 -61.89 1.29 38.53
CA GLY S 745 -60.69 1.10 37.71
C GLY S 745 -59.95 -0.20 38.00
N TYR S 746 -60.66 -1.30 38.23
CA TYR S 746 -60.12 -2.61 38.54
C TYR S 746 -59.82 -3.52 37.34
N ASN S 747 -60.00 -3.11 36.09
CA ASN S 747 -59.52 -3.87 34.92
C ASN S 747 -58.00 -3.86 34.74
N VAL S 748 -57.44 -4.69 33.85
CA VAL S 748 -56.00 -4.76 33.54
C VAL S 748 -55.71 -5.09 32.08
N ALA S 749 -54.43 -5.06 31.71
CA ALA S 749 -53.94 -5.58 30.44
C ALA S 749 -54.57 -4.91 29.21
N GLN S 750 -55.10 -3.71 29.39
CA GLN S 750 -55.83 -2.95 28.36
C GLN S 750 -57.14 -3.63 27.89
N CYS S 751 -57.63 -4.67 28.56
CA CYS S 751 -58.90 -5.35 28.29
C CYS S 751 -59.89 -5.23 29.46
N ASN S 752 -60.78 -6.20 29.68
CA ASN S 752 -61.78 -6.17 30.75
C ASN S 752 -61.61 -7.23 31.85
N MET S 753 -60.50 -7.95 31.90
CA MET S 753 -60.20 -8.89 32.97
C MET S 753 -59.86 -8.10 34.24
N THR S 754 -60.16 -8.56 35.44
CA THR S 754 -59.87 -7.78 36.65
C THR S 754 -58.45 -7.95 37.16
N LYS S 755 -57.99 -7.01 37.98
CA LYS S 755 -56.73 -7.08 38.71
C LYS S 755 -56.69 -8.33 39.58
N ASP S 756 -57.79 -8.67 40.24
CA ASP S 756 -57.87 -9.88 41.06
C ASP S 756 -57.69 -11.12 40.23
N TRP S 757 -58.47 -11.27 39.16
CA TRP S 757 -58.38 -12.48 38.37
C TRP S 757 -57.04 -12.61 37.68
N PHE S 758 -56.49 -11.55 37.12
CA PHE S 758 -55.20 -11.62 36.45
C PHE S 758 -54.10 -12.02 37.43
N LEU S 759 -54.08 -11.41 38.62
CA LEU S 759 -53.09 -11.73 39.64
C LEU S 759 -53.19 -13.19 40.05
N VAL S 760 -54.40 -13.70 40.26
CA VAL S 760 -54.61 -15.10 40.64
C VAL S 760 -54.18 -16.03 39.52
N GLN S 761 -54.52 -15.73 38.27
CA GLN S 761 -54.11 -16.60 37.17
C GLN S 761 -52.61 -16.59 36.96
N MET S 762 -51.93 -15.46 37.06
CA MET S 762 -50.47 -15.42 36.92
C MET S 762 -49.82 -16.15 38.10
N LEU S 763 -50.25 -15.92 39.34
CA LEU S 763 -49.69 -16.61 40.52
C LEU S 763 -49.85 -18.12 40.46
N SER S 764 -51.03 -18.60 40.11
CA SER S 764 -51.25 -20.04 40.09
C SER S 764 -50.48 -20.71 38.96
N HIS S 765 -50.45 -20.13 37.76
CA HIS S 765 -49.70 -20.71 36.66
C HIS S 765 -48.19 -20.56 36.76
N TYR S 766 -47.68 -19.48 37.36
CA TYR S 766 -46.25 -19.18 37.29
C TYR S 766 -45.54 -18.70 38.55
N ASN S 767 -46.23 -18.48 39.67
CA ASN S 767 -45.63 -17.91 40.87
C ASN S 767 -44.98 -16.53 40.57
N ILE S 768 -45.77 -15.56 40.09
CA ILE S 768 -45.29 -14.24 39.63
C ILE S 768 -45.81 -12.98 40.35
N GLY S 769 -47.07 -12.91 40.72
CA GLY S 769 -47.66 -11.67 41.26
C GLY S 769 -47.01 -10.84 42.37
N TYR S 770 -46.36 -11.41 43.39
CA TYR S 770 -45.88 -10.61 44.53
C TYR S 770 -44.66 -9.74 44.32
N GLN S 771 -43.89 -9.97 43.27
CA GLN S 771 -42.68 -9.21 42.99
C GLN S 771 -42.72 -8.60 41.58
N GLY S 772 -43.92 -8.31 41.10
CA GLY S 772 -44.19 -7.63 39.84
C GLY S 772 -44.40 -8.56 38.65
N PHE S 773 -45.33 -8.21 37.77
CA PHE S 773 -45.62 -8.96 36.56
C PHE S 773 -44.49 -8.81 35.53
N HIS S 774 -44.03 -9.93 34.99
CA HIS S 774 -43.08 -10.01 33.89
C HIS S 774 -43.42 -11.20 32.99
N VAL S 775 -42.93 -11.25 31.76
CA VAL S 775 -43.29 -12.33 30.83
C VAL S 775 -42.78 -13.65 31.40
N PRO S 776 -43.62 -14.67 31.63
CA PRO S 776 -43.17 -15.90 32.24
C PRO S 776 -42.14 -16.60 31.36
N GLU S 777 -41.18 -17.28 31.98
CA GLU S 777 -40.10 -17.94 31.26
C GLU S 777 -40.70 -18.98 30.29
N GLY S 778 -40.19 -19.05 29.07
CA GLY S 778 -40.75 -19.92 28.03
C GLY S 778 -40.90 -21.39 28.38
N TYR S 779 -40.02 -21.95 29.21
CA TYR S 779 -40.12 -23.35 29.60
C TYR S 779 -41.32 -23.58 30.53
N LYS S 780 -41.79 -22.54 31.26
CA LYS S 780 -42.99 -22.62 32.11
C LYS S 780 -44.24 -22.28 31.32
N ASP S 781 -44.11 -21.41 30.33
CA ASP S 781 -45.21 -20.92 29.52
C ASP S 781 -45.51 -21.84 28.34
N ARG S 782 -46.02 -23.03 28.67
CA ARG S 782 -46.31 -24.10 27.72
C ARG S 782 -47.62 -23.88 26.97
N MET S 783 -47.98 -24.79 26.06
CA MET S 783 -49.18 -24.65 25.23
C MET S 783 -50.49 -24.48 25.99
N TYR S 784 -50.66 -25.14 27.12
CA TYR S 784 -51.87 -25.01 27.93
C TYR S 784 -51.81 -23.95 29.03
N SER S 785 -50.69 -23.24 29.20
CA SER S 785 -50.57 -22.22 30.24
C SER S 785 -51.37 -20.95 29.92
N PHE S 786 -51.61 -20.10 30.92
CA PHE S 786 -52.39 -18.88 30.80
C PHE S 786 -51.84 -17.82 29.84
N PHE S 787 -50.64 -17.31 30.08
CA PHE S 787 -50.07 -16.23 29.31
C PHE S 787 -49.94 -16.53 27.82
N ARG S 788 -49.48 -17.71 27.43
CA ARG S 788 -49.38 -18.14 26.03
C ARG S 788 -50.70 -17.96 25.26
N ASN S 789 -51.83 -18.19 25.95
CA ASN S 789 -53.18 -18.17 25.40
C ASN S 789 -53.99 -16.91 25.64
N PHE S 790 -53.60 -16.02 26.55
CA PHE S 790 -54.36 -14.81 26.85
C PHE S 790 -54.25 -13.76 25.75
N GLN S 791 -55.36 -13.49 25.07
CA GLN S 791 -55.47 -12.52 23.98
C GLN S 791 -56.45 -11.38 24.26
N PRO S 792 -55.98 -10.21 24.73
CA PRO S 792 -56.83 -9.06 24.97
C PRO S 792 -57.12 -8.30 23.67
N MET S 793 -58.27 -7.64 23.57
CA MET S 793 -58.71 -6.92 22.37
C MET S 793 -59.55 -5.68 22.65
N SER S 794 -59.55 -4.74 21.71
CA SER S 794 -60.33 -3.50 21.77
C SER S 794 -60.74 -3.01 20.39
N ARG S 795 -61.90 -2.40 20.26
CA ARG S 795 -62.37 -1.76 19.03
C ARG S 795 -63.20 -0.55 19.37
N GLN S 796 -63.25 0.43 18.47
CA GLN S 796 -64.17 1.55 18.55
C GLN S 796 -65.27 1.26 17.56
N VAL S 797 -66.48 1.69 17.85
CA VAL S 797 -67.64 1.59 16.97
C VAL S 797 -68.43 2.88 17.09
N VAL S 798 -69.27 3.17 16.09
CA VAL S 798 -70.10 4.37 16.07
C VAL S 798 -70.98 4.44 17.32
N ASP S 799 -71.09 5.61 17.93
CA ASP S 799 -71.96 5.80 19.10
C ASP S 799 -73.39 5.83 18.58
N GLU S 800 -74.25 4.88 18.97
CA GLU S 800 -75.60 4.84 18.39
C GLU S 800 -76.45 5.91 19.06
N ILE S 801 -76.40 5.96 20.39
CA ILE S 801 -76.97 7.06 21.18
C ILE S 801 -75.97 8.22 20.99
N ASN S 802 -76.30 9.45 21.35
CA ASN S 802 -75.31 10.54 21.35
C ASN S 802 -74.64 10.91 20.00
N TYR S 803 -75.24 10.56 18.86
CA TYR S 803 -74.76 10.93 17.52
C TYR S 803 -76.00 11.13 16.65
N LYS S 804 -76.34 12.40 16.44
CA LYS S 804 -77.54 12.88 15.74
C LYS S 804 -77.80 12.38 14.32
N ASP S 805 -76.81 11.82 13.64
CA ASP S 805 -76.96 11.35 12.26
C ASP S 805 -76.91 9.83 12.10
N TYR S 806 -76.78 9.07 13.19
CA TYR S 806 -76.76 7.62 13.10
C TYR S 806 -78.10 7.09 12.59
N LYS S 807 -78.07 6.28 11.53
CA LYS S 807 -79.20 5.44 11.06
C LYS S 807 -78.82 3.96 11.02
N ALA S 808 -79.73 3.10 11.46
CA ALA S 808 -79.46 1.69 11.70
C ALA S 808 -79.66 0.84 10.44
N VAL S 809 -78.82 1.01 9.44
CA VAL S 809 -78.99 0.32 8.16
C VAL S 809 -78.71 -1.18 8.30
N THR S 810 -79.70 -2.03 8.05
CA THR S 810 -79.57 -3.49 8.16
C THR S 810 -78.91 -4.06 6.89
N LEU S 811 -78.37 -5.28 6.99
CA LEU S 811 -77.57 -5.90 5.93
C LEU S 811 -78.10 -5.78 4.49
N PRO S 812 -79.38 -6.02 4.16
CA PRO S 812 -79.85 -5.90 2.78
C PRO S 812 -79.70 -4.50 2.17
N PHE S 813 -79.65 -3.47 3.00
CA PHE S 813 -79.63 -2.06 2.64
C PHE S 813 -78.27 -1.38 2.78
N GLN S 814 -77.29 -2.08 3.37
CA GLN S 814 -75.91 -1.67 3.39
C GLN S 814 -75.32 -1.87 2.00
N HIS S 815 -74.60 -0.90 1.47
CA HIS S 815 -73.84 -1.06 0.24
C HIS S 815 -72.46 -0.43 0.29
N ASN S 816 -71.52 -1.16 -0.29
CA ASN S 816 -70.12 -0.87 -0.47
C ASN S 816 -69.68 -1.79 -1.62
N ASN S 817 -68.82 -1.37 -2.56
CA ASN S 817 -68.49 -2.19 -3.74
C ASN S 817 -69.75 -2.61 -4.52
N SER S 818 -70.80 -1.78 -4.53
CA SER S 818 -71.97 -2.02 -5.38
C SER S 818 -71.54 -2.03 -6.83
N GLY S 819 -72.12 -2.86 -7.67
CA GLY S 819 -71.68 -2.98 -9.06
C GLY S 819 -70.48 -3.90 -9.25
N PHE S 820 -69.70 -4.20 -8.21
CA PHE S 820 -68.53 -5.06 -8.30
C PHE S 820 -68.64 -6.34 -7.44
N THR S 821 -69.81 -6.65 -6.88
CA THR S 821 -70.03 -7.83 -6.00
C THR S 821 -71.44 -8.40 -6.12
N GLY S 822 -71.63 -9.69 -5.83
CA GLY S 822 -72.97 -10.31 -5.83
C GLY S 822 -73.81 -9.73 -4.69
N TYR S 823 -75.12 -9.60 -4.86
CA TYR S 823 -75.99 -9.11 -3.78
C TYR S 823 -76.26 -10.19 -2.73
N LEU S 824 -75.73 -10.03 -1.52
CA LEU S 824 -75.90 -10.98 -0.41
C LEU S 824 -75.48 -12.42 -0.73
N ALA S 825 -74.61 -12.63 -1.71
CA ALA S 825 -74.19 -13.96 -2.10
C ALA S 825 -72.84 -13.98 -2.82
N PRO S 826 -72.15 -15.13 -2.85
CA PRO S 826 -70.89 -15.31 -3.57
C PRO S 826 -71.09 -15.41 -5.10
N THR S 827 -72.32 -15.25 -5.58
CA THR S 827 -72.72 -15.27 -7.00
C THR S 827 -72.12 -14.09 -7.78
N MET S 828 -72.22 -14.09 -9.11
CA MET S 828 -71.64 -13.03 -9.93
C MET S 828 -72.11 -11.62 -9.58
N ARG S 829 -71.26 -10.64 -9.87
CA ARG S 829 -71.45 -9.22 -9.60
C ARG S 829 -72.75 -8.62 -10.11
N GLN S 830 -73.36 -7.75 -9.31
CA GLN S 830 -74.62 -7.06 -9.63
C GLN S 830 -74.53 -5.57 -9.32
N GLY S 831 -75.34 -4.74 -9.98
CA GLY S 831 -75.58 -3.35 -9.56
C GLY S 831 -74.75 -2.30 -10.28
N GLN S 832 -74.61 -1.13 -9.67
CA GLN S 832 -73.85 0.00 -10.23
C GLN S 832 -72.79 0.55 -9.26
N PRO S 833 -71.70 1.16 -9.74
CA PRO S 833 -70.84 1.98 -8.91
C PRO S 833 -71.66 3.04 -8.18
N TYR S 834 -71.41 3.26 -6.88
CA TYR S 834 -72.04 4.31 -6.11
C TYR S 834 -71.29 4.58 -4.80
N PRO S 835 -71.36 5.78 -4.19
CA PRO S 835 -70.82 6.02 -2.87
C PRO S 835 -71.32 4.99 -1.86
N ALA S 836 -70.41 4.40 -1.11
CA ALA S 836 -70.75 3.42 -0.12
C ALA S 836 -71.44 4.07 1.08
N ASN S 837 -72.44 3.43 1.68
CA ASN S 837 -73.20 4.03 2.78
C ASN S 837 -72.83 3.46 4.16
N PHE S 838 -72.22 2.29 4.22
CA PHE S 838 -72.35 1.50 5.44
C PHE S 838 -71.38 1.80 6.59
N PRO S 839 -70.07 1.50 6.51
CA PRO S 839 -69.22 1.65 7.67
C PRO S 839 -68.85 3.11 7.89
N TYR S 840 -69.38 3.74 8.94
CA TYR S 840 -69.08 5.14 9.19
C TYR S 840 -67.58 5.31 9.46
N PRO S 841 -66.93 6.40 9.03
CA PRO S 841 -65.52 6.60 9.28
C PRO S 841 -65.26 6.90 10.74
N LEU S 842 -64.33 6.17 11.36
CA LEU S 842 -63.84 6.41 12.72
C LEU S 842 -62.51 7.20 12.76
N ILE S 843 -62.04 7.65 11.60
CA ILE S 843 -60.75 8.29 11.37
C ILE S 843 -60.89 9.52 10.45
N GLY S 844 -59.84 10.33 10.39
CA GLY S 844 -59.84 11.59 9.62
C GLY S 844 -60.54 12.72 10.37
N GLN S 845 -60.67 13.88 9.74
CA GLN S 845 -61.40 15.00 10.33
C GLN S 845 -62.93 14.86 10.28
N THR S 846 -63.47 13.94 9.48
CA THR S 846 -64.91 13.63 9.42
C THR S 846 -65.38 12.51 10.34
N ALA S 847 -64.49 11.94 11.16
CA ALA S 847 -64.79 10.84 12.06
C ALA S 847 -66.04 11.02 12.92
N VAL S 848 -66.91 10.02 12.94
CA VAL S 848 -68.15 10.02 13.73
C VAL S 848 -67.91 9.76 15.22
N PRO S 849 -68.77 10.23 16.14
CA PRO S 849 -68.65 9.95 17.56
C PRO S 849 -68.61 8.45 17.82
N SER S 850 -67.87 7.98 18.83
CA SER S 850 -67.70 6.55 19.03
C SER S 850 -67.53 6.09 20.46
N VAL S 851 -67.78 4.79 20.67
CA VAL S 851 -67.65 4.09 21.95
C VAL S 851 -66.67 2.98 21.79
N THR S 852 -66.02 2.58 22.86
CA THR S 852 -65.00 1.54 22.87
C THR S 852 -65.53 0.27 23.50
N GLN S 853 -65.20 -0.86 22.91
CA GLN S 853 -65.62 -2.17 23.37
C GLN S 853 -64.40 -3.03 23.64
N LYS S 854 -64.42 -3.74 24.77
CA LYS S 854 -63.27 -4.47 25.33
C LYS S 854 -63.65 -5.87 25.73
N LYS S 855 -62.79 -6.82 25.40
CA LYS S 855 -62.93 -8.24 25.73
C LYS S 855 -61.59 -8.93 25.58
N PHE S 856 -61.54 -10.19 25.96
CA PHE S 856 -60.39 -11.05 25.80
C PHE S 856 -60.85 -12.43 25.42
N LEU S 857 -59.91 -13.23 24.94
CA LEU S 857 -60.09 -14.63 24.66
C LEU S 857 -58.95 -15.33 25.38
N CYS S 858 -59.20 -16.53 25.85
CA CYS S 858 -58.23 -17.37 26.53
C CYS S 858 -58.68 -18.79 26.20
N ASP S 859 -58.22 -19.32 25.07
CA ASP S 859 -58.69 -20.57 24.51
C ASP S 859 -58.31 -21.87 25.23
N ARG S 860 -57.19 -22.53 24.94
CA ARG S 860 -56.91 -23.86 25.51
C ARG S 860 -56.77 -23.98 27.04
N VAL S 861 -56.84 -22.89 27.76
CA VAL S 861 -56.68 -22.80 29.22
C VAL S 861 -57.86 -23.35 30.03
N MET S 862 -57.64 -23.64 31.30
CA MET S 862 -58.69 -23.90 32.28
C MET S 862 -58.45 -22.94 33.40
N TRP S 863 -59.50 -22.33 33.92
CA TRP S 863 -59.37 -21.44 35.04
C TRP S 863 -58.90 -22.25 36.26
N ARG S 864 -58.01 -21.70 37.09
CA ARG S 864 -57.48 -22.35 38.30
C ARG S 864 -57.63 -21.49 39.54
N ILE S 865 -57.89 -22.12 40.68
CA ILE S 865 -57.98 -21.48 42.01
C ILE S 865 -57.30 -22.44 42.99
N PRO S 866 -56.02 -22.25 43.31
CA PRO S 866 -55.30 -23.14 44.19
C PRO S 866 -55.80 -23.12 45.62
N PHE S 867 -55.96 -24.28 46.23
CA PHE S 867 -56.35 -24.37 47.63
C PHE S 867 -55.10 -24.18 48.48
N SER S 868 -54.57 -22.96 48.46
CA SER S 868 -53.33 -22.57 49.10
C SER S 868 -53.53 -21.26 49.87
N SER S 869 -52.89 -21.08 51.04
CA SER S 869 -53.09 -19.90 51.90
C SER S 869 -52.86 -18.57 51.18
N ASN S 870 -52.07 -18.62 50.13
CA ASN S 870 -51.87 -17.58 49.15
C ASN S 870 -51.77 -18.35 47.83
N PHE S 871 -52.08 -17.76 46.69
CA PHE S 871 -52.26 -18.57 45.49
C PHE S 871 -51.02 -19.15 44.82
N MET S 872 -49.82 -19.03 45.39
CA MET S 872 -48.61 -19.64 44.82
C MET S 872 -48.63 -21.16 44.97
N SER S 873 -47.94 -21.86 44.07
CA SER S 873 -47.74 -23.30 44.17
C SER S 873 -46.42 -23.52 44.90
N MET S 874 -46.46 -23.91 46.17
CA MET S 874 -45.25 -24.13 46.98
C MET S 874 -44.94 -25.60 47.20
N GLY S 875 -45.78 -26.50 46.71
CA GLY S 875 -45.62 -27.94 46.81
C GLY S 875 -46.88 -28.62 46.29
N ALA S 876 -46.83 -29.91 46.01
CA ALA S 876 -48.02 -30.56 45.49
C ALA S 876 -49.07 -30.69 46.59
N LEU S 877 -48.64 -30.95 47.83
CA LEU S 877 -49.51 -30.99 49.00
C LEU S 877 -49.56 -29.59 49.61
N THR S 878 -50.55 -28.78 49.23
CA THR S 878 -50.71 -27.37 49.68
C THR S 878 -50.84 -27.20 51.19
N ASP S 879 -50.57 -26.03 51.77
CA ASP S 879 -50.67 -25.86 53.24
C ASP S 879 -52.08 -25.99 53.73
N LEU S 880 -53.07 -25.46 53.01
CA LEU S 880 -54.45 -25.65 53.39
C LEU S 880 -54.80 -27.13 53.28
N GLY S 881 -54.25 -27.88 52.34
CA GLY S 881 -54.48 -29.31 52.26
C GLY S 881 -53.89 -30.05 53.47
N GLN S 882 -53.10 -29.43 54.35
CA GLN S 882 -52.46 -30.09 55.51
C GLN S 882 -52.58 -29.29 56.81
N ASN S 883 -53.57 -28.44 56.82
CA ASN S 883 -54.08 -27.55 57.84
C ASN S 883 -55.54 -27.89 57.86
N MET S 884 -56.02 -28.50 58.94
CA MET S 884 -57.31 -29.17 59.18
C MET S 884 -57.24 -30.68 58.92
N LEU S 885 -56.03 -31.25 58.96
CA LEU S 885 -55.94 -32.66 59.37
C LEU S 885 -55.92 -32.70 60.93
N TYR S 886 -56.02 -31.55 61.64
CA TYR S 886 -55.99 -31.54 63.11
C TYR S 886 -57.35 -31.93 63.70
N ALA S 887 -58.38 -31.15 63.41
CA ALA S 887 -59.75 -31.37 63.78
C ALA S 887 -60.55 -31.99 62.63
N ASN S 888 -60.78 -33.30 62.51
CA ASN S 888 -61.82 -33.96 61.68
C ASN S 888 -62.32 -33.30 60.36
N SER S 889 -62.82 -32.07 60.53
CA SER S 889 -63.30 -31.10 59.55
C SER S 889 -64.61 -31.43 58.88
N ALA S 890 -64.68 -32.30 57.88
CA ALA S 890 -65.96 -32.66 57.27
C ALA S 890 -66.79 -31.50 56.67
N HIS S 891 -66.22 -30.34 56.39
CA HIS S 891 -66.90 -29.15 55.88
C HIS S 891 -67.74 -29.29 54.61
N ALA S 892 -68.93 -28.70 54.58
CA ALA S 892 -69.80 -28.66 53.38
C ALA S 892 -69.28 -27.57 52.45
N LEU S 893 -69.47 -27.66 51.13
CA LEU S 893 -69.01 -26.62 50.21
C LEU S 893 -70.13 -26.17 49.26
N ASP S 894 -70.29 -24.86 49.07
CA ASP S 894 -71.22 -24.26 48.12
C ASP S 894 -70.45 -23.34 47.16
N MET S 895 -70.81 -23.33 45.88
CA MET S 895 -70.20 -22.45 44.87
C MET S 895 -71.27 -21.93 43.94
N THR S 896 -71.00 -20.85 43.23
CA THR S 896 -71.95 -20.21 42.33
C THR S 896 -71.21 -19.52 41.23
N PHE S 897 -71.53 -19.84 39.99
CA PHE S 897 -70.90 -19.28 38.81
C PHE S 897 -71.87 -18.39 38.04
N GLU S 898 -71.48 -17.14 37.81
CA GLU S 898 -72.24 -16.24 36.96
C GLU S 898 -71.59 -16.39 35.59
N VAL S 899 -72.39 -16.66 34.56
CA VAL S 899 -71.89 -16.94 33.20
C VAL S 899 -72.72 -16.27 32.12
N ASP S 900 -72.13 -15.93 30.98
CA ASP S 900 -72.89 -15.30 29.89
C ASP S 900 -73.97 -16.23 29.33
N PRO S 901 -75.18 -15.74 29.02
CA PRO S 901 -76.25 -16.57 28.49
C PRO S 901 -75.94 -17.04 27.07
N MET S 902 -76.26 -18.29 26.77
CA MET S 902 -76.08 -18.90 25.45
C MET S 902 -77.33 -19.66 25.03
N ASP S 903 -77.69 -19.67 23.75
CA ASP S 903 -78.86 -20.41 23.27
C ASP S 903 -78.64 -21.93 23.30
N GLU S 904 -77.39 -22.38 23.37
CA GLU S 904 -77.03 -23.78 23.47
C GLU S 904 -77.06 -24.25 24.92
N PRO S 905 -77.59 -25.41 25.26
CA PRO S 905 -77.47 -25.92 26.61
C PRO S 905 -75.99 -26.26 26.75
N THR S 906 -75.36 -25.84 27.84
CA THR S 906 -73.91 -26.04 28.08
C THR S 906 -73.70 -26.70 29.43
N LEU S 907 -72.49 -27.22 29.66
CA LEU S 907 -72.09 -27.89 30.87
C LEU S 907 -70.95 -27.17 31.57
N LEU S 908 -71.07 -26.97 32.86
CA LEU S 908 -70.01 -26.45 33.70
C LEU S 908 -69.10 -27.64 33.97
N TYR S 909 -67.85 -27.59 33.55
CA TYR S 909 -66.90 -28.63 33.84
C TYR S 909 -66.04 -28.17 35.02
N LEU S 910 -66.22 -28.80 36.17
CA LEU S 910 -65.51 -28.46 37.40
C LEU S 910 -64.63 -29.61 37.89
N LEU S 911 -63.34 -29.37 37.97
CA LEU S 911 -62.32 -30.29 38.42
C LEU S 911 -61.93 -30.05 39.87
N PHE S 912 -62.37 -30.89 40.78
CA PHE S 912 -61.90 -30.83 42.15
C PHE S 912 -60.53 -31.46 42.12
N GLU S 913 -59.46 -30.71 42.28
CA GLU S 913 -58.11 -31.25 42.20
C GLU S 913 -57.75 -32.03 43.46
N VAL S 914 -57.15 -33.21 43.30
CA VAL S 914 -56.79 -34.15 44.37
C VAL S 914 -55.43 -34.81 44.10
N PHE S 915 -55.02 -35.81 44.88
CA PHE S 915 -54.03 -36.79 44.43
C PHE S 915 -54.78 -38.06 44.03
N ASP S 916 -54.51 -38.59 42.86
CA ASP S 916 -55.14 -39.79 42.31
C ASP S 916 -54.08 -40.84 42.04
N VAL S 917 -53.70 -41.58 43.08
CA VAL S 917 -52.45 -42.34 43.11
C VAL S 917 -52.70 -43.84 43.20
N VAL S 918 -51.80 -44.63 42.62
CA VAL S 918 -51.78 -46.10 42.70
C VAL S 918 -50.41 -46.63 43.06
N ARG S 919 -50.36 -47.70 43.86
CA ARG S 919 -49.14 -48.40 44.26
C ARG S 919 -49.28 -49.83 43.78
N VAL S 920 -48.31 -50.34 43.03
CA VAL S 920 -48.33 -51.67 42.41
C VAL S 920 -47.23 -52.54 42.98
N HIS S 921 -47.63 -53.69 43.51
CA HIS S 921 -46.85 -54.71 44.18
C HIS S 921 -46.87 -55.98 43.32
N GLN S 922 -45.75 -56.71 43.24
CA GLN S 922 -45.60 -57.90 42.38
C GLN S 922 -44.85 -58.99 43.15
N PRO S 923 -45.44 -59.61 44.18
CA PRO S 923 -44.72 -60.51 45.07
C PRO S 923 -44.21 -61.83 44.49
N HIS S 924 -44.89 -62.45 43.52
CA HIS S 924 -44.49 -63.73 42.93
C HIS S 924 -44.72 -63.70 41.43
N ARG S 925 -44.08 -64.58 40.66
CA ARG S 925 -44.20 -64.55 39.19
C ARG S 925 -45.64 -64.63 38.73
N GLY S 926 -46.01 -63.76 37.81
CA GLY S 926 -47.37 -63.71 37.31
C GLY S 926 -48.38 -63.01 38.23
N VAL S 927 -48.00 -62.43 39.39
CA VAL S 927 -48.92 -61.72 40.30
C VAL S 927 -48.79 -60.20 40.29
N ILE S 928 -49.88 -59.46 40.05
CA ILE S 928 -49.91 -57.99 40.17
C ILE S 928 -50.95 -57.62 41.22
N GLU S 929 -50.57 -56.96 42.30
CA GLU S 929 -51.49 -56.43 43.30
C GLU S 929 -51.40 -54.92 43.21
N ALA S 930 -52.52 -54.24 42.95
CA ALA S 930 -52.52 -52.80 42.86
C ALA S 930 -53.43 -52.25 43.94
N VAL S 931 -53.07 -51.13 44.53
CA VAL S 931 -53.85 -50.45 45.56
C VAL S 931 -53.96 -49.01 45.14
N TYR S 932 -55.16 -48.46 45.12
CA TYR S 932 -55.45 -47.09 44.67
C TYR S 932 -55.94 -46.23 45.81
N LEU S 933 -55.58 -44.96 45.80
CA LEU S 933 -56.17 -44.02 46.74
C LEU S 933 -56.29 -42.62 46.16
N ARG S 934 -57.49 -42.22 45.75
CA ARG S 934 -57.71 -40.82 45.41
C ARG S 934 -57.84 -40.18 46.78
N THR S 935 -57.24 -39.04 47.14
CA THR S 935 -57.23 -38.70 48.58
C THR S 935 -58.48 -38.02 49.15
N PRO S 936 -59.08 -36.99 48.55
CA PRO S 936 -60.44 -36.60 48.94
C PRO S 936 -61.34 -37.15 47.80
N PHE S 937 -62.64 -37.41 47.99
CA PHE S 937 -63.47 -38.09 46.95
C PHE S 937 -62.75 -39.43 46.72
N SER S 938 -62.63 -40.21 47.80
CA SER S 938 -61.68 -41.31 47.94
C SER S 938 -62.01 -42.79 48.11
N ALA S 939 -62.65 -43.50 47.18
CA ALA S 939 -63.26 -43.02 45.98
C ALA S 939 -64.36 -43.99 45.61
N GLY S 940 -65.55 -43.45 45.34
CA GLY S 940 -66.79 -44.16 45.06
C GLY S 940 -67.26 -45.03 46.28
N ASN S 941 -66.29 -45.63 46.99
CA ASN S 941 -66.26 -46.48 48.18
C ASN S 941 -66.54 -45.70 49.46
N PRO T 3 -12.06 2.86 50.15
CA PRO T 3 -13.21 2.34 50.84
C PRO T 3 -14.45 2.39 49.95
N GLN T 4 -14.64 3.39 49.09
CA GLN T 4 -15.93 3.58 48.41
C GLN T 4 -16.24 2.50 47.39
N TRP T 5 -15.25 1.85 46.79
CA TRP T 5 -15.49 0.66 45.99
C TRP T 5 -15.94 -0.54 46.81
N ALA T 6 -15.48 -0.67 48.04
CA ALA T 6 -15.96 -1.71 48.92
C ALA T 6 -17.36 -1.40 49.46
N TYR T 7 -17.63 -0.17 49.90
CA TYR T 7 -18.95 0.24 50.39
C TYR T 7 -20.03 0.16 49.32
N MET T 8 -19.71 0.54 48.08
CA MET T 8 -20.69 0.50 46.99
C MET T 8 -20.71 -0.85 46.27
N HIS T 9 -19.95 -1.85 46.72
CA HIS T 9 -19.85 -3.15 46.06
C HIS T 9 -19.46 -3.09 44.59
N ILE T 10 -18.38 -2.35 44.32
CA ILE T 10 -17.67 -2.31 43.06
C ILE T 10 -16.47 -3.29 43.12
N ALA T 11 -15.84 -3.49 44.28
CA ALA T 11 -14.91 -4.59 44.55
C ALA T 11 -15.04 -5.12 45.98
N GLY T 12 -14.47 -6.29 46.27
CA GLY T 12 -14.48 -6.84 47.62
C GLY T 12 -15.35 -8.10 47.78
N GLN T 13 -16.04 -8.19 48.91
CA GLN T 13 -16.91 -9.29 49.31
C GLN T 13 -18.20 -9.44 48.51
N ASP T 14 -18.67 -10.67 48.38
CA ASP T 14 -19.98 -11.00 47.80
C ASP T 14 -21.07 -10.78 48.84
N ALA T 15 -22.34 -10.71 48.43
CA ALA T 15 -23.44 -10.58 49.37
C ALA T 15 -23.44 -11.74 50.36
N SER T 16 -23.14 -12.97 49.92
CA SER T 16 -23.10 -14.12 50.83
C SER T 16 -21.95 -14.04 51.83
N GLU T 17 -21.08 -13.04 51.74
CA GLU T 17 -19.98 -12.77 52.65
C GLU T 17 -20.29 -11.54 53.51
N TYR T 18 -20.82 -10.45 52.94
CA TYR T 18 -20.98 -9.20 53.69
C TYR T 18 -22.32 -9.05 54.39
N LEU T 19 -23.35 -9.80 54.00
CA LEU T 19 -24.63 -9.76 54.68
C LEU T 19 -24.53 -10.47 56.02
N SER T 20 -25.47 -10.23 56.94
CA SER T 20 -25.46 -10.93 58.22
C SER T 20 -25.83 -12.39 57.98
N PRO T 21 -25.32 -13.35 58.75
CA PRO T 21 -25.57 -14.76 58.46
C PRO T 21 -27.05 -15.13 58.58
N GLY T 22 -27.81 -14.45 59.42
CA GLY T 22 -29.25 -14.67 59.60
C GLY T 22 -30.00 -14.43 58.29
N LEU T 23 -29.67 -13.34 57.59
CA LEU T 23 -30.28 -13.01 56.32
C LEU T 23 -29.88 -13.97 55.23
N VAL T 24 -28.63 -14.43 55.18
CA VAL T 24 -28.24 -15.37 54.12
C VAL T 24 -29.02 -16.66 54.27
N GLN T 25 -29.18 -17.19 55.47
CA GLN T 25 -29.97 -18.40 55.65
C GLN T 25 -31.45 -18.12 55.33
N PHE T 26 -31.97 -16.93 55.62
CA PHE T 26 -33.33 -16.54 55.27
C PHE T 26 -33.49 -16.53 53.75
N ALA T 27 -32.63 -15.85 53.03
CA ALA T 27 -32.70 -15.77 51.58
C ALA T 27 -32.69 -17.16 50.95
N ARG T 28 -31.78 -18.04 51.39
CA ARG T 28 -31.69 -19.42 50.91
C ARG T 28 -32.99 -20.16 51.13
N ALA T 29 -33.56 -20.06 52.32
CA ALA T 29 -34.81 -20.72 52.67
C ALA T 29 -36.04 -20.21 51.91
N THR T 30 -35.96 -19.09 51.18
CA THR T 30 -37.11 -18.51 50.51
C THR T 30 -36.85 -18.09 49.07
N ASP T 31 -35.78 -18.55 48.38
CA ASP T 31 -35.53 -18.10 46.99
C ASP T 31 -36.67 -18.55 46.09
N THR T 32 -37.17 -19.75 46.36
CA THR T 32 -38.56 -20.12 46.08
C THR T 32 -39.13 -19.90 47.47
N TYR T 33 -40.04 -18.98 47.74
CA TYR T 33 -41.06 -18.34 46.92
C TYR T 33 -41.04 -16.80 47.01
N PHE T 34 -40.02 -16.20 47.58
CA PHE T 34 -39.90 -14.76 47.74
C PHE T 34 -38.43 -14.35 47.63
N SER T 35 -37.92 -14.21 46.40
CA SER T 35 -36.49 -14.02 46.16
C SER T 35 -35.99 -12.65 46.57
N LEU T 36 -35.01 -12.62 47.48
CA LEU T 36 -34.15 -11.49 47.78
C LEU T 36 -32.93 -11.38 46.83
N GLY T 37 -32.63 -12.41 46.06
CA GLY T 37 -31.48 -12.51 45.17
C GLY T 37 -31.53 -11.66 43.89
N ASN T 38 -31.87 -10.38 44.02
CA ASN T 38 -31.63 -9.34 43.01
C ASN T 38 -31.50 -7.95 43.63
N LYS T 39 -31.29 -7.88 44.95
CA LYS T 39 -31.32 -6.66 45.76
C LYS T 39 -30.00 -6.30 46.42
N PHE T 40 -28.99 -7.12 46.17
CA PHE T 40 -27.64 -6.98 46.68
C PHE T 40 -26.65 -7.16 45.54
N ARG T 41 -25.73 -6.23 45.40
CA ARG T 41 -24.62 -6.27 44.46
C ARG T 41 -23.49 -7.20 44.88
N ASN T 42 -23.02 -8.03 43.97
CA ASN T 42 -21.77 -8.79 44.14
C ASN T 42 -20.81 -8.10 43.17
N PRO T 43 -19.57 -7.84 43.55
CA PRO T 43 -18.63 -7.36 42.59
C PRO T 43 -18.21 -8.47 41.64
N THR T 44 -17.74 -8.08 40.46
CA THR T 44 -16.93 -8.94 39.61
C THR T 44 -15.73 -8.11 39.19
N VAL T 45 -14.57 -8.72 39.14
CA VAL T 45 -13.30 -8.00 39.05
C VAL T 45 -12.41 -8.75 38.07
N ALA T 46 -11.85 -8.08 37.07
CA ALA T 46 -10.96 -8.72 36.12
C ALA T 46 -9.63 -9.09 36.78
N PRO T 47 -8.92 -10.13 36.32
CA PRO T 47 -7.65 -10.51 36.88
C PRO T 47 -6.58 -9.54 36.39
N THR T 48 -5.89 -8.82 37.27
CA THR T 48 -4.90 -7.80 36.86
C THR T 48 -3.50 -8.33 36.58
N HIS T 49 -3.11 -9.50 37.09
CA HIS T 49 -1.75 -10.02 36.94
C HIS T 49 -1.70 -11.37 36.26
N ASP T 50 -0.59 -11.66 35.58
CA ASP T 50 -0.32 -12.92 34.89
C ASP T 50 -1.22 -13.23 33.70
N VAL T 51 -2.15 -12.35 33.28
CA VAL T 51 -3.03 -12.62 32.13
C VAL T 51 -2.55 -12.00 30.84
N THR T 52 -2.45 -10.67 30.74
CA THR T 52 -2.11 -9.96 29.50
C THR T 52 -0.74 -9.29 29.61
N THR T 53 0.07 -9.35 28.57
CA THR T 53 1.37 -8.67 28.50
C THR T 53 1.25 -7.16 28.23
N ASP T 54 2.27 -6.40 28.65
CA ASP T 54 2.40 -4.95 28.42
C ASP T 54 3.74 -4.60 27.74
N ARG T 55 4.42 -5.59 27.16
CA ARG T 55 5.34 -5.44 26.02
C ARG T 55 4.46 -5.04 24.82
N SER T 56 4.97 -4.22 23.90
CA SER T 56 4.38 -4.00 22.59
C SER T 56 4.28 -5.30 21.81
N GLN T 57 3.11 -5.68 21.29
CA GLN T 57 2.90 -6.93 20.57
C GLN T 57 1.58 -6.96 19.80
N ARG T 58 1.63 -7.34 18.52
CA ARG T 58 0.49 -7.48 17.60
C ARG T 58 -0.51 -8.52 18.08
N LEU T 59 -1.80 -8.23 17.93
CA LEU T 59 -2.85 -9.25 18.08
C LEU T 59 -3.02 -10.09 16.83
N THR T 60 -2.79 -9.52 15.65
CA THR T 60 -3.02 -10.20 14.38
C THR T 60 -1.81 -10.04 13.49
N LEU T 61 -1.35 -11.14 12.89
CA LEU T 61 -0.31 -11.13 11.87
C LEU T 61 -0.86 -11.59 10.54
N ARG T 62 -0.47 -10.90 9.49
CA ARG T 62 -0.62 -11.25 8.08
C ARG T 62 0.72 -11.67 7.51
N PHE T 63 0.82 -12.86 6.91
CA PHE T 63 2.03 -13.35 6.24
C PHE T 63 1.80 -13.39 4.73
N VAL T 64 2.87 -13.33 3.93
CA VAL T 64 2.75 -13.39 2.46
C VAL T 64 3.49 -14.65 1.97
N PRO T 65 3.06 -15.28 0.88
CA PRO T 65 3.69 -16.50 0.43
C PRO T 65 5.18 -16.36 0.17
N VAL T 66 5.99 -17.12 0.90
CA VAL T 66 7.46 -17.20 0.72
C VAL T 66 7.74 -17.85 -0.65
N ASP T 67 6.79 -18.63 -1.15
CA ASP T 67 6.83 -19.26 -2.46
C ASP T 67 5.39 -19.51 -2.95
N ARG T 68 5.17 -19.59 -4.26
CA ARG T 68 3.86 -19.91 -4.84
C ARG T 68 3.98 -20.62 -6.18
N GLU T 69 2.98 -21.39 -6.53
CA GLU T 69 2.92 -22.17 -7.77
C GLU T 69 1.53 -21.99 -8.36
N ASP T 70 1.44 -21.88 -9.68
CA ASP T 70 0.20 -21.47 -10.33
C ASP T 70 -0.17 -22.37 -11.54
N THR T 71 -0.29 -23.68 -11.31
CA THR T 71 -0.60 -24.66 -12.36
C THR T 71 -1.97 -24.51 -12.99
N THR T 72 -2.23 -25.28 -14.04
CA THR T 72 -3.51 -25.27 -14.75
C THR T 72 -4.67 -25.63 -13.87
N TYR T 73 -4.51 -26.52 -12.88
CA TYR T 73 -5.69 -26.96 -12.14
C TYR T 73 -5.70 -26.60 -10.65
N SER T 74 -4.59 -26.15 -10.12
CA SER T 74 -4.45 -25.80 -8.71
C SER T 74 -3.40 -24.73 -8.46
N TYR T 75 -3.45 -24.11 -7.29
CA TYR T 75 -2.54 -23.06 -6.85
C TYR T 75 -1.90 -23.43 -5.52
N LYS T 76 -0.60 -23.22 -5.34
CA LYS T 76 0.09 -23.46 -4.05
C LYS T 76 0.62 -22.16 -3.47
N ALA T 77 0.68 -22.10 -2.15
CA ALA T 77 1.32 -21.01 -1.44
C ALA T 77 2.06 -21.61 -0.27
N ARG T 78 3.27 -21.12 0.04
CA ARG T 78 4.03 -21.55 1.20
C ARG T 78 4.22 -20.37 2.12
N PHE T 79 3.91 -20.51 3.40
CA PHE T 79 4.09 -19.47 4.40
C PHE T 79 5.03 -19.96 5.49
N THR T 80 5.92 -19.10 6.00
CA THR T 80 6.72 -19.43 7.18
C THR T 80 5.93 -18.85 8.36
N LEU T 81 5.04 -19.64 8.93
CA LEU T 81 4.24 -19.29 10.09
C LEU T 81 5.18 -19.26 11.30
N ALA T 82 5.55 -18.08 11.76
CA ALA T 82 6.51 -17.92 12.84
C ALA T 82 5.90 -17.50 14.18
N VAL T 83 5.70 -18.45 15.08
CA VAL T 83 5.21 -18.17 16.43
C VAL T 83 6.42 -17.77 17.26
N GLY T 84 6.55 -16.50 17.62
CA GLY T 84 7.69 -16.02 18.41
C GLY T 84 7.71 -16.55 19.84
N ASP T 85 8.78 -16.29 20.59
CA ASP T 85 8.90 -16.73 21.98
C ASP T 85 7.79 -16.09 22.82
N ASN T 86 7.40 -16.72 23.92
CA ASN T 86 6.38 -16.23 24.84
C ASN T 86 5.00 -15.97 24.21
N ARG T 87 4.65 -16.69 23.15
CA ARG T 87 3.36 -16.64 22.44
C ARG T 87 2.92 -18.06 22.19
N VAL T 88 1.62 -18.25 21.97
CA VAL T 88 1.07 -19.54 21.58
C VAL T 88 -0.06 -19.29 20.59
N LEU T 89 -0.17 -20.15 19.59
CA LEU T 89 -1.16 -19.97 18.53
C LEU T 89 -2.17 -21.09 18.59
N ASP T 90 -3.41 -20.78 18.93
CA ASP T 90 -4.48 -21.70 18.66
C ASP T 90 -4.77 -21.67 17.18
N MET T 91 -4.41 -22.72 16.46
CA MET T 91 -4.57 -22.83 15.02
C MET T 91 -6.00 -22.57 14.54
N ALA T 92 -7.03 -22.70 15.39
CA ALA T 92 -8.38 -22.30 15.05
C ALA T 92 -8.51 -20.81 14.71
N SER T 93 -7.57 -19.97 15.13
CA SER T 93 -7.59 -18.54 14.82
C SER T 93 -7.02 -18.20 13.45
N THR T 94 -6.36 -19.15 12.77
CA THR T 94 -5.78 -18.93 11.45
C THR T 94 -6.80 -19.09 10.32
N TYR T 95 -6.58 -18.39 9.20
CA TYR T 95 -7.31 -18.65 7.95
C TYR T 95 -6.54 -18.11 6.76
N PHE T 96 -6.81 -18.61 5.56
CA PHE T 96 -6.17 -18.12 4.35
C PHE T 96 -7.11 -17.13 3.70
N ASP T 97 -6.64 -15.91 3.50
CA ASP T 97 -7.38 -14.82 2.91
C ASP T 97 -7.04 -14.78 1.43
N ILE T 98 -8.01 -15.12 0.59
CA ILE T 98 -7.86 -15.18 -0.85
C ILE T 98 -8.58 -14.02 -1.52
N ARG T 99 -7.91 -13.37 -2.46
CA ARG T 99 -8.44 -12.29 -3.29
C ARG T 99 -8.30 -12.73 -4.73
N GLY T 100 -9.25 -12.41 -5.59
CA GLY T 100 -9.17 -12.81 -6.99
C GLY T 100 -10.33 -12.31 -7.83
N VAL T 101 -10.52 -12.87 -9.02
CA VAL T 101 -11.63 -12.55 -9.92
C VAL T 101 -12.32 -13.82 -10.37
N LEU T 102 -13.63 -13.80 -10.29
CA LEU T 102 -14.54 -14.86 -10.65
C LEU T 102 -15.40 -14.45 -11.84
N ASP T 103 -15.52 -15.27 -12.86
CA ASP T 103 -16.50 -15.04 -13.93
C ASP T 103 -17.47 -16.21 -13.81
N ARG T 104 -18.75 -15.94 -13.61
CA ARG T 104 -19.78 -16.97 -13.47
C ARG T 104 -20.25 -17.51 -14.81
N GLY T 105 -19.88 -16.88 -15.90
CA GLY T 105 -20.24 -17.29 -17.25
C GLY T 105 -21.66 -16.90 -17.66
N PRO T 106 -22.04 -17.14 -18.93
CA PRO T 106 -23.35 -16.76 -19.44
C PRO T 106 -24.52 -17.57 -18.91
N SER T 107 -24.30 -18.68 -18.21
CA SER T 107 -25.40 -19.50 -17.68
C SER T 107 -25.96 -19.01 -16.37
N PHE T 108 -25.35 -18.02 -15.75
CA PHE T 108 -25.77 -17.44 -14.48
C PHE T 108 -27.00 -16.56 -14.62
N LYS T 109 -27.91 -16.58 -13.63
CA LYS T 109 -29.11 -15.75 -13.57
C LYS T 109 -29.70 -15.80 -12.15
N PRO T 110 -29.35 -14.88 -11.26
CA PRO T 110 -29.83 -14.85 -9.89
C PRO T 110 -31.31 -14.52 -9.66
N TYR T 111 -32.19 -14.61 -10.66
CA TYR T 111 -33.57 -14.23 -10.49
C TYR T 111 -34.51 -15.00 -11.38
N SER T 112 -35.72 -15.23 -10.90
CA SER T 112 -36.84 -15.77 -11.68
C SER T 112 -37.50 -14.65 -12.49
N GLY T 113 -38.12 -14.98 -13.62
CA GLY T 113 -38.77 -13.96 -14.46
C GLY T 113 -37.79 -13.13 -15.28
N THR T 114 -38.14 -11.90 -15.64
CA THR T 114 -37.31 -11.01 -16.47
C THR T 114 -37.23 -9.60 -15.90
N ALA T 115 -36.12 -8.90 -16.13
CA ALA T 115 -36.01 -7.49 -15.82
C ALA T 115 -36.77 -6.62 -16.83
N TYR T 116 -36.96 -7.07 -18.06
CA TYR T 116 -37.40 -6.21 -19.16
C TYR T 116 -38.82 -6.51 -19.58
N ASN T 117 -39.66 -5.47 -19.52
CA ASN T 117 -41.04 -5.50 -19.98
C ASN T 117 -41.86 -6.66 -19.37
N SER T 118 -41.68 -6.96 -18.08
CA SER T 118 -42.35 -8.09 -17.43
C SER T 118 -43.89 -8.01 -17.44
N LEU T 119 -44.48 -6.82 -17.47
CA LEU T 119 -45.93 -6.66 -17.58
C LEU T 119 -46.47 -6.91 -19.00
N ALA T 120 -45.64 -6.92 -20.03
CA ALA T 120 -46.12 -7.16 -21.38
C ALA T 120 -46.68 -8.57 -21.53
N PRO T 121 -47.85 -8.78 -22.16
CA PRO T 121 -48.33 -10.11 -22.46
C PRO T 121 -47.31 -10.90 -23.28
N LYS T 122 -47.10 -12.18 -22.97
CA LYS T 122 -45.92 -12.89 -23.50
C LYS T 122 -45.96 -13.11 -25.01
N SER T 123 -47.11 -12.97 -25.66
CA SER T 123 -47.31 -13.00 -27.12
C SER T 123 -47.39 -11.63 -27.77
N ALA T 124 -47.12 -10.53 -27.07
CA ALA T 124 -47.22 -9.19 -27.62
C ALA T 124 -45.95 -8.80 -28.40
N PRO T 125 -46.02 -8.38 -29.67
CA PRO T 125 -44.88 -7.90 -30.43
C PRO T 125 -44.52 -6.47 -30.04
N ASN T 126 -43.26 -6.08 -30.23
CA ASN T 126 -42.92 -4.65 -30.28
C ASN T 126 -43.56 -4.01 -31.53
N PRO T 127 -44.03 -2.76 -31.45
CA PRO T 127 -44.40 -1.99 -32.63
C PRO T 127 -43.28 -2.08 -33.64
N SER T 128 -43.57 -2.58 -34.83
CA SER T 128 -42.53 -2.84 -35.81
C SER T 128 -43.07 -3.01 -37.21
N GLN T 129 -42.14 -2.96 -38.15
CA GLN T 129 -42.35 -3.05 -39.57
C GLN T 129 -41.73 -4.30 -40.14
N TRP T 130 -42.27 -4.74 -41.24
CA TRP T 130 -41.67 -5.75 -42.08
C TRP T 130 -42.03 -5.46 -43.53
N THR T 131 -41.69 -6.40 -44.41
CA THR T 131 -41.88 -6.26 -45.84
C THR T 131 -42.58 -7.48 -46.44
N ALA T 132 -43.57 -7.26 -47.30
CA ALA T 132 -44.62 -8.25 -47.57
C ALA T 132 -45.29 -8.04 -48.94
N ASN T 133 -46.09 -8.99 -49.40
CA ASN T 133 -46.71 -8.93 -50.73
C ASN T 133 -48.22 -8.67 -50.70
N GLU T 134 -48.67 -7.57 -51.31
CA GLU T 134 -50.08 -7.23 -51.51
C GLU T 134 -50.64 -7.74 -52.84
N LYS T 135 -50.58 -9.05 -53.08
CA LYS T 135 -51.05 -9.63 -54.34
C LYS T 135 -52.58 -9.49 -54.47
N GLN T 136 -53.06 -8.74 -55.48
CA GLN T 136 -54.47 -8.31 -55.61
C GLN T 136 -55.06 -8.49 -57.03
N THR T 137 -54.47 -7.87 -58.05
CA THR T 137 -54.92 -7.99 -59.45
C THR T 137 -53.77 -7.72 -60.44
N GLY T 138 -53.84 -8.31 -61.63
CA GLY T 138 -52.83 -8.17 -62.69
C GLY T 138 -51.42 -8.66 -62.30
N GLY T 139 -51.24 -9.21 -61.09
CA GLY T 139 -49.94 -9.60 -60.56
C GLY T 139 -49.06 -8.37 -60.25
N GLN T 140 -49.65 -7.16 -60.40
CA GLN T 140 -49.00 -5.85 -60.33
C GLN T 140 -48.47 -5.44 -58.94
N PRO T 141 -49.27 -5.33 -57.86
CA PRO T 141 -48.74 -4.97 -56.55
C PRO T 141 -47.92 -6.11 -55.91
N LYS T 142 -46.88 -5.71 -55.18
CA LYS T 142 -45.88 -6.59 -54.55
C LYS T 142 -45.08 -5.83 -53.48
N SER T 143 -44.35 -6.56 -52.64
CA SER T 143 -43.19 -6.08 -51.89
C SER T 143 -43.33 -4.65 -51.29
N VAL T 144 -44.35 -4.43 -50.48
CA VAL T 144 -44.53 -3.17 -49.71
C VAL T 144 -43.89 -3.26 -48.33
N THR T 145 -43.59 -2.13 -47.71
CA THR T 145 -43.43 -2.10 -46.24
C THR T 145 -44.81 -2.19 -45.58
N GLN T 146 -44.89 -2.84 -44.44
CA GLN T 146 -46.12 -3.07 -43.68
C GLN T 146 -45.82 -2.89 -42.20
N THR T 147 -46.78 -2.40 -41.43
CA THR T 147 -46.55 -1.94 -40.05
C THR T 147 -47.59 -2.47 -39.08
N PHE T 148 -47.17 -2.81 -37.86
CA PHE T 148 -48.05 -3.06 -36.73
C PHE T 148 -47.57 -2.25 -35.54
N GLY T 149 -48.45 -1.66 -34.74
CA GLY T 149 -48.00 -0.86 -33.59
C GLY T 149 -49.09 -0.10 -32.88
N SER T 150 -48.69 0.89 -32.09
CA SER T 150 -49.58 1.92 -31.57
C SER T 150 -48.86 3.26 -31.49
N ALA T 151 -49.64 4.35 -31.52
CA ALA T 151 -49.18 5.72 -31.57
C ALA T 151 -49.72 6.49 -30.36
N PRO T 152 -49.03 6.48 -29.23
CA PRO T 152 -49.62 6.93 -27.97
C PRO T 152 -49.59 8.45 -27.79
N MET T 153 -48.62 9.13 -28.38
CA MET T 153 -48.37 10.54 -28.13
C MET T 153 -49.33 11.38 -28.96
N GLY T 154 -50.22 12.11 -28.30
CA GLY T 154 -51.11 13.06 -28.95
C GLY T 154 -50.39 14.33 -29.41
N GLY T 155 -50.85 14.96 -30.48
CA GLY T 155 -50.25 16.20 -30.96
C GLY T 155 -51.27 17.08 -31.66
N SER T 156 -50.86 18.31 -31.94
CA SER T 156 -51.70 19.36 -32.53
C SER T 156 -51.86 19.28 -34.04
N ASN T 157 -50.81 18.85 -34.74
CA ASN T 157 -50.76 18.80 -36.21
C ASN T 157 -49.64 17.85 -36.67
N ILE T 158 -49.65 17.41 -37.91
CA ILE T 158 -48.59 16.58 -38.52
C ILE T 158 -48.19 17.22 -39.84
N THR T 159 -46.88 17.35 -40.07
CA THR T 159 -46.28 17.83 -41.32
C THR T 159 -45.10 16.94 -41.68
N ILE T 160 -44.32 17.29 -42.71
CA ILE T 160 -43.10 16.55 -43.06
C ILE T 160 -42.05 16.59 -41.94
N GLU T 161 -42.10 17.60 -41.06
CA GLU T 161 -41.17 17.74 -39.95
C GLU T 161 -41.43 16.75 -38.81
N GLY T 162 -42.69 16.36 -38.61
CA GLY T 162 -43.10 15.43 -37.58
C GLY T 162 -44.39 15.87 -36.88
N LEU T 163 -44.64 15.28 -35.73
CA LEU T 163 -45.78 15.58 -34.89
C LEU T 163 -45.57 16.89 -34.14
N VAL T 164 -46.46 17.86 -34.30
CA VAL T 164 -46.41 19.11 -33.53
C VAL T 164 -46.86 18.76 -32.12
N ILE T 165 -46.08 19.11 -31.13
CA ILE T 165 -46.36 18.80 -29.72
C ILE T 165 -46.49 20.05 -28.86
N GLY T 166 -46.34 21.23 -29.44
CA GLY T 166 -46.49 22.49 -28.73
C GLY T 166 -46.46 23.68 -29.68
N THR T 167 -46.65 24.88 -29.15
CA THR T 167 -46.62 26.14 -29.91
C THR T 167 -46.02 27.25 -29.06
N LYS T 168 -45.18 28.10 -29.66
CA LYS T 168 -44.55 29.25 -28.98
C LYS T 168 -44.98 30.57 -29.60
N GLU T 169 -45.50 31.54 -28.86
CA GLU T 169 -45.80 32.85 -29.42
C GLU T 169 -44.52 33.68 -29.64
N GLU T 170 -44.50 34.54 -30.66
CA GLU T 170 -43.39 35.45 -30.98
C GLU T 170 -43.94 36.84 -31.26
N GLU T 171 -44.65 37.03 -32.38
CA GLU T 171 -45.29 38.31 -32.72
C GLU T 171 -46.58 38.53 -31.89
N GLY T 172 -46.65 38.01 -30.66
CA GLY T 172 -47.77 38.11 -29.73
C GLY T 172 -48.97 37.26 -30.11
N ASN T 173 -49.60 37.54 -31.26
CA ASN T 173 -50.75 36.80 -31.78
C ASN T 173 -50.35 35.54 -32.57
N ALA T 174 -49.24 35.60 -33.31
CA ALA T 174 -48.73 34.48 -34.09
C ALA T 174 -47.93 33.48 -33.23
N THR T 175 -48.04 32.17 -33.54
CA THR T 175 -47.32 31.12 -32.81
C THR T 175 -46.61 30.13 -33.72
N GLU T 176 -45.38 29.80 -33.38
CA GLU T 176 -44.55 28.82 -34.05
C GLU T 176 -44.88 27.42 -33.59
N GLU T 177 -45.26 26.54 -34.51
CA GLU T 177 -45.49 25.13 -34.21
C GLU T 177 -44.15 24.45 -33.96
N ILE T 178 -43.98 23.80 -32.80
CA ILE T 178 -42.75 23.08 -32.47
C ILE T 178 -43.00 21.57 -32.50
N PHE T 179 -42.19 20.86 -33.29
CA PHE T 179 -42.28 19.43 -33.55
C PHE T 179 -41.47 18.59 -32.59
N ALA T 180 -41.93 17.37 -32.34
CA ALA T 180 -41.20 16.42 -31.52
C ALA T 180 -39.84 16.12 -32.13
N ASP T 181 -38.78 16.12 -31.32
CA ASP T 181 -37.40 15.85 -31.76
C ASP T 181 -37.27 14.35 -32.09
N LYS T 182 -36.93 13.96 -33.33
CA LYS T 182 -36.96 12.52 -33.70
C LYS T 182 -36.15 11.65 -32.77
N THR T 183 -35.04 12.15 -32.28
CA THR T 183 -34.37 11.57 -31.12
C THR T 183 -34.70 12.61 -30.09
N PHE T 184 -35.29 12.31 -28.95
CA PHE T 184 -35.71 11.07 -28.33
C PHE T 184 -37.23 10.93 -28.29
N GLN T 185 -37.99 11.89 -28.82
CA GLN T 185 -39.44 11.94 -28.82
C GLN T 185 -40.05 11.34 -30.09
N PRO T 186 -41.31 10.89 -30.07
CA PRO T 186 -42.16 10.71 -28.91
C PRO T 186 -41.62 9.58 -28.04
N GLU T 187 -41.62 9.81 -26.73
CA GLU T 187 -41.11 8.92 -25.71
C GLU T 187 -42.05 7.72 -25.54
N PRO T 188 -41.61 6.47 -25.59
CA PRO T 188 -42.53 5.35 -25.57
C PRO T 188 -43.28 5.24 -24.24
N GLN T 189 -42.73 5.76 -23.15
CA GLN T 189 -43.35 5.77 -21.83
C GLN T 189 -44.38 6.86 -21.64
N VAL T 190 -44.56 7.78 -22.59
CA VAL T 190 -45.52 8.90 -22.52
C VAL T 190 -46.72 8.64 -23.42
N GLY T 191 -47.92 8.90 -22.93
CA GLY T 191 -49.15 8.77 -23.69
C GLY T 191 -50.25 9.65 -23.09
N GLU T 192 -51.47 9.59 -23.61
CA GLU T 192 -52.56 10.45 -23.13
C GLU T 192 -52.90 10.23 -21.66
N GLU T 193 -53.18 11.32 -20.96
CA GLU T 193 -53.21 11.32 -19.51
C GLU T 193 -54.30 10.46 -18.89
N ASN T 194 -55.45 10.33 -19.55
CA ASN T 194 -56.65 9.77 -18.95
C ASN T 194 -57.56 9.03 -19.94
N TRP T 195 -58.55 8.29 -19.43
CA TRP T 195 -59.35 7.36 -20.24
C TRP T 195 -60.35 7.99 -21.20
N GLN T 196 -60.74 9.23 -20.95
CA GLN T 196 -61.70 10.09 -21.68
C GLN T 196 -61.22 10.58 -23.06
N GLU T 197 -60.04 10.11 -23.41
CA GLU T 197 -58.98 10.49 -24.32
C GLU T 197 -59.48 11.02 -25.69
N THR T 198 -58.85 12.06 -26.26
CA THR T 198 -59.05 12.39 -27.68
C THR T 198 -57.98 13.31 -28.25
N GLU T 199 -57.59 13.13 -29.51
CA GLU T 199 -56.73 14.08 -30.23
C GLU T 199 -56.98 14.08 -31.74
N ALA T 200 -56.62 15.18 -32.40
CA ALA T 200 -56.62 15.27 -33.86
C ALA T 200 -55.53 14.42 -34.54
N PHE T 201 -54.38 14.24 -33.89
CA PHE T 201 -53.24 13.51 -34.45
C PHE T 201 -52.47 12.72 -33.40
N TYR T 202 -51.79 11.65 -33.82
CA TYR T 202 -51.03 10.78 -32.92
C TYR T 202 -49.71 10.31 -33.51
N GLY T 203 -48.74 10.03 -32.66
CA GLY T 203 -47.45 9.51 -33.11
C GLY T 203 -46.89 8.48 -32.14
N GLY T 204 -45.88 7.74 -32.59
CA GLY T 204 -45.22 6.71 -31.79
C GLY T 204 -43.87 6.31 -32.38
N ARG T 205 -43.33 5.18 -31.96
CA ARG T 205 -42.09 4.62 -32.49
C ARG T 205 -42.32 3.19 -32.95
N ALA T 206 -41.57 2.73 -33.95
CA ALA T 206 -41.62 1.35 -34.41
C ALA T 206 -40.27 0.89 -34.92
N LEU T 207 -39.95 -0.38 -34.72
CA LEU T 207 -38.72 -0.95 -35.23
C LEU T 207 -38.78 -1.17 -36.74
N LYS T 208 -37.73 -0.81 -37.48
CA LYS T 208 -37.66 -1.04 -38.93
C LYS T 208 -37.54 -2.52 -39.25
N LYS T 209 -37.65 -2.88 -40.54
CA LYS T 209 -37.55 -4.26 -41.01
C LYS T 209 -36.23 -4.96 -40.67
N ASP T 210 -35.15 -4.22 -40.49
CA ASP T 210 -33.82 -4.80 -40.23
C ASP T 210 -33.59 -5.26 -38.78
N THR T 211 -34.29 -4.64 -37.82
CA THR T 211 -34.22 -5.04 -36.41
C THR T 211 -35.19 -6.22 -36.28
N LYS T 212 -34.67 -7.46 -36.37
CA LYS T 212 -35.50 -8.68 -36.37
C LYS T 212 -36.44 -8.78 -35.16
N MET T 213 -37.70 -9.12 -35.39
CA MET T 213 -38.73 -9.23 -34.37
C MET T 213 -38.44 -10.18 -33.23
N LYS T 214 -38.75 -9.71 -32.02
CA LYS T 214 -38.75 -10.45 -30.75
C LYS T 214 -40.02 -10.03 -30.02
N PRO T 215 -40.57 -10.85 -29.12
CA PRO T 215 -41.71 -10.45 -28.31
C PRO T 215 -41.32 -9.30 -27.39
N CYS T 216 -42.28 -8.48 -26.99
CA CYS T 216 -42.03 -7.32 -26.15
C CYS T 216 -41.45 -7.71 -24.79
N TYR T 217 -42.00 -8.78 -24.20
CA TYR T 217 -41.55 -9.36 -22.95
C TYR T 217 -40.11 -9.81 -23.10
N GLY T 218 -39.21 -9.23 -22.30
CA GLY T 218 -37.79 -9.50 -22.30
C GLY T 218 -36.95 -8.62 -23.21
N SER T 219 -37.55 -7.89 -24.15
CA SER T 219 -36.82 -7.09 -25.12
C SER T 219 -36.20 -5.86 -24.51
N PHE T 220 -34.89 -5.72 -24.69
CA PHE T 220 -34.05 -4.62 -24.25
C PHE T 220 -33.30 -4.02 -25.42
N ALA T 221 -32.97 -2.74 -25.38
CA ALA T 221 -31.93 -2.19 -26.25
C ALA T 221 -31.17 -1.06 -25.57
N ARG T 222 -29.84 -1.03 -25.70
CA ARG T 222 -29.05 0.01 -25.03
C ARG T 222 -29.41 1.38 -25.57
N PRO T 223 -29.54 2.41 -24.72
CA PRO T 223 -29.73 3.78 -25.16
C PRO T 223 -28.48 4.28 -25.86
N THR T 224 -28.62 4.97 -26.98
CA THR T 224 -27.50 5.53 -27.73
C THR T 224 -27.27 7.02 -27.44
N ASN T 225 -28.11 7.67 -26.65
CA ASN T 225 -27.92 9.07 -26.23
C ASN T 225 -28.37 9.27 -24.78
N GLU T 226 -27.97 10.36 -24.13
CA GLU T 226 -28.33 10.57 -22.73
C GLU T 226 -29.82 10.83 -22.50
N LYS T 227 -30.58 11.13 -23.55
CA LYS T 227 -32.04 11.29 -23.47
C LYS T 227 -32.77 9.95 -23.61
N GLY T 228 -32.05 8.84 -23.57
CA GLY T 228 -32.61 7.49 -23.58
C GLY T 228 -33.06 6.99 -24.94
N GLY T 229 -32.82 7.72 -26.03
CA GLY T 229 -33.18 7.26 -27.37
C GLY T 229 -32.37 6.02 -27.76
N GLN T 230 -32.98 5.11 -28.50
CA GLN T 230 -32.44 3.78 -28.78
C GLN T 230 -31.97 3.58 -30.22
N ALA T 231 -32.15 4.56 -31.11
CA ALA T 231 -31.76 4.45 -32.50
C ALA T 231 -30.26 4.26 -32.73
N LYS T 232 -29.86 3.33 -33.61
CA LYS T 232 -28.45 3.16 -33.96
C LYS T 232 -27.93 4.38 -34.73
N LEU T 233 -26.63 4.57 -34.79
CA LEU T 233 -25.98 5.64 -35.56
C LEU T 233 -25.58 5.01 -36.88
N LYS T 234 -25.88 5.66 -38.01
CA LYS T 234 -25.57 5.03 -39.31
C LYS T 234 -24.11 5.15 -39.71
N LEU T 235 -23.76 4.53 -40.83
CA LEU T 235 -22.41 4.43 -41.40
C LEU T 235 -22.53 4.18 -42.90
N ASN T 236 -21.45 4.33 -43.66
CA ASN T 236 -21.51 4.12 -45.11
C ASN T 236 -20.19 3.64 -45.77
N ASP T 237 -19.04 4.16 -45.36
CA ASP T 237 -17.75 3.80 -45.94
C ASP T 237 -17.10 2.66 -45.13
N GLN T 238 -15.93 2.90 -44.53
CA GLN T 238 -15.19 1.94 -43.71
C GLN T 238 -15.80 1.79 -42.29
N GLY T 239 -17.13 1.69 -42.21
CA GLY T 239 -17.87 1.55 -40.96
C GLY T 239 -17.73 2.79 -40.06
N GLN T 240 -17.54 3.96 -40.67
CA GLN T 240 -17.32 5.19 -39.93
C GLN T 240 -18.62 5.62 -39.21
N PRO T 241 -18.57 5.92 -37.90
CA PRO T 241 -19.77 6.32 -37.18
C PRO T 241 -20.23 7.71 -37.66
N THR T 242 -21.44 7.80 -38.17
CA THR T 242 -21.97 9.04 -38.74
C THR T 242 -22.49 9.98 -37.64
N LYS T 243 -22.72 11.24 -38.01
CA LYS T 243 -23.27 12.27 -37.13
C LYS T 243 -24.71 12.02 -36.67
N ASP T 244 -25.50 11.24 -37.40
CA ASP T 244 -26.93 11.06 -37.09
C ASP T 244 -27.44 9.63 -37.13
N TYR T 245 -28.61 9.49 -36.51
CA TYR T 245 -29.33 8.25 -36.25
C TYR T 245 -30.15 7.70 -37.40
N ASP T 246 -30.33 6.39 -37.39
CA ASP T 246 -31.12 5.64 -38.37
C ASP T 246 -32.62 5.69 -38.03
N ILE T 247 -33.24 6.85 -38.25
CA ILE T 247 -34.66 7.11 -37.95
C ILE T 247 -35.33 7.78 -39.14
N ASP T 248 -36.49 7.28 -39.55
CA ASP T 248 -37.30 7.78 -40.65
C ASP T 248 -38.76 7.91 -40.25
N LEU T 249 -39.39 9.03 -40.56
CA LEU T 249 -40.82 9.20 -40.28
C LEU T 249 -41.60 8.43 -41.34
N ALA T 250 -42.55 7.60 -40.91
CA ALA T 250 -43.57 7.02 -41.78
C ALA T 250 -44.93 7.62 -41.39
N PHE T 251 -45.78 7.94 -42.37
CA PHE T 251 -47.06 8.63 -42.17
C PHE T 251 -48.25 7.81 -42.67
N PHE T 252 -49.41 7.88 -42.01
CA PHE T 252 -50.55 7.01 -42.32
C PHE T 252 -51.91 7.70 -42.18
N ASP T 253 -52.95 7.23 -42.87
CA ASP T 253 -54.33 7.71 -42.69
C ASP T 253 -55.43 6.68 -43.08
N THR T 254 -56.69 6.97 -42.73
CA THR T 254 -57.85 6.07 -42.91
C THR T 254 -58.11 5.70 -44.37
N PRO T 255 -58.22 4.43 -44.82
CA PRO T 255 -58.28 4.23 -46.26
C PRO T 255 -59.64 4.62 -46.83
N GLY T 256 -59.57 5.64 -47.67
CA GLY T 256 -60.34 6.10 -48.83
C GLY T 256 -60.02 5.61 -50.23
N GLY T 257 -59.13 4.65 -50.47
CA GLY T 257 -58.75 4.37 -51.86
C GLY T 257 -59.80 3.68 -52.74
N THR T 258 -60.99 3.40 -52.23
CA THR T 258 -62.16 2.79 -52.90
C THR T 258 -63.54 3.46 -52.81
N PRO T 259 -63.89 4.29 -51.81
CA PRO T 259 -65.21 4.90 -51.69
C PRO T 259 -65.68 5.52 -53.00
N PRO T 260 -66.99 5.39 -53.31
CA PRO T 260 -67.54 5.88 -54.54
C PRO T 260 -67.28 7.36 -54.61
N THR T 261 -66.66 7.78 -55.69
CA THR T 261 -66.21 9.14 -55.86
C THR T 261 -67.33 10.13 -55.63
N GLY T 262 -66.93 11.19 -54.97
CA GLY T 262 -67.73 12.23 -54.32
C GLY T 262 -67.37 12.03 -52.84
N SER T 263 -67.37 10.78 -52.36
CA SER T 263 -66.71 10.43 -51.10
C SER T 263 -65.28 10.04 -51.45
N GLY T 264 -64.30 10.21 -50.59
CA GLY T 264 -62.99 9.73 -50.94
C GLY T 264 -61.86 10.23 -50.07
N GLN T 265 -60.73 9.52 -49.99
CA GLN T 265 -59.53 10.17 -49.45
C GLN T 265 -58.93 11.25 -50.38
N GLN T 266 -59.30 11.32 -51.67
CA GLN T 266 -58.78 12.35 -52.59
C GLN T 266 -59.11 13.78 -52.07
N GLU T 267 -60.16 13.90 -51.26
CA GLU T 267 -60.62 15.12 -50.57
C GLU T 267 -59.96 15.31 -49.19
N GLU T 268 -59.30 14.28 -48.66
CA GLU T 268 -58.85 14.28 -47.27
C GLU T 268 -57.56 13.48 -46.93
N TYR T 269 -56.62 13.20 -47.87
CA TYR T 269 -55.29 12.65 -47.50
C TYR T 269 -54.56 13.60 -46.54
N LYS T 270 -54.30 13.20 -45.29
CA LYS T 270 -53.85 14.13 -44.23
C LYS T 270 -53.03 13.50 -43.10
N ALA T 271 -52.51 12.29 -43.26
CA ALA T 271 -51.48 11.77 -42.37
C ALA T 271 -51.87 11.85 -40.88
N ASP T 272 -52.94 11.17 -40.49
CA ASP T 272 -53.44 11.11 -39.12
C ASP T 272 -52.42 10.62 -38.09
N ILE T 273 -51.50 9.75 -38.50
CA ILE T 273 -50.53 9.10 -37.62
C ILE T 273 -49.13 9.17 -38.18
N VAL T 274 -48.14 9.44 -37.34
CA VAL T 274 -46.72 9.44 -37.71
C VAL T 274 -45.95 8.50 -36.80
N MET T 275 -45.29 7.50 -37.36
CA MET T 275 -44.46 6.56 -36.61
C MET T 275 -42.99 6.88 -36.89
N TYR T 276 -42.22 7.10 -35.85
CA TYR T 276 -40.80 7.36 -35.95
C TYR T 276 -40.12 5.99 -36.08
N THR T 277 -39.97 5.51 -37.30
CA THR T 277 -39.42 4.17 -37.56
C THR T 277 -37.90 4.19 -37.42
N GLU T 278 -37.34 3.22 -36.70
CA GLU T 278 -35.90 3.20 -36.38
C GLU T 278 -35.28 1.82 -36.16
N ASN T 279 -33.96 1.74 -36.19
CA ASN T 279 -33.17 0.52 -35.96
C ASN T 279 -32.47 0.62 -34.61
N VAL T 280 -32.31 -0.48 -33.85
CA VAL T 280 -32.24 -0.36 -32.38
C VAL T 280 -31.18 -1.10 -31.56
N ASN T 281 -30.45 -2.11 -32.04
CA ASN T 281 -29.55 -2.96 -31.20
C ASN T 281 -30.38 -3.81 -30.22
N LEU T 282 -31.44 -4.44 -30.72
CA LEU T 282 -32.39 -5.21 -29.91
C LEU T 282 -31.73 -6.48 -29.34
N GLU T 283 -31.96 -6.75 -28.05
CA GLU T 283 -31.50 -7.94 -27.35
C GLU T 283 -32.59 -8.49 -26.45
N THR T 284 -32.49 -9.77 -26.07
CA THR T 284 -33.41 -10.39 -25.12
C THR T 284 -32.53 -11.05 -24.04
N PRO T 285 -31.93 -10.27 -23.14
CA PRO T 285 -30.82 -10.72 -22.34
C PRO T 285 -31.11 -11.89 -21.41
N ASP T 286 -32.36 -12.04 -20.95
CA ASP T 286 -32.75 -13.04 -19.97
C ASP T 286 -34.01 -13.85 -20.31
N THR T 287 -34.48 -13.84 -21.55
CA THR T 287 -35.64 -14.63 -22.01
C THR T 287 -35.29 -15.32 -23.32
N HIS T 288 -36.02 -16.39 -23.67
CA HIS T 288 -35.86 -17.12 -24.92
C HIS T 288 -37.22 -17.26 -25.59
N VAL T 289 -37.25 -17.41 -26.92
CA VAL T 289 -38.50 -17.61 -27.65
C VAL T 289 -38.95 -19.05 -27.43
N VAL T 290 -40.18 -19.26 -26.96
CA VAL T 290 -40.73 -20.60 -26.69
C VAL T 290 -41.67 -21.08 -27.77
N TYR T 291 -42.51 -20.20 -28.32
CA TYR T 291 -43.28 -20.48 -29.53
C TYR T 291 -42.82 -19.57 -30.66
N LYS T 292 -42.44 -20.19 -31.78
CA LYS T 292 -42.00 -19.54 -32.99
C LYS T 292 -42.85 -20.15 -34.11
N PRO T 293 -43.49 -19.34 -34.97
CA PRO T 293 -44.50 -19.85 -35.89
C PRO T 293 -43.91 -20.65 -37.06
N GLY T 294 -42.60 -20.55 -37.27
CA GLY T 294 -41.88 -21.24 -38.33
C GLY T 294 -40.36 -21.01 -38.24
N LYS T 295 -39.60 -21.58 -39.16
CA LYS T 295 -38.13 -21.44 -39.20
C LYS T 295 -37.63 -20.06 -39.57
N GLU T 296 -38.47 -19.20 -40.13
CA GLU T 296 -38.13 -17.83 -40.51
C GLU T 296 -37.68 -17.00 -39.30
N ASP T 297 -36.47 -16.45 -39.37
CA ASP T 297 -35.92 -15.61 -38.30
C ASP T 297 -36.27 -14.11 -38.43
N GLU T 298 -36.50 -13.64 -39.66
CA GLU T 298 -36.78 -12.25 -40.07
C GLU T 298 -38.07 -11.63 -39.53
N SER T 299 -38.21 -10.31 -39.65
CA SER T 299 -39.46 -9.63 -39.31
C SER T 299 -40.54 -9.99 -40.31
N SER T 300 -41.75 -10.39 -39.89
CA SER T 300 -42.84 -10.82 -40.78
C SER T 300 -44.19 -10.82 -40.08
N GLU T 301 -45.31 -10.90 -40.82
CA GLU T 301 -46.63 -10.84 -40.17
C GLU T 301 -46.85 -12.02 -39.23
N THR T 302 -46.34 -13.20 -39.57
CA THR T 302 -46.36 -14.36 -38.68
C THR T 302 -45.50 -14.12 -37.46
N ASN T 303 -44.32 -13.54 -37.63
CA ASN T 303 -43.41 -13.33 -36.53
C ASN T 303 -43.85 -12.27 -35.51
N LEU T 304 -44.95 -11.54 -35.74
CA LEU T 304 -45.64 -10.83 -34.66
C LEU T 304 -46.10 -11.77 -33.53
N THR T 305 -46.38 -13.04 -33.85
CA THR T 305 -47.02 -14.01 -32.96
C THR T 305 -46.07 -14.89 -32.16
N GLN T 306 -44.77 -14.62 -32.19
CA GLN T 306 -43.78 -15.24 -31.33
C GLN T 306 -44.15 -15.08 -29.85
N GLN T 307 -43.77 -16.03 -29.00
CA GLN T 307 -43.91 -15.91 -27.55
C GLN T 307 -42.59 -16.14 -26.85
N SER T 308 -42.27 -15.38 -25.81
CA SER T 308 -41.04 -15.53 -25.03
C SER T 308 -41.34 -16.03 -23.62
N MET T 309 -40.39 -16.73 -23.03
CA MET T 309 -40.45 -17.30 -21.70
C MET T 309 -39.17 -16.90 -20.96
N PRO T 310 -39.20 -16.54 -19.68
CA PRO T 310 -38.01 -16.13 -18.96
C PRO T 310 -37.02 -17.29 -18.85
N ASN T 311 -35.72 -17.03 -18.97
CA ASN T 311 -34.71 -18.07 -18.82
C ASN T 311 -34.73 -18.61 -17.38
N ARG T 312 -34.42 -19.88 -17.22
CA ARG T 312 -34.47 -20.53 -15.91
C ARG T 312 -33.51 -19.86 -14.92
N PRO T 313 -33.91 -19.61 -13.67
CA PRO T 313 -33.01 -19.10 -12.64
C PRO T 313 -31.84 -20.04 -12.40
N ASN T 314 -30.64 -19.49 -12.21
CA ASN T 314 -29.42 -20.24 -11.95
C ASN T 314 -28.52 -19.41 -11.05
N TYR T 315 -28.40 -19.82 -9.79
CA TYR T 315 -27.67 -19.12 -8.75
C TYR T 315 -26.34 -19.80 -8.66
N ILE T 316 -25.26 -19.02 -8.75
CA ILE T 316 -23.91 -19.54 -8.67
C ILE T 316 -23.13 -18.79 -7.60
N GLY T 317 -22.33 -19.53 -6.84
CA GLY T 317 -21.49 -19.03 -5.77
C GLY T 317 -20.61 -20.14 -5.23
N PHE T 318 -19.83 -19.85 -4.20
CA PHE T 318 -19.04 -20.87 -3.53
C PHE T 318 -19.90 -21.80 -2.69
N ARG T 319 -19.45 -23.03 -2.47
CA ARG T 319 -20.16 -23.98 -1.63
C ARG T 319 -20.16 -23.56 -0.16
N ASP T 320 -21.05 -24.21 0.61
CA ASP T 320 -21.18 -23.98 2.04
C ASP T 320 -19.81 -24.17 2.69
N ASN T 321 -19.42 -23.34 3.64
CA ASN T 321 -18.13 -23.45 4.31
C ASN T 321 -16.92 -23.49 3.35
N PHE T 322 -17.06 -23.05 2.10
CA PHE T 322 -16.07 -23.20 1.05
C PHE T 322 -15.64 -24.65 0.77
N VAL T 323 -16.56 -25.61 0.85
CA VAL T 323 -16.29 -27.02 0.51
C VAL T 323 -15.58 -27.12 -0.84
N GLY T 324 -14.57 -27.96 -0.93
CA GLY T 324 -13.85 -28.20 -2.17
C GLY T 324 -12.83 -27.14 -2.56
N LEU T 325 -12.73 -26.00 -1.90
CA LEU T 325 -11.78 -24.96 -2.32
C LEU T 325 -10.32 -25.30 -1.97
N MET T 326 -10.09 -26.20 -1.02
CA MET T 326 -8.79 -26.70 -0.61
C MET T 326 -8.73 -28.23 -0.80
N TYR T 327 -7.60 -28.78 -1.23
CA TYR T 327 -7.37 -30.23 -1.37
C TYR T 327 -7.13 -30.87 -0.03
N TYR T 328 -8.12 -31.64 0.39
CA TYR T 328 -8.08 -32.49 1.56
C TYR T 328 -8.27 -33.90 1.06
N ASN T 329 -7.69 -34.86 1.73
CA ASN T 329 -7.78 -36.26 1.40
C ASN T 329 -7.26 -36.65 0.01
N SER T 330 -6.33 -35.88 -0.54
CA SER T 330 -5.67 -36.18 -1.82
C SER T 330 -4.20 -36.36 -1.58
N THR T 331 -3.64 -37.54 -1.80
CA THR T 331 -2.20 -37.78 -1.66
C THR T 331 -1.40 -37.14 -2.79
N GLY T 332 -2.04 -36.78 -3.89
CA GLY T 332 -1.40 -36.12 -5.03
C GLY T 332 -1.07 -34.65 -4.80
N ASN T 333 -1.78 -33.98 -3.90
CA ASN T 333 -1.65 -32.55 -3.63
C ASN T 333 -1.71 -32.25 -2.14
N MET T 334 -1.16 -33.13 -1.32
CA MET T 334 -1.26 -33.04 0.12
C MET T 334 -0.66 -31.76 0.70
N GLY T 335 -1.43 -31.07 1.54
CA GLY T 335 -0.99 -29.87 2.24
C GLY T 335 0.12 -30.18 3.22
N VAL T 336 0.79 -29.15 3.73
CA VAL T 336 1.91 -29.33 4.65
C VAL T 336 1.84 -28.42 5.85
N LEU T 337 2.09 -28.95 7.02
CA LEU T 337 2.32 -28.21 8.24
C LEU T 337 3.50 -28.98 8.79
N ALA T 338 4.68 -28.43 8.63
CA ALA T 338 5.88 -29.11 9.01
C ALA T 338 6.78 -28.21 9.83
N GLY T 339 7.41 -28.81 10.82
CA GLY T 339 8.36 -28.10 11.64
C GLY T 339 9.62 -27.81 10.85
N GLN T 340 9.88 -26.55 10.53
CA GLN T 340 11.14 -26.18 9.92
C GLN T 340 12.14 -26.20 11.09
N ALA T 341 13.31 -26.82 10.99
CA ALA T 341 13.88 -27.43 9.81
C ALA T 341 13.93 -28.96 9.73
N SER T 342 13.19 -29.71 10.53
CA SER T 342 13.18 -31.18 10.39
C SER T 342 12.44 -31.60 9.13
N GLN T 343 11.47 -30.79 8.71
CA GLN T 343 10.67 -31.01 7.51
C GLN T 343 9.78 -32.28 7.53
N LEU T 344 9.60 -32.90 8.69
CA LEU T 344 8.65 -33.99 8.91
C LEU T 344 7.25 -33.40 8.84
N ASN T 345 6.46 -33.70 7.81
CA ASN T 345 5.13 -33.14 7.72
C ASN T 345 4.23 -33.69 8.84
N ALA T 346 3.56 -32.84 9.60
CA ALA T 346 2.67 -33.29 10.67
C ALA T 346 1.30 -33.71 10.12
N VAL T 347 0.97 -33.32 8.89
CA VAL T 347 -0.28 -33.67 8.21
C VAL T 347 -0.12 -34.95 7.42
N VAL T 348 -0.77 -36.04 7.82
CA VAL T 348 -0.75 -37.31 7.09
C VAL T 348 -2.18 -37.53 6.62
N ASP T 349 -2.38 -37.59 5.32
CA ASP T 349 -3.72 -37.70 4.76
C ASP T 349 -3.94 -38.90 3.87
N LEU T 350 -5.18 -39.38 3.82
CA LEU T 350 -5.57 -40.61 3.17
C LEU T 350 -6.68 -40.46 2.14
N GLN T 351 -6.64 -41.32 1.14
CA GLN T 351 -7.61 -41.34 0.05
C GLN T 351 -9.05 -41.64 0.46
N ASP T 352 -9.26 -42.22 1.64
CA ASP T 352 -10.56 -42.65 2.14
C ASP T 352 -11.03 -41.88 3.38
N ARG T 353 -10.38 -40.77 3.74
CA ARG T 353 -10.86 -39.86 4.78
C ARG T 353 -11.76 -38.84 4.09
N ASN T 354 -12.72 -38.25 4.78
CA ASN T 354 -13.60 -37.24 4.20
C ASN T 354 -13.67 -36.05 5.13
N THR T 355 -12.70 -35.15 5.00
CA THR T 355 -12.57 -33.96 5.83
C THR T 355 -13.70 -32.98 5.57
N GLU T 356 -14.20 -32.92 4.35
CA GLU T 356 -15.31 -32.04 4.04
C GLU T 356 -16.57 -32.52 4.75
N LEU T 357 -17.02 -33.76 4.53
CA LEU T 357 -18.24 -34.24 5.18
C LEU T 357 -18.07 -34.29 6.68
N SER T 358 -16.90 -34.63 7.19
CA SER T 358 -16.65 -34.62 8.62
C SER T 358 -16.88 -33.24 9.21
N TYR T 359 -16.50 -32.17 8.51
CA TYR T 359 -16.70 -30.82 8.98
C TYR T 359 -18.16 -30.44 8.86
N GLN T 360 -18.86 -30.79 7.78
CA GLN T 360 -20.29 -30.50 7.67
C GLN T 360 -21.05 -31.09 8.85
N LEU T 361 -20.71 -32.32 9.24
CA LEU T 361 -21.33 -33.00 10.38
C LEU T 361 -20.91 -32.35 11.70
N LEU T 362 -19.64 -31.99 11.87
CA LEU T 362 -19.14 -31.33 13.07
C LEU T 362 -19.89 -30.04 13.36
N LEU T 363 -20.05 -29.16 12.38
CA LEU T 363 -20.73 -27.90 12.62
C LEU T 363 -22.19 -28.05 13.07
N ASP T 364 -22.93 -29.05 12.61
CA ASP T 364 -24.29 -29.22 13.11
C ASP T 364 -24.27 -29.64 14.58
N SER T 365 -23.26 -30.37 15.05
CA SER T 365 -23.19 -30.78 16.45
C SER T 365 -22.77 -29.66 17.37
N LEU T 366 -21.87 -28.79 16.91
CA LEU T 366 -21.40 -27.66 17.69
C LEU T 366 -22.41 -26.51 17.72
N GLY T 367 -22.88 -26.10 16.54
CA GLY T 367 -23.80 -24.97 16.38
C GLY T 367 -25.16 -25.33 15.83
N ASP T 368 -25.83 -24.32 15.30
CA ASP T 368 -27.12 -24.42 14.63
C ASP T 368 -26.88 -24.01 13.17
N ARG T 369 -27.03 -24.94 12.21
CA ARG T 369 -26.79 -24.63 10.80
C ARG T 369 -27.85 -23.72 10.18
N THR T 370 -28.98 -23.47 10.82
CA THR T 370 -30.01 -22.58 10.26
C THR T 370 -29.61 -21.11 10.28
N ARG T 371 -28.46 -20.73 10.87
CA ARG T 371 -27.98 -19.35 10.97
C ARG T 371 -26.81 -19.15 10.01
N TYR T 372 -26.91 -18.17 9.12
CA TYR T 372 -25.85 -17.92 8.17
C TYR T 372 -24.74 -17.07 8.76
N PHE T 373 -23.54 -17.22 8.25
CA PHE T 373 -22.37 -16.50 8.69
C PHE T 373 -21.47 -16.32 7.49
N SER T 374 -21.42 -15.10 6.95
CA SER T 374 -20.78 -14.85 5.66
C SER T 374 -19.28 -15.01 5.69
N MET T 375 -18.62 -14.90 6.84
CA MET T 375 -17.17 -14.92 6.88
C MET T 375 -16.62 -16.19 6.31
N TRP T 376 -17.09 -17.33 6.80
CA TRP T 376 -16.73 -18.66 6.31
C TRP T 376 -17.63 -19.12 5.18
N ASN T 377 -18.42 -18.23 4.57
CA ASN T 377 -19.44 -18.57 3.57
C ASN T 377 -20.36 -19.68 4.04
N SER T 378 -20.63 -19.72 5.33
CA SER T 378 -21.46 -20.71 5.97
C SER T 378 -22.91 -20.35 5.82
N ALA T 379 -23.65 -21.15 5.07
CA ALA T 379 -25.07 -21.01 4.87
C ALA T 379 -25.54 -22.32 4.29
N VAL T 380 -26.18 -23.18 5.09
CA VAL T 380 -26.49 -24.57 4.70
C VAL T 380 -27.45 -24.74 3.53
N ASP T 381 -27.18 -25.74 2.69
CA ASP T 381 -28.06 -26.05 1.58
C ASP T 381 -29.44 -26.51 2.06
N SER T 382 -30.48 -26.07 1.36
CA SER T 382 -31.83 -26.41 1.72
C SER T 382 -32.75 -26.50 0.52
N TYR T 383 -33.97 -26.94 0.76
CA TYR T 383 -35.03 -26.98 -0.21
C TYR T 383 -36.28 -26.51 0.49
N ASP T 384 -37.24 -26.01 -0.25
CA ASP T 384 -38.49 -25.58 0.34
C ASP T 384 -39.28 -26.88 0.64
N PRO T 385 -39.65 -27.21 1.89
CA PRO T 385 -40.33 -28.46 2.15
C PRO T 385 -41.67 -28.55 1.43
N ASP T 386 -42.29 -27.41 1.10
CA ASP T 386 -43.51 -27.32 0.33
C ASP T 386 -43.33 -27.85 -1.10
N VAL T 387 -42.11 -27.76 -1.63
CA VAL T 387 -41.70 -28.24 -2.96
C VAL T 387 -41.30 -29.72 -2.93
N ARG T 388 -40.55 -30.15 -1.91
CA ARG T 388 -40.09 -31.53 -1.82
C ARG T 388 -41.24 -32.50 -1.60
N ILE T 389 -42.19 -32.13 -0.76
CA ILE T 389 -43.38 -32.91 -0.43
C ILE T 389 -44.57 -32.00 -0.61
N ILE T 390 -45.24 -32.13 -1.75
CA ILE T 390 -46.38 -31.30 -2.10
C ILE T 390 -47.55 -31.60 -1.19
N GLU T 391 -47.92 -30.64 -0.35
CA GLU T 391 -49.24 -30.64 0.29
C GLU T 391 -50.22 -29.95 -0.65
N ASN T 392 -50.98 -30.67 -1.47
CA ASN T 392 -51.93 -30.04 -2.37
C ASN T 392 -53.31 -29.92 -1.71
N HIS T 393 -53.45 -29.02 -0.75
CA HIS T 393 -54.72 -28.71 -0.08
C HIS T 393 -55.68 -27.89 -0.96
N GLY T 394 -55.47 -27.79 -2.26
CA GLY T 394 -56.32 -27.02 -3.15
C GLY T 394 -56.13 -25.52 -2.95
N VAL T 395 -57.15 -24.72 -3.24
CA VAL T 395 -57.09 -23.26 -3.14
C VAL T 395 -58.40 -22.66 -2.62
N GLU T 396 -58.34 -21.49 -2.00
CA GLU T 396 -59.52 -20.83 -1.43
C GLU T 396 -60.16 -19.89 -2.46
N ASP T 397 -60.80 -20.45 -3.49
CA ASP T 397 -61.40 -19.72 -4.61
C ASP T 397 -62.94 -19.67 -4.57
N GLU T 398 -63.57 -19.70 -3.41
CA GLU T 398 -65.04 -19.63 -3.25
C GLU T 398 -65.72 -18.41 -3.89
N LEU T 399 -64.99 -17.30 -4.04
CA LEU T 399 -65.42 -16.04 -4.65
C LEU T 399 -64.84 -15.91 -6.05
N PRO T 400 -65.64 -15.51 -7.06
CA PRO T 400 -65.10 -15.04 -8.33
C PRO T 400 -64.39 -13.69 -8.13
N ASN T 401 -63.40 -13.39 -8.98
CA ASN T 401 -62.73 -12.09 -8.98
C ASN T 401 -62.80 -11.48 -10.38
N TYR T 402 -62.97 -10.17 -10.46
CA TYR T 402 -63.24 -9.48 -11.71
C TYR T 402 -62.25 -8.39 -12.03
N CYS T 403 -61.96 -8.23 -13.32
CA CYS T 403 -61.33 -7.06 -13.91
C CYS T 403 -62.40 -6.21 -14.60
N PHE T 404 -62.36 -4.89 -14.43
CA PHE T 404 -63.40 -3.95 -14.88
C PHE T 404 -62.84 -2.88 -15.84
N PRO T 405 -63.65 -2.31 -16.74
CA PRO T 405 -63.29 -1.16 -17.57
C PRO T 405 -62.72 -0.04 -16.72
N LEU T 406 -61.73 0.71 -17.22
CA LEU T 406 -61.10 1.75 -16.40
C LEU T 406 -62.07 2.88 -16.01
N ASN T 407 -63.17 3.06 -16.75
CA ASN T 407 -64.21 4.04 -16.47
C ASN T 407 -65.41 3.43 -15.75
N GLY T 408 -65.25 2.25 -15.15
CA GLY T 408 -66.32 1.56 -14.44
C GLY T 408 -67.26 0.82 -15.36
N THR T 409 -67.96 1.53 -16.25
CA THR T 409 -69.10 0.96 -16.99
C THR T 409 -68.72 0.30 -18.32
N GLY T 410 -67.74 0.84 -19.04
CA GLY T 410 -67.22 0.28 -20.29
C GLY T 410 -68.12 0.20 -21.53
N THR T 411 -69.10 1.08 -21.73
CA THR T 411 -69.92 1.08 -22.98
C THR T 411 -70.32 2.50 -23.38
N ASN T 412 -70.47 2.72 -24.68
CA ASN T 412 -70.81 3.99 -25.31
C ASN T 412 -72.28 4.14 -25.74
N SER T 413 -73.17 3.22 -25.33
CA SER T 413 -74.60 3.31 -25.66
C SER T 413 -75.07 4.71 -25.23
N THR T 414 -75.52 5.51 -26.19
CA THR T 414 -75.83 6.93 -25.98
C THR T 414 -77.31 7.23 -26.02
N TYR T 415 -77.80 8.03 -25.09
CA TYR T 415 -79.21 8.40 -24.95
C TYR T 415 -79.39 9.92 -24.81
N GLN T 416 -80.42 10.48 -25.42
CA GLN T 416 -80.86 11.87 -25.24
C GLN T 416 -81.84 12.00 -24.08
N GLY T 417 -81.97 13.19 -23.50
CA GLY T 417 -82.94 13.44 -22.44
C GLY T 417 -84.35 13.65 -22.99
N VAL T 418 -85.38 13.21 -22.27
CA VAL T 418 -86.79 13.38 -22.66
C VAL T 418 -87.69 13.76 -21.49
N LYS T 419 -88.92 14.21 -21.73
CA LYS T 419 -89.90 14.61 -20.70
C LYS T 419 -91.32 14.22 -21.07
N VAL T 420 -92.20 14.10 -20.09
CA VAL T 420 -93.61 13.75 -20.35
C VAL T 420 -94.31 14.91 -21.03
N LYS T 421 -94.77 14.64 -22.24
CA LYS T 421 -95.55 15.53 -23.09
C LYS T 421 -96.99 15.27 -22.63
N THR T 422 -97.43 15.95 -21.56
CA THR T 422 -98.71 15.69 -20.86
C THR T 422 -99.93 15.57 -21.80
N GLY T 423 -100.74 14.50 -21.69
CA GLY T 423 -101.79 14.33 -22.68
C GLY T 423 -103.12 15.10 -22.55
N GLN T 424 -103.62 15.44 -23.74
CA GLN T 424 -104.86 16.08 -24.18
C GLN T 424 -106.07 15.15 -24.49
N ASP T 425 -105.87 13.85 -24.73
CA ASP T 425 -106.89 13.06 -25.45
C ASP T 425 -107.89 12.13 -24.72
N GLY T 426 -108.30 12.30 -23.45
CA GLY T 426 -109.26 11.29 -22.90
C GLY T 426 -108.56 9.99 -22.45
N ALA T 427 -107.56 9.65 -23.26
CA ALA T 427 -106.63 8.55 -23.40
C ALA T 427 -105.29 9.23 -23.05
N GLU T 428 -105.21 9.50 -21.74
CA GLU T 428 -104.31 10.19 -20.82
C GLU T 428 -102.86 9.69 -20.78
N GLU T 429 -102.33 9.30 -21.93
CA GLU T 429 -101.30 8.30 -22.14
C GLU T 429 -99.87 8.88 -22.09
N THR T 430 -98.95 7.99 -21.71
CA THR T 430 -97.58 8.20 -21.22
C THR T 430 -96.66 8.54 -22.38
N GLU T 431 -96.88 9.72 -22.90
CA GLU T 431 -96.38 10.36 -24.11
C GLU T 431 -95.29 11.35 -23.79
N TRP T 432 -94.26 11.39 -24.63
CA TRP T 432 -93.00 12.04 -24.34
C TRP T 432 -92.54 12.88 -25.53
N ASP T 433 -91.67 13.85 -25.27
CA ASP T 433 -90.93 14.56 -26.31
C ASP T 433 -89.58 15.01 -25.75
N LYS T 434 -88.71 15.59 -26.59
CA LYS T 434 -87.34 15.96 -26.16
C LYS T 434 -87.34 16.91 -24.97
N ASP T 435 -86.43 16.66 -24.04
CA ASP T 435 -86.09 17.65 -23.04
C ASP T 435 -84.96 18.49 -23.59
N GLU T 436 -85.28 19.69 -24.07
CA GLU T 436 -84.28 20.59 -24.63
C GLU T 436 -83.30 21.10 -23.57
N THR T 437 -83.57 20.90 -22.29
CA THR T 437 -82.66 21.32 -21.22
C THR T 437 -81.57 20.27 -20.95
N VAL T 438 -81.59 19.13 -21.64
CA VAL T 438 -80.68 18.01 -21.41
C VAL T 438 -79.88 17.70 -22.67
N ALA T 439 -78.64 17.28 -22.51
CA ALA T 439 -77.74 17.00 -23.61
C ALA T 439 -78.30 15.93 -24.53
N ARG T 440 -78.06 16.03 -25.84
CA ARG T 440 -78.52 15.00 -26.78
C ARG T 440 -77.77 13.68 -26.67
N GLN T 441 -76.65 13.64 -25.96
CA GLN T 441 -75.79 12.46 -25.88
C GLN T 441 -75.24 12.23 -24.47
N ASN T 442 -75.95 11.42 -23.68
CA ASN T 442 -75.58 10.95 -22.35
C ASN T 442 -75.13 9.49 -22.50
N GLN T 443 -74.05 9.08 -21.85
CA GLN T 443 -73.47 7.73 -21.98
C GLN T 443 -73.89 6.70 -20.92
N ILE T 444 -75.16 6.67 -20.53
CA ILE T 444 -75.67 5.78 -19.48
C ILE T 444 -75.78 4.31 -19.96
N ALA T 445 -75.01 3.39 -19.38
CA ALA T 445 -75.04 1.96 -19.71
C ALA T 445 -76.28 1.22 -19.20
N LYS T 446 -76.84 0.22 -19.92
CA LYS T 446 -77.84 -0.71 -19.34
C LYS T 446 -77.19 -1.86 -18.57
N GLY T 447 -77.82 -2.28 -17.48
CA GLY T 447 -77.47 -3.55 -16.82
C GLY T 447 -76.11 -3.52 -16.12
N ASN T 448 -75.68 -4.66 -15.61
CA ASN T 448 -74.44 -4.77 -14.86
C ASN T 448 -73.24 -4.33 -15.67
N VAL T 449 -72.24 -3.77 -14.99
CA VAL T 449 -71.01 -3.31 -15.61
C VAL T 449 -70.26 -4.41 -16.36
N TYR T 450 -69.62 -4.10 -17.48
CA TYR T 450 -68.84 -5.08 -18.22
C TYR T 450 -67.74 -5.62 -17.32
N ALA T 451 -67.42 -6.90 -17.43
CA ALA T 451 -66.36 -7.49 -16.63
C ALA T 451 -65.75 -8.70 -17.33
N MET T 452 -64.55 -9.07 -16.91
CA MET T 452 -64.01 -10.39 -17.12
C MET T 452 -63.56 -10.98 -15.81
N GLU T 453 -63.61 -12.30 -15.73
CA GLU T 453 -63.41 -13.05 -14.51
C GLU T 453 -62.09 -13.83 -14.56
N ILE T 454 -61.32 -13.78 -13.47
CA ILE T 454 -60.02 -14.46 -13.35
C ILE T 454 -59.97 -15.20 -12.00
N ASN T 455 -59.61 -16.48 -11.99
CA ASN T 455 -59.42 -17.20 -10.75
C ASN T 455 -58.01 -16.97 -10.18
N LEU T 456 -57.80 -15.93 -9.36
CA LEU T 456 -56.47 -15.56 -8.89
C LEU T 456 -55.79 -16.68 -8.11
N GLN T 457 -56.51 -17.27 -7.18
CA GLN T 457 -55.96 -18.27 -6.27
C GLN T 457 -55.47 -19.51 -7.03
N ALA T 458 -56.22 -19.96 -8.04
CA ALA T 458 -55.75 -21.05 -8.90
C ALA T 458 -54.52 -20.63 -9.71
N ASN T 459 -54.46 -19.40 -10.23
CA ASN T 459 -53.32 -18.94 -11.02
C ASN T 459 -52.03 -18.82 -10.18
N LEU T 460 -52.13 -18.32 -8.96
CA LEU T 460 -51.04 -18.36 -7.99
C LEU T 460 -50.58 -19.81 -7.76
N TRP T 461 -51.48 -20.72 -7.43
CA TRP T 461 -51.10 -22.12 -7.17
C TRP T 461 -50.50 -22.83 -8.40
N LYS T 462 -51.09 -22.68 -9.58
CA LYS T 462 -50.57 -23.26 -10.81
C LYS T 462 -49.21 -22.71 -11.23
N SER T 463 -48.98 -21.40 -11.15
CA SER T 463 -47.65 -20.82 -11.45
C SER T 463 -46.62 -21.26 -10.42
N PHE T 464 -47.02 -21.48 -9.17
CA PHE T 464 -46.12 -22.04 -8.17
C PHE T 464 -45.69 -23.43 -8.61
N LEU T 465 -46.61 -24.36 -8.84
CA LEU T 465 -46.28 -25.72 -9.24
C LEU T 465 -45.50 -25.78 -10.54
N TYR T 466 -45.76 -24.92 -11.53
CA TYR T 466 -44.99 -24.98 -12.77
C TYR T 466 -43.55 -24.59 -12.55
N SER T 467 -43.34 -23.39 -12.03
CA SER T 467 -42.01 -22.86 -11.83
C SER T 467 -41.21 -23.68 -10.82
N ASN T 468 -41.85 -24.22 -9.78
CA ASN T 468 -41.18 -24.96 -8.73
C ASN T 468 -41.09 -26.46 -8.91
N VAL T 469 -42.02 -27.13 -9.60
CA VAL T 469 -42.01 -28.59 -9.76
C VAL T 469 -42.06 -29.04 -11.22
N ALA T 470 -42.79 -28.39 -12.12
CA ALA T 470 -42.80 -28.88 -13.51
C ALA T 470 -41.42 -28.76 -14.15
N LEU T 471 -40.77 -27.62 -14.00
CA LEU T 471 -39.49 -27.37 -14.63
C LEU T 471 -38.36 -28.25 -14.12
N TYR T 472 -38.44 -28.79 -12.90
CA TYR T 472 -37.40 -29.65 -12.34
C TYR T 472 -37.56 -31.13 -12.67
N LEU T 473 -38.65 -31.56 -13.31
CA LEU T 473 -38.87 -32.96 -13.67
C LEU T 473 -37.71 -33.52 -14.51
N PRO T 474 -37.37 -34.82 -14.42
CA PRO T 474 -36.31 -35.41 -15.20
C PRO T 474 -36.50 -35.14 -16.69
N ASP T 475 -35.41 -35.04 -17.44
CA ASP T 475 -35.47 -34.71 -18.87
C ASP T 475 -36.29 -35.67 -19.73
N SER T 476 -36.48 -36.93 -19.32
CA SER T 476 -37.31 -37.85 -20.11
C SER T 476 -38.77 -37.40 -20.20
N TYR T 477 -39.24 -36.52 -19.32
CA TYR T 477 -40.60 -35.97 -19.31
C TYR T 477 -40.74 -34.71 -20.17
N LYS T 478 -39.64 -34.13 -20.64
CA LYS T 478 -39.64 -32.92 -21.46
C LYS T 478 -39.61 -33.24 -22.95
N TYR T 479 -39.68 -32.22 -23.79
CA TYR T 479 -39.58 -32.36 -25.24
C TYR T 479 -38.96 -31.10 -25.83
N THR T 480 -38.52 -31.15 -27.08
CA THR T 480 -37.93 -29.98 -27.74
C THR T 480 -39.00 -29.38 -28.65
N PRO T 481 -39.28 -28.08 -28.56
CA PRO T 481 -40.32 -27.46 -29.38
C PRO T 481 -40.14 -27.64 -30.87
N ALA T 482 -41.23 -27.46 -31.61
CA ALA T 482 -41.21 -27.51 -33.06
C ALA T 482 -40.27 -26.41 -33.59
N ASN T 483 -39.29 -26.78 -34.40
CA ASN T 483 -38.30 -25.90 -35.00
C ASN T 483 -37.53 -24.96 -34.04
N VAL T 484 -36.94 -25.57 -33.02
CA VAL T 484 -36.02 -24.95 -32.05
C VAL T 484 -34.83 -25.90 -31.96
N THR T 485 -33.60 -25.38 -32.02
CA THR T 485 -32.40 -26.23 -32.02
C THR T 485 -31.58 -26.02 -30.76
N LEU T 486 -31.47 -27.08 -29.96
CA LEU T 486 -30.68 -27.10 -28.73
C LEU T 486 -29.32 -27.74 -28.99
N PRO T 487 -28.32 -27.55 -28.10
CA PRO T 487 -27.03 -28.22 -28.23
C PRO T 487 -27.18 -29.74 -28.09
N ALA T 488 -26.16 -30.50 -28.50
CA ALA T 488 -26.18 -31.95 -28.30
C ALA T 488 -25.83 -32.30 -26.83
N ASN T 489 -25.04 -31.45 -26.18
CA ASN T 489 -24.59 -31.62 -24.81
C ASN T 489 -25.66 -31.23 -23.81
N THR T 490 -26.38 -32.23 -23.32
CA THR T 490 -27.48 -32.10 -22.36
C THR T 490 -27.11 -31.52 -21.00
N ASN T 491 -25.83 -31.47 -20.65
CA ASN T 491 -25.35 -30.91 -19.39
C ASN T 491 -25.23 -29.38 -19.43
N THR T 492 -25.49 -28.73 -20.57
CA THR T 492 -25.36 -27.28 -20.72
C THR T 492 -26.65 -26.54 -20.46
N TYR T 493 -26.53 -25.30 -20.00
CA TYR T 493 -27.65 -24.44 -19.68
C TYR T 493 -28.56 -24.19 -20.88
N GLU T 494 -28.02 -23.98 -22.07
CA GLU T 494 -28.83 -23.74 -23.26
C GLU T 494 -29.73 -24.93 -23.57
N TYR T 495 -29.28 -26.16 -23.33
CA TYR T 495 -30.11 -27.33 -23.49
C TYR T 495 -31.16 -27.38 -22.40
N MET T 496 -30.76 -27.26 -21.13
CA MET T 496 -31.69 -27.34 -19.99
C MET T 496 -32.74 -26.24 -19.98
N ASN T 497 -32.42 -25.07 -20.52
CA ASN T 497 -33.29 -23.91 -20.64
C ASN T 497 -34.25 -24.04 -21.83
N GLY T 498 -33.77 -24.60 -22.95
CA GLY T 498 -34.57 -24.72 -24.16
C GLY T 498 -35.62 -25.83 -24.16
N ARG T 499 -35.41 -26.93 -23.43
CA ARG T 499 -36.36 -28.05 -23.33
C ARG T 499 -37.66 -27.57 -22.69
N VAL T 500 -38.81 -28.03 -23.17
CA VAL T 500 -40.13 -27.61 -22.69
C VAL T 500 -40.84 -28.77 -21.99
N VAL T 501 -41.63 -28.45 -20.98
CA VAL T 501 -42.37 -29.41 -20.15
C VAL T 501 -43.82 -28.99 -20.04
N ALA T 502 -44.73 -29.96 -20.15
CA ALA T 502 -46.16 -29.72 -20.16
C ALA T 502 -46.70 -29.27 -18.79
N PRO T 503 -47.40 -28.13 -18.68
CA PRO T 503 -48.01 -27.69 -17.44
C PRO T 503 -49.12 -28.60 -16.91
N SER T 504 -49.48 -29.66 -17.62
CA SER T 504 -50.49 -30.62 -17.19
C SER T 504 -49.88 -31.81 -16.48
N LEU T 505 -48.54 -31.95 -16.44
CA LEU T 505 -47.86 -33.01 -15.69
C LEU T 505 -48.07 -32.78 -14.20
N VAL T 506 -47.81 -31.54 -13.77
CA VAL T 506 -48.08 -31.07 -12.40
C VAL T 506 -48.99 -29.88 -12.58
N ASP T 507 -50.16 -29.95 -11.97
CA ASP T 507 -51.24 -28.97 -12.10
C ASP T 507 -52.02 -28.88 -10.79
N ALA T 508 -52.95 -27.97 -10.67
CA ALA T 508 -53.69 -27.74 -9.44
C ALA T 508 -54.35 -29.02 -8.86
N TYR T 509 -54.58 -30.06 -9.68
CA TYR T 509 -55.25 -31.31 -9.33
C TYR T 509 -54.24 -32.46 -9.05
N ILE T 510 -52.91 -32.21 -9.06
CA ILE T 510 -51.87 -33.23 -8.83
C ILE T 510 -51.98 -33.80 -7.42
N ASN T 511 -52.26 -35.09 -7.28
CA ASN T 511 -52.52 -35.78 -6.01
C ASN T 511 -53.41 -34.94 -5.08
N ILE T 512 -54.41 -34.24 -5.61
CA ILE T 512 -55.12 -33.22 -4.84
C ILE T 512 -55.73 -33.81 -3.56
N GLY T 513 -55.54 -33.12 -2.45
CA GLY T 513 -55.86 -33.61 -1.13
C GLY T 513 -54.82 -34.46 -0.40
N ALA T 514 -53.64 -34.75 -0.95
CA ALA T 514 -52.57 -35.50 -0.26
C ALA T 514 -51.29 -34.69 0.02
N ARG T 515 -50.55 -35.04 1.08
CA ARG T 515 -49.11 -34.82 1.19
C ARG T 515 -48.42 -35.96 0.47
N TRP T 516 -48.03 -35.73 -0.76
CA TRP T 516 -47.34 -36.74 -1.56
C TRP T 516 -46.28 -36.08 -2.40
N SER T 517 -45.13 -36.73 -2.54
CA SER T 517 -44.03 -36.25 -3.37
C SER T 517 -44.10 -37.02 -4.67
N LEU T 518 -43.88 -36.40 -5.81
CA LEU T 518 -43.98 -37.13 -7.08
C LEU T 518 -42.91 -38.22 -7.18
N ASP T 519 -43.30 -39.42 -7.61
CA ASP T 519 -42.38 -40.53 -7.75
C ASP T 519 -41.13 -40.21 -8.59
N PRO T 520 -41.19 -39.46 -9.71
CA PRO T 520 -39.98 -39.12 -10.44
C PRO T 520 -39.12 -38.11 -9.66
N MET T 521 -39.74 -37.17 -8.94
CA MET T 521 -39.03 -36.16 -8.16
C MET T 521 -38.34 -36.71 -6.92
N ASP T 522 -38.74 -37.84 -6.35
CA ASP T 522 -38.08 -38.38 -5.16
C ASP T 522 -36.59 -38.63 -5.39
N ASN T 523 -36.24 -39.10 -6.57
CA ASN T 523 -34.87 -39.40 -6.98
C ASN T 523 -34.18 -38.23 -7.70
N VAL T 524 -34.80 -37.03 -7.76
CA VAL T 524 -34.20 -35.83 -8.35
C VAL T 524 -33.62 -35.05 -7.18
N ASN T 525 -32.34 -34.70 -7.23
CA ASN T 525 -31.68 -33.97 -6.15
C ASN T 525 -32.47 -32.69 -5.80
N PRO T 526 -33.02 -32.54 -4.60
CA PRO T 526 -33.82 -31.37 -4.26
C PRO T 526 -33.02 -30.12 -3.95
N PHE T 527 -31.71 -30.21 -3.75
CA PHE T 527 -30.87 -29.05 -3.42
C PHE T 527 -30.49 -28.28 -4.68
N ASN T 528 -30.58 -28.90 -5.85
CA ASN T 528 -30.37 -28.24 -7.13
C ASN T 528 -31.69 -27.56 -7.50
N HIS T 529 -32.06 -26.53 -6.74
CA HIS T 529 -33.31 -25.80 -6.91
C HIS T 529 -33.14 -24.32 -6.57
N HIS T 530 -33.83 -23.43 -7.28
CA HIS T 530 -33.77 -21.99 -7.05
C HIS T 530 -34.28 -21.54 -5.69
N ARG T 531 -34.99 -22.39 -4.94
CA ARG T 531 -35.43 -22.06 -3.58
C ARG T 531 -34.45 -22.50 -2.49
N ASN T 532 -33.28 -23.01 -2.86
CA ASN T 532 -32.20 -23.36 -1.93
C ASN T 532 -31.72 -22.08 -1.26
N ALA T 533 -32.18 -21.81 -0.04
CA ALA T 533 -31.86 -20.58 0.69
C ALA T 533 -30.38 -20.42 0.96
N GLY T 534 -29.66 -21.52 1.15
CA GLY T 534 -28.22 -21.48 1.35
C GLY T 534 -27.53 -20.97 0.12
N LEU T 535 -27.79 -21.56 -1.04
CA LEU T 535 -27.16 -21.14 -2.29
C LEU T 535 -27.58 -19.73 -2.68
N ARG T 536 -28.85 -19.34 -2.50
CA ARG T 536 -29.29 -17.97 -2.76
C ARG T 536 -28.41 -17.00 -2.02
N TYR T 537 -28.28 -17.18 -0.71
CA TYR T 537 -27.47 -16.33 0.13
C TYR T 537 -26.01 -16.34 -0.33
N ARG T 538 -25.41 -17.52 -0.57
CA ARG T 538 -24.02 -17.61 -1.05
C ARG T 538 -23.83 -17.02 -2.44
N SER T 539 -24.87 -16.95 -3.26
CA SER T 539 -24.79 -16.34 -4.58
C SER T 539 -24.91 -14.82 -4.47
N MET T 540 -25.72 -14.34 -3.53
CA MET T 540 -25.97 -12.92 -3.32
C MET T 540 -24.94 -12.21 -2.44
N LEU T 541 -24.14 -12.92 -1.64
CA LEU T 541 -22.93 -12.34 -1.04
C LEU T 541 -21.92 -11.84 -2.06
N LEU T 542 -21.86 -12.46 -3.22
CA LEU T 542 -21.00 -12.08 -4.32
C LEU T 542 -21.62 -10.96 -5.16
N GLY T 543 -22.94 -11.03 -5.35
CA GLY T 543 -23.73 -10.03 -6.06
C GLY T 543 -24.53 -10.56 -7.23
N ASN T 544 -25.12 -9.64 -7.97
CA ASN T 544 -25.99 -9.84 -9.13
C ASN T 544 -25.29 -9.96 -10.48
N GLY T 545 -24.01 -9.62 -10.61
CA GLY T 545 -23.32 -9.67 -11.91
C GLY T 545 -22.52 -10.93 -12.13
N ARG T 546 -22.26 -11.28 -13.39
CA ARG T 546 -21.45 -12.48 -13.68
C ARG T 546 -19.98 -12.27 -13.38
N TYR T 547 -19.44 -11.07 -13.61
CA TYR T 547 -18.04 -10.75 -13.35
C TYR T 547 -17.95 -10.28 -11.90
N VAL T 548 -17.09 -10.91 -11.09
CA VAL T 548 -17.05 -10.59 -9.66
C VAL T 548 -15.65 -10.62 -9.05
N PRO T 549 -15.05 -9.48 -8.70
CA PRO T 549 -13.83 -9.50 -7.92
C PRO T 549 -14.25 -10.08 -6.58
N PHE T 550 -13.46 -10.92 -5.94
CA PHE T 550 -13.84 -11.54 -4.66
C PHE T 550 -12.75 -11.39 -3.61
N HIS T 551 -13.15 -11.54 -2.36
CA HIS T 551 -12.27 -11.50 -1.21
C HIS T 551 -12.88 -12.35 -0.12
N ILE T 552 -12.21 -13.42 0.28
CA ILE T 552 -12.75 -14.46 1.15
C ILE T 552 -11.70 -14.96 2.12
N GLN T 553 -12.14 -15.53 3.24
CA GLN T 553 -11.30 -16.18 4.22
C GLN T 553 -11.69 -17.65 4.28
N VAL T 554 -10.78 -18.58 4.00
CA VAL T 554 -11.09 -20.02 4.02
C VAL T 554 -10.47 -20.65 5.26
N PRO T 555 -11.25 -21.36 6.09
CA PRO T 555 -10.77 -21.96 7.33
C PRO T 555 -10.08 -23.30 7.10
N GLN T 556 -9.18 -23.67 8.00
CA GLN T 556 -8.46 -24.95 7.99
C GLN T 556 -9.36 -26.04 8.57
N LYS T 557 -9.72 -27.05 7.79
CA LYS T 557 -10.62 -28.13 8.23
C LYS T 557 -9.93 -29.42 8.63
N PHE T 558 -8.62 -29.60 8.43
CA PHE T 558 -8.01 -30.85 8.77
C PHE T 558 -7.95 -31.04 10.29
N PHE T 559 -8.55 -32.12 10.77
CA PHE T 559 -8.72 -32.41 12.19
C PHE T 559 -7.47 -32.41 13.05
N ALA T 560 -6.34 -32.83 12.51
CA ALA T 560 -5.11 -32.88 13.28
C ALA T 560 -4.51 -31.51 13.58
N ILE T 561 -4.87 -30.47 12.84
CA ILE T 561 -4.26 -29.15 13.02
C ILE T 561 -5.25 -28.02 13.29
N LYS T 562 -6.51 -28.12 12.91
CA LYS T 562 -7.52 -27.06 13.10
C LYS T 562 -7.83 -26.62 14.52
N ASN T 563 -7.33 -27.32 15.52
CA ASN T 563 -7.51 -27.00 16.94
C ASN T 563 -6.18 -27.06 17.70
N LEU T 564 -5.06 -27.24 17.01
CA LEU T 564 -3.76 -27.43 17.63
C LEU T 564 -3.32 -26.14 18.35
N LEU T 565 -2.91 -26.22 19.60
CA LEU T 565 -2.05 -25.19 20.17
C LEU T 565 -0.64 -25.37 19.66
N LEU T 566 -0.23 -24.48 18.76
CA LEU T 566 1.08 -24.49 18.17
C LEU T 566 1.99 -23.61 19.02
N LEU T 567 3.06 -24.20 19.56
CA LEU T 567 4.05 -23.56 20.43
C LEU T 567 5.14 -22.84 19.63
N PRO T 568 5.99 -22.01 20.27
CA PRO T 568 7.03 -21.24 19.59
C PRO T 568 7.92 -21.99 18.60
N GLY T 569 8.23 -21.34 17.48
CA GLY T 569 9.09 -21.84 16.41
C GLY T 569 8.70 -21.30 15.03
N SER T 570 9.44 -21.71 13.99
CA SER T 570 9.12 -21.39 12.59
C SER T 570 8.55 -22.63 11.94
N TYR T 571 7.40 -22.53 11.29
CA TYR T 571 6.75 -23.68 10.68
C TYR T 571 6.39 -23.41 9.25
N THR T 572 6.61 -24.39 8.40
CA THR T 572 6.18 -24.34 7.02
C THR T 572 4.73 -24.70 7.00
N TYR T 573 3.90 -23.85 6.42
CA TYR T 573 2.50 -24.13 6.24
C TYR T 573 2.20 -23.98 4.75
N GLU T 574 1.61 -24.96 4.10
CA GLU T 574 1.24 -24.91 2.68
C GLU T 574 -0.07 -25.59 2.38
N TRP T 575 -0.78 -25.11 1.37
CA TRP T 575 -1.96 -25.81 0.95
C TRP T 575 -2.17 -25.61 -0.54
N ASN T 576 -2.84 -26.57 -1.17
CA ASN T 576 -3.19 -26.51 -2.57
C ASN T 576 -4.66 -26.09 -2.68
N PHE T 577 -4.96 -25.08 -3.48
CA PHE T 577 -6.30 -24.55 -3.70
C PHE T 577 -6.79 -24.94 -5.10
N ARG T 578 -8.00 -25.46 -5.24
CA ARG T 578 -8.54 -25.85 -6.57
C ARG T 578 -8.79 -24.69 -7.51
N LYS T 579 -8.76 -24.94 -8.82
CA LYS T 579 -9.20 -24.00 -9.87
C LYS T 579 -10.37 -24.62 -10.69
N ASP T 580 -10.74 -25.86 -10.41
CA ASP T 580 -11.84 -26.59 -11.05
C ASP T 580 -13.18 -25.98 -10.62
N VAL T 581 -13.83 -25.23 -11.50
CA VAL T 581 -15.08 -24.56 -11.18
C VAL T 581 -16.21 -25.49 -10.84
N ASN T 582 -16.23 -26.73 -11.35
CA ASN T 582 -17.28 -27.65 -10.97
C ASN T 582 -17.15 -28.02 -9.49
N MET T 583 -15.94 -27.99 -8.93
CA MET T 583 -15.70 -28.29 -7.52
C MET T 583 -15.87 -27.04 -6.67
N ILE T 584 -15.24 -25.94 -7.05
CA ILE T 584 -15.25 -24.66 -6.33
C ILE T 584 -16.62 -24.00 -6.27
N LEU T 585 -17.28 -23.88 -7.42
CA LEU T 585 -18.57 -23.23 -7.56
C LEU T 585 -19.71 -24.24 -7.53
N GLN T 586 -20.91 -23.77 -7.26
CA GLN T 586 -22.14 -24.55 -7.24
C GLN T 586 -23.22 -23.83 -8.02
N SER T 587 -24.03 -24.53 -8.80
CA SER T 587 -25.13 -23.95 -9.56
C SER T 587 -26.49 -24.50 -9.12
N SER T 588 -27.56 -23.71 -9.14
CA SER T 588 -28.88 -24.23 -8.77
C SER T 588 -29.49 -25.13 -9.83
N LEU T 589 -28.83 -25.36 -10.96
CA LEU T 589 -29.30 -26.27 -12.00
C LEU T 589 -28.40 -27.50 -12.14
N GLY T 590 -27.12 -27.39 -11.82
CA GLY T 590 -26.16 -28.47 -11.91
C GLY T 590 -25.52 -28.60 -13.29
N ASN T 591 -25.66 -27.59 -14.15
CA ASN T 591 -25.08 -27.57 -15.50
C ASN T 591 -23.56 -27.63 -15.44
N ASP T 592 -22.90 -28.12 -16.47
CA ASP T 592 -21.43 -28.18 -16.50
C ASP T 592 -20.85 -26.77 -16.55
N LEU T 593 -20.17 -26.29 -15.50
CA LEU T 593 -19.57 -24.96 -15.50
C LEU T 593 -18.19 -24.92 -16.13
N ARG T 594 -17.59 -26.03 -16.56
CA ARG T 594 -16.32 -25.96 -17.30
C ARG T 594 -16.69 -25.47 -18.69
N VAL T 595 -17.77 -26.04 -19.22
CA VAL T 595 -18.51 -25.55 -20.37
C VAL T 595 -19.34 -24.37 -19.82
N ASP T 596 -20.17 -23.68 -20.58
CA ASP T 596 -20.97 -22.56 -20.03
C ASP T 596 -20.18 -21.40 -19.42
N GLY T 597 -18.89 -21.32 -19.74
CA GLY T 597 -17.96 -20.21 -19.49
C GLY T 597 -17.48 -19.79 -18.10
N ALA T 598 -17.77 -20.47 -17.01
CA ALA T 598 -17.28 -19.99 -15.71
C ALA T 598 -15.77 -20.11 -15.60
N SER T 599 -15.12 -19.28 -14.80
CA SER T 599 -13.68 -19.38 -14.52
C SER T 599 -13.34 -18.65 -13.23
N VAL T 600 -12.20 -18.95 -12.62
CA VAL T 600 -11.77 -18.28 -11.38
C VAL T 600 -10.26 -18.04 -11.44
N ARG T 601 -9.81 -16.90 -10.90
CA ARG T 601 -8.41 -16.47 -10.92
C ARG T 601 -7.99 -15.95 -9.55
N PHE T 602 -7.08 -16.63 -8.89
CA PHE T 602 -6.53 -16.21 -7.62
C PHE T 602 -5.44 -15.18 -7.84
N ASP T 603 -5.59 -13.96 -7.33
CA ASP T 603 -4.59 -12.92 -7.47
C ASP T 603 -3.63 -12.88 -6.28
N SER T 604 -4.08 -13.21 -5.08
CA SER T 604 -3.18 -13.30 -3.93
C SER T 604 -3.80 -14.10 -2.80
N VAL T 605 -2.98 -14.94 -2.17
CA VAL T 605 -3.36 -15.69 -0.98
C VAL T 605 -2.47 -15.23 0.16
N ASN T 606 -3.03 -14.81 1.28
CA ASN T 606 -2.28 -14.36 2.45
C ASN T 606 -2.78 -15.17 3.64
N LEU T 607 -1.92 -15.43 4.61
CA LEU T 607 -2.27 -16.18 5.80
C LEU T 607 -2.48 -15.21 6.95
N TYR T 608 -3.60 -15.28 7.63
CA TYR T 608 -3.86 -14.54 8.86
C TYR T 608 -3.78 -15.44 10.09
N ALA T 609 -3.31 -14.90 11.21
CA ALA T 609 -3.18 -15.58 12.50
C ALA T 609 -3.46 -14.61 13.64
N THR T 610 -4.30 -14.99 14.61
CA THR T 610 -4.61 -14.13 15.76
C THR T 610 -4.06 -14.73 17.05
N PHE T 611 -3.44 -13.93 17.90
CA PHE T 611 -2.82 -14.38 19.15
C PHE T 611 -3.47 -13.73 20.36
N PHE T 612 -3.71 -14.50 21.41
CA PHE T 612 -3.97 -13.92 22.72
C PHE T 612 -2.71 -13.28 23.25
N PRO T 613 -2.75 -11.98 23.62
CA PRO T 613 -1.58 -11.22 24.03
C PRO T 613 -1.16 -11.59 25.47
N MET T 614 -0.98 -12.88 25.73
CA MET T 614 -0.80 -13.47 27.05
C MET T 614 0.46 -13.00 27.74
N ALA T 615 0.46 -12.89 29.08
CA ALA T 615 1.62 -12.46 29.85
C ALA T 615 2.81 -13.38 29.56
N HIS T 616 4.00 -12.83 29.33
CA HIS T 616 5.14 -13.66 28.92
C HIS T 616 5.53 -14.73 29.91
N ASN T 617 5.47 -14.49 31.21
CA ASN T 617 5.79 -15.52 32.18
C ASN T 617 4.75 -16.64 32.15
N THR T 618 3.47 -16.33 31.95
CA THR T 618 2.40 -17.30 31.80
C THR T 618 2.51 -18.08 30.51
N ALA T 619 2.73 -17.43 29.37
CA ALA T 619 2.93 -18.14 28.11
C ALA T 619 4.18 -19.04 28.17
N SER T 620 5.27 -18.56 28.76
CA SER T 620 6.50 -19.34 28.94
C SER T 620 6.24 -20.58 29.79
N THR T 621 5.50 -20.42 30.89
CA THR T 621 5.14 -21.54 31.75
C THR T 621 4.25 -22.53 31.04
N LEU T 622 3.28 -22.05 30.26
CA LEU T 622 2.38 -22.91 29.50
C LEU T 622 3.17 -23.70 28.47
N GLU T 623 4.09 -23.08 27.73
CA GLU T 623 4.91 -23.79 26.76
C GLU T 623 5.72 -24.85 27.48
N ALA T 624 6.37 -24.51 28.59
CA ALA T 624 7.17 -25.45 29.33
C ALA T 624 6.36 -26.69 29.69
N MET T 625 5.14 -26.51 30.17
CA MET T 625 4.25 -27.65 30.39
C MET T 625 3.82 -28.36 29.12
N LEU T 626 3.43 -27.67 28.05
CA LEU T 626 2.96 -28.33 26.84
C LEU T 626 4.06 -29.04 26.06
N ARG T 627 5.34 -28.79 26.36
CA ARG T 627 6.44 -29.52 25.73
C ARG T 627 6.76 -30.84 26.44
N ASN T 628 6.23 -31.12 27.64
CA ASN T 628 6.47 -32.39 28.33
C ASN T 628 5.72 -33.53 27.64
N ASP T 629 6.35 -34.67 27.41
CA ASP T 629 5.77 -35.84 26.70
C ASP T 629 4.47 -36.38 27.26
N THR T 630 4.19 -36.21 28.55
CA THR T 630 2.92 -36.60 29.13
C THR T 630 1.75 -35.66 28.80
N ASN T 631 2.03 -34.45 28.34
CA ASN T 631 1.05 -33.42 28.01
C ASN T 631 0.79 -33.30 26.51
N ASP T 632 1.08 -34.31 25.70
CA ASP T 632 0.86 -34.26 24.25
C ASP T 632 -0.60 -33.96 23.91
N GLN T 633 -0.82 -33.13 22.90
CA GLN T 633 -2.17 -32.86 22.44
C GLN T 633 -2.65 -34.02 21.59
N SER T 634 -3.96 -34.22 21.50
CA SER T 634 -4.55 -35.27 20.67
C SER T 634 -5.95 -34.91 20.20
N PHE T 635 -6.29 -35.40 19.03
CA PHE T 635 -7.49 -35.02 18.29
C PHE T 635 -8.04 -36.22 17.52
N ASN T 636 -9.32 -36.25 17.18
CA ASN T 636 -9.87 -37.27 16.29
C ASN T 636 -10.85 -36.68 15.29
N ASP T 637 -10.84 -37.18 14.05
CA ASP T 637 -11.74 -36.72 13.00
C ASP T 637 -13.17 -36.90 13.46
N TYR T 638 -14.03 -35.89 13.34
CA TYR T 638 -15.40 -36.01 13.84
C TYR T 638 -16.11 -37.21 13.20
N LEU T 639 -16.19 -37.25 11.88
CA LEU T 639 -16.67 -38.41 11.18
C LEU T 639 -15.51 -39.40 11.15
N SER T 640 -15.31 -40.19 12.20
CA SER T 640 -14.23 -41.16 12.19
C SER T 640 -14.75 -42.37 11.43
N ALA T 641 -14.38 -42.51 10.16
CA ALA T 641 -14.81 -43.63 9.34
C ALA T 641 -13.95 -43.84 8.09
N ALA T 642 -13.99 -45.05 7.52
CA ALA T 642 -13.34 -45.36 6.25
C ALA T 642 -14.43 -45.16 5.21
N ASN T 643 -14.23 -44.25 4.25
CA ASN T 643 -15.25 -43.88 3.28
C ASN T 643 -15.25 -44.75 2.02
N MET T 644 -15.60 -46.02 2.10
CA MET T 644 -15.59 -46.90 0.93
C MET T 644 -16.80 -46.62 0.02
N LEU T 645 -16.60 -46.46 -1.29
CA LEU T 645 -17.65 -46.26 -2.29
C LEU T 645 -17.68 -47.45 -3.24
N TYR T 646 -18.82 -48.08 -3.50
CA TYR T 646 -18.91 -49.22 -4.42
C TYR T 646 -19.91 -48.94 -5.53
N PRO T 647 -19.64 -49.29 -6.79
CA PRO T 647 -20.57 -48.98 -7.86
C PRO T 647 -21.75 -49.93 -7.91
N ILE T 648 -22.86 -49.41 -8.43
CA ILE T 648 -24.15 -50.05 -8.63
C ILE T 648 -24.56 -49.75 -10.07
N PRO T 649 -24.46 -50.72 -10.99
CA PRO T 649 -24.84 -50.53 -12.38
C PRO T 649 -26.30 -50.10 -12.55
N ALA T 650 -26.63 -49.44 -13.66
CA ALA T 650 -28.00 -49.04 -13.90
C ALA T 650 -28.94 -50.25 -13.86
N LYS T 651 -30.13 -50.07 -13.29
CA LYS T 651 -31.16 -51.10 -13.10
C LYS T 651 -30.80 -52.25 -12.16
N ALA T 652 -29.62 -52.27 -11.55
CA ALA T 652 -29.27 -53.30 -10.56
C ALA T 652 -30.08 -53.12 -9.26
N THR T 653 -30.34 -54.20 -8.54
CA THR T 653 -31.10 -54.18 -7.28
C THR T 653 -30.40 -54.87 -6.11
N ASN T 654 -29.20 -55.38 -6.32
CA ASN T 654 -28.44 -56.11 -5.32
C ASN T 654 -26.99 -55.69 -5.36
N VAL T 655 -26.39 -55.44 -4.19
CA VAL T 655 -25.02 -54.96 -4.06
C VAL T 655 -24.26 -55.79 -3.05
N PRO T 656 -23.60 -56.87 -3.47
CA PRO T 656 -22.82 -57.71 -2.59
C PRO T 656 -21.43 -57.13 -2.43
N ILE T 657 -20.93 -57.08 -1.20
CA ILE T 657 -19.58 -56.59 -0.89
C ILE T 657 -18.94 -57.52 0.13
N SER T 658 -17.62 -57.60 0.13
CA SER T 658 -16.92 -58.44 1.10
C SER T 658 -15.53 -57.92 1.41
N ILE T 659 -15.05 -58.27 2.60
CA ILE T 659 -13.74 -57.93 3.16
C ILE T 659 -13.10 -59.28 3.49
N PRO T 660 -11.87 -59.54 3.01
CA PRO T 660 -11.32 -60.89 3.03
C PRO T 660 -11.02 -61.54 4.38
N SER T 661 -10.48 -60.79 5.32
CA SER T 661 -10.15 -61.14 6.71
C SER T 661 -9.62 -59.87 7.28
N ARG T 662 -10.02 -59.49 8.47
CA ARG T 662 -9.66 -58.18 9.01
C ARG T 662 -9.71 -58.24 10.51
N ASN T 663 -8.92 -57.43 11.18
CA ASN T 663 -9.07 -57.21 12.60
C ASN T 663 -10.11 -56.11 12.81
N TRP T 664 -11.10 -56.35 13.66
CA TRP T 664 -12.25 -55.45 13.92
C TRP T 664 -12.23 -54.81 15.30
N ALA T 665 -11.13 -54.95 16.03
CA ALA T 665 -10.94 -54.24 17.27
C ALA T 665 -11.26 -52.75 17.11
N ALA T 666 -11.94 -52.18 18.09
CA ALA T 666 -12.47 -50.82 18.14
C ALA T 666 -13.36 -50.35 16.98
N PHE T 667 -13.88 -51.24 16.15
CA PHE T 667 -14.82 -50.92 15.08
C PHE T 667 -16.10 -50.36 15.71
N ARG T 668 -16.66 -49.26 15.22
CA ARG T 668 -17.85 -48.61 15.82
C ARG T 668 -19.20 -48.94 15.19
N GLY T 669 -19.23 -49.51 13.99
CA GLY T 669 -20.46 -49.84 13.27
C GLY T 669 -20.47 -49.34 11.84
N TRP T 670 -21.56 -49.58 11.13
CA TRP T 670 -21.71 -49.22 9.74
C TRP T 670 -22.70 -48.11 9.54
N SER T 671 -22.35 -47.13 8.73
CA SER T 671 -23.25 -46.06 8.36
C SER T 671 -23.29 -46.03 6.84
N PHE T 672 -24.44 -45.76 6.22
CA PHE T 672 -24.47 -45.81 4.76
C PHE T 672 -25.57 -44.98 4.12
N THR T 673 -25.42 -44.76 2.83
CA THR T 673 -26.33 -44.01 1.96
C THR T 673 -25.99 -44.31 0.49
N ARG T 674 -26.79 -43.82 -0.47
CA ARG T 674 -26.61 -44.04 -1.90
C ARG T 674 -26.41 -42.71 -2.63
N LEU T 675 -25.49 -42.67 -3.57
CA LEU T 675 -25.16 -41.48 -4.35
C LEU T 675 -25.27 -41.76 -5.84
N LYS T 676 -25.52 -40.76 -6.69
CA LYS T 676 -25.49 -40.97 -8.15
C LYS T 676 -24.05 -40.90 -8.60
N THR T 677 -23.67 -41.58 -9.68
CA THR T 677 -22.27 -41.50 -10.13
C THR T 677 -21.99 -40.12 -10.69
N LYS T 678 -22.93 -39.55 -11.45
CA LYS T 678 -22.83 -38.21 -12.03
C LYS T 678 -22.60 -37.15 -10.96
N GLU T 679 -23.31 -37.27 -9.84
CA GLU T 679 -23.26 -36.28 -8.77
C GLU T 679 -22.09 -36.43 -7.79
N THR T 680 -21.04 -37.19 -8.10
CA THR T 680 -19.90 -37.24 -7.19
C THR T 680 -18.57 -37.39 -7.91
N PRO T 681 -17.55 -36.60 -7.55
CA PRO T 681 -16.26 -36.69 -8.19
C PRO T 681 -15.42 -37.82 -7.61
N SER T 682 -14.49 -38.33 -8.41
CA SER T 682 -13.44 -39.20 -7.93
C SER T 682 -12.38 -38.22 -7.40
N LEU T 683 -11.62 -38.57 -6.37
CA LEU T 683 -10.59 -37.66 -5.84
C LEU T 683 -9.36 -38.48 -5.47
N GLY T 684 -8.24 -37.77 -5.44
CA GLY T 684 -6.89 -38.32 -5.41
C GLY T 684 -6.34 -37.98 -6.79
N SER T 685 -7.20 -38.07 -7.80
CA SER T 685 -6.90 -37.51 -9.11
C SER T 685 -6.93 -36.02 -8.81
N GLY T 686 -5.89 -35.27 -9.16
CA GLY T 686 -5.86 -33.84 -8.83
C GLY T 686 -7.00 -33.06 -9.50
N PHE T 687 -7.47 -33.59 -10.62
CA PHE T 687 -8.56 -33.09 -11.44
C PHE T 687 -9.40 -34.28 -11.93
N ASP T 688 -10.72 -34.14 -12.03
CA ASP T 688 -11.60 -35.21 -12.51
C ASP T 688 -12.21 -34.79 -13.86
N PRO T 689 -11.61 -35.19 -15.00
CA PRO T 689 -12.12 -34.81 -16.31
C PRO T 689 -13.51 -35.36 -16.63
N TYR T 690 -14.06 -36.27 -15.83
CA TYR T 690 -15.38 -36.86 -16.04
C TYR T 690 -16.44 -36.29 -15.10
N PHE T 691 -16.07 -35.47 -14.12
CA PHE T 691 -17.03 -34.79 -13.22
C PHE T 691 -17.65 -33.62 -13.99
N VAL T 692 -18.69 -33.89 -14.75
CA VAL T 692 -19.37 -32.92 -15.62
C VAL T 692 -20.50 -32.18 -14.90
N TYR T 693 -20.97 -32.66 -13.75
CA TYR T 693 -21.96 -31.90 -12.96
C TYR T 693 -21.38 -30.85 -12.04
N SER T 694 -22.21 -29.89 -11.60
CA SER T 694 -21.80 -28.80 -10.70
C SER T 694 -22.77 -28.40 -9.59
N GLY T 695 -23.87 -29.12 -9.35
CA GLY T 695 -24.83 -28.87 -8.27
C GLY T 695 -24.26 -29.23 -6.90
N SER T 696 -25.07 -29.47 -5.86
CA SER T 696 -24.53 -29.88 -4.55
C SER T 696 -23.82 -31.23 -4.68
N ILE T 697 -22.77 -31.51 -3.92
CA ILE T 697 -22.08 -32.81 -3.98
C ILE T 697 -22.39 -33.55 -2.69
N PRO T 698 -23.38 -34.46 -2.64
CA PRO T 698 -23.76 -35.17 -1.43
C PRO T 698 -22.61 -35.81 -0.67
N TYR T 699 -21.60 -36.31 -1.38
CA TYR T 699 -20.43 -36.94 -0.76
C TYR T 699 -19.59 -35.96 0.08
N LEU T 700 -19.54 -34.68 -0.31
CA LEU T 700 -18.77 -33.65 0.37
C LEU T 700 -19.63 -32.75 1.24
N ASP T 701 -20.72 -32.22 0.72
CA ASP T 701 -21.54 -31.26 1.43
C ASP T 701 -22.74 -31.81 2.22
N GLY T 702 -22.82 -33.12 2.43
CA GLY T 702 -23.84 -33.76 3.25
C GLY T 702 -25.28 -33.75 2.73
N THR T 703 -25.53 -33.30 1.51
CA THR T 703 -26.87 -33.21 0.94
C THR T 703 -27.43 -34.55 0.45
N PHE T 704 -27.51 -35.56 1.32
CA PHE T 704 -28.05 -36.90 0.97
C PHE T 704 -29.55 -36.87 0.67
N TYR T 705 -30.09 -37.74 -0.20
CA TYR T 705 -31.52 -37.66 -0.57
C TYR T 705 -32.13 -38.97 -1.11
N LEU T 706 -31.35 -40.06 -1.23
CA LEU T 706 -31.80 -41.36 -1.77
C LEU T 706 -31.93 -42.47 -0.72
N ASN T 707 -31.91 -42.15 0.58
CA ASN T 707 -31.97 -43.17 1.63
C ASN T 707 -33.23 -44.02 1.58
N HIS T 708 -34.33 -43.48 1.08
CA HIS T 708 -35.57 -44.21 0.93
C HIS T 708 -35.49 -45.35 -0.08
N THR T 709 -34.49 -45.37 -0.96
CA THR T 709 -34.34 -46.42 -1.98
C THR T 709 -33.76 -47.76 -1.48
N PHE T 710 -33.35 -47.89 -0.22
CA PHE T 710 -32.85 -49.16 0.31
C PHE T 710 -33.98 -50.10 0.76
N LYS T 711 -33.97 -51.38 0.38
CA LYS T 711 -34.98 -52.35 0.80
C LYS T 711 -34.53 -53.08 2.05
N LYS T 712 -33.29 -53.59 2.07
CA LYS T 712 -32.71 -54.28 3.24
C LYS T 712 -31.21 -54.41 3.15
N VAL T 713 -30.58 -54.75 4.27
CA VAL T 713 -29.15 -55.06 4.35
C VAL T 713 -28.95 -56.30 5.19
N SER T 714 -28.08 -57.21 4.76
CA SER T 714 -27.70 -58.38 5.55
C SER T 714 -26.21 -58.23 5.84
N ILE T 715 -25.78 -58.69 7.00
CA ILE T 715 -24.40 -58.57 7.47
C ILE T 715 -23.99 -59.95 7.92
N MET T 716 -22.84 -60.45 7.49
CA MET T 716 -22.44 -61.80 7.84
C MET T 716 -20.96 -62.02 7.97
N PHE T 717 -20.51 -62.36 9.16
CA PHE T 717 -19.11 -62.62 9.43
C PHE T 717 -18.74 -64.06 9.03
N ASP T 718 -17.49 -64.27 8.63
CA ASP T 718 -16.95 -65.58 8.23
C ASP T 718 -17.82 -66.31 7.21
N SER T 719 -18.50 -65.56 6.34
CA SER T 719 -19.42 -66.04 5.31
C SER T 719 -20.50 -66.98 5.81
N SER T 720 -20.73 -67.02 7.12
CA SER T 720 -21.61 -68.01 7.73
C SER T 720 -22.39 -67.54 8.95
N VAL T 721 -21.86 -66.60 9.73
CA VAL T 721 -22.52 -66.16 10.96
C VAL T 721 -23.23 -64.85 10.72
N SER T 722 -24.56 -64.91 10.72
CA SER T 722 -25.40 -63.74 10.51
C SER T 722 -25.12 -62.83 11.69
N TRP T 723 -24.61 -61.62 11.48
CA TRP T 723 -24.09 -60.83 12.59
C TRP T 723 -25.03 -60.51 13.75
N PRO T 724 -26.16 -59.81 13.60
CA PRO T 724 -26.99 -59.52 14.76
C PRO T 724 -27.32 -60.84 15.45
N GLY T 725 -27.71 -61.85 14.67
CA GLY T 725 -27.95 -63.20 15.16
C GLY T 725 -28.94 -63.25 16.30
N ASN T 726 -28.75 -64.23 17.17
CA ASN T 726 -29.43 -64.38 18.45
C ASN T 726 -30.95 -64.11 18.39
N ASP T 727 -31.63 -64.45 17.29
CA ASP T 727 -33.04 -64.11 17.05
C ASP T 727 -33.42 -62.65 17.36
N ARG T 728 -32.53 -61.66 17.27
CA ARG T 728 -32.84 -60.31 17.76
C ARG T 728 -34.04 -59.67 17.06
N LEU T 729 -34.02 -59.69 15.74
CA LEU T 729 -34.91 -58.94 14.87
C LEU T 729 -36.10 -59.79 14.43
N LEU T 730 -37.21 -59.18 14.04
CA LEU T 730 -38.42 -59.90 13.67
C LEU T 730 -38.22 -60.78 12.42
N THR T 731 -37.37 -60.37 11.49
CA THR T 731 -36.77 -61.24 10.47
C THR T 731 -35.29 -61.44 10.83
N PRO T 732 -34.92 -62.46 11.62
CA PRO T 732 -33.65 -62.45 12.36
C PRO T 732 -32.36 -62.34 11.54
N ASN T 733 -32.41 -62.86 10.32
CA ASN T 733 -31.25 -62.94 9.44
C ASN T 733 -30.80 -61.62 8.77
N GLU T 734 -31.58 -60.54 8.83
CA GLU T 734 -31.27 -59.31 8.12
C GLU T 734 -32.05 -58.08 8.58
N PHE T 735 -31.59 -56.88 8.21
CA PHE T 735 -32.27 -55.63 8.52
C PHE T 735 -33.18 -55.27 7.36
N GLU T 736 -34.44 -55.65 7.44
CA GLU T 736 -35.43 -55.33 6.42
C GLU T 736 -35.85 -53.87 6.63
N ILE T 737 -35.19 -52.95 5.93
CA ILE T 737 -35.42 -51.51 6.05
C ILE T 737 -36.88 -51.12 5.77
N LYS T 738 -37.46 -51.62 4.68
CA LYS T 738 -38.84 -51.33 4.30
C LYS T 738 -39.52 -52.51 3.61
N ARG T 739 -40.83 -52.44 3.39
CA ARG T 739 -41.62 -53.48 2.73
C ARG T 739 -42.54 -52.99 1.63
N SER T 740 -42.88 -53.87 0.71
CA SER T 740 -43.80 -53.61 -0.41
C SER T 740 -45.14 -54.30 -0.17
N VAL T 741 -45.10 -55.46 0.49
CA VAL T 741 -46.24 -56.27 0.93
C VAL T 741 -46.00 -56.64 2.40
N ASP T 742 -47.03 -56.66 3.23
CA ASP T 742 -46.88 -56.74 4.69
C ASP T 742 -47.97 -57.56 5.37
N GLY T 743 -48.04 -58.86 5.08
CA GLY T 743 -49.03 -59.75 5.66
C GLY T 743 -48.98 -59.81 7.19
N GLU T 744 -47.77 -59.82 7.75
CA GLU T 744 -47.53 -59.94 9.19
C GLU T 744 -47.87 -58.64 9.95
N GLY T 745 -47.88 -57.50 9.26
CA GLY T 745 -48.15 -56.20 9.86
C GLY T 745 -46.92 -55.61 10.53
N TYR T 746 -45.73 -55.76 9.94
CA TYR T 746 -44.45 -55.30 10.48
C TYR T 746 -44.09 -53.88 10.06
N ASN T 747 -44.93 -53.13 9.34
CA ASN T 747 -44.67 -51.71 9.10
C ASN T 747 -44.85 -50.83 10.35
N VAL T 748 -44.45 -49.55 10.32
CA VAL T 748 -44.69 -48.55 11.39
C VAL T 748 -44.94 -47.16 10.86
N ALA T 749 -45.25 -46.23 11.76
CA ALA T 749 -45.33 -44.81 11.47
C ALA T 749 -46.33 -44.44 10.37
N GLN T 750 -47.30 -45.33 10.12
CA GLN T 750 -48.29 -45.21 9.07
C GLN T 750 -47.71 -45.21 7.64
N CYS T 751 -46.43 -45.53 7.44
CA CYS T 751 -45.82 -45.70 6.12
C CYS T 751 -45.38 -47.16 5.86
N ASN T 752 -44.30 -47.38 5.11
CA ASN T 752 -43.80 -48.73 4.79
C ASN T 752 -42.46 -49.12 5.42
N MET T 753 -41.91 -48.33 6.34
CA MET T 753 -40.69 -48.67 7.08
C MET T 753 -41.01 -49.81 8.05
N THR T 754 -40.09 -50.71 8.41
CA THR T 754 -40.40 -51.80 9.35
C THR T 754 -40.26 -51.44 10.83
N LYS T 755 -40.87 -52.23 11.71
CA LYS T 755 -40.68 -52.19 13.17
C LYS T 755 -39.23 -52.41 13.56
N ASP T 756 -38.54 -53.34 12.92
CA ASP T 756 -37.11 -53.57 13.17
C ASP T 756 -36.30 -52.34 12.83
N TRP T 757 -36.44 -51.82 11.62
CA TRP T 757 -35.60 -50.72 11.21
C TRP T 757 -35.85 -49.45 11.98
N PHE T 758 -37.11 -49.10 12.24
CA PHE T 758 -37.42 -47.90 12.98
C PHE T 758 -36.84 -47.97 14.39
N LEU T 759 -36.95 -49.12 15.04
CA LEU T 759 -36.35 -49.37 16.33
C LEU T 759 -34.83 -49.18 16.29
N VAL T 760 -34.16 -49.68 15.26
CA VAL T 760 -32.70 -49.55 15.15
C VAL T 760 -32.29 -48.10 14.92
N GLN T 761 -32.98 -47.36 14.04
CA GLN T 761 -32.63 -45.97 13.78
C GLN T 761 -32.92 -45.08 14.97
N MET T 762 -34.01 -45.31 15.70
CA MET T 762 -34.32 -44.54 16.90
C MET T 762 -33.35 -44.90 18.03
N LEU T 763 -33.02 -46.17 18.25
CA LEU T 763 -32.06 -46.51 19.29
C LEU T 763 -30.71 -45.88 19.03
N SER T 764 -30.20 -45.97 17.80
CA SER T 764 -28.90 -45.44 17.48
C SER T 764 -28.81 -43.93 17.50
N HIS T 765 -29.79 -43.21 16.96
CA HIS T 765 -29.75 -41.75 17.02
C HIS T 765 -30.12 -41.18 18.38
N TYR T 766 -30.96 -41.83 19.19
CA TYR T 766 -31.48 -41.23 20.43
C TYR T 766 -31.50 -42.05 21.73
N ASN T 767 -31.17 -43.34 21.75
CA ASN T 767 -31.40 -44.24 22.90
C ASN T 767 -32.87 -44.23 23.35
N ILE T 768 -33.80 -44.62 22.48
CA ILE T 768 -35.25 -44.54 22.78
C ILE T 768 -36.01 -45.87 22.86
N GLY T 769 -35.73 -46.85 22.00
CA GLY T 769 -36.67 -47.94 21.74
C GLY T 769 -37.23 -48.72 22.93
N TYR T 770 -36.46 -49.02 23.97
CA TYR T 770 -36.88 -50.05 24.92
C TYR T 770 -37.95 -49.61 25.90
N GLN T 771 -38.15 -48.31 26.07
CA GLN T 771 -39.06 -47.72 27.05
C GLN T 771 -40.06 -46.80 26.37
N GLY T 772 -40.43 -47.15 25.15
CA GLY T 772 -41.47 -46.53 24.35
C GLY T 772 -40.94 -45.42 23.49
N PHE T 773 -41.39 -45.35 22.24
CA PHE T 773 -41.07 -44.27 21.33
C PHE T 773 -41.73 -42.96 21.78
N HIS T 774 -40.94 -41.91 21.83
CA HIS T 774 -41.39 -40.54 22.09
C HIS T 774 -40.59 -39.57 21.24
N VAL T 775 -41.06 -38.34 21.08
CA VAL T 775 -40.32 -37.36 20.30
C VAL T 775 -38.97 -37.05 20.96
N PRO T 776 -37.82 -37.26 20.30
CA PRO T 776 -36.51 -36.93 20.84
C PRO T 776 -36.35 -35.45 21.13
N GLU T 777 -35.62 -35.16 22.21
CA GLU T 777 -35.44 -33.81 22.73
C GLU T 777 -34.69 -32.94 21.71
N GLY T 778 -35.09 -31.69 21.52
CA GLY T 778 -34.57 -30.85 20.44
C GLY T 778 -33.05 -30.73 20.38
N TYR T 779 -32.35 -30.76 21.52
CA TYR T 779 -30.89 -30.65 21.50
C TYR T 779 -30.22 -31.90 20.92
N LYS T 780 -30.90 -33.06 20.95
CA LYS T 780 -30.41 -34.31 20.34
C LYS T 780 -30.82 -34.38 18.88
N ASP T 781 -31.97 -33.80 18.56
CA ASP T 781 -32.62 -33.90 17.26
C ASP T 781 -32.13 -32.77 16.33
N ARG T 782 -30.85 -32.83 15.99
CA ARG T 782 -30.14 -31.83 15.19
C ARG T 782 -30.46 -31.96 13.69
N MET T 783 -29.90 -31.11 12.84
CA MET T 783 -30.22 -31.11 11.41
C MET T 783 -30.01 -32.42 10.66
N TYR T 784 -28.93 -33.15 10.96
CA TYR T 784 -28.62 -34.43 10.32
C TYR T 784 -29.22 -35.65 11.02
N SER T 785 -29.91 -35.51 12.15
CA SER T 785 -30.47 -36.64 12.89
C SER T 785 -31.66 -37.29 12.18
N PHE T 786 -32.02 -38.51 12.56
CA PHE T 786 -33.10 -39.27 11.94
C PHE T 786 -34.47 -38.60 12.02
N PHE T 787 -35.03 -38.38 13.21
CA PHE T 787 -36.43 -38.05 13.33
C PHE T 787 -36.67 -36.71 12.56
N ARG T 788 -35.78 -35.70 12.72
CA ARG T 788 -35.83 -34.38 12.07
C ARG T 788 -36.13 -34.44 10.58
N ASN T 789 -35.62 -35.47 9.92
CA ASN T 789 -35.75 -35.67 8.48
C ASN T 789 -36.80 -36.70 8.06
N PHE T 790 -37.29 -37.56 8.95
CA PHE T 790 -38.17 -38.66 8.57
C PHE T 790 -39.57 -38.15 8.24
N GLN T 791 -39.94 -38.25 6.96
CA GLN T 791 -41.24 -37.85 6.42
C GLN T 791 -41.99 -39.06 5.85
N PRO T 792 -42.97 -39.63 6.53
CA PRO T 792 -43.86 -40.65 5.98
C PRO T 792 -44.98 -40.06 5.13
N MET T 793 -45.49 -40.79 4.14
CA MET T 793 -46.49 -40.28 3.18
C MET T 793 -47.45 -41.38 2.70
N SER T 794 -48.63 -40.99 2.24
CA SER T 794 -49.64 -41.90 1.68
C SER T 794 -50.41 -41.23 0.56
N ARG T 795 -50.86 -41.99 -0.45
CA ARG T 795 -51.91 -41.57 -1.38
C ARG T 795 -52.83 -42.70 -1.75
N GLN T 796 -54.06 -42.36 -2.11
CA GLN T 796 -54.94 -43.26 -2.83
C GLN T 796 -54.90 -42.90 -4.30
N VAL T 797 -55.04 -43.91 -5.15
CA VAL T 797 -55.08 -43.76 -6.59
C VAL T 797 -56.14 -44.70 -7.13
N VAL T 798 -56.67 -44.41 -8.30
CA VAL T 798 -57.68 -45.25 -8.93
C VAL T 798 -57.17 -46.67 -9.10
N ASP T 799 -58.04 -47.63 -8.80
CA ASP T 799 -57.71 -49.03 -8.98
C ASP T 799 -57.73 -49.31 -10.48
N GLU T 800 -56.60 -49.65 -11.10
CA GLU T 800 -56.61 -49.85 -12.55
C GLU T 800 -57.22 -51.21 -12.87
N ILE T 801 -56.78 -52.23 -12.15
CA ILE T 801 -57.39 -53.55 -12.13
C ILE T 801 -58.68 -53.37 -11.29
N ASN T 802 -59.63 -54.29 -11.30
CA ASN T 802 -60.76 -54.21 -10.37
C ASN T 802 -61.64 -52.93 -10.40
N TYR T 803 -61.66 -52.20 -11.51
CA TYR T 803 -62.62 -51.14 -11.80
C TYR T 803 -62.94 -51.20 -13.29
N LYS T 804 -64.11 -51.76 -13.61
CA LYS T 804 -64.55 -52.01 -14.99
C LYS T 804 -64.60 -50.81 -15.94
N ASP T 805 -64.57 -49.58 -15.46
CA ASP T 805 -64.72 -48.39 -16.28
C ASP T 805 -63.45 -47.54 -16.40
N TYR T 806 -62.33 -47.98 -15.80
CA TYR T 806 -61.04 -47.30 -15.93
C TYR T 806 -60.59 -47.35 -17.39
N LYS T 807 -60.16 -46.22 -17.98
CA LYS T 807 -59.44 -46.15 -19.26
C LYS T 807 -58.12 -45.40 -19.13
N ALA T 808 -57.07 -45.88 -19.81
CA ALA T 808 -55.71 -45.41 -19.60
C ALA T 808 -55.36 -44.21 -20.47
N VAL T 809 -55.97 -43.05 -20.21
CA VAL T 809 -55.75 -41.84 -21.03
C VAL T 809 -54.36 -41.26 -20.79
N THR T 810 -53.50 -41.26 -21.81
CA THR T 810 -52.14 -40.71 -21.74
C THR T 810 -52.13 -39.21 -21.93
N LEU T 811 -51.07 -38.55 -21.49
CA LEU T 811 -50.98 -37.10 -21.33
C LEU T 811 -51.51 -36.26 -22.51
N PRO T 812 -51.21 -36.52 -23.79
CA PRO T 812 -51.75 -35.73 -24.88
C PRO T 812 -53.28 -35.71 -24.99
N PHE T 813 -53.95 -36.73 -24.45
CA PHE T 813 -55.39 -36.94 -24.54
C PHE T 813 -56.17 -36.59 -23.27
N GLN T 814 -55.48 -36.31 -22.18
CA GLN T 814 -56.06 -35.79 -20.95
C GLN T 814 -56.48 -34.33 -21.14
N HIS T 815 -57.69 -33.97 -20.74
CA HIS T 815 -58.07 -32.57 -20.70
C HIS T 815 -58.84 -32.18 -19.44
N ASN T 816 -58.45 -31.05 -18.91
CA ASN T 816 -59.01 -30.32 -17.78
C ASN T 816 -58.59 -28.86 -17.96
N ASN T 817 -59.42 -27.86 -17.64
CA ASN T 817 -59.16 -26.46 -18.03
C ASN T 817 -58.90 -26.30 -19.54
N SER T 818 -59.50 -27.11 -20.41
CA SER T 818 -59.43 -26.88 -21.85
C SER T 818 -60.08 -25.54 -22.17
N GLY T 819 -59.56 -24.81 -23.15
CA GLY T 819 -59.98 -23.44 -23.41
C GLY T 819 -59.24 -22.41 -22.55
N PHE T 820 -58.74 -22.79 -21.37
CA PHE T 820 -58.11 -21.85 -20.45
C PHE T 820 -56.60 -22.13 -20.24
N THR T 821 -55.98 -23.00 -21.04
CA THR T 821 -54.55 -23.36 -20.94
C THR T 821 -53.96 -23.76 -22.30
N GLY T 822 -52.65 -23.62 -22.46
CA GLY T 822 -51.92 -24.04 -23.67
C GLY T 822 -51.84 -25.55 -23.79
N TYR T 823 -51.85 -26.10 -24.99
CA TYR T 823 -51.78 -27.54 -25.20
C TYR T 823 -50.36 -28.07 -24.96
N LEU T 824 -50.15 -28.79 -23.86
CA LEU T 824 -48.86 -29.39 -23.49
C LEU T 824 -47.68 -28.41 -23.44
N ALA T 825 -47.92 -27.12 -23.21
CA ALA T 825 -46.88 -26.12 -23.16
C ALA T 825 -47.27 -24.92 -22.29
N PRO T 826 -46.30 -24.13 -21.81
CA PRO T 826 -46.53 -22.86 -21.13
C PRO T 826 -46.95 -21.72 -22.07
N THR T 827 -47.13 -21.99 -23.37
CA THR T 827 -47.63 -21.06 -24.39
C THR T 827 -49.08 -20.65 -24.14
N MET T 828 -49.58 -19.64 -24.86
CA MET T 828 -50.93 -19.09 -24.65
C MET T 828 -52.06 -20.12 -24.73
N ARG T 829 -53.18 -19.81 -24.05
CA ARG T 829 -54.38 -20.64 -23.97
C ARG T 829 -54.92 -21.10 -25.34
N GLN T 830 -55.41 -22.33 -25.41
CA GLN T 830 -55.98 -22.97 -26.59
C GLN T 830 -57.29 -23.69 -26.25
N GLY T 831 -58.10 -24.01 -27.26
CA GLY T 831 -59.17 -25.00 -27.13
C GLY T 831 -60.53 -24.40 -26.87
N GLN T 832 -61.44 -25.22 -26.34
CA GLN T 832 -62.79 -24.84 -25.91
C GLN T 832 -63.03 -25.20 -24.44
N PRO T 833 -63.91 -24.50 -23.72
CA PRO T 833 -64.44 -24.99 -22.46
C PRO T 833 -65.09 -26.36 -22.68
N TYR T 834 -64.86 -27.35 -21.82
CA TYR T 834 -65.47 -28.68 -21.94
C TYR T 834 -65.40 -29.46 -20.63
N PRO T 835 -66.29 -30.43 -20.36
CA PRO T 835 -66.15 -31.30 -19.20
C PRO T 835 -64.78 -31.94 -19.17
N ALA T 836 -64.12 -31.90 -18.01
CA ALA T 836 -62.81 -32.49 -17.87
C ALA T 836 -62.90 -34.02 -17.85
N ASN T 837 -61.95 -34.70 -18.47
CA ASN T 837 -61.95 -36.16 -18.52
C ASN T 837 -60.98 -36.80 -17.54
N PHE T 838 -59.95 -36.10 -17.05
CA PHE T 838 -58.79 -36.84 -16.57
C PHE T 838 -58.87 -37.37 -15.14
N PRO T 839 -58.75 -36.58 -14.05
CA PRO T 839 -58.42 -37.15 -12.75
C PRO T 839 -59.67 -37.77 -12.14
N TYR T 840 -59.75 -39.09 -11.99
CA TYR T 840 -60.97 -39.67 -11.42
C TYR T 840 -61.20 -39.18 -9.98
N PRO T 841 -62.45 -38.95 -9.57
CA PRO T 841 -62.75 -38.49 -8.23
C PRO T 841 -62.51 -39.59 -7.22
N LEU T 842 -61.73 -39.33 -6.18
CA LEU T 842 -61.51 -40.24 -5.05
C LEU T 842 -62.37 -39.89 -3.84
N ILE T 843 -63.27 -38.92 -3.99
CA ILE T 843 -64.11 -38.36 -2.93
C ILE T 843 -65.55 -38.18 -3.38
N GLY T 844 -66.45 -37.92 -2.44
CA GLY T 844 -67.86 -37.70 -2.76
C GLY T 844 -68.62 -38.99 -3.01
N GLN T 845 -69.89 -38.88 -3.40
CA GLN T 845 -70.74 -40.04 -3.61
C GLN T 845 -70.45 -40.81 -4.90
N THR T 846 -69.70 -40.22 -5.83
CA THR T 846 -69.27 -40.87 -7.08
C THR T 846 -67.88 -41.51 -7.05
N ALA T 847 -67.17 -41.46 -5.92
CA ALA T 847 -65.76 -41.85 -5.83
C ALA T 847 -65.46 -43.22 -6.44
N VAL T 848 -64.41 -43.31 -7.25
CA VAL T 848 -63.99 -44.56 -7.91
C VAL T 848 -63.32 -45.54 -6.94
N PRO T 849 -63.34 -46.86 -7.22
CA PRO T 849 -62.54 -47.83 -6.50
C PRO T 849 -61.07 -47.45 -6.50
N SER T 850 -60.35 -47.70 -5.42
CA SER T 850 -58.98 -47.16 -5.27
C SER T 850 -58.06 -48.02 -4.43
N VAL T 851 -56.75 -47.86 -4.66
CA VAL T 851 -55.66 -48.55 -3.98
C VAL T 851 -54.73 -47.58 -3.31
N THR T 852 -54.05 -48.03 -2.27
CA THR T 852 -53.20 -47.20 -1.43
C THR T 852 -51.73 -47.44 -1.66
N GLN T 853 -50.96 -46.36 -1.69
CA GLN T 853 -49.53 -46.36 -1.89
C GLN T 853 -48.85 -45.65 -0.73
N LYS T 854 -47.80 -46.25 -0.23
CA LYS T 854 -47.09 -45.81 0.97
C LYS T 854 -45.60 -45.75 0.75
N LYS T 855 -44.96 -44.70 1.24
CA LYS T 855 -43.52 -44.49 1.16
C LYS T 855 -43.09 -43.45 2.18
N PHE T 856 -41.80 -43.25 2.30
CA PHE T 856 -41.22 -42.25 3.16
C PHE T 856 -40.03 -41.63 2.47
N LEU T 857 -39.63 -40.46 2.95
CA LEU T 857 -38.45 -39.74 2.52
C LEU T 857 -37.66 -39.46 3.79
N CYS T 858 -36.36 -39.52 3.70
CA CYS T 858 -35.44 -39.27 4.79
C CYS T 858 -34.20 -38.72 4.12
N ASP T 859 -34.17 -37.40 3.92
CA ASP T 859 -33.14 -36.73 3.14
C ASP T 859 -31.73 -36.66 3.73
N ARG T 860 -31.35 -35.64 4.51
CA ARG T 860 -29.94 -35.48 4.91
C ARG T 860 -29.31 -36.56 5.80
N VAL T 861 -30.07 -37.55 6.24
CA VAL T 861 -29.62 -38.63 7.10
C VAL T 861 -28.72 -39.66 6.42
N MET T 862 -28.03 -40.45 7.21
CA MET T 862 -27.31 -41.63 6.77
C MET T 862 -27.83 -42.77 7.63
N TRP T 863 -28.08 -43.91 7.07
CA TRP T 863 -28.53 -45.04 7.85
C TRP T 863 -27.40 -45.43 8.81
N ARG T 864 -27.72 -45.83 10.03
CA ARG T 864 -26.72 -46.27 11.02
C ARG T 864 -27.03 -47.63 11.59
N ILE T 865 -25.99 -48.41 11.84
CA ILE T 865 -26.07 -49.72 12.48
C ILE T 865 -24.89 -49.76 13.47
N PRO T 866 -25.09 -49.40 14.75
CA PRO T 866 -24.02 -49.40 15.72
C PRO T 866 -23.50 -50.79 16.02
N PHE T 867 -22.19 -50.99 16.07
CA PHE T 867 -21.57 -52.27 16.41
C PHE T 867 -21.59 -52.43 17.92
N SER T 868 -22.77 -52.61 18.48
CA SER T 868 -22.97 -52.69 19.91
C SER T 868 -23.94 -53.81 20.26
N SER T 869 -23.69 -54.53 21.35
CA SER T 869 -24.39 -55.80 21.65
C SER T 869 -25.91 -55.64 21.69
N ASN T 870 -26.37 -54.44 21.98
CA ASN T 870 -27.67 -53.91 21.62
C ASN T 870 -27.45 -52.52 21.06
N PHE T 871 -28.38 -52.00 20.25
CA PHE T 871 -28.02 -50.89 19.37
C PHE T 871 -27.90 -49.51 20.04
N MET T 872 -28.01 -49.40 21.36
CA MET T 872 -27.85 -48.13 22.07
C MET T 872 -26.42 -47.62 22.04
N SER T 873 -26.24 -46.31 22.16
CA SER T 873 -24.91 -45.72 22.40
C SER T 873 -24.62 -45.64 23.89
N MET T 874 -23.69 -46.46 24.37
CA MET T 874 -23.23 -46.49 25.76
C MET T 874 -21.80 -45.97 25.94
N GLY T 875 -21.14 -45.57 24.87
CA GLY T 875 -19.78 -45.05 24.85
C GLY T 875 -19.25 -45.02 23.43
N ALA T 876 -18.15 -44.33 23.16
CA ALA T 876 -17.57 -44.29 21.82
C ALA T 876 -16.88 -45.60 21.45
N LEU T 877 -16.20 -46.25 22.41
CA LEU T 877 -15.63 -47.58 22.24
C LEU T 877 -16.69 -48.60 22.66
N THR T 878 -17.42 -49.14 21.69
CA THR T 878 -18.56 -50.02 21.91
C THR T 878 -18.19 -51.31 22.62
N ASP T 879 -19.12 -52.05 23.21
CA ASP T 879 -18.75 -53.29 23.91
C ASP T 879 -18.26 -54.38 22.95
N LEU T 880 -18.86 -54.57 21.78
CA LEU T 880 -18.33 -55.54 20.84
C LEU T 880 -16.99 -55.03 20.34
N GLY T 881 -16.72 -53.75 20.10
CA GLY T 881 -15.38 -53.35 19.64
C GLY T 881 -14.25 -53.66 20.62
N GLN T 882 -14.54 -54.17 21.81
CA GLN T 882 -13.57 -54.61 22.79
C GLN T 882 -13.88 -55.98 23.41
N ASN T 883 -14.79 -56.80 22.86
CA ASN T 883 -15.15 -58.08 23.49
C ASN T 883 -14.82 -59.22 22.53
N MET T 884 -13.51 -59.43 22.44
CA MET T 884 -12.71 -60.58 22.03
C MET T 884 -12.97 -61.31 20.71
N LEU T 885 -14.00 -60.99 19.94
CA LEU T 885 -14.14 -61.42 18.53
C LEU T 885 -13.54 -60.37 17.59
N TYR T 886 -13.03 -59.32 18.19
CA TYR T 886 -12.40 -58.10 17.76
C TYR T 886 -10.87 -58.13 17.77
N ALA T 887 -10.25 -58.39 18.91
CA ALA T 887 -8.84 -58.74 19.13
C ALA T 887 -8.41 -60.19 18.76
N ASN T 888 -7.29 -60.40 18.05
CA ASN T 888 -6.88 -61.55 17.20
C ASN T 888 -7.89 -61.66 16.07
N SER T 889 -8.89 -62.51 16.24
CA SER T 889 -10.07 -62.59 15.40
C SER T 889 -9.92 -62.73 13.91
N ALA T 890 -9.52 -61.68 13.24
CA ALA T 890 -9.27 -61.70 11.82
C ALA T 890 -10.46 -62.08 10.91
N HIS T 891 -11.70 -62.02 11.41
CA HIS T 891 -12.90 -62.44 10.68
C HIS T 891 -13.15 -61.76 9.35
N ALA T 892 -13.58 -62.53 8.37
CA ALA T 892 -14.00 -62.02 7.08
C ALA T 892 -15.39 -61.40 7.24
N LEU T 893 -15.76 -60.39 6.48
CA LEU T 893 -17.09 -59.79 6.58
C LEU T 893 -17.73 -59.67 5.21
N ASP T 894 -18.97 -60.11 5.08
CA ASP T 894 -19.74 -60.00 3.86
C ASP T 894 -21.01 -59.21 4.14
N MET T 895 -21.43 -58.38 3.22
CA MET T 895 -22.67 -57.63 3.33
C MET T 895 -23.37 -57.65 1.99
N THR T 896 -24.65 -57.35 1.99
CA THR T 896 -25.45 -57.34 0.78
C THR T 896 -26.59 -56.38 0.98
N PHE T 897 -26.72 -55.43 0.09
CA PHE T 897 -27.78 -54.44 0.12
C PHE T 897 -28.75 -54.70 -1.00
N GLU T 898 -30.03 -54.82 -0.69
CA GLU T 898 -31.08 -54.92 -1.69
C GLU T 898 -31.59 -53.49 -1.82
N VAL T 899 -31.63 -52.95 -3.03
CA VAL T 899 -31.98 -51.54 -3.28
C VAL T 899 -32.90 -51.42 -4.48
N ASP T 900 -33.76 -50.40 -4.49
CA ASP T 900 -34.66 -50.18 -5.61
C ASP T 900 -33.84 -49.87 -6.88
N PRO T 901 -34.25 -50.35 -8.06
CA PRO T 901 -33.53 -50.10 -9.30
C PRO T 901 -33.68 -48.65 -9.76
N MET T 902 -32.60 -48.09 -10.30
CA MET T 902 -32.56 -46.74 -10.85
C MET T 902 -31.89 -46.79 -12.20
N ASP T 903 -32.36 -46.01 -13.17
CA ASP T 903 -31.75 -45.97 -14.51
C ASP T 903 -30.36 -45.30 -14.50
N GLU T 904 -30.03 -44.54 -13.47
CA GLU T 904 -28.72 -43.91 -13.28
C GLU T 904 -27.72 -44.86 -12.63
N PRO T 905 -26.45 -44.93 -13.08
CA PRO T 905 -25.46 -45.70 -12.36
C PRO T 905 -25.25 -44.98 -11.03
N THR T 906 -25.24 -45.68 -9.91
CA THR T 906 -25.15 -45.10 -8.56
C THR T 906 -24.06 -45.76 -7.75
N LEU T 907 -23.68 -45.18 -6.62
CA LEU T 907 -22.65 -45.69 -5.73
C LEU T 907 -23.18 -45.92 -4.33
N LEU T 908 -22.93 -47.09 -3.77
CA LEU T 908 -23.21 -47.40 -2.38
C LEU T 908 -22.11 -46.74 -1.57
N TYR T 909 -22.44 -45.78 -0.74
CA TYR T 909 -21.47 -45.13 0.12
C TYR T 909 -21.55 -45.77 1.49
N LEU T 910 -20.56 -46.58 1.82
CA LEU T 910 -20.52 -47.31 3.08
C LEU T 910 -19.39 -46.81 3.95
N LEU T 911 -19.75 -46.30 5.12
CA LEU T 911 -18.85 -45.78 6.11
C LEU T 911 -18.58 -46.82 7.19
N PHE T 912 -17.40 -47.42 7.20
CA PHE T 912 -17.02 -48.27 8.32
C PHE T 912 -16.63 -47.30 9.42
N GLU T 913 -17.39 -47.16 10.48
CA GLU T 913 -17.06 -46.26 11.54
C GLU T 913 -15.90 -46.83 12.34
N VAL T 914 -14.92 -46.00 12.66
CA VAL T 914 -13.68 -46.36 13.38
C VAL T 914 -13.35 -45.26 14.39
N PHE T 915 -12.20 -45.31 15.04
CA PHE T 915 -11.55 -44.11 15.59
C PHE T 915 -10.44 -43.71 14.64
N ASP T 916 -10.35 -42.43 14.30
CA ASP T 916 -9.33 -41.84 13.44
C ASP T 916 -8.64 -40.75 14.24
N VAL T 917 -7.63 -41.12 15.03
CA VAL T 917 -7.05 -40.27 16.07
C VAL T 917 -5.57 -39.99 15.82
N VAL T 918 -5.10 -38.83 16.25
CA VAL T 918 -3.71 -38.37 16.15
C VAL T 918 -3.23 -37.89 17.51
N ARG T 919 -1.96 -38.13 17.81
CA ARG T 919 -1.26 -37.54 18.94
C ARG T 919 -0.16 -36.65 18.41
N VAL T 920 -0.11 -35.40 18.87
CA VAL T 920 0.84 -34.39 18.41
C VAL T 920 1.74 -33.97 19.55
N HIS T 921 3.04 -34.08 19.32
CA HIS T 921 4.10 -33.80 20.27
C HIS T 921 4.97 -32.64 19.79
N GLN T 922 5.46 -31.80 20.70
CA GLN T 922 6.22 -30.60 20.38
C GLN T 922 7.41 -30.47 21.34
N PRO T 923 8.40 -31.35 21.29
CA PRO T 923 9.48 -31.39 22.26
C PRO T 923 10.43 -30.19 22.27
N HIS T 924 10.72 -29.54 21.13
CA HIS T 924 11.64 -28.39 21.08
C HIS T 924 11.08 -27.34 20.14
N ARG T 925 11.54 -26.09 20.24
CA ARG T 925 10.99 -25.01 19.42
C ARG T 925 11.07 -25.35 17.93
N GLY T 926 9.99 -25.16 17.20
CA GLY T 926 9.93 -25.47 15.78
C GLY T 926 9.76 -26.94 15.42
N VAL T 927 9.63 -27.87 16.37
CA VAL T 927 9.45 -29.30 16.05
C VAL T 927 8.01 -29.82 16.25
N ILE T 928 7.36 -30.38 15.22
CA ILE T 928 6.05 -31.03 15.38
C ILE T 928 6.19 -32.49 14.96
N GLU T 929 5.92 -33.41 15.86
CA GLU T 929 5.93 -34.85 15.63
C GLU T 929 4.48 -35.30 15.78
N ALA T 930 3.93 -35.98 14.79
CA ALA T 930 2.58 -36.47 14.89
C ALA T 930 2.59 -37.99 14.70
N VAL T 931 1.74 -38.70 15.43
CA VAL T 931 1.54 -40.15 15.27
C VAL T 931 0.06 -40.40 15.14
N TYR T 932 -0.31 -41.15 14.12
CA TYR T 932 -1.70 -41.36 13.72
C TYR T 932 -2.10 -42.79 13.93
N LEU T 933 -3.33 -43.04 14.33
CA LEU T 933 -3.86 -44.38 14.37
C LEU T 933 -5.33 -44.43 14.05
N ARG T 934 -5.66 -44.81 12.83
CA ARG T 934 -7.04 -45.14 12.49
C ARG T 934 -7.22 -46.57 12.97
N THR T 935 -8.22 -46.99 13.72
CA THR T 935 -7.98 -48.19 14.56
C THR T 935 -8.21 -49.51 13.84
N PRO T 936 -9.28 -49.72 13.06
CA PRO T 936 -9.32 -50.82 12.09
C PRO T 936 -9.05 -50.12 10.72
N PHE T 937 -8.68 -50.82 9.64
CA PHE T 937 -8.30 -50.17 8.36
C PHE T 937 -7.17 -49.19 8.69
N SER T 938 -6.13 -49.71 9.34
CA SER T 938 -5.19 -48.99 10.18
C SER T 938 -3.69 -48.88 9.86
N ALA T 939 -3.21 -48.17 8.86
CA ALA T 939 -3.84 -47.52 7.76
C ALA T 939 -2.65 -47.27 6.87
N GLY T 940 -2.65 -47.75 5.64
CA GLY T 940 -1.53 -47.61 4.70
C GLY T 940 -0.19 -48.25 5.15
N ASN T 941 0.09 -48.24 6.46
CA ASN T 941 1.27 -48.71 7.17
C ASN T 941 1.37 -50.24 7.29
N GLU U 24 11.44 -132.34 13.67
CA GLU U 24 11.69 -132.14 12.22
C GLU U 24 10.56 -131.33 11.60
N VAL U 25 10.87 -130.60 10.51
CA VAL U 25 9.91 -130.09 9.51
C VAL U 25 10.54 -130.22 8.12
N PRO U 26 9.77 -130.36 7.03
CA PRO U 26 10.32 -130.39 5.68
C PRO U 26 11.11 -129.12 5.35
N PHE U 27 12.20 -129.28 4.60
CA PHE U 27 12.93 -128.15 4.04
C PHE U 27 12.56 -127.97 2.57
N VAL U 28 12.20 -126.74 2.21
CA VAL U 28 11.64 -126.38 0.91
C VAL U 28 12.47 -125.25 0.34
N PRO U 29 13.51 -125.53 -0.46
CA PRO U 29 14.40 -124.49 -0.95
C PRO U 29 13.70 -123.63 -2.00
N PRO U 30 14.12 -122.38 -2.20
CA PRO U 30 13.44 -121.44 -3.09
C PRO U 30 13.71 -121.69 -4.58
N ARG U 31 12.76 -121.33 -5.45
CA ARG U 31 12.96 -121.21 -6.91
C ARG U 31 13.59 -119.87 -7.25
N TYR U 32 14.30 -119.75 -8.36
CA TYR U 32 14.81 -118.48 -8.85
C TYR U 32 14.77 -118.30 -10.37
N MET U 33 14.60 -117.06 -10.80
CA MET U 33 14.54 -116.66 -12.20
C MET U 33 15.93 -116.68 -12.84
N ALA U 34 16.11 -117.36 -13.97
CA ALA U 34 17.39 -117.31 -14.68
C ALA U 34 17.70 -115.86 -15.12
N PRO U 35 18.96 -115.40 -15.08
CA PRO U 35 19.28 -114.00 -15.25
C PRO U 35 18.98 -113.54 -16.67
N THR U 36 18.21 -112.47 -16.84
CA THR U 36 17.71 -112.10 -18.16
C THR U 36 18.75 -111.44 -19.05
N GLU U 37 19.79 -110.85 -18.48
CA GLU U 37 21.03 -110.58 -19.21
C GLU U 37 22.13 -111.51 -18.72
N GLY U 38 21.80 -112.81 -18.73
CA GLY U 38 22.74 -113.88 -18.42
C GLY U 38 23.86 -113.99 -19.45
N ARG U 39 24.80 -114.89 -19.17
CA ARG U 39 26.01 -115.15 -19.96
C ARG U 39 25.75 -115.65 -21.39
N ASN U 40 24.52 -116.06 -21.68
CA ASN U 40 24.01 -116.54 -22.97
C ASN U 40 22.92 -115.66 -23.58
N SER U 41 22.67 -114.47 -23.05
CA SER U 41 21.64 -113.56 -23.51
C SER U 41 22.04 -112.84 -24.79
N ILE U 42 21.07 -112.61 -25.68
CA ILE U 42 21.26 -112.06 -27.03
C ILE U 42 20.34 -110.85 -27.16
N ARG U 43 20.84 -109.69 -26.79
CA ARG U 43 20.02 -108.51 -26.51
C ARG U 43 19.76 -107.67 -27.75
N TYR U 44 18.61 -107.00 -27.78
CA TYR U 44 18.21 -105.97 -28.75
C TYR U 44 17.32 -104.95 -28.04
N SER U 45 17.42 -103.68 -28.39
CA SER U 45 16.95 -102.56 -27.57
C SER U 45 15.43 -102.46 -27.41
N GLU U 46 14.67 -102.84 -28.43
CA GLU U 46 13.23 -102.55 -28.49
C GLU U 46 12.36 -103.76 -28.13
N LEU U 47 12.96 -104.92 -27.81
CA LEU U 47 12.28 -106.19 -27.53
C LEU U 47 12.94 -106.95 -26.37
N ALA U 48 12.42 -108.12 -26.02
CA ALA U 48 13.01 -109.01 -25.03
C ALA U 48 14.38 -109.57 -25.48
N PRO U 49 15.26 -109.96 -24.55
CA PRO U 49 16.43 -110.75 -24.88
C PRO U 49 16.06 -112.17 -25.33
N GLN U 50 16.60 -112.62 -26.45
CA GLN U 50 16.61 -114.05 -26.78
C GLN U 50 17.76 -114.74 -26.03
N TYR U 51 17.79 -116.07 -25.99
CA TYR U 51 18.85 -116.83 -25.33
C TYR U 51 19.47 -117.90 -26.22
N ASP U 52 20.74 -118.17 -25.97
CA ASP U 52 21.53 -119.27 -26.51
C ASP U 52 21.77 -119.22 -28.03
N THR U 53 20.75 -119.07 -28.87
CA THR U 53 20.83 -119.04 -30.32
C THR U 53 19.68 -118.25 -30.94
N THR U 54 19.84 -117.75 -32.17
CA THR U 54 18.80 -117.10 -32.98
C THR U 54 19.06 -117.41 -34.44
N ARG U 55 18.57 -116.58 -35.36
CA ARG U 55 19.12 -116.39 -36.71
C ARG U 55 19.28 -114.90 -36.96
N VAL U 56 20.39 -114.47 -37.56
CA VAL U 56 20.52 -113.13 -38.15
C VAL U 56 20.75 -113.26 -39.65
N TYR U 57 20.03 -112.48 -40.46
CA TYR U 57 19.89 -112.69 -41.91
C TYR U 57 20.47 -111.54 -42.74
N LEU U 58 21.35 -111.85 -43.67
CA LEU U 58 22.12 -110.89 -44.46
C LEU U 58 21.66 -110.98 -45.91
N VAL U 59 20.62 -110.22 -46.22
CA VAL U 59 19.79 -110.32 -47.43
C VAL U 59 19.65 -108.96 -48.11
N ASP U 60 19.54 -108.92 -49.44
CA ASP U 60 19.50 -107.69 -50.23
C ASP U 60 18.14 -106.96 -50.13
N ASN U 61 17.87 -106.31 -49.00
CA ASN U 61 16.64 -105.56 -48.77
C ASN U 61 16.53 -104.35 -49.72
N LYS U 62 15.65 -104.44 -50.72
CA LYS U 62 15.64 -103.56 -51.91
C LYS U 62 15.14 -102.13 -51.70
N SER U 63 14.27 -101.89 -50.71
CA SER U 63 13.45 -100.68 -50.68
C SER U 63 14.25 -99.37 -50.63
N ALA U 64 13.71 -98.27 -51.17
CA ALA U 64 14.45 -97.05 -51.48
C ALA U 64 15.28 -96.49 -50.30
N ASP U 65 14.77 -96.64 -49.09
CA ASP U 65 15.46 -96.33 -47.83
C ASP U 65 16.84 -96.98 -47.71
N ILE U 66 16.95 -98.28 -47.99
CA ILE U 66 18.22 -99.02 -48.03
C ILE U 66 18.89 -98.91 -49.41
N ALA U 67 18.12 -98.70 -50.49
CA ALA U 67 18.69 -98.45 -51.80
C ALA U 67 19.58 -97.21 -51.79
N SER U 68 19.30 -96.24 -50.91
CA SER U 68 20.16 -95.08 -50.66
C SER U 68 21.60 -95.45 -50.27
N LEU U 69 21.85 -96.68 -49.82
CA LEU U 69 23.18 -97.26 -49.62
C LEU U 69 23.66 -98.14 -50.81
N ASN U 70 22.74 -98.78 -51.55
CA ASN U 70 23.02 -99.57 -52.77
C ASN U 70 23.61 -98.75 -53.93
N TYR U 71 23.55 -97.41 -53.96
CA TYR U 71 23.66 -96.68 -55.24
C TYR U 71 24.91 -96.98 -56.08
N GLN U 72 26.09 -97.11 -55.47
CA GLN U 72 27.35 -97.31 -56.21
C GLN U 72 27.74 -98.79 -56.27
N ASN U 73 26.86 -99.67 -55.79
CA ASN U 73 27.13 -101.06 -55.47
C ASN U 73 26.40 -101.99 -56.43
N ASP U 74 26.57 -103.29 -56.24
CA ASP U 74 25.86 -104.35 -56.95
C ASP U 74 25.79 -105.57 -56.02
N HIS U 75 25.05 -106.63 -56.38
CA HIS U 75 24.79 -107.73 -55.45
C HIS U 75 26.04 -108.49 -54.97
N SER U 76 27.21 -108.27 -55.53
CA SER U 76 28.45 -108.86 -55.07
C SER U 76 29.10 -108.11 -53.92
N ASN U 77 28.73 -106.87 -53.64
CA ASN U 77 29.23 -106.11 -52.50
C ASN U 77 28.20 -105.05 -52.11
N PHE U 78 27.40 -105.29 -51.08
CA PHE U 78 26.28 -104.42 -50.73
C PHE U 78 26.12 -104.27 -49.22
N LEU U 79 25.50 -103.17 -48.81
CA LEU U 79 25.14 -102.90 -47.42
C LEU U 79 23.65 -103.11 -47.22
N THR U 80 23.27 -103.81 -46.16
CA THR U 80 21.90 -104.20 -45.81
C THR U 80 21.64 -103.99 -44.33
N THR U 81 20.40 -104.05 -43.87
CA THR U 81 20.07 -104.01 -42.44
C THR U 81 19.71 -105.41 -41.93
N VAL U 82 20.34 -105.86 -40.84
CA VAL U 82 19.95 -107.09 -40.16
C VAL U 82 18.78 -106.91 -39.20
N VAL U 83 18.31 -105.68 -38.99
CA VAL U 83 17.27 -105.34 -38.00
C VAL U 83 15.92 -105.26 -38.69
N GLN U 84 14.93 -105.98 -38.17
CA GLN U 84 13.71 -106.33 -38.92
C GLN U 84 12.41 -106.10 -38.14
N ASN U 85 12.46 -105.25 -37.12
CA ASN U 85 11.32 -104.83 -36.33
C ASN U 85 10.33 -104.05 -37.20
N ASN U 86 9.23 -104.67 -37.59
CA ASN U 86 8.45 -104.24 -38.75
C ASN U 86 7.74 -102.89 -38.62
N ASP U 87 7.61 -102.29 -37.44
CA ASP U 87 7.05 -100.96 -37.28
C ASP U 87 8.08 -99.85 -37.49
N PHE U 88 9.37 -100.14 -37.39
CA PHE U 88 10.43 -99.27 -37.87
C PHE U 88 10.62 -99.44 -39.37
N THR U 89 10.55 -98.35 -40.12
CA THR U 89 10.98 -98.32 -41.53
C THR U 89 12.45 -98.74 -41.62
N PRO U 90 12.88 -99.47 -42.67
CA PRO U 90 14.26 -99.91 -42.82
C PRO U 90 15.33 -98.84 -42.58
N ALA U 91 15.15 -97.58 -43.02
CA ALA U 91 16.08 -96.52 -42.63
C ALA U 91 16.18 -96.37 -41.11
N GLU U 92 15.04 -96.26 -40.43
CA GLU U 92 14.95 -96.04 -38.98
C GLU U 92 15.60 -97.20 -38.22
N ALA U 93 15.34 -98.43 -38.66
CA ALA U 93 15.83 -99.64 -38.03
C ALA U 93 17.33 -99.82 -38.24
N SER U 94 17.87 -99.33 -39.36
CA SER U 94 19.25 -99.60 -39.77
C SER U 94 20.29 -99.11 -38.80
N THR U 95 20.03 -98.02 -38.06
CA THR U 95 20.95 -97.45 -37.09
C THR U 95 20.92 -98.16 -35.75
N GLN U 96 19.97 -99.06 -35.50
CA GLN U 96 19.87 -99.80 -34.23
C GLN U 96 20.92 -100.91 -34.12
N THR U 97 20.86 -101.77 -33.09
CA THR U 97 21.94 -102.73 -32.82
C THR U 97 21.51 -104.00 -32.10
N ILE U 98 22.10 -105.13 -32.49
CA ILE U 98 21.96 -106.43 -31.83
C ILE U 98 23.23 -106.65 -31.02
N ASN U 99 23.09 -107.07 -29.78
CA ASN U 99 24.10 -106.81 -28.77
C ASN U 99 24.24 -107.99 -27.81
N PHE U 100 25.04 -108.97 -28.22
CA PHE U 100 25.35 -110.19 -27.48
C PHE U 100 26.06 -109.94 -26.15
N ASP U 101 26.03 -110.88 -25.21
CA ASP U 101 26.65 -110.68 -23.91
C ASP U 101 28.18 -110.64 -23.99
N GLU U 102 28.76 -109.58 -23.44
CA GLU U 102 30.19 -109.30 -23.54
C GLU U 102 31.02 -110.31 -22.78
N ARG U 103 30.47 -111.08 -21.84
CA ARG U 103 31.20 -112.10 -21.08
C ARG U 103 31.50 -113.37 -21.85
N SER U 104 31.03 -113.53 -23.08
CA SER U 104 31.16 -114.76 -23.85
C SER U 104 31.82 -114.54 -25.20
N ARG U 105 32.73 -115.42 -25.62
CA ARG U 105 33.16 -115.47 -27.01
C ARG U 105 32.02 -116.12 -27.82
N TRP U 106 31.39 -115.39 -28.73
CA TRP U 106 30.30 -115.88 -29.58
C TRP U 106 30.81 -116.38 -30.92
N GLY U 107 30.13 -117.33 -31.54
CA GLY U 107 30.43 -117.81 -32.88
C GLY U 107 29.18 -117.93 -33.71
N GLY U 108 29.28 -117.67 -35.01
CA GLY U 108 28.19 -117.90 -35.94
C GLY U 108 28.34 -119.25 -36.62
N ASP U 109 27.32 -120.11 -36.56
CA ASP U 109 27.16 -121.14 -37.58
C ASP U 109 26.66 -120.46 -38.85
N LEU U 110 27.52 -120.21 -39.84
CA LEU U 110 27.19 -119.44 -41.05
C LEU U 110 26.76 -120.32 -42.22
N LYS U 111 25.57 -120.08 -42.78
CA LYS U 111 25.17 -120.56 -44.11
C LYS U 111 25.14 -119.42 -45.11
N THR U 112 25.22 -119.75 -46.38
CA THR U 112 25.19 -118.78 -47.48
C THR U 112 24.47 -119.35 -48.69
N ILE U 113 23.97 -118.48 -49.56
CA ILE U 113 23.29 -118.87 -50.80
C ILE U 113 23.79 -117.98 -51.92
N LEU U 114 24.14 -118.53 -53.07
CA LEU U 114 24.72 -117.77 -54.17
C LEU U 114 24.13 -118.18 -55.51
N HIS U 115 23.83 -117.20 -56.35
CA HIS U 115 23.39 -117.41 -57.72
C HIS U 115 24.09 -116.39 -58.63
N THR U 116 24.11 -116.64 -59.92
CA THR U 116 25.08 -116.03 -60.83
C THR U 116 24.64 -116.19 -62.27
N ASN U 117 25.15 -115.36 -63.19
CA ASN U 117 24.71 -115.32 -64.59
C ASN U 117 25.88 -115.42 -65.59
N MET U 118 27.06 -115.86 -65.18
CA MET U 118 28.30 -115.60 -65.91
C MET U 118 28.30 -116.19 -67.34
N PRO U 119 28.40 -115.37 -68.39
CA PRO U 119 28.53 -115.86 -69.75
C PRO U 119 29.91 -116.49 -69.97
N ASN U 120 30.06 -117.47 -70.86
CA ASN U 120 31.32 -118.16 -71.10
C ASN U 120 32.42 -117.20 -71.54
N VAL U 121 32.15 -116.40 -72.56
CA VAL U 121 33.11 -115.48 -73.16
C VAL U 121 32.82 -114.09 -72.63
N ASN U 122 33.73 -113.51 -71.85
CA ASN U 122 33.59 -112.17 -71.30
C ASN U 122 34.95 -111.50 -70.97
N GLU U 123 34.96 -110.18 -70.82
CA GLU U 123 36.14 -109.37 -70.55
C GLU U 123 36.62 -109.52 -69.10
N TYR U 124 35.68 -109.56 -68.15
CA TYR U 124 35.98 -109.51 -66.73
C TYR U 124 36.77 -110.73 -66.26
N MET U 125 36.42 -111.91 -66.75
CA MET U 125 36.99 -113.20 -66.39
C MET U 125 38.03 -113.69 -67.42
N PHE U 126 38.52 -112.81 -68.30
CA PHE U 126 39.61 -113.06 -69.25
C PHE U 126 39.34 -114.14 -70.30
N THR U 127 38.09 -114.42 -70.59
CA THR U 127 37.66 -115.40 -71.60
C THR U 127 37.24 -114.74 -72.91
N SER U 128 37.79 -113.56 -73.24
CA SER U 128 37.42 -112.79 -74.44
C SER U 128 38.60 -112.32 -75.29
N LYS U 129 39.83 -112.30 -74.79
CA LYS U 129 40.97 -111.70 -75.49
C LYS U 129 42.19 -112.63 -75.52
N PHE U 130 42.82 -112.80 -76.67
CA PHE U 130 44.10 -113.49 -76.82
C PHE U 130 45.10 -112.65 -77.62
N LYS U 131 46.39 -112.73 -77.29
CA LYS U 131 47.44 -112.14 -78.12
C LYS U 131 47.81 -113.08 -79.25
N ALA U 132 48.02 -112.55 -80.44
CA ALA U 132 48.60 -113.30 -81.53
C ALA U 132 49.49 -112.41 -82.38
N ARG U 133 50.58 -112.98 -82.90
CA ARG U 133 51.51 -112.35 -83.81
C ARG U 133 51.30 -112.98 -85.17
N VAL U 134 51.03 -112.15 -86.17
CA VAL U 134 50.62 -112.53 -87.53
C VAL U 134 51.25 -111.60 -88.56
N MET U 135 51.30 -112.00 -89.84
CA MET U 135 51.90 -111.18 -90.91
C MET U 135 51.13 -109.88 -91.16
N VAL U 136 51.81 -108.75 -90.97
CA VAL U 136 51.33 -107.42 -91.29
C VAL U 136 51.61 -107.07 -92.74
N ALA U 137 52.73 -107.52 -93.30
CA ALA U 137 53.15 -107.17 -94.65
C ALA U 137 54.05 -108.21 -95.32
N ARG U 138 54.08 -108.17 -96.65
CA ARG U 138 54.87 -109.00 -97.56
C ARG U 138 55.31 -108.11 -98.72
N LYS U 139 56.61 -107.88 -98.86
CA LYS U 139 57.17 -107.05 -99.93
C LYS U 139 57.41 -107.87 -101.20
N HIS U 140 57.81 -107.21 -102.29
CA HIS U 140 58.30 -107.87 -103.50
C HIS U 140 59.54 -107.14 -104.03
N PRO U 141 60.62 -107.84 -104.42
CA PRO U 141 61.86 -107.20 -104.85
C PRO U 141 61.69 -106.60 -106.26
N GLU U 142 62.04 -105.32 -106.41
CA GLU U 142 61.81 -104.59 -107.66
C GLU U 142 62.53 -105.25 -108.84
N GLY U 143 61.89 -105.28 -110.01
CA GLY U 143 62.44 -105.88 -111.22
C GLY U 143 62.31 -107.40 -111.35
N VAL U 144 61.85 -108.10 -110.32
CA VAL U 144 61.37 -109.50 -110.43
C VAL U 144 59.89 -109.51 -110.84
N VAL U 145 59.44 -110.50 -111.61
CA VAL U 145 58.03 -110.64 -112.03
C VAL U 145 57.14 -111.11 -110.86
N GLU U 146 55.97 -110.50 -110.70
CA GLU U 146 55.13 -110.63 -109.50
C GLU U 146 54.58 -112.05 -109.28
N THR U 147 54.30 -112.77 -110.35
CA THR U 147 53.84 -114.17 -110.31
C THR U 147 54.99 -115.18 -110.10
N ASP U 148 56.25 -114.75 -110.20
CA ASP U 148 57.35 -115.67 -110.51
C ASP U 148 57.90 -116.45 -109.28
N LEU U 149 58.31 -115.76 -108.22
CA LEU U 149 59.10 -116.36 -107.12
C LEU U 149 58.48 -116.20 -105.72
N SER U 150 57.79 -115.09 -105.46
CA SER U 150 57.23 -114.74 -104.15
C SER U 150 58.23 -114.78 -102.97
N GLN U 151 59.53 -114.58 -103.21
CA GLN U 151 60.55 -114.50 -102.15
C GLN U 151 60.91 -113.04 -101.81
N ASP U 152 60.57 -112.60 -100.61
CA ASP U 152 61.00 -111.31 -100.06
C ASP U 152 60.86 -111.23 -98.54
N LYS U 153 61.34 -110.13 -97.97
CA LYS U 153 61.06 -109.64 -96.63
C LYS U 153 59.56 -109.70 -96.30
N LEU U 154 59.26 -110.36 -95.18
CA LEU U 154 57.95 -110.44 -94.52
C LEU U 154 58.03 -109.76 -93.16
N GLU U 155 56.92 -109.19 -92.68
CA GLU U 155 56.86 -108.46 -91.41
C GLU U 155 55.63 -108.83 -90.60
N TYR U 156 55.78 -108.78 -89.27
CA TYR U 156 54.81 -109.32 -88.33
C TYR U 156 54.64 -108.41 -87.12
N GLU U 157 53.48 -108.44 -86.47
CA GLU U 157 53.27 -107.71 -85.22
C GLU U 157 52.30 -108.45 -84.30
N TRP U 158 52.45 -108.29 -83.00
CA TRP U 158 51.49 -108.72 -82.00
C TRP U 158 50.28 -107.79 -81.95
N PHE U 159 49.09 -108.37 -82.02
CA PHE U 159 47.84 -107.71 -81.71
C PHE U 159 47.09 -108.53 -80.64
N GLU U 160 46.19 -107.91 -79.89
CA GLU U 160 45.25 -108.67 -79.04
C GLU U 160 43.84 -108.62 -79.62
N PHE U 161 43.25 -109.80 -79.78
CA PHE U 161 42.07 -110.04 -80.57
C PHE U 161 40.88 -110.17 -79.65
N THR U 162 39.83 -109.37 -79.83
CA THR U 162 38.70 -109.32 -78.89
C THR U 162 37.47 -110.00 -79.46
N LEU U 163 36.98 -111.03 -78.79
CA LEU U 163 35.75 -111.73 -79.12
C LEU U 163 34.53 -110.99 -78.59
N PRO U 164 33.37 -111.06 -79.27
CA PRO U 164 32.13 -110.48 -78.79
C PRO U 164 31.80 -110.92 -77.37
N GLU U 165 31.33 -109.97 -76.58
CA GLU U 165 30.88 -110.22 -75.22
C GLU U 165 29.66 -111.15 -75.16
N GLY U 166 29.43 -111.73 -73.99
CA GLY U 166 28.24 -112.56 -73.70
C GLY U 166 28.20 -113.92 -74.39
N ASN U 167 29.10 -114.20 -75.31
CA ASN U 167 29.01 -115.36 -76.18
C ASN U 167 29.06 -116.71 -75.41
N PHE U 168 28.53 -117.79 -76.02
CA PHE U 168 28.02 -118.92 -75.24
C PHE U 168 27.98 -120.26 -76.02
N SER U 169 29.07 -120.71 -76.65
CA SER U 169 29.23 -122.12 -77.08
C SER U 169 30.69 -122.47 -77.41
N GLU U 170 31.05 -123.76 -77.45
CA GLU U 170 32.43 -124.25 -77.61
C GLU U 170 32.96 -124.09 -79.04
N THR U 171 32.30 -124.70 -80.03
CA THR U 171 32.65 -124.52 -81.45
C THR U 171 32.46 -123.11 -81.93
N MET U 172 31.40 -122.43 -81.47
CA MET U 172 31.23 -121.02 -81.75
C MET U 172 32.45 -120.24 -81.36
N THR U 173 33.00 -120.48 -80.17
CA THR U 173 34.17 -119.72 -79.73
C THR U 173 35.37 -119.98 -80.63
N ILE U 174 35.58 -121.22 -81.08
CA ILE U 174 36.66 -121.49 -82.04
C ILE U 174 36.41 -120.75 -83.37
N ASP U 175 35.19 -120.74 -83.88
CA ASP U 175 34.84 -120.02 -85.11
C ASP U 175 34.99 -118.50 -84.94
N LEU U 176 34.62 -117.97 -83.79
CA LEU U 176 34.87 -116.59 -83.41
C LEU U 176 36.37 -116.28 -83.34
N MET U 177 37.19 -117.13 -82.73
CA MET U 177 38.63 -116.92 -82.68
C MET U 177 39.25 -116.90 -84.08
N ASN U 178 38.83 -117.75 -84.99
CA ASN U 178 39.27 -117.68 -86.38
C ASN U 178 38.76 -116.43 -87.08
N ASN U 179 37.49 -116.08 -86.91
CA ASN U 179 36.97 -114.82 -87.43
C ASN U 179 37.79 -113.62 -86.94
N ALA U 180 38.26 -113.60 -85.70
CA ALA U 180 39.09 -112.51 -85.24
C ALA U 180 40.41 -112.41 -86.03
N ILE U 181 41.08 -113.53 -86.31
CA ILE U 181 42.30 -113.51 -87.11
C ILE U 181 42.02 -113.12 -88.56
N LEU U 182 40.92 -113.58 -89.13
CA LEU U 182 40.47 -113.13 -90.44
C LEU U 182 40.23 -111.62 -90.43
N GLU U 183 39.56 -111.09 -89.42
CA GLU U 183 39.21 -109.68 -89.35
C GLU U 183 40.46 -108.81 -89.42
N ASN U 184 41.58 -109.21 -88.80
CA ASN U 184 42.82 -108.48 -88.97
C ASN U 184 43.46 -108.67 -90.34
N TYR U 185 43.33 -109.84 -90.98
CA TYR U 185 43.71 -109.96 -92.39
C TYR U 185 42.93 -108.97 -93.27
N LEU U 186 41.62 -108.83 -93.04
CA LEU U 186 40.79 -107.87 -93.78
C LEU U 186 41.17 -106.43 -93.48
N GLN U 187 41.35 -106.10 -92.20
CA GLN U 187 41.58 -104.72 -91.73
C GLN U 187 43.00 -104.20 -92.00
N VAL U 188 43.96 -105.08 -92.22
CA VAL U 188 45.38 -104.74 -92.47
C VAL U 188 45.93 -105.47 -93.68
N GLY U 189 45.99 -106.80 -93.62
CA GLY U 189 46.79 -107.61 -94.53
C GLY U 189 46.46 -107.46 -96.02
N ARG U 190 45.17 -107.35 -96.36
CA ARG U 190 44.69 -107.14 -97.74
C ARG U 190 45.42 -106.00 -98.44
N GLN U 191 45.70 -104.90 -97.74
CA GLN U 191 46.30 -103.70 -98.35
C GLN U 191 47.81 -103.83 -98.50
N ASN U 192 48.49 -104.47 -97.55
CA ASN U 192 49.94 -104.62 -97.60
C ASN U 192 50.40 -105.78 -98.49
N GLY U 193 49.48 -106.59 -99.03
CA GLY U 193 49.80 -107.62 -100.01
C GLY U 193 50.25 -108.96 -99.42
N VAL U 194 49.83 -109.29 -98.21
CA VAL U 194 49.97 -110.67 -97.71
C VAL U 194 48.96 -111.59 -98.43
N LEU U 195 49.42 -112.70 -99.00
CA LEU U 195 48.51 -113.65 -99.67
C LEU U 195 47.61 -114.33 -98.63
N GLU U 196 46.37 -114.67 -98.97
CA GLU U 196 45.43 -115.27 -97.99
C GLU U 196 45.69 -116.76 -97.69
N SER U 197 46.72 -117.36 -98.28
CA SER U 197 47.38 -118.54 -97.71
C SER U 197 48.13 -118.19 -96.43
N ASP U 198 48.68 -116.99 -96.37
CA ASP U 198 49.66 -116.57 -95.38
C ASP U 198 49.01 -115.99 -94.11
N ILE U 199 47.87 -116.53 -93.69
CA ILE U 199 47.07 -116.03 -92.56
C ILE U 199 47.83 -116.15 -91.22
N GLY U 200 48.91 -116.92 -91.17
CA GLY U 200 49.84 -116.96 -90.04
C GLY U 200 49.41 -117.94 -88.96
N VAL U 201 48.17 -117.83 -88.49
CA VAL U 201 47.64 -118.62 -87.37
C VAL U 201 46.21 -119.08 -87.68
N LYS U 202 45.89 -120.35 -87.40
CA LYS U 202 44.51 -120.87 -87.42
C LYS U 202 44.25 -121.83 -86.28
N PHE U 203 43.10 -121.75 -85.63
CA PHE U 203 42.63 -122.75 -84.70
C PHE U 203 41.91 -123.87 -85.47
N ASP U 204 42.22 -125.13 -85.20
CA ASP U 204 41.56 -126.27 -85.82
C ASP U 204 41.17 -127.35 -84.80
N SER U 205 40.61 -128.47 -85.24
CA SER U 205 40.22 -129.61 -84.39
C SER U 205 40.74 -130.97 -84.92
N ARG U 206 41.36 -131.02 -86.10
CA ARG U 206 41.63 -132.28 -86.82
C ARG U 206 42.93 -132.96 -86.40
N ASN U 207 43.02 -134.24 -86.70
CA ASN U 207 44.25 -135.00 -86.64
C ASN U 207 44.81 -135.12 -88.06
N PHE U 208 45.56 -134.13 -88.53
CA PHE U 208 46.40 -134.30 -89.71
C PHE U 208 47.33 -135.50 -89.50
N LYS U 209 47.99 -136.02 -90.54
CA LYS U 209 48.86 -137.20 -90.41
C LYS U 209 48.14 -138.51 -90.01
N LEU U 210 46.80 -138.56 -90.02
CA LEU U 210 46.05 -139.78 -89.68
C LEU U 210 46.06 -140.82 -90.81
N GLY U 211 45.72 -140.41 -92.04
CA GLY U 211 45.78 -141.27 -93.22
C GLY U 211 47.16 -141.30 -93.88
N TRP U 212 48.21 -140.96 -93.17
CA TRP U 212 49.57 -140.82 -93.69
C TRP U 212 50.29 -142.15 -93.80
N ASP U 213 50.73 -142.52 -94.99
CA ASP U 213 51.44 -143.78 -95.23
C ASP U 213 52.88 -143.70 -94.69
N PRO U 214 53.31 -144.62 -93.80
CA PRO U 214 54.69 -144.70 -93.34
C PRO U 214 55.75 -144.74 -94.45
N VAL U 215 55.47 -145.39 -95.58
CA VAL U 215 56.46 -145.57 -96.66
C VAL U 215 56.60 -144.30 -97.49
N THR U 216 55.50 -143.84 -98.10
CA THR U 216 55.47 -142.74 -99.08
C THR U 216 55.07 -141.39 -98.50
N LYS U 217 54.81 -141.29 -97.19
CA LYS U 217 54.83 -140.05 -96.41
C LYS U 217 53.94 -138.91 -96.94
N LEU U 218 52.78 -139.29 -97.48
CA LEU U 218 51.70 -138.41 -97.91
C LEU U 218 50.38 -138.93 -97.34
N VAL U 219 49.41 -138.04 -97.18
CA VAL U 219 48.08 -138.41 -96.69
C VAL U 219 47.31 -139.12 -97.80
N MET U 220 47.28 -140.46 -97.76
CA MET U 220 46.78 -141.31 -98.82
C MET U 220 45.33 -141.07 -99.22
N PRO U 221 44.40 -140.67 -98.34
CA PRO U 221 43.05 -140.29 -98.75
C PRO U 221 42.98 -139.13 -99.75
N GLY U 222 44.06 -138.39 -99.98
CA GLY U 222 44.05 -137.16 -100.77
C GLY U 222 43.33 -135.99 -100.09
N VAL U 223 42.87 -136.17 -98.85
CA VAL U 223 42.20 -135.19 -98.00
C VAL U 223 42.65 -135.36 -96.56
N TYR U 224 42.58 -134.32 -95.73
CA TYR U 224 42.73 -134.49 -94.28
C TYR U 224 41.42 -134.98 -93.67
N THR U 225 41.46 -136.00 -92.81
CA THR U 225 40.23 -136.59 -92.26
C THR U 225 39.45 -135.54 -91.49
N TYR U 226 38.20 -135.29 -91.87
CA TYR U 226 37.38 -134.22 -91.32
C TYR U 226 36.64 -134.68 -90.05
N GLU U 227 37.39 -134.91 -88.97
CA GLU U 227 36.86 -135.35 -87.69
C GLU U 227 37.58 -134.64 -86.52
N ALA U 228 36.85 -134.20 -85.51
CA ALA U 228 37.42 -133.44 -84.41
C ALA U 228 37.99 -134.35 -83.31
N PHE U 229 39.30 -134.35 -83.16
CA PHE U 229 40.03 -135.08 -82.13
C PHE U 229 40.17 -134.23 -80.86
N HIS U 230 40.85 -133.10 -80.99
CA HIS U 230 41.04 -132.10 -79.94
C HIS U 230 41.42 -130.78 -80.59
N PRO U 231 41.06 -129.60 -80.04
CA PRO U 231 41.51 -128.34 -80.60
C PRO U 231 43.02 -128.24 -80.76
N ASP U 232 43.47 -127.43 -81.71
CA ASP U 232 44.84 -127.36 -82.20
C ASP U 232 45.18 -125.91 -82.61
N VAL U 233 46.46 -125.52 -82.61
CA VAL U 233 46.92 -124.28 -83.24
C VAL U 233 47.86 -124.58 -84.39
N VAL U 234 47.53 -124.04 -85.56
CA VAL U 234 48.25 -124.23 -86.81
C VAL U 234 48.95 -122.92 -87.15
N LEU U 235 50.28 -122.92 -87.23
CA LEU U 235 51.12 -121.73 -87.37
C LEU U 235 51.97 -121.78 -88.65
N LEU U 236 52.23 -120.63 -89.26
CA LEU U 236 53.26 -120.42 -90.28
C LEU U 236 54.51 -119.74 -89.70
N PRO U 237 55.68 -119.81 -90.37
CA PRO U 237 56.93 -119.31 -89.82
C PRO U 237 56.93 -117.84 -89.42
N GLY U 238 57.65 -117.54 -88.34
CA GLY U 238 57.91 -116.19 -87.85
C GLY U 238 56.86 -115.65 -86.86
N CYS U 239 55.81 -116.40 -86.55
CA CYS U 239 54.60 -115.90 -85.89
C CYS U 239 54.06 -116.82 -84.77
N GLY U 240 52.98 -116.47 -84.07
CA GLY U 240 52.48 -117.29 -82.96
C GLY U 240 51.35 -116.71 -82.11
N VAL U 241 51.07 -117.33 -80.96
CA VAL U 241 49.98 -116.94 -80.05
C VAL U 241 50.44 -116.93 -78.60
N ASP U 242 49.70 -116.23 -77.75
CA ASP U 242 50.11 -115.97 -76.37
C ASP U 242 48.89 -115.88 -75.45
N PHE U 243 48.84 -116.81 -74.50
CA PHE U 243 47.82 -116.97 -73.48
C PHE U 243 48.32 -116.59 -72.08
N THR U 244 49.37 -115.77 -71.99
CA THR U 244 49.91 -115.25 -70.72
C THR U 244 48.85 -114.56 -69.86
N GLU U 245 47.78 -114.07 -70.49
CA GLU U 245 46.77 -113.18 -69.90
C GLU U 245 45.33 -113.55 -70.27
N SER U 246 45.04 -114.82 -70.56
CA SER U 246 43.69 -115.27 -70.91
C SER U 246 43.39 -116.65 -70.36
N ARG U 247 42.11 -116.99 -70.28
CA ARG U 247 41.65 -118.34 -69.94
C ARG U 247 41.15 -119.10 -71.17
N LEU U 248 41.42 -118.60 -72.36
CA LEU U 248 41.05 -119.26 -73.61
C LEU U 248 41.86 -120.53 -73.84
N SER U 249 43.03 -120.68 -73.24
CA SER U 249 43.79 -121.93 -73.29
C SER U 249 43.03 -123.08 -72.61
N ASN U 250 42.31 -122.79 -71.54
CA ASN U 250 41.55 -123.81 -70.80
C ASN U 250 40.34 -124.30 -71.59
N LEU U 251 39.82 -123.46 -72.50
CA LEU U 251 38.79 -123.81 -73.48
C LEU U 251 39.39 -124.49 -74.72
N LEU U 252 40.60 -124.17 -75.14
CA LEU U 252 41.32 -124.99 -76.13
C LEU U 252 41.68 -126.38 -75.61
N GLY U 253 41.69 -126.57 -74.29
CA GLY U 253 42.15 -127.82 -73.70
C GLY U 253 43.65 -127.98 -73.78
N ILE U 254 44.38 -126.88 -73.69
CA ILE U 254 45.84 -126.79 -73.73
C ILE U 254 46.28 -126.08 -72.45
N ARG U 255 47.14 -126.70 -71.63
CA ARG U 255 47.60 -126.09 -70.37
C ARG U 255 49.10 -126.18 -70.23
N LYS U 256 49.73 -125.20 -69.60
CA LYS U 256 51.18 -125.20 -69.36
C LYS U 256 51.55 -126.26 -68.32
N LYS U 257 52.61 -127.04 -68.58
CA LYS U 257 53.04 -128.17 -67.74
C LYS U 257 53.74 -127.73 -66.45
N GLN U 258 54.27 -126.51 -66.44
CA GLN U 258 54.88 -125.85 -65.29
C GLN U 258 54.20 -124.50 -65.08
N PRO U 259 53.02 -124.46 -64.45
CA PRO U 259 52.10 -123.33 -64.58
C PRO U 259 52.58 -122.06 -63.90
N PHE U 260 53.37 -122.17 -62.84
CA PHE U 260 53.78 -121.01 -62.03
C PHE U 260 54.90 -120.18 -62.65
N GLN U 261 55.58 -120.67 -63.67
CA GLN U 261 56.54 -119.87 -64.42
C GLN U 261 55.77 -118.90 -65.31
N GLU U 262 55.95 -117.59 -65.17
CA GLU U 262 55.15 -116.63 -65.93
C GLU U 262 55.37 -116.71 -67.45
N GLY U 263 54.39 -116.22 -68.21
CA GLY U 263 54.41 -116.24 -69.67
C GLY U 263 53.93 -117.57 -70.25
N PHE U 264 53.16 -117.53 -71.33
CA PHE U 264 52.66 -118.73 -72.01
C PHE U 264 52.41 -118.43 -73.48
N ARG U 265 53.31 -118.90 -74.35
CA ARG U 265 53.27 -118.64 -75.79
C ARG U 265 53.47 -119.91 -76.59
N ILE U 266 52.73 -120.05 -77.68
CA ILE U 266 52.99 -121.05 -78.69
C ILE U 266 53.52 -120.29 -79.90
N MET U 267 54.75 -120.56 -80.31
CA MET U 267 55.37 -119.90 -81.47
C MET U 267 55.62 -120.92 -82.58
N TYR U 268 56.13 -120.49 -83.73
CA TYR U 268 56.44 -121.42 -84.80
C TYR U 268 57.79 -122.09 -84.57
N GLU U 269 58.78 -121.34 -84.08
CA GLU U 269 59.91 -121.93 -83.38
C GLU U 269 59.39 -122.80 -82.22
N ASP U 270 60.15 -123.79 -81.78
CA ASP U 270 59.57 -125.00 -81.19
C ASP U 270 58.53 -125.61 -82.13
N LEU U 271 57.39 -126.16 -81.67
CA LEU U 271 56.48 -126.99 -82.46
C LEU U 271 57.22 -128.10 -83.27
N GLU U 272 58.36 -128.60 -82.81
CA GLU U 272 59.23 -129.43 -83.64
C GLU U 272 58.60 -130.80 -83.94
N GLY U 273 58.85 -131.31 -85.15
CA GLY U 273 58.11 -132.43 -85.72
C GLY U 273 56.69 -132.08 -86.18
N GLY U 274 56.19 -130.89 -85.88
CA GLY U 274 54.78 -130.55 -86.05
C GLY U 274 54.34 -130.18 -87.46
N ASN U 275 55.21 -130.24 -88.47
CA ASN U 275 54.85 -129.81 -89.83
C ASN U 275 53.69 -130.67 -90.35
N ILE U 276 52.64 -130.05 -90.89
CA ILE U 276 51.51 -130.77 -91.50
C ILE U 276 51.96 -131.43 -92.81
N PRO U 277 51.73 -132.74 -93.01
CA PRO U 277 52.14 -133.45 -94.21
C PRO U 277 51.25 -133.11 -95.38
N ALA U 278 51.80 -133.10 -96.59
CA ALA U 278 51.04 -132.79 -97.80
C ALA U 278 49.98 -133.85 -98.15
N LEU U 279 48.93 -133.43 -98.83
CA LEU U 279 47.94 -134.33 -99.41
C LEU U 279 48.52 -135.08 -100.61
N LEU U 280 48.21 -136.36 -100.78
CA LEU U 280 48.44 -137.07 -102.04
C LEU U 280 47.58 -136.45 -103.15
N ASP U 281 48.11 -136.24 -104.35
CA ASP U 281 47.25 -135.92 -105.52
C ASP U 281 46.53 -137.16 -106.06
N VAL U 282 45.57 -137.69 -105.29
CA VAL U 282 44.91 -138.98 -105.57
C VAL U 282 44.37 -139.16 -106.99
N PRO U 283 43.84 -138.14 -107.70
CA PRO U 283 43.51 -138.31 -109.12
C PRO U 283 44.71 -138.75 -109.95
N LYS U 284 45.85 -138.06 -109.83
CA LYS U 284 47.07 -138.36 -110.58
C LYS U 284 47.65 -139.71 -110.18
N TYR U 285 47.51 -140.12 -108.92
CA TYR U 285 47.84 -141.49 -108.50
C TYR U 285 47.00 -142.53 -109.26
N LEU U 286 45.67 -142.43 -109.22
CA LEU U 286 44.81 -143.39 -109.92
C LEU U 286 45.00 -143.35 -111.44
N GLU U 287 45.35 -142.20 -112.02
CA GLU U 287 45.67 -142.12 -113.44
C GLU U 287 47.01 -142.79 -113.74
N SER U 288 47.99 -142.66 -112.86
CA SER U 288 49.27 -143.37 -113.02
C SER U 288 49.10 -144.89 -112.87
N LYS U 289 48.25 -145.36 -111.94
CA LYS U 289 47.90 -146.79 -111.83
C LYS U 289 47.28 -147.30 -113.13
N LYS U 290 46.37 -146.52 -113.70
CA LYS U 290 45.68 -146.81 -114.96
C LYS U 290 46.66 -146.92 -116.14
N LYS U 291 47.72 -146.10 -116.18
CA LYS U 291 48.82 -146.24 -117.15
C LYS U 291 49.72 -147.45 -116.83
N VAL U 292 50.33 -147.46 -115.65
CA VAL U 292 51.52 -148.27 -115.36
C VAL U 292 51.24 -149.76 -115.29
N GLU U 293 50.10 -150.16 -114.73
CA GLU U 293 49.74 -151.58 -114.69
C GLU U 293 49.24 -152.08 -116.06
N ASP U 294 48.20 -151.44 -116.59
CA ASP U 294 47.53 -151.85 -117.82
C ASP U 294 48.54 -151.98 -118.99
N GLU U 295 49.37 -150.96 -119.19
CA GLU U 295 50.35 -150.95 -120.28
C GLU U 295 51.57 -151.84 -120.03
N THR U 296 51.84 -152.26 -118.79
CA THR U 296 52.79 -153.37 -118.56
C THR U 296 52.17 -154.69 -119.03
N LYS U 297 50.88 -154.90 -118.77
CA LYS U 297 50.20 -156.17 -119.09
C LYS U 297 49.82 -156.29 -120.57
N ASN U 298 49.62 -155.19 -121.28
CA ASN U 298 49.54 -155.20 -122.74
C ASN U 298 50.88 -155.62 -123.37
N ALA U 299 52.00 -155.14 -122.83
CA ALA U 299 53.34 -155.61 -123.17
C ALA U 299 53.65 -156.98 -122.54
N LYS U 324 60.25 -147.59 -113.07
CA LYS U 324 58.94 -147.73 -113.73
C LYS U 324 57.75 -147.59 -112.77
N LYS U 325 57.97 -146.98 -111.60
CA LYS U 325 56.97 -146.74 -110.54
C LYS U 325 55.79 -145.88 -111.00
N VAL U 326 54.63 -146.09 -110.38
CA VAL U 326 53.48 -145.17 -110.40
C VAL U 326 53.86 -143.77 -109.90
N GLU U 327 53.18 -142.74 -110.40
CA GLU U 327 53.37 -141.37 -109.93
C GLU U 327 52.67 -141.17 -108.58
N VAL U 328 53.39 -140.63 -107.60
CA VAL U 328 52.90 -140.33 -106.24
C VAL U 328 53.49 -139.00 -105.81
N LEU U 329 52.69 -137.92 -105.82
CA LEU U 329 53.16 -136.55 -105.57
C LEU U 329 52.29 -135.83 -104.53
N PRO U 330 52.84 -134.81 -103.84
CA PRO U 330 52.05 -133.90 -103.04
C PRO U 330 51.18 -132.96 -103.90
N ILE U 331 50.00 -132.58 -103.42
CA ILE U 331 49.24 -131.44 -103.94
C ILE U 331 49.89 -130.14 -103.50
N GLU U 332 50.17 -129.21 -104.43
CA GLU U 332 50.81 -127.93 -104.10
C GLU U 332 49.83 -126.77 -103.82
N LYS U 333 48.57 -126.84 -104.22
CA LYS U 333 47.61 -125.73 -104.09
C LYS U 333 46.13 -126.13 -104.15
N ASP U 334 45.27 -125.21 -103.75
CA ASP U 334 43.79 -125.29 -103.84
C ASP U 334 43.25 -125.37 -105.28
N GLU U 335 41.96 -125.67 -105.43
CA GLU U 335 41.19 -125.29 -106.63
C GLU U 335 41.32 -123.79 -106.93
N SER U 336 41.27 -122.91 -105.93
CA SER U 336 41.49 -121.48 -106.15
C SER U 336 42.95 -121.06 -106.27
N GLY U 337 43.91 -122.00 -106.41
CA GLY U 337 45.30 -121.63 -106.66
C GLY U 337 46.01 -120.92 -105.50
N ARG U 338 45.44 -120.88 -104.29
CA ARG U 338 46.20 -120.50 -103.08
C ARG U 338 47.22 -121.59 -102.75
N SER U 339 48.43 -121.23 -102.38
CA SER U 339 49.46 -122.22 -102.09
C SER U 339 49.20 -122.98 -100.80
N TYR U 340 49.43 -124.29 -100.78
CA TYR U 340 49.61 -125.05 -99.53
C TYR U 340 51.05 -124.95 -99.02
N ASN U 341 51.90 -124.17 -99.69
CA ASN U 341 53.28 -123.87 -99.33
C ASN U 341 54.04 -125.08 -98.80
N LEU U 342 54.09 -126.14 -99.61
CA LEU U 342 54.95 -127.28 -99.36
C LEU U 342 56.42 -126.87 -99.38
N ILE U 343 57.25 -127.52 -98.58
CA ILE U 343 58.68 -127.28 -98.52
C ILE U 343 59.31 -127.94 -99.76
N GLN U 344 60.25 -127.26 -100.43
CA GLN U 344 60.75 -127.77 -101.72
C GLN U 344 61.35 -129.17 -101.61
N GLY U 345 61.02 -130.03 -102.57
CA GLY U 345 61.49 -131.42 -102.63
C GLY U 345 61.03 -132.31 -101.47
N THR U 346 60.04 -131.86 -100.69
CA THR U 346 59.68 -132.48 -99.41
C THR U 346 58.17 -132.68 -99.31
N HIS U 347 57.73 -133.80 -98.74
CA HIS U 347 56.31 -134.13 -98.61
C HIS U 347 55.59 -133.43 -97.43
N ASP U 348 56.13 -132.31 -96.97
CA ASP U 348 55.69 -131.56 -95.78
C ASP U 348 55.46 -130.08 -96.11
N THR U 349 54.74 -129.36 -95.25
CA THR U 349 54.32 -127.98 -95.51
C THR U 349 54.79 -127.01 -94.43
N LEU U 350 54.90 -125.73 -94.76
CA LEU U 350 55.28 -124.70 -93.80
C LEU U 350 54.24 -124.44 -92.69
N TYR U 351 53.12 -125.16 -92.63
CA TYR U 351 52.22 -125.08 -91.49
C TYR U 351 52.66 -126.07 -90.40
N ARG U 352 52.87 -125.60 -89.16
CA ARG U 352 53.12 -126.45 -87.97
C ARG U 352 51.89 -126.52 -87.10
N SER U 353 51.51 -127.72 -86.69
CA SER U 353 50.39 -128.03 -85.81
C SER U 353 50.89 -128.41 -84.42
N TRP U 354 50.29 -127.83 -83.38
CA TRP U 354 50.52 -128.23 -82.00
C TRP U 354 50.18 -129.68 -81.76
N TYR U 355 49.06 -130.19 -82.25
CA TYR U 355 48.68 -131.57 -82.00
C TYR U 355 49.66 -132.58 -82.60
N LEU U 356 50.19 -132.30 -83.79
CA LEU U 356 51.23 -133.13 -84.37
C LEU U 356 52.49 -133.06 -83.53
N SER U 357 52.98 -131.86 -83.21
CA SER U 357 54.19 -131.73 -82.40
C SER U 357 54.04 -132.32 -81.00
N TYR U 358 52.81 -132.37 -80.47
CA TYR U 358 52.53 -133.08 -79.23
C TYR U 358 52.48 -134.60 -79.42
N THR U 359 51.52 -135.13 -80.17
CA THR U 359 51.29 -136.59 -80.23
C THR U 359 52.31 -137.38 -81.03
N TYR U 360 53.03 -136.75 -81.97
CA TYR U 360 54.01 -137.42 -82.82
C TYR U 360 55.39 -136.79 -82.80
N GLY U 361 55.52 -135.53 -82.36
CA GLY U 361 56.81 -134.85 -82.31
C GLY U 361 57.82 -135.47 -81.34
N ASP U 362 59.05 -135.00 -81.38
CA ASP U 362 60.13 -135.40 -80.48
C ASP U 362 59.71 -135.18 -79.02
N PRO U 363 59.75 -136.20 -78.14
CA PRO U 363 59.23 -136.05 -76.78
C PRO U 363 59.98 -135.01 -75.93
N GLU U 364 61.28 -134.82 -76.14
CA GLU U 364 62.08 -133.82 -75.43
C GLU U 364 62.11 -132.47 -76.15
N LYS U 365 62.15 -132.43 -77.49
CA LYS U 365 62.24 -131.16 -78.25
C LYS U 365 60.90 -130.56 -78.69
N GLY U 366 59.84 -131.35 -78.78
CA GLY U 366 58.48 -130.88 -79.08
C GLY U 366 57.75 -130.36 -77.84
N VAL U 367 56.52 -129.86 -78.04
CA VAL U 367 55.66 -129.31 -76.97
C VAL U 367 55.24 -130.31 -75.89
N GLN U 368 55.41 -131.62 -76.12
CA GLN U 368 55.31 -132.65 -75.07
C GLN U 368 56.06 -132.26 -73.79
N SER U 369 57.22 -131.62 -73.97
CA SER U 369 58.15 -131.31 -72.90
C SER U 369 57.65 -130.24 -71.94
N TRP U 370 56.73 -129.37 -72.35
CA TRP U 370 56.36 -128.18 -71.55
C TRP U 370 54.89 -127.72 -71.64
N THR U 371 54.09 -128.22 -72.57
CA THR U 371 52.62 -128.08 -72.53
C THR U 371 52.00 -129.43 -72.13
N LEU U 372 50.71 -129.47 -71.87
CA LEU U 372 49.97 -130.70 -71.57
C LEU U 372 48.59 -130.68 -72.25
N LEU U 373 48.23 -131.76 -72.94
CA LEU U 373 46.92 -131.98 -73.53
C LEU U 373 45.89 -132.22 -72.44
N THR U 374 44.74 -131.55 -72.47
CA THR U 374 43.67 -131.81 -71.50
C THR U 374 42.27 -131.59 -72.08
N THR U 375 41.24 -132.21 -71.51
CA THR U 375 39.86 -132.07 -72.00
C THR U 375 39.41 -130.61 -71.95
N PRO U 376 38.93 -130.01 -73.04
CA PRO U 376 38.54 -128.60 -73.08
C PRO U 376 37.24 -128.35 -72.32
N ASP U 377 37.02 -127.15 -71.76
CA ASP U 377 35.68 -126.79 -71.23
C ASP U 377 35.29 -125.31 -71.36
N VAL U 378 34.01 -125.04 -71.64
CA VAL U 378 33.52 -123.68 -71.89
C VAL U 378 33.45 -122.81 -70.65
N THR U 379 33.41 -123.42 -69.47
CA THR U 379 33.63 -122.71 -68.22
C THR U 379 35.03 -122.06 -68.19
N CYS U 380 35.96 -122.48 -69.06
CA CYS U 380 37.34 -122.03 -69.10
C CYS U 380 38.06 -122.30 -67.78
N GLY U 381 37.95 -123.50 -67.25
CA GLY U 381 38.32 -123.78 -65.87
C GLY U 381 37.37 -123.12 -64.87
N ALA U 382 37.79 -122.99 -63.62
CA ALA U 382 36.98 -122.47 -62.53
C ALA U 382 37.87 -121.80 -61.48
N GLU U 383 37.26 -121.11 -60.52
CA GLU U 383 37.97 -120.44 -59.45
C GLU U 383 37.18 -120.51 -58.14
N GLN U 384 37.88 -120.36 -57.02
CA GLN U 384 37.24 -120.15 -55.75
C GLN U 384 36.66 -118.74 -55.68
N VAL U 385 35.49 -118.58 -55.04
CA VAL U 385 35.02 -117.31 -54.49
C VAL U 385 35.19 -117.31 -52.99
N TYR U 386 35.74 -116.22 -52.50
CA TYR U 386 35.86 -115.95 -51.09
C TYR U 386 34.74 -115.02 -50.64
N TRP U 387 33.95 -115.45 -49.68
CA TRP U 387 33.01 -114.59 -48.96
C TRP U 387 33.73 -113.75 -47.92
N SER U 388 33.24 -112.55 -47.67
CA SER U 388 33.53 -111.85 -46.43
C SER U 388 32.35 -111.01 -45.95
N LEU U 389 32.21 -110.88 -44.63
CA LEU U 389 31.13 -110.22 -43.91
C LEU U 389 31.77 -109.26 -42.89
N PRO U 390 32.45 -108.19 -43.33
CA PRO U 390 33.45 -107.49 -42.54
C PRO U 390 32.90 -106.98 -41.21
N ASP U 391 31.65 -106.54 -41.24
CA ASP U 391 30.91 -105.93 -40.15
C ASP U 391 30.34 -106.91 -39.13
N LEU U 392 30.61 -108.21 -39.26
CA LEU U 392 30.00 -109.23 -38.41
C LEU U 392 30.98 -110.31 -37.91
N MET U 393 31.66 -111.04 -38.79
CA MET U 393 32.58 -112.08 -38.30
C MET U 393 33.88 -111.44 -37.79
N GLN U 394 34.39 -111.90 -36.66
CA GLN U 394 35.68 -111.47 -36.15
C GLN U 394 36.79 -111.96 -37.09
N ASP U 395 37.74 -111.08 -37.43
CA ASP U 395 38.64 -111.25 -38.56
C ASP U 395 39.56 -112.48 -38.40
N PRO U 396 39.57 -113.47 -39.31
CA PRO U 396 40.30 -114.73 -39.12
C PRO U 396 41.83 -114.63 -38.98
N VAL U 397 42.48 -115.77 -38.77
CA VAL U 397 43.72 -115.91 -37.97
C VAL U 397 44.94 -115.08 -38.32
N THR U 398 45.07 -114.47 -39.50
CA THR U 398 46.11 -113.45 -39.74
C THR U 398 45.60 -112.17 -40.44
N PHE U 399 44.29 -112.00 -40.64
CA PHE U 399 43.78 -110.90 -41.46
C PHE U 399 43.71 -109.59 -40.68
N ARG U 400 44.24 -108.51 -41.23
CA ARG U 400 43.94 -107.16 -40.73
C ARG U 400 42.72 -106.57 -41.38
N SER U 401 41.94 -105.82 -40.61
CA SER U 401 40.64 -105.32 -41.05
C SER U 401 40.81 -104.05 -41.85
N THR U 402 39.98 -103.83 -42.86
CA THR U 402 40.05 -102.67 -43.75
C THR U 402 38.68 -102.29 -44.30
N GLN U 403 38.52 -101.05 -44.77
CA GLN U 403 37.53 -100.70 -45.79
C GLN U 403 38.13 -100.80 -47.22
N GLN U 404 39.27 -101.48 -47.40
CA GLN U 404 40.00 -101.55 -48.68
C GLN U 404 39.12 -102.23 -49.73
N VAL U 405 39.17 -101.74 -50.97
CA VAL U 405 38.18 -102.06 -52.01
C VAL U 405 37.94 -103.57 -52.16
N SER U 406 39.00 -104.36 -52.08
CA SER U 406 39.01 -105.81 -52.21
C SER U 406 39.20 -106.54 -50.88
N ASN U 407 40.28 -106.23 -50.15
CA ASN U 407 40.95 -107.14 -49.23
C ASN U 407 40.29 -107.36 -47.85
N TYR U 408 38.97 -107.53 -47.79
CA TYR U 408 38.25 -107.89 -46.57
C TYR U 408 38.59 -109.31 -46.10
N PRO U 409 38.62 -109.61 -44.80
CA PRO U 409 39.00 -110.92 -44.27
C PRO U 409 38.15 -112.08 -44.79
N VAL U 410 38.70 -113.12 -45.42
CA VAL U 410 37.84 -114.19 -45.95
C VAL U 410 37.19 -114.95 -44.81
N VAL U 411 35.93 -115.33 -44.99
CA VAL U 411 35.07 -116.00 -44.00
C VAL U 411 34.67 -117.39 -44.50
N GLY U 412 34.86 -117.68 -45.78
CA GLY U 412 34.61 -118.99 -46.36
C GLY U 412 34.84 -119.00 -47.85
N ALA U 413 35.17 -120.16 -48.40
CA ALA U 413 35.44 -120.35 -49.81
C ALA U 413 34.49 -121.39 -50.44
N GLU U 414 34.17 -121.21 -51.71
CA GLU U 414 33.41 -122.15 -52.55
C GLU U 414 33.96 -122.09 -53.97
N LEU U 415 33.76 -123.10 -54.80
CA LEU U 415 33.86 -122.89 -56.25
C LEU U 415 32.77 -121.90 -56.70
N MET U 416 32.97 -121.12 -57.77
CA MET U 416 31.87 -120.30 -58.31
C MET U 416 30.72 -121.18 -58.82
N PRO U 417 29.44 -120.77 -58.69
CA PRO U 417 28.29 -121.65 -58.94
C PRO U 417 28.01 -122.05 -60.41
N PHE U 418 29.00 -122.56 -61.12
CA PHE U 418 29.14 -122.43 -62.56
C PHE U 418 30.05 -123.57 -63.04
N ARG U 419 29.47 -124.63 -63.60
CA ARG U 419 30.15 -125.93 -63.78
C ARG U 419 29.93 -126.53 -65.17
N ALA U 420 30.81 -127.41 -65.62
CA ALA U 420 30.76 -127.98 -66.96
C ALA U 420 29.96 -129.29 -66.98
N LYS U 421 28.90 -129.35 -67.78
CA LYS U 421 28.10 -130.56 -67.98
C LYS U 421 28.48 -131.21 -69.31
N SER U 422 28.97 -132.43 -69.26
CA SER U 422 29.50 -133.18 -70.40
C SER U 422 28.41 -133.43 -71.42
N PHE U 423 28.68 -133.18 -72.68
CA PHE U 423 27.72 -133.34 -73.76
C PHE U 423 28.34 -134.17 -74.88
N TYR U 424 27.64 -135.20 -75.37
CA TYR U 424 28.12 -136.03 -76.46
C TYR U 424 27.04 -136.25 -77.49
N ASN U 425 27.34 -135.92 -78.74
CA ASN U 425 26.62 -136.47 -79.88
C ASN U 425 27.55 -136.83 -81.04
N ASP U 426 27.31 -138.00 -81.65
CA ASP U 426 27.65 -138.16 -83.06
C ASP U 426 26.77 -137.20 -83.85
N LEU U 427 27.06 -137.02 -85.13
CA LEU U 427 26.36 -136.04 -85.95
C LEU U 427 26.63 -134.58 -85.52
N ALA U 428 27.71 -134.32 -84.78
CA ALA U 428 28.15 -132.96 -84.49
C ALA U 428 28.61 -132.23 -85.76
N VAL U 429 29.40 -132.86 -86.63
CA VAL U 429 29.76 -132.29 -87.95
C VAL U 429 28.53 -132.18 -88.84
N TYR U 430 27.59 -133.08 -88.73
CA TYR U 430 26.33 -132.99 -89.47
C TYR U 430 25.46 -131.82 -89.01
N SER U 431 25.39 -131.57 -87.70
CA SER U 431 24.76 -130.38 -87.12
C SER U 431 25.45 -129.13 -87.64
N GLN U 432 26.77 -129.11 -87.70
CA GLN U 432 27.54 -128.01 -88.27
C GLN U 432 27.27 -127.81 -89.77
N LEU U 433 27.14 -128.88 -90.56
CA LEU U 433 26.72 -128.79 -91.96
C LEU U 433 25.27 -128.29 -92.10
N ILE U 434 24.33 -128.73 -91.29
CA ILE U 434 22.96 -128.21 -91.36
C ILE U 434 22.94 -126.73 -90.98
N ARG U 435 23.66 -126.31 -89.94
CA ARG U 435 23.88 -124.89 -89.63
C ARG U 435 24.54 -124.15 -90.77
N SER U 436 25.40 -124.81 -91.56
CA SER U 436 26.00 -124.20 -92.74
C SER U 436 24.92 -123.77 -93.76
N TYR U 437 23.81 -124.50 -93.87
CA TYR U 437 22.65 -124.00 -94.61
C TYR U 437 21.88 -122.97 -93.77
N THR U 438 21.31 -123.38 -92.64
CA THR U 438 20.25 -122.59 -91.98
C THR U 438 20.70 -121.27 -91.40
N SER U 439 22.00 -121.02 -91.27
CA SER U 439 22.55 -119.70 -90.94
C SER U 439 22.43 -118.67 -92.06
N LEU U 440 22.17 -119.08 -93.31
CA LEU U 440 22.02 -118.24 -94.50
C LEU U 440 23.23 -117.34 -94.84
N THR U 441 24.42 -117.56 -94.27
CA THR U 441 25.62 -116.74 -94.57
C THR U 441 26.91 -117.56 -94.39
N HIS U 442 27.97 -117.29 -95.16
CA HIS U 442 29.25 -118.04 -95.06
C HIS U 442 30.33 -117.44 -94.15
N VAL U 443 30.02 -116.47 -93.29
CA VAL U 443 31.04 -115.65 -92.61
C VAL U 443 32.10 -116.43 -91.83
N PHE U 444 31.80 -117.61 -91.28
CA PHE U 444 32.76 -118.47 -90.56
C PHE U 444 33.43 -119.54 -91.43
N ASN U 445 33.25 -119.51 -92.75
CA ASN U 445 33.88 -120.46 -93.69
C ASN U 445 34.36 -119.77 -94.98
N ARG U 446 35.17 -118.72 -94.87
CA ARG U 446 35.70 -117.93 -95.99
C ARG U 446 36.56 -118.70 -96.98
N PHE U 447 37.02 -119.91 -96.65
CA PHE U 447 37.92 -120.70 -97.47
C PHE U 447 37.39 -122.12 -97.71
N PRO U 448 36.19 -122.31 -98.29
CA PRO U 448 35.55 -123.63 -98.35
C PRO U 448 36.35 -124.72 -99.04
N ASP U 449 37.22 -124.33 -99.98
CA ASP U 449 38.04 -125.24 -100.76
C ASP U 449 39.37 -125.59 -100.09
N ASN U 450 39.97 -124.67 -99.32
CA ASN U 450 41.32 -124.86 -98.79
C ASN U 450 41.31 -125.82 -97.60
N GLN U 451 41.89 -127.02 -97.72
CA GLN U 451 41.73 -128.01 -96.64
C GLN U 451 42.42 -127.65 -95.34
N ILE U 452 43.44 -126.79 -95.34
CA ILE U 452 44.03 -126.31 -94.09
C ILE U 452 43.18 -125.17 -93.55
N LEU U 453 42.71 -124.24 -94.37
CA LEU U 453 41.91 -123.09 -93.92
C LEU U 453 40.40 -123.36 -93.77
N CYS U 454 39.93 -124.56 -94.12
CA CYS U 454 38.56 -125.05 -93.98
C CYS U 454 38.03 -124.84 -92.55
N ARG U 455 36.75 -124.50 -92.36
CA ARG U 455 36.16 -124.36 -91.00
C ARG U 455 36.34 -125.67 -90.24
N PRO U 456 36.89 -125.68 -89.02
CA PRO U 456 37.25 -126.92 -88.36
C PRO U 456 36.02 -127.71 -87.90
N PRO U 457 36.10 -129.05 -87.86
CA PRO U 457 34.97 -129.86 -87.48
C PRO U 457 34.57 -129.63 -86.04
N ALA U 458 33.27 -129.67 -85.78
CA ALA U 458 32.70 -129.62 -84.45
C ALA U 458 33.06 -130.87 -83.62
N PRO U 459 33.50 -130.75 -82.37
CA PRO U 459 33.71 -131.87 -81.48
C PRO U 459 32.45 -132.68 -81.24
N THR U 460 32.56 -134.00 -81.27
CA THR U 460 31.47 -134.89 -80.85
C THR U 460 31.27 -134.85 -79.34
N ILE U 461 32.36 -134.78 -78.57
CA ILE U 461 32.35 -134.71 -77.12
C ILE U 461 32.82 -133.32 -76.66
N THR U 462 32.02 -132.66 -75.85
CA THR U 462 32.04 -131.20 -75.69
C THR U 462 31.37 -130.80 -74.37
N THR U 463 31.41 -129.55 -73.97
CA THR U 463 30.84 -129.13 -72.69
C THR U 463 29.83 -128.03 -72.88
N VAL U 464 28.87 -127.97 -71.97
CA VAL U 464 28.05 -126.77 -71.75
C VAL U 464 28.28 -126.30 -70.32
N SER U 465 28.24 -125.00 -70.06
CA SER U 465 28.20 -124.51 -68.69
C SER U 465 26.78 -124.53 -68.20
N GLU U 466 26.57 -124.89 -66.93
CA GLU U 466 25.35 -124.52 -66.22
C GLU U 466 25.67 -123.62 -65.04
N ASN U 467 25.04 -122.46 -64.99
CA ASN U 467 24.99 -121.64 -63.80
C ASN U 467 23.94 -122.25 -62.86
N VAL U 468 24.38 -122.83 -61.76
CA VAL U 468 23.54 -123.50 -60.77
C VAL U 468 23.38 -122.64 -59.52
N PRO U 469 22.21 -122.55 -58.90
CA PRO U 469 22.11 -122.06 -57.53
C PRO U 469 22.97 -122.93 -56.61
N ALA U 470 23.58 -122.34 -55.59
CA ALA U 470 24.39 -123.05 -54.61
C ALA U 470 24.01 -122.63 -53.19
N LEU U 471 23.96 -123.58 -52.25
CA LEU U 471 23.66 -123.35 -50.84
C LEU U 471 24.66 -124.12 -49.98
N THR U 472 25.24 -123.47 -48.98
CA THR U 472 26.41 -124.00 -48.26
C THR U 472 26.34 -123.67 -46.78
N ASP U 473 26.89 -124.52 -45.92
CA ASP U 473 27.27 -124.15 -44.57
C ASP U 473 28.79 -124.13 -44.42
N HIS U 474 29.30 -123.02 -43.92
CA HIS U 474 30.68 -122.88 -43.50
C HIS U 474 30.84 -123.23 -42.02
N GLY U 475 32.06 -123.14 -41.50
CA GLY U 475 32.32 -123.49 -40.11
C GLY U 475 31.53 -122.65 -39.11
N THR U 476 31.45 -123.11 -37.87
CA THR U 476 31.24 -122.18 -36.75
C THR U 476 32.47 -121.29 -36.70
N LEU U 477 32.35 -119.97 -36.84
CA LEU U 477 33.52 -119.09 -36.72
C LEU U 477 33.20 -117.77 -35.99
N PRO U 478 34.19 -117.09 -35.40
CA PRO U 478 33.93 -116.19 -34.28
C PRO U 478 33.32 -114.86 -34.72
N LEU U 479 32.59 -114.21 -33.82
CA LEU U 479 31.61 -113.20 -34.16
C LEU U 479 31.78 -111.95 -33.29
N ARG U 480 31.72 -110.74 -33.87
CA ARG U 480 31.91 -109.49 -33.15
C ARG U 480 30.87 -109.32 -32.04
N SER U 481 31.27 -108.83 -30.88
CA SER U 481 30.47 -108.85 -29.65
C SER U 481 29.19 -108.01 -29.73
N SER U 482 29.22 -106.90 -30.45
CA SER U 482 28.03 -106.12 -30.78
C SER U 482 27.95 -105.73 -32.24
N ILE U 483 26.76 -105.79 -32.79
CA ILE U 483 26.46 -105.69 -34.21
C ILE U 483 25.71 -104.39 -34.51
N ARG U 484 26.35 -103.51 -35.27
CA ARG U 484 25.71 -102.41 -35.98
C ARG U 484 24.60 -102.92 -36.87
N GLY U 485 23.48 -102.22 -37.00
CA GLY U 485 22.34 -102.69 -37.76
C GLY U 485 22.56 -102.71 -39.26
N VAL U 486 23.26 -101.72 -39.82
CA VAL U 486 23.78 -101.77 -41.19
C VAL U 486 25.00 -102.67 -41.26
N GLN U 487 24.95 -103.65 -42.15
CA GLN U 487 25.85 -104.78 -42.25
C GLN U 487 26.25 -104.98 -43.70
N ARG U 488 27.32 -105.74 -43.96
CA ARG U 488 27.88 -105.87 -45.32
C ARG U 488 28.07 -107.30 -45.75
N VAL U 489 27.77 -107.56 -47.01
CA VAL U 489 27.99 -108.83 -47.70
C VAL U 489 28.96 -108.61 -48.84
N THR U 490 30.00 -109.43 -48.97
CA THR U 490 30.89 -109.41 -50.14
C THR U 490 31.18 -110.80 -50.70
N VAL U 491 31.19 -110.91 -52.02
CA VAL U 491 31.68 -112.05 -52.78
C VAL U 491 32.83 -111.58 -53.65
N THR U 492 34.01 -112.19 -53.55
CA THR U 492 35.18 -111.82 -54.36
C THR U 492 35.85 -113.03 -54.99
N ASP U 493 36.50 -112.85 -56.14
CA ASP U 493 37.20 -113.92 -56.84
C ASP U 493 38.59 -114.19 -56.25
N ALA U 494 39.35 -115.11 -56.84
CA ALA U 494 40.71 -115.38 -56.38
C ALA U 494 41.63 -114.13 -56.43
N ARG U 495 41.39 -113.21 -57.36
CA ARG U 495 42.09 -111.92 -57.46
C ARG U 495 41.58 -110.92 -56.41
N ARG U 496 40.59 -111.29 -55.60
CA ARG U 496 39.92 -110.52 -54.54
C ARG U 496 39.05 -109.36 -55.00
N ARG U 497 38.76 -109.25 -56.29
CA ARG U 497 37.83 -108.25 -56.86
C ARG U 497 36.43 -108.84 -56.93
N THR U 498 35.40 -108.03 -57.02
CA THR U 498 34.00 -108.47 -56.83
C THR U 498 33.39 -108.95 -58.13
N CYS U 499 32.88 -110.18 -58.19
CA CYS U 499 32.40 -110.78 -59.44
C CYS U 499 31.09 -110.10 -59.88
N PRO U 500 31.00 -109.49 -61.08
CA PRO U 500 29.83 -108.71 -61.44
C PRO U 500 28.64 -109.58 -61.82
N TYR U 501 28.88 -110.81 -62.26
CA TYR U 501 27.86 -111.75 -62.66
C TYR U 501 27.23 -112.47 -61.47
N VAL U 502 27.01 -111.76 -60.36
CA VAL U 502 26.34 -112.27 -59.15
C VAL U 502 24.92 -111.74 -59.10
N TYR U 503 23.97 -112.62 -58.80
CA TYR U 503 22.62 -112.25 -58.41
C TYR U 503 22.28 -112.99 -57.13
N LYS U 504 21.67 -112.33 -56.16
CA LYS U 504 21.18 -112.99 -54.95
C LYS U 504 22.28 -113.77 -54.17
N ALA U 505 23.41 -113.14 -53.87
CA ALA U 505 24.24 -113.58 -52.75
C ALA U 505 23.56 -113.28 -51.41
N LEU U 506 23.51 -114.23 -50.49
CA LEU U 506 22.87 -114.14 -49.18
C LEU U 506 23.71 -114.80 -48.09
N GLY U 507 23.57 -114.35 -46.84
CA GLY U 507 24.13 -115.02 -45.66
C GLY U 507 23.10 -115.22 -44.55
N ILE U 508 23.20 -116.29 -43.77
CA ILE U 508 22.29 -116.64 -42.68
C ILE U 508 23.12 -117.20 -41.53
N VAL U 509 23.14 -116.56 -40.37
CA VAL U 509 24.02 -116.92 -39.26
C VAL U 509 23.21 -117.35 -38.05
N ALA U 510 23.43 -118.55 -37.52
CA ALA U 510 22.90 -118.90 -36.21
C ALA U 510 23.98 -118.68 -35.15
N PRO U 511 23.95 -117.59 -34.38
CA PRO U 511 24.95 -117.35 -33.34
C PRO U 511 24.78 -118.36 -32.22
N ARG U 512 25.86 -118.64 -31.50
CA ARG U 512 25.93 -119.50 -30.33
C ARG U 512 27.17 -119.16 -29.49
N VAL U 513 27.23 -119.59 -28.23
CA VAL U 513 28.39 -119.37 -27.37
C VAL U 513 29.49 -120.41 -27.63
N LEU U 514 30.75 -119.98 -27.70
CA LEU U 514 31.93 -120.85 -27.69
C LEU U 514 32.43 -121.03 -26.26
N SER U 515 32.98 -120.00 -25.64
CA SER U 515 33.59 -120.06 -24.32
C SER U 515 33.50 -118.75 -23.55
N SER U 516 33.39 -118.84 -22.23
CA SER U 516 33.44 -117.69 -21.32
C SER U 516 34.74 -116.92 -21.47
N ARG U 517 34.69 -115.58 -21.39
CA ARG U 517 35.86 -114.70 -21.37
C ARG U 517 36.11 -113.94 -20.07
N THR U 518 35.27 -114.17 -19.05
CA THR U 518 35.29 -113.36 -17.83
C THR U 518 36.03 -113.98 -16.65
N PHE U 519 36.43 -115.25 -16.72
CA PHE U 519 37.06 -116.00 -15.61
C PHE U 519 36.26 -115.91 -14.31
N GLN V 3 5.76 -95.56 16.67
CA GLN V 3 7.02 -95.72 15.92
C GLN V 3 6.75 -96.00 14.44
N ALA V 4 7.75 -95.80 13.58
CA ALA V 4 7.76 -96.34 12.23
C ALA V 4 7.81 -97.88 12.28
N PRO V 5 6.96 -98.61 11.54
CA PRO V 5 6.80 -100.06 11.66
C PRO V 5 8.04 -100.86 11.23
N ASP V 6 7.99 -102.17 11.37
CA ASP V 6 9.00 -103.06 10.78
C ASP V 6 8.76 -103.14 9.26
N PRO V 7 9.73 -102.75 8.40
CA PRO V 7 9.56 -102.77 6.94
C PRO V 7 9.31 -104.15 6.37
N ALA V 8 9.86 -105.19 6.97
CA ALA V 8 9.68 -106.55 6.53
C ALA V 8 8.31 -107.09 6.97
N ILE V 9 7.79 -106.70 8.13
CA ILE V 9 6.39 -106.98 8.47
C ILE V 9 5.49 -106.29 7.43
N ARG V 10 5.68 -104.99 7.16
CA ARG V 10 4.82 -104.28 6.21
C ARG V 10 5.01 -104.71 4.76
N ALA V 11 6.07 -105.45 4.42
CA ALA V 11 6.15 -106.17 3.15
C ALA V 11 5.37 -107.48 3.19
N ALA V 12 5.60 -108.34 4.18
CA ALA V 12 4.92 -109.63 4.29
C ALA V 12 3.40 -109.45 4.39
N LEU V 13 2.96 -108.44 5.14
CA LEU V 13 1.55 -108.11 5.35
C LEU V 13 0.80 -107.76 4.04
N GLN V 14 1.52 -107.40 2.98
CA GLN V 14 0.92 -106.99 1.71
C GLN V 14 1.45 -107.78 0.50
N SER V 15 2.13 -108.91 0.74
CA SER V 15 2.73 -109.72 -0.32
C SER V 15 2.51 -111.24 -0.17
N GLN V 16 1.77 -111.68 0.86
CA GLN V 16 1.75 -113.07 1.31
C GLN V 16 0.33 -113.54 1.65
N PRO V 17 0.08 -114.86 1.73
CA PRO V 17 -1.25 -115.40 1.96
C PRO V 17 -1.88 -114.96 3.29
N SER V 18 -3.17 -114.66 3.26
CA SER V 18 -3.89 -114.15 4.45
C SER V 18 -4.24 -115.26 5.44
N GLY V 19 -4.64 -116.44 4.93
CA GLY V 19 -4.89 -117.65 5.70
C GLY V 19 -3.66 -118.55 5.75
N ILE V 20 -3.85 -119.87 5.70
CA ILE V 20 -2.75 -120.82 5.56
C ILE V 20 -2.03 -120.60 4.23
N ALA V 21 -0.69 -120.65 4.28
CA ALA V 21 0.24 -120.64 3.16
C ALA V 21 0.91 -122.02 2.97
N SER V 22 1.72 -122.20 1.93
CA SER V 22 2.73 -123.27 1.92
C SER V 22 3.99 -122.92 2.74
N ASP V 23 3.99 -121.76 3.44
CA ASP V 23 4.99 -121.41 4.44
C ASP V 23 4.70 -122.01 5.82
N ASP V 24 3.53 -121.80 6.42
CA ASP V 24 3.20 -122.25 7.80
C ASP V 24 2.76 -123.73 7.84
N TRP V 25 3.60 -124.58 7.26
CA TRP V 25 3.46 -126.03 7.21
C TRP V 25 3.13 -126.66 8.57
N GLU V 26 3.72 -126.13 9.63
CA GLU V 26 3.58 -126.66 10.99
C GLU V 26 2.13 -126.59 11.47
N ALA V 27 1.39 -125.55 11.07
CA ALA V 27 -0.03 -125.40 11.40
C ALA V 27 -0.93 -126.20 10.46
N ALA V 28 -0.60 -126.25 9.17
CA ALA V 28 -1.30 -127.09 8.22
C ALA V 28 -1.27 -128.56 8.66
N MET V 29 -0.14 -129.07 9.14
CA MET V 29 0.00 -130.38 9.76
C MET V 29 -0.59 -130.50 11.17
N GLN V 30 -1.40 -129.54 11.62
CA GLN V 30 -2.27 -129.69 12.78
C GLN V 30 -3.75 -129.50 12.44
N ARG V 31 -4.07 -128.87 11.31
CA ARG V 31 -5.38 -128.98 10.65
C ARG V 31 -5.54 -130.41 10.14
N ILE V 32 -4.64 -130.82 9.25
CA ILE V 32 -4.40 -132.23 8.97
C ILE V 32 -3.93 -132.86 10.28
N MET V 33 -4.22 -134.14 10.50
CA MET V 33 -3.95 -134.87 11.75
C MET V 33 -4.83 -134.49 12.95
N ALA V 34 -5.71 -133.50 12.83
CA ALA V 34 -6.66 -133.12 13.88
C ALA V 34 -6.01 -132.84 15.25
N LEU V 35 -4.82 -132.27 15.25
CA LEU V 35 -4.09 -131.84 16.44
C LEU V 35 -4.55 -130.48 16.96
N THR V 36 -5.19 -129.66 16.12
CA THR V 36 -5.63 -128.30 16.49
C THR V 36 -6.66 -128.35 17.61
N THR V 37 -6.25 -127.99 18.83
CA THR V 37 -7.09 -128.18 20.03
C THR V 37 -8.41 -127.40 20.02
N ARG V 38 -8.46 -126.27 19.30
CA ARG V 38 -9.67 -125.43 19.23
C ARG V 38 -10.79 -126.03 18.38
N ASN V 39 -10.48 -126.79 17.34
CA ASN V 39 -11.48 -127.45 16.47
C ASN V 39 -10.89 -128.67 15.72
N PRO V 40 -10.64 -129.79 16.41
CA PRO V 40 -10.03 -130.98 15.83
C PRO V 40 -10.77 -131.53 14.61
N GLU V 41 -12.09 -131.61 14.66
CA GLU V 41 -12.88 -132.24 13.60
C GLU V 41 -13.20 -131.31 12.43
N SER V 42 -12.61 -130.11 12.33
CA SER V 42 -12.95 -129.21 11.24
C SER V 42 -12.43 -129.74 9.91
N PHE V 43 -11.14 -130.07 9.82
CA PHE V 43 -10.57 -130.60 8.58
C PHE V 43 -11.22 -131.92 8.14
N ARG V 44 -11.65 -132.73 9.09
CA ARG V 44 -12.41 -133.96 8.84
C ARG V 44 -13.72 -133.73 8.10
N GLN V 45 -14.30 -132.53 8.15
CA GLN V 45 -15.58 -132.17 7.54
C GLN V 45 -15.45 -131.37 6.22
N GLN V 46 -14.24 -131.04 5.77
CA GLN V 46 -14.04 -130.42 4.46
C GLN V 46 -14.53 -131.34 3.33
N PRO V 47 -15.11 -130.84 2.24
CA PRO V 47 -15.45 -131.67 1.10
C PRO V 47 -14.19 -132.31 0.53
N GLN V 48 -14.26 -133.52 -0.01
CA GLN V 48 -13.08 -134.19 -0.58
C GLN V 48 -12.30 -133.32 -1.57
N ALA V 49 -13.01 -132.52 -2.35
CA ALA V 49 -12.45 -131.64 -3.37
C ALA V 49 -11.36 -130.70 -2.85
N ASN V 50 -11.42 -130.27 -1.58
CA ASN V 50 -10.33 -129.50 -0.96
C ASN V 50 -9.71 -130.19 0.27
N ARG V 51 -10.34 -131.21 0.84
CA ARG V 51 -9.73 -132.04 1.88
C ARG V 51 -8.58 -132.86 1.35
N LEU V 52 -8.57 -133.19 0.07
CA LEU V 52 -7.50 -133.99 -0.52
C LEU V 52 -6.35 -133.15 -1.07
N SER V 53 -6.61 -132.07 -1.81
CA SER V 53 -5.52 -131.21 -2.31
C SER V 53 -4.74 -130.54 -1.19
N ALA V 54 -5.34 -130.26 -0.03
CA ALA V 54 -4.60 -129.76 1.12
C ALA V 54 -3.54 -130.75 1.63
N ILE V 55 -3.85 -132.06 1.65
CA ILE V 55 -2.89 -133.09 2.01
C ILE V 55 -1.71 -133.09 1.05
N LEU V 56 -1.94 -132.94 -0.25
CA LEU V 56 -0.85 -132.91 -1.24
C LEU V 56 0.15 -131.79 -0.95
N GLU V 57 -0.30 -130.56 -0.79
CA GLU V 57 0.58 -129.41 -0.55
C GLU V 57 1.27 -129.48 0.81
N ALA V 58 0.78 -130.29 1.75
CA ALA V 58 1.44 -130.52 3.01
C ALA V 58 2.48 -131.65 2.92
N VAL V 59 2.21 -132.71 2.16
CA VAL V 59 3.11 -133.86 2.04
C VAL V 59 4.26 -133.62 1.06
N VAL V 60 4.03 -132.85 0.00
CA VAL V 60 5.07 -132.42 -0.96
C VAL V 60 4.91 -130.94 -1.26
N PRO V 61 5.45 -130.05 -0.42
CA PRO V 61 5.23 -128.62 -0.52
C PRO V 61 5.61 -128.02 -1.88
N SER V 62 4.79 -127.11 -2.39
CA SER V 62 5.20 -126.22 -3.47
C SER V 62 6.41 -125.36 -3.10
N ARG V 63 7.40 -125.27 -4.00
CA ARG V 63 8.53 -124.32 -3.88
C ARG V 63 8.14 -122.99 -4.51
N THR V 64 8.66 -121.87 -4.00
CA THR V 64 8.31 -120.51 -4.45
C THR V 64 9.55 -119.64 -4.63
N ASN V 65 9.41 -118.52 -5.33
CA ASN V 65 10.47 -117.53 -5.48
C ASN V 65 10.22 -116.40 -4.46
N PRO V 66 11.14 -116.15 -3.51
CA PRO V 66 10.97 -115.13 -2.49
C PRO V 66 11.35 -113.73 -2.93
N THR V 67 11.87 -113.52 -4.15
CA THR V 67 12.52 -112.25 -4.51
C THR V 67 11.63 -111.03 -4.31
N HIS V 68 10.36 -111.11 -4.67
CA HIS V 68 9.48 -109.95 -4.62
C HIS V 68 9.23 -109.47 -3.18
N GLU V 69 9.16 -110.39 -2.22
CA GLU V 69 9.08 -110.03 -0.81
C GLU V 69 10.39 -109.42 -0.27
N LYS V 70 11.56 -109.87 -0.71
CA LYS V 70 12.82 -109.22 -0.33
C LYS V 70 12.85 -107.79 -0.83
N VAL V 71 12.61 -107.58 -2.11
CA VAL V 71 12.74 -106.25 -2.70
C VAL V 71 11.73 -105.29 -2.12
N LEU V 72 10.48 -105.71 -1.92
CA LEU V 72 9.47 -104.83 -1.37
C LEU V 72 9.80 -104.44 0.08
N ALA V 73 10.43 -105.30 0.85
CA ALA V 73 10.92 -104.96 2.18
C ALA V 73 12.06 -103.94 2.16
N ILE V 74 12.74 -103.75 1.03
CA ILE V 74 13.65 -102.62 0.83
C ILE V 74 12.85 -101.38 0.47
N VAL V 75 11.94 -101.48 -0.47
CA VAL V 75 11.21 -100.31 -0.97
C VAL V 75 10.38 -99.66 0.11
N ASN V 76 9.66 -100.44 0.91
CA ASN V 76 8.94 -99.92 2.07
C ASN V 76 9.88 -99.23 3.04
N ALA V 77 11.10 -99.74 3.22
CA ALA V 77 12.10 -99.10 4.07
C ALA V 77 12.56 -97.76 3.48
N LEU V 78 12.88 -97.72 2.20
CA LEU V 78 13.27 -96.50 1.51
C LEU V 78 12.17 -95.44 1.60
N ALA V 79 10.90 -95.84 1.52
CA ALA V 79 9.80 -94.90 1.67
C ALA V 79 9.70 -94.35 3.10
N GLU V 80 9.85 -95.18 4.13
CA GLU V 80 9.75 -94.78 5.55
C GLU V 80 10.93 -93.93 6.01
N ASN V 81 12.15 -94.28 5.60
CA ASN V 81 13.35 -93.49 5.82
C ASN V 81 13.36 -92.19 4.99
N LYS V 82 12.31 -91.93 4.20
CA LYS V 82 12.17 -90.80 3.27
C LYS V 82 13.32 -90.66 2.27
N ALA V 83 13.83 -91.77 1.75
CA ALA V 83 14.75 -91.76 0.63
C ALA V 83 14.03 -91.46 -0.69
N ILE V 84 12.76 -91.88 -0.80
CA ILE V 84 11.91 -91.75 -2.00
C ILE V 84 10.53 -91.23 -1.62
N ARG V 85 9.90 -90.48 -2.52
CA ARG V 85 8.51 -90.07 -2.33
C ARG V 85 7.63 -91.32 -2.32
N PRO V 86 6.59 -91.41 -1.48
CA PRO V 86 5.70 -92.56 -1.45
C PRO V 86 5.08 -92.89 -2.79
N ASP V 87 4.84 -91.91 -3.67
CA ASP V 87 4.30 -92.16 -5.01
C ASP V 87 5.34 -92.73 -5.99
N GLU V 88 6.64 -92.73 -5.66
CA GLU V 88 7.67 -93.45 -6.42
C GLU V 88 7.74 -94.95 -6.10
N ALA V 89 7.04 -95.46 -5.11
CA ALA V 89 7.29 -96.82 -4.64
C ALA V 89 6.99 -97.91 -5.68
N GLY V 90 6.01 -97.73 -6.55
CA GLY V 90 5.76 -98.65 -7.66
C GLY V 90 6.85 -98.62 -8.72
N LEU V 91 7.38 -97.46 -9.11
CA LEU V 91 8.46 -97.48 -10.09
C LEU V 91 9.84 -97.68 -9.52
N VAL V 92 10.06 -97.45 -8.22
CA VAL V 92 11.29 -97.86 -7.55
C VAL V 92 11.27 -99.37 -7.33
N TYR V 93 10.13 -99.96 -6.96
CA TYR V 93 10.01 -101.41 -6.90
C TYR V 93 10.34 -102.04 -8.21
N ASN V 94 9.68 -101.61 -9.29
CA ASN V 94 9.94 -102.15 -10.60
C ASN V 94 11.40 -101.93 -11.01
N ALA V 95 11.96 -100.73 -10.84
CA ALA V 95 13.34 -100.48 -11.22
C ALA V 95 14.29 -101.43 -10.52
N LEU V 96 14.09 -101.73 -9.24
CA LEU V 96 14.92 -102.71 -8.54
C LEU V 96 14.63 -104.13 -9.04
N LEU V 97 13.38 -104.52 -9.23
CA LEU V 97 13.04 -105.87 -9.70
C LEU V 97 13.69 -106.21 -11.04
N GLU V 98 13.65 -105.30 -12.02
CA GLU V 98 14.33 -105.54 -13.29
C GLU V 98 15.84 -105.59 -13.07
N ARG V 99 16.41 -104.66 -12.30
CA ARG V 99 17.83 -104.59 -11.99
C ARG V 99 18.37 -105.86 -11.35
N VAL V 100 17.69 -106.43 -10.37
CA VAL V 100 18.17 -107.62 -9.66
C VAL V 100 17.82 -108.90 -10.38
N GLY V 101 16.82 -108.89 -11.26
CA GLY V 101 16.51 -110.00 -12.17
C GLY V 101 17.44 -110.05 -13.38
N ARG V 102 17.90 -108.91 -13.87
CA ARG V 102 18.85 -108.83 -14.99
C ARG V 102 20.18 -109.47 -14.66
N TYR V 103 20.66 -109.27 -13.44
CA TYR V 103 21.94 -109.77 -12.93
C TYR V 103 21.79 -110.89 -11.90
N ASN V 104 20.64 -111.56 -11.84
CA ASN V 104 20.30 -112.54 -10.83
C ASN V 104 21.38 -113.64 -10.63
N SER V 105 21.66 -114.00 -9.38
CA SER V 105 22.55 -115.11 -9.00
C SER V 105 22.36 -115.47 -7.52
N THR V 106 22.90 -116.60 -7.07
CA THR V 106 22.90 -116.93 -5.64
C THR V 106 23.67 -115.92 -4.80
N ASN V 107 24.70 -115.26 -5.36
CA ASN V 107 25.38 -114.18 -4.68
C ASN V 107 24.45 -113.01 -4.41
N VAL V 108 23.80 -112.48 -5.44
CA VAL V 108 22.86 -111.36 -5.33
C VAL V 108 21.78 -111.71 -4.34
N GLN V 109 21.19 -112.90 -4.46
CA GLN V 109 20.11 -113.31 -3.59
C GLN V 109 20.50 -113.28 -2.12
N SER V 110 21.77 -113.58 -1.80
CA SER V 110 22.27 -113.48 -0.44
C SER V 110 22.43 -112.03 0.01
N ASN V 111 23.02 -111.13 -0.79
CA ASN V 111 23.20 -109.76 -0.33
C ASN V 111 21.94 -108.89 -0.40
N LEU V 112 20.90 -109.28 -1.13
CA LEU V 112 19.57 -108.76 -0.86
C LEU V 112 19.12 -109.14 0.55
N ASP V 113 19.31 -110.38 0.99
CA ASP V 113 18.92 -110.78 2.33
C ASP V 113 19.67 -110.01 3.42
N ARG V 114 21.00 -109.90 3.32
CA ARG V 114 21.84 -109.03 4.15
C ARG V 114 21.25 -107.63 4.18
N LEU V 115 20.96 -107.06 3.01
CA LEU V 115 20.43 -105.71 2.89
C LEU V 115 19.03 -105.55 3.51
N VAL V 116 18.15 -106.55 3.45
CA VAL V 116 16.84 -106.49 4.12
C VAL V 116 17.02 -106.36 5.62
N THR V 117 17.99 -107.04 6.22
CA THR V 117 18.29 -106.81 7.64
C THR V 117 18.84 -105.40 7.86
N ASP V 118 19.77 -104.94 7.03
CA ASP V 118 20.36 -103.61 7.15
C ASP V 118 19.32 -102.49 7.06
N VAL V 119 18.44 -102.48 6.06
CA VAL V 119 17.42 -101.42 5.95
C VAL V 119 16.41 -101.51 7.09
N ARG V 120 16.08 -102.72 7.57
CA ARG V 120 15.20 -102.87 8.74
C ARG V 120 15.82 -102.22 9.98
N GLU V 121 17.11 -102.39 10.19
CA GLU V 121 17.80 -101.77 11.30
C GLU V 121 17.96 -100.26 11.09
N ALA V 122 18.25 -99.82 9.87
CA ALA V 122 18.38 -98.40 9.57
C ALA V 122 17.10 -97.60 9.85
N VAL V 123 15.94 -98.20 9.60
CA VAL V 123 14.62 -97.63 9.89
C VAL V 123 14.40 -97.51 11.39
N ALA V 124 14.76 -98.53 12.18
CA ALA V 124 14.68 -98.48 13.63
C ALA V 124 15.63 -97.44 14.23
N GLN V 125 16.84 -97.33 13.68
CA GLN V 125 17.82 -96.33 14.06
C GLN V 125 17.38 -94.92 13.72
N ARG V 126 16.72 -94.68 12.58
CA ARG V 126 16.36 -93.32 12.18
C ARG V 126 15.40 -92.65 13.16
N GLU V 127 14.44 -93.39 13.72
CA GLU V 127 13.54 -92.80 14.70
C GLU V 127 14.26 -92.45 16.01
N ARG V 128 15.18 -93.31 16.46
CA ARG V 128 16.11 -92.95 17.54
C ARG V 128 16.85 -91.67 17.19
N PHE V 129 17.45 -91.56 16.01
CA PHE V 129 18.19 -90.37 15.58
C PHE V 129 17.35 -89.10 15.47
N LYS V 130 16.02 -89.17 15.38
CA LYS V 130 15.13 -88.01 15.51
C LYS V 130 14.71 -87.74 16.96
N ASN V 131 14.45 -88.77 17.75
CA ASN V 131 14.05 -88.65 19.15
C ASN V 131 15.19 -88.13 20.05
N GLU V 132 16.42 -88.57 19.82
CA GLU V 132 17.58 -88.20 20.63
C GLU V 132 18.07 -86.76 20.38
N GLY V 133 17.57 -86.08 19.34
CA GLY V 133 17.93 -84.69 19.06
C GLY V 133 19.41 -84.47 18.72
N LEU V 134 20.18 -85.51 18.44
CA LEU V 134 21.63 -85.40 18.26
C LEU V 134 21.99 -84.43 17.12
N GLY V 135 21.19 -84.42 16.05
CA GLY V 135 21.35 -83.50 14.92
C GLY V 135 21.24 -82.03 15.32
N SER V 136 20.64 -81.73 16.46
CA SER V 136 20.60 -80.40 17.07
C SER V 136 21.78 -80.17 18.02
N LEU V 137 22.16 -81.17 18.81
CA LEU V 137 23.28 -81.06 19.74
C LEU V 137 24.63 -80.90 19.03
N VAL V 138 24.81 -81.52 17.86
CA VAL V 138 25.96 -81.29 17.00
C VAL V 138 25.99 -79.85 16.48
N ALA V 139 24.84 -79.32 16.08
CA ALA V 139 24.72 -77.95 15.57
C ALA V 139 24.99 -76.91 16.67
N LEU V 140 24.52 -77.13 17.90
CA LEU V 140 24.91 -76.31 19.04
C LEU V 140 26.41 -76.39 19.28
N ASN V 141 26.99 -77.59 19.31
CA ASN V 141 28.42 -77.74 19.53
C ASN V 141 29.26 -77.08 18.42
N ALA V 142 28.73 -76.99 17.21
CA ALA V 142 29.34 -76.18 16.14
C ALA V 142 29.21 -74.68 16.41
N PHE V 143 28.07 -74.20 16.88
CA PHE V 143 27.87 -72.79 17.20
C PHE V 143 28.87 -72.32 18.23
N LEU V 144 29.14 -73.11 19.26
CA LEU V 144 30.03 -72.71 20.35
C LEU V 144 31.49 -72.51 19.90
N ALA V 145 31.86 -72.91 18.69
CA ALA V 145 33.14 -72.53 18.09
C ALA V 145 33.17 -71.09 17.53
N THR V 146 32.01 -70.46 17.30
CA THR V 146 31.91 -69.21 16.53
C THR V 146 32.31 -67.93 17.29
N GLN V 147 32.17 -67.88 18.62
CA GLN V 147 32.56 -66.71 19.41
C GLN V 147 33.18 -67.13 20.76
N PRO V 148 34.03 -66.29 21.36
CA PRO V 148 35.03 -66.64 22.36
C PRO V 148 34.61 -67.67 23.42
N ALA V 149 34.86 -68.95 23.15
CA ALA V 149 34.62 -70.00 24.12
C ALA V 149 35.60 -69.84 25.30
N ASN V 150 35.10 -70.04 26.52
CA ASN V 150 35.88 -69.98 27.77
C ASN V 150 36.68 -68.68 28.00
N VAL V 151 36.30 -67.58 27.34
CA VAL V 151 36.92 -66.25 27.50
C VAL V 151 35.85 -65.15 27.56
N PRO V 152 35.21 -64.96 28.73
CA PRO V 152 34.39 -63.80 29.02
C PRO V 152 35.28 -62.60 29.39
N ARG V 153 34.75 -61.63 30.15
CA ARG V 153 35.54 -60.58 30.82
C ARG V 153 35.10 -60.39 32.28
N GLY V 154 33.93 -59.77 32.50
CA GLY V 154 33.54 -59.24 33.81
C GLY V 154 33.17 -60.29 34.87
N GLN V 155 32.70 -61.48 34.47
CA GLN V 155 32.56 -62.67 35.32
C GLN V 155 32.48 -63.91 34.44
N ASP V 156 32.67 -65.10 35.01
CA ASP V 156 32.60 -66.37 34.30
C ASP V 156 31.24 -67.08 34.45
N ASP V 157 30.18 -66.35 34.80
CA ASP V 157 28.77 -66.78 34.69
C ASP V 157 28.38 -67.15 33.23
N TYR V 158 29.13 -66.62 32.28
CA TYR V 158 29.16 -67.06 30.88
C TYR V 158 29.32 -68.57 30.74
N THR V 159 30.13 -69.22 31.59
CA THR V 159 30.24 -70.69 31.64
C THR V 159 28.93 -71.36 32.06
N ASN V 160 28.21 -70.80 33.04
CA ASN V 160 26.94 -71.37 33.46
C ASN V 160 25.87 -71.24 32.36
N PHE V 161 25.82 -70.10 31.69
CA PHE V 161 24.88 -69.85 30.60
C PHE V 161 25.13 -70.78 29.41
N ILE V 162 26.39 -70.96 28.99
CA ILE V 162 26.75 -71.95 27.98
C ILE V 162 26.32 -73.35 28.39
N SER V 163 26.49 -73.73 29.66
CA SER V 163 26.05 -75.03 30.15
C SER V 163 24.53 -75.18 30.08
N ALA V 164 23.77 -74.11 30.38
CA ALA V 164 22.32 -74.11 30.31
C ALA V 164 21.78 -74.31 28.87
N LEU V 165 22.48 -73.82 27.84
CA LEU V 165 22.14 -74.13 26.46
C LEU V 165 22.28 -75.64 26.20
N ARG V 166 23.44 -76.25 26.50
CA ARG V 166 23.64 -77.69 26.26
C ARG V 166 22.61 -78.54 26.99
N LEU V 167 22.39 -78.25 28.26
CA LEU V 167 21.38 -78.90 29.09
C LEU V 167 19.99 -78.78 28.45
N MET V 168 19.53 -77.57 28.13
CA MET V 168 18.20 -77.36 27.57
C MET V 168 17.99 -78.13 26.27
N VAL V 169 18.94 -78.03 25.36
CA VAL V 169 18.88 -78.65 24.03
C VAL V 169 19.00 -80.18 24.10
N THR V 170 19.65 -80.72 25.14
CA THR V 170 19.56 -82.16 25.45
C THR V 170 18.16 -82.53 25.96
N GLU V 171 17.60 -81.76 26.89
CA GLU V 171 16.36 -82.10 27.57
C GLU V 171 15.11 -82.04 26.68
N VAL V 172 14.87 -80.92 26.01
CA VAL V 172 13.49 -80.55 25.63
C VAL V 172 12.95 -81.39 24.46
N PRO V 173 11.93 -82.24 24.68
CA PRO V 173 11.74 -83.46 23.91
C PRO V 173 11.08 -83.25 22.54
N GLN V 174 10.47 -82.09 22.28
CA GLN V 174 10.00 -81.68 20.95
C GLN V 174 11.16 -81.36 19.99
N SER V 175 12.40 -81.72 20.36
CA SER V 175 13.64 -81.48 19.63
C SER V 175 13.77 -80.02 19.24
N GLU V 176 14.13 -79.19 20.23
CA GLU V 176 14.54 -77.81 19.98
C GLU V 176 15.64 -77.82 18.92
N VAL V 177 15.40 -77.17 17.78
CA VAL V 177 16.30 -77.28 16.63
C VAL V 177 17.33 -76.16 16.66
N TYR V 178 18.61 -76.47 16.88
CA TYR V 178 19.70 -75.57 16.57
C TYR V 178 20.03 -75.62 15.09
N GLN V 179 20.33 -74.46 14.52
CA GLN V 179 20.28 -74.19 13.09
C GLN V 179 21.53 -73.40 12.70
N SER V 180 22.26 -73.77 11.65
CA SER V 180 23.39 -72.96 11.16
C SER V 180 22.96 -71.73 10.38
N GLY V 181 21.67 -71.61 10.02
CA GLY V 181 21.19 -70.55 9.14
C GLY V 181 21.92 -70.53 7.79
N PRO V 182 21.95 -69.38 7.11
CA PRO V 182 22.83 -69.12 5.97
C PRO V 182 24.20 -68.58 6.37
N ASP V 183 24.31 -68.08 7.60
CA ASP V 183 25.32 -67.15 8.08
C ASP V 183 25.39 -67.23 9.60
N TYR V 184 24.35 -66.73 10.27
CA TYR V 184 24.16 -66.81 11.72
C TYR V 184 23.57 -68.14 12.20
N PHE V 185 23.93 -68.57 13.41
CA PHE V 185 23.30 -69.70 14.10
C PHE V 185 22.03 -69.30 14.87
N PHE V 186 20.99 -70.13 14.83
CA PHE V 186 19.67 -69.92 15.47
C PHE V 186 19.27 -71.10 16.35
N GLN V 187 18.48 -70.88 17.40
CA GLN V 187 17.67 -71.92 18.04
C GLN V 187 16.21 -71.66 17.73
N THR V 188 15.51 -72.66 17.18
CA THR V 188 14.09 -72.55 16.87
C THR V 188 13.17 -72.77 18.06
N SER V 189 13.64 -73.42 19.12
CA SER V 189 12.73 -74.06 20.10
C SER V 189 11.78 -75.02 19.37
N ARG V 190 10.51 -75.11 19.77
CA ARG V 190 9.50 -76.04 19.24
C ARG V 190 9.42 -75.93 17.73
N GLN V 191 9.21 -77.05 17.03
CA GLN V 191 9.22 -77.10 15.57
C GLN V 191 8.26 -76.12 14.87
N GLY V 192 7.22 -75.60 15.54
CA GLY V 192 6.34 -74.54 15.02
C GLY V 192 6.93 -73.12 15.06
N LEU V 193 8.16 -72.94 15.52
CA LEU V 193 9.05 -71.79 15.32
C LEU V 193 8.69 -70.42 15.88
N GLN V 194 7.53 -70.20 16.45
CA GLN V 194 7.12 -68.86 16.89
C GLN V 194 8.22 -68.14 17.66
N THR V 195 8.89 -68.91 18.51
CA THR V 195 9.80 -68.44 19.54
C THR V 195 11.27 -68.62 19.15
N VAL V 196 11.64 -68.47 17.87
CA VAL V 196 13.03 -68.59 17.39
C VAL V 196 13.92 -67.50 17.93
N ASN V 197 15.09 -67.87 18.44
CA ASN V 197 16.16 -66.95 18.80
C ASN V 197 17.29 -67.02 17.76
N LEU V 198 17.77 -65.87 17.33
CA LEU V 198 19.02 -65.73 16.61
C LEU V 198 20.15 -65.71 17.63
N SER V 199 20.86 -66.81 17.79
CA SER V 199 21.86 -66.97 18.85
C SER V 199 23.16 -66.25 18.54
N GLN V 200 23.59 -66.11 17.30
CA GLN V 200 24.69 -65.17 17.03
C GLN V 200 24.34 -63.71 17.36
N ALA V 201 23.08 -63.36 17.61
CA ALA V 201 22.74 -62.04 18.14
C ALA V 201 22.80 -61.97 19.67
N PHE V 202 23.33 -62.98 20.37
CA PHE V 202 23.98 -62.74 21.68
C PHE V 202 25.41 -62.20 21.49
N LYS V 203 25.47 -61.11 20.69
CA LYS V 203 26.47 -60.05 20.76
C LYS V 203 26.07 -59.03 21.85
N ASN V 204 24.77 -58.94 22.18
CA ASN V 204 24.34 -58.54 23.52
C ASN V 204 24.64 -59.75 24.44
N LEU V 205 24.58 -59.66 25.77
CA LEU V 205 25.14 -60.74 26.63
C LEU V 205 26.62 -61.01 26.29
N ARG V 206 27.37 -59.94 25.98
CA ARG V 206 28.84 -59.93 25.96
C ARG V 206 29.35 -58.98 27.02
N GLY V 207 29.12 -57.68 26.84
CA GLY V 207 29.52 -56.64 27.78
C GLY V 207 28.75 -56.62 29.09
N LEU V 208 27.71 -57.43 29.23
CA LEU V 208 26.81 -57.45 30.38
C LEU V 208 27.21 -58.46 31.48
N TRP V 209 28.07 -59.44 31.21
CA TRP V 209 28.53 -60.37 32.25
C TRP V 209 29.26 -59.63 33.39
N GLY V 210 28.71 -59.74 34.60
CA GLY V 210 29.25 -59.13 35.81
C GLY V 210 28.65 -57.78 36.18
N VAL V 211 28.05 -57.03 35.25
CA VAL V 211 27.51 -55.70 35.57
C VAL V 211 26.40 -55.87 36.61
N GLN V 212 26.53 -55.23 37.77
CA GLN V 212 25.62 -55.47 38.89
C GLN V 212 24.23 -54.90 38.60
N ALA V 213 23.19 -55.47 39.21
CA ALA V 213 21.83 -55.04 38.95
C ALA V 213 21.61 -53.61 39.50
N PRO V 214 21.02 -52.69 38.70
CA PRO V 214 20.64 -51.34 39.13
C PRO V 214 19.26 -51.36 39.82
N VAL V 215 19.10 -52.25 40.81
CA VAL V 215 17.84 -52.89 41.23
C VAL V 215 16.60 -51.98 41.31
N GLY V 216 16.74 -50.74 41.80
CA GLY V 216 15.62 -49.85 42.09
C GLY V 216 14.66 -49.57 40.91
N ASP V 217 15.16 -49.51 39.67
CA ASP V 217 14.34 -49.32 38.47
C ASP V 217 15.00 -49.94 37.23
N ARG V 218 14.34 -50.91 36.59
CA ARG V 218 14.84 -51.55 35.37
C ARG V 218 15.02 -50.56 34.22
N SER V 219 14.22 -49.50 34.15
CA SER V 219 14.36 -48.43 33.15
C SER V 219 15.47 -47.45 33.55
N THR V 220 16.65 -47.64 32.98
CA THR V 220 17.91 -46.98 33.35
C THR V 220 18.93 -47.08 32.20
N VAL V 221 20.10 -46.46 32.34
CA VAL V 221 21.11 -46.30 31.28
C VAL V 221 21.52 -47.62 30.61
N SER V 222 21.80 -48.66 31.41
CA SER V 222 22.30 -49.98 30.93
C SER V 222 21.20 -51.02 30.64
N SER V 223 19.95 -50.57 30.44
CA SER V 223 18.79 -51.45 30.14
C SER V 223 18.71 -51.87 28.66
N LEU V 224 19.86 -52.22 28.06
CA LEU V 224 20.06 -52.30 26.60
C LEU V 224 19.26 -53.36 25.84
N LEU V 225 19.04 -54.54 26.45
CA LEU V 225 18.87 -55.79 25.70
C LEU V 225 17.80 -55.74 24.59
N THR V 226 18.18 -56.20 23.41
CA THR V 226 17.25 -56.43 22.30
C THR V 226 16.22 -57.50 22.68
N PRO V 227 14.96 -57.45 22.20
CA PRO V 227 13.97 -58.46 22.55
C PRO V 227 14.40 -59.88 22.17
N ASN V 228 15.22 -60.05 21.13
CA ASN V 228 15.79 -61.34 20.76
C ASN V 228 16.64 -61.95 21.88
N SER V 229 17.37 -61.11 22.62
CA SER V 229 18.21 -61.53 23.75
C SER V 229 17.38 -61.80 24.99
N ARG V 230 16.37 -60.97 25.26
CA ARG V 230 15.42 -61.22 26.35
C ARG V 230 14.69 -62.53 26.13
N LEU V 231 14.37 -62.87 24.89
CA LEU V 231 13.74 -64.13 24.56
C LEU V 231 14.65 -65.30 24.88
N LEU V 232 15.95 -65.22 24.57
CA LEU V 232 16.88 -66.29 24.90
C LEU V 232 16.95 -66.51 26.41
N LEU V 233 16.94 -65.44 27.20
CA LEU V 233 16.91 -65.56 28.66
C LEU V 233 15.61 -66.18 29.17
N LEU V 234 14.46 -65.73 28.65
CA LEU V 234 13.15 -66.30 28.99
C LEU V 234 13.05 -67.76 28.58
N LEU V 235 13.60 -68.16 27.43
CA LEU V 235 13.59 -69.55 26.99
C LEU V 235 14.43 -70.43 27.90
N ILE V 236 15.69 -70.06 28.22
CA ILE V 236 16.51 -70.94 29.06
C ILE V 236 16.12 -70.91 30.53
N ALA V 237 15.39 -69.91 31.00
CA ALA V 237 15.15 -69.64 32.41
C ALA V 237 14.95 -70.88 33.31
N PRO V 238 14.13 -71.90 32.97
CA PRO V 238 13.98 -73.11 33.79
C PRO V 238 15.21 -74.06 33.82
N PHE V 239 16.40 -73.60 33.47
CA PHE V 239 17.67 -74.34 33.50
C PHE V 239 18.85 -73.53 34.08
N THR V 240 18.66 -72.67 35.10
CA THR V 240 19.60 -71.55 35.34
C THR V 240 19.95 -71.10 36.76
N ASP V 241 19.59 -71.79 37.85
CA ASP V 241 19.94 -71.23 39.19
C ASP V 241 21.46 -71.04 39.42
N SER V 242 22.26 -71.94 38.85
CA SER V 242 23.72 -71.96 38.99
C SER V 242 24.36 -70.64 38.55
N GLY V 243 24.87 -69.88 39.53
CA GLY V 243 25.63 -68.64 39.33
C GLY V 243 24.82 -67.38 39.02
N SER V 244 23.49 -67.47 38.95
CA SER V 244 22.65 -66.37 38.47
C SER V 244 21.92 -65.56 39.56
N VAL V 245 22.17 -65.78 40.86
CA VAL V 245 21.37 -65.16 41.92
C VAL V 245 21.47 -63.61 41.91
N ASN V 246 20.40 -62.93 42.31
CA ASN V 246 20.03 -61.57 41.85
C ASN V 246 21.20 -60.60 41.64
N ARG V 247 21.99 -60.35 42.69
CA ARG V 247 23.01 -59.30 42.69
C ARG V 247 24.25 -59.66 41.86
N ASN V 248 24.37 -60.91 41.40
CA ASN V 248 25.49 -61.40 40.58
C ASN V 248 25.61 -60.69 39.24
N SER V 249 24.48 -60.27 38.65
CA SER V 249 24.45 -59.33 37.53
C SER V 249 23.02 -58.83 37.32
N TYR V 250 22.84 -57.76 36.55
CA TYR V 250 21.58 -57.50 35.87
C TYR V 250 21.05 -58.73 35.11
N LEU V 251 21.91 -59.51 34.47
CA LEU V 251 21.52 -60.78 33.84
C LEU V 251 21.01 -61.78 34.87
N GLY V 252 21.66 -61.87 36.04
CA GLY V 252 21.18 -62.67 37.14
C GLY V 252 19.81 -62.22 37.63
N HIS V 253 19.61 -60.92 37.78
CA HIS V 253 18.32 -60.35 38.14
C HIS V 253 17.24 -60.69 37.11
N LEU V 254 17.49 -60.51 35.81
CA LEU V 254 16.54 -60.91 34.76
C LEU V 254 16.19 -62.39 34.87
N LEU V 255 17.18 -63.25 35.06
CA LEU V 255 16.95 -64.68 35.27
C LEU V 255 16.12 -64.95 36.53
N THR V 256 16.32 -64.24 37.65
CA THR V 256 15.49 -64.43 38.84
C THR V 256 14.05 -63.97 38.63
N LEU V 257 13.82 -62.96 37.78
CA LEU V 257 12.48 -62.54 37.40
C LEU V 257 11.85 -63.55 36.44
N TYR V 258 12.53 -63.98 35.38
CA TYR V 258 11.96 -64.89 34.38
C TYR V 258 11.72 -66.30 34.91
N ARG V 259 12.54 -66.81 35.82
CA ARG V 259 12.25 -68.08 36.51
C ARG V 259 10.91 -68.02 37.24
N GLU V 260 10.65 -66.92 37.95
CA GLU V 260 9.39 -66.73 38.66
C GLU V 260 8.24 -66.30 37.76
N ALA V 261 8.47 -65.56 36.67
CA ALA V 261 7.44 -65.27 35.69
C ALA V 261 6.90 -66.54 35.00
N ILE V 262 7.77 -67.49 34.66
CA ILE V 262 7.33 -68.81 34.20
C ILE V 262 6.55 -69.52 35.30
N GLY V 263 7.03 -69.49 36.55
CA GLY V 263 6.30 -70.03 37.69
C GLY V 263 4.88 -69.47 37.80
N GLN V 264 4.77 -68.15 37.71
CA GLN V 264 3.50 -67.42 37.71
C GLN V 264 2.58 -67.88 36.57
N ALA V 265 3.10 -68.00 35.33
CA ALA V 265 2.29 -68.46 34.21
C ALA V 265 1.70 -69.85 34.44
N GLN V 266 2.46 -70.82 34.92
CA GLN V 266 1.94 -72.18 35.12
C GLN V 266 1.09 -72.36 36.39
N VAL V 267 1.26 -71.55 37.44
CA VAL V 267 0.28 -71.53 38.55
C VAL V 267 -0.98 -70.76 38.18
N ASP V 268 -0.91 -69.74 37.33
CA ASP V 268 -2.11 -69.10 36.79
C ASP V 268 -2.81 -70.01 35.78
N GLU V 269 -2.12 -70.88 35.02
CA GLU V 269 -2.84 -71.92 34.28
C GLU V 269 -3.58 -72.89 35.22
N GLN V 270 -2.92 -73.38 36.28
CA GLN V 270 -3.52 -74.31 37.23
C GLN V 270 -4.77 -73.71 37.90
N THR V 271 -4.77 -72.40 38.15
CA THR V 271 -5.93 -71.69 38.72
C THR V 271 -6.91 -71.15 37.68
N PHE V 272 -6.52 -70.94 36.43
CA PHE V 272 -7.44 -70.66 35.31
C PHE V 272 -8.27 -71.87 34.92
N GLN V 273 -7.64 -73.05 34.78
CA GLN V 273 -8.37 -74.27 34.44
C GLN V 273 -9.28 -74.75 35.57
N GLU V 274 -9.05 -74.27 36.80
CA GLU V 274 -10.00 -74.35 37.92
C GLU V 274 -11.13 -73.32 37.77
N ILE V 275 -10.82 -72.02 37.67
CA ILE V 275 -11.80 -70.93 37.59
C ILE V 275 -12.81 -71.10 36.43
N THR V 276 -12.37 -71.64 35.30
CA THR V 276 -13.23 -71.87 34.12
C THR V 276 -14.14 -73.10 34.23
N SER V 277 -14.30 -73.68 35.42
CA SER V 277 -15.12 -74.87 35.72
C SER V 277 -16.45 -74.99 34.95
N VAL V 278 -17.29 -73.93 34.95
CA VAL V 278 -18.59 -73.97 34.24
C VAL V 278 -18.49 -73.62 32.75
N SER V 279 -17.63 -72.67 32.37
CA SER V 279 -17.40 -72.18 31.00
C SER V 279 -18.65 -71.75 30.20
N ARG V 280 -19.81 -71.54 30.87
CA ARG V 280 -21.14 -71.43 30.25
C ARG V 280 -22.13 -70.80 31.23
N ALA V 281 -22.37 -69.50 31.08
CA ALA V 281 -23.46 -68.68 31.67
C ALA V 281 -23.59 -68.56 33.21
N LEU V 282 -23.32 -69.61 34.00
CA LEU V 282 -23.73 -69.76 35.42
C LEU V 282 -23.03 -68.81 36.42
N GLY V 283 -21.91 -68.18 36.05
CA GLY V 283 -21.19 -67.19 36.87
C GLY V 283 -20.66 -67.72 38.20
N SER W 2 10.32 -55.49 11.33
CA SER W 2 11.61 -55.88 11.95
C SER W 2 11.52 -57.29 12.52
N LYS W 3 12.66 -57.93 12.83
CA LYS W 3 12.71 -59.34 13.28
C LYS W 3 12.55 -59.51 14.79
N GLU W 4 12.84 -58.49 15.59
CA GLU W 4 12.73 -58.53 17.07
C GLU W 4 11.41 -57.97 17.64
N ILE W 5 10.73 -57.05 16.95
CA ILE W 5 9.39 -56.54 17.32
C ILE W 5 8.42 -56.89 16.18
N PRO W 6 8.14 -58.17 15.96
CA PRO W 6 7.27 -58.57 14.87
C PRO W 6 5.85 -58.11 15.17
N THR W 7 5.05 -57.92 14.13
CA THR W 7 3.60 -57.73 14.26
C THR W 7 2.90 -59.08 14.50
N PRO W 8 1.93 -59.24 15.39
CA PRO W 8 1.25 -60.51 15.63
C PRO W 8 0.53 -61.06 14.41
N TYR W 9 0.50 -62.37 14.24
CA TYR W 9 -0.39 -63.10 13.34
C TYR W 9 -1.78 -63.29 13.95
N MET W 10 -2.82 -63.01 13.20
CA MET W 10 -4.19 -63.00 13.69
C MET W 10 -4.90 -64.22 13.11
N TRP W 11 -5.28 -65.16 13.96
CA TRP W 11 -5.90 -66.40 13.53
C TRP W 11 -7.33 -66.15 13.10
N SER W 12 -7.75 -66.75 11.99
CA SER W 12 -9.14 -66.73 11.50
C SER W 12 -9.91 -67.99 11.90
N TYR W 13 -11.24 -67.97 11.81
CA TYR W 13 -12.12 -69.05 12.26
C TYR W 13 -13.01 -69.60 11.14
N GLN W 14 -13.33 -70.90 11.15
CA GLN W 14 -14.17 -71.55 10.14
C GLN W 14 -15.44 -72.14 10.77
N PRO W 15 -16.54 -71.40 10.88
CA PRO W 15 -17.76 -71.82 11.58
C PRO W 15 -18.35 -73.20 11.21
N GLN W 16 -18.26 -73.68 9.98
CA GLN W 16 -18.72 -75.04 9.65
C GLN W 16 -17.95 -76.11 10.41
N MET W 17 -16.64 -75.94 10.49
CA MET W 17 -15.72 -76.96 11.00
C MET W 17 -15.40 -76.74 12.46
N GLY W 18 -15.23 -75.49 12.87
CA GLY W 18 -14.68 -75.15 14.17
C GLY W 18 -13.16 -75.28 14.21
N LEU W 19 -12.46 -74.93 13.13
CA LEU W 19 -11.00 -75.05 12.98
C LEU W 19 -10.39 -73.72 12.53
N ALA W 20 -9.11 -73.47 12.79
CA ALA W 20 -8.52 -72.17 12.50
C ALA W 20 -8.08 -72.07 11.05
N ALA W 21 -8.62 -71.11 10.33
CA ALA W 21 -8.45 -70.94 8.90
C ALA W 21 -7.19 -70.13 8.58
N GLY W 22 -6.03 -70.56 9.09
CA GLY W 22 -4.78 -69.86 8.89
C GLY W 22 -4.74 -68.50 9.59
N ALA W 23 -3.73 -67.71 9.29
CA ALA W 23 -3.51 -66.42 9.91
C ALA W 23 -2.70 -65.48 9.03
N SER W 24 -2.76 -64.19 9.32
CA SER W 24 -1.94 -63.16 8.68
C SER W 24 -1.69 -62.04 9.65
N GLN W 25 -0.66 -61.23 9.43
CA GLN W 25 -0.31 -60.22 10.41
C GLN W 25 -1.48 -59.25 10.68
N ASP W 26 -1.46 -58.59 11.84
CA ASP W 26 -2.43 -57.57 12.20
C ASP W 26 -2.31 -56.28 11.38
N TYR W 27 -2.49 -56.42 10.08
CA TYR W 27 -2.53 -55.38 9.09
C TYR W 27 -3.70 -54.44 9.27
N SER W 28 -4.54 -54.67 10.28
CA SER W 28 -5.60 -53.75 10.63
C SER W 28 -5.74 -53.37 12.10
N THR W 29 -4.62 -53.22 12.84
CA THR W 29 -4.51 -52.30 14.00
C THR W 29 -3.08 -51.72 14.14
N ARG W 30 -2.69 -50.66 13.39
CA ARG W 30 -1.30 -50.17 13.36
C ARG W 30 -1.15 -48.65 13.22
N MET W 31 -0.18 -48.06 13.92
CA MET W 31 -0.04 -46.61 14.00
C MET W 31 1.08 -46.10 13.12
N ASN W 32 0.77 -45.09 12.32
CA ASN W 32 1.71 -44.49 11.41
C ASN W 32 2.66 -43.59 12.20
N TRP W 33 3.94 -43.90 12.17
CA TRP W 33 5.00 -43.13 12.81
C TRP W 33 5.92 -42.43 11.80
N LEU W 34 5.64 -42.43 10.49
CA LEU W 34 6.58 -41.94 9.50
C LEU W 34 6.84 -40.43 9.61
N SER W 35 6.09 -39.70 10.43
CA SER W 35 6.28 -38.29 10.76
C SER W 35 6.47 -38.04 12.26
N ALA W 36 7.01 -39.01 12.98
CA ALA W 36 7.46 -38.90 14.35
C ALA W 36 8.98 -38.76 14.45
N GLY W 37 9.52 -38.34 15.59
CA GLY W 37 10.97 -38.33 15.84
C GLY W 37 11.42 -39.38 16.84
N PRO W 38 12.74 -39.51 17.07
CA PRO W 38 13.32 -40.66 17.74
C PRO W 38 12.69 -41.04 19.07
N SER W 39 12.33 -40.07 19.90
CA SER W 39 11.68 -40.34 21.19
C SER W 39 10.25 -40.83 20.98
N MET W 40 9.48 -40.17 20.13
CA MET W 40 8.11 -40.55 19.80
C MET W 40 8.03 -41.93 19.14
N ILE W 41 8.99 -42.28 18.28
CA ILE W 41 9.12 -43.60 17.67
C ILE W 41 9.48 -44.65 18.72
N SER W 42 10.36 -44.34 19.66
CA SER W 42 10.72 -45.33 20.67
C SER W 42 9.52 -45.71 21.54
N ARG W 43 8.60 -44.78 21.83
CA ARG W 43 7.35 -45.07 22.53
C ARG W 43 6.41 -45.93 21.69
N VAL W 44 6.32 -45.72 20.39
CA VAL W 44 5.60 -46.62 19.49
C VAL W 44 6.16 -48.04 19.58
N ASN W 45 7.48 -48.22 19.59
CA ASN W 45 8.07 -49.54 19.75
C ASN W 45 7.78 -50.12 21.13
N GLY W 46 7.97 -49.36 22.20
CA GLY W 46 7.72 -49.84 23.56
C GLY W 46 6.27 -50.29 23.74
N VAL W 47 5.35 -49.57 23.15
CA VAL W 47 3.93 -49.87 23.14
C VAL W 47 3.60 -51.13 22.35
N ARG W 48 4.37 -51.48 21.31
CA ARG W 48 4.28 -52.74 20.54
C ARG W 48 5.04 -53.91 21.18
N ASN W 49 6.12 -53.65 21.90
CA ASN W 49 6.82 -54.63 22.69
C ASN W 49 5.92 -55.06 23.85
N HIS W 50 5.33 -54.11 24.56
CA HIS W 50 4.42 -54.41 25.64
C HIS W 50 3.30 -55.29 25.14
N ARG W 51 2.73 -55.01 23.95
CA ARG W 51 1.73 -55.88 23.29
C ARG W 51 2.27 -57.28 23.03
N ASN W 52 3.46 -57.41 22.46
CA ASN W 52 3.99 -58.71 22.14
C ASN W 52 4.15 -59.55 23.41
N GLN W 53 4.59 -58.94 24.52
CA GLN W 53 4.65 -59.63 25.81
C GLN W 53 3.28 -60.12 26.26
N ILE W 54 2.26 -59.28 26.29
CA ILE W 54 0.97 -59.72 26.79
C ILE W 54 0.37 -60.83 25.91
N LEU W 55 0.71 -60.90 24.63
CA LEU W 55 0.27 -61.99 23.76
C LEU W 55 0.96 -63.32 24.09
N LEU W 56 2.27 -63.31 24.27
CA LEU W 56 3.02 -64.51 24.67
C LEU W 56 2.60 -65.00 26.06
N GLU W 57 2.38 -64.07 26.98
CA GLU W 57 1.87 -64.35 28.32
C GLU W 57 0.44 -64.91 28.27
N GLN W 58 -0.47 -64.27 27.56
CA GLN W 58 -1.85 -64.74 27.47
C GLN W 58 -1.92 -66.11 26.81
N ALA W 59 -1.10 -66.41 25.81
CA ALA W 59 -1.07 -67.73 25.20
C ALA W 59 -0.65 -68.79 26.21
N ALA W 60 0.37 -68.54 27.03
CA ALA W 60 0.77 -69.47 28.06
C ALA W 60 -0.34 -69.75 29.10
N VAL W 61 -1.13 -68.76 29.48
CA VAL W 61 -2.24 -68.90 30.44
C VAL W 61 -3.51 -69.50 29.83
N THR W 62 -3.85 -69.16 28.59
CA THR W 62 -5.05 -69.65 27.89
C THR W 62 -4.67 -70.19 26.52
N SER W 63 -4.37 -71.47 26.47
CA SER W 63 -4.21 -72.29 25.27
C SER W 63 -4.03 -73.70 25.76
N THR W 64 -4.64 -74.71 25.15
CA THR W 64 -4.19 -76.07 25.44
C THR W 64 -2.75 -76.22 24.94
N PRO W 65 -1.77 -76.64 25.75
CA PRO W 65 -0.43 -76.88 25.26
C PRO W 65 -0.46 -78.09 24.32
N ARG W 66 0.12 -77.95 23.13
CA ARG W 66 -0.03 -78.89 22.02
C ARG W 66 1.20 -78.87 21.12
N ALA W 67 1.51 -80.01 20.51
CA ALA W 67 2.68 -80.13 19.65
C ALA W 67 2.42 -79.51 18.27
N LYS W 68 1.34 -79.93 17.62
CA LYS W 68 0.84 -79.35 16.38
C LYS W 68 0.05 -78.08 16.67
N LEU W 69 0.46 -76.98 16.05
CA LEU W 69 -0.30 -75.73 15.98
C LEU W 69 -1.53 -75.95 15.09
N ASN W 70 -2.70 -75.41 15.42
CA ASN W 70 -3.94 -75.66 14.67
C ASN W 70 -4.19 -77.14 14.26
N PRO W 71 -4.50 -78.04 15.20
CA PRO W 71 -4.83 -79.42 14.89
C PRO W 71 -6.17 -79.50 14.18
N ARG W 72 -6.34 -80.41 13.21
CA ARG W 72 -7.56 -80.51 12.39
C ARG W 72 -8.64 -81.42 12.99
N ASN W 73 -8.36 -82.06 14.12
CA ASN W 73 -9.34 -82.74 14.96
C ASN W 73 -8.95 -82.53 16.43
N TRP W 74 -9.93 -82.39 17.31
CA TRP W 74 -9.77 -82.17 18.73
C TRP W 74 -10.32 -83.37 19.49
N PRO W 75 -9.48 -84.09 20.27
CA PRO W 75 -9.91 -85.14 21.17
C PRO W 75 -11.10 -84.75 22.03
N SER W 76 -11.98 -85.69 22.33
CA SER W 76 -13.18 -85.41 23.12
C SER W 76 -12.85 -84.86 24.50
N THR W 77 -11.66 -85.12 25.03
CA THR W 77 -11.24 -84.62 26.33
C THR W 77 -10.80 -83.16 26.30
N LEU W 78 -10.47 -82.59 25.14
CA LEU W 78 -10.07 -81.18 25.02
C LEU W 78 -11.20 -80.25 24.61
N VAL W 79 -12.27 -80.80 24.03
CA VAL W 79 -13.51 -80.08 23.69
C VAL W 79 -14.32 -79.71 24.94
N TYR W 80 -15.03 -78.60 24.96
CA TYR W 80 -16.02 -78.31 25.99
C TYR W 80 -17.39 -78.94 25.67
N GLN W 81 -17.73 -80.09 26.26
CA GLN W 81 -19.10 -80.61 26.21
C GLN W 81 -20.01 -79.80 27.12
N GLU W 82 -21.25 -79.56 26.71
CA GLU W 82 -22.29 -79.27 27.68
C GLU W 82 -22.59 -80.57 28.44
N ILE W 83 -22.52 -80.54 29.77
CA ILE W 83 -22.87 -81.67 30.63
C ILE W 83 -24.03 -81.25 31.54
N PRO W 84 -25.27 -81.30 31.03
CA PRO W 84 -26.47 -80.99 31.79
C PRO W 84 -26.82 -82.13 32.73
N GLY W 85 -27.29 -81.81 33.93
CA GLY W 85 -27.61 -82.79 34.96
C GLY W 85 -28.79 -83.70 34.59
N PRO W 86 -29.02 -84.78 35.34
CA PRO W 86 -30.05 -85.74 35.04
C PRO W 86 -31.44 -85.12 34.95
N THR W 87 -32.28 -85.69 34.12
CA THR W 87 -33.70 -85.35 34.07
C THR W 87 -34.44 -86.29 34.98
N THR W 88 -35.23 -85.78 35.92
CA THR W 88 -36.17 -86.61 36.68
C THR W 88 -37.57 -86.25 36.24
N VAL W 89 -38.29 -87.17 35.61
CA VAL W 89 -39.71 -87.02 35.34
C VAL W 89 -40.52 -87.63 36.47
N LEU W 90 -41.78 -87.20 36.63
CA LEU W 90 -42.72 -87.78 37.56
C LEU W 90 -43.88 -88.35 36.78
N LEU W 91 -44.11 -89.66 36.86
CA LEU W 91 -44.97 -90.36 35.92
C LEU W 91 -46.47 -90.06 36.18
N PRO W 92 -47.25 -89.62 35.18
CA PRO W 92 -48.63 -89.19 35.41
C PRO W 92 -49.61 -90.26 35.87
N ARG W 93 -49.27 -91.55 35.76
CA ARG W 93 -50.19 -92.67 36.02
C ARG W 93 -49.56 -93.75 36.89
N ASP W 94 -50.33 -94.28 37.82
CA ASP W 94 -50.10 -95.58 38.43
C ASP W 94 -50.65 -96.66 37.51
N ALA W 95 -49.91 -96.99 36.44
CA ALA W 95 -50.47 -97.72 35.31
C ALA W 95 -51.07 -99.08 35.68
N LEU W 96 -50.48 -99.79 36.64
CA LEU W 96 -51.00 -101.06 37.11
C LEU W 96 -52.38 -100.90 37.77
N ALA W 97 -52.59 -99.86 38.57
CA ALA W 97 -53.90 -99.62 39.18
C ALA W 97 -54.96 -99.30 38.13
N GLU W 98 -54.63 -98.58 37.06
CA GLU W 98 -55.61 -98.26 36.01
C GLU W 98 -56.13 -99.49 35.28
N VAL W 99 -55.32 -100.52 35.06
CA VAL W 99 -55.83 -101.75 34.42
C VAL W 99 -56.74 -102.52 35.35
N ARG W 100 -56.40 -102.72 36.63
CA ARG W 100 -57.33 -103.41 37.53
C ARG W 100 -58.59 -102.60 37.77
N MET W 101 -58.51 -101.28 37.77
CA MET W 101 -59.70 -100.43 37.92
C MET W 101 -60.62 -100.56 36.73
N THR W 102 -60.13 -100.31 35.50
CA THR W 102 -60.97 -100.35 34.30
C THR W 102 -61.49 -101.74 33.96
N ASN W 103 -60.78 -102.83 34.25
CA ASN W 103 -61.33 -104.18 34.10
C ASN W 103 -62.57 -104.40 34.99
N SER W 104 -62.63 -103.79 36.17
CA SER W 104 -63.81 -103.87 37.03
C SER W 104 -65.01 -103.04 36.52
N GLY W 105 -64.80 -102.18 35.52
CA GLY W 105 -65.86 -101.54 34.76
C GLY W 105 -65.89 -100.02 34.77
N VAL W 106 -65.06 -99.36 35.58
CA VAL W 106 -65.08 -97.88 35.71
C VAL W 106 -64.46 -97.19 34.49
N GLN W 107 -64.58 -95.87 34.40
CA GLN W 107 -64.10 -95.07 33.27
C GLN W 107 -63.48 -93.76 33.71
N LEU W 108 -62.53 -93.25 32.91
CA LEU W 108 -61.49 -92.33 33.34
C LEU W 108 -61.38 -91.10 32.40
N ALA W 109 -60.98 -89.94 32.91
CA ALA W 109 -60.69 -88.75 32.10
C ALA W 109 -59.45 -87.99 32.55
N ARG W 159 -52.86 -87.82 43.62
CA ARG W 159 -52.51 -87.45 42.24
C ARG W 159 -53.42 -88.10 41.20
N SER W 160 -53.94 -89.27 41.53
CA SER W 160 -55.12 -89.89 40.91
C SER W 160 -55.89 -90.56 42.03
N SER W 161 -57.01 -89.98 42.44
CA SER W 161 -57.53 -90.09 43.81
C SER W 161 -57.83 -91.51 44.30
N PHE W 162 -58.05 -92.47 43.42
CA PHE W 162 -58.29 -93.87 43.78
C PHE W 162 -57.04 -94.66 44.17
N THR W 163 -55.83 -94.13 43.98
CA THR W 163 -54.57 -94.81 44.31
C THR W 163 -53.47 -93.85 44.80
N PRO W 164 -52.72 -94.20 45.86
CA PRO W 164 -51.70 -93.31 46.41
C PRO W 164 -50.40 -93.26 45.61
N ASN W 165 -50.17 -94.18 44.68
CA ASN W 165 -48.83 -94.41 44.13
C ASN W 165 -48.38 -93.37 43.09
N GLN W 166 -47.08 -93.12 43.07
CA GLN W 166 -46.34 -92.30 42.11
C GLN W 166 -45.01 -92.97 41.80
N ALA W 167 -44.33 -92.53 40.75
CA ALA W 167 -42.98 -92.95 40.46
C ALA W 167 -42.20 -91.81 39.83
N TYR W 168 -40.92 -91.68 40.18
CA TYR W 168 -40.01 -90.70 39.63
C TYR W 168 -38.91 -91.44 38.86
N LEU W 169 -38.70 -91.10 37.61
CA LEU W 169 -37.82 -91.84 36.71
C LEU W 169 -36.68 -90.93 36.22
N THR W 170 -35.43 -91.31 36.47
CA THR W 170 -34.28 -90.42 36.21
C THR W 170 -33.49 -90.87 34.99
N LEU W 171 -33.21 -89.94 34.08
CA LEU W 171 -32.63 -90.18 32.76
C LEU W 171 -31.34 -89.41 32.57
N GLN W 172 -30.42 -89.99 31.79
CA GLN W 172 -29.03 -89.57 31.68
C GLN W 172 -28.86 -88.11 31.22
N SER W 173 -29.78 -87.55 30.46
CA SER W 173 -29.78 -86.15 30.00
C SER W 173 -28.67 -85.77 28.99
N SER W 174 -27.41 -86.14 29.26
CA SER W 174 -26.27 -85.89 28.37
C SER W 174 -26.21 -86.87 27.21
N SER W 175 -25.66 -86.44 26.08
CA SER W 175 -25.47 -87.23 24.85
C SER W 175 -24.67 -88.51 25.07
N SER W 176 -24.99 -89.59 24.36
CA SER W 176 -24.55 -90.94 24.72
C SER W 176 -23.09 -91.29 24.42
N GLU W 177 -22.36 -90.46 23.69
CA GLU W 177 -20.90 -90.53 23.58
C GLU W 177 -20.34 -89.10 23.56
N PRO W 178 -19.28 -88.77 24.32
CA PRO W 178 -18.69 -87.45 24.29
C PRO W 178 -18.30 -86.99 22.89
N ARG W 179 -18.73 -85.78 22.50
CA ARG W 179 -18.42 -85.16 21.20
C ARG W 179 -16.92 -84.96 21.01
N SER W 180 -16.43 -85.10 19.79
CA SER W 180 -15.09 -84.69 19.33
C SER W 180 -15.20 -84.23 17.89
N GLY W 181 -14.29 -83.37 17.42
CA GLY W 181 -14.48 -82.66 16.15
C GLY W 181 -13.61 -81.42 16.06
N GLY W 182 -14.15 -80.32 15.57
CA GLY W 182 -13.61 -78.99 15.83
C GLY W 182 -14.17 -78.39 17.12
N ILE W 183 -14.15 -77.06 17.27
CA ILE W 183 -14.49 -76.35 18.52
C ILE W 183 -15.41 -75.15 18.30
N GLY W 184 -16.12 -74.73 19.33
CA GLY W 184 -17.02 -73.59 19.28
C GLY W 184 -16.31 -72.25 19.44
N THR W 185 -17.00 -71.15 19.20
CA THR W 185 -16.38 -69.82 19.21
C THR W 185 -15.84 -69.42 20.57
N LEU W 186 -16.49 -69.83 21.66
CA LEU W 186 -16.00 -69.55 23.00
C LEU W 186 -14.74 -70.33 23.32
N GLN W 187 -14.62 -71.60 22.95
CA GLN W 187 -13.32 -72.26 23.10
C GLN W 187 -12.30 -71.65 22.14
N PHE W 188 -12.65 -71.42 20.87
CA PHE W 188 -11.74 -70.91 19.85
C PHE W 188 -11.00 -69.65 20.25
N VAL W 189 -11.65 -68.73 20.95
CA VAL W 189 -11.02 -67.48 21.36
C VAL W 189 -10.13 -67.61 22.60
N GLU W 190 -10.34 -68.66 23.41
CA GLU W 190 -9.47 -69.00 24.53
C GLU W 190 -8.28 -69.85 24.04
N GLU W 191 -8.43 -70.60 22.95
CA GLU W 191 -7.31 -71.08 22.15
C GLU W 191 -6.79 -69.93 21.26
N PHE W 192 -5.92 -70.18 20.29
CA PHE W 192 -5.68 -69.30 19.13
C PHE W 192 -5.45 -67.78 19.37
N VAL W 193 -4.95 -67.40 20.55
CA VAL W 193 -4.38 -66.10 20.86
C VAL W 193 -3.34 -65.70 19.79
N PRO W 194 -3.18 -64.42 19.40
CA PRO W 194 -2.34 -64.03 18.27
C PRO W 194 -0.92 -64.55 18.37
N SER W 195 -0.32 -64.97 17.27
CA SER W 195 1.01 -65.59 17.41
C SER W 195 2.11 -64.59 17.06
N VAL W 196 3.03 -64.36 17.98
CA VAL W 196 4.16 -63.45 17.78
C VAL W 196 5.31 -64.27 17.25
N TYR W 197 5.67 -64.12 15.97
CA TYR W 197 6.73 -64.89 15.34
C TYR W 197 8.02 -64.06 15.27
N PHE W 198 8.98 -64.31 16.14
CA PHE W 198 10.26 -63.62 16.11
C PHE W 198 11.18 -64.24 15.07
N ASN W 199 12.10 -63.46 14.52
CA ASN W 199 13.02 -63.93 13.48
C ASN W 199 12.27 -64.74 12.42
N PRO W 200 11.19 -64.20 11.85
CA PRO W 200 10.23 -65.00 11.10
C PRO W 200 10.90 -65.61 9.89
N PHE W 201 10.51 -66.81 9.48
CA PHE W 201 11.05 -67.56 8.35
C PHE W 201 12.56 -67.76 8.39
N SER W 202 13.10 -68.15 9.55
CA SER W 202 14.54 -68.32 9.72
C SER W 202 15.08 -69.72 9.54
N GLY W 203 14.29 -70.75 9.82
CA GLY W 203 14.72 -72.15 9.81
C GLY W 203 14.83 -72.78 8.43
N SER W 204 14.69 -74.10 8.35
CA SER W 204 14.57 -74.84 7.10
C SER W 204 13.11 -74.87 6.65
N PRO W 205 12.81 -74.86 5.34
CA PRO W 205 11.50 -75.26 4.88
C PRO W 205 11.18 -76.65 5.44
N GLY W 206 9.90 -76.94 5.61
CA GLY W 206 9.44 -78.09 6.39
C GLY W 206 9.44 -77.86 7.90
N LEU W 207 10.20 -76.88 8.39
CA LEU W 207 9.91 -76.20 9.65
C LEU W 207 9.86 -74.70 9.42
N TYR W 208 8.81 -74.26 8.73
CA TYR W 208 8.15 -72.96 8.84
C TYR W 208 6.77 -73.19 9.49
N PRO W 209 6.09 -72.18 10.07
CA PRO W 209 4.75 -72.35 10.61
C PRO W 209 3.70 -72.47 9.50
N ASP W 210 3.72 -73.55 8.74
CA ASP W 210 2.94 -73.66 7.51
C ASP W 210 1.44 -73.52 7.74
N GLU W 211 0.90 -73.95 8.86
CA GLU W 211 -0.54 -73.88 9.10
C GLU W 211 -1.07 -72.46 9.35
N PHE W 212 -0.23 -71.42 9.29
CA PHE W 212 -0.74 -70.07 9.05
C PHE W 212 -1.34 -69.93 7.64
N ILE W 213 -0.92 -70.72 6.67
CA ILE W 213 -1.30 -70.56 5.27
C ILE W 213 -2.75 -71.04 5.10
N PRO W 214 -3.68 -70.22 4.56
CA PRO W 214 -5.10 -70.44 4.71
C PRO W 214 -5.64 -71.61 3.90
N ASN W 215 -4.86 -72.16 2.97
CA ASN W 215 -5.20 -73.33 2.17
C ASN W 215 -4.18 -74.47 2.27
N PHE W 216 -3.40 -74.56 3.34
CA PHE W 216 -2.53 -75.70 3.65
C PHE W 216 -3.31 -76.86 4.29
N ASP W 217 -3.24 -78.06 3.72
CA ASP W 217 -3.92 -79.27 4.17
C ASP W 217 -3.05 -80.04 5.15
N ALA W 218 -3.08 -79.61 6.41
CA ALA W 218 -2.05 -79.91 7.41
C ALA W 218 -1.86 -81.39 7.74
N VAL W 219 -2.78 -82.25 7.30
CA VAL W 219 -2.73 -83.71 7.42
C VAL W 219 -1.60 -84.32 6.60
N ARG W 220 -1.11 -83.64 5.55
CA ARG W 220 -0.23 -84.25 4.55
C ARG W 220 0.77 -83.31 3.87
N GLU W 221 1.07 -82.17 4.47
CA GLU W 221 2.05 -81.21 3.95
C GLU W 221 1.84 -80.84 2.48
N ALA W 222 0.59 -80.61 2.07
CA ALA W 222 0.26 -80.18 0.72
C ALA W 222 -0.79 -79.06 0.76
N VAL W 223 -0.91 -78.29 -0.32
CA VAL W 223 -1.79 -77.12 -0.38
C VAL W 223 -2.98 -77.40 -1.29
N ASP W 224 -4.18 -77.15 -0.81
CA ASP W 224 -5.47 -77.55 -1.39
C ASP W 224 -5.77 -76.72 -2.64
N GLY W 225 -5.57 -77.28 -3.84
CA GLY W 225 -5.87 -76.61 -5.10
C GLY W 225 -7.34 -76.63 -5.49
N TYR W 226 -7.67 -76.16 -6.69
CA TYR W 226 -9.03 -76.21 -7.24
C TYR W 226 -9.37 -77.56 -7.92
N ASP W 227 -8.35 -78.29 -8.39
CA ASP W 227 -8.41 -79.46 -9.31
C ASP W 227 -9.14 -80.65 -8.66
N SER X 2 19.30 20.88 52.90
CA SER X 2 18.70 19.97 51.91
C SER X 2 18.70 18.51 52.39
N LYS X 3 19.69 17.66 52.06
CA LYS X 3 19.77 16.19 52.31
C LYS X 3 19.50 15.74 53.75
N GLU X 4 19.58 16.64 54.71
CA GLU X 4 19.62 16.38 56.15
C GLU X 4 18.52 17.12 56.94
N ILE X 5 17.80 18.03 56.30
CA ILE X 5 16.55 18.65 56.76
C ILE X 5 15.59 18.61 55.57
N PRO X 6 15.22 17.40 55.11
CA PRO X 6 14.47 17.24 53.87
C PRO X 6 13.05 17.72 54.08
N THR X 7 12.38 18.14 53.02
CA THR X 7 10.92 18.31 53.06
C THR X 7 10.24 16.95 53.10
N PRO X 8 9.27 16.67 53.99
CA PRO X 8 8.56 15.41 53.99
C PRO X 8 7.82 15.12 52.69
N TYR X 9 7.71 13.84 52.34
CA TYR X 9 6.86 13.36 51.27
C TYR X 9 5.42 13.23 51.75
N MET X 10 4.49 13.99 51.16
CA MET X 10 3.05 13.91 51.42
C MET X 10 2.42 12.73 50.71
N TRP X 11 1.63 11.93 51.40
CA TRP X 11 0.93 10.80 50.80
C TRP X 11 -0.40 11.20 50.18
N SER X 12 -0.54 11.06 48.87
CA SER X 12 -1.83 11.24 48.21
C SER X 12 -2.74 10.05 48.48
N TYR X 13 -4.04 10.22 48.32
CA TYR X 13 -5.02 9.21 48.69
C TYR X 13 -5.85 8.77 47.51
N GLN X 14 -6.30 7.53 47.50
CA GLN X 14 -7.24 7.02 46.53
C GLN X 14 -8.52 6.63 47.23
N PRO X 15 -9.60 7.40 47.11
CA PRO X 15 -10.82 7.13 47.85
C PRO X 15 -11.64 6.01 47.22
N GLN X 16 -11.46 5.73 45.93
CA GLN X 16 -12.06 4.57 45.29
C GLN X 16 -11.56 3.29 45.96
N MET X 17 -10.26 3.05 45.85
CA MET X 17 -9.63 1.82 46.30
C MET X 17 -9.42 1.78 47.81
N GLY X 18 -9.22 2.92 48.45
CA GLY X 18 -8.94 2.97 49.88
C GLY X 18 -7.52 2.64 50.20
N LEU X 19 -6.60 3.35 49.57
CA LEU X 19 -5.15 3.09 49.60
C LEU X 19 -4.39 4.40 49.33
N ALA X 20 -3.10 4.44 49.62
CA ALA X 20 -2.27 5.54 49.18
C ALA X 20 -2.14 5.56 47.66
N ALA X 21 -2.07 6.75 47.07
CA ALA X 21 -2.05 6.99 45.63
C ALA X 21 -0.68 7.43 45.11
N GLY X 22 0.38 7.18 45.86
CA GLY X 22 1.71 7.74 45.62
C GLY X 22 1.98 8.96 46.48
N ALA X 23 3.18 9.52 46.38
CA ALA X 23 3.64 10.58 47.27
C ALA X 23 4.58 11.51 46.57
N SER X 24 4.62 12.77 47.02
CA SER X 24 5.59 13.75 46.57
C SER X 24 5.66 14.90 47.56
N GLN X 25 6.72 15.70 47.50
CA GLN X 25 7.11 16.53 48.64
C GLN X 25 6.11 17.63 48.96
N ASP X 26 6.10 18.17 50.18
CA ASP X 26 5.26 19.34 50.49
C ASP X 26 5.75 20.62 49.78
N TYR X 27 5.54 20.74 48.48
CA TYR X 27 5.90 21.92 47.69
C TYR X 27 5.01 23.11 47.98
N SER X 28 3.89 22.85 48.61
CA SER X 28 2.75 23.72 48.84
C SER X 28 2.75 24.45 50.18
N THR X 29 3.84 24.44 50.96
CA THR X 29 3.86 24.98 52.34
C THR X 29 5.21 25.59 52.75
N ARG X 30 6.01 26.13 51.83
CA ARG X 30 7.43 26.44 52.08
C ARG X 30 7.67 27.92 52.39
N MET X 31 8.42 28.23 53.45
CA MET X 31 8.77 29.60 53.79
C MET X 31 9.83 30.15 52.83
N ASN X 32 9.56 31.24 52.14
CA ASN X 32 10.48 31.88 51.22
C ASN X 32 11.51 32.75 51.95
N TRP X 33 12.67 32.15 52.22
CA TRP X 33 13.75 32.78 52.98
C TRP X 33 14.81 33.46 52.13
N LEU X 34 14.77 33.39 50.80
CA LEU X 34 15.87 33.90 49.99
C LEU X 34 16.15 35.39 50.13
N SER X 35 15.30 36.17 50.81
CA SER X 35 15.65 37.51 51.25
C SER X 35 15.65 37.69 52.76
N ALA X 36 16.15 36.69 53.47
CA ALA X 36 16.64 36.75 54.83
C ALA X 36 18.13 36.41 54.90
N GLY X 37 18.74 36.57 56.07
CA GLY X 37 20.15 36.27 56.32
C GLY X 37 20.34 35.15 57.34
N PRO X 38 21.58 34.78 57.65
CA PRO X 38 21.86 33.62 58.49
C PRO X 38 21.22 33.72 59.87
N SER X 39 21.03 34.94 60.38
CA SER X 39 20.44 35.21 61.68
C SER X 39 19.01 34.72 61.82
N MET X 40 18.32 34.52 60.70
CA MET X 40 16.94 34.10 60.63
C MET X 40 16.75 32.85 59.81
N ILE X 41 17.58 32.58 58.82
CA ILE X 41 17.64 31.28 58.15
C ILE X 41 17.90 30.17 59.17
N SER X 42 18.69 30.42 60.20
CA SER X 42 18.90 29.43 61.25
C SER X 42 17.60 29.07 61.95
N ARG X 43 16.69 30.03 62.10
CA ARG X 43 15.40 29.91 62.79
C ARG X 43 14.42 29.16 61.89
N VAL X 44 14.39 29.49 60.61
CA VAL X 44 13.63 28.76 59.58
C VAL X 44 14.07 27.30 59.46
N ASN X 45 15.36 26.99 59.45
CA ASN X 45 15.84 25.64 59.52
C ASN X 45 15.50 25.00 60.85
N GLY X 46 15.53 25.74 61.95
CA GLY X 46 15.12 25.26 63.27
C GLY X 46 13.66 24.84 63.31
N VAL X 47 12.78 25.56 62.64
CA VAL X 47 11.38 25.19 62.42
C VAL X 47 11.25 23.96 61.52
N ARG X 48 11.95 23.91 60.38
CA ARG X 48 11.88 22.76 59.47
C ARG X 48 12.43 21.48 60.08
N ASN X 49 13.51 21.56 60.84
CA ASN X 49 14.01 20.46 61.65
C ASN X 49 12.96 20.03 62.68
N HIS X 50 12.45 20.96 63.47
CA HIS X 50 11.46 20.68 64.51
C HIS X 50 10.22 20.00 63.94
N ARG X 51 9.73 20.39 62.76
CA ARG X 51 8.65 19.67 62.07
C ARG X 51 8.99 18.22 61.83
N ASN X 52 10.15 17.92 61.26
CA ASN X 52 10.51 16.55 60.92
C ASN X 52 10.63 15.68 62.16
N GLN X 53 11.04 16.22 63.31
CA GLN X 53 11.09 15.46 64.54
C GLN X 53 9.71 14.98 64.93
N ILE X 54 8.71 15.85 64.81
CA ILE X 54 7.31 15.54 65.14
C ILE X 54 6.77 14.49 64.19
N LEU X 55 7.05 14.59 62.90
CA LEU X 55 6.61 13.57 61.94
C LEU X 55 7.20 12.19 62.25
N LEU X 56 8.47 12.10 62.63
CA LEU X 56 9.08 10.83 63.00
C LEU X 56 8.44 10.24 64.26
N GLU X 57 8.24 11.06 65.29
CA GLU X 57 7.56 10.67 66.52
C GLU X 57 6.11 10.23 66.26
N GLN X 58 5.39 10.98 65.43
CA GLN X 58 4.00 10.70 65.09
C GLN X 58 3.85 9.42 64.26
N ALA X 59 4.75 9.15 63.35
CA ALA X 59 4.68 7.93 62.55
C ALA X 59 4.85 6.72 63.44
N ALA X 60 5.79 6.73 64.37
CA ALA X 60 6.04 5.64 65.31
C ALA X 60 4.86 5.42 66.27
N VAL X 61 4.21 6.49 66.75
CA VAL X 61 3.01 6.40 67.58
C VAL X 61 1.81 5.84 66.82
N THR X 62 1.60 6.23 65.58
CA THR X 62 0.28 6.14 64.93
C THR X 62 0.20 5.09 63.84
N SER X 63 1.25 4.95 63.02
CA SER X 63 1.29 4.00 61.90
C SER X 63 1.33 2.54 62.38
N THR X 64 0.73 1.61 61.65
CA THR X 64 0.87 0.17 61.90
C THR X 64 2.20 -0.34 61.34
N PRO X 65 3.18 -0.77 62.14
CA PRO X 65 4.51 -1.11 61.66
C PRO X 65 4.47 -2.24 60.64
N ARG X 66 5.06 -2.02 59.46
CA ARG X 66 4.88 -2.90 58.31
C ARG X 66 6.08 -2.92 57.38
N ALA X 67 6.22 -4.00 56.62
CA ALA X 67 7.35 -4.25 55.72
C ALA X 67 7.36 -3.40 54.43
N LYS X 68 6.24 -2.76 54.10
CA LYS X 68 5.99 -2.01 52.87
C LYS X 68 5.33 -0.70 53.25
N LEU X 69 5.74 0.45 52.69
CA LEU X 69 4.78 1.54 52.61
C LEU X 69 3.72 1.09 51.61
N ASN X 70 2.50 1.64 51.66
CA ASN X 70 1.51 1.42 50.62
C ASN X 70 1.29 -0.07 50.23
N PRO X 71 0.98 -0.97 51.17
CA PRO X 71 0.61 -2.34 50.83
C PRO X 71 -0.71 -2.33 50.08
N ARG X 72 -0.88 -3.22 49.10
CA ARG X 72 -2.05 -3.23 48.20
C ARG X 72 -3.30 -3.87 48.82
N ASN X 73 -3.19 -4.48 49.99
CA ASN X 73 -4.26 -5.26 50.60
C ASN X 73 -4.04 -5.41 52.11
N TRP X 74 -4.93 -4.86 52.93
CA TRP X 74 -4.81 -4.86 54.38
C TRP X 74 -5.56 -6.05 54.99
N PRO X 75 -4.92 -6.91 55.80
CA PRO X 75 -5.56 -8.04 56.45
C PRO X 75 -6.75 -7.64 57.32
N SER X 76 -7.71 -8.52 57.52
CA SER X 76 -8.92 -8.22 58.28
C SER X 76 -8.68 -7.92 59.76
N THR X 77 -7.49 -8.14 60.28
CA THR X 77 -7.11 -7.79 61.64
C THR X 77 -6.49 -6.39 61.75
N LEU X 78 -6.08 -5.77 60.65
CA LEU X 78 -5.56 -4.40 60.64
C LEU X 78 -6.63 -3.37 60.23
N VAL X 79 -7.59 -3.76 59.41
CA VAL X 79 -8.74 -2.93 59.01
C VAL X 79 -9.67 -2.68 60.20
N TYR X 80 -10.04 -1.44 60.51
CA TYR X 80 -11.07 -1.16 61.53
C TYR X 80 -12.44 -1.60 61.05
N GLN X 81 -13.22 -2.26 61.90
CA GLN X 81 -14.54 -2.76 61.53
C GLN X 81 -15.68 -2.29 62.42
N GLU X 82 -16.78 -1.92 61.77
CA GLU X 82 -18.03 -1.51 62.39
C GLU X 82 -18.80 -2.76 62.81
N ILE X 83 -18.54 -3.24 64.04
CA ILE X 83 -19.14 -4.45 64.63
C ILE X 83 -20.12 -4.05 65.74
N PRO X 84 -21.39 -3.76 65.41
CA PRO X 84 -22.38 -3.38 66.41
C PRO X 84 -22.85 -4.59 67.20
N GLY X 85 -23.56 -4.36 68.29
CA GLY X 85 -24.15 -5.45 69.07
C GLY X 85 -25.25 -6.18 68.30
N PRO X 86 -25.59 -7.42 68.70
CA PRO X 86 -26.79 -8.12 68.26
C PRO X 86 -28.04 -7.26 68.34
N THR X 87 -29.01 -7.48 67.45
CA THR X 87 -30.29 -6.79 67.50
C THR X 87 -31.41 -7.75 67.82
N THR X 88 -32.16 -7.41 68.86
CA THR X 88 -33.25 -8.21 69.40
C THR X 88 -34.56 -7.71 68.84
N VAL X 89 -35.48 -8.59 68.44
CA VAL X 89 -36.86 -8.19 68.17
C VAL X 89 -37.88 -9.06 68.89
N LEU X 90 -38.92 -8.39 69.37
CA LEU X 90 -40.07 -8.97 70.01
C LEU X 90 -41.05 -9.39 68.92
N LEU X 91 -41.30 -10.68 68.77
CA LEU X 91 -42.13 -11.18 67.70
C LEU X 91 -43.60 -10.84 67.97
N PRO X 92 -44.34 -10.29 67.00
CA PRO X 92 -45.62 -9.63 67.24
C PRO X 92 -46.80 -10.57 67.45
N ARG X 93 -46.67 -11.88 67.22
CA ARG X 93 -47.76 -12.84 67.38
C ARG X 93 -47.30 -14.15 67.99
N ASP X 94 -48.13 -14.76 68.81
CA ASP X 94 -48.04 -16.16 69.21
C ASP X 94 -48.60 -17.07 68.11
N ALA X 95 -47.84 -17.26 67.04
CA ALA X 95 -48.26 -17.90 65.80
C ALA X 95 -49.01 -19.23 65.98
N LEU X 96 -48.54 -20.12 66.85
CA LEU X 96 -49.23 -21.38 67.10
C LEU X 96 -50.63 -21.19 67.70
N ALA X 97 -50.84 -20.21 68.58
CA ALA X 97 -52.16 -19.88 69.09
C ALA X 97 -53.04 -19.16 68.07
N GLU X 98 -52.46 -18.43 67.13
CA GLU X 98 -53.23 -17.77 66.06
C GLU X 98 -53.82 -18.82 65.14
N VAL X 99 -53.10 -19.89 64.77
CA VAL X 99 -53.73 -20.96 63.99
C VAL X 99 -54.80 -21.66 64.79
N ARG X 100 -54.61 -21.83 66.09
CA ARG X 100 -55.57 -22.48 66.98
C ARG X 100 -56.86 -21.69 67.00
N MET X 101 -56.78 -20.41 67.38
CA MET X 101 -57.93 -19.51 67.48
C MET X 101 -58.63 -19.37 66.15
N THR X 102 -57.92 -19.10 65.06
CA THR X 102 -58.58 -18.91 63.75
C THR X 102 -59.18 -20.17 63.19
N ASN X 103 -58.60 -21.35 63.40
CA ASN X 103 -59.24 -22.62 63.05
C ASN X 103 -60.54 -22.84 63.83
N SER X 104 -60.69 -22.26 65.01
CA SER X 104 -61.91 -22.32 65.80
C SER X 104 -63.03 -21.45 65.23
N GLY X 105 -62.77 -20.67 64.17
CA GLY X 105 -63.77 -19.86 63.49
C GLY X 105 -63.88 -18.42 63.96
N VAL X 106 -63.10 -17.97 64.93
CA VAL X 106 -62.96 -16.53 65.20
C VAL X 106 -62.19 -15.87 64.08
N GLN X 107 -62.42 -14.58 63.87
CA GLN X 107 -61.59 -13.76 63.00
C GLN X 107 -60.73 -12.82 63.84
N LEU X 108 -59.45 -12.74 63.49
CA LEU X 108 -58.51 -11.83 64.10
C LEU X 108 -58.14 -10.77 63.06
N ALA X 109 -58.18 -9.51 63.45
CA ALA X 109 -57.85 -8.40 62.60
C ALA X 109 -57.12 -7.31 63.39
N GLY X 110 -56.31 -6.50 62.72
CA GLY X 110 -55.56 -5.42 63.34
C GLY X 110 -54.42 -5.89 64.23
N GLY X 111 -53.98 -5.01 65.13
CA GLY X 111 -52.82 -5.18 65.99
C GLY X 111 -52.21 -3.85 66.42
N GLY X 158 -47.11 -4.65 69.69
CA GLY X 158 -48.20 -5.62 69.66
C GLY X 158 -49.01 -5.73 70.95
N ARG X 159 -49.98 -6.64 70.94
CA ARG X 159 -50.91 -7.06 72.01
C ARG X 159 -51.34 -8.50 71.69
N SER X 160 -51.89 -9.24 72.62
CA SER X 160 -52.76 -10.39 72.32
C SER X 160 -53.56 -10.79 73.55
N SER X 161 -54.87 -10.55 73.55
CA SER X 161 -55.68 -10.73 74.75
C SER X 161 -55.81 -12.18 75.18
N PHE X 162 -55.83 -13.09 74.21
CA PHE X 162 -56.14 -14.52 74.40
C PHE X 162 -54.92 -15.41 74.63
N THR X 163 -53.71 -14.86 74.71
CA THR X 163 -52.50 -15.66 75.00
C THR X 163 -51.44 -14.85 75.74
N PRO X 164 -50.75 -15.43 76.74
CA PRO X 164 -49.70 -14.76 77.48
C PRO X 164 -48.33 -14.82 76.77
N ASN X 165 -48.18 -15.67 75.76
CA ASN X 165 -46.89 -15.93 75.15
C ASN X 165 -46.38 -14.76 74.32
N GLN X 166 -45.16 -14.36 74.59
CA GLN X 166 -44.31 -13.52 73.77
C GLN X 166 -43.02 -14.29 73.52
N ALA X 167 -42.33 -13.99 72.43
CA ALA X 167 -40.97 -14.44 72.24
C ALA X 167 -40.16 -13.31 71.63
N TYR X 168 -38.89 -13.22 72.02
CA TYR X 168 -37.93 -12.40 71.33
C TYR X 168 -36.75 -13.22 70.91
N LEU X 169 -36.18 -12.89 69.76
CA LEU X 169 -34.97 -13.52 69.24
C LEU X 169 -33.91 -12.47 68.98
N THR X 170 -32.65 -12.87 69.08
CA THR X 170 -31.50 -11.97 69.06
C THR X 170 -30.55 -12.44 67.98
N LEU X 171 -30.71 -11.84 66.82
CA LEU X 171 -29.91 -12.07 65.64
C LEU X 171 -28.59 -11.31 65.76
N GLN X 172 -27.53 -11.80 65.12
CA GLN X 172 -26.36 -10.96 64.93
C GLN X 172 -26.54 -10.02 63.74
N SER X 173 -26.02 -8.83 63.91
CA SER X 173 -26.02 -7.74 62.95
C SER X 173 -24.75 -7.68 62.09
N SER X 174 -23.66 -8.30 62.54
CA SER X 174 -22.32 -8.20 61.98
C SER X 174 -22.19 -8.78 60.58
N SER X 175 -21.22 -8.30 59.80
CA SER X 175 -20.88 -8.87 58.49
C SER X 175 -20.47 -10.33 58.66
N SER X 176 -21.06 -11.28 57.94
CA SER X 176 -20.84 -12.69 58.23
C SER X 176 -19.38 -13.11 58.10
N GLU X 177 -18.63 -12.51 57.17
CA GLU X 177 -17.17 -12.52 57.14
C GLU X 177 -16.58 -11.13 57.45
N PRO X 178 -15.53 -11.03 58.29
CA PRO X 178 -14.72 -9.82 58.43
C PRO X 178 -14.26 -9.25 57.09
N ARG X 179 -14.24 -7.92 56.97
CA ARG X 179 -13.74 -7.23 55.77
C ARG X 179 -12.23 -7.21 55.72
N SER X 180 -11.65 -7.19 54.53
CA SER X 180 -10.22 -6.97 54.27
C SER X 180 -10.06 -6.31 52.92
N GLY X 181 -8.92 -5.67 52.63
CA GLY X 181 -8.75 -4.95 51.37
C GLY X 181 -8.27 -3.53 51.54
N GLY X 182 -9.04 -2.52 51.12
CA GLY X 182 -8.70 -1.11 51.33
C GLY X 182 -9.00 -0.59 52.73
N ILE X 183 -8.26 0.42 53.18
CA ILE X 183 -8.50 1.18 54.41
C ILE X 183 -9.38 2.41 54.14
N GLY X 184 -10.23 2.77 55.08
CA GLY X 184 -11.10 3.95 54.95
C GLY X 184 -10.44 5.22 55.44
N THR X 185 -10.98 6.39 55.09
CA THR X 185 -10.24 7.66 55.19
C THR X 185 -9.76 8.03 56.58
N LEU X 186 -10.53 7.70 57.62
CA LEU X 186 -10.10 7.96 59.00
C LEU X 186 -8.98 7.04 59.45
N GLN X 187 -8.81 5.88 58.82
CA GLN X 187 -7.64 5.04 59.02
C GLN X 187 -6.49 5.46 58.11
N PHE X 188 -6.75 5.87 56.88
CA PHE X 188 -5.68 6.39 56.04
C PHE X 188 -4.90 7.53 56.68
N VAL X 189 -5.57 8.46 57.37
CA VAL X 189 -4.90 9.55 58.11
C VAL X 189 -4.18 9.07 59.36
N GLU X 190 -4.50 7.89 59.87
CA GLU X 190 -3.89 7.29 61.05
C GLU X 190 -2.63 6.49 60.65
N GLU X 191 -2.66 5.91 59.46
CA GLU X 191 -1.50 5.48 58.69
C GLU X 191 -0.86 6.70 58.01
N PHE X 192 -0.01 6.50 56.99
CA PHE X 192 0.40 7.53 56.03
C PHE X 192 0.66 8.95 56.57
N VAL X 193 1.33 9.02 57.72
CA VAL X 193 2.00 10.23 58.16
C VAL X 193 3.05 10.58 57.09
N PRO X 194 3.30 11.85 56.78
CA PRO X 194 4.31 12.21 55.80
C PRO X 194 5.64 11.58 56.05
N SER X 195 6.42 11.35 55.00
CA SER X 195 7.67 10.63 55.21
C SER X 195 8.86 11.56 55.20
N VAL X 196 9.55 11.70 56.31
CA VAL X 196 10.88 12.33 56.33
C VAL X 196 11.87 11.38 55.67
N TYR X 197 12.61 11.81 54.66
CA TYR X 197 13.52 10.93 53.94
C TYR X 197 14.91 11.57 53.85
N PHE X 198 15.83 11.18 54.74
CA PHE X 198 17.17 11.76 54.82
C PHE X 198 18.15 11.09 53.87
N ASN X 199 19.14 11.83 53.38
CA ASN X 199 20.04 11.40 52.32
C ASN X 199 19.28 10.63 51.24
N PRO X 200 18.30 11.28 50.58
CA PRO X 200 17.38 10.57 49.72
C PRO X 200 18.14 10.03 48.52
N PHE X 201 17.70 8.88 47.99
CA PHE X 201 18.33 8.26 46.82
C PHE X 201 19.84 8.05 46.96
N SER X 202 20.29 7.59 48.12
CA SER X 202 21.70 7.29 48.39
C SER X 202 22.05 5.82 48.64
N GLY X 203 21.07 4.95 48.80
CA GLY X 203 21.32 3.55 49.14
C GLY X 203 21.74 2.73 47.92
N SER X 204 21.05 1.62 47.70
CA SER X 204 21.09 0.85 46.46
C SER X 204 19.76 0.96 45.73
N PRO X 205 19.74 1.12 44.41
CA PRO X 205 18.49 1.09 43.66
C PRO X 205 17.81 -0.27 43.87
N GLY X 206 16.49 -0.30 43.86
CA GLY X 206 15.76 -1.50 44.27
C GLY X 206 15.50 -1.63 45.77
N LEU X 207 16.09 -0.78 46.62
CA LEU X 207 15.48 -0.43 47.91
C LEU X 207 15.36 1.08 48.15
N TYR X 208 15.30 1.85 47.07
CA TYR X 208 14.70 3.17 47.04
C TYR X 208 13.20 3.07 47.40
N PRO X 209 12.55 4.16 47.86
CA PRO X 209 11.11 4.24 48.10
C PRO X 209 10.25 4.19 46.83
N ASP X 210 10.30 3.10 46.07
CA ASP X 210 9.61 3.00 44.79
C ASP X 210 8.12 3.28 44.89
N GLU X 211 7.45 2.89 45.97
CA GLU X 211 6.01 3.15 46.12
C GLU X 211 5.65 4.62 46.46
N PHE X 212 6.59 5.56 46.49
CA PHE X 212 6.21 6.97 46.29
C PHE X 212 5.76 7.22 44.86
N ILE X 213 6.29 6.48 43.89
CA ILE X 213 5.98 6.69 42.48
C ILE X 213 4.52 6.31 42.26
N PRO X 214 3.69 7.18 41.68
CA PRO X 214 2.27 6.96 41.67
C PRO X 214 1.91 5.68 40.94
N ASN X 215 2.32 5.55 39.67
CA ASN X 215 2.00 4.43 38.82
C ASN X 215 2.98 3.26 38.95
N PHE X 216 3.40 2.92 40.17
CA PHE X 216 4.23 1.76 40.42
C PHE X 216 3.38 0.54 40.84
N ASP X 217 3.50 -0.55 40.11
CA ASP X 217 2.81 -1.79 40.37
C ASP X 217 3.53 -2.65 41.40
N ALA X 218 3.36 -2.36 42.68
CA ALA X 218 4.06 -3.10 43.73
C ALA X 218 3.76 -4.61 43.78
N VAL X 219 2.80 -5.16 43.02
CA VAL X 219 2.59 -6.61 42.93
C VAL X 219 3.59 -7.27 41.96
N ARG X 220 4.39 -6.47 41.27
CA ARG X 220 5.26 -6.89 40.16
C ARG X 220 6.58 -6.13 40.10
N GLU X 221 6.74 -5.11 40.92
CA GLU X 221 7.84 -4.14 40.88
C GLU X 221 8.09 -3.61 39.47
N ALA X 222 7.04 -3.06 38.86
CA ALA X 222 7.07 -2.59 37.49
C ALA X 222 6.10 -1.42 37.29
N VAL X 223 6.06 -0.89 36.08
CA VAL X 223 5.44 0.37 35.72
C VAL X 223 4.87 0.25 34.30
N ASP X 224 3.56 0.36 34.19
CA ASP X 224 2.81 0.31 32.94
C ASP X 224 2.45 1.69 32.43
N GLY X 225 2.49 1.81 31.11
CA GLY X 225 1.79 2.86 30.40
C GLY X 225 0.28 2.63 30.40
N TYR X 226 -0.33 3.12 29.35
CA TYR X 226 -1.76 3.31 29.19
C TYR X 226 -2.49 2.07 28.67
N ASP X 227 -1.75 0.97 28.49
CA ASP X 227 -2.17 -0.39 28.12
C ASP X 227 -1.11 -1.41 28.56
N PRO Y 92 -22.96 43.31 7.10
CA PRO Y 92 -22.53 42.19 7.91
C PRO Y 92 -21.74 41.14 7.12
N SER Y 93 -20.66 40.62 7.72
CA SER Y 93 -19.68 39.74 7.06
C SER Y 93 -20.28 38.47 6.49
N SER Y 94 -21.41 38.00 7.04
CA SER Y 94 -22.09 36.78 6.60
C SER Y 94 -22.44 36.81 5.12
N ILE Y 95 -22.87 37.94 4.55
CA ILE Y 95 -23.25 38.03 3.13
C ILE Y 95 -22.05 37.70 2.21
N ILE Y 96 -20.84 38.16 2.57
CA ILE Y 96 -19.62 37.96 1.78
C ILE Y 96 -18.97 36.61 2.09
N ALA Y 97 -19.01 36.18 3.36
CA ALA Y 97 -18.56 34.85 3.76
C ALA Y 97 -19.41 33.77 3.09
N GLU Y 98 -20.72 33.97 3.01
CA GLU Y 98 -21.62 33.15 2.20
C GLU Y 98 -21.28 33.28 0.71
N GLU Y 99 -21.06 34.49 0.17
CA GLU Y 99 -20.70 34.65 -1.25
C GLU Y 99 -19.50 33.81 -1.64
N LYS Y 100 -18.40 33.86 -0.88
CA LYS Y 100 -17.16 33.17 -1.26
C LYS Y 100 -17.09 31.72 -0.81
N LEU Y 101 -17.84 31.28 0.21
CA LEU Y 101 -18.10 29.84 0.35
C LEU Y 101 -18.99 29.31 -0.78
N LEU Y 102 -19.97 30.08 -1.28
CA LEU Y 102 -20.73 29.69 -2.48
C LEU Y 102 -19.81 29.67 -3.71
N ALA Y 103 -18.88 30.61 -3.83
CA ALA Y 103 -17.87 30.59 -4.89
C ALA Y 103 -16.99 29.34 -4.79
N LEU Y 104 -16.54 28.98 -3.59
CA LEU Y 104 -15.75 27.78 -3.38
C LEU Y 104 -16.51 26.52 -3.69
N LEU Y 105 -17.77 26.37 -3.26
CA LEU Y 105 -18.52 25.17 -3.63
C LEU Y 105 -18.82 25.15 -5.12
N ALA Y 106 -19.10 26.27 -5.77
CA ALA Y 106 -19.23 26.29 -7.21
C ALA Y 106 -17.94 25.82 -7.93
N GLU Y 107 -16.75 26.17 -7.44
CA GLU Y 107 -15.49 25.71 -8.04
C GLU Y 107 -15.07 24.30 -7.60
N LEU Y 108 -15.61 23.80 -6.48
CA LEU Y 108 -15.53 22.41 -6.05
C LEU Y 108 -16.39 21.55 -6.98
N GLU Y 109 -17.64 21.94 -7.16
CA GLU Y 109 -18.57 21.28 -8.07
C GLU Y 109 -18.11 21.37 -9.52
N ALA Y 110 -17.40 22.42 -9.92
CA ALA Y 110 -16.71 22.45 -11.19
C ALA Y 110 -15.70 21.30 -11.30
N LEU Y 111 -14.76 21.17 -10.36
CA LEU Y 111 -13.74 20.13 -10.50
C LEU Y 111 -14.31 18.72 -10.40
N SER Y 112 -15.31 18.44 -9.58
CA SER Y 112 -15.88 17.09 -9.56
C SER Y 112 -16.58 16.77 -10.89
N ARG Y 113 -17.40 17.68 -11.41
CA ARG Y 113 -18.07 17.52 -12.72
C ARG Y 113 -17.07 17.32 -13.86
N GLN Y 114 -15.94 18.00 -13.79
CA GLN Y 114 -14.98 18.04 -14.90
C GLN Y 114 -13.87 17.00 -14.78
N LEU Y 115 -13.54 16.50 -13.58
CA LEU Y 115 -12.70 15.30 -13.44
C LEU Y 115 -13.46 14.04 -13.83
N ALA Y 116 -14.77 13.99 -13.60
CA ALA Y 116 -15.62 12.96 -14.19
C ALA Y 116 -15.54 12.94 -15.73
N ALA Y 117 -15.26 14.07 -16.37
CA ALA Y 117 -15.04 14.10 -17.81
C ALA Y 117 -13.68 13.49 -18.17
N LEU Y 118 -12.58 13.95 -17.56
CA LEU Y 118 -11.26 13.43 -17.95
C LEU Y 118 -11.13 11.94 -17.70
N THR Y 119 -11.57 11.44 -16.54
CA THR Y 119 -11.55 9.99 -16.25
C THR Y 119 -12.25 9.21 -17.32
N GLN Y 120 -13.44 9.62 -17.73
CA GLN Y 120 -14.12 9.03 -18.86
C GLN Y 120 -13.25 9.12 -20.12
N GLN Y 121 -12.66 10.26 -20.44
CA GLN Y 121 -11.87 10.44 -21.65
C GLN Y 121 -10.61 9.58 -21.69
N VAL Y 122 -9.74 9.63 -20.66
CA VAL Y 122 -8.50 8.84 -20.65
C VAL Y 122 -8.81 7.35 -20.68
N SER Y 123 -9.93 6.93 -20.07
CA SER Y 123 -10.41 5.56 -20.14
C SER Y 123 -10.97 5.19 -21.52
N GLU Y 124 -11.68 6.09 -22.19
CA GLU Y 124 -12.14 5.88 -23.56
C GLU Y 124 -10.96 5.81 -24.52
N LEU Y 125 -9.91 6.61 -24.34
CA LEU Y 125 -8.73 6.49 -25.19
C LEU Y 125 -7.93 5.23 -24.90
N ARG Y 126 -7.72 4.88 -23.63
CA ARG Y 126 -7.14 3.59 -23.24
C ARG Y 126 -7.91 2.43 -23.84
N GLU Y 127 -9.24 2.45 -23.82
CA GLU Y 127 -10.06 1.46 -24.51
C GLU Y 127 -9.83 1.49 -26.02
N GLN Y 128 -9.78 2.66 -26.66
CA GLN Y 128 -9.59 2.74 -28.12
C GLN Y 128 -8.21 2.23 -28.54
N GLN Y 129 -7.15 2.49 -27.77
CA GLN Y 129 -5.83 1.90 -27.96
C GLN Y 129 -5.78 0.41 -27.56
N GLN Y 130 -6.60 -0.03 -26.60
CA GLN Y 130 -6.93 -1.44 -26.34
C GLN Y 130 -8.05 -1.91 -27.29
N ALA Z 97 -11.28 35.47 4.15
CA ALA Z 97 -11.65 35.82 2.77
C ALA Z 97 -10.44 36.02 1.85
N GLU Z 98 -9.23 36.18 2.39
CA GLU Z 98 -8.00 36.20 1.61
C GLU Z 98 -7.61 34.79 1.15
N GLU Z 99 -7.50 33.86 2.09
CA GLU Z 99 -7.09 32.48 1.81
C GLU Z 99 -8.08 31.76 0.88
N LYS Z 100 -9.34 32.16 0.90
CA LYS Z 100 -10.41 31.64 0.06
C LYS Z 100 -10.20 32.03 -1.40
N LEU Z 101 -9.54 33.15 -1.67
CA LEU Z 101 -9.05 33.47 -3.01
C LEU Z 101 -7.82 32.64 -3.36
N LEU Z 102 -6.88 32.46 -2.42
CA LEU Z 102 -5.68 31.67 -2.66
C LEU Z 102 -6.01 30.22 -3.02
N ALA Z 103 -7.08 29.64 -2.47
CA ALA Z 103 -7.67 28.41 -2.99
C ALA Z 103 -8.25 28.60 -4.39
N LEU Z 104 -9.22 29.49 -4.59
CA LEU Z 104 -9.89 29.67 -5.87
C LEU Z 104 -8.95 29.91 -7.05
N LEU Z 105 -7.86 30.64 -6.84
CA LEU Z 105 -6.86 30.88 -7.87
C LEU Z 105 -6.14 29.58 -8.27
N ALA Z 106 -5.71 28.78 -7.30
CA ALA Z 106 -5.14 27.45 -7.56
C ALA Z 106 -6.18 26.52 -8.19
N GLU Z 107 -7.45 26.67 -7.84
CA GLU Z 107 -8.56 25.88 -8.37
C GLU Z 107 -8.80 26.17 -9.85
N LEU Z 108 -8.83 27.45 -10.24
CA LEU Z 108 -8.99 27.85 -11.62
C LEU Z 108 -7.78 27.45 -12.45
N GLU Z 109 -6.57 27.55 -11.92
CA GLU Z 109 -5.41 27.07 -12.67
C GLU Z 109 -5.37 25.54 -12.76
N ALA Z 110 -5.84 24.79 -11.75
CA ALA Z 110 -5.98 23.35 -11.86
C ALA Z 110 -6.99 22.96 -12.92
N LEU Z 111 -8.15 23.64 -12.96
CA LEU Z 111 -9.10 23.49 -14.05
C LEU Z 111 -8.44 23.80 -15.39
N SER Z 112 -7.62 24.85 -15.52
CA SER Z 112 -6.98 25.13 -16.80
C SER Z 112 -6.05 23.99 -17.23
N ARG Z 113 -5.20 23.45 -16.33
CA ARG Z 113 -4.27 22.38 -16.71
C ARG Z 113 -5.02 21.10 -17.04
N GLN Z 114 -6.10 20.83 -16.33
CA GLN Z 114 -6.93 19.66 -16.57
C GLN Z 114 -7.68 19.75 -17.91
N LEU Z 115 -8.23 20.92 -18.24
CA LEU Z 115 -8.84 21.15 -19.54
C LEU Z 115 -7.80 21.13 -20.66
N ALA Z 116 -6.58 21.59 -20.41
CA ALA Z 116 -5.49 21.45 -21.36
C ALA Z 116 -5.18 19.97 -21.61
N ALA Z 117 -5.12 19.13 -20.58
CA ALA Z 117 -4.87 17.69 -20.75
C ALA Z 117 -5.96 17.03 -21.57
N LEU Z 118 -7.25 17.29 -21.28
CA LEU Z 118 -8.38 16.82 -22.07
C LEU Z 118 -8.23 17.22 -23.54
N THR Z 119 -8.23 18.53 -23.79
CA THR Z 119 -8.35 19.08 -25.15
C THR Z 119 -7.12 18.79 -25.99
N GLN Z 120 -5.97 18.51 -25.37
CA GLN Z 120 -4.82 17.93 -26.04
C GLN Z 120 -5.05 16.45 -26.32
N GLN Z 121 -5.30 15.63 -25.30
CA GLN Z 121 -5.36 14.17 -25.40
C GLN Z 121 -6.38 13.65 -26.41
N VAL Z 122 -7.54 14.28 -26.55
CA VAL Z 122 -8.53 13.91 -27.57
C VAL Z 122 -7.95 13.96 -28.99
N SER Z 123 -6.93 14.79 -29.25
CA SER Z 123 -6.29 14.83 -30.57
C SER Z 123 -5.48 13.57 -30.89
N GLU Z 124 -5.12 12.72 -29.92
CA GLU Z 124 -4.62 11.38 -30.25
C GLU Z 124 -5.69 10.50 -30.86
N LEU Z 125 -6.96 10.60 -30.43
CA LEU Z 125 -8.04 9.90 -31.11
C LEU Z 125 -8.17 10.38 -32.55
N ARG Z 126 -8.15 11.70 -32.75
CA ARG Z 126 -8.28 12.27 -34.08
C ARG Z 126 -7.15 11.81 -35.00
N GLU Z 127 -5.94 11.59 -34.50
CA GLU Z 127 -4.90 10.92 -35.27
C GLU Z 127 -5.17 9.43 -35.47
N GLN Z 128 -5.41 8.66 -34.41
CA GLN Z 128 -5.54 7.21 -34.54
C GLN Z 128 -6.75 6.79 -35.38
N GLN Z 129 -7.87 7.52 -35.32
CA GLN Z 129 -9.01 7.27 -36.19
C GLN Z 129 -8.73 7.66 -37.66
N GLN Z 130 -7.91 8.67 -37.93
CA GLN Z 130 -7.44 8.95 -39.29
C GLN Z 130 -6.45 7.88 -39.79
N GLN Z 131 -5.60 7.35 -38.91
CA GLN Z 131 -4.72 6.20 -39.18
C GLN Z 131 -5.46 4.85 -39.23
N GLN Z 132 -6.80 4.84 -39.06
CA GLN Z 132 -7.66 3.66 -39.22
C GLN Z 132 -9.00 4.03 -39.85
N SER AA 56 1.53 98.45 44.33
CA SER AA 56 2.85 97.96 44.75
C SER AA 56 3.63 97.33 43.58
N SER AA 57 4.89 96.93 43.81
CA SER AA 57 5.92 96.64 42.81
C SER AA 57 5.72 95.38 41.96
N SER AA 58 5.92 95.48 40.65
CA SER AA 58 5.78 94.38 39.70
C SER AA 58 7.10 93.58 39.53
N LEU AA 59 7.33 92.53 40.33
CA LEU AA 59 8.62 91.84 40.44
C LEU AA 59 9.02 91.09 39.15
N ASP AA 60 10.32 90.84 38.96
CA ASP AA 60 10.83 89.97 37.89
C ASP AA 60 10.43 88.50 38.09
N SER AA 61 10.54 87.75 37.01
CA SER AA 61 10.64 86.29 37.00
C SER AA 61 11.48 85.92 35.80
N THR AA 62 12.10 84.74 35.79
CA THR AA 62 12.78 84.24 34.58
C THR AA 62 11.79 83.86 33.45
N ALA AA 63 10.47 84.11 33.64
CA ALA AA 63 9.41 84.21 32.61
C ALA AA 63 8.70 85.59 32.54
N ALA AA 64 9.26 86.62 33.20
CA ALA AA 64 8.96 88.04 33.01
C ALA AA 64 7.51 88.54 33.31
N ALA AA 65 6.94 88.14 34.44
CA ALA AA 65 5.77 88.81 35.02
C ALA AA 65 5.59 88.56 36.53
N ALA AA 66 4.88 89.45 37.20
CA ALA AA 66 4.29 89.28 38.53
C ALA AA 66 3.21 90.36 38.73
N ALA AA 67 2.68 90.55 39.94
CA ALA AA 67 1.81 91.69 40.24
C ALA AA 67 1.82 92.15 41.72
N ALA AA 68 2.51 91.43 42.60
CA ALA AA 68 2.50 91.51 44.07
C ALA AA 68 1.18 91.16 44.76
N ALA AA 69 0.04 91.52 44.17
CA ALA AA 69 -1.33 91.39 44.69
C ALA AA 69 -2.38 91.21 43.56
N ALA AA 70 -3.66 91.11 43.95
CA ALA AA 70 -4.85 90.89 43.11
C ALA AA 70 -5.00 89.49 42.47
N ALA AA 71 -4.10 89.09 41.58
CA ALA AA 71 -4.13 87.78 40.92
C ALA AA 71 -3.51 86.67 41.77
N MET AA 72 -2.61 87.02 42.69
CA MET AA 72 -1.84 86.07 43.50
C MET AA 72 -2.67 85.32 44.56
N THR AA 73 -4.00 85.48 44.60
CA THR AA 73 -4.87 84.85 45.62
C THR AA 73 -5.21 83.39 45.28
N ALA AA 74 -5.35 83.07 44.00
CA ALA AA 74 -5.44 81.72 43.44
C ALA AA 74 -4.03 81.10 43.38
N THR AA 75 -3.63 80.56 42.22
CA THR AA 75 -2.26 80.10 41.86
C THR AA 75 -2.00 80.53 40.40
N ARG AA 76 -0.78 80.43 39.86
CA ARG AA 76 -0.65 80.22 38.40
C ARG AA 76 -1.53 79.03 38.05
N MET AA 82 8.62 67.13 24.93
CA MET AA 82 8.78 65.68 24.90
C MET AA 82 9.10 65.16 23.49
N PRO AA 83 9.92 64.10 23.38
CA PRO AA 83 10.01 63.20 22.21
C PRO AA 83 8.89 62.11 22.11
N SER AA 84 9.21 60.81 22.20
CA SER AA 84 8.45 59.70 21.59
C SER AA 84 7.84 58.70 22.60
N SER AA 85 6.51 58.65 22.63
CA SER AA 85 5.71 57.66 23.39
C SER AA 85 5.33 56.40 22.62
N GLY AA 86 5.43 56.37 21.28
CA GLY AA 86 5.56 55.12 20.52
C GLY AA 86 4.47 54.08 20.79
N SER AA 87 3.22 54.46 20.58
CA SER AA 87 2.04 53.58 20.44
C SER AA 87 2.22 52.60 19.28
N SER AA 88 1.27 51.71 19.04
CA SER AA 88 1.31 50.81 17.88
C SER AA 88 -0.07 50.45 17.27
N PRO AA 89 -1.18 50.20 18.02
CA PRO AA 89 -2.40 49.67 17.40
C PRO AA 89 -3.24 50.62 16.50
N SER AA 90 -3.19 51.95 16.64
CA SER AA 90 -3.78 52.94 15.68
C SER AA 90 -5.29 52.81 15.35
N VAL AA 91 -5.79 53.29 14.19
CA VAL AA 91 -7.23 53.29 13.81
C VAL AA 91 -7.68 52.21 12.75
N PRO AA 92 -7.22 50.94 12.78
CA PRO AA 92 -7.69 49.88 11.90
C PRO AA 92 -8.78 49.01 12.55
N SER AA 93 -9.31 48.05 11.79
CA SER AA 93 -10.37 47.12 12.18
C SER AA 93 -9.93 46.03 13.15
N SER AA 94 -10.90 45.27 13.66
CA SER AA 94 -10.66 44.04 14.43
C SER AA 94 -10.21 42.85 13.56
N ILE AA 95 -9.71 41.77 14.17
CA ILE AA 95 -9.15 40.57 13.50
C ILE AA 95 -9.70 39.27 14.13
N ILE AA 96 -9.79 38.19 13.34
CA ILE AA 96 -10.27 36.85 13.76
C ILE AA 96 -9.41 35.71 13.21
N ALA AA 97 -9.56 34.46 13.69
CA ALA AA 97 -8.80 33.28 13.20
C ALA AA 97 -9.62 31.96 13.15
N GLU AA 98 -9.05 30.93 12.49
CA GLU AA 98 -9.59 29.56 12.31
C GLU AA 98 -8.45 28.55 12.03
N GLU AA 99 -8.67 27.23 12.18
CA GLU AA 99 -7.61 26.19 12.19
C GLU AA 99 -7.78 25.02 11.17
N LYS AA 100 -8.56 25.21 10.11
CA LYS AA 100 -8.87 24.18 9.09
C LYS AA 100 -7.89 24.18 7.90
N LEU AA 101 -6.59 24.31 8.15
CA LEU AA 101 -5.66 24.84 7.14
C LEU AA 101 -4.99 23.85 6.16
N LEU AA 102 -4.62 24.39 4.98
CA LEU AA 102 -3.50 24.00 4.07
C LEU AA 102 -3.60 22.67 3.30
N ALA AA 103 -4.61 22.54 2.42
CA ALA AA 103 -4.51 21.57 1.32
C ALA AA 103 -3.49 22.01 0.23
N LEU AA 104 -3.24 23.32 0.14
CA LEU AA 104 -2.78 24.04 -1.07
C LEU AA 104 -1.45 23.60 -1.66
N LEU AA 105 -0.59 23.03 -0.81
CA LEU AA 105 0.70 22.54 -1.23
C LEU AA 105 0.56 21.36 -2.20
N ALA AA 106 -0.54 20.62 -2.18
CA ALA AA 106 -0.78 19.55 -3.13
C ALA AA 106 -1.02 20.04 -4.56
N GLU AA 107 -1.83 21.07 -4.79
CA GLU AA 107 -2.10 21.58 -6.14
C GLU AA 107 -0.85 22.08 -6.84
N LEU AA 108 0.08 22.71 -6.14
CA LEU AA 108 1.34 23.12 -6.73
C LEU AA 108 2.04 21.93 -7.41
N GLU AA 109 1.92 20.73 -6.85
CA GLU AA 109 2.34 19.49 -7.49
C GLU AA 109 1.30 18.98 -8.51
N ALA AA 110 -0.01 19.04 -8.26
CA ALA AA 110 -1.04 18.68 -9.26
C ALA AA 110 -0.83 19.38 -10.59
N LEU AA 111 -0.69 20.70 -10.52
CA LEU AA 111 -0.53 21.63 -11.61
C LEU AA 111 0.72 21.30 -12.41
N SER AA 112 1.87 21.18 -11.75
CA SER AA 112 3.13 20.87 -12.42
C SER AA 112 3.23 19.40 -12.87
N ARG AA 113 2.49 18.46 -12.27
CA ARG AA 113 2.32 17.10 -12.79
C ARG AA 113 1.51 17.08 -14.08
N GLN AA 114 0.32 17.66 -14.05
CA GLN AA 114 -0.58 17.66 -15.21
C GLN AA 114 0.03 18.47 -16.37
N LEU AA 115 0.76 19.54 -16.07
CA LEU AA 115 1.54 20.27 -17.07
C LEU AA 115 2.51 19.33 -17.81
N ALA AA 116 3.22 18.46 -17.10
CA ALA AA 116 4.05 17.48 -17.77
C ALA AA 116 3.22 16.55 -18.64
N ALA AA 117 2.11 16.04 -18.12
CA ALA AA 117 1.24 15.13 -18.87
C ALA AA 117 0.72 15.76 -20.18
N LEU AA 118 0.51 17.08 -20.25
CA LEU AA 118 0.25 17.77 -21.53
C LEU AA 118 1.38 17.50 -22.52
N THR AA 119 2.61 17.84 -22.14
CA THR AA 119 3.76 17.75 -23.03
C THR AA 119 4.03 16.31 -23.42
N GLN AA 120 3.76 15.39 -22.48
CA GLN AA 120 3.94 13.97 -22.68
C GLN AA 120 3.09 13.46 -23.83
N GLN AA 121 1.87 13.97 -23.97
CA GLN AA 121 0.99 13.54 -25.04
C GLN AA 121 1.07 14.41 -26.28
N VAL AA 122 1.58 15.63 -26.20
CA VAL AA 122 2.08 16.29 -27.42
C VAL AA 122 3.14 15.40 -28.04
N SER AA 123 4.05 14.86 -27.23
CA SER AA 123 5.08 13.95 -27.74
C SER AA 123 4.47 12.72 -28.41
N GLU AA 124 3.39 12.19 -27.85
CA GLU AA 124 2.68 11.04 -28.40
C GLU AA 124 1.94 11.32 -29.71
N LEU AA 125 1.63 12.58 -30.03
CA LEU AA 125 1.30 12.92 -31.42
C LEU AA 125 2.55 12.73 -32.28
N ARG AA 126 3.61 13.45 -31.96
CA ARG AA 126 4.83 13.50 -32.79
C ARG AA 126 5.43 12.12 -33.02
N GLU AA 127 5.55 11.31 -31.97
CA GLU AA 127 6.08 9.94 -32.04
C GLU AA 127 5.19 8.96 -32.80
N GLN AA 128 3.92 9.30 -33.08
CA GLN AA 128 3.08 8.52 -34.01
C GLN AA 128 3.06 9.12 -35.42
N GLN AA 129 3.11 10.45 -35.57
CA GLN AA 129 3.26 11.10 -36.88
C GLN AA 129 4.58 10.75 -37.57
N GLN AA 130 5.67 10.58 -36.82
CA GLN AA 130 6.99 10.22 -37.33
C GLN AA 130 7.07 8.78 -37.88
N GLN AA 131 6.05 7.94 -37.70
CA GLN AA 131 6.04 6.55 -38.16
C GLN AA 131 5.72 6.43 -39.65
N ALA BA 103 3.77 1.88 -28.57
CA ALA BA 103 3.16 3.06 -27.96
C ALA BA 103 2.40 2.76 -26.66
N LEU BA 104 1.97 1.52 -26.47
CA LEU BA 104 1.16 1.07 -25.33
C LEU BA 104 1.84 1.39 -23.98
N LEU BA 105 3.16 1.31 -23.96
CA LEU BA 105 3.96 1.49 -22.76
C LEU BA 105 4.07 2.98 -22.38
N ALA BA 106 4.12 3.90 -23.35
CA ALA BA 106 3.97 5.32 -23.08
C ALA BA 106 2.51 5.68 -22.70
N GLU BA 107 1.54 4.87 -23.10
CA GLU BA 107 0.16 5.01 -22.62
C GLU BA 107 0.02 4.66 -21.13
N LEU BA 108 0.53 3.52 -20.69
CA LEU BA 108 0.58 3.21 -19.25
C LEU BA 108 1.36 4.26 -18.46
N GLU BA 109 2.38 4.88 -19.04
CA GLU BA 109 3.08 5.98 -18.39
C GLU BA 109 2.20 7.24 -18.28
N ALA BA 110 1.47 7.62 -19.33
CA ALA BA 110 0.49 8.71 -19.24
C ALA BA 110 -0.59 8.40 -18.22
N LEU BA 111 -1.06 7.15 -18.13
CA LEU BA 111 -1.98 6.71 -17.08
C LEU BA 111 -1.38 6.80 -15.68
N SER BA 112 -0.10 6.48 -15.49
CA SER BA 112 0.52 6.57 -14.17
C SER BA 112 0.51 8.01 -13.62
N ARG BA 113 0.63 9.02 -14.49
CA ARG BA 113 0.38 10.42 -14.13
C ARG BA 113 -1.11 10.66 -13.96
N GLN BA 114 -1.91 10.41 -15.00
CA GLN BA 114 -3.28 10.92 -15.07
C GLN BA 114 -4.22 10.25 -14.07
N LEU BA 115 -3.94 9.00 -13.66
CA LEU BA 115 -4.69 8.29 -12.63
C LEU BA 115 -4.21 8.62 -11.21
N ALA BA 116 -3.01 9.17 -11.04
CA ALA BA 116 -2.57 9.76 -9.78
C ALA BA 116 -3.17 11.16 -9.52
N ALA BA 117 -4.02 11.65 -10.42
CA ALA BA 117 -4.85 12.83 -10.21
C ALA BA 117 -6.14 12.51 -9.45
N LEU BA 118 -6.63 11.27 -9.49
CA LEU BA 118 -7.98 10.96 -8.98
C LEU BA 118 -8.03 10.95 -7.47
N THR BA 119 -7.05 10.31 -6.82
CA THR BA 119 -6.91 10.31 -5.36
C THR BA 119 -6.58 11.69 -4.84
N GLN BA 120 -5.88 12.50 -5.64
CA GLN BA 120 -5.62 13.89 -5.39
C GLN BA 120 -6.92 14.71 -5.42
N GLN BA 121 -7.69 14.67 -6.51
CA GLN BA 121 -8.98 15.37 -6.57
C GLN BA 121 -9.93 14.90 -5.49
N VAL BA 122 -9.93 13.62 -5.13
CA VAL BA 122 -10.73 13.10 -4.01
C VAL BA 122 -10.28 13.70 -2.68
N SER BA 123 -8.99 13.79 -2.40
CA SER BA 123 -8.51 14.44 -1.18
C SER BA 123 -8.90 15.92 -1.14
N GLU BA 124 -8.82 16.59 -2.27
CA GLU BA 124 -9.14 18.00 -2.40
C GLU BA 124 -10.64 18.22 -2.20
N LEU BA 125 -11.49 17.48 -2.93
CA LEU BA 125 -12.95 17.48 -2.77
C LEU BA 125 -13.42 16.96 -1.41
N ARG BA 126 -12.58 16.27 -0.62
CA ARG BA 126 -12.83 15.95 0.79
C ARG BA 126 -12.52 17.14 1.69
N GLU BA 127 -11.32 17.69 1.61
CA GLU BA 127 -10.88 18.78 2.48
C GLU BA 127 -11.66 20.07 2.22
N GLN BA 128 -12.06 20.29 0.97
CA GLN BA 128 -12.95 21.40 0.57
C GLN BA 128 -14.40 21.26 1.12
N GLN BA 129 -14.74 20.12 1.70
CA GLN BA 129 -15.98 19.90 2.47
C GLN BA 129 -15.77 19.91 3.99
N GLN BA 130 -14.54 19.77 4.49
CA GLN BA 130 -14.22 20.11 5.88
C GLN BA 130 -14.34 21.61 6.14
N GLN BA 131 -14.07 22.43 5.13
CA GLN BA 131 -13.83 23.87 5.32
C GLN BA 131 -15.10 24.72 5.25
N GLN BA 132 -16.28 24.11 5.23
CA GLN BA 132 -17.58 24.79 5.08
C GLN BA 132 -18.31 25.04 6.40
N ASN BA 133 -17.90 24.42 7.49
CA ASN BA 133 -18.62 24.46 8.77
C ASN BA 133 -17.69 24.64 9.98
N LYS BA 134 -18.09 25.53 10.89
CA LYS BA 134 -17.72 25.45 12.32
C LYS BA 134 -18.77 26.13 13.21
#